data_5DA8
#
_entry.id   5DA8
#
_cell.length_a   138.996
_cell.length_b   159.781
_cell.length_c   228.823
_cell.angle_alpha   75.46
_cell.angle_beta   90.51
_cell.angle_gamma   91.22
#
_symmetry.space_group_name_H-M   'P 1'
#
loop_
_entity.id
_entity.type
_entity.pdbx_description
1 polymer '60 kDa chaperonin'
2 non-polymer 'SULFATE ION'
3 non-polymer 'CALCIUM ION'
4 non-polymer 'MAGNESIUM ION'
5 water water
#
_entity_poly.entity_id   1
_entity_poly.type   'polypeptide(L)'
_entity_poly.pdbx_seq_one_letter_code
;MTAKDILFDAEARTKLKVGVDKLANAVKVTLGPAGRNVLIDKKFGAPTSTKDGVTVAKEIELVDPVENMGAQMVREVASK
TSDVAGDGTTTATVLAQAIYREGLKNVTAGARPIDLKRGIDRAVKEVVAELRNISRSISGKKEIAQVGTISANNDPEIGE
LIAEAMDKVGKDGVITVEEAKGMETELKVVEGMQFDRGYLSPYFVTNSETMEAELDEALILIHDKKISNMKELLPILEKA
AQSGRPLLIIAEDIEGEALATLVVNKLRGTLKVAAVKAPGFGDRRKAMLEDIAILTGGTVISEEKGYKLENATMAYLGQA
ARITIDKDNTTIVEGKGKQEEIKARINEIKGQIEKSTSDYDTEKLQERLAKLSGGVAVLKIGASTEVEMKEKKARVEDAL
HATRAAVQEGIVVGGGVALIRAAKGLAKAVADNEDQKTGIEIIRRALEEPLRQIVANTGTTDGAVVLEKVKNAEGDYGFN
ARTEQYENLIEAGVVDPTKVTRSALENAASVASILLTTEAAITDVKEDKADMPAMPPGGMGGGMY
;
_entity_poly.pdbx_strand_id   A,B,C,D,E,F,G,H,I,J,K,L,M,N,O,P,Q,R,S,T,U,V,W,X,Y,Z,a,b
#
loop_
_chem_comp.id
_chem_comp.type
_chem_comp.name
_chem_comp.formula
CA non-polymer 'CALCIUM ION' 'Ca 2'
MG non-polymer 'MAGNESIUM ION' 'Mg 2'
SO4 non-polymer 'SULFATE ION' 'O4 S -2'
#
# COMPACT_ATOMS: atom_id res chain seq x y z
N THR A 2 42.80 0.40 -30.65
CA THR A 2 42.27 1.30 -31.67
C THR A 2 40.76 1.41 -31.56
N ALA A 3 40.17 2.28 -32.39
CA ALA A 3 38.72 2.45 -32.39
C ALA A 3 38.04 1.18 -32.91
N LYS A 4 36.77 1.03 -32.57
CA LYS A 4 36.03 -0.17 -32.87
C LYS A 4 34.72 0.16 -33.59
N ASP A 5 34.22 -0.84 -34.32
CA ASP A 5 32.86 -0.84 -34.86
C ASP A 5 32.12 -2.00 -34.22
N ILE A 6 30.91 -1.73 -33.73
CA ILE A 6 30.14 -2.72 -32.99
C ILE A 6 28.82 -2.95 -33.71
N LEU A 7 28.50 -4.22 -33.94
CA LEU A 7 27.21 -4.63 -34.47
C LEU A 7 26.45 -5.40 -33.38
N PHE A 8 25.14 -5.27 -33.37
CA PHE A 8 24.30 -5.84 -32.33
C PHE A 8 23.27 -6.80 -32.92
N ASP A 9 23.05 -7.91 -32.19
CA ASP A 9 21.99 -8.88 -32.44
C ASP A 9 21.82 -9.25 -33.91
N ALA A 10 20.61 -9.05 -34.46
CA ALA A 10 20.27 -9.55 -35.79
C ALA A 10 21.23 -9.03 -36.85
N GLU A 11 21.54 -7.73 -36.82
CA GLU A 11 22.47 -7.19 -37.80
C GLU A 11 23.86 -7.82 -37.66
N ALA A 12 24.27 -8.15 -36.44
CA ALA A 12 25.56 -8.81 -36.25
C ALA A 12 25.49 -10.28 -36.65
N ARG A 13 24.40 -10.97 -36.32
CA ARG A 13 24.30 -12.39 -36.62
C ARG A 13 24.11 -12.65 -38.11
N THR A 14 23.40 -11.76 -38.81
CA THR A 14 23.22 -11.95 -40.25
C THR A 14 24.52 -11.77 -41.02
N LYS A 15 25.33 -10.79 -40.61
CA LYS A 15 26.60 -10.58 -41.29
C LYS A 15 27.60 -11.69 -40.97
N LEU A 16 27.54 -12.25 -39.77
CA LEU A 16 28.34 -13.44 -39.48
C LEU A 16 27.94 -14.61 -40.36
N LYS A 17 26.64 -14.73 -40.68
CA LYS A 17 26.19 -15.81 -41.55
C LYS A 17 26.80 -15.71 -42.93
N VAL A 18 27.01 -14.49 -43.43
CA VAL A 18 27.62 -14.31 -44.75
C VAL A 18 29.02 -14.90 -44.76
N GLY A 19 29.79 -14.68 -43.70
CA GLY A 19 31.13 -15.24 -43.63
C GLY A 19 31.13 -16.74 -43.45
N VAL A 20 30.19 -17.26 -42.66
CA VAL A 20 30.08 -18.70 -42.50
C VAL A 20 29.66 -19.36 -43.81
N ASP A 21 28.75 -18.73 -44.55
CA ASP A 21 28.31 -19.28 -45.83
C ASP A 21 29.43 -19.24 -46.86
N LYS A 22 30.24 -18.18 -46.85
CA LYS A 22 31.34 -18.08 -47.80
C LYS A 22 32.38 -19.17 -47.55
N LEU A 23 32.63 -19.49 -46.28
CA LEU A 23 33.56 -20.58 -45.97
C LEU A 23 32.98 -21.93 -46.34
N ALA A 24 31.73 -22.17 -45.97
CA ALA A 24 31.12 -23.48 -46.20
C ALA A 24 30.97 -23.77 -47.69
N ASN A 25 30.39 -22.83 -48.44
CA ASN A 25 30.15 -23.06 -49.87
C ASN A 25 31.45 -23.29 -50.62
N ALA A 26 32.58 -22.78 -50.12
CA ALA A 26 33.85 -23.02 -50.78
C ALA A 26 34.37 -24.44 -50.51
N VAL A 27 34.32 -24.87 -49.25
CA VAL A 27 34.88 -26.17 -48.90
C VAL A 27 33.93 -27.32 -49.23
N LYS A 28 32.61 -27.07 -49.24
CA LYS A 28 31.67 -28.18 -49.34
C LYS A 28 31.62 -28.77 -50.74
N VAL A 29 32.14 -28.09 -51.75
CA VAL A 29 32.18 -28.66 -53.09
C VAL A 29 33.20 -29.78 -53.22
N THR A 30 34.10 -29.92 -52.25
CA THR A 30 35.09 -30.99 -52.25
C THR A 30 34.68 -32.19 -51.40
N LEU A 31 33.49 -32.16 -50.80
CA LEU A 31 33.11 -33.20 -49.86
C LEU A 31 32.79 -34.51 -50.58
N GLY A 32 33.34 -35.61 -50.06
CA GLY A 32 33.07 -36.92 -50.59
C GLY A 32 33.98 -37.29 -51.74
N PRO A 33 33.83 -38.51 -52.25
CA PRO A 33 34.64 -38.93 -53.40
C PRO A 33 34.26 -38.22 -54.69
N ALA A 34 33.06 -37.65 -54.77
CA ALA A 34 32.60 -36.92 -55.93
C ALA A 34 32.94 -35.43 -55.86
N GLY A 35 33.69 -35.02 -54.85
CA GLY A 35 34.00 -33.61 -54.69
C GLY A 35 34.67 -33.04 -55.93
N ARG A 36 34.31 -31.80 -56.25
CA ARG A 36 34.83 -31.14 -57.44
C ARG A 36 36.20 -30.52 -57.16
N ASN A 37 36.76 -29.89 -58.19
CA ASN A 37 38.09 -29.31 -58.10
C ASN A 37 38.00 -27.83 -57.75
N VAL A 38 38.94 -27.35 -56.94
CA VAL A 38 39.00 -25.95 -56.53
C VAL A 38 40.36 -25.41 -56.94
N LEU A 39 40.35 -24.26 -57.61
CA LEU A 39 41.57 -23.61 -58.08
C LEU A 39 41.94 -22.50 -57.10
N ILE A 40 43.15 -22.58 -56.55
CA ILE A 40 43.69 -21.58 -55.63
C ILE A 40 44.82 -20.85 -56.34
N ASP A 41 44.64 -19.55 -56.52
CA ASP A 41 45.61 -18.76 -57.27
C ASP A 41 46.93 -18.63 -56.51
N LYS A 42 48.02 -18.51 -57.27
CA LYS A 42 49.34 -18.23 -56.74
C LYS A 42 49.78 -16.83 -57.17
N LYS A 43 50.97 -16.43 -56.72
CA LYS A 43 51.51 -15.14 -57.13
C LYS A 43 52.13 -15.24 -58.52
N PHE A 44 52.82 -16.34 -58.82
CA PHE A 44 53.41 -16.56 -60.13
C PHE A 44 53.34 -18.03 -60.46
N GLY A 45 53.10 -18.34 -61.72
CA GLY A 45 53.01 -19.71 -62.18
C GLY A 45 51.59 -20.22 -62.27
N ALA A 46 51.48 -21.56 -62.33
CA ALA A 46 50.20 -22.21 -62.46
C ALA A 46 49.51 -22.34 -61.09
N PRO A 47 48.19 -22.23 -61.04
CA PRO A 47 47.48 -22.32 -59.76
C PRO A 47 47.50 -23.72 -59.17
N THR A 48 46.90 -23.88 -58.01
CA THR A 48 46.83 -25.17 -57.32
C THR A 48 45.45 -25.79 -57.52
N SER A 49 45.42 -27.02 -58.01
CA SER A 49 44.19 -27.78 -58.14
C SER A 49 44.12 -28.77 -56.98
N THR A 50 43.11 -28.61 -56.13
CA THR A 50 42.98 -29.44 -54.94
C THR A 50 41.53 -29.84 -54.74
N LYS A 51 41.31 -31.14 -54.51
CA LYS A 51 40.02 -31.66 -54.10
C LYS A 51 39.91 -31.83 -52.59
N ASP A 52 40.93 -31.38 -51.84
CA ASP A 52 40.93 -31.50 -50.39
C ASP A 52 40.27 -30.28 -49.76
N GLY A 53 39.38 -30.54 -48.80
CA GLY A 53 38.70 -29.46 -48.11
C GLY A 53 39.53 -28.74 -47.08
N VAL A 54 40.57 -29.38 -46.56
CA VAL A 54 41.45 -28.71 -45.61
C VAL A 54 42.30 -27.67 -46.30
N THR A 55 42.78 -27.99 -47.51
CA THR A 55 43.57 -27.03 -48.28
C THR A 55 42.73 -25.80 -48.64
N VAL A 56 41.47 -26.01 -49.01
CA VAL A 56 40.61 -24.90 -49.38
C VAL A 56 40.29 -24.04 -48.16
N ALA A 57 40.09 -24.69 -47.01
CA ALA A 57 39.67 -23.95 -45.82
C ALA A 57 40.77 -23.03 -45.31
N LYS A 58 42.02 -23.49 -45.35
CA LYS A 58 43.12 -22.70 -44.82
C LYS A 58 43.40 -21.45 -45.65
N GLU A 59 42.88 -21.38 -46.87
CA GLU A 59 43.05 -20.22 -47.72
C GLU A 59 41.91 -19.21 -47.62
N ILE A 60 40.86 -19.52 -46.86
CA ILE A 60 39.67 -18.67 -46.82
C ILE A 60 39.93 -17.49 -45.90
N GLU A 61 39.85 -16.28 -46.45
CA GLU A 61 39.95 -15.05 -45.69
C GLU A 61 39.12 -14.00 -46.40
N LEU A 62 38.45 -13.15 -45.62
CA LEU A 62 37.48 -12.21 -46.16
C LEU A 62 37.88 -10.77 -45.83
N VAL A 63 37.40 -9.85 -46.66
CA VAL A 63 37.73 -8.42 -46.46
C VAL A 63 36.94 -7.86 -45.29
N ASP A 64 35.65 -8.13 -45.23
CA ASP A 64 34.82 -7.60 -44.16
C ASP A 64 35.18 -8.30 -42.85
N PRO A 65 35.52 -7.55 -41.80
CA PRO A 65 35.98 -8.21 -40.56
C PRO A 65 34.90 -9.00 -39.85
N VAL A 66 33.64 -8.57 -39.93
CA VAL A 66 32.56 -9.33 -39.30
C VAL A 66 32.36 -10.65 -40.03
N GLU A 67 32.35 -10.62 -41.36
CA GLU A 67 32.25 -11.85 -42.13
C GLU A 67 33.46 -12.75 -41.89
N ASN A 68 34.65 -12.14 -41.80
CA ASN A 68 35.86 -12.92 -41.56
C ASN A 68 35.84 -13.56 -40.17
N MET A 69 35.20 -12.92 -39.20
CA MET A 69 35.10 -13.52 -37.87
C MET A 69 34.31 -14.82 -37.91
N GLY A 70 33.12 -14.80 -38.53
CA GLY A 70 32.33 -16.01 -38.63
C GLY A 70 33.02 -17.10 -39.42
N ALA A 71 33.76 -16.72 -40.46
CA ALA A 71 34.49 -17.71 -41.25
C ALA A 71 35.65 -18.31 -40.45
N GLN A 72 36.32 -17.49 -39.64
CA GLN A 72 37.42 -18.00 -38.83
C GLN A 72 36.92 -18.75 -37.60
N MET A 73 35.72 -18.43 -37.11
CA MET A 73 35.15 -19.18 -36.01
C MET A 73 34.89 -20.63 -36.41
N VAL A 74 34.15 -20.84 -37.49
CA VAL A 74 33.85 -22.19 -37.95
C VAL A 74 35.12 -22.92 -38.38
N ARG A 75 36.12 -22.18 -38.87
CA ARG A 75 37.37 -22.82 -39.27
C ARG A 75 38.11 -23.40 -38.08
N GLU A 76 38.25 -22.62 -37.00
CA GLU A 76 39.00 -23.09 -35.84
C GLU A 76 38.31 -24.27 -35.17
N VAL A 77 36.98 -24.21 -35.06
CA VAL A 77 36.24 -25.27 -34.38
C VAL A 77 36.25 -26.54 -35.22
N ALA A 78 36.02 -26.42 -36.53
CA ALA A 78 36.03 -27.59 -37.40
C ALA A 78 37.44 -28.17 -37.54
N SER A 79 38.47 -27.33 -37.39
CA SER A 79 39.84 -27.84 -37.49
C SER A 79 40.18 -28.75 -36.31
N LYS A 80 39.53 -28.55 -35.16
CA LYS A 80 39.75 -29.41 -34.01
C LYS A 80 39.23 -30.83 -34.23
N THR A 81 38.49 -31.06 -35.31
CA THR A 81 38.04 -32.42 -35.62
C THR A 81 39.21 -33.29 -36.08
N SER A 82 39.98 -32.79 -37.06
CA SER A 82 41.10 -33.56 -37.59
C SER A 82 42.30 -33.59 -36.65
N ASP A 83 42.32 -32.77 -35.60
CA ASP A 83 43.44 -32.80 -34.67
C ASP A 83 43.47 -34.10 -33.88
N VAL A 84 42.34 -34.49 -33.30
CA VAL A 84 42.25 -35.74 -32.55
C VAL A 84 41.81 -36.92 -33.42
N ALA A 85 41.41 -36.67 -34.67
CA ALA A 85 40.90 -37.71 -35.56
C ALA A 85 41.73 -37.83 -36.83
N GLY A 86 41.81 -36.77 -37.62
CA GLY A 86 42.48 -36.80 -38.91
C GLY A 86 41.57 -36.72 -40.11
N ASP A 87 40.25 -36.57 -39.90
CA ASP A 87 39.30 -36.41 -40.99
C ASP A 87 38.06 -35.72 -40.46
N GLY A 88 37.27 -35.19 -41.38
CA GLY A 88 35.96 -34.65 -41.05
C GLY A 88 35.85 -33.17 -40.80
N THR A 89 36.85 -32.38 -41.19
CA THR A 89 36.73 -30.93 -41.05
C THR A 89 35.65 -30.37 -41.97
N THR A 90 35.59 -30.87 -43.21
CA THR A 90 34.60 -30.38 -44.15
C THR A 90 33.18 -30.76 -43.71
N THR A 91 33.03 -31.96 -43.15
CA THR A 91 31.71 -32.38 -42.67
C THR A 91 31.22 -31.48 -41.54
N ALA A 92 32.11 -31.15 -40.59
CA ALA A 92 31.72 -30.26 -39.51
C ALA A 92 31.32 -28.89 -40.04
N THR A 93 32.00 -28.41 -41.08
CA THR A 93 31.68 -27.10 -41.64
C THR A 93 30.31 -27.11 -42.28
N VAL A 94 29.99 -28.15 -43.06
CA VAL A 94 28.68 -28.26 -43.69
C VAL A 94 27.59 -28.30 -42.62
N LEU A 95 27.81 -29.10 -41.57
CA LEU A 95 26.83 -29.18 -40.50
C LEU A 95 26.68 -27.83 -39.79
N ALA A 96 27.80 -27.15 -39.53
CA ALA A 96 27.74 -25.87 -38.83
C ALA A 96 26.92 -24.84 -39.60
N GLN A 97 27.05 -24.85 -40.94
CA GLN A 97 26.26 -23.92 -41.75
C GLN A 97 24.77 -24.22 -41.65
N ALA A 98 24.40 -25.51 -41.70
CA ALA A 98 22.99 -25.88 -41.66
C ALA A 98 22.39 -25.62 -40.29
N ILE A 99 23.12 -25.91 -39.22
CA ILE A 99 22.62 -25.65 -37.87
C ILE A 99 22.44 -24.15 -37.66
N TYR A 100 23.37 -23.34 -38.18
CA TYR A 100 23.29 -21.90 -37.98
C TYR A 100 22.27 -21.25 -38.91
N ARG A 101 22.09 -21.78 -40.13
CA ARG A 101 21.10 -21.21 -41.04
C ARG A 101 19.69 -21.39 -40.50
N GLU A 102 19.31 -22.63 -40.19
CA GLU A 102 17.97 -22.90 -39.69
C GLU A 102 17.77 -22.35 -38.28
N GLY A 103 18.84 -22.19 -37.51
CA GLY A 103 18.70 -21.55 -36.20
C GLY A 103 18.29 -20.09 -36.32
N LEU A 104 18.95 -19.35 -37.21
CA LEU A 104 18.63 -17.94 -37.39
C LEU A 104 17.20 -17.76 -37.91
N LYS A 105 16.76 -18.66 -38.81
CA LYS A 105 15.40 -18.58 -39.32
C LYS A 105 14.38 -18.62 -38.18
N ASN A 106 14.61 -19.49 -37.19
CA ASN A 106 13.70 -19.58 -36.06
C ASN A 106 13.91 -18.46 -35.06
N VAL A 107 15.15 -18.00 -34.88
CA VAL A 107 15.40 -16.84 -34.03
C VAL A 107 14.65 -15.64 -34.56
N THR A 108 14.66 -15.45 -35.89
CA THR A 108 13.86 -14.38 -36.50
C THR A 108 12.38 -14.60 -36.24
N ALA A 109 11.94 -15.87 -36.24
CA ALA A 109 10.53 -16.19 -36.03
C ALA A 109 10.08 -15.96 -34.58
N GLY A 110 10.99 -15.63 -33.68
CA GLY A 110 10.65 -15.35 -32.30
C GLY A 110 11.05 -16.43 -31.31
N ALA A 111 11.72 -17.49 -31.75
CA ALA A 111 12.21 -18.50 -30.83
C ALA A 111 13.35 -17.95 -29.98
N ARG A 112 13.44 -18.43 -28.74
CA ARG A 112 14.51 -18.00 -27.85
C ARG A 112 15.82 -18.65 -28.27
N PRO A 113 16.89 -17.88 -28.48
CA PRO A 113 18.17 -18.49 -28.89
C PRO A 113 18.71 -19.48 -27.88
N ILE A 114 18.57 -19.19 -26.59
CA ILE A 114 19.11 -20.09 -25.57
C ILE A 114 18.31 -21.38 -25.50
N ASP A 115 17.02 -21.34 -25.83
CA ASP A 115 16.23 -22.55 -25.87
C ASP A 115 16.56 -23.38 -27.11
N LEU A 116 16.83 -22.72 -28.24
CA LEU A 116 17.32 -23.43 -29.42
C LEU A 116 18.66 -24.08 -29.13
N LYS A 117 19.51 -23.43 -28.33
CA LYS A 117 20.78 -24.03 -27.95
C LYS A 117 20.58 -25.27 -27.10
N ARG A 118 19.67 -25.19 -26.13
CA ARG A 118 19.39 -26.34 -25.26
C ARG A 118 18.83 -27.51 -26.08
N GLY A 119 17.91 -27.23 -26.99
CA GLY A 119 17.37 -28.28 -27.85
C GLY A 119 18.43 -28.91 -28.73
N ILE A 120 19.41 -28.12 -29.18
CA ILE A 120 20.50 -28.68 -29.98
C ILE A 120 21.42 -29.52 -29.11
N ASP A 121 21.80 -29.02 -27.95
CA ASP A 121 22.73 -29.73 -27.08
C ASP A 121 22.13 -31.06 -26.61
N ARG A 122 20.83 -31.07 -26.30
CA ARG A 122 20.18 -32.32 -25.91
C ARG A 122 20.08 -33.27 -27.10
N ALA A 123 19.84 -32.73 -28.30
CA ALA A 123 19.75 -33.57 -29.48
C ALA A 123 21.11 -34.17 -29.84
N VAL A 124 22.18 -33.41 -29.64
CA VAL A 124 23.51 -33.89 -29.99
C VAL A 124 23.93 -35.04 -29.09
N LYS A 125 23.63 -34.95 -27.79
CA LYS A 125 23.99 -36.02 -26.87
C LYS A 125 23.31 -37.33 -27.26
N GLU A 126 22.07 -37.24 -27.74
CA GLU A 126 21.35 -38.45 -28.14
C GLU A 126 21.82 -38.99 -29.48
N VAL A 127 22.19 -38.10 -30.42
CA VAL A 127 22.70 -38.58 -31.70
C VAL A 127 24.04 -39.28 -31.51
N VAL A 128 24.91 -38.73 -30.66
CA VAL A 128 26.18 -39.38 -30.36
C VAL A 128 25.94 -40.70 -29.66
N ALA A 129 24.96 -40.76 -28.76
CA ALA A 129 24.63 -42.00 -28.07
C ALA A 129 24.26 -43.09 -29.06
N GLU A 130 23.29 -42.81 -29.94
CA GLU A 130 22.92 -43.78 -30.97
C GLU A 130 24.09 -44.03 -31.92
N LEU A 131 24.95 -43.03 -32.11
CA LEU A 131 26.10 -43.21 -33.00
C LEU A 131 27.07 -44.25 -32.44
N ARG A 132 27.24 -44.30 -31.12
CA ARG A 132 28.08 -45.33 -30.53
C ARG A 132 27.38 -46.68 -30.51
N ASN A 133 26.05 -46.71 -30.55
CA ASN A 133 25.34 -47.98 -30.63
C ASN A 133 25.62 -48.69 -31.94
N ILE A 134 25.71 -47.94 -33.04
CA ILE A 134 26.04 -48.52 -34.35
C ILE A 134 27.55 -48.65 -34.55
N SER A 135 28.36 -48.18 -33.60
CA SER A 135 29.80 -48.27 -33.74
C SER A 135 30.26 -49.72 -33.55
N ARG A 136 31.23 -50.13 -34.37
CA ARG A 136 31.83 -51.46 -34.29
C ARG A 136 33.28 -51.29 -33.89
N SER A 137 33.63 -51.76 -32.70
CA SER A 137 34.99 -51.61 -32.20
C SER A 137 35.96 -52.48 -32.99
N ILE A 138 37.22 -52.04 -33.04
CA ILE A 138 38.28 -52.76 -33.74
C ILE A 138 39.38 -53.08 -32.74
N SER A 139 39.72 -54.36 -32.64
CA SER A 139 40.82 -54.79 -31.78
C SER A 139 41.42 -56.07 -32.35
N GLY A 140 42.71 -56.23 -32.16
CA GLY A 140 43.39 -57.42 -32.66
C GLY A 140 43.98 -57.22 -34.04
N LYS A 141 45.09 -57.92 -34.30
CA LYS A 141 45.84 -57.75 -35.54
C LYS A 141 45.04 -58.16 -36.77
N LYS A 142 43.90 -58.83 -36.60
CA LYS A 142 43.10 -59.25 -37.75
C LYS A 142 42.33 -58.07 -38.34
N GLU A 143 41.41 -57.50 -37.57
CA GLU A 143 40.59 -56.40 -38.05
C GLU A 143 41.27 -55.05 -37.99
N ILE A 144 42.39 -54.92 -37.25
CA ILE A 144 43.16 -53.69 -37.30
C ILE A 144 43.82 -53.53 -38.66
N ALA A 145 44.39 -54.62 -39.18
CA ALA A 145 45.00 -54.58 -40.50
C ALA A 145 43.97 -54.31 -41.61
N GLN A 146 42.70 -54.63 -41.36
CA GLN A 146 41.67 -54.35 -42.35
C GLN A 146 41.37 -52.85 -42.44
N VAL A 147 41.30 -52.18 -41.29
CA VAL A 147 41.05 -50.74 -41.29
C VAL A 147 42.23 -50.00 -41.93
N GLY A 148 43.45 -50.45 -41.65
CA GLY A 148 44.62 -49.85 -42.29
C GLY A 148 44.66 -50.09 -43.79
N THR A 149 44.13 -51.21 -44.25
CA THR A 149 44.10 -51.50 -45.67
C THR A 149 43.09 -50.60 -46.39
N ILE A 150 41.94 -50.34 -45.76
CA ILE A 150 40.94 -49.47 -46.36
C ILE A 150 41.47 -48.05 -46.44
N SER A 151 42.11 -47.57 -45.37
CA SER A 151 42.62 -46.21 -45.35
C SER A 151 43.83 -46.03 -46.26
N ALA A 152 44.51 -47.11 -46.62
CA ALA A 152 45.64 -47.07 -47.55
C ALA A 152 45.21 -47.27 -48.99
N ASN A 153 43.90 -47.32 -49.25
CA ASN A 153 43.34 -47.56 -50.59
C ASN A 153 43.78 -48.92 -51.13
N ASN A 154 43.27 -49.96 -50.47
CA ASN A 154 43.46 -51.35 -50.87
C ASN A 154 44.96 -51.70 -50.98
N ASP A 155 45.63 -51.64 -49.83
CA ASP A 155 47.05 -52.00 -49.71
C ASP A 155 47.20 -52.90 -48.49
N PRO A 156 47.05 -54.22 -48.66
CA PRO A 156 47.12 -55.12 -47.49
C PRO A 156 48.47 -55.13 -46.82
N GLU A 157 49.55 -54.83 -47.54
CA GLU A 157 50.87 -54.81 -46.92
C GLU A 157 51.01 -53.67 -45.93
N ILE A 158 50.26 -52.57 -46.14
CA ILE A 158 50.30 -51.45 -45.21
C ILE A 158 49.51 -51.77 -43.95
N GLY A 159 48.38 -52.48 -44.10
CA GLY A 159 47.57 -52.82 -42.94
C GLY A 159 48.29 -53.71 -41.95
N GLU A 160 49.01 -54.72 -42.46
CA GLU A 160 49.79 -55.58 -41.57
C GLU A 160 50.94 -54.83 -40.92
N LEU A 161 51.52 -53.86 -41.63
CA LEU A 161 52.60 -53.06 -41.04
C LEU A 161 52.09 -52.23 -39.87
N ILE A 162 50.86 -51.71 -39.97
CA ILE A 162 50.28 -50.98 -38.87
C ILE A 162 49.76 -51.94 -37.80
N ALA A 163 49.30 -53.12 -38.20
CA ALA A 163 48.77 -54.08 -37.23
C ALA A 163 49.89 -54.62 -36.35
N GLU A 164 50.98 -55.09 -36.95
CA GLU A 164 52.10 -55.63 -36.17
C GLU A 164 52.81 -54.55 -35.37
N ALA A 165 52.71 -53.29 -35.79
CA ALA A 165 53.31 -52.20 -35.01
C ALA A 165 52.54 -51.97 -33.71
N MET A 166 51.22 -51.95 -33.78
CA MET A 166 50.41 -51.77 -32.58
C MET A 166 50.40 -53.00 -31.68
N ASP A 167 50.91 -54.14 -32.16
CA ASP A 167 51.02 -55.33 -31.35
C ASP A 167 52.23 -55.31 -30.42
N LYS A 168 53.13 -54.35 -30.60
CA LYS A 168 54.33 -54.21 -29.77
C LYS A 168 54.14 -53.19 -28.66
N VAL A 169 53.97 -51.91 -29.03
CA VAL A 169 53.82 -50.85 -28.03
C VAL A 169 52.40 -50.73 -27.52
N GLY A 170 51.44 -51.38 -28.16
CA GLY A 170 50.06 -51.35 -27.73
C GLY A 170 49.21 -50.42 -28.59
N LYS A 171 47.92 -50.38 -28.25
CA LYS A 171 47.00 -49.51 -28.97
C LYS A 171 47.23 -48.04 -28.63
N ASP A 172 47.74 -47.76 -27.43
CA ASP A 172 48.04 -46.40 -27.00
C ASP A 172 49.51 -46.04 -27.23
N GLY A 173 50.30 -46.93 -27.81
CA GLY A 173 51.71 -46.68 -27.99
C GLY A 173 52.00 -45.59 -29.00
N VAL A 174 53.29 -45.24 -29.09
CA VAL A 174 53.77 -44.19 -29.98
C VAL A 174 54.24 -44.84 -31.28
N ILE A 175 53.65 -44.42 -32.39
CA ILE A 175 54.01 -44.93 -33.71
C ILE A 175 54.50 -43.75 -34.55
N THR A 176 55.64 -43.94 -35.21
CA THR A 176 56.26 -42.92 -36.03
C THR A 176 56.58 -43.49 -37.39
N VAL A 177 56.37 -42.70 -38.44
CA VAL A 177 56.63 -43.10 -39.83
C VAL A 177 57.84 -42.31 -40.33
N GLU A 178 58.83 -43.03 -40.84
CA GLU A 178 60.04 -42.43 -41.39
C GLU A 178 60.36 -43.08 -42.73
N GLU A 179 61.28 -42.44 -43.47
CA GLU A 179 61.70 -42.95 -44.76
C GLU A 179 62.72 -44.06 -44.60
N ALA A 180 62.61 -45.09 -45.43
CA ALA A 180 63.53 -46.22 -45.38
C ALA A 180 64.76 -45.94 -46.24
N LYS A 181 65.69 -46.89 -46.24
CA LYS A 181 66.92 -46.78 -47.01
C LYS A 181 66.85 -47.47 -48.37
N GLY A 182 65.70 -48.04 -48.73
CA GLY A 182 65.61 -48.77 -49.97
C GLY A 182 64.21 -49.28 -50.21
N MET A 183 64.11 -50.28 -51.09
CA MET A 183 62.81 -50.82 -51.47
C MET A 183 62.12 -51.49 -50.30
N GLU A 184 62.89 -52.14 -49.43
CA GLU A 184 62.30 -52.92 -48.34
C GLU A 184 61.72 -52.01 -47.27
N THR A 185 60.51 -52.35 -46.82
CA THR A 185 59.86 -51.66 -45.70
C THR A 185 60.02 -52.51 -44.45
N GLU A 186 60.46 -51.88 -43.36
CA GLU A 186 60.79 -52.59 -42.14
C GLU A 186 60.15 -51.90 -40.94
N LEU A 187 60.15 -52.61 -39.81
CA LEU A 187 59.59 -52.10 -38.57
C LEU A 187 60.53 -52.42 -37.42
N LYS A 188 60.89 -51.41 -36.64
CA LYS A 188 61.74 -51.59 -35.47
C LYS A 188 61.26 -50.66 -34.37
N VAL A 189 61.71 -50.93 -33.14
CA VAL A 189 61.35 -50.16 -31.97
C VAL A 189 62.62 -49.60 -31.35
N VAL A 190 62.58 -48.31 -30.99
CA VAL A 190 63.73 -47.62 -30.42
C VAL A 190 63.30 -46.93 -29.13
N GLU A 191 64.29 -46.50 -28.36
CA GLU A 191 64.03 -45.84 -27.09
C GLU A 191 63.60 -44.39 -27.33
N GLY A 192 62.49 -44.00 -26.72
CA GLY A 192 61.98 -42.64 -26.88
C GLY A 192 60.68 -42.48 -26.11
N MET A 193 60.26 -41.23 -25.98
CA MET A 193 59.03 -40.90 -25.27
C MET A 193 58.31 -39.77 -26.01
N GLN A 194 57.14 -39.40 -25.49
CA GLN A 194 56.32 -38.35 -26.07
C GLN A 194 55.52 -37.69 -24.96
N PHE A 195 55.35 -36.38 -25.05
CA PHE A 195 54.54 -35.63 -24.10
C PHE A 195 53.62 -34.67 -24.85
N ASP A 196 52.80 -33.93 -24.10
CA ASP A 196 51.73 -33.12 -24.65
C ASP A 196 52.14 -31.67 -24.93
N ARG A 197 53.41 -31.32 -24.72
CA ARG A 197 53.86 -29.96 -25.00
C ARG A 197 54.23 -29.82 -26.47
N GLY A 198 53.65 -28.81 -27.12
CA GLY A 198 53.92 -28.53 -28.52
C GLY A 198 54.93 -27.41 -28.71
N TYR A 199 55.00 -26.92 -29.93
CA TYR A 199 55.95 -25.86 -30.24
C TYR A 199 55.46 -24.53 -29.69
N LEU A 200 56.42 -23.62 -29.46
CA LEU A 200 56.09 -22.30 -28.95
C LEU A 200 55.58 -21.36 -30.04
N SER A 201 56.04 -21.52 -31.28
CA SER A 201 55.61 -20.67 -32.38
C SER A 201 55.46 -21.50 -33.65
N PRO A 202 54.46 -21.18 -34.48
CA PRO A 202 54.28 -21.96 -35.72
C PRO A 202 55.42 -21.83 -36.71
N TYR A 203 56.28 -20.82 -36.56
CA TYR A 203 57.40 -20.63 -37.48
C TYR A 203 58.44 -21.74 -37.41
N PHE A 204 58.34 -22.63 -36.42
CA PHE A 204 59.27 -23.75 -36.29
C PHE A 204 58.92 -24.92 -37.19
N VAL A 205 57.79 -24.86 -37.90
CA VAL A 205 57.37 -25.96 -38.76
C VAL A 205 58.37 -26.13 -39.90
N THR A 206 58.88 -27.35 -40.06
CA THR A 206 59.84 -27.63 -41.13
C THR A 206 59.15 -27.84 -42.48
N ASN A 207 58.04 -28.56 -42.49
CA ASN A 207 57.31 -28.86 -43.72
C ASN A 207 55.82 -28.61 -43.50
N SER A 208 55.23 -27.78 -44.35
CA SER A 208 53.81 -27.48 -44.25
C SER A 208 52.92 -28.64 -44.70
N GLU A 209 53.50 -29.69 -45.29
CA GLU A 209 52.71 -30.84 -45.70
C GLU A 209 52.09 -31.53 -44.48
N THR A 210 52.92 -31.95 -43.54
CA THR A 210 52.46 -32.58 -42.30
C THR A 210 52.35 -31.59 -41.15
N MET A 211 52.73 -30.32 -41.36
CA MET A 211 52.68 -29.28 -40.33
C MET A 211 53.50 -29.66 -39.09
N GLU A 212 54.51 -30.51 -39.28
CA GLU A 212 55.40 -30.93 -38.21
C GLU A 212 56.75 -30.24 -38.35
N ALA A 213 57.66 -30.53 -37.43
CA ALA A 213 59.02 -30.02 -37.47
C ALA A 213 59.98 -31.19 -37.35
N GLU A 214 60.76 -31.42 -38.40
CA GLU A 214 61.70 -32.53 -38.46
C GLU A 214 63.09 -32.05 -38.06
N LEU A 215 63.63 -32.61 -36.99
CA LEU A 215 65.00 -32.35 -36.56
C LEU A 215 65.74 -33.67 -36.58
N ASP A 216 66.70 -33.80 -37.50
CA ASP A 216 67.45 -35.04 -37.68
C ASP A 216 68.80 -34.92 -36.99
N GLU A 217 69.11 -35.91 -36.14
CA GLU A 217 70.35 -35.92 -35.36
C GLU A 217 70.47 -34.64 -34.53
N ALA A 218 69.43 -34.36 -33.76
CA ALA A 218 69.31 -33.08 -33.07
C ALA A 218 69.83 -33.16 -31.64
N LEU A 219 70.47 -32.09 -31.19
CA LEU A 219 70.86 -31.94 -29.80
C LEU A 219 69.67 -31.45 -28.97
N ILE A 220 69.63 -31.86 -27.70
CA ILE A 220 68.53 -31.54 -26.81
C ILE A 220 69.06 -30.71 -25.65
N LEU A 221 68.33 -29.65 -25.31
CA LEU A 221 68.68 -28.75 -24.21
C LEU A 221 67.56 -28.79 -23.18
N ILE A 222 67.90 -29.18 -21.95
CA ILE A 222 66.94 -29.32 -20.88
C ILE A 222 67.18 -28.21 -19.87
N HIS A 223 66.16 -27.39 -19.62
CA HIS A 223 66.24 -26.27 -18.70
C HIS A 223 64.93 -26.14 -17.95
N ASP A 224 65.00 -25.94 -16.64
CA ASP A 224 63.82 -25.85 -15.80
C ASP A 224 63.34 -24.42 -15.56
N LYS A 225 64.06 -23.43 -16.06
CA LYS A 225 63.72 -22.03 -15.84
C LYS A 225 63.05 -21.45 -17.09
N LYS A 226 62.75 -20.16 -17.03
CA LYS A 226 62.04 -19.48 -18.12
C LYS A 226 63.00 -19.20 -19.27
N ILE A 227 62.47 -18.58 -20.32
CA ILE A 227 63.24 -18.31 -21.53
C ILE A 227 63.86 -16.92 -21.46
N SER A 228 63.04 -15.89 -21.56
CA SER A 228 63.53 -14.51 -21.55
C SER A 228 64.00 -14.11 -20.15
N LYS A 231 69.25 -13.68 -26.92
CA LYS A 231 68.65 -14.60 -25.96
C LYS A 231 69.27 -14.43 -24.58
N GLU A 232 69.00 -15.39 -23.69
CA GLU A 232 69.53 -15.33 -22.33
C GLU A 232 71.02 -15.69 -22.30
N LEU A 233 71.33 -16.96 -22.58
CA LEU A 233 72.71 -17.44 -22.61
C LEU A 233 73.09 -17.70 -24.06
N LEU A 234 73.95 -16.83 -24.61
CA LEU A 234 74.43 -17.03 -25.98
C LEU A 234 75.39 -18.20 -26.13
N PRO A 235 76.42 -18.36 -25.27
CA PRO A 235 77.48 -19.34 -25.60
C PRO A 235 77.00 -20.76 -25.79
N ILE A 236 76.06 -21.22 -24.95
CA ILE A 236 75.56 -22.59 -25.10
C ILE A 236 74.76 -22.71 -26.40
N LEU A 237 74.00 -21.68 -26.75
CA LEU A 237 73.21 -21.70 -27.97
C LEU A 237 74.06 -21.42 -29.21
N GLU A 238 74.98 -20.46 -29.11
CA GLU A 238 75.76 -20.06 -30.28
C GLU A 238 76.76 -21.14 -30.67
N LYS A 239 77.46 -21.73 -29.69
CA LYS A 239 78.44 -22.76 -29.98
C LYS A 239 77.80 -24.05 -30.47
N ALA A 240 76.54 -24.30 -30.12
CA ALA A 240 75.85 -25.50 -30.58
C ALA A 240 75.57 -25.46 -32.07
N ALA A 241 75.55 -24.28 -32.68
CA ALA A 241 75.30 -24.17 -34.12
C ALA A 241 76.46 -24.71 -34.96
N GLN A 242 77.61 -24.99 -34.35
CA GLN A 242 78.74 -25.53 -35.08
C GLN A 242 78.65 -27.04 -35.18
N ARG A 245 74.15 -29.58 -36.61
CA ARG A 245 73.11 -30.35 -35.94
C ARG A 245 72.07 -29.43 -35.29
N PRO A 246 70.79 -29.72 -35.54
CA PRO A 246 69.73 -28.90 -34.94
C PRO A 246 69.69 -29.07 -33.43
N LEU A 247 69.01 -28.13 -32.78
CA LEU A 247 68.94 -28.09 -31.32
C LEU A 247 67.50 -27.87 -30.89
N LEU A 248 67.03 -28.72 -29.98
CA LEU A 248 65.70 -28.58 -29.38
C LEU A 248 65.87 -28.00 -27.98
N ILE A 249 65.20 -26.89 -27.71
CA ILE A 249 65.27 -26.20 -26.43
C ILE A 249 64.02 -26.53 -25.62
N ILE A 250 64.21 -27.02 -24.40
CA ILE A 250 63.11 -27.33 -23.48
C ILE A 250 63.30 -26.47 -22.25
N ALA A 251 62.36 -25.54 -22.03
CA ALA A 251 62.41 -24.64 -20.88
C ALA A 251 61.01 -24.57 -20.27
N GLU A 252 60.89 -23.78 -19.19
CA GLU A 252 59.60 -23.58 -18.56
C GLU A 252 58.73 -22.57 -19.30
N ASP A 253 59.33 -21.76 -20.16
CA ASP A 253 58.59 -20.77 -20.94
C ASP A 253 59.36 -20.37 -22.19
N GLU A 257 60.87 -12.32 -25.43
CA GLU A 257 62.05 -11.67 -25.97
C GLU A 257 63.03 -12.69 -26.54
N ALA A 258 63.31 -13.73 -25.76
CA ALA A 258 64.20 -14.79 -26.23
C ALA A 258 63.56 -15.65 -27.32
N LEU A 259 62.23 -15.64 -27.41
CA LEU A 259 61.56 -16.43 -28.45
C LEU A 259 61.77 -15.81 -29.82
N ALA A 260 61.76 -14.48 -29.91
CA ALA A 260 61.93 -13.82 -31.19
C ALA A 260 63.33 -14.06 -31.77
N THR A 261 64.33 -14.22 -30.90
CA THR A 261 65.68 -14.53 -31.37
C THR A 261 65.73 -15.88 -32.06
N LEU A 262 64.98 -16.85 -31.55
CA LEU A 262 64.96 -18.19 -32.14
C LEU A 262 64.12 -18.27 -33.40
N VAL A 263 63.13 -17.39 -33.55
CA VAL A 263 62.27 -17.43 -34.73
C VAL A 263 63.00 -16.88 -35.95
N VAL A 264 63.75 -15.79 -35.78
CA VAL A 264 64.49 -15.20 -36.90
C VAL A 264 65.56 -16.17 -37.39
N ASN A 265 66.28 -16.81 -36.46
CA ASN A 265 67.30 -17.77 -36.86
C ASN A 265 66.68 -19.03 -37.44
N LYS A 266 65.45 -19.37 -37.04
CA LYS A 266 64.77 -20.52 -37.63
C LYS A 266 64.50 -20.28 -39.11
N LEU A 267 64.01 -19.09 -39.47
CA LEU A 267 63.84 -18.74 -40.86
C LEU A 267 65.17 -18.46 -41.55
N ARG A 268 66.20 -18.12 -40.77
CA ARG A 268 67.53 -17.89 -41.34
C ARG A 268 68.16 -19.20 -41.80
N GLY A 269 69.17 -19.08 -42.65
CA GLY A 269 69.78 -20.26 -43.24
C GLY A 269 70.44 -21.17 -42.21
N THR A 270 71.00 -20.59 -41.15
CA THR A 270 71.70 -21.34 -40.13
C THR A 270 70.96 -21.24 -38.81
N LEU A 271 71.47 -21.95 -37.80
CA LEU A 271 70.88 -22.02 -36.46
C LEU A 271 69.42 -22.44 -36.52
N LYS A 272 69.23 -23.71 -36.89
CA LYS A 272 67.91 -24.31 -36.97
C LYS A 272 67.56 -24.95 -35.63
N VAL A 273 66.54 -24.42 -34.97
CA VAL A 273 66.15 -24.85 -33.63
C VAL A 273 64.63 -24.93 -33.54
N ALA A 274 64.16 -25.35 -32.37
CA ALA A 274 62.73 -25.37 -32.05
C ALA A 274 62.58 -25.24 -30.55
N ALA A 275 61.44 -24.70 -30.12
CA ALA A 275 61.18 -24.43 -28.71
C ALA A 275 59.94 -25.18 -28.28
N VAL A 276 60.08 -25.98 -27.22
CA VAL A 276 58.98 -26.75 -26.65
C VAL A 276 59.04 -26.62 -25.14
N LYS A 277 57.87 -26.42 -24.51
CA LYS A 277 57.80 -26.29 -23.07
C LYS A 277 57.94 -27.66 -22.41
N ALA A 278 57.93 -27.68 -21.07
CA ALA A 278 58.08 -28.92 -20.31
C ALA A 278 56.74 -29.42 -19.79
N GLY A 282 54.32 -28.76 -12.01
CA GLY A 282 54.98 -28.64 -10.72
C GLY A 282 56.13 -29.62 -10.55
N ASP A 283 56.08 -30.41 -9.47
CA ASP A 283 57.12 -31.40 -9.24
C ASP A 283 57.09 -32.53 -10.25
N ARG A 284 55.95 -32.76 -10.91
CA ARG A 284 55.89 -33.77 -11.96
C ARG A 284 56.75 -33.38 -13.16
N ARG A 285 56.88 -32.07 -13.42
CA ARG A 285 57.74 -31.62 -14.50
C ARG A 285 59.22 -31.70 -14.12
N LYS A 286 59.54 -31.54 -12.84
CA LYS A 286 60.93 -31.66 -12.41
C LYS A 286 61.44 -33.08 -12.57
N ALA A 287 60.58 -34.07 -12.33
CA ALA A 287 60.99 -35.46 -12.45
C ALA A 287 61.03 -35.93 -13.89
N MET A 288 60.20 -35.35 -14.77
CA MET A 288 60.20 -35.74 -16.17
C MET A 288 61.36 -35.13 -16.94
N LEU A 289 61.83 -33.94 -16.53
CA LEU A 289 63.01 -33.36 -17.16
C LEU A 289 64.25 -34.22 -16.90
N GLU A 290 64.40 -34.72 -15.67
CA GLU A 290 65.49 -35.64 -15.38
C GLU A 290 65.27 -36.97 -16.07
N ASP A 291 64.02 -37.38 -16.26
CA ASP A 291 63.73 -38.60 -17.01
C ASP A 291 63.96 -38.41 -18.50
N ILE A 292 63.70 -37.21 -19.02
CA ILE A 292 63.99 -36.93 -20.42
C ILE A 292 65.49 -36.75 -20.63
N ALA A 293 66.22 -36.29 -19.62
CA ALA A 293 67.66 -36.15 -19.74
C ALA A 293 68.39 -37.48 -19.59
N ILE A 294 67.89 -38.37 -18.74
CA ILE A 294 68.49 -39.70 -18.60
C ILE A 294 68.24 -40.54 -19.84
N LEU A 295 67.18 -40.25 -20.61
CA LEU A 295 66.91 -41.00 -21.82
C LEU A 295 67.82 -40.55 -22.97
N THR A 296 68.04 -39.25 -23.10
CA THR A 296 68.88 -38.71 -24.16
C THR A 296 70.33 -38.52 -23.72
N GLY A 297 70.68 -38.89 -22.49
CA GLY A 297 72.03 -38.76 -22.00
C GLY A 297 72.44 -37.36 -21.58
N GLY A 298 71.54 -36.38 -21.67
CA GLY A 298 71.84 -35.01 -21.31
C GLY A 298 71.87 -34.80 -19.80
N THR A 299 71.95 -33.53 -19.43
CA THR A 299 72.01 -33.14 -18.02
C THR A 299 71.06 -31.98 -17.79
N VAL A 300 70.27 -32.06 -16.72
CA VAL A 300 69.32 -31.00 -16.38
C VAL A 300 70.07 -29.82 -15.80
N ILE A 301 69.55 -28.62 -16.07
CA ILE A 301 70.11 -27.38 -15.55
C ILE A 301 69.07 -26.77 -14.61
N SER A 302 69.38 -26.76 -13.32
CA SER A 302 68.47 -26.21 -12.32
C SER A 302 69.23 -25.60 -11.15
N LYS A 305 71.12 -28.89 -7.66
CA LYS A 305 71.48 -28.64 -9.05
C LYS A 305 72.21 -27.31 -9.19
N GLY A 306 73.52 -27.39 -9.42
CA GLY A 306 74.35 -26.20 -9.48
C GLY A 306 74.71 -25.75 -10.89
N TYR A 307 73.94 -26.17 -11.88
CA TYR A 307 74.17 -25.75 -13.26
C TYR A 307 73.66 -24.33 -13.45
N LYS A 308 74.52 -23.45 -13.99
CA LYS A 308 74.20 -22.03 -14.08
C LYS A 308 73.70 -21.65 -15.48
N LEU A 309 74.59 -21.63 -16.46
CA LEU A 309 74.25 -21.19 -17.80
C LEU A 309 73.29 -22.17 -18.47
N ALA A 321 68.16 -38.76 -32.50
CA ALA A 321 68.17 -39.15 -33.91
C ALA A 321 67.16 -38.31 -34.70
N ARG A 322 65.91 -38.35 -34.29
CA ARG A 322 64.85 -37.56 -34.92
C ARG A 322 63.90 -37.05 -33.84
N ILE A 323 63.50 -35.79 -33.96
CA ILE A 323 62.57 -35.16 -33.05
C ILE A 323 61.44 -34.56 -33.87
N THR A 324 60.21 -35.04 -33.63
CA THR A 324 59.03 -34.56 -34.34
C THR A 324 58.25 -33.62 -33.43
N ILE A 325 58.01 -32.40 -33.91
CA ILE A 325 57.31 -31.37 -33.16
C ILE A 325 55.96 -31.13 -33.83
N ASP A 326 54.88 -31.50 -33.15
CA ASP A 326 53.53 -31.27 -33.64
C ASP A 326 52.91 -30.09 -32.91
N LYS A 327 51.66 -29.79 -33.24
CA LYS A 327 50.94 -28.74 -32.52
C LYS A 327 50.79 -29.08 -31.06
N ASP A 328 50.14 -30.21 -30.77
CA ASP A 328 49.90 -30.67 -29.41
C ASP A 328 50.91 -31.70 -28.92
N ASN A 329 51.85 -32.12 -29.76
CA ASN A 329 52.69 -33.27 -29.45
C ASN A 329 54.15 -32.99 -29.76
N THR A 330 55.02 -33.64 -28.99
CA THR A 330 56.46 -33.64 -29.25
C THR A 330 56.99 -35.05 -29.01
N THR A 331 57.64 -35.63 -30.02
CA THR A 331 58.12 -37.00 -29.97
C THR A 331 59.62 -37.03 -30.21
N ILE A 332 60.35 -37.66 -29.31
CA ILE A 332 61.80 -37.85 -29.44
C ILE A 332 62.03 -39.28 -29.89
N VAL A 333 62.47 -39.46 -31.13
CA VAL A 333 62.66 -40.77 -31.72
C VAL A 333 64.13 -41.16 -31.61
N GLU A 334 64.40 -42.29 -30.97
CA GLU A 334 65.74 -42.86 -30.85
C GLU A 334 66.71 -41.86 -30.21
N GLY A 335 66.32 -41.31 -29.07
CA GLY A 335 67.25 -40.52 -28.28
C GLY A 335 68.34 -41.41 -27.73
N LYS A 336 69.59 -40.97 -27.85
CA LYS A 336 70.74 -41.82 -27.58
C LYS A 336 71.28 -41.51 -26.18
N GLY A 337 71.00 -42.41 -25.25
CA GLY A 337 71.61 -42.41 -23.94
C GLY A 337 72.54 -43.58 -23.73
N LYS A 338 72.73 -43.94 -22.47
CA LYS A 338 73.41 -45.18 -22.12
C LYS A 338 72.36 -46.26 -21.89
N GLN A 339 72.52 -47.39 -22.58
CA GLN A 339 71.51 -48.45 -22.52
C GLN A 339 71.33 -48.97 -21.10
N GLU A 340 72.41 -49.08 -20.34
CA GLU A 340 72.30 -49.54 -18.95
C GLU A 340 71.81 -48.45 -18.02
N GLU A 341 72.17 -47.19 -18.29
CA GLU A 341 71.76 -46.09 -17.41
C GLU A 341 70.29 -45.75 -17.57
N ILE A 342 69.73 -45.96 -18.77
CA ILE A 342 68.32 -45.74 -18.98
C ILE A 342 67.49 -46.77 -18.22
N LYS A 343 67.92 -48.03 -18.24
CA LYS A 343 67.22 -49.07 -17.49
C LYS A 343 67.39 -48.90 -15.98
N ALA A 344 68.45 -48.20 -15.54
CA ALA A 344 68.59 -47.90 -14.12
C ALA A 344 67.52 -46.91 -13.66
N ARG A 345 67.04 -46.05 -14.56
CA ARG A 345 65.93 -45.16 -14.23
C ARG A 345 64.63 -45.92 -14.10
N ILE A 346 64.48 -47.02 -14.86
CA ILE A 346 63.25 -47.81 -14.78
C ILE A 346 63.12 -48.46 -13.41
N ASN A 347 64.25 -48.91 -12.84
CA ASN A 347 64.22 -49.52 -11.52
C ASN A 347 63.79 -48.52 -10.45
N GLU A 348 64.14 -47.25 -10.62
CA GLU A 348 63.72 -46.23 -9.66
C GLU A 348 62.24 -45.93 -9.77
N ILE A 349 61.70 -45.95 -10.99
CA ILE A 349 60.27 -45.66 -11.18
C ILE A 349 59.42 -46.76 -10.57
N LYS A 350 59.66 -48.01 -10.95
CA LYS A 350 58.88 -49.12 -10.41
C LYS A 350 59.23 -49.39 -8.95
N GLY A 351 60.39 -48.95 -8.48
CA GLY A 351 60.71 -49.08 -7.07
C GLY A 351 59.83 -48.21 -6.19
N GLN A 352 59.50 -47.00 -6.68
CA GLN A 352 58.59 -46.12 -5.95
C GLN A 352 57.13 -46.55 -6.10
N ILE A 353 56.82 -47.39 -7.09
CA ILE A 353 55.47 -47.89 -7.25
C ILE A 353 55.09 -48.78 -6.05
N GLU A 354 56.01 -49.63 -5.61
CA GLU A 354 55.75 -50.51 -4.49
C GLU A 354 55.61 -49.77 -3.17
N LYS A 355 56.09 -48.53 -3.10
CA LYS A 355 56.04 -47.73 -1.87
C LYS A 355 54.77 -46.89 -1.77
N SER A 356 53.85 -46.99 -2.72
CA SER A 356 52.61 -46.24 -2.67
C SER A 356 51.41 -47.15 -2.88
N TYR A 360 45.59 -42.75 -6.70
CA TYR A 360 45.55 -41.61 -7.60
C TYR A 360 46.94 -41.06 -7.87
N ASP A 361 47.73 -40.91 -6.80
CA ASP A 361 49.10 -40.42 -6.95
C ASP A 361 49.99 -41.44 -7.66
N THR A 362 49.75 -42.73 -7.43
CA THR A 362 50.54 -43.77 -8.07
C THR A 362 50.18 -43.95 -9.55
N GLU A 363 49.06 -43.38 -10.01
CA GLU A 363 48.68 -43.52 -11.40
C GLU A 363 49.58 -42.69 -12.31
N LYS A 364 49.94 -41.48 -11.87
CA LYS A 364 50.82 -40.63 -12.67
C LYS A 364 52.23 -41.18 -12.73
N LEU A 365 52.66 -41.90 -11.69
CA LEU A 365 54.01 -42.46 -11.69
C LEU A 365 54.13 -43.65 -12.63
N GLN A 366 53.08 -44.46 -12.72
CA GLN A 366 53.10 -45.59 -13.64
C GLN A 366 53.06 -45.16 -15.09
N GLU A 367 52.55 -43.96 -15.38
CA GLU A 367 52.57 -43.45 -16.75
C GLU A 367 54.01 -43.28 -17.23
N ARG A 368 54.87 -42.71 -16.39
CA ARG A 368 56.28 -42.54 -16.77
C ARG A 368 56.96 -43.89 -16.98
N LEU A 369 56.48 -44.93 -16.30
CA LEU A 369 57.06 -46.26 -16.48
C LEU A 369 56.82 -46.79 -17.90
N ALA A 370 55.63 -46.54 -18.44
CA ALA A 370 55.31 -47.00 -19.79
C ALA A 370 55.97 -46.16 -20.87
N LYS A 371 56.37 -44.92 -20.56
CA LYS A 371 57.00 -44.07 -21.56
C LYS A 371 58.44 -44.49 -21.82
N LEU A 372 59.20 -44.74 -20.76
CA LEU A 372 60.60 -45.14 -20.93
C LEU A 372 60.72 -46.58 -21.41
N SER A 373 59.98 -47.50 -20.78
CA SER A 373 60.08 -48.91 -21.12
C SER A 373 59.28 -49.28 -22.37
N GLY A 374 58.31 -48.46 -22.75
CA GLY A 374 57.50 -48.76 -23.92
C GLY A 374 58.23 -48.55 -25.23
N GLY A 375 59.00 -47.47 -25.32
CA GLY A 375 59.71 -47.17 -26.55
C GLY A 375 58.83 -46.50 -27.58
N VAL A 376 59.37 -46.44 -28.80
CA VAL A 376 58.66 -45.83 -29.93
C VAL A 376 58.83 -46.75 -31.14
N ALA A 377 57.70 -47.16 -31.73
CA ALA A 377 57.74 -48.00 -32.92
C ALA A 377 57.89 -47.12 -34.16
N VAL A 378 58.92 -47.39 -34.96
CA VAL A 378 59.23 -46.60 -36.14
C VAL A 378 58.89 -47.44 -37.38
N LEU A 379 58.10 -46.86 -38.27
CA LEU A 379 57.71 -47.52 -39.52
C LEU A 379 58.56 -46.94 -40.65
N LYS A 380 59.47 -47.76 -41.18
CA LYS A 380 60.30 -47.36 -42.31
C LYS A 380 59.60 -47.77 -43.60
N ILE A 381 59.35 -46.80 -44.48
CA ILE A 381 58.62 -47.02 -45.71
C ILE A 381 59.54 -46.74 -46.88
N GLY A 382 59.51 -47.62 -47.88
CA GLY A 382 60.35 -47.45 -49.06
C GLY A 382 59.67 -48.02 -50.28
N ALA A 383 60.17 -47.60 -51.45
CA ALA A 383 59.61 -48.01 -52.72
C ALA A 383 60.72 -48.01 -53.76
N SER A 384 60.35 -48.17 -55.04
CA SER A 384 61.34 -48.25 -56.10
C SER A 384 62.02 -46.89 -56.32
N THR A 385 61.24 -45.84 -56.54
CA THR A 385 61.77 -44.51 -56.75
C THR A 385 61.56 -43.66 -55.50
N GLU A 386 62.03 -42.41 -55.57
CA GLU A 386 61.86 -41.50 -54.43
C GLU A 386 60.47 -40.90 -54.40
N VAL A 387 59.88 -40.64 -55.56
CA VAL A 387 58.51 -40.13 -55.59
C VAL A 387 57.53 -41.19 -55.14
N GLU A 388 57.80 -42.47 -55.43
CA GLU A 388 56.96 -43.53 -54.94
C GLU A 388 57.20 -43.81 -53.46
N MET A 389 58.41 -43.55 -52.97
CA MET A 389 58.69 -43.71 -51.55
C MET A 389 57.94 -42.68 -50.72
N LYS A 390 57.87 -41.44 -51.21
CA LYS A 390 57.06 -40.43 -50.54
C LYS A 390 55.57 -40.65 -50.80
N GLU A 391 55.22 -41.42 -51.83
CA GLU A 391 53.82 -41.76 -52.08
C GLU A 391 53.28 -42.67 -50.98
N LYS A 392 54.01 -43.75 -50.68
CA LYS A 392 53.56 -44.66 -49.63
C LYS A 392 53.62 -44.00 -48.26
N LYS A 393 54.66 -43.20 -48.00
CA LYS A 393 54.77 -42.53 -46.71
C LYS A 393 53.59 -41.60 -46.46
N ALA A 394 53.07 -40.97 -47.52
CA ALA A 394 51.87 -40.15 -47.35
C ALA A 394 50.65 -41.01 -47.02
N ARG A 395 50.54 -42.17 -47.65
CA ARG A 395 49.41 -43.04 -47.38
C ARG A 395 49.53 -43.74 -46.02
N VAL A 396 50.75 -44.08 -45.61
CA VAL A 396 50.94 -44.76 -44.33
C VAL A 396 50.58 -43.84 -43.17
N GLU A 397 51.04 -42.58 -43.22
CA GLU A 397 50.69 -41.63 -42.17
C GLU A 397 49.19 -41.37 -42.14
N ASP A 398 48.53 -41.42 -43.29
CA ASP A 398 47.08 -41.28 -43.30
C ASP A 398 46.40 -42.54 -42.77
N ALA A 399 46.87 -43.71 -43.22
CA ALA A 399 46.28 -44.96 -42.75
C ALA A 399 46.54 -45.18 -41.27
N LEU A 400 47.72 -44.78 -40.79
CA LEU A 400 48.01 -44.90 -39.36
C LEU A 400 47.10 -43.99 -38.54
N HIS A 401 46.94 -42.74 -38.97
CA HIS A 401 46.13 -41.80 -38.19
C HIS A 401 44.67 -42.21 -38.16
N ALA A 402 44.16 -42.80 -39.24
CA ALA A 402 42.77 -43.25 -39.25
C ALA A 402 42.59 -44.51 -38.41
N THR A 403 43.55 -45.43 -38.47
CA THR A 403 43.45 -46.66 -37.70
C THR A 403 43.54 -46.39 -36.20
N ARG A 404 44.41 -45.45 -35.81
CA ARG A 404 44.49 -45.08 -34.40
C ARG A 404 43.16 -44.55 -33.88
N ALA A 405 42.39 -43.87 -34.72
CA ALA A 405 41.07 -43.39 -34.32
C ALA A 405 40.03 -44.51 -34.33
N ALA A 406 40.15 -45.46 -35.27
CA ALA A 406 39.21 -46.56 -35.33
C ALA A 406 39.38 -47.51 -34.15
N VAL A 407 40.60 -47.62 -33.61
CA VAL A 407 40.82 -48.46 -32.44
C VAL A 407 40.19 -47.84 -31.20
N GLN A 408 40.14 -46.51 -31.14
CA GLN A 408 39.64 -45.85 -29.93
C GLN A 408 38.12 -45.90 -29.85
N GLU A 409 37.45 -45.15 -30.72
CA GLU A 409 36.00 -45.01 -30.66
C GLU A 409 35.26 -45.90 -31.65
N GLY A 410 35.96 -46.68 -32.45
CA GLY A 410 35.32 -47.62 -33.35
C GLY A 410 35.17 -47.10 -34.76
N ILE A 411 34.27 -47.74 -35.50
CA ILE A 411 34.01 -47.42 -36.90
C ILE A 411 32.50 -47.36 -37.13
N VAL A 412 32.09 -46.59 -38.12
CA VAL A 412 30.69 -46.51 -38.55
C VAL A 412 30.66 -46.52 -40.07
N VAL A 413 29.45 -46.47 -40.63
CA VAL A 413 29.28 -46.46 -42.08
C VAL A 413 29.56 -45.06 -42.62
N GLY A 414 30.31 -45.01 -43.72
CA GLY A 414 30.65 -43.75 -44.35
C GLY A 414 29.52 -43.21 -45.21
N GLY A 415 29.89 -42.31 -46.12
CA GLY A 415 28.93 -41.72 -47.03
C GLY A 415 27.87 -40.86 -46.39
N GLY A 416 28.11 -40.37 -45.17
CA GLY A 416 27.12 -39.58 -44.48
C GLY A 416 25.90 -40.34 -44.02
N VAL A 417 25.91 -41.66 -44.11
CA VAL A 417 24.75 -42.45 -43.71
C VAL A 417 24.69 -42.63 -42.20
N ALA A 418 25.84 -42.73 -41.53
CA ALA A 418 25.85 -42.93 -40.08
C ALA A 418 25.16 -41.79 -39.36
N LEU A 419 25.26 -40.56 -39.88
CA LEU A 419 24.55 -39.44 -39.27
C LEU A 419 23.05 -39.57 -39.46
N ILE A 420 22.62 -40.16 -40.58
CA ILE A 420 21.19 -40.35 -40.82
C ILE A 420 20.66 -41.49 -39.97
N ARG A 421 21.42 -42.57 -39.84
CA ARG A 421 21.01 -43.68 -38.99
C ARG A 421 20.94 -43.25 -37.52
N ALA A 422 21.85 -42.38 -37.11
CA ALA A 422 21.87 -41.91 -35.73
C ALA A 422 20.72 -40.96 -35.42
N ALA A 423 19.93 -40.58 -36.42
CA ALA A 423 18.77 -39.72 -36.17
C ALA A 423 17.68 -40.44 -35.41
N LYS A 424 17.71 -41.77 -35.38
CA LYS A 424 16.70 -42.53 -34.65
C LYS A 424 16.76 -42.24 -33.15
N GLY A 425 17.95 -41.95 -32.63
CA GLY A 425 18.11 -41.63 -31.22
C GLY A 425 17.50 -40.33 -30.78
N LEU A 426 16.96 -39.53 -31.70
CA LEU A 426 16.35 -38.27 -31.34
C LEU A 426 15.03 -38.45 -30.58
N ALA A 427 14.43 -39.64 -30.67
CA ALA A 427 13.19 -39.89 -29.95
C ALA A 427 13.38 -39.83 -28.43
N LYS A 428 14.62 -40.01 -27.95
CA LYS A 428 14.90 -39.91 -26.53
C LYS A 428 15.17 -38.49 -26.07
N ALA A 429 15.24 -37.53 -26.98
CA ALA A 429 15.50 -36.15 -26.60
C ALA A 429 14.25 -35.53 -25.97
N VAL A 430 14.42 -34.91 -24.82
CA VAL A 430 13.32 -34.32 -24.07
C VAL A 430 13.37 -32.81 -24.25
N ALA A 431 12.27 -32.24 -24.74
CA ALA A 431 12.16 -30.81 -24.96
C ALA A 431 11.23 -30.22 -23.90
N ASP A 432 11.75 -29.26 -23.13
CA ASP A 432 10.95 -28.66 -22.06
C ASP A 432 9.91 -27.67 -22.59
N ASN A 433 10.03 -27.23 -23.83
CA ASN A 433 9.07 -26.30 -24.41
C ASN A 433 9.17 -26.38 -25.93
N GLU A 434 8.36 -25.56 -26.61
CA GLU A 434 8.30 -25.62 -28.07
C GLU A 434 9.61 -25.21 -28.72
N ASP A 435 10.29 -24.20 -28.17
CA ASP A 435 11.53 -23.73 -28.77
C ASP A 435 12.62 -24.81 -28.70
N GLN A 436 12.73 -25.49 -27.57
CA GLN A 436 13.70 -26.58 -27.47
C GLN A 436 13.37 -27.72 -28.42
N LYS A 437 12.09 -27.94 -28.70
CA LYS A 437 11.71 -28.95 -29.69
C LYS A 437 12.15 -28.52 -31.09
N THR A 438 12.14 -27.21 -31.37
CA THR A 438 12.61 -26.73 -32.67
C THR A 438 14.10 -27.00 -32.84
N GLY A 439 14.89 -26.81 -31.78
CA GLY A 439 16.30 -27.09 -31.85
C GLY A 439 16.60 -28.54 -32.15
N ILE A 440 15.77 -29.45 -31.64
CA ILE A 440 15.93 -30.86 -31.97
C ILE A 440 15.66 -31.11 -33.45
N GLU A 441 14.66 -30.41 -34.00
CA GLU A 441 14.35 -30.56 -35.43
C GLU A 441 15.45 -29.99 -36.31
N ILE A 442 16.17 -28.96 -35.82
CA ILE A 442 17.27 -28.40 -36.60
C ILE A 442 18.38 -29.43 -36.76
N ILE A 443 18.70 -30.15 -35.69
CA ILE A 443 19.70 -31.21 -35.78
C ILE A 443 19.20 -32.34 -36.66
N ARG A 444 17.90 -32.65 -36.59
CA ARG A 444 17.34 -33.74 -37.39
C ARG A 444 17.48 -33.45 -38.88
N ARG A 445 17.21 -32.21 -39.29
CA ARG A 445 17.35 -31.85 -40.69
C ARG A 445 18.81 -31.62 -41.09
N ALA A 446 19.68 -31.30 -40.13
CA ALA A 446 21.07 -31.05 -40.45
C ALA A 446 21.85 -32.34 -40.72
N LEU A 447 21.43 -33.45 -40.11
CA LEU A 447 22.14 -34.72 -40.31
C LEU A 447 22.10 -35.19 -41.75
N GLU A 448 21.11 -34.76 -42.52
CA GLU A 448 21.00 -35.15 -43.92
C GLU A 448 21.89 -34.32 -44.84
N GLU A 449 22.40 -33.19 -44.36
CA GLU A 449 23.16 -32.29 -45.22
C GLU A 449 24.46 -32.89 -45.74
N PRO A 450 25.28 -33.58 -44.93
CA PRO A 450 26.49 -34.18 -45.51
C PRO A 450 26.20 -35.14 -46.66
N LEU A 451 25.18 -35.99 -46.52
CA LEU A 451 24.83 -36.89 -47.63
C LEU A 451 24.21 -36.11 -48.79
N ARG A 452 23.41 -35.10 -48.48
CA ARG A 452 22.82 -34.27 -49.53
C ARG A 452 23.90 -33.57 -50.35
N GLN A 453 25.00 -33.18 -49.71
CA GLN A 453 26.07 -32.51 -50.44
C GLN A 453 26.93 -33.50 -51.21
N ILE A 454 27.13 -34.71 -50.67
CA ILE A 454 27.90 -35.72 -51.37
C ILE A 454 27.23 -36.09 -52.69
N VAL A 455 25.90 -36.27 -52.66
CA VAL A 455 25.16 -36.53 -53.89
C VAL A 455 25.17 -35.30 -54.78
N ALA A 456 25.11 -34.11 -54.19
CA ALA A 456 25.10 -32.88 -54.99
C ALA A 456 26.39 -32.69 -55.75
N ASN A 457 27.51 -33.18 -55.20
CA ASN A 457 28.80 -33.05 -55.88
C ASN A 457 28.92 -33.97 -57.09
N THR A 458 27.96 -34.85 -57.33
CA THR A 458 27.94 -35.64 -58.55
C THR A 458 27.33 -34.88 -59.73
N GLY A 459 26.81 -33.68 -59.49
CA GLY A 459 26.11 -32.95 -60.53
C GLY A 459 24.71 -33.44 -60.81
N THR A 460 24.15 -34.29 -59.94
CA THR A 460 22.86 -34.91 -60.18
C THR A 460 21.73 -33.97 -59.77
N THR A 461 20.76 -33.80 -60.66
CA THR A 461 19.54 -33.06 -60.34
C THR A 461 18.49 -33.91 -59.65
N ASP A 462 18.70 -35.22 -59.58
CA ASP A 462 17.78 -36.15 -58.94
C ASP A 462 18.16 -36.43 -57.48
N GLY A 463 19.15 -35.73 -56.94
CA GLY A 463 19.67 -36.00 -55.61
C GLY A 463 18.63 -35.96 -54.50
N ALA A 464 17.49 -35.31 -54.73
CA ALA A 464 16.42 -35.33 -53.73
C ALA A 464 15.90 -36.75 -53.53
N VAL A 465 15.80 -37.52 -54.61
CA VAL A 465 15.33 -38.90 -54.50
C VAL A 465 16.40 -39.79 -53.89
N VAL A 466 17.68 -39.48 -54.12
CA VAL A 466 18.76 -40.30 -53.57
C VAL A 466 18.73 -40.26 -52.05
N LEU A 467 18.52 -39.07 -51.47
CA LEU A 467 18.43 -38.97 -50.02
C LEU A 467 17.21 -39.72 -49.48
N GLU A 468 16.12 -39.75 -50.25
CA GLU A 468 14.91 -40.42 -49.78
C GLU A 468 15.09 -41.93 -49.70
N LYS A 469 15.79 -42.52 -50.69
CA LYS A 469 16.00 -43.96 -50.68
C LYS A 469 16.94 -44.38 -49.54
N VAL A 470 18.01 -43.62 -49.32
CA VAL A 470 18.94 -43.96 -48.24
C VAL A 470 18.30 -43.76 -46.88
N LYS A 471 17.42 -42.76 -46.74
CA LYS A 471 16.80 -42.49 -45.44
C LYS A 471 15.81 -43.59 -45.08
N ASN A 472 14.97 -44.00 -46.02
CA ASN A 472 13.97 -45.03 -45.74
C ASN A 472 14.58 -46.41 -45.57
N ALA A 473 15.84 -46.60 -45.97
CA ALA A 473 16.51 -47.89 -45.86
C ALA A 473 16.93 -48.13 -44.41
N GLU A 474 17.67 -49.21 -44.18
CA GLU A 474 18.14 -49.57 -42.85
C GLU A 474 19.60 -50.00 -42.93
N GLY A 475 20.28 -49.95 -41.79
CA GLY A 475 21.62 -50.47 -41.71
C GLY A 475 22.61 -49.65 -42.50
N ASP A 476 23.58 -50.34 -43.10
CA ASP A 476 24.67 -49.72 -43.83
C ASP A 476 24.35 -49.50 -45.31
N TYR A 477 23.13 -49.82 -45.73
CA TYR A 477 22.73 -49.58 -47.12
C TYR A 477 22.68 -48.08 -47.38
N GLY A 478 23.36 -47.65 -48.43
CA GLY A 478 23.39 -46.23 -48.77
C GLY A 478 23.91 -46.04 -50.18
N PHE A 479 23.99 -44.79 -50.58
CA PHE A 479 24.46 -44.42 -51.91
C PHE A 479 25.96 -44.24 -51.90
N ASN A 480 26.63 -44.90 -52.85
CA ASN A 480 28.08 -44.80 -53.01
C ASN A 480 28.36 -43.85 -54.17
N ALA A 481 28.92 -42.68 -53.84
CA ALA A 481 29.09 -41.63 -54.84
C ALA A 481 30.20 -41.94 -55.84
N ARG A 482 31.14 -42.84 -55.50
CA ARG A 482 32.23 -43.13 -56.43
C ARG A 482 31.72 -43.90 -57.64
N THR A 483 31.00 -45.00 -57.40
CA THR A 483 30.45 -45.81 -58.48
C THR A 483 29.01 -45.43 -58.83
N GLU A 484 28.41 -44.49 -58.11
CA GLU A 484 27.03 -44.06 -58.34
C GLU A 484 26.05 -45.24 -58.27
N GLN A 485 26.32 -46.17 -57.36
CA GLN A 485 25.51 -47.37 -57.21
C GLN A 485 25.10 -47.54 -55.76
N TYR A 486 23.91 -48.09 -55.56
CA TYR A 486 23.43 -48.42 -54.23
C TYR A 486 23.96 -49.79 -53.81
N GLU A 487 24.56 -49.85 -52.63
CA GLU A 487 25.16 -51.09 -52.14
C GLU A 487 25.36 -50.97 -50.64
N ASN A 488 25.98 -52.00 -50.06
CA ASN A 488 26.40 -51.97 -48.67
C ASN A 488 27.73 -51.22 -48.58
N LEU A 489 27.75 -50.12 -47.82
CA LEU A 489 28.93 -49.26 -47.81
C LEU A 489 30.07 -49.89 -47.02
N ILE A 490 29.79 -50.48 -45.87
CA ILE A 490 30.82 -51.15 -45.10
C ILE A 490 31.38 -52.34 -45.88
N GLU A 491 30.51 -53.03 -46.62
CA GLU A 491 30.96 -54.15 -47.43
C GLU A 491 31.81 -53.67 -48.61
N ALA A 492 31.55 -52.46 -49.11
CA ALA A 492 32.30 -51.90 -50.22
C ALA A 492 33.51 -51.09 -49.78
N GLY A 493 33.78 -51.03 -48.48
CA GLY A 493 34.92 -50.29 -47.97
C GLY A 493 34.68 -48.84 -47.65
N VAL A 494 33.43 -48.38 -47.67
CA VAL A 494 33.12 -46.99 -47.35
C VAL A 494 32.77 -46.93 -45.87
N VAL A 495 33.66 -46.34 -45.08
CA VAL A 495 33.51 -46.28 -43.63
C VAL A 495 34.20 -45.03 -43.12
N ASP A 496 33.68 -44.50 -42.01
CA ASP A 496 34.30 -43.39 -41.31
C ASP A 496 34.55 -43.77 -39.85
N PRO A 497 35.66 -43.33 -39.27
CA PRO A 497 35.86 -43.56 -37.83
C PRO A 497 34.77 -42.89 -37.01
N THR A 498 34.27 -43.62 -36.02
CA THR A 498 33.21 -43.08 -35.16
C THR A 498 33.65 -41.78 -34.52
N LYS A 499 34.93 -41.68 -34.15
CA LYS A 499 35.45 -40.44 -33.57
C LYS A 499 35.37 -39.29 -34.57
N VAL A 500 35.56 -39.57 -35.86
CA VAL A 500 35.46 -38.53 -36.88
C VAL A 500 34.02 -38.04 -36.98
N THR A 501 33.06 -38.97 -37.00
CA THR A 501 31.67 -38.60 -37.23
C THR A 501 31.08 -37.86 -36.03
N ARG A 502 31.39 -38.31 -34.81
CA ARG A 502 30.80 -37.67 -33.64
C ARG A 502 31.45 -36.33 -33.34
N SER A 503 32.74 -36.18 -33.64
CA SER A 503 33.42 -34.91 -33.39
C SER A 503 32.93 -33.83 -34.36
N ALA A 504 32.64 -34.22 -35.60
CA ALA A 504 32.14 -33.26 -36.58
C ALA A 504 30.82 -32.65 -36.12
N LEU A 505 29.91 -33.46 -35.59
CA LEU A 505 28.63 -32.94 -35.14
C LEU A 505 28.78 -32.12 -33.86
N GLU A 506 29.61 -32.59 -32.93
CA GLU A 506 29.78 -31.86 -31.68
C GLU A 506 30.42 -30.51 -31.90
N ASN A 507 31.43 -30.44 -32.76
CA ASN A 507 32.07 -29.16 -33.04
C ASN A 507 31.16 -28.23 -33.83
N ALA A 508 30.46 -28.77 -34.83
CA ALA A 508 29.53 -27.94 -35.61
C ALA A 508 28.43 -27.36 -34.72
N ALA A 509 27.88 -28.17 -33.82
CA ALA A 509 26.84 -27.67 -32.93
C ALA A 509 27.41 -26.68 -31.91
N SER A 510 28.69 -26.81 -31.58
CA SER A 510 29.31 -25.89 -30.63
C SER A 510 29.44 -24.49 -31.21
N VAL A 511 30.05 -24.38 -32.40
CA VAL A 511 30.28 -23.07 -32.98
C VAL A 511 28.96 -22.42 -33.41
N ALA A 512 27.99 -23.21 -33.86
CA ALA A 512 26.71 -22.65 -34.25
C ALA A 512 25.92 -22.14 -33.05
N SER A 513 26.06 -22.80 -31.89
CA SER A 513 25.38 -22.34 -30.70
C SER A 513 25.99 -21.04 -30.17
N ILE A 514 27.30 -20.90 -30.29
CA ILE A 514 27.95 -19.65 -29.88
C ILE A 514 27.53 -18.51 -30.79
N LEU A 515 27.42 -18.78 -32.09
CA LEU A 515 27.00 -17.73 -33.02
C LEU A 515 25.52 -17.40 -32.85
N LEU A 516 24.68 -18.38 -32.52
CA LEU A 516 23.26 -18.11 -32.29
C LEU A 516 23.05 -17.26 -31.05
N THR A 517 23.87 -17.45 -30.03
CA THR A 517 23.76 -16.70 -28.78
C THR A 517 24.61 -15.44 -28.77
N THR A 518 25.25 -15.10 -29.88
CA THR A 518 26.08 -13.90 -29.96
C THR A 518 25.20 -12.68 -30.19
N GLU A 519 25.21 -11.74 -29.25
CA GLU A 519 24.47 -10.50 -29.39
C GLU A 519 25.31 -9.31 -29.84
N ALA A 520 26.63 -9.47 -29.95
CA ALA A 520 27.49 -8.34 -30.29
C ALA A 520 28.73 -8.82 -31.02
N ALA A 521 29.18 -8.03 -32.00
CA ALA A 521 30.39 -8.32 -32.75
C ALA A 521 31.24 -7.06 -32.80
N ILE A 522 32.43 -7.12 -32.22
CA ILE A 522 33.33 -5.98 -32.11
C ILE A 522 34.54 -6.21 -32.99
N THR A 523 34.89 -5.21 -33.79
CA THR A 523 36.04 -5.31 -34.67
C THR A 523 36.66 -3.93 -34.84
N ASP A 524 37.95 -3.92 -35.19
CA ASP A 524 38.67 -2.68 -35.40
C ASP A 524 38.16 -1.94 -36.62
N VAL A 525 38.40 -0.64 -36.64
CA VAL A 525 38.06 0.21 -37.78
C VAL A 525 39.25 0.21 -38.74
N LYS A 526 38.95 0.19 -40.04
CA LYS A 526 40.00 0.17 -41.06
C LYS A 526 40.78 1.48 -41.09
N THR B 2 46.19 -13.17 -46.87
CA THR B 2 45.52 -12.13 -47.66
C THR B 2 44.06 -12.51 -47.91
N ALA B 3 43.21 -11.49 -48.00
CA ALA B 3 41.80 -11.73 -48.28
C ALA B 3 41.63 -12.29 -49.69
N LYS B 4 40.56 -13.04 -49.89
CA LYS B 4 40.33 -13.77 -51.12
C LYS B 4 39.01 -13.37 -51.76
N ASP B 5 38.97 -13.44 -53.08
CA ASP B 5 37.75 -13.38 -53.87
C ASP B 5 37.48 -14.76 -54.45
N ILE B 6 36.23 -15.20 -54.39
CA ILE B 6 35.86 -16.56 -54.77
C ILE B 6 34.79 -16.50 -55.85
N LEU B 7 34.97 -17.28 -56.91
CA LEU B 7 33.97 -17.49 -57.94
C LEU B 7 33.49 -18.94 -57.87
N PHE B 8 32.23 -19.16 -58.27
CA PHE B 8 31.61 -20.47 -58.16
C PHE B 8 31.01 -20.89 -59.49
N ASP B 9 31.09 -22.21 -59.77
CA ASP B 9 30.44 -22.87 -60.89
C ASP B 9 30.55 -22.12 -62.21
N ALA B 10 29.40 -21.84 -62.84
CA ALA B 10 29.39 -21.28 -64.19
C ALA B 10 30.15 -19.96 -64.27
N GLU B 11 30.00 -19.11 -63.26
CA GLU B 11 30.71 -17.83 -63.27
C GLU B 11 32.22 -18.03 -63.20
N ALA B 12 32.67 -19.07 -62.49
CA ALA B 12 34.10 -19.36 -62.44
C ALA B 12 34.60 -20.00 -63.72
N ARG B 13 33.84 -20.95 -64.26
CA ARG B 13 34.27 -21.64 -65.48
C ARG B 13 34.22 -20.73 -66.70
N THR B 14 33.26 -19.80 -66.74
CA THR B 14 33.20 -18.86 -67.86
C THR B 14 34.34 -17.85 -67.81
N LYS B 15 34.69 -17.40 -66.61
CA LYS B 15 35.82 -16.48 -66.47
C LYS B 15 37.13 -17.16 -66.82
N LEU B 16 37.28 -18.43 -66.42
CA LEU B 16 38.47 -19.18 -66.77
C LEU B 16 38.57 -19.41 -68.27
N LYS B 17 37.43 -19.52 -68.95
CA LYS B 17 37.44 -19.75 -70.39
C LYS B 17 38.05 -18.56 -71.14
N VAL B 18 37.84 -17.34 -70.63
CA VAL B 18 38.40 -16.17 -71.29
C VAL B 18 39.93 -16.22 -71.28
N GLY B 19 40.50 -16.70 -70.18
CA GLY B 19 41.95 -16.84 -70.12
C GLY B 19 42.47 -17.90 -71.07
N VAL B 20 41.76 -19.02 -71.19
CA VAL B 20 42.17 -20.07 -72.12
C VAL B 20 42.06 -19.58 -73.56
N ASP B 21 41.00 -18.83 -73.87
CA ASP B 21 40.84 -18.30 -75.22
C ASP B 21 41.92 -17.27 -75.54
N LYS B 22 42.29 -16.44 -74.56
CA LYS B 22 43.34 -15.45 -74.80
C LYS B 22 44.68 -16.13 -75.05
N LEU B 23 44.95 -17.24 -74.35
CA LEU B 23 46.18 -17.99 -74.59
C LEU B 23 46.14 -18.71 -75.94
N ALA B 24 45.03 -19.38 -76.23
CA ALA B 24 44.95 -20.21 -77.43
C ALA B 24 44.94 -19.35 -78.69
N ASN B 25 44.15 -18.28 -78.71
CA ASN B 25 44.05 -17.46 -79.91
C ASN B 25 45.38 -16.80 -80.25
N ALA B 26 46.24 -16.59 -79.27
CA ALA B 26 47.54 -16.00 -79.54
C ALA B 26 48.54 -17.02 -80.10
N VAL B 27 48.57 -18.22 -79.54
CA VAL B 27 49.55 -19.20 -79.96
C VAL B 27 49.13 -19.93 -81.24
N LYS B 28 47.82 -20.05 -81.49
CA LYS B 28 47.37 -20.92 -82.58
C LYS B 28 47.57 -20.31 -83.96
N VAL B 29 47.90 -19.02 -84.06
CA VAL B 29 48.17 -18.43 -85.37
C VAL B 29 49.52 -18.88 -85.92
N THR B 30 50.38 -19.49 -85.10
CA THR B 30 51.67 -19.99 -85.53
C THR B 30 51.66 -21.46 -85.87
N LEU B 31 50.51 -22.13 -85.80
CA LEU B 31 50.44 -23.57 -86.00
C LEU B 31 50.57 -23.92 -87.47
N GLY B 32 51.37 -24.95 -87.76
CA GLY B 32 51.55 -25.43 -89.11
C GLY B 32 52.64 -24.70 -89.84
N PRO B 33 53.01 -25.20 -91.03
CA PRO B 33 54.02 -24.50 -91.84
C PRO B 33 53.56 -23.16 -92.36
N ALA B 34 52.24 -22.91 -92.40
CA ALA B 34 51.69 -21.64 -92.83
C ALA B 34 51.51 -20.66 -91.68
N GLY B 35 51.97 -21.02 -90.48
CA GLY B 35 51.83 -20.17 -89.31
C GLY B 35 52.32 -18.75 -89.54
N ARG B 36 51.59 -17.78 -89.00
CA ARG B 36 51.89 -16.38 -89.23
C ARG B 36 52.84 -15.86 -88.15
N ASN B 37 53.20 -14.58 -88.26
CA ASN B 37 54.19 -13.96 -87.41
C ASN B 37 53.52 -13.24 -86.24
N VAL B 38 54.15 -13.29 -85.07
CA VAL B 38 53.66 -12.62 -83.87
C VAL B 38 54.74 -11.68 -83.37
N LEU B 39 54.37 -10.41 -83.19
CA LEU B 39 55.28 -9.39 -82.68
C LEU B 39 55.22 -9.37 -81.15
N ILE B 40 56.38 -9.42 -80.51
CA ILE B 40 56.49 -9.38 -79.06
C ILE B 40 57.25 -8.12 -78.69
N ASP B 41 56.61 -7.25 -77.90
CA ASP B 41 57.22 -5.99 -77.52
C ASP B 41 58.46 -6.22 -76.65
N LYS B 42 59.44 -5.35 -76.80
CA LYS B 42 60.67 -5.40 -76.03
C LYS B 42 60.85 -4.10 -75.26
N LYS B 43 61.71 -4.16 -74.25
CA LYS B 43 61.92 -3.00 -73.37
C LYS B 43 62.42 -1.80 -74.17
N PHE B 44 63.42 -2.01 -75.03
CA PHE B 44 63.93 -0.95 -75.89
C PHE B 44 64.38 -1.57 -77.19
N GLY B 45 64.19 -0.84 -78.28
CA GLY B 45 64.58 -1.29 -79.60
C GLY B 45 63.43 -1.91 -80.37
N ALA B 46 63.80 -2.68 -81.39
CA ALA B 46 62.81 -3.32 -82.25
C ALA B 46 62.19 -4.53 -81.55
N PRO B 47 60.92 -4.82 -81.83
CA PRO B 47 60.28 -5.99 -81.22
C PRO B 47 60.78 -7.29 -81.83
N THR B 48 60.51 -8.37 -81.12
CA THR B 48 60.88 -9.71 -81.58
C THR B 48 59.77 -10.29 -82.45
N SER B 49 60.15 -10.81 -83.61
CA SER B 49 59.21 -11.50 -84.50
C SER B 49 59.46 -13.00 -84.38
N THR B 50 58.42 -13.75 -84.04
CA THR B 50 58.55 -15.19 -83.87
C THR B 50 57.36 -15.91 -84.47
N LYS B 51 57.64 -16.98 -85.21
CA LYS B 51 56.62 -17.92 -85.65
C LYS B 51 56.53 -19.13 -84.73
N ASP B 52 57.30 -19.14 -83.64
CA ASP B 52 57.33 -20.27 -82.72
C ASP B 52 56.24 -20.11 -81.67
N GLY B 53 55.32 -21.08 -81.62
CA GLY B 53 54.23 -21.00 -80.66
C GLY B 53 54.67 -21.11 -79.22
N VAL B 54 55.79 -21.79 -78.97
CA VAL B 54 56.30 -21.91 -77.61
C VAL B 54 56.79 -20.55 -77.11
N THR B 55 57.49 -19.80 -77.96
CA THR B 55 57.96 -18.47 -77.57
C THR B 55 56.79 -17.55 -77.28
N VAL B 56 55.74 -17.61 -78.09
CA VAL B 56 54.55 -16.80 -77.84
C VAL B 56 53.86 -17.23 -76.56
N ALA B 57 53.90 -18.53 -76.24
CA ALA B 57 53.21 -19.03 -75.05
C ALA B 57 53.89 -18.55 -73.77
N LYS B 58 55.23 -18.48 -73.78
CA LYS B 58 55.95 -18.06 -72.58
C LYS B 58 55.65 -16.62 -72.19
N GLU B 59 55.20 -15.79 -73.13
CA GLU B 59 54.94 -14.39 -72.86
C GLU B 59 53.53 -14.11 -72.35
N ILE B 60 52.62 -15.09 -72.44
CA ILE B 60 51.21 -14.81 -72.17
C ILE B 60 51.00 -14.69 -70.67
N GLU B 61 50.51 -13.52 -70.23
CA GLU B 61 50.14 -13.28 -68.85
C GLU B 61 49.03 -12.24 -68.84
N LEU B 62 48.08 -12.41 -67.92
CA LEU B 62 46.87 -11.59 -67.91
C LEU B 62 46.76 -10.81 -66.61
N VAL B 63 46.04 -9.69 -66.66
CA VAL B 63 45.84 -8.88 -65.47
C VAL B 63 44.78 -9.50 -64.56
N ASP B 64 43.70 -10.00 -65.15
CA ASP B 64 42.64 -10.61 -64.35
C ASP B 64 43.16 -11.89 -63.71
N PRO B 65 43.05 -12.01 -62.39
CA PRO B 65 43.64 -13.20 -61.73
C PRO B 65 42.97 -14.52 -62.13
N VAL B 66 41.65 -14.52 -62.29
CA VAL B 66 40.96 -15.77 -62.64
C VAL B 66 41.27 -16.16 -64.08
N GLU B 67 41.23 -15.20 -65.00
CA GLU B 67 41.58 -15.48 -66.39
C GLU B 67 43.02 -15.97 -66.49
N ASN B 68 43.93 -15.37 -65.73
CA ASN B 68 45.32 -15.80 -65.76
C ASN B 68 45.49 -17.23 -65.25
N MET B 69 44.62 -17.66 -64.34
CA MET B 69 44.69 -19.03 -63.84
C MET B 69 44.42 -20.03 -64.96
N GLY B 70 43.36 -19.80 -65.74
CA GLY B 70 43.06 -20.67 -66.86
C GLY B 70 44.15 -20.66 -67.91
N ALA B 71 44.73 -19.47 -68.15
CA ALA B 71 45.82 -19.37 -69.12
C ALA B 71 47.07 -20.12 -68.64
N GLN B 72 47.36 -20.05 -67.36
CA GLN B 72 48.54 -20.74 -66.83
C GLN B 72 48.29 -22.24 -66.66
N MET B 73 47.03 -22.65 -66.48
CA MET B 73 46.72 -24.07 -66.40
C MET B 73 47.02 -24.75 -67.74
N VAL B 74 46.47 -24.22 -68.83
CA VAL B 74 46.71 -24.80 -70.14
C VAL B 74 48.17 -24.69 -70.53
N ARG B 75 48.84 -23.61 -70.13
CA ARG B 75 50.25 -23.43 -70.49
C ARG B 75 51.12 -24.53 -69.90
N GLU B 76 50.99 -24.79 -68.61
CA GLU B 76 51.87 -25.75 -67.96
C GLU B 76 51.59 -27.17 -68.45
N VAL B 77 50.32 -27.55 -68.60
CA VAL B 77 49.99 -28.89 -69.03
C VAL B 77 50.40 -29.11 -70.49
N ALA B 78 50.16 -28.11 -71.34
CA ALA B 78 50.57 -28.24 -72.74
C ALA B 78 52.08 -28.19 -72.89
N SER B 79 52.77 -27.52 -71.98
CA SER B 79 54.23 -27.47 -72.05
C SER B 79 54.85 -28.84 -71.80
N LYS B 80 54.15 -29.70 -71.05
CA LYS B 80 54.65 -31.06 -70.82
C LYS B 80 54.66 -31.88 -72.10
N THR B 81 53.88 -31.48 -73.11
CA THR B 81 53.88 -32.21 -74.38
C THR B 81 55.24 -32.15 -75.05
N SER B 82 55.75 -30.94 -75.28
CA SER B 82 57.07 -30.77 -75.87
C SER B 82 58.20 -31.01 -74.88
N ASP B 83 57.89 -31.19 -73.60
CA ASP B 83 58.93 -31.50 -72.63
C ASP B 83 59.46 -32.93 -72.84
N VAL B 84 58.55 -33.90 -72.83
CA VAL B 84 58.95 -35.29 -73.03
C VAL B 84 59.07 -35.61 -74.52
N ALA B 85 58.12 -35.14 -75.34
CA ALA B 85 58.07 -35.53 -76.75
C ALA B 85 58.80 -34.59 -77.68
N GLY B 86 59.26 -33.43 -77.19
CA GLY B 86 60.00 -32.50 -78.02
C GLY B 86 59.16 -31.58 -78.88
N ASP B 87 57.86 -31.78 -78.97
CA ASP B 87 56.99 -30.95 -79.79
C ASP B 87 55.55 -31.15 -79.32
N GLY B 88 54.64 -30.40 -79.95
CA GLY B 88 53.22 -30.57 -79.70
C GLY B 88 52.60 -29.65 -78.68
N THR B 89 53.29 -28.58 -78.28
CA THR B 89 52.73 -27.68 -77.27
C THR B 89 51.55 -26.90 -77.82
N THR B 90 51.71 -26.30 -79.00
CA THR B 90 50.63 -25.51 -79.58
C THR B 90 49.44 -26.38 -79.96
N THR B 91 49.69 -27.61 -80.43
CA THR B 91 48.60 -28.53 -80.74
C THR B 91 47.81 -28.87 -79.48
N ALA B 92 48.50 -29.08 -78.36
CA ALA B 92 47.82 -29.35 -77.10
C ALA B 92 46.98 -28.16 -76.66
N THR B 93 47.43 -26.94 -76.95
CA THR B 93 46.65 -25.76 -76.59
C THR B 93 45.40 -25.64 -77.45
N VAL B 94 45.53 -25.87 -78.76
CA VAL B 94 44.38 -25.80 -79.65
C VAL B 94 43.34 -26.85 -79.27
N LEU B 95 43.80 -28.06 -78.97
CA LEU B 95 42.88 -29.12 -78.56
C LEU B 95 42.23 -28.79 -77.22
N ALA B 96 42.98 -28.19 -76.31
CA ALA B 96 42.42 -27.88 -74.98
C ALA B 96 41.32 -26.83 -75.08
N GLN B 97 41.48 -25.85 -75.97
CA GLN B 97 40.44 -24.85 -76.16
C GLN B 97 39.18 -25.47 -76.77
N ALA B 98 39.36 -26.42 -77.71
CA ALA B 98 38.22 -27.02 -78.38
C ALA B 98 37.42 -27.90 -77.42
N ILE B 99 38.12 -28.74 -76.64
CA ILE B 99 37.43 -29.63 -75.71
C ILE B 99 36.72 -28.81 -74.63
N TYR B 100 37.35 -27.73 -74.17
CA TYR B 100 36.77 -26.94 -73.09
C TYR B 100 35.60 -26.10 -73.57
N ARG B 101 35.68 -25.56 -74.80
CA ARG B 101 34.58 -24.76 -75.33
C ARG B 101 33.34 -25.62 -75.52
N GLU B 102 33.46 -26.73 -76.24
CA GLU B 102 32.31 -27.61 -76.45
C GLU B 102 31.87 -28.27 -75.15
N GLY B 103 32.80 -28.44 -74.21
CA GLY B 103 32.41 -28.99 -72.92
C GLY B 103 31.53 -28.04 -72.13
N LEU B 104 31.86 -26.75 -72.13
CA LEU B 104 31.06 -25.78 -71.40
C LEU B 104 29.69 -25.57 -72.05
N LYS B 105 29.60 -25.72 -73.37
CA LYS B 105 28.31 -25.58 -74.04
C LYS B 105 27.30 -26.60 -73.52
N ASN B 106 27.75 -27.83 -73.31
CA ASN B 106 26.85 -28.88 -72.85
C ASN B 106 26.57 -28.78 -71.36
N VAL B 107 27.51 -28.26 -70.57
CA VAL B 107 27.26 -28.11 -69.14
C VAL B 107 26.14 -27.12 -68.89
N THR B 108 26.12 -26.01 -69.63
CA THR B 108 25.01 -25.07 -69.53
C THR B 108 23.74 -25.63 -70.14
N ALA B 109 23.84 -26.66 -70.98
CA ALA B 109 22.69 -27.33 -71.55
C ALA B 109 22.12 -28.42 -70.65
N GLY B 110 22.69 -28.62 -69.47
CA GLY B 110 22.19 -29.58 -68.51
C GLY B 110 23.01 -30.84 -68.37
N ALA B 111 24.13 -30.96 -69.07
CA ALA B 111 24.95 -32.16 -68.98
C ALA B 111 25.84 -32.13 -67.73
N ARG B 112 25.95 -33.27 -67.07
CA ARG B 112 26.79 -33.35 -65.88
C ARG B 112 28.26 -33.27 -66.29
N PRO B 113 29.07 -32.43 -65.63
CA PRO B 113 30.49 -32.36 -65.99
C PRO B 113 31.25 -33.65 -65.74
N ILE B 114 30.83 -34.45 -64.76
CA ILE B 114 31.58 -35.66 -64.45
C ILE B 114 31.37 -36.72 -65.51
N ASP B 115 30.15 -36.82 -66.06
CA ASP B 115 29.90 -37.76 -67.14
C ASP B 115 30.56 -37.31 -68.44
N LEU B 116 30.65 -36.00 -68.67
CA LEU B 116 31.40 -35.50 -69.82
C LEU B 116 32.88 -35.89 -69.70
N LYS B 117 33.45 -35.76 -68.51
CA LYS B 117 34.84 -36.15 -68.30
C LYS B 117 35.04 -37.63 -68.61
N ARG B 118 34.13 -38.48 -68.15
CA ARG B 118 34.22 -39.91 -68.45
C ARG B 118 34.14 -40.14 -69.96
N GLY B 119 33.22 -39.46 -70.64
CA GLY B 119 33.15 -39.57 -72.09
C GLY B 119 34.41 -39.07 -72.76
N ILE B 120 35.01 -38.00 -72.23
CA ILE B 120 36.27 -37.50 -72.78
C ILE B 120 37.36 -38.56 -72.63
N ASP B 121 37.52 -39.10 -71.42
CA ASP B 121 38.62 -40.02 -71.16
C ASP B 121 38.49 -41.32 -71.96
N ARG B 122 37.26 -41.84 -72.09
CA ARG B 122 37.06 -43.06 -72.85
C ARG B 122 37.34 -42.84 -74.34
N ALA B 123 37.04 -41.65 -74.85
CA ALA B 123 37.30 -41.38 -76.26
C ALA B 123 38.79 -41.26 -76.53
N VAL B 124 39.54 -40.63 -75.62
CA VAL B 124 40.96 -40.41 -75.84
C VAL B 124 41.71 -41.75 -75.82
N LYS B 125 41.32 -42.66 -74.93
CA LYS B 125 41.99 -43.95 -74.87
C LYS B 125 41.83 -44.72 -76.18
N GLU B 126 40.70 -44.57 -76.85
CA GLU B 126 40.51 -45.26 -78.14
C GLU B 126 41.23 -44.53 -79.27
N VAL B 127 41.27 -43.20 -79.23
CA VAL B 127 41.97 -42.46 -80.27
C VAL B 127 43.47 -42.72 -80.20
N VAL B 128 44.02 -42.78 -78.98
CA VAL B 128 45.43 -43.14 -78.84
C VAL B 128 45.65 -44.58 -79.30
N ALA B 129 44.68 -45.46 -79.06
CA ALA B 129 44.80 -46.84 -79.53
C ALA B 129 44.88 -46.87 -81.06
N GLU B 130 44.00 -46.13 -81.73
CA GLU B 130 44.03 -46.12 -83.19
C GLU B 130 45.28 -45.44 -83.72
N LEU B 131 45.85 -44.49 -82.97
CA LEU B 131 47.14 -43.91 -83.36
C LEU B 131 48.24 -44.96 -83.32
N ARG B 132 48.21 -45.84 -82.32
CA ARG B 132 49.22 -46.89 -82.23
C ARG B 132 49.11 -47.87 -83.39
N ASN B 133 47.89 -48.15 -83.86
CA ASN B 133 47.71 -49.10 -84.96
C ASN B 133 48.19 -48.51 -86.28
N ILE B 134 48.00 -47.20 -86.48
CA ILE B 134 48.41 -46.56 -87.74
C ILE B 134 49.83 -46.03 -87.69
N SER B 135 50.55 -46.25 -86.60
CA SER B 135 51.91 -45.74 -86.44
C SER B 135 52.91 -46.72 -87.04
N ARG B 136 53.91 -46.17 -87.74
CA ARG B 136 55.01 -46.96 -88.28
C ARG B 136 56.15 -46.94 -87.29
N SER B 137 56.54 -48.12 -86.81
CA SER B 137 57.67 -48.22 -85.88
C SER B 137 58.98 -48.05 -86.63
N ILE B 138 59.90 -47.28 -86.04
CA ILE B 138 61.19 -46.98 -86.64
C ILE B 138 62.25 -47.82 -85.92
N SER B 139 62.97 -48.63 -86.69
CA SER B 139 64.07 -49.42 -86.15
C SER B 139 65.08 -49.66 -87.25
N GLY B 140 66.35 -49.73 -86.87
CA GLY B 140 67.40 -49.96 -87.83
C GLY B 140 68.10 -48.67 -88.25
N LYS B 141 69.39 -48.80 -88.56
CA LYS B 141 70.21 -47.63 -88.88
C LYS B 141 69.72 -46.90 -90.13
N LYS B 142 68.98 -47.57 -91.01
CA LYS B 142 68.58 -46.97 -92.27
C LYS B 142 67.47 -45.94 -92.06
N GLU B 143 66.30 -46.39 -91.60
CA GLU B 143 65.17 -45.49 -91.46
C GLU B 143 65.34 -44.51 -90.30
N ILE B 144 66.21 -44.81 -89.33
CA ILE B 144 66.50 -43.84 -88.29
C ILE B 144 67.14 -42.59 -88.89
N ALA B 145 68.06 -42.78 -89.82
CA ALA B 145 68.66 -41.64 -90.52
C ALA B 145 67.64 -40.94 -91.41
N GLN B 146 66.64 -41.69 -91.91
CA GLN B 146 65.59 -41.06 -92.72
C GLN B 146 64.74 -40.12 -91.88
N VAL B 147 64.37 -40.54 -90.66
CA VAL B 147 63.61 -39.67 -89.77
C VAL B 147 64.46 -38.48 -89.34
N GLY B 148 65.73 -38.72 -89.04
CA GLY B 148 66.62 -37.62 -88.68
C GLY B 148 66.84 -36.64 -89.81
N THR B 149 66.75 -37.12 -91.06
CA THR B 149 66.90 -36.22 -92.21
C THR B 149 65.67 -35.35 -92.38
N ILE B 150 64.48 -35.92 -92.15
CA ILE B 150 63.25 -35.13 -92.24
C ILE B 150 63.22 -34.06 -91.16
N SER B 151 63.56 -34.44 -89.93
CA SER B 151 63.56 -33.48 -88.82
C SER B 151 64.64 -32.41 -88.98
N ALA B 152 65.62 -32.65 -89.84
CA ALA B 152 66.71 -31.71 -90.10
C ALA B 152 66.42 -30.78 -91.26
N ASN B 153 65.20 -30.79 -91.79
CA ASN B 153 64.83 -30.04 -93.00
C ASN B 153 65.66 -30.52 -94.20
N ASN B 154 65.61 -31.83 -94.44
CA ASN B 154 66.24 -32.46 -95.61
C ASN B 154 67.75 -32.30 -95.60
N ASP B 155 68.37 -32.52 -94.45
CA ASP B 155 69.82 -32.58 -94.37
C ASP B 155 70.23 -34.03 -94.16
N PRO B 156 70.78 -34.70 -95.17
CA PRO B 156 71.15 -36.12 -94.98
C PRO B 156 72.32 -36.31 -94.02
N GLU B 157 73.20 -35.32 -93.90
CA GLU B 157 74.35 -35.46 -93.00
C GLU B 157 73.90 -35.54 -91.54
N ILE B 158 72.89 -34.75 -91.16
CA ILE B 158 72.43 -34.77 -89.77
C ILE B 158 71.77 -36.10 -89.45
N GLY B 159 70.96 -36.62 -90.37
CA GLY B 159 70.30 -37.89 -90.12
C GLY B 159 71.28 -39.04 -89.95
N GLU B 160 72.30 -39.10 -90.81
CA GLU B 160 73.33 -40.11 -90.66
C GLU B 160 74.12 -39.91 -89.37
N LEU B 161 74.29 -38.66 -88.93
CA LEU B 161 75.01 -38.39 -87.69
C LEU B 161 74.20 -38.86 -86.48
N ILE B 162 72.89 -38.58 -86.47
CA ILE B 162 72.06 -39.03 -85.37
C ILE B 162 71.94 -40.55 -85.36
N ALA B 163 71.82 -41.14 -86.54
CA ALA B 163 71.71 -42.60 -86.63
C ALA B 163 72.99 -43.28 -86.16
N GLU B 164 74.15 -42.72 -86.52
CA GLU B 164 75.41 -43.30 -86.07
C GLU B 164 75.60 -43.12 -84.56
N ALA B 165 75.13 -42.01 -84.01
CA ALA B 165 75.23 -41.80 -82.56
C ALA B 165 74.39 -42.81 -81.80
N MET B 166 73.15 -43.06 -82.25
CA MET B 166 72.29 -44.03 -81.60
C MET B 166 72.77 -45.47 -81.81
N ASP B 167 73.69 -45.70 -82.74
CA ASP B 167 74.24 -47.04 -82.91
C ASP B 167 75.30 -47.34 -81.85
N LYS B 168 76.08 -46.34 -81.45
CA LYS B 168 77.13 -46.56 -80.46
C LYS B 168 76.54 -46.72 -79.06
N VAL B 169 75.70 -45.77 -78.63
CA VAL B 169 75.19 -45.76 -77.27
C VAL B 169 73.81 -46.41 -77.15
N GLY B 170 73.24 -46.87 -78.24
CA GLY B 170 71.93 -47.51 -78.19
C GLY B 170 70.79 -46.51 -78.34
N LYS B 171 69.59 -47.02 -78.10
CA LYS B 171 68.40 -46.18 -78.21
C LYS B 171 68.24 -45.26 -77.00
N ASP B 172 68.55 -45.76 -75.81
CA ASP B 172 68.42 -44.99 -74.57
C ASP B 172 69.71 -44.30 -74.16
N GLY B 173 70.76 -44.37 -74.97
CA GLY B 173 72.03 -43.78 -74.62
C GLY B 173 71.95 -42.26 -74.50
N VAL B 174 73.02 -41.69 -73.96
CA VAL B 174 73.11 -40.26 -73.74
C VAL B 174 73.78 -39.62 -74.95
N ILE B 175 73.04 -38.76 -75.64
CA ILE B 175 73.54 -38.04 -76.81
C ILE B 175 73.42 -36.54 -76.52
N THR B 176 74.53 -35.83 -76.69
CA THR B 176 74.58 -34.39 -76.49
C THR B 176 75.07 -33.71 -77.76
N VAL B 177 74.70 -32.44 -77.90
CA VAL B 177 75.04 -31.64 -79.08
C VAL B 177 75.89 -30.47 -78.63
N GLU B 178 77.13 -30.41 -79.14
CA GLU B 178 78.07 -29.35 -78.80
C GLU B 178 78.61 -28.72 -80.07
N GLU B 179 79.19 -27.54 -79.92
CA GLU B 179 79.82 -26.84 -81.04
C GLU B 179 81.17 -27.47 -81.36
N ALA B 180 81.54 -27.40 -82.63
CA ALA B 180 82.81 -27.93 -83.11
C ALA B 180 83.81 -26.80 -83.29
N LYS B 181 85.03 -27.16 -83.67
CA LYS B 181 86.09 -26.19 -83.88
C LYS B 181 86.17 -25.70 -85.32
N GLY B 182 85.42 -26.30 -86.23
CA GLY B 182 85.49 -25.92 -87.63
C GLY B 182 84.34 -26.49 -88.42
N MET B 183 84.48 -26.42 -89.74
CA MET B 183 83.42 -26.88 -90.63
C MET B 183 83.16 -28.38 -90.53
N GLU B 184 84.13 -29.16 -90.05
CA GLU B 184 83.99 -30.60 -89.99
C GLU B 184 83.07 -31.01 -88.85
N THR B 185 82.04 -31.78 -89.18
CA THR B 185 81.11 -32.33 -88.21
C THR B 185 81.52 -33.75 -87.88
N GLU B 186 81.63 -34.06 -86.59
CA GLU B 186 82.14 -35.35 -86.15
C GLU B 186 81.40 -35.83 -84.92
N LEU B 187 81.54 -37.12 -84.64
CA LEU B 187 80.92 -37.77 -83.49
C LEU B 187 82.01 -38.34 -82.60
N LYS B 188 81.88 -38.11 -81.29
CA LYS B 188 82.84 -38.59 -80.30
C LYS B 188 82.10 -39.24 -79.15
N VAL B 189 82.47 -40.46 -78.81
CA VAL B 189 81.93 -41.17 -77.66
C VAL B 189 82.95 -41.09 -76.53
N VAL B 190 82.56 -40.45 -75.42
CA VAL B 190 83.46 -40.21 -74.31
C VAL B 190 82.86 -40.82 -73.05
N GLU B 191 83.72 -41.01 -72.05
CA GLU B 191 83.30 -41.61 -70.79
C GLU B 191 82.45 -40.62 -70.00
N GLY B 192 81.24 -41.04 -69.63
CA GLY B 192 80.35 -40.19 -68.88
C GLY B 192 79.07 -40.93 -68.54
N MET B 193 78.15 -40.20 -67.91
CA MET B 193 76.86 -40.77 -67.54
C MET B 193 75.88 -39.62 -67.35
N GLN B 194 74.63 -39.99 -67.05
CA GLN B 194 73.57 -39.02 -66.79
C GLN B 194 72.65 -39.55 -65.71
N PHE B 195 72.30 -38.68 -64.77
CA PHE B 195 71.31 -38.97 -63.75
C PHE B 195 70.27 -37.86 -63.76
N ASP B 196 69.08 -38.16 -63.25
CA ASP B 196 67.98 -37.20 -63.29
C ASP B 196 67.99 -36.43 -61.98
N ARG B 197 68.44 -35.17 -62.05
CA ARG B 197 68.38 -34.22 -60.96
C ARG B 197 68.39 -32.81 -61.57
N GLY B 198 67.69 -31.89 -60.93
CA GLY B 198 67.64 -30.53 -61.40
C GLY B 198 68.51 -29.60 -60.57
N TYR B 199 68.66 -28.38 -61.09
CA TYR B 199 69.31 -27.35 -60.31
C TYR B 199 68.41 -26.94 -59.14
N LEU B 200 69.05 -26.41 -58.09
CA LEU B 200 68.33 -26.03 -56.89
C LEU B 200 67.66 -24.66 -57.00
N SER B 201 67.78 -24.01 -58.15
CA SER B 201 67.21 -22.69 -58.41
C SER B 201 67.44 -22.32 -59.87
N PRO B 202 66.45 -21.70 -60.53
CA PRO B 202 66.62 -21.36 -61.95
C PRO B 202 67.73 -20.36 -62.21
N TYR B 203 68.20 -19.65 -61.18
CA TYR B 203 69.24 -18.64 -61.36
C TYR B 203 70.59 -19.23 -61.78
N PHE B 204 70.78 -20.54 -61.64
CA PHE B 204 72.00 -21.18 -62.10
C PHE B 204 72.07 -21.32 -63.62
N VAL B 205 70.97 -21.02 -64.32
CA VAL B 205 70.92 -21.24 -65.76
C VAL B 205 71.90 -20.33 -66.47
N THR B 206 72.74 -20.92 -67.33
CA THR B 206 73.69 -20.14 -68.12
C THR B 206 72.97 -19.44 -69.29
N ASN B 207 72.43 -20.23 -70.21
CA ASN B 207 71.72 -19.70 -71.38
C ASN B 207 70.22 -19.79 -71.11
N SER B 208 69.57 -18.64 -70.95
CA SER B 208 68.14 -18.62 -70.65
C SER B 208 67.29 -19.09 -71.82
N GLU B 209 67.85 -19.13 -73.03
CA GLU B 209 67.10 -19.62 -74.18
C GLU B 209 66.80 -21.11 -74.04
N THR B 210 67.81 -21.91 -73.72
CA THR B 210 67.65 -23.34 -73.52
C THR B 210 67.39 -23.71 -72.06
N MET B 211 67.44 -22.75 -71.15
CA MET B 211 67.23 -22.99 -69.72
C MET B 211 68.16 -24.08 -69.20
N GLU B 212 69.45 -23.93 -69.50
CA GLU B 212 70.46 -24.91 -69.12
C GLU B 212 71.62 -24.22 -68.43
N ALA B 213 72.33 -24.96 -67.59
CA ALA B 213 73.53 -24.51 -66.91
C ALA B 213 74.71 -25.29 -67.46
N GLU B 214 75.58 -24.62 -68.21
CA GLU B 214 76.71 -25.26 -68.88
C GLU B 214 78.00 -24.85 -68.20
N LEU B 215 78.84 -25.84 -67.88
CA LEU B 215 80.11 -25.61 -67.19
C LEU B 215 81.21 -26.34 -67.94
N ASP B 216 82.23 -25.60 -68.36
CA ASP B 216 83.36 -26.16 -69.10
C ASP B 216 84.52 -26.40 -68.14
N GLU B 217 85.06 -27.61 -68.15
CA GLU B 217 86.15 -28.02 -67.27
C GLU B 217 85.80 -27.79 -65.80
N ALA B 218 84.58 -28.20 -65.44
CA ALA B 218 84.06 -27.95 -64.11
C ALA B 218 84.71 -28.88 -63.08
N LEU B 219 84.64 -28.46 -61.82
CA LEU B 219 85.08 -29.27 -60.69
C LEU B 219 83.86 -29.90 -60.01
N ILE B 220 83.99 -31.16 -59.62
CA ILE B 220 82.89 -31.93 -59.05
C ILE B 220 83.16 -32.14 -57.57
N LEU B 221 82.23 -31.68 -56.74
CA LEU B 221 82.29 -31.88 -55.29
C LEU B 221 81.21 -32.88 -54.90
N ILE B 222 81.61 -33.99 -54.30
CA ILE B 222 80.69 -35.08 -53.96
C ILE B 222 80.53 -35.11 -52.45
N HIS B 223 79.29 -34.98 -51.98
CA HIS B 223 78.94 -35.03 -50.57
C HIS B 223 77.59 -35.70 -50.43
N ASP B 224 77.45 -36.58 -49.43
CA ASP B 224 76.24 -37.37 -49.25
C ASP B 224 75.26 -36.78 -48.24
N LYS B 225 75.57 -35.62 -47.65
CA LYS B 225 74.72 -35.03 -46.63
C LYS B 225 74.28 -33.63 -47.04
N LYS B 226 73.20 -33.16 -46.42
CA LYS B 226 72.71 -31.82 -46.66
C LYS B 226 73.70 -30.79 -46.12
N ILE B 227 73.87 -29.69 -46.87
CA ILE B 227 74.70 -28.58 -46.43
C ILE B 227 73.77 -27.39 -46.21
N SER B 228 73.51 -27.07 -44.95
CA SER B 228 72.89 -25.82 -44.56
C SER B 228 73.91 -24.81 -44.04
N ASN B 229 75.19 -25.16 -44.03
CA ASN B 229 76.19 -24.40 -43.29
C ASN B 229 76.61 -23.12 -44.02
N MET B 230 77.21 -23.27 -45.20
CA MET B 230 77.94 -22.19 -45.87
C MET B 230 79.10 -21.71 -45.00
N LYS B 231 79.63 -22.63 -44.19
CA LYS B 231 80.77 -22.35 -43.32
C LYS B 231 81.85 -23.42 -43.54
N GLU B 232 81.50 -24.67 -43.24
CA GLU B 232 82.44 -25.77 -43.42
C GLU B 232 82.84 -25.93 -44.89
N LEU B 233 81.96 -25.55 -45.82
CA LEU B 233 82.25 -25.66 -47.24
C LEU B 233 83.02 -24.46 -47.78
N LEU B 234 83.25 -23.43 -46.96
CA LEU B 234 83.97 -22.25 -47.43
C LEU B 234 85.42 -22.52 -47.81
N PRO B 235 86.22 -23.28 -47.05
CA PRO B 235 87.62 -23.48 -47.47
C PRO B 235 87.76 -24.21 -48.79
N ILE B 236 86.92 -25.22 -49.05
CA ILE B 236 87.02 -25.95 -50.32
C ILE B 236 86.46 -25.11 -51.46
N LEU B 237 85.42 -24.31 -51.20
CA LEU B 237 84.89 -23.42 -52.23
C LEU B 237 85.86 -22.29 -52.53
N GLU B 238 86.59 -21.81 -51.51
CA GLU B 238 87.59 -20.78 -51.75
C GLU B 238 88.79 -21.34 -52.50
N LYS B 239 89.13 -22.62 -52.29
CA LYS B 239 90.22 -23.25 -53.01
C LYS B 239 89.87 -23.45 -54.48
N ALA B 240 88.59 -23.45 -54.84
CA ALA B 240 88.19 -23.52 -56.24
C ALA B 240 88.36 -22.20 -56.96
N ALA B 241 88.35 -21.07 -56.23
CA ALA B 241 88.61 -19.79 -56.85
C ALA B 241 90.06 -19.65 -57.28
N GLN B 242 90.98 -20.34 -56.60
CA GLN B 242 92.38 -20.34 -57.01
C GLN B 242 92.58 -21.11 -58.31
N SER B 243 91.70 -22.07 -58.60
CA SER B 243 91.78 -22.81 -59.85
C SER B 243 91.20 -22.01 -61.01
N GLY B 244 90.10 -21.29 -60.77
CA GLY B 244 89.46 -20.50 -61.80
C GLY B 244 88.42 -21.22 -62.61
N ARG B 245 88.34 -22.55 -62.52
CA ARG B 245 87.38 -23.36 -63.25
C ARG B 245 86.08 -23.48 -62.47
N PRO B 246 84.94 -23.64 -63.17
CA PRO B 246 83.65 -23.71 -62.47
C PRO B 246 83.56 -24.92 -61.56
N LEU B 247 82.61 -24.86 -60.63
CA LEU B 247 82.43 -25.87 -59.60
C LEU B 247 81.01 -26.41 -59.64
N LEU B 248 80.88 -27.73 -59.59
CA LEU B 248 79.59 -28.39 -59.46
C LEU B 248 79.56 -29.12 -58.12
N ILE B 249 78.68 -28.67 -57.23
CA ILE B 249 78.54 -29.24 -55.90
C ILE B 249 77.40 -30.25 -55.94
N ILE B 250 77.73 -31.51 -55.65
CA ILE B 250 76.73 -32.58 -55.59
C ILE B 250 76.56 -32.96 -54.13
N ALA B 251 75.39 -32.64 -53.57
CA ALA B 251 75.09 -32.94 -52.19
C ALA B 251 73.60 -33.27 -52.08
N GLU B 252 73.17 -33.59 -50.86
CA GLU B 252 71.75 -33.83 -50.65
C GLU B 252 70.95 -32.54 -50.75
N ASP B 253 71.53 -31.44 -50.30
CA ASP B 253 70.92 -30.11 -50.43
C ASP B 253 71.97 -29.01 -50.30
N GLU B 257 68.95 -22.19 -46.06
CA GLU B 257 69.12 -21.19 -47.10
C GLU B 257 70.60 -21.04 -47.47
N ALA B 258 71.34 -22.14 -47.38
CA ALA B 258 72.75 -22.11 -47.77
C ALA B 258 72.90 -22.01 -49.28
N LEU B 259 71.95 -22.56 -50.04
CA LEU B 259 72.01 -22.46 -51.49
C LEU B 259 71.77 -21.04 -51.98
N ALA B 260 71.12 -20.19 -51.18
CA ALA B 260 70.92 -18.79 -51.54
C ALA B 260 72.22 -18.03 -51.62
N THR B 261 73.26 -18.47 -50.91
CA THR B 261 74.56 -17.81 -51.01
C THR B 261 75.17 -18.03 -52.39
N LEU B 262 75.18 -19.28 -52.86
CA LEU B 262 75.78 -19.58 -54.15
C LEU B 262 74.94 -19.04 -55.30
N VAL B 263 73.63 -18.94 -55.13
CA VAL B 263 72.77 -18.43 -56.19
C VAL B 263 73.02 -16.94 -56.41
N VAL B 264 73.17 -16.18 -55.33
CA VAL B 264 73.39 -14.75 -55.46
C VAL B 264 74.84 -14.44 -55.81
N ASN B 265 75.79 -15.25 -55.32
CA ASN B 265 77.19 -14.98 -55.57
C ASN B 265 77.54 -15.23 -57.04
N LYS B 266 77.05 -16.32 -57.61
CA LYS B 266 77.35 -16.64 -59.00
C LYS B 266 76.57 -15.76 -59.97
N LEU B 267 75.46 -15.17 -59.54
CA LEU B 267 74.68 -14.32 -60.42
C LEU B 267 75.28 -12.93 -60.56
N ARG B 268 75.78 -12.37 -59.46
CA ARG B 268 76.34 -11.01 -59.47
C ARG B 268 77.84 -10.98 -59.77
N GLY B 269 78.50 -12.13 -59.83
CA GLY B 269 79.92 -12.14 -60.10
C GLY B 269 80.51 -13.52 -59.88
N THR B 270 81.81 -13.54 -59.61
CA THR B 270 82.52 -14.80 -59.37
C THR B 270 82.65 -15.07 -57.88
N LYS B 272 80.46 -18.25 -60.21
CA LYS B 272 80.36 -19.15 -61.35
C LYS B 272 80.41 -20.61 -60.90
N VAL B 273 79.35 -21.06 -60.23
CA VAL B 273 79.25 -22.44 -59.75
C VAL B 273 77.79 -22.84 -59.71
N ALA B 274 77.53 -24.14 -59.78
CA ALA B 274 76.19 -24.68 -59.72
C ALA B 274 76.16 -25.88 -58.77
N ALA B 275 74.95 -26.21 -58.32
CA ALA B 275 74.77 -27.30 -57.37
C ALA B 275 73.48 -28.06 -57.69
N VAL B 276 73.56 -29.39 -57.65
CA VAL B 276 72.42 -30.26 -57.89
C VAL B 276 72.34 -31.28 -56.76
N LYS B 277 71.16 -31.84 -56.59
CA LYS B 277 70.94 -32.87 -55.57
C LYS B 277 71.56 -34.20 -56.00
N ALA B 278 71.82 -35.05 -55.01
CA ALA B 278 72.38 -36.35 -55.29
C ALA B 278 71.33 -37.27 -55.90
N PRO B 279 71.71 -38.14 -56.83
CA PRO B 279 70.73 -39.02 -57.47
C PRO B 279 70.29 -40.14 -56.54
N GLY B 280 69.03 -40.54 -56.71
CA GLY B 280 68.49 -41.63 -55.92
C GLY B 280 68.27 -41.21 -54.47
N PHE B 281 68.22 -42.24 -53.61
CA PHE B 281 68.06 -42.03 -52.17
C PHE B 281 68.51 -43.29 -51.46
N GLY B 282 68.47 -43.25 -50.12
CA GLY B 282 68.77 -44.41 -49.30
C GLY B 282 70.14 -44.97 -49.57
N ASP B 283 70.24 -46.31 -49.49
CA ASP B 283 71.50 -46.99 -49.76
C ASP B 283 71.88 -46.94 -51.23
N ARG B 284 70.92 -46.78 -52.13
CA ARG B 284 71.24 -46.66 -53.54
C ARG B 284 71.88 -45.32 -53.88
N ARG B 285 71.75 -44.32 -53.01
CA ARG B 285 72.37 -43.03 -53.25
C ARG B 285 73.86 -43.07 -52.94
N LYS B 286 74.24 -43.73 -51.83
CA LYS B 286 75.65 -43.80 -51.46
C LYS B 286 76.47 -44.57 -52.49
N ALA B 287 75.85 -45.53 -53.19
CA ALA B 287 76.57 -46.27 -54.21
C ALA B 287 76.71 -45.48 -55.50
N MET B 288 75.65 -44.77 -55.91
CA MET B 288 75.71 -43.99 -57.13
C MET B 288 76.64 -42.79 -57.00
N LEU B 289 76.76 -42.23 -55.79
CA LEU B 289 77.70 -41.12 -55.59
C LEU B 289 79.14 -41.57 -55.79
N GLU B 290 79.44 -42.84 -55.51
CA GLU B 290 80.77 -43.37 -55.78
C GLU B 290 80.98 -43.60 -57.27
N ASP B 291 79.94 -44.04 -57.98
CA ASP B 291 80.04 -44.16 -59.44
C ASP B 291 80.16 -42.79 -60.09
N ILE B 292 79.43 -41.79 -59.57
CA ILE B 292 79.59 -40.43 -60.05
C ILE B 292 80.90 -39.81 -59.60
N ALA B 293 81.65 -40.48 -58.73
CA ALA B 293 82.97 -40.03 -58.28
C ALA B 293 84.07 -40.64 -59.13
N ILE B 294 84.17 -41.97 -59.14
CA ILE B 294 85.21 -42.66 -59.91
C ILE B 294 85.14 -42.28 -61.38
N LEU B 295 83.96 -41.91 -61.87
CA LEU B 295 83.85 -41.45 -63.26
C LEU B 295 84.48 -40.07 -63.43
N THR B 296 84.14 -39.13 -62.55
CA THR B 296 84.65 -37.77 -62.64
C THR B 296 86.07 -37.64 -62.09
N GLY B 297 86.65 -38.70 -61.53
CA GLY B 297 87.98 -38.62 -60.98
C GLY B 297 88.07 -37.93 -59.63
N GLY B 298 87.21 -38.34 -58.69
CA GLY B 298 87.21 -37.78 -57.36
C GLY B 298 86.72 -38.81 -56.37
N THR B 299 86.64 -38.39 -55.10
CA THR B 299 86.21 -39.27 -54.02
C THR B 299 85.04 -38.65 -53.28
N VAL B 300 84.26 -39.52 -52.63
CA VAL B 300 83.06 -39.12 -51.90
C VAL B 300 83.46 -38.69 -50.49
N ILE B 301 82.82 -37.63 -50.01
CA ILE B 301 83.04 -37.13 -48.65
C ILE B 301 81.85 -37.58 -47.81
N SER B 302 82.09 -38.49 -46.86
CA SER B 302 81.01 -39.07 -46.08
C SER B 302 81.07 -38.65 -44.62
N GLU B 303 81.98 -39.26 -43.86
CA GLU B 303 82.10 -39.00 -42.43
C GLU B 303 83.36 -39.67 -41.88
N GLY B 306 85.96 -38.59 -43.74
CA GLY B 306 86.31 -37.20 -44.00
C GLY B 306 85.22 -36.22 -43.59
N TYR B 307 85.41 -34.96 -43.95
CA TYR B 307 84.44 -33.92 -43.63
C TYR B 307 84.59 -32.79 -44.63
N LYS B 308 83.57 -31.94 -44.69
CA LYS B 308 83.62 -30.77 -45.58
C LYS B 308 84.50 -29.67 -44.99
N LEU B 309 84.43 -29.45 -43.68
CA LEU B 309 85.26 -28.47 -43.01
C LEU B 309 86.74 -28.75 -43.21
N GLU B 310 87.23 -29.83 -42.60
CA GLU B 310 88.63 -30.20 -42.68
C GLU B 310 88.86 -31.12 -43.88
N ASN B 311 90.12 -31.53 -44.06
CA ASN B 311 90.54 -32.40 -45.15
C ASN B 311 90.09 -31.85 -46.50
N ALA B 312 90.63 -30.68 -46.84
CA ALA B 312 90.35 -30.04 -48.12
C ALA B 312 91.45 -30.43 -49.10
N THR B 313 91.09 -31.23 -50.10
CA THR B 313 92.06 -31.73 -51.07
C THR B 313 91.42 -31.68 -52.46
N MET B 314 92.13 -31.06 -53.40
CA MET B 314 91.65 -31.03 -54.78
C MET B 314 91.72 -32.41 -55.43
N ALA B 315 92.53 -33.32 -54.89
CA ALA B 315 92.53 -34.69 -55.39
C ALA B 315 91.21 -35.39 -55.11
N TYR B 316 90.50 -34.97 -54.05
CA TYR B 316 89.18 -35.50 -53.76
C TYR B 316 88.11 -34.93 -54.69
N LEU B 317 88.38 -33.77 -55.32
CA LEU B 317 87.44 -33.18 -56.24
C LEU B 317 87.59 -33.81 -57.62
N GLY B 318 86.45 -34.19 -58.22
CA GLY B 318 86.46 -34.68 -59.57
C GLY B 318 86.34 -33.57 -60.60
N GLN B 319 86.61 -33.92 -61.85
CA GLN B 319 86.59 -32.93 -62.93
C GLN B 319 86.15 -33.62 -64.21
N ALA B 320 85.43 -32.86 -65.04
CA ALA B 320 84.96 -33.34 -66.33
C ALA B 320 85.07 -32.21 -67.35
N ALA B 321 85.05 -32.58 -68.63
CA ALA B 321 85.25 -31.58 -69.69
C ALA B 321 84.08 -30.61 -69.75
N ARG B 322 82.86 -31.13 -69.79
CA ARG B 322 81.68 -30.29 -69.89
C ARG B 322 80.54 -30.91 -69.08
N ILE B 323 79.77 -30.06 -68.41
CA ILE B 323 78.63 -30.51 -67.61
C ILE B 323 77.45 -29.62 -67.92
N THR B 324 76.37 -30.21 -68.41
CA THR B 324 75.14 -29.50 -68.75
C THR B 324 74.05 -29.90 -67.75
N ILE B 325 73.35 -28.90 -67.22
CA ILE B 325 72.31 -29.11 -66.21
C ILE B 325 71.04 -28.44 -66.70
N ASP B 326 70.03 -29.24 -67.02
CA ASP B 326 68.69 -28.75 -67.30
C ASP B 326 67.84 -28.90 -66.03
N LYS B 327 66.54 -28.63 -66.17
CA LYS B 327 65.68 -28.70 -65.00
C LYS B 327 65.37 -30.14 -64.59
N ASP B 328 65.19 -31.03 -65.56
CA ASP B 328 64.87 -32.42 -65.27
C ASP B 328 66.08 -33.34 -65.21
N ASN B 329 67.26 -32.89 -65.64
CA ASN B 329 68.40 -33.79 -65.78
C ASN B 329 69.70 -33.04 -65.56
N THR B 330 70.76 -33.82 -65.30
CA THR B 330 72.12 -33.32 -65.19
C THR B 330 73.05 -34.27 -65.92
N THR B 331 73.88 -33.73 -66.80
CA THR B 331 74.73 -34.54 -67.67
C THR B 331 76.20 -34.23 -67.40
N ILE B 332 77.01 -35.28 -67.23
CA ILE B 332 78.44 -35.16 -67.04
C ILE B 332 79.11 -35.78 -68.25
N VAL B 333 79.78 -34.94 -69.05
CA VAL B 333 80.37 -35.35 -70.32
C VAL B 333 81.89 -35.36 -70.17
N GLU B 334 82.51 -36.47 -70.55
CA GLU B 334 83.97 -36.63 -70.60
C GLU B 334 84.59 -36.35 -69.23
N GLY B 335 84.35 -37.30 -68.32
CA GLY B 335 84.98 -37.22 -67.02
C GLY B 335 86.46 -37.52 -67.09
N LYS B 336 87.21 -36.89 -66.18
CA LYS B 336 88.67 -37.00 -66.18
C LYS B 336 89.17 -38.21 -65.39
N GLY B 337 88.27 -39.04 -64.85
CA GLY B 337 88.71 -40.22 -64.14
C GLY B 337 89.43 -41.19 -65.06
N LYS B 338 90.51 -41.79 -64.54
CA LYS B 338 91.32 -42.69 -65.35
C LYS B 338 90.54 -43.96 -65.68
N GLN B 339 90.82 -44.50 -66.87
CA GLN B 339 90.11 -45.67 -67.38
C GLN B 339 90.42 -46.94 -66.60
N GLU B 340 91.39 -46.92 -65.69
CA GLU B 340 91.78 -48.14 -64.99
C GLU B 340 90.74 -48.53 -63.94
N GLU B 341 90.55 -47.70 -62.92
CA GLU B 341 89.58 -48.00 -61.88
C GLU B 341 88.15 -48.01 -62.40
N ILE B 342 87.88 -47.33 -63.52
CA ILE B 342 86.55 -47.38 -64.12
C ILE B 342 86.25 -48.79 -64.60
N LYS B 343 87.23 -49.44 -65.23
CA LYS B 343 87.07 -50.83 -65.62
C LYS B 343 86.88 -51.73 -64.41
N ALA B 344 87.59 -51.44 -63.32
CA ALA B 344 87.41 -52.22 -62.10
C ALA B 344 86.04 -51.98 -61.47
N ARG B 345 85.52 -50.76 -61.57
CA ARG B 345 84.19 -50.47 -61.06
C ARG B 345 83.12 -51.19 -61.86
N ILE B 346 83.34 -51.38 -63.17
CA ILE B 346 82.38 -52.09 -64.00
C ILE B 346 82.33 -53.56 -63.59
N ASN B 347 83.49 -54.21 -63.47
CA ASN B 347 83.51 -55.61 -63.07
C ASN B 347 82.98 -55.82 -61.66
N GLU B 348 83.08 -54.81 -60.81
CA GLU B 348 82.52 -54.92 -59.47
C GLU B 348 80.99 -54.98 -59.53
N ILE B 349 80.37 -54.04 -60.25
CA ILE B 349 78.92 -54.04 -60.38
C ILE B 349 78.47 -55.25 -61.20
N LYS B 350 79.21 -55.58 -62.27
CA LYS B 350 78.90 -56.77 -63.05
C LYS B 350 79.09 -58.04 -62.22
N GLY B 351 80.06 -58.03 -61.30
CA GLY B 351 80.22 -59.16 -60.39
C GLY B 351 79.08 -59.25 -59.40
N GLN B 352 78.58 -58.11 -58.91
CA GLN B 352 77.40 -58.12 -58.07
C GLN B 352 76.16 -58.54 -58.83
N ILE B 353 76.07 -58.15 -60.12
CA ILE B 353 74.99 -58.64 -60.97
C ILE B 353 75.17 -60.12 -61.29
N GLU B 354 76.40 -60.63 -61.24
CA GLU B 354 76.62 -62.05 -61.45
C GLU B 354 76.11 -62.87 -60.28
N LYS B 355 76.08 -62.29 -59.09
CA LYS B 355 75.51 -62.98 -57.93
C LYS B 355 74.00 -63.19 -58.11
N SER B 356 73.28 -62.11 -58.45
CA SER B 356 71.86 -62.16 -58.76
C SER B 356 71.06 -62.75 -57.59
N THR B 357 71.03 -61.99 -56.50
CA THR B 357 70.29 -62.41 -55.31
C THR B 357 68.82 -62.06 -55.46
N SER B 358 68.48 -60.77 -55.37
CA SER B 358 67.11 -60.31 -55.52
C SER B 358 66.82 -60.00 -56.98
N ASP B 359 65.59 -60.34 -57.41
CA ASP B 359 65.20 -60.04 -58.78
C ASP B 359 65.09 -58.53 -59.01
N TYR B 360 64.72 -57.76 -57.98
CA TYR B 360 64.64 -56.32 -58.12
C TYR B 360 66.03 -55.70 -58.21
N ASP B 361 66.93 -56.08 -57.29
CA ASP B 361 68.27 -55.51 -57.27
C ASP B 361 69.10 -55.94 -58.48
N THR B 362 68.68 -56.99 -59.19
CA THR B 362 69.43 -57.43 -60.38
C THR B 362 69.42 -56.35 -61.45
N GLU B 363 68.23 -55.93 -61.88
CA GLU B 363 68.13 -54.89 -62.90
C GLU B 363 68.35 -53.49 -62.32
N LYS B 364 68.13 -53.30 -61.02
CA LYS B 364 68.39 -52.01 -60.40
C LYS B 364 69.88 -51.67 -60.47
N LEU B 365 70.74 -52.67 -60.36
CA LEU B 365 72.17 -52.44 -60.50
C LEU B 365 72.59 -52.32 -61.97
N GLN B 366 71.83 -52.91 -62.89
CA GLN B 366 72.17 -52.81 -64.30
C GLN B 366 71.91 -51.41 -64.84
N GLU B 367 70.92 -50.70 -64.28
CA GLU B 367 70.73 -49.30 -64.63
C GLU B 367 71.97 -48.47 -64.27
N ARG B 368 72.65 -48.84 -63.19
CA ARG B 368 73.89 -48.16 -62.83
C ARG B 368 75.05 -48.57 -63.72
N LEU B 369 75.06 -49.83 -64.17
CA LEU B 369 76.15 -50.32 -65.02
C LEU B 369 76.05 -49.75 -66.42
N ALA B 370 74.84 -49.60 -66.94
CA ALA B 370 74.68 -49.10 -68.32
C ALA B 370 75.12 -47.65 -68.45
N LYS B 371 75.03 -46.87 -67.37
CA LYS B 371 75.43 -45.46 -67.44
C LYS B 371 76.94 -45.32 -67.56
N LEU B 372 77.69 -46.14 -66.83
CA LEU B 372 79.15 -46.12 -66.91
C LEU B 372 79.68 -46.92 -68.08
N SER B 373 78.87 -47.78 -68.70
CA SER B 373 79.29 -48.57 -69.84
C SER B 373 79.09 -47.82 -71.16
N GLY B 374 77.83 -47.51 -71.50
CA GLY B 374 77.55 -46.85 -72.76
C GLY B 374 78.20 -45.50 -72.90
N GLY B 375 78.41 -44.80 -71.79
CA GLY B 375 79.05 -43.50 -71.85
C GLY B 375 78.14 -42.42 -72.41
N VAL B 376 78.77 -41.41 -73.03
CA VAL B 376 78.06 -40.27 -73.59
C VAL B 376 78.55 -40.05 -75.01
N ALA B 377 77.61 -40.01 -75.96
CA ALA B 377 77.92 -39.70 -77.35
C ALA B 377 77.75 -38.20 -77.58
N VAL B 378 78.80 -37.57 -78.09
CA VAL B 378 78.82 -36.13 -78.30
C VAL B 378 78.78 -35.86 -79.80
N LEU B 379 77.87 -34.99 -80.21
CA LEU B 379 77.75 -34.56 -81.60
C LEU B 379 78.33 -33.16 -81.72
N LYS B 380 79.48 -33.04 -82.38
CA LYS B 380 80.13 -31.75 -82.60
C LYS B 380 79.72 -31.24 -83.97
N ILE B 381 79.01 -30.12 -83.99
CA ILE B 381 78.46 -29.53 -85.21
C ILE B 381 79.20 -28.24 -85.51
N GLY B 382 79.57 -28.05 -86.77
CA GLY B 382 80.25 -26.84 -87.18
C GLY B 382 79.88 -26.48 -88.61
N ALA B 383 80.27 -25.28 -89.00
CA ALA B 383 79.96 -24.76 -90.32
C ALA B 383 81.04 -23.75 -90.72
N SER B 384 80.80 -23.04 -91.83
CA SER B 384 81.79 -22.08 -92.31
C SER B 384 81.85 -20.85 -91.41
N THR B 385 80.70 -20.39 -90.92
CA THR B 385 80.63 -19.21 -90.07
C THR B 385 79.99 -19.57 -88.74
N GLU B 386 80.19 -18.69 -87.75
CA GLU B 386 79.68 -18.96 -86.41
C GLU B 386 78.15 -18.86 -86.36
N VAL B 387 77.57 -17.90 -87.09
CA VAL B 387 76.12 -17.77 -87.09
C VAL B 387 75.47 -18.94 -87.82
N GLU B 388 76.15 -19.51 -88.80
CA GLU B 388 75.60 -20.67 -89.50
C GLU B 388 75.63 -21.91 -88.62
N MET B 389 76.67 -22.05 -87.78
CA MET B 389 76.75 -23.18 -86.89
C MET B 389 75.62 -23.14 -85.85
N LYS B 390 75.37 -21.97 -85.27
CA LYS B 390 74.29 -21.85 -84.30
C LYS B 390 72.94 -22.16 -84.93
N GLU B 391 72.79 -21.86 -86.23
CA GLU B 391 71.55 -22.23 -86.93
C GLU B 391 71.40 -23.73 -87.03
N LYS B 392 72.41 -24.42 -87.56
CA LYS B 392 72.32 -25.86 -87.74
C LYS B 392 72.52 -26.64 -86.46
N LYS B 393 73.11 -26.03 -85.42
CA LYS B 393 73.20 -26.71 -84.13
C LYS B 393 71.82 -26.84 -83.49
N ALA B 394 70.99 -25.80 -83.60
CA ALA B 394 69.62 -25.89 -83.10
C ALA B 394 68.80 -26.89 -83.89
N ARG B 395 69.10 -27.06 -85.19
CA ARG B 395 68.40 -28.05 -85.98
C ARG B 395 68.77 -29.47 -85.55
N VAL B 396 70.03 -29.68 -85.16
CA VAL B 396 70.44 -31.00 -84.68
C VAL B 396 69.77 -31.33 -83.35
N GLU B 397 69.71 -30.35 -82.44
CA GLU B 397 69.08 -30.59 -81.15
C GLU B 397 67.59 -30.87 -81.31
N ASP B 398 66.93 -30.21 -82.27
CA ASP B 398 65.53 -30.52 -82.54
C ASP B 398 65.40 -31.87 -83.24
N ALA B 399 66.23 -32.12 -84.25
CA ALA B 399 66.17 -33.39 -84.96
C ALA B 399 66.53 -34.56 -84.06
N LEU B 400 67.45 -34.35 -83.11
CA LEU B 400 67.79 -35.41 -82.17
C LEU B 400 66.60 -35.78 -81.29
N HIS B 401 65.98 -34.78 -80.66
CA HIS B 401 64.84 -35.06 -79.79
C HIS B 401 63.67 -35.62 -80.56
N ALA B 402 63.51 -35.23 -81.83
CA ALA B 402 62.43 -35.80 -82.64
C ALA B 402 62.69 -37.26 -82.96
N THR B 403 63.94 -37.60 -83.32
CA THR B 403 64.28 -38.98 -83.63
C THR B 403 64.25 -39.85 -82.38
N ARG B 404 64.64 -39.31 -81.23
CA ARG B 404 64.54 -40.07 -79.98
C ARG B 404 63.11 -40.46 -79.70
N ALA B 405 62.15 -39.57 -79.96
CA ALA B 405 60.75 -39.90 -79.76
C ALA B 405 60.23 -40.81 -80.87
N ALA B 406 60.78 -40.68 -82.09
CA ALA B 406 60.33 -41.51 -83.19
C ALA B 406 60.70 -42.97 -82.98
N VAL B 407 61.87 -43.23 -82.38
CA VAL B 407 62.29 -44.60 -82.14
C VAL B 407 61.42 -45.25 -81.08
N GLN B 408 60.88 -44.47 -80.14
CA GLN B 408 60.10 -45.03 -79.04
C GLN B 408 58.71 -45.46 -79.48
N GLU B 409 57.84 -44.50 -79.77
CA GLU B 409 56.45 -44.76 -80.08
C GLU B 409 56.14 -44.77 -81.57
N GLY B 410 57.13 -44.56 -82.43
CA GLY B 410 56.90 -44.55 -83.86
C GLY B 410 56.54 -43.17 -84.38
N ILE B 411 56.15 -43.14 -85.67
CA ILE B 411 55.75 -41.91 -86.33
C ILE B 411 54.38 -42.11 -86.96
N VAL B 412 53.69 -40.99 -87.18
CA VAL B 412 52.40 -40.95 -87.84
C VAL B 412 52.43 -39.84 -88.89
N VAL B 413 51.32 -39.68 -89.60
CA VAL B 413 51.21 -38.67 -90.63
C VAL B 413 51.02 -37.30 -89.98
N GLY B 414 51.74 -36.31 -90.46
CA GLY B 414 51.67 -34.96 -89.92
C GLY B 414 50.47 -34.20 -90.47
N GLY B 415 50.52 -32.88 -90.29
CA GLY B 415 49.46 -32.02 -90.78
C GLY B 415 48.13 -32.21 -90.09
N GLY B 416 48.13 -32.73 -88.86
CA GLY B 416 46.89 -32.97 -88.15
C GLY B 416 46.02 -34.07 -88.71
N VAL B 417 46.52 -34.83 -89.69
CA VAL B 417 45.71 -35.88 -90.29
C VAL B 417 45.64 -37.12 -89.40
N ALA B 418 46.72 -37.42 -88.66
CA ALA B 418 46.73 -38.59 -87.80
C ALA B 418 45.65 -38.50 -86.73
N LEU B 419 45.37 -37.29 -86.22
CA LEU B 419 44.30 -37.14 -85.25
C LEU B 419 42.94 -37.40 -85.90
N ILE B 420 42.77 -37.01 -87.15
CA ILE B 420 41.50 -37.25 -87.84
C ILE B 420 41.37 -38.72 -88.20
N ARG B 421 42.45 -39.34 -88.68
CA ARG B 421 42.40 -40.77 -89.01
C ARG B 421 42.15 -41.62 -87.77
N ALA B 422 42.68 -41.20 -86.62
CA ALA B 422 42.50 -41.95 -85.38
C ALA B 422 41.08 -41.86 -84.84
N ALA B 423 40.22 -41.02 -85.43
CA ALA B 423 38.83 -40.96 -85.00
C ALA B 423 38.08 -42.27 -85.28
N LYS B 424 38.64 -43.14 -86.12
CA LYS B 424 37.99 -44.42 -86.40
C LYS B 424 37.90 -45.27 -85.15
N GLY B 425 38.78 -45.05 -84.18
CA GLY B 425 38.74 -45.79 -82.93
C GLY B 425 37.59 -45.42 -82.02
N LEU B 426 36.88 -44.33 -82.32
CA LEU B 426 35.76 -43.90 -81.48
C LEU B 426 34.60 -44.86 -81.52
N ALA B 427 34.54 -45.74 -82.53
CA ALA B 427 33.47 -46.73 -82.60
C ALA B 427 33.56 -47.73 -81.44
N LYS B 428 34.76 -47.92 -80.90
CA LYS B 428 34.97 -48.83 -79.77
C LYS B 428 34.75 -48.15 -78.42
N ALA B 429 34.48 -46.85 -78.40
CA ALA B 429 34.25 -46.13 -77.16
C ALA B 429 32.83 -46.36 -76.69
N VAL B 430 32.67 -46.91 -75.49
CA VAL B 430 31.37 -47.26 -74.93
C VAL B 430 30.90 -46.12 -74.04
N ALA B 431 29.62 -45.78 -74.15
CA ALA B 431 29.01 -44.70 -73.38
C ALA B 431 27.90 -45.26 -72.49
N ASP B 432 27.96 -44.95 -71.21
CA ASP B 432 26.94 -45.42 -70.27
C ASP B 432 25.67 -44.59 -70.32
N ASN B 433 25.72 -43.37 -70.84
CA ASN B 433 24.55 -42.50 -70.91
C ASN B 433 24.79 -41.47 -72.01
N GLU B 434 23.79 -40.60 -72.22
CA GLU B 434 23.90 -39.59 -73.28
C GLU B 434 24.95 -38.55 -72.97
N ASP B 435 25.15 -38.23 -71.69
CA ASP B 435 26.19 -37.26 -71.33
C ASP B 435 27.58 -37.82 -71.64
N GLN B 436 27.81 -39.10 -71.35
CA GLN B 436 29.08 -39.72 -71.72
C GLN B 436 29.23 -39.80 -73.23
N LYS B 437 28.14 -40.10 -73.95
CA LYS B 437 28.19 -40.09 -75.40
C LYS B 437 28.46 -38.69 -75.94
N THR B 438 27.99 -37.66 -75.23
CA THR B 438 28.28 -36.29 -75.64
C THR B 438 29.76 -35.98 -75.48
N GLY B 439 30.38 -36.47 -74.41
CA GLY B 439 31.81 -36.27 -74.25
C GLY B 439 32.64 -36.92 -75.34
N ILE B 440 32.13 -38.02 -75.92
CA ILE B 440 32.86 -38.69 -76.98
C ILE B 440 32.84 -37.86 -78.25
N GLU B 441 31.67 -37.34 -78.63
CA GLU B 441 31.58 -36.51 -79.83
C GLU B 441 32.24 -35.15 -79.64
N ILE B 442 32.47 -34.74 -78.39
CA ILE B 442 33.31 -33.57 -78.16
C ILE B 442 34.73 -33.83 -78.63
N ILE B 443 35.26 -35.02 -78.29
CA ILE B 443 36.58 -35.41 -78.76
C ILE B 443 36.58 -35.56 -80.27
N ARG B 444 35.50 -36.10 -80.83
CA ARG B 444 35.41 -36.28 -82.28
C ARG B 444 35.55 -34.96 -83.02
N ARG B 445 34.88 -33.92 -82.54
CA ARG B 445 34.94 -32.61 -83.19
C ARG B 445 36.24 -31.87 -82.89
N ALA B 446 36.94 -32.24 -81.80
CA ALA B 446 38.18 -31.56 -81.45
C ALA B 446 39.35 -32.02 -82.31
N LEU B 447 39.30 -33.25 -82.83
CA LEU B 447 40.41 -33.78 -83.61
C LEU B 447 40.60 -33.02 -84.92
N GLU B 448 39.53 -32.44 -85.45
CA GLU B 448 39.62 -31.66 -86.68
C GLU B 448 40.23 -30.28 -86.46
N GLU B 449 40.31 -29.83 -85.22
CA GLU B 449 40.71 -28.46 -84.92
C GLU B 449 42.17 -28.17 -85.29
N PRO B 450 43.13 -29.06 -84.99
CA PRO B 450 44.51 -28.79 -85.44
C PRO B 450 44.62 -28.58 -86.95
N LEU B 451 43.99 -29.45 -87.75
CA LEU B 451 44.03 -29.27 -89.20
C LEU B 451 43.26 -28.02 -89.60
N ARG B 452 42.10 -27.79 -88.99
CA ARG B 452 41.31 -26.61 -89.34
C ARG B 452 42.05 -25.32 -89.02
N GLN B 453 42.91 -25.33 -88.00
CA GLN B 453 43.71 -24.15 -87.70
C GLN B 453 44.91 -24.02 -88.65
N ILE B 454 45.52 -25.15 -89.01
CA ILE B 454 46.63 -25.11 -89.97
C ILE B 454 46.15 -24.56 -91.31
N VAL B 455 44.98 -25.01 -91.76
CA VAL B 455 44.43 -24.50 -93.01
C VAL B 455 44.05 -23.03 -92.87
N ALA B 456 43.54 -22.65 -91.69
CA ALA B 456 43.14 -21.26 -91.48
C ALA B 456 44.34 -20.32 -91.54
N ASN B 457 45.50 -20.76 -91.06
CA ASN B 457 46.70 -19.93 -91.10
C ASN B 457 47.19 -19.65 -92.51
N THR B 458 46.68 -20.36 -93.52
CA THR B 458 47.02 -20.04 -94.90
C THR B 458 46.32 -18.77 -95.37
N GLY B 459 45.30 -18.32 -94.66
CA GLY B 459 44.57 -17.12 -95.05
C GLY B 459 43.36 -17.37 -95.92
N THR B 460 43.10 -18.60 -96.34
CA THR B 460 41.98 -18.89 -97.21
C THR B 460 40.68 -18.95 -96.41
N THR B 461 39.58 -18.67 -97.10
CA THR B 461 38.24 -18.84 -96.55
C THR B 461 37.62 -20.18 -96.92
N ASP B 462 38.36 -21.03 -97.63
CA ASP B 462 37.87 -22.32 -98.12
C ASP B 462 38.19 -23.47 -97.19
N GLY B 463 38.70 -23.18 -95.99
CA GLY B 463 39.15 -24.25 -95.10
C GLY B 463 38.11 -25.30 -94.81
N ALA B 464 36.82 -24.96 -94.90
CA ALA B 464 35.78 -25.96 -94.71
C ALA B 464 35.82 -27.03 -95.78
N VAL B 465 36.16 -26.65 -97.02
CA VAL B 465 36.26 -27.61 -98.10
C VAL B 465 37.51 -28.47 -97.94
N VAL B 466 38.60 -27.87 -97.47
CA VAL B 466 39.85 -28.61 -97.28
C VAL B 466 39.67 -29.70 -96.22
N LEU B 467 38.98 -29.36 -95.12
CA LEU B 467 38.72 -30.35 -94.09
C LEU B 467 37.87 -31.51 -94.59
N GLU B 468 36.99 -31.24 -95.56
CA GLU B 468 36.11 -32.28 -96.07
C GLU B 468 36.86 -33.26 -96.97
N LYS B 469 37.79 -32.76 -97.79
CA LYS B 469 38.55 -33.65 -98.65
C LYS B 469 39.45 -34.58 -97.85
N VAL B 470 40.08 -34.06 -96.79
CA VAL B 470 41.01 -34.86 -96.01
C VAL B 470 40.27 -35.94 -95.22
N LYS B 471 39.10 -35.60 -94.68
CA LYS B 471 38.35 -36.59 -93.90
C LYS B 471 37.81 -37.69 -94.81
N ASN B 472 37.40 -37.34 -96.02
CA ASN B 472 36.93 -38.33 -96.98
C ASN B 472 38.06 -39.08 -97.67
N ALA B 473 39.32 -38.67 -97.46
CA ALA B 473 40.46 -39.33 -98.05
C ALA B 473 40.78 -40.60 -97.26
N GLU B 474 41.87 -41.27 -97.61
CA GLU B 474 42.26 -42.53 -96.98
C GLU B 474 43.72 -42.48 -96.58
N GLY B 475 44.01 -43.05 -95.41
CA GLY B 475 45.40 -43.25 -95.00
C GLY B 475 46.16 -41.95 -94.82
N ASP B 476 47.30 -41.85 -95.49
CA ASP B 476 48.23 -40.74 -95.32
C ASP B 476 47.94 -39.57 -96.26
N TYR B 477 46.84 -39.63 -97.01
CA TYR B 477 46.48 -38.52 -97.88
C TYR B 477 46.00 -37.34 -97.04
N GLY B 478 46.49 -36.16 -97.36
CA GLY B 478 46.12 -34.97 -96.62
C GLY B 478 46.54 -33.72 -97.36
N PHE B 479 46.29 -32.58 -96.71
CA PHE B 479 46.62 -31.28 -97.27
C PHE B 479 47.96 -30.82 -96.71
N ASN B 480 48.86 -30.38 -97.59
CA ASN B 480 50.14 -29.84 -97.19
C ASN B 480 50.07 -28.32 -97.28
N ALA B 481 50.07 -27.66 -96.12
CA ALA B 481 49.86 -26.22 -96.08
C ALA B 481 51.06 -25.45 -96.61
N ARG B 482 52.23 -26.07 -96.71
CA ARG B 482 53.40 -25.36 -97.22
C ARG B 482 53.27 -25.10 -98.72
N THR B 483 53.00 -26.15 -99.50
CA THR B 483 52.83 -26.01 -100.94
C THR B 483 51.38 -25.82 -101.37
N GLU B 484 50.44 -25.89 -100.42
CA GLU B 484 49.01 -25.72 -100.71
C GLU B 484 48.54 -26.73 -101.74
N GLN B 485 48.96 -27.99 -101.57
CA GLN B 485 48.65 -29.07 -102.49
C GLN B 485 48.17 -30.28 -101.72
N TYR B 486 47.15 -30.95 -102.26
CA TYR B 486 46.72 -32.24 -101.75
C TYR B 486 47.68 -33.32 -102.25
N GLU B 487 48.23 -34.11 -101.33
CA GLU B 487 49.23 -35.10 -101.70
C GLU B 487 49.32 -36.13 -100.58
N ASN B 488 50.29 -37.04 -100.70
CA ASN B 488 50.58 -38.00 -99.65
C ASN B 488 51.60 -37.38 -98.70
N LEU B 489 51.20 -37.17 -97.45
CA LEU B 489 52.02 -36.39 -96.53
C LEU B 489 53.27 -37.17 -96.11
N ILE B 490 53.14 -38.48 -95.92
CA ILE B 490 54.31 -39.27 -95.54
C ILE B 490 55.30 -39.35 -96.70
N GLU B 491 54.81 -39.53 -97.92
CA GLU B 491 55.69 -39.51 -99.08
C GLU B 491 56.31 -38.14 -99.29
N ALA B 492 55.62 -37.08 -98.88
CA ALA B 492 56.12 -35.72 -99.04
C ALA B 492 56.99 -35.26 -97.88
N GLY B 493 57.13 -36.07 -96.84
CA GLY B 493 57.97 -35.71 -95.72
C GLY B 493 57.29 -34.99 -94.59
N VAL B 494 55.97 -35.02 -94.52
CA VAL B 494 55.22 -34.38 -93.46
C VAL B 494 54.81 -35.46 -92.47
N VAL B 495 55.47 -35.51 -91.32
CA VAL B 495 55.28 -36.58 -90.35
C VAL B 495 55.49 -36.00 -88.95
N ASP B 496 54.92 -36.68 -87.96
CA ASP B 496 55.07 -36.31 -86.56
C ASP B 496 55.34 -37.58 -85.76
N PRO B 497 56.18 -37.50 -84.74
CA PRO B 497 56.34 -38.65 -83.84
C PRO B 497 55.03 -38.99 -83.17
N THR B 498 54.73 -40.29 -83.09
CA THR B 498 53.48 -40.73 -82.47
C THR B 498 53.39 -40.25 -81.02
N LYS B 499 54.53 -40.20 -80.32
CA LYS B 499 54.52 -39.70 -78.94
C LYS B 499 54.04 -38.26 -78.88
N VAL B 500 54.42 -37.44 -79.87
CA VAL B 500 54.00 -36.04 -79.89
C VAL B 500 52.48 -35.96 -80.05
N THR B 501 51.92 -36.75 -80.96
CA THR B 501 50.51 -36.65 -81.27
C THR B 501 49.64 -37.20 -80.14
N ARG B 502 50.04 -38.33 -79.54
CA ARG B 502 49.24 -38.89 -78.46
C ARG B 502 49.36 -38.07 -77.17
N SER B 503 50.53 -37.48 -76.92
CA SER B 503 50.69 -36.66 -75.72
C SER B 503 49.92 -35.35 -75.84
N ALA B 504 49.86 -34.78 -77.04
CA ALA B 504 49.11 -33.54 -77.23
C ALA B 504 47.64 -33.72 -76.91
N LEU B 505 47.06 -34.85 -77.32
CA LEU B 505 45.66 -35.11 -77.04
C LEU B 505 45.42 -35.48 -75.58
N GLU B 506 46.33 -36.27 -75.00
CA GLU B 506 46.18 -36.67 -73.60
C GLU B 506 46.28 -35.47 -72.68
N ASN B 507 47.30 -34.62 -72.88
CA ASN B 507 47.46 -33.44 -72.04
C ASN B 507 46.28 -32.49 -72.21
N ALA B 508 45.86 -32.26 -73.45
CA ALA B 508 44.76 -31.33 -73.71
C ALA B 508 43.47 -31.81 -73.03
N ALA B 509 43.16 -33.10 -73.15
CA ALA B 509 41.96 -33.61 -72.49
C ALA B 509 42.11 -33.61 -70.97
N SER B 510 43.34 -33.70 -70.48
CA SER B 510 43.58 -33.65 -69.04
C SER B 510 43.20 -32.29 -68.47
N VAL B 511 43.78 -31.22 -69.01
CA VAL B 511 43.55 -29.89 -68.47
C VAL B 511 42.12 -29.43 -68.77
N ALA B 512 41.54 -29.86 -69.89
CA ALA B 512 40.17 -29.48 -70.20
C ALA B 512 39.18 -30.17 -69.27
N SER B 513 39.49 -31.40 -68.82
CA SER B 513 38.61 -32.09 -67.91
C SER B 513 38.65 -31.49 -66.51
N ILE B 514 39.81 -31.01 -66.07
CA ILE B 514 39.94 -30.43 -64.75
C ILE B 514 39.13 -29.14 -64.65
N LEU B 515 39.16 -28.31 -65.70
CA LEU B 515 38.44 -27.05 -65.67
C LEU B 515 36.94 -27.28 -65.68
N LEU B 516 36.46 -28.31 -66.39
CA LEU B 516 35.04 -28.62 -66.38
C LEU B 516 34.58 -29.10 -65.00
N THR B 517 35.47 -29.74 -64.24
CA THR B 517 35.17 -30.22 -62.91
C THR B 517 35.50 -29.20 -61.82
N THR B 518 35.86 -27.98 -62.20
CA THR B 518 36.23 -26.94 -61.24
C THR B 518 34.99 -26.17 -60.85
N GLU B 519 34.60 -26.27 -59.58
CA GLU B 519 33.43 -25.57 -59.05
C GLU B 519 33.77 -24.28 -58.33
N ALA B 520 35.05 -23.96 -58.13
CA ALA B 520 35.43 -22.76 -57.41
C ALA B 520 36.79 -22.27 -57.87
N ALA B 521 36.96 -20.95 -57.85
CA ALA B 521 38.23 -20.31 -58.18
C ALA B 521 38.53 -19.28 -57.09
N ILE B 522 39.62 -19.49 -56.36
CA ILE B 522 40.00 -18.63 -55.24
C ILE B 522 41.22 -17.82 -55.66
N THR B 523 41.16 -16.51 -55.42
CA THR B 523 42.27 -15.62 -55.76
C THR B 523 42.29 -14.47 -54.77
N ASP B 524 43.48 -13.86 -54.64
CA ASP B 524 43.67 -12.78 -53.68
C ASP B 524 42.93 -11.52 -54.11
N VAL B 525 42.57 -10.70 -53.11
CA VAL B 525 41.89 -9.44 -53.38
C VAL B 525 42.87 -8.45 -53.98
N LYS B 526 42.42 -7.72 -55.00
CA LYS B 526 43.27 -6.73 -55.67
C LYS B 526 43.65 -5.60 -54.72
N THR C 2 55.21 -10.13 -66.28
CA THR C 2 54.39 -8.96 -66.55
C THR C 2 53.20 -9.32 -67.44
N ALA C 3 52.03 -8.82 -67.07
CA ALA C 3 50.84 -9.06 -67.86
C ALA C 3 50.96 -8.37 -69.22
N LYS C 4 50.20 -8.87 -70.20
CA LYS C 4 50.32 -8.43 -71.57
C LYS C 4 48.97 -8.01 -72.12
N ASP C 5 49.01 -7.11 -73.10
CA ASP C 5 47.86 -6.77 -73.93
C ASP C 5 48.12 -7.26 -75.34
N ILE C 6 47.10 -7.88 -75.94
CA ILE C 6 47.25 -8.55 -77.24
C ILE C 6 46.26 -7.94 -78.22
N LEU C 7 46.74 -7.66 -79.43
CA LEU C 7 45.91 -7.24 -80.54
C LEU C 7 46.02 -8.26 -81.66
N PHE C 8 44.96 -8.38 -82.46
CA PHE C 8 44.87 -9.42 -83.49
C PHE C 8 44.50 -8.81 -84.83
N ASP C 9 45.10 -9.35 -85.89
CA ASP C 9 44.79 -9.07 -87.29
C ASP C 9 44.58 -7.58 -87.56
N ALA C 10 43.41 -7.22 -88.09
CA ALA C 10 43.15 -5.85 -88.51
C ALA C 10 43.50 -4.84 -87.42
N GLU C 11 43.05 -5.08 -86.19
CA GLU C 11 43.33 -4.17 -85.10
C GLU C 11 44.84 -4.04 -84.87
N ALA C 12 45.56 -5.16 -84.88
CA ALA C 12 47.00 -5.12 -84.65
C ALA C 12 47.72 -4.42 -85.79
N ARG C 13 47.36 -4.76 -87.04
CA ARG C 13 48.08 -4.20 -88.18
C ARG C 13 47.73 -2.74 -88.42
N THR C 14 46.51 -2.32 -88.05
CA THR C 14 46.14 -0.93 -88.25
C THR C 14 46.92 -0.01 -87.31
N LYS C 15 47.06 -0.40 -86.04
CA LYS C 15 47.84 0.41 -85.12
C LYS C 15 49.33 0.39 -85.47
N LEU C 16 49.84 -0.74 -85.95
CA LEU C 16 51.21 -0.79 -86.44
C LEU C 16 51.41 0.18 -87.60
N LYS C 17 50.40 0.33 -88.45
CA LYS C 17 50.49 1.26 -89.57
C LYS C 17 50.59 2.71 -89.07
N VAL C 18 49.87 3.02 -87.99
CA VAL C 18 49.92 4.38 -87.44
C VAL C 18 51.34 4.74 -87.03
N GLY C 19 52.03 3.82 -86.36
CA GLY C 19 53.41 4.08 -85.99
C GLY C 19 54.33 4.17 -87.19
N VAL C 20 54.11 3.32 -88.19
CA VAL C 20 54.91 3.38 -89.41
C VAL C 20 54.69 4.71 -90.12
N ASP C 21 53.43 5.17 -90.18
CA ASP C 21 53.14 6.44 -90.82
C ASP C 21 53.79 7.60 -90.09
N LYS C 22 53.83 7.54 -88.75
CA LYS C 22 54.45 8.60 -87.98
C LYS C 22 55.95 8.66 -88.21
N LEU C 23 56.60 7.50 -88.34
CA LEU C 23 58.03 7.48 -88.62
C LEU C 23 58.32 7.97 -90.03
N ALA C 24 57.54 7.49 -91.01
CA ALA C 24 57.82 7.84 -92.41
C ALA C 24 57.53 9.30 -92.67
N ASN C 25 56.38 9.81 -92.19
CA ASN C 25 56.03 11.20 -92.46
C ASN C 25 57.02 12.18 -91.86
N ALA C 26 57.74 11.78 -90.82
CA ALA C 26 58.76 12.65 -90.23
C ALA C 26 60.04 12.66 -91.05
N VAL C 27 60.50 11.49 -91.51
CA VAL C 27 61.76 11.43 -92.24
C VAL C 27 61.60 11.80 -93.71
N LYS C 28 60.42 11.58 -94.29
CA LYS C 28 60.28 11.74 -95.73
C LYS C 28 60.30 13.20 -96.18
N VAL C 29 60.07 14.15 -95.26
CA VAL C 29 60.15 15.55 -95.61
C VAL C 29 61.58 16.01 -95.84
N THR C 30 62.57 15.19 -95.45
CA THR C 30 63.98 15.50 -95.65
C THR C 30 64.56 14.85 -96.90
N LEU C 31 63.75 14.12 -97.66
CA LEU C 31 64.27 13.33 -98.78
C LEU C 31 64.63 14.23 -99.96
N GLY C 32 65.72 13.87 -100.63
CA GLY C 32 66.14 14.59 -101.82
C GLY C 32 66.85 15.88 -101.51
N PRO C 33 67.43 16.50 -102.53
CA PRO C 33 68.10 17.80 -102.31
C PRO C 33 67.15 18.91 -101.94
N ALA C 34 65.87 18.78 -102.25
CA ALA C 34 64.85 19.76 -101.89
C ALA C 34 64.22 19.46 -100.53
N GLY C 35 64.74 18.47 -99.81
CA GLY C 35 64.15 18.08 -98.54
C GLY C 35 64.06 19.25 -97.58
N ARG C 36 62.97 19.29 -96.82
CA ARG C 36 62.67 20.40 -95.92
C ARG C 36 63.43 20.22 -94.60
N ASN C 37 63.11 21.07 -93.63
CA ASN C 37 63.84 21.14 -92.37
C ASN C 37 62.99 20.61 -91.23
N VAL C 38 63.66 19.95 -90.27
CA VAL C 38 62.99 19.37 -89.11
C VAL C 38 63.68 19.88 -87.85
N LEU C 39 62.89 20.38 -86.91
CA LEU C 39 63.40 20.88 -85.63
C LEU C 39 63.26 19.80 -84.57
N ILE C 40 64.34 19.55 -83.83
CA ILE C 40 64.37 18.54 -82.79
C ILE C 40 64.70 19.22 -81.47
N ASP C 41 63.79 19.12 -80.50
CA ASP C 41 63.97 19.79 -79.22
C ASP C 41 65.16 19.21 -78.48
N LYS C 42 65.78 20.04 -77.65
CA LYS C 42 66.90 19.65 -76.81
C LYS C 42 66.56 19.88 -75.34
N LYS C 43 67.49 19.52 -74.46
CA LYS C 43 67.27 19.68 -73.04
C LYS C 43 67.30 21.15 -72.64
N PHE C 44 68.33 21.87 -73.07
CA PHE C 44 68.48 23.28 -72.77
C PHE C 44 69.11 24.00 -73.96
N GLY C 45 68.71 25.23 -74.17
CA GLY C 45 69.24 26.02 -75.26
C GLY C 45 68.39 25.93 -76.51
N ALA C 46 69.05 26.18 -77.65
CA ALA C 46 68.38 26.17 -78.94
C ALA C 46 68.22 24.75 -79.46
N PRO C 47 67.15 24.48 -80.20
CA PRO C 47 66.93 23.13 -80.73
C PRO C 47 67.86 22.81 -81.89
N THR C 48 67.98 21.52 -82.17
CA THR C 48 68.76 21.04 -83.31
C THR C 48 67.90 21.09 -84.56
N SER C 49 68.44 21.68 -85.62
CA SER C 49 67.79 21.75 -86.92
C SER C 49 68.55 20.87 -87.89
N THR C 50 67.85 19.96 -88.56
CA THR C 50 68.50 18.99 -89.43
C THR C 50 67.66 18.72 -90.66
N LYS C 51 68.34 18.63 -91.81
CA LYS C 51 67.76 18.12 -93.04
C LYS C 51 68.10 16.65 -93.28
N ASP C 52 68.78 16.01 -92.35
CA ASP C 52 69.21 14.62 -92.51
C ASP C 52 68.11 13.67 -92.04
N GLY C 53 67.75 12.73 -92.91
CA GLY C 53 66.70 11.78 -92.56
C GLY C 53 67.11 10.80 -91.48
N VAL C 54 68.40 10.47 -91.41
CA VAL C 54 68.86 9.53 -90.40
C VAL C 54 68.78 10.13 -89.02
N THR C 55 69.13 11.41 -88.89
CA THR C 55 69.06 12.09 -87.60
C THR C 55 67.62 12.16 -87.09
N VAL C 56 66.68 12.48 -87.98
CA VAL C 56 65.27 12.50 -87.59
C VAL C 56 64.79 11.09 -87.27
N ALA C 57 65.31 10.08 -87.96
CA ALA C 57 64.87 8.71 -87.72
C ALA C 57 65.31 8.22 -86.34
N LYS C 58 66.54 8.52 -85.94
CA LYS C 58 67.03 8.07 -84.63
C LYS C 58 66.28 8.71 -83.48
N GLU C 59 65.55 9.80 -83.72
CA GLU C 59 64.83 10.51 -82.67
C GLU C 59 63.36 10.09 -82.58
N ILE C 60 62.91 9.14 -83.39
CA ILE C 60 61.49 8.79 -83.44
C ILE C 60 61.24 7.69 -82.42
N GLU C 61 60.45 8.02 -81.39
CA GLU C 61 60.01 7.06 -80.39
C GLU C 61 58.60 7.44 -79.97
N LEU C 62 57.71 6.46 -79.89
CA LEU C 62 56.29 6.72 -79.69
C LEU C 62 55.82 6.20 -78.35
N VAL C 63 54.76 6.83 -77.83
CA VAL C 63 54.25 6.46 -76.51
C VAL C 63 53.42 5.18 -76.57
N ASP C 64 52.65 5.00 -77.64
CA ASP C 64 51.85 3.79 -77.79
C ASP C 64 52.76 2.62 -78.13
N PRO C 65 52.74 1.54 -77.35
CA PRO C 65 53.71 0.45 -77.59
C PRO C 65 53.51 -0.25 -78.94
N VAL C 66 52.27 -0.48 -79.35
CA VAL C 66 52.03 -1.12 -80.65
C VAL C 66 52.46 -0.20 -81.78
N GLU C 67 52.12 1.09 -81.69
CA GLU C 67 52.58 2.05 -82.69
C GLU C 67 54.10 2.16 -82.66
N ASN C 68 54.70 2.09 -81.48
CA ASN C 68 56.16 2.18 -81.39
C ASN C 68 56.83 0.96 -82.02
N MET C 69 56.19 -0.21 -81.94
CA MET C 69 56.77 -1.41 -82.55
C MET C 69 56.88 -1.26 -84.06
N GLY C 70 55.83 -0.76 -84.70
CA GLY C 70 55.88 -0.55 -86.14
C GLY C 70 56.94 0.45 -86.55
N ALA C 71 57.15 1.47 -85.73
CA ALA C 71 58.18 2.46 -86.03
C ALA C 71 59.58 1.89 -85.86
N GLN C 72 59.78 1.05 -84.84
CA GLN C 72 61.10 0.47 -84.64
C GLN C 72 61.41 -0.64 -85.64
N MET C 73 60.37 -1.33 -86.12
CA MET C 73 60.56 -2.33 -87.17
C MET C 73 61.16 -1.69 -88.42
N VAL C 74 60.49 -0.64 -88.94
CA VAL C 74 60.98 0.02 -90.14
C VAL C 74 62.32 0.69 -89.89
N ARG C 75 62.51 1.24 -88.69
CA ARG C 75 63.78 1.89 -88.36
C ARG C 75 64.94 0.90 -88.43
N GLU C 76 64.79 -0.27 -87.79
CA GLU C 76 65.89 -1.23 -87.76
C GLU C 76 66.18 -1.80 -89.15
N VAL C 77 65.13 -2.08 -89.93
CA VAL C 77 65.34 -2.68 -91.24
C VAL C 77 65.89 -1.65 -92.22
N ALA C 78 65.35 -0.43 -92.20
CA ALA C 78 65.86 0.60 -93.11
C ALA C 78 67.27 1.04 -92.73
N SER C 79 67.64 0.92 -91.46
CA SER C 79 69.00 1.27 -91.06
C SER C 79 70.01 0.29 -91.63
N LYS C 80 69.61 -0.96 -91.87
CA LYS C 80 70.50 -1.94 -92.48
C LYS C 80 70.85 -1.57 -93.91
N THR C 81 70.04 -0.74 -94.57
CA THR C 81 70.39 -0.26 -95.89
C THR C 81 71.69 0.54 -95.86
N SER C 82 71.91 1.29 -94.78
CA SER C 82 73.07 2.17 -94.64
C SER C 82 74.27 1.49 -94.01
N ASP C 83 74.21 0.18 -93.76
CA ASP C 83 75.34 -0.54 -93.17
C ASP C 83 76.60 -0.31 -94.00
N VAL C 84 76.58 -0.69 -95.27
CA VAL C 84 77.45 -0.09 -96.27
C VAL C 84 76.55 0.49 -97.34
N ALA C 85 76.35 1.81 -97.29
CA ALA C 85 75.67 2.53 -98.37
C ALA C 85 76.32 3.88 -98.62
N GLY C 86 76.20 4.75 -97.62
CA GLY C 86 76.46 6.17 -97.75
C GLY C 86 75.20 7.01 -97.83
N ASP C 87 74.07 6.42 -98.23
CA ASP C 87 72.79 7.09 -98.34
C ASP C 87 71.69 6.03 -98.36
N GLY C 88 70.44 6.47 -98.53
CA GLY C 88 69.34 5.59 -98.82
C GLY C 88 68.51 5.13 -97.65
N THR C 89 68.79 5.60 -96.42
CA THR C 89 67.99 5.19 -95.28
C THR C 89 66.58 5.77 -95.36
N THR C 90 66.46 7.03 -95.77
CA THR C 90 65.14 7.65 -95.90
C THR C 90 64.34 7.03 -97.04
N THR C 91 65.02 6.62 -98.12
CA THR C 91 64.30 6.04 -99.25
C THR C 91 63.66 4.70 -98.87
N ALA C 92 64.37 3.87 -98.11
CA ALA C 92 63.81 2.59 -97.69
C ALA C 92 62.58 2.77 -96.82
N THR C 93 62.55 3.83 -96.01
CA THR C 93 61.39 4.07 -95.15
C THR C 93 60.19 4.54 -95.97
N VAL C 94 60.43 5.39 -96.97
CA VAL C 94 59.34 5.84 -97.84
C VAL C 94 58.76 4.66 -98.60
N LEU C 95 59.61 3.78 -99.11
CA LEU C 95 59.12 2.60 -99.82
C LEU C 95 58.36 1.66 -98.90
N ALA C 96 58.84 1.49 -97.66
CA ALA C 96 58.16 0.59 -96.72
C ALA C 96 56.78 1.11 -96.36
N GLN C 97 56.62 2.42 -96.26
CA GLN C 97 55.30 2.98 -95.96
C GLN C 97 54.32 2.75 -97.11
N ALA C 98 54.78 2.94 -98.35
CA ALA C 98 53.89 2.78 -99.49
C ALA C 98 53.47 1.33 -99.70
N ILE C 99 54.41 0.39 -99.53
CA ILE C 99 54.10 -1.02 -99.70
C ILE C 99 53.12 -1.48 -98.63
N TYR C 100 53.40 -1.13 -97.37
CA TYR C 100 52.55 -1.59 -96.28
C TYR C 100 51.18 -0.95 -96.31
N ARG C 101 51.09 0.31 -96.75
CA ARG C 101 49.79 0.97 -96.85
C ARG C 101 48.91 0.27 -97.88
N GLU C 102 49.42 0.12 -99.10
CA GLU C 102 48.64 -0.57 -100.13
C GLU C 102 48.44 -2.04 -99.81
N GLY C 103 49.36 -2.64 -99.04
CA GLY C 103 49.17 -4.01 -98.62
C GLY C 103 47.96 -4.18 -97.73
N LEU C 104 47.90 -3.42 -96.64
CA LEU C 104 46.74 -3.48 -95.74
C LEU C 104 45.46 -3.08 -96.46
N LYS C 105 45.55 -2.15 -97.41
CA LYS C 105 44.37 -1.72 -98.15
C LYS C 105 43.75 -2.89 -98.90
N ASN C 106 44.58 -3.76 -99.48
CA ASN C 106 44.06 -4.93 -100.18
C ASN C 106 43.71 -6.07 -99.23
N VAL C 107 44.41 -6.19 -98.10
CA VAL C 107 44.05 -7.21 -97.12
C VAL C 107 42.64 -6.95 -96.59
N THR C 108 42.30 -5.68 -96.36
CA THR C 108 40.95 -5.34 -95.95
C THR C 108 39.94 -5.67 -97.04
N ALA C 109 40.35 -5.56 -98.30
CA ALA C 109 39.48 -5.90 -99.43
C ALA C 109 39.28 -7.40 -99.58
N GLY C 110 39.96 -8.22 -98.78
CA GLY C 110 39.81 -9.66 -98.84
C GLY C 110 40.96 -10.42 -99.47
N ALA C 111 42.09 -9.78 -99.75
CA ALA C 111 43.24 -10.47 -100.31
C ALA C 111 44.01 -11.21 -99.22
N ARG C 112 44.56 -12.36 -99.58
CA ARG C 112 45.36 -13.12 -98.64
C ARG C 112 46.69 -12.42 -98.40
N PRO C 113 47.11 -12.23 -97.15
CA PRO C 113 48.41 -11.58 -96.91
C PRO C 113 49.59 -12.38 -97.46
N ILE C 114 49.52 -13.71 -97.41
CA ILE C 114 50.65 -14.51 -97.87
C ILE C 114 50.79 -14.45 -99.39
N ASP C 115 49.67 -14.42 -100.10
CA ASP C 115 49.73 -14.28 -101.56
C ASP C 115 50.23 -12.89 -101.95
N LEU C 116 49.91 -11.87 -101.15
CA LEU C 116 50.49 -10.55 -101.38
C LEU C 116 52.00 -10.60 -101.19
N LYS C 117 52.46 -11.24 -100.12
CA LYS C 117 53.88 -11.33 -99.85
C LYS C 117 54.61 -12.05 -100.98
N ARG C 118 54.02 -13.12 -101.51
CA ARG C 118 54.63 -13.82 -102.65
C ARG C 118 54.72 -12.92 -103.86
N GLY C 119 53.67 -12.14 -104.12
CA GLY C 119 53.72 -11.19 -105.23
C GLY C 119 54.72 -10.07 -105.00
N ILE C 120 54.85 -9.62 -103.75
CA ILE C 120 55.84 -8.59 -103.43
C ILE C 120 57.24 -9.10 -103.72
N ASP C 121 57.57 -10.29 -103.22
CA ASP C 121 58.93 -10.80 -103.34
C ASP C 121 59.29 -11.12 -104.79
N ARG C 122 58.34 -11.70 -105.55
CA ARG C 122 58.60 -11.95 -106.96
C ARG C 122 58.82 -10.65 -107.73
N ALA C 123 58.08 -9.61 -107.37
CA ALA C 123 58.24 -8.33 -108.06
C ALA C 123 59.57 -7.67 -107.77
N VAL C 124 60.10 -7.86 -106.55
CA VAL C 124 61.36 -7.23 -106.18
C VAL C 124 62.52 -7.86 -106.93
N LYS C 125 62.52 -9.20 -107.04
CA LYS C 125 63.60 -9.89 -107.74
C LYS C 125 63.72 -9.41 -109.18
N GLU C 126 62.59 -9.16 -109.84
CA GLU C 126 62.63 -8.69 -111.22
C GLU C 126 63.02 -7.22 -111.32
N VAL C 127 62.63 -6.40 -110.34
CA VAL C 127 63.05 -5.00 -110.35
C VAL C 127 64.55 -4.91 -110.09
N VAL C 128 65.06 -5.70 -109.14
CA VAL C 128 66.50 -5.70 -108.87
C VAL C 128 67.26 -6.22 -110.08
N ALA C 129 66.71 -7.23 -110.76
CA ALA C 129 67.36 -7.75 -111.97
C ALA C 129 67.46 -6.68 -113.04
N GLU C 130 66.36 -5.99 -113.32
CA GLU C 130 66.40 -4.88 -114.28
C GLU C 130 67.24 -3.73 -113.75
N LEU C 131 67.32 -3.57 -112.43
CA LEU C 131 68.16 -2.52 -111.86
C LEU C 131 69.63 -2.77 -112.15
N ARG C 132 70.04 -4.05 -112.24
CA ARG C 132 71.42 -4.36 -112.58
C ARG C 132 71.68 -4.26 -114.08
N ASN C 133 70.64 -4.49 -114.91
CA ASN C 133 70.82 -4.36 -116.36
C ASN C 133 71.07 -2.91 -116.75
N ILE C 134 70.33 -1.97 -116.16
CA ILE C 134 70.53 -0.55 -116.45
C ILE C 134 71.70 0.05 -115.68
N SER C 135 72.22 -0.67 -114.68
CA SER C 135 73.36 -0.19 -113.93
C SER C 135 74.61 -0.13 -114.81
N ARG C 136 75.54 0.73 -114.42
CA ARG C 136 76.79 0.93 -115.15
C ARG C 136 77.96 0.64 -114.22
N SER C 137 78.79 -0.34 -114.58
CA SER C 137 79.94 -0.68 -113.78
C SER C 137 80.95 0.47 -113.76
N ILE C 138 81.74 0.53 -112.69
CA ILE C 138 82.72 1.59 -112.50
C ILE C 138 84.08 0.94 -112.23
N SER C 139 85.03 1.16 -113.14
CA SER C 139 86.39 0.66 -112.98
C SER C 139 87.33 1.61 -113.70
N GLY C 140 88.53 1.72 -113.17
CA GLY C 140 89.52 2.62 -113.73
C GLY C 140 89.61 3.92 -112.96
N LYS C 141 90.81 4.52 -112.97
CA LYS C 141 91.06 5.72 -112.18
C LYS C 141 90.27 6.92 -112.68
N LYS C 142 89.86 6.92 -113.95
CA LYS C 142 89.13 8.08 -114.48
C LYS C 142 87.69 8.12 -114.00
N GLU C 143 87.01 6.96 -114.00
CA GLU C 143 85.62 6.93 -113.55
C GLU C 143 85.53 7.04 -112.04
N ILE C 144 86.48 6.41 -111.32
CA ILE C 144 86.46 6.48 -109.86
C ILE C 144 86.68 7.91 -109.39
N ALA C 145 87.54 8.66 -110.08
CA ALA C 145 87.79 10.05 -109.69
C ALA C 145 86.56 10.92 -109.87
N GLN C 146 85.73 10.62 -110.88
CA GLN C 146 84.51 11.41 -111.09
C GLN C 146 83.45 11.06 -110.05
N VAL C 147 83.30 9.77 -109.74
CA VAL C 147 82.33 9.37 -108.73
C VAL C 147 82.74 9.89 -107.35
N GLY C 148 84.04 9.82 -107.04
CA GLY C 148 84.51 10.40 -105.79
C GLY C 148 84.32 11.90 -105.73
N THR C 149 84.41 12.58 -106.88
CA THR C 149 84.18 14.02 -106.92
C THR C 149 82.72 14.35 -106.64
N ILE C 150 81.80 13.57 -107.23
CA ILE C 150 80.37 13.79 -106.96
C ILE C 150 80.06 13.51 -105.50
N SER C 151 80.64 12.45 -104.94
CA SER C 151 80.46 12.14 -103.54
C SER C 151 81.15 13.14 -102.62
N ALA C 152 82.08 13.92 -103.16
CA ALA C 152 82.79 14.95 -102.41
C ALA C 152 82.10 16.31 -102.47
N ASN C 153 80.88 16.35 -103.03
CA ASN C 153 80.17 17.61 -103.29
C ASN C 153 80.94 18.47 -104.28
N ASN C 154 81.30 17.85 -105.41
CA ASN C 154 81.99 18.51 -106.52
C ASN C 154 83.35 19.06 -106.07
N ASP C 155 84.14 18.20 -105.46
CA ASP C 155 85.53 18.54 -105.11
C ASP C 155 86.45 17.67 -105.95
N PRO C 156 87.14 18.23 -106.95
CA PRO C 156 87.93 17.37 -107.85
C PRO C 156 89.12 16.71 -107.19
N GLU C 157 89.78 17.38 -106.26
CA GLU C 157 90.98 16.81 -105.65
C GLU C 157 90.65 15.66 -104.70
N ILE C 158 89.46 15.68 -104.11
CA ILE C 158 89.05 14.57 -103.25
C ILE C 158 88.77 13.32 -104.07
N GLY C 159 88.16 13.50 -105.24
CA GLY C 159 87.92 12.36 -106.12
C GLY C 159 89.20 11.75 -106.65
N GLU C 160 90.18 12.60 -106.98
CA GLU C 160 91.48 12.09 -107.40
C GLU C 160 92.19 11.38 -106.25
N LEU C 161 92.02 11.89 -105.02
CA LEU C 161 92.64 11.25 -103.87
C LEU C 161 92.10 9.84 -103.66
N ILE C 162 90.79 9.65 -103.85
CA ILE C 162 90.21 8.32 -103.73
C ILE C 162 90.63 7.43 -104.90
N ALA C 163 90.71 8.01 -106.10
CA ALA C 163 91.07 7.23 -107.27
C ALA C 163 92.52 6.78 -107.21
N GLU C 164 93.44 7.69 -106.88
CA GLU C 164 94.84 7.32 -106.80
C GLU C 164 95.10 6.37 -105.63
N ALA C 165 94.33 6.49 -104.55
CA ALA C 165 94.46 5.54 -103.45
C ALA C 165 93.98 4.15 -103.86
N MET C 166 92.84 4.08 -104.56
CA MET C 166 92.35 2.81 -105.07
C MET C 166 93.14 2.32 -106.27
N ASP C 167 93.99 3.16 -106.85
CA ASP C 167 94.81 2.71 -107.98
C ASP C 167 95.99 1.88 -107.51
N LYS C 168 96.62 2.27 -106.40
CA LYS C 168 97.78 1.55 -105.89
C LYS C 168 97.36 0.29 -105.13
N VAL C 169 96.35 0.39 -104.27
CA VAL C 169 95.94 -0.74 -103.44
C VAL C 169 94.85 -1.60 -104.10
N GLY C 170 94.29 -1.15 -105.21
CA GLY C 170 93.24 -1.90 -105.88
C GLY C 170 91.85 -1.49 -105.44
N LYS C 171 90.85 -2.11 -106.08
CA LYS C 171 89.47 -1.81 -105.77
C LYS C 171 89.07 -2.34 -104.41
N ASP C 172 89.51 -3.56 -104.07
CA ASP C 172 89.20 -4.18 -102.79
C ASP C 172 90.24 -3.87 -101.72
N GLY C 173 91.23 -3.04 -102.02
CA GLY C 173 92.27 -2.73 -101.07
C GLY C 173 91.75 -1.98 -99.86
N VAL C 174 92.58 -1.94 -98.83
CA VAL C 174 92.24 -1.28 -97.57
C VAL C 174 92.64 0.18 -97.64
N ILE C 175 91.69 1.08 -97.38
CA ILE C 175 91.92 2.51 -97.38
C ILE C 175 91.45 3.07 -96.04
N THR C 176 92.33 3.81 -95.37
CA THR C 176 92.01 4.45 -94.10
C THR C 176 92.25 5.95 -94.22
N VAL C 177 91.63 6.71 -93.31
CA VAL C 177 91.70 8.16 -93.32
C VAL C 177 92.10 8.64 -91.94
N GLU C 178 93.13 9.50 -91.88
CA GLU C 178 93.58 10.13 -90.66
C GLU C 178 93.70 11.63 -90.89
N GLU C 179 94.18 12.34 -89.88
CA GLU C 179 94.37 13.79 -89.94
C GLU C 179 95.81 14.12 -90.27
N ALA C 180 96.00 15.05 -91.19
CA ALA C 180 97.34 15.45 -91.60
C ALA C 180 98.01 16.31 -90.53
N LYS C 181 99.33 16.37 -90.59
CA LYS C 181 100.13 17.17 -89.67
C LYS C 181 100.32 18.61 -90.13
N GLY C 182 99.69 19.01 -91.23
CA GLY C 182 99.87 20.35 -91.74
C GLY C 182 98.98 20.61 -92.93
N MET C 183 99.35 21.64 -93.69
CA MET C 183 98.55 22.03 -94.85
C MET C 183 98.53 20.95 -95.92
N GLU C 184 99.67 20.29 -96.15
CA GLU C 184 99.78 19.35 -97.25
C GLU C 184 98.92 18.12 -97.02
N THR C 185 98.16 17.74 -98.04
CA THR C 185 97.39 16.50 -98.04
C THR C 185 98.20 15.45 -98.79
N GLU C 186 98.65 14.43 -98.08
CA GLU C 186 99.60 13.45 -98.61
C GLU C 186 98.99 12.05 -98.59
N LEU C 187 99.24 11.30 -99.65
CA LEU C 187 98.85 9.89 -99.75
C LEU C 187 100.11 9.04 -99.82
N LYS C 188 100.21 8.05 -98.93
CA LYS C 188 101.33 7.12 -98.93
C LYS C 188 100.82 5.73 -98.57
N VAL C 189 101.32 4.73 -99.29
CA VAL C 189 100.95 3.34 -99.06
C VAL C 189 101.86 2.77 -97.97
N VAL C 190 101.26 2.28 -96.90
CA VAL C 190 102.00 1.74 -95.76
C VAL C 190 101.63 0.26 -95.60
N GLU C 191 102.56 -0.50 -95.05
CA GLU C 191 102.33 -1.92 -94.83
C GLU C 191 101.34 -2.13 -93.70
N GLY C 192 100.56 -3.20 -93.82
CA GLY C 192 99.61 -3.56 -92.79
C GLY C 192 98.44 -4.33 -93.37
N MET C 193 97.54 -4.74 -92.47
CA MET C 193 96.36 -5.49 -92.84
C MET C 193 95.17 -5.00 -92.03
N GLN C 194 93.97 -5.39 -92.46
CA GLN C 194 92.74 -5.04 -91.77
C GLN C 194 91.75 -6.18 -91.94
N PHE C 195 90.99 -6.47 -90.88
CA PHE C 195 89.94 -7.47 -90.90
C PHE C 195 88.61 -6.83 -90.50
N ASP C 196 87.55 -7.64 -90.52
CA ASP C 196 86.20 -7.14 -90.34
C ASP C 196 85.72 -7.14 -88.88
N ARG C 197 86.56 -7.52 -87.94
CA ARG C 197 86.16 -7.52 -86.54
C ARG C 197 86.34 -6.12 -85.95
N GLY C 198 86.00 -5.96 -84.68
CA GLY C 198 86.10 -4.67 -84.04
C GLY C 198 86.09 -4.77 -82.53
N TYR C 199 86.02 -3.61 -81.89
CA TYR C 199 86.07 -3.55 -80.44
C TYR C 199 84.88 -4.27 -79.81
N LEU C 200 85.14 -4.98 -78.72
CA LEU C 200 84.12 -5.80 -78.07
C LEU C 200 83.19 -4.98 -77.17
N SER C 201 83.54 -3.75 -76.84
CA SER C 201 82.71 -2.89 -76.01
C SER C 201 82.54 -1.53 -76.67
N PRO C 202 81.69 -0.67 -76.12
CA PRO C 202 81.57 0.69 -76.66
C PRO C 202 82.74 1.60 -76.32
N TYR C 203 83.43 1.34 -75.21
CA TYR C 203 84.39 2.28 -74.66
C TYR C 203 85.74 2.16 -75.38
N PHE C 204 86.77 2.79 -74.80
CA PHE C 204 88.13 2.81 -75.33
C PHE C 204 88.22 3.55 -76.66
N VAL C 205 87.40 4.59 -76.85
CA VAL C 205 87.50 5.40 -78.06
C VAL C 205 88.80 6.21 -78.06
N THR C 206 89.29 6.57 -76.87
CA THR C 206 90.55 7.30 -76.72
C THR C 206 90.58 8.59 -77.55
N ALA C 213 90.39 4.52 -80.77
CA ALA C 213 91.45 3.77 -80.12
C ALA C 213 92.75 3.85 -80.92
N GLU C 214 93.62 4.78 -80.52
CA GLU C 214 94.91 4.98 -81.15
C GLU C 214 96.00 4.49 -80.21
N LEU C 215 96.70 3.44 -80.61
CA LEU C 215 97.72 2.81 -79.77
C LEU C 215 99.05 2.80 -80.52
N ASP C 216 100.08 3.36 -79.90
CA ASP C 216 101.43 3.34 -80.45
C ASP C 216 102.23 2.23 -79.78
N GLU C 217 102.90 1.41 -80.59
CA GLU C 217 103.67 0.26 -80.12
C GLU C 217 102.76 -0.69 -79.32
N ALA C 218 101.88 -1.35 -80.07
CA ALA C 218 100.83 -2.18 -79.45
C ALA C 218 101.42 -3.25 -78.55
N LEU C 219 102.45 -3.96 -79.04
CA LEU C 219 103.10 -5.03 -78.28
C LEU C 219 102.10 -6.08 -77.80
N LEU C 221 98.97 -9.45 -78.43
CA LEU C 221 98.51 -10.66 -77.74
C LEU C 221 97.48 -11.41 -78.58
N ILE C 222 97.86 -12.57 -79.09
CA ILE C 222 97.01 -13.40 -79.93
C ILE C 222 96.70 -14.67 -79.17
N HIS C 223 95.43 -14.83 -78.76
CA HIS C 223 95.00 -15.96 -77.95
C HIS C 223 93.77 -16.58 -78.60
N ASP C 224 93.87 -17.86 -78.96
CA ASP C 224 92.75 -18.53 -79.61
C ASP C 224 91.70 -18.99 -78.59
N LYS C 225 92.14 -19.49 -77.45
CA LYS C 225 91.24 -20.05 -76.45
C LYS C 225 90.77 -18.96 -75.49
N LYS C 226 90.09 -19.36 -74.42
CA LYS C 226 89.58 -18.42 -73.43
C LYS C 226 90.71 -17.80 -72.61
N LEU C 234 96.49 -13.67 -67.97
CA LEU C 234 96.14 -12.82 -66.84
C LEU C 234 97.35 -12.05 -66.25
N PRO C 235 98.46 -12.74 -65.95
CA PRO C 235 99.63 -12.00 -65.41
C PRO C 235 100.32 -11.12 -66.43
N ILE C 236 100.10 -11.34 -67.73
CA ILE C 236 100.80 -10.56 -68.74
C ILE C 236 100.27 -9.13 -68.79
N LEU C 237 98.99 -8.93 -68.47
CA LEU C 237 98.43 -7.59 -68.51
C LEU C 237 99.15 -6.64 -67.56
N GLU C 238 99.45 -7.11 -66.35
CA GLU C 238 100.24 -6.32 -65.42
C GLU C 238 101.72 -6.31 -65.79
N LYS C 239 102.19 -7.32 -66.54
CA LYS C 239 103.58 -7.34 -66.99
C LYS C 239 103.80 -6.37 -68.14
N ALA C 240 102.89 -6.37 -69.12
CA ALA C 240 103.02 -5.51 -70.29
C ALA C 240 102.62 -4.06 -70.00
N ALA C 241 102.04 -3.78 -68.84
CA ALA C 241 101.64 -2.42 -68.52
C ALA C 241 102.85 -1.53 -68.26
N GLN C 242 103.77 -2.00 -67.44
CA GLN C 242 104.98 -1.22 -67.14
C GLN C 242 105.87 -1.10 -68.37
N SER C 243 106.25 -2.24 -68.95
CA SER C 243 107.13 -2.24 -70.11
C SER C 243 107.05 -3.58 -70.85
N ARG C 245 102.93 2.10 -73.93
CA ARG C 245 102.84 0.84 -74.65
C ARG C 245 101.47 0.19 -74.45
N PRO C 246 100.42 0.82 -74.98
CA PRO C 246 99.07 0.26 -74.83
C PRO C 246 98.94 -1.07 -75.56
N LEU C 247 98.35 -2.04 -74.90
CA LEU C 247 98.26 -3.41 -75.40
C LEU C 247 96.91 -3.66 -76.06
N LEU C 248 96.95 -4.36 -77.19
CA LEU C 248 95.75 -4.84 -77.86
C LEU C 248 95.62 -6.34 -77.65
N ILE C 249 94.44 -6.77 -77.23
CA ILE C 249 94.17 -8.17 -76.90
C ILE C 249 93.26 -8.73 -77.97
N ILE C 250 93.77 -9.68 -78.75
CA ILE C 250 93.01 -10.36 -79.79
C ILE C 250 92.68 -11.74 -79.27
N ALA C 251 91.40 -11.98 -78.97
CA ALA C 251 90.97 -13.27 -78.44
C ALA C 251 89.49 -13.44 -78.73
N GLU C 252 89.03 -14.70 -78.64
CA GLU C 252 87.61 -14.99 -78.82
C GLU C 252 86.76 -14.51 -77.66
N ASP C 253 87.38 -14.12 -76.54
CA ASP C 253 86.64 -13.63 -75.38
C ASP C 253 86.19 -12.18 -75.58
N VAL C 273 95.40 -1.49 -73.97
CA VAL C 273 94.22 -1.08 -73.22
C VAL C 273 92.96 -1.25 -74.07
N ALA C 274 92.98 -2.23 -74.96
CA ALA C 274 91.85 -2.49 -75.83
C ALA C 274 91.81 -3.98 -76.16
N ALA C 275 90.59 -4.48 -76.41
CA ALA C 275 90.37 -5.89 -76.71
C ALA C 275 89.46 -6.01 -77.92
N VAL C 276 89.80 -6.92 -78.82
CA VAL C 276 89.06 -7.13 -80.07
C VAL C 276 88.82 -8.63 -80.23
N LYS C 277 87.61 -8.98 -80.68
CA LYS C 277 87.28 -10.38 -80.91
C LYS C 277 88.12 -10.94 -82.06
N ALA C 278 88.27 -12.26 -82.07
CA ALA C 278 89.06 -12.94 -83.07
C ALA C 278 88.37 -12.92 -84.44
N GLY C 282 85.67 -19.42 -88.15
CA GLY C 282 85.70 -20.79 -87.69
C GLY C 282 86.98 -21.51 -88.06
N ASP C 283 86.93 -22.28 -89.14
CA ASP C 283 88.14 -22.98 -89.60
C ASP C 283 89.16 -22.02 -90.18
N ARG C 284 88.71 -20.94 -90.82
CA ARG C 284 89.61 -19.92 -91.34
C ARG C 284 90.00 -18.89 -90.29
N ARG C 285 89.46 -18.98 -89.07
CA ARG C 285 89.81 -18.01 -88.04
C ARG C 285 91.22 -18.26 -87.51
N LYS C 286 91.54 -19.51 -87.19
CA LYS C 286 92.87 -19.81 -86.66
C LYS C 286 93.94 -19.68 -87.74
N ALA C 287 93.60 -19.98 -89.00
CA ALA C 287 94.57 -19.81 -90.08
C ALA C 287 95.00 -18.36 -90.22
N MET C 288 94.10 -17.41 -89.97
CA MET C 288 94.44 -15.99 -90.00
C MET C 288 95.13 -15.53 -88.73
N LEU C 289 95.00 -16.27 -87.62
CA LEU C 289 95.71 -15.90 -86.41
C LEU C 289 97.22 -16.01 -86.59
N GLU C 290 97.67 -17.03 -87.32
CA GLU C 290 99.09 -17.14 -87.63
C GLU C 290 99.52 -16.09 -88.65
N ASP C 291 98.61 -15.70 -89.55
CA ASP C 291 98.92 -14.64 -90.50
C ASP C 291 99.18 -13.31 -89.79
N ILE C 292 98.35 -12.99 -88.80
CA ILE C 292 98.59 -11.80 -88.00
C ILE C 292 99.85 -11.96 -87.16
N ALA C 293 100.14 -13.20 -86.72
CA ALA C 293 101.33 -13.44 -85.93
C ALA C 293 102.60 -13.30 -86.75
N ILE C 294 102.52 -13.53 -88.07
CA ILE C 294 103.68 -13.35 -88.92
C ILE C 294 103.88 -11.87 -89.26
N LEU C 295 102.80 -11.16 -89.56
CA LEU C 295 102.92 -9.73 -89.82
C LEU C 295 103.37 -8.98 -88.58
N THR C 296 102.78 -9.29 -87.43
CA THR C 296 103.28 -8.80 -86.16
C THR C 296 104.55 -9.55 -85.76
N GLY C 297 105.31 -8.95 -84.84
CA GLY C 297 106.54 -9.56 -84.39
C GLY C 297 106.40 -10.66 -83.37
N GLY C 298 105.18 -11.11 -83.08
CA GLY C 298 104.93 -12.11 -82.06
C GLY C 298 104.56 -13.45 -82.62
N THR C 299 103.86 -14.24 -81.79
CA THR C 299 103.40 -15.57 -82.18
C THR C 299 102.07 -15.84 -81.50
N VAL C 300 101.34 -16.82 -82.03
CA VAL C 300 100.02 -17.16 -81.48
C VAL C 300 100.20 -17.88 -80.16
N ILE C 301 99.44 -17.46 -79.14
CA ILE C 301 99.47 -18.10 -77.84
C ILE C 301 98.43 -19.21 -77.77
N LYS C 305 97.88 -26.44 -79.92
CA LYS C 305 97.72 -25.38 -78.93
C LYS C 305 98.57 -25.66 -77.71
N GLY C 306 99.89 -25.65 -77.88
CA GLY C 306 100.81 -25.93 -76.80
C GLY C 306 101.29 -24.70 -76.07
N TYR C 307 100.55 -23.60 -76.18
CA TYR C 307 100.90 -22.34 -75.54
C TYR C 307 99.83 -21.97 -74.52
N LYS C 308 100.27 -21.63 -73.32
CA LYS C 308 99.37 -21.25 -72.23
C LYS C 308 99.41 -19.74 -72.04
N LEU C 309 98.23 -19.13 -71.93
CA LEU C 309 98.16 -17.68 -71.76
C LEU C 309 98.72 -17.21 -70.44
N GLU C 310 98.76 -18.09 -69.42
CA GLU C 310 99.30 -17.70 -68.13
C GLU C 310 100.83 -17.71 -68.14
N ASN C 311 101.44 -18.70 -68.80
CA ASN C 311 102.89 -18.84 -68.84
C ASN C 311 103.51 -18.20 -70.07
N ALA C 312 102.72 -17.52 -70.91
CA ALA C 312 103.25 -16.96 -72.14
C ALA C 312 104.18 -15.78 -71.84
N THR C 313 105.36 -15.79 -72.45
CA THR C 313 106.31 -14.69 -72.31
C THR C 313 105.88 -13.51 -73.16
N MET C 314 106.38 -12.32 -72.79
CA MET C 314 106.03 -11.10 -73.52
C MET C 314 106.66 -11.07 -74.91
N ALA C 315 107.65 -11.93 -75.18
CA ALA C 315 108.23 -11.99 -76.51
C ALA C 315 107.26 -12.53 -77.54
N TYR C 316 106.18 -13.19 -77.11
CA TYR C 316 105.15 -13.68 -78.03
C TYR C 316 104.17 -12.60 -78.44
N LEU C 317 104.23 -11.41 -77.85
CA LEU C 317 103.30 -10.34 -78.17
C LEU C 317 103.78 -9.60 -79.41
N GLY C 318 102.95 -9.57 -80.45
CA GLY C 318 103.29 -8.84 -81.65
C GLY C 318 103.18 -7.34 -81.43
N GLN C 319 104.19 -6.61 -81.91
CA GLN C 319 104.28 -5.17 -81.74
C GLN C 319 104.19 -4.50 -83.10
N ALA C 320 103.21 -3.62 -83.27
CA ALA C 320 103.01 -2.87 -84.50
C ALA C 320 103.28 -1.39 -84.23
N ALA C 321 103.12 -0.58 -85.29
CA ALA C 321 103.37 0.86 -85.17
C ALA C 321 102.16 1.57 -84.55
N ARG C 322 101.06 1.61 -85.28
CA ARG C 322 99.85 2.28 -84.81
C ARG C 322 98.63 1.43 -85.17
N ILE C 323 97.70 1.33 -84.23
CA ILE C 323 96.46 0.58 -84.41
C ILE C 323 95.29 1.54 -84.26
N THR C 324 94.32 1.43 -85.17
CA THR C 324 93.12 2.25 -85.13
C THR C 324 91.90 1.34 -85.16
N ILE C 325 91.13 1.35 -84.08
CA ILE C 325 89.96 0.51 -83.92
C ILE C 325 88.78 1.37 -83.50
N ASP C 326 87.67 1.25 -84.21
CA ASP C 326 86.48 2.02 -83.85
C ASP C 326 85.30 1.10 -83.57
N LYS C 327 84.67 0.58 -84.63
CA LYS C 327 83.49 -0.26 -84.45
C LYS C 327 83.58 -1.54 -85.26
N ASP C 328 83.49 -1.42 -86.59
CA ASP C 328 83.43 -2.59 -87.47
C ASP C 328 84.77 -2.95 -88.08
N ASN C 329 85.83 -2.18 -87.80
CA ASN C 329 87.12 -2.41 -88.44
C ASN C 329 88.25 -2.27 -87.44
N THR C 330 89.32 -3.04 -87.68
CA THR C 330 90.55 -2.95 -86.91
C THR C 330 91.71 -2.89 -87.88
N THR C 331 92.44 -1.78 -87.86
CA THR C 331 93.52 -1.53 -88.81
C THR C 331 94.86 -1.64 -88.11
N ILE C 332 95.73 -2.50 -88.63
CA ILE C 332 97.09 -2.68 -88.13
C ILE C 332 98.05 -2.11 -89.17
N VAL C 333 98.93 -1.22 -88.73
CA VAL C 333 99.87 -0.54 -89.61
C VAL C 333 101.29 -0.86 -89.16
N GLU C 334 102.10 -1.38 -90.09
CA GLU C 334 103.50 -1.69 -89.84
C GLU C 334 103.65 -2.66 -88.67
N GLY C 335 103.26 -3.91 -88.93
CA GLY C 335 103.29 -4.95 -87.91
C GLY C 335 104.66 -5.28 -87.38
N LYS C 336 105.72 -4.77 -88.01
CA LYS C 336 107.09 -4.95 -87.53
C LYS C 336 107.46 -6.42 -87.41
N GLY C 337 106.98 -7.24 -88.34
CA GLY C 337 107.35 -8.63 -88.39
C GLY C 337 108.56 -8.86 -89.28
N LYS C 338 109.00 -10.12 -89.31
CA LYS C 338 110.17 -10.49 -90.12
C LYS C 338 109.80 -10.42 -91.59
N GLN C 339 110.57 -9.64 -92.35
CA GLN C 339 110.31 -9.51 -93.78
C GLN C 339 110.57 -10.82 -94.51
N GLU C 340 111.45 -11.66 -93.97
CA GLU C 340 111.70 -12.97 -94.57
C GLU C 340 110.57 -13.94 -94.26
N GLU C 341 110.01 -13.86 -93.05
CA GLU C 341 108.90 -14.74 -92.70
C GLU C 341 107.61 -14.34 -93.40
N ILE C 342 107.40 -13.04 -93.61
CA ILE C 342 106.21 -12.60 -94.32
C ILE C 342 106.31 -12.95 -95.79
N LYS C 343 107.50 -12.83 -96.38
CA LYS C 343 107.67 -13.20 -97.78
C LYS C 343 107.59 -14.71 -97.97
N ALA C 344 107.91 -15.48 -96.92
CA ALA C 344 107.82 -16.94 -97.02
C ALA C 344 106.39 -17.43 -96.91
N ARG C 345 105.58 -16.77 -96.06
CA ARG C 345 104.18 -17.18 -95.91
C ARG C 345 103.38 -16.94 -97.18
N ILE C 346 103.78 -15.95 -97.98
CA ILE C 346 103.09 -15.69 -99.24
C ILE C 346 103.29 -16.86 -100.22
N ASN C 347 104.51 -17.41 -100.27
CA ASN C 347 104.78 -18.54 -101.14
C ASN C 347 104.11 -19.82 -100.67
N GLU C 348 103.80 -19.93 -99.38
CA GLU C 348 103.14 -21.13 -98.87
C GLU C 348 101.71 -21.21 -99.40
N ILE C 349 101.04 -20.08 -99.56
CA ILE C 349 99.68 -20.08 -100.10
C ILE C 349 99.71 -20.30 -101.60
N LYS C 350 100.29 -19.35 -102.34
CA LYS C 350 100.38 -19.46 -103.79
C LYS C 350 101.46 -20.46 -104.18
N SER C 358 87.57 -26.88 -102.71
CA SER C 358 88.47 -26.79 -103.86
C SER C 358 88.04 -25.69 -104.83
N ASP C 359 86.77 -25.29 -104.73
CA ASP C 359 86.22 -24.22 -105.56
C ASP C 359 85.97 -22.98 -104.72
N TYR C 360 84.96 -22.99 -103.85
CA TYR C 360 84.72 -21.86 -102.95
C TYR C 360 85.68 -21.86 -101.77
N ASP C 361 86.24 -23.02 -101.41
CA ASP C 361 87.22 -23.07 -100.34
C ASP C 361 88.60 -22.61 -100.79
N THR C 362 88.91 -22.79 -102.08
CA THR C 362 90.20 -22.32 -102.59
C THR C 362 90.24 -20.80 -102.66
N GLU C 363 89.14 -20.17 -103.06
CA GLU C 363 89.04 -18.72 -103.07
C GLU C 363 88.85 -18.12 -101.69
N LYS C 364 88.47 -18.95 -100.69
CA LYS C 364 88.31 -18.44 -99.34
C LYS C 364 89.67 -18.10 -98.72
N LEU C 365 90.63 -19.03 -98.80
CA LEU C 365 91.98 -18.77 -98.33
C LEU C 365 92.79 -17.94 -99.31
N GLN C 366 92.29 -17.73 -100.53
CA GLN C 366 92.96 -16.83 -101.46
C GLN C 366 92.81 -15.37 -101.05
N GLU C 367 91.78 -15.04 -100.26
CA GLU C 367 91.65 -13.68 -99.75
C GLU C 367 92.71 -13.36 -98.70
N ARG C 368 93.20 -14.39 -98.00
CA ARG C 368 94.29 -14.18 -97.05
C ARG C 368 95.59 -13.79 -97.75
N LEU C 369 95.72 -14.11 -99.04
CA LEU C 369 96.89 -13.67 -99.81
C LEU C 369 96.90 -12.16 -99.98
N ALA C 370 95.72 -11.54 -100.10
CA ALA C 370 95.64 -10.09 -100.23
C ALA C 370 95.94 -9.38 -98.91
N LYS C 371 95.83 -10.08 -97.78
CA LYS C 371 96.13 -9.46 -96.50
C LYS C 371 97.63 -9.23 -96.32
N LEU C 372 98.43 -10.26 -96.57
CA LEU C 372 99.87 -10.15 -96.38
C LEU C 372 100.53 -9.40 -97.53
N SER C 373 100.13 -9.68 -98.77
CA SER C 373 100.75 -9.02 -99.92
C SER C 373 100.31 -7.57 -100.03
N GLY C 374 99.03 -7.29 -99.77
CA GLY C 374 98.53 -5.94 -99.92
C GLY C 374 98.81 -5.08 -98.71
N GLY C 375 98.90 -3.76 -98.96
CA GLY C 375 99.14 -2.79 -97.92
C GLY C 375 97.88 -2.03 -97.55
N VAL C 376 98.08 -0.99 -96.73
CA VAL C 376 97.01 -0.12 -96.27
C VAL C 376 97.39 1.32 -96.59
N ALA C 377 96.64 1.96 -97.47
CA ALA C 377 96.89 3.35 -97.82
C ALA C 377 96.28 4.27 -96.78
N VAL C 378 97.00 5.34 -96.46
CA VAL C 378 96.59 6.31 -95.46
C VAL C 378 96.33 7.65 -96.15
N LEU C 379 95.15 8.21 -95.91
CA LEU C 379 94.77 9.51 -96.45
C LEU C 379 94.81 10.52 -95.31
N LYS C 380 95.78 11.42 -95.36
CA LYS C 380 95.95 12.48 -94.35
C LYS C 380 95.54 13.79 -94.98
N ILE C 381 94.41 14.33 -94.53
CA ILE C 381 93.84 15.56 -95.09
C ILE C 381 94.12 16.70 -94.13
N GLY C 382 94.49 17.86 -94.67
CA GLY C 382 94.78 19.02 -93.86
C GLY C 382 94.41 20.29 -94.58
N ALA C 383 94.31 21.37 -93.81
CA ALA C 383 93.88 22.66 -94.33
C ALA C 383 94.49 23.76 -93.47
N SER C 384 94.02 25.00 -93.68
CA SER C 384 94.57 26.13 -92.94
C SER C 384 94.15 26.09 -91.48
N THR C 385 92.91 25.71 -91.21
CA THR C 385 92.37 25.68 -89.86
C THR C 385 91.78 24.30 -89.56
N GLU C 386 91.58 24.03 -88.27
CA GLU C 386 91.02 22.76 -87.86
C GLU C 386 89.55 22.63 -88.22
N VAL C 387 88.83 23.75 -88.27
CA VAL C 387 87.41 23.70 -88.64
C VAL C 387 87.25 23.28 -90.10
N GLU C 388 88.13 23.78 -90.97
CA GLU C 388 88.12 23.37 -92.37
C GLU C 388 88.76 22.00 -92.57
N MET C 389 89.63 21.58 -91.65
CA MET C 389 90.29 20.28 -91.75
C MET C 389 89.33 19.15 -91.37
N LYS C 390 88.86 19.14 -90.12
CA LYS C 390 87.99 18.07 -89.65
C LYS C 390 86.71 17.97 -90.47
N GLU C 391 86.26 19.08 -91.04
CA GLU C 391 85.08 19.03 -91.90
C GLU C 391 85.42 18.36 -93.23
N LYS C 392 86.53 18.77 -93.86
CA LYS C 392 86.95 18.14 -95.10
C LYS C 392 87.38 16.69 -94.88
N LYS C 393 87.94 16.39 -93.71
CA LYS C 393 88.32 15.01 -93.40
C LYS C 393 87.09 14.12 -93.30
N ALA C 394 85.97 14.66 -92.83
CA ALA C 394 84.72 13.89 -92.80
C ALA C 394 84.11 13.76 -94.19
N ARG C 395 84.36 14.73 -95.08
CA ARG C 395 83.85 14.63 -96.44
C ARG C 395 84.60 13.55 -97.23
N VAL C 396 85.88 13.34 -96.91
CA VAL C 396 86.63 12.28 -97.59
C VAL C 396 86.13 10.92 -97.13
N GLU C 397 85.85 10.76 -95.84
CA GLU C 397 85.34 9.48 -95.35
C GLU C 397 83.95 9.19 -95.92
N ASP C 398 83.11 10.23 -96.07
CA ASP C 398 81.79 10.02 -96.64
C ASP C 398 81.87 9.79 -98.14
N ALA C 399 82.82 10.41 -98.83
CA ALA C 399 82.97 10.20 -100.26
C ALA C 399 83.62 8.86 -100.56
N LEU C 400 84.56 8.42 -99.72
CA LEU C 400 85.18 7.13 -99.91
C LEU C 400 84.18 6.00 -99.74
N HIS C 401 83.30 6.12 -98.74
CA HIS C 401 82.30 5.08 -98.51
C HIS C 401 81.35 4.96 -99.68
N ALA C 402 80.94 6.09 -100.27
CA ALA C 402 80.07 6.05 -101.44
C ALA C 402 80.81 5.51 -102.65
N THR C 403 82.08 5.87 -102.80
CA THR C 403 82.88 5.36 -103.91
C THR C 403 83.09 3.85 -103.80
N ARG C 404 83.32 3.36 -102.58
CA ARG C 404 83.47 1.92 -102.39
C ARG C 404 82.21 1.17 -102.79
N ALA C 405 81.03 1.74 -102.49
CA ALA C 405 79.77 1.09 -102.87
C ALA C 405 79.52 1.18 -104.37
N ALA C 406 79.99 2.25 -105.01
CA ALA C 406 79.78 2.41 -106.44
C ALA C 406 80.61 1.42 -107.25
N VAL C 407 81.77 1.01 -106.73
CA VAL C 407 82.62 0.06 -107.44
C VAL C 407 82.05 -1.35 -107.36
N GLN C 408 81.31 -1.67 -106.31
CA GLN C 408 80.86 -3.04 -106.10
C GLN C 408 79.70 -3.40 -107.03
N GLU C 409 78.53 -2.82 -106.80
CA GLU C 409 77.33 -3.15 -107.55
C GLU C 409 77.03 -2.18 -108.69
N GLY C 410 77.88 -1.17 -108.89
CA GLY C 410 77.69 -0.23 -109.97
C GLY C 410 77.00 1.05 -109.53
N ILE C 411 76.48 1.77 -110.52
CA ILE C 411 75.84 3.06 -110.30
C ILE C 411 74.62 3.18 -111.21
N VAL C 412 73.60 3.86 -110.71
CA VAL C 412 72.35 4.07 -111.45
C VAL C 412 71.96 5.53 -111.35
N VAL C 413 70.99 5.92 -112.19
CA VAL C 413 70.51 7.29 -112.23
C VAL C 413 69.81 7.62 -110.92
N GLY C 414 70.08 8.82 -110.40
CA GLY C 414 69.52 9.26 -109.13
C GLY C 414 68.16 9.90 -109.28
N GLY C 415 67.79 10.70 -108.27
CA GLY C 415 66.52 11.38 -108.29
C GLY C 415 65.31 10.47 -108.25
N GLY C 416 65.49 9.22 -107.86
CA GLY C 416 64.40 8.26 -107.87
C GLY C 416 63.98 7.78 -109.24
N VAL C 417 64.76 8.09 -110.28
CA VAL C 417 64.39 7.66 -111.62
C VAL C 417 64.76 6.20 -111.85
N ALA C 418 65.80 5.70 -111.17
CA ALA C 418 66.21 4.32 -111.37
C ALA C 418 65.11 3.34 -110.97
N LEU C 419 64.38 3.65 -109.89
CA LEU C 419 63.30 2.77 -109.47
C LEU C 419 62.15 2.78 -110.48
N ILE C 420 61.96 3.88 -111.20
CA ILE C 420 60.90 3.94 -112.19
C ILE C 420 61.32 3.22 -113.46
N ARG C 421 62.59 3.35 -113.86
CA ARG C 421 63.07 2.61 -115.04
C ARG C 421 63.05 1.11 -114.79
N ALA C 422 63.46 0.68 -113.60
CA ALA C 422 63.50 -0.73 -113.27
C ALA C 422 62.11 -1.35 -113.19
N ALA C 423 61.05 -0.55 -113.23
CA ALA C 423 59.69 -1.09 -113.21
C ALA C 423 59.38 -1.90 -114.45
N LYS C 424 60.14 -1.73 -115.54
CA LYS C 424 59.92 -2.50 -116.74
C LYS C 424 60.17 -3.99 -116.53
N GLY C 425 60.97 -4.36 -115.53
CA GLY C 425 61.23 -5.75 -115.25
C GLY C 425 60.05 -6.52 -114.69
N LEU C 426 58.98 -5.83 -114.30
CA LEU C 426 57.81 -6.49 -113.74
C LEU C 426 57.05 -7.34 -114.75
N ALA C 427 57.32 -7.18 -116.05
CA ALA C 427 56.67 -8.02 -117.04
C ALA C 427 57.11 -9.47 -116.93
N LYS C 428 58.34 -9.70 -116.45
CA LYS C 428 58.83 -11.06 -116.24
C LYS C 428 58.28 -11.70 -114.97
N ALA C 429 57.61 -10.92 -114.12
CA ALA C 429 57.09 -11.45 -112.87
C ALA C 429 55.87 -12.33 -113.14
N VAL C 430 55.90 -13.57 -112.64
CA VAL C 430 54.83 -14.54 -112.84
C VAL C 430 53.88 -14.48 -111.65
N ALA C 431 52.59 -14.35 -111.94
CA ALA C 431 51.56 -14.32 -110.91
C ALA C 431 50.71 -15.58 -111.01
N ASP C 432 50.57 -16.28 -109.89
CA ASP C 432 49.80 -17.52 -109.84
C ASP C 432 48.31 -17.29 -109.63
N ASN C 433 47.91 -16.10 -109.19
CA ASN C 433 46.50 -15.78 -109.02
C ASN C 433 46.37 -14.26 -108.95
N GLU C 434 45.13 -13.78 -108.78
CA GLU C 434 44.89 -12.35 -108.77
C GLU C 434 45.46 -11.69 -107.52
N ASP C 435 45.53 -12.41 -106.41
CA ASP C 435 46.09 -11.82 -105.19
C ASP C 435 47.59 -11.57 -105.34
N GLN C 436 48.32 -12.53 -105.91
CA GLN C 436 49.74 -12.31 -106.16
C GLN C 436 49.96 -11.23 -107.22
N LYS C 437 49.04 -11.11 -108.18
CA LYS C 437 49.16 -10.06 -109.18
C LYS C 437 49.00 -8.68 -108.55
N THR C 438 48.07 -8.54 -107.59
CA THR C 438 47.96 -7.27 -106.86
C THR C 438 49.21 -6.98 -106.07
N GLY C 439 49.90 -8.02 -105.60
CA GLY C 439 51.21 -7.82 -104.99
C GLY C 439 52.22 -7.25 -105.97
N ILE C 440 52.18 -7.70 -107.22
CA ILE C 440 53.01 -7.11 -108.26
C ILE C 440 52.64 -5.65 -108.46
N GLU C 441 51.34 -5.35 -108.41
CA GLU C 441 50.90 -3.98 -108.63
C GLU C 441 51.29 -3.06 -107.47
N ILE C 442 51.35 -3.60 -106.25
CA ILE C 442 51.77 -2.79 -105.10
C ILE C 442 53.20 -2.29 -105.29
N ILE C 443 54.09 -3.16 -105.73
CA ILE C 443 55.49 -2.77 -105.96
C ILE C 443 55.57 -1.75 -107.09
N ARG C 444 54.74 -1.91 -108.12
CA ARG C 444 54.77 -0.98 -109.26
C ARG C 444 54.51 0.45 -108.81
N ARG C 445 53.42 0.67 -108.06
CA ARG C 445 53.11 2.01 -107.59
C ARG C 445 54.08 2.45 -106.50
N ALA C 446 54.66 1.51 -105.75
CA ALA C 446 55.60 1.86 -104.70
C ALA C 446 56.89 2.47 -105.25
N LEU C 447 57.32 2.02 -106.44
CA LEU C 447 58.55 2.54 -107.03
C LEU C 447 58.43 4.01 -107.40
N GLU C 448 57.21 4.52 -107.63
CA GLU C 448 57.02 5.93 -107.92
C GLU C 448 57.06 6.80 -106.68
N GLU C 449 56.99 6.20 -105.48
CA GLU C 449 56.89 7.01 -104.27
C GLU C 449 58.15 7.82 -103.99
N PRO C 450 59.37 7.26 -104.07
CA PRO C 450 60.55 8.09 -103.77
C PRO C 450 60.67 9.33 -104.64
N LEU C 451 60.43 9.20 -105.95
CA LEU C 451 60.50 10.38 -106.80
C LEU C 451 59.38 11.35 -106.51
N ARG C 452 58.18 10.84 -106.18
CA ARG C 452 57.06 11.71 -105.88
C ARG C 452 57.29 12.51 -104.60
N GLN C 453 58.05 11.94 -103.65
CA GLN C 453 58.35 12.66 -102.42
C GLN C 453 59.42 13.73 -102.63
N ILE C 454 60.38 13.47 -103.52
CA ILE C 454 61.40 14.47 -103.82
C ILE C 454 60.76 15.71 -104.45
N VAL C 455 59.82 15.50 -105.37
CA VAL C 455 59.15 16.62 -106.02
C VAL C 455 58.18 17.30 -105.06
N ALA C 456 57.59 16.55 -104.12
CA ALA C 456 56.67 17.16 -103.17
C ALA C 456 57.39 18.07 -102.19
N ASN C 457 58.65 17.77 -101.86
CA ASN C 457 59.39 18.59 -100.92
C ASN C 457 59.73 19.97 -101.47
N THR C 458 59.61 20.16 -102.78
CA THR C 458 59.81 21.49 -103.37
C THR C 458 58.67 22.45 -103.02
N GLY C 459 57.59 21.95 -102.43
CA GLY C 459 56.44 22.77 -102.11
C GLY C 459 55.44 22.95 -103.24
N THR C 460 55.72 22.40 -104.41
CA THR C 460 54.83 22.55 -105.56
C THR C 460 53.66 21.58 -105.48
N THR C 461 52.52 22.01 -106.01
CA THR C 461 51.36 21.15 -106.17
C THR C 461 51.29 20.50 -107.55
N ASP C 462 52.30 20.72 -108.39
CA ASP C 462 52.35 20.19 -109.74
C ASP C 462 53.09 18.86 -109.83
N GLY C 463 53.47 18.28 -108.68
CA GLY C 463 54.28 17.08 -108.69
C GLY C 463 53.68 15.92 -109.45
N ALA C 464 52.35 15.89 -109.58
CA ALA C 464 51.71 14.84 -110.35
C ALA C 464 52.11 14.89 -111.82
N VAL C 465 52.34 16.09 -112.35
CA VAL C 465 52.77 16.22 -113.74
C VAL C 465 54.23 15.83 -113.90
N VAL C 466 55.08 16.13 -112.90
CA VAL C 466 56.49 15.82 -113.00
C VAL C 466 56.70 14.31 -113.01
N LEU C 467 55.91 13.57 -112.25
CA LEU C 467 56.04 12.12 -112.22
C LEU C 467 55.67 11.51 -113.57
N GLU C 468 54.67 12.07 -114.25
CA GLU C 468 54.23 11.50 -115.52
C GLU C 468 55.25 11.77 -116.63
N LYS C 469 55.86 12.95 -116.64
CA LYS C 469 56.85 13.26 -117.66
C LYS C 469 58.08 12.36 -117.54
N VAL C 470 58.39 11.89 -116.34
CA VAL C 470 59.54 11.01 -116.15
C VAL C 470 59.22 9.60 -116.63
N LYS C 471 58.02 9.10 -116.32
CA LYS C 471 57.67 7.74 -116.72
C LYS C 471 57.54 7.61 -118.23
N ASN C 472 56.99 8.63 -118.89
CA ASN C 472 56.86 8.58 -120.34
C ASN C 472 58.22 8.67 -121.03
N ALA C 473 59.17 9.35 -120.40
CA ALA C 473 60.52 9.41 -120.93
C ALA C 473 61.23 8.07 -120.73
N GLU C 474 62.28 7.86 -121.50
CA GLU C 474 63.09 6.65 -121.43
C GLU C 474 64.53 7.00 -121.09
N GLY C 475 65.27 6.01 -120.61
CA GLY C 475 66.67 6.18 -120.31
C GLY C 475 66.94 6.91 -119.00
N ASP C 476 67.96 7.76 -119.01
CA ASP C 476 68.39 8.49 -117.82
C ASP C 476 67.72 9.85 -117.70
N TYR C 477 66.77 10.16 -118.59
CA TYR C 477 66.02 11.40 -118.48
C TYR C 477 65.23 11.45 -117.18
N GLY C 478 65.40 12.53 -116.43
CA GLY C 478 64.73 12.66 -115.16
C GLY C 478 64.59 14.11 -114.74
N PHE C 479 64.09 14.30 -113.52
CA PHE C 479 63.87 15.62 -112.95
C PHE C 479 64.92 15.88 -111.89
N ASN C 480 65.66 16.99 -112.04
CA ASN C 480 66.64 17.41 -111.06
C ASN C 480 66.00 18.41 -110.12
N ALA C 481 65.84 18.02 -108.85
CA ALA C 481 65.22 18.89 -107.86
C ALA C 481 66.11 20.05 -107.45
N ARG C 482 67.41 20.00 -107.75
CA ARG C 482 68.31 21.08 -107.37
C ARG C 482 68.03 22.33 -108.19
N THR C 483 68.02 22.20 -109.52
CA THR C 483 67.73 23.30 -110.43
C THR C 483 66.27 23.35 -110.85
N GLU C 484 65.46 22.39 -110.42
CA GLU C 484 64.04 22.32 -110.79
C GLU C 484 63.86 22.33 -112.30
N GLN C 485 64.65 21.51 -112.98
CA GLN C 485 64.61 21.42 -114.44
C GLN C 485 64.77 19.97 -114.87
N TYR C 486 64.24 19.66 -116.05
CA TYR C 486 64.38 18.34 -116.65
C TYR C 486 65.68 18.27 -117.44
N GLU C 487 66.43 17.18 -117.26
CA GLU C 487 67.71 17.00 -117.93
C GLU C 487 68.13 15.55 -117.76
N ASN C 488 69.29 15.21 -118.31
CA ASN C 488 69.88 13.90 -118.10
C ASN C 488 70.65 13.92 -116.78
N LEU C 489 70.24 13.06 -115.85
CA LEU C 489 70.78 13.14 -114.49
C LEU C 489 72.20 12.60 -114.39
N ILE C 490 72.58 11.67 -115.26
CA ILE C 490 73.95 11.16 -115.24
C ILE C 490 74.92 12.23 -115.71
N GLU C 491 74.57 12.95 -116.79
CA GLU C 491 75.40 14.08 -117.19
C GLU C 491 75.36 15.21 -116.18
N ALA C 492 74.22 15.41 -115.51
CA ALA C 492 74.10 16.43 -114.49
C ALA C 492 74.74 16.05 -113.17
N GLY C 493 75.17 14.80 -113.03
CA GLY C 493 75.81 14.36 -111.80
C GLY C 493 74.88 13.81 -110.75
N VAL C 494 73.61 13.62 -111.06
CA VAL C 494 72.64 13.08 -110.10
C VAL C 494 72.60 11.57 -110.31
N VAL C 495 73.16 10.84 -109.35
CA VAL C 495 73.32 9.38 -109.45
C VAL C 495 73.35 8.80 -108.05
N ASP C 496 72.98 7.53 -107.95
CA ASP C 496 73.06 6.78 -106.72
C ASP C 496 73.75 5.45 -106.98
N PRO C 497 74.55 4.95 -106.03
CA PRO C 497 75.12 3.61 -106.19
C PRO C 497 74.01 2.56 -106.26
N THR C 498 74.19 1.60 -107.18
CA THR C 498 73.17 0.56 -107.36
C THR C 498 72.94 -0.22 -106.07
N LYS C 499 73.99 -0.43 -105.28
CA LYS C 499 73.84 -1.11 -104.00
C LYS C 499 72.91 -0.35 -103.06
N VAL C 500 72.94 0.98 -103.12
CA VAL C 500 72.06 1.78 -102.27
C VAL C 500 70.61 1.62 -102.70
N THR C 501 70.35 1.66 -104.00
CA THR C 501 68.97 1.61 -104.49
C THR C 501 68.35 0.24 -104.27
N ARG C 502 69.07 -0.83 -104.61
CA ARG C 502 68.50 -2.16 -104.48
C ARG C 502 68.33 -2.57 -103.02
N SER C 503 69.22 -2.08 -102.13
CA SER C 503 69.08 -2.42 -100.72
C SER C 503 67.88 -1.73 -100.09
N ALA C 504 67.57 -0.51 -100.53
CA ALA C 504 66.42 0.20 -99.98
C ALA C 504 65.12 -0.52 -100.32
N LEU C 505 64.99 -1.02 -101.56
CA LEU C 505 63.77 -1.70 -101.97
C LEU C 505 63.66 -3.07 -101.34
N GLU C 506 64.76 -3.80 -101.25
CA GLU C 506 64.72 -5.14 -100.67
C GLU C 506 64.41 -5.08 -99.18
N ASN C 507 65.00 -4.12 -98.46
CA ASN C 507 64.72 -3.98 -97.04
C ASN C 507 63.29 -3.50 -96.81
N ALA C 508 62.82 -2.56 -97.64
CA ALA C 508 61.46 -2.04 -97.47
C ALA C 508 60.42 -3.13 -97.70
N ALA C 509 60.58 -3.90 -98.78
CA ALA C 509 59.64 -4.99 -99.04
C ALA C 509 59.75 -6.07 -97.97
N SER C 510 60.91 -6.20 -97.32
CA SER C 510 61.06 -7.19 -96.27
C SER C 510 60.26 -6.82 -95.03
N VAL C 511 60.47 -5.60 -94.52
CA VAL C 511 59.80 -5.19 -93.29
C VAL C 511 58.30 -5.04 -93.50
N ALA C 512 57.88 -4.59 -94.69
CA ALA C 512 56.45 -4.48 -94.96
C ALA C 512 55.79 -5.85 -95.10
N SER C 513 56.55 -6.85 -95.56
CA SER C 513 56.00 -8.20 -95.67
C SER C 513 55.76 -8.83 -94.31
N ILE C 514 56.66 -8.56 -93.36
CA ILE C 514 56.50 -9.10 -92.01
C ILE C 514 55.24 -8.52 -91.35
N LEU C 515 55.02 -7.22 -91.52
CA LEU C 515 53.87 -6.58 -90.90
C LEU C 515 52.56 -7.03 -91.53
N LEU C 516 52.57 -7.32 -92.83
CA LEU C 516 51.37 -7.85 -93.48
C LEU C 516 51.06 -9.26 -93.00
N THR C 517 52.09 -10.02 -92.64
CA THR C 517 51.92 -11.40 -92.16
C THR C 517 51.81 -11.48 -90.64
N THR C 518 51.79 -10.34 -89.94
CA THR C 518 51.70 -10.33 -88.48
C THR C 518 50.24 -10.40 -88.07
N GLU C 519 49.86 -11.46 -87.37
CA GLU C 519 48.50 -11.62 -86.87
C GLU C 519 48.33 -11.24 -85.41
N ALA C 520 49.41 -10.91 -84.70
CA ALA C 520 49.30 -10.63 -83.27
C ALA C 520 50.39 -9.66 -82.85
N ALA C 521 50.05 -8.78 -81.90
CA ALA C 521 50.99 -7.86 -81.29
C ALA C 521 50.83 -7.95 -79.78
N ILE C 522 51.90 -8.38 -79.10
CA ILE C 522 51.89 -8.60 -77.67
C ILE C 522 52.78 -7.55 -77.02
N THR C 523 52.22 -6.80 -76.07
CA THR C 523 52.95 -5.75 -75.38
C THR C 523 52.61 -5.77 -73.90
N ASP C 524 53.54 -5.26 -73.09
CA ASP C 524 53.34 -5.24 -71.65
C ASP C 524 52.29 -4.22 -71.26
N VAL C 525 51.54 -4.54 -70.19
CA VAL C 525 50.51 -3.64 -69.69
C VAL C 525 51.17 -2.42 -69.06
N LYS C 526 50.53 -1.26 -69.21
CA LYS C 526 51.03 -0.03 -68.62
C LYS C 526 50.81 -0.02 -67.11
N THR D 2 63.63 8.83 -75.33
CA THR D 2 62.30 9.05 -74.77
C THR D 2 61.26 9.20 -75.88
N ALA D 3 59.99 9.06 -75.52
CA ALA D 3 58.92 9.23 -76.49
C ALA D 3 58.85 10.68 -76.96
N LYS D 4 58.25 10.88 -78.12
CA LYS D 4 58.21 12.19 -78.76
C LYS D 4 56.80 12.54 -79.20
N ASP D 5 56.58 13.85 -79.36
CA ASP D 5 55.41 14.38 -80.05
C ASP D 5 55.88 15.13 -81.28
N ILE D 6 55.13 15.00 -82.38
CA ILE D 6 55.54 15.55 -83.67
C ILE D 6 54.42 16.44 -84.20
N LEU D 7 54.77 17.68 -84.55
CA LEU D 7 53.88 18.59 -85.26
C LEU D 7 54.35 18.73 -86.70
N PHE D 8 53.40 18.89 -87.61
CA PHE D 8 53.68 18.91 -89.04
C PHE D 8 53.19 20.20 -89.69
N ASP D 9 53.99 20.71 -90.64
CA ASP D 9 53.66 21.82 -91.53
C ASP D 9 52.98 22.99 -90.83
N ALA D 10 51.80 23.38 -91.31
CA ALA D 10 51.14 24.59 -90.82
C ALA D 10 50.92 24.56 -89.32
N GLU D 11 50.51 23.40 -88.79
CA GLU D 11 50.31 23.30 -87.35
C GLU D 11 51.63 23.51 -86.61
N ALA D 12 52.73 23.01 -87.17
CA ALA D 12 54.04 23.19 -86.54
C ALA D 12 54.51 24.64 -86.66
N ARG D 13 54.38 25.23 -87.85
CA ARG D 13 54.88 26.59 -88.05
C ARG D 13 54.06 27.62 -87.27
N THR D 14 52.75 27.38 -87.11
CA THR D 14 51.92 28.33 -86.37
C THR D 14 52.27 28.32 -84.89
N LYS D 15 52.51 27.14 -84.32
CA LYS D 15 52.83 27.07 -82.90
C LYS D 15 54.22 27.64 -82.62
N LEU D 16 55.16 27.48 -83.54
CA LEU D 16 56.46 28.12 -83.40
C LEU D 16 56.32 29.63 -83.40
N LYS D 17 55.40 30.16 -84.22
CA LYS D 17 55.19 31.60 -84.28
C LYS D 17 54.72 32.16 -82.95
N VAL D 18 53.92 31.39 -82.20
CA VAL D 18 53.44 31.84 -80.90
C VAL D 18 54.63 32.10 -79.97
N GLY D 19 55.60 31.21 -79.97
CA GLY D 19 56.79 31.42 -79.14
C GLY D 19 57.64 32.58 -79.63
N VAL D 20 57.74 32.75 -80.96
CA VAL D 20 58.52 33.84 -81.50
C VAL D 20 57.90 35.18 -81.13
N ASP D 21 56.58 35.27 -81.17
CA ASP D 21 55.91 36.52 -80.81
C ASP D 21 56.09 36.84 -79.32
N LYS D 22 56.03 35.83 -78.45
CA LYS D 22 56.23 36.06 -77.03
C LYS D 22 57.63 36.56 -76.73
N LEU D 23 58.62 36.14 -77.53
CA LEU D 23 59.98 36.65 -77.36
C LEU D 23 60.08 38.09 -77.84
N ALA D 24 59.58 38.36 -79.05
CA ALA D 24 59.72 39.69 -79.64
C ALA D 24 58.92 40.72 -78.85
N ASN D 25 57.66 40.42 -78.54
CA ASN D 25 56.80 41.38 -77.86
C ASN D 25 57.37 41.79 -76.51
N ALA D 26 58.09 40.89 -75.84
CA ALA D 26 58.71 41.24 -74.57
C ALA D 26 59.97 42.07 -74.77
N VAL D 27 60.76 41.75 -75.79
CA VAL D 27 62.03 42.44 -76.00
C VAL D 27 61.83 43.77 -76.71
N LYS D 28 60.92 43.83 -77.69
CA LYS D 28 60.83 45.00 -78.57
C LYS D 28 60.41 46.27 -77.84
N VAL D 29 59.77 46.17 -76.68
CA VAL D 29 59.37 47.36 -75.94
C VAL D 29 60.55 48.09 -75.33
N THR D 30 61.73 47.48 -75.32
CA THR D 30 62.93 48.11 -74.80
C THR D 30 63.77 48.77 -75.88
N LEU D 31 63.34 48.70 -77.14
CA LEU D 31 64.16 49.13 -78.26
C LEU D 31 64.18 50.65 -78.39
N GLY D 32 65.37 51.21 -78.57
CA GLY D 32 65.52 52.62 -78.81
C GLY D 32 65.62 53.45 -77.54
N PRO D 33 65.91 54.74 -77.68
CA PRO D 33 65.99 55.61 -76.50
C PRO D 33 64.67 55.77 -75.79
N ALA D 34 63.55 55.46 -76.44
CA ALA D 34 62.24 55.50 -75.82
C ALA D 34 61.86 54.18 -75.15
N GLY D 35 62.79 53.23 -75.10
CA GLY D 35 62.55 51.93 -74.49
C GLY D 35 61.96 52.02 -73.11
N ARG D 36 61.04 51.11 -72.79
CA ARG D 36 60.24 51.19 -71.58
C ARG D 36 60.58 50.03 -70.65
N ASN D 37 60.34 50.26 -69.36
CA ASN D 37 60.79 49.32 -68.33
C ASN D 37 60.10 47.97 -68.48
N VAL D 38 60.82 46.92 -68.08
CA VAL D 38 60.29 45.57 -67.99
C VAL D 38 60.68 45.01 -66.62
N LEU D 39 59.69 44.63 -65.83
CA LEU D 39 59.93 44.08 -64.51
C LEU D 39 60.18 42.58 -64.61
N ILE D 40 61.20 42.10 -63.92
CA ILE D 40 61.55 40.68 -63.91
C ILE D 40 61.52 40.20 -62.47
N ASP D 41 60.66 39.23 -62.20
CA ASP D 41 60.49 38.71 -60.85
C ASP D 41 61.72 37.93 -60.41
N LYS D 42 61.99 37.98 -59.11
CA LYS D 42 63.07 37.20 -58.49
C LYS D 42 62.48 36.35 -57.36
N LYS D 43 63.35 35.56 -56.74
CA LYS D 43 62.91 34.67 -55.67
C LYS D 43 62.52 35.45 -54.42
N PHE D 44 63.30 36.46 -54.06
CA PHE D 44 63.01 37.28 -52.89
C PHE D 44 63.45 38.71 -53.15
N GLY D 45 62.74 39.65 -52.54
CA GLY D 45 63.08 41.04 -52.65
C GLY D 45 62.36 41.74 -53.79
N ALA D 46 62.84 42.94 -54.09
CA ALA D 46 62.25 43.74 -55.15
C ALA D 46 62.61 43.16 -56.52
N PRO D 47 61.72 43.26 -57.49
CA PRO D 47 62.01 42.75 -58.83
C PRO D 47 63.00 43.64 -59.56
N THR D 48 63.57 43.09 -60.63
CA THR D 48 64.52 43.82 -61.46
C THR D 48 63.77 44.59 -62.54
N SER D 49 64.04 45.88 -62.63
CA SER D 49 63.51 46.73 -63.70
C SER D 49 64.64 47.05 -64.66
N THR D 50 64.46 46.68 -65.92
CA THR D 50 65.52 46.84 -66.92
C THR D 50 64.94 47.34 -68.23
N LYS D 51 65.68 48.26 -68.86
CA LYS D 51 65.41 48.70 -70.22
C LYS D 51 66.27 47.97 -71.24
N ASP D 52 67.07 46.99 -70.82
CA ASP D 52 68.00 46.30 -71.71
C ASP D 52 67.30 45.11 -72.35
N GLY D 53 67.29 45.07 -73.69
CA GLY D 53 66.66 43.99 -74.40
C GLY D 53 67.41 42.66 -74.29
N VAL D 54 68.72 42.70 -74.04
CA VAL D 54 69.47 41.47 -73.84
C VAL D 54 69.13 40.85 -72.50
N THR D 55 68.93 41.68 -71.47
CA THR D 55 68.54 41.17 -70.16
C THR D 55 67.17 40.51 -70.22
N VAL D 56 66.24 41.09 -70.97
CA VAL D 56 64.90 40.52 -71.08
C VAL D 56 64.93 39.23 -71.87
N ALA D 57 65.71 39.18 -72.95
CA ALA D 57 65.73 38.01 -73.80
C ALA D 57 66.30 36.79 -73.06
N LYS D 58 67.28 37.01 -72.19
CA LYS D 58 67.87 35.92 -71.42
C LYS D 58 66.87 35.27 -70.47
N GLU D 59 65.81 35.97 -70.10
CA GLU D 59 64.83 35.45 -69.16
C GLU D 59 63.66 34.75 -69.83
N ILE D 60 63.63 34.69 -71.15
CA ILE D 60 62.47 34.19 -71.88
C ILE D 60 62.55 32.68 -71.98
N GLU D 61 61.58 32.00 -71.37
CA GLU D 61 61.43 30.56 -71.49
C GLU D 61 59.94 30.25 -71.35
N LEU D 62 59.47 29.27 -72.12
CA LEU D 62 58.04 29.00 -72.21
C LEU D 62 57.73 27.57 -71.80
N VAL D 63 56.50 27.36 -71.31
CA VAL D 63 56.10 26.03 -70.88
C VAL D 63 55.90 25.10 -72.08
N ASP D 64 55.28 25.60 -73.14
CA ASP D 64 55.01 24.76 -74.30
C ASP D 64 56.32 24.41 -75.00
N PRO D 65 56.63 23.13 -75.21
CA PRO D 65 57.91 22.79 -75.83
C PRO D 65 58.07 23.34 -77.24
N VAL D 66 56.99 23.37 -78.02
CA VAL D 66 57.09 23.87 -79.40
C VAL D 66 57.22 25.38 -79.40
N GLU D 67 56.43 26.08 -78.57
CA GLU D 67 56.55 27.53 -78.48
C GLU D 67 57.93 27.94 -78.02
N ASN D 68 58.41 27.33 -76.94
CA ASN D 68 59.76 27.62 -76.46
C ASN D 68 60.81 27.24 -77.50
N MET D 69 60.51 26.26 -78.35
CA MET D 69 61.46 25.82 -79.36
C MET D 69 61.72 26.93 -80.38
N GLY D 70 60.65 27.48 -80.95
CA GLY D 70 60.80 28.59 -81.87
C GLY D 70 61.31 29.85 -81.21
N ALA D 71 61.02 30.03 -79.93
CA ALA D 71 61.50 31.20 -79.21
C ALA D 71 63.01 31.14 -79.02
N GLN D 72 63.54 29.97 -78.67
CA GLN D 72 64.98 29.84 -78.51
C GLN D 72 65.72 29.95 -79.83
N MET D 73 65.08 29.58 -80.93
CA MET D 73 65.69 29.74 -82.25
C MET D 73 65.99 31.21 -82.53
N VAL D 74 64.98 32.07 -82.43
CA VAL D 74 65.18 33.49 -82.69
C VAL D 74 66.08 34.11 -81.63
N ARG D 75 65.99 33.65 -80.39
CA ARG D 75 66.78 34.22 -79.32
C ARG D 75 68.27 33.96 -79.51
N GLU D 76 68.63 32.76 -79.96
CA GLU D 76 70.04 32.42 -80.11
C GLU D 76 70.65 33.03 -81.38
N VAL D 77 69.91 32.98 -82.49
CA VAL D 77 70.43 33.54 -83.74
C VAL D 77 70.60 35.05 -83.61
N ALA D 78 69.64 35.72 -82.98
CA ALA D 78 69.76 37.15 -82.75
C ALA D 78 70.89 37.48 -81.78
N SER D 79 71.20 36.57 -80.85
CA SER D 79 72.27 36.81 -79.90
C SER D 79 73.64 36.87 -80.58
N LYS D 80 73.78 36.25 -81.75
CA LYS D 80 75.02 36.33 -82.50
C LYS D 80 75.25 37.70 -83.13
N THR D 81 74.24 38.58 -83.11
CA THR D 81 74.43 39.94 -83.59
C THR D 81 75.23 40.77 -82.60
N SER D 82 74.97 40.62 -81.31
CA SER D 82 75.71 41.34 -80.28
C SER D 82 77.01 40.65 -79.91
N ASP D 83 77.23 39.41 -80.34
CA ASP D 83 78.50 38.75 -80.07
C ASP D 83 79.63 39.37 -80.88
N VAL D 84 79.46 39.42 -82.20
CA VAL D 84 80.50 39.99 -83.06
C VAL D 84 80.42 41.51 -83.09
N ALA D 85 79.22 42.08 -83.21
CA ALA D 85 79.05 43.51 -83.41
C ALA D 85 78.75 44.27 -82.12
N GLY D 86 78.59 43.58 -81.00
CA GLY D 86 78.36 44.26 -79.73
C GLY D 86 77.01 44.92 -79.57
N ASP D 87 76.06 44.66 -80.48
CA ASP D 87 74.75 45.31 -80.46
C ASP D 87 73.93 44.70 -81.59
N GLY D 88 72.61 44.94 -81.55
CA GLY D 88 71.71 44.49 -82.59
C GLY D 88 70.82 43.32 -82.24
N THR D 89 70.87 42.82 -81.00
CA THR D 89 70.03 41.68 -80.61
C THR D 89 68.55 42.02 -80.73
N THR D 90 68.13 43.14 -80.14
CA THR D 90 66.72 43.52 -80.18
C THR D 90 66.27 43.82 -81.60
N THR D 91 67.11 44.47 -82.40
CA THR D 91 66.77 44.77 -83.78
C THR D 91 66.55 43.50 -84.58
N ALA D 92 67.46 42.53 -84.43
CA ALA D 92 67.32 41.27 -85.14
C ALA D 92 66.03 40.54 -84.76
N THR D 93 65.62 40.65 -83.49
CA THR D 93 64.40 39.98 -83.06
C THR D 93 63.17 40.63 -83.67
N VAL D 94 63.12 41.95 -83.69
CA VAL D 94 62.00 42.66 -84.32
C VAL D 94 61.95 42.32 -85.80
N LEU D 95 63.10 42.26 -86.46
CA LEU D 95 63.14 41.91 -87.88
C LEU D 95 62.69 40.47 -88.10
N ALA D 96 63.12 39.55 -87.24
CA ALA D 96 62.78 38.14 -87.41
C ALA D 96 61.28 37.92 -87.25
N GLN D 97 60.64 38.62 -86.30
CA GLN D 97 59.21 38.48 -86.12
C GLN D 97 58.44 38.98 -87.34
N ALA D 98 58.91 40.08 -87.94
CA ALA D 98 58.22 40.64 -89.09
C ALA D 98 58.36 39.74 -90.33
N ILE D 99 59.57 39.23 -90.56
CA ILE D 99 59.79 38.36 -91.71
C ILE D 99 59.00 37.07 -91.58
N TYR D 100 59.00 36.49 -90.37
CA TYR D 100 58.33 35.19 -90.18
C TYR D 100 56.81 35.34 -90.21
N ARG D 101 56.29 36.43 -89.65
CA ARG D 101 54.85 36.66 -89.68
C ARG D 101 54.35 36.83 -91.11
N GLU D 102 54.95 37.76 -91.85
CA GLU D 102 54.56 37.97 -93.24
C GLU D 102 54.90 36.77 -94.11
N GLY D 103 55.94 36.02 -93.73
CA GLY D 103 56.25 34.79 -94.45
C GLY D 103 55.16 33.75 -94.31
N LEU D 104 54.75 33.46 -93.06
CA LEU D 104 53.68 32.49 -92.84
C LEU D 104 52.37 32.95 -93.45
N LYS D 105 52.11 34.26 -93.43
CA LYS D 105 50.87 34.78 -94.00
C LYS D 105 50.75 34.43 -95.47
N ASN D 106 51.87 34.49 -96.21
CA ASN D 106 51.84 34.13 -97.62
C ASN D 106 51.90 32.63 -97.83
N VAL D 107 52.52 31.88 -96.93
CA VAL D 107 52.53 30.43 -97.04
C VAL D 107 51.11 29.89 -96.96
N THR D 108 50.29 30.45 -96.09
CA THR D 108 48.88 30.08 -96.04
C THR D 108 48.17 30.43 -97.33
N ALA D 109 48.55 31.54 -97.97
CA ALA D 109 47.95 31.94 -99.23
C ALA D 109 48.35 31.05 -100.41
N GLY D 110 49.27 30.11 -100.19
CA GLY D 110 49.69 29.19 -101.25
C GLY D 110 51.07 29.42 -101.81
N ALA D 111 51.83 30.38 -101.29
CA ALA D 111 53.19 30.61 -101.78
C ALA D 111 54.11 29.47 -101.34
N ARG D 112 55.06 29.14 -102.20
CA ARG D 112 56.03 28.10 -101.86
C ARG D 112 57.03 28.64 -100.84
N PRO D 113 57.24 27.94 -99.73
CA PRO D 113 58.20 28.45 -98.73
C PRO D 113 59.62 28.54 -99.24
N ILE D 114 60.03 27.64 -100.14
CA ILE D 114 61.41 27.67 -100.64
C ILE D 114 61.60 28.85 -101.60
N ASP D 115 60.56 29.22 -102.36
CA ASP D 115 60.67 30.39 -103.21
C ASP D 115 60.64 31.68 -102.38
N LEU D 116 59.88 31.69 -101.28
CA LEU D 116 59.92 32.83 -100.38
C LEU D 116 61.31 33.01 -99.78
N LYS D 117 61.96 31.90 -99.42
CA LYS D 117 63.31 31.99 -98.89
C LYS D 117 64.28 32.53 -99.93
N ARG D 118 64.14 32.07 -101.18
CA ARG D 118 65.02 32.55 -102.25
C ARG D 118 64.85 34.04 -102.48
N GLY D 119 63.61 34.52 -102.48
CA GLY D 119 63.39 35.95 -102.63
C GLY D 119 63.92 36.75 -101.46
N ILE D 120 63.79 36.21 -100.24
CA ILE D 120 64.30 36.91 -99.06
C ILE D 120 65.81 37.02 -99.12
N ASP D 121 66.50 35.95 -99.52
CA ASP D 121 67.96 35.96 -99.53
C ASP D 121 68.50 36.96 -100.54
N ARG D 122 67.95 36.97 -101.76
CA ARG D 122 68.39 37.95 -102.76
C ARG D 122 68.09 39.37 -102.30
N ALA D 123 67.01 39.56 -101.56
CA ALA D 123 66.69 40.90 -101.06
C ALA D 123 67.69 41.35 -100.00
N VAL D 124 68.06 40.45 -99.08
CA VAL D 124 68.99 40.82 -98.03
C VAL D 124 70.36 41.13 -98.60
N LYS D 125 70.79 40.39 -99.62
CA LYS D 125 72.08 40.66 -100.25
C LYS D 125 72.11 42.05 -100.87
N GLU D 126 71.04 42.43 -101.57
CA GLU D 126 71.01 43.74 -102.21
C GLU D 126 70.84 44.86 -101.20
N VAL D 127 70.18 44.59 -100.08
CA VAL D 127 70.05 45.60 -99.03
C VAL D 127 71.39 45.80 -98.32
N VAL D 128 72.08 44.70 -98.01
CA VAL D 128 73.38 44.80 -97.36
C VAL D 128 74.39 45.48 -98.29
N ALA D 129 74.35 45.14 -99.58
CA ALA D 129 75.23 45.80 -100.54
C ALA D 129 74.95 47.29 -100.59
N GLU D 130 73.67 47.67 -100.68
CA GLU D 130 73.31 49.08 -100.62
C GLU D 130 73.66 49.69 -99.27
N LEU D 131 73.64 48.88 -98.21
CA LEU D 131 73.94 49.39 -96.87
C LEU D 131 75.40 49.80 -96.74
N ARG D 132 76.30 49.17 -97.50
CA ARG D 132 77.72 49.49 -97.41
C ARG D 132 78.09 50.76 -98.17
N ASN D 133 77.26 51.19 -99.12
CA ASN D 133 77.54 52.43 -99.83
C ASN D 133 77.26 53.65 -98.95
N ILE D 134 76.18 53.60 -98.16
CA ILE D 134 75.88 54.67 -97.22
C ILE D 134 76.88 54.71 -96.08
N SER D 135 77.53 53.58 -95.79
CA SER D 135 78.46 53.49 -94.67
C SER D 135 79.61 54.48 -94.83
N ARG D 136 79.96 55.15 -93.74
CA ARG D 136 81.08 56.07 -93.68
C ARG D 136 82.31 55.33 -93.17
N SER D 137 83.41 55.43 -93.90
CA SER D 137 84.65 54.79 -93.47
C SER D 137 85.25 55.54 -92.29
N ILE D 138 85.62 54.80 -91.25
CA ILE D 138 86.24 55.39 -90.06
C ILE D 138 87.70 54.95 -90.02
N SER D 139 88.60 55.93 -90.00
CA SER D 139 90.03 55.67 -89.90
C SER D 139 90.70 56.89 -89.28
N GLY D 140 91.84 56.65 -88.64
CA GLY D 140 92.59 57.72 -88.03
C GLY D 140 92.03 58.13 -86.67
N LYS D 141 92.91 58.72 -85.86
CA LYS D 141 92.55 59.07 -84.49
C LYS D 141 91.52 60.19 -84.44
N LYS D 142 91.36 60.96 -85.52
CA LYS D 142 90.34 62.01 -85.53
C LYS D 142 88.94 61.42 -85.54
N GLU D 143 88.69 60.46 -86.44
CA GLU D 143 87.37 59.86 -86.56
C GLU D 143 87.13 58.81 -85.48
N ILE D 144 88.17 58.04 -85.12
CA ILE D 144 88.00 56.97 -84.14
C ILE D 144 87.65 57.55 -82.77
N ALA D 145 88.28 58.67 -82.40
CA ALA D 145 87.97 59.30 -81.12
C ALA D 145 86.54 59.81 -81.08
N GLN D 146 85.98 60.20 -82.22
CA GLN D 146 84.60 60.66 -82.25
C GLN D 146 83.64 59.51 -82.05
N VAL D 147 83.88 58.38 -82.72
CA VAL D 147 83.02 57.22 -82.56
C VAL D 147 83.10 56.67 -81.14
N GLY D 148 84.31 56.66 -80.56
CA GLY D 148 84.45 56.20 -79.19
C GLY D 148 83.79 57.12 -78.19
N THR D 149 83.74 58.41 -78.48
CA THR D 149 83.08 59.36 -77.57
C THR D 149 81.56 59.20 -77.61
N ILE D 150 80.99 59.09 -78.81
CA ILE D 150 79.54 58.94 -78.94
C ILE D 150 79.08 57.65 -78.27
N SER D 151 79.83 56.56 -78.45
CA SER D 151 79.50 55.30 -77.80
C SER D 151 79.78 55.32 -76.30
N ALA D 152 80.53 56.31 -75.81
CA ALA D 152 80.79 56.48 -74.39
C ALA D 152 79.81 57.43 -73.72
N ASN D 153 78.77 57.86 -74.44
CA ASN D 153 77.77 58.82 -73.96
C ASN D 153 78.43 60.17 -73.63
N ASN D 154 78.93 60.82 -74.69
CA ASN D 154 79.49 62.16 -74.64
C ASN D 154 80.66 62.25 -73.67
N ASP D 155 81.59 61.29 -73.78
CA ASP D 155 82.78 61.30 -72.96
C ASP D 155 84.00 61.51 -73.85
N PRO D 156 84.63 62.70 -73.83
CA PRO D 156 85.84 62.89 -74.65
C PRO D 156 87.02 62.08 -74.18
N GLU D 157 87.13 61.81 -72.87
CA GLU D 157 88.29 61.08 -72.35
C GLU D 157 88.33 59.65 -72.88
N ILE D 158 87.20 58.95 -72.82
CA ILE D 158 87.16 57.57 -73.30
C ILE D 158 87.36 57.51 -74.80
N GLY D 159 86.85 58.50 -75.54
CA GLY D 159 87.05 58.52 -76.98
C GLY D 159 88.52 58.68 -77.35
N GLU D 160 89.23 59.58 -76.65
CA GLU D 160 90.65 59.74 -76.90
C GLU D 160 91.44 58.54 -76.41
N LEU D 161 90.96 57.87 -75.36
CA LEU D 161 91.65 56.69 -74.85
C LEU D 161 91.60 55.55 -75.85
N ILE D 162 90.44 55.34 -76.49
CA ILE D 162 90.33 54.31 -77.51
C ILE D 162 91.17 54.65 -78.72
N ALA D 163 91.28 55.94 -79.06
CA ALA D 163 92.07 56.35 -80.22
C ALA D 163 93.55 56.04 -80.01
N GLU D 164 94.09 56.39 -78.84
CA GLU D 164 95.49 56.10 -78.57
C GLU D 164 95.74 54.63 -78.30
N ALA D 165 94.73 53.88 -77.88
CA ALA D 165 94.90 52.44 -77.70
C ALA D 165 95.08 51.74 -79.04
N MET D 166 94.18 51.98 -79.99
CA MET D 166 94.32 51.41 -81.32
C MET D 166 95.49 51.98 -82.09
N ASP D 167 96.09 53.07 -81.60
CA ASP D 167 97.24 53.66 -82.27
C ASP D 167 98.44 52.71 -82.28
N LYS D 168 98.88 52.29 -81.09
CA LYS D 168 100.11 51.51 -80.99
C LYS D 168 99.90 50.08 -81.47
N VAL D 169 98.86 49.40 -80.97
CA VAL D 169 98.65 48.00 -81.33
C VAL D 169 98.02 47.82 -82.70
N GLY D 170 97.55 48.91 -83.32
CA GLY D 170 96.97 48.82 -84.65
C GLY D 170 95.47 48.61 -84.63
N LYS D 171 94.92 48.49 -85.83
CA LYS D 171 93.48 48.27 -85.98
C LYS D 171 93.07 46.90 -85.47
N ASP D 172 93.86 45.87 -85.79
CA ASP D 172 93.57 44.50 -85.41
C ASP D 172 94.23 44.07 -84.11
N GLY D 173 94.91 45.00 -83.42
CA GLY D 173 95.63 44.64 -82.22
C GLY D 173 94.73 44.19 -81.08
N VAL D 174 95.37 43.74 -80.01
CA VAL D 174 94.67 43.23 -78.83
C VAL D 174 94.51 44.35 -77.82
N ILE D 175 93.28 44.58 -77.38
CA ILE D 175 92.97 45.62 -76.40
C ILE D 175 92.11 44.99 -75.31
N THR D 176 92.45 45.28 -74.05
CA THR D 176 91.70 44.81 -72.90
C THR D 176 91.49 45.95 -71.92
N VAL D 177 90.48 45.80 -71.07
CA VAL D 177 90.09 46.82 -70.10
C VAL D 177 90.19 46.22 -68.71
N GLU D 178 90.94 46.90 -67.82
CA GLU D 178 91.11 46.47 -66.45
C GLU D 178 90.80 47.64 -65.51
N GLU D 179 90.61 47.31 -64.24
CA GLU D 179 90.45 48.34 -63.22
C GLU D 179 91.80 48.99 -62.92
N ALA D 180 91.77 50.29 -62.63
CA ALA D 180 92.97 51.06 -62.35
C ALA D 180 93.18 51.20 -60.85
N LYS D 181 94.28 51.85 -60.49
CA LYS D 181 94.61 52.14 -59.10
C LYS D 181 94.36 53.63 -58.85
N GLY D 182 93.33 53.93 -58.06
CA GLY D 182 92.99 55.31 -57.78
C GLY D 182 92.09 55.90 -58.85
N MET D 183 92.18 57.22 -58.98
CA MET D 183 91.36 57.97 -59.93
C MET D 183 92.06 58.21 -61.27
N GLU D 184 93.28 57.70 -61.43
CA GLU D 184 94.06 57.95 -62.65
C GLU D 184 93.71 56.92 -63.71
N THR D 185 93.53 57.38 -64.94
CA THR D 185 93.24 56.54 -66.10
C THR D 185 94.39 56.67 -67.09
N GLU D 186 95.12 55.57 -67.29
CA GLU D 186 96.29 55.57 -68.15
C GLU D 186 96.20 54.39 -69.12
N LEU D 187 97.23 54.24 -69.94
CA LEU D 187 97.31 53.19 -70.95
C LEU D 187 98.67 52.52 -70.89
N LYS D 188 98.67 51.19 -70.81
CA LYS D 188 99.89 50.41 -70.80
C LYS D 188 99.92 49.46 -71.99
N VAL D 189 101.11 49.26 -72.56
CA VAL D 189 101.33 48.26 -73.59
C VAL D 189 102.24 47.20 -73.00
N VAL D 190 101.69 46.03 -72.73
CA VAL D 190 102.44 44.94 -72.10
C VAL D 190 102.76 43.87 -73.12
N GLU D 191 103.42 42.80 -72.67
CA GLU D 191 103.76 41.66 -73.52
C GLU D 191 102.69 40.60 -73.36
N GLY D 192 101.95 40.34 -74.44
CA GLY D 192 100.89 39.36 -74.38
C GLY D 192 100.43 38.99 -75.77
N MET D 193 99.47 38.06 -75.83
CA MET D 193 98.90 37.60 -77.08
C MET D 193 97.51 37.05 -76.82
N GLN D 194 96.90 36.49 -77.86
CA GLN D 194 95.57 35.92 -77.77
C GLN D 194 95.44 34.81 -78.80
N PHE D 195 94.66 33.79 -78.47
CA PHE D 195 94.41 32.68 -79.37
C PHE D 195 92.94 32.27 -79.29
N ASP D 196 92.53 31.44 -80.26
CA ASP D 196 91.12 31.13 -80.48
C ASP D 196 90.58 30.04 -79.58
N ARG D 197 91.39 29.49 -78.68
CA ARG D 197 90.93 28.43 -77.78
C ARG D 197 90.35 29.04 -76.51
N GLY D 198 89.15 28.57 -76.13
CA GLY D 198 88.49 29.01 -74.93
C GLY D 198 88.47 27.94 -73.85
N TYR D 199 87.57 28.12 -72.90
CA TYR D 199 87.44 27.15 -71.81
C TYR D 199 86.66 25.93 -72.27
N LEU D 200 86.96 24.78 -71.64
CA LEU D 200 86.34 23.53 -72.04
C LEU D 200 84.99 23.29 -71.38
N SER D 201 84.66 24.05 -70.34
CA SER D 201 83.38 23.91 -69.66
C SER D 201 82.87 25.29 -69.26
N PRO D 202 81.55 25.51 -69.33
CA PRO D 202 81.00 26.83 -68.96
C PRO D 202 81.17 27.16 -67.49
N TYR D 203 81.46 26.18 -66.64
CA TYR D 203 81.58 26.42 -65.21
C TYR D 203 82.92 27.02 -64.80
N PHE D 204 83.87 27.14 -65.74
CA PHE D 204 85.13 27.80 -65.44
C PHE D 204 84.98 29.32 -65.33
N VAL D 205 83.80 29.87 -65.63
CA VAL D 205 83.61 31.31 -65.61
C VAL D 205 83.70 31.82 -64.18
N THR D 206 84.54 32.84 -63.98
CA THR D 206 84.70 33.42 -62.65
C THR D 206 83.54 34.34 -62.30
N ASN D 207 83.18 35.24 -63.21
CA ASN D 207 82.08 36.17 -63.00
C ASN D 207 81.10 36.05 -64.16
N SER D 208 79.83 35.79 -63.84
CA SER D 208 78.85 35.37 -64.83
C SER D 208 78.24 36.52 -65.63
N GLU D 209 78.60 37.77 -65.34
CA GLU D 209 78.02 38.87 -66.11
C GLU D 209 78.70 39.00 -67.48
N THR D 210 80.02 38.81 -67.54
CA THR D 210 80.75 38.83 -68.80
C THR D 210 81.01 37.45 -69.37
N MET D 211 80.62 36.40 -68.65
CA MET D 211 80.81 35.01 -69.10
C MET D 211 82.26 34.72 -69.44
N GLU D 212 83.16 35.13 -68.56
CA GLU D 212 84.59 34.92 -68.77
C GLU D 212 85.25 34.60 -67.43
N ALA D 213 86.45 34.02 -67.51
CA ALA D 213 87.21 33.60 -66.34
C ALA D 213 88.31 34.60 -66.06
N GLU D 214 88.23 35.27 -64.91
CA GLU D 214 89.21 36.26 -64.50
C GLU D 214 90.27 35.57 -63.64
N LEU D 215 91.52 35.59 -64.10
CA LEU D 215 92.64 34.99 -63.38
C LEU D 215 93.75 36.03 -63.26
N ASP D 216 94.04 36.45 -62.04
CA ASP D 216 95.11 37.41 -61.76
C ASP D 216 96.22 36.70 -61.00
N GLU D 217 97.47 37.05 -61.32
CA GLU D 217 98.65 36.39 -60.77
C GLU D 217 98.66 34.91 -61.11
N ALA D 218 98.05 34.54 -62.22
CA ALA D 218 97.84 33.13 -62.55
C ALA D 218 99.12 32.49 -63.08
N LEU D 219 99.26 31.20 -62.80
CA LEU D 219 100.36 30.39 -63.31
C LEU D 219 99.88 29.65 -64.56
N ILE D 220 100.76 29.56 -65.54
CA ILE D 220 100.43 28.98 -66.84
C ILE D 220 101.08 27.59 -66.91
N LEU D 221 100.24 26.56 -66.91
CA LEU D 221 100.69 25.19 -67.12
C LEU D 221 100.60 24.86 -68.60
N ILE D 222 101.75 24.57 -69.21
CA ILE D 222 101.84 24.34 -70.65
C ILE D 222 102.24 22.88 -70.88
N HIS D 223 101.35 22.12 -71.52
CA HIS D 223 101.59 20.72 -71.82
C HIS D 223 101.30 20.47 -73.30
N ASP D 224 102.15 19.67 -73.94
CA ASP D 224 102.04 19.42 -75.37
C ASP D 224 101.27 18.15 -75.70
N LYS D 225 100.73 17.46 -74.70
CA LYS D 225 99.99 16.22 -74.92
C LYS D 225 98.64 16.31 -74.21
N LYS D 226 97.85 15.25 -74.34
CA LYS D 226 96.54 15.20 -73.70
C LYS D 226 96.67 15.05 -72.20
N ILE D 227 95.61 15.41 -71.48
CA ILE D 227 95.54 15.26 -70.04
C ILE D 227 94.23 14.59 -69.65
N MET D 230 91.81 11.93 -65.58
CA MET D 230 93.13 11.49 -66.02
C MET D 230 94.03 11.19 -64.83
N LYS D 231 94.26 12.20 -63.98
CA LYS D 231 95.10 12.06 -62.80
C LYS D 231 96.49 11.55 -63.15
N GLU D 232 96.99 11.99 -64.31
CA GLU D 232 98.30 11.54 -64.78
C GLU D 232 99.42 12.09 -63.91
N LEU D 233 99.33 13.37 -63.52
CA LEU D 233 100.30 13.97 -62.61
C LEU D 233 99.55 14.61 -61.44
N LEU D 234 99.69 14.02 -60.26
CA LEU D 234 99.13 14.62 -59.06
C LEU D 234 99.87 15.88 -58.61
N PRO D 235 101.21 15.89 -58.47
CA PRO D 235 101.84 17.00 -57.74
C PRO D 235 101.68 18.37 -58.38
N ILE D 236 101.75 18.46 -59.72
CA ILE D 236 101.67 19.76 -60.36
C ILE D 236 100.32 20.41 -60.09
N LEU D 237 99.26 19.62 -60.02
CA LEU D 237 97.95 20.14 -59.65
C LEU D 237 97.82 20.32 -58.14
N GLU D 238 98.46 19.46 -57.36
CA GLU D 238 98.36 19.56 -55.91
C GLU D 238 99.21 20.70 -55.35
N LYS D 239 100.35 20.99 -55.97
CA LYS D 239 101.21 22.08 -55.52
C LYS D 239 100.77 23.44 -56.06
N ALA D 240 99.69 23.48 -56.85
CA ALA D 240 99.19 24.73 -57.39
C ALA D 240 98.71 25.69 -56.31
N ALA D 241 98.54 25.22 -55.07
CA ALA D 241 98.18 26.13 -53.98
C ALA D 241 99.25 27.19 -53.77
N GLN D 242 100.47 26.75 -53.47
CA GLN D 242 101.63 27.63 -53.34
C GLN D 242 101.35 28.79 -52.39
N SER D 243 101.40 30.01 -52.92
CA SER D 243 101.07 31.21 -52.17
C SER D 243 99.61 31.63 -52.34
N GLY D 244 98.81 30.81 -53.03
CA GLY D 244 97.44 31.15 -53.32
C GLY D 244 97.18 31.64 -54.73
N ARG D 245 98.12 31.45 -55.65
CA ARG D 245 97.99 31.94 -57.01
C ARG D 245 97.20 30.94 -57.85
N PRO D 246 96.31 31.42 -58.73
CA PRO D 246 95.57 30.51 -59.60
C PRO D 246 96.47 29.88 -60.65
N LEU D 247 95.97 28.81 -61.26
CA LEU D 247 96.71 28.05 -62.25
C LEU D 247 95.90 27.93 -63.53
N LEU D 248 96.55 28.20 -64.67
CA LEU D 248 95.96 28.04 -65.99
C LEU D 248 96.57 26.81 -66.63
N ILE D 249 95.72 25.86 -67.02
CA ILE D 249 96.16 24.60 -67.61
C ILE D 249 95.95 24.68 -69.11
N ILE D 250 97.04 24.74 -69.86
CA ILE D 250 97.02 24.77 -71.32
C ILE D 250 97.61 23.46 -71.82
N ALA D 251 96.78 22.60 -72.39
CA ALA D 251 97.21 21.33 -72.95
C ALA D 251 96.55 21.14 -74.30
N GLU D 252 96.84 20.00 -74.94
CA GLU D 252 96.20 19.69 -76.21
C GLU D 252 94.70 19.49 -76.02
N ASP D 253 94.31 18.61 -75.09
CA ASP D 253 92.92 18.42 -74.75
C ASP D 253 92.85 17.81 -73.35
N ILE D 254 91.69 17.96 -72.73
CA ILE D 254 91.40 17.36 -71.44
C ILE D 254 90.13 16.53 -71.58
N GLU D 255 90.26 15.21 -71.42
CA GLU D 255 89.20 14.27 -71.74
C GLU D 255 88.63 13.58 -70.50
N GLY D 256 89.47 12.84 -69.76
CA GLY D 256 88.98 11.98 -68.70
C GLY D 256 88.53 12.70 -67.45
N GLU D 257 88.47 11.98 -66.33
CA GLU D 257 87.90 12.50 -65.10
C GLU D 257 88.60 13.75 -64.59
N ALA D 258 89.78 14.09 -65.11
CA ALA D 258 90.43 15.33 -64.74
C ALA D 258 89.62 16.54 -65.20
N LEU D 259 88.81 16.39 -66.24
CA LEU D 259 87.97 17.49 -66.70
C LEU D 259 86.87 17.79 -65.69
N ALA D 260 86.12 16.77 -65.28
CA ALA D 260 85.05 16.96 -64.31
C ALA D 260 85.58 17.25 -62.91
N THR D 261 86.82 16.84 -62.60
CA THR D 261 87.38 17.10 -61.28
C THR D 261 87.69 18.58 -61.11
N LEU D 262 88.29 19.21 -62.13
CA LEU D 262 88.62 20.62 -62.05
C LEU D 262 87.38 21.51 -62.08
N VAL D 263 86.25 21.00 -62.58
CA VAL D 263 85.02 21.77 -62.60
C VAL D 263 84.41 21.86 -61.22
N VAL D 264 84.30 20.71 -60.52
CA VAL D 264 83.68 20.70 -59.20
C VAL D 264 84.55 21.42 -58.18
N ASN D 265 85.87 21.27 -58.28
CA ASN D 265 86.77 21.93 -57.36
C ASN D 265 86.81 23.44 -57.56
N LYS D 266 86.41 23.93 -58.73
CA LYS D 266 86.38 25.37 -59.00
C LYS D 266 85.04 26.01 -58.67
N LEU D 267 84.02 25.22 -58.34
CA LEU D 267 82.70 25.75 -58.03
C LEU D 267 82.23 25.27 -56.66
N ARG D 268 82.03 23.96 -56.52
CA ARG D 268 81.60 23.36 -55.27
C ARG D 268 82.70 23.35 -54.19
N GLY D 269 83.91 23.79 -54.53
CA GLY D 269 85.02 23.76 -53.61
C GLY D 269 85.97 24.89 -53.89
N THR D 270 87.07 24.93 -53.13
CA THR D 270 88.02 26.03 -53.18
C THR D 270 89.24 25.62 -54.00
N LEU D 271 89.40 26.23 -55.16
CA LEU D 271 90.52 26.08 -56.07
C LEU D 271 90.26 26.97 -57.27
N LYS D 272 91.34 27.30 -57.99
CA LYS D 272 91.24 28.11 -59.20
C LYS D 272 91.97 27.39 -60.32
N VAL D 273 91.22 26.91 -61.30
CA VAL D 273 91.77 26.19 -62.44
C VAL D 273 90.96 26.55 -63.68
N ALA D 274 91.65 26.80 -64.79
CA ALA D 274 91.01 27.09 -66.07
C ALA D 274 91.60 26.17 -67.13
N ALA D 275 90.74 25.35 -67.75
CA ALA D 275 91.16 24.41 -68.78
C ALA D 275 91.01 25.06 -70.15
N VAL D 276 92.11 25.14 -70.90
CA VAL D 276 92.12 25.73 -72.23
C VAL D 276 92.89 24.81 -73.17
N LYS D 277 92.32 24.58 -74.35
CA LYS D 277 92.99 23.77 -75.35
C LYS D 277 94.18 24.51 -75.95
N ALA D 278 95.09 23.77 -76.55
CA ALA D 278 96.26 24.36 -77.16
C ALA D 278 95.86 25.06 -78.47
N PRO D 279 96.45 26.22 -78.77
CA PRO D 279 96.09 26.93 -80.00
C PRO D 279 96.57 26.19 -81.25
N GLY D 280 95.70 26.10 -82.24
CA GLY D 280 96.04 25.46 -83.50
C GLY D 280 96.16 23.95 -83.36
N PHE D 281 96.56 23.33 -84.47
CA PHE D 281 96.76 21.89 -84.53
C PHE D 281 97.99 21.58 -85.36
N GLY D 282 98.44 20.34 -85.27
CA GLY D 282 99.52 19.87 -86.13
C GLY D 282 100.87 20.45 -85.77
N ASP D 283 101.68 20.67 -86.81
CA ASP D 283 103.04 21.16 -86.60
C ASP D 283 103.06 22.61 -86.13
N ARG D 284 102.09 23.41 -86.56
CA ARG D 284 102.04 24.81 -86.12
C ARG D 284 101.74 24.94 -84.64
N ARG D 285 101.10 23.93 -84.03
CA ARG D 285 100.82 23.98 -82.60
C ARG D 285 102.10 23.86 -81.77
N LYS D 286 103.09 23.11 -82.26
CA LYS D 286 104.33 22.97 -81.51
C LYS D 286 105.06 24.31 -81.38
N ALA D 287 105.11 25.08 -82.47
CA ALA D 287 105.71 26.41 -82.40
C ALA D 287 104.81 27.41 -81.69
N MET D 288 103.50 27.15 -81.65
CA MET D 288 102.59 28.04 -80.93
C MET D 288 102.76 27.90 -79.42
N LEU D 289 102.82 26.66 -78.93
CA LEU D 289 103.07 26.45 -77.51
C LEU D 289 104.46 26.89 -77.10
N GLU D 290 105.43 26.81 -78.01
CA GLU D 290 106.77 27.30 -77.72
C GLU D 290 106.80 28.82 -77.63
N ASP D 291 106.14 29.50 -78.58
CA ASP D 291 106.06 30.96 -78.52
C ASP D 291 105.27 31.43 -77.32
N ILE D 292 104.26 30.66 -76.89
CA ILE D 292 103.50 31.02 -75.71
C ILE D 292 104.32 30.77 -74.45
N ALA D 293 105.21 29.79 -74.49
CA ALA D 293 106.06 29.50 -73.32
C ALA D 293 107.14 30.55 -73.15
N ILE D 294 107.71 31.05 -74.26
CA ILE D 294 108.69 32.11 -74.17
C ILE D 294 108.06 33.40 -73.65
N LEU D 295 106.80 33.64 -74.01
CA LEU D 295 106.13 34.87 -73.58
C LEU D 295 105.80 34.82 -72.09
N THR D 296 105.33 33.67 -71.61
CA THR D 296 104.94 33.54 -70.21
C THR D 296 106.12 33.25 -69.29
N GLY D 297 107.34 33.13 -69.82
CA GLY D 297 108.52 32.95 -69.00
C GLY D 297 108.78 31.52 -68.55
N GLY D 298 107.78 30.65 -68.61
CA GLY D 298 107.93 29.27 -68.20
C GLY D 298 108.50 28.41 -69.30
N THR D 299 108.31 27.10 -69.16
CA THR D 299 108.78 26.13 -70.13
C THR D 299 107.65 25.16 -70.44
N VAL D 300 107.55 24.77 -71.72
CA VAL D 300 106.52 23.83 -72.14
C VAL D 300 106.88 22.43 -71.64
N ILE D 301 105.94 21.78 -70.98
CA ILE D 301 106.16 20.45 -70.42
C ILE D 301 105.82 19.38 -71.45
N LYS D 305 111.07 17.34 -76.15
CA LYS D 305 110.15 16.21 -76.04
C LYS D 305 110.57 15.27 -74.91
N GLY D 306 111.52 15.73 -74.09
CA GLY D 306 112.01 14.96 -72.97
C GLY D 306 111.54 15.39 -71.59
N TYR D 307 110.59 16.33 -71.52
CA TYR D 307 110.09 16.80 -70.24
C TYR D 307 108.90 15.95 -69.81
N LYS D 308 109.05 15.25 -68.68
CA LYS D 308 107.96 14.44 -68.15
C LYS D 308 106.96 15.33 -67.42
N LEU D 309 105.71 14.88 -67.37
CA LEU D 309 104.67 15.67 -66.73
C LEU D 309 104.81 15.65 -65.21
N GLU D 310 105.21 14.52 -64.65
CA GLU D 310 105.41 14.42 -63.21
C GLU D 310 106.77 14.94 -62.76
N ASN D 311 107.70 15.13 -63.69
CA ASN D 311 109.03 15.62 -63.36
C ASN D 311 109.15 17.14 -63.44
N ALA D 312 108.06 17.84 -63.72
CA ALA D 312 108.10 19.29 -63.81
C ALA D 312 108.22 19.92 -62.42
N THR D 313 108.32 21.24 -62.38
CA THR D 313 108.48 21.99 -61.14
C THR D 313 107.57 23.21 -61.18
N MET D 314 107.60 23.98 -60.09
CA MET D 314 106.84 25.23 -60.05
C MET D 314 107.56 26.35 -60.79
N ALA D 315 108.89 26.30 -60.85
CA ALA D 315 109.63 27.29 -61.61
C ALA D 315 109.51 27.08 -63.11
N TYR D 316 109.12 25.88 -63.55
CA TYR D 316 108.93 25.61 -64.96
C TYR D 316 107.63 26.19 -65.50
N LEU D 317 106.68 26.52 -64.63
CA LEU D 317 105.42 27.09 -65.06
C LEU D 317 105.60 28.54 -65.50
N GLY D 318 104.72 28.97 -66.41
CA GLY D 318 104.70 30.35 -66.82
C GLY D 318 103.82 31.21 -65.93
N GLN D 319 104.17 32.49 -65.83
CA GLN D 319 103.44 33.43 -64.99
C GLN D 319 102.90 34.58 -65.84
N ALA D 320 101.75 35.10 -65.42
CA ALA D 320 101.12 36.20 -66.12
C ALA D 320 100.37 37.06 -65.11
N ALA D 321 100.36 38.37 -65.36
CA ALA D 321 99.66 39.31 -64.49
C ALA D 321 98.17 38.97 -64.41
N ARG D 322 97.45 39.13 -65.51
CA ARG D 322 96.02 38.86 -65.57
C ARG D 322 95.71 38.07 -66.83
N ILE D 323 94.76 37.14 -66.71
CA ILE D 323 94.37 36.28 -67.82
C ILE D 323 92.84 36.24 -67.87
N THR D 324 92.27 36.69 -68.99
CA THR D 324 90.84 36.63 -69.23
C THR D 324 90.56 35.59 -70.31
N ILE D 325 89.56 34.75 -70.08
CA ILE D 325 89.25 33.63 -70.97
C ILE D 325 87.78 33.71 -71.33
N ASP D 326 87.49 33.95 -72.61
CA ASP D 326 86.14 33.91 -73.13
C ASP D 326 85.81 32.47 -73.56
N LYS D 327 84.63 32.27 -74.15
CA LYS D 327 84.30 30.94 -74.66
C LYS D 327 85.07 30.64 -75.94
N ASP D 328 85.18 31.61 -76.84
CA ASP D 328 85.91 31.45 -78.09
C ASP D 328 87.31 32.05 -78.05
N ASN D 329 87.73 32.64 -76.93
CA ASN D 329 89.01 33.35 -76.89
C ASN D 329 89.66 33.19 -75.53
N THR D 330 91.00 33.29 -75.52
CA THR D 330 91.79 33.32 -74.29
C THR D 330 92.90 34.34 -74.48
N THR D 331 93.01 35.28 -73.53
CA THR D 331 93.97 36.37 -73.61
C THR D 331 94.93 36.31 -72.42
N ILE D 332 96.22 36.41 -72.71
CA ILE D 332 97.26 36.47 -71.69
C ILE D 332 97.83 37.88 -71.68
N VAL D 333 97.75 38.54 -70.53
CA VAL D 333 98.13 39.94 -70.39
C VAL D 333 99.34 40.03 -69.48
N GLU D 334 100.42 40.64 -69.99
CA GLU D 334 101.64 40.93 -69.23
C GLU D 334 102.23 39.64 -68.64
N GLY D 335 102.81 38.84 -69.52
CA GLY D 335 103.46 37.62 -69.13
C GLY D 335 104.71 37.87 -68.30
N LYS D 336 105.35 36.77 -67.91
CA LYS D 336 106.51 36.80 -67.03
C LYS D 336 107.78 37.12 -67.81
N GLY D 337 108.94 36.87 -67.19
CA GLY D 337 110.21 37.35 -67.70
C GLY D 337 110.75 36.52 -68.85
N LYS D 338 112.08 36.51 -68.98
CA LYS D 338 112.80 36.05 -70.17
C LYS D 338 112.50 36.99 -71.35
N GLN D 339 112.46 38.29 -71.05
CA GLN D 339 112.11 39.29 -72.07
C GLN D 339 113.18 39.36 -73.14
N GLU D 340 114.46 39.29 -72.77
CA GLU D 340 115.52 39.31 -73.76
C GLU D 340 115.48 38.09 -74.67
N GLU D 341 114.89 36.99 -74.20
CA GLU D 341 114.67 35.82 -75.05
C GLU D 341 113.42 35.95 -75.91
N ILE D 342 112.53 36.89 -75.59
CA ILE D 342 111.35 37.11 -76.41
C ILE D 342 111.73 37.70 -77.77
N LYS D 343 112.57 38.75 -77.75
CA LYS D 343 113.05 39.33 -78.99
C LYS D 343 113.92 38.33 -79.76
N ALA D 344 114.56 37.40 -79.05
CA ALA D 344 115.28 36.33 -79.74
C ALA D 344 114.32 35.44 -80.51
N ARG D 345 113.15 35.16 -79.93
CA ARG D 345 112.12 34.42 -80.67
C ARG D 345 111.52 35.25 -81.78
N ILE D 346 111.37 36.56 -81.57
CA ILE D 346 110.88 37.44 -82.62
C ILE D 346 111.86 37.45 -83.80
N ASN D 347 113.16 37.54 -83.50
CA ASN D 347 114.15 37.49 -84.57
C ASN D 347 114.23 36.12 -85.21
N GLU D 348 113.88 35.06 -84.46
CA GLU D 348 113.89 33.72 -85.04
C GLU D 348 112.72 33.54 -86.01
N ILE D 349 111.54 34.05 -85.65
CA ILE D 349 110.40 33.99 -86.57
C ILE D 349 110.63 34.92 -87.75
N LYS D 350 111.23 36.09 -87.49
CA LYS D 350 111.60 36.99 -88.59
C LYS D 350 112.65 36.35 -89.48
N GLY D 351 113.57 35.58 -88.89
CA GLY D 351 114.53 34.85 -89.70
C GLY D 351 113.92 33.64 -90.38
N GLN D 352 112.94 32.99 -89.75
CA GLN D 352 112.25 31.88 -90.38
C GLN D 352 111.45 32.33 -91.59
N ILE D 353 111.05 33.60 -91.65
CA ILE D 353 110.37 34.12 -92.84
C ILE D 353 111.35 34.31 -93.99
N GLU D 354 112.65 34.46 -93.69
CA GLU D 354 113.66 34.59 -94.74
C GLU D 354 113.95 33.27 -95.42
N LYS D 355 113.44 32.15 -94.90
CA LYS D 355 113.65 30.84 -95.53
C LYS D 355 112.55 30.58 -96.55
N SER D 356 111.31 30.46 -96.10
CA SER D 356 110.19 30.22 -96.99
C SER D 356 109.81 31.50 -97.75
N TYR D 360 101.08 30.61 -99.01
CA TYR D 360 100.37 30.82 -97.74
C TYR D 360 101.20 30.36 -96.56
N ASP D 361 102.30 29.65 -96.85
CA ASP D 361 103.20 29.23 -95.78
C ASP D 361 103.86 30.42 -95.11
N THR D 362 104.17 31.47 -95.87
CA THR D 362 104.77 32.67 -95.29
C THR D 362 103.75 33.53 -94.58
N GLU D 363 102.48 33.52 -95.03
CA GLU D 363 101.45 34.33 -94.39
C GLU D 363 101.08 33.79 -93.01
N LYS D 364 101.12 32.47 -92.84
CA LYS D 364 100.75 31.89 -91.55
C LYS D 364 101.84 32.08 -90.51
N LEU D 365 103.10 32.11 -90.92
CA LEU D 365 104.20 32.31 -89.98
C LEU D 365 104.24 33.74 -89.47
N GLN D 366 103.75 34.70 -90.26
CA GLN D 366 103.71 36.10 -89.83
C GLN D 366 102.62 36.38 -88.81
N GLU D 367 101.70 35.44 -88.59
CA GLU D 367 100.62 35.66 -87.64
C GLU D 367 101.15 35.70 -86.21
N ARG D 368 101.91 34.66 -85.81
CA ARG D 368 102.47 34.65 -84.47
C ARG D 368 103.61 35.65 -84.32
N LEU D 369 104.18 36.13 -85.43
CA LEU D 369 105.15 37.22 -85.35
C LEU D 369 104.48 38.50 -84.88
N ALA D 370 103.26 38.75 -85.32
CA ALA D 370 102.53 39.94 -84.90
C ALA D 370 101.96 39.80 -83.49
N LYS D 371 101.61 38.57 -83.09
CA LYS D 371 101.05 38.38 -81.76
C LYS D 371 102.11 38.57 -80.68
N LEU D 372 103.35 38.17 -80.95
CA LEU D 372 104.42 38.32 -79.96
C LEU D 372 104.94 39.75 -79.91
N SER D 373 105.13 40.38 -81.08
CA SER D 373 105.65 41.74 -81.10
C SER D 373 104.57 42.78 -80.83
N GLY D 374 103.32 42.49 -81.21
CA GLY D 374 102.26 43.47 -81.07
C GLY D 374 101.91 43.78 -79.62
N GLY D 375 102.05 42.80 -78.74
CA GLY D 375 101.74 43.04 -77.35
C GLY D 375 100.25 43.18 -77.10
N VAL D 376 99.92 43.71 -75.92
CA VAL D 376 98.54 43.90 -75.50
C VAL D 376 98.40 45.29 -74.90
N ALA D 377 97.42 46.05 -75.39
CA ALA D 377 97.12 47.37 -74.85
C ALA D 377 96.12 47.21 -73.70
N VAL D 378 96.50 47.71 -72.52
CA VAL D 378 95.68 47.60 -71.32
C VAL D 378 95.11 48.98 -71.01
N LEU D 379 93.79 49.06 -70.92
CA LEU D 379 93.10 50.29 -70.56
C LEU D 379 92.68 50.18 -69.10
N LYS D 380 93.34 50.95 -68.23
CA LYS D 380 93.04 50.96 -66.81
C LYS D 380 92.25 52.22 -66.50
N ILE D 381 90.98 52.06 -66.12
CA ILE D 381 90.07 53.17 -65.92
C ILE D 381 89.88 53.38 -64.42
N GLY D 382 90.14 54.60 -63.96
CA GLY D 382 89.96 54.96 -62.58
C GLY D 382 88.69 55.77 -62.35
N ALA D 383 88.35 55.93 -61.07
CA ALA D 383 87.16 56.68 -60.68
C ALA D 383 87.34 57.19 -59.27
N SER D 384 86.49 58.16 -58.90
CA SER D 384 86.56 58.75 -57.57
C SER D 384 86.29 57.72 -56.48
N THR D 385 85.27 56.89 -56.66
CA THR D 385 84.89 55.88 -55.68
C THR D 385 84.87 54.50 -56.35
N GLU D 386 84.55 53.48 -55.54
CA GLU D 386 84.50 52.12 -56.05
C GLU D 386 83.25 51.89 -56.91
N VAL D 387 82.13 52.52 -56.55
CA VAL D 387 80.89 52.32 -57.30
C VAL D 387 81.01 52.89 -58.71
N GLU D 388 81.64 54.06 -58.84
CA GLU D 388 81.75 54.70 -60.14
C GLU D 388 82.72 54.00 -61.06
N MET D 389 83.67 53.22 -60.52
CA MET D 389 84.63 52.54 -61.37
C MET D 389 83.97 51.43 -62.17
N LYS D 390 83.23 50.53 -61.50
CA LYS D 390 82.57 49.45 -62.20
C LYS D 390 81.46 49.94 -63.11
N GLU D 391 80.94 51.15 -62.88
CA GLU D 391 80.00 51.74 -63.83
C GLU D 391 80.74 52.32 -65.04
N LYS D 392 81.83 53.04 -64.79
CA LYS D 392 82.57 53.66 -65.89
C LYS D 392 83.32 52.61 -66.71
N LYS D 393 83.88 51.60 -66.05
CA LYS D 393 84.59 50.54 -66.77
C LYS D 393 83.65 49.79 -67.71
N ALA D 394 82.39 49.62 -67.32
CA ALA D 394 81.44 48.94 -68.19
C ALA D 394 81.18 49.73 -69.46
N ARG D 395 81.16 51.07 -69.36
CA ARG D 395 80.94 51.90 -70.53
C ARG D 395 82.13 51.84 -71.47
N VAL D 396 83.35 51.76 -70.93
CA VAL D 396 84.54 51.71 -71.77
C VAL D 396 84.57 50.42 -72.59
N GLU D 397 84.21 49.29 -71.96
CA GLU D 397 84.19 48.02 -72.69
C GLU D 397 83.11 48.03 -73.76
N ASP D 398 81.96 48.65 -73.48
CA ASP D 398 80.91 48.77 -74.49
C ASP D 398 81.29 49.77 -75.57
N ALA D 399 81.94 50.87 -75.19
CA ALA D 399 82.40 51.84 -76.17
C ALA D 399 83.55 51.28 -77.01
N LEU D 400 84.42 50.47 -76.39
CA LEU D 400 85.51 49.85 -77.15
C LEU D 400 84.98 48.88 -78.19
N HIS D 401 84.09 47.97 -77.78
CA HIS D 401 83.58 46.97 -78.71
C HIS D 401 82.78 47.63 -79.83
N ALA D 402 82.05 48.71 -79.52
CA ALA D 402 81.33 49.44 -80.56
C ALA D 402 82.30 50.16 -81.49
N THR D 403 83.44 50.62 -80.96
CA THR D 403 84.42 51.29 -81.80
C THR D 403 85.16 50.29 -82.70
N ARG D 404 85.47 49.11 -82.17
CA ARG D 404 86.14 48.09 -82.96
C ARG D 404 85.30 47.68 -84.17
N ALA D 405 83.99 47.47 -83.95
CA ALA D 405 83.12 47.11 -85.06
C ALA D 405 82.89 48.28 -86.00
N ALA D 406 82.95 49.52 -85.48
CA ALA D 406 82.72 50.68 -86.32
C ALA D 406 83.88 50.92 -87.29
N VAL D 407 85.08 50.48 -86.93
CA VAL D 407 86.22 50.67 -87.82
C VAL D 407 86.18 49.68 -88.98
N GLN D 408 85.77 48.43 -88.71
CA GLN D 408 85.82 47.39 -89.73
C GLN D 408 84.87 47.70 -90.89
N GLU D 409 83.57 47.78 -90.60
CA GLU D 409 82.56 47.94 -91.63
C GLU D 409 82.05 49.36 -91.78
N GLY D 410 82.48 50.30 -90.95
CA GLY D 410 82.07 51.68 -91.07
C GLY D 410 80.92 52.06 -90.14
N ILE D 411 80.28 53.17 -90.48
CA ILE D 411 79.23 53.78 -89.68
C ILE D 411 78.06 54.16 -90.58
N VAL D 412 76.85 53.78 -90.18
CA VAL D 412 75.64 54.15 -90.91
C VAL D 412 74.73 54.99 -90.02
N VAL D 413 73.59 55.40 -90.55
CA VAL D 413 72.67 56.27 -89.83
C VAL D 413 71.87 55.44 -88.82
N GLY D 414 71.76 55.96 -87.60
CA GLY D 414 71.01 55.28 -86.56
C GLY D 414 69.51 55.54 -86.66
N GLY D 415 68.82 55.29 -85.56
CA GLY D 415 67.39 55.50 -85.49
C GLY D 415 66.58 54.64 -86.42
N GLY D 416 67.13 53.51 -86.87
CA GLY D 416 66.44 52.66 -87.81
C GLY D 416 66.28 53.23 -89.20
N VAL D 417 66.96 54.33 -89.51
CA VAL D 417 66.82 54.95 -90.83
C VAL D 417 67.66 54.21 -91.88
N ALA D 418 68.81 53.66 -91.49
CA ALA D 418 69.69 53.04 -92.47
C ALA D 418 69.01 51.88 -93.18
N LEU D 419 68.21 51.10 -92.47
CA LEU D 419 67.49 50.00 -93.10
C LEU D 419 66.48 50.53 -94.12
N ILE D 420 65.80 51.63 -93.79
CA ILE D 420 64.84 52.21 -94.72
C ILE D 420 65.55 52.81 -95.93
N ARG D 421 66.70 53.46 -95.70
CA ARG D 421 67.46 54.01 -96.81
C ARG D 421 68.08 52.90 -97.66
N ALA D 422 68.48 51.80 -97.04
CA ALA D 422 69.04 50.68 -97.80
C ALA D 422 68.00 49.93 -98.62
N ALA D 423 66.73 50.25 -98.46
CA ALA D 423 65.69 49.63 -99.27
C ALA D 423 65.80 50.01 -100.74
N LYS D 424 66.55 51.07 -101.05
CA LYS D 424 66.73 51.46 -102.45
C LYS D 424 67.48 50.39 -103.25
N GLY D 425 68.32 49.60 -102.58
CA GLY D 425 69.02 48.53 -103.26
C GLY D 425 68.14 47.38 -103.71
N LEU D 426 66.89 47.33 -103.24
CA LEU D 426 65.98 46.26 -103.65
C LEU D 426 65.62 46.33 -105.13
N ALA D 427 65.87 47.46 -105.78
CA ALA D 427 65.59 47.58 -107.21
C ALA D 427 66.46 46.66 -108.04
N LYS D 428 67.63 46.27 -107.54
CA LYS D 428 68.53 45.38 -108.25
C LYS D 428 68.23 43.91 -108.00
N ALA D 429 67.32 43.60 -107.08
CA ALA D 429 66.99 42.21 -106.80
C ALA D 429 66.18 41.60 -107.92
N VAL D 430 66.49 40.35 -108.27
CA VAL D 430 65.85 39.65 -109.38
C VAL D 430 64.94 38.58 -108.82
N ALA D 431 63.72 38.52 -109.32
CA ALA D 431 62.71 37.55 -108.89
C ALA D 431 62.34 36.68 -110.08
N ASP D 432 62.53 35.37 -109.93
CA ASP D 432 62.23 34.43 -111.01
C ASP D 432 60.74 34.16 -111.15
N ASN D 433 59.96 34.37 -110.09
CA ASN D 433 58.52 34.16 -110.14
C ASN D 433 57.85 35.11 -109.14
N GLU D 434 56.53 35.00 -109.03
CA GLU D 434 55.79 35.87 -108.12
C GLU D 434 56.08 35.54 -106.67
N ASP D 435 56.31 34.27 -106.35
CA ASP D 435 56.60 33.91 -104.96
C ASP D 435 57.94 34.49 -104.51
N GLN D 436 58.95 34.44 -105.37
CA GLN D 436 60.23 35.06 -105.03
C GLN D 436 60.11 36.57 -104.94
N LYS D 437 59.23 37.18 -105.75
CA LYS D 437 58.99 38.61 -105.62
C LYS D 437 58.26 38.92 -104.32
N THR D 438 57.38 38.02 -103.87
CA THR D 438 56.73 38.20 -102.58
C THR D 438 57.75 38.16 -101.45
N GLY D 439 58.75 37.29 -101.56
CA GLY D 439 59.81 37.28 -100.56
C GLY D 439 60.58 38.58 -100.49
N ILE D 440 60.79 39.22 -101.64
CA ILE D 440 61.50 40.49 -101.65
C ILE D 440 60.65 41.58 -100.99
N GLU D 441 59.35 41.61 -101.28
CA GLU D 441 58.49 42.63 -100.68
C GLU D 441 58.27 42.39 -99.19
N ILE D 442 58.45 41.16 -98.71
CA ILE D 442 58.44 40.91 -97.27
C ILE D 442 59.59 41.65 -96.60
N ILE D 443 60.78 41.57 -97.19
CA ILE D 443 61.93 42.30 -96.66
C ILE D 443 61.70 43.80 -96.75
N ARG D 444 61.08 44.26 -97.84
CA ARG D 444 60.83 45.69 -98.01
C ARG D 444 60.00 46.24 -96.86
N ARG D 445 58.93 45.55 -96.49
CA ARG D 445 58.10 45.99 -95.38
C ARG D 445 58.77 45.75 -94.03
N ALA D 446 59.68 44.78 -93.95
CA ALA D 446 60.34 44.47 -92.69
C ALA D 446 61.41 45.50 -92.32
N LEU D 447 62.00 46.15 -93.32
CA LEU D 447 63.02 47.17 -93.03
C LEU D 447 62.45 48.37 -92.30
N GLU D 448 61.14 48.61 -92.43
CA GLU D 448 60.49 49.71 -91.73
C GLU D 448 60.14 49.37 -90.28
N GLU D 449 60.17 48.09 -89.92
CA GLU D 449 59.70 47.62 -88.62
C GLU D 449 60.55 48.14 -87.46
N PRO D 450 61.88 48.13 -87.54
CA PRO D 450 62.67 48.67 -86.40
C PRO D 450 62.34 50.13 -86.10
N LEU D 451 62.30 50.98 -87.12
CA LEU D 451 61.97 52.38 -86.90
C LEU D 451 60.55 52.54 -86.40
N ARG D 452 59.63 51.70 -86.87
CA ARG D 452 58.24 51.76 -86.40
C ARG D 452 58.14 51.38 -84.93
N GLN D 453 59.01 50.49 -84.45
CA GLN D 453 59.04 50.15 -83.03
C GLN D 453 59.70 51.26 -82.22
N ILE D 454 60.65 51.98 -82.80
CA ILE D 454 61.26 53.11 -82.11
C ILE D 454 60.21 54.16 -81.79
N VAL D 455 59.40 54.52 -82.78
CA VAL D 455 58.37 55.55 -82.59
C VAL D 455 57.26 55.04 -81.69
N ALA D 456 56.94 53.75 -81.77
CA ALA D 456 55.85 53.21 -80.97
C ALA D 456 56.18 53.26 -79.48
N ASN D 457 57.44 53.04 -79.12
CA ASN D 457 57.83 53.07 -77.71
C ASN D 457 57.76 54.47 -77.11
N THR D 458 57.66 55.51 -77.93
CA THR D 458 57.46 56.86 -77.38
C THR D 458 56.06 57.04 -76.82
N GLY D 459 55.12 56.18 -77.21
CA GLY D 459 53.75 56.26 -76.71
C GLY D 459 52.77 56.95 -77.63
N THR D 460 53.24 57.58 -78.70
CA THR D 460 52.34 58.31 -79.60
C THR D 460 51.51 57.33 -80.43
N THR D 461 50.26 57.72 -80.67
CA THR D 461 49.39 57.01 -81.60
C THR D 461 49.51 57.55 -83.02
N ASP D 462 50.29 58.62 -83.21
CA ASP D 462 50.49 59.25 -84.51
C ASP D 462 51.73 58.72 -85.24
N GLY D 463 52.37 57.68 -84.69
CA GLY D 463 53.63 57.19 -85.24
C GLY D 463 53.58 56.77 -86.69
N ALA D 464 52.39 56.52 -87.23
CA ALA D 464 52.29 56.18 -88.65
C ALA D 464 52.73 57.34 -89.53
N VAL D 465 52.42 58.57 -89.11
CA VAL D 465 52.84 59.74 -89.87
C VAL D 465 54.35 59.93 -89.77
N VAL D 466 54.94 59.59 -88.62
CA VAL D 466 56.39 59.74 -88.44
C VAL D 466 57.15 58.85 -89.40
N LEU D 467 56.70 57.61 -89.57
CA LEU D 467 57.36 56.70 -90.50
C LEU D 467 57.27 57.22 -91.94
N GLU D 468 56.17 57.90 -92.27
CA GLU D 468 56.00 58.41 -93.64
C GLU D 468 56.94 59.57 -93.92
N LYS D 469 57.14 60.46 -92.94
CA LYS D 469 58.02 61.60 -93.14
C LYS D 469 59.47 61.17 -93.30
N VAL D 470 59.89 60.12 -92.61
CA VAL D 470 61.26 59.65 -92.71
C VAL D 470 61.50 58.96 -94.04
N LYS D 471 60.50 58.23 -94.53
CA LYS D 471 60.67 57.51 -95.80
C LYS D 471 60.72 58.47 -96.98
N ASN D 472 59.87 59.50 -96.97
CA ASN D 472 59.85 60.46 -98.08
C ASN D 472 61.10 61.34 -98.11
N ALA D 473 61.83 61.44 -97.00
CA ALA D 473 63.03 62.26 -96.95
C ALA D 473 64.21 61.52 -97.58
N GLU D 474 65.40 62.10 -97.49
CA GLU D 474 66.60 61.49 -98.02
C GLU D 474 67.75 61.70 -97.04
N GLY D 475 68.78 60.87 -97.19
CA GLY D 475 69.99 61.07 -96.42
C GLY D 475 69.82 60.66 -94.97
N ASP D 476 70.46 61.42 -94.08
CA ASP D 476 70.47 61.13 -92.66
C ASP D 476 69.27 61.71 -91.93
N TYR D 477 68.35 62.35 -92.64
CA TYR D 477 67.16 62.90 -92.01
C TYR D 477 66.31 61.78 -91.42
N GLY D 478 65.99 61.91 -90.13
CA GLY D 478 65.21 60.88 -89.46
C GLY D 478 64.62 61.42 -88.17
N PHE D 479 63.90 60.55 -87.49
CA PHE D 479 63.22 60.91 -86.25
C PHE D 479 64.11 60.53 -85.06
N ASN D 480 64.40 61.50 -84.20
CA ASN D 480 65.15 61.27 -82.98
C ASN D 480 64.15 61.04 -81.85
N ALA D 481 64.10 59.81 -81.34
CA ALA D 481 63.14 59.48 -80.29
C ALA D 481 63.53 60.03 -78.93
N ARG D 482 64.80 60.39 -78.74
CA ARG D 482 65.22 60.94 -77.45
C ARG D 482 64.64 62.33 -77.22
N THR D 483 64.80 63.22 -78.20
CA THR D 483 64.26 64.57 -78.12
C THR D 483 62.90 64.71 -78.80
N GLU D 484 62.40 63.65 -79.43
CA GLU D 484 61.12 63.67 -80.15
C GLU D 484 61.07 64.81 -81.16
N GLN D 485 62.08 64.87 -82.01
CA GLN D 485 62.19 65.94 -82.99
C GLN D 485 62.91 65.43 -84.22
N TYR D 486 62.55 65.98 -85.38
CA TYR D 486 63.21 65.64 -86.63
C TYR D 486 64.48 66.46 -86.79
N GLU D 487 65.54 65.81 -87.27
CA GLU D 487 66.83 66.45 -87.46
C GLU D 487 67.71 65.52 -88.29
N ASN D 488 68.93 65.95 -88.56
CA ASN D 488 69.93 65.10 -89.19
C ASN D 488 70.56 64.22 -88.12
N LEU D 489 70.44 62.90 -88.27
CA LEU D 489 70.78 62.01 -87.18
C LEU D 489 72.29 61.88 -87.00
N ILE D 490 73.04 61.84 -88.10
CA ILE D 490 74.49 61.71 -87.99
C ILE D 490 75.09 62.91 -87.29
N GLU D 491 74.68 64.12 -87.68
CA GLU D 491 75.17 65.32 -87.03
C GLU D 491 74.70 65.41 -85.59
N ALA D 492 73.50 64.90 -85.29
CA ALA D 492 72.97 64.92 -83.93
C ALA D 492 73.56 63.83 -83.04
N GLY D 493 74.34 62.91 -83.59
CA GLY D 493 74.98 61.88 -82.81
C GLY D 493 74.28 60.55 -82.79
N VAL D 494 73.22 60.37 -83.57
CA VAL D 494 72.50 59.10 -83.63
C VAL D 494 73.09 58.29 -84.78
N VAL D 495 73.83 57.23 -84.44
CA VAL D 495 74.53 56.43 -85.44
C VAL D 495 74.63 55.00 -84.91
N ASP D 496 74.74 54.05 -85.84
CA ASP D 496 74.97 52.66 -85.53
C ASP D 496 76.11 52.13 -86.39
N PRO D 497 76.93 51.23 -85.85
CA PRO D 497 77.96 50.59 -86.68
C PRO D 497 77.31 49.82 -87.81
N THR D 498 77.95 49.86 -88.98
CA THR D 498 77.41 49.13 -90.13
C THR D 498 77.36 47.64 -89.85
N LYS D 499 78.32 47.11 -89.10
CA LYS D 499 78.33 45.69 -88.76
C LYS D 499 77.12 45.32 -87.92
N VAL D 500 76.65 46.23 -87.07
CA VAL D 500 75.46 45.95 -86.26
C VAL D 500 74.22 45.83 -87.14
N THR D 501 74.02 46.81 -88.02
CA THR D 501 72.78 46.86 -88.80
C THR D 501 72.70 45.69 -89.78
N ARG D 502 73.79 45.41 -90.49
CA ARG D 502 73.74 44.36 -91.50
C ARG D 502 73.66 42.97 -90.88
N SER D 503 74.24 42.79 -89.68
CA SER D 503 74.14 41.51 -89.01
C SER D 503 72.72 41.26 -88.49
N ALA D 504 72.05 42.32 -88.03
CA ALA D 504 70.69 42.18 -87.54
C ALA D 504 69.75 41.70 -88.65
N LEU D 505 69.94 42.21 -89.86
CA LEU D 505 69.07 41.80 -90.97
C LEU D 505 69.42 40.40 -91.46
N GLU D 506 70.71 40.08 -91.55
CA GLU D 506 71.12 38.76 -92.04
C GLU D 506 70.75 37.66 -91.06
N ASN D 507 70.94 37.90 -89.77
CA ASN D 507 70.57 36.90 -88.76
C ASN D 507 69.06 36.69 -88.72
N ALA D 508 68.30 37.79 -88.74
CA ALA D 508 66.85 37.68 -88.68
C ALA D 508 66.30 36.94 -89.89
N ALA D 509 66.83 37.24 -91.08
CA ALA D 509 66.38 36.56 -92.29
C ALA D 509 66.78 35.10 -92.28
N SER D 510 67.90 34.76 -91.63
CA SER D 510 68.34 33.37 -91.60
C SER D 510 67.41 32.53 -90.73
N VAL D 511 67.17 32.97 -89.49
CA VAL D 511 66.32 32.18 -88.59
C VAL D 511 64.90 32.11 -89.11
N ALA D 512 64.41 33.19 -89.72
CA ALA D 512 63.07 33.18 -90.27
C ALA D 512 62.97 32.29 -91.51
N SER D 513 64.06 32.14 -92.25
CA SER D 513 64.06 31.25 -93.40
C SER D 513 64.00 29.79 -92.98
N ILE D 514 64.72 29.44 -91.90
CA ILE D 514 64.69 28.07 -91.39
C ILE D 514 63.29 27.73 -90.88
N LEU D 515 62.65 28.68 -90.20
CA LEU D 515 61.32 28.42 -89.66
C LEU D 515 60.28 28.29 -90.77
N LEU D 516 60.41 29.09 -91.83
CA LEU D 516 59.47 29.00 -92.94
C LEU D 516 59.61 27.70 -93.71
N THR D 517 60.80 27.11 -93.73
CA THR D 517 61.05 25.85 -94.41
C THR D 517 60.96 24.65 -93.47
N THR D 518 60.59 24.86 -92.20
CA THR D 518 60.46 23.76 -91.26
C THR D 518 59.13 23.06 -91.46
N GLU D 519 59.17 21.78 -91.82
CA GLU D 519 57.96 20.99 -92.02
C GLU D 519 57.60 20.10 -90.84
N ALA D 520 58.44 20.03 -89.81
CA ALA D 520 58.19 19.13 -88.69
C ALA D 520 58.83 19.68 -87.43
N ALA D 521 58.20 19.42 -86.29
CA ALA D 521 58.69 19.82 -84.98
C ALA D 521 58.59 18.64 -84.04
N ILE D 522 59.73 18.21 -83.51
CA ILE D 522 59.80 17.05 -82.62
C ILE D 522 60.16 17.52 -81.22
N THR D 523 59.35 17.12 -80.23
CA THR D 523 59.59 17.48 -78.84
C THR D 523 59.35 16.26 -77.97
N ASP D 524 59.96 16.28 -76.78
CA ASP D 524 59.75 15.20 -75.83
C ASP D 524 58.37 15.29 -75.20
N VAL D 525 57.91 14.16 -74.67
CA VAL D 525 56.60 14.06 -74.04
C VAL D 525 56.72 14.50 -72.59
N LYS D 526 55.69 15.21 -72.10
CA LYS D 526 55.67 15.67 -70.72
C LYS D 526 55.31 14.53 -69.78
N THR E 2 63.86 28.45 -66.02
CA THR E 2 62.47 28.32 -65.59
C THR E 2 61.55 29.04 -66.57
N ALA E 3 60.45 28.37 -66.92
CA ALA E 3 59.47 28.98 -67.81
C ALA E 3 58.84 30.20 -67.14
N LYS E 4 58.39 31.14 -67.97
CA LYS E 4 57.91 32.44 -67.49
C LYS E 4 56.50 32.71 -67.99
N ASP E 5 55.75 33.45 -67.18
CA ASP E 5 54.48 34.04 -67.57
C ASP E 5 54.70 35.54 -67.75
N ILE E 6 54.23 36.09 -68.87
CA ILE E 6 54.48 37.48 -69.22
C ILE E 6 53.16 38.21 -69.39
N LEU E 7 53.00 39.31 -68.66
CA LEU E 7 51.87 40.22 -68.82
C LEU E 7 52.34 41.49 -69.51
N PHE E 8 51.46 42.07 -70.33
CA PHE E 8 51.80 43.22 -71.15
C PHE E 8 50.86 44.39 -70.87
N ASP E 9 51.38 45.60 -71.08
CA ASP E 9 50.65 46.86 -71.07
C ASP E 9 49.66 46.99 -69.93
N ALA E 10 48.39 47.30 -70.25
CA ALA E 10 47.39 47.59 -69.22
C ALA E 10 47.13 46.37 -68.34
N GLU E 11 47.21 45.17 -68.90
CA GLU E 11 47.01 43.97 -68.09
C GLU E 11 48.08 43.84 -67.02
N ALA E 12 49.31 44.25 -67.32
CA ALA E 12 50.39 44.18 -66.33
C ALA E 12 50.28 45.28 -65.28
N ARG E 13 49.99 46.51 -65.70
CA ARG E 13 49.93 47.62 -64.76
C ARG E 13 48.74 47.52 -63.82
N THR E 14 47.62 46.98 -64.30
CA THR E 14 46.46 46.79 -63.42
C THR E 14 46.77 45.74 -62.35
N LYS E 15 47.48 44.68 -62.72
CA LYS E 15 47.85 43.66 -61.74
C LYS E 15 48.85 44.20 -60.73
N LEU E 16 49.81 45.02 -61.19
CA LEU E 16 50.77 45.62 -60.28
C LEU E 16 50.09 46.58 -59.30
N LYS E 17 49.01 47.24 -59.74
CA LYS E 17 48.32 48.17 -58.85
C LYS E 17 47.68 47.44 -57.67
N VAL E 18 47.18 46.22 -57.89
CA VAL E 18 46.59 45.45 -56.80
C VAL E 18 47.60 45.21 -55.69
N GLY E 19 48.85 44.93 -56.05
CA GLY E 19 49.87 44.74 -55.06
C GLY E 19 50.26 46.04 -54.37
N VAL E 20 50.31 47.13 -55.13
CA VAL E 20 50.60 48.44 -54.53
C VAL E 20 49.48 48.84 -53.58
N ASP E 21 48.23 48.56 -53.95
CA ASP E 21 47.10 48.88 -53.09
C ASP E 21 47.15 48.08 -51.80
N LYS E 22 47.39 46.77 -51.89
CA LYS E 22 47.45 45.94 -50.69
C LYS E 22 48.57 46.39 -49.76
N LEU E 23 49.71 46.78 -50.33
CA LEU E 23 50.80 47.33 -49.53
C LEU E 23 50.38 48.62 -48.83
N ALA E 24 49.86 49.57 -49.61
CA ALA E 24 49.54 50.88 -49.06
C ALA E 24 48.35 50.83 -48.11
N ASN E 25 47.28 50.11 -48.49
CA ASN E 25 46.09 50.06 -47.64
C ASN E 25 46.38 49.44 -46.29
N ALA E 26 47.37 48.56 -46.20
CA ALA E 26 47.73 47.97 -44.92
C ALA E 26 48.59 48.93 -44.09
N VAL E 27 49.56 49.59 -44.72
CA VAL E 27 50.51 50.40 -43.96
C VAL E 27 49.92 51.78 -43.62
N LYS E 28 49.02 52.31 -44.45
CA LYS E 28 48.59 53.69 -44.26
C LYS E 28 47.66 53.87 -43.06
N VAL E 29 47.08 52.79 -42.53
CA VAL E 29 46.24 52.90 -41.34
C VAL E 29 47.03 53.26 -40.09
N THR E 30 48.36 53.13 -40.15
CA THR E 30 49.23 53.46 -39.03
C THR E 30 49.82 54.86 -39.11
N LEU E 31 49.48 55.63 -40.14
CA LEU E 31 50.11 56.92 -40.36
C LEU E 31 49.56 57.98 -39.40
N GLY E 32 50.45 58.81 -38.89
CA GLY E 32 50.08 59.91 -38.04
C GLY E 32 49.95 59.52 -36.58
N PRO E 33 49.67 60.50 -35.72
CA PRO E 33 49.47 60.19 -34.30
C PRO E 33 48.20 59.41 -34.02
N ALA E 34 47.21 59.48 -34.90
CA ALA E 34 45.97 58.76 -34.75
C ALA E 34 46.01 57.37 -35.38
N GLY E 35 47.17 56.96 -35.87
CA GLY E 35 47.35 55.64 -36.47
C GLY E 35 46.86 54.51 -35.59
N ARG E 36 46.16 53.55 -36.18
CA ARG E 36 45.47 52.51 -35.44
C ARG E 36 46.31 51.23 -35.40
N ASN E 37 45.79 50.24 -34.69
CA ASN E 37 46.53 49.00 -34.47
C ASN E 37 46.47 48.09 -35.70
N VAL E 38 47.49 47.27 -35.84
CA VAL E 38 47.54 46.22 -36.85
C VAL E 38 48.02 44.95 -36.17
N LEU E 39 47.21 43.89 -36.25
CA LEU E 39 47.55 42.61 -35.66
C LEU E 39 48.36 41.78 -36.66
N ILE E 40 49.48 41.24 -36.20
CA ILE E 40 50.35 40.40 -37.02
C ILE E 40 50.44 39.03 -36.35
N ASP E 41 49.95 38.01 -37.05
CA ASP E 41 49.89 36.67 -36.49
C ASP E 41 51.27 36.08 -36.31
N LYS E 42 51.40 35.18 -35.34
CA LYS E 42 52.62 34.43 -35.09
C LYS E 42 52.26 32.95 -34.92
N LYS E 43 53.30 32.11 -34.94
CA LYS E 43 53.07 30.67 -34.89
C LYS E 43 52.36 30.25 -33.62
N PHE E 44 52.89 30.66 -32.47
CA PHE E 44 52.32 30.28 -31.17
C PHE E 44 52.27 31.49 -30.27
N GLY E 45 51.17 31.64 -29.55
CA GLY E 45 50.98 32.74 -28.62
C GLY E 45 50.14 33.86 -29.18
N ALA E 46 50.15 34.97 -28.45
CA ALA E 46 49.38 36.14 -28.85
C ALA E 46 49.98 36.77 -30.09
N PRO E 47 49.17 37.48 -30.89
CA PRO E 47 49.71 38.17 -32.07
C PRO E 47 50.51 39.40 -31.69
N THR E 48 50.93 40.17 -32.69
CA THR E 48 51.71 41.38 -32.48
C THR E 48 50.85 42.59 -32.81
N SER E 49 50.61 43.43 -31.81
CA SER E 49 49.94 44.70 -32.01
C SER E 49 50.98 45.78 -32.30
N THR E 50 50.88 46.43 -33.45
CA THR E 50 51.83 47.46 -33.84
C THR E 50 51.11 48.62 -34.51
N LYS E 51 51.42 49.83 -34.06
CA LYS E 51 51.01 51.05 -34.75
C LYS E 51 52.10 51.61 -35.64
N ASP E 52 53.23 50.91 -35.76
CA ASP E 52 54.35 51.37 -36.57
C ASP E 52 54.18 50.88 -38.01
N GLY E 53 54.36 51.80 -38.96
CA GLY E 53 54.18 51.45 -40.36
C GLY E 53 55.31 50.60 -40.92
N VAL E 54 56.52 50.78 -40.40
CA VAL E 54 57.66 50.01 -40.90
C VAL E 54 57.50 48.53 -40.53
N THR E 55 56.95 48.26 -39.35
CA THR E 55 56.73 46.87 -38.94
C THR E 55 55.71 46.19 -39.82
N VAL E 56 54.61 46.89 -40.14
CA VAL E 56 53.57 46.30 -40.96
C VAL E 56 54.07 46.07 -42.38
N ALA E 57 54.86 47.01 -42.92
CA ALA E 57 55.33 46.89 -44.29
C ALA E 57 56.25 45.69 -44.47
N LYS E 58 57.13 45.44 -43.51
CA LYS E 58 58.07 44.33 -43.63
C LYS E 58 57.37 42.98 -43.66
N GLU E 59 56.13 42.90 -43.18
CA GLU E 59 55.39 41.65 -43.12
C GLU E 59 54.54 41.40 -44.36
N ILE E 60 54.55 42.30 -45.34
CA ILE E 60 53.64 42.22 -46.47
C ILE E 60 54.28 41.41 -47.59
N GLU E 61 53.66 40.28 -47.91
CA GLU E 61 54.06 39.45 -49.05
C GLU E 61 52.80 38.80 -49.61
N LEU E 62 52.73 38.71 -50.94
CA LEU E 62 51.51 38.30 -51.62
C LEU E 62 51.73 36.98 -52.38
N VAL E 63 50.63 36.24 -52.58
CA VAL E 63 50.72 34.96 -53.27
C VAL E 63 50.92 35.17 -54.76
N ASP E 64 50.25 36.16 -55.33
CA ASP E 64 50.36 36.41 -56.77
C ASP E 64 51.71 37.06 -57.06
N PRO E 65 52.53 36.48 -57.96
CA PRO E 65 53.87 37.04 -58.17
C PRO E 65 53.85 38.44 -58.75
N VAL E 66 52.93 38.74 -59.67
CA VAL E 66 52.88 40.08 -60.25
C VAL E 66 52.41 41.10 -59.22
N GLU E 67 51.39 40.76 -58.43
CA GLU E 67 50.98 41.63 -57.35
C GLU E 67 52.08 41.81 -56.33
N ASN E 68 52.78 40.74 -55.98
CA ASN E 68 53.89 40.83 -55.04
C ASN E 68 55.00 41.72 -55.60
N MET E 69 55.20 41.73 -56.91
CA MET E 69 56.24 42.56 -57.51
C MET E 69 55.96 44.04 -57.27
N GLY E 70 54.76 44.50 -57.63
CA GLY E 70 54.40 45.88 -57.37
C GLY E 70 54.47 46.24 -55.90
N ALA E 71 54.15 45.28 -55.02
CA ALA E 71 54.28 45.53 -53.59
C ALA E 71 55.73 45.72 -53.18
N GLN E 72 56.61 44.83 -53.63
CA GLN E 72 58.03 44.94 -53.28
C GLN E 72 58.68 46.15 -53.93
N MET E 73 58.22 46.53 -55.12
CA MET E 73 58.73 47.75 -55.77
C MET E 73 58.58 48.95 -54.87
N VAL E 74 57.33 49.31 -54.55
CA VAL E 74 57.08 50.46 -53.68
C VAL E 74 57.73 50.27 -52.33
N ARG E 75 57.72 49.03 -51.82
CA ARG E 75 58.24 48.77 -50.48
C ARG E 75 59.74 49.05 -50.41
N GLU E 76 60.50 48.63 -51.43
CA GLU E 76 61.95 48.85 -51.39
C GLU E 76 62.29 50.32 -51.62
N VAL E 77 61.59 50.97 -52.56
CA VAL E 77 61.87 52.37 -52.83
C VAL E 77 61.49 53.25 -51.65
N ALA E 78 60.34 52.98 -51.03
CA ALA E 78 59.93 53.74 -49.86
C ALA E 78 60.79 53.43 -48.65
N SER E 79 61.42 52.25 -48.59
CA SER E 79 62.32 51.94 -47.49
C SER E 79 63.58 52.79 -47.52
N LYS E 80 63.96 53.32 -48.69
CA LYS E 80 65.11 54.21 -48.79
C LYS E 80 64.86 55.57 -48.15
N THR E 81 63.63 55.84 -47.70
CA THR E 81 63.36 57.08 -46.99
C THR E 81 63.92 57.01 -45.58
N SER E 82 63.43 56.09 -44.76
CA SER E 82 63.88 55.96 -43.38
C SER E 82 65.36 55.58 -43.26
N ASP E 83 66.01 55.24 -44.37
CA ASP E 83 67.45 54.98 -44.32
C ASP E 83 68.24 56.28 -44.19
N VAL E 84 68.17 57.14 -45.20
CA VAL E 84 68.88 58.41 -45.15
C VAL E 84 68.19 59.43 -44.25
N ALA E 85 66.89 59.26 -43.99
CA ALA E 85 66.12 60.20 -43.18
C ALA E 85 65.89 59.68 -41.77
N GLY E 86 65.23 58.53 -41.63
CA GLY E 86 64.83 58.01 -40.34
C GLY E 86 63.36 58.09 -40.04
N ASP E 87 62.53 58.41 -41.02
CA ASP E 87 61.09 58.55 -40.87
C ASP E 87 60.50 58.81 -42.25
N GLY E 88 59.18 58.63 -42.37
CA GLY E 88 58.48 58.92 -43.60
C GLY E 88 58.38 57.77 -44.58
N THR E 89 58.53 56.53 -44.14
CA THR E 89 58.37 55.39 -45.05
C THR E 89 56.92 55.21 -45.45
N THR E 90 56.00 55.30 -44.48
CA THR E 90 54.58 55.18 -44.80
C THR E 90 54.10 56.37 -45.62
N THR E 91 54.65 57.56 -45.39
CA THR E 91 54.29 58.73 -46.19
C THR E 91 54.63 58.52 -47.66
N ALA E 92 55.80 57.96 -47.94
CA ALA E 92 56.19 57.70 -49.33
C ALA E 92 55.25 56.69 -49.97
N THR E 93 54.82 55.68 -49.22
CA THR E 93 53.92 54.68 -49.77
C THR E 93 52.56 55.27 -50.09
N VAL E 94 52.03 56.12 -49.20
CA VAL E 94 50.75 56.78 -49.45
C VAL E 94 50.84 57.64 -50.70
N LEU E 95 51.95 58.37 -50.86
CA LEU E 95 52.11 59.20 -52.05
C LEU E 95 52.24 58.35 -53.32
N ALA E 96 52.96 57.22 -53.23
CA ALA E 96 53.13 56.37 -54.40
C ALA E 96 51.81 55.77 -54.86
N GLN E 97 50.95 55.39 -53.91
CA GLN E 97 49.64 54.84 -54.27
C GLN E 97 48.79 55.90 -54.97
N ALA E 98 48.89 57.15 -54.55
CA ALA E 98 48.08 58.21 -55.14
C ALA E 98 48.59 58.58 -56.53
N ILE E 99 49.92 58.66 -56.69
CA ILE E 99 50.48 59.03 -57.99
C ILE E 99 50.22 57.94 -59.02
N TYR E 100 50.36 56.67 -58.62
CA TYR E 100 50.19 55.57 -59.56
C TYR E 100 48.72 55.37 -59.92
N ARG E 101 47.83 55.50 -58.94
CA ARG E 101 46.41 55.32 -59.21
C ARG E 101 45.88 56.40 -60.14
N GLU E 102 46.19 57.66 -59.86
CA GLU E 102 45.74 58.74 -60.72
C GLU E 102 46.47 58.73 -62.06
N GLY E 103 47.75 58.36 -62.06
CA GLY E 103 48.47 58.27 -63.33
C GLY E 103 47.91 57.19 -64.24
N LEU E 104 47.74 55.99 -63.68
CA LEU E 104 47.17 54.89 -64.47
C LEU E 104 45.74 55.21 -64.89
N LYS E 105 45.00 55.93 -64.05
CA LYS E 105 43.64 56.34 -64.42
C LYS E 105 43.66 57.21 -65.67
N ASN E 106 44.66 58.08 -65.80
CA ASN E 106 44.79 58.90 -66.99
C ASN E 106 45.40 58.14 -68.16
N VAL E 107 46.21 57.11 -67.89
CA VAL E 107 46.74 56.28 -68.97
C VAL E 107 45.59 55.57 -69.69
N THR E 108 44.63 55.04 -68.94
CA THR E 108 43.44 54.46 -69.55
C THR E 108 42.65 55.50 -70.31
N ALA E 109 42.71 56.76 -69.87
CA ALA E 109 42.01 57.85 -70.56
C ALA E 109 42.67 58.23 -71.88
N GLY E 110 43.84 57.67 -72.19
CA GLY E 110 44.52 57.95 -73.44
C GLY E 110 45.80 58.76 -73.32
N ALA E 111 46.13 59.26 -72.13
CA ALA E 111 47.35 60.05 -71.97
C ALA E 111 48.59 59.19 -72.22
N ARG E 112 49.62 59.82 -72.76
CA ARG E 112 50.90 59.14 -72.98
C ARG E 112 51.61 58.93 -71.64
N PRO E 113 52.10 57.72 -71.35
CA PRO E 113 52.74 57.50 -70.06
C PRO E 113 54.02 58.30 -69.87
N ILE E 114 54.80 58.52 -70.94
CA ILE E 114 56.08 59.19 -70.78
C ILE E 114 55.87 60.68 -70.48
N ASP E 115 54.87 61.30 -71.11
CA ASP E 115 54.59 62.70 -70.83
C ASP E 115 54.05 62.88 -69.41
N LEU E 116 53.33 61.89 -68.88
CA LEU E 116 52.95 61.93 -67.48
C LEU E 116 54.17 61.89 -66.58
N LYS E 117 55.10 60.98 -66.87
CA LYS E 117 56.33 60.89 -66.08
C LYS E 117 57.10 62.20 -66.11
N ARG E 118 57.20 62.82 -67.30
CA ARG E 118 57.88 64.10 -67.39
C ARG E 118 57.16 65.17 -66.58
N GLY E 119 55.83 65.19 -66.64
CA GLY E 119 55.08 66.14 -65.82
C GLY E 119 55.21 65.87 -64.34
N ILE E 120 55.30 64.60 -63.94
CA ILE E 120 55.49 64.26 -62.54
C ILE E 120 56.82 64.82 -62.04
N ASP E 121 57.88 64.61 -62.81
CA ASP E 121 59.22 65.02 -62.36
C ASP E 121 59.35 66.53 -62.31
N ARG E 122 58.78 67.24 -63.29
CA ARG E 122 58.84 68.69 -63.27
C ARG E 122 58.09 69.25 -62.07
N ALA E 123 56.99 68.61 -61.68
CA ALA E 123 56.23 69.07 -60.52
C ALA E 123 57.01 68.80 -59.23
N VAL E 124 57.56 67.60 -59.08
CA VAL E 124 58.32 67.27 -57.88
C VAL E 124 59.55 68.14 -57.77
N LYS E 125 60.17 68.49 -58.90
CA LYS E 125 61.33 69.37 -58.87
C LYS E 125 60.99 70.71 -58.22
N GLU E 126 59.85 71.29 -58.57
CA GLU E 126 59.47 72.60 -58.04
C GLU E 126 58.91 72.50 -56.62
N VAL E 127 58.24 71.39 -56.29
CA VAL E 127 57.71 71.25 -54.93
C VAL E 127 58.84 71.13 -53.92
N VAL E 128 59.90 70.40 -54.28
CA VAL E 128 61.06 70.30 -53.40
C VAL E 128 61.72 71.66 -53.23
N ALA E 129 61.82 72.43 -54.31
CA ALA E 129 62.38 73.77 -54.23
C ALA E 129 61.56 74.66 -53.31
N GLU E 130 60.23 74.66 -53.50
CA GLU E 130 59.36 75.42 -52.60
C GLU E 130 59.41 74.86 -51.18
N LEU E 131 59.66 73.56 -51.04
CA LEU E 131 59.81 72.97 -49.72
C LEU E 131 61.08 73.48 -49.03
N ARG E 132 62.09 73.89 -49.81
CA ARG E 132 63.30 74.44 -49.23
C ARG E 132 63.07 75.84 -48.66
N ASN E 133 62.15 76.61 -49.25
CA ASN E 133 61.87 77.95 -48.76
C ASN E 133 61.20 77.91 -47.39
N ILE E 134 60.24 77.01 -47.20
CA ILE E 134 59.56 76.85 -45.91
C ILE E 134 60.47 76.23 -44.86
N SER E 135 61.61 75.68 -45.27
CA SER E 135 62.49 74.99 -44.35
C SER E 135 63.10 75.96 -43.34
N ARG E 136 63.24 75.49 -42.10
CA ARG E 136 63.86 76.24 -41.01
C ARG E 136 65.19 75.58 -40.69
N SER E 137 66.29 76.28 -40.96
CA SER E 137 67.61 75.74 -40.74
C SER E 137 67.88 75.57 -39.24
N ILE E 138 68.68 74.56 -38.92
CA ILE E 138 69.04 74.24 -37.53
C ILE E 138 70.56 74.25 -37.43
N SER E 139 71.09 75.18 -36.65
CA SER E 139 72.53 75.30 -36.44
C SER E 139 72.79 75.86 -35.05
N GLY E 140 73.84 75.37 -34.41
CA GLY E 140 74.18 75.84 -33.08
C GLY E 140 73.47 75.07 -31.99
N LYS E 141 74.12 75.01 -30.82
CA LYS E 141 73.58 74.25 -29.70
C LYS E 141 72.24 74.79 -29.20
N LYS E 142 71.92 76.05 -29.52
CA LYS E 142 70.69 76.65 -29.01
C LYS E 142 69.45 75.94 -29.57
N GLU E 143 69.34 75.88 -30.89
CA GLU E 143 68.17 75.28 -31.54
C GLU E 143 68.35 73.79 -31.83
N ILE E 144 69.56 73.25 -31.68
CA ILE E 144 69.74 71.81 -31.85
C ILE E 144 69.16 71.05 -30.67
N ALA E 145 69.39 71.56 -29.45
CA ALA E 145 68.81 70.94 -28.27
C ALA E 145 67.29 70.96 -28.29
N GLN E 146 66.71 71.95 -28.97
CA GLN E 146 65.25 72.00 -29.09
C GLN E 146 64.76 70.93 -30.07
N VAL E 147 65.43 70.79 -31.21
CA VAL E 147 65.06 69.75 -32.17
C VAL E 147 65.26 68.37 -31.55
N GLY E 148 66.39 68.16 -30.87
CA GLY E 148 66.63 66.90 -30.21
C GLY E 148 65.62 66.61 -29.11
N THR E 149 65.08 67.64 -28.48
CA THR E 149 64.09 67.45 -27.43
C THR E 149 62.76 66.98 -28.02
N ILE E 150 62.40 67.47 -29.21
CA ILE E 150 61.14 67.08 -29.84
C ILE E 150 61.16 65.60 -30.18
N SER E 151 62.23 65.14 -30.83
CA SER E 151 62.37 63.72 -31.16
C SER E 151 62.65 62.86 -29.94
N ALA E 152 62.92 63.46 -28.80
CA ALA E 152 63.14 62.75 -27.54
C ALA E 152 61.84 62.52 -26.77
N ASN E 153 60.70 62.84 -27.38
CA ASN E 153 59.40 62.81 -26.70
C ASN E 153 59.35 63.83 -25.57
N ASN E 154 59.77 65.05 -25.89
CA ASN E 154 59.73 66.19 -24.98
C ASN E 154 60.56 65.93 -23.72
N ASP E 155 61.80 65.50 -23.92
CA ASP E 155 62.74 65.33 -22.83
C ASP E 155 63.88 66.32 -22.99
N PRO E 156 63.98 67.36 -22.14
CA PRO E 156 65.03 68.35 -22.33
C PRO E 156 66.43 67.82 -22.07
N GLU E 157 66.57 66.79 -21.21
CA GLU E 157 67.90 66.29 -20.90
C GLU E 157 68.54 65.59 -22.10
N ILE E 158 67.74 64.88 -22.89
CA ILE E 158 68.26 64.21 -24.08
C ILE E 158 68.72 65.24 -25.11
N GLY E 159 67.97 66.32 -25.27
CA GLY E 159 68.36 67.36 -26.22
C GLY E 159 69.68 68.01 -25.87
N GLU E 160 69.99 68.11 -24.58
CA GLU E 160 71.28 68.67 -24.17
C GLU E 160 72.42 67.73 -24.51
N LEU E 161 72.22 66.43 -24.39
CA LEU E 161 73.27 65.47 -24.73
C LEU E 161 73.52 65.46 -26.23
N ILE E 162 72.45 65.57 -27.04
CA ILE E 162 72.63 65.58 -28.49
C ILE E 162 73.31 66.87 -28.93
N ALA E 163 72.93 68.00 -28.33
CA ALA E 163 73.51 69.28 -28.73
C ALA E 163 74.97 69.37 -28.34
N GLU E 164 75.34 68.83 -27.18
CA GLU E 164 76.72 68.89 -26.73
C GLU E 164 77.60 67.88 -27.46
N ALA E 165 77.06 66.71 -27.80
CA ALA E 165 77.84 65.72 -28.54
C ALA E 165 78.13 66.21 -29.96
N MET E 166 77.17 66.87 -30.60
CA MET E 166 77.42 67.45 -31.91
C MET E 166 78.33 68.67 -31.85
N ASP E 167 78.50 69.25 -30.65
CA ASP E 167 79.39 70.40 -30.51
C ASP E 167 80.85 69.96 -30.46
N LYS E 168 81.14 68.83 -29.80
CA LYS E 168 82.52 68.40 -29.62
C LYS E 168 83.12 67.87 -30.92
N VAL E 169 82.43 66.92 -31.57
CA VAL E 169 82.96 66.28 -32.76
C VAL E 169 82.44 66.89 -34.05
N GLY E 170 81.54 67.87 -33.97
CA GLY E 170 80.97 68.48 -35.15
C GLY E 170 79.68 67.82 -35.58
N LYS E 171 78.99 68.47 -36.52
CA LYS E 171 77.74 67.95 -37.04
C LYS E 171 77.93 66.63 -37.77
N ASP E 172 79.06 66.47 -38.47
CA ASP E 172 79.39 65.24 -39.17
C ASP E 172 80.24 64.30 -38.33
N GLY E 173 80.55 64.66 -37.09
CA GLY E 173 81.36 63.81 -36.26
C GLY E 173 80.65 62.52 -35.86
N VAL E 174 81.47 61.54 -35.48
CA VAL E 174 80.96 60.22 -35.12
C VAL E 174 80.36 60.28 -33.72
N ILE E 175 79.10 59.88 -33.60
CA ILE E 175 78.38 59.85 -32.33
C ILE E 175 77.78 58.46 -32.15
N THR E 176 78.03 57.84 -31.00
CA THR E 176 77.56 56.49 -30.70
C THR E 176 76.83 56.49 -29.37
N VAL E 177 75.69 55.81 -29.34
CA VAL E 177 74.86 55.70 -28.14
C VAL E 177 75.03 54.30 -27.57
N GLU E 178 75.39 54.21 -26.29
CA GLU E 178 75.59 52.95 -25.61
C GLU E 178 74.84 52.97 -24.27
N GLU E 179 74.71 51.79 -23.66
CA GLU E 179 74.02 51.66 -22.40
C GLU E 179 74.93 52.07 -21.26
N ALA E 180 74.46 53.00 -20.42
CA ALA E 180 75.23 53.47 -19.29
C ALA E 180 75.22 52.45 -18.16
N LYS E 181 76.23 52.53 -17.29
CA LYS E 181 76.34 51.64 -16.14
C LYS E 181 75.55 52.13 -14.94
N GLY E 182 74.83 53.25 -15.05
CA GLY E 182 74.05 53.78 -13.96
C GLY E 182 72.88 54.58 -14.50
N MET E 183 72.09 55.14 -13.56
CA MET E 183 70.92 55.90 -13.96
C MET E 183 71.29 57.25 -14.55
N GLU E 184 72.41 57.83 -14.12
CA GLU E 184 72.82 59.14 -14.59
C GLU E 184 73.42 59.04 -15.99
N THR E 185 72.90 59.86 -16.90
CA THR E 185 73.40 59.89 -18.27
C THR E 185 74.69 60.71 -18.35
N GLU E 186 75.64 60.22 -19.13
CA GLU E 186 76.96 60.84 -19.23
C GLU E 186 77.35 60.98 -20.70
N LEU E 187 78.39 61.78 -20.93
CA LEU E 187 78.94 61.99 -22.27
C LEU E 187 80.46 62.07 -22.17
N LYS E 188 81.14 61.32 -23.04
CA LYS E 188 82.60 61.34 -23.09
C LYS E 188 83.05 61.06 -24.51
N VAL E 189 84.13 61.73 -24.91
CA VAL E 189 84.73 61.57 -26.23
C VAL E 189 86.00 60.76 -26.09
N VAL E 190 86.14 59.71 -26.89
CA VAL E 190 87.30 58.83 -26.84
C VAL E 190 87.95 58.76 -28.22
N GLU E 191 89.02 57.99 -28.33
CA GLU E 191 89.70 57.81 -29.60
C GLU E 191 88.93 56.83 -30.49
N GLY E 192 89.09 56.99 -31.79
CA GLY E 192 88.47 56.07 -32.73
C GLY E 192 88.21 56.74 -34.06
N MET E 193 87.67 55.94 -34.98
CA MET E 193 87.34 56.41 -36.31
C MET E 193 86.15 55.58 -36.82
N GLN E 194 85.81 55.76 -38.10
CA GLN E 194 84.72 55.02 -38.71
C GLN E 194 85.02 54.83 -40.19
N PHE E 195 84.58 53.70 -40.74
CA PHE E 195 84.79 53.37 -42.13
C PHE E 195 83.45 53.24 -42.85
N ASP E 196 83.48 53.44 -44.17
CA ASP E 196 82.29 53.38 -45.00
C ASP E 196 81.95 51.97 -45.46
N ARG E 197 82.74 50.97 -45.08
CA ARG E 197 82.46 49.60 -45.46
C ARG E 197 81.63 48.91 -44.38
N GLY E 198 81.31 47.63 -44.61
CA GLY E 198 80.47 46.90 -43.69
C GLY E 198 80.77 45.42 -43.73
N TYR E 199 79.99 44.67 -42.94
CA TYR E 199 80.21 43.23 -42.82
C TYR E 199 79.86 42.52 -44.13
N LEU E 200 80.49 41.36 -44.32
CA LEU E 200 80.19 40.55 -45.50
C LEU E 200 78.93 39.72 -45.31
N SER E 201 78.74 39.13 -44.14
CA SER E 201 77.60 38.24 -43.89
C SER E 201 76.84 38.69 -42.65
N PRO E 202 75.50 38.60 -42.66
CA PRO E 202 74.73 39.07 -41.50
C PRO E 202 74.92 38.24 -40.24
N TYR E 203 75.48 37.04 -40.34
CA TYR E 203 75.60 36.16 -39.18
C TYR E 203 76.64 36.62 -38.17
N PHE E 204 77.42 37.65 -38.48
CA PHE E 204 78.41 38.16 -37.55
C PHE E 204 77.80 39.02 -36.44
N VAL E 205 76.50 39.31 -36.51
CA VAL E 205 75.88 40.21 -35.55
C VAL E 205 75.81 39.53 -34.18
N THR E 206 76.36 40.20 -33.16
CA THR E 206 76.34 39.65 -31.81
C THR E 206 75.00 39.90 -31.13
N ASN E 207 74.45 41.10 -31.25
CA ASN E 207 73.20 41.47 -30.60
C ASN E 207 72.15 41.72 -31.67
N SER E 208 71.15 40.84 -31.73
CA SER E 208 70.09 40.97 -32.73
C SER E 208 69.15 42.12 -32.45
N GLU E 209 69.09 42.60 -31.19
CA GLU E 209 68.20 43.70 -30.85
C GLU E 209 68.69 45.00 -31.49
N THR E 210 69.97 45.34 -31.29
CA THR E 210 70.54 46.53 -31.90
C THR E 210 71.05 46.29 -33.30
N MET E 211 71.09 45.02 -33.75
CA MET E 211 71.44 44.64 -35.12
C MET E 211 72.92 44.86 -35.42
N GLU E 212 73.64 45.47 -34.48
CA GLU E 212 75.07 45.74 -34.65
C GLU E 212 75.90 44.65 -33.97
N ALA E 213 77.01 44.30 -34.59
CA ALA E 213 77.92 43.30 -34.04
C ALA E 213 78.87 43.97 -33.06
N GLU E 214 78.82 43.54 -31.80
CA GLU E 214 79.57 44.16 -30.72
C GLU E 214 80.70 43.22 -30.30
N LEU E 215 81.94 43.64 -30.54
CA LEU E 215 83.13 42.91 -30.11
C LEU E 215 83.90 43.80 -29.15
N ASP E 216 83.93 43.43 -27.87
CA ASP E 216 84.54 44.24 -26.83
C ASP E 216 85.96 43.79 -26.57
N GLU E 217 86.88 44.74 -26.53
CA GLU E 217 88.31 44.49 -26.34
C GLU E 217 88.79 43.42 -27.34
N ALA E 218 88.75 43.79 -28.61
CA ALA E 218 88.93 42.85 -29.70
C ALA E 218 90.33 42.98 -30.30
N LEU E 219 90.59 42.16 -31.31
CA LEU E 219 91.82 42.19 -32.08
C LEU E 219 91.49 42.49 -33.54
N ILE E 220 92.46 43.06 -34.25
CA ILE E 220 92.27 43.51 -35.63
C ILE E 220 93.37 42.94 -36.49
N LEU E 221 92.99 42.35 -37.62
CA LEU E 221 93.93 41.83 -38.61
C LEU E 221 93.79 42.66 -39.89
N ILE E 222 94.91 43.25 -40.33
CA ILE E 222 94.94 44.09 -41.52
C ILE E 222 95.81 43.39 -42.56
N HIS E 223 95.22 43.12 -43.73
CA HIS E 223 95.90 42.41 -44.81
C HIS E 223 95.47 43.00 -46.14
N ASP E 224 96.41 43.04 -47.09
CA ASP E 224 96.15 43.67 -48.38
C ASP E 224 95.30 42.77 -49.28
N LYS E 225 95.85 41.62 -49.69
CA LYS E 225 95.21 40.80 -50.71
C LYS E 225 93.95 40.14 -50.15
N LYS E 226 93.27 39.38 -51.01
CA LYS E 226 92.02 38.74 -50.64
C LYS E 226 92.30 37.45 -49.87
N ILE E 227 91.57 37.26 -48.78
CA ILE E 227 91.75 36.07 -47.95
C ILE E 227 90.45 35.27 -47.90
N MET E 230 92.75 30.70 -46.72
CA MET E 230 92.83 29.71 -45.66
C MET E 230 94.24 29.11 -45.56
N LYS E 231 95.19 29.75 -46.27
CA LYS E 231 96.56 29.27 -46.27
C LYS E 231 97.31 29.73 -45.03
N GLU E 232 97.63 31.01 -44.96
CA GLU E 232 98.23 31.60 -43.77
C GLU E 232 97.20 32.09 -42.77
N LEU E 233 95.91 32.02 -43.11
CA LEU E 233 94.86 32.45 -42.19
C LEU E 233 94.85 31.58 -40.94
N LEU E 234 94.70 30.27 -41.12
CA LEU E 234 94.61 29.35 -39.97
C LEU E 234 95.79 29.47 -39.01
N PRO E 235 97.05 29.48 -39.45
CA PRO E 235 98.14 29.62 -38.46
C PRO E 235 98.06 30.90 -37.65
N ILE E 236 97.72 32.03 -38.29
CA ILE E 236 97.57 33.28 -37.56
C ILE E 236 96.22 33.34 -36.84
N LEU E 237 95.18 32.71 -37.41
CA LEU E 237 93.89 32.67 -36.72
C LEU E 237 93.94 31.75 -35.51
N GLU E 238 94.58 30.59 -35.64
CA GLU E 238 94.69 29.68 -34.50
C GLU E 238 95.61 30.24 -33.43
N LYS E 239 96.64 30.99 -33.83
CA LYS E 239 97.48 31.67 -32.84
C LYS E 239 96.69 32.73 -32.09
N ALA E 240 95.71 33.35 -32.75
CA ALA E 240 94.79 34.27 -32.10
C ALA E 240 93.51 33.59 -31.65
N ALA E 241 93.34 32.29 -31.92
CA ALA E 241 92.14 31.59 -31.50
C ALA E 241 92.06 31.47 -29.98
N GLN E 242 93.21 31.42 -29.32
CA GLN E 242 93.24 31.43 -27.85
C GLN E 242 93.63 32.85 -27.44
N SER E 243 92.63 33.63 -27.05
CA SER E 243 92.82 35.00 -26.63
C SER E 243 91.97 35.32 -25.40
N GLY E 244 90.65 35.24 -25.60
CA GLY E 244 89.69 35.96 -24.78
C GLY E 244 89.18 37.21 -25.46
N ARG E 245 89.85 37.65 -26.52
CA ARG E 245 89.55 38.82 -27.31
C ARG E 245 89.06 38.40 -28.70
N PRO E 246 87.88 38.86 -29.13
CA PRO E 246 87.44 38.55 -30.50
C PRO E 246 88.35 39.20 -31.54
N LEU E 247 88.24 38.71 -32.76
CA LEU E 247 89.12 39.14 -33.84
C LEU E 247 88.30 39.82 -34.94
N LEU E 248 88.85 40.89 -35.50
CA LEU E 248 88.28 41.59 -36.63
C LEU E 248 89.16 41.36 -37.86
N ILE E 249 88.54 41.06 -38.99
CA ILE E 249 89.24 40.76 -40.24
C ILE E 249 89.02 41.93 -41.19
N ILE E 250 90.12 42.58 -41.59
CA ILE E 250 90.08 43.70 -42.52
C ILE E 250 90.96 43.32 -43.72
N ALA E 251 90.34 43.23 -44.89
CA ALA E 251 91.05 42.91 -46.12
C ALA E 251 90.20 43.37 -47.30
N GLU E 252 90.63 43.04 -48.51
CA GLU E 252 89.84 43.38 -49.69
C GLU E 252 88.52 42.63 -49.73
N ASP E 253 88.49 41.42 -49.15
CA ASP E 253 87.32 40.55 -49.14
C ASP E 253 87.67 39.32 -48.33
N ILE E 254 86.64 38.58 -47.95
CA ILE E 254 86.83 37.36 -47.16
C ILE E 254 86.09 36.20 -47.80
N GLU E 257 88.11 29.00 -48.72
CA GLU E 257 87.78 30.41 -48.66
C GLU E 257 87.43 30.83 -47.24
N ALA E 258 87.46 32.13 -46.98
CA ALA E 258 87.14 32.67 -45.67
C ALA E 258 85.66 32.96 -45.48
N LEU E 259 84.85 32.79 -46.53
CA LEU E 259 83.42 33.08 -46.42
C LEU E 259 82.71 32.04 -45.56
N ALA E 260 82.94 30.76 -45.84
CA ALA E 260 82.20 29.71 -45.15
C ALA E 260 82.75 29.44 -43.76
N THR E 261 84.06 29.52 -43.57
CA THR E 261 84.67 29.10 -42.31
C THR E 261 84.47 30.13 -41.21
N LEU E 262 84.49 31.42 -41.54
CA LEU E 262 84.34 32.45 -40.51
C LEU E 262 82.90 32.58 -40.03
N VAL E 263 81.93 32.20 -40.86
CA VAL E 263 80.53 32.29 -40.45
C VAL E 263 80.15 31.12 -39.54
N VAL E 264 80.62 29.91 -39.86
CA VAL E 264 80.24 28.74 -39.07
C VAL E 264 80.93 28.76 -37.71
N ASN E 265 82.08 29.42 -37.60
CA ASN E 265 82.75 29.53 -36.32
C ASN E 265 82.11 30.59 -35.43
N LYS E 266 81.54 31.64 -36.02
CA LYS E 266 80.84 32.63 -35.24
C LYS E 266 79.49 32.13 -34.76
N LEU E 267 78.83 31.30 -35.56
CA LEU E 267 77.56 30.70 -35.13
C LEU E 267 77.79 29.66 -34.04
N ARG E 268 78.94 29.01 -34.03
CA ARG E 268 79.29 28.04 -33.00
C ARG E 268 80.03 28.76 -31.87
N GLY E 269 80.50 28.00 -30.90
CA GLY E 269 81.25 28.54 -29.78
C GLY E 269 82.75 28.55 -29.94
N THR E 270 83.26 28.33 -31.16
CA THR E 270 84.69 28.31 -31.41
C THR E 270 85.34 29.64 -31.03
N LEU E 271 85.04 30.69 -31.80
CA LEU E 271 85.60 32.02 -31.53
C LEU E 271 84.71 33.06 -32.17
N LYS E 272 84.84 34.30 -31.69
CA LYS E 272 84.09 35.44 -32.22
C LYS E 272 84.99 36.15 -33.24
N VAL E 273 84.59 36.08 -34.51
CA VAL E 273 85.36 36.65 -35.61
C VAL E 273 84.41 37.49 -36.46
N ALA E 274 84.87 38.67 -36.87
CA ALA E 274 84.12 39.56 -37.74
C ALA E 274 84.99 39.98 -38.91
N ALA E 275 84.41 39.97 -40.11
CA ALA E 275 85.12 40.30 -41.34
C ALA E 275 84.46 41.51 -41.98
N VAL E 276 85.27 42.52 -42.28
CA VAL E 276 84.80 43.75 -42.91
C VAL E 276 85.77 44.11 -44.04
N LYS E 277 85.20 44.48 -45.19
CA LYS E 277 86.03 44.88 -46.32
C LYS E 277 86.76 46.19 -46.03
N ALA E 278 87.85 46.41 -46.77
CA ALA E 278 88.66 47.60 -46.58
C ALA E 278 88.13 48.76 -47.42
N GLY E 280 86.14 53.20 -51.18
CA GLY E 280 87.49 52.82 -50.82
C GLY E 280 88.11 51.82 -51.77
N PHE E 281 89.03 52.28 -52.61
CA PHE E 281 89.71 51.44 -53.58
C PHE E 281 90.99 52.13 -54.01
N GLY E 282 91.74 51.45 -54.88
CA GLY E 282 92.97 52.02 -55.39
C GLY E 282 94.04 52.15 -54.31
N ASP E 283 94.97 53.08 -54.56
CA ASP E 283 96.04 53.33 -53.60
C ASP E 283 95.54 54.06 -52.35
N ARG E 284 94.34 54.66 -52.41
CA ARG E 284 93.79 55.30 -51.22
C ARG E 284 93.40 54.28 -50.17
N ARG E 285 93.09 53.04 -50.58
CA ARG E 285 92.74 52.00 -49.62
C ARG E 285 93.98 51.55 -48.84
N LYS E 286 95.12 51.38 -49.52
CA LYS E 286 96.33 50.97 -48.83
C LYS E 286 96.80 52.03 -47.84
N ALA E 287 96.46 53.29 -48.08
CA ALA E 287 96.83 54.36 -47.15
C ALA E 287 95.93 54.39 -45.93
N MET E 288 94.66 53.99 -46.08
CA MET E 288 93.76 53.95 -44.94
C MET E 288 94.09 52.81 -44.01
N LEU E 289 94.71 51.73 -44.52
CA LEU E 289 95.10 50.62 -43.67
C LEU E 289 96.18 51.04 -42.68
N GLU E 290 97.06 51.97 -43.06
CA GLU E 290 98.08 52.46 -42.15
C GLU E 290 97.48 53.31 -41.04
N ASP E 291 96.40 54.05 -41.34
CA ASP E 291 95.76 54.87 -40.32
C ASP E 291 95.09 54.01 -39.26
N ILE E 292 94.48 52.90 -39.67
CA ILE E 292 93.86 51.99 -38.71
C ILE E 292 94.93 51.27 -37.90
N ALA E 293 96.05 50.91 -38.53
CA ALA E 293 97.11 50.20 -37.85
C ALA E 293 97.79 51.08 -36.80
N ILE E 294 98.06 52.34 -37.15
CA ILE E 294 98.73 53.24 -36.21
C ILE E 294 97.80 53.60 -35.05
N LEU E 295 96.52 53.79 -35.34
CA LEU E 295 95.57 54.14 -34.29
C LEU E 295 95.39 52.99 -33.30
N THR E 296 95.35 51.75 -33.81
CA THR E 296 95.16 50.57 -32.97
C THR E 296 96.47 49.91 -32.57
N GLY E 297 97.61 50.46 -32.97
CA GLY E 297 98.90 49.90 -32.60
C GLY E 297 99.40 48.76 -33.46
N GLY E 298 98.56 48.19 -34.32
CA GLY E 298 98.95 47.09 -35.16
C GLY E 298 99.77 47.53 -36.35
N THR E 299 100.01 46.58 -37.25
CA THR E 299 100.75 46.84 -38.48
C THR E 299 100.08 46.10 -39.63
N VAL E 300 100.17 46.69 -40.83
CA VAL E 300 99.56 46.08 -42.00
C VAL E 300 100.40 44.88 -42.45
N ILE E 301 99.76 44.00 -43.22
CA ILE E 301 100.39 42.79 -43.74
C ILE E 301 100.33 42.86 -45.27
N SER E 302 101.50 42.96 -45.90
CA SER E 302 101.57 43.01 -47.36
C SER E 302 102.53 41.97 -47.90
N THR E 313 101.94 37.16 -36.90
CA THR E 313 102.20 37.08 -35.47
C THR E 313 101.15 37.85 -34.68
N MET E 314 101.20 37.73 -33.35
CA MET E 314 100.25 38.42 -32.50
C MET E 314 100.65 39.87 -32.23
N ALA E 315 101.91 40.23 -32.47
CA ALA E 315 102.34 41.62 -32.28
C ALA E 315 101.89 42.52 -33.42
N TYR E 316 101.54 41.95 -34.58
CA TYR E 316 101.07 42.75 -35.70
C TYR E 316 99.60 43.12 -35.58
N LEU E 317 98.84 42.41 -34.75
CA LEU E 317 97.42 42.69 -34.62
C LEU E 317 97.18 43.94 -33.79
N GLY E 318 96.16 44.72 -34.18
CA GLY E 318 95.77 45.89 -33.43
C GLY E 318 94.73 45.57 -32.39
N GLN E 319 94.70 46.38 -31.33
CA GLN E 319 93.79 46.18 -30.20
C GLN E 319 92.96 47.44 -30.00
N ALA E 320 91.66 47.27 -29.82
CA ALA E 320 90.76 48.35 -29.45
C ALA E 320 90.02 47.99 -28.17
N ALA E 321 89.23 48.93 -27.66
CA ALA E 321 88.42 48.68 -26.48
C ALA E 321 87.03 48.13 -26.81
N ARG E 322 86.61 48.21 -28.06
CA ARG E 322 85.30 47.75 -28.51
C ARG E 322 85.22 47.99 -30.01
N ILE E 323 84.35 47.25 -30.67
CA ILE E 323 84.09 47.38 -32.11
C ILE E 323 82.60 47.18 -32.35
N THR E 324 81.98 48.13 -33.05
CA THR E 324 80.58 48.05 -33.41
C THR E 324 80.46 48.00 -34.93
N ILE E 325 79.87 46.93 -35.45
CA ILE E 325 79.73 46.73 -36.88
C ILE E 325 78.30 47.06 -37.27
N ASP E 326 78.12 48.16 -38.01
CA ASP E 326 76.82 48.51 -38.55
C ASP E 326 76.63 47.79 -39.88
N LYS E 327 75.52 48.09 -40.56
CA LYS E 327 75.27 47.47 -41.85
C LYS E 327 76.22 48.00 -42.92
N ASP E 328 76.22 49.32 -43.11
CA ASP E 328 77.14 49.98 -44.04
C ASP E 328 78.34 50.61 -43.36
N ASN E 329 78.46 50.51 -42.05
CA ASN E 329 79.49 51.23 -41.32
C ASN E 329 80.24 50.30 -40.36
N THR E 330 81.46 50.72 -40.01
CA THR E 330 82.28 50.01 -39.05
C THR E 330 82.96 51.04 -38.15
N THR E 331 82.83 50.87 -36.83
CA THR E 331 83.32 51.84 -35.86
C THR E 331 84.30 51.15 -34.92
N ILE E 332 85.52 51.68 -34.85
CA ILE E 332 86.54 51.22 -33.90
C ILE E 332 86.65 52.26 -32.80
N VAL E 333 86.69 51.80 -31.55
CA VAL E 333 86.63 52.68 -30.38
C VAL E 333 87.86 52.45 -29.52
N GLU E 334 88.57 53.54 -29.21
CA GLU E 334 89.68 53.58 -28.26
C GLU E 334 90.78 52.59 -28.65
N GLY E 335 91.47 52.95 -29.73
CA GLY E 335 92.61 52.17 -30.17
C GLY E 335 93.76 52.27 -29.19
N LYS E 336 94.57 51.20 -29.16
CA LYS E 336 95.68 51.10 -28.23
C LYS E 336 96.99 51.65 -28.79
N GLY E 337 96.98 52.23 -29.99
CA GLY E 337 98.19 52.77 -30.54
C GLY E 337 98.73 53.93 -29.73
N LYS E 338 100.05 54.05 -29.71
CA LYS E 338 100.70 55.10 -28.94
C LYS E 338 100.38 56.48 -29.54
N GLN E 339 100.04 57.42 -28.66
CA GLN E 339 99.65 58.75 -29.14
C GLN E 339 100.82 59.50 -29.77
N GLU E 340 102.04 59.24 -29.32
CA GLU E 340 103.20 59.85 -29.96
C GLU E 340 103.38 59.36 -31.39
N GLU E 341 103.01 58.12 -31.67
CA GLU E 341 103.06 57.60 -33.03
C GLU E 341 101.90 58.12 -33.88
N ILE E 342 100.74 58.32 -33.27
CA ILE E 342 99.59 58.82 -34.01
C ILE E 342 99.81 60.26 -34.45
N LYS E 343 100.35 61.10 -33.55
CA LYS E 343 100.63 62.49 -33.91
C LYS E 343 101.67 62.59 -35.00
N ALA E 344 102.59 61.62 -35.08
CA ALA E 344 103.53 61.58 -36.20
C ALA E 344 102.81 61.25 -37.51
N ARG E 345 101.74 60.47 -37.44
CA ARG E 345 100.94 60.18 -38.63
C ARG E 345 100.02 61.34 -38.99
N ILE E 346 99.53 62.08 -37.99
CA ILE E 346 98.66 63.23 -38.26
C ILE E 346 99.43 64.30 -39.04
N ASN E 347 100.58 64.71 -38.51
CA ASN E 347 101.38 65.74 -39.16
C ASN E 347 102.00 65.26 -40.47
N GLU E 348 102.09 63.95 -40.68
CA GLU E 348 102.60 63.42 -41.95
C GLU E 348 101.66 63.77 -43.10
N ILE E 349 100.37 63.43 -42.95
CA ILE E 349 99.41 63.76 -44.00
C ILE E 349 98.95 65.21 -43.91
N LYS E 350 99.09 65.85 -42.76
CA LYS E 350 98.76 67.28 -42.66
C LYS E 350 99.80 68.13 -43.36
N GLY E 351 101.09 67.78 -43.20
CA GLY E 351 102.12 68.42 -44.00
C GLY E 351 102.06 68.05 -45.47
N GLN E 352 101.45 66.90 -45.80
CA GLN E 352 101.24 66.54 -47.19
C GLN E 352 100.19 67.40 -47.86
N ILE E 353 99.33 68.05 -47.07
CA ILE E 353 98.38 69.02 -47.64
C ILE E 353 99.12 70.22 -48.20
N GLU E 354 100.10 70.73 -47.46
CA GLU E 354 100.88 71.86 -47.95
C GLU E 354 101.74 71.47 -49.15
N LYS E 355 102.09 70.19 -49.27
CA LYS E 355 102.85 69.70 -50.40
C LYS E 355 102.01 69.56 -51.66
N SER E 356 100.68 69.63 -51.55
CA SER E 356 99.80 69.50 -52.70
C SER E 356 99.16 70.84 -53.03
N SER E 358 97.85 69.35 -55.53
CA SER E 358 96.92 69.12 -56.62
C SER E 358 95.48 69.21 -56.14
N ASP E 359 94.58 69.55 -57.05
CA ASP E 359 93.15 69.65 -56.76
C ASP E 359 92.48 68.29 -56.60
N TYR E 360 93.20 67.19 -56.85
CA TYR E 360 92.59 65.87 -56.78
C TYR E 360 92.34 65.46 -55.33
N ASP E 361 93.40 65.31 -54.54
CA ASP E 361 93.27 64.95 -53.14
C ASP E 361 93.46 66.19 -52.30
N THR E 362 92.37 66.69 -51.72
CA THR E 362 92.40 67.83 -50.82
C THR E 362 91.61 67.50 -49.56
N GLU E 363 90.29 67.36 -49.72
CA GLU E 363 89.44 66.91 -48.62
C GLU E 363 89.51 65.39 -48.42
N LYS E 364 90.13 64.66 -49.34
CA LYS E 364 90.32 63.22 -49.16
C LYS E 364 91.27 62.96 -48.00
N LEU E 365 92.42 63.63 -48.00
CA LEU E 365 93.35 63.52 -46.88
C LEU E 365 92.91 64.33 -45.67
N GLN E 366 92.08 65.36 -45.88
CA GLN E 366 91.56 66.13 -44.74
C GLN E 366 90.52 65.33 -43.97
N GLU E 367 89.80 64.44 -44.64
CA GLU E 367 88.86 63.57 -43.94
C GLU E 367 89.57 62.54 -43.08
N ARG E 368 90.73 62.05 -43.54
CA ARG E 368 91.50 61.12 -42.74
C ARG E 368 92.05 61.81 -41.49
N LEU E 369 92.43 63.08 -41.60
CA LEU E 369 92.94 63.81 -40.44
C LEU E 369 91.86 64.00 -39.39
N ALA E 370 90.60 64.15 -39.82
CA ALA E 370 89.50 64.28 -38.85
C ALA E 370 89.25 62.98 -38.11
N LYS E 371 89.50 61.84 -38.74
CA LYS E 371 89.32 60.56 -38.07
C LYS E 371 90.39 60.30 -37.04
N LEU E 372 91.61 60.81 -37.26
CA LEU E 372 92.71 60.63 -36.34
C LEU E 372 92.81 61.74 -35.31
N SER E 373 91.88 62.70 -35.31
CA SER E 373 91.92 63.84 -34.40
C SER E 373 90.67 63.94 -33.54
N GLY E 374 89.51 64.14 -34.16
CA GLY E 374 88.29 64.34 -33.38
C GLY E 374 87.93 63.13 -32.52
N GLY E 375 87.87 61.96 -33.12
CA GLY E 375 87.53 60.76 -32.39
C GLY E 375 86.05 60.45 -32.44
N VAL E 376 85.60 59.71 -31.43
CA VAL E 376 84.22 59.24 -31.32
C VAL E 376 83.66 59.65 -29.97
N ALA E 377 82.48 60.27 -29.98
CA ALA E 377 81.77 60.60 -28.76
C ALA E 377 80.79 59.49 -28.41
N VAL E 378 80.77 59.12 -27.13
CA VAL E 378 79.96 58.00 -26.65
C VAL E 378 78.86 58.56 -25.75
N LEU E 379 77.62 58.43 -26.19
CA LEU E 379 76.47 58.82 -25.38
C LEU E 379 76.06 57.64 -24.51
N LYS E 380 76.06 57.86 -23.19
CA LYS E 380 75.70 56.82 -22.22
C LYS E 380 74.36 57.18 -21.61
N ILE E 381 73.34 56.37 -21.91
CA ILE E 381 71.98 56.59 -21.46
C ILE E 381 71.63 55.56 -20.39
N GLY E 382 70.96 56.03 -19.33
CA GLY E 382 70.57 55.14 -18.25
C GLY E 382 69.29 55.60 -17.60
N ALA E 383 68.67 54.69 -16.86
CA ALA E 383 67.41 54.96 -16.18
C ALA E 383 67.38 54.13 -14.89
N SER E 384 66.22 54.13 -14.23
CA SER E 384 66.08 53.41 -12.97
C SER E 384 66.10 51.90 -13.19
N THR E 385 65.33 51.42 -14.17
CA THR E 385 65.23 50.01 -14.47
C THR E 385 65.72 49.74 -15.88
N GLU E 386 66.12 48.48 -16.12
CA GLU E 386 66.62 48.10 -17.44
C GLU E 386 65.55 48.24 -18.51
N VAL E 387 64.28 48.05 -18.15
CA VAL E 387 63.19 48.16 -19.11
C VAL E 387 63.15 49.57 -19.69
N GLU E 388 63.19 50.58 -18.82
CA GLU E 388 63.22 51.96 -19.28
C GLU E 388 64.60 52.39 -19.76
N MET E 389 65.66 51.73 -19.30
CA MET E 389 67.02 52.11 -19.69
C MET E 389 67.22 51.95 -21.19
N LYS E 390 67.00 50.74 -21.70
CA LYS E 390 67.15 50.51 -23.13
C LYS E 390 65.99 51.07 -23.94
N GLU E 391 64.84 51.33 -23.31
CA GLU E 391 63.74 51.97 -24.03
C GLU E 391 64.05 53.45 -24.27
N LYS E 392 64.67 54.11 -23.29
CA LYS E 392 65.12 55.48 -23.49
C LYS E 392 66.42 55.53 -24.28
N LYS E 393 67.26 54.52 -24.15
CA LYS E 393 68.49 54.46 -24.95
C LYS E 393 68.16 54.40 -26.44
N ALA E 394 67.25 53.52 -26.83
CA ALA E 394 66.80 53.48 -28.22
C ALA E 394 66.05 54.74 -28.59
N ARG E 395 65.37 55.37 -27.63
CA ARG E 395 64.71 56.65 -27.88
C ARG E 395 65.73 57.73 -28.23
N VAL E 396 66.90 57.70 -27.58
CA VAL E 396 67.96 58.64 -27.90
C VAL E 396 68.49 58.37 -29.31
N GLU E 397 68.61 57.09 -29.68
CA GLU E 397 69.07 56.75 -31.02
C GLU E 397 68.10 57.28 -32.08
N ASP E 398 66.80 57.17 -31.81
CA ASP E 398 65.82 57.76 -32.72
C ASP E 398 65.88 59.28 -32.68
N ALA E 399 66.13 59.85 -31.50
CA ALA E 399 66.27 61.30 -31.39
C ALA E 399 67.56 61.78 -32.03
N LEU E 400 68.64 60.99 -31.93
CA LEU E 400 69.90 61.38 -32.55
C LEU E 400 69.82 61.32 -34.06
N HIS E 401 69.11 60.33 -34.60
CA HIS E 401 69.00 60.21 -36.04
C HIS E 401 68.10 61.29 -36.63
N ALA E 402 67.04 61.66 -35.92
CA ALA E 402 66.16 62.72 -36.40
C ALA E 402 66.82 64.08 -36.30
N THR E 403 67.73 64.27 -35.34
CA THR E 403 68.41 65.55 -35.19
C THR E 403 69.49 65.73 -36.24
N ARG E 404 70.28 64.69 -36.50
CA ARG E 404 71.34 64.80 -37.50
C ARG E 404 70.77 65.07 -38.88
N ALA E 405 69.63 64.47 -39.21
CA ALA E 405 68.98 64.74 -40.48
C ALA E 405 68.36 66.14 -40.49
N ALA E 406 67.89 66.61 -39.34
CA ALA E 406 67.29 67.94 -39.28
C ALA E 406 68.33 69.03 -39.50
N VAL E 407 69.56 68.82 -39.06
CA VAL E 407 70.60 69.83 -39.25
C VAL E 407 70.93 69.99 -40.73
N GLN E 408 70.98 68.87 -41.46
CA GLN E 408 71.34 68.89 -42.88
C GLN E 408 70.39 69.76 -43.71
N GLU E 409 69.16 69.32 -43.89
CA GLU E 409 68.23 69.97 -44.81
C GLU E 409 67.25 70.91 -44.11
N GLY E 410 67.27 71.00 -42.79
CA GLY E 410 66.38 71.89 -42.08
C GLY E 410 65.15 71.22 -41.52
N ILE E 411 64.15 72.04 -41.20
CA ILE E 411 62.93 71.61 -40.55
C ILE E 411 61.74 72.25 -41.24
N VAL E 412 60.70 71.45 -41.50
CA VAL E 412 59.45 71.94 -42.07
C VAL E 412 58.30 71.55 -41.15
N VAL E 413 57.16 72.20 -41.36
CA VAL E 413 55.98 71.93 -40.54
C VAL E 413 55.48 70.52 -40.81
N GLY E 414 55.12 69.82 -39.74
CA GLY E 414 54.67 68.44 -39.81
C GLY E 414 53.18 68.32 -40.10
N GLY E 415 52.67 67.11 -39.88
CA GLY E 415 51.26 66.85 -40.12
C GLY E 415 50.85 66.87 -41.56
N GLY E 416 51.79 66.66 -42.49
CA GLY E 416 51.47 66.71 -43.90
C GLY E 416 51.13 68.08 -44.43
N VAL E 417 51.33 69.13 -43.63
CA VAL E 417 50.99 70.48 -44.07
C VAL E 417 52.06 71.04 -45.00
N ALA E 418 53.33 70.68 -44.78
CA ALA E 418 54.39 71.18 -45.65
C ALA E 418 54.19 70.75 -47.09
N LEU E 419 53.69 69.51 -47.30
CA LEU E 419 53.40 69.07 -48.65
C LEU E 419 52.28 69.88 -49.29
N ILE E 420 51.30 70.33 -48.48
CA ILE E 420 50.23 71.16 -49.02
C ILE E 420 50.73 72.57 -49.27
N ARG E 421 51.53 73.12 -48.34
CA ARG E 421 52.06 74.47 -48.52
C ARG E 421 53.05 74.52 -49.68
N ALA E 422 53.78 73.43 -49.93
CA ALA E 422 54.74 73.42 -51.02
C ALA E 422 54.09 73.38 -52.40
N ALA E 423 52.77 73.21 -52.47
CA ALA E 423 52.08 73.20 -53.75
C ALA E 423 52.14 74.55 -54.46
N LYS E 424 52.57 75.62 -53.76
CA LYS E 424 52.70 76.92 -54.41
C LYS E 424 53.76 76.89 -55.51
N GLY E 425 54.74 76.01 -55.39
CA GLY E 425 55.77 75.89 -56.41
C GLY E 425 55.29 75.27 -57.72
N LEU E 426 54.10 74.66 -57.71
CA LEU E 426 53.57 74.05 -58.93
C LEU E 426 53.27 75.08 -60.01
N ALA E 427 53.09 76.35 -59.63
CA ALA E 427 52.89 77.39 -60.65
C ALA E 427 54.15 77.62 -61.46
N LYS E 428 55.32 77.37 -60.87
CA LYS E 428 56.59 77.47 -61.58
C LYS E 428 56.84 76.32 -62.54
N ALA E 429 56.08 75.23 -62.44
CA ALA E 429 56.25 74.12 -63.34
C ALA E 429 55.75 74.46 -64.73
N VAL E 430 56.44 73.96 -65.75
CA VAL E 430 56.13 74.25 -67.15
C VAL E 430 55.68 72.95 -67.81
N ALA E 431 54.55 73.00 -68.50
CA ALA E 431 54.00 71.84 -69.20
C ALA E 431 54.03 72.11 -70.70
N ASP E 432 54.52 71.14 -71.47
CA ASP E 432 54.60 71.27 -72.92
C ASP E 432 53.32 70.86 -73.62
N ASN E 433 52.41 70.16 -72.94
CA ASN E 433 51.15 69.74 -73.54
C ASN E 433 50.19 69.38 -72.41
N GLU E 434 48.99 68.94 -72.80
CA GLU E 434 47.98 68.58 -71.80
C GLU E 434 48.37 67.34 -71.01
N ASP E 435 49.11 66.42 -71.63
CA ASP E 435 49.53 65.22 -70.91
C ASP E 435 50.49 65.56 -69.78
N GLN E 436 51.47 66.43 -70.04
CA GLN E 436 52.40 66.83 -68.99
C GLN E 436 51.69 67.67 -67.92
N LYS E 437 50.76 68.52 -68.33
CA LYS E 437 50.00 69.30 -67.35
C LYS E 437 49.17 68.40 -66.46
N THR E 438 48.64 67.30 -67.00
CA THR E 438 47.93 66.34 -66.18
C THR E 438 48.86 65.72 -65.13
N GLY E 439 50.10 65.41 -65.52
CA GLY E 439 51.05 64.89 -64.56
C GLY E 439 51.33 65.87 -63.43
N ILE E 440 51.41 67.16 -63.74
CA ILE E 440 51.57 68.18 -62.71
C ILE E 440 50.39 68.16 -61.76
N GLU E 441 49.18 68.01 -62.30
CA GLU E 441 47.99 67.95 -61.45
C GLU E 441 47.88 66.65 -60.68
N ILE E 442 48.53 65.58 -61.15
CA ILE E 442 48.59 64.35 -60.37
C ILE E 442 49.34 64.60 -59.07
N ILE E 443 50.45 65.33 -59.14
CA ILE E 443 51.20 65.66 -57.94
C ILE E 443 50.39 66.59 -57.04
N ARG E 444 49.66 67.53 -57.64
CA ARG E 444 48.88 68.48 -56.85
C ARG E 444 47.84 67.78 -55.99
N ARG E 445 47.15 66.78 -56.56
CA ARG E 445 46.18 66.02 -55.78
C ARG E 445 46.83 65.01 -54.85
N ALA E 446 48.07 64.60 -55.14
CA ALA E 446 48.73 63.59 -54.31
C ALA E 446 49.30 64.19 -53.02
N LEU E 447 49.67 65.47 -53.04
CA LEU E 447 50.23 66.11 -51.86
C LEU E 447 49.23 66.22 -50.72
N GLU E 448 47.93 66.22 -51.02
CA GLU E 448 46.91 66.29 -50.00
C GLU E 448 46.64 64.96 -49.32
N GLU E 449 47.10 63.85 -49.91
CA GLU E 449 46.80 62.51 -49.43
C GLU E 449 47.39 62.22 -48.04
N PRO E 450 48.65 62.58 -47.76
CA PRO E 450 49.16 62.32 -46.40
C PRO E 450 48.32 62.96 -45.31
N LEU E 451 47.91 64.21 -45.47
CA LEU E 451 47.05 64.84 -44.46
C LEU E 451 45.64 64.24 -44.48
N ARG E 452 45.14 63.91 -45.68
CA ARG E 452 43.82 63.28 -45.76
C ARG E 452 43.81 61.92 -45.08
N GLN E 453 44.94 61.20 -45.12
CA GLN E 453 45.00 59.90 -44.47
C GLN E 453 45.16 60.04 -42.95
N ILE E 454 45.92 61.05 -42.51
CA ILE E 454 46.08 61.29 -41.07
C ILE E 454 44.73 61.58 -40.44
N VAL E 455 43.95 62.47 -41.06
CA VAL E 455 42.63 62.79 -40.54
C VAL E 455 41.70 61.59 -40.63
N ALA E 456 41.84 60.77 -41.68
CA ALA E 456 41.00 59.58 -41.81
C ALA E 456 41.29 58.57 -40.71
N ASN E 457 42.54 58.49 -40.25
CA ASN E 457 42.89 57.57 -39.17
C ASN E 457 42.25 57.97 -37.85
N THR E 458 41.78 59.21 -37.72
CA THR E 458 41.05 59.61 -36.53
C THR E 458 39.67 58.95 -36.46
N GLY E 459 39.11 58.55 -37.60
CA GLY E 459 37.83 57.91 -37.64
C GLY E 459 36.65 58.81 -37.97
N THR E 460 36.89 60.09 -38.22
CA THR E 460 35.81 61.02 -38.50
C THR E 460 35.39 60.94 -39.96
N THR E 461 34.09 61.15 -40.20
CA THR E 461 33.55 61.28 -41.55
C THR E 461 33.58 62.71 -42.05
N ASP E 462 34.02 63.66 -41.21
CA ASP E 462 34.09 65.07 -41.56
C ASP E 462 35.46 65.48 -42.09
N GLY E 463 36.37 64.52 -42.29
CA GLY E 463 37.73 64.82 -42.70
C GLY E 463 37.85 65.65 -43.97
N ALA E 464 36.83 65.62 -44.83
CA ALA E 464 36.86 66.46 -46.02
C ALA E 464 36.85 67.94 -45.67
N VAL E 465 36.21 68.30 -44.54
CA VAL E 465 36.19 69.69 -44.11
C VAL E 465 37.52 70.08 -43.47
N VAL E 466 38.13 69.14 -42.73
CA VAL E 466 39.41 69.42 -42.09
C VAL E 466 40.47 69.76 -43.13
N LEU E 467 40.49 69.02 -44.24
CA LEU E 467 41.45 69.30 -45.31
C LEU E 467 41.20 70.66 -45.94
N GLU E 468 39.93 71.10 -46.00
CA GLU E 468 39.62 72.38 -46.62
C GLU E 468 40.14 73.54 -45.78
N LYS E 469 40.04 73.42 -44.45
CA LYS E 469 40.53 74.49 -43.58
C LYS E 469 42.04 74.65 -43.69
N VAL E 470 42.77 73.53 -43.71
CA VAL E 470 44.23 73.59 -43.78
C VAL E 470 44.67 74.20 -45.10
N LYS E 471 43.98 73.87 -46.19
CA LYS E 471 44.35 74.42 -47.49
C LYS E 471 43.97 75.90 -47.58
N ASN E 472 42.83 76.28 -47.01
CA ASN E 472 42.40 77.68 -47.07
C ASN E 472 43.30 78.57 -46.22
N ALA E 473 43.92 78.01 -45.19
CA ALA E 473 44.86 78.77 -44.37
C ALA E 473 46.22 78.80 -45.07
N GLU E 474 47.24 79.31 -44.38
CA GLU E 474 48.56 79.40 -44.97
C GLU E 474 49.60 79.35 -43.87
N GLY E 475 50.81 78.92 -44.24
CA GLY E 475 51.93 78.94 -43.31
C GLY E 475 51.79 77.89 -42.22
N ASP E 476 51.99 78.32 -40.98
CA ASP E 476 52.12 77.41 -39.85
C ASP E 476 50.79 76.74 -39.47
N TYR E 477 49.66 77.29 -39.92
CA TYR E 477 48.36 76.78 -39.49
C TYR E 477 48.15 75.37 -39.99
N GLY E 478 47.67 74.49 -39.11
CA GLY E 478 47.44 73.11 -39.46
C GLY E 478 46.52 72.43 -38.48
N PHE E 479 46.38 71.13 -38.66
CA PHE E 479 45.52 70.30 -37.82
C PHE E 479 46.36 69.29 -37.06
N ASN E 480 46.18 69.23 -35.75
CA ASN E 480 46.90 68.30 -34.88
C ASN E 480 45.97 67.14 -34.56
N ALA E 481 46.29 65.95 -35.07
CA ALA E 481 45.38 64.82 -34.96
C ALA E 481 45.36 64.21 -33.56
N ARG E 482 46.40 64.43 -32.75
CA ARG E 482 46.40 63.84 -31.42
C ARG E 482 45.50 64.61 -30.46
N THR E 483 45.46 65.94 -30.59
CA THR E 483 44.53 66.76 -29.81
C THR E 483 43.26 67.10 -30.56
N GLU E 484 43.16 66.72 -31.84
CA GLU E 484 41.97 66.98 -32.66
C GLU E 484 41.56 68.45 -32.62
N GLN E 485 42.56 69.34 -32.67
CA GLN E 485 42.32 70.77 -32.62
C GLN E 485 43.24 71.47 -33.61
N TYR E 486 42.69 72.43 -34.34
CA TYR E 486 43.52 73.27 -35.21
C TYR E 486 44.37 74.20 -34.35
N GLU E 487 45.65 74.31 -34.68
CA GLU E 487 46.58 75.12 -33.89
C GLU E 487 47.85 75.32 -34.71
N ASN E 488 48.80 76.03 -34.11
CA ASN E 488 50.10 76.24 -34.71
C ASN E 488 50.96 74.99 -34.48
N LEU E 489 51.40 74.37 -35.57
CA LEU E 489 52.08 73.08 -35.46
C LEU E 489 53.53 73.21 -35.01
N ILE E 490 54.22 74.29 -35.42
CA ILE E 490 55.59 74.48 -34.98
C ILE E 490 55.64 74.77 -33.49
N GLU E 491 54.76 75.63 -33.00
CA GLU E 491 54.72 75.95 -31.57
C GLU E 491 54.24 74.77 -30.73
N ALA E 492 53.53 73.82 -31.33
CA ALA E 492 53.03 72.65 -30.62
C ALA E 492 54.01 71.48 -30.64
N GLY E 493 55.18 71.65 -31.25
CA GLY E 493 56.15 70.58 -31.31
C GLY E 493 55.95 69.58 -32.42
N VAL E 494 55.05 69.85 -33.36
CA VAL E 494 54.81 68.95 -34.48
C VAL E 494 55.68 69.42 -35.65
N VAL E 495 56.71 68.65 -35.96
CA VAL E 495 57.69 69.00 -36.99
C VAL E 495 58.13 67.74 -37.70
N ASP E 496 58.63 67.92 -38.92
CA ASP E 496 59.26 66.86 -39.69
C ASP E 496 60.51 67.43 -40.33
N PRO E 497 61.60 66.66 -40.38
CA PRO E 497 62.79 67.15 -41.08
C PRO E 497 62.52 67.33 -42.56
N THR E 498 63.15 68.34 -43.14
CA THR E 498 62.99 68.59 -44.57
C THR E 498 63.47 67.39 -45.39
N LYS E 499 64.54 66.72 -44.93
CA LYS E 499 65.02 65.53 -45.61
C LYS E 499 64.00 64.40 -45.58
N VAL E 500 63.24 64.29 -44.49
CA VAL E 500 62.21 63.27 -44.40
C VAL E 500 61.11 63.53 -45.42
N THR E 501 60.67 64.77 -45.53
CA THR E 501 59.53 65.10 -46.38
C THR E 501 59.89 65.00 -47.85
N ARG E 502 61.02 65.62 -48.26
CA ARG E 502 61.37 65.62 -49.67
C ARG E 502 61.77 64.24 -50.16
N SER E 503 62.32 63.40 -49.29
CA SER E 503 62.66 62.04 -49.69
C SER E 503 61.40 61.21 -49.93
N ALA E 504 60.38 61.40 -49.11
CA ALA E 504 59.14 60.66 -49.28
C ALA E 504 58.45 61.03 -50.59
N LEU E 505 58.61 62.27 -51.05
CA LEU E 505 58.01 62.68 -52.31
C LEU E 505 58.86 62.23 -53.50
N GLU E 506 60.19 62.32 -53.39
CA GLU E 506 61.04 61.92 -54.50
C GLU E 506 60.99 60.42 -54.73
N ASN E 507 61.05 59.63 -53.67
CA ASN E 507 61.02 58.18 -53.82
C ASN E 507 59.67 57.70 -54.33
N ALA E 508 58.58 58.29 -53.83
CA ALA E 508 57.25 57.88 -54.27
C ALA E 508 57.05 58.17 -55.75
N ALA E 509 57.42 59.37 -56.19
CA ALA E 509 57.27 59.72 -57.60
C ALA E 509 58.18 58.89 -58.49
N SER E 510 59.30 58.40 -57.94
CA SER E 510 60.22 57.59 -58.73
C SER E 510 59.62 56.23 -59.03
N VAL E 511 59.12 55.54 -57.99
CA VAL E 511 58.60 54.19 -58.17
C VAL E 511 57.32 54.20 -58.99
N ALA E 512 56.47 55.22 -58.79
CA ALA E 512 55.24 55.30 -59.56
C ALA E 512 55.51 55.61 -61.03
N SER E 513 56.55 56.39 -61.32
CA SER E 513 56.89 56.69 -62.70
C SER E 513 57.40 55.45 -63.43
N ILE E 514 58.17 54.61 -62.73
CA ILE E 514 58.64 53.37 -63.33
C ILE E 514 57.48 52.43 -63.60
N LEU E 515 56.55 52.32 -62.64
CA LEU E 515 55.39 51.46 -62.82
C LEU E 515 54.48 51.95 -63.93
N LEU E 516 54.47 53.27 -64.19
CA LEU E 516 53.67 53.80 -65.29
C LEU E 516 54.31 53.50 -66.64
N THR E 517 55.63 53.39 -66.69
CA THR E 517 56.34 53.12 -67.93
C THR E 517 56.63 51.64 -68.15
N THR E 518 56.13 50.76 -67.27
CA THR E 518 56.38 49.33 -67.40
C THR E 518 55.42 48.74 -68.44
N GLU E 519 55.96 48.18 -69.52
CA GLU E 519 55.17 47.52 -70.54
C GLU E 519 55.13 46.01 -70.41
N ALA E 520 55.91 45.42 -69.51
CA ALA E 520 55.92 43.96 -69.38
C ALA E 520 56.31 43.58 -67.96
N ALA E 521 55.73 42.47 -67.48
CA ALA E 521 56.07 41.90 -66.19
C ALA E 521 56.37 40.42 -66.39
N ILE E 522 57.61 40.03 -66.16
CA ILE E 522 58.06 38.65 -66.36
C ILE E 522 58.16 37.98 -64.99
N THR E 523 57.51 36.83 -64.84
CA THR E 523 57.51 36.10 -63.59
C THR E 523 57.54 34.61 -63.87
N ASP E 524 58.06 33.85 -62.90
CA ASP E 524 58.18 32.41 -63.06
C ASP E 524 56.81 31.73 -62.94
N VAL E 525 56.73 30.54 -63.51
CA VAL E 525 55.51 29.73 -63.43
C VAL E 525 55.45 29.03 -62.09
N LYS E 526 54.26 28.98 -61.50
CA LYS E 526 54.06 28.37 -60.19
C LYS E 526 54.35 26.87 -60.22
N THR F 2 56.60 35.01 -45.12
CA THR F 2 55.91 34.31 -46.21
C THR F 2 54.68 35.11 -46.66
N ALA F 3 53.93 34.54 -47.60
CA ALA F 3 52.76 35.22 -48.12
C ALA F 3 51.71 35.38 -47.02
N LYS F 4 50.89 36.43 -47.15
CA LYS F 4 49.97 36.83 -46.11
C LYS F 4 48.56 37.03 -46.65
N ASP F 5 47.59 36.82 -45.77
CA ASP F 5 46.21 37.26 -45.97
C ASP F 5 45.95 38.42 -45.02
N ILE F 6 45.21 39.42 -45.49
CA ILE F 6 44.97 40.63 -44.72
C ILE F 6 43.47 40.92 -44.71
N LEU F 7 42.93 41.14 -43.51
CA LEU F 7 41.54 41.54 -43.32
C LEU F 7 41.50 42.96 -42.77
N PHE F 8 40.51 43.74 -43.21
CA PHE F 8 40.40 45.15 -42.85
C PHE F 8 39.05 45.45 -42.24
N ASP F 9 39.01 46.54 -41.47
CA ASP F 9 37.78 47.21 -41.01
C ASP F 9 36.91 46.20 -40.25
N ALA F 10 35.59 46.19 -40.50
CA ALA F 10 34.70 45.33 -39.73
C ALA F 10 34.88 43.86 -40.08
N GLU F 11 35.33 43.56 -41.31
CA GLU F 11 35.56 42.17 -41.68
C GLU F 11 36.63 41.53 -40.80
N ALA F 12 37.62 42.32 -40.37
CA ALA F 12 38.62 41.81 -39.44
C ALA F 12 38.08 41.77 -38.02
N ARG F 13 37.35 42.80 -37.60
CA ARG F 13 36.87 42.87 -36.23
C ARG F 13 35.77 41.85 -35.97
N THR F 14 34.92 41.57 -36.97
CA THR F 14 33.91 40.52 -36.81
C THR F 14 34.56 39.15 -36.73
N LYS F 15 35.59 38.92 -37.55
CA LYS F 15 36.31 37.65 -37.49
C LYS F 15 37.03 37.48 -36.16
N LEU F 16 37.64 38.56 -35.66
CA LEU F 16 38.25 38.50 -34.32
C LEU F 16 37.21 38.25 -33.24
N LYS F 17 36.00 38.79 -33.42
CA LYS F 17 34.96 38.62 -32.40
C LYS F 17 34.56 37.15 -32.25
N VAL F 18 34.56 36.40 -33.36
CA VAL F 18 34.22 34.98 -33.29
C VAL F 18 35.18 34.25 -32.37
N GLY F 19 36.47 34.57 -32.45
CA GLY F 19 37.44 33.93 -31.58
C GLY F 19 37.28 34.34 -30.12
N VAL F 20 37.02 35.63 -29.87
CA VAL F 20 36.80 36.09 -28.52
C VAL F 20 35.60 35.40 -27.90
N ASP F 21 34.54 35.19 -28.71
CA ASP F 21 33.35 34.52 -28.20
C ASP F 21 33.64 33.06 -27.87
N LYS F 22 34.38 32.36 -28.72
CA LYS F 22 34.68 30.96 -28.47
C LYS F 22 35.50 30.78 -27.20
N LEU F 23 36.44 31.70 -26.95
CA LEU F 23 37.21 31.64 -25.71
C LEU F 23 36.32 31.92 -24.50
N ALA F 24 35.53 32.99 -24.56
CA ALA F 24 34.73 33.39 -23.42
C ALA F 24 33.64 32.37 -23.13
N ASN F 25 32.91 31.93 -24.16
CA ASN F 25 31.78 31.02 -23.95
C ASN F 25 32.22 29.70 -23.33
N ALA F 26 33.47 29.28 -23.58
CA ALA F 26 33.95 28.04 -23.00
C ALA F 26 34.36 28.23 -21.54
N VAL F 27 35.01 29.35 -21.22
CA VAL F 27 35.54 29.56 -19.88
C VAL F 27 34.46 30.04 -18.92
N LYS F 28 33.48 30.83 -19.39
CA LYS F 28 32.56 31.51 -18.49
C LYS F 28 31.57 30.57 -17.82
N VAL F 29 31.39 29.35 -18.33
CA VAL F 29 30.48 28.41 -17.69
C VAL F 29 31.00 27.94 -16.34
N THR F 30 32.28 28.12 -16.08
CA THR F 30 32.91 27.71 -14.83
C THR F 30 33.05 28.85 -13.82
N LEU F 31 32.56 30.05 -14.14
CA LEU F 31 32.87 31.26 -13.40
C LEU F 31 32.55 31.17 -11.91
N GLY F 32 31.27 31.14 -11.56
CA GLY F 32 30.87 31.25 -10.17
C GLY F 32 31.09 29.99 -9.36
N PRO F 33 30.64 29.99 -8.11
CA PRO F 33 30.69 28.77 -7.29
C PRO F 33 29.80 27.67 -7.83
N ALA F 34 28.85 28.00 -8.70
CA ALA F 34 28.01 27.02 -9.39
C ALA F 34 28.60 26.58 -10.71
N GLY F 35 29.84 26.98 -11.02
CA GLY F 35 30.45 26.72 -12.30
C GLY F 35 30.41 25.27 -12.74
N ARG F 36 29.86 25.04 -13.92
CA ARG F 36 29.59 23.71 -14.45
C ARG F 36 30.84 23.09 -15.07
N ASN F 37 30.84 21.76 -15.12
CA ASN F 37 32.00 21.01 -15.57
C ASN F 37 32.31 21.27 -17.04
N VAL F 38 33.57 21.08 -17.41
CA VAL F 38 34.03 21.11 -18.79
C VAL F 38 34.94 19.92 -19.01
N LEU F 39 34.69 19.15 -20.06
CA LEU F 39 35.49 17.97 -20.38
C LEU F 39 36.58 18.33 -21.38
N ILE F 40 37.81 17.93 -21.08
CA ILE F 40 38.96 18.18 -21.93
C ILE F 40 39.54 16.83 -22.35
N ASP F 41 39.58 16.59 -23.65
CA ASP F 41 39.99 15.28 -24.15
C ASP F 41 41.49 15.06 -23.95
N LYS F 42 41.87 13.80 -23.80
CA LYS F 42 43.26 13.38 -23.69
C LYS F 42 43.57 12.37 -24.78
N LYS F 43 44.87 12.15 -25.01
CA LYS F 43 45.28 11.26 -26.09
C LYS F 43 44.77 9.84 -25.86
N PHE F 44 44.80 9.36 -24.62
CA PHE F 44 44.28 8.05 -24.29
C PHE F 44 43.73 8.07 -22.87
N GLY F 45 42.67 7.31 -22.66
CA GLY F 45 42.05 7.21 -21.35
C GLY F 45 40.88 8.15 -21.18
N ALA F 46 40.50 8.35 -19.92
CA ALA F 46 39.37 9.20 -19.60
C ALA F 46 39.74 10.67 -19.77
N PRO F 47 38.79 11.50 -20.19
CA PRO F 47 39.07 12.93 -20.34
C PRO F 47 39.18 13.63 -18.99
N THR F 48 39.78 14.82 -19.03
CA THR F 48 39.94 15.64 -17.84
C THR F 48 38.68 16.47 -17.62
N SER F 49 38.10 16.36 -16.41
CA SER F 49 36.96 17.16 -16.01
C SER F 49 37.46 18.27 -15.09
N THR F 50 37.18 19.52 -15.46
CA THR F 50 37.68 20.65 -14.69
C THR F 50 36.62 21.73 -14.57
N LYS F 51 36.47 22.28 -13.36
CA LYS F 51 35.69 23.47 -13.11
C LYS F 51 36.56 24.73 -13.08
N ASP F 52 37.86 24.60 -13.36
CA ASP F 52 38.79 25.72 -13.30
C ASP F 52 38.76 26.46 -14.63
N GLY F 53 38.40 27.75 -14.58
CA GLY F 53 38.37 28.55 -15.80
C GLY F 53 39.75 28.81 -16.38
N VAL F 54 40.79 28.76 -15.55
CA VAL F 54 42.15 28.94 -16.05
C VAL F 54 42.59 27.70 -16.82
N THR F 55 42.27 26.52 -16.31
CA THR F 55 42.61 25.29 -17.01
C THR F 55 41.94 25.21 -18.37
N VAL F 56 40.69 25.67 -18.46
CA VAL F 56 39.97 25.62 -19.73
C VAL F 56 40.57 26.60 -20.72
N ALA F 57 40.94 27.80 -20.25
CA ALA F 57 41.47 28.82 -21.15
C ALA F 57 42.82 28.40 -21.74
N LYS F 58 43.64 27.67 -20.98
CA LYS F 58 44.93 27.23 -21.49
C LYS F 58 44.79 26.23 -22.63
N GLU F 59 43.64 25.57 -22.75
CA GLU F 59 43.39 24.59 -23.79
C GLU F 59 42.74 25.16 -25.04
N ILE F 60 42.53 26.47 -25.10
CA ILE F 60 41.76 27.07 -26.18
C ILE F 60 42.71 27.42 -27.32
N GLU F 61 42.54 26.75 -28.46
CA GLU F 61 43.24 27.05 -29.69
C GLU F 61 42.28 26.85 -30.85
N LEU F 62 42.28 27.80 -31.78
CA LEU F 62 41.35 27.77 -32.90
C LEU F 62 42.10 27.51 -34.20
N VAL F 63 41.42 26.84 -35.13
CA VAL F 63 42.07 26.48 -36.39
C VAL F 63 42.17 27.67 -37.33
N ASP F 64 41.22 28.59 -37.29
CA ASP F 64 41.29 29.78 -38.13
C ASP F 64 42.28 30.77 -37.54
N PRO F 65 43.21 31.31 -38.34
CA PRO F 65 44.24 32.18 -37.76
C PRO F 65 43.69 33.46 -37.14
N VAL F 66 42.76 34.13 -37.82
CA VAL F 66 42.25 35.40 -37.30
C VAL F 66 41.39 35.17 -36.07
N GLU F 67 40.57 34.12 -36.08
CA GLU F 67 39.80 33.75 -34.89
C GLU F 67 40.74 33.41 -33.74
N ASN F 68 41.86 32.74 -34.04
CA ASN F 68 42.81 32.40 -32.99
C ASN F 68 43.56 33.62 -32.47
N MET F 69 43.75 34.64 -33.31
CA MET F 69 44.42 35.85 -32.86
C MET F 69 43.63 36.54 -31.75
N GLY F 70 42.36 36.84 -32.01
CA GLY F 70 41.53 37.46 -31.00
C GLY F 70 41.36 36.58 -29.76
N ALA F 71 41.35 35.27 -29.95
CA ALA F 71 41.25 34.36 -28.80
C ALA F 71 42.50 34.43 -27.94
N GLN F 72 43.68 34.57 -28.56
CA GLN F 72 44.91 34.69 -27.80
C GLN F 72 45.12 36.08 -27.24
N MET F 73 44.52 37.11 -27.85
CA MET F 73 44.58 38.46 -27.30
C MET F 73 43.93 38.51 -25.93
N VAL F 74 42.65 38.11 -25.85
CA VAL F 74 41.94 38.12 -24.57
C VAL F 74 42.58 37.14 -23.59
N ARG F 75 43.09 36.01 -24.10
CA ARG F 75 43.68 35.01 -23.22
C ARG F 75 44.96 35.51 -22.56
N GLU F 76 45.80 36.22 -23.32
CA GLU F 76 47.06 36.71 -22.76
C GLU F 76 46.83 37.84 -21.78
N VAL F 77 45.93 38.77 -22.10
CA VAL F 77 45.70 39.92 -21.24
C VAL F 77 45.00 39.49 -19.95
N ALA F 78 43.95 38.67 -20.07
CA ALA F 78 43.21 38.23 -18.89
C ALA F 78 44.04 37.30 -18.01
N SER F 79 45.08 36.67 -18.56
CA SER F 79 45.95 35.83 -17.74
C SER F 79 46.80 36.66 -16.79
N LYS F 80 47.06 37.93 -17.14
CA LYS F 80 47.84 38.81 -16.28
C LYS F 80 47.10 39.19 -15.01
N THR F 81 45.79 38.95 -14.94
CA THR F 81 45.05 39.27 -13.73
C THR F 81 45.42 38.33 -12.59
N SER F 82 45.64 37.05 -12.90
CA SER F 82 46.02 36.07 -11.90
C SER F 82 47.53 35.97 -11.71
N ASP F 83 48.32 36.68 -12.52
CA ASP F 83 49.77 36.71 -12.31
C ASP F 83 50.16 37.63 -11.16
N VAL F 84 49.38 38.69 -10.93
CA VAL F 84 49.60 39.63 -9.84
C VAL F 84 48.61 39.40 -8.70
N ALA F 85 47.32 39.57 -8.97
CA ALA F 85 46.30 39.42 -7.93
C ALA F 85 45.99 37.97 -7.62
N GLY F 86 46.39 37.03 -8.47
CA GLY F 86 46.16 35.62 -8.22
C GLY F 86 44.76 35.12 -8.53
N ASP F 87 43.86 35.98 -8.99
CA ASP F 87 42.51 35.58 -9.31
C ASP F 87 41.93 36.57 -10.31
N GLY F 88 40.83 36.17 -10.93
CA GLY F 88 40.09 37.05 -11.83
C GLY F 88 40.36 36.87 -13.31
N THR F 89 40.98 35.76 -13.71
CA THR F 89 41.23 35.54 -15.14
C THR F 89 39.92 35.34 -15.90
N THR F 90 39.04 34.49 -15.38
CA THR F 90 37.76 34.24 -16.04
C THR F 90 36.89 35.49 -16.03
N THR F 91 36.85 36.21 -14.90
CA THR F 91 36.07 37.44 -14.84
C THR F 91 36.54 38.45 -15.87
N ALA F 92 37.87 38.60 -16.02
CA ALA F 92 38.39 39.52 -17.01
C ALA F 92 38.01 39.12 -18.43
N THR F 93 37.91 37.81 -18.69
CA THR F 93 37.51 37.35 -20.02
C THR F 93 36.04 37.64 -20.27
N VAL F 94 35.17 37.40 -19.27
CA VAL F 94 33.75 37.70 -19.42
C VAL F 94 33.54 39.19 -19.69
N LEU F 95 34.23 40.04 -18.93
CA LEU F 95 34.14 41.48 -19.16
C LEU F 95 34.65 41.85 -20.54
N ALA F 96 35.74 41.24 -20.98
CA ALA F 96 36.32 41.57 -22.28
C ALA F 96 35.36 41.23 -23.41
N GLN F 97 34.63 40.12 -23.28
CA GLN F 97 33.66 39.76 -24.31
C GLN F 97 32.51 40.76 -24.36
N ALA F 98 31.99 41.14 -23.19
CA ALA F 98 30.86 42.07 -23.14
C ALA F 98 31.26 43.45 -23.64
N ILE F 99 32.44 43.93 -23.22
CA ILE F 99 32.88 45.26 -23.65
C ILE F 99 33.11 45.29 -25.16
N TYR F 100 33.73 44.24 -25.71
CA TYR F 100 34.01 44.22 -27.13
C TYR F 100 32.76 43.99 -27.96
N ARG F 101 31.80 43.20 -27.46
CA ARG F 101 30.57 42.96 -28.19
C ARG F 101 29.78 44.25 -28.38
N GLU F 102 29.45 44.92 -27.27
CA GLU F 102 28.66 46.15 -27.35
C GLU F 102 29.44 47.27 -28.02
N GLY F 103 30.75 47.33 -27.80
CA GLY F 103 31.55 48.34 -28.48
C GLY F 103 31.53 48.16 -29.98
N LEU F 104 31.78 46.94 -30.45
CA LEU F 104 31.75 46.66 -31.88
C LEU F 104 30.34 46.83 -32.45
N LYS F 105 29.32 46.57 -31.63
CA LYS F 105 27.94 46.76 -32.08
C LYS F 105 27.64 48.23 -32.36
N ASN F 106 28.23 49.13 -31.58
CA ASN F 106 28.07 50.56 -31.83
C ASN F 106 28.95 51.07 -32.96
N VAL F 107 30.07 50.39 -33.23
CA VAL F 107 30.89 50.75 -34.39
C VAL F 107 30.10 50.56 -35.68
N THR F 108 29.31 49.47 -35.74
CA THR F 108 28.44 49.26 -36.89
C THR F 108 27.39 50.36 -36.99
N ALA F 109 26.93 50.89 -35.85
CA ALA F 109 25.97 51.99 -35.85
C ALA F 109 26.58 53.31 -36.27
N GLY F 110 27.90 53.38 -36.45
CA GLY F 110 28.56 54.60 -36.86
C GLY F 110 29.32 55.34 -35.79
N ALA F 111 29.48 54.76 -34.60
CA ALA F 111 30.27 55.40 -33.55
C ALA F 111 31.76 55.29 -33.85
N ARG F 112 32.48 56.38 -33.63
CA ARG F 112 33.93 56.37 -33.81
C ARG F 112 34.58 55.44 -32.80
N PRO F 113 35.42 54.51 -33.24
CA PRO F 113 36.04 53.58 -32.26
C PRO F 113 36.99 54.29 -31.30
N ILE F 114 37.63 55.38 -31.72
CA ILE F 114 38.57 56.06 -30.85
C ILE F 114 37.84 56.75 -29.71
N ASP F 115 36.65 57.28 -29.96
CA ASP F 115 35.89 57.94 -28.89
C ASP F 115 35.28 56.91 -27.94
N LEU F 116 34.96 55.72 -28.44
CA LEU F 116 34.50 54.65 -27.56
C LEU F 116 35.60 54.24 -26.60
N LYS F 117 36.84 54.16 -27.08
CA LYS F 117 37.95 53.84 -26.19
C LYS F 117 38.17 54.94 -25.15
N ARG F 118 38.08 56.20 -25.57
CA ARG F 118 38.21 57.31 -24.63
C ARG F 118 37.11 57.23 -23.56
N GLY F 119 35.86 57.03 -23.99
CA GLY F 119 34.78 56.91 -23.04
C GLY F 119 34.91 55.69 -22.14
N ILE F 120 35.40 54.58 -22.70
CA ILE F 120 35.61 53.38 -21.89
C ILE F 120 36.71 53.62 -20.86
N ASP F 121 37.80 54.28 -21.28
CA ASP F 121 38.91 54.53 -20.36
C ASP F 121 38.49 55.46 -19.22
N ARG F 122 37.79 56.55 -19.55
CA ARG F 122 37.31 57.46 -18.52
C ARG F 122 36.32 56.77 -17.58
N ALA F 123 35.54 55.82 -18.11
CA ALA F 123 34.59 55.10 -17.27
C ALA F 123 35.30 54.14 -16.33
N VAL F 124 36.39 53.52 -16.78
CA VAL F 124 37.12 52.58 -15.93
C VAL F 124 37.84 53.31 -14.82
N LYS F 125 38.39 54.49 -15.12
CA LYS F 125 39.06 55.30 -14.09
C LYS F 125 38.12 55.58 -12.93
N GLU F 126 36.84 55.86 -13.22
CA GLU F 126 35.90 56.18 -12.16
C GLU F 126 35.42 54.94 -11.43
N VAL F 127 35.24 53.83 -12.14
CA VAL F 127 34.81 52.60 -11.49
C VAL F 127 35.92 52.06 -10.59
N VAL F 128 37.17 52.10 -11.07
CA VAL F 128 38.29 51.65 -10.25
C VAL F 128 38.41 52.52 -9.00
N ALA F 129 38.21 53.83 -9.15
CA ALA F 129 38.25 54.73 -8.00
C ALA F 129 37.14 54.41 -7.00
N GLU F 130 35.92 54.21 -7.51
CA GLU F 130 34.81 53.87 -6.63
C GLU F 130 35.02 52.51 -5.97
N LEU F 131 35.72 51.60 -6.65
CA LEU F 131 36.06 50.33 -6.02
C LEU F 131 36.96 50.54 -4.80
N ARG F 132 37.79 51.58 -4.83
CA ARG F 132 38.62 51.89 -3.68
C ARG F 132 37.83 52.56 -2.56
N ASN F 133 36.81 53.34 -2.90
CA ASN F 133 35.98 53.96 -1.88
C ASN F 133 35.19 52.93 -1.08
N ILE F 134 34.68 51.89 -1.76
CA ILE F 134 33.94 50.84 -1.08
C ILE F 134 34.83 49.71 -0.59
N SER F 135 36.14 49.81 -0.79
CA SER F 135 37.04 48.77 -0.33
C SER F 135 37.34 48.93 1.16
N ARG F 136 37.52 47.80 1.83
CA ARG F 136 37.88 47.77 3.24
C ARG F 136 39.36 47.43 3.38
N SER F 137 40.12 48.33 3.98
CA SER F 137 41.55 48.10 4.17
C SER F 137 41.78 46.93 5.11
N ILE F 138 42.89 46.23 4.88
CA ILE F 138 43.29 45.10 5.71
C ILE F 138 44.64 45.43 6.33
N SER F 139 44.64 45.64 7.65
CA SER F 139 45.86 45.94 8.39
C SER F 139 45.71 45.39 9.80
N GLY F 140 46.80 44.87 10.34
CA GLY F 140 46.75 44.24 11.65
C GLY F 140 46.62 42.74 11.53
N LYS F 141 47.20 42.03 12.50
CA LYS F 141 47.34 40.58 12.39
C LYS F 141 46.03 39.84 12.60
N LYS F 142 45.03 40.48 13.23
CA LYS F 142 43.77 39.78 13.46
C LYS F 142 42.96 39.64 12.17
N GLU F 143 42.76 40.74 11.45
CA GLU F 143 41.98 40.68 10.21
C GLU F 143 42.78 40.12 9.04
N ILE F 144 44.10 40.17 9.09
CA ILE F 144 44.90 39.46 8.10
C ILE F 144 44.68 37.96 8.23
N ALA F 145 44.58 37.47 9.47
CA ALA F 145 44.23 36.07 9.68
C ALA F 145 42.80 35.76 9.24
N GLN F 146 41.90 36.74 9.35
CA GLN F 146 40.52 36.53 8.91
C GLN F 146 40.45 36.37 7.40
N VAL F 147 41.15 37.23 6.65
CA VAL F 147 41.16 37.10 5.20
C VAL F 147 41.88 35.82 4.77
N GLY F 148 42.97 35.47 5.47
CA GLY F 148 43.65 34.22 5.17
C GLY F 148 42.81 33.00 5.46
N THR F 149 41.90 33.09 6.43
CA THR F 149 41.03 31.97 6.74
C THR F 149 39.93 31.82 5.69
N ILE F 150 39.40 32.94 5.19
CA ILE F 150 38.36 32.89 4.18
C ILE F 150 38.91 32.30 2.88
N SER F 151 40.11 32.72 2.48
CA SER F 151 40.74 32.20 1.27
C SER F 151 41.26 30.78 1.45
N ALA F 152 41.26 30.26 2.67
CA ALA F 152 41.67 28.90 2.97
C ALA F 152 40.51 27.91 3.00
N ASN F 153 39.31 28.36 2.61
CA ASN F 153 38.08 27.58 2.73
C ASN F 153 37.77 27.27 4.20
N ASN F 154 37.79 28.32 5.02
CA ASN F 154 37.48 28.26 6.44
C ASN F 154 38.43 27.29 7.17
N ASP F 155 39.69 27.71 7.20
CA ASP F 155 40.75 26.96 7.87
C ASP F 155 41.47 27.93 8.82
N PRO F 156 41.03 28.01 10.08
CA PRO F 156 41.66 28.96 11.01
C PRO F 156 43.15 28.71 11.21
N GLU F 157 43.60 27.46 11.11
CA GLU F 157 45.01 27.17 11.29
C GLU F 157 45.85 27.83 10.20
N ILE F 158 45.34 27.83 8.96
CA ILE F 158 46.08 28.45 7.87
C ILE F 158 45.99 29.97 7.94
N GLY F 159 44.86 30.50 8.38
CA GLY F 159 44.74 31.95 8.52
C GLY F 159 45.72 32.52 9.54
N GLU F 160 45.89 31.83 10.67
CA GLU F 160 46.87 32.26 11.65
C GLU F 160 48.29 32.08 11.13
N LEU F 161 48.51 31.09 10.26
CA LEU F 161 49.84 30.86 9.73
C LEU F 161 50.28 31.97 8.78
N ILE F 162 49.38 32.39 7.89
CA ILE F 162 49.70 33.49 6.97
C ILE F 162 49.84 34.80 7.73
N ALA F 163 49.07 34.98 8.80
CA ALA F 163 49.19 36.18 9.61
C ALA F 163 50.52 36.21 10.36
N GLU F 164 50.97 35.06 10.86
CA GLU F 164 52.23 35.01 11.58
C GLU F 164 53.42 35.19 10.65
N ALA F 165 53.32 34.70 9.41
CA ALA F 165 54.41 34.86 8.46
C ALA F 165 54.61 36.33 8.09
N MET F 166 53.51 37.05 7.83
CA MET F 166 53.62 38.48 7.54
C MET F 166 53.93 39.31 8.78
N ASP F 167 53.84 38.72 9.97
CA ASP F 167 54.17 39.44 11.18
C ASP F 167 55.68 39.53 11.39
N LYS F 168 56.39 38.42 11.18
CA LYS F 168 57.84 38.41 11.41
C LYS F 168 58.61 39.01 10.24
N VAL F 169 58.23 38.66 9.00
CA VAL F 169 58.97 39.10 7.82
C VAL F 169 58.35 40.34 7.18
N GLY F 170 57.24 40.84 7.71
CA GLY F 170 56.62 42.04 7.19
C GLY F 170 55.62 41.74 6.07
N LYS F 171 54.86 42.78 5.74
CA LYS F 171 53.83 42.64 4.72
C LYS F 171 54.44 42.49 3.33
N ASP F 172 55.60 43.08 3.09
CA ASP F 172 56.29 42.96 1.81
C ASP F 172 57.35 41.86 1.81
N GLY F 173 57.49 41.11 2.90
CA GLY F 173 58.50 40.09 2.98
C GLY F 173 58.27 38.94 2.02
N VAL F 174 59.29 38.10 1.88
CA VAL F 174 59.24 36.95 1.00
C VAL F 174 58.69 35.76 1.79
N ILE F 175 57.59 35.19 1.30
CA ILE F 175 56.94 34.06 1.94
C ILE F 175 56.81 32.95 0.91
N THR F 176 57.34 31.78 1.24
CA THR F 176 57.29 30.61 0.37
C THR F 176 56.54 29.48 1.07
N VAL F 177 56.02 28.56 0.26
CA VAL F 177 55.24 27.42 0.75
C VAL F 177 55.93 26.14 0.29
N GLU F 178 56.32 25.31 1.24
CA GLU F 178 56.96 24.03 0.97
C GLU F 178 56.13 22.91 1.58
N GLU F 179 56.61 21.68 1.43
CA GLU F 179 55.98 20.51 2.00
C GLU F 179 56.71 20.11 3.27
N ALA F 180 55.95 19.92 4.35
CA ALA F 180 56.54 19.57 5.64
C ALA F 180 56.98 18.10 5.64
N LYS F 181 57.94 17.81 6.51
CA LYS F 181 58.45 16.46 6.68
C LYS F 181 57.63 15.64 7.67
N GLY F 182 56.54 16.19 8.19
CA GLY F 182 55.74 15.53 9.18
C GLY F 182 54.30 15.97 9.10
N MET F 183 53.48 15.47 10.04
CA MET F 183 52.05 15.76 10.02
C MET F 183 51.76 17.17 10.48
N GLU F 184 52.60 17.75 11.35
CA GLU F 184 52.32 19.05 11.93
C GLU F 184 52.77 20.17 11.00
N THR F 185 51.97 21.23 10.96
CA THR F 185 52.27 22.42 10.17
C THR F 185 53.02 23.42 11.04
N GLU F 186 54.16 23.91 10.53
CA GLU F 186 55.02 24.81 11.29
C GLU F 186 55.52 25.93 10.38
N LEU F 187 55.93 27.02 11.02
CA LEU F 187 56.50 28.18 10.32
C LEU F 187 57.97 28.32 10.72
N LYS F 188 58.83 28.51 9.72
CA LYS F 188 60.26 28.67 9.92
C LYS F 188 60.76 29.84 9.10
N VAL F 189 61.45 30.77 9.76
CA VAL F 189 62.02 31.94 9.10
C VAL F 189 63.49 31.66 8.85
N VAL F 190 63.88 31.57 7.58
CA VAL F 190 65.25 31.27 7.20
C VAL F 190 65.84 32.45 6.45
N GLU F 191 67.08 32.31 5.99
CA GLU F 191 67.77 33.37 5.27
C GLU F 191 67.66 33.15 3.77
N GLY F 192 67.51 34.23 3.03
CA GLY F 192 67.38 34.15 1.59
C GLY F 192 67.01 35.50 1.02
N MET F 193 66.85 35.51 -0.31
CA MET F 193 66.52 36.73 -1.02
C MET F 193 65.82 36.37 -2.33
N GLN F 194 65.18 37.37 -2.92
CA GLN F 194 64.41 37.18 -4.15
C GLN F 194 64.66 38.38 -5.07
N PHE F 195 64.90 38.09 -6.35
CA PHE F 195 65.08 39.13 -7.36
C PHE F 195 64.16 38.85 -8.54
N ASP F 196 64.02 39.86 -9.40
CA ASP F 196 63.03 39.85 -10.48
C ASP F 196 63.50 39.13 -11.73
N ARG F 197 64.70 38.55 -11.72
CA ARG F 197 65.24 37.86 -12.89
C ARG F 197 64.83 36.39 -12.83
N GLY F 198 64.03 35.95 -13.80
CA GLY F 198 63.53 34.60 -13.86
C GLY F 198 64.32 33.73 -14.82
N TYR F 199 63.72 32.61 -15.19
CA TYR F 199 64.38 31.66 -16.09
C TYR F 199 64.44 32.23 -17.51
N LEU F 200 65.47 31.81 -18.25
CA LEU F 200 65.66 32.28 -19.62
C LEU F 200 64.80 31.53 -20.63
N SER F 201 64.33 30.33 -20.29
CA SER F 201 63.52 29.53 -21.20
C SER F 201 62.43 28.81 -20.43
N PRO F 202 61.24 28.65 -21.02
CA PRO F 202 60.16 27.93 -20.31
C PRO F 202 60.44 26.44 -20.15
N TYR F 203 61.40 25.88 -20.87
CA TYR F 203 61.70 24.45 -20.77
C TYR F 203 62.39 24.09 -19.46
N PHE F 204 62.92 25.08 -18.73
CA PHE F 204 63.50 24.82 -17.42
C PHE F 204 62.45 24.54 -16.35
N VAL F 205 61.17 24.77 -16.66
CA VAL F 205 60.11 24.63 -15.66
C VAL F 205 59.96 23.16 -15.28
N THR F 206 60.03 22.89 -13.97
CA THR F 206 59.94 21.53 -13.46
C THR F 206 58.52 21.12 -13.09
N ASN F 207 57.56 22.04 -13.09
CA ASN F 207 56.18 21.73 -12.74
C ASN F 207 55.26 22.35 -13.80
N SER F 208 54.52 21.51 -14.51
CA SER F 208 53.79 21.95 -15.70
C SER F 208 52.77 23.02 -15.37
N GLU F 209 51.89 22.76 -14.40
CA GLU F 209 50.75 23.65 -14.17
C GLU F 209 51.16 24.93 -13.46
N THR F 210 52.07 24.86 -12.49
CA THR F 210 52.47 26.06 -11.76
C THR F 210 53.48 26.91 -12.51
N MET F 211 54.06 26.40 -13.60
CA MET F 211 55.03 27.13 -14.41
C MET F 211 56.22 27.60 -13.57
N GLU F 212 56.61 26.79 -12.60
CA GLU F 212 57.74 27.09 -11.72
C GLU F 212 58.80 26.01 -11.84
N ALA F 213 60.05 26.41 -11.67
CA ALA F 213 61.19 25.51 -11.67
C ALA F 213 61.78 25.49 -10.26
N GLU F 214 61.64 24.36 -9.58
CA GLU F 214 62.10 24.22 -8.20
C GLU F 214 63.28 23.26 -8.15
N LEU F 215 64.33 23.67 -7.44
CA LEU F 215 65.55 22.89 -7.27
C LEU F 215 65.80 22.73 -5.77
N ASP F 216 65.71 21.51 -5.29
CA ASP F 216 65.87 21.22 -3.86
C ASP F 216 67.30 20.78 -3.58
N GLU F 217 67.91 21.38 -2.56
CA GLU F 217 69.32 21.16 -2.22
C GLU F 217 70.21 21.41 -3.43
N ALA F 218 70.22 22.66 -3.86
CA ALA F 218 70.92 23.06 -5.07
C ALA F 218 72.16 23.89 -4.73
N LEU F 219 73.19 23.74 -5.55
CA LEU F 219 74.41 24.52 -5.41
C LEU F 219 74.32 25.75 -6.30
N ILE F 220 74.77 26.88 -5.78
CA ILE F 220 74.70 28.16 -6.48
C ILE F 220 76.04 28.44 -7.14
N LEU F 221 76.00 28.82 -8.42
CA LEU F 221 77.20 29.19 -9.17
C LEU F 221 77.12 30.69 -9.47
N ILE F 222 78.00 31.46 -8.82
CA ILE F 222 78.05 32.90 -8.97
C ILE F 222 79.37 33.26 -9.65
N HIS F 223 79.29 34.06 -10.71
CA HIS F 223 80.44 34.34 -11.56
C HIS F 223 80.74 35.83 -11.66
N ASP F 224 79.80 36.63 -12.17
CA ASP F 224 79.86 38.05 -12.53
C ASP F 224 80.40 38.24 -13.95
N LYS F 225 80.79 37.18 -14.64
CA LYS F 225 81.16 37.23 -16.04
C LYS F 225 80.15 36.44 -16.85
N LYS F 226 79.80 36.95 -18.03
CA LYS F 226 78.81 36.32 -18.88
C LYS F 226 79.29 34.97 -19.42
N SER F 228 76.81 32.14 -22.09
CA SER F 228 75.56 31.76 -22.74
C SER F 228 75.73 30.49 -23.58
N ASN F 229 75.83 30.66 -24.89
CA ASN F 229 75.94 29.55 -25.82
C ASN F 229 77.38 29.13 -26.09
N MET F 230 78.35 29.75 -25.42
CA MET F 230 79.75 29.39 -25.65
C MET F 230 80.02 27.98 -25.17
N LYS F 231 80.83 27.24 -25.94
CA LYS F 231 81.10 25.84 -25.64
C LYS F 231 81.90 25.64 -24.37
N GLU F 232 82.49 26.70 -23.81
CA GLU F 232 83.26 26.55 -22.58
C GLU F 232 82.38 26.21 -21.38
N LEU F 233 81.06 26.40 -21.49
CA LEU F 233 80.17 26.08 -20.39
C LEU F 233 79.97 24.58 -20.21
N LEU F 234 80.31 23.78 -21.22
CA LEU F 234 80.18 22.33 -21.15
C LEU F 234 81.12 21.76 -20.10
N PRO F 235 82.36 22.26 -20.02
CA PRO F 235 83.28 21.73 -19.00
C PRO F 235 82.87 22.10 -17.59
N ILE F 236 82.31 23.29 -17.37
CA ILE F 236 81.95 23.70 -16.02
C ILE F 236 80.64 23.07 -15.57
N LEU F 237 79.74 22.77 -16.50
CA LEU F 237 78.43 22.22 -16.13
C LEU F 237 78.58 20.85 -15.48
N GLU F 238 79.22 19.91 -16.17
CA GLU F 238 79.36 18.55 -15.66
C GLU F 238 80.45 18.42 -14.60
N LYS F 239 81.21 19.48 -14.34
CA LYS F 239 82.31 19.41 -13.37
C LYS F 239 81.78 19.08 -11.97
N ALA F 240 80.87 19.90 -11.46
CA ALA F 240 80.32 19.72 -10.12
C ALA F 240 79.01 18.96 -10.11
N ALA F 241 78.51 18.54 -11.27
CA ALA F 241 77.22 17.87 -11.35
C ALA F 241 77.38 16.40 -10.95
N GLN F 242 76.70 16.00 -9.88
CA GLN F 242 76.74 14.64 -9.38
C GLN F 242 75.47 14.31 -8.60
N ARG F 245 73.03 16.41 -7.66
CA ARG F 245 72.81 17.75 -7.11
C ARG F 245 72.42 18.75 -8.19
N PRO F 246 71.31 19.44 -7.98
CA PRO F 246 70.93 20.52 -8.90
C PRO F 246 71.86 21.71 -8.76
N LEU F 247 71.96 22.49 -9.83
CA LEU F 247 72.88 23.61 -9.91
C LEU F 247 72.15 24.86 -10.35
N LEU F 248 72.50 25.98 -9.73
CA LEU F 248 71.96 27.29 -10.08
C LEU F 248 73.11 28.15 -10.59
N ILE F 249 73.06 28.50 -11.88
CA ILE F 249 74.09 29.32 -12.50
C ILE F 249 73.56 30.74 -12.65
N ILE F 250 74.35 31.72 -12.20
CA ILE F 250 73.96 33.11 -12.23
C ILE F 250 74.96 33.88 -13.09
N ALA F 251 74.49 34.43 -14.20
CA ALA F 251 75.30 35.25 -15.09
C ALA F 251 74.37 36.12 -15.91
N GLU F 252 74.95 36.96 -16.77
CA GLU F 252 74.18 37.87 -17.60
C GLU F 252 73.80 37.26 -18.94
N ASP F 253 74.28 36.07 -19.25
CA ASP F 253 73.96 35.43 -20.52
C ASP F 253 73.88 33.92 -20.38
N LEU F 262 72.28 24.50 -21.81
CA LEU F 262 71.78 23.19 -21.39
C LEU F 262 70.25 23.16 -21.37
N VAL F 263 69.64 23.68 -22.44
CA VAL F 263 68.18 23.74 -22.51
C VAL F 263 67.60 22.34 -22.70
N VAL F 264 68.09 21.61 -23.71
CA VAL F 264 67.51 20.30 -24.02
C VAL F 264 68.03 19.23 -23.05
N ASN F 265 69.29 19.33 -22.64
CA ASN F 265 69.89 18.29 -21.81
C ASN F 265 69.17 18.16 -20.46
N LYS F 266 68.53 19.23 -20.00
CA LYS F 266 67.76 19.14 -18.77
C LYS F 266 66.41 18.47 -19.01
N LEU F 267 65.81 18.73 -20.18
CA LEU F 267 64.50 18.16 -20.52
C LEU F 267 64.60 16.83 -21.26
N ARG F 268 65.80 16.41 -21.67
CA ARG F 268 65.98 15.14 -22.37
C ARG F 268 66.87 14.20 -21.58
N GLY F 269 68.16 14.51 -21.41
CA GLY F 269 69.05 13.70 -20.61
C GLY F 269 68.82 13.93 -19.14
N THR F 270 69.80 13.53 -18.34
CA THR F 270 69.74 13.69 -16.89
C THR F 270 70.63 14.87 -16.52
N LEU F 271 70.00 16.00 -16.20
CA LEU F 271 70.68 17.14 -15.62
C LEU F 271 69.68 17.95 -14.82
N LYS F 272 70.10 18.46 -13.67
CA LYS F 272 69.31 19.42 -12.90
C LYS F 272 70.08 20.72 -12.86
N VAL F 273 69.59 21.73 -13.59
CA VAL F 273 70.30 23.00 -13.70
C VAL F 273 69.28 24.09 -13.98
N ALA F 274 69.56 25.29 -13.47
CA ALA F 274 68.76 26.48 -13.74
C ALA F 274 69.70 27.66 -13.90
N ALA F 275 69.51 28.43 -14.97
CA ALA F 275 70.34 29.59 -15.27
C ALA F 275 69.43 30.80 -15.42
N VAL F 276 69.62 31.80 -14.55
CA VAL F 276 68.84 33.03 -14.61
C VAL F 276 69.79 34.19 -14.90
N LYS F 277 69.23 35.39 -15.02
CA LYS F 277 70.05 36.58 -15.27
C LYS F 277 70.75 37.02 -13.98
N ALA F 278 71.55 38.07 -14.09
CA ALA F 278 72.32 38.55 -12.95
C ALA F 278 72.16 40.06 -12.76
N PHE F 281 71.70 45.80 -13.59
CA PHE F 281 72.53 46.06 -14.77
C PHE F 281 73.66 47.04 -14.45
N GLY F 282 74.78 46.89 -15.15
CA GLY F 282 75.90 47.78 -14.91
C GLY F 282 76.58 47.49 -13.59
N ASP F 283 77.02 48.55 -12.92
CA ASP F 283 77.68 48.39 -11.62
C ASP F 283 76.72 47.89 -10.55
N ARG F 284 75.42 48.03 -10.75
CA ARG F 284 74.45 47.54 -9.77
C ARG F 284 74.40 46.02 -9.77
N ARG F 285 74.53 45.40 -10.96
CA ARG F 285 74.51 43.95 -11.03
C ARG F 285 75.72 43.33 -10.33
N LYS F 286 76.86 44.01 -10.36
CA LYS F 286 78.04 43.51 -9.67
C LYS F 286 77.89 43.57 -8.16
N ALA F 287 77.07 44.50 -7.66
CA ALA F 287 76.82 44.59 -6.22
C ALA F 287 75.84 43.53 -5.76
N MET F 288 74.91 43.11 -6.61
CA MET F 288 73.94 42.09 -6.23
C MET F 288 74.60 40.74 -6.07
N LEU F 289 75.46 40.36 -7.03
CA LEU F 289 76.09 39.04 -6.99
C LEU F 289 77.06 38.88 -5.84
N GLU F 290 77.62 39.99 -5.33
CA GLU F 290 78.49 39.89 -4.16
C GLU F 290 77.69 39.57 -2.91
N ASP F 291 76.42 39.98 -2.86
CA ASP F 291 75.57 39.68 -1.71
C ASP F 291 75.10 38.24 -1.71
N ILE F 292 74.81 37.68 -2.90
CA ILE F 292 74.42 36.29 -2.99
C ILE F 292 75.57 35.38 -2.57
N ALA F 293 76.81 35.84 -2.77
CA ALA F 293 77.97 35.05 -2.33
C ALA F 293 78.01 34.92 -0.81
N ILE F 294 77.74 36.02 -0.10
CA ILE F 294 77.71 35.98 1.36
C ILE F 294 76.46 35.28 1.90
N LEU F 295 75.50 34.96 1.04
CA LEU F 295 74.29 34.26 1.41
C LEU F 295 74.33 32.79 0.99
N THR F 296 74.41 32.54 -0.32
CA THR F 296 74.44 31.18 -0.85
C THR F 296 75.70 30.41 -0.46
N GLY F 297 76.68 31.06 0.16
CA GLY F 297 77.89 30.38 0.57
C GLY F 297 78.80 29.98 -0.58
N GLY F 298 79.18 30.95 -1.40
CA GLY F 298 80.04 30.69 -2.55
C GLY F 298 80.87 31.90 -2.87
N THR F 299 81.67 31.79 -3.93
CA THR F 299 82.59 32.83 -4.35
C THR F 299 82.15 33.40 -5.70
N VAL F 300 82.26 34.71 -5.84
CA VAL F 300 81.89 35.39 -7.07
C VAL F 300 82.81 34.98 -8.21
N GLU F 304 87.51 39.27 -15.13
CA GLU F 304 87.76 40.43 -14.28
C GLU F 304 88.02 40.01 -12.84
N LYS F 305 89.31 39.83 -12.52
CA LYS F 305 89.74 39.42 -11.19
C LYS F 305 89.10 38.09 -10.77
N GLY F 306 88.91 37.20 -11.74
CA GLY F 306 88.30 35.92 -11.48
C GLY F 306 88.64 34.92 -12.56
N TYR F 307 88.03 33.74 -12.45
CA TYR F 307 88.25 32.66 -13.40
C TYR F 307 87.42 32.92 -14.66
N LYS F 308 87.43 31.96 -15.58
CA LYS F 308 86.71 32.05 -16.84
C LYS F 308 85.67 30.94 -16.92
N LEU F 309 84.94 30.92 -18.04
CA LEU F 309 83.89 29.92 -18.21
C LEU F 309 84.48 28.52 -18.47
N GLU F 310 85.67 28.46 -19.06
CA GLU F 310 86.31 27.18 -19.34
C GLU F 310 87.06 26.67 -18.11
N GLN F 319 75.12 27.52 -2.43
CA GLN F 319 74.45 26.35 -1.89
C GLN F 319 73.23 26.74 -1.05
N ALA F 320 72.06 26.28 -1.47
CA ALA F 320 70.81 26.57 -0.77
C ALA F 320 69.95 25.32 -0.74
N ALA F 321 69.02 25.29 0.21
CA ALA F 321 68.16 24.12 0.37
C ALA F 321 67.09 24.03 -0.72
N ARG F 322 66.54 25.18 -1.13
CA ARG F 322 65.52 25.21 -2.16
C ARG F 322 65.73 26.42 -3.06
N ILE F 323 65.62 26.21 -4.37
CA ILE F 323 65.72 27.26 -5.37
C ILE F 323 64.48 27.17 -6.24
N THR F 324 63.62 28.19 -6.17
CA THR F 324 62.41 28.26 -6.97
C THR F 324 62.57 29.33 -8.04
N ILE F 325 62.32 28.96 -9.30
CA ILE F 325 62.46 29.86 -10.44
C ILE F 325 61.06 30.09 -11.00
N ASP F 326 60.55 31.31 -10.86
CA ASP F 326 59.31 31.72 -11.49
C ASP F 326 59.63 32.41 -12.80
N LYS F 327 58.58 32.79 -13.54
CA LYS F 327 58.78 33.55 -14.76
C LYS F 327 59.37 34.92 -14.48
N ASP F 328 58.74 35.68 -13.58
CA ASP F 328 59.17 37.02 -13.25
C ASP F 328 60.02 37.10 -11.98
N ASN F 329 60.27 35.98 -11.31
CA ASN F 329 60.95 36.03 -10.03
C ASN F 329 61.82 34.80 -9.83
N THR F 330 62.85 34.95 -8.99
CA THR F 330 63.67 33.83 -8.53
C THR F 330 63.93 34.03 -7.05
N THR F 331 63.57 33.04 -6.24
CA THR F 331 63.73 33.10 -4.79
C THR F 331 64.71 32.03 -4.34
N ILE F 332 65.68 32.43 -3.53
CA ILE F 332 66.67 31.51 -2.95
C ILE F 332 66.26 31.28 -1.51
N VAL F 333 65.81 30.06 -1.21
CA VAL F 333 65.27 29.71 0.11
C VAL F 333 66.30 28.89 0.85
N GLU F 334 66.61 29.31 2.09
CA GLU F 334 67.52 28.60 2.99
C GLU F 334 68.89 28.41 2.35
N GLY F 335 69.57 29.53 2.09
CA GLY F 335 70.96 29.48 1.70
C GLY F 335 71.85 29.38 2.93
N LYS F 336 72.94 28.64 2.80
CA LYS F 336 73.84 28.40 3.93
C LYS F 336 75.05 29.31 3.80
N GLY F 337 75.07 30.36 4.62
CA GLY F 337 76.24 31.16 4.86
C GLY F 337 76.77 30.95 6.26
N LYS F 338 77.88 31.61 6.55
CA LYS F 338 78.36 31.72 7.92
C LYS F 338 77.58 32.85 8.61
N GLN F 339 76.84 32.52 9.66
CA GLN F 339 75.96 33.51 10.28
C GLN F 339 76.73 34.65 10.90
N GLU F 340 77.96 34.40 11.37
CA GLU F 340 78.80 35.47 11.86
C GLU F 340 79.42 36.27 10.73
N GLU F 341 79.76 35.62 9.62
CA GLU F 341 80.34 36.32 8.48
C GLU F 341 79.26 37.03 7.64
N ILE F 342 78.09 36.39 7.50
CA ILE F 342 77.03 37.02 6.71
C ILE F 342 76.47 38.23 7.43
N LYS F 343 76.49 38.24 8.76
CA LYS F 343 76.03 39.40 9.51
C LYS F 343 76.94 40.60 9.32
N ALA F 344 78.21 40.39 8.95
CA ALA F 344 79.11 41.49 8.68
C ALA F 344 78.85 42.12 7.32
N ARG F 345 78.40 41.32 6.35
CA ARG F 345 78.08 41.86 5.03
C ARG F 345 76.93 42.86 5.11
N ILE F 346 75.96 42.60 5.99
CA ILE F 346 74.86 43.54 6.17
C ILE F 346 75.33 44.82 6.84
N ASN F 347 76.35 44.73 7.70
CA ASN F 347 76.90 45.90 8.36
C ASN F 347 77.84 46.69 7.45
N GLU F 348 78.38 46.06 6.41
CA GLU F 348 79.19 46.80 5.44
C GLU F 348 78.32 47.73 4.61
N ILE F 349 77.19 47.23 4.10
CA ILE F 349 76.29 48.07 3.32
C ILE F 349 75.61 49.09 4.22
N LYS F 350 75.37 48.74 5.49
CA LYS F 350 74.76 49.69 6.41
C LYS F 350 75.68 50.89 6.65
N GLY F 351 76.99 50.68 6.67
CA GLY F 351 77.90 51.79 6.83
C GLY F 351 77.98 52.68 5.60
N GLN F 352 77.74 52.12 4.42
CA GLN F 352 77.75 52.89 3.18
C GLN F 352 76.54 53.81 3.05
N ILE F 353 75.53 53.64 3.91
CA ILE F 353 74.33 54.47 3.82
C ILE F 353 74.59 55.87 4.39
N GLU F 354 75.41 55.97 5.43
CA GLU F 354 75.61 57.26 6.08
C GLU F 354 76.46 58.20 5.24
N LYS F 355 77.42 57.66 4.48
CA LYS F 355 78.33 58.49 3.68
C LYS F 355 77.78 58.81 2.30
N SER F 356 76.59 58.33 1.96
CA SER F 356 76.00 58.60 0.65
C SER F 356 75.46 60.03 0.57
N ASP F 361 69.97 56.80 -6.08
CA ASP F 361 70.39 57.48 -4.86
C ASP F 361 70.74 56.46 -3.78
N THR F 362 70.45 56.81 -2.53
CA THR F 362 70.68 55.91 -1.40
C THR F 362 69.56 54.90 -1.22
N GLU F 363 68.44 55.06 -1.93
CA GLU F 363 67.32 54.14 -1.80
C GLU F 363 67.67 52.73 -2.26
N LYS F 364 68.55 52.60 -3.26
CA LYS F 364 68.92 51.28 -3.74
C LYS F 364 69.84 50.56 -2.77
N LEU F 365 70.59 51.30 -1.94
CA LEU F 365 71.43 50.67 -0.94
C LEU F 365 70.61 50.06 0.19
N GLN F 366 69.48 50.68 0.53
CA GLN F 366 68.60 50.11 1.55
C GLN F 366 67.82 48.91 1.04
N GLU F 367 67.58 48.84 -0.27
CA GLU F 367 66.93 47.67 -0.84
C GLU F 367 67.78 46.42 -0.65
N ARG F 368 69.08 46.52 -0.97
CA ARG F 368 69.97 45.38 -0.82
C ARG F 368 70.14 44.98 0.64
N LEU F 369 69.99 45.94 1.56
CA LEU F 369 70.07 45.62 2.98
C LEU F 369 68.85 44.85 3.44
N ALA F 370 67.67 45.21 2.94
CA ALA F 370 66.43 44.55 3.39
C ALA F 370 66.34 43.12 2.88
N LYS F 371 66.99 42.81 1.76
CA LYS F 371 66.91 41.47 1.21
C LYS F 371 67.76 40.49 2.01
N LEU F 372 68.95 40.91 2.43
CA LEU F 372 69.84 40.03 3.18
C LEU F 372 69.38 39.86 4.62
N SER F 373 69.03 40.96 5.29
CA SER F 373 68.63 40.89 6.70
C SER F 373 67.17 40.52 6.88
N GLY F 374 66.36 40.58 5.82
CA GLY F 374 64.95 40.29 5.96
C GLY F 374 64.66 38.80 6.08
N GLY F 375 65.34 37.99 5.27
CA GLY F 375 65.10 36.56 5.30
C GLY F 375 63.91 36.15 4.45
N VAL F 376 63.54 34.89 4.60
CA VAL F 376 62.43 34.30 3.85
C VAL F 376 61.59 33.47 4.80
N ALA F 377 60.28 33.73 4.82
CA ALA F 377 59.36 32.93 5.62
C ALA F 377 59.00 31.65 4.86
N VAL F 378 59.10 30.52 5.54
CA VAL F 378 58.81 29.22 4.96
C VAL F 378 57.61 28.62 5.67
N LEU F 379 56.59 28.24 4.90
CA LEU F 379 55.41 27.58 5.44
C LEU F 379 55.53 26.09 5.16
N LYS F 380 55.72 25.30 6.22
CA LYS F 380 55.81 23.85 6.11
C LYS F 380 54.41 23.28 6.32
N ILE F 381 53.83 22.72 5.27
CA ILE F 381 52.44 22.27 5.28
C ILE F 381 52.43 20.78 5.58
N GLY F 382 51.97 20.41 6.78
CA GLY F 382 51.78 19.03 7.15
C GLY F 382 50.33 18.59 7.02
N ALA F 383 50.14 17.28 6.94
CA ALA F 383 48.81 16.69 6.87
C ALA F 383 48.93 15.20 7.18
N SER F 384 47.83 14.48 7.00
CA SER F 384 47.82 13.04 7.26
C SER F 384 48.54 12.28 6.16
N THR F 385 48.02 12.35 4.93
CA THR F 385 48.57 11.62 3.81
C THR F 385 48.97 12.59 2.70
N GLU F 386 49.77 12.08 1.75
CA GLU F 386 50.26 12.93 0.66
C GLU F 386 49.12 13.53 -0.15
N VAL F 387 48.05 12.75 -0.39
CA VAL F 387 46.92 13.29 -1.13
C VAL F 387 46.26 14.42 -0.36
N GLU F 388 46.24 14.34 0.98
CA GLU F 388 45.77 15.45 1.79
C GLU F 388 46.83 16.53 1.95
N MET F 389 48.11 16.15 1.94
CA MET F 389 49.18 17.13 2.13
C MET F 389 49.35 18.02 0.90
N LYS F 390 49.22 17.44 -0.29
CA LYS F 390 49.24 18.23 -1.52
C LYS F 390 47.94 19.00 -1.71
N GLU F 391 46.82 18.46 -1.21
CA GLU F 391 45.56 19.18 -1.26
C GLU F 391 45.59 20.40 -0.34
N LYS F 392 46.07 20.20 0.90
CA LYS F 392 46.15 21.30 1.85
C LYS F 392 47.17 22.35 1.41
N LYS F 393 48.26 21.90 0.79
CA LYS F 393 49.29 22.84 0.33
C LYS F 393 48.75 23.75 -0.78
N ALA F 394 47.86 23.24 -1.64
CA ALA F 394 47.31 24.06 -2.70
C ALA F 394 46.43 25.18 -2.15
N ARG F 395 45.75 24.94 -1.02
CA ARG F 395 44.93 25.99 -0.43
C ARG F 395 45.79 27.06 0.24
N VAL F 396 46.91 26.65 0.85
CA VAL F 396 47.78 27.61 1.51
C VAL F 396 48.40 28.56 0.49
N GLU F 397 48.78 28.03 -0.68
CA GLU F 397 49.37 28.88 -1.71
C GLU F 397 48.35 29.88 -2.25
N ASP F 398 47.11 29.42 -2.50
CA ASP F 398 46.08 30.32 -2.98
C ASP F 398 45.67 31.32 -1.90
N ALA F 399 45.56 30.87 -0.66
CA ALA F 399 45.20 31.77 0.43
C ALA F 399 46.30 32.80 0.68
N LEU F 400 47.56 32.39 0.55
CA LEU F 400 48.65 33.34 0.68
C LEU F 400 48.61 34.38 -0.43
N HIS F 401 48.41 33.92 -1.67
CA HIS F 401 48.37 34.85 -2.80
C HIS F 401 47.20 35.82 -2.67
N ALA F 402 46.05 35.36 -2.18
CA ALA F 402 44.91 36.23 -2.01
C ALA F 402 45.13 37.20 -0.85
N THR F 403 45.79 36.75 0.22
CA THR F 403 46.05 37.63 1.36
C THR F 403 47.07 38.70 1.00
N ARG F 404 48.07 38.35 0.17
CA ARG F 404 49.02 39.36 -0.30
C ARG F 404 48.30 40.48 -1.05
N ALA F 405 47.31 40.13 -1.87
CA ALA F 405 46.56 41.15 -2.59
C ALA F 405 45.57 41.87 -1.68
N ALA F 406 45.16 41.25 -0.57
CA ALA F 406 44.23 41.89 0.35
C ALA F 406 44.90 42.96 1.20
N VAL F 407 46.19 42.76 1.55
CA VAL F 407 46.90 43.75 2.34
C VAL F 407 47.24 44.98 1.52
N GLN F 408 47.35 44.84 0.19
CA GLN F 408 47.76 45.96 -0.65
C GLN F 408 46.59 46.90 -0.94
N GLU F 409 45.65 46.45 -1.78
CA GLU F 409 44.54 47.30 -2.21
C GLU F 409 43.25 47.06 -1.43
N GLY F 410 43.24 46.13 -0.48
CA GLY F 410 42.07 45.89 0.34
C GLY F 410 41.21 44.75 -0.19
N ILE F 411 39.98 44.70 0.32
CA ILE F 411 39.00 43.70 -0.08
C ILE F 411 37.68 44.39 -0.38
N VAL F 412 36.90 43.77 -1.27
CA VAL F 412 35.58 44.24 -1.65
C VAL F 412 34.63 43.06 -1.61
N VAL F 413 33.33 43.37 -1.69
CA VAL F 413 32.30 42.34 -1.65
C VAL F 413 32.42 41.44 -2.87
N GLY F 414 32.29 40.13 -2.65
CA GLY F 414 32.42 39.16 -3.72
C GLY F 414 31.14 38.95 -4.49
N GLY F 415 31.09 37.82 -5.20
CA GLY F 415 29.90 37.46 -5.96
C GLY F 415 29.58 38.37 -7.11
N GLY F 416 30.54 39.17 -7.57
CA GLY F 416 30.28 40.11 -8.65
C GLY F 416 29.48 41.34 -8.25
N VAL F 417 29.29 41.56 -6.95
CA VAL F 417 28.48 42.69 -6.49
C VAL F 417 29.30 43.98 -6.52
N ALA F 418 30.60 43.90 -6.19
CA ALA F 418 31.42 45.10 -6.11
C ALA F 418 31.50 45.83 -7.44
N LEU F 419 31.43 45.09 -8.56
CA LEU F 419 31.43 45.75 -9.86
C LEU F 419 30.14 46.51 -10.11
N ILE F 420 29.02 46.04 -9.55
CA ILE F 420 27.75 46.74 -9.72
C ILE F 420 27.68 47.95 -8.81
N ARG F 421 28.16 47.81 -7.56
CA ARG F 421 28.17 48.94 -6.65
C ARG F 421 29.08 50.04 -7.15
N ALA F 422 30.21 49.67 -7.76
CA ALA F 422 31.16 50.66 -8.27
C ALA F 422 30.64 51.40 -9.49
N ALA F 423 29.50 50.99 -10.04
CA ALA F 423 28.93 51.72 -11.18
C ALA F 423 28.49 53.13 -10.79
N LYS F 424 28.28 53.39 -9.50
CA LYS F 424 27.88 54.72 -9.06
C LYS F 424 28.93 55.78 -9.40
N GLY F 425 30.18 55.38 -9.55
CA GLY F 425 31.23 56.32 -9.92
C GLY F 425 31.13 56.83 -11.34
N LEU F 426 30.32 56.20 -12.19
CA LEU F 426 30.19 56.61 -13.58
C LEU F 426 29.58 58.01 -13.72
N ALA F 427 28.89 58.50 -12.69
CA ALA F 427 28.35 59.85 -12.75
C ALA F 427 29.44 60.89 -12.87
N LYS F 428 30.63 60.61 -12.33
CA LYS F 428 31.73 61.56 -12.40
C LYS F 428 32.45 61.53 -13.75
N ALA F 429 32.22 60.49 -14.55
CA ALA F 429 32.89 60.40 -15.85
C ALA F 429 32.33 61.43 -16.81
N VAL F 430 33.21 62.23 -17.40
CA VAL F 430 32.82 63.31 -18.30
C VAL F 430 32.99 62.81 -19.73
N ALA F 431 31.96 63.04 -20.55
CA ALA F 431 31.98 62.66 -21.96
C ALA F 431 32.03 63.91 -22.81
N ASP F 432 33.05 64.01 -23.66
CA ASP F 432 33.21 65.19 -24.51
C ASP F 432 32.20 65.22 -25.66
N ASN F 433 31.66 64.08 -26.05
CA ASN F 433 30.65 64.02 -27.11
C ASN F 433 29.76 62.82 -26.84
N GLU F 434 28.86 62.53 -27.79
CA GLU F 434 27.89 61.46 -27.60
C GLU F 434 28.54 60.08 -27.76
N ASP F 435 29.51 59.95 -28.68
CA ASP F 435 30.21 58.69 -28.83
C ASP F 435 30.95 58.31 -27.56
N GLN F 436 31.49 59.29 -26.83
CA GLN F 436 32.14 59.00 -25.57
C GLN F 436 31.14 58.58 -24.50
N LYS F 437 29.96 59.20 -24.50
CA LYS F 437 28.92 58.78 -23.57
C LYS F 437 28.48 57.35 -23.85
N THR F 438 28.54 56.92 -25.10
CA THR F 438 28.22 55.53 -25.43
C THR F 438 29.21 54.58 -24.77
N GLY F 439 30.50 54.90 -24.84
CA GLY F 439 31.51 54.07 -24.21
C GLY F 439 31.32 53.97 -22.70
N ILE F 440 30.80 55.03 -22.08
CA ILE F 440 30.50 54.96 -20.66
C ILE F 440 29.37 53.97 -20.40
N GLU F 441 28.35 53.98 -21.27
CA GLU F 441 27.26 53.01 -21.12
C GLU F 441 27.70 51.60 -21.47
N ILE F 442 28.72 51.46 -22.31
CA ILE F 442 29.28 50.14 -22.60
C ILE F 442 29.88 49.55 -21.33
N ILE F 443 30.60 50.35 -20.56
CA ILE F 443 31.12 49.88 -19.28
C ILE F 443 30.01 49.71 -18.27
N ARG F 444 28.98 50.56 -18.34
CA ARG F 444 27.87 50.46 -17.39
C ARG F 444 27.17 49.12 -17.51
N ARG F 445 26.91 48.67 -18.73
CA ARG F 445 26.26 47.37 -18.94
C ARG F 445 27.23 46.21 -18.75
N ALA F 446 28.54 46.45 -18.88
CA ALA F 446 29.51 45.37 -18.73
C ALA F 446 29.74 45.00 -17.27
N LEU F 447 29.58 45.96 -16.35
CA LEU F 447 29.80 45.67 -14.94
C LEU F 447 28.78 44.68 -14.39
N GLU F 448 27.59 44.60 -15.01
CA GLU F 448 26.57 43.66 -14.59
C GLU F 448 26.79 42.26 -15.12
N GLU F 449 27.69 42.09 -16.09
CA GLU F 449 27.87 40.83 -16.79
C GLU F 449 28.42 39.72 -15.88
N PRO F 450 29.44 39.97 -15.04
CA PRO F 450 29.94 38.88 -14.19
C PRO F 450 28.87 38.26 -13.31
N LEU F 451 28.08 39.08 -12.61
CA LEU F 451 27.02 38.53 -11.76
C LEU F 451 25.96 37.82 -12.61
N ARG F 452 25.66 38.35 -13.79
CA ARG F 452 24.73 37.67 -14.69
C ARG F 452 25.21 36.27 -15.00
N GLN F 453 26.52 36.08 -15.16
CA GLN F 453 27.07 34.76 -15.42
C GLN F 453 27.12 33.91 -14.15
N ILE F 454 27.24 34.53 -12.97
CA ILE F 454 27.20 33.77 -11.73
C ILE F 454 25.86 33.07 -11.59
N VAL F 455 24.77 33.81 -11.80
CA VAL F 455 23.44 33.24 -11.65
C VAL F 455 23.11 32.30 -12.79
N ALA F 456 23.65 32.56 -13.98
CA ALA F 456 23.38 31.70 -15.12
C ALA F 456 23.96 30.30 -14.93
N ASN F 457 25.11 30.19 -14.26
CA ASN F 457 25.72 28.89 -14.00
C ASN F 457 24.92 28.05 -13.01
N THR F 458 23.92 28.63 -12.35
CA THR F 458 23.06 27.86 -11.46
C THR F 458 21.98 27.09 -12.19
N GLY F 459 21.80 27.34 -13.49
CA GLY F 459 20.80 26.65 -14.28
C GLY F 459 19.41 27.26 -14.26
N THR F 460 19.23 28.39 -13.58
CA THR F 460 17.93 29.03 -13.50
C THR F 460 17.75 30.01 -14.65
N THR F 461 16.52 30.07 -15.17
CA THR F 461 16.15 31.04 -16.20
C THR F 461 15.59 32.33 -15.60
N ASP F 462 15.48 32.41 -14.28
CA ASP F 462 14.97 33.58 -13.58
C ASP F 462 16.06 34.57 -13.21
N GLY F 463 17.30 34.34 -13.67
CA GLY F 463 18.45 35.15 -13.30
C GLY F 463 18.31 36.64 -13.55
N ALA F 464 17.43 37.04 -14.47
CA ALA F 464 17.20 38.46 -14.68
C ALA F 464 16.59 39.12 -13.45
N VAL F 465 15.78 38.37 -12.70
CA VAL F 465 15.19 38.92 -11.48
C VAL F 465 16.24 39.01 -10.38
N VAL F 466 17.16 38.04 -10.32
CA VAL F 466 18.19 38.06 -9.30
C VAL F 466 19.10 39.27 -9.47
N LEU F 467 19.41 39.61 -10.72
CA LEU F 467 20.23 40.80 -10.97
C LEU F 467 19.52 42.07 -10.54
N GLU F 468 18.19 42.11 -10.64
CA GLU F 468 17.45 43.33 -10.33
C GLU F 468 17.42 43.59 -8.82
N LYS F 469 17.33 42.51 -8.02
CA LYS F 469 17.33 42.69 -6.57
C LYS F 469 18.67 43.24 -6.08
N VAL F 470 19.77 42.71 -6.63
CA VAL F 470 21.08 43.16 -6.18
C VAL F 470 21.34 44.59 -6.64
N LYS F 471 20.93 44.93 -7.86
CA LYS F 471 21.17 46.27 -8.37
C LYS F 471 20.33 47.32 -7.66
N ASN F 472 19.07 46.99 -7.34
CA ASN F 472 18.22 47.95 -6.64
C ASN F 472 18.57 48.06 -5.16
N ALA F 473 19.35 47.12 -4.63
CA ALA F 473 19.80 47.19 -3.25
C ALA F 473 21.05 48.05 -3.17
N GLU F 474 21.70 48.05 -2.00
CA GLU F 474 22.92 48.83 -1.83
C GLU F 474 23.74 48.21 -0.71
N GLY F 475 25.01 48.58 -0.66
CA GLY F 475 25.91 48.04 0.34
C GLY F 475 26.41 46.66 0.01
N ASP F 476 26.55 45.81 1.03
CA ASP F 476 27.07 44.46 0.87
C ASP F 476 25.98 43.44 0.57
N TYR F 477 24.74 43.88 0.40
CA TYR F 477 23.65 42.98 0.05
C TYR F 477 23.86 42.43 -1.35
N GLY F 478 23.75 41.12 -1.49
CA GLY F 478 23.95 40.49 -2.79
C GLY F 478 23.44 39.07 -2.78
N PHE F 479 23.65 38.39 -3.91
CA PHE F 479 23.21 37.01 -4.09
C PHE F 479 24.40 36.08 -3.94
N ASN F 480 24.25 35.07 -3.08
CA ASN F 480 25.26 34.05 -2.88
C ASN F 480 24.82 32.79 -3.62
N ALA F 481 25.51 32.47 -4.71
CA ALA F 481 25.14 31.31 -5.52
C ALA F 481 25.47 29.98 -4.86
N ARG F 482 26.25 29.99 -3.79
CA ARG F 482 26.58 28.75 -3.10
C ARG F 482 25.33 28.15 -2.44
N THR F 483 24.65 28.94 -1.62
CA THR F 483 23.40 28.53 -0.98
C THR F 483 22.17 28.99 -1.75
N GLU F 484 22.35 29.75 -2.83
CA GLU F 484 21.24 30.28 -3.63
C GLU F 484 20.26 31.08 -2.76
N GLN F 485 20.81 31.99 -1.97
CA GLN F 485 20.02 32.77 -1.03
C GLN F 485 20.61 34.18 -0.93
N TYR F 486 19.72 35.17 -0.76
CA TYR F 486 20.15 36.54 -0.56
C TYR F 486 20.60 36.75 0.88
N GLU F 487 21.72 37.43 1.04
CA GLU F 487 22.31 37.67 2.36
C GLU F 487 23.35 38.76 2.23
N ASN F 488 24.03 39.04 3.34
CA ASN F 488 25.15 39.98 3.37
C ASN F 488 26.42 39.20 3.10
N LEU F 489 27.06 39.49 1.96
CA LEU F 489 28.16 38.64 1.51
C LEU F 489 29.42 38.83 2.35
N ILE F 490 29.62 40.02 2.92
CA ILE F 490 30.79 40.24 3.77
C ILE F 490 30.71 39.37 5.02
N GLU F 491 29.55 39.36 5.67
CA GLU F 491 29.37 38.51 6.85
C GLU F 491 29.34 37.03 6.46
N ALA F 492 28.93 36.72 5.23
CA ALA F 492 28.84 35.35 4.78
C ALA F 492 30.17 34.78 4.30
N GLY F 493 31.21 35.59 4.25
CA GLY F 493 32.51 35.13 3.80
C GLY F 493 32.71 35.11 2.31
N VAL F 494 31.88 35.80 1.54
CA VAL F 494 32.04 35.91 0.10
C VAL F 494 32.67 37.26 -0.19
N VAL F 495 33.96 37.25 -0.54
CA VAL F 495 34.73 38.47 -0.72
C VAL F 495 35.74 38.25 -1.83
N ASP F 496 36.06 39.33 -2.54
CA ASP F 496 37.14 39.32 -3.51
C ASP F 496 38.14 40.41 -3.17
N PRO F 497 39.44 40.16 -3.35
CA PRO F 497 40.43 41.24 -3.17
C PRO F 497 40.15 42.37 -4.15
N THR F 498 40.32 43.60 -3.66
CA THR F 498 40.12 44.76 -4.51
C THR F 498 41.06 44.73 -5.72
N LYS F 499 42.26 44.17 -5.54
CA LYS F 499 43.20 44.07 -6.64
C LYS F 499 42.67 43.14 -7.73
N VAL F 500 41.99 42.06 -7.34
CA VAL F 500 41.44 41.13 -8.32
C VAL F 500 40.40 41.82 -9.19
N THR F 501 39.48 42.53 -8.56
CA THR F 501 38.34 43.10 -9.29
C THR F 501 38.77 44.25 -10.20
N ARG F 502 39.60 45.17 -9.68
CA ARG F 502 40.02 46.30 -10.49
C ARG F 502 40.94 45.87 -11.63
N SER F 503 41.71 44.81 -11.44
CA SER F 503 42.60 44.35 -12.50
C SER F 503 41.82 43.65 -13.61
N ALA F 504 40.77 42.91 -13.24
CA ALA F 504 39.95 42.24 -14.25
C ALA F 504 39.28 43.25 -15.18
N LEU F 505 38.81 44.37 -14.62
CA LEU F 505 38.15 45.38 -15.44
C LEU F 505 39.16 46.18 -16.26
N GLU F 506 40.32 46.51 -15.67
CA GLU F 506 41.33 47.27 -16.40
C GLU F 506 41.92 46.44 -17.54
N ASN F 507 42.18 45.16 -17.30
CA ASN F 507 42.71 44.30 -18.35
C ASN F 507 41.69 44.09 -19.46
N ALA F 508 40.44 43.83 -19.09
CA ALA F 508 39.40 43.59 -20.09
C ALA F 508 39.16 44.82 -20.95
N ALA F 509 39.11 46.00 -20.33
CA ALA F 509 38.88 47.22 -21.09
C ALA F 509 40.04 47.53 -22.02
N SER F 510 41.26 47.13 -21.67
CA SER F 510 42.40 47.38 -22.54
C SER F 510 42.35 46.49 -23.78
N VAL F 511 42.21 45.18 -23.58
CA VAL F 511 42.26 44.26 -24.71
C VAL F 511 41.06 44.47 -25.63
N ALA F 512 39.90 44.79 -25.06
CA ALA F 512 38.72 45.04 -25.89
C ALA F 512 38.85 46.34 -26.66
N SER F 513 39.46 47.36 -26.06
CA SER F 513 39.64 48.62 -26.77
C SER F 513 40.74 48.53 -27.81
N ILE F 514 41.73 47.66 -27.61
CA ILE F 514 42.74 47.44 -28.62
C ILE F 514 42.13 46.80 -29.87
N LEU F 515 41.22 45.84 -29.66
CA LEU F 515 40.56 45.21 -30.79
C LEU F 515 39.59 46.16 -31.48
N LEU F 516 38.93 47.04 -30.72
CA LEU F 516 38.05 48.03 -31.33
C LEU F 516 38.81 48.97 -32.25
N THR F 517 40.06 49.26 -31.93
CA THR F 517 40.89 50.15 -32.72
C THR F 517 41.77 49.42 -33.73
N THR F 518 41.64 48.09 -33.84
CA THR F 518 42.43 47.33 -34.80
C THR F 518 41.81 47.45 -36.18
N GLU F 519 42.56 48.03 -37.12
CA GLU F 519 42.10 48.22 -38.48
C GLU F 519 42.61 47.18 -39.46
N ALA F 520 43.50 46.28 -39.04
CA ALA F 520 44.07 45.31 -39.96
C ALA F 520 44.45 44.04 -39.20
N ALA F 521 44.25 42.89 -39.84
CA ALA F 521 44.64 41.60 -39.30
C ALA F 521 45.45 40.86 -40.35
N ILE F 522 46.72 40.63 -40.06
CA ILE F 522 47.66 40.01 -41.01
C ILE F 522 48.02 38.62 -40.50
N THR F 523 47.98 37.64 -41.40
CA THR F 523 48.30 36.26 -41.04
C THR F 523 48.88 35.54 -42.25
N ASP F 524 49.62 34.48 -41.98
CA ASP F 524 50.24 33.69 -43.04
C ASP F 524 49.17 32.94 -43.83
N VAL F 525 49.50 32.65 -45.09
CA VAL F 525 48.57 31.92 -45.95
C VAL F 525 48.54 30.45 -45.55
N LYS F 526 47.46 29.77 -45.95
CA LYS F 526 47.30 28.35 -45.68
C LYS F 526 48.25 27.52 -46.54
N THR G 2 47.43 22.19 -29.78
CA THR G 2 46.79 22.04 -31.08
C THR G 2 45.40 22.66 -31.08
N ALA G 3 44.84 22.86 -32.27
CA ALA G 3 43.51 23.45 -32.39
C ALA G 3 42.46 22.52 -31.77
N LYS G 4 41.33 23.11 -31.40
CA LYS G 4 40.30 22.38 -30.68
C LYS G 4 38.95 22.52 -31.38
N ASP G 5 38.07 21.57 -31.08
CA ASP G 5 36.65 21.65 -31.40
C ASP G 5 35.89 21.66 -30.08
N ILE G 6 34.91 22.55 -29.97
CA ILE G 6 34.16 22.73 -28.73
C ILE G 6 32.67 22.56 -29.01
N LEU G 7 32.02 21.71 -28.23
CA LEU G 7 30.57 21.57 -28.21
C LEU G 7 30.03 22.09 -26.88
N PHE G 8 28.83 22.66 -26.92
CA PHE G 8 28.24 23.31 -25.76
C PHE G 8 26.92 22.66 -25.38
N ASP G 9 26.66 22.63 -24.07
CA ASP G 9 25.38 22.27 -23.46
C ASP G 9 24.72 21.04 -24.07
N ALA G 10 23.49 21.20 -24.57
CA ALA G 10 22.71 20.05 -25.05
C ALA G 10 23.40 19.37 -26.22
N GLU G 11 24.04 20.14 -27.09
CA GLU G 11 24.75 19.53 -28.22
C GLU G 11 25.90 18.68 -27.74
N ALA G 12 26.61 19.12 -26.70
CA ALA G 12 27.71 18.34 -26.16
C ALA G 12 27.21 17.14 -25.35
N ARG G 13 26.14 17.34 -24.59
CA ARG G 13 25.62 16.26 -23.75
C ARG G 13 24.94 15.18 -24.57
N THR G 14 24.30 15.54 -25.68
CA THR G 14 23.72 14.54 -26.57
C THR G 14 24.80 13.67 -27.20
N LYS G 15 25.89 14.29 -27.66
CA LYS G 15 26.98 13.52 -28.26
C LYS G 15 27.63 12.60 -27.24
N LEU G 16 27.75 13.06 -25.99
CA LEU G 16 28.30 12.22 -24.93
C LEU G 16 27.40 11.02 -24.68
N LYS G 17 26.09 11.21 -24.76
CA LYS G 17 25.16 10.10 -24.54
C LYS G 17 25.34 9.00 -25.58
N VAL G 18 25.60 9.40 -26.83
CA VAL G 18 25.83 8.41 -27.89
C VAL G 18 27.01 7.51 -27.53
N GLY G 19 28.08 8.09 -27.01
CA GLY G 19 29.21 7.28 -26.58
C GLY G 19 28.91 6.44 -25.35
N VAL G 20 28.10 6.96 -24.43
CA VAL G 20 27.73 6.20 -23.25
C VAL G 20 26.87 5.00 -23.65
N ASP G 21 25.94 5.20 -24.58
CA ASP G 21 25.09 4.10 -25.02
C ASP G 21 25.88 2.99 -25.68
N LYS G 22 26.84 3.36 -26.54
CA LYS G 22 27.63 2.34 -27.24
C LYS G 22 28.45 1.49 -26.28
N LEU G 23 28.91 2.08 -25.17
CA LEU G 23 29.62 1.30 -24.17
C LEU G 23 28.66 0.40 -23.40
N ALA G 24 27.53 0.95 -22.96
CA ALA G 24 26.59 0.17 -22.15
C ALA G 24 25.96 -0.96 -22.95
N ASN G 25 25.46 -0.64 -24.16
CA ASN G 25 24.77 -1.64 -24.96
C ASN G 25 25.65 -2.83 -25.31
N ALA G 26 26.97 -2.60 -25.39
CA ALA G 26 27.89 -3.70 -25.67
C ALA G 26 28.15 -4.55 -24.43
N VAL G 27 28.33 -3.91 -23.28
CA VAL G 27 28.67 -4.65 -22.07
C VAL G 27 27.44 -5.27 -21.42
N LYS G 28 26.27 -4.63 -21.51
CA LYS G 28 25.11 -5.07 -20.75
C LYS G 28 24.56 -6.42 -21.22
N VAL G 29 24.84 -6.82 -22.47
CA VAL G 29 24.40 -8.12 -22.94
C VAL G 29 25.13 -9.26 -22.25
N THR G 30 26.20 -8.97 -21.51
CA THR G 30 26.94 -9.97 -20.74
C THR G 30 26.50 -10.03 -19.28
N LEU G 31 25.53 -9.21 -18.88
CA LEU G 31 25.14 -9.11 -17.48
C LEU G 31 24.23 -10.26 -17.07
N GLY G 32 24.47 -10.79 -15.88
CA GLY G 32 23.67 -11.86 -15.33
C GLY G 32 24.14 -13.23 -15.76
N PRO G 33 23.59 -14.28 -15.14
CA PRO G 33 23.97 -15.64 -15.53
C PRO G 33 23.48 -16.03 -16.92
N ALA G 34 22.52 -15.31 -17.46
CA ALA G 34 22.03 -15.54 -18.82
C ALA G 34 22.78 -14.72 -19.86
N GLY G 35 23.85 -14.04 -19.46
CA GLY G 35 24.62 -13.20 -20.36
C GLY G 35 25.06 -13.90 -21.62
N ARG G 36 25.13 -13.15 -22.72
CA ARG G 36 25.32 -13.70 -24.05
C ARG G 36 26.68 -13.29 -24.62
N ASN G 37 27.17 -14.09 -25.54
CA ASN G 37 28.54 -13.94 -26.03
C ASN G 37 28.72 -12.66 -26.82
N VAL G 38 29.95 -12.15 -26.80
CA VAL G 38 30.36 -10.99 -27.58
C VAL G 38 31.62 -11.38 -28.34
N LEU G 39 31.60 -11.26 -29.66
CA LEU G 39 32.74 -11.60 -30.50
C LEU G 39 33.64 -10.39 -30.65
N ILE G 40 34.89 -10.52 -30.22
CA ILE G 40 35.90 -9.47 -30.32
C ILE G 40 36.95 -9.91 -31.32
N ASP G 41 37.21 -9.07 -32.31
CA ASP G 41 38.08 -9.46 -33.42
C ASP G 41 39.54 -9.54 -32.99
N LYS G 42 40.31 -10.35 -33.72
CA LYS G 42 41.75 -10.47 -33.54
C LYS G 42 42.46 -10.06 -34.83
N LYS G 43 43.74 -9.71 -34.69
CA LYS G 43 44.54 -9.36 -35.85
C LYS G 43 44.62 -10.52 -36.84
N PHE G 44 44.82 -11.73 -36.34
CA PHE G 44 44.80 -12.93 -37.17
C PHE G 44 44.32 -14.10 -36.33
N GLY G 45 43.64 -15.03 -36.98
CA GLY G 45 43.11 -16.20 -36.32
C GLY G 45 41.65 -16.05 -35.95
N ALA G 46 41.21 -16.96 -35.09
CA ALA G 46 39.82 -16.94 -34.65
C ALA G 46 39.60 -15.81 -33.65
N PRO G 47 38.45 -15.15 -33.69
CA PRO G 47 38.20 -14.04 -32.75
C PRO G 47 37.94 -14.54 -31.34
N THR G 48 38.03 -13.63 -30.39
CA THR G 48 37.78 -13.94 -29.00
C THR G 48 36.28 -13.88 -28.71
N SER G 49 35.75 -14.95 -28.13
CA SER G 49 34.36 -15.02 -27.71
C SER G 49 34.30 -15.03 -26.19
N THR G 50 33.68 -14.01 -25.61
CA THR G 50 33.68 -13.84 -24.16
C THR G 50 32.30 -13.44 -23.68
N LYS G 51 31.91 -13.98 -22.52
CA LYS G 51 30.74 -13.54 -21.79
C LYS G 51 31.07 -12.55 -20.68
N ASP G 52 32.34 -12.17 -20.54
CA ASP G 52 32.78 -11.31 -19.46
C ASP G 52 32.62 -9.85 -19.85
N GLY G 53 31.85 -9.10 -19.05
CA GLY G 53 31.66 -7.68 -19.32
C GLY G 53 32.88 -6.83 -19.05
N VAL G 54 33.82 -7.32 -18.24
CA VAL G 54 35.06 -6.61 -18.02
C VAL G 54 35.93 -6.68 -19.27
N THR G 55 35.99 -7.85 -19.90
CA THR G 55 36.77 -7.99 -21.13
C THR G 55 36.19 -7.14 -22.26
N VAL G 56 34.86 -7.14 -22.38
CA VAL G 56 34.23 -6.36 -23.45
C VAL G 56 34.43 -4.87 -23.22
N ALA G 57 34.29 -4.41 -21.98
CA ALA G 57 34.39 -2.99 -21.70
C ALA G 57 35.76 -2.44 -22.07
N LYS G 58 36.83 -3.18 -21.77
CA LYS G 58 38.17 -2.71 -22.07
C LYS G 58 38.45 -2.62 -23.57
N GLU G 59 37.62 -3.24 -24.40
CA GLU G 59 37.81 -3.19 -25.84
C GLU G 59 37.07 -2.03 -26.50
N ILE G 60 36.17 -1.35 -25.80
CA ILE G 60 35.36 -0.31 -26.41
C ILE G 60 36.21 0.95 -26.58
N GLU G 61 36.35 1.40 -27.83
CA GLU G 61 36.99 2.65 -28.15
C GLU G 61 36.31 3.19 -29.41
N LEU G 62 36.10 4.50 -29.46
CA LEU G 62 35.25 5.10 -30.47
C LEU G 62 36.04 6.01 -31.38
N VAL G 63 35.54 6.17 -32.60
CA VAL G 63 36.20 7.04 -33.58
C VAL G 63 35.96 8.50 -33.24
N ASP G 64 34.71 8.86 -32.96
CA ASP G 64 34.37 10.24 -32.66
C ASP G 64 34.98 10.65 -31.32
N PRO G 65 35.67 11.79 -31.25
CA PRO G 65 36.34 12.15 -29.99
C PRO G 65 35.38 12.42 -28.85
N VAL G 66 34.26 13.11 -29.12
CA VAL G 66 33.31 13.42 -28.05
C VAL G 66 32.59 12.16 -27.60
N GLU G 67 32.19 11.30 -28.54
CA GLU G 67 31.57 10.04 -28.16
C GLU G 67 32.53 9.17 -27.37
N ASN G 68 33.82 9.21 -27.73
CA ASN G 68 34.80 8.43 -26.97
C ASN G 68 34.96 8.95 -25.55
N MET G 69 34.84 10.27 -25.35
CA MET G 69 34.92 10.82 -24.00
C MET G 69 33.81 10.26 -23.11
N GLY G 70 32.57 10.26 -23.60
CA GLY G 70 31.48 9.69 -22.85
C GLY G 70 31.67 8.22 -22.54
N ALA G 71 32.28 7.47 -23.48
CA ALA G 71 32.54 6.07 -23.24
C ALA G 71 33.68 5.86 -22.25
N GLN G 72 34.69 6.76 -22.29
CA GLN G 72 35.81 6.61 -21.36
C GLN G 72 35.48 7.11 -19.96
N MET G 73 34.62 8.12 -19.85
CA MET G 73 34.18 8.57 -18.53
C MET G 73 33.46 7.46 -17.79
N VAL G 74 32.44 6.87 -18.40
CA VAL G 74 31.68 5.81 -17.75
C VAL G 74 32.55 4.59 -17.49
N ARG G 75 33.47 4.28 -18.42
CA ARG G 75 34.26 3.07 -18.27
C ARG G 75 35.24 3.17 -17.11
N GLU G 76 35.89 4.32 -16.95
CA GLU G 76 36.88 4.45 -15.88
C GLU G 76 36.21 4.51 -14.51
N VAL G 77 35.07 5.19 -14.41
CA VAL G 77 34.39 5.30 -13.13
C VAL G 77 33.77 3.96 -12.74
N ALA G 78 33.15 3.27 -13.69
CA ALA G 78 32.57 1.96 -13.39
C ALA G 78 33.64 0.92 -13.10
N SER G 79 34.85 1.10 -13.63
CA SER G 79 35.93 0.17 -13.34
C SER G 79 36.39 0.25 -11.89
N LYS G 80 36.15 1.38 -11.22
CA LYS G 80 36.49 1.49 -9.81
C LYS G 80 35.60 0.60 -8.95
N THR G 81 34.44 0.19 -9.46
CA THR G 81 33.58 -0.73 -8.72
C THR G 81 34.25 -2.09 -8.54
N SER G 82 34.72 -2.67 -9.65
CA SER G 82 35.38 -3.98 -9.57
C SER G 82 36.77 -3.89 -8.96
N ASP G 83 37.38 -2.71 -8.92
CA ASP G 83 38.68 -2.56 -8.29
C ASP G 83 38.61 -2.85 -6.80
N VAL G 84 37.79 -2.08 -6.08
CA VAL G 84 37.71 -2.25 -4.63
C VAL G 84 36.79 -3.40 -4.24
N ALA G 85 35.64 -3.51 -4.90
CA ALA G 85 34.64 -4.50 -4.53
C ALA G 85 34.81 -5.85 -5.21
N GLY G 86 35.63 -5.92 -6.26
CA GLY G 86 35.89 -7.18 -6.94
C GLY G 86 34.91 -7.54 -8.04
N ASP G 87 33.80 -6.82 -8.18
CA ASP G 87 32.78 -7.13 -9.17
C ASP G 87 31.86 -5.93 -9.29
N GLY G 88 30.88 -6.03 -10.18
CA GLY G 88 29.86 -5.01 -10.33
C GLY G 88 30.16 -3.91 -11.30
N THR G 89 31.24 -4.02 -12.09
CA THR G 89 31.58 -2.96 -13.03
C THR G 89 30.62 -2.92 -14.21
N THR G 90 29.99 -4.05 -14.54
CA THR G 90 28.97 -4.04 -15.58
C THR G 90 27.69 -3.41 -15.08
N THR G 91 27.29 -3.71 -13.84
CA THR G 91 26.09 -3.12 -13.27
C THR G 91 26.20 -1.60 -13.19
N ALA G 92 27.38 -1.10 -12.83
CA ALA G 92 27.58 0.35 -12.76
C ALA G 92 27.40 1.01 -14.11
N THR G 93 27.77 0.32 -15.20
CA THR G 93 27.58 0.88 -16.52
C THR G 93 26.11 0.91 -16.92
N VAL G 94 25.37 -0.15 -16.58
CA VAL G 94 23.95 -0.19 -16.88
C VAL G 94 23.21 0.89 -16.10
N LEU G 95 23.53 1.05 -14.82
CA LEU G 95 22.90 2.09 -14.01
C LEU G 95 23.24 3.48 -14.53
N ALA G 96 24.52 3.72 -14.85
CA ALA G 96 24.94 5.03 -15.33
C ALA G 96 24.25 5.39 -16.65
N GLN G 97 24.01 4.39 -17.51
CA GLN G 97 23.29 4.66 -18.74
C GLN G 97 21.86 5.08 -18.47
N ALA G 98 21.18 4.39 -17.55
CA ALA G 98 19.78 4.70 -17.26
C ALA G 98 19.64 6.04 -16.55
N ILE G 99 20.57 6.35 -15.65
CA ILE G 99 20.51 7.62 -14.93
C ILE G 99 20.74 8.79 -15.88
N TYR G 100 21.76 8.67 -16.75
CA TYR G 100 22.05 9.75 -17.68
C TYR G 100 21.00 9.88 -18.76
N ARG G 101 20.34 8.76 -19.12
CA ARG G 101 19.27 8.83 -20.12
C ARG G 101 18.10 9.65 -19.59
N GLU G 102 17.59 9.30 -18.41
CA GLU G 102 16.46 10.03 -17.83
C GLU G 102 16.88 11.42 -17.38
N GLY G 103 18.15 11.61 -17.03
CA GLY G 103 18.63 12.94 -16.66
C GLY G 103 18.52 13.92 -17.82
N LEU G 104 19.08 13.55 -18.97
CA LEU G 104 19.01 14.43 -20.15
C LEU G 104 17.57 14.64 -20.59
N LYS G 105 16.73 13.62 -20.45
CA LYS G 105 15.35 13.73 -20.90
C LYS G 105 14.60 14.80 -20.11
N ASN G 106 14.87 14.90 -18.81
CA ASN G 106 14.24 15.94 -18.01
C ASN G 106 14.90 17.30 -18.19
N VAL G 107 16.21 17.32 -18.49
CA VAL G 107 16.86 18.59 -18.78
C VAL G 107 16.25 19.22 -20.03
N THR G 108 15.95 18.40 -21.05
CA THR G 108 15.24 18.91 -22.21
C THR G 108 13.83 19.35 -21.84
N ALA G 109 13.23 18.71 -20.84
CA ALA G 109 11.90 19.13 -20.36
C ALA G 109 11.96 20.40 -19.52
N GLY G 110 13.15 20.92 -19.22
CA GLY G 110 13.30 22.15 -18.48
C GLY G 110 13.77 22.03 -17.05
N ALA G 111 14.07 20.82 -16.58
CA ALA G 111 14.55 20.62 -15.22
C ALA G 111 16.00 21.07 -15.09
N ARG G 112 16.29 21.75 -13.98
CA ARG G 112 17.65 22.23 -13.73
C ARG G 112 18.59 21.04 -13.50
N PRO G 113 19.73 20.98 -14.20
CA PRO G 113 20.64 19.83 -14.01
C PRO G 113 21.21 19.74 -12.62
N ILE G 114 21.53 20.89 -12.00
CA ILE G 114 22.16 20.86 -10.68
C ILE G 114 21.17 20.36 -9.63
N ASP G 115 19.88 20.69 -9.77
CA ASP G 115 18.88 20.16 -8.85
C ASP G 115 18.62 18.68 -9.11
N LEU G 116 18.75 18.24 -10.36
CA LEU G 116 18.70 16.81 -10.65
C LEU G 116 19.87 16.08 -9.99
N LYS G 117 21.04 16.71 -9.98
CA LYS G 117 22.19 16.11 -9.29
C LYS G 117 21.96 16.07 -7.79
N ARG G 118 21.42 17.15 -7.21
CA ARG G 118 21.11 17.14 -5.79
C ARG G 118 20.08 16.07 -5.45
N GLY G 119 19.05 15.93 -6.29
CA GLY G 119 18.06 14.89 -6.06
C GLY G 119 18.64 13.50 -6.21
N ILE G 120 19.56 13.32 -7.17
CA ILE G 120 20.21 12.02 -7.35
C ILE G 120 21.06 11.68 -6.14
N ASP G 121 21.86 12.64 -5.66
CA ASP G 121 22.78 12.36 -4.57
C ASP G 121 22.05 12.09 -3.27
N ARG G 122 20.95 12.81 -3.01
CA ARG G 122 20.17 12.55 -1.81
C ARG G 122 19.53 11.16 -1.87
N ALA G 123 19.09 10.74 -3.06
CA ALA G 123 18.47 9.43 -3.20
C ALA G 123 19.49 8.32 -3.03
N VAL G 124 20.72 8.53 -3.50
CA VAL G 124 21.74 7.48 -3.39
C VAL G 124 22.12 7.24 -1.95
N LYS G 125 22.29 8.32 -1.17
CA LYS G 125 22.62 8.17 0.25
C LYS G 125 21.53 7.38 0.97
N GLU G 126 20.27 7.57 0.60
CA GLU G 126 19.18 6.83 1.24
C GLU G 126 19.11 5.40 0.74
N VAL G 127 19.39 5.16 -0.54
CA VAL G 127 19.38 3.79 -1.06
C VAL G 127 20.53 2.99 -0.47
N VAL G 128 21.72 3.60 -0.38
CA VAL G 128 22.85 2.91 0.22
C VAL G 128 22.58 2.63 1.70
N ALA G 129 21.98 3.59 2.40
CA ALA G 129 21.63 3.38 3.80
C ALA G 129 20.70 2.19 3.97
N GLU G 130 19.59 2.17 3.22
CA GLU G 130 18.69 1.03 3.26
C GLU G 130 19.37 -0.24 2.77
N LEU G 131 20.35 -0.11 1.88
CA LEU G 131 21.11 -1.28 1.42
C LEU G 131 21.97 -1.84 2.55
N ARG G 132 22.50 -0.98 3.43
CA ARG G 132 23.21 -1.46 4.60
C ARG G 132 22.28 -2.12 5.60
N ASN G 133 21.04 -1.63 5.70
CA ASN G 133 20.09 -2.20 6.64
C ASN G 133 19.73 -3.63 6.29
N ILE G 134 19.47 -3.89 5.00
CA ILE G 134 19.11 -5.24 4.55
C ILE G 134 20.34 -6.12 4.33
N SER G 135 21.54 -5.57 4.50
CA SER G 135 22.74 -6.37 4.38
C SER G 135 22.89 -7.28 5.59
N ARG G 136 23.65 -8.37 5.39
CA ARG G 136 23.91 -9.34 6.43
C ARG G 136 25.41 -9.45 6.64
N SER G 137 25.86 -9.18 7.87
CA SER G 137 27.29 -9.25 8.18
C SER G 137 27.78 -10.69 8.16
N ILE G 138 29.03 -10.87 7.75
CA ILE G 138 29.68 -12.17 7.69
C ILE G 138 30.79 -12.19 8.74
N SER G 139 30.81 -13.22 9.58
CA SER G 139 31.83 -13.38 10.60
C SER G 139 31.92 -14.86 10.97
N GLY G 140 33.05 -15.22 11.56
CA GLY G 140 33.28 -16.59 11.98
C GLY G 140 33.65 -17.50 10.83
N LYS G 141 34.21 -18.65 11.19
CA LYS G 141 34.68 -19.59 10.18
C LYS G 141 33.53 -20.32 9.47
N LYS G 142 32.33 -20.31 10.06
CA LYS G 142 31.21 -20.98 9.41
C LYS G 142 30.64 -20.14 8.27
N GLU G 143 30.45 -18.84 8.51
CA GLU G 143 29.87 -17.97 7.48
C GLU G 143 30.86 -17.70 6.35
N ILE G 144 32.14 -17.55 6.68
CA ILE G 144 33.15 -17.27 5.66
C ILE G 144 33.30 -18.48 4.73
N ALA G 145 33.21 -19.69 5.29
CA ALA G 145 33.29 -20.89 4.45
C ALA G 145 32.10 -21.02 3.51
N GLN G 146 30.94 -20.45 3.90
CA GLN G 146 29.78 -20.49 3.01
C GLN G 146 29.95 -19.54 1.84
N VAL G 147 30.48 -18.33 2.10
CA VAL G 147 30.67 -17.35 1.03
C VAL G 147 31.72 -17.84 0.05
N GLY G 148 32.82 -18.39 0.56
CA GLY G 148 33.87 -18.89 -0.33
C GLY G 148 33.40 -20.03 -1.20
N THR G 149 32.50 -20.88 -0.69
CA THR G 149 31.97 -21.97 -1.50
C THR G 149 31.02 -21.46 -2.57
N ILE G 150 30.29 -20.38 -2.29
CA ILE G 150 29.37 -19.82 -3.28
C ILE G 150 30.15 -19.22 -4.43
N SER G 151 31.18 -18.42 -4.13
CA SER G 151 31.99 -17.79 -5.16
C SER G 151 32.81 -18.80 -5.94
N ALA G 152 32.98 -20.01 -5.41
CA ALA G 152 33.74 -21.07 -6.07
C ALA G 152 32.85 -21.98 -6.91
N ASN G 153 31.57 -21.65 -7.06
CA ASN G 153 30.59 -22.48 -7.77
C ASN G 153 30.42 -23.83 -7.07
N ASN G 154 30.18 -23.77 -5.76
CA ASN G 154 29.91 -24.93 -4.92
C ASN G 154 31.09 -25.92 -4.94
N ASP G 155 32.20 -25.46 -4.37
CA ASP G 155 33.40 -26.26 -4.19
C ASP G 155 33.80 -26.17 -2.72
N PRO G 156 33.33 -27.10 -1.88
CA PRO G 156 33.59 -27.00 -0.44
C PRO G 156 35.06 -26.93 -0.08
N GLU G 157 35.95 -27.47 -0.92
CA GLU G 157 37.39 -27.39 -0.63
C GLU G 157 37.88 -25.95 -0.70
N ILE G 158 37.30 -25.13 -1.58
CA ILE G 158 37.74 -23.76 -1.73
C ILE G 158 37.17 -22.88 -0.61
N GLY G 159 35.91 -23.08 -0.26
CA GLY G 159 35.31 -22.27 0.79
C GLY G 159 35.94 -22.49 2.14
N GLU G 160 36.33 -23.73 2.44
CA GLU G 160 36.98 -24.01 3.71
C GLU G 160 38.39 -23.44 3.74
N LEU G 161 39.10 -23.47 2.60
CA LEU G 161 40.46 -22.93 2.56
C LEU G 161 40.47 -21.43 2.78
N ILE G 162 39.48 -20.72 2.24
CA ILE G 162 39.42 -19.27 2.43
C ILE G 162 39.15 -18.94 3.90
N ALA G 163 38.25 -19.68 4.54
CA ALA G 163 37.97 -19.44 5.96
C ALA G 163 39.16 -19.83 6.83
N GLU G 164 39.92 -20.84 6.43
CA GLU G 164 41.10 -21.23 7.21
C GLU G 164 42.20 -20.20 7.07
N ALA G 165 42.34 -19.59 5.89
CA ALA G 165 43.37 -18.58 5.69
C ALA G 165 43.06 -17.32 6.49
N MET G 166 41.81 -16.87 6.48
CA MET G 166 41.41 -15.72 7.28
C MET G 166 41.40 -16.03 8.77
N ASP G 167 41.44 -17.31 9.16
CA ASP G 167 41.45 -17.65 10.57
C ASP G 167 42.77 -17.30 11.23
N LYS G 168 43.85 -17.26 10.47
CA LYS G 168 45.19 -16.99 10.99
C LYS G 168 45.55 -15.51 10.89
N VAL G 169 45.67 -14.98 9.67
CA VAL G 169 46.04 -13.58 9.49
C VAL G 169 44.95 -12.62 9.91
N GLY G 170 43.73 -13.10 10.14
CA GLY G 170 42.65 -12.27 10.62
C GLY G 170 41.73 -11.81 9.51
N LYS G 171 40.90 -10.83 9.85
CA LYS G 171 39.94 -10.28 8.90
C LYS G 171 40.62 -9.39 7.88
N ASP G 172 41.47 -8.47 8.34
CA ASP G 172 42.17 -7.54 7.46
C ASP G 172 43.56 -8.01 7.07
N GLY G 173 43.96 -9.21 7.46
CA GLY G 173 45.28 -9.72 7.13
C GLY G 173 45.47 -9.88 5.64
N VAL G 174 46.74 -10.04 5.27
CA VAL G 174 47.14 -10.18 3.87
C VAL G 174 47.07 -11.65 3.48
N ILE G 175 46.42 -11.93 2.35
CA ILE G 175 46.30 -13.28 1.82
C ILE G 175 46.68 -13.25 0.34
N THR G 176 47.63 -14.11 -0.03
CA THR G 176 48.10 -14.20 -1.41
C THR G 176 47.84 -15.60 -1.95
N VAL G 177 47.79 -15.71 -3.27
CA VAL G 177 47.50 -16.96 -3.97
C VAL G 177 48.62 -17.24 -4.94
N GLU G 178 49.21 -18.42 -4.84
CA GLU G 178 50.26 -18.89 -5.73
C GLU G 178 49.87 -20.26 -6.28
N GLU G 179 50.78 -20.85 -7.05
CA GLU G 179 50.56 -22.16 -7.64
C GLU G 179 51.29 -23.22 -6.82
N ALA G 180 50.60 -24.31 -6.49
CA ALA G 180 51.18 -25.37 -5.69
C ALA G 180 52.16 -26.20 -6.53
N LYS G 181 53.04 -26.90 -5.84
CA LYS G 181 54.06 -27.73 -6.47
C LYS G 181 53.55 -29.12 -6.82
N GLY G 182 52.29 -29.41 -6.56
CA GLY G 182 51.77 -30.74 -6.83
C GLY G 182 50.28 -30.81 -6.71
N MET G 183 49.76 -32.05 -6.63
CA MET G 183 48.33 -32.27 -6.56
C MET G 183 47.74 -31.74 -5.26
N GLU G 184 48.46 -31.89 -4.15
CA GLU G 184 47.92 -31.51 -2.85
C GLU G 184 47.80 -29.99 -2.71
N THR G 185 46.71 -29.55 -2.11
CA THR G 185 46.48 -28.14 -1.80
C THR G 185 46.79 -27.91 -0.33
N GLU G 186 47.70 -26.98 -0.05
CA GLU G 186 48.18 -26.74 1.30
C GLU G 186 48.02 -25.26 1.65
N LEU G 187 48.41 -24.93 2.88
CA LEU G 187 48.37 -23.56 3.39
C LEU G 187 49.57 -23.31 4.28
N LYS G 188 50.20 -22.15 4.10
CA LYS G 188 51.35 -21.76 4.90
C LYS G 188 51.30 -20.27 5.18
N VAL G 189 51.91 -19.87 6.29
CA VAL G 189 51.94 -18.48 6.71
C VAL G 189 53.40 -18.09 6.97
N VAL G 190 53.81 -16.95 6.42
CA VAL G 190 55.16 -16.42 6.59
C VAL G 190 55.05 -14.98 7.09
N GLU G 191 56.21 -14.35 7.28
CA GLU G 191 56.28 -12.98 7.78
C GLU G 191 56.42 -12.03 6.60
N GLY G 192 55.39 -11.21 6.36
CA GLY G 192 55.42 -10.26 5.26
C GLY G 192 54.47 -9.13 5.53
N MET G 193 54.62 -8.08 4.71
CA MET G 193 53.78 -6.89 4.83
C MET G 193 53.50 -6.33 3.45
N GLN G 194 52.52 -5.44 3.37
CA GLN G 194 52.15 -4.78 2.13
C GLN G 194 51.90 -3.31 2.40
N PHE G 195 52.00 -2.50 1.35
CA PHE G 195 51.76 -1.07 1.44
C PHE G 195 50.98 -0.61 0.22
N ASP G 196 50.47 0.62 0.29
CA ASP G 196 49.51 1.14 -0.68
C ASP G 196 50.16 1.73 -1.91
N ARG G 197 51.49 1.67 -2.04
CA ARG G 197 52.18 2.18 -3.22
C ARG G 197 52.52 1.03 -4.16
N GLY G 198 52.10 1.16 -5.42
CA GLY G 198 52.30 0.16 -6.43
C GLY G 198 53.47 0.48 -7.34
N TYR G 199 53.40 -0.03 -8.57
CA TYR G 199 54.47 0.18 -9.53
C TYR G 199 54.44 1.59 -10.10
N LEU G 200 55.61 2.07 -10.53
CA LEU G 200 55.71 3.40 -11.12
C LEU G 200 55.25 3.41 -12.58
N SER G 201 55.46 2.32 -13.31
CA SER G 201 55.12 2.24 -14.72
C SER G 201 54.45 0.91 -15.03
N PRO G 202 53.44 0.91 -15.91
CA PRO G 202 52.80 -0.37 -16.28
C PRO G 202 53.70 -1.29 -17.08
N TYR G 203 54.78 -0.78 -17.66
CA TYR G 203 55.68 -1.61 -18.47
C TYR G 203 56.44 -2.65 -17.65
N PHE G 204 56.37 -2.58 -16.32
CA PHE G 204 57.02 -3.55 -15.46
C PHE G 204 56.16 -4.78 -15.20
N VAL G 205 54.98 -4.86 -15.83
CA VAL G 205 54.06 -5.97 -15.59
C VAL G 205 54.64 -7.25 -16.17
N THR G 206 54.77 -8.27 -15.32
CA THR G 206 55.28 -9.57 -15.78
C THR G 206 54.18 -10.38 -16.47
N ASN G 207 52.99 -10.40 -15.89
CA ASN G 207 51.86 -11.13 -16.43
C ASN G 207 50.75 -10.16 -16.79
N SER G 208 50.11 -10.39 -17.94
CA SER G 208 49.09 -9.48 -18.44
C SER G 208 47.70 -10.03 -18.18
N GLU G 209 46.69 -9.22 -18.54
CA GLU G 209 45.27 -9.53 -18.41
C GLU G 209 44.83 -9.61 -16.96
N THR G 210 45.77 -9.72 -16.03
CA THR G 210 45.51 -9.59 -14.61
C THR G 210 45.88 -8.22 -14.05
N MET G 211 46.48 -7.37 -14.87
CA MET G 211 46.93 -6.03 -14.48
C MET G 211 47.75 -6.07 -13.18
N GLU G 212 48.90 -6.73 -13.27
CA GLU G 212 49.80 -6.86 -12.13
C GLU G 212 51.18 -7.23 -12.63
N ALA G 213 52.11 -7.36 -11.69
CA ALA G 213 53.49 -7.77 -11.98
C ALA G 213 53.93 -8.78 -10.95
N GLU G 214 54.61 -9.83 -11.41
CA GLU G 214 55.06 -10.92 -10.55
C GLU G 214 56.57 -11.07 -10.67
N LEU G 215 57.25 -10.96 -9.53
CA LEU G 215 58.71 -11.09 -9.45
C LEU G 215 59.03 -12.36 -8.68
N ASP G 216 59.58 -13.35 -9.36
CA ASP G 216 59.92 -14.63 -8.74
C ASP G 216 61.38 -14.60 -8.30
N GLU G 217 61.60 -14.64 -6.98
CA GLU G 217 62.93 -14.63 -6.39
C GLU G 217 63.73 -13.41 -6.83
N ALA G 218 63.29 -12.26 -6.33
CA ALA G 218 63.92 -10.98 -6.63
C ALA G 218 64.58 -10.43 -5.38
N LEU G 219 65.25 -9.28 -5.53
CA LEU G 219 65.99 -8.65 -4.45
C LEU G 219 65.38 -7.29 -4.14
N ILE G 220 65.50 -6.87 -2.88
CA ILE G 220 64.88 -5.64 -2.38
C ILE G 220 65.98 -4.66 -2.01
N LEU G 221 65.82 -3.40 -2.42
CA LEU G 221 66.74 -2.33 -2.08
C LEU G 221 65.94 -1.17 -1.51
N ILE G 222 66.37 -0.66 -0.36
CA ILE G 222 65.71 0.46 0.31
C ILE G 222 66.54 1.71 0.10
N HIS G 223 65.90 2.76 -0.40
CA HIS G 223 66.58 4.03 -0.68
C HIS G 223 65.68 5.17 -0.23
N ASP G 224 66.23 6.09 0.55
CA ASP G 224 65.46 7.19 1.11
C ASP G 224 65.46 8.44 0.22
N LYS G 225 66.28 8.47 -0.82
CA LYS G 225 66.39 9.64 -1.69
C LYS G 225 65.64 9.39 -3.00
N LYS G 226 65.72 10.37 -3.89
CA LYS G 226 65.04 10.30 -5.19
C LYS G 226 65.99 9.75 -6.24
N ILE G 227 65.44 8.95 -7.15
CA ILE G 227 66.20 8.36 -8.25
C ILE G 227 65.85 9.11 -9.53
N SER G 228 66.82 9.79 -10.10
CA SER G 228 66.63 10.55 -11.34
C SER G 228 67.40 9.93 -12.49
N LYS G 231 71.75 5.35 -13.88
CA LYS G 231 73.04 5.91 -14.23
C LYS G 231 73.81 6.34 -12.99
N GLU G 232 73.08 6.84 -11.99
CA GLU G 232 73.72 7.28 -10.74
C GLU G 232 74.09 6.09 -9.87
N LEU G 233 73.10 5.33 -9.43
CA LEU G 233 73.30 4.16 -8.59
C LEU G 233 73.53 2.89 -9.40
N LEU G 234 73.64 3.00 -10.72
CA LEU G 234 73.84 1.89 -11.64
C LEU G 234 75.03 1.02 -11.24
N PRO G 235 76.08 1.61 -10.65
CA PRO G 235 77.23 0.79 -10.25
C PRO G 235 76.88 -0.35 -9.30
N ILE G 236 75.90 -0.14 -8.41
CA ILE G 236 75.44 -1.22 -7.53
C ILE G 236 74.31 -2.03 -8.13
N LEU G 237 73.76 -1.61 -9.27
CA LEU G 237 72.66 -2.34 -9.90
C LEU G 237 73.18 -3.56 -10.66
N GLU G 238 74.29 -3.42 -11.38
CA GLU G 238 74.83 -4.54 -12.15
C GLU G 238 75.47 -5.59 -11.24
N LYS G 239 75.77 -5.25 -9.98
CA LYS G 239 76.32 -6.24 -9.07
C LYS G 239 75.33 -7.35 -8.77
N ALA G 240 74.04 -7.03 -8.74
CA ALA G 240 72.99 -8.02 -8.52
C ALA G 240 72.43 -8.57 -9.82
N ALA G 241 72.88 -8.07 -10.98
CA ALA G 241 72.37 -8.54 -12.26
C ALA G 241 72.95 -9.89 -12.66
N GLN G 242 73.97 -10.38 -11.96
CA GLN G 242 74.58 -11.66 -12.29
C GLN G 242 74.08 -12.76 -11.34
N ARG G 245 69.24 -12.80 -11.32
CA ARG G 245 68.16 -12.57 -10.37
C ARG G 245 67.64 -11.13 -10.45
N PRO G 246 66.33 -10.97 -10.52
CA PRO G 246 65.75 -9.62 -10.58
C PRO G 246 65.90 -8.91 -9.24
N LEU G 247 65.70 -7.59 -9.29
CA LEU G 247 65.77 -6.75 -8.10
C LEU G 247 64.58 -5.79 -8.07
N LEU G 248 64.15 -5.46 -6.86
CA LEU G 248 63.07 -4.51 -6.64
C LEU G 248 63.64 -3.26 -5.99
N ILE G 249 63.55 -2.14 -6.71
CA ILE G 249 64.07 -0.87 -6.23
C ILE G 249 62.96 -0.13 -5.48
N ILE G 250 63.21 0.20 -4.22
CA ILE G 250 62.27 0.97 -3.41
C ILE G 250 62.95 2.28 -3.06
N ALA G 251 62.42 3.38 -3.59
CA ALA G 251 63.01 4.70 -3.37
C ALA G 251 61.88 5.74 -3.43
N GLU G 252 62.26 7.01 -3.42
CA GLU G 252 61.27 8.07 -3.53
C GLU G 252 60.69 8.17 -4.93
N ASP G 253 61.41 7.70 -5.95
CA ASP G 253 60.93 7.72 -7.32
C ASP G 253 61.66 6.67 -8.16
N GLY G 256 62.78 9.35 -12.64
CA GLY G 256 62.47 10.16 -13.81
C GLY G 256 63.37 9.86 -14.99
N GLU G 257 64.61 10.38 -14.93
CA GLU G 257 65.56 10.14 -16.02
C GLU G 257 66.01 8.69 -16.06
N ALA G 258 66.48 8.17 -14.93
CA ALA G 258 66.89 6.77 -14.85
C ALA G 258 65.70 5.83 -14.77
N LEU G 259 64.51 6.34 -14.48
CA LEU G 259 63.32 5.49 -14.45
C LEU G 259 62.98 4.99 -15.85
N ALA G 260 63.14 5.85 -16.87
CA ALA G 260 62.89 5.43 -18.24
C ALA G 260 63.92 4.42 -18.72
N THR G 261 65.12 4.44 -18.14
CA THR G 261 66.12 3.44 -18.48
C THR G 261 65.68 2.05 -18.05
N LEU G 262 65.01 1.95 -16.90
CA LEU G 262 64.47 0.67 -16.45
C LEU G 262 63.27 0.23 -17.27
N VAL G 263 62.57 1.17 -17.91
CA VAL G 263 61.43 0.81 -18.76
C VAL G 263 61.91 0.15 -20.04
N VAL G 264 63.00 0.66 -20.63
CA VAL G 264 63.53 0.07 -21.85
C VAL G 264 64.13 -1.30 -21.56
N ASN G 265 64.76 -1.46 -20.40
CA ASN G 265 65.30 -2.76 -20.01
C ASN G 265 64.22 -3.76 -19.64
N LYS G 266 63.01 -3.28 -19.34
CA LYS G 266 61.92 -4.17 -18.98
C LYS G 266 61.34 -4.87 -20.22
N LEU G 267 60.77 -4.08 -21.14
CA LEU G 267 60.16 -4.66 -22.34
C LEU G 267 61.18 -5.39 -23.21
N ARG G 268 62.46 -5.03 -23.12
CA ARG G 268 63.49 -5.73 -23.90
C ARG G 268 63.85 -7.08 -23.31
N GLY G 269 63.78 -7.21 -21.98
CA GLY G 269 64.08 -8.46 -21.32
C GLY G 269 65.46 -8.58 -20.71
N THR G 270 66.19 -7.47 -20.60
CA THR G 270 67.54 -7.48 -20.03
C THR G 270 67.47 -6.84 -18.64
N LEU G 271 67.93 -7.58 -17.63
CA LEU G 271 67.98 -7.11 -16.24
C LEU G 271 66.58 -6.72 -15.75
N LYS G 272 65.76 -7.74 -15.55
CA LYS G 272 64.40 -7.53 -15.05
C LYS G 272 64.44 -6.80 -13.73
N VAL G 273 63.68 -5.71 -13.64
CA VAL G 273 63.68 -4.85 -12.47
C VAL G 273 62.32 -4.18 -12.34
N ALA G 274 61.98 -3.79 -11.12
CA ALA G 274 60.74 -3.07 -10.86
C ALA G 274 61.00 -2.01 -9.80
N ALA G 275 60.31 -0.88 -9.93
CA ALA G 275 60.47 0.25 -9.04
C ALA G 275 59.14 0.54 -8.34
N VAL G 276 59.19 0.71 -7.02
CA VAL G 276 58.02 1.01 -6.20
C VAL G 276 58.37 2.16 -5.26
N LYS G 277 57.47 3.12 -5.15
CA LYS G 277 57.69 4.26 -4.27
C LYS G 277 57.75 3.81 -2.81
N ALA G 278 58.60 4.48 -2.05
CA ALA G 278 58.80 4.11 -0.64
C ALA G 278 57.59 4.52 0.19
N PRO G 279 57.05 3.65 1.05
CA PRO G 279 55.88 3.95 1.87
C PRO G 279 56.15 5.06 2.89
N PHE G 281 54.44 9.52 4.92
CA PHE G 281 55.43 10.29 4.17
C PHE G 281 56.37 11.02 5.13
N GLY G 282 57.45 11.58 4.57
CA GLY G 282 58.39 12.32 5.39
C GLY G 282 59.14 11.40 6.33
N ASP G 283 59.11 11.73 7.63
CA ASP G 283 59.75 10.89 8.63
C ASP G 283 59.04 9.54 8.76
N ARG G 284 57.75 9.50 8.48
CA ARG G 284 57.02 8.23 8.52
C ARG G 284 57.42 7.31 7.37
N ARG G 285 57.73 7.89 6.20
CA ARG G 285 58.20 7.08 5.08
C ARG G 285 59.59 6.51 5.36
N LYS G 286 60.46 7.30 5.98
CA LYS G 286 61.77 6.80 6.37
C LYS G 286 61.65 5.81 7.53
N ALA G 287 60.60 5.94 8.35
CA ALA G 287 60.38 4.98 9.42
C ALA G 287 59.97 3.62 8.87
N MET G 288 59.05 3.61 7.89
CA MET G 288 58.68 2.36 7.25
C MET G 288 59.80 1.80 6.38
N LEU G 289 60.74 2.65 5.96
CA LEU G 289 61.91 2.16 5.23
C LEU G 289 62.77 1.26 6.10
N GLU G 290 62.83 1.53 7.40
CA GLU G 290 63.55 0.65 8.31
C GLU G 290 62.81 -0.67 8.50
N ASP G 291 61.47 -0.62 8.58
CA ASP G 291 60.69 -1.84 8.65
C ASP G 291 60.79 -2.64 7.35
N ILE G 292 60.83 -1.94 6.21
CA ILE G 292 61.05 -2.59 4.93
C ILE G 292 62.49 -3.08 4.77
N ALA G 293 63.36 -2.72 5.71
CA ALA G 293 64.74 -3.19 5.73
C ALA G 293 64.93 -4.39 6.66
N ILE G 294 64.66 -4.20 7.95
CA ILE G 294 64.87 -5.27 8.94
C ILE G 294 64.12 -6.53 8.55
N LEU G 295 62.83 -6.39 8.24
CA LEU G 295 62.02 -7.56 7.91
C LEU G 295 62.47 -8.20 6.61
N THR G 296 62.81 -7.38 5.60
CA THR G 296 63.27 -7.88 4.32
C THR G 296 64.76 -8.16 4.29
N GLY G 297 65.47 -7.97 5.40
CA GLY G 297 66.88 -8.30 5.47
C GLY G 297 67.80 -7.37 4.73
N GLY G 298 67.38 -6.12 4.49
CA GLY G 298 68.18 -5.15 3.80
C GLY G 298 68.74 -4.09 4.73
N THR G 299 69.19 -2.99 4.13
CA THR G 299 69.73 -1.86 4.87
C THR G 299 69.31 -0.57 4.17
N VAL G 300 68.88 0.41 4.97
CA VAL G 300 68.45 1.69 4.41
C VAL G 300 69.66 2.48 3.93
N ILE G 301 69.41 3.41 3.02
CA ILE G 301 70.48 4.26 2.48
C ILE G 301 70.28 5.70 2.94
N THR G 313 76.45 -1.56 -2.63
CA THR G 313 76.79 -2.67 -1.75
C THR G 313 75.75 -3.79 -1.83
N MET G 314 76.23 -5.02 -2.03
CA MET G 314 75.33 -6.16 -2.15
C MET G 314 74.84 -6.66 -0.80
N ALA G 315 75.51 -6.29 0.30
CA ALA G 315 75.08 -6.71 1.63
C ALA G 315 73.95 -5.86 2.19
N TYR G 316 73.63 -4.74 1.55
CA TYR G 316 72.56 -3.86 1.98
C TYR G 316 71.22 -4.16 1.31
N LEU G 317 71.17 -5.19 0.46
CA LEU G 317 69.96 -5.52 -0.29
C LEU G 317 69.47 -6.90 0.17
N GLY G 318 68.30 -6.94 0.80
CA GLY G 318 67.68 -8.20 1.19
C GLY G 318 66.77 -8.74 0.10
N GLN G 319 66.20 -9.91 0.38
CA GLN G 319 65.40 -10.62 -0.60
C GLN G 319 64.83 -11.88 0.02
N ALA G 320 63.76 -12.40 -0.58
CA ALA G 320 63.17 -13.70 -0.26
C ALA G 320 61.95 -13.93 -1.14
N ALA G 321 61.58 -15.21 -1.27
CA ALA G 321 60.29 -15.69 -1.79
C ALA G 321 59.92 -14.94 -3.06
N ARG G 322 58.69 -14.45 -3.20
CA ARG G 322 58.20 -13.80 -4.41
C ARG G 322 57.51 -12.50 -4.04
N ILE G 323 57.74 -11.45 -4.82
CA ILE G 323 57.17 -10.14 -4.60
C ILE G 323 56.20 -9.85 -5.74
N THR G 324 54.93 -9.62 -5.40
CA THR G 324 53.91 -9.26 -6.37
C THR G 324 53.59 -7.77 -6.24
N ILE G 325 53.48 -7.11 -7.39
CA ILE G 325 53.27 -5.67 -7.45
C ILE G 325 51.98 -5.39 -8.22
N ASP G 326 50.99 -4.83 -7.54
CA ASP G 326 49.75 -4.40 -8.15
C ASP G 326 49.85 -2.92 -8.50
N LYS G 327 48.78 -2.39 -9.10
CA LYS G 327 48.73 -0.96 -9.38
C LYS G 327 48.70 -0.14 -8.11
N ASP G 328 47.77 -0.46 -7.21
CA ASP G 328 47.63 0.23 -5.93
C ASP G 328 48.29 -0.51 -4.76
N ASN G 329 48.94 -1.64 -5.01
CA ASN G 329 49.44 -2.46 -3.93
C ASN G 329 50.79 -3.08 -4.30
N THR G 330 51.56 -3.43 -3.26
CA THR G 330 52.81 -4.17 -3.41
C THR G 330 52.98 -5.04 -2.18
N THR G 331 53.48 -6.26 -2.38
CA THR G 331 53.55 -7.26 -1.31
C THR G 331 54.92 -7.91 -1.26
N ILE G 332 55.45 -8.05 -0.05
CA ILE G 332 56.70 -8.76 0.20
C ILE G 332 56.37 -10.03 1.00
N VAL G 333 57.10 -11.11 0.73
CA VAL G 333 56.76 -12.42 1.26
C VAL G 333 57.98 -13.01 1.98
N GLU G 334 57.80 -13.36 3.26
CA GLU G 334 58.65 -14.25 4.04
C GLU G 334 59.96 -13.61 4.51
N GLY G 335 60.41 -12.54 3.86
CA GLY G 335 61.49 -11.75 4.41
C GLY G 335 62.86 -12.40 4.39
N LYS G 336 63.93 -11.60 4.45
CA LYS G 336 65.27 -12.11 4.70
C LYS G 336 65.70 -11.94 6.16
N GLY G 337 64.87 -11.32 7.00
CA GLY G 337 65.30 -10.96 8.33
C GLY G 337 65.45 -12.16 9.24
N LYS G 338 66.35 -12.03 10.20
CA LYS G 338 66.54 -13.07 11.20
C LYS G 338 65.34 -13.14 12.13
N GLN G 339 65.20 -14.30 12.80
CA GLN G 339 64.07 -14.49 13.71
C GLN G 339 64.10 -13.49 14.85
N GLU G 340 65.28 -13.23 15.42
CA GLU G 340 65.41 -12.24 16.48
C GLU G 340 65.49 -10.82 15.95
N GLU G 341 65.84 -10.64 14.67
CA GLU G 341 65.94 -9.30 14.11
C GLU G 341 64.57 -8.67 13.94
N ILE G 342 63.58 -9.44 13.49
CA ILE G 342 62.24 -8.91 13.34
C ILE G 342 61.59 -8.63 14.70
N LYS G 343 61.94 -9.42 15.71
CA LYS G 343 61.42 -9.21 17.05
C LYS G 343 62.05 -8.00 17.74
N ALA G 344 63.27 -7.61 17.34
CA ALA G 344 63.90 -6.44 17.94
C ALA G 344 63.20 -5.16 17.52
N ARG G 345 62.89 -5.03 16.22
CA ARG G 345 62.16 -3.86 15.75
C ARG G 345 60.71 -3.89 16.21
N ILE G 346 60.15 -5.08 16.41
CA ILE G 346 58.79 -5.18 16.92
C ILE G 346 58.71 -4.68 18.35
N ASN G 347 59.77 -4.89 19.14
CA ASN G 347 59.78 -4.36 20.50
C ASN G 347 60.04 -2.86 20.51
N GLU G 348 60.75 -2.35 19.51
CA GLU G 348 60.99 -0.91 19.42
C GLU G 348 59.70 -0.16 19.12
N ILE G 349 58.91 -0.65 18.16
CA ILE G 349 57.61 -0.03 17.88
C ILE G 349 56.67 -0.22 19.06
N LYS G 350 56.73 -1.36 19.72
CA LYS G 350 55.95 -1.58 20.93
C LYS G 350 56.47 -0.79 22.12
N GLY G 351 57.67 -0.21 22.01
CA GLY G 351 58.18 0.61 23.10
C GLY G 351 57.34 1.86 23.34
N GLN G 352 56.84 2.46 22.26
CA GLN G 352 55.92 3.58 22.38
C GLN G 352 54.55 3.07 22.76
N ILE G 353 54.02 3.54 23.89
CA ILE G 353 52.74 3.07 24.40
C ILE G 353 51.66 4.11 24.11
N GLU G 354 51.69 5.21 24.85
CA GLU G 354 50.69 6.27 24.70
C GLU G 354 51.33 7.65 24.74
N GLU G 363 47.32 7.14 16.72
CA GLU G 363 46.51 5.93 16.64
C GLU G 363 47.00 5.01 15.53
N LYS G 364 47.75 5.59 14.59
CA LYS G 364 48.29 4.83 13.46
C LYS G 364 49.54 4.03 13.82
N LEU G 365 50.08 4.22 15.03
CA LEU G 365 51.25 3.46 15.44
C LEU G 365 50.94 1.97 15.62
N GLN G 366 49.68 1.62 15.88
CA GLN G 366 49.32 0.21 16.01
C GLN G 366 49.34 -0.49 14.66
N GLU G 367 49.03 0.22 13.58
CA GLU G 367 49.09 -0.40 12.25
C GLU G 367 50.53 -0.67 11.82
N ARG G 368 51.49 0.07 12.37
CA ARG G 368 52.89 -0.15 12.03
C ARG G 368 53.35 -1.52 12.51
N LEU G 369 53.01 -1.89 13.75
CA LEU G 369 53.37 -3.19 14.27
C LEU G 369 52.41 -4.30 13.83
N ALA G 370 51.25 -3.94 13.28
CA ALA G 370 50.34 -4.93 12.75
C ALA G 370 50.79 -5.51 11.41
N LYS G 371 51.76 -4.88 10.76
CA LYS G 371 52.29 -5.39 9.49
C LYS G 371 53.26 -6.54 9.75
N LEU G 372 54.36 -6.26 10.44
CA LEU G 372 55.38 -7.28 10.71
C LEU G 372 54.78 -8.48 11.44
N SER G 373 53.98 -8.21 12.48
CA SER G 373 53.39 -9.29 13.26
C SER G 373 52.20 -9.94 12.57
N GLY G 374 51.63 -9.28 11.56
CA GLY G 374 50.46 -9.86 10.89
C GLY G 374 50.84 -11.00 9.96
N GLY G 375 51.89 -10.81 9.16
CA GLY G 375 52.32 -11.83 8.23
C GLY G 375 51.44 -11.89 6.99
N VAL G 376 51.78 -12.84 6.12
CA VAL G 376 51.09 -13.04 4.86
C VAL G 376 50.75 -14.53 4.72
N ALA G 377 49.47 -14.82 4.51
CA ALA G 377 49.01 -16.19 4.32
C ALA G 377 49.12 -16.55 2.84
N VAL G 378 49.86 -17.62 2.54
CA VAL G 378 50.07 -18.07 1.17
C VAL G 378 49.14 -19.25 0.90
N LEU G 379 48.38 -19.16 -0.18
CA LEU G 379 47.45 -20.22 -0.58
C LEU G 379 48.06 -20.97 -1.76
N LYS G 380 48.43 -22.23 -1.53
CA LYS G 380 48.97 -23.08 -2.59
C LYS G 380 47.82 -23.90 -3.16
N ILE G 381 47.50 -23.65 -4.44
CA ILE G 381 46.37 -24.29 -5.12
C ILE G 381 46.92 -25.23 -6.17
N GLY G 382 46.39 -26.45 -6.21
CA GLY G 382 46.83 -27.43 -7.18
C GLY G 382 45.68 -28.32 -7.60
N ALA G 383 45.88 -29.02 -8.71
CA ALA G 383 44.86 -29.88 -9.30
C ALA G 383 45.54 -31.09 -9.93
N SER G 384 44.76 -31.87 -10.68
CA SER G 384 45.28 -33.11 -11.27
C SER G 384 46.29 -32.81 -12.37
N THR G 385 45.95 -31.90 -13.28
CA THR G 385 46.82 -31.54 -14.39
C THR G 385 47.24 -30.07 -14.27
N GLU G 386 48.06 -29.63 -15.22
CA GLU G 386 48.55 -28.25 -15.21
C GLU G 386 47.51 -27.27 -15.73
N VAL G 387 46.59 -27.73 -16.59
CA VAL G 387 45.57 -26.84 -17.12
C VAL G 387 44.49 -26.59 -16.07
N GLU G 388 44.12 -27.61 -15.30
CA GLU G 388 43.10 -27.45 -14.27
C GLU G 388 43.59 -26.61 -13.09
N MET G 389 44.90 -26.51 -12.89
CA MET G 389 45.42 -25.72 -11.78
C MET G 389 45.11 -24.24 -11.98
N LYS G 390 45.39 -23.71 -13.17
CA LYS G 390 45.13 -22.30 -13.44
C LYS G 390 43.64 -21.99 -13.49
N GLU G 391 42.81 -22.99 -13.80
CA GLU G 391 41.36 -22.78 -13.72
C GLU G 391 40.88 -22.76 -12.27
N LYS G 392 41.50 -23.59 -11.43
CA LYS G 392 41.16 -23.59 -10.01
C LYS G 392 41.78 -22.41 -9.29
N LYS G 393 43.00 -22.03 -9.68
CA LYS G 393 43.66 -20.89 -9.04
C LYS G 393 42.87 -19.60 -9.25
N ALA G 394 42.50 -19.32 -10.50
CA ALA G 394 41.69 -18.13 -10.77
C ALA G 394 40.35 -18.20 -10.08
N ARG G 395 39.83 -19.42 -9.86
CA ARG G 395 38.59 -19.57 -9.12
C ARG G 395 38.78 -19.18 -7.66
N VAL G 396 39.94 -19.48 -7.08
CA VAL G 396 40.22 -19.11 -5.70
C VAL G 396 40.47 -17.62 -5.59
N GLU G 397 41.17 -17.03 -6.56
CA GLU G 397 41.45 -15.60 -6.50
C GLU G 397 40.18 -14.76 -6.63
N ASP G 398 39.21 -15.22 -7.41
CA ASP G 398 37.93 -14.53 -7.46
C ASP G 398 37.14 -14.74 -6.18
N ALA G 399 37.20 -15.94 -5.61
CA ALA G 399 36.49 -16.21 -4.36
C ALA G 399 37.11 -15.45 -3.19
N LEU G 400 38.45 -15.38 -3.16
CA LEU G 400 39.11 -14.64 -2.10
C LEU G 400 38.74 -13.16 -2.13
N HIS G 401 38.79 -12.55 -3.33
CA HIS G 401 38.43 -11.15 -3.46
C HIS G 401 36.95 -10.91 -3.14
N ALA G 402 36.09 -11.88 -3.49
CA ALA G 402 34.68 -11.73 -3.18
C ALA G 402 34.40 -11.89 -1.70
N THR G 403 35.17 -12.75 -1.02
CA THR G 403 34.96 -12.95 0.41
C THR G 403 35.38 -11.72 1.22
N ARG G 404 36.51 -11.10 0.85
CA ARG G 404 36.96 -9.91 1.56
C ARG G 404 35.94 -8.78 1.52
N ALA G 405 35.18 -8.69 0.43
CA ALA G 405 34.10 -7.72 0.36
C ALA G 405 32.89 -8.15 1.19
N ALA G 406 32.71 -9.47 1.36
CA ALA G 406 31.62 -9.96 2.19
C ALA G 406 31.89 -9.72 3.66
N VAL G 407 33.12 -10.01 4.10
CA VAL G 407 33.49 -9.78 5.49
C VAL G 407 33.52 -8.29 5.81
N GLN G 408 33.70 -7.43 4.81
CA GLN G 408 33.83 -5.99 5.07
C GLN G 408 32.47 -5.33 5.22
N GLU G 409 31.75 -5.17 4.11
CA GLU G 409 30.47 -4.45 4.11
C GLU G 409 29.26 -5.36 4.16
N GLY G 410 29.43 -6.68 4.23
CA GLY G 410 28.30 -7.58 4.31
C GLY G 410 27.93 -8.22 2.99
N ILE G 411 26.72 -8.78 2.97
CA ILE G 411 26.19 -9.49 1.81
C ILE G 411 24.72 -9.13 1.64
N VAL G 412 24.32 -8.83 0.40
CA VAL G 412 22.91 -8.59 0.08
C VAL G 412 22.43 -9.68 -0.87
N VAL G 413 21.18 -9.59 -1.29
CA VAL G 413 20.59 -10.56 -2.20
C VAL G 413 20.98 -10.22 -3.63
N GLY G 414 21.33 -11.24 -4.41
CA GLY G 414 21.78 -11.07 -5.78
C GLY G 414 20.64 -10.96 -6.78
N GLY G 415 21.00 -11.11 -8.05
CA GLY G 415 20.02 -11.06 -9.12
C GLY G 415 19.42 -9.69 -9.35
N GLY G 416 20.03 -8.63 -8.83
CA GLY G 416 19.49 -7.30 -8.98
C GLY G 416 18.30 -6.99 -8.09
N VAL G 417 17.99 -7.86 -7.13
CA VAL G 417 16.84 -7.65 -6.27
C VAL G 417 17.15 -6.63 -5.18
N ALA G 418 18.38 -6.65 -4.65
CA ALA G 418 18.75 -5.76 -3.56
C ALA G 418 18.60 -4.29 -3.96
N LEU G 419 18.86 -3.96 -5.23
CA LEU G 419 18.66 -2.59 -5.68
C LEU G 419 17.19 -2.22 -5.69
N ILE G 420 16.31 -3.18 -5.96
CA ILE G 420 14.88 -2.90 -5.94
C ILE G 420 14.37 -2.82 -4.51
N ARG G 421 14.84 -3.73 -3.64
CA ARG G 421 14.43 -3.69 -2.24
C ARG G 421 14.89 -2.41 -1.56
N ALA G 422 16.08 -1.92 -1.91
CA ALA G 422 16.61 -0.71 -1.30
C ALA G 422 15.88 0.55 -1.76
N ALA G 423 14.97 0.44 -2.73
CA ALA G 423 14.22 1.59 -3.17
C ALA G 423 13.22 2.07 -2.12
N LYS G 424 12.92 1.24 -1.12
CA LYS G 424 12.01 1.66 -0.06
C LYS G 424 12.60 2.80 0.76
N GLY G 425 13.93 2.90 0.81
CA GLY G 425 14.59 3.99 1.50
C GLY G 425 14.41 5.36 0.87
N LEU G 426 13.79 5.44 -0.31
CA LEU G 426 13.58 6.72 -0.96
C LEU G 426 12.53 7.58 -0.24
N ALA G 427 11.72 6.98 0.63
CA ALA G 427 10.77 7.76 1.40
C ALA G 427 11.47 8.72 2.35
N LYS G 428 12.61 8.30 2.91
CA LYS G 428 13.37 9.16 3.81
C LYS G 428 14.08 10.30 3.07
N ALA G 429 14.20 10.20 1.74
CA ALA G 429 14.87 11.24 0.97
C ALA G 429 13.99 12.48 0.91
N VAL G 430 14.55 13.63 1.28
CA VAL G 430 13.82 14.89 1.31
C VAL G 430 14.14 15.67 0.05
N ALA G 431 13.11 16.10 -0.66
CA ALA G 431 13.24 16.87 -1.89
C ALA G 431 12.75 18.29 -1.65
N ASP G 432 13.59 19.28 -1.99
CA ASP G 432 13.22 20.67 -1.77
C ASP G 432 12.23 21.15 -2.82
N ASN G 433 12.47 20.84 -4.10
CA ASN G 433 11.62 21.28 -5.19
C ASN G 433 11.28 20.09 -6.07
N GLU G 434 10.54 20.36 -7.16
CA GLU G 434 10.12 19.29 -8.06
C GLU G 434 11.30 18.70 -8.83
N ASP G 435 12.26 19.56 -9.21
CA ASP G 435 13.43 19.05 -9.93
C ASP G 435 14.25 18.12 -9.05
N GLN G 436 14.41 18.45 -7.77
CA GLN G 436 15.08 17.53 -6.86
C GLN G 436 14.24 16.28 -6.62
N LYS G 437 12.91 16.42 -6.63
CA LYS G 437 12.05 15.24 -6.57
C LYS G 437 12.17 14.41 -7.85
N THR G 438 12.38 15.06 -9.00
CA THR G 438 12.59 14.34 -10.23
C THR G 438 13.86 13.49 -10.15
N GLY G 439 14.93 14.04 -9.56
CA GLY G 439 16.13 13.26 -9.37
C GLY G 439 15.93 12.05 -8.48
N ILE G 440 15.04 12.17 -7.49
CA ILE G 440 14.73 11.02 -6.64
C ILE G 440 14.11 9.90 -7.47
N GLU G 441 13.18 10.25 -8.37
CA GLU G 441 12.49 9.24 -9.17
C GLU G 441 13.38 8.69 -10.27
N ILE G 442 14.36 9.46 -10.73
CA ILE G 442 15.34 8.93 -11.69
C ILE G 442 16.07 7.75 -11.08
N ILE G 443 16.48 7.87 -9.81
CA ILE G 443 17.11 6.75 -9.12
C ILE G 443 16.12 5.62 -8.91
N ARG G 444 14.84 5.95 -8.69
CA ARG G 444 13.84 4.91 -8.46
C ARG G 444 13.69 4.02 -9.69
N ARG G 445 13.59 4.63 -10.88
CA ARG G 445 13.45 3.86 -12.11
C ARG G 445 14.76 3.19 -12.51
N ALA G 446 15.90 3.70 -12.05
CA ALA G 446 17.18 3.11 -12.40
C ALA G 446 17.49 1.86 -11.59
N LEU G 447 16.96 1.77 -10.37
CA LEU G 447 17.31 0.64 -9.49
C LEU G 447 16.80 -0.68 -10.05
N GLU G 448 15.69 -0.66 -10.80
CA GLU G 448 15.12 -1.86 -11.40
C GLU G 448 15.73 -2.19 -12.75
N GLU G 449 16.61 -1.34 -13.27
CA GLU G 449 17.21 -1.52 -14.59
C GLU G 449 18.13 -2.75 -14.66
N PRO G 450 19.01 -2.99 -13.68
CA PRO G 450 19.85 -4.19 -13.77
C PRO G 450 19.06 -5.50 -13.79
N LEU G 451 18.01 -5.61 -12.97
CA LEU G 451 17.17 -6.80 -13.02
C LEU G 451 16.45 -6.89 -14.36
N ARG G 452 16.03 -5.75 -14.91
CA ARG G 452 15.37 -5.74 -16.21
C ARG G 452 16.29 -6.24 -17.31
N GLN G 453 17.60 -5.95 -17.20
CA GLN G 453 18.55 -6.41 -18.20
C GLN G 453 18.89 -7.89 -18.04
N ILE G 454 18.94 -8.38 -16.80
CA ILE G 454 19.23 -9.78 -16.56
C ILE G 454 18.14 -10.66 -17.16
N VAL G 455 16.88 -10.26 -16.99
CA VAL G 455 15.78 -11.02 -17.57
C VAL G 455 15.77 -10.87 -19.09
N ALA G 456 16.15 -9.69 -19.59
CA ALA G 456 16.20 -9.49 -21.03
C ALA G 456 17.25 -10.37 -21.69
N ASN G 457 18.34 -10.68 -20.98
CA ASN G 457 19.36 -11.57 -21.51
C ASN G 457 18.88 -13.01 -21.66
N THR G 458 17.71 -13.35 -21.14
CA THR G 458 17.15 -14.68 -21.29
C THR G 458 16.43 -14.87 -22.62
N GLY G 459 16.13 -13.78 -23.34
CA GLY G 459 15.46 -13.86 -24.61
C GLY G 459 13.95 -13.81 -24.55
N THR G 460 13.36 -13.80 -23.36
CA THR G 460 11.91 -13.77 -23.24
C THR G 460 11.38 -12.35 -23.41
N THR G 461 10.29 -12.21 -24.15
CA THR G 461 9.61 -10.93 -24.29
C THR G 461 8.65 -10.65 -23.14
N ASP G 462 8.48 -11.59 -22.22
CA ASP G 462 7.59 -11.45 -21.09
C ASP G 462 8.28 -10.84 -19.87
N GLY G 463 9.54 -10.41 -20.01
CA GLY G 463 10.32 -9.90 -18.90
C GLY G 463 9.68 -8.78 -18.10
N ALA G 464 8.76 -8.04 -18.71
CA ALA G 464 8.04 -7.02 -17.97
C ALA G 464 7.23 -7.62 -16.83
N VAL G 465 6.76 -8.86 -16.98
CA VAL G 465 6.00 -9.51 -15.92
C VAL G 465 6.93 -9.93 -14.78
N VAL G 466 8.14 -10.38 -15.12
CA VAL G 466 9.08 -10.82 -14.10
C VAL G 466 9.47 -9.65 -13.20
N LEU G 467 9.61 -8.46 -13.78
CA LEU G 467 9.99 -7.30 -12.98
C LEU G 467 8.88 -6.90 -12.01
N GLU G 468 7.63 -6.91 -12.47
CA GLU G 468 6.53 -6.52 -11.60
C GLU G 468 6.28 -7.56 -10.52
N LYS G 469 6.51 -8.84 -10.82
CA LYS G 469 6.28 -9.89 -9.84
C LYS G 469 7.35 -9.89 -8.75
N VAL G 470 8.58 -9.53 -9.09
CA VAL G 470 9.65 -9.47 -8.09
C VAL G 470 9.53 -8.22 -7.25
N LYS G 471 9.12 -7.10 -7.86
CA LYS G 471 8.99 -5.85 -7.12
C LYS G 471 7.90 -5.94 -6.07
N ASN G 472 6.81 -6.65 -6.36
CA ASN G 472 5.73 -6.77 -5.39
C ASN G 472 6.12 -7.65 -4.20
N ALA G 473 6.91 -8.70 -4.45
CA ALA G 473 7.37 -9.55 -3.37
C ALA G 473 8.33 -8.80 -2.47
N GLU G 474 8.49 -9.30 -1.25
CA GLU G 474 9.36 -8.70 -0.26
C GLU G 474 10.41 -9.70 0.19
N GLY G 475 11.55 -9.18 0.66
CA GLY G 475 12.61 -10.03 1.16
C GLY G 475 13.51 -10.59 0.09
N ASP G 476 13.95 -11.83 0.27
CA ASP G 476 14.90 -12.48 -0.63
C ASP G 476 14.22 -13.21 -1.78
N TYR G 477 12.89 -13.09 -1.90
CA TYR G 477 12.20 -13.69 -3.03
C TYR G 477 12.52 -12.91 -4.31
N GLY G 478 12.99 -13.62 -5.33
CA GLY G 478 13.34 -13.00 -6.58
C GLY G 478 13.42 -14.01 -7.68
N PHE G 479 13.80 -13.55 -8.86
CA PHE G 479 13.90 -14.40 -10.05
C PHE G 479 15.33 -14.88 -10.22
N ASN G 480 15.48 -16.19 -10.43
CA ASN G 480 16.78 -16.81 -10.67
C ASN G 480 16.89 -17.06 -12.18
N ALA G 481 17.77 -16.31 -12.83
CA ALA G 481 17.92 -16.42 -14.28
C ALA G 481 18.67 -17.67 -14.71
N ARG G 482 19.42 -18.30 -13.80
CA ARG G 482 20.12 -19.53 -14.15
C ARG G 482 19.15 -20.67 -14.37
N THR G 483 18.22 -20.86 -13.44
CA THR G 483 17.19 -21.89 -13.57
C THR G 483 15.89 -21.37 -14.18
N GLU G 484 15.79 -20.06 -14.42
CA GLU G 484 14.58 -19.45 -14.98
C GLU G 484 13.35 -19.78 -14.16
N GLN G 485 13.45 -19.58 -12.85
CA GLN G 485 12.34 -19.88 -11.94
C GLN G 485 12.44 -18.98 -10.72
N TYR G 486 11.27 -18.66 -10.16
CA TYR G 486 11.22 -17.85 -8.94
C TYR G 486 11.55 -18.72 -7.73
N GLU G 487 12.28 -18.13 -6.79
CA GLU G 487 12.67 -18.82 -5.55
C GLU G 487 13.24 -17.78 -4.60
N ASN G 488 13.70 -18.26 -3.44
CA ASN G 488 14.39 -17.42 -2.47
C ASN G 488 15.87 -17.43 -2.80
N LEU G 489 16.41 -16.26 -3.16
CA LEU G 489 17.74 -16.22 -3.75
C LEU G 489 18.85 -16.42 -2.72
N ILE G 490 18.66 -15.93 -1.49
CA ILE G 490 19.71 -16.07 -0.49
C ILE G 490 19.93 -17.55 -0.14
N GLU G 491 18.85 -18.32 -0.04
CA GLU G 491 18.98 -19.74 0.23
C GLU G 491 19.30 -20.55 -1.03
N ALA G 492 19.23 -19.94 -2.21
CA ALA G 492 19.54 -20.62 -3.46
C ALA G 492 20.96 -20.40 -3.92
N GLY G 493 21.77 -19.65 -3.17
CA GLY G 493 23.14 -19.40 -3.53
C GLY G 493 23.38 -18.17 -4.37
N VAL G 494 22.35 -17.39 -4.65
CA VAL G 494 22.50 -16.16 -5.43
C VAL G 494 22.65 -15.00 -4.46
N VAL G 495 23.87 -14.44 -4.39
CA VAL G 495 24.18 -13.38 -3.46
C VAL G 495 25.26 -12.50 -4.07
N ASP G 496 25.25 -11.22 -3.69
CA ASP G 496 26.28 -10.27 -4.06
C ASP G 496 26.82 -9.60 -2.82
N PRO G 497 28.13 -9.32 -2.77
CA PRO G 497 28.67 -8.54 -1.65
C PRO G 497 28.04 -7.15 -1.62
N THR G 498 27.69 -6.70 -0.42
CA THR G 498 27.09 -5.38 -0.26
C THR G 498 28.00 -4.30 -0.81
N LYS G 499 29.32 -4.47 -0.65
CA LYS G 499 30.27 -3.51 -1.20
C LYS G 499 30.17 -3.42 -2.72
N VAL G 500 29.83 -4.53 -3.39
CA VAL G 500 29.68 -4.51 -4.83
C VAL G 500 28.46 -3.69 -5.24
N THR G 501 27.32 -3.94 -4.60
CA THR G 501 26.08 -3.29 -5.01
C THR G 501 26.11 -1.79 -4.71
N ARG G 502 26.57 -1.41 -3.50
CA ARG G 502 26.55 0.01 -3.13
C ARG G 502 27.59 0.81 -3.93
N SER G 503 28.69 0.17 -4.33
CA SER G 503 29.70 0.89 -5.10
C SER G 503 29.23 1.13 -6.54
N ALA G 504 28.58 0.12 -7.14
CA ALA G 504 28.09 0.27 -8.51
C ALA G 504 27.10 1.42 -8.60
N LEU G 505 26.27 1.59 -7.57
CA LEU G 505 25.31 2.69 -7.59
C LEU G 505 25.98 4.04 -7.37
N GLU G 506 26.91 4.10 -6.41
CA GLU G 506 27.60 5.36 -6.14
C GLU G 506 28.48 5.78 -7.31
N ASN G 507 29.14 4.82 -7.97
CA ASN G 507 29.96 5.15 -9.12
C ASN G 507 29.11 5.58 -10.30
N ALA G 508 28.02 4.85 -10.58
CA ALA G 508 27.16 5.19 -11.70
C ALA G 508 26.55 6.57 -11.54
N ALA G 509 25.99 6.86 -10.37
CA ALA G 509 25.40 8.17 -10.13
C ALA G 509 26.46 9.26 -10.15
N SER G 510 27.70 8.94 -9.80
CA SER G 510 28.76 9.94 -9.80
C SER G 510 29.06 10.42 -11.21
N VAL G 511 29.36 9.49 -12.12
CA VAL G 511 29.74 9.88 -13.48
C VAL G 511 28.55 10.46 -14.23
N ALA G 512 27.35 9.93 -13.97
CA ALA G 512 26.16 10.47 -14.63
C ALA G 512 25.85 11.89 -14.18
N SER G 513 26.19 12.23 -12.93
CA SER G 513 25.99 13.60 -12.47
C SER G 513 26.99 14.56 -13.08
N ILE G 514 28.22 14.09 -13.34
CA ILE G 514 29.22 14.95 -13.98
C ILE G 514 28.79 15.26 -15.42
N LEU G 515 28.29 14.26 -16.14
CA LEU G 515 27.90 14.49 -17.52
C LEU G 515 26.67 15.38 -17.62
N LEU G 516 25.72 15.22 -16.68
CA LEU G 516 24.55 16.08 -16.67
C LEU G 516 24.91 17.54 -16.45
N THR G 517 25.99 17.79 -15.71
CA THR G 517 26.44 19.14 -15.41
C THR G 517 27.51 19.65 -16.36
N THR G 518 27.88 18.86 -17.38
CA THR G 518 28.92 19.28 -18.31
C THR G 518 28.33 20.22 -19.36
N GLU G 519 28.82 21.46 -19.40
CA GLU G 519 28.36 22.44 -20.36
C GLU G 519 29.28 22.61 -21.57
N ALA G 520 30.44 21.96 -21.60
CA ALA G 520 31.36 22.13 -22.72
C ALA G 520 32.21 20.88 -22.89
N ALA G 521 32.49 20.53 -24.13
CA ALA G 521 33.34 19.40 -24.48
C ALA G 521 34.40 19.88 -25.45
N ILE G 522 35.66 19.84 -25.02
CA ILE G 522 36.78 20.33 -25.82
C ILE G 522 37.64 19.13 -26.23
N THR G 523 37.93 19.03 -27.53
CA THR G 523 38.74 17.94 -28.04
C THR G 523 39.59 18.43 -29.20
N ASP G 524 40.68 17.73 -29.45
CA ASP G 524 41.62 18.11 -30.49
C ASP G 524 41.01 17.95 -31.87
N VAL G 525 41.57 18.66 -32.84
CA VAL G 525 41.16 18.55 -34.24
C VAL G 525 41.86 17.36 -34.87
N LYS G 526 41.12 16.58 -35.65
CA LYS G 526 41.68 15.42 -36.33
C LYS G 526 42.58 15.84 -37.50
N THR H 2 5.04 45.80 -64.56
CA THR H 2 5.78 44.58 -64.24
C THR H 2 7.05 44.90 -63.46
N ALA H 3 7.64 43.87 -62.84
CA ALA H 3 8.86 44.07 -62.07
C ALA H 3 9.99 44.56 -62.96
N LYS H 4 10.90 45.31 -62.37
CA LYS H 4 11.96 45.99 -63.11
C LYS H 4 13.33 45.59 -62.57
N ASP H 5 14.33 45.72 -63.46
CA ASP H 5 15.73 45.68 -63.09
C ASP H 5 16.33 47.06 -63.36
N ILE H 6 17.22 47.50 -62.48
CA ILE H 6 17.78 48.84 -62.56
C ILE H 6 19.30 48.76 -62.49
N LEU H 7 19.97 49.41 -63.45
CA LEU H 7 21.41 49.59 -63.43
C LEU H 7 21.72 51.06 -63.13
N PHE H 8 22.78 51.30 -62.36
CA PHE H 8 23.12 52.64 -61.91
C PHE H 8 24.50 53.06 -62.42
N ASP H 9 24.62 54.36 -62.67
CA ASP H 9 25.87 55.06 -62.97
C ASP H 9 26.77 54.32 -63.96
N ALA H 10 28.01 54.03 -63.56
CA ALA H 10 28.99 53.47 -64.48
C ALA H 10 28.56 52.11 -65.02
N GLU H 11 27.83 51.31 -64.23
CA GLU H 11 27.36 50.03 -64.72
C GLU H 11 26.32 50.21 -65.82
N ALA H 12 25.41 51.17 -65.63
CA ALA H 12 24.39 51.42 -66.65
C ALA H 12 24.99 52.08 -67.88
N ARG H 13 25.87 53.06 -67.70
CA ARG H 13 26.44 53.76 -68.83
C ARG H 13 27.37 52.87 -69.65
N THR H 14 27.99 51.87 -69.02
CA THR H 14 28.82 50.94 -69.77
C THR H 14 27.98 50.00 -70.63
N LYS H 15 26.87 49.49 -70.06
CA LYS H 15 25.99 48.62 -70.84
C LYS H 15 25.36 49.39 -71.99
N LEU H 16 24.99 50.65 -71.77
CA LEU H 16 24.44 51.47 -72.84
C LEU H 16 25.46 51.65 -73.96
N LYS H 17 26.74 51.78 -73.61
CA LYS H 17 27.78 51.95 -74.62
C LYS H 17 27.88 50.73 -75.54
N VAL H 18 27.63 49.54 -75.00
CA VAL H 18 27.69 48.33 -75.82
C VAL H 18 26.66 48.39 -76.94
N GLY H 19 25.45 48.85 -76.61
CA GLY H 19 24.42 48.98 -77.63
C GLY H 19 24.73 50.08 -78.64
N VAL H 20 25.31 51.19 -78.17
CA VAL H 20 25.67 52.27 -79.09
C VAL H 20 26.75 51.82 -80.05
N ASP H 21 27.72 51.04 -79.56
CA ASP H 21 28.80 50.57 -80.42
C ASP H 21 28.28 49.56 -81.46
N LYS H 22 27.34 48.69 -81.06
CA LYS H 22 26.81 47.70 -82.00
C LYS H 22 26.06 48.38 -83.14
N LEU H 23 25.31 49.43 -82.85
CA LEU H 23 24.65 50.17 -83.92
C LEU H 23 25.66 50.93 -84.77
N ALA H 24 26.63 51.58 -84.12
CA ALA H 24 27.60 52.38 -84.85
C ALA H 24 28.48 51.51 -85.74
N ASN H 25 29.04 50.43 -85.19
CA ASN H 25 29.96 49.60 -85.97
C ASN H 25 29.27 48.96 -87.17
N ALA H 26 27.97 48.68 -87.07
CA ALA H 26 27.26 48.05 -88.18
C ALA H 26 26.94 49.05 -89.28
N VAL H 27 26.54 50.26 -88.91
CA VAL H 27 26.15 51.25 -89.91
C VAL H 27 27.37 51.93 -90.53
N LYS H 28 28.41 52.19 -89.73
CA LYS H 28 29.52 53.01 -90.18
C LYS H 28 30.37 52.36 -91.26
N VAL H 29 30.23 51.05 -91.49
CA VAL H 29 30.97 50.42 -92.57
C VAL H 29 30.43 50.83 -93.94
N THR H 30 29.24 51.43 -93.98
CA THR H 30 28.63 51.89 -95.22
C THR H 30 28.86 53.38 -95.48
N LEU H 31 29.55 54.07 -94.57
CA LEU H 31 29.69 55.52 -94.70
C LEU H 31 30.60 55.89 -95.85
N GLY H 32 30.18 56.88 -96.63
CA GLY H 32 30.99 57.39 -97.71
C GLY H 32 30.76 56.67 -99.02
N PRO H 33 31.41 57.15 -100.09
CA PRO H 33 31.29 56.48 -101.39
C PRO H 33 32.00 55.14 -101.43
N ALA H 34 32.93 54.89 -100.51
CA ALA H 34 33.64 53.62 -100.41
C ALA H 34 32.92 52.63 -99.50
N GLY H 35 31.74 52.96 -99.02
CA GLY H 35 30.98 52.11 -98.12
C GLY H 35 30.83 50.70 -98.62
N ARG H 36 30.91 49.73 -97.71
CA ARG H 36 30.96 48.32 -98.07
C ARG H 36 29.60 47.67 -97.84
N ASN H 37 29.52 46.38 -98.19
CA ASN H 37 28.25 45.67 -98.19
C ASN H 37 27.89 45.16 -96.80
N VAL H 38 26.59 45.15 -96.52
CA VAL H 38 26.04 44.56 -95.30
C VAL H 38 24.93 43.60 -95.71
N LEU H 39 25.08 42.33 -95.34
CA LEU H 39 24.08 41.32 -95.66
C LEU H 39 23.05 41.21 -94.54
N ILE H 40 21.78 41.36 -94.89
CA ILE H 40 20.68 41.27 -93.94
C ILE H 40 19.82 40.09 -94.33
N ASP H 41 19.67 39.14 -93.40
CA ASP H 41 18.96 37.90 -93.70
C ASP H 41 17.46 38.14 -93.81
N LYS H 42 16.80 37.29 -94.59
CA LYS H 42 15.36 37.33 -94.77
C LYS H 42 14.76 35.98 -94.39
N LYS H 43 13.44 35.97 -94.21
CA LYS H 43 12.75 34.76 -93.76
C LYS H 43 12.98 33.60 -94.73
N PHE H 44 13.00 33.89 -96.04
CA PHE H 44 13.21 32.85 -97.03
C PHE H 44 13.90 33.44 -98.24
N GLY H 45 14.70 32.62 -98.91
CA GLY H 45 15.40 33.04 -100.10
C GLY H 45 16.73 33.70 -99.81
N ALA H 46 17.26 34.39 -100.82
CA ALA H 46 18.53 35.06 -100.69
C ALA H 46 18.39 36.30 -99.80
N PRO H 47 19.45 36.66 -99.07
CA PRO H 47 19.37 37.85 -98.19
C PRO H 47 19.40 39.15 -98.96
N THR H 48 19.48 40.26 -98.24
CA THR H 48 19.52 41.59 -98.83
C THR H 48 20.92 42.16 -98.64
N SER H 49 21.54 42.56 -99.74
CA SER H 49 22.84 43.22 -99.73
C SER H 49 22.62 44.71 -99.90
N THR H 50 23.13 45.51 -98.97
CA THR H 50 22.92 46.95 -99.01
C THR H 50 24.16 47.70 -98.54
N LYS H 51 24.50 48.76 -99.27
CA LYS H 51 25.50 49.73 -98.86
C LYS H 51 24.87 50.96 -98.21
N ASP H 52 23.56 50.94 -98.00
CA ASP H 52 22.83 52.08 -97.43
C ASP H 52 22.81 51.97 -95.92
N GLY H 53 23.29 53.02 -95.24
CA GLY H 53 23.32 53.01 -93.79
C GLY H 53 21.95 53.11 -93.16
N VAL H 54 20.99 53.72 -93.85
CA VAL H 54 19.64 53.84 -93.32
C VAL H 54 18.97 52.47 -93.25
N THR H 55 19.15 51.66 -94.30
CA THR H 55 18.55 50.32 -94.33
C THR H 55 19.14 49.44 -93.23
N VAL H 56 20.44 49.57 -92.98
CA VAL H 56 21.06 48.79 -91.92
C VAL H 56 20.57 49.24 -90.54
N ALA H 57 20.43 50.55 -90.35
CA ALA H 57 20.04 51.06 -89.04
C ALA H 57 18.63 50.62 -88.66
N LYS H 58 17.73 50.52 -89.63
CA LYS H 58 16.37 50.08 -89.35
C LYS H 58 16.32 48.64 -88.86
N GLU H 59 17.32 47.84 -89.19
CA GLU H 59 17.35 46.43 -88.80
C GLU H 59 18.11 46.16 -87.53
N ILE H 60 18.59 47.20 -86.83
CA ILE H 60 19.44 47.02 -85.67
C ILE H 60 18.56 46.94 -84.43
N GLU H 61 18.56 45.77 -83.79
CA GLU H 61 17.84 45.54 -82.55
C GLU H 61 18.61 44.49 -81.75
N LEU H 62 18.65 44.66 -80.44
CA LEU H 62 19.51 43.85 -79.59
C LEU H 62 18.68 43.08 -78.56
N VAL H 63 19.26 41.98 -78.08
CA VAL H 63 18.58 41.14 -77.10
C VAL H 63 18.58 41.79 -75.72
N ASP H 64 19.75 42.26 -75.29
CA ASP H 64 19.88 42.87 -73.97
C ASP H 64 19.08 44.15 -73.91
N PRO H 65 18.14 44.30 -72.96
CA PRO H 65 17.28 45.49 -72.97
C PRO H 65 18.02 46.79 -72.71
N VAL H 66 19.05 46.76 -71.85
CA VAL H 66 19.81 47.98 -71.59
C VAL H 66 20.65 48.35 -72.80
N GLU H 67 21.30 47.36 -73.42
CA GLU H 67 22.05 47.63 -74.64
C GLU H 67 21.13 48.09 -75.76
N ASN H 68 19.94 47.51 -75.85
CA ASN H 68 19.00 47.91 -76.89
C ASN H 68 18.56 49.36 -76.71
N MET H 69 18.45 49.84 -75.48
CA MET H 69 18.07 51.22 -75.24
C MET H 69 19.08 52.18 -75.85
N GLY H 70 20.35 52.03 -75.49
CA GLY H 70 21.39 52.85 -76.08
C GLY H 70 21.44 52.75 -77.58
N ALA H 71 21.15 51.57 -78.13
CA ALA H 71 21.07 51.41 -79.58
C ALA H 71 19.91 52.22 -80.14
N GLN H 72 18.74 52.11 -79.53
CA GLN H 72 17.57 52.85 -80.03
C GLN H 72 17.66 54.34 -79.71
N MET H 73 18.36 54.69 -78.62
CA MET H 73 18.55 56.10 -78.28
C MET H 73 19.23 56.84 -79.43
N VAL H 74 20.46 56.47 -79.75
CA VAL H 74 21.20 57.14 -80.81
C VAL H 74 20.56 56.90 -82.17
N ARG H 75 19.76 55.84 -82.32
CA ARG H 75 19.13 55.55 -83.60
C ARG H 75 18.02 56.55 -83.92
N GLU H 76 17.20 56.88 -82.92
CA GLU H 76 16.11 57.82 -83.15
C GLU H 76 16.64 59.25 -83.28
N VAL H 77 17.62 59.62 -82.46
CA VAL H 77 18.16 60.98 -82.51
C VAL H 77 18.88 61.22 -83.83
N ALA H 78 19.63 60.22 -84.32
CA ALA H 78 20.31 60.37 -85.59
C ALA H 78 19.35 60.31 -86.77
N SER H 79 18.15 59.74 -86.59
CA SER H 79 17.18 59.71 -87.66
C SER H 79 16.58 61.08 -87.94
N LYS H 80 16.59 61.97 -86.94
CA LYS H 80 16.11 63.34 -87.14
C LYS H 80 17.10 64.20 -87.92
N THR H 81 18.32 63.71 -88.15
CA THR H 81 19.29 64.46 -88.94
C THR H 81 18.90 64.47 -90.41
N SER H 82 18.66 63.31 -90.98
CA SER H 82 18.25 63.18 -92.38
C SER H 82 16.75 63.30 -92.56
N ASP H 83 16.00 63.52 -91.48
CA ASP H 83 14.55 63.66 -91.54
C ASP H 83 14.15 64.90 -92.36
N ALA H 85 17.48 62.83 -96.15
CA ALA H 85 18.54 61.93 -96.59
C ALA H 85 19.89 62.62 -96.55
N GLY H 86 20.77 62.23 -97.47
CA GLY H 86 22.08 62.83 -97.57
C GLY H 86 23.16 62.20 -96.73
N ASP H 87 22.98 60.97 -96.26
CA ASP H 87 23.93 60.18 -95.49
C ASP H 87 24.19 60.76 -94.11
N GLY H 88 23.59 61.90 -93.76
CA GLY H 88 23.84 62.53 -92.47
C GLY H 88 23.42 61.71 -91.27
N THR H 89 22.50 60.76 -91.46
CA THR H 89 22.07 59.91 -90.35
C THR H 89 23.19 58.97 -89.90
N THR H 90 24.03 58.52 -90.84
CA THR H 90 25.16 57.68 -90.47
C THR H 90 26.27 58.51 -89.83
N THR H 91 26.52 59.71 -90.35
CA THR H 91 27.52 60.59 -89.78
C THR H 91 27.18 60.94 -88.33
N ALA H 92 25.90 61.22 -88.06
CA ALA H 92 25.49 61.52 -86.69
C ALA H 92 25.73 60.34 -85.77
N THR H 93 25.51 59.12 -86.25
CA THR H 93 25.77 57.94 -85.44
C THR H 93 27.25 57.78 -85.16
N VAL H 94 28.10 57.93 -86.18
CA VAL H 94 29.54 57.86 -85.99
C VAL H 94 30.00 58.92 -85.00
N LEU H 95 29.48 60.15 -85.14
CA LEU H 95 29.84 61.21 -84.21
C LEU H 95 29.33 60.91 -82.81
N ALA H 96 28.13 60.34 -82.69
CA ALA H 96 27.59 60.02 -81.37
C ALA H 96 28.41 58.95 -80.66
N GLN H 97 28.99 58.01 -81.41
CA GLN H 97 29.82 56.99 -80.80
C GLN H 97 31.12 57.59 -80.25
N ALA H 98 31.79 58.42 -81.04
CA ALA H 98 33.06 58.99 -80.61
C ALA H 98 32.89 59.91 -79.41
N ILE H 99 31.83 60.72 -79.41
CA ILE H 99 31.61 61.64 -78.29
C ILE H 99 31.29 60.86 -77.02
N TYR H 100 30.44 59.83 -77.13
CA TYR H 100 30.06 59.07 -75.95
C TYR H 100 31.21 58.19 -75.45
N ARG H 101 32.03 57.66 -76.35
CA ARG H 101 33.16 56.84 -75.92
C ARG H 101 34.19 57.68 -75.16
N GLU H 102 34.64 58.78 -75.76
CA GLU H 102 35.63 59.63 -75.08
C GLU H 102 35.02 60.33 -73.87
N GLY H 103 33.72 60.59 -73.90
CA GLY H 103 33.08 61.17 -72.73
C GLY H 103 33.12 60.23 -71.53
N LEU H 104 32.69 58.98 -71.74
CA LEU H 104 32.75 57.98 -70.67
C LEU H 104 34.18 57.75 -70.21
N LYS H 105 35.15 57.81 -71.12
CA LYS H 105 36.54 57.59 -70.76
C LYS H 105 37.02 58.64 -69.76
N ASN H 106 36.58 59.89 -69.91
CA ASN H 106 36.94 60.93 -68.98
C ASN H 106 36.11 60.89 -67.69
N VAL H 107 34.89 60.35 -67.76
CA VAL H 107 34.09 60.18 -66.54
C VAL H 107 34.79 59.20 -65.60
N THR H 108 35.34 58.12 -66.14
CA THR H 108 36.13 57.20 -65.34
C THR H 108 37.39 57.89 -64.81
N ALA H 109 37.97 58.79 -65.59
CA ALA H 109 39.16 59.52 -65.17
C ALA H 109 38.86 60.56 -64.10
N GLY H 110 37.60 60.78 -63.75
CA GLY H 110 37.23 61.73 -62.71
C GLY H 110 36.58 63.01 -63.20
N ALA H 111 36.33 63.15 -64.49
CA ALA H 111 35.65 64.34 -64.98
C ALA H 111 34.18 64.32 -64.59
N ARG H 112 33.65 65.49 -64.26
CA ARG H 112 32.22 65.60 -63.93
C ARG H 112 31.39 65.46 -65.20
N PRO H 113 30.37 64.60 -65.20
CA PRO H 113 29.58 64.42 -66.44
C PRO H 113 28.88 65.69 -66.90
N ILE H 114 28.40 66.52 -65.96
CA ILE H 114 27.69 67.72 -66.38
C ILE H 114 28.65 68.80 -66.88
N ASP H 115 29.89 68.82 -66.37
CA ASP H 115 30.88 69.76 -66.90
C ASP H 115 31.35 69.35 -68.28
N LEU H 116 31.46 68.04 -68.53
CA LEU H 116 31.75 67.57 -69.88
C LEU H 116 30.64 67.96 -70.84
N LYS H 117 29.39 67.86 -70.39
CA LYS H 117 28.26 68.25 -71.24
C LYS H 117 28.29 69.74 -71.54
N ARG H 118 28.66 70.56 -70.55
CA ARG H 118 28.74 72.00 -70.78
C ARG H 118 29.83 72.33 -71.79
N GLY H 119 31.01 71.73 -71.63
CA GLY H 119 32.07 71.95 -72.59
C GLY H 119 31.75 71.40 -73.97
N ILE H 120 30.91 70.36 -74.02
CA ILE H 120 30.51 69.81 -75.32
C ILE H 120 29.56 70.76 -76.02
N ASP H 121 28.56 71.28 -75.30
CA ASP H 121 27.57 72.15 -75.92
C ASP H 121 28.20 73.45 -76.40
N ARG H 122 29.08 74.06 -75.58
CA ARG H 122 29.76 75.27 -76.01
C ARG H 122 30.65 75.01 -77.22
N ALA H 123 31.23 73.82 -77.31
CA ALA H 123 32.05 73.49 -78.48
C ALA H 123 31.20 73.35 -79.73
N VAL H 124 30.00 72.77 -79.60
CA VAL H 124 29.15 72.55 -80.76
C VAL H 124 28.64 73.87 -81.30
N LYS H 125 28.27 74.81 -80.42
CA LYS H 125 27.77 76.10 -80.88
C LYS H 125 28.80 76.83 -81.73
N GLU H 126 30.08 76.75 -81.34
CA GLU H 126 31.12 77.44 -82.09
C GLU H 126 31.51 76.70 -83.37
N VAL H 127 31.36 75.37 -83.39
CA VAL H 127 31.63 74.63 -84.62
C VAL H 127 30.52 74.89 -85.64
N VAL H 128 29.27 74.91 -85.19
CA VAL H 128 28.16 75.21 -86.08
C VAL H 128 28.25 76.66 -86.58
N ALA H 129 28.62 77.59 -85.70
CA ALA H 129 28.81 78.97 -86.11
C ALA H 129 29.91 79.08 -87.16
N GLU H 130 31.05 78.44 -86.92
CA GLU H 130 32.11 78.40 -87.93
C GLU H 130 31.66 77.66 -89.18
N LEU H 131 30.74 76.71 -89.03
CA LEU H 131 30.21 76.01 -90.19
C LEU H 131 29.37 76.93 -91.06
N ARG H 132 28.79 77.97 -90.48
CA ARG H 132 28.03 78.95 -91.27
C ARG H 132 28.97 79.80 -92.13
N ASN H 133 30.10 80.23 -91.56
CA ASN H 133 31.00 81.11 -92.29
C ASN H 133 31.58 80.42 -93.51
N ILE H 134 31.99 79.16 -93.38
CA ILE H 134 32.55 78.41 -94.50
C ILE H 134 31.47 78.00 -95.50
N SER H 135 30.20 78.12 -95.13
CA SER H 135 29.11 77.71 -96.01
C SER H 135 28.91 78.72 -97.13
N ARG H 136 28.62 78.20 -98.33
CA ARG H 136 28.31 79.01 -99.49
C ARG H 136 26.83 78.84 -99.82
N SER H 137 26.07 79.93 -99.73
CA SER H 137 24.63 79.87 -99.94
C SER H 137 24.30 79.65 -101.41
N ILE H 138 23.09 79.15 -101.65
CA ILE H 138 22.57 78.88 -102.99
C ILE H 138 21.31 79.71 -103.19
N SER H 139 21.28 80.47 -104.29
CA SER H 139 20.11 81.28 -104.62
C SER H 139 20.05 81.46 -106.14
N GLY H 140 18.84 81.67 -106.64
CA GLY H 140 18.65 81.86 -108.07
C GLY H 140 18.53 80.55 -108.82
N LYS H 141 17.87 80.62 -109.97
CA LYS H 141 17.64 79.41 -110.77
C LYS H 141 18.93 78.82 -111.29
N LYS H 142 19.95 79.65 -111.54
CA LYS H 142 21.20 79.17 -112.11
C LYS H 142 21.98 78.34 -111.10
N GLU H 143 22.10 78.82 -109.87
CA GLU H 143 22.85 78.08 -108.85
C GLU H 143 22.09 76.84 -108.41
N ILE H 144 20.76 76.92 -108.32
CA ILE H 144 19.95 75.76 -107.97
C ILE H 144 20.09 74.67 -109.03
N ALA H 145 20.19 75.07 -110.30
CA ALA H 145 20.34 74.11 -111.38
C ALA H 145 21.67 73.35 -111.28
N GLN H 146 22.68 73.98 -110.70
CA GLN H 146 23.96 73.29 -110.52
C GLN H 146 23.91 72.31 -109.36
N VAL H 147 23.24 72.68 -108.27
CA VAL H 147 23.12 71.76 -107.13
C VAL H 147 22.23 70.59 -107.48
N GLY H 148 21.15 70.84 -108.24
CA GLY H 148 20.30 69.75 -108.69
C GLY H 148 21.02 68.79 -109.64
N THR H 149 21.89 69.34 -110.49
CA THR H 149 22.68 68.48 -111.38
C THR H 149 23.68 67.63 -110.60
N ILE H 150 24.23 68.18 -109.51
CA ILE H 150 25.19 67.42 -108.71
C ILE H 150 24.48 66.26 -108.01
N SER H 151 23.32 66.53 -107.39
CA SER H 151 22.59 65.48 -106.69
C SER H 151 21.98 64.47 -107.64
N ALA H 152 21.87 64.81 -108.93
CA ALA H 152 21.37 63.89 -109.94
C ALA H 152 22.48 63.12 -110.64
N ASN H 153 23.73 63.25 -110.17
CA ASN H 153 24.90 62.64 -110.77
C ASN H 153 25.11 63.13 -112.20
N ASN H 154 25.45 64.42 -112.28
CA ASN H 154 25.83 65.08 -113.53
C ASN H 154 24.71 64.99 -114.58
N ASP H 155 23.48 65.27 -114.15
CA ASP H 155 22.34 65.30 -115.06
C ASP H 155 21.80 66.71 -115.15
N PRO H 156 22.03 67.42 -116.25
CA PRO H 156 21.45 68.78 -116.39
C PRO H 156 19.94 68.77 -116.54
N GLU H 157 19.35 67.66 -116.97
CA GLU H 157 17.90 67.60 -117.13
C GLU H 157 17.20 67.73 -115.79
N ILE H 158 17.60 66.92 -114.82
CA ILE H 158 16.98 66.97 -113.49
C ILE H 158 17.33 68.29 -112.80
N GLY H 159 18.56 68.78 -113.00
CA GLY H 159 18.94 70.04 -112.40
C GLY H 159 18.10 71.21 -112.91
N GLU H 160 17.80 71.20 -114.20
CA GLU H 160 16.95 72.26 -114.76
C GLU H 160 15.51 72.10 -114.31
N LEU H 161 15.02 70.87 -114.23
CA LEU H 161 13.64 70.63 -113.82
C LEU H 161 13.40 71.06 -112.38
N ILE H 162 14.33 70.74 -111.48
CA ILE H 162 14.18 71.14 -110.09
C ILE H 162 14.33 72.65 -109.94
N ALA H 163 15.27 73.24 -110.70
CA ALA H 163 15.42 74.69 -110.67
C ALA H 163 14.17 75.38 -111.20
N GLU H 164 13.54 74.81 -112.22
CA GLU H 164 12.30 75.37 -112.73
C GLU H 164 11.13 75.12 -111.78
N ALA H 165 11.15 73.99 -111.06
CA ALA H 165 10.08 73.71 -110.11
C ALA H 165 10.10 74.69 -108.95
N MET H 166 11.30 75.02 -108.45
CA MET H 166 11.40 75.98 -107.36
C MET H 166 11.16 77.41 -107.83
N ASP H 167 11.23 77.67 -109.14
CA ASP H 167 10.91 78.99 -109.65
C ASP H 167 9.40 79.20 -109.76
N LYS H 168 8.66 78.16 -110.15
CA LYS H 168 7.22 78.30 -110.33
C LYS H 168 6.50 78.40 -108.99
N VAL H 169 6.77 77.46 -108.08
CA VAL H 169 6.06 77.41 -106.81
C VAL H 169 6.74 78.22 -105.71
N GLY H 170 7.97 78.67 -105.94
CA GLY H 170 8.71 79.41 -104.93
C GLY H 170 9.69 78.54 -104.18
N LYS H 171 10.46 79.18 -103.30
CA LYS H 171 11.44 78.46 -102.50
C LYS H 171 10.79 77.65 -101.40
N ASP H 172 9.73 78.17 -100.79
CA ASP H 172 9.00 77.50 -99.72
C ASP H 172 7.79 76.72 -100.23
N GLY H 173 7.56 76.68 -101.53
CA GLY H 173 6.41 75.99 -102.06
C GLY H 173 6.50 74.48 -101.92
N VAL H 174 5.38 73.82 -102.18
CA VAL H 174 5.29 72.37 -102.07
C VAL H 174 5.59 71.75 -103.43
N ILE H 175 6.59 70.87 -103.47
CA ILE H 175 6.97 70.16 -104.69
C ILE H 175 6.87 68.67 -104.42
N THR H 176 6.29 67.95 -105.37
CA THR H 176 6.14 66.50 -105.27
C THR H 176 6.62 65.84 -106.56
N VAL H 177 6.96 64.56 -106.45
CA VAL H 177 7.44 63.77 -107.58
C VAL H 177 6.51 62.57 -107.73
N GLU H 178 5.95 62.40 -108.92
CA GLU H 178 5.04 61.31 -109.23
C GLU H 178 5.49 60.61 -110.50
N GLU H 179 5.40 59.29 -110.51
CA GLU H 179 5.75 58.54 -111.71
C GLU H 179 4.78 58.88 -112.83
N ALA H 180 5.32 59.23 -113.99
CA ALA H 180 4.50 59.73 -115.08
C ALA H 180 3.81 58.59 -115.82
N LYS H 181 2.61 58.89 -116.33
CA LYS H 181 1.87 57.97 -117.18
C LYS H 181 2.34 58.00 -118.62
N GLY H 182 3.36 58.81 -118.93
CA GLY H 182 3.89 58.91 -120.27
C GLY H 182 5.38 59.15 -120.19
N MET H 183 6.05 58.96 -121.32
CA MET H 183 7.50 58.89 -121.37
C MET H 183 8.17 60.24 -121.54
N GLU H 184 7.41 61.33 -121.56
CA GLU H 184 7.96 62.68 -121.66
C GLU H 184 7.90 63.35 -120.29
N THR H 185 9.06 63.72 -119.76
CA THR H 185 9.12 64.37 -118.46
C THR H 185 8.56 65.78 -118.55
N GLU H 186 7.57 66.09 -117.70
CA GLU H 186 6.89 67.37 -117.73
C GLU H 186 6.70 67.90 -116.32
N LEU H 187 6.36 69.18 -116.22
CA LEU H 187 6.11 69.85 -114.96
C LEU H 187 4.71 70.45 -115.00
N LYS H 188 3.92 70.16 -113.96
CA LYS H 188 2.53 70.61 -113.90
C LYS H 188 2.23 71.10 -112.49
N VAL H 189 1.75 72.34 -112.38
CA VAL H 189 1.33 72.92 -111.12
C VAL H 189 -0.18 72.76 -110.99
N VAL H 190 -0.62 72.21 -109.87
CA VAL H 190 -2.03 71.91 -109.63
C VAL H 190 -2.45 72.46 -108.28
N GLU H 191 -3.76 72.50 -108.05
CA GLU H 191 -4.29 72.97 -106.79
C GLU H 191 -4.08 71.93 -105.70
N GLY H 192 -3.58 72.38 -104.55
CA GLY H 192 -3.36 71.47 -103.44
C GLY H 192 -2.77 72.21 -102.26
N MET H 193 -2.55 71.45 -101.19
CA MET H 193 -2.01 72.02 -99.96
C MET H 193 -1.33 70.92 -99.16
N GLN H 194 -0.51 71.34 -98.20
CA GLN H 194 0.20 70.43 -97.32
C GLN H 194 0.09 70.94 -95.89
N PHE H 195 -0.11 70.02 -94.94
CA PHE H 195 -0.19 70.36 -93.53
C PHE H 195 0.70 69.42 -92.71
N ASP H 196 0.90 69.78 -91.45
CA ASP H 196 1.94 69.21 -90.62
C ASP H 196 1.54 67.94 -89.90
N ARG H 197 0.36 67.39 -90.18
CA ARG H 197 -0.08 66.14 -89.57
C ARG H 197 0.28 64.96 -90.48
N GLY H 198 0.89 63.93 -89.89
CA GLY H 198 1.23 62.71 -90.59
C GLY H 198 0.26 61.59 -90.31
N TYR H 199 0.70 60.37 -90.62
CA TYR H 199 -0.16 59.22 -90.39
C TYR H 199 -0.20 58.83 -88.91
N LEU H 200 -1.30 58.19 -88.52
CA LEU H 200 -1.55 57.81 -87.14
C LEU H 200 -1.00 56.44 -86.78
N SER H 201 -0.28 55.79 -87.70
CA SER H 201 0.24 54.44 -87.49
C SER H 201 1.12 54.03 -88.67
N PRO H 202 2.24 53.37 -88.41
CA PRO H 202 3.14 52.99 -89.52
C PRO H 202 2.57 51.94 -90.45
N TYR H 203 1.53 51.21 -90.03
CA TYR H 203 0.94 50.18 -90.87
C TYR H 203 0.06 50.75 -91.98
N PHE H 204 -0.20 52.05 -91.97
CA PHE H 204 -0.94 52.69 -93.06
C PHE H 204 -0.06 52.94 -94.29
N VAL H 205 1.25 52.72 -94.18
CA VAL H 205 2.17 53.04 -95.27
C VAL H 205 2.12 51.93 -96.31
N THR H 206 1.95 52.32 -97.57
CA THR H 206 1.89 51.36 -98.67
C THR H 206 3.26 51.03 -99.25
N ASN H 207 4.30 51.81 -98.94
CA ASN H 207 5.65 51.57 -99.44
C ASN H 207 6.63 51.65 -98.28
N SER H 208 7.27 50.53 -97.96
CA SER H 208 8.17 50.47 -96.82
C SER H 208 9.53 51.11 -97.10
N GLU H 209 9.89 51.27 -98.37
CA GLU H 209 11.19 51.86 -98.71
C GLU H 209 11.24 53.35 -98.35
N THR H 210 10.26 54.11 -98.85
CA THR H 210 10.21 55.55 -98.59
C THR H 210 9.41 55.89 -97.33
N MET H 211 8.72 54.93 -96.73
CA MET H 211 7.90 55.15 -95.53
C MET H 211 6.86 56.22 -95.77
N GLU H 212 6.30 56.24 -96.98
CA GLU H 212 5.28 57.23 -97.37
C GLU H 212 4.03 56.49 -97.81
N ALA H 213 2.92 56.77 -97.13
CA ALA H 213 1.62 56.22 -97.51
C ALA H 213 1.06 57.03 -98.67
N GLU H 214 0.82 56.39 -99.79
CA GLU H 214 0.34 57.05 -101.00
C GLU H 214 -0.96 56.42 -101.47
N LEU H 215 -1.96 57.26 -101.70
CA LEU H 215 -3.28 56.83 -102.13
C LEU H 215 -3.62 57.51 -103.44
N ASP H 216 -3.86 56.72 -104.48
CA ASP H 216 -4.18 57.24 -105.82
C ASP H 216 -5.69 57.21 -106.02
N GLU H 217 -6.25 58.37 -106.38
CA GLU H 217 -7.69 58.54 -106.55
C GLU H 217 -8.44 58.14 -105.29
N ALA H 218 -8.26 58.95 -104.25
CA ALA H 218 -8.76 58.67 -102.92
C ALA H 218 -9.79 59.70 -102.49
N LEU H 219 -10.62 59.30 -101.52
CA LEU H 219 -11.63 60.17 -100.96
C LEU H 219 -11.20 60.63 -99.56
N ILE H 220 -11.59 61.86 -99.22
CA ILE H 220 -11.17 62.50 -97.99
C ILE H 220 -12.40 62.66 -97.08
N LEU H 221 -12.33 62.09 -95.89
CA LEU H 221 -13.36 62.25 -94.87
C LEU H 221 -12.85 63.23 -93.83
N ILE H 222 -13.56 64.35 -93.67
CA ILE H 222 -13.15 65.43 -92.77
C ILE H 222 -14.10 65.42 -91.58
N HIS H 223 -13.58 65.08 -90.40
CA HIS H 223 -14.38 65.01 -89.17
C HIS H 223 -13.80 65.96 -88.14
N ASP H 224 -14.70 66.58 -87.36
CA ASP H 224 -14.28 67.60 -86.40
C ASP H 224 -13.76 66.99 -85.11
N LYS H 225 -14.36 65.89 -84.65
CA LYS H 225 -14.09 65.33 -83.33
C LYS H 225 -13.36 64.00 -83.44
N LYS H 226 -13.10 63.40 -82.28
CA LYS H 226 -12.34 62.17 -82.21
C LYS H 226 -13.17 60.99 -82.71
N ILE H 227 -12.47 59.92 -83.08
CA ILE H 227 -13.12 58.70 -83.54
C ILE H 227 -12.69 57.52 -82.67
N LYS H 231 -16.33 52.54 -85.19
CA LYS H 231 -17.53 52.43 -84.37
C LYS H 231 -18.77 52.84 -85.13
N GLU H 232 -19.10 54.13 -85.09
CA GLU H 232 -20.25 54.68 -85.78
C GLU H 232 -19.94 55.16 -87.19
N LEU H 233 -18.71 54.99 -87.65
CA LEU H 233 -18.32 55.39 -89.00
C LEU H 233 -18.61 54.32 -90.04
N LEU H 234 -19.18 53.19 -89.63
CA LEU H 234 -19.44 52.09 -90.56
C LEU H 234 -20.26 52.48 -91.79
N PRO H 235 -21.37 53.24 -91.68
CA PRO H 235 -22.12 53.57 -92.90
C PRO H 235 -21.31 54.34 -93.92
N ILE H 236 -20.46 55.27 -93.47
CA ILE H 236 -19.61 56.02 -94.40
C ILE H 236 -18.39 55.20 -94.79
N LEU H 237 -17.83 54.43 -93.84
CA LEU H 237 -16.63 53.65 -94.13
C LEU H 237 -16.92 52.54 -95.12
N GLU H 238 -18.00 51.78 -94.90
CA GLU H 238 -18.37 50.72 -95.83
C GLU H 238 -18.82 51.26 -97.18
N LYS H 239 -19.23 52.54 -97.24
CA LYS H 239 -19.56 53.16 -98.52
C LYS H 239 -18.34 53.23 -99.42
N ALA H 240 -17.20 53.64 -98.88
CA ALA H 240 -15.97 53.72 -99.66
C ALA H 240 -15.40 52.35 -99.97
N ALA H 241 -15.70 51.34 -99.15
CA ALA H 241 -15.18 49.99 -99.40
C ALA H 241 -15.78 49.40 -100.67
N GLN H 242 -17.06 49.66 -100.92
CA GLN H 242 -17.72 49.20 -102.13
C GLN H 242 -17.67 50.21 -103.26
N SER H 243 -17.11 51.40 -103.02
CA SER H 243 -16.97 52.40 -104.07
C SER H 243 -15.70 52.20 -104.91
N GLY H 244 -14.75 51.41 -104.41
CA GLY H 244 -13.53 51.12 -105.13
C GLY H 244 -12.39 52.08 -104.86
N ARG H 245 -12.68 53.30 -104.39
CA ARG H 245 -11.62 54.25 -104.12
C ARG H 245 -11.10 54.11 -102.70
N PRO H 246 -9.80 54.36 -102.48
CA PRO H 246 -9.28 54.43 -101.12
C PRO H 246 -9.85 55.63 -100.38
N LEU H 247 -9.78 55.55 -99.05
CA LEU H 247 -10.38 56.56 -98.18
C LEU H 247 -9.33 57.16 -97.26
N LEU H 248 -9.33 58.49 -97.17
CA LEU H 248 -8.49 59.23 -96.23
C LEU H 248 -9.38 59.83 -95.15
N ILE H 249 -9.04 59.56 -93.89
CA ILE H 249 -9.83 60.01 -92.76
C ILE H 249 -9.07 61.13 -92.06
N ILE H 250 -9.63 62.33 -92.10
CA ILE H 250 -9.09 63.49 -91.42
C ILE H 250 -10.00 63.80 -90.24
N ALA H 251 -9.50 63.57 -89.03
CA ALA H 251 -10.29 63.79 -87.82
C ALA H 251 -9.37 64.30 -86.71
N GLU H 252 -9.97 64.55 -85.55
CA GLU H 252 -9.18 64.99 -84.40
C GLU H 252 -8.28 63.89 -83.90
N ASP H 253 -8.80 62.66 -83.81
CA ASP H 253 -8.00 61.50 -83.42
C ASP H 253 -8.72 60.20 -83.78
N GLU H 257 -9.50 52.71 -79.83
CA GLU H 257 -9.82 51.34 -80.20
C GLU H 257 -10.16 51.24 -81.68
N ALA H 258 -10.81 52.28 -82.21
CA ALA H 258 -11.18 52.29 -83.63
C ALA H 258 -9.96 52.44 -84.53
N LEU H 259 -8.84 52.95 -84.01
CA LEU H 259 -7.64 53.09 -84.83
C LEU H 259 -7.06 51.74 -85.20
N ALA H 260 -7.17 50.74 -84.32
CA ALA H 260 -6.66 49.41 -84.60
C ALA H 260 -7.55 48.64 -85.58
N THR H 261 -8.83 49.00 -85.68
CA THR H 261 -9.72 48.30 -86.61
C THR H 261 -9.37 48.63 -88.05
N LEU H 262 -8.90 49.85 -88.33
CA LEU H 262 -8.48 50.21 -89.67
C LEU H 262 -7.13 49.61 -90.05
N VAL H 263 -6.32 49.22 -89.06
CA VAL H 263 -5.03 48.61 -89.36
C VAL H 263 -5.21 47.20 -89.91
N VAL H 264 -6.20 46.47 -89.39
CA VAL H 264 -6.42 45.11 -89.83
C VAL H 264 -6.89 45.09 -91.28
N ASN H 265 -7.84 45.96 -91.62
CA ASN H 265 -8.33 46.03 -92.99
C ASN H 265 -7.29 46.59 -93.95
N LYS H 266 -6.28 47.30 -93.44
CA LYS H 266 -5.23 47.82 -94.32
C LYS H 266 -4.27 46.72 -94.74
N LEU H 267 -3.86 45.87 -93.79
CA LEU H 267 -2.97 44.76 -94.09
C LEU H 267 -3.68 43.62 -94.80
N ARG H 268 -5.00 43.56 -94.73
CA ARG H 268 -5.78 42.52 -95.41
C ARG H 268 -6.29 42.95 -96.77
N GLY H 269 -6.03 44.19 -97.18
CA GLY H 269 -6.47 44.66 -98.48
C GLY H 269 -7.95 45.00 -98.54
N THR H 270 -8.49 45.61 -97.49
CA THR H 270 -9.90 45.98 -97.47
C THR H 270 -10.16 47.13 -96.50
N LYS H 272 -7.18 49.83 -97.99
CA LYS H 272 -6.73 51.11 -98.55
C LYS H 272 -7.33 52.29 -97.78
N VAL H 273 -7.04 52.34 -96.48
CA VAL H 273 -7.55 53.39 -95.60
C VAL H 273 -6.38 53.98 -94.82
N ALA H 274 -6.29 55.30 -94.79
CA ALA H 274 -5.25 56.01 -94.05
C ALA H 274 -5.90 57.07 -93.17
N ALA H 275 -5.40 57.21 -91.95
CA ALA H 275 -5.93 58.15 -90.97
C ALA H 275 -4.88 59.20 -90.63
N VAL H 276 -5.32 60.46 -90.59
CA VAL H 276 -4.44 61.59 -90.32
C VAL H 276 -5.12 62.51 -89.31
N LYS H 277 -4.35 63.00 -88.34
CA LYS H 277 -4.87 63.93 -87.35
C LYS H 277 -5.23 65.26 -88.01
N ALA H 278 -6.12 66.00 -87.36
CA ALA H 278 -6.54 67.29 -87.88
C ALA H 278 -5.41 68.31 -87.73
N PRO H 279 -5.23 69.21 -88.70
CA PRO H 279 -4.14 70.18 -88.61
C PRO H 279 -4.44 71.27 -87.59
N GLY H 280 -3.40 71.69 -86.87
CA GLY H 280 -3.53 72.77 -85.92
C GLY H 280 -4.44 72.43 -84.75
N PHE H 281 -4.87 73.49 -84.05
CA PHE H 281 -5.78 73.36 -82.92
C PHE H 281 -6.65 74.61 -82.85
N GLY H 282 -7.57 74.62 -81.90
CA GLY H 282 -8.43 75.76 -81.66
C GLY H 282 -9.28 76.11 -82.87
N ASP H 283 -9.52 77.41 -83.05
CA ASP H 283 -10.30 77.87 -84.19
C ASP H 283 -9.51 77.75 -85.49
N ARG H 284 -8.19 77.77 -85.42
CA ARG H 284 -7.37 77.59 -86.62
C ARG H 284 -7.54 76.18 -87.18
N ARG H 285 -7.82 75.20 -86.33
CA ARG H 285 -8.07 73.85 -86.81
C ARG H 285 -9.33 73.79 -87.66
N LYS H 286 -10.45 74.26 -87.12
CA LYS H 286 -11.69 74.26 -87.88
C LYS H 286 -11.60 75.16 -89.12
N ALA H 287 -10.77 76.20 -89.05
CA ALA H 287 -10.57 77.06 -90.21
C ALA H 287 -9.81 76.34 -91.31
N MET H 288 -8.81 75.53 -90.95
CA MET H 288 -8.06 74.78 -91.93
C MET H 288 -8.84 73.59 -92.47
N LEU H 289 -9.74 73.02 -91.66
CA LEU H 289 -10.58 71.94 -92.15
C LEU H 289 -11.49 72.40 -93.28
N GLU H 290 -11.95 73.65 -93.22
CA GLU H 290 -12.76 74.19 -94.31
C GLU H 290 -11.92 74.40 -95.56
N ASP H 291 -10.66 74.80 -95.40
CA ASP H 291 -9.78 74.97 -96.54
C ASP H 291 -9.51 73.64 -97.25
N ILE H 292 -9.51 72.54 -96.49
CA ILE H 292 -9.32 71.23 -97.10
C ILE H 292 -10.58 70.80 -97.85
N ALA H 293 -11.75 71.11 -97.28
CA ALA H 293 -13.00 70.73 -97.93
C ALA H 293 -13.22 71.50 -99.22
N ILE H 294 -12.82 72.78 -99.25
CA ILE H 294 -12.97 73.57 -100.46
C ILE H 294 -11.99 73.12 -101.53
N LEU H 295 -10.77 72.78 -101.14
CA LEU H 295 -9.78 72.34 -102.11
C LEU H 295 -10.15 70.99 -102.71
N THR H 296 -10.69 70.09 -101.88
CA THR H 296 -11.07 68.75 -102.33
C THR H 296 -12.54 68.65 -102.74
N GLY H 297 -13.30 69.73 -102.61
CA GLY H 297 -14.70 69.70 -102.97
C GLY H 297 -15.58 68.89 -102.03
N GLY H 298 -15.17 68.76 -100.77
CA GLY H 298 -15.90 68.01 -99.79
C GLY H 298 -16.62 68.88 -98.78
N THR H 299 -17.02 68.26 -97.67
CA THR H 299 -17.76 68.95 -96.61
C THR H 299 -17.25 68.46 -95.27
N VAL H 300 -17.01 69.40 -94.36
CA VAL H 300 -16.52 69.05 -93.02
C VAL H 300 -17.68 68.52 -92.19
N ILE H 301 -17.47 67.36 -91.58
CA ILE H 301 -18.47 66.77 -90.70
C ILE H 301 -18.37 67.44 -89.33
N SER H 302 -19.46 68.05 -88.89
CA SER H 302 -19.49 68.75 -87.61
C SER H 302 -20.82 68.54 -86.90
N LYS H 305 -21.86 72.77 -87.16
CA LYS H 305 -22.00 71.79 -86.08
C LYS H 305 -23.32 71.03 -86.21
N GLY H 306 -23.96 71.17 -87.36
CA GLY H 306 -25.25 70.55 -87.59
C GLY H 306 -25.18 69.29 -88.44
N TYR H 307 -24.00 68.67 -88.49
CA TYR H 307 -23.79 67.46 -89.28
C TYR H 307 -23.57 66.27 -88.36
N LYS H 308 -23.95 65.09 -88.85
CA LYS H 308 -23.79 63.83 -88.15
C LYS H 308 -22.84 62.93 -88.92
N LEU H 309 -21.91 62.31 -88.20
CA LEU H 309 -20.91 61.45 -88.84
C LEU H 309 -21.53 60.20 -89.45
N GLU H 310 -22.67 59.75 -88.94
CA GLU H 310 -23.32 58.57 -89.49
C GLU H 310 -24.08 58.89 -90.77
N ASN H 311 -24.54 60.12 -90.93
CA ASN H 311 -25.28 60.52 -92.11
C ASN H 311 -24.48 61.50 -92.96
N THR H 313 -22.77 60.66 -96.10
CA THR H 313 -23.11 61.12 -97.44
C THR H 313 -21.88 61.16 -98.34
N MET H 314 -21.98 60.48 -99.48
CA MET H 314 -20.85 60.43 -100.41
C MET H 314 -20.56 61.78 -101.04
N ALA H 315 -21.54 62.68 -101.09
CA ALA H 315 -21.32 64.01 -101.63
C ALA H 315 -20.54 64.92 -100.69
N TYR H 316 -20.53 64.60 -99.39
CA TYR H 316 -19.79 65.39 -98.42
C TYR H 316 -18.31 65.03 -98.36
N LEU H 317 -17.89 63.98 -99.06
CA LEU H 317 -16.50 63.55 -99.06
C LEU H 317 -15.72 64.28 -100.15
N GLY H 318 -14.51 64.72 -99.81
CA GLY H 318 -13.65 65.34 -100.79
C GLY H 318 -12.97 64.34 -101.69
N GLN H 319 -12.52 64.81 -102.85
CA GLN H 319 -11.87 63.97 -103.84
C GLN H 319 -10.53 64.57 -104.21
N ALA H 320 -9.54 63.70 -104.43
CA ALA H 320 -8.21 64.12 -104.84
C ALA H 320 -7.55 63.00 -105.63
N ALA H 321 -6.60 63.37 -106.49
CA ALA H 321 -5.94 62.38 -107.34
C ALA H 321 -4.90 61.58 -106.56
N ARG H 322 -4.06 62.26 -105.78
CA ARG H 322 -2.98 61.59 -105.06
C ARG H 322 -2.82 62.22 -103.69
N ILE H 323 -2.67 61.37 -102.67
CA ILE H 323 -2.43 61.80 -101.30
C ILE H 323 -1.19 61.08 -100.79
N THR H 324 -0.14 61.85 -100.49
CA THR H 324 1.10 61.29 -99.96
C THR H 324 1.19 61.67 -98.48
N ILE H 325 1.34 60.67 -97.62
CA ILE H 325 1.37 60.85 -96.17
C ILE H 325 2.62 60.19 -95.63
N ASP H 326 3.54 60.99 -95.11
CA ASP H 326 4.69 60.48 -94.38
C ASP H 326 4.43 60.60 -92.89
N LYS H 327 5.43 60.28 -92.08
CA LYS H 327 5.26 60.37 -90.63
C LYS H 327 5.17 61.81 -90.12
N ASP H 328 5.37 62.79 -91.00
CA ASP H 328 5.33 64.20 -90.61
C ASP H 328 4.19 64.96 -91.30
N ASN H 329 4.21 65.06 -92.63
CA ASN H 329 3.29 65.93 -93.35
C ASN H 329 2.39 65.12 -94.28
N THR H 330 1.26 65.72 -94.63
CA THR H 330 0.31 65.14 -95.57
C THR H 330 0.11 66.11 -96.72
N THR H 331 0.36 65.66 -97.94
CA THR H 331 0.26 66.49 -99.13
C THR H 331 -0.95 66.06 -99.96
N ILE H 332 -1.80 67.01 -100.30
CA ILE H 332 -2.98 66.78 -101.12
C ILE H 332 -2.69 67.31 -102.52
N VAL H 333 -2.68 66.41 -103.51
CA VAL H 333 -2.34 66.75 -104.88
C VAL H 333 -3.59 66.65 -105.75
N GLU H 334 -3.79 67.64 -106.60
CA GLU H 334 -4.91 67.72 -107.54
C GLU H 334 -6.25 67.66 -106.78
N GLY H 335 -6.52 68.75 -106.07
CA GLY H 335 -7.80 68.89 -105.42
C GLY H 335 -8.93 68.99 -106.44
N LYS H 336 -9.96 68.16 -106.26
CA LYS H 336 -11.04 68.06 -107.25
C LYS H 336 -12.11 69.12 -107.06
N GLY H 337 -11.97 70.02 -106.09
CA GLY H 337 -12.94 71.09 -105.94
C GLY H 337 -12.94 72.04 -107.12
N LYS H 338 -14.05 72.77 -107.25
CA LYS H 338 -14.20 73.70 -108.36
C LYS H 338 -13.21 74.85 -108.22
N GLN H 339 -12.78 75.39 -109.37
CA GLN H 339 -11.79 76.46 -109.37
C GLN H 339 -12.37 77.77 -108.84
N GLU H 340 -13.67 77.99 -109.03
CA GLU H 340 -14.28 79.24 -108.60
C GLU H 340 -14.40 79.30 -107.07
N GLU H 341 -14.80 78.19 -106.44
CA GLU H 341 -14.97 78.20 -104.99
C GLU H 341 -13.64 78.22 -104.26
N ILE H 342 -12.55 77.79 -104.90
CA ILE H 342 -11.24 77.85 -104.26
C ILE H 342 -10.75 79.29 -104.18
N LYS H 343 -10.81 80.01 -105.31
CA LYS H 343 -10.40 81.41 -105.30
C LYS H 343 -11.42 82.29 -104.58
N ALA H 344 -12.65 81.81 -104.38
CA ALA H 344 -13.60 82.54 -103.56
C ALA H 344 -13.16 82.56 -102.10
N ARG H 345 -12.58 81.45 -101.63
CA ARG H 345 -12.00 81.43 -100.29
C ARG H 345 -10.78 82.33 -100.20
N ILE H 346 -10.05 82.50 -101.31
CA ILE H 346 -8.89 83.38 -101.31
C ILE H 346 -9.31 84.82 -101.02
N ASN H 347 -10.36 85.29 -101.70
CA ASN H 347 -10.87 86.63 -101.44
C ASN H 347 -11.43 86.75 -100.03
N GLU H 348 -12.03 85.69 -99.51
CA GLU H 348 -12.53 85.73 -98.13
C GLU H 348 -11.38 85.84 -97.13
N ILE H 349 -10.28 85.14 -97.38
CA ILE H 349 -9.13 85.21 -96.47
C ILE H 349 -8.45 86.57 -96.60
N LYS H 350 -8.18 87.01 -97.83
CA LYS H 350 -7.50 88.28 -98.04
C LYS H 350 -8.30 89.45 -97.48
N GLY H 351 -9.63 89.33 -97.44
CA GLY H 351 -10.43 90.39 -96.83
C GLY H 351 -10.20 90.53 -95.34
N GLN H 352 -9.75 89.46 -94.69
CA GLN H 352 -9.48 89.50 -93.25
C GLN H 352 -8.09 90.05 -92.93
N ILE H 353 -7.20 90.14 -93.92
CA ILE H 353 -5.88 90.70 -93.67
C ILE H 353 -5.98 92.18 -93.33
N GLU H 354 -6.79 92.92 -94.08
CA GLU H 354 -6.95 94.35 -93.79
C GLU H 354 -7.85 94.58 -92.59
N LYS H 355 -8.72 93.64 -92.27
CA LYS H 355 -9.64 93.75 -91.15
C LYS H 355 -9.04 93.22 -89.85
N SER H 356 -7.80 92.74 -89.86
CA SER H 356 -7.15 92.20 -88.67
C SER H 356 -6.40 93.32 -87.95
N THR H 357 -6.75 93.56 -86.69
CA THR H 357 -6.09 94.56 -85.87
C THR H 357 -4.95 93.99 -85.05
N SER H 358 -4.72 92.68 -85.13
CA SER H 358 -3.64 92.02 -84.38
C SER H 358 -2.58 91.50 -85.34
N ASP H 359 -1.33 91.54 -84.89
CA ASP H 359 -0.23 91.07 -85.71
C ASP H 359 -0.23 89.55 -85.85
N TYR H 360 -0.70 88.83 -84.82
CA TYR H 360 -0.74 87.38 -84.89
C TYR H 360 -1.75 86.88 -85.90
N ASP H 361 -2.86 87.59 -86.07
CA ASP H 361 -3.87 87.17 -87.04
C ASP H 361 -3.40 87.38 -88.47
N THR H 362 -2.71 88.50 -88.72
CA THR H 362 -2.26 88.80 -90.08
C THR H 362 -1.17 87.82 -90.53
N GLU H 363 -0.22 87.51 -89.65
CA GLU H 363 0.86 86.61 -90.02
C GLU H 363 0.38 85.19 -90.23
N LYS H 364 -0.60 84.75 -89.44
CA LYS H 364 -1.07 83.37 -89.55
C LYS H 364 -2.01 83.17 -90.74
N LEU H 365 -2.76 84.21 -91.13
CA LEU H 365 -3.62 84.09 -92.30
C LEU H 365 -2.85 84.04 -93.60
N GLN H 366 -1.62 84.57 -93.62
CA GLN H 366 -0.80 84.48 -94.82
C GLN H 366 -0.33 83.05 -95.07
N GLU H 367 -0.08 82.29 -94.00
CA GLU H 367 0.24 80.87 -94.15
C GLU H 367 -0.95 80.12 -94.73
N ARG H 368 -2.15 80.44 -94.27
CA ARG H 368 -3.36 79.83 -94.81
C ARG H 368 -3.59 80.27 -96.25
N LEU H 369 -3.19 81.50 -96.60
CA LEU H 369 -3.37 81.99 -97.96
C LEU H 369 -2.38 81.35 -98.93
N ALA H 370 -1.14 81.14 -98.48
CA ALA H 370 -0.11 80.58 -99.36
C ALA H 370 -0.38 79.12 -99.72
N LYS H 371 -1.17 78.41 -98.91
CA LYS H 371 -1.45 77.01 -99.21
C LYS H 371 -2.44 76.88 -100.35
N LEU H 372 -3.55 77.62 -100.28
CA LEU H 372 -4.59 77.50 -101.31
C LEU H 372 -4.17 78.19 -102.62
N SER H 373 -3.59 79.38 -102.52
CA SER H 373 -3.21 80.12 -103.73
C SER H 373 -1.91 79.58 -104.34
N GLY H 374 -1.04 78.99 -103.52
CA GLY H 374 0.23 78.51 -104.04
C GLY H 374 0.10 77.25 -104.87
N GLY H 375 -0.65 76.28 -104.36
CA GLY H 375 -0.82 75.01 -105.05
C GLY H 375 0.29 74.03 -104.73
N VAL H 376 0.39 73.01 -105.59
CA VAL H 376 1.38 71.95 -105.43
C VAL H 376 2.03 71.72 -106.79
N ALA H 377 3.35 71.88 -106.85
CA ALA H 377 4.10 71.60 -108.06
C ALA H 377 4.38 70.10 -108.16
N VAL H 378 4.01 69.50 -109.29
CA VAL H 378 4.13 68.07 -109.49
C VAL H 378 5.20 67.81 -110.54
N LEU H 379 6.15 66.93 -110.22
CA LEU H 379 7.20 66.54 -111.13
C LEU H 379 6.89 65.14 -111.67
N LYS H 380 6.53 65.07 -112.94
CA LYS H 380 6.24 63.80 -113.60
C LYS H 380 7.44 63.40 -114.44
N ILE H 381 8.06 62.28 -114.08
CA ILE H 381 9.34 61.86 -114.65
C ILE H 381 9.08 60.78 -115.69
N GLY H 382 9.53 61.02 -116.92
CA GLY H 382 9.46 60.04 -117.97
C GLY H 382 10.82 59.38 -118.24
N ALA H 383 10.77 58.30 -119.02
CA ALA H 383 11.97 57.54 -119.37
C ALA H 383 11.65 56.67 -120.57
N SER H 384 12.64 55.90 -121.02
CA SER H 384 12.44 54.99 -122.14
C SER H 384 11.72 53.72 -121.71
N THR H 385 12.16 53.12 -120.60
CA THR H 385 11.63 51.85 -120.12
C THR H 385 10.99 52.04 -118.75
N GLU H 386 10.00 51.20 -118.44
CA GLU H 386 9.35 51.25 -117.14
C GLU H 386 10.32 50.93 -116.01
N VAL H 387 11.30 50.07 -116.28
CA VAL H 387 12.34 49.80 -115.28
C VAL H 387 13.21 51.04 -115.06
N GLU H 388 13.55 51.73 -116.15
CA GLU H 388 14.30 52.98 -116.03
C GLU H 388 13.43 54.12 -115.53
N MET H 389 12.10 53.97 -115.60
CA MET H 389 11.21 55.04 -115.17
C MET H 389 11.22 55.19 -113.65
N LYS H 390 11.10 54.07 -112.93
CA LYS H 390 11.14 54.13 -111.47
C LYS H 390 12.55 54.41 -110.96
N GLU H 391 13.57 54.03 -111.73
CA GLU H 391 14.94 54.29 -111.31
C GLU H 391 15.27 55.78 -111.43
N LYS H 392 14.84 56.41 -112.52
CA LYS H 392 15.07 57.85 -112.67
C LYS H 392 14.20 58.65 -111.71
N LYS H 393 13.01 58.15 -111.38
CA LYS H 393 12.14 58.86 -110.43
C LYS H 393 12.77 58.94 -109.06
N ALA H 394 13.36 57.84 -108.57
CA ALA H 394 14.02 57.85 -107.27
C ALA H 394 15.23 58.76 -107.28
N ARG H 395 15.86 58.97 -108.44
CA ARG H 395 16.97 59.89 -108.54
C ARG H 395 16.52 61.34 -108.39
N VAL H 396 15.34 61.65 -108.94
CA VAL H 396 14.82 63.01 -108.84
C VAL H 396 14.38 63.31 -107.42
N GLU H 397 13.80 62.32 -106.73
CA GLU H 397 13.37 62.54 -105.35
C GLU H 397 14.54 62.87 -104.44
N ASP H 398 15.64 62.12 -104.57
CA ASP H 398 16.82 62.39 -103.76
C ASP H 398 17.46 63.72 -104.17
N ALA H 399 17.44 64.04 -105.46
CA ALA H 399 18.00 65.31 -105.92
C ALA H 399 17.16 66.48 -105.45
N LEU H 400 15.83 66.35 -105.48
CA LEU H 400 14.97 67.42 -105.00
C LEU H 400 15.12 67.63 -103.50
N HIS H 401 15.30 66.54 -102.74
CA HIS H 401 15.45 66.67 -101.30
C HIS H 401 16.77 67.33 -100.93
N ALA H 402 17.86 66.96 -101.60
CA ALA H 402 19.15 67.56 -101.29
C ALA H 402 19.21 69.02 -101.76
N THR H 403 18.64 69.31 -102.93
CA THR H 403 18.65 70.68 -103.43
C THR H 403 17.83 71.62 -102.53
N ARG H 404 16.69 71.13 -102.04
CA ARG H 404 15.85 71.96 -101.19
C ARG H 404 16.54 72.29 -99.88
N ALA H 405 17.33 71.35 -99.34
CA ALA H 405 18.07 71.62 -98.12
C ALA H 405 19.27 72.52 -98.38
N ALA H 406 19.86 72.43 -99.58
CA ALA H 406 21.02 73.25 -99.90
C ALA H 406 20.64 74.72 -100.04
N VAL H 407 19.40 75.01 -100.43
CA VAL H 407 18.98 76.40 -100.57
C VAL H 407 18.82 77.05 -99.20
N GLN H 408 18.24 76.32 -98.25
CA GLN H 408 17.95 76.87 -96.93
C GLN H 408 19.19 77.38 -96.22
N GLU H 409 20.06 76.47 -95.77
CA GLU H 409 21.21 76.81 -94.96
C GLU H 409 22.52 76.92 -95.73
N GLY H 410 22.50 76.71 -97.04
CA GLY H 410 23.71 76.77 -97.84
C GLY H 410 24.30 75.38 -98.09
N ILE H 411 25.58 75.39 -98.47
CA ILE H 411 26.31 74.17 -98.80
C ILE H 411 27.73 74.27 -98.27
N VAL H 412 28.31 73.12 -97.95
CA VAL H 412 29.69 73.06 -97.46
C VAL H 412 30.44 71.95 -98.19
N VAL H 413 31.67 71.69 -97.77
CA VAL H 413 32.53 70.71 -98.43
C VAL H 413 32.15 69.31 -97.94
N GLY H 414 32.09 68.36 -98.87
CA GLY H 414 31.78 67.00 -98.55
C GLY H 414 32.99 66.24 -98.04
N GLY H 415 32.86 64.91 -98.02
CA GLY H 415 33.94 64.05 -97.58
C GLY H 415 34.34 64.22 -96.14
N GLY H 416 33.50 64.83 -95.32
CA GLY H 416 33.85 65.07 -93.93
C GLY H 416 34.90 66.13 -93.71
N VAL H 417 35.23 66.91 -94.74
CA VAL H 417 36.24 67.95 -94.58
C VAL H 417 35.66 69.18 -93.89
N ALA H 418 34.39 69.48 -94.12
CA ALA H 418 33.78 70.66 -93.51
C ALA H 418 33.82 70.58 -92.00
N LEU H 419 33.59 69.38 -91.43
CA LEU H 419 33.69 69.22 -89.99
C LEU H 419 35.12 69.46 -89.49
N ILE H 420 36.11 69.11 -90.31
CA ILE H 420 37.50 69.35 -89.91
C ILE H 420 37.82 70.83 -89.97
N ARG H 421 37.41 71.51 -91.05
CA ARG H 421 37.66 72.94 -91.16
C ARG H 421 36.90 73.72 -90.09
N ALA H 422 35.69 73.28 -89.75
CA ALA H 422 34.90 73.96 -88.72
C ALA H 422 35.50 73.83 -87.33
N ALA H 423 36.52 72.98 -87.15
CA ALA H 423 37.18 72.88 -85.86
C ALA H 423 37.92 74.15 -85.48
N LYS H 424 38.21 75.02 -86.44
CA LYS H 424 38.91 76.27 -86.14
C LYS H 424 38.08 77.23 -85.30
N GLY H 425 36.78 76.97 -85.15
CA GLY H 425 35.96 77.77 -84.25
C GLY H 425 36.02 77.35 -82.80
N LEU H 426 36.72 76.25 -82.50
CA LEU H 426 36.82 75.79 -81.12
C LEU H 426 37.64 76.74 -80.26
N ALA H 427 38.54 77.51 -80.86
CA ALA H 427 39.31 78.50 -80.13
C ALA H 427 38.43 79.61 -79.56
N LYS H 428 37.21 79.75 -80.08
CA LYS H 428 36.26 80.75 -79.61
C LYS H 428 35.37 80.23 -78.48
N ALA H 429 35.57 78.99 -78.04
CA ALA H 429 34.77 78.38 -76.98
C ALA H 429 35.46 78.56 -75.64
N VAL H 430 34.74 79.10 -74.67
CA VAL H 430 35.28 79.41 -73.35
C VAL H 430 34.97 78.24 -72.41
N ALA H 431 35.98 77.80 -71.67
CA ALA H 431 35.85 76.72 -70.71
C ALA H 431 36.05 77.27 -69.31
N ASP H 432 35.06 77.04 -68.44
CA ASP H 432 35.13 77.55 -67.07
C ASP H 432 36.11 76.75 -66.20
N ASN H 433 36.44 75.52 -66.58
CA ASN H 433 37.36 74.71 -65.81
C ASN H 433 37.99 73.67 -66.75
N GLU H 434 38.78 72.78 -66.16
CA GLU H 434 39.45 71.74 -66.96
C GLU H 434 38.45 70.76 -67.54
N ASP H 435 37.43 70.38 -66.77
CA ASP H 435 36.45 69.41 -67.27
C ASP H 435 35.67 69.96 -68.46
N GLN H 436 35.35 71.26 -68.44
CA GLN H 436 34.69 71.85 -69.60
C GLN H 436 35.64 71.93 -70.80
N LYS H 437 36.93 72.16 -70.54
CA LYS H 437 37.91 72.13 -71.63
C LYS H 437 38.01 70.74 -72.23
N THR H 438 37.84 69.70 -71.41
CA THR H 438 37.87 68.33 -71.92
C THR H 438 36.74 68.09 -72.91
N GLY H 439 35.52 68.55 -72.57
CA GLY H 439 34.40 68.43 -73.50
C GLY H 439 34.65 69.15 -74.81
N ILE H 440 35.37 70.27 -74.76
CA ILE H 440 35.74 70.97 -75.99
C ILE H 440 36.70 70.12 -76.82
N GLU H 441 37.68 69.49 -76.16
CA GLU H 441 38.63 68.64 -76.88
C GLU H 441 38.00 67.33 -77.33
N ILE H 442 36.90 66.91 -76.70
CA ILE H 442 36.18 65.74 -77.18
C ILE H 442 35.57 66.01 -78.55
N ILE H 443 34.97 67.19 -78.72
CA ILE H 443 34.45 67.57 -80.03
C ILE H 443 35.58 67.71 -81.03
N ARG H 444 36.72 68.24 -80.58
CA ARG H 444 37.88 68.40 -81.46
C ARG H 444 38.29 67.06 -82.08
N ARG H 445 38.32 66.00 -81.27
CA ARG H 445 38.70 64.69 -81.79
C ARG H 445 37.57 64.03 -82.55
N ALA H 446 36.31 64.38 -82.22
CA ALA H 446 35.17 63.73 -82.88
C ALA H 446 34.98 64.25 -84.30
N LEU H 447 35.36 65.50 -84.57
CA LEU H 447 35.17 66.07 -85.91
C LEU H 447 36.01 65.37 -86.96
N GLU H 448 37.08 64.70 -86.56
CA GLU H 448 37.89 63.92 -87.50
C GLU H 448 37.33 62.54 -87.76
N GLU H 449 36.33 62.11 -86.98
CA GLU H 449 35.85 60.73 -87.10
C GLU H 449 35.14 60.44 -88.41
N PRO H 450 34.21 61.28 -88.90
CA PRO H 450 33.54 60.94 -90.17
C PRO H 450 34.49 60.77 -91.33
N LEU H 451 35.49 61.64 -91.48
CA LEU H 451 36.47 61.47 -92.55
C LEU H 451 37.35 60.26 -92.28
N ARG H 452 37.67 60.00 -91.02
CA ARG H 452 38.47 58.82 -90.68
C ARG H 452 37.74 57.53 -91.04
N GLN H 453 36.41 57.51 -90.90
CA GLN H 453 35.65 56.34 -91.28
C GLN H 453 35.52 56.21 -92.79
N ILE H 454 35.42 57.33 -93.50
CA ILE H 454 35.33 57.30 -94.96
C ILE H 454 36.60 56.70 -95.56
N VAL H 455 37.76 57.12 -95.06
CA VAL H 455 39.03 56.58 -95.55
C VAL H 455 39.19 55.12 -95.12
N ALA H 456 38.68 54.77 -93.94
CA ALA H 456 38.80 53.39 -93.46
C ALA H 456 37.98 52.42 -94.29
N ASN H 457 36.83 52.87 -94.82
CA ASN H 457 36.00 52.00 -95.65
C ASN H 457 36.63 51.72 -97.00
N THR H 458 37.69 52.42 -97.38
CA THR H 458 38.41 52.09 -98.60
C THR H 458 39.18 50.78 -98.43
N GLY H 459 39.56 50.44 -97.19
CA GLY H 459 40.32 49.24 -96.92
C GLY H 459 41.80 49.45 -96.72
N THR H 460 42.28 50.69 -96.84
CA THR H 460 43.70 50.97 -96.68
C THR H 460 44.08 51.05 -95.21
N THR H 461 45.32 50.67 -94.91
CA THR H 461 45.90 50.83 -93.58
C THR H 461 46.69 52.11 -93.44
N ASP H 462 46.79 52.91 -94.50
CA ASP H 462 47.54 54.16 -94.51
C ASP H 462 46.67 55.36 -94.16
N GLY H 463 45.41 55.13 -93.75
CA GLY H 463 44.48 56.22 -93.51
C GLY H 463 44.92 57.21 -92.44
N ALA H 464 45.91 56.86 -91.63
CA ALA H 464 46.42 57.81 -90.64
C ALA H 464 47.15 58.96 -91.30
N VAL H 465 47.79 58.72 -92.44
CA VAL H 465 48.48 59.80 -93.15
C VAL H 465 47.49 60.65 -93.94
N VAL H 466 46.41 60.05 -94.45
CA VAL H 466 45.43 60.79 -95.23
C VAL H 466 44.77 61.86 -94.37
N LEU H 467 44.44 61.52 -93.12
CA LEU H 467 43.78 62.48 -92.24
C LEU H 467 44.71 63.65 -91.93
N GLU H 468 46.00 63.40 -91.72
CA GLU H 468 46.93 64.48 -91.43
C GLU H 468 47.12 65.38 -92.65
N LYS H 469 47.17 64.81 -93.85
CA LYS H 469 47.34 65.61 -95.05
C LYS H 469 46.13 66.50 -95.30
N VAL H 470 44.94 66.05 -94.88
CA VAL H 470 43.73 66.87 -95.03
C VAL H 470 43.67 67.93 -93.93
N LYS H 471 44.04 67.57 -92.70
CA LYS H 471 43.99 68.53 -91.61
C LYS H 471 44.99 69.67 -91.81
N ASN H 472 46.20 69.34 -92.25
CA ASN H 472 47.22 70.35 -92.49
C ASN H 472 46.97 71.15 -93.77
N ALA H 473 46.00 70.76 -94.59
CA ALA H 473 45.68 71.47 -95.80
C ALA H 473 44.81 72.69 -95.48
N GLU H 474 44.36 73.39 -96.51
CA GLU H 474 43.57 74.61 -96.35
C GLU H 474 42.35 74.58 -97.26
N GLY H 475 41.27 75.19 -96.79
CA GLY H 475 40.11 75.40 -97.64
C GLY H 475 39.40 74.10 -97.97
N ASP H 476 39.11 73.92 -99.25
CA ASP H 476 38.33 72.80 -99.74
C ASP H 476 39.19 71.62 -100.18
N TYR H 477 40.51 71.69 -99.98
CA TYR H 477 41.38 70.58 -100.30
C TYR H 477 41.02 69.36 -99.44
N GLY H 478 40.91 68.21 -100.07
CA GLY H 478 40.52 67.02 -99.34
C GLY H 478 40.79 65.77 -100.15
N PHE H 479 40.24 64.65 -99.65
CA PHE H 479 40.42 63.35 -100.25
C PHE H 479 39.09 62.84 -100.81
N ASN H 480 39.15 62.26 -102.00
CA ASN H 480 37.98 61.68 -102.66
C ASN H 480 38.13 60.17 -102.69
N ALA H 481 37.23 59.47 -102.00
CA ALA H 481 37.35 58.02 -101.89
C ALA H 481 36.94 57.30 -103.17
N ARG H 482 36.22 57.97 -104.07
CA ARG H 482 35.85 57.33 -105.34
C ARG H 482 37.07 57.05 -106.20
N THR H 483 37.85 58.09 -106.49
CA THR H 483 39.04 57.96 -107.32
C THR H 483 40.32 57.80 -106.52
N GLU H 484 40.22 57.85 -105.19
CA GLU H 484 41.39 57.70 -104.30
C GLU H 484 42.47 58.71 -104.63
N GLN H 485 42.08 59.97 -104.79
CA GLN H 485 43.00 61.05 -105.11
C GLN H 485 42.66 62.27 -104.27
N TYR H 486 43.66 63.12 -104.05
CA TYR H 486 43.46 64.41 -103.41
C TYR H 486 43.11 65.45 -104.47
N GLU H 487 42.14 66.29 -104.15
CA GLU H 487 41.68 67.33 -105.07
C GLU H 487 40.81 68.31 -104.30
N ASN H 488 40.32 69.32 -105.01
CA ASN H 488 39.35 70.26 -104.45
C ASN H 488 37.97 69.64 -104.59
N LEU H 489 37.30 69.43 -103.45
CA LEU H 489 36.04 68.68 -103.47
C LEU H 489 34.90 69.50 -104.05
N ILE H 490 34.97 70.84 -103.96
CA ILE H 490 33.95 71.68 -104.56
C ILE H 490 33.98 71.56 -106.07
N GLU H 491 35.19 71.62 -106.66
CA GLU H 491 35.32 71.45 -108.10
C GLU H 491 35.04 70.03 -108.53
N ALA H 492 35.34 69.04 -107.68
CA ALA H 492 35.12 67.64 -108.00
C ALA H 492 33.66 67.22 -107.89
N GLY H 493 32.79 68.09 -107.38
CA GLY H 493 31.40 67.75 -107.22
C GLY H 493 31.03 67.06 -105.93
N VAL H 494 31.91 67.08 -104.93
CA VAL H 494 31.66 66.45 -103.64
C VAL H 494 31.26 67.55 -102.67
N VAL H 495 29.98 67.59 -102.31
CA VAL H 495 29.43 68.66 -101.49
C VAL H 495 28.31 68.10 -100.63
N ASP H 496 28.14 68.67 -99.44
CA ASP H 496 27.05 68.32 -98.54
C ASP H 496 26.31 69.59 -98.13
N PRO H 497 24.98 69.53 -98.01
CA PRO H 497 24.26 70.70 -97.52
C PRO H 497 24.67 71.04 -96.09
N THR H 498 24.81 72.35 -95.82
CA THR H 498 25.19 72.80 -94.49
C THR H 498 24.19 72.34 -93.44
N LYS H 499 22.91 72.26 -93.80
CA LYS H 499 21.89 71.78 -92.87
C LYS H 499 22.14 70.34 -92.46
N VAL H 500 22.65 69.51 -93.37
CA VAL H 500 22.91 68.11 -93.06
C VAL H 500 24.09 68.00 -92.09
N THR H 501 25.18 68.72 -92.37
CA THR H 501 26.38 68.61 -91.56
C THR H 501 26.14 69.12 -90.13
N ARG H 502 25.50 70.29 -90.01
CA ARG H 502 25.27 70.85 -88.69
C ARG H 502 24.27 70.02 -87.89
N SER H 503 23.32 69.37 -88.56
CA SER H 503 22.36 68.54 -87.85
C SER H 503 23.00 67.28 -87.32
N ALA H 504 23.94 66.70 -88.08
CA ALA H 504 24.62 65.49 -87.63
C ALA H 504 25.39 65.74 -86.34
N LEU H 505 26.06 66.89 -86.23
CA LEU H 505 26.84 67.17 -85.04
C LEU H 505 25.96 67.53 -83.86
N GLU H 506 24.93 68.34 -84.09
CA GLU H 506 24.04 68.73 -83.00
C GLU H 506 23.31 67.52 -82.42
N ASN H 507 22.73 66.70 -83.29
CA ASN H 507 21.99 65.53 -82.81
C ASN H 507 22.91 64.53 -82.12
N ALA H 508 24.13 64.36 -82.63
CA ALA H 508 25.07 63.42 -82.01
C ALA H 508 25.48 63.90 -80.62
N ALA H 509 25.83 65.18 -80.49
CA ALA H 509 26.18 65.72 -79.19
C ALA H 509 24.99 65.72 -78.24
N SER H 510 23.77 65.81 -78.78
CA SER H 510 22.58 65.78 -77.95
C SER H 510 22.41 64.42 -77.25
N VAL H 511 22.40 63.34 -78.05
CA VAL H 511 22.15 62.03 -77.47
C VAL H 511 23.35 61.54 -76.67
N ALA H 512 24.57 61.92 -77.07
CA ALA H 512 25.74 61.52 -76.31
C ALA H 512 25.80 62.20 -74.95
N SER H 513 25.33 63.45 -74.86
CA SER H 513 25.30 64.14 -73.59
C SER H 513 24.23 63.58 -72.67
N ILE H 514 23.09 63.16 -73.23
CA ILE H 514 22.04 62.56 -72.42
C ILE H 514 22.54 61.28 -71.77
N LEU H 515 23.30 60.47 -72.52
CA LEU H 515 23.81 59.22 -71.98
C LEU H 515 24.87 59.45 -70.91
N LEU H 516 25.65 60.53 -71.03
CA LEU H 516 26.65 60.83 -70.02
C LEU H 516 26.02 61.25 -68.70
N THR H 517 24.85 61.89 -68.76
CA THR H 517 24.17 62.34 -67.55
C THR H 517 23.13 61.34 -67.04
N THR H 518 23.01 60.17 -67.67
CA THR H 518 22.06 59.16 -67.22
C THR H 518 22.67 58.39 -66.05
N GLU H 519 22.03 58.47 -64.89
CA GLU H 519 22.48 57.73 -63.71
C GLU H 519 21.71 56.45 -63.44
N ALA H 520 20.65 56.18 -64.20
CA ALA H 520 19.85 54.97 -63.94
C ALA H 520 19.20 54.50 -65.23
N ALA H 521 19.11 53.18 -65.38
CA ALA H 521 18.45 52.56 -66.52
C ALA H 521 17.48 51.51 -65.99
N ILE H 522 16.19 51.70 -66.25
CA ILE H 522 15.14 50.82 -65.76
C ILE H 522 14.60 50.02 -66.94
N THR H 523 14.42 48.72 -66.74
CA THR H 523 13.90 47.86 -67.80
C THR H 523 13.11 46.71 -67.17
N ASP H 524 12.22 46.13 -67.96
CA ASP H 524 11.39 45.03 -67.50
C ASP H 524 12.24 43.78 -67.27
N VAL H 525 11.70 42.87 -66.46
CA VAL H 525 12.37 41.60 -66.16
C VAL H 525 11.99 40.58 -67.22
N LYS H 526 12.47 39.35 -67.06
CA LYS H 526 12.21 38.30 -68.03
C LYS H 526 10.74 37.87 -67.96
N GLU H 527 10.08 37.85 -69.11
CA GLU H 527 8.68 37.47 -69.19
C GLU H 527 8.52 35.95 -69.32
N THR I 2 12.56 42.24 -84.49
CA THR I 2 13.29 41.07 -83.99
C THR I 2 14.74 41.43 -83.69
N ALA I 3 15.25 40.92 -82.57
CA ALA I 3 16.65 41.12 -82.23
C ALA I 3 17.55 40.42 -83.25
N LYS I 4 18.77 40.91 -83.37
CA LYS I 4 19.68 40.45 -84.41
C LYS I 4 21.01 40.02 -83.80
N ASP I 5 21.68 39.10 -84.50
CA ASP I 5 23.07 38.74 -84.23
C ASP I 5 23.90 39.21 -85.41
N ILE I 6 24.96 39.97 -85.12
CA ILE I 6 25.76 40.63 -86.14
C ILE I 6 27.17 40.07 -86.09
N LEU I 7 27.69 39.68 -87.25
CA LEU I 7 29.08 39.28 -87.42
C LEU I 7 29.81 40.33 -88.24
N PHE I 8 31.09 40.51 -87.95
CA PHE I 8 31.88 41.55 -88.59
C PHE I 8 33.13 40.97 -89.24
N ASP I 9 33.63 41.70 -90.24
CA ASP I 9 34.91 41.48 -90.92
C ASP I 9 35.17 40.01 -91.25
N ALA I 10 36.34 39.50 -90.86
CA ALA I 10 36.73 38.14 -91.23
C ALA I 10 35.82 37.10 -90.58
N GLU I 11 35.35 37.37 -89.36
CA GLU I 11 34.46 36.42 -88.70
C GLU I 11 33.17 36.21 -89.50
N ALA I 12 32.67 37.26 -90.14
CA ALA I 12 31.49 37.12 -90.99
C ALA I 12 31.84 36.44 -92.31
N ARG I 13 32.96 36.83 -92.93
CA ARG I 13 33.30 36.28 -94.24
C ARG I 13 33.72 34.81 -94.15
N THR I 14 34.40 34.43 -93.07
CA THR I 14 34.73 33.03 -92.88
C THR I 14 33.48 32.19 -92.64
N LYS I 15 32.52 32.73 -91.90
CA LYS I 15 31.28 32.01 -91.65
C LYS I 15 30.46 31.86 -92.93
N LEU I 16 30.37 32.93 -93.73
CA LEU I 16 29.70 32.84 -95.02
C LEU I 16 30.39 31.84 -95.94
N LYS I 17 31.71 31.73 -95.85
CA LYS I 17 32.45 30.79 -96.71
C LYS I 17 32.03 29.36 -96.42
N VAL I 18 31.75 29.04 -95.16
CA VAL I 18 31.33 27.68 -94.80
C VAL I 18 30.07 27.30 -95.57
N GLY I 19 29.11 28.21 -95.66
CA GLY I 19 27.89 27.91 -96.39
C GLY I 19 28.11 27.81 -97.89
N VAL I 20 28.99 28.66 -98.44
CA VAL I 20 29.30 28.59 -99.86
C VAL I 20 29.93 27.25 -100.19
N ASP I 21 30.80 26.75 -99.30
CA ASP I 21 31.39 25.43 -99.52
C ASP I 21 30.34 24.33 -99.38
N LYS I 22 29.40 24.50 -98.44
CA LYS I 22 28.33 23.51 -98.29
C LYS I 22 27.54 23.37 -99.58
N LEU I 23 27.15 24.49 -100.19
CA LEU I 23 26.41 24.44 -101.44
C LEU I 23 27.28 23.87 -102.57
N ALA I 24 28.50 24.38 -102.71
CA ALA I 24 29.33 24.02 -103.85
C ALA I 24 29.73 22.55 -103.80
N ASN I 25 30.19 22.08 -102.64
CA ASN I 25 30.68 20.71 -102.54
C ASN I 25 29.57 19.69 -102.80
N ALA I 26 28.31 20.06 -102.54
CA ALA I 26 27.21 19.14 -102.82
C ALA I 26 26.86 19.10 -104.30
N VAL I 27 26.83 20.26 -104.96
CA VAL I 27 26.40 20.32 -106.35
C VAL I 27 27.52 19.88 -107.30
N LYS I 28 28.77 20.18 -106.96
CA LYS I 28 29.86 20.01 -107.93
C LYS I 28 30.16 18.56 -108.25
N VAL I 29 29.71 17.61 -107.42
CA VAL I 29 29.95 16.20 -107.70
C VAL I 29 29.13 15.71 -108.89
N THR I 30 28.12 16.46 -109.32
CA THR I 30 27.28 16.10 -110.44
C THR I 30 27.72 16.73 -111.76
N LEU I 31 28.81 17.48 -111.75
CA LEU I 31 29.25 18.21 -112.93
C LEU I 31 29.89 17.28 -113.96
N GLY I 32 29.58 17.51 -115.23
CA GLY I 32 30.16 16.75 -116.30
C GLY I 32 29.48 15.42 -116.53
N PRO I 33 29.87 14.71 -117.59
CA PRO I 33 29.27 13.40 -117.86
C PRO I 33 29.65 12.34 -116.85
N ALA I 34 30.73 12.53 -116.10
CA ALA I 34 31.14 11.62 -115.05
C ALA I 34 30.52 11.97 -113.70
N GLY I 35 29.63 12.96 -113.67
CA GLY I 35 29.00 13.34 -112.42
C GLY I 35 28.32 12.17 -111.73
N ARG I 36 28.35 12.19 -110.40
CA ARG I 36 27.86 11.09 -109.60
C ARG I 36 26.45 11.38 -109.08
N ASN I 37 25.89 10.38 -108.39
CA ASN I 37 24.53 10.50 -107.87
C ASN I 37 24.51 11.26 -106.55
N VAL I 38 23.36 11.89 -106.29
CA VAL I 38 23.09 12.55 -105.02
C VAL I 38 21.70 12.13 -104.57
N LEU I 39 21.60 11.50 -103.40
CA LEU I 39 20.34 10.99 -102.88
C LEU I 39 19.63 12.08 -102.09
N ILE I 40 18.37 12.34 -102.44
CA ILE I 40 17.56 13.35 -101.78
C ILE I 40 16.49 12.62 -100.99
N ASP I 41 16.55 12.74 -99.66
CA ASP I 41 15.57 12.09 -98.80
C ASP I 41 14.20 12.73 -98.97
N LYS I 42 13.16 11.92 -98.96
CA LYS I 42 11.79 12.38 -99.07
C LYS I 42 10.99 11.94 -97.84
N LYS I 43 9.70 12.29 -97.83
CA LYS I 43 8.86 12.02 -96.66
C LYS I 43 8.62 10.52 -96.49
N PHE I 44 8.14 9.87 -97.55
CA PHE I 44 7.84 8.44 -97.49
C PHE I 44 8.20 7.79 -98.83
N GLY I 45 8.75 6.59 -98.76
CA GLY I 45 9.14 5.86 -99.96
C GLY I 45 10.63 5.97 -100.23
N ALA I 46 10.98 5.58 -101.47
CA ALA I 46 12.37 5.60 -101.88
C ALA I 46 12.84 7.03 -102.13
N PRO I 47 14.11 7.31 -101.89
CA PRO I 47 14.64 8.66 -102.13
C PRO I 47 14.79 8.94 -103.62
N THR I 48 14.94 10.22 -103.94
CA THR I 48 15.19 10.66 -105.30
C THR I 48 16.69 10.67 -105.56
N SER I 49 17.14 9.91 -106.55
CA SER I 49 18.53 9.91 -106.98
C SER I 49 18.64 10.76 -108.25
N THR I 50 19.51 11.76 -108.22
CA THR I 50 19.63 12.70 -109.32
C THR I 50 21.09 13.04 -109.57
N LYS I 51 21.46 13.11 -110.85
CA LYS I 51 22.71 13.68 -111.28
C LYS I 51 22.57 15.13 -111.73
N ASP I 52 21.38 15.71 -111.62
CA ASP I 52 21.13 17.07 -112.04
C ASP I 52 21.55 18.04 -110.94
N GLY I 53 22.49 18.94 -111.26
CA GLY I 53 22.97 19.89 -110.27
C GLY I 53 21.91 20.89 -109.84
N VAL I 54 20.97 21.21 -110.73
CA VAL I 54 19.90 22.13 -110.37
C VAL I 54 18.97 21.51 -109.34
N THR I 55 18.63 20.24 -109.53
CA THR I 55 17.79 19.54 -108.55
C THR I 55 18.46 19.51 -107.18
N VAL I 56 19.78 19.30 -107.16
CA VAL I 56 20.49 19.28 -105.89
C VAL I 56 20.51 20.67 -105.26
N ALA I 57 20.87 21.69 -106.06
CA ALA I 57 21.02 23.04 -105.52
C ALA I 57 19.72 23.56 -104.91
N LYS I 58 18.57 23.13 -105.45
CA LYS I 58 17.29 23.58 -104.90
C LYS I 58 17.04 23.04 -103.50
N GLU I 59 17.73 21.96 -103.10
CA GLU I 59 17.50 21.35 -101.81
C GLU I 59 18.38 21.90 -100.70
N ILE I 60 19.41 22.67 -101.01
CA ILE I 60 20.40 23.06 -100.02
C ILE I 60 19.81 24.14 -99.12
N GLU I 61 19.76 23.85 -97.82
CA GLU I 61 19.38 24.80 -96.78
C GLU I 61 20.13 24.42 -95.52
N LEU I 62 20.57 25.42 -94.76
CA LEU I 62 21.45 25.21 -93.63
C LEU I 62 20.81 25.75 -92.35
N VAL I 63 21.04 25.06 -91.23
CA VAL I 63 20.49 25.50 -89.96
C VAL I 63 21.11 26.83 -89.53
N ASP I 64 22.43 26.96 -89.69
CA ASP I 64 23.11 28.18 -89.31
C ASP I 64 22.69 29.32 -90.21
N PRO I 65 22.12 30.41 -89.68
CA PRO I 65 21.58 31.45 -90.56
C PRO I 65 22.64 32.18 -91.37
N VAL I 66 23.83 32.39 -90.80
CA VAL I 66 24.90 33.04 -91.56
C VAL I 66 25.44 32.11 -92.63
N GLU I 67 25.62 30.83 -92.29
CA GLU I 67 26.06 29.86 -93.29
C GLU I 67 25.04 29.71 -94.40
N ASN I 68 23.76 29.60 -94.04
CA ASN I 68 22.70 29.53 -95.04
C ASN I 68 22.59 30.82 -95.84
N MET I 69 23.01 31.95 -95.27
CA MET I 69 22.95 33.21 -95.99
C MET I 69 23.85 33.21 -97.22
N GLY I 70 25.12 32.82 -97.02
CA GLY I 70 26.04 32.75 -98.14
C GLY I 70 25.65 31.68 -99.15
N ALA I 71 25.03 30.59 -98.69
CA ALA I 71 24.60 29.55 -99.60
C ALA I 71 23.49 30.03 -100.53
N GLN I 72 22.54 30.80 -99.99
CA GLN I 72 21.45 31.32 -100.82
C GLN I 72 21.93 32.42 -101.75
N MET I 73 22.99 33.15 -101.36
CA MET I 73 23.57 34.16 -102.23
C MET I 73 24.09 33.54 -103.51
N VAL I 74 24.99 32.56 -103.39
CA VAL I 74 25.57 31.92 -104.56
C VAL I 74 24.51 31.14 -105.34
N ARG I 75 23.56 30.53 -104.62
CA ARG I 75 22.54 29.72 -105.27
C ARG I 75 21.64 30.57 -106.17
N GLU I 76 21.29 31.78 -105.74
CA GLU I 76 20.41 32.63 -106.53
C GLU I 76 21.14 33.22 -107.73
N VAL I 77 22.34 33.74 -107.53
CA VAL I 77 23.09 34.36 -108.62
C VAL I 77 23.45 33.31 -109.67
N ALA I 78 23.86 32.12 -109.24
CA ALA I 78 24.12 31.04 -110.19
C ALA I 78 22.85 30.56 -110.87
N SER I 79 21.68 30.77 -110.26
CA SER I 79 20.43 30.37 -110.89
C SER I 79 20.15 31.17 -112.14
N LYS I 80 20.67 32.40 -112.23
CA LYS I 80 20.48 33.24 -113.40
C LYS I 80 21.21 32.71 -114.62
N THR I 81 22.14 31.77 -114.45
CA THR I 81 22.88 31.22 -115.58
C THR I 81 22.01 30.26 -116.39
N SER I 82 21.29 29.36 -115.70
CA SER I 82 20.46 28.38 -116.37
C SER I 82 19.12 28.95 -116.82
N ASP I 83 18.74 30.14 -116.36
CA ASP I 83 17.50 30.76 -116.79
C ASP I 83 17.63 31.32 -118.20
N VAL I 84 18.49 32.34 -118.35
CA VAL I 84 18.74 32.93 -119.66
C VAL I 84 19.71 32.05 -120.45
N GLY I 88 24.64 24.94 -116.41
CA GLY I 88 25.42 26.15 -116.19
C GLY I 88 25.38 26.65 -114.76
N THR I 89 24.40 26.17 -113.99
CA THR I 89 24.30 26.54 -112.59
C THR I 89 25.46 25.97 -111.78
N THR I 90 25.80 24.70 -112.03
CA THR I 90 26.90 24.07 -111.28
C THR I 90 28.23 24.75 -111.57
N THR I 91 28.51 25.02 -112.84
CA THR I 91 29.76 25.69 -113.19
C THR I 91 29.85 27.06 -112.53
N ALA I 92 28.74 27.81 -112.53
CA ALA I 92 28.72 29.10 -111.85
C ALA I 92 28.92 28.95 -110.35
N THR I 93 28.46 27.84 -109.78
CA THR I 93 28.69 27.59 -108.36
C THR I 93 30.13 27.16 -108.10
N VAL I 94 30.68 26.30 -108.97
CA VAL I 94 32.07 25.87 -108.81
C VAL I 94 33.01 27.07 -108.93
N LEU I 95 32.79 27.92 -109.93
CA LEU I 95 33.62 29.10 -110.10
C LEU I 95 33.50 30.05 -108.90
N ALA I 96 32.27 30.25 -108.42
CA ALA I 96 32.06 31.16 -107.29
C ALA I 96 32.76 30.66 -106.03
N GLN I 97 32.85 29.34 -105.85
CA GLN I 97 33.58 28.81 -104.70
C GLN I 97 35.07 29.07 -104.82
N ALA I 98 35.63 28.91 -106.02
CA ALA I 98 37.06 29.09 -106.20
C ALA I 98 37.46 30.55 -106.08
N ILE I 99 36.65 31.45 -106.64
CA ILE I 99 36.97 32.87 -106.59
C ILE I 99 36.91 33.39 -105.16
N TYR I 100 35.85 33.02 -104.42
CA TYR I 100 35.68 33.52 -103.07
C TYR I 100 36.70 32.93 -102.11
N ARG I 101 37.09 31.67 -102.32
CA ARG I 101 38.07 31.04 -101.45
C ARG I 101 39.45 31.67 -101.63
N GLU I 102 39.91 31.79 -102.87
CA GLU I 102 41.21 32.41 -103.13
C GLU I 102 41.20 33.89 -102.79
N GLY I 103 40.06 34.56 -102.91
CA GLY I 103 39.97 35.94 -102.52
C GLY I 103 40.18 36.13 -101.02
N LEU I 104 39.57 35.27 -100.21
CA LEU I 104 39.72 35.36 -98.77
C LEU I 104 41.14 35.07 -98.32
N LYS I 105 41.83 34.16 -99.00
CA LYS I 105 43.22 33.87 -98.64
C LYS I 105 44.08 35.13 -98.73
N ASN I 106 43.89 35.92 -99.79
CA ASN I 106 44.70 37.11 -99.97
C ASN I 106 44.23 38.26 -99.09
N VAL I 107 42.93 38.34 -98.78
CA VAL I 107 42.46 39.32 -97.81
C VAL I 107 43.06 39.03 -96.45
N THR I 108 43.16 37.75 -96.08
CA THR I 108 43.85 37.39 -94.85
C THR I 108 45.34 37.69 -94.94
N ALA I 109 45.90 37.67 -96.15
CA ALA I 109 47.32 37.95 -96.35
C ALA I 109 47.62 39.44 -96.43
N GLY I 110 46.61 40.30 -96.31
CA GLY I 110 46.80 41.74 -96.30
C GLY I 110 46.31 42.47 -97.53
N ALA I 111 45.86 41.76 -98.57
CA ALA I 111 45.40 42.42 -99.78
C ALA I 111 44.08 43.14 -99.54
N ARG I 112 43.93 44.32 -100.13
CA ARG I 112 42.70 45.08 -100.00
C ARG I 112 41.57 44.40 -100.78
N PRO I 113 40.41 44.18 -100.17
CA PRO I 113 39.33 43.50 -100.89
C PRO I 113 38.80 44.29 -102.07
N ILE I 114 38.86 45.63 -102.03
CA ILE I 114 38.31 46.41 -103.13
C ILE I 114 39.22 46.35 -104.35
N ASP I 115 40.54 46.25 -104.16
CA ASP I 115 41.43 46.08 -105.29
C ASP I 115 41.33 44.68 -105.88
N LEU I 116 41.02 43.68 -105.05
CA LEU I 116 40.77 42.35 -105.57
C LEU I 116 39.53 42.32 -106.45
N LYS I 117 38.48 43.04 -106.03
CA LYS I 117 37.28 43.12 -106.85
C LYS I 117 37.57 43.83 -108.17
N ARG I 118 38.40 44.87 -108.13
CA ARG I 118 38.77 45.58 -109.36
C ARG I 118 39.56 44.66 -110.29
N GLY I 119 40.55 43.95 -109.74
CA GLY I 119 41.29 43.00 -110.55
C GLY I 119 40.43 41.88 -111.09
N ILE I 120 39.44 41.43 -110.30
CA ILE I 120 38.54 40.39 -110.76
C ILE I 120 37.66 40.89 -111.89
N ASP I 121 37.13 42.11 -111.76
CA ASP I 121 36.23 42.65 -112.78
C ASP I 121 36.97 42.86 -114.10
N ARG I 122 38.20 43.40 -114.05
CA ARG I 122 38.95 43.61 -115.27
C ARG I 122 39.30 42.28 -115.95
N ALA I 123 39.59 41.25 -115.14
CA ALA I 123 39.94 39.95 -115.71
C ALA I 123 38.74 39.30 -116.38
N VAL I 124 37.55 39.41 -115.78
CA VAL I 124 36.36 38.78 -116.34
C VAL I 124 36.00 39.41 -117.68
N LYS I 125 36.13 40.74 -117.78
CA LYS I 125 35.83 41.41 -119.04
C LYS I 125 36.76 40.96 -120.16
N GLU I 126 38.00 40.63 -119.82
CA GLU I 126 38.95 40.15 -120.83
C GLU I 126 38.72 38.67 -121.18
N VAL I 127 38.22 37.88 -120.23
CA VAL I 127 37.94 36.48 -120.52
C VAL I 127 36.67 36.35 -121.36
N VAL I 128 35.65 37.17 -121.05
CA VAL I 128 34.44 37.18 -121.86
C VAL I 128 34.75 37.68 -123.27
N ALA I 129 35.68 38.63 -123.39
CA ALA I 129 36.11 39.10 -124.70
C ALA I 129 36.75 37.99 -125.52
N GLU I 130 37.65 37.23 -124.90
CA GLU I 130 38.29 36.12 -125.60
C GLU I 130 37.29 35.02 -125.92
N LEU I 131 36.28 34.83 -125.07
CA LEU I 131 35.23 33.87 -125.40
C LEU I 131 34.48 34.25 -126.66
N ARG I 132 34.37 35.56 -126.94
CA ARG I 132 33.75 36.00 -128.18
C ARG I 132 34.62 35.66 -129.38
N ASN I 133 35.94 35.76 -129.23
CA ASN I 133 36.84 35.48 -130.35
C ASN I 133 36.84 34.01 -130.71
N ILE I 134 36.86 33.12 -129.71
CA ILE I 134 36.91 31.69 -129.96
C ILE I 134 35.54 31.08 -130.19
N SER I 135 34.48 31.89 -130.17
CA SER I 135 33.13 31.37 -130.37
C SER I 135 32.84 31.16 -131.85
N ARG I 136 32.01 30.16 -132.13
CA ARG I 136 31.56 29.85 -133.48
C ARG I 136 30.08 30.19 -133.60
N SER I 137 29.74 31.07 -134.53
CA SER I 137 28.35 31.44 -134.75
C SER I 137 27.60 30.29 -135.41
N ILE I 138 26.30 30.24 -135.16
CA ILE I 138 25.41 29.23 -135.75
C ILE I 138 24.34 29.95 -136.55
N SER I 139 24.24 29.63 -137.83
CA SER I 139 23.19 30.17 -138.69
C SER I 139 23.01 29.21 -139.87
N GLY I 140 21.84 29.30 -140.49
CA GLY I 140 21.53 28.42 -141.60
C GLY I 140 20.97 27.09 -141.15
N LYS I 141 20.20 26.47 -142.04
CA LYS I 141 19.53 25.21 -141.69
C LYS I 141 20.54 24.10 -141.41
N LYS I 142 21.69 24.12 -142.07
CA LYS I 142 22.65 23.03 -141.93
C LYS I 142 23.25 23.00 -140.53
N GLU I 143 23.71 24.14 -140.02
CA GLU I 143 24.36 24.18 -138.72
C GLU I 143 23.35 24.09 -137.58
N ILE I 144 22.17 24.70 -137.74
CA ILE I 144 21.16 24.63 -136.70
C ILE I 144 20.71 23.18 -136.48
N ALA I 145 20.56 22.42 -137.56
CA ALA I 145 20.17 21.02 -137.42
C ALA I 145 21.25 20.21 -136.71
N GLN I 146 22.52 20.57 -136.89
CA GLN I 146 23.58 19.86 -136.20
C GLN I 146 23.56 20.14 -134.71
N VAL I 147 23.40 21.41 -134.33
CA VAL I 147 23.32 21.76 -132.91
C VAL I 147 22.06 21.18 -132.29
N GLY I 148 20.94 21.21 -133.02
CA GLY I 148 19.72 20.60 -132.52
C GLY I 148 19.85 19.09 -132.35
N THR I 149 20.61 18.44 -133.23
CA THR I 149 20.82 17.00 -133.09
C THR I 149 21.67 16.69 -131.86
N ILE I 150 22.71 17.49 -131.61
CA ILE I 150 23.56 17.28 -130.45
C ILE I 150 22.77 17.48 -129.16
N SER I 151 21.96 18.55 -129.10
CA SER I 151 21.15 18.80 -127.92
C SER I 151 20.03 17.78 -127.75
N ALA I 152 19.66 17.09 -128.82
CA ALA I 152 18.66 16.03 -128.77
C ALA I 152 19.28 14.66 -128.50
N ASN I 153 20.58 14.62 -128.22
CA ASN I 153 21.33 13.37 -127.99
C ASN I 153 21.30 12.48 -129.23
N ASN I 154 21.96 12.99 -130.27
CA ASN I 154 22.18 12.27 -131.53
C ASN I 154 20.85 11.81 -132.16
N ASP I 155 19.89 12.72 -132.21
CA ASP I 155 18.64 12.46 -132.92
C ASP I 155 18.55 13.40 -134.11
N PRO I 156 18.76 12.92 -135.34
CA PRO I 156 18.68 13.83 -136.49
C PRO I 156 17.28 14.31 -136.79
N GLU I 157 16.25 13.55 -136.41
CA GLU I 157 14.88 13.96 -136.69
C GLU I 157 14.52 15.22 -135.90
N ILE I 158 14.86 15.27 -134.62
CA ILE I 158 14.60 16.46 -133.82
C ILE I 158 15.47 17.61 -134.30
N GLY I 159 16.73 17.32 -134.66
CA GLY I 159 17.61 18.37 -135.12
C GLY I 159 17.10 19.05 -136.39
N GLU I 160 16.61 18.26 -137.34
CA GLU I 160 16.03 18.84 -138.55
C GLU I 160 14.70 19.51 -138.26
N LEU I 161 13.95 19.01 -137.28
CA LEU I 161 12.67 19.63 -136.94
C LEU I 161 12.88 21.03 -136.38
N ILE I 162 13.96 21.24 -135.62
CA ILE I 162 14.26 22.58 -135.12
C ILE I 162 14.78 23.46 -136.25
N ALA I 163 15.56 22.89 -137.17
CA ALA I 163 16.09 23.67 -138.28
C ALA I 163 14.98 24.14 -139.22
N GLU I 164 14.01 23.27 -139.51
CA GLU I 164 12.88 23.68 -140.34
C GLU I 164 12.01 24.71 -139.65
N ALA I 165 11.97 24.69 -138.31
CA ALA I 165 11.17 25.66 -137.58
C ALA I 165 11.81 27.05 -137.63
N MET I 166 13.12 27.12 -137.39
CA MET I 166 13.83 28.39 -137.48
C MET I 166 13.98 28.87 -138.92
N ASP I 167 13.83 27.97 -139.90
CA ASP I 167 13.92 28.35 -141.29
C ASP I 167 12.71 29.16 -141.76
N LYS I 168 11.60 29.09 -141.03
CA LYS I 168 10.38 29.78 -141.40
C LYS I 168 10.16 31.06 -140.59
N VAL I 169 9.99 30.93 -139.27
CA VAL I 169 9.76 32.10 -138.43
C VAL I 169 11.01 32.96 -138.26
N GLY I 170 12.18 32.44 -138.62
CA GLY I 170 13.40 33.21 -138.59
C GLY I 170 14.28 32.87 -137.40
N LYS I 171 15.37 33.63 -137.28
CA LYS I 171 16.31 33.43 -136.18
C LYS I 171 15.69 33.79 -134.85
N ASP I 172 15.02 34.95 -134.78
CA ASP I 172 14.38 35.40 -133.56
C ASP I 172 12.91 35.01 -133.47
N GLY I 173 12.41 34.23 -134.43
CA GLY I 173 11.00 33.87 -134.43
C GLY I 173 10.61 33.04 -133.21
N VAL I 174 9.32 33.09 -132.90
CA VAL I 174 8.78 32.37 -131.76
C VAL I 174 8.50 30.93 -132.17
N ILE I 175 8.95 29.99 -131.34
CA ILE I 175 8.78 28.56 -131.60
C ILE I 175 8.27 27.92 -130.31
N THR I 176 7.11 27.27 -130.39
CA THR I 176 6.52 26.57 -129.27
C THR I 176 6.41 25.08 -129.59
N VAL I 177 6.37 24.26 -128.54
CA VAL I 177 6.29 22.82 -128.66
C VAL I 177 4.99 22.35 -128.01
N GLU I 178 4.20 21.58 -128.75
CA GLU I 178 2.92 21.07 -128.29
C GLU I 178 2.83 19.58 -128.59
N GLU I 179 1.83 18.94 -127.98
CA GLU I 179 1.61 17.51 -128.20
C GLU I 179 0.77 17.30 -129.45
N ALA I 180 1.23 16.41 -130.33
CA ALA I 180 0.52 16.11 -131.56
C ALA I 180 -0.65 15.18 -131.29
N LYS I 181 -1.67 15.26 -132.15
CA LYS I 181 -2.82 14.38 -132.03
C LYS I 181 -2.51 12.98 -132.57
N GLY I 182 -1.71 12.90 -133.63
CA GLY I 182 -1.38 11.63 -134.24
C GLY I 182 0.02 11.16 -133.88
N MET I 183 0.44 10.09 -134.56
CA MET I 183 1.76 9.51 -134.29
C MET I 183 2.87 10.30 -134.96
N GLU I 184 2.65 10.76 -136.18
CA GLU I 184 3.69 11.46 -136.93
C GLU I 184 3.80 12.91 -136.47
N THR I 185 5.03 13.43 -136.57
CA THR I 185 5.32 14.79 -136.14
C THR I 185 4.99 15.78 -137.26
N GLU I 186 4.30 16.86 -136.90
CA GLU I 186 3.92 17.90 -137.85
C GLU I 186 4.49 19.24 -137.43
N LEU I 187 4.74 20.10 -138.42
CA LEU I 187 5.22 21.46 -138.20
C LEU I 187 4.33 22.41 -138.98
N LYS I 188 3.61 23.27 -138.26
CA LYS I 188 2.70 24.24 -138.86
C LYS I 188 2.92 25.61 -138.24
N VAL I 189 3.03 26.63 -139.07
CA VAL I 189 3.18 28.01 -138.62
C VAL I 189 1.81 28.64 -138.51
N VAL I 190 1.55 29.32 -137.39
CA VAL I 190 0.27 29.95 -137.12
C VAL I 190 0.49 31.41 -136.76
N GLU I 191 -0.60 32.17 -136.77
CA GLU I 191 -0.54 33.59 -136.45
C GLU I 191 -0.46 33.78 -134.94
N GLY I 192 0.51 34.58 -134.50
CA GLY I 192 0.68 34.81 -133.08
C GLY I 192 1.91 35.64 -132.81
N MET I 193 1.98 36.15 -131.58
CA MET I 193 3.08 36.99 -131.14
C MET I 193 3.45 36.62 -129.70
N GLN I 194 4.60 37.14 -129.27
CA GLN I 194 5.09 36.95 -127.91
C GLN I 194 5.61 38.27 -127.38
N PHE I 195 5.32 38.55 -126.11
CA PHE I 195 5.78 39.77 -125.45
C PHE I 195 6.47 39.41 -124.14
N ASP I 196 7.18 40.39 -123.58
CA ASP I 196 8.11 40.16 -122.48
C ASP I 196 7.45 40.13 -121.11
N ARG I 197 6.13 40.25 -121.03
CA ARG I 197 5.45 40.23 -119.74
C ARG I 197 5.17 38.78 -119.32
N GLY I 198 5.46 38.48 -118.06
CA GLY I 198 5.17 37.18 -117.49
C GLY I 198 3.99 37.22 -116.54
N TYR I 199 3.75 36.07 -115.89
CA TYR I 199 2.64 35.98 -114.95
C TYR I 199 2.94 36.77 -113.68
N LEU I 200 1.89 37.28 -113.05
CA LEU I 200 2.03 38.09 -111.84
C LEU I 200 2.07 37.25 -110.57
N SER I 201 1.71 35.97 -110.63
CA SER I 201 1.83 35.09 -109.48
C SER I 201 2.25 33.70 -109.95
N PRO I 202 3.11 33.02 -109.18
CA PRO I 202 3.53 31.66 -109.56
C PRO I 202 2.42 30.62 -109.49
N TYR I 203 1.30 30.93 -108.83
CA TYR I 203 0.26 29.93 -108.61
C TYR I 203 -0.65 29.73 -109.81
N PHE I 204 -0.44 30.47 -110.90
CA PHE I 204 -1.18 30.26 -112.14
C PHE I 204 -0.55 29.19 -113.03
N VAL I 205 0.55 28.60 -112.59
CA VAL I 205 1.28 27.62 -113.39
C VAL I 205 0.53 26.30 -113.39
N THR I 206 0.44 25.67 -114.57
CA THR I 206 -0.21 24.36 -114.69
C THR I 206 0.76 23.24 -114.28
N ASN I 207 1.82 23.06 -115.05
CA ASN I 207 2.85 22.06 -114.76
C ASN I 207 4.02 22.75 -114.07
N SER I 208 4.24 22.42 -112.79
CA SER I 208 5.21 23.14 -111.97
C SER I 208 6.66 22.80 -112.32
N GLU I 209 6.90 21.77 -113.13
CA GLU I 209 8.29 21.43 -113.46
C GLU I 209 8.88 22.44 -114.44
N THR I 210 8.08 22.91 -115.39
CA THR I 210 8.53 23.91 -116.35
C THR I 210 8.13 25.33 -115.96
N MET I 211 7.39 25.50 -114.86
CA MET I 211 6.91 26.81 -114.41
C MET I 211 6.19 27.54 -115.54
N GLU I 212 5.32 26.81 -116.24
CA GLU I 212 4.62 27.31 -117.42
C GLU I 212 3.12 27.21 -117.22
N ALA I 213 2.40 28.24 -117.63
CA ALA I 213 0.94 28.28 -117.54
C ALA I 213 0.35 28.03 -118.93
N GLU I 214 -0.39 26.94 -119.06
CA GLU I 214 -0.96 26.53 -120.35
C GLU I 214 -2.47 26.73 -120.33
N LEU I 215 -2.98 27.42 -121.35
CA LEU I 215 -4.41 27.67 -121.50
C LEU I 215 -4.84 27.21 -122.88
N ASP I 216 -5.70 26.20 -122.93
CA ASP I 216 -6.16 25.62 -124.19
C ASP I 216 -7.47 26.28 -124.61
N GLU I 217 -7.47 26.90 -125.79
CA GLU I 217 -8.62 27.61 -126.33
C GLU I 217 -9.14 28.65 -125.32
N ALA I 218 -8.28 29.64 -125.08
CA ALA I 218 -8.52 30.60 -124.02
C ALA I 218 -9.20 31.86 -124.56
N LEU I 219 -9.50 32.79 -123.65
CA LEU I 219 -10.07 34.08 -123.98
C LEU I 219 -9.13 35.18 -123.52
N ILE I 220 -9.08 36.27 -124.28
CA ILE I 220 -8.13 37.36 -124.05
C ILE I 220 -8.92 38.58 -123.57
N LEU I 221 -8.60 39.05 -122.38
CA LEU I 221 -9.18 40.27 -121.81
C LEU I 221 -8.12 41.36 -121.85
N ILE I 222 -8.33 42.37 -122.69
CA ILE I 222 -7.37 43.45 -122.89
C ILE I 222 -7.91 44.70 -122.22
N HIS I 223 -7.17 45.21 -121.24
CA HIS I 223 -7.56 46.41 -120.51
C HIS I 223 -6.34 47.30 -120.34
N ASP I 224 -6.53 48.61 -120.55
CA ASP I 224 -5.44 49.57 -120.52
C ASP I 224 -5.27 50.24 -119.15
N LYS I 225 -6.03 49.83 -118.15
CA LYS I 225 -5.99 50.44 -116.82
C LYS I 225 -5.77 49.36 -115.77
N LYS I 226 -5.43 49.79 -114.56
CA LYS I 226 -5.23 48.87 -113.45
C LYS I 226 -6.57 48.30 -113.00
N ILE I 227 -6.53 47.44 -111.99
CA ILE I 227 -7.70 46.71 -111.51
C ILE I 227 -8.20 47.25 -110.17
N SER I 228 -7.35 47.18 -109.13
CA SER I 228 -7.70 47.59 -107.76
C SER I 228 -8.89 46.75 -107.32
N ASN I 229 -10.05 47.33 -107.03
CA ASN I 229 -11.18 46.55 -106.56
C ASN I 229 -11.66 45.58 -107.65
N MET I 230 -12.00 44.37 -107.24
CA MET I 230 -12.46 43.32 -108.15
C MET I 230 -13.96 43.39 -108.41
N LYS I 231 -14.66 44.38 -107.84
CA LYS I 231 -16.11 44.46 -108.03
C LYS I 231 -16.47 44.74 -109.48
N GLU I 232 -15.68 45.57 -110.16
CA GLU I 232 -15.96 45.91 -111.55
C GLU I 232 -15.50 44.84 -112.53
N LEU I 233 -14.62 43.93 -112.11
CA LEU I 233 -14.23 42.81 -112.95
C LEU I 233 -15.22 41.65 -112.89
N LEU I 234 -16.12 41.67 -111.90
CA LEU I 234 -17.05 40.56 -111.70
C LEU I 234 -17.96 40.29 -112.90
N PRO I 235 -18.57 41.28 -113.57
CA PRO I 235 -19.57 40.94 -114.60
C PRO I 235 -19.04 40.07 -115.73
N ILE I 236 -17.88 40.40 -116.31
CA ILE I 236 -17.35 39.57 -117.38
C ILE I 236 -16.60 38.35 -116.85
N LEU I 237 -16.15 38.39 -115.59
CA LEU I 237 -15.54 37.20 -115.00
C LEU I 237 -16.57 36.10 -114.80
N GLU I 238 -17.79 36.48 -114.43
CA GLU I 238 -18.87 35.51 -114.33
C GLU I 238 -19.44 35.13 -115.69
N LYS I 239 -19.39 36.05 -116.66
CA LYS I 239 -19.83 35.72 -118.01
C LYS I 239 -18.91 34.69 -118.65
N ALA I 240 -17.60 34.84 -118.44
CA ALA I 240 -16.64 33.84 -118.91
C ALA I 240 -16.52 32.65 -117.96
N ALA I 241 -17.16 32.71 -116.79
CA ALA I 241 -17.06 31.61 -115.84
C ALA I 241 -17.74 30.35 -116.35
N GLN I 242 -18.83 30.49 -117.11
CA GLN I 242 -19.52 29.34 -117.68
C GLN I 242 -19.13 29.25 -119.15
N SER I 243 -18.27 28.27 -119.46
CA SER I 243 -17.72 28.04 -120.79
C SER I 243 -16.68 26.94 -120.71
N GLY I 244 -16.17 26.50 -121.87
CA GLY I 244 -15.01 25.63 -121.92
C GLY I 244 -13.72 26.35 -122.17
N ARG I 245 -13.71 27.68 -122.08
CA ARG I 245 -12.55 28.50 -122.43
C ARG I 245 -11.96 29.14 -121.20
N PRO I 246 -10.68 28.91 -120.89
CA PRO I 246 -10.01 29.70 -119.85
C PRO I 246 -9.89 31.17 -120.26
N LEU I 247 -9.61 32.01 -119.28
CA LEU I 247 -9.52 33.45 -119.49
C LEU I 247 -8.11 33.93 -119.24
N LEU I 248 -7.60 34.77 -120.14
CA LEU I 248 -6.33 35.47 -119.94
C LEU I 248 -6.64 36.96 -119.80
N ILE I 249 -6.18 37.55 -118.70
CA ILE I 249 -6.44 38.95 -118.39
C ILE I 249 -5.15 39.74 -118.61
N ILE I 250 -5.24 40.78 -119.42
CA ILE I 250 -4.12 41.68 -119.68
C ILE I 250 -4.54 43.08 -119.24
N ALA I 251 -3.91 43.59 -118.19
CA ALA I 251 -4.18 44.92 -117.68
C ALA I 251 -2.85 45.58 -117.34
N GLU I 252 -2.94 46.85 -116.90
CA GLU I 252 -1.72 47.56 -116.50
C GLU I 252 -1.04 46.87 -115.33
N ASP I 253 -1.75 46.73 -114.21
CA ASP I 253 -1.30 45.90 -113.10
C ASP I 253 -2.50 45.17 -112.55
N ILE I 254 -2.43 43.83 -112.53
CA ILE I 254 -3.50 43.01 -111.96
C ILE I 254 -3.21 42.59 -110.53
N GLU I 255 -2.06 42.97 -109.98
CA GLU I 255 -1.72 42.64 -108.60
C GLU I 255 -2.39 43.59 -107.63
N GLU I 257 -4.87 43.52 -104.95
CA GLU I 257 -5.93 42.95 -104.13
C GLU I 257 -6.72 41.92 -104.95
N ALA I 258 -7.11 42.31 -106.17
CA ALA I 258 -7.88 41.42 -107.02
C ALA I 258 -7.06 40.23 -107.51
N LEU I 259 -5.72 40.30 -107.42
CA LEU I 259 -4.91 39.16 -107.81
C LEU I 259 -5.15 37.97 -106.89
N ALA I 260 -5.38 38.22 -105.60
CA ALA I 260 -5.68 37.14 -104.67
C ALA I 260 -7.03 36.49 -104.98
N THR I 261 -7.99 37.27 -105.48
CA THR I 261 -9.28 36.70 -105.85
C THR I 261 -9.13 35.71 -107.00
N LEU I 262 -8.22 35.98 -107.92
CA LEU I 262 -8.01 35.07 -109.05
C LEU I 262 -7.19 33.85 -108.64
N VAL I 263 -6.21 34.02 -107.76
CA VAL I 263 -5.37 32.91 -107.35
C VAL I 263 -6.17 31.90 -106.53
N VAL I 264 -7.02 32.39 -105.63
CA VAL I 264 -7.82 31.50 -104.78
C VAL I 264 -8.79 30.69 -105.63
N ASN I 265 -9.48 31.36 -106.57
CA ASN I 265 -10.38 30.66 -107.47
C ASN I 265 -9.63 29.70 -108.38
N LYS I 266 -8.42 30.07 -108.81
CA LYS I 266 -7.62 29.18 -109.63
C LYS I 266 -7.13 27.97 -108.85
N LEU I 267 -6.66 28.19 -107.62
CA LEU I 267 -6.12 27.09 -106.82
C LEU I 267 -7.23 26.16 -106.36
N ARG I 268 -8.32 26.72 -105.81
CA ARG I 268 -9.45 25.92 -105.35
C ARG I 268 -10.03 25.08 -106.47
N GLY I 269 -10.64 25.71 -107.45
CA GLY I 269 -11.22 24.99 -108.57
C GLY I 269 -12.34 25.80 -109.20
N THR I 270 -12.90 25.23 -110.27
CA THR I 270 -13.99 25.81 -111.04
C THR I 270 -13.65 27.18 -111.60
N LEU I 271 -12.36 27.48 -111.74
CA LEU I 271 -11.92 28.73 -112.37
C LEU I 271 -10.65 28.46 -113.16
N LYS I 272 -10.63 28.93 -114.41
CA LYS I 272 -9.43 28.89 -115.25
C LYS I 272 -9.11 30.31 -115.65
N VAL I 273 -8.00 30.85 -115.14
CA VAL I 273 -7.64 32.25 -115.36
C VAL I 273 -6.14 32.40 -115.25
N ALA I 274 -5.62 33.46 -115.86
CA ALA I 274 -4.21 33.81 -115.77
C ALA I 274 -4.09 35.33 -115.87
N ALA I 275 -3.14 35.89 -115.13
CA ALA I 275 -2.92 37.34 -115.08
C ALA I 275 -1.55 37.66 -115.66
N VAL I 276 -1.52 38.57 -116.63
CA VAL I 276 -0.29 38.99 -117.29
C VAL I 276 -0.27 40.51 -117.34
N LYS I 277 0.90 41.10 -117.06
CA LYS I 277 1.05 42.54 -117.07
C LYS I 277 0.94 43.09 -118.49
N ALA I 278 0.63 44.38 -118.58
CA ALA I 278 0.44 45.01 -119.88
C ALA I 278 1.74 45.00 -120.68
N PRO I 279 1.69 44.64 -122.01
CA PRO I 279 2.93 44.53 -122.82
C PRO I 279 3.33 45.85 -123.48
N GLY I 280 3.76 46.80 -122.66
CA GLY I 280 4.32 48.03 -123.18
C GLY I 280 5.08 48.78 -122.11
N PHE I 281 6.07 49.55 -122.55
CA PHE I 281 6.89 50.37 -121.67
C PHE I 281 6.45 51.83 -121.63
N GLY I 282 5.43 52.20 -122.40
CA GLY I 282 5.11 53.61 -122.55
C GLY I 282 3.90 53.80 -123.43
N ASP I 283 3.81 54.99 -124.03
CA ASP I 283 2.73 55.31 -124.95
C ASP I 283 2.61 54.29 -126.08
N ARG I 284 3.68 53.58 -126.41
CA ARG I 284 3.62 52.51 -127.41
C ARG I 284 2.79 51.32 -126.95
N ARG I 285 2.39 51.27 -125.68
CA ARG I 285 1.55 50.18 -125.21
C ARG I 285 0.18 50.20 -125.88
N LYS I 286 -0.40 51.40 -126.06
CA LYS I 286 -1.70 51.50 -126.71
C LYS I 286 -1.68 50.93 -128.12
N ALA I 287 -0.52 50.97 -128.78
CA ALA I 287 -0.40 50.34 -130.08
C ALA I 287 -0.23 48.82 -129.96
N MET I 288 0.55 48.37 -128.97
CA MET I 288 0.75 46.93 -128.80
C MET I 288 -0.49 46.25 -128.26
N LEU I 289 -1.35 46.98 -127.54
CA LEU I 289 -2.62 46.40 -127.11
C LEU I 289 -3.56 46.21 -128.30
N GLU I 290 -3.57 47.15 -129.24
CA GLU I 290 -4.32 46.96 -130.47
C GLU I 290 -3.77 45.81 -131.29
N ASP I 291 -2.46 45.56 -131.21
CA ASP I 291 -1.88 44.41 -131.89
C ASP I 291 -2.48 43.11 -131.37
N ILE I 292 -2.64 43.00 -130.04
CA ILE I 292 -3.27 41.82 -129.47
C ILE I 292 -4.76 41.79 -129.79
N ALA I 293 -5.39 42.96 -129.89
CA ALA I 293 -6.82 43.02 -130.20
C ALA I 293 -7.09 42.53 -131.62
N ILE I 294 -6.29 42.98 -132.59
CA ILE I 294 -6.49 42.58 -133.97
C ILE I 294 -6.11 41.12 -134.16
N LEU I 295 -5.03 40.68 -133.51
CA LEU I 295 -4.55 39.31 -133.67
C LEU I 295 -5.56 38.30 -133.14
N THR I 296 -6.08 38.55 -131.93
CA THR I 296 -7.01 37.62 -131.30
C THR I 296 -8.47 37.90 -131.63
N GLY I 297 -8.76 39.01 -132.31
CA GLY I 297 -10.13 39.32 -132.66
C GLY I 297 -10.93 40.03 -131.60
N GLY I 298 -10.26 40.58 -130.58
CA GLY I 298 -10.92 41.29 -129.51
C GLY I 298 -10.80 42.81 -129.67
N THR I 299 -11.16 43.51 -128.59
CA THR I 299 -11.08 44.96 -128.55
C THR I 299 -10.42 45.41 -127.25
N VAL I 300 -9.73 46.53 -127.33
CA VAL I 300 -9.06 47.09 -126.16
C VAL I 300 -10.05 47.93 -125.37
N ILE I 301 -10.11 47.71 -124.06
CA ILE I 301 -11.01 48.45 -123.19
C ILE I 301 -10.34 49.73 -122.70
N LYS I 308 -14.42 51.07 -119.48
CA LYS I 308 -15.74 50.50 -119.70
C LYS I 308 -15.94 49.25 -118.84
N LEU I 309 -15.86 49.42 -117.52
CA LEU I 309 -16.06 48.32 -116.60
C LEU I 309 -17.54 47.91 -116.57
N GLU I 310 -17.75 46.61 -116.38
CA GLU I 310 -19.09 46.00 -116.28
C GLU I 310 -19.84 46.06 -117.61
N ASN I 311 -19.33 46.82 -118.57
CA ASN I 311 -19.92 46.91 -119.90
C ASN I 311 -19.24 45.97 -120.89
N ALA I 312 -18.25 45.20 -120.45
CA ALA I 312 -17.49 44.33 -121.34
C ALA I 312 -18.31 43.09 -121.68
N THR I 313 -18.36 42.76 -122.97
CA THR I 313 -19.12 41.62 -123.48
C THR I 313 -18.17 40.55 -123.99
N MET I 314 -18.65 39.30 -123.94
CA MET I 314 -17.84 38.18 -124.42
C MET I 314 -17.43 38.33 -125.88
N ALA I 315 -18.18 39.09 -126.67
CA ALA I 315 -17.79 39.32 -128.06
C ALA I 315 -16.57 40.24 -128.14
N TYR I 316 -16.36 41.09 -127.14
CA TYR I 316 -15.21 41.99 -127.12
C TYR I 316 -13.92 41.29 -126.72
N LEU I 317 -14.00 40.07 -126.20
CA LEU I 317 -12.80 39.32 -125.82
C LEU I 317 -12.13 38.72 -127.04
N GLY I 318 -10.81 38.54 -126.95
CA GLY I 318 -10.07 37.84 -127.97
C GLY I 318 -10.06 36.35 -127.74
N GLN I 319 -9.60 35.61 -128.76
CA GLN I 319 -9.54 34.17 -128.69
C GLN I 319 -8.24 33.68 -129.32
N ALA I 320 -7.74 32.56 -128.81
CA ALA I 320 -6.53 31.94 -129.33
C ALA I 320 -6.56 30.45 -128.99
N ALA I 321 -5.78 29.68 -129.75
CA ALA I 321 -5.77 28.23 -129.56
C ALA I 321 -5.08 27.84 -128.26
N ARG I 322 -3.88 28.35 -128.02
CA ARG I 322 -3.14 28.05 -126.81
C ARG I 322 -2.37 29.28 -126.36
N ILE I 323 -2.36 29.51 -125.04
CA ILE I 323 -1.60 30.59 -124.43
C ILE I 323 -0.65 29.96 -123.42
N THR I 324 0.65 30.19 -123.61
CA THR I 324 1.68 29.70 -122.70
C THR I 324 2.34 30.90 -122.03
N ILE I 325 2.20 30.99 -120.71
CA ILE I 325 2.73 32.10 -119.93
C ILE I 325 3.93 31.58 -119.14
N ASP I 326 5.12 32.04 -119.50
CA ASP I 326 6.32 31.74 -118.74
C ASP I 326 6.53 32.80 -117.65
N LYS I 327 7.60 32.65 -116.88
CA LYS I 327 7.90 33.64 -115.85
C LYS I 327 8.28 34.98 -116.48
N ASP I 328 9.17 34.94 -117.47
CA ASP I 328 9.63 36.15 -118.15
C ASP I 328 8.92 36.42 -119.47
N ASN I 329 8.00 35.55 -119.90
CA ASN I 329 7.43 35.69 -121.24
C ASN I 329 6.00 35.18 -121.26
N THR I 330 5.26 35.61 -122.29
CA THR I 330 3.91 35.13 -122.59
C THR I 330 3.76 35.04 -124.09
N THR I 331 3.25 33.90 -124.57
CA THR I 331 3.11 33.64 -125.99
C THR I 331 1.65 33.40 -126.35
N ILE I 332 1.24 33.89 -127.52
CA ILE I 332 -0.10 33.67 -128.06
C ILE I 332 0.04 32.86 -129.33
N VAL I 333 -0.69 31.76 -129.41
CA VAL I 333 -0.58 30.80 -130.51
C VAL I 333 -1.92 30.71 -131.22
N GLU I 334 -1.89 30.88 -132.55
CA GLU I 334 -3.07 30.75 -133.41
C GLU I 334 -4.18 31.72 -132.98
N GLY I 335 -3.92 32.99 -133.22
CA GLY I 335 -4.94 34.01 -132.99
C GLY I 335 -6.10 33.85 -133.94
N LYS I 336 -7.30 34.13 -133.42
CA LYS I 336 -8.53 33.95 -134.17
C LYS I 336 -8.96 35.19 -134.95
N GLY I 337 -8.16 36.25 -134.94
CA GLY I 337 -8.51 37.44 -135.68
C GLY I 337 -8.57 37.22 -137.18
N LYS I 338 -9.23 38.15 -137.86
CA LYS I 338 -9.40 38.05 -139.31
C LYS I 338 -8.04 38.16 -139.99
N GLN I 339 -7.79 37.23 -140.92
CA GLN I 339 -6.50 37.21 -141.61
C GLN I 339 -6.27 38.49 -142.40
N GLU I 340 -7.31 39.00 -143.06
CA GLU I 340 -7.19 40.27 -143.78
C GLU I 340 -7.03 41.45 -142.83
N GLU I 341 -7.49 41.32 -141.59
CA GLU I 341 -7.35 42.40 -140.62
C GLU I 341 -5.93 42.50 -140.06
N ILE I 342 -5.25 41.35 -139.92
CA ILE I 342 -3.85 41.37 -139.51
C ILE I 342 -3.00 42.05 -140.57
N LYS I 343 -3.24 41.70 -141.84
CA LYS I 343 -2.49 42.35 -142.93
C LYS I 343 -2.86 43.82 -143.05
N ALA I 344 -4.07 44.20 -142.61
CA ALA I 344 -4.45 45.60 -142.65
C ALA I 344 -3.59 46.43 -141.70
N ARG I 345 -3.28 45.90 -140.52
CA ARG I 345 -2.40 46.60 -139.59
C ARG I 345 -0.94 46.49 -140.01
N ILE I 346 -0.53 45.35 -140.58
CA ILE I 346 0.84 45.19 -141.04
C ILE I 346 1.19 46.25 -142.06
N ASN I 347 0.28 46.50 -143.01
CA ASN I 347 0.49 47.60 -143.96
C ASN I 347 0.42 48.95 -143.27
N GLU I 348 -0.38 49.07 -142.21
CA GLU I 348 -0.44 50.31 -141.46
C GLU I 348 0.88 50.59 -140.75
N ILE I 349 1.48 49.56 -140.16
CA ILE I 349 2.77 49.73 -139.48
C ILE I 349 3.86 50.02 -140.50
N LYS I 350 3.84 49.34 -141.65
CA LYS I 350 4.80 49.64 -142.71
C LYS I 350 4.62 51.07 -143.22
N GLY I 351 3.37 51.53 -143.30
CA GLY I 351 3.12 52.90 -143.71
C GLY I 351 3.55 53.95 -142.71
N GLN I 352 3.64 53.57 -141.44
CA GLN I 352 4.09 54.49 -140.39
C GLN I 352 5.60 54.46 -140.19
N ILE I 353 6.31 53.52 -140.83
CA ILE I 353 7.77 53.53 -140.75
C ILE I 353 8.34 54.71 -141.53
N GLU I 354 7.77 54.99 -142.71
CA GLU I 354 8.19 56.14 -143.50
C GLU I 354 7.79 57.46 -142.87
N LYS I 355 6.76 57.45 -142.01
CA LYS I 355 6.28 58.69 -141.40
C LYS I 355 7.29 59.27 -140.41
N SER I 356 7.75 58.45 -139.47
CA SER I 356 8.58 58.91 -138.36
C SER I 356 10.05 58.61 -138.62
N THR I 357 10.92 59.50 -138.17
CA THR I 357 12.36 59.35 -138.32
C THR I 357 12.88 58.22 -137.44
N ASP I 361 12.49 54.79 -131.74
CA ASP I 361 11.75 55.52 -132.76
C ASP I 361 11.24 54.59 -133.84
N THR I 362 12.04 54.39 -134.89
CA THR I 362 11.65 53.50 -135.97
C THR I 362 11.80 52.03 -135.60
N GLU I 363 12.79 51.71 -134.77
CA GLU I 363 12.97 50.32 -134.35
C GLU I 363 11.80 49.83 -133.51
N LYS I 364 11.10 50.75 -132.83
CA LYS I 364 9.95 50.34 -132.03
C LYS I 364 8.82 49.83 -132.92
N LEU I 365 8.46 50.60 -133.95
CA LEU I 365 7.43 50.14 -134.89
C LEU I 365 7.91 48.95 -135.70
N GLN I 366 9.22 48.85 -135.95
CA GLN I 366 9.74 47.71 -136.69
C GLN I 366 9.81 46.46 -135.84
N GLU I 367 9.78 46.59 -134.51
CA GLU I 367 9.82 45.42 -133.64
C GLU I 367 8.46 44.74 -133.55
N ARG I 368 7.38 45.51 -133.40
CA ARG I 368 6.05 44.93 -133.35
C ARG I 368 5.54 44.55 -134.73
N LEU I 369 6.16 45.07 -135.79
CA LEU I 369 5.83 44.63 -137.15
C LEU I 369 6.28 43.18 -137.37
N ALA I 370 7.47 42.83 -136.85
CA ALA I 370 7.97 41.46 -136.98
C ALA I 370 7.21 40.49 -136.09
N LYS I 371 6.48 40.97 -135.10
CA LYS I 371 5.71 40.08 -134.24
C LYS I 371 4.42 39.65 -134.93
N LEU I 372 3.74 40.56 -135.62
CA LEU I 372 2.51 40.22 -136.32
C LEU I 372 2.77 39.47 -137.61
N SER I 373 3.84 39.85 -138.33
CA SER I 373 4.14 39.23 -139.61
C SER I 373 4.81 37.86 -139.45
N GLY I 374 5.61 37.68 -138.40
CA GLY I 374 6.36 36.44 -138.27
C GLY I 374 5.50 35.26 -137.88
N GLY I 375 4.62 35.45 -136.89
CA GLY I 375 3.78 34.35 -136.44
C GLY I 375 4.48 33.49 -135.40
N VAL I 376 3.95 32.28 -135.23
CA VAL I 376 4.45 31.32 -134.26
C VAL I 376 4.54 29.96 -134.92
N ALA I 377 5.71 29.32 -134.80
CA ALA I 377 5.91 27.98 -135.31
C ALA I 377 5.53 26.97 -134.24
N VAL I 378 4.59 26.09 -134.55
CA VAL I 378 4.09 25.10 -133.60
C VAL I 378 4.73 23.75 -133.93
N LEU I 379 5.43 23.18 -132.96
CA LEU I 379 6.03 21.86 -133.09
C LEU I 379 5.10 20.84 -132.42
N LYS I 380 4.50 19.98 -133.23
CA LYS I 380 3.59 18.95 -132.74
C LYS I 380 4.34 17.62 -132.74
N ILE I 381 4.63 17.10 -131.55
CA ILE I 381 5.46 15.92 -131.38
C ILE I 381 4.57 14.73 -131.06
N GLY I 382 4.86 13.60 -131.68
CA GLY I 382 4.09 12.39 -131.44
C GLY I 382 4.97 11.16 -131.54
N ALA I 383 4.45 10.05 -131.03
CA ALA I 383 5.19 8.80 -130.97
C ALA I 383 4.21 7.64 -130.98
N SER I 384 4.71 6.43 -130.73
CA SER I 384 3.86 5.24 -130.75
C SER I 384 2.89 5.24 -129.58
N THR I 385 3.40 5.40 -128.36
CA THR I 385 2.59 5.41 -127.15
C THR I 385 2.69 6.78 -126.48
N GLU I 386 1.97 6.92 -125.36
CA GLU I 386 2.02 8.17 -124.60
C GLU I 386 3.29 8.29 -123.78
N VAL I 387 3.89 7.16 -123.39
CA VAL I 387 5.14 7.22 -122.65
C VAL I 387 6.26 7.76 -123.53
N GLU I 388 6.31 7.31 -124.79
CA GLU I 388 7.32 7.80 -125.72
C GLU I 388 6.99 9.21 -126.22
N MET I 389 5.71 9.57 -126.26
CA MET I 389 5.34 10.90 -126.74
C MET I 389 5.77 11.99 -125.77
N LYS I 390 5.47 11.81 -124.48
CA LYS I 390 5.87 12.80 -123.49
C LYS I 390 7.39 12.81 -123.30
N GLU I 391 8.05 11.67 -123.50
CA GLU I 391 9.50 11.64 -123.40
C GLU I 391 10.15 12.31 -124.60
N LYS I 392 9.59 12.09 -125.79
CA LYS I 392 10.13 12.74 -126.99
C LYS I 392 9.91 14.24 -126.95
N LYS I 393 8.73 14.68 -126.48
CA LYS I 393 8.46 16.12 -126.39
C LYS I 393 9.38 16.79 -125.37
N ALA I 394 9.74 16.08 -124.30
CA ALA I 394 10.67 16.65 -123.32
C ALA I 394 12.04 16.87 -123.92
N ARG I 395 12.51 15.95 -124.78
CA ARG I 395 13.80 16.12 -125.42
C ARG I 395 13.75 17.23 -126.47
N VAL I 396 12.60 17.40 -127.13
CA VAL I 396 12.47 18.47 -128.12
C VAL I 396 12.56 19.83 -127.47
N GLU I 397 11.87 20.01 -126.32
CA GLU I 397 11.93 21.28 -125.62
C GLU I 397 13.33 21.55 -125.09
N ASP I 398 14.03 20.50 -124.63
CA ASP I 398 15.40 20.67 -124.16
C ASP I 398 16.35 20.98 -125.31
N ALA I 399 16.14 20.33 -126.46
CA ALA I 399 16.99 20.58 -127.62
C ALA I 399 16.70 21.95 -128.23
N LEU I 400 15.42 22.35 -128.23
CA LEU I 400 15.07 23.65 -128.80
C LEU I 400 15.64 24.79 -127.97
N HIS I 401 15.46 24.73 -126.65
CA HIS I 401 15.96 25.80 -125.79
C HIS I 401 17.48 25.88 -125.83
N ALA I 402 18.15 24.73 -125.95
CA ALA I 402 19.61 24.74 -126.07
C ALA I 402 20.05 25.30 -127.42
N THR I 403 19.28 25.04 -128.48
CA THR I 403 19.64 25.57 -129.79
C THR I 403 19.41 27.07 -129.86
N ARG I 404 18.35 27.57 -129.22
CA ARG I 404 18.08 29.01 -129.24
C ARG I 404 19.17 29.78 -128.53
N ALA I 405 19.70 29.23 -127.43
CA ALA I 405 20.83 29.88 -126.76
C ALA I 405 22.12 29.71 -127.56
N ALA I 406 22.23 28.63 -128.33
CA ALA I 406 23.41 28.42 -129.16
C ALA I 406 23.41 29.31 -130.40
N VAL I 407 22.24 29.79 -130.83
CA VAL I 407 22.18 30.66 -131.99
C VAL I 407 22.58 32.09 -131.62
N GLN I 408 22.09 32.57 -130.48
CA GLN I 408 22.32 33.96 -130.07
C GLN I 408 23.80 34.29 -129.96
N GLU I 409 24.47 33.74 -128.96
CA GLU I 409 25.86 34.06 -128.69
C GLU I 409 26.85 33.05 -129.26
N GLY I 410 26.37 32.01 -129.94
CA GLY I 410 27.27 31.02 -130.51
C GLY I 410 27.61 29.91 -129.54
N ILE I 411 28.51 29.03 -129.98
CA ILE I 411 28.97 27.90 -129.18
C ILE I 411 30.48 27.98 -129.01
N VAL I 412 30.97 27.29 -127.98
CA VAL I 412 32.40 27.17 -127.70
C VAL I 412 32.68 25.72 -127.32
N VAL I 413 33.98 25.40 -127.27
CA VAL I 413 34.39 24.04 -126.93
C VAL I 413 33.97 23.72 -125.51
N GLY I 414 33.30 22.58 -125.34
CA GLY I 414 32.76 22.19 -124.05
C GLY I 414 33.79 21.52 -123.15
N GLY I 415 33.28 20.92 -122.08
CA GLY I 415 34.12 20.20 -121.15
C GLY I 415 35.06 21.07 -120.35
N GLY I 416 34.69 22.33 -120.09
CA GLY I 416 35.54 23.23 -119.34
C GLY I 416 36.77 23.70 -120.06
N VAL I 417 36.89 23.42 -121.36
CA VAL I 417 38.08 23.82 -122.11
C VAL I 417 38.00 25.28 -122.51
N ALA I 418 36.81 25.77 -122.86
CA ALA I 418 36.67 27.15 -123.32
C ALA I 418 37.12 28.14 -122.27
N LEU I 419 36.85 27.85 -120.99
CA LEU I 419 37.31 28.73 -119.92
C LEU I 419 38.83 28.76 -119.85
N ILE I 420 39.48 27.62 -120.08
CA ILE I 420 40.93 27.57 -120.09
C ILE I 420 41.48 28.28 -121.32
N ARG I 421 40.87 28.05 -122.48
CA ARG I 421 41.32 28.72 -123.69
C ARG I 421 41.12 30.23 -123.60
N ALA I 422 40.05 30.67 -122.94
CA ALA I 422 39.77 32.09 -122.80
C ALA I 422 40.72 32.79 -121.83
N ALA I 423 41.58 32.03 -121.13
CA ALA I 423 42.54 32.65 -120.22
C ALA I 423 43.62 33.45 -120.95
N LYS I 424 43.75 33.27 -122.27
CA LYS I 424 44.73 34.04 -123.03
C LYS I 424 44.41 35.53 -123.01
N GLY I 425 43.14 35.89 -122.88
CA GLY I 425 42.74 37.28 -122.82
C GLY I 425 43.22 38.02 -121.59
N LEU I 426 43.67 37.29 -120.57
CA LEU I 426 44.15 37.94 -119.34
C LEU I 426 45.39 38.79 -119.57
N ALA I 427 46.13 38.55 -120.65
CA ALA I 427 47.31 39.36 -120.93
C ALA I 427 46.93 40.82 -121.20
N LYS I 428 45.72 41.06 -121.68
CA LYS I 428 45.24 42.42 -121.92
C LYS I 428 44.73 43.10 -120.66
N ALA I 429 44.62 42.38 -119.55
CA ALA I 429 44.14 42.97 -118.31
C ALA I 429 45.19 43.89 -117.72
N VAL I 430 44.75 45.02 -117.17
CA VAL I 430 45.64 46.04 -116.62
C VAL I 430 45.49 46.03 -115.10
N ALA I 431 46.62 46.07 -114.41
CA ALA I 431 46.66 46.07 -112.95
C ALA I 431 47.29 47.37 -112.48
N ASP I 432 46.56 48.14 -111.67
CA ASP I 432 47.07 49.40 -111.16
C ASP I 432 48.00 49.21 -109.96
N ASN I 433 47.94 48.06 -109.29
CA ASN I 433 48.79 47.78 -108.15
C ASN I 433 48.91 46.27 -108.00
N GLU I 434 49.61 45.84 -106.95
CA GLU I 434 49.85 44.41 -106.76
C GLU I 434 48.58 43.68 -106.33
N ASP I 435 47.69 44.35 -105.59
CA ASP I 435 46.46 43.69 -105.16
C ASP I 435 45.52 43.45 -106.33
N GLN I 436 45.42 44.41 -107.26
CA GLN I 436 44.62 44.20 -108.46
C GLN I 436 45.23 43.11 -109.34
N LYS I 437 46.57 43.02 -109.39
CA LYS I 437 47.22 41.95 -110.13
C LYS I 437 46.94 40.59 -109.49
N THR I 438 46.83 40.55 -108.16
CA THR I 438 46.44 39.31 -107.48
C THR I 438 45.03 38.90 -107.86
N GLY I 439 44.11 39.86 -107.95
CA GLY I 439 42.75 39.55 -108.37
C GLY I 439 42.67 38.98 -109.77
N ILE I 440 43.56 39.43 -110.66
CA ILE I 440 43.60 38.86 -112.01
C ILE I 440 44.05 37.40 -111.95
N GLU I 441 45.04 37.09 -111.11
CA GLU I 441 45.52 35.72 -110.97
C GLU I 441 44.50 34.82 -110.30
N ILE I 442 43.58 35.37 -109.50
CA ILE I 442 42.51 34.58 -108.93
C ILE I 442 41.62 34.02 -110.03
N ILE I 443 41.29 34.85 -111.02
CA ILE I 443 40.46 34.38 -112.13
C ILE I 443 41.23 33.37 -112.99
N ARG I 444 42.54 33.56 -113.14
CA ARG I 444 43.33 32.63 -113.93
C ARG I 444 43.27 31.21 -113.35
N ARG I 445 43.38 31.09 -112.02
CA ARG I 445 43.29 29.78 -111.40
C ARG I 445 41.85 29.27 -111.34
N ALA I 446 40.86 30.16 -111.43
CA ALA I 446 39.48 29.73 -111.37
C ALA I 446 39.00 29.13 -112.69
N LEU I 447 39.51 29.63 -113.82
CA LEU I 447 39.02 29.17 -115.11
C LEU I 447 39.29 27.68 -115.34
N GLU I 448 40.34 27.15 -114.72
CA GLU I 448 40.66 25.73 -114.81
C GLU I 448 39.93 24.90 -113.76
N GLU I 449 39.17 25.53 -112.87
CA GLU I 449 38.48 24.77 -111.82
C GLU I 449 37.36 23.90 -112.36
N PRO I 450 36.48 24.37 -113.26
CA PRO I 450 35.42 23.47 -113.75
C PRO I 450 35.93 22.21 -114.44
N LEU I 451 36.99 22.32 -115.25
CA LEU I 451 37.57 21.11 -115.84
C LEU I 451 38.16 20.20 -114.77
N ARG I 452 38.85 20.79 -113.79
CA ARG I 452 39.44 20.00 -112.72
C ARG I 452 38.38 19.23 -111.94
N GLN I 453 37.16 19.78 -111.85
CA GLN I 453 36.07 19.07 -111.18
C GLN I 453 35.48 17.98 -112.07
N ILE I 454 35.46 18.20 -113.39
CA ILE I 454 34.93 17.17 -114.29
C ILE I 454 35.85 15.96 -114.29
N VAL I 455 37.17 16.18 -114.33
CA VAL I 455 38.11 15.06 -114.29
C VAL I 455 38.08 14.39 -112.92
N ALA I 456 37.89 15.17 -111.85
CA ALA I 456 37.86 14.60 -110.51
C ALA I 456 36.66 13.69 -110.31
N ASN I 457 35.52 14.05 -110.91
CA ASN I 457 34.32 13.23 -110.76
C ASN I 457 34.46 11.87 -111.45
N THR I 458 35.44 11.72 -112.34
CA THR I 458 35.71 10.41 -112.92
C THR I 458 36.24 9.44 -111.87
N GLY I 459 36.96 9.94 -110.87
CA GLY I 459 37.55 9.12 -109.84
C GLY I 459 39.04 8.93 -109.95
N THR I 460 39.69 9.55 -110.93
CA THR I 460 41.12 9.40 -111.13
C THR I 460 41.89 10.37 -110.25
N THR I 461 42.95 9.86 -109.61
CA THR I 461 43.85 10.69 -108.84
C THR I 461 44.90 11.38 -109.70
N ASP I 462 44.94 11.07 -111.00
CA ASP I 462 45.89 11.65 -111.93
C ASP I 462 45.38 12.93 -112.59
N GLY I 463 44.22 13.43 -112.15
CA GLY I 463 43.54 14.53 -112.79
C GLY I 463 44.36 15.79 -113.04
N ALA I 464 45.42 15.99 -112.27
CA ALA I 464 46.30 17.12 -112.52
C ALA I 464 47.01 16.99 -113.86
N VAL I 465 47.25 15.76 -114.32
CA VAL I 465 47.89 15.55 -115.61
C VAL I 465 46.95 15.92 -116.75
N VAL I 466 45.67 15.58 -116.60
CA VAL I 466 44.68 15.92 -117.64
C VAL I 466 44.58 17.43 -117.78
N LEU I 467 44.67 18.16 -116.67
CA LEU I 467 44.60 19.62 -116.74
C LEU I 467 45.80 20.19 -117.49
N GLU I 468 46.97 19.59 -117.31
CA GLU I 468 48.18 20.14 -117.92
C GLU I 468 48.20 19.90 -119.43
N LYS I 469 47.72 18.74 -119.88
CA LYS I 469 47.69 18.47 -121.32
C LYS I 469 46.77 19.44 -122.05
N VAL I 470 45.63 19.77 -121.44
CA VAL I 470 44.69 20.69 -122.09
C VAL I 470 45.28 22.09 -122.15
N LYS I 471 45.90 22.55 -121.05
CA LYS I 471 46.51 23.89 -121.06
C LYS I 471 47.68 23.96 -122.04
N ASN I 472 48.41 22.87 -122.24
CA ASN I 472 49.50 22.85 -123.20
C ASN I 472 49.00 22.70 -124.64
N ALA I 473 47.81 22.15 -124.84
CA ALA I 473 47.25 21.99 -126.17
C ALA I 473 46.73 23.33 -126.67
N GLU I 474 46.11 23.31 -127.86
CA GLU I 474 45.63 24.53 -128.49
C GLU I 474 44.31 24.26 -129.20
N GLY I 475 43.51 25.32 -129.33
CA GLY I 475 42.28 25.22 -130.11
C GLY I 475 41.23 24.38 -129.42
N ASP I 476 40.59 23.50 -130.20
CA ASP I 476 39.49 22.68 -129.73
C ASP I 476 39.95 21.35 -129.14
N TYR I 477 41.26 21.13 -129.03
CA TYR I 477 41.76 19.91 -128.42
C TYR I 477 41.48 19.92 -126.93
N GLY I 478 40.80 18.88 -126.44
CA GLY I 478 40.46 18.81 -125.04
C GLY I 478 40.27 17.37 -124.62
N PHE I 479 39.87 17.21 -123.36
CA PHE I 479 39.64 15.89 -122.79
C PHE I 479 38.14 15.62 -122.72
N ASN I 480 37.72 14.50 -123.30
CA ASN I 480 36.33 14.06 -123.25
C ASN I 480 36.16 13.11 -122.07
N ALA I 481 35.40 13.54 -121.06
CA ALA I 481 35.21 12.72 -119.87
C ALA I 481 34.28 11.55 -120.12
N ARG I 482 33.49 11.59 -121.20
CA ARG I 482 32.59 10.48 -121.49
C ARG I 482 33.37 9.25 -121.92
N THR I 483 34.25 9.39 -122.92
CA THR I 483 35.07 8.31 -123.41
C THR I 483 36.46 8.26 -122.78
N GLU I 484 36.79 9.23 -121.92
CA GLU I 484 38.07 9.27 -121.22
C GLU I 484 39.25 9.26 -122.21
N GLN I 485 39.11 10.04 -123.29
CA GLN I 485 40.15 10.14 -124.29
C GLN I 485 40.21 11.58 -124.81
N TYR I 486 41.36 11.93 -125.37
CA TYR I 486 41.56 13.25 -125.94
C TYR I 486 41.23 13.25 -127.41
N GLU I 487 40.59 14.32 -127.86
CA GLU I 487 40.16 14.47 -129.25
C GLU I 487 39.77 15.93 -129.47
N ASN I 488 39.24 16.23 -130.65
CA ASN I 488 38.70 17.55 -130.94
C ASN I 488 37.24 17.56 -130.46
N LEU I 489 36.95 18.44 -129.50
CA LEU I 489 35.66 18.38 -128.83
C LEU I 489 34.54 18.93 -129.72
N ILE I 490 34.81 19.99 -130.48
CA ILE I 490 33.81 20.51 -131.40
C ILE I 490 33.52 19.49 -132.50
N GLU I 491 34.55 18.77 -132.94
CA GLU I 491 34.33 17.71 -133.92
C GLU I 491 33.65 16.49 -133.28
N ALA I 492 33.89 16.26 -131.99
CA ALA I 492 33.29 15.14 -131.27
C ALA I 492 31.91 15.46 -130.71
N GLY I 493 31.42 16.68 -130.90
CA GLY I 493 30.09 17.02 -130.42
C GLY I 493 30.02 17.47 -128.98
N VAL I 494 31.16 17.81 -128.37
CA VAL I 494 31.19 18.31 -127.01
C VAL I 494 31.35 19.82 -127.09
N VAL I 495 30.27 20.55 -126.79
CA VAL I 495 30.23 21.99 -126.94
C VAL I 495 29.24 22.56 -125.93
N ASP I 496 29.46 23.82 -125.57
CA ASP I 496 28.55 24.57 -124.72
C ASP I 496 28.22 25.89 -125.38
N PRO I 497 26.99 26.37 -125.27
CA PRO I 497 26.67 27.71 -125.78
C PRO I 497 27.51 28.77 -125.08
N THR I 498 28.03 29.72 -125.88
CA THR I 498 28.85 30.78 -125.32
C THR I 498 28.08 31.59 -124.29
N LYS I 499 26.77 31.72 -124.46
CA LYS I 499 25.95 32.41 -123.47
C LYS I 499 26.01 31.73 -122.11
N VAL I 500 26.08 30.40 -122.11
CA VAL I 500 26.16 29.67 -120.85
C VAL I 500 27.51 29.90 -120.18
N THR I 501 28.60 29.68 -120.93
CA THR I 501 29.94 29.83 -120.35
C THR I 501 30.20 31.26 -119.90
N ARG I 502 29.70 32.24 -120.66
CA ARG I 502 29.87 33.63 -120.27
C ARG I 502 29.09 33.94 -118.99
N SER I 503 27.83 33.52 -118.94
CA SER I 503 26.99 33.83 -117.78
C SER I 503 27.51 33.16 -116.52
N ALA I 504 28.01 31.93 -116.64
CA ALA I 504 28.52 31.23 -115.47
C ALA I 504 29.72 31.95 -114.85
N LEU I 505 30.61 32.50 -115.69
CA LEU I 505 31.77 33.22 -115.17
C LEU I 505 31.37 34.59 -114.64
N GLU I 506 30.47 35.29 -115.33
CA GLU I 506 30.08 36.63 -114.91
C GLU I 506 29.29 36.60 -113.62
N ASN I 507 28.37 35.65 -113.49
CA ASN I 507 27.57 35.54 -112.27
C ASN I 507 28.42 35.12 -111.08
N ALA I 508 29.31 34.14 -111.29
CA ALA I 508 30.15 33.65 -110.20
C ALA I 508 31.03 34.76 -109.64
N ALA I 509 31.72 35.49 -110.52
CA ALA I 509 32.57 36.58 -110.07
C ALA I 509 31.75 37.71 -109.44
N SER I 510 30.48 37.84 -109.80
CA SER I 510 29.64 38.88 -109.21
C SER I 510 29.35 38.58 -107.74
N VAL I 511 28.82 37.39 -107.45
CA VAL I 511 28.46 37.06 -106.07
C VAL I 511 29.70 36.94 -105.20
N ALA I 512 30.81 36.45 -105.75
CA ALA I 512 32.04 36.33 -104.97
C ALA I 512 32.59 37.71 -104.61
N SER I 513 32.51 38.67 -105.53
CA SER I 513 33.00 40.01 -105.25
C SER I 513 32.14 40.72 -104.20
N ILE I 514 30.83 40.45 -104.20
CA ILE I 514 29.96 41.03 -103.19
C ILE I 514 30.32 40.49 -101.80
N LEU I 515 30.62 39.19 -101.73
CA LEU I 515 30.96 38.60 -100.44
C LEU I 515 32.31 39.08 -99.94
N LEU I 516 33.26 39.32 -100.85
CA LEU I 516 34.58 39.81 -100.43
C LEU I 516 34.51 41.22 -99.88
N THR I 517 33.51 42.00 -100.30
CA THR I 517 33.34 43.36 -99.83
C THR I 517 32.37 43.48 -98.65
N THR I 518 31.87 42.36 -98.14
CA THR I 518 30.89 42.37 -97.06
C THR I 518 31.61 42.43 -95.72
N GLU I 519 31.40 43.53 -94.98
CA GLU I 519 31.96 43.67 -93.64
C GLU I 519 31.00 43.33 -92.52
N ALA I 520 29.73 43.05 -92.82
CA ALA I 520 28.75 42.79 -91.78
C ALA I 520 27.73 41.77 -92.25
N ALA I 521 27.41 40.80 -91.40
CA ALA I 521 26.35 39.84 -91.65
C ALA I 521 25.33 39.96 -90.52
N ILE I 522 24.13 40.44 -90.85
CA ILE I 522 23.08 40.68 -89.88
C ILE I 522 22.02 39.60 -90.05
N THR I 523 21.69 38.91 -88.96
CA THR I 523 20.72 37.83 -88.99
C THR I 523 19.91 37.84 -87.71
N ASP I 524 18.71 37.26 -87.78
CA ASP I 524 17.81 37.22 -86.63
C ASP I 524 18.30 36.23 -85.59
N VAL I 525 17.82 36.42 -84.37
CA VAL I 525 18.14 35.51 -83.27
C VAL I 525 17.25 34.28 -83.37
N LYS I 526 17.83 33.11 -83.11
CA LYS I 526 17.10 31.85 -83.19
C LYS I 526 16.04 31.76 -82.10
N THR J 2 13.10 23.36 -95.49
CA THR J 2 13.70 22.68 -94.36
C THR J 2 15.21 22.56 -94.54
N ALA J 3 15.95 22.82 -93.46
CA ALA J 3 17.40 22.68 -93.50
C ALA J 3 17.77 21.21 -93.71
N LYS J 4 18.98 20.99 -94.22
CA LYS J 4 19.43 19.67 -94.61
C LYS J 4 20.72 19.31 -93.88
N ASP J 5 20.92 18.00 -93.71
CA ASP J 5 22.19 17.43 -93.30
C ASP J 5 22.74 16.61 -94.46
N ILE J 6 24.04 16.77 -94.72
CA ILE J 6 24.67 16.19 -95.90
C ILE J 6 25.81 15.27 -95.45
N LEU J 7 25.84 14.06 -96.01
CA LEU J 7 26.96 13.15 -95.85
C LEU J 7 27.64 12.96 -97.20
N PHE J 8 28.97 12.88 -97.19
CA PHE J 8 29.75 12.82 -98.42
C PHE J 8 30.61 11.56 -98.46
N ASP J 9 31.03 11.21 -99.67
CA ASP J 9 32.12 10.26 -99.94
C ASP J 9 31.80 8.92 -99.25
N ALA J 10 32.79 8.30 -98.60
CA ALA J 10 32.59 6.98 -98.00
C ALA J 10 31.72 7.04 -96.75
N GLU J 11 31.67 8.19 -96.07
CA GLU J 11 30.82 8.30 -94.90
C GLU J 11 29.36 8.12 -95.26
N ALA J 12 28.96 8.61 -96.43
CA ALA J 12 27.58 8.41 -96.89
C ALA J 12 27.35 6.98 -97.34
N ARG J 13 28.28 6.43 -98.14
CA ARG J 13 28.12 5.07 -98.64
C ARG J 13 28.17 4.04 -97.53
N THR J 14 28.96 4.29 -96.48
CA THR J 14 29.01 3.35 -95.37
C THR J 14 27.71 3.34 -94.58
N LYS J 15 27.14 4.53 -94.34
CA LYS J 15 25.88 4.59 -93.63
C LYS J 15 24.73 4.02 -94.45
N LEU J 16 24.78 4.19 -95.78
CA LEU J 16 23.78 3.57 -96.65
C LEU J 16 23.86 2.06 -96.57
N LYS J 17 25.08 1.51 -96.44
CA LYS J 17 25.25 0.08 -96.34
C LYS J 17 24.60 -0.49 -95.08
N VAL J 18 24.61 0.28 -93.98
CA VAL J 18 23.96 -0.17 -92.76
C VAL J 18 22.48 -0.43 -92.99
N GLY J 19 21.81 0.50 -93.68
CA GLY J 19 20.40 0.30 -93.98
C GLY J 19 20.17 -0.83 -94.95
N VAL J 20 21.04 -0.96 -95.95
CA VAL J 20 20.93 -2.07 -96.90
C VAL J 20 21.09 -3.41 -96.17
N ASP J 21 22.07 -3.49 -95.27
CA ASP J 21 22.28 -4.72 -94.53
C ASP J 21 21.10 -5.05 -93.62
N LYS J 22 20.54 -4.03 -92.97
CA LYS J 22 19.38 -4.27 -92.10
C LYS J 22 18.19 -4.80 -92.91
N LEU J 23 18.00 -4.29 -94.13
CA LEU J 23 16.93 -4.78 -94.97
C LEU J 23 17.20 -6.21 -95.43
N ALA J 24 18.43 -6.49 -95.85
CA ALA J 24 18.76 -7.81 -96.38
C ALA J 24 18.75 -8.88 -95.29
N ASN J 25 19.39 -8.59 -94.16
CA ASN J 25 19.50 -9.59 -93.09
C ASN J 25 18.14 -9.99 -92.55
N ALA J 26 17.15 -9.10 -92.63
CA ALA J 26 15.82 -9.44 -92.15
C ALA J 26 15.07 -10.31 -93.15
N VAL J 27 15.18 -9.99 -94.44
CA VAL J 27 14.42 -10.70 -95.46
C VAL J 27 15.08 -12.02 -95.82
N LYS J 28 16.42 -12.07 -95.84
CA LYS J 28 17.11 -13.22 -96.41
C LYS J 28 16.95 -14.49 -95.57
N VAL J 29 16.50 -14.37 -94.32
CA VAL J 29 16.28 -15.57 -93.51
C VAL J 29 15.06 -16.36 -93.96
N THR J 30 14.22 -15.77 -94.81
CA THR J 30 13.05 -16.45 -95.35
C THR J 30 13.29 -17.05 -96.73
N LEU J 31 14.49 -16.90 -97.28
CA LEU J 31 14.74 -17.32 -98.65
C LEU J 31 14.78 -18.84 -98.75
N GLY J 32 14.20 -19.36 -99.82
CA GLY J 32 14.21 -20.79 -100.08
C GLY J 32 13.13 -21.53 -99.33
N PRO J 33 13.00 -22.83 -99.61
CA PRO J 33 11.99 -23.63 -98.87
C PRO J 33 12.32 -23.80 -97.40
N ALA J 34 13.59 -23.76 -97.04
CA ALA J 34 14.01 -23.88 -95.66
C ALA J 34 13.97 -22.56 -94.90
N GLY J 35 13.53 -21.48 -95.54
CA GLY J 35 13.45 -20.18 -94.91
C GLY J 35 12.71 -20.21 -93.59
N ARG J 36 13.24 -19.51 -92.59
CA ARG J 36 12.69 -19.56 -91.24
C ARG J 36 11.64 -18.47 -91.04
N ASN J 37 11.07 -18.44 -89.84
CA ASN J 37 9.92 -17.60 -89.55
C ASN J 37 10.34 -16.26 -88.96
N VAL J 38 9.61 -15.20 -89.33
CA VAL J 38 9.85 -13.85 -88.84
C VAL J 38 8.60 -13.35 -88.14
N LEU J 39 8.76 -12.86 -86.91
CA LEU J 39 7.64 -12.34 -86.13
C LEU J 39 7.54 -10.84 -86.33
N ILE J 40 6.32 -10.37 -86.64
CA ILE J 40 6.04 -8.95 -86.86
C ILE J 40 5.03 -8.50 -85.82
N ASP J 41 5.43 -7.52 -85.00
CA ASP J 41 4.59 -7.05 -83.91
C ASP J 41 3.39 -6.28 -84.45
N LYS J 42 2.31 -6.27 -83.67
CA LYS J 42 1.10 -5.54 -84.01
C LYS J 42 0.67 -4.71 -82.80
N LYS J 43 -0.43 -3.96 -82.97
CA LYS J 43 -0.87 -3.05 -81.93
C LYS J 43 -1.35 -3.80 -80.70
N PHE J 44 -2.17 -4.83 -80.89
CA PHE J 44 -2.68 -5.62 -79.78
C PHE J 44 -2.89 -7.06 -80.25
N GLY J 45 -2.71 -7.99 -79.33
CA GLY J 45 -2.92 -9.40 -79.61
C GLY J 45 -1.65 -10.12 -80.02
N ALA J 46 -1.85 -11.31 -80.57
CA ALA J 46 -0.73 -12.11 -81.02
C ALA J 46 -0.09 -11.47 -82.26
N PRO J 47 1.23 -11.64 -82.43
CA PRO J 47 1.89 -11.04 -83.60
C PRO J 47 1.64 -11.83 -84.87
N THR J 48 2.33 -11.45 -85.94
CA THR J 48 2.22 -12.10 -87.24
C THR J 48 3.47 -12.93 -87.50
N SER J 49 3.27 -14.21 -87.83
CA SER J 49 4.34 -15.10 -88.24
C SER J 49 4.33 -15.24 -89.75
N THR J 50 5.46 -14.95 -90.39
CA THR J 50 5.53 -15.00 -91.84
C THR J 50 6.88 -15.57 -92.28
N LYS J 51 6.83 -16.52 -93.21
CA LYS J 51 8.00 -16.98 -93.95
C LYS J 51 8.13 -16.26 -95.29
N ASP J 52 7.27 -15.29 -95.56
CA ASP J 52 7.27 -14.58 -96.83
C ASP J 52 8.23 -13.39 -96.76
N GLY J 53 9.14 -13.31 -97.73
CA GLY J 53 10.13 -12.26 -97.72
C GLY J 53 9.56 -10.90 -98.11
N VAL J 54 8.50 -10.88 -98.90
CA VAL J 54 7.91 -9.61 -99.33
C VAL J 54 7.17 -8.97 -98.16
N THR J 55 6.45 -9.77 -97.37
CA THR J 55 5.76 -9.24 -96.20
C THR J 55 6.74 -8.62 -95.21
N VAL J 56 7.88 -9.27 -94.99
CA VAL J 56 8.90 -8.70 -94.11
C VAL J 56 9.48 -7.43 -94.70
N ALA J 57 9.63 -7.40 -96.03
CA ALA J 57 10.22 -6.23 -96.67
C ALA J 57 9.31 -5.01 -96.55
N LYS J 58 8.00 -5.21 -96.65
CA LYS J 58 7.06 -4.10 -96.53
C LYS J 58 7.09 -3.46 -95.15
N GLU J 59 7.56 -4.18 -94.14
CA GLU J 59 7.60 -3.69 -92.77
C GLU J 59 8.92 -3.04 -92.39
N ILE J 60 9.87 -2.92 -93.32
CA ILE J 60 11.21 -2.46 -92.99
C ILE J 60 11.24 -0.94 -93.13
N GLU J 61 11.40 -0.26 -92.01
CA GLU J 61 11.55 1.19 -91.97
C GLU J 61 12.51 1.51 -90.82
N LEU J 62 13.44 2.43 -91.07
CA LEU J 62 14.52 2.70 -90.13
C LEU J 62 14.41 4.13 -89.61
N VAL J 63 14.91 4.32 -88.38
CA VAL J 63 14.80 5.61 -87.73
C VAL J 63 15.86 6.58 -88.26
N ASP J 64 17.06 6.09 -88.55
CA ASP J 64 18.11 6.94 -89.08
C ASP J 64 17.79 7.33 -90.52
N PRO J 65 17.78 8.61 -90.87
CA PRO J 65 17.34 9.01 -92.21
C PRO J 65 18.20 8.45 -93.33
N VAL J 66 19.52 8.46 -93.18
CA VAL J 66 20.38 7.96 -94.25
C VAL J 66 20.32 6.43 -94.31
N GLU J 67 20.27 5.76 -93.16
CA GLU J 67 20.14 4.31 -93.15
C GLU J 67 18.82 3.88 -93.79
N ASN J 68 17.73 4.55 -93.41
CA ASN J 68 16.44 4.27 -94.05
C ASN J 68 16.48 4.64 -95.54
N MET J 69 17.25 5.67 -95.89
CA MET J 69 17.31 6.11 -97.27
C MET J 69 17.85 5.01 -98.19
N GLY J 70 18.88 4.29 -97.73
CA GLY J 70 19.39 3.18 -98.52
C GLY J 70 18.52 1.95 -98.47
N ALA J 71 17.81 1.73 -97.36
CA ALA J 71 16.93 0.58 -97.25
C ALA J 71 15.73 0.71 -98.18
N GLN J 72 15.27 1.93 -98.44
CA GLN J 72 14.15 2.11 -99.35
C GLN J 72 14.59 2.01 -100.81
N MET J 73 15.86 2.30 -101.09
CA MET J 73 16.39 2.12 -102.46
C MET J 73 16.30 0.66 -102.89
N VAL J 74 16.92 -0.22 -102.09
CA VAL J 74 16.89 -1.64 -102.42
C VAL J 74 15.47 -2.19 -102.35
N ARG J 75 14.64 -1.62 -101.48
CA ARG J 75 13.25 -2.08 -101.38
C ARG J 75 12.49 -1.79 -102.67
N GLU J 76 12.60 -0.56 -103.18
CA GLU J 76 11.83 -0.18 -104.37
C GLU J 76 12.32 -0.92 -105.60
N VAL J 77 13.63 -1.12 -105.72
CA VAL J 77 14.17 -1.76 -106.92
C VAL J 77 13.91 -3.26 -106.90
N ALA J 78 14.17 -3.91 -105.77
CA ALA J 78 13.93 -5.35 -105.67
C ALA J 78 12.44 -5.69 -105.70
N SER J 79 11.57 -4.73 -105.38
CA SER J 79 10.13 -4.98 -105.49
C SER J 79 9.68 -5.10 -106.93
N LYS J 80 10.43 -4.52 -107.88
CA LYS J 80 10.10 -4.64 -109.28
C LYS J 80 10.31 -6.06 -109.80
N THR J 81 11.07 -6.89 -109.07
CA THR J 81 11.29 -8.26 -109.51
C THR J 81 10.03 -9.10 -109.35
N SER J 82 9.38 -9.02 -108.19
CA SER J 82 8.16 -9.78 -107.95
C SER J 82 6.92 -9.10 -108.50
N ASP J 83 7.06 -7.93 -109.12
CA ASP J 83 5.92 -7.31 -109.79
C ASP J 83 5.70 -7.89 -111.18
N VAL J 84 6.69 -7.72 -112.07
CA VAL J 84 6.55 -8.22 -113.43
C VAL J 84 6.73 -9.73 -113.48
N ALA J 85 7.68 -10.27 -112.72
CA ALA J 85 7.98 -11.70 -112.76
C ALA J 85 7.29 -12.48 -111.64
N GLY J 86 6.58 -11.80 -110.74
CA GLY J 86 5.84 -12.47 -109.69
C GLY J 86 6.66 -13.06 -108.57
N ASP J 87 7.99 -13.07 -108.67
CA ASP J 87 8.84 -13.64 -107.64
C ASP J 87 10.23 -13.04 -107.77
N GLY J 88 11.02 -13.21 -106.71
CA GLY J 88 12.42 -12.83 -106.74
C GLY J 88 12.80 -11.54 -106.04
N THR J 89 11.92 -10.97 -105.22
CA THR J 89 12.28 -9.78 -104.47
C THR J 89 13.37 -10.09 -103.44
N THR J 90 13.24 -11.22 -102.74
CA THR J 90 14.26 -11.60 -101.76
C THR J 90 15.59 -11.92 -102.43
N THR J 91 15.54 -12.63 -103.57
CA THR J 91 16.78 -12.94 -104.28
C THR J 91 17.48 -11.68 -104.75
N ALA J 92 16.73 -10.70 -105.26
CA ALA J 92 17.32 -9.45 -105.70
C ALA J 92 17.93 -8.67 -104.53
N THR J 93 17.31 -8.75 -103.36
CA THR J 93 17.87 -8.06 -102.19
C THR J 93 19.18 -8.69 -101.75
N VAL J 94 19.22 -10.03 -101.69
CA VAL J 94 20.44 -10.73 -101.32
C VAL J 94 21.56 -10.40 -102.30
N LEU J 95 21.24 -10.44 -103.61
CA LEU J 95 22.23 -10.11 -104.62
C LEU J 95 22.70 -8.66 -104.50
N ALA J 96 21.76 -7.73 -104.27
CA ALA J 96 22.13 -6.33 -104.15
C ALA J 96 23.00 -6.08 -102.93
N GLN J 97 22.79 -6.83 -101.85
CA GLN J 97 23.64 -6.70 -100.68
C GLN J 97 25.06 -7.16 -100.98
N ALA J 98 25.21 -8.27 -101.71
CA ALA J 98 26.54 -8.78 -102.02
C ALA J 98 27.28 -7.86 -102.98
N ILE J 99 26.60 -7.37 -104.01
CA ILE J 99 27.26 -6.49 -104.98
C ILE J 99 27.69 -5.19 -104.32
N TYR J 100 26.89 -4.68 -103.38
CA TYR J 100 27.24 -3.43 -102.71
C TYR J 100 28.38 -3.63 -101.73
N ARG J 101 28.34 -4.72 -100.96
CA ARG J 101 29.39 -4.96 -99.97
C ARG J 101 30.75 -5.13 -100.62
N GLU J 102 30.84 -6.04 -101.60
CA GLU J 102 32.10 -6.23 -102.31
C GLU J 102 32.48 -5.00 -103.13
N GLY J 103 31.49 -4.21 -103.54
CA GLY J 103 31.80 -2.99 -104.27
C GLY J 103 32.47 -1.95 -103.39
N LEU J 104 31.97 -1.76 -102.16
CA LEU J 104 32.57 -0.77 -101.27
C LEU J 104 33.97 -1.17 -100.83
N LYS J 105 34.24 -2.47 -100.68
CA LYS J 105 35.56 -2.91 -100.27
C LYS J 105 36.63 -2.46 -101.26
N ASN J 106 36.32 -2.53 -102.55
CA ASN J 106 37.28 -2.12 -103.56
C ASN J 106 37.35 -0.61 -103.71
N VAL J 107 36.22 0.09 -103.56
CA VAL J 107 36.24 1.55 -103.57
C VAL J 107 37.13 2.07 -102.46
N THR J 108 37.05 1.45 -101.28
CA THR J 108 37.97 1.79 -100.19
C THR J 108 39.40 1.45 -100.56
N ALA J 109 39.61 0.43 -101.39
CA ALA J 109 40.94 0.00 -101.80
C ALA J 109 41.50 0.80 -102.96
N GLY J 110 40.78 1.81 -103.45
CA GLY J 110 41.26 2.67 -104.52
C GLY J 110 40.62 2.44 -105.87
N ALA J 111 39.66 1.51 -105.98
CA ALA J 111 39.01 1.25 -107.26
C ALA J 111 38.05 2.38 -107.59
N ARG J 112 38.10 2.85 -108.84
CA ARG J 112 37.19 3.89 -109.29
C ARG J 112 35.76 3.35 -109.32
N PRO J 113 34.80 4.05 -108.72
CA PRO J 113 33.41 3.53 -108.72
C PRO J 113 32.80 3.42 -110.10
N ILE J 114 33.20 4.30 -111.04
CA ILE J 114 32.59 4.27 -112.36
C ILE J 114 33.09 3.08 -113.17
N ASP J 115 34.33 2.63 -112.93
CA ASP J 115 34.83 1.44 -113.60
C ASP J 115 34.27 0.16 -113.01
N LEU J 116 33.89 0.18 -111.73
CA LEU J 116 33.21 -0.96 -111.15
C LEU J 116 31.82 -1.14 -111.74
N LYS J 117 31.13 -0.03 -111.99
CA LYS J 117 29.79 -0.11 -112.59
C LYS J 117 29.86 -0.68 -114.00
N ARG J 118 30.82 -0.22 -114.81
CA ARG J 118 30.97 -0.74 -116.16
C ARG J 118 31.27 -2.23 -116.15
N GLY J 119 32.23 -2.65 -115.33
CA GLY J 119 32.52 -4.07 -115.21
C GLY J 119 31.35 -4.88 -114.68
N ILE J 120 30.57 -4.30 -113.77
CA ILE J 120 29.37 -4.96 -113.28
C ILE J 120 28.32 -5.05 -114.39
N ASP J 121 28.12 -3.95 -115.12
CA ASP J 121 27.13 -3.95 -116.20
C ASP J 121 27.51 -4.92 -117.29
N ARG J 122 28.78 -4.95 -117.68
CA ARG J 122 29.23 -5.89 -118.70
C ARG J 122 29.10 -7.34 -118.24
N ALA J 123 29.27 -7.58 -116.94
CA ALA J 123 29.15 -8.94 -116.43
C ALA J 123 27.70 -9.40 -116.40
N VAL J 124 26.77 -8.50 -116.08
CA VAL J 124 25.37 -8.88 -115.99
C VAL J 124 24.81 -9.24 -117.35
N LYS J 125 25.18 -8.48 -118.39
CA LYS J 125 24.71 -8.76 -119.74
C LYS J 125 25.14 -10.15 -120.20
N GLU J 126 26.35 -10.55 -119.84
CA GLU J 126 26.84 -11.88 -120.24
C GLU J 126 26.22 -12.99 -119.40
N VAL J 127 25.81 -12.69 -118.17
CA VAL J 127 25.13 -13.69 -117.36
C VAL J 127 23.68 -13.84 -117.80
N VAL J 128 23.03 -12.73 -118.15
CA VAL J 128 21.66 -12.80 -118.66
C VAL J 128 21.63 -13.54 -120.00
N ALA J 129 22.61 -13.27 -120.87
CA ALA J 129 22.68 -13.96 -122.16
C ALA J 129 22.87 -15.46 -121.96
N GLU J 130 23.84 -15.85 -121.12
CA GLU J 130 24.02 -17.26 -120.80
C GLU J 130 22.80 -17.83 -120.10
N LEU J 131 22.07 -17.00 -119.36
CA LEU J 131 20.85 -17.46 -118.71
C LEU J 131 19.78 -17.79 -119.74
N ARG J 132 19.85 -17.18 -120.93
CA ARG J 132 18.91 -17.53 -122.00
C ARG J 132 19.28 -18.88 -122.62
N ASN J 133 20.57 -19.17 -122.76
CA ASN J 133 21.01 -20.40 -123.40
C ASN J 133 20.61 -21.62 -122.57
N ILE J 134 20.75 -21.55 -121.25
CA ILE J 134 20.35 -22.65 -120.39
C ILE J 134 18.85 -22.69 -120.15
N SER J 135 18.13 -21.63 -120.52
CA SER J 135 16.69 -21.60 -120.35
C SER J 135 16.00 -22.54 -121.33
N ARG J 136 14.96 -23.21 -120.84
CA ARG J 136 14.16 -24.13 -121.66
C ARG J 136 12.78 -23.51 -121.85
N SER J 137 12.43 -23.21 -123.09
CA SER J 137 11.17 -22.53 -123.39
C SER J 137 9.98 -23.45 -123.11
N ILE J 138 8.83 -22.83 -122.84
CA ILE J 138 7.59 -23.53 -122.53
C ILE J 138 6.53 -23.07 -123.51
N SER J 139 5.98 -24.01 -124.28
CA SER J 139 4.93 -23.70 -125.24
C SER J 139 4.02 -24.91 -125.42
N GLY J 140 2.76 -24.65 -125.66
CA GLY J 140 1.78 -25.72 -125.83
C GLY J 140 1.18 -26.18 -124.53
N LYS J 141 -0.06 -26.65 -124.60
CA LYS J 141 -0.79 -27.06 -123.40
C LYS J 141 -0.10 -28.21 -122.67
N LYS J 142 0.74 -28.99 -123.36
CA LYS J 142 1.44 -30.11 -122.76
C LYS J 142 2.27 -29.65 -121.57
N GLU J 143 3.33 -28.88 -121.83
CA GLU J 143 4.23 -28.44 -120.78
C GLU J 143 3.71 -27.24 -120.00
N ILE J 144 2.77 -26.47 -120.57
CA ILE J 144 2.20 -25.34 -119.83
C ILE J 144 1.45 -25.84 -118.60
N ALA J 145 0.69 -26.93 -118.75
CA ALA J 145 0.01 -27.52 -117.60
C ALA J 145 1.01 -28.08 -116.59
N GLN J 146 2.19 -28.49 -117.07
CA GLN J 146 3.22 -28.97 -116.14
C GLN J 146 3.79 -27.82 -115.31
N VAL J 147 4.02 -26.67 -115.94
CA VAL J 147 4.51 -25.51 -115.20
C VAL J 147 3.46 -25.03 -114.20
N GLY J 148 2.20 -24.96 -114.63
CA GLY J 148 1.14 -24.55 -113.73
C GLY J 148 0.93 -25.51 -112.57
N THR J 149 1.19 -26.80 -112.80
CA THR J 149 1.05 -27.78 -111.72
C THR J 149 2.15 -27.61 -110.68
N ILE J 150 3.39 -27.34 -111.13
CA ILE J 150 4.48 -27.12 -110.19
C ILE J 150 4.23 -25.87 -109.37
N SER J 151 3.80 -24.78 -110.03
CA SER J 151 3.49 -23.54 -109.32
C SER J 151 2.24 -23.64 -108.47
N ALA J 152 1.44 -24.70 -108.64
CA ALA J 152 0.25 -24.94 -107.85
C ALA J 152 0.53 -25.79 -106.62
N ASN J 153 1.81 -26.06 -106.32
CA ASN J 153 2.21 -26.98 -105.24
C ASN J 153 1.71 -28.39 -105.53
N ASN J 154 1.99 -28.86 -106.75
CA ASN J 154 1.63 -30.21 -107.21
C ASN J 154 0.11 -30.41 -107.15
N ASP J 155 -0.57 -29.64 -107.99
CA ASP J 155 -2.04 -29.73 -108.15
C ASP J 155 -2.32 -29.85 -109.64
N PRO J 156 -2.40 -31.07 -110.17
CA PRO J 156 -2.59 -31.24 -111.61
C PRO J 156 -3.86 -30.60 -112.15
N GLU J 157 -4.90 -30.49 -111.33
CA GLU J 157 -6.14 -29.86 -111.78
C GLU J 157 -5.93 -28.39 -112.12
N ILE J 158 -5.24 -27.66 -111.24
CA ILE J 158 -4.98 -26.25 -111.47
C ILE J 158 -4.10 -26.05 -112.70
N GLY J 159 -3.17 -26.98 -112.94
CA GLY J 159 -2.30 -26.84 -114.09
C GLY J 159 -3.04 -26.87 -115.41
N GLU J 160 -3.99 -27.80 -115.55
CA GLU J 160 -4.76 -27.88 -116.79
C GLU J 160 -5.71 -26.70 -116.94
N LEU J 161 -6.17 -26.13 -115.82
CA LEU J 161 -7.02 -24.94 -115.88
C LEU J 161 -6.27 -23.77 -116.49
N ILE J 162 -5.03 -23.55 -116.05
CA ILE J 162 -4.22 -22.47 -116.62
C ILE J 162 -3.88 -22.79 -118.07
N ALA J 163 -3.64 -24.06 -118.39
CA ALA J 163 -3.37 -24.44 -119.77
C ALA J 163 -4.60 -24.26 -120.64
N GLU J 164 -5.79 -24.61 -120.13
CA GLU J 164 -7.01 -24.42 -120.90
C GLU J 164 -7.38 -22.95 -121.01
N ALA J 165 -7.07 -22.15 -119.99
CA ALA J 165 -7.37 -20.72 -120.04
C ALA J 165 -6.47 -20.03 -121.06
N MET J 166 -5.17 -20.33 -121.04
CA MET J 166 -4.26 -19.73 -122.01
C MET J 166 -4.48 -20.25 -123.42
N ASP J 167 -5.21 -21.36 -123.58
CA ASP J 167 -5.48 -21.89 -124.91
C ASP J 167 -6.60 -21.12 -125.59
N LYS J 168 -7.67 -20.80 -124.86
CA LYS J 168 -8.81 -20.11 -125.46
C LYS J 168 -8.51 -18.62 -125.67
N VAL J 169 -7.99 -17.95 -124.64
CA VAL J 169 -7.76 -16.50 -124.72
C VAL J 169 -6.38 -16.17 -125.26
N GLY J 170 -5.49 -17.15 -125.39
CA GLY J 170 -4.14 -16.89 -125.84
C GLY J 170 -3.18 -16.65 -124.69
N LYS J 171 -1.88 -16.72 -125.02
CA LYS J 171 -0.87 -16.48 -123.99
C LYS J 171 -0.77 -14.99 -123.64
N ASP J 172 -1.12 -14.11 -124.57
CA ASP J 172 -1.13 -12.68 -124.33
C ASP J 172 -2.50 -12.16 -123.93
N GLY J 173 -3.50 -13.03 -123.79
CA GLY J 173 -4.84 -12.60 -123.44
C GLY J 173 -4.98 -12.24 -121.98
N VAL J 174 -6.16 -11.72 -121.65
CA VAL J 174 -6.47 -11.28 -120.29
C VAL J 174 -7.04 -12.45 -119.52
N ILE J 175 -6.40 -12.79 -118.39
CA ILE J 175 -6.84 -13.86 -117.51
C ILE J 175 -6.96 -13.31 -116.11
N THR J 176 -8.12 -13.48 -115.49
CA THR J 176 -8.38 -13.01 -114.14
C THR J 176 -8.82 -14.17 -113.26
N VAL J 177 -8.74 -13.95 -111.95
CA VAL J 177 -9.09 -14.95 -110.95
C VAL J 177 -10.30 -14.45 -110.17
N GLU J 178 -11.33 -15.30 -110.09
CA GLU J 178 -12.57 -14.96 -109.41
C GLU J 178 -12.98 -16.11 -108.50
N GLU J 179 -13.90 -15.82 -107.57
CA GLU J 179 -14.40 -16.82 -106.64
C GLU J 179 -15.71 -17.39 -107.17
N ALA J 180 -15.77 -18.72 -107.25
CA ALA J 180 -16.98 -19.39 -107.72
C ALA J 180 -17.98 -19.54 -106.58
N LYS J 181 -19.27 -19.46 -106.92
CA LYS J 181 -20.30 -19.63 -105.91
C LYS J 181 -20.46 -21.08 -105.51
N GLY J 182 -20.09 -22.01 -106.39
CA GLY J 182 -20.23 -23.43 -106.12
C GLY J 182 -18.98 -24.03 -105.51
N MET J 183 -19.02 -25.35 -105.36
CA MET J 183 -17.93 -26.12 -104.77
C MET J 183 -16.91 -26.59 -105.80
N GLU J 184 -17.16 -26.36 -107.09
CA GLU J 184 -16.28 -26.83 -108.15
C GLU J 184 -15.63 -25.64 -108.86
N THR J 185 -14.43 -25.86 -109.37
CA THR J 185 -13.67 -24.86 -110.09
C THR J 185 -13.88 -25.06 -111.59
N GLU J 186 -14.33 -24.01 -112.27
CA GLU J 186 -14.67 -24.08 -113.69
C GLU J 186 -14.19 -22.84 -114.41
N LEU J 187 -13.88 -22.99 -115.68
CA LEU J 187 -13.43 -21.90 -116.54
C LEU J 187 -14.58 -21.37 -117.39
N LYS J 188 -14.69 -20.05 -117.47
CA LYS J 188 -15.71 -19.39 -118.27
C LYS J 188 -15.11 -18.18 -118.96
N VAL J 189 -15.43 -18.03 -120.25
CA VAL J 189 -14.92 -16.94 -121.06
C VAL J 189 -16.04 -15.93 -121.24
N VAL J 190 -15.87 -14.73 -120.66
CA VAL J 190 -16.88 -13.68 -120.72
C VAL J 190 -16.43 -12.60 -121.70
N GLU J 191 -17.21 -11.54 -121.81
CA GLU J 191 -16.88 -10.40 -122.66
C GLU J 191 -16.34 -9.25 -121.81
N GLY J 192 -15.16 -8.77 -122.17
CA GLY J 192 -14.56 -7.66 -121.45
C GLY J 192 -13.28 -7.24 -122.14
N MET J 193 -12.59 -6.29 -121.50
CA MET J 193 -11.32 -5.81 -122.05
C MET J 193 -10.42 -5.36 -120.91
N GLN J 194 -9.20 -4.96 -121.27
CA GLN J 194 -8.24 -4.43 -120.32
C GLN J 194 -7.32 -3.46 -121.05
N PHE J 195 -6.95 -2.37 -120.38
CA PHE J 195 -5.98 -1.41 -120.90
C PHE J 195 -4.98 -1.10 -119.80
N ASP J 196 -4.00 -0.25 -120.12
CA ASP J 196 -2.97 0.14 -119.17
C ASP J 196 -3.29 1.53 -118.65
N ARG J 197 -3.75 1.60 -117.40
CA ARG J 197 -3.99 2.87 -116.72
C ARG J 197 -3.90 2.63 -115.22
N GLY J 198 -3.45 3.65 -114.50
CA GLY J 198 -3.33 3.57 -113.06
C GLY J 198 -4.44 4.32 -112.34
N TYR J 199 -4.54 4.06 -111.03
CA TYR J 199 -5.47 4.79 -110.19
C TYR J 199 -4.88 6.14 -109.79
N LEU J 200 -5.77 7.12 -109.60
CA LEU J 200 -5.35 8.49 -109.31
C LEU J 200 -4.76 8.65 -107.92
N SER J 201 -4.80 7.62 -107.07
CA SER J 201 -4.33 7.70 -105.69
C SER J 201 -4.40 6.33 -105.02
N PRO J 202 -3.41 5.98 -104.20
CA PRO J 202 -3.41 4.66 -103.55
C PRO J 202 -4.56 4.46 -102.58
N TYR J 203 -5.23 5.53 -102.14
CA TYR J 203 -6.32 5.40 -101.19
C TYR J 203 -7.58 4.80 -101.79
N PHE J 204 -7.62 4.60 -103.11
CA PHE J 204 -8.80 4.02 -103.76
C PHE J 204 -8.88 2.52 -103.65
N VAL J 205 -7.85 1.87 -103.10
CA VAL J 205 -7.78 0.42 -103.10
C VAL J 205 -8.73 -0.16 -102.06
N THR J 206 -9.40 -1.25 -102.41
CA THR J 206 -10.29 -1.92 -101.47
C THR J 206 -9.52 -2.84 -100.52
N ASN J 207 -8.55 -3.59 -101.03
CA ASN J 207 -7.76 -4.52 -100.24
C ASN J 207 -6.34 -3.97 -100.14
N SER J 208 -5.95 -3.56 -98.93
CA SER J 208 -4.66 -2.88 -98.75
C SER J 208 -3.49 -3.77 -99.09
N GLU J 209 -3.58 -5.07 -98.81
CA GLU J 209 -2.45 -5.96 -99.06
C GLU J 209 -2.24 -6.21 -100.54
N THR J 210 -3.33 -6.52 -101.27
CA THR J 210 -3.20 -6.82 -102.69
C THR J 210 -2.93 -5.58 -103.52
N MET J 211 -3.19 -4.39 -102.98
CA MET J 211 -3.01 -3.12 -103.71
C MET J 211 -3.79 -3.10 -105.01
N GLU J 212 -4.93 -3.79 -105.04
CA GLU J 212 -5.78 -3.88 -106.23
C GLU J 212 -7.19 -3.48 -105.83
N ALA J 213 -7.68 -2.37 -106.38
CA ALA J 213 -9.03 -1.92 -106.11
C ALA J 213 -10.03 -2.74 -106.93
N GLU J 214 -11.02 -3.32 -106.25
CA GLU J 214 -11.99 -4.18 -106.89
C GLU J 214 -13.40 -3.66 -106.60
N LEU J 215 -14.20 -3.50 -107.64
CA LEU J 215 -15.57 -3.00 -107.53
C LEU J 215 -16.51 -4.02 -108.15
N ASP J 216 -17.40 -4.57 -107.31
CA ASP J 216 -18.35 -5.58 -107.76
C ASP J 216 -19.65 -4.88 -108.19
N GLU J 217 -20.07 -5.15 -109.42
CA GLU J 217 -21.27 -4.54 -110.01
C GLU J 217 -21.21 -3.02 -109.90
N ALA J 218 -20.28 -2.45 -110.67
CA ALA J 218 -20.00 -1.03 -110.63
C ALA J 218 -20.47 -0.36 -111.91
N LEU J 219 -20.85 0.91 -111.78
CA LEU J 219 -21.24 1.74 -112.91
C LEU J 219 -20.06 2.59 -113.35
N ILE J 220 -19.94 2.80 -114.66
CA ILE J 220 -18.81 3.53 -115.23
C ILE J 220 -19.32 4.54 -116.24
N LEU J 221 -18.57 5.64 -116.36
CA LEU J 221 -18.88 6.68 -117.34
C LEU J 221 -17.57 7.28 -117.85
N ILE J 222 -17.53 7.60 -119.14
CA ILE J 222 -16.35 8.15 -119.78
C ILE J 222 -16.62 9.60 -120.14
N HIS J 223 -15.64 10.47 -119.87
CA HIS J 223 -15.76 11.90 -120.14
C HIS J 223 -14.55 12.36 -120.95
N ASP J 224 -14.81 13.16 -121.97
CA ASP J 224 -13.77 13.67 -122.86
C ASP J 224 -12.72 14.48 -122.10
N LYS J 225 -13.12 15.63 -121.57
CA LYS J 225 -12.18 16.54 -120.91
C LYS J 225 -11.85 16.03 -119.51
N LYS J 226 -11.11 16.82 -118.74
CA LYS J 226 -10.71 16.47 -117.40
C LYS J 226 -11.59 17.19 -116.38
N ILE J 227 -11.88 16.51 -115.27
CA ILE J 227 -12.71 17.08 -114.22
C ILE J 227 -11.92 17.21 -112.93
N LYS J 231 -16.22 17.97 -107.35
CA LYS J 231 -16.39 19.36 -107.73
C LYS J 231 -17.71 19.57 -108.47
N GLU J 232 -17.63 19.69 -109.79
CA GLU J 232 -18.81 19.90 -110.63
C GLU J 232 -19.45 18.60 -111.10
N LEU J 233 -18.93 17.45 -110.66
CA LEU J 233 -19.45 16.15 -111.08
C LEU J 233 -20.62 15.68 -110.22
N LEU J 234 -21.04 16.48 -109.24
CA LEU J 234 -22.13 16.06 -108.36
C LEU J 234 -23.44 15.78 -109.09
N PRO J 235 -23.90 16.59 -110.07
CA PRO J 235 -25.16 16.24 -110.74
C PRO J 235 -25.11 14.91 -111.49
N ILE J 236 -24.00 14.62 -112.17
CA ILE J 236 -23.92 13.37 -112.92
C ILE J 236 -23.62 12.18 -112.02
N LEU J 237 -22.84 12.38 -110.97
CA LEU J 237 -22.45 11.27 -110.10
C LEU J 237 -23.57 10.88 -109.14
N GLU J 238 -23.94 11.80 -108.24
CA GLU J 238 -24.90 11.49 -107.19
C GLU J 238 -26.26 11.07 -107.72
N LYS J 239 -26.58 11.40 -108.97
CA LYS J 239 -27.86 10.98 -109.55
C LYS J 239 -27.92 9.47 -109.70
N ALA J 240 -26.92 8.88 -110.33
CA ALA J 240 -26.85 7.44 -110.49
C ALA J 240 -26.21 6.73 -109.31
N ALA J 241 -25.64 7.47 -108.37
CA ALA J 241 -25.00 6.87 -107.20
C ALA J 241 -26.01 6.40 -106.15
N GLN J 242 -27.29 6.71 -106.33
CA GLN J 242 -28.33 6.28 -105.39
C GLN J 242 -28.80 4.86 -105.64
N SER J 243 -28.29 4.19 -106.66
CA SER J 243 -28.68 2.81 -106.97
C SER J 243 -27.68 1.82 -106.40
N ARG J 245 -24.62 0.79 -105.79
CA ARG J 245 -23.60 0.26 -106.68
C ARG J 245 -22.38 1.18 -106.75
N PRO J 246 -21.19 0.60 -106.76
CA PRO J 246 -19.98 1.40 -106.84
C PRO J 246 -19.87 2.14 -108.17
N LEU J 247 -19.00 3.13 -108.20
CA LEU J 247 -18.80 3.98 -109.37
C LEU J 247 -17.31 4.08 -109.67
N LEU J 248 -16.96 3.94 -110.95
CA LEU J 248 -15.59 4.11 -111.42
C LEU J 248 -15.57 5.23 -112.44
N ILE J 249 -14.91 6.33 -112.11
CA ILE J 249 -14.84 7.50 -112.97
C ILE J 249 -13.68 7.34 -113.94
N ILE J 250 -13.95 7.57 -115.22
CA ILE J 250 -12.93 7.47 -116.27
C ILE J 250 -12.98 8.74 -117.10
N ALA J 251 -11.88 9.49 -117.09
CA ALA J 251 -11.78 10.74 -117.85
C ALA J 251 -10.31 10.97 -118.18
N GLU J 252 -10.01 12.16 -118.71
CA GLU J 252 -8.62 12.50 -119.01
C GLU J 252 -7.80 12.64 -117.74
N ASP J 253 -8.34 13.32 -116.73
CA ASP J 253 -7.66 13.47 -115.46
C ASP J 253 -8.70 13.75 -114.39
N ILE J 254 -8.30 13.52 -113.14
CA ILE J 254 -9.19 13.74 -112.00
C ILE J 254 -8.85 15.06 -111.32
N ALA J 258 -11.22 18.21 -107.42
CA ALA J 258 -12.12 17.11 -107.73
C ALA J 258 -11.46 15.76 -107.48
N LEU J 259 -10.13 15.74 -107.55
CA LEU J 259 -9.38 14.51 -107.30
C LEU J 259 -9.25 14.22 -105.81
N ALA J 260 -8.96 15.26 -105.01
CA ALA J 260 -8.79 15.10 -103.57
C ALA J 260 -10.09 14.85 -102.83
N THR J 261 -11.22 15.31 -103.37
CA THR J 261 -12.49 15.11 -102.70
C THR J 261 -12.99 13.68 -102.80
N LEU J 262 -12.49 12.92 -103.78
CA LEU J 262 -12.84 11.51 -103.93
C LEU J 262 -11.90 10.59 -103.18
N VAL J 263 -10.92 11.13 -102.46
CA VAL J 263 -9.95 10.34 -101.72
C VAL J 263 -10.46 10.06 -100.32
N VAL J 264 -10.66 11.13 -99.53
CA VAL J 264 -11.02 10.99 -98.12
C VAL J 264 -12.33 10.25 -97.94
N ASN J 265 -13.22 10.32 -98.94
CA ASN J 265 -14.53 9.68 -98.82
C ASN J 265 -14.51 8.20 -99.21
N LYS J 266 -13.34 7.65 -99.54
CA LYS J 266 -13.25 6.25 -99.94
C LYS J 266 -13.40 5.33 -98.74
N LEU J 267 -12.45 5.38 -97.80
CA LEU J 267 -12.52 4.53 -96.62
C LEU J 267 -13.67 4.96 -95.71
N ARG J 268 -13.69 6.24 -95.32
CA ARG J 268 -14.78 6.80 -94.53
C ARG J 268 -15.47 7.87 -95.38
N GLY J 269 -16.68 7.58 -95.83
CA GLY J 269 -17.39 8.52 -96.68
C GLY J 269 -18.62 7.86 -97.28
N THR J 270 -19.35 8.68 -98.06
CA THR J 270 -20.60 8.25 -98.66
C THR J 270 -20.43 7.03 -99.56
N LEU J 271 -19.78 7.20 -100.70
CA LEU J 271 -19.60 6.14 -101.68
C LEU J 271 -18.15 5.67 -101.68
N LYS J 272 -17.88 4.69 -102.54
CA LYS J 272 -16.53 4.18 -102.78
C LYS J 272 -16.28 4.23 -104.28
N VAL J 273 -15.34 5.07 -104.70
CA VAL J 273 -15.08 5.31 -106.12
C VAL J 273 -13.58 5.22 -106.38
N ALA J 274 -13.24 5.13 -107.67
CA ALA J 274 -11.85 5.08 -108.11
C ALA J 274 -11.75 5.79 -109.46
N ALA J 275 -10.66 6.51 -109.65
CA ALA J 275 -10.43 7.27 -110.88
C ALA J 275 -9.41 6.56 -111.75
N VAL J 276 -9.69 6.53 -113.06
CA VAL J 276 -8.84 5.86 -114.04
C VAL J 276 -8.51 6.85 -115.14
N LYS J 277 -7.23 6.95 -115.48
CA LYS J 277 -6.79 7.84 -116.55
C LYS J 277 -7.19 7.27 -117.91
N ALA J 278 -7.23 8.14 -118.91
CA ALA J 278 -7.61 7.72 -120.25
C ALA J 278 -6.62 6.69 -120.77
N PRO J 279 -7.09 5.64 -121.45
CA PRO J 279 -6.15 4.60 -121.90
C PRO J 279 -5.15 5.07 -122.92
N GLY J 280 -5.57 5.85 -123.92
CA GLY J 280 -4.71 6.29 -124.99
C GLY J 280 -4.37 7.76 -124.89
N PHE J 281 -4.01 8.33 -126.05
CA PHE J 281 -3.69 9.75 -126.13
C PHE J 281 -4.08 10.26 -127.51
N GLY J 282 -4.57 11.49 -127.56
CA GLY J 282 -4.93 12.10 -128.83
C GLY J 282 -6.07 11.36 -129.51
N ASP J 283 -5.89 11.05 -130.79
CA ASP J 283 -6.94 10.35 -131.53
C ASP J 283 -7.06 8.90 -131.08
N ARG J 284 -5.98 8.31 -130.56
CA ARG J 284 -6.04 6.94 -130.04
C ARG J 284 -6.87 6.85 -128.76
N ARG J 285 -6.98 7.94 -128.00
CA ARG J 285 -7.79 7.93 -126.79
C ARG J 285 -9.28 7.97 -127.11
N LYS J 286 -9.67 8.76 -128.12
CA LYS J 286 -11.08 8.84 -128.48
C LYS J 286 -11.57 7.55 -129.14
N ALA J 287 -10.67 6.80 -129.78
CA ALA J 287 -11.05 5.55 -130.41
C ALA J 287 -11.27 4.45 -129.39
N MET J 288 -10.38 4.34 -128.40
CA MET J 288 -10.52 3.30 -127.38
C MET J 288 -11.69 3.62 -126.45
N LEU J 289 -11.89 4.90 -126.13
CA LEU J 289 -12.99 5.27 -125.24
C LEU J 289 -14.35 5.04 -125.89
N GLU J 290 -14.41 5.05 -127.22
CA GLU J 290 -15.66 4.76 -127.90
C GLU J 290 -16.01 3.28 -127.79
N ASP J 291 -15.01 2.40 -127.92
CA ASP J 291 -15.25 0.97 -127.77
C ASP J 291 -15.32 0.53 -126.31
N ILE J 292 -14.82 1.35 -125.39
CA ILE J 292 -14.89 1.01 -123.96
C ILE J 292 -16.33 1.04 -123.49
N ALA J 293 -17.07 2.11 -123.82
CA ALA J 293 -18.47 2.20 -123.46
C ALA J 293 -19.37 1.35 -124.34
N ILE J 294 -18.92 1.02 -125.56
CA ILE J 294 -19.71 0.17 -126.44
C ILE J 294 -19.81 -1.24 -125.85
N LEU J 295 -18.71 -1.77 -125.33
CA LEU J 295 -18.73 -3.08 -124.69
C LEU J 295 -19.29 -3.03 -123.28
N THR J 296 -19.31 -1.85 -122.65
CA THR J 296 -19.84 -1.70 -121.30
C THR J 296 -21.32 -1.36 -121.27
N GLY J 297 -21.94 -1.08 -122.43
CA GLY J 297 -23.34 -0.72 -122.47
C GLY J 297 -23.61 0.66 -121.90
N GLY J 298 -22.87 1.65 -122.38
CA GLY J 298 -23.03 3.02 -121.92
C GLY J 298 -22.61 3.99 -122.99
N THR J 299 -22.69 5.28 -122.65
CA THR J 299 -22.36 6.37 -123.57
C THR J 299 -21.24 7.21 -122.97
N VAL J 300 -20.24 7.51 -123.78
CA VAL J 300 -19.10 8.32 -123.34
C VAL J 300 -19.45 9.79 -123.52
N ILE J 301 -19.24 10.58 -122.48
CA ILE J 301 -19.55 12.00 -122.52
C ILE J 301 -18.52 12.74 -123.37
N LYS J 305 -20.13 14.55 -129.34
CA LYS J 305 -19.27 15.67 -128.99
C LYS J 305 -19.89 16.53 -127.90
N GLY J 306 -20.97 17.22 -128.25
CA GLY J 306 -21.62 18.09 -127.29
C GLY J 306 -22.31 17.29 -126.20
N TYR J 307 -22.00 17.60 -124.95
CA TYR J 307 -22.61 16.95 -123.80
C TYR J 307 -22.38 17.83 -122.58
N LYS J 308 -22.90 17.39 -121.44
CA LYS J 308 -22.77 18.13 -120.19
C LYS J 308 -23.07 17.18 -119.04
N LEU J 309 -23.11 17.72 -117.82
CA LEU J 309 -23.38 16.92 -116.63
C LEU J 309 -24.68 17.34 -115.97
N MET J 314 -27.31 11.11 -116.53
CA MET J 314 -26.61 10.20 -115.63
C MET J 314 -27.04 8.75 -115.86
N ALA J 315 -28.09 8.58 -116.65
CA ALA J 315 -28.61 7.26 -116.96
C ALA J 315 -27.92 6.61 -118.15
N TYR J 316 -27.03 7.33 -118.83
CA TYR J 316 -26.29 6.80 -119.98
C TYR J 316 -24.98 6.15 -119.59
N LEU J 317 -24.68 6.07 -118.29
CA LEU J 317 -23.42 5.47 -117.85
C LEU J 317 -23.42 3.96 -118.12
N GLY J 318 -22.22 3.39 -118.19
CA GLY J 318 -22.07 1.98 -118.44
C GLY J 318 -22.22 1.15 -117.17
N GLN J 319 -22.25 -0.17 -117.37
CA GLN J 319 -22.42 -1.11 -116.27
C GLN J 319 -21.50 -2.31 -116.48
N ALA J 320 -20.77 -2.68 -115.43
CA ALA J 320 -19.91 -3.86 -115.45
C ALA J 320 -20.11 -4.64 -114.16
N ALA J 321 -20.00 -5.97 -114.27
CA ALA J 321 -20.26 -6.82 -113.11
C ALA J 321 -19.09 -6.83 -112.14
N ARG J 322 -17.86 -6.81 -112.66
CA ARG J 322 -16.67 -6.80 -111.81
C ARG J 322 -15.58 -5.98 -112.48
N ILE J 323 -14.86 -5.20 -111.70
CA ILE J 323 -13.78 -4.35 -112.19
C ILE J 323 -12.62 -4.42 -111.21
N THR J 324 -11.43 -4.72 -111.74
CA THR J 324 -10.21 -4.77 -110.94
C THR J 324 -9.19 -3.80 -111.53
N ILE J 325 -8.46 -3.12 -110.67
CA ILE J 325 -7.48 -2.11 -111.07
C ILE J 325 -6.17 -2.40 -110.36
N ASP J 326 -5.13 -2.69 -111.14
CA ASP J 326 -3.79 -2.90 -110.60
C ASP J 326 -3.08 -1.55 -110.50
N LYS J 327 -1.77 -1.59 -110.23
CA LYS J 327 -1.01 -0.35 -110.13
C LYS J 327 -1.02 0.40 -111.46
N ASP J 328 -0.51 -0.24 -112.51
CA ASP J 328 -0.52 0.34 -113.86
C ASP J 328 -1.63 -0.21 -114.74
N ASN J 329 -2.44 -1.15 -114.25
CA ASN J 329 -3.42 -1.85 -115.08
C ASN J 329 -4.84 -1.59 -114.59
N THR J 330 -5.78 -1.64 -115.52
CA THR J 330 -7.21 -1.54 -115.23
C THR J 330 -7.94 -2.56 -116.07
N THR J 331 -8.71 -3.44 -115.41
CA THR J 331 -9.37 -4.55 -116.07
C THR J 331 -10.87 -4.48 -115.85
N ILE J 332 -11.63 -4.74 -116.91
CA ILE J 332 -13.09 -4.79 -116.86
C ILE J 332 -13.50 -6.25 -117.06
N VAL J 333 -14.09 -6.84 -116.02
CA VAL J 333 -14.47 -8.25 -116.03
C VAL J 333 -15.97 -8.36 -116.27
N GLU J 334 -16.34 -9.14 -117.30
CA GLU J 334 -17.72 -9.47 -117.64
C GLU J 334 -18.64 -8.25 -117.58
N GLY J 335 -18.19 -7.17 -118.21
CA GLY J 335 -19.05 -6.01 -118.37
C GLY J 335 -20.18 -6.30 -119.35
N LYS J 336 -21.39 -5.89 -118.97
CA LYS J 336 -22.58 -6.24 -119.73
C LYS J 336 -22.88 -5.13 -120.74
N GLY J 337 -22.68 -5.45 -122.02
CA GLY J 337 -23.03 -4.57 -123.10
C GLY J 337 -24.20 -5.09 -123.92
N LYS J 338 -24.26 -4.65 -125.17
CA LYS J 338 -25.23 -5.15 -126.13
C LYS J 338 -24.56 -6.19 -127.01
N GLN J 339 -25.03 -7.44 -126.93
CA GLN J 339 -24.38 -8.52 -127.66
C GLN J 339 -24.48 -8.33 -129.16
N GLU J 340 -25.61 -7.80 -129.64
CA GLU J 340 -25.76 -7.56 -131.06
C GLU J 340 -24.92 -6.36 -131.52
N GLU J 341 -24.82 -5.33 -130.68
CA GLU J 341 -24.05 -4.15 -131.02
C GLU J 341 -22.55 -4.37 -130.85
N ILE J 342 -22.13 -5.30 -130.00
CA ILE J 342 -20.72 -5.56 -129.82
C ILE J 342 -20.16 -6.37 -130.99
N LYS J 343 -20.93 -7.35 -131.47
CA LYS J 343 -20.48 -8.13 -132.62
C LYS J 343 -20.48 -7.30 -133.89
N ALA J 344 -21.33 -6.27 -133.96
CA ALA J 344 -21.33 -5.37 -135.12
C ALA J 344 -20.18 -4.37 -135.05
N ARG J 345 -19.89 -3.87 -133.84
CA ARG J 345 -18.76 -2.95 -133.69
C ARG J 345 -17.43 -3.66 -133.84
N ILE J 346 -17.38 -4.96 -133.53
CA ILE J 346 -16.16 -5.73 -133.76
C ILE J 346 -15.94 -5.95 -135.26
N ASN J 347 -17.02 -6.09 -136.02
CA ASN J 347 -16.90 -6.21 -137.47
C ASN J 347 -16.59 -4.87 -138.13
N GLU J 348 -16.92 -3.75 -137.47
CA GLU J 348 -16.57 -2.44 -137.98
C GLU J 348 -15.07 -2.15 -137.84
N ILE J 349 -14.44 -2.64 -136.77
CA ILE J 349 -13.00 -2.48 -136.64
C ILE J 349 -12.27 -3.38 -137.63
N LYS J 350 -12.82 -4.56 -137.91
CA LYS J 350 -12.24 -5.43 -138.92
C LYS J 350 -12.41 -4.84 -140.31
N GLY J 351 -13.50 -4.10 -140.55
CA GLY J 351 -13.67 -3.45 -141.84
C GLY J 351 -12.66 -2.35 -142.08
N GLN J 352 -12.31 -1.60 -141.02
CA GLN J 352 -11.28 -0.59 -141.14
C GLN J 352 -9.89 -1.21 -141.30
N ILE J 353 -9.70 -2.44 -140.81
CA ILE J 353 -8.41 -3.10 -140.98
C ILE J 353 -8.24 -3.57 -142.41
N GLU J 354 -9.34 -3.80 -143.13
CA GLU J 354 -9.27 -4.19 -144.53
C GLU J 354 -9.02 -3.01 -145.47
N LYS J 355 -9.05 -1.78 -144.95
CA LYS J 355 -8.80 -0.60 -145.77
C LYS J 355 -7.36 -0.15 -145.61
N SER J 356 -7.01 0.34 -144.42
CA SER J 356 -5.65 0.80 -144.11
C SER J 356 -5.18 1.87 -145.09
N ASP J 361 0.56 3.09 -136.98
CA ASP J 361 -0.59 3.30 -137.87
C ASP J 361 -1.10 1.97 -138.42
N THR J 362 -0.25 1.29 -139.19
CA THR J 362 -0.62 0.00 -139.76
C THR J 362 -0.87 -1.03 -138.67
N GLU J 363 0.15 -1.27 -137.83
CA GLU J 363 0.04 -2.25 -136.76
C GLU J 363 -0.54 -1.69 -135.47
N LYS J 364 -0.65 -0.37 -135.33
CA LYS J 364 -1.23 0.20 -134.12
C LYS J 364 -2.73 -0.02 -134.08
N LEU J 365 -3.41 0.25 -135.20
CA LEU J 365 -4.84 -0.03 -135.32
C LEU J 365 -5.12 -1.48 -135.67
N GLN J 366 -4.06 -2.30 -135.84
CA GLN J 366 -4.26 -3.69 -136.24
C GLN J 366 -5.12 -4.44 -135.24
N GLU J 367 -4.70 -4.48 -133.97
CA GLU J 367 -5.52 -5.09 -132.93
C GLU J 367 -5.97 -4.03 -131.92
N ARG J 368 -7.21 -3.62 -132.04
CA ARG J 368 -8.07 -3.31 -130.90
C ARG J 368 -9.04 -4.46 -130.64
N LEU J 369 -9.01 -5.48 -131.51
CA LEU J 369 -9.94 -6.59 -131.46
C LEU J 369 -9.52 -7.63 -130.42
N ALA J 370 -8.22 -7.75 -130.16
CA ALA J 370 -7.75 -8.70 -129.16
C ALA J 370 -8.36 -8.42 -127.79
N LYS J 371 -8.69 -7.15 -127.52
CA LYS J 371 -9.42 -6.82 -126.29
C LYS J 371 -10.89 -7.17 -126.43
N LEU J 372 -11.52 -6.77 -127.55
CA LEU J 372 -12.95 -6.97 -127.71
C LEU J 372 -13.30 -8.42 -128.04
N SER J 373 -12.63 -9.00 -129.03
CA SER J 373 -12.93 -10.38 -129.43
C SER J 373 -12.28 -11.40 -128.49
N GLY J 374 -11.05 -11.11 -128.04
CA GLY J 374 -10.39 -12.02 -127.11
C GLY J 374 -11.12 -12.15 -125.79
N GLY J 375 -11.83 -11.10 -125.39
CA GLY J 375 -12.59 -11.16 -124.16
C GLY J 375 -11.71 -11.27 -122.94
N VAL J 376 -12.27 -11.84 -121.87
CA VAL J 376 -11.57 -12.04 -120.60
C VAL J 376 -11.82 -13.46 -120.15
N ALA J 377 -10.75 -14.21 -119.93
CA ALA J 377 -10.85 -15.57 -119.40
C ALA J 377 -10.90 -15.49 -117.87
N VAL J 378 -12.00 -15.97 -117.29
CA VAL J 378 -12.24 -15.88 -115.86
C VAL J 378 -12.10 -17.27 -115.25
N LEU J 379 -11.29 -17.37 -114.20
CA LEU J 379 -11.12 -18.61 -113.46
C LEU J 379 -11.94 -18.52 -112.18
N LYS J 380 -13.03 -19.27 -112.11
CA LYS J 380 -13.91 -19.30 -110.95
C LYS J 380 -13.50 -20.48 -110.07
N ILE J 381 -13.00 -20.19 -108.87
CA ILE J 381 -12.47 -21.20 -107.97
C ILE J 381 -13.43 -21.42 -106.82
N GLY J 382 -13.53 -22.66 -106.36
CA GLY J 382 -14.38 -23.00 -105.23
C GLY J 382 -13.80 -24.15 -104.46
N ALA J 383 -14.23 -24.27 -103.21
CA ALA J 383 -13.71 -25.29 -102.31
C ALA J 383 -14.77 -25.61 -101.27
N SER J 384 -14.38 -26.41 -100.27
CA SER J 384 -15.34 -26.85 -99.25
C SER J 384 -15.74 -25.69 -98.33
N THR J 385 -14.77 -24.98 -97.78
CA THR J 385 -15.02 -23.90 -96.84
C THR J 385 -14.61 -22.57 -97.45
N GLU J 386 -14.82 -21.50 -96.68
CA GLU J 386 -14.47 -20.16 -97.15
C GLU J 386 -12.98 -19.88 -97.01
N VAL J 387 -12.37 -20.31 -95.90
CA VAL J 387 -10.95 -20.07 -95.71
C VAL J 387 -10.13 -20.94 -96.66
N GLU J 388 -10.66 -22.09 -97.06
CA GLU J 388 -9.97 -22.93 -98.04
C GLU J 388 -10.13 -22.39 -99.44
N MET J 389 -11.33 -21.87 -99.78
CA MET J 389 -11.54 -21.29 -101.10
C MET J 389 -10.72 -20.02 -101.29
N LYS J 390 -10.47 -19.27 -100.21
CA LYS J 390 -9.60 -18.10 -100.30
C LYS J 390 -8.13 -18.49 -100.35
N GLU J 391 -7.75 -19.57 -99.67
CA GLU J 391 -6.36 -20.00 -99.66
C GLU J 391 -5.92 -20.46 -101.05
N LYS J 392 -6.65 -21.39 -101.65
CA LYS J 392 -6.27 -21.90 -102.96
C LYS J 392 -6.46 -20.84 -104.06
N LYS J 393 -7.26 -19.81 -103.81
CA LYS J 393 -7.41 -18.74 -104.80
C LYS J 393 -6.10 -17.99 -105.00
N ALA J 394 -5.49 -17.53 -103.91
CA ALA J 394 -4.18 -16.89 -103.98
C ALA J 394 -3.10 -17.85 -104.47
N ARG J 395 -3.29 -19.16 -104.27
CA ARG J 395 -2.35 -20.13 -104.82
C ARG J 395 -2.44 -20.19 -106.35
N VAL J 396 -3.66 -20.08 -106.89
CA VAL J 396 -3.83 -20.07 -108.34
C VAL J 396 -3.29 -18.77 -108.92
N GLU J 397 -3.50 -17.65 -108.23
CA GLU J 397 -2.95 -16.38 -108.69
C GLU J 397 -1.44 -16.42 -108.76
N ASP J 398 -0.78 -17.04 -107.78
CA ASP J 398 0.66 -17.21 -107.84
C ASP J 398 1.06 -18.20 -108.92
N ALA J 399 0.25 -19.22 -109.16
CA ALA J 399 0.54 -20.17 -110.24
C ALA J 399 0.29 -19.56 -111.60
N LEU J 400 -0.78 -18.78 -111.73
CA LEU J 400 -1.08 -18.12 -113.00
C LEU J 400 -0.02 -17.07 -113.33
N HIS J 401 0.38 -16.27 -112.34
CA HIS J 401 1.39 -15.25 -112.58
C HIS J 401 2.73 -15.86 -112.92
N ALA J 402 3.07 -17.02 -112.33
CA ALA J 402 4.34 -17.67 -112.63
C ALA J 402 4.29 -18.40 -113.97
N THR J 403 3.13 -18.91 -114.36
CA THR J 403 3.04 -19.65 -115.62
C THR J 403 3.22 -18.73 -116.81
N ARG J 404 2.49 -17.61 -116.85
CA ARG J 404 2.61 -16.68 -117.96
C ARG J 404 3.97 -15.99 -117.99
N ALA J 405 4.70 -16.00 -116.88
CA ALA J 405 6.10 -15.59 -116.91
C ALA J 405 7.00 -16.69 -117.44
N ALA J 406 6.61 -17.96 -117.23
CA ALA J 406 7.39 -19.07 -117.76
C ALA J 406 7.20 -19.22 -119.27
N VAL J 407 5.96 -19.05 -119.75
CA VAL J 407 5.70 -19.11 -121.18
C VAL J 407 6.40 -17.95 -121.88
N GLN J 408 6.64 -16.85 -121.17
CA GLN J 408 7.23 -15.66 -121.79
C GLN J 408 8.72 -15.83 -122.01
N GLU J 409 9.51 -15.81 -120.93
CA GLU J 409 10.96 -15.85 -121.03
C GLU J 409 11.57 -17.23 -120.81
N GLY J 410 10.77 -18.24 -120.52
CA GLY J 410 11.29 -19.59 -120.36
C GLY J 410 11.39 -20.03 -118.91
N ILE J 411 12.08 -21.16 -118.72
CA ILE J 411 12.24 -21.80 -117.42
C ILE J 411 13.71 -22.19 -117.23
N VAL J 412 14.27 -21.84 -116.07
CA VAL J 412 15.62 -22.24 -115.71
C VAL J 412 15.58 -23.10 -114.45
N VAL J 413 16.75 -23.51 -113.97
CA VAL J 413 16.84 -24.34 -112.78
C VAL J 413 16.62 -23.49 -111.54
N GLY J 414 15.98 -24.08 -110.53
CA GLY J 414 15.72 -23.41 -109.27
C GLY J 414 16.82 -23.65 -108.26
N GLY J 415 16.50 -23.37 -107.00
CA GLY J 415 17.45 -23.58 -105.92
C GLY J 415 18.71 -22.75 -106.00
N GLY J 416 18.68 -21.64 -106.73
CA GLY J 416 19.85 -20.81 -106.89
C GLY J 416 20.94 -21.40 -107.75
N VAL J 417 20.68 -22.51 -108.43
CA VAL J 417 21.70 -23.13 -109.27
C VAL J 417 21.82 -22.43 -110.62
N ALA J 418 20.73 -21.84 -111.11
CA ALA J 418 20.78 -21.17 -112.41
C ALA J 418 21.79 -20.04 -112.42
N LEU J 419 21.86 -19.27 -111.33
CA LEU J 419 22.88 -18.22 -111.23
C LEU J 419 24.27 -18.80 -111.14
N ILE J 420 24.41 -19.99 -110.54
CA ILE J 420 25.71 -20.64 -110.47
C ILE J 420 26.16 -21.07 -111.86
N ARG J 421 25.27 -21.73 -112.62
CA ARG J 421 25.62 -22.19 -113.95
C ARG J 421 25.83 -21.04 -114.92
N ALA J 422 25.09 -19.95 -114.75
CA ALA J 422 25.20 -18.80 -115.66
C ALA J 422 26.51 -18.05 -115.52
N ALA J 423 27.33 -18.39 -114.52
CA ALA J 423 28.64 -17.76 -114.38
C ALA J 423 29.57 -18.09 -115.54
N LYS J 424 29.26 -19.13 -116.31
CA LYS J 424 30.12 -19.49 -117.44
C LYS J 424 30.14 -18.40 -118.50
N GLY J 425 29.09 -17.58 -118.57
CA GLY J 425 29.05 -16.48 -119.51
C GLY J 425 30.03 -15.36 -119.20
N LEU J 426 30.60 -15.34 -118.00
CA LEU J 426 31.54 -14.29 -117.64
C LEU J 426 32.83 -14.37 -118.44
N ALA J 427 33.13 -15.53 -119.04
CA ALA J 427 34.32 -15.64 -119.88
C ALA J 427 34.23 -14.72 -121.08
N LYS J 428 33.02 -14.42 -121.54
CA LYS J 428 32.82 -13.52 -122.68
C LYS J 428 32.91 -12.05 -122.29
N ALA J 429 32.88 -11.72 -121.00
CA ALA J 429 32.94 -10.34 -120.58
C ALA J 429 34.34 -9.76 -120.82
N VAL J 430 34.38 -8.51 -121.28
CA VAL J 430 35.63 -7.84 -121.63
C VAL J 430 35.86 -6.71 -120.63
N ALA J 431 37.08 -6.61 -120.11
CA ALA J 431 37.45 -5.58 -119.16
C ALA J 431 38.56 -4.71 -119.75
N ASP J 432 38.38 -3.40 -119.66
CA ASP J 432 39.36 -2.45 -120.18
C ASP J 432 40.48 -2.14 -119.21
N ASN J 433 40.35 -2.53 -117.94
CA ASN J 433 41.36 -2.26 -116.93
C ASN J 433 41.14 -3.23 -115.77
N GLU J 434 41.91 -3.04 -114.69
CA GLU J 434 41.80 -3.94 -113.55
C GLU J 434 40.55 -3.65 -112.72
N ASP J 435 40.13 -2.39 -112.64
CA ASP J 435 38.92 -2.07 -111.90
C ASP J 435 37.68 -2.68 -112.56
N GLN J 436 37.59 -2.60 -113.88
CA GLN J 436 36.48 -3.24 -114.57
C GLN J 436 36.54 -4.76 -114.47
N LYS J 437 37.75 -5.32 -114.40
CA LYS J 437 37.88 -6.75 -114.14
C LYS J 437 37.40 -7.10 -112.74
N THR J 438 37.58 -6.18 -111.78
CA THR J 438 37.09 -6.42 -110.42
C THR J 438 35.57 -6.41 -110.38
N GLY J 439 34.95 -5.50 -111.13
CA GLY J 439 33.49 -5.49 -111.21
C GLY J 439 32.92 -6.78 -111.76
N ILE J 440 33.64 -7.42 -112.67
CA ILE J 440 33.22 -8.73 -113.17
C ILE J 440 33.38 -9.79 -112.08
N GLU J 441 34.45 -9.67 -111.29
CA GLU J 441 34.67 -10.63 -110.21
C GLU J 441 33.70 -10.42 -109.06
N ILE J 442 33.18 -9.20 -108.89
CA ILE J 442 32.16 -8.96 -107.87
C ILE J 442 30.89 -9.74 -108.21
N ILE J 443 30.45 -9.66 -109.47
CA ILE J 443 29.26 -10.39 -109.89
C ILE J 443 29.49 -11.89 -109.82
N ARG J 444 30.72 -12.35 -110.06
CA ARG J 444 31.00 -13.78 -110.03
C ARG J 444 30.74 -14.36 -108.64
N ARG J 445 31.28 -13.74 -107.60
CA ARG J 445 31.06 -14.23 -106.25
C ARG J 445 29.63 -13.95 -105.79
N ALA J 446 28.99 -12.91 -106.34
CA ALA J 446 27.63 -12.59 -105.93
C ALA J 446 26.64 -13.65 -106.39
N LEU J 447 26.92 -14.33 -107.50
CA LEU J 447 26.01 -15.35 -108.00
C LEU J 447 25.88 -16.53 -107.05
N GLU J 448 26.84 -16.70 -106.13
CA GLU J 448 26.81 -17.79 -105.17
C GLU J 448 25.99 -17.48 -103.93
N GLU J 449 25.66 -16.21 -103.68
CA GLU J 449 25.00 -15.80 -102.45
C GLU J 449 23.57 -16.33 -102.30
N PRO J 450 22.72 -16.29 -103.35
CA PRO J 450 21.38 -16.86 -103.18
C PRO J 450 21.40 -18.34 -102.80
N LEU J 451 22.25 -19.14 -103.44
CA LEU J 451 22.35 -20.55 -103.07
C LEU J 451 22.96 -20.70 -101.68
N ARG J 452 23.92 -19.84 -101.34
CA ARG J 452 24.55 -19.91 -100.03
C ARG J 452 23.55 -19.60 -98.92
N GLN J 453 22.68 -18.61 -99.15
CA GLN J 453 21.68 -18.27 -98.14
C GLN J 453 20.59 -19.33 -98.03
N ILE J 454 20.26 -20.00 -99.15
CA ILE J 454 19.29 -21.09 -99.09
C ILE J 454 19.79 -22.22 -98.21
N VAL J 455 21.05 -22.62 -98.41
CA VAL J 455 21.62 -23.67 -97.57
C VAL J 455 21.84 -23.17 -96.15
N ALA J 456 22.10 -21.87 -95.98
CA ALA J 456 22.32 -21.33 -94.65
C ALA J 456 21.06 -21.40 -93.79
N ASN J 457 19.89 -21.15 -94.39
CA ASN J 457 18.64 -21.19 -93.65
C ASN J 457 18.27 -22.59 -93.16
N THR J 458 18.93 -23.63 -93.66
CA THR J 458 18.71 -24.96 -93.12
C THR J 458 19.30 -25.13 -91.73
N GLY J 459 20.18 -24.22 -91.32
CA GLY J 459 20.82 -24.29 -90.02
C GLY J 459 22.15 -25.00 -90.00
N THR J 460 22.53 -25.68 -91.08
CA THR J 460 23.77 -26.44 -91.09
C THR J 460 24.97 -25.50 -91.21
N THR J 461 26.04 -25.86 -90.52
CA THR J 461 27.33 -25.18 -90.65
C THR J 461 28.17 -25.74 -91.79
N ASP J 462 27.65 -26.74 -92.50
CA ASP J 462 28.37 -27.39 -93.59
C ASP J 462 28.10 -26.75 -94.95
N GLY J 463 27.38 -25.62 -94.99
CA GLY J 463 26.98 -25.00 -96.24
C GLY J 463 28.13 -24.67 -97.18
N ALA J 464 29.34 -24.48 -96.65
CA ALA J 464 30.48 -24.23 -97.53
C ALA J 464 30.80 -25.45 -98.39
N VAL J 465 30.56 -26.65 -97.86
CA VAL J 465 30.79 -27.86 -98.65
C VAL J 465 29.68 -28.06 -99.68
N VAL J 466 28.44 -27.68 -99.35
CA VAL J 466 27.33 -27.86 -100.27
C VAL J 466 27.55 -27.03 -101.53
N LEU J 467 27.98 -25.77 -101.37
CA LEU J 467 28.22 -24.92 -102.52
C LEU J 467 29.33 -25.46 -103.41
N GLU J 468 30.29 -26.19 -102.81
CA GLU J 468 31.39 -26.74 -103.61
C GLU J 468 30.91 -27.86 -104.52
N LYS J 469 30.03 -28.73 -104.03
CA LYS J 469 29.54 -29.82 -104.86
C LYS J 469 28.67 -29.30 -106.00
N VAL J 470 27.93 -28.22 -105.78
CA VAL J 470 27.04 -27.71 -106.82
C VAL J 470 27.84 -27.01 -107.91
N LYS J 471 28.88 -26.25 -107.54
CA LYS J 471 29.66 -25.53 -108.53
C LYS J 471 30.47 -26.49 -109.40
N ASN J 472 31.04 -27.54 -108.79
CA ASN J 472 31.82 -28.49 -109.56
C ASN J 472 30.96 -29.36 -110.47
N ALA J 473 29.67 -29.50 -110.15
CA ALA J 473 28.75 -30.26 -111.00
C ALA J 473 28.34 -29.41 -112.19
N GLU J 474 27.38 -29.90 -112.97
CA GLU J 474 26.92 -29.17 -114.15
C GLU J 474 25.45 -29.48 -114.39
N GLY J 475 24.82 -28.66 -115.21
CA GLY J 475 23.45 -28.91 -115.60
C GLY J 475 22.47 -28.57 -114.49
N ASP J 476 21.39 -29.36 -114.42
CA ASP J 476 20.33 -29.16 -113.46
C ASP J 476 20.60 -29.80 -112.11
N TYR J 477 21.76 -30.43 -111.95
CA TYR J 477 22.12 -31.05 -110.67
C TYR J 477 22.38 -29.97 -109.63
N GLY J 478 21.73 -30.09 -108.48
CA GLY J 478 21.89 -29.11 -107.42
C GLY J 478 21.38 -29.66 -106.10
N PHE J 479 21.50 -28.84 -105.07
CA PHE J 479 21.07 -29.21 -103.73
C PHE J 479 19.62 -28.81 -103.53
N ASN J 480 18.82 -29.74 -103.00
CA ASN J 480 17.41 -29.50 -102.71
C ASN J 480 17.27 -29.26 -101.21
N ALA J 481 16.95 -28.03 -100.83
CA ALA J 481 16.86 -27.67 -99.41
C ALA J 481 15.65 -28.28 -98.73
N ARG J 482 14.61 -28.64 -99.48
CA ARG J 482 13.43 -29.23 -98.86
C ARG J 482 13.73 -30.63 -98.35
N THR J 483 14.28 -31.50 -99.22
CA THR J 483 14.61 -32.86 -98.84
C THR J 483 16.02 -32.98 -98.26
N GLU J 484 16.83 -31.93 -98.36
CA GLU J 484 18.19 -31.91 -97.81
C GLU J 484 19.05 -33.02 -98.41
N GLN J 485 18.92 -33.22 -99.71
CA GLN J 485 19.73 -34.22 -100.40
C GLN J 485 19.96 -33.77 -101.84
N TYR J 486 21.14 -34.07 -102.36
CA TYR J 486 21.47 -33.71 -103.73
C TYR J 486 20.69 -34.58 -104.70
N GLU J 487 20.26 -33.97 -105.81
CA GLU J 487 19.48 -34.67 -106.83
C GLU J 487 19.44 -33.81 -108.08
N ASN J 488 18.73 -34.30 -109.10
CA ASN J 488 18.51 -33.55 -110.32
C ASN J 488 17.30 -32.65 -110.13
N LEU J 489 17.52 -31.34 -110.22
CA LEU J 489 16.48 -30.39 -109.84
C LEU J 489 15.41 -30.21 -110.92
N ILE J 490 15.76 -30.45 -112.19
CA ILE J 490 14.76 -30.31 -113.24
C ILE J 490 13.72 -31.41 -113.14
N GLU J 491 14.11 -32.59 -112.66
CA GLU J 491 13.18 -33.69 -112.45
C GLU J 491 12.58 -33.69 -111.06
N ALA J 492 13.08 -32.85 -110.16
CA ALA J 492 12.58 -32.79 -108.79
C ALA J 492 11.50 -31.72 -108.60
N GLY J 493 11.11 -31.03 -109.67
CA GLY J 493 10.08 -30.01 -109.56
C GLY J 493 10.54 -28.69 -108.99
N VAL J 494 11.85 -28.48 -108.87
CA VAL J 494 12.40 -27.22 -108.38
C VAL J 494 12.89 -26.43 -109.59
N VAL J 495 12.16 -25.38 -109.96
CA VAL J 495 12.48 -24.58 -111.13
C VAL J 495 12.08 -23.14 -110.85
N ASP J 496 12.61 -22.22 -111.66
CA ASP J 496 12.29 -20.81 -111.57
C ASP J 496 12.09 -20.27 -112.98
N PRO J 497 11.13 -19.36 -113.16
CA PRO J 497 11.00 -18.70 -114.46
C PRO J 497 12.24 -17.89 -114.78
N THR J 498 12.66 -17.94 -116.05
CA THR J 498 13.83 -17.17 -116.47
C THR J 498 13.62 -15.68 -116.22
N LYS J 499 12.38 -15.19 -116.34
CA LYS J 499 12.10 -13.79 -116.07
C LYS J 499 12.38 -13.43 -114.61
N VAL J 500 12.17 -14.38 -113.70
CA VAL J 500 12.43 -14.11 -112.28
C VAL J 500 13.92 -13.97 -112.04
N THR J 501 14.72 -14.90 -112.55
CA THR J 501 16.14 -14.91 -112.24
C THR J 501 16.87 -13.74 -112.88
N ARG J 502 16.58 -13.46 -114.17
CA ARG J 502 17.29 -12.37 -114.84
C ARG J 502 16.86 -11.01 -114.32
N SER J 503 15.63 -10.89 -113.80
CA SER J 503 15.21 -9.62 -113.21
C SER J 503 15.80 -9.41 -111.84
N ALA J 504 15.96 -10.49 -111.06
CA ALA J 504 16.56 -10.37 -109.74
C ALA J 504 18.01 -9.91 -109.85
N LEU J 505 18.73 -10.36 -110.89
CA LEU J 505 20.12 -9.95 -111.06
C LEU J 505 20.23 -8.55 -111.64
N GLU J 506 19.38 -8.21 -112.61
CA GLU J 506 19.45 -6.88 -113.21
C GLU J 506 19.02 -5.80 -112.22
N ASN J 507 17.97 -6.06 -111.45
CA ASN J 507 17.55 -5.10 -110.43
C ASN J 507 18.62 -4.91 -109.36
N ALA J 508 19.18 -6.02 -108.88
CA ALA J 508 20.20 -5.94 -107.83
C ALA J 508 21.43 -5.17 -108.29
N ALA J 509 21.92 -5.49 -109.49
CA ALA J 509 23.10 -4.78 -110.00
C ALA J 509 22.80 -3.33 -110.30
N SER J 510 21.56 -3.00 -110.66
CA SER J 510 21.21 -1.61 -110.95
C SER J 510 21.22 -0.77 -109.68
N VAL J 511 20.51 -1.22 -108.63
CA VAL J 511 20.44 -0.44 -107.41
C VAL J 511 21.80 -0.39 -106.72
N ALA J 512 22.58 -1.46 -106.81
CA ALA J 512 23.91 -1.46 -106.19
C ALA J 512 24.85 -0.53 -106.92
N SER J 513 24.76 -0.46 -108.25
CA SER J 513 25.62 0.46 -108.99
C SER J 513 25.27 1.91 -108.72
N ILE J 514 23.98 2.20 -108.45
CA ILE J 514 23.61 3.56 -108.07
C ILE J 514 24.19 3.92 -106.72
N LEU J 515 24.17 2.98 -105.77
CA LEU J 515 24.72 3.26 -104.44
C LEU J 515 26.23 3.44 -104.50
N LEU J 516 26.92 2.62 -105.29
CA LEU J 516 28.38 2.77 -105.42
C LEU J 516 28.74 4.11 -106.03
N THR J 517 27.90 4.65 -106.90
CA THR J 517 28.16 5.91 -107.58
C THR J 517 27.55 7.12 -106.87
N THR J 518 26.98 6.92 -105.68
CA THR J 518 26.40 8.03 -104.92
C THR J 518 27.48 8.69 -104.08
N GLU J 519 27.74 9.98 -104.35
CA GLU J 519 28.73 10.73 -103.60
C GLU J 519 28.15 11.61 -102.50
N ALA J 520 26.83 11.72 -102.38
CA ALA J 520 26.24 12.61 -101.39
C ALA J 520 24.87 12.10 -100.99
N ALA J 521 24.52 12.33 -99.72
CA ALA J 521 23.21 11.97 -99.19
C ALA J 521 22.62 13.18 -98.49
N ILE J 522 21.51 13.68 -99.04
CA ILE J 522 20.81 14.85 -98.49
C ILE J 522 19.63 14.36 -97.69
N THR J 523 19.44 14.92 -96.50
CA THR J 523 18.30 14.55 -95.66
C THR J 523 17.92 15.71 -94.76
N ASP J 524 16.65 15.74 -94.37
CA ASP J 524 16.14 16.81 -93.52
C ASP J 524 16.73 16.72 -92.11
N VAL J 525 16.69 17.85 -91.42
CA VAL J 525 17.17 17.95 -90.04
C VAL J 525 16.06 17.51 -89.09
N LYS J 526 16.42 16.73 -88.08
CA LYS J 526 15.46 16.23 -87.11
C LYS J 526 14.95 17.34 -86.20
N THR K 2 6.21 3.29 -89.86
CA THR K 2 6.83 3.46 -88.55
C THR K 2 8.17 2.75 -88.49
N ALA K 3 9.18 3.45 -87.96
CA ALA K 3 10.50 2.86 -87.81
C ALA K 3 10.42 1.61 -86.94
N LYS K 4 11.26 0.63 -87.26
CA LYS K 4 11.22 -0.68 -86.62
C LYS K 4 12.54 -0.98 -85.95
N ASP K 5 12.46 -1.71 -84.83
CA ASP K 5 13.62 -2.32 -84.20
C ASP K 5 13.59 -3.81 -84.52
N ILE K 6 14.74 -4.36 -84.91
CA ILE K 6 14.84 -5.74 -85.37
C ILE K 6 15.84 -6.48 -84.50
N LEU K 7 15.39 -7.55 -83.86
CA LEU K 7 16.27 -8.47 -83.16
C LEU K 7 16.45 -9.73 -83.99
N PHE K 8 17.65 -10.31 -83.91
CA PHE K 8 18.01 -11.45 -84.73
C PHE K 8 18.50 -12.60 -83.87
N ASP K 9 18.39 -13.81 -84.44
CA ASP K 9 19.12 -15.01 -83.99
C ASP K 9 18.81 -15.26 -82.51
N ALA K 10 19.82 -15.59 -81.69
CA ALA K 10 19.60 -15.92 -80.29
C ALA K 10 19.18 -14.72 -79.46
N GLU K 11 19.53 -13.50 -79.88
CA GLU K 11 19.08 -12.33 -79.13
C GLU K 11 17.57 -12.16 -79.24
N ALA K 12 17.00 -12.50 -80.40
CA ALA K 12 15.56 -12.39 -80.56
C ALA K 12 14.83 -13.50 -79.80
N ARG K 13 15.35 -14.73 -79.83
CA ARG K 13 14.68 -15.83 -79.16
C ARG K 13 14.77 -15.70 -77.64
N THR K 14 15.90 -15.19 -77.13
CA THR K 14 16.05 -15.03 -75.69
C THR K 14 15.09 -13.99 -75.14
N LYS K 15 14.91 -12.87 -75.86
CA LYS K 15 13.95 -11.86 -75.45
C LYS K 15 12.54 -12.42 -75.44
N LEU K 16 12.20 -13.23 -76.45
CA LEU K 16 10.89 -13.87 -76.50
C LEU K 16 10.70 -14.81 -75.30
N LYS K 17 11.76 -15.51 -74.91
CA LYS K 17 11.65 -16.44 -73.78
C LYS K 17 11.33 -15.73 -72.49
N VAL K 18 11.82 -14.50 -72.32
CA VAL K 18 11.51 -13.73 -71.11
C VAL K 18 10.01 -13.48 -71.02
N GLY K 19 9.37 -13.17 -72.15
CA GLY K 19 7.94 -12.97 -72.14
C GLY K 19 7.17 -14.26 -71.96
N VAL K 20 7.68 -15.36 -72.53
CA VAL K 20 7.04 -16.66 -72.31
C VAL K 20 7.15 -17.07 -70.85
N ASP K 21 8.29 -16.77 -70.21
CA ASP K 21 8.46 -17.08 -68.80
C ASP K 21 7.52 -16.26 -67.92
N LYS K 22 7.42 -14.96 -68.19
CA LYS K 22 6.54 -14.11 -67.39
C LYS K 22 5.09 -14.53 -67.53
N LEU K 23 4.69 -15.01 -68.70
CA LEU K 23 3.34 -15.56 -68.85
C LEU K 23 3.19 -16.85 -68.07
N ALA K 24 4.10 -17.81 -68.29
CA ALA K 24 3.98 -19.12 -67.68
C ALA K 24 4.10 -19.04 -66.16
N ASN K 25 5.07 -18.28 -65.66
CA ASN K 25 5.29 -18.21 -64.22
C ASN K 25 4.10 -17.62 -63.48
N ALA K 26 3.34 -16.74 -64.14
CA ALA K 26 2.17 -16.16 -63.49
C ALA K 26 0.99 -17.12 -63.51
N VAL K 27 0.76 -17.79 -64.63
CA VAL K 27 -0.43 -18.63 -64.77
C VAL K 27 -0.25 -19.99 -64.10
N LYS K 28 0.98 -20.51 -64.04
CA LYS K 28 1.18 -21.89 -63.61
C LYS K 28 1.02 -22.07 -62.11
N VAL K 29 1.05 -21.00 -61.32
CA VAL K 29 0.83 -21.13 -59.89
C VAL K 29 -0.59 -21.51 -59.54
N THR K 30 -1.51 -21.40 -60.49
CA THR K 30 -2.91 -21.78 -60.30
C THR K 30 -3.23 -23.19 -60.79
N LEU K 31 -2.24 -23.91 -61.31
CA LEU K 31 -2.50 -25.22 -61.90
C LEU K 31 -2.81 -26.25 -60.82
N GLY K 32 -3.73 -27.16 -61.13
CA GLY K 32 -4.09 -28.22 -60.24
C GLY K 32 -5.11 -27.80 -59.19
N PRO K 33 -5.63 -28.77 -58.44
CA PRO K 33 -6.58 -28.43 -57.37
C PRO K 33 -5.94 -27.68 -56.22
N ALA K 34 -4.61 -27.73 -56.09
CA ALA K 34 -3.89 -27.01 -55.06
C ALA K 34 -3.48 -25.60 -55.50
N GLY K 35 -3.93 -25.16 -56.67
CA GLY K 35 -3.51 -23.90 -57.25
C GLY K 35 -3.61 -22.71 -56.33
N ARG K 36 -2.52 -21.95 -56.24
CA ARG K 36 -2.46 -20.80 -55.35
C ARG K 36 -3.27 -19.64 -55.90
N ASN K 37 -3.61 -18.71 -55.01
CA ASN K 37 -4.41 -17.56 -55.36
C ASN K 37 -3.54 -16.45 -55.98
N VAL K 38 -4.13 -15.71 -56.92
CA VAL K 38 -3.46 -14.62 -57.60
C VAL K 38 -4.32 -13.37 -57.48
N LEU K 39 -3.71 -12.26 -57.09
CA LEU K 39 -4.40 -10.99 -56.93
C LEU K 39 -4.24 -10.14 -58.17
N ILE K 40 -5.35 -9.59 -58.66
CA ILE K 40 -5.36 -8.73 -59.84
C ILE K 40 -5.93 -7.37 -59.43
N ASP K 41 -5.13 -6.33 -59.61
CA ASP K 41 -5.51 -5.00 -59.13
C ASP K 41 -6.61 -4.40 -59.99
N LYS K 42 -7.42 -3.55 -59.37
CA LYS K 42 -8.44 -2.75 -60.04
C LYS K 42 -8.08 -1.28 -59.93
N LYS K 43 -8.91 -0.43 -60.54
CA LYS K 43 -8.67 1.00 -60.48
C LYS K 43 -9.09 1.58 -59.12
N PHE K 44 -10.18 1.07 -58.56
CA PHE K 44 -10.66 1.54 -57.26
C PHE K 44 -11.31 0.36 -56.53
N GLY K 45 -11.15 0.35 -55.21
CA GLY K 45 -11.73 -0.70 -54.40
C GLY K 45 -10.81 -1.88 -54.20
N ALA K 46 -11.41 -2.99 -53.79
CA ALA K 46 -10.68 -4.23 -53.53
C ALA K 46 -10.25 -4.88 -54.83
N PRO K 47 -9.11 -5.57 -54.84
CA PRO K 47 -8.64 -6.24 -56.05
C PRO K 47 -9.41 -7.53 -56.29
N THR K 48 -9.06 -8.20 -57.39
CA THR K 48 -9.68 -9.46 -57.78
C THR K 48 -8.81 -10.61 -57.29
N SER K 49 -9.40 -11.51 -56.52
CA SER K 49 -8.71 -12.69 -56.00
C SER K 49 -9.24 -13.91 -56.75
N THR K 50 -8.39 -14.52 -57.58
CA THR K 50 -8.82 -15.61 -58.45
C THR K 50 -7.76 -16.71 -58.50
N LYS K 51 -8.23 -17.96 -58.46
CA LYS K 51 -7.39 -19.12 -58.70
C LYS K 51 -7.50 -19.62 -60.13
N ASP K 52 -8.23 -18.93 -60.99
CA ASP K 52 -8.44 -19.38 -62.36
C ASP K 52 -7.29 -18.96 -63.25
N GLY K 53 -6.68 -19.92 -63.94
CA GLY K 53 -5.55 -19.62 -64.80
C GLY K 53 -5.93 -18.89 -66.06
N VAL K 54 -7.14 -19.13 -66.58
CA VAL K 54 -7.58 -18.43 -67.78
C VAL K 54 -7.80 -16.95 -67.49
N THR K 55 -8.22 -16.62 -66.27
CA THR K 55 -8.38 -15.22 -65.89
C THR K 55 -7.03 -14.52 -65.79
N VAL K 56 -6.02 -15.20 -65.27
CA VAL K 56 -4.70 -14.60 -65.13
C VAL K 56 -4.07 -14.39 -66.51
N ALA K 57 -4.26 -15.34 -67.42
CA ALA K 57 -3.66 -15.22 -68.75
C ALA K 57 -4.23 -14.04 -69.53
N LYS K 58 -5.51 -13.73 -69.34
CA LYS K 58 -6.11 -12.59 -70.03
C LYS K 58 -5.52 -11.26 -69.57
N GLU K 59 -4.92 -11.22 -68.39
CA GLU K 59 -4.39 -9.99 -67.82
C GLU K 59 -2.90 -9.79 -68.09
N ILE K 60 -2.26 -10.69 -68.83
CA ILE K 60 -0.81 -10.64 -69.02
C ILE K 60 -0.49 -9.77 -70.23
N GLU K 61 0.19 -8.65 -69.98
CA GLU K 61 0.71 -7.79 -71.04
C GLU K 61 1.97 -7.14 -70.52
N LEU K 62 2.96 -6.98 -71.39
CA LEU K 62 4.28 -6.51 -71.01
C LEU K 62 4.62 -5.20 -71.70
N VAL K 63 5.49 -4.41 -71.04
CA VAL K 63 5.89 -3.13 -71.61
C VAL K 63 6.88 -3.33 -72.75
N ASP K 64 7.79 -4.28 -72.62
CA ASP K 64 8.75 -4.55 -73.68
C ASP K 64 8.03 -5.19 -74.85
N PRO K 65 8.11 -4.63 -76.06
CA PRO K 65 7.32 -5.18 -77.17
C PRO K 65 7.72 -6.58 -77.57
N VAL K 66 9.03 -6.91 -77.53
CA VAL K 66 9.46 -8.24 -77.91
C VAL K 66 9.08 -9.26 -76.85
N GLU K 67 9.22 -8.89 -75.57
CA GLU K 67 8.79 -9.79 -74.50
C GLU K 67 7.29 -10.04 -74.57
N ASN K 68 6.51 -8.96 -74.69
CA ASN K 68 5.07 -9.12 -74.85
C ASN K 68 4.73 -9.91 -76.11
N MET K 69 5.58 -9.81 -77.14
CA MET K 69 5.32 -10.53 -78.38
C MET K 69 5.31 -12.04 -78.14
N GLY K 70 6.31 -12.54 -77.40
CA GLY K 70 6.33 -13.95 -77.08
C GLY K 70 5.24 -14.36 -76.11
N ALA K 71 4.84 -13.45 -75.22
CA ALA K 71 3.78 -13.77 -74.27
C ALA K 71 2.43 -13.93 -74.98
N GLN K 72 2.14 -13.06 -75.96
CA GLN K 72 0.90 -13.18 -76.70
C GLN K 72 0.89 -14.41 -77.60
N MET K 73 2.07 -14.86 -78.06
CA MET K 73 2.14 -16.05 -78.89
C MET K 73 1.64 -17.28 -78.13
N VAL K 74 2.26 -17.57 -76.98
CA VAL K 74 1.83 -18.73 -76.20
C VAL K 74 0.42 -18.54 -75.68
N ARG K 75 0.05 -17.31 -75.34
CA ARG K 75 -1.29 -17.05 -74.84
C ARG K 75 -2.35 -17.32 -75.90
N GLU K 76 -2.07 -16.95 -77.15
CA GLU K 76 -3.05 -17.14 -78.21
C GLU K 76 -3.19 -18.62 -78.56
N VAL K 77 -2.08 -19.36 -78.59
CA VAL K 77 -2.13 -20.76 -78.98
C VAL K 77 -2.71 -21.62 -77.86
N ALA K 78 -2.31 -21.35 -76.62
CA ALA K 78 -2.85 -22.11 -75.49
C ALA K 78 -4.34 -21.85 -75.28
N SER K 79 -4.85 -20.70 -75.72
CA SER K 79 -6.28 -20.45 -75.62
C SER K 79 -7.07 -21.35 -76.56
N LYS K 80 -6.45 -21.78 -77.66
CA LYS K 80 -7.13 -22.69 -78.59
C LYS K 80 -7.38 -24.05 -77.96
N THR K 81 -6.68 -24.40 -76.88
CA THR K 81 -6.96 -25.64 -76.18
C THR K 81 -8.34 -25.63 -75.56
N SER K 82 -8.64 -24.62 -74.74
CA SER K 82 -9.92 -24.54 -74.05
C SER K 82 -11.08 -24.19 -74.97
N ASP K 83 -10.81 -23.82 -76.23
CA ASP K 83 -11.90 -23.54 -77.16
C ASP K 83 -12.57 -24.84 -77.60
N VAL K 84 -11.79 -25.80 -78.08
CA VAL K 84 -12.35 -27.09 -78.49
C VAL K 84 -12.60 -28.00 -77.28
N ALA K 85 -11.83 -27.82 -76.21
CA ALA K 85 -11.92 -28.67 -75.03
C ALA K 85 -12.86 -28.10 -73.98
N GLY K 86 -12.57 -26.89 -73.50
CA GLY K 86 -13.23 -26.31 -72.34
C GLY K 86 -12.35 -26.16 -71.13
N ASP K 87 -11.12 -26.69 -71.18
CA ASP K 87 -10.14 -26.48 -70.13
C ASP K 87 -8.76 -26.84 -70.70
N GLY K 88 -7.73 -26.65 -69.89
CA GLY K 88 -6.39 -27.04 -70.26
C GLY K 88 -5.52 -25.93 -70.84
N THR K 89 -5.89 -24.67 -70.66
CA THR K 89 -5.06 -23.57 -71.17
C THR K 89 -3.76 -23.46 -70.39
N THR K 90 -3.83 -23.55 -69.07
CA THR K 90 -2.62 -23.44 -68.25
C THR K 90 -1.68 -24.60 -68.50
N THR K 91 -2.22 -25.81 -68.65
CA THR K 91 -1.37 -26.97 -68.91
C THR K 91 -0.61 -26.82 -70.22
N ALA K 92 -1.26 -26.27 -71.25
CA ALA K 92 -0.56 -26.00 -72.50
C ALA K 92 0.52 -24.96 -72.32
N THR K 93 0.28 -23.96 -71.47
CA THR K 93 1.28 -22.92 -71.24
C THR K 93 2.49 -23.50 -70.51
N VAL K 94 2.27 -24.35 -69.51
CA VAL K 94 3.38 -24.99 -68.81
C VAL K 94 4.19 -25.85 -69.77
N LEU K 95 3.50 -26.61 -70.62
CA LEU K 95 4.20 -27.46 -71.58
C LEU K 95 4.95 -26.62 -72.61
N ALA K 96 4.37 -25.50 -73.05
CA ALA K 96 5.05 -24.65 -74.02
C ALA K 96 6.31 -24.03 -73.44
N GLN K 97 6.27 -23.65 -72.17
CA GLN K 97 7.46 -23.12 -71.52
C GLN K 97 8.56 -24.17 -71.42
N ALA K 98 8.17 -25.42 -71.14
CA ALA K 98 9.16 -26.48 -70.98
C ALA K 98 9.81 -26.84 -72.32
N ILE K 99 9.00 -26.99 -73.37
CA ILE K 99 9.53 -27.32 -74.69
C ILE K 99 10.48 -26.22 -75.16
N TYR K 100 10.09 -24.96 -74.99
CA TYR K 100 10.88 -23.86 -75.53
C TYR K 100 12.16 -23.65 -74.72
N ARG K 101 12.10 -23.84 -73.40
CA ARG K 101 13.28 -23.65 -72.58
C ARG K 101 14.36 -24.66 -72.94
N GLU K 102 14.03 -25.95 -72.89
CA GLU K 102 15.00 -26.97 -73.28
C GLU K 102 15.31 -26.93 -74.77
N GLY K 103 14.41 -26.37 -75.59
CA GLY K 103 14.72 -26.20 -77.00
C GLY K 103 15.82 -25.18 -77.23
N LEU K 104 15.66 -23.98 -76.65
CA LEU K 104 16.68 -22.95 -76.79
C LEU K 104 18.01 -23.39 -76.20
N LYS K 105 17.98 -24.21 -75.14
CA LYS K 105 19.22 -24.64 -74.51
C LYS K 105 20.06 -25.49 -75.45
N ASN K 106 19.41 -26.33 -76.25
CA ASN K 106 20.14 -27.15 -77.21
C ASN K 106 20.52 -26.36 -78.47
N VAL K 107 19.73 -25.36 -78.84
CA VAL K 107 20.09 -24.52 -79.99
C VAL K 107 21.39 -23.77 -79.70
N THR K 108 21.54 -23.25 -78.47
CA THR K 108 22.79 -22.61 -78.08
C THR K 108 23.94 -23.61 -78.05
N ALA K 109 23.64 -24.89 -77.84
CA ALA K 109 24.66 -25.93 -77.81
C ALA K 109 25.07 -26.42 -79.19
N GLY K 110 24.46 -25.89 -80.26
CA GLY K 110 24.81 -26.27 -81.61
C GLY K 110 23.77 -27.09 -82.34
N ALA K 111 22.70 -27.52 -81.67
CA ALA K 111 21.67 -28.32 -82.33
C ALA K 111 20.92 -27.46 -83.35
N ARG K 112 20.68 -28.03 -84.53
CA ARG K 112 19.92 -27.33 -85.55
C ARG K 112 18.50 -27.09 -85.07
N PRO K 113 17.97 -25.87 -85.19
CA PRO K 113 16.59 -25.63 -84.74
C PRO K 113 15.55 -26.40 -85.54
N ILE K 114 15.83 -26.70 -86.82
CA ILE K 114 14.84 -27.38 -87.64
C ILE K 114 14.79 -28.87 -87.31
N ASP K 115 15.93 -29.48 -86.99
CA ASP K 115 15.92 -30.89 -86.61
C ASP K 115 15.27 -31.10 -85.25
N LEU K 116 15.37 -30.11 -84.35
CA LEU K 116 14.66 -30.21 -83.07
C LEU K 116 13.16 -30.23 -83.29
N LYS K 117 12.65 -29.34 -84.16
CA LYS K 117 11.22 -29.32 -84.45
C LYS K 117 10.76 -30.64 -85.05
N ARG K 118 11.55 -31.21 -85.96
CA ARG K 118 11.18 -32.48 -86.56
C ARG K 118 11.08 -33.58 -85.51
N GLY K 119 12.09 -33.69 -84.65
CA GLY K 119 12.01 -34.66 -83.56
C GLY K 119 10.90 -34.37 -82.59
N ILE K 120 10.55 -33.09 -82.42
CA ILE K 120 9.43 -32.72 -81.55
C ILE K 120 8.11 -33.15 -82.18
N ASP K 121 7.94 -32.91 -83.48
CA ASP K 121 6.70 -33.29 -84.14
C ASP K 121 6.52 -34.80 -84.16
N ARG K 122 7.59 -35.55 -84.42
CA ARG K 122 7.49 -37.00 -84.41
C ARG K 122 7.20 -37.54 -83.01
N ALA K 123 7.69 -36.85 -81.98
CA ALA K 123 7.45 -37.32 -80.61
C ALA K 123 6.01 -37.08 -80.19
N VAL K 124 5.42 -35.95 -80.61
CA VAL K 124 4.05 -35.65 -80.22
C VAL K 124 3.08 -36.68 -80.80
N LYS K 125 3.26 -37.00 -82.09
CA LYS K 125 2.37 -37.96 -82.73
C LYS K 125 2.39 -39.31 -82.02
N GLU K 126 3.57 -39.76 -81.58
CA GLU K 126 3.67 -41.04 -80.89
C GLU K 126 3.10 -40.96 -79.48
N VAL K 127 3.12 -39.78 -78.86
CA VAL K 127 2.55 -39.63 -77.53
C VAL K 127 1.03 -39.51 -77.62
N VAL K 128 0.52 -38.75 -78.60
CA VAL K 128 -0.92 -38.65 -78.79
C VAL K 128 -1.51 -40.01 -79.16
N ALA K 129 -0.76 -40.79 -79.95
CA ALA K 129 -1.21 -42.13 -80.30
C ALA K 129 -1.34 -43.01 -79.05
N GLU K 130 -0.27 -43.11 -78.27
CA GLU K 130 -0.33 -43.87 -77.03
C GLU K 130 -1.31 -43.26 -76.02
N LEU K 131 -1.59 -41.96 -76.15
CA LEU K 131 -2.55 -41.33 -75.26
C LEU K 131 -3.96 -41.85 -75.49
N ARG K 132 -4.29 -42.22 -76.74
CA ARG K 132 -5.62 -42.75 -77.03
C ARG K 132 -5.76 -44.20 -76.58
N ASN K 133 -4.66 -44.94 -76.53
CA ASN K 133 -4.71 -46.31 -76.01
C ASN K 133 -5.08 -46.31 -74.52
N ILE K 134 -4.55 -45.36 -73.76
CA ILE K 134 -4.95 -45.21 -72.37
C ILE K 134 -6.36 -44.68 -72.25
N SER K 135 -6.85 -43.99 -73.27
CA SER K 135 -8.18 -43.41 -73.22
C SER K 135 -9.26 -44.49 -73.23
N ARG K 136 -10.25 -44.33 -72.36
CA ARG K 136 -11.39 -45.23 -72.30
C ARG K 136 -12.59 -44.57 -72.94
N SER K 137 -13.32 -45.34 -73.75
CA SER K 137 -14.46 -44.78 -74.47
C SER K 137 -15.63 -44.54 -73.53
N ILE K 138 -16.36 -43.45 -73.78
CA ILE K 138 -17.56 -43.11 -73.04
C ILE K 138 -18.74 -43.21 -73.99
N SER K 139 -19.70 -44.08 -73.65
CA SER K 139 -20.88 -44.27 -74.48
C SER K 139 -22.03 -44.75 -73.59
N GLY K 140 -23.25 -44.48 -74.03
CA GLY K 140 -24.42 -44.87 -73.29
C GLY K 140 -24.73 -43.91 -72.15
N LYS K 141 -26.00 -43.95 -71.70
CA LYS K 141 -26.43 -43.05 -70.64
C LYS K 141 -25.72 -43.31 -69.33
N LYS K 142 -25.35 -44.57 -69.06
CA LYS K 142 -24.70 -44.91 -67.80
C LYS K 142 -23.34 -44.23 -67.68
N GLU K 143 -22.49 -44.39 -68.70
CA GLU K 143 -21.15 -43.80 -68.63
C GLU K 143 -21.19 -42.28 -68.79
N ILE K 144 -22.16 -41.76 -69.54
CA ILE K 144 -22.28 -40.31 -69.70
C ILE K 144 -22.75 -39.66 -68.41
N ALA K 145 -23.63 -40.33 -67.66
CA ALA K 145 -24.09 -39.79 -66.39
C ALA K 145 -22.96 -39.70 -65.37
N GLN K 146 -21.98 -40.61 -65.45
CA GLN K 146 -20.85 -40.55 -64.53
C GLN K 146 -19.97 -39.34 -64.81
N VAL K 147 -19.68 -39.08 -66.09
CA VAL K 147 -18.82 -37.96 -66.45
C VAL K 147 -19.49 -36.64 -66.12
N GLY K 148 -20.80 -36.52 -66.42
CA GLY K 148 -21.52 -35.30 -66.09
C GLY K 148 -21.62 -35.06 -64.60
N THR K 149 -21.58 -36.11 -63.80
CA THR K 149 -21.65 -35.95 -62.35
C THR K 149 -20.32 -35.43 -61.80
N ILE K 150 -19.20 -35.97 -62.27
CA ILE K 150 -17.90 -35.54 -61.78
C ILE K 150 -17.62 -34.10 -62.18
N SER K 151 -17.89 -33.74 -63.44
CA SER K 151 -17.72 -32.36 -63.88
C SER K 151 -18.68 -31.40 -63.20
N ALA K 152 -19.72 -31.91 -62.55
CA ALA K 152 -20.63 -31.11 -61.77
C ALA K 152 -20.21 -30.98 -60.31
N ASN K 153 -19.03 -31.47 -59.96
CA ASN K 153 -18.51 -31.50 -58.60
C ASN K 153 -19.43 -32.34 -57.70
N ASN K 154 -19.46 -33.63 -58.01
CA ASN K 154 -20.20 -34.63 -57.24
C ASN K 154 -21.68 -34.26 -57.09
N ASP K 155 -22.31 -33.96 -58.23
CA ASP K 155 -23.75 -33.69 -58.26
C ASP K 155 -24.43 -34.79 -59.08
N PRO K 156 -25.17 -35.70 -58.44
CA PRO K 156 -25.74 -36.82 -59.21
C PRO K 156 -26.82 -36.40 -60.20
N GLU K 157 -27.64 -35.40 -59.85
CA GLU K 157 -28.74 -35.05 -60.73
C GLU K 157 -28.27 -34.33 -61.99
N ILE K 158 -27.16 -33.58 -61.90
CA ILE K 158 -26.65 -32.91 -63.09
C ILE K 158 -26.06 -33.92 -64.06
N GLY K 159 -25.38 -34.95 -63.55
CA GLY K 159 -24.98 -36.06 -64.41
C GLY K 159 -26.17 -36.75 -65.04
N GLU K 160 -27.28 -36.85 -64.30
CA GLU K 160 -28.53 -37.33 -64.85
C GLU K 160 -29.33 -36.25 -65.56
N LEU K 161 -28.90 -34.99 -65.45
CA LEU K 161 -29.53 -33.93 -66.23
C LEU K 161 -29.04 -33.93 -67.68
N ILE K 162 -27.82 -34.41 -67.91
CA ILE K 162 -27.32 -34.51 -69.28
C ILE K 162 -27.90 -35.79 -69.88
N ALA K 163 -27.34 -36.94 -69.50
CA ALA K 163 -28.03 -38.23 -69.51
C ALA K 163 -28.89 -38.44 -70.74
N GLU K 164 -30.20 -38.64 -70.50
CA GLU K 164 -31.16 -38.80 -71.59
C GLU K 164 -31.15 -37.59 -72.53
N ALA K 165 -31.05 -36.38 -71.99
CA ALA K 165 -31.13 -35.18 -72.83
C ALA K 165 -30.06 -35.19 -73.91
N MET K 166 -28.92 -35.82 -73.66
CA MET K 166 -27.96 -36.07 -74.73
C MET K 166 -28.43 -37.21 -75.63
N ASP K 167 -29.02 -38.25 -75.04
CA ASP K 167 -29.54 -39.37 -75.82
C ASP K 167 -30.77 -38.97 -76.64
N LYS K 168 -31.44 -37.88 -76.27
CA LYS K 168 -32.61 -37.44 -77.05
C LYS K 168 -32.20 -37.01 -78.45
N VAL K 169 -31.28 -36.05 -78.55
CA VAL K 169 -30.82 -35.56 -79.84
C VAL K 169 -29.62 -36.34 -80.37
N GLY K 170 -28.98 -37.15 -79.55
CA GLY K 170 -27.78 -37.84 -79.95
C GLY K 170 -26.53 -37.23 -79.33
N LYS K 171 -25.44 -37.99 -79.37
CA LYS K 171 -24.19 -37.53 -78.77
C LYS K 171 -23.69 -36.25 -79.44
N ASP K 172 -23.86 -36.15 -80.75
CA ASP K 172 -23.48 -34.95 -81.49
C ASP K 172 -24.62 -33.95 -81.62
N GLY K 173 -25.76 -34.20 -80.97
CA GLY K 173 -26.91 -33.34 -81.09
C GLY K 173 -26.70 -31.99 -80.40
N VAL K 174 -27.76 -31.18 -80.45
CA VAL K 174 -27.73 -29.82 -79.92
C VAL K 174 -28.26 -29.84 -78.50
N ILE K 175 -27.49 -29.27 -77.57
CA ILE K 175 -27.88 -29.15 -76.17
C ILE K 175 -27.55 -27.73 -75.71
N THR K 176 -28.56 -27.03 -75.18
CA THR K 176 -28.39 -25.69 -74.66
C THR K 176 -28.95 -25.61 -73.25
N VAL K 177 -28.46 -24.63 -72.49
CA VAL K 177 -28.85 -24.42 -71.11
C VAL K 177 -29.48 -23.04 -70.99
N GLU K 178 -30.62 -22.95 -70.32
CA GLU K 178 -31.32 -21.70 -70.12
C GLU K 178 -31.84 -21.61 -68.70
N GLU K 179 -31.91 -20.39 -68.17
CA GLU K 179 -32.39 -20.17 -66.82
C GLU K 179 -33.91 -20.22 -66.78
N ALA K 180 -34.44 -20.72 -65.65
CA ALA K 180 -35.88 -20.83 -65.44
C ALA K 180 -36.21 -20.35 -64.04
N LYS K 181 -37.50 -20.13 -63.80
CA LYS K 181 -38.00 -19.67 -62.52
C LYS K 181 -38.77 -20.80 -61.86
N GLY K 182 -38.21 -21.37 -60.80
CA GLY K 182 -38.86 -22.42 -60.05
C GLY K 182 -37.84 -23.34 -59.43
N MET K 183 -38.34 -24.29 -58.66
CA MET K 183 -37.49 -25.33 -58.08
C MET K 183 -37.38 -26.56 -58.96
N GLU K 184 -38.22 -26.68 -59.98
CA GLU K 184 -38.18 -27.83 -60.87
C GLU K 184 -37.09 -27.67 -61.93
N THR K 185 -36.59 -28.81 -62.40
CA THR K 185 -35.63 -28.85 -63.49
C THR K 185 -35.91 -30.07 -64.35
N GLU K 186 -35.91 -29.89 -65.67
CA GLU K 186 -36.15 -30.98 -66.60
C GLU K 186 -35.62 -30.57 -67.97
N LEU K 187 -35.76 -31.47 -68.94
CA LEU K 187 -35.29 -31.25 -70.29
C LEU K 187 -36.46 -31.45 -71.24
N LYS K 188 -36.86 -30.38 -71.93
CA LYS K 188 -37.94 -30.43 -72.91
C LYS K 188 -37.33 -30.50 -74.31
N VAL K 189 -37.75 -31.49 -75.08
CA VAL K 189 -37.20 -31.72 -76.41
C VAL K 189 -38.10 -31.02 -77.43
N VAL K 190 -37.57 -29.98 -78.07
CA VAL K 190 -38.27 -29.28 -79.14
C VAL K 190 -37.65 -29.68 -80.47
N GLU K 191 -38.13 -29.09 -81.55
CA GLU K 191 -37.64 -29.39 -82.90
C GLU K 191 -36.98 -28.15 -83.49
N GLY K 192 -35.73 -28.31 -83.93
CA GLY K 192 -35.00 -27.21 -84.51
C GLY K 192 -33.59 -27.63 -84.83
N MET K 193 -32.85 -26.71 -85.48
CA MET K 193 -31.47 -26.93 -85.87
C MET K 193 -30.58 -25.89 -85.22
N GLN K 194 -29.28 -25.99 -85.48
CA GLN K 194 -28.29 -25.08 -84.92
C GLN K 194 -27.23 -24.77 -85.95
N PHE K 195 -26.91 -23.48 -86.10
CA PHE K 195 -25.88 -23.03 -87.02
C PHE K 195 -24.79 -22.30 -86.25
N ASP K 196 -23.77 -21.86 -86.97
CA ASP K 196 -22.66 -21.09 -86.40
C ASP K 196 -22.23 -20.03 -87.38
N ARG K 197 -22.08 -18.79 -86.90
CA ARG K 197 -21.62 -17.71 -87.76
C ARG K 197 -20.45 -16.96 -87.13
N GLY K 198 -20.72 -16.20 -86.08
CA GLY K 198 -19.69 -15.45 -85.40
C GLY K 198 -20.26 -14.15 -84.84
N TYR K 199 -19.35 -13.24 -84.50
CA TYR K 199 -19.70 -11.92 -84.01
C TYR K 199 -19.00 -10.87 -84.87
N LEU K 200 -19.74 -9.81 -85.23
CA LEU K 200 -19.18 -8.78 -86.10
C LEU K 200 -18.11 -7.97 -85.37
N SER K 201 -18.44 -7.46 -84.18
CA SER K 201 -17.51 -6.67 -83.40
C SER K 201 -17.46 -7.19 -81.97
N PRO K 202 -16.34 -6.96 -81.27
CA PRO K 202 -16.26 -7.42 -79.87
C PRO K 202 -17.16 -6.67 -78.92
N TYR K 203 -17.67 -5.50 -79.31
CA TYR K 203 -18.54 -4.71 -78.45
C TYR K 203 -19.96 -5.27 -78.36
N PHE K 204 -20.32 -6.25 -79.19
CA PHE K 204 -21.64 -6.84 -79.13
C PHE K 204 -21.86 -7.71 -77.89
N VAL K 205 -20.79 -8.05 -77.18
CA VAL K 205 -20.91 -8.94 -76.02
C VAL K 205 -21.42 -8.14 -74.83
N THR K 206 -22.56 -8.56 -74.28
CA THR K 206 -23.13 -7.93 -73.10
C THR K 206 -22.65 -8.56 -71.80
N ASN K 207 -21.92 -9.67 -71.87
CA ASN K 207 -21.43 -10.33 -70.67
C ASN K 207 -19.92 -10.14 -70.53
N GLU K 214 -28.70 -9.66 -74.86
CA GLU K 214 -30.13 -9.95 -74.85
C GLU K 214 -30.61 -10.35 -76.24
N LEU K 215 -30.19 -11.53 -76.68
CA LEU K 215 -30.53 -12.03 -78.00
C LEU K 215 -31.74 -12.96 -78.00
N ASP K 216 -32.41 -13.13 -76.85
CA ASP K 216 -33.54 -14.05 -76.77
C ASP K 216 -34.65 -13.63 -77.70
N GLU K 217 -35.07 -14.56 -78.56
CA GLU K 217 -36.16 -14.35 -79.52
C GLU K 217 -35.98 -13.06 -80.33
N LEU K 219 -36.76 -11.27 -83.72
CA LEU K 219 -37.45 -11.05 -84.98
C LEU K 219 -36.48 -10.55 -86.05
N ILE K 220 -35.19 -10.61 -85.74
CA ILE K 220 -34.14 -10.16 -86.65
C ILE K 220 -33.77 -11.29 -87.59
N LEU K 221 -33.56 -10.97 -88.86
CA LEU K 221 -33.19 -11.97 -89.84
C LEU K 221 -31.84 -11.64 -90.47
N ASP K 224 -29.91 -10.42 -100.64
CA ASP K 224 -29.15 -11.37 -99.84
C ASP K 224 -27.65 -11.14 -99.99
N LYS K 225 -27.24 -9.87 -99.96
CA LYS K 225 -25.84 -9.50 -100.09
C LYS K 225 -25.29 -8.98 -98.77
N LYS K 226 -25.66 -7.76 -98.37
CA LYS K 226 -25.18 -7.14 -97.14
C LYS K 226 -25.88 -5.80 -96.99
N ILE K 227 -25.82 -5.26 -95.76
CA ILE K 227 -26.42 -3.97 -95.46
C ILE K 227 -25.42 -2.83 -95.54
N SER K 228 -24.15 -3.12 -95.81
CA SER K 228 -23.13 -2.08 -95.89
C SER K 228 -21.92 -2.57 -96.69
N VAL K 273 -29.77 -4.50 -80.48
CA VAL K 273 -29.60 -5.55 -81.46
C VAL K 273 -28.11 -5.83 -81.69
N ALA K 274 -27.82 -6.63 -82.72
CA ALA K 274 -26.44 -6.95 -83.08
C ALA K 274 -26.44 -7.48 -84.51
N ALA K 275 -25.25 -7.85 -84.98
CA ALA K 275 -25.07 -8.37 -86.33
C ALA K 275 -23.99 -9.43 -86.32
N VAL K 276 -24.07 -10.34 -87.29
CA VAL K 276 -23.12 -11.43 -87.43
C VAL K 276 -22.68 -11.52 -88.89
N LYS K 277 -21.78 -12.47 -89.16
CA LYS K 277 -21.25 -12.68 -90.50
C LYS K 277 -22.36 -13.00 -91.50
N ALA K 278 -22.98 -14.16 -91.35
CA ALA K 278 -24.03 -14.60 -92.27
C ALA K 278 -24.96 -15.59 -91.59
N LYS K 286 -25.36 -22.29 -99.78
CA LYS K 286 -26.60 -22.05 -100.51
C LYS K 286 -27.62 -23.14 -100.22
N ALA K 287 -27.13 -24.33 -99.85
CA ALA K 287 -28.03 -25.44 -99.53
C ALA K 287 -28.65 -25.28 -98.15
N MET K 288 -27.87 -24.80 -97.17
CA MET K 288 -28.41 -24.61 -95.83
C MET K 288 -29.37 -23.43 -95.77
N LEU K 289 -29.18 -22.43 -96.64
CA LEU K 289 -30.11 -21.30 -96.67
C LEU K 289 -31.49 -21.73 -97.15
N GLU K 290 -31.54 -22.59 -98.17
CA GLU K 290 -32.83 -23.13 -98.61
C GLU K 290 -33.42 -24.08 -97.58
N ASP K 291 -32.57 -24.82 -96.87
CA ASP K 291 -33.04 -25.70 -95.80
C ASP K 291 -33.49 -24.91 -94.57
N ILE K 292 -33.01 -23.68 -94.41
CA ILE K 292 -33.43 -22.84 -93.30
C ILE K 292 -34.86 -22.34 -93.44
N ALA K 293 -35.48 -22.54 -94.60
CA ALA K 293 -36.87 -22.17 -94.82
C ALA K 293 -37.82 -23.30 -94.42
N ILE K 294 -37.75 -24.43 -95.13
CA ILE K 294 -38.58 -25.58 -94.83
C ILE K 294 -38.01 -26.34 -93.62
N GLY K 318 -41.49 -19.09 -88.42
CA GLY K 318 -41.06 -19.59 -87.13
C GLY K 318 -41.16 -18.53 -86.03
N GLN K 319 -41.24 -19.00 -84.79
CA GLN K 319 -41.34 -18.11 -83.63
C GLN K 319 -40.97 -18.90 -82.39
N ALA K 320 -41.02 -18.23 -81.24
CA ALA K 320 -40.79 -18.77 -79.90
C ALA K 320 -39.34 -19.21 -79.68
N ALA K 321 -38.49 -19.15 -80.69
CA ALA K 321 -37.11 -19.61 -80.56
C ALA K 321 -36.26 -18.56 -79.85
N ARG K 322 -34.97 -18.86 -79.71
CA ARG K 322 -34.02 -17.95 -79.09
C ARG K 322 -32.65 -18.20 -79.69
N ILE K 323 -31.82 -17.15 -79.74
CA ILE K 323 -30.50 -17.20 -80.35
C ILE K 323 -29.48 -16.58 -79.40
N THR K 324 -28.20 -16.82 -79.70
CA THR K 324 -27.10 -16.24 -78.96
C THR K 324 -25.89 -16.17 -79.89
N ILE K 325 -24.92 -15.33 -79.52
CA ILE K 325 -23.76 -15.08 -80.36
C ILE K 325 -22.52 -14.98 -79.48
N ASP K 326 -21.43 -15.61 -79.94
CA ASP K 326 -20.12 -15.46 -79.32
C ASP K 326 -19.09 -15.34 -80.45
N LYS K 327 -17.82 -15.31 -80.07
CA LYS K 327 -16.76 -15.04 -81.05
C LYS K 327 -16.68 -16.13 -82.12
N ASP K 328 -16.48 -17.38 -81.70
CA ASP K 328 -16.26 -18.48 -82.63
C ASP K 328 -17.55 -19.20 -83.01
N ASN K 329 -18.69 -18.83 -82.42
CA ASN K 329 -19.94 -19.49 -82.72
C ASN K 329 -21.07 -18.48 -82.56
N THR K 330 -22.08 -18.59 -83.43
CA THR K 330 -23.33 -17.84 -83.28
C THR K 330 -24.45 -18.87 -83.20
N THR K 331 -25.07 -18.97 -82.03
CA THR K 331 -26.08 -20.00 -81.82
C THR K 331 -27.40 -19.54 -82.43
N ILE K 332 -27.87 -20.28 -83.43
CA ILE K 332 -29.17 -20.03 -84.06
C ILE K 332 -30.04 -21.25 -83.78
N VAL K 333 -31.05 -21.09 -82.94
CA VAL K 333 -31.93 -22.18 -82.57
C VAL K 333 -33.33 -21.88 -83.11
N GLU K 334 -34.06 -22.94 -83.41
CA GLU K 334 -35.43 -22.84 -83.91
C GLU K 334 -36.37 -23.62 -83.01
N GLY K 335 -37.61 -23.14 -82.90
CA GLY K 335 -38.60 -23.79 -82.08
C GLY K 335 -39.77 -24.35 -82.88
N GLN K 339 -44.11 -21.69 -87.56
CA GLN K 339 -43.06 -22.49 -88.17
C GLN K 339 -43.55 -23.16 -89.44
N GLU K 340 -42.62 -23.77 -90.19
CA GLU K 340 -42.97 -24.46 -91.42
C GLU K 340 -43.77 -25.72 -91.11
N GLU K 341 -44.51 -26.19 -92.11
CA GLU K 341 -45.34 -27.37 -91.94
C GLU K 341 -44.49 -28.65 -92.01
N ILE K 342 -45.15 -29.78 -91.80
CA ILE K 342 -44.45 -31.06 -91.82
C ILE K 342 -44.24 -31.53 -93.26
N LYS K 343 -45.22 -31.30 -94.13
CA LYS K 343 -45.16 -31.80 -95.50
C LYS K 343 -44.07 -31.11 -96.30
N ALA K 344 -43.71 -29.88 -95.95
CA ALA K 344 -42.75 -29.11 -96.74
C ALA K 344 -41.37 -29.77 -96.72
N ARG K 345 -40.81 -29.96 -95.52
CA ARG K 345 -39.44 -30.48 -95.42
C ARG K 345 -39.36 -31.98 -95.60
N ILE K 346 -40.41 -32.72 -95.23
CA ILE K 346 -40.35 -34.18 -95.26
C ILE K 346 -40.38 -34.68 -96.70
N ASN K 347 -41.34 -34.21 -97.50
CA ASN K 347 -41.52 -34.70 -98.85
C ASN K 347 -40.60 -34.03 -99.86
N GLU K 348 -39.85 -33.00 -99.46
CA GLU K 348 -38.97 -32.28 -100.39
C GLU K 348 -37.52 -32.33 -99.92
N ILE K 349 -37.20 -31.71 -98.79
CA ILE K 349 -35.79 -31.66 -98.35
C ILE K 349 -35.31 -33.04 -97.94
N LYS K 350 -36.06 -33.72 -97.07
CA LYS K 350 -35.66 -35.04 -96.61
C LYS K 350 -35.84 -36.11 -97.68
N GLY K 351 -36.65 -35.84 -98.70
CA GLY K 351 -36.90 -36.84 -99.73
C GLY K 351 -35.84 -36.90 -100.81
N GLN K 352 -35.20 -35.78 -101.11
CA GLN K 352 -34.18 -35.72 -102.16
C GLN K 352 -32.77 -36.00 -101.65
N ILE K 353 -32.62 -36.30 -100.37
CA ILE K 353 -31.32 -36.60 -99.77
C ILE K 353 -31.21 -38.11 -99.62
N GLU K 354 -30.32 -38.71 -100.40
CA GLU K 354 -30.10 -40.16 -100.36
C GLU K 354 -28.77 -40.52 -101.00
N THR K 362 -21.47 -37.34 -100.38
CA THR K 362 -21.33 -37.87 -99.03
C THR K 362 -20.82 -36.81 -98.07
N GLU K 363 -21.37 -36.81 -96.85
CA GLU K 363 -21.02 -35.91 -95.75
C GLU K 363 -21.55 -34.51 -95.99
N LYS K 364 -21.94 -34.20 -97.22
CA LYS K 364 -22.71 -32.99 -97.52
C LYS K 364 -24.21 -33.23 -97.49
N LEU K 365 -24.63 -34.49 -97.39
CA LEU K 365 -26.03 -34.86 -97.30
C LEU K 365 -26.45 -35.15 -95.85
N GLN K 366 -25.84 -36.17 -95.24
CA GLN K 366 -26.14 -36.52 -93.86
C GLN K 366 -25.90 -35.37 -92.89
N GLU K 367 -25.03 -34.41 -93.24
CA GLU K 367 -24.85 -33.25 -92.38
C GLU K 367 -26.10 -32.38 -92.36
N ARG K 368 -26.66 -32.10 -93.54
CA ARG K 368 -27.91 -31.35 -93.62
C ARG K 368 -29.13 -32.21 -93.27
N LEU K 369 -29.02 -33.53 -93.40
CA LEU K 369 -30.12 -34.41 -93.05
C LEU K 369 -30.29 -34.54 -91.54
N ALA K 370 -29.18 -34.66 -90.81
CA ALA K 370 -29.23 -34.75 -89.36
C ALA K 370 -29.59 -33.42 -88.70
N LYS K 371 -29.56 -32.32 -89.45
CA LYS K 371 -29.91 -31.02 -88.88
C LYS K 371 -31.43 -30.86 -88.79
N LEU K 372 -32.12 -30.87 -89.93
CA LEU K 372 -33.57 -30.67 -89.92
C LEU K 372 -34.29 -31.81 -89.21
N SER K 373 -33.84 -33.05 -89.40
CA SER K 373 -34.49 -34.19 -88.78
C SER K 373 -34.19 -34.32 -87.29
N GLY K 374 -33.28 -33.53 -86.76
CA GLY K 374 -32.95 -33.57 -85.35
C GLY K 374 -33.70 -32.52 -84.54
N GLY K 375 -33.65 -32.68 -83.22
CA GLY K 375 -34.30 -31.78 -82.31
C GLY K 375 -33.32 -30.87 -81.57
N VAL K 376 -33.83 -30.22 -80.53
CA VAL K 376 -33.04 -29.36 -79.67
C VAL K 376 -33.42 -29.66 -78.22
N ALA K 377 -32.43 -30.00 -77.41
CA ALA K 377 -32.64 -30.31 -76.01
C ALA K 377 -32.28 -29.09 -75.16
N VAL K 378 -33.28 -28.53 -74.49
CA VAL K 378 -33.08 -27.37 -73.63
C VAL K 378 -33.06 -27.83 -72.18
N LEU K 379 -32.24 -27.16 -71.37
CA LEU K 379 -32.10 -27.46 -69.95
C LEU K 379 -32.54 -26.24 -69.15
N LYS K 380 -33.65 -26.37 -68.43
CA LYS K 380 -34.16 -25.31 -67.57
C LYS K 380 -33.67 -25.56 -66.15
N ILE K 381 -32.83 -24.68 -65.64
CA ILE K 381 -32.22 -24.84 -64.33
C ILE K 381 -33.04 -24.11 -63.29
N GLY K 382 -33.15 -24.70 -62.11
CA GLY K 382 -33.89 -24.08 -61.02
C GLY K 382 -33.33 -24.48 -59.68
N ALA K 383 -33.62 -23.66 -58.68
CA ALA K 383 -33.13 -23.87 -57.33
C ALA K 383 -34.10 -23.21 -56.35
N SER K 384 -33.74 -23.25 -55.06
CA SER K 384 -34.59 -22.65 -54.04
C SER K 384 -34.60 -21.13 -54.14
N THR K 385 -33.42 -20.52 -54.11
CA THR K 385 -33.28 -19.08 -54.20
C THR K 385 -32.75 -18.69 -55.58
N GLU K 386 -32.57 -17.38 -55.77
CA GLU K 386 -32.09 -16.87 -57.05
C GLU K 386 -30.58 -17.06 -57.21
N VAL K 387 -29.82 -16.84 -56.14
CA VAL K 387 -28.37 -16.96 -56.23
C VAL K 387 -27.94 -18.41 -56.38
N GLU K 388 -28.72 -19.35 -55.84
CA GLU K 388 -28.38 -20.76 -55.97
C GLU K 388 -28.59 -21.24 -57.40
N MET K 389 -29.52 -20.63 -58.14
CA MET K 389 -29.77 -21.03 -59.51
C MET K 389 -28.72 -20.48 -60.46
N LYS K 390 -28.12 -19.33 -60.13
CA LYS K 390 -27.11 -18.74 -61.02
C LYS K 390 -25.84 -19.57 -61.03
N GLU K 391 -25.28 -19.88 -59.86
CA GLU K 391 -24.05 -20.65 -59.81
C GLU K 391 -24.27 -22.09 -60.24
N LYS K 392 -25.49 -22.60 -60.11
CA LYS K 392 -25.79 -23.97 -60.53
C LYS K 392 -25.97 -24.06 -62.04
N LYS K 393 -26.48 -23.00 -62.68
CA LYS K 393 -26.63 -23.02 -64.13
C LYS K 393 -25.28 -22.96 -64.83
N ALA K 394 -24.38 -22.08 -64.36
CA ALA K 394 -23.03 -22.05 -64.90
C ALA K 394 -22.27 -23.34 -64.62
N ARG K 395 -22.68 -24.09 -63.60
CA ARG K 395 -22.07 -25.39 -63.33
C ARG K 395 -22.47 -26.41 -64.40
N VAL K 396 -23.71 -26.34 -64.87
CA VAL K 396 -24.17 -27.26 -65.92
C VAL K 396 -23.46 -26.97 -67.23
N GLU K 397 -23.25 -25.68 -67.54
CA GLU K 397 -22.54 -25.33 -68.76
C GLU K 397 -21.10 -25.84 -68.73
N ASP K 398 -20.45 -25.74 -67.56
CA ASP K 398 -19.11 -26.31 -67.42
C ASP K 398 -19.15 -27.83 -67.50
N ALA K 399 -20.16 -28.45 -66.89
CA ALA K 399 -20.30 -29.90 -66.96
C ALA K 399 -20.75 -30.36 -68.34
N LEU K 400 -21.38 -29.49 -69.12
CA LEU K 400 -21.78 -29.87 -70.48
C LEU K 400 -20.58 -30.02 -71.39
N HIS K 401 -19.72 -28.99 -71.46
CA HIS K 401 -18.57 -29.04 -72.34
C HIS K 401 -17.58 -30.12 -71.92
N ALA K 402 -17.46 -30.38 -70.62
CA ALA K 402 -16.58 -31.45 -70.16
C ALA K 402 -17.11 -32.83 -70.54
N THR K 403 -18.44 -32.98 -70.60
CA THR K 403 -19.02 -34.26 -70.99
C THR K 403 -18.99 -34.46 -72.50
N ARG K 404 -19.23 -33.38 -73.26
CA ARG K 404 -19.18 -33.49 -74.73
C ARG K 404 -17.79 -33.90 -75.20
N ALA K 405 -16.76 -33.25 -74.67
CA ALA K 405 -15.40 -33.62 -75.04
C ALA K 405 -15.03 -35.01 -74.55
N ALA K 406 -15.66 -35.47 -73.46
CA ALA K 406 -15.39 -36.80 -72.95
C ALA K 406 -16.01 -37.87 -73.85
N VAL K 407 -17.13 -37.56 -74.52
CA VAL K 407 -17.74 -38.52 -75.43
C VAL K 407 -16.94 -38.62 -76.72
N GLN K 408 -16.52 -37.49 -77.27
CA GLN K 408 -15.79 -37.46 -78.53
C GLN K 408 -14.50 -38.26 -78.48
N GLU K 409 -13.50 -37.77 -77.74
CA GLU K 409 -12.17 -38.37 -77.73
C GLU K 409 -11.91 -39.28 -76.54
N GLY K 410 -12.85 -39.41 -75.61
CA GLY K 410 -12.68 -40.30 -74.48
C GLY K 410 -12.23 -39.58 -73.22
N ILE K 411 -11.70 -40.39 -72.29
CA ILE K 411 -11.29 -39.92 -70.98
C ILE K 411 -9.96 -40.58 -70.60
N VAL K 412 -9.04 -39.78 -70.07
CA VAL K 412 -7.76 -40.26 -69.58
C VAL K 412 -7.61 -39.86 -68.11
N VAL K 413 -6.67 -40.53 -67.44
CA VAL K 413 -6.42 -40.26 -66.03
C VAL K 413 -5.90 -38.84 -65.85
N GLY K 414 -6.45 -38.12 -64.87
CA GLY K 414 -6.07 -36.75 -64.63
C GLY K 414 -4.83 -36.61 -63.78
N GLY K 415 -4.67 -35.42 -63.20
CA GLY K 415 -3.53 -35.14 -62.34
C GLY K 415 -2.19 -35.16 -63.06
N GLY K 416 -2.19 -34.90 -64.36
CA GLY K 416 -0.95 -34.93 -65.13
C GLY K 416 -0.33 -36.29 -65.30
N VAL K 417 -1.04 -37.36 -64.93
CA VAL K 417 -0.49 -38.70 -65.06
C VAL K 417 -0.61 -39.22 -66.48
N ALA K 418 -1.64 -38.80 -67.22
CA ALA K 418 -1.83 -39.29 -68.58
C ALA K 418 -0.63 -38.95 -69.46
N LEU K 419 -0.05 -37.77 -69.27
CA LEU K 419 1.17 -37.42 -70.01
C LEU K 419 2.36 -38.26 -69.56
N ILE K 420 2.39 -38.65 -68.28
CA ILE K 420 3.47 -39.50 -67.78
C ILE K 420 3.41 -40.87 -68.43
N ARG K 421 2.21 -41.48 -68.46
CA ARG K 421 2.09 -42.83 -68.97
C ARG K 421 2.17 -42.86 -70.50
N ALA K 422 1.76 -41.79 -71.17
CA ALA K 422 1.85 -41.73 -72.62
C ALA K 422 3.29 -41.58 -73.11
N ALA K 423 4.25 -41.38 -72.20
CA ALA K 423 5.65 -41.32 -72.59
C ALA K 423 6.16 -42.66 -73.10
N LYS K 424 5.47 -43.76 -72.77
CA LYS K 424 5.87 -45.07 -73.26
C LYS K 424 5.79 -45.16 -74.77
N GLY K 425 4.98 -44.31 -75.42
CA GLY K 425 4.92 -44.28 -76.86
C GLY K 425 6.12 -43.65 -77.54
N LEU K 426 7.04 -43.07 -76.76
CA LEU K 426 8.23 -42.47 -77.35
C LEU K 426 9.23 -43.52 -77.84
N ALA K 427 9.11 -44.77 -77.37
CA ALA K 427 9.97 -45.83 -77.87
C ALA K 427 9.67 -46.18 -79.33
N LYS K 428 8.49 -45.82 -79.83
CA LYS K 428 8.12 -46.03 -81.23
C LYS K 428 8.47 -44.83 -82.11
N ALA K 429 9.11 -43.80 -81.55
CA ALA K 429 9.48 -42.63 -82.32
C ALA K 429 10.79 -42.88 -83.07
N VAL K 430 10.88 -42.35 -84.28
CA VAL K 430 12.04 -42.54 -85.15
C VAL K 430 12.83 -41.25 -85.21
N ALA K 431 14.15 -41.35 -85.08
CA ALA K 431 15.05 -40.21 -85.15
C ALA K 431 16.08 -40.45 -86.24
N ASP K 432 16.17 -39.49 -87.17
CA ASP K 432 17.10 -39.59 -88.30
C ASP K 432 18.49 -39.10 -87.98
N ASN K 433 18.69 -38.42 -86.84
CA ASN K 433 20.00 -37.95 -86.42
C ASN K 433 19.95 -37.66 -84.93
N GLU K 434 21.07 -37.16 -84.40
CA GLU K 434 21.14 -36.88 -82.97
C GLU K 434 20.29 -35.66 -82.60
N ASP K 435 20.29 -34.63 -83.44
CA ASP K 435 19.50 -33.44 -83.13
C ASP K 435 18.01 -33.77 -83.12
N GLN K 436 17.56 -34.62 -84.04
CA GLN K 436 16.17 -35.05 -84.02
C GLN K 436 15.88 -35.91 -82.80
N LYS K 437 16.84 -36.73 -82.37
CA LYS K 437 16.66 -37.50 -81.14
C LYS K 437 16.60 -36.60 -79.92
N THR K 438 17.33 -35.48 -79.94
CA THR K 438 17.28 -34.54 -78.83
C THR K 438 15.89 -33.93 -78.70
N GLY K 439 15.25 -33.63 -79.83
CA GLY K 439 13.89 -33.11 -79.79
C GLY K 439 12.91 -34.07 -79.19
N ILE K 440 13.13 -35.37 -79.37
CA ILE K 440 12.27 -36.37 -78.74
C ILE K 440 12.52 -36.41 -77.24
N GLU K 441 13.77 -36.21 -76.83
CA GLU K 441 14.10 -36.23 -75.41
C GLU K 441 13.64 -34.96 -74.70
N ILE K 442 13.48 -33.85 -75.42
CA ILE K 442 12.95 -32.64 -74.81
C ILE K 442 11.50 -32.87 -74.37
N ILE K 443 10.72 -33.56 -75.20
CA ILE K 443 9.32 -33.81 -74.86
C ILE K 443 9.21 -34.84 -73.75
N ARG K 444 10.14 -35.80 -73.70
CA ARG K 444 10.11 -36.79 -72.63
C ARG K 444 10.21 -36.13 -71.26
N ARG K 445 11.06 -35.12 -71.12
CA ARG K 445 11.17 -34.38 -69.87
C ARG K 445 10.01 -33.41 -69.68
N ALA K 446 9.41 -32.94 -70.76
CA ALA K 446 8.36 -31.93 -70.63
C ALA K 446 7.04 -32.54 -70.16
N LEU K 447 6.83 -33.83 -70.41
CA LEU K 447 5.59 -34.47 -69.98
C LEU K 447 5.46 -34.49 -68.47
N GLU K 448 6.58 -34.48 -67.74
CA GLU K 448 6.55 -34.47 -66.29
C GLU K 448 6.29 -33.09 -65.71
N GLU K 449 6.36 -32.04 -66.53
CA GLU K 449 6.23 -30.68 -65.99
C GLU K 449 4.84 -30.39 -65.43
N PRO K 450 3.73 -30.73 -66.13
CA PRO K 450 2.41 -30.47 -65.52
C PRO K 450 2.22 -31.17 -64.18
N LEU K 451 2.64 -32.43 -64.06
CA LEU K 451 2.59 -33.10 -62.77
C LEU K 451 3.54 -32.45 -61.78
N ARG K 452 4.69 -31.97 -62.26
CA ARG K 452 5.65 -31.31 -61.38
C ARG K 452 5.07 -30.03 -60.80
N GLN K 453 4.33 -29.27 -61.60
CA GLN K 453 3.76 -28.01 -61.14
C GLN K 453 2.57 -28.22 -60.21
N ILE K 454 1.78 -29.27 -60.43
CA ILE K 454 0.66 -29.55 -59.56
C ILE K 454 1.14 -29.91 -58.15
N VAL K 455 2.22 -30.68 -58.06
CA VAL K 455 2.77 -31.04 -56.76
C VAL K 455 3.47 -29.83 -56.13
N ALA K 456 4.13 -29.00 -56.95
CA ALA K 456 4.83 -27.84 -56.43
C ALA K 456 3.86 -26.82 -55.83
N ASN K 457 2.64 -26.73 -56.37
CA ASN K 457 1.66 -25.79 -55.85
C ASN K 457 1.16 -26.14 -54.45
N THR K 458 1.48 -27.34 -53.95
CA THR K 458 1.15 -27.70 -52.58
C THR K 458 2.11 -27.10 -51.58
N GLY K 459 3.24 -26.55 -52.01
CA GLY K 459 4.22 -25.97 -51.13
C GLY K 459 5.26 -26.94 -50.59
N THR K 460 5.20 -28.20 -50.98
CA THR K 460 6.14 -29.19 -50.46
C THR K 460 7.46 -29.15 -51.22
N THR K 461 8.54 -29.41 -50.49
CA THR K 461 9.87 -29.54 -51.08
C THR K 461 10.15 -30.97 -51.54
N ASP K 462 9.24 -31.90 -51.27
CA ASP K 462 9.40 -33.31 -51.62
C ASP K 462 8.88 -33.63 -53.01
N GLY K 463 8.46 -32.63 -53.78
CA GLY K 463 7.86 -32.84 -55.08
C GLY K 463 8.68 -33.67 -56.05
N ALA K 464 10.00 -33.69 -55.85
CA ALA K 464 10.83 -34.55 -56.67
C ALA K 464 10.61 -36.02 -56.34
N VAL K 465 10.27 -36.33 -55.10
CA VAL K 465 9.97 -37.71 -54.71
C VAL K 465 8.62 -38.14 -55.25
N VAL K 466 7.64 -37.23 -55.25
CA VAL K 466 6.31 -37.56 -55.73
C VAL K 466 6.34 -37.93 -57.21
N LEU K 467 7.06 -37.15 -58.01
CA LEU K 467 7.21 -37.47 -59.43
C LEU K 467 7.88 -38.83 -59.62
N GLU K 468 8.79 -39.19 -58.73
CA GLU K 468 9.49 -40.47 -58.86
C GLU K 468 8.55 -41.65 -58.64
N LYS K 469 7.70 -41.57 -57.61
CA LYS K 469 6.78 -42.68 -57.33
C LYS K 469 5.74 -42.85 -58.43
N VAL K 470 5.33 -41.75 -59.05
CA VAL K 470 4.31 -41.84 -60.10
C VAL K 470 4.90 -42.43 -61.37
N LYS K 471 6.10 -42.01 -61.75
CA LYS K 471 6.73 -42.56 -62.95
C LYS K 471 7.08 -44.03 -62.78
N ASN K 472 7.45 -44.44 -61.57
CA ASN K 472 7.74 -45.85 -61.31
C ASN K 472 6.48 -46.70 -61.21
N ALA K 473 5.33 -46.08 -60.95
CA ALA K 473 4.07 -46.80 -60.86
C ALA K 473 3.56 -47.15 -62.25
N GLU K 474 2.41 -47.81 -62.30
CA GLU K 474 1.81 -48.22 -63.56
C GLU K 474 0.31 -47.97 -63.50
N GLY K 475 -0.28 -47.79 -64.68
CA GLY K 475 -1.73 -47.62 -64.76
C GLY K 475 -2.16 -46.27 -64.24
N ASP K 476 -3.26 -46.27 -63.49
CA ASP K 476 -3.88 -45.05 -63.00
C ASP K 476 -3.35 -44.62 -61.64
N TYR K 477 -2.34 -45.30 -61.11
CA TYR K 477 -1.73 -44.91 -59.85
C TYR K 477 -1.09 -43.52 -60.00
N GLY K 478 -1.47 -42.61 -59.12
CA GLY K 478 -0.96 -41.25 -59.18
C GLY K 478 -1.18 -40.53 -57.87
N PHE K 479 -0.82 -39.25 -57.88
CA PHE K 479 -0.94 -38.41 -56.70
C PHE K 479 -2.14 -37.49 -56.83
N ASN K 480 -2.88 -37.35 -55.74
CA ASN K 480 -4.05 -36.49 -55.67
C ASN K 480 -3.70 -35.28 -54.83
N ALA K 481 -3.59 -34.11 -55.47
CA ALA K 481 -3.19 -32.90 -54.76
C ALA K 481 -4.25 -32.41 -53.79
N ARG K 482 -5.50 -32.85 -53.96
CA ARG K 482 -6.56 -32.42 -53.06
C ARG K 482 -6.42 -33.08 -51.68
N THR K 483 -6.29 -34.41 -51.67
CA THR K 483 -6.12 -35.16 -50.44
C THR K 483 -4.67 -35.38 -50.06
N GLU K 484 -3.73 -35.05 -50.95
CA GLU K 484 -2.30 -35.18 -50.69
C GLU K 484 -1.92 -36.63 -50.32
N GLN K 485 -2.52 -37.58 -51.04
CA GLN K 485 -2.23 -39.00 -50.83
C GLN K 485 -2.22 -39.71 -52.17
N TYR K 486 -1.47 -40.82 -52.23
CA TYR K 486 -1.41 -41.64 -53.43
C TYR K 486 -2.60 -42.59 -53.47
N GLU K 487 -3.16 -42.77 -54.66
CA GLU K 487 -4.31 -43.65 -54.87
C GLU K 487 -4.49 -43.83 -56.37
N ASN K 488 -5.51 -44.61 -56.74
CA ASN K 488 -5.91 -44.73 -58.14
C ASN K 488 -6.79 -43.55 -58.49
N LEU K 489 -6.38 -42.76 -59.48
CA LEU K 489 -7.05 -41.51 -59.78
C LEU K 489 -8.37 -41.69 -60.53
N ILE K 490 -8.53 -42.81 -61.24
CA ILE K 490 -9.81 -43.07 -61.90
C ILE K 490 -10.91 -43.29 -60.87
N GLU K 491 -10.62 -44.09 -59.84
CA GLU K 491 -11.59 -44.30 -58.77
C GLU K 491 -11.77 -43.05 -57.93
N ALA K 492 -10.72 -42.24 -57.80
CA ALA K 492 -10.80 -41.02 -57.00
C ALA K 492 -11.63 -39.93 -57.66
N GLY K 493 -12.04 -40.11 -58.92
CA GLY K 493 -12.83 -39.11 -59.59
C GLY K 493 -12.03 -38.01 -60.25
N VAL K 494 -10.73 -38.22 -60.46
CA VAL K 494 -9.89 -37.24 -61.13
C VAL K 494 -9.67 -37.73 -62.56
N VAL K 495 -10.30 -37.06 -63.52
CA VAL K 495 -10.23 -37.46 -64.92
C VAL K 495 -10.17 -36.21 -65.79
N ASP K 496 -9.21 -36.19 -66.70
CA ASP K 496 -9.13 -35.16 -67.74
C ASP K 496 -9.63 -35.74 -69.05
N PRO K 497 -10.53 -35.05 -69.76
CA PRO K 497 -10.94 -35.52 -71.08
C PRO K 497 -9.75 -35.68 -72.00
N THR K 498 -9.75 -36.75 -72.78
CA THR K 498 -8.63 -37.03 -73.68
C THR K 498 -8.43 -35.89 -74.68
N LYS K 499 -9.52 -35.23 -75.09
CA LYS K 499 -9.39 -34.10 -75.99
C LYS K 499 -8.64 -32.95 -75.35
N VAL K 500 -8.74 -32.80 -74.02
CA VAL K 500 -8.03 -31.73 -73.33
C VAL K 500 -6.53 -31.99 -73.33
N THR K 501 -6.13 -33.23 -73.02
CA THR K 501 -4.71 -33.54 -72.84
C THR K 501 -3.94 -33.40 -74.14
N ARG K 502 -4.46 -33.99 -75.23
CA ARG K 502 -3.75 -33.91 -76.50
C ARG K 502 -3.75 -32.49 -77.05
N SER K 503 -4.84 -31.75 -76.83
CA SER K 503 -4.89 -30.37 -77.32
C SER K 503 -3.84 -29.51 -76.64
N ALA K 504 -3.64 -29.71 -75.33
CA ALA K 504 -2.63 -28.95 -74.62
C ALA K 504 -1.23 -29.30 -75.12
N LEU K 505 -0.97 -30.58 -75.38
CA LEU K 505 0.36 -31.00 -75.83
C LEU K 505 0.62 -30.58 -77.28
N GLU K 506 -0.40 -30.68 -78.14
CA GLU K 506 -0.23 -30.31 -79.53
C GLU K 506 -0.05 -28.80 -79.68
N ASN K 507 -0.86 -28.02 -78.97
CA ASN K 507 -0.75 -26.57 -79.06
C ASN K 507 0.57 -26.08 -78.48
N ALA K 508 0.99 -26.65 -77.34
CA ALA K 508 2.23 -26.22 -76.71
C ALA K 508 3.43 -26.49 -77.61
N ALA K 509 3.53 -27.71 -78.13
CA ALA K 509 4.63 -28.05 -79.03
C ALA K 509 4.56 -27.27 -80.33
N SER K 510 3.37 -26.80 -80.73
CA SER K 510 3.26 -26.02 -81.95
C SER K 510 3.84 -24.63 -81.76
N VAL K 511 3.41 -23.92 -80.71
CA VAL K 511 3.88 -22.56 -80.49
C VAL K 511 5.35 -22.54 -80.12
N ALA K 512 5.83 -23.56 -79.40
CA ALA K 512 7.24 -23.62 -79.05
C ALA K 512 8.11 -23.91 -80.27
N SER K 513 7.58 -24.68 -81.24
CA SER K 513 8.32 -24.96 -82.46
C SER K 513 8.47 -23.70 -83.31
N ILE K 514 7.42 -22.88 -83.37
CA ILE K 514 7.48 -21.65 -84.16
C ILE K 514 8.49 -20.68 -83.56
N LEU K 515 8.58 -20.63 -82.23
CA LEU K 515 9.55 -19.74 -81.59
C LEU K 515 10.97 -20.23 -81.78
N LEU K 516 11.20 -21.54 -81.78
CA LEU K 516 12.53 -22.06 -82.01
C LEU K 516 13.01 -21.80 -83.43
N THR K 517 12.08 -21.66 -84.38
CA THR K 517 12.43 -21.40 -85.77
C THR K 517 12.41 -19.92 -86.12
N THR K 518 12.19 -19.03 -85.16
CA THR K 518 12.12 -17.61 -85.44
C THR K 518 13.53 -17.02 -85.49
N GLU K 519 13.91 -16.48 -86.66
CA GLU K 519 15.21 -15.86 -86.82
C GLU K 519 15.19 -14.34 -86.61
N ALA K 520 14.02 -13.72 -86.56
CA ALA K 520 13.96 -12.26 -86.51
C ALA K 520 12.71 -11.82 -85.76
N ALA K 521 12.85 -10.72 -85.01
CA ALA K 521 11.74 -10.13 -84.28
C ALA K 521 11.66 -8.66 -84.66
N ILE K 522 10.56 -8.27 -85.31
CA ILE K 522 10.37 -6.91 -85.80
C ILE K 522 9.26 -6.26 -84.99
N THR K 523 9.52 -5.05 -84.50
CA THR K 523 8.55 -4.34 -83.69
C THR K 523 8.70 -2.85 -83.91
N ASP K 524 7.60 -2.12 -83.74
CA ASP K 524 7.62 -0.67 -83.87
C ASP K 524 8.49 -0.05 -82.79
N VAL K 525 9.22 1.01 -83.16
CA VAL K 525 10.06 1.70 -82.20
C VAL K 525 9.19 2.50 -81.24
N LYS K 526 9.68 2.67 -80.02
CA LYS K 526 8.91 3.38 -78.99
C LYS K 526 8.74 4.84 -79.39
N GLU K 527 7.49 5.30 -79.38
CA GLU K 527 7.20 6.69 -79.74
C GLU K 527 6.00 7.21 -78.96
N THR L 2 -2.64 -0.83 -69.17
CA THR L 2 -3.00 -2.20 -69.53
C THR L 2 -1.80 -3.15 -69.41
N ALA L 3 -0.61 -2.59 -69.63
CA ALA L 3 0.61 -3.34 -69.33
C ALA L 3 0.73 -3.53 -67.81
N LYS L 4 1.37 -4.63 -67.41
CA LYS L 4 1.32 -5.08 -66.03
C LYS L 4 2.71 -5.25 -65.44
N ASP L 5 2.79 -5.03 -64.14
CA ASP L 5 3.93 -5.43 -63.32
C ASP L 5 3.47 -6.55 -62.39
N ILE L 6 4.32 -7.56 -62.22
CA ILE L 6 3.94 -8.76 -61.48
C ILE L 6 5.00 -9.03 -60.41
N LEU L 7 4.54 -9.29 -59.19
CA LEU L 7 5.38 -9.71 -58.09
C LEU L 7 4.99 -11.12 -57.66
N PHE L 8 5.96 -11.89 -57.18
CA PHE L 8 5.76 -13.30 -56.85
C PHE L 8 6.14 -13.58 -55.40
N ASP L 9 5.37 -14.47 -54.78
CA ASP L 9 5.63 -15.06 -53.46
C ASP L 9 6.10 -14.05 -52.41
N ALA L 10 7.26 -14.34 -51.80
CA ALA L 10 7.70 -13.57 -50.64
C ALA L 10 7.84 -12.08 -50.97
N GLU L 11 8.31 -11.76 -52.17
CA GLU L 11 8.38 -10.36 -52.57
C GLU L 11 7.01 -9.73 -52.68
N ALA L 12 6.01 -10.50 -53.12
CA ALA L 12 4.66 -9.98 -53.20
C ALA L 12 3.98 -9.92 -51.84
N ARG L 13 4.16 -10.96 -51.00
CA ARG L 13 3.52 -10.98 -49.70
C ARG L 13 4.08 -9.90 -48.79
N THR L 14 5.39 -9.69 -48.81
CA THR L 14 5.99 -8.65 -47.99
C THR L 14 5.51 -7.27 -48.42
N LYS L 15 5.37 -7.06 -49.74
CA LYS L 15 4.85 -5.79 -50.22
C LYS L 15 3.40 -5.59 -49.79
N LEU L 16 2.61 -6.67 -49.80
CA LEU L 16 1.24 -6.59 -49.31
C LEU L 16 1.21 -6.28 -47.81
N LYS L 17 2.16 -6.85 -47.06
CA LYS L 17 2.18 -6.65 -45.61
C LYS L 17 2.41 -5.18 -45.26
N VAL L 18 3.16 -4.44 -46.07
CA VAL L 18 3.35 -3.02 -45.83
C VAL L 18 2.01 -2.29 -45.90
N GLY L 19 1.19 -2.63 -46.89
CA GLY L 19 -0.11 -1.98 -47.00
C GLY L 19 -1.06 -2.37 -45.90
N VAL L 20 -1.01 -3.64 -45.48
CA VAL L 20 -1.85 -4.10 -44.37
C VAL L 20 -1.48 -3.36 -43.09
N ASP L 21 -0.17 -3.18 -42.84
CA ASP L 21 0.27 -2.44 -41.68
C ASP L 21 -0.12 -0.97 -41.75
N LYS L 22 -0.11 -0.39 -42.96
CA LYS L 22 -0.56 1.00 -43.13
C LYS L 22 -1.99 1.18 -42.64
N LEU L 23 -2.88 0.26 -43.04
CA LEU L 23 -4.27 0.34 -42.60
C LEU L 23 -4.40 0.05 -41.11
N ALA L 24 -3.78 -1.04 -40.65
CA ALA L 24 -3.97 -1.49 -39.28
C ALA L 24 -3.42 -0.47 -38.28
N ASN L 25 -2.18 -0.03 -38.49
CA ASN L 25 -1.57 0.91 -37.56
C ASN L 25 -2.32 2.24 -37.52
N ALA L 26 -3.02 2.58 -38.60
CA ALA L 26 -3.80 3.81 -38.60
C ALA L 26 -5.12 3.65 -37.85
N VAL L 27 -5.81 2.52 -38.04
CA VAL L 27 -7.12 2.32 -37.44
C VAL L 27 -7.01 1.89 -35.99
N LYS L 28 -5.99 1.09 -35.65
CA LYS L 28 -5.95 0.46 -34.34
C LYS L 28 -5.72 1.45 -33.20
N VAL L 29 -5.25 2.66 -33.49
CA VAL L 29 -5.03 3.64 -32.43
C VAL L 29 -6.35 4.15 -31.86
N THR L 30 -7.46 3.94 -32.57
CA THR L 30 -8.78 4.34 -32.10
C THR L 30 -9.54 3.21 -31.42
N LEU L 31 -8.94 2.02 -31.31
CA LEU L 31 -9.66 0.85 -30.81
C LEU L 31 -9.86 0.94 -29.31
N GLY L 32 -11.12 0.80 -28.88
CA GLY L 32 -11.45 0.76 -27.48
C GLY L 32 -11.97 2.07 -26.95
N PRO L 33 -12.47 2.06 -25.71
CA PRO L 33 -12.93 3.32 -25.10
C PRO L 33 -11.81 4.30 -24.86
N ALA L 34 -10.57 3.83 -24.74
CA ALA L 34 -9.41 4.68 -24.59
C ALA L 34 -8.81 5.10 -25.92
N GLY L 35 -9.46 4.76 -27.03
CA GLY L 35 -8.99 5.10 -28.35
C GLY L 35 -8.61 6.55 -28.51
N ARG L 36 -7.54 6.81 -29.26
CA ARG L 36 -6.96 8.14 -29.35
C ARG L 36 -7.29 8.77 -30.69
N ASN L 37 -7.42 10.10 -30.68
CA ASN L 37 -7.95 10.84 -31.81
C ASN L 37 -7.01 10.77 -33.02
N VAL L 38 -7.61 10.89 -34.20
CA VAL L 38 -6.88 10.89 -35.47
C VAL L 38 -7.36 12.07 -36.30
N LEU L 39 -6.41 12.88 -36.78
CA LEU L 39 -6.73 14.05 -37.59
C LEU L 39 -6.75 13.67 -39.06
N ILE L 40 -7.81 14.07 -39.76
CA ILE L 40 -7.97 13.80 -41.18
C ILE L 40 -8.05 15.14 -41.91
N ASP L 41 -7.10 15.36 -42.81
CA ASP L 41 -6.99 16.64 -43.50
C ASP L 41 -8.18 16.87 -44.42
N LYS L 42 -8.60 18.14 -44.51
CA LYS L 42 -9.68 18.56 -45.38
C LYS L 42 -9.11 19.49 -46.45
N LYS L 43 -9.79 19.56 -47.59
CA LYS L 43 -9.29 20.34 -48.72
C LYS L 43 -9.15 21.81 -48.36
N PHE L 44 -10.06 22.33 -47.53
CA PHE L 44 -9.96 23.70 -47.06
C PHE L 44 -10.61 23.82 -45.69
N GLY L 45 -10.07 24.71 -44.87
CA GLY L 45 -10.62 24.93 -43.55
C GLY L 45 -10.00 24.04 -42.49
N ALA L 46 -10.74 23.89 -41.39
CA ALA L 46 -10.30 23.05 -40.28
C ALA L 46 -10.44 21.57 -40.65
N PRO L 47 -9.52 20.73 -40.19
CA PRO L 47 -9.56 19.30 -40.53
C PRO L 47 -10.63 18.58 -39.73
N THR L 48 -10.70 17.26 -39.93
CA THR L 48 -11.66 16.40 -39.24
C THR L 48 -10.96 15.67 -38.11
N SER L 49 -11.55 15.73 -36.92
CA SER L 49 -11.02 15.09 -35.72
C SER L 49 -12.01 13.99 -35.32
N THR L 50 -11.57 12.74 -35.40
CA THR L 50 -12.46 11.61 -35.15
C THR L 50 -11.73 10.50 -34.40
N LYS L 51 -12.42 9.92 -33.41
CA LYS L 51 -11.96 8.73 -32.72
C LYS L 51 -12.56 7.45 -33.28
N ASP L 52 -13.34 7.54 -34.36
CA ASP L 52 -14.01 6.38 -34.94
C ASP L 52 -13.07 5.67 -35.90
N GLY L 53 -12.91 4.35 -35.70
CA GLY L 53 -12.06 3.57 -36.56
C GLY L 53 -12.64 3.31 -37.94
N VAL L 54 -13.97 3.41 -38.09
CA VAL L 54 -14.58 3.22 -39.39
C VAL L 54 -14.27 4.39 -40.31
N THR L 55 -14.34 5.61 -39.78
CA THR L 55 -14.04 6.79 -40.58
C THR L 55 -12.58 6.80 -41.01
N VAL L 56 -11.68 6.33 -40.15
CA VAL L 56 -10.26 6.31 -40.49
C VAL L 56 -9.99 5.30 -41.60
N ALA L 57 -10.64 4.13 -41.54
CA ALA L 57 -10.39 3.10 -42.53
C ALA L 57 -10.85 3.52 -43.92
N LYS L 58 -12.00 4.19 -44.00
CA LYS L 58 -12.53 4.62 -45.30
C LYS L 58 -11.67 5.66 -45.97
N GLU L 59 -10.77 6.31 -45.24
CA GLU L 59 -9.89 7.33 -45.78
C GLU L 59 -8.51 6.80 -46.19
N ILE L 60 -8.28 5.50 -46.05
CA ILE L 60 -6.95 4.94 -46.26
C ILE L 60 -6.80 4.52 -47.72
N GLU L 61 -5.89 5.18 -48.43
CA GLU L 61 -5.49 4.82 -49.79
C GLU L 61 -3.99 5.05 -49.91
N LEU L 62 -3.32 4.17 -50.65
CA LEU L 62 -1.87 4.20 -50.75
C LEU L 62 -1.44 4.43 -52.19
N VAL L 63 -0.24 5.01 -52.34
CA VAL L 63 0.28 5.31 -53.67
C VAL L 63 0.75 4.05 -54.36
N ASP L 64 1.49 3.20 -53.66
CA ASP L 64 2.01 1.98 -54.25
C ASP L 64 0.85 1.05 -54.61
N PRO L 65 0.84 0.48 -55.81
CA PRO L 65 -0.32 -0.36 -56.19
C PRO L 65 -0.44 -1.63 -55.35
N VAL L 66 0.68 -2.28 -55.04
CA VAL L 66 0.61 -3.54 -54.29
C VAL L 66 0.31 -3.28 -52.82
N GLU L 67 0.90 -2.22 -52.25
CA GLU L 67 0.59 -1.87 -50.87
C GLU L 67 -0.89 -1.56 -50.70
N ASN L 68 -1.42 -0.65 -51.53
CA ASN L 68 -2.85 -0.36 -51.49
C ASN L 68 -3.68 -1.59 -51.81
N MET L 69 -3.13 -2.52 -52.58
CA MET L 69 -3.86 -3.74 -52.92
C MET L 69 -4.16 -4.56 -51.68
N GLY L 70 -3.14 -4.77 -50.82
CA GLY L 70 -3.37 -5.50 -49.59
C GLY L 70 -4.17 -4.71 -48.58
N ALA L 71 -4.13 -3.37 -48.65
CA ALA L 71 -4.90 -2.55 -47.73
C ALA L 71 -6.39 -2.63 -48.02
N GLN L 72 -6.77 -2.63 -49.30
CA GLN L 72 -8.18 -2.75 -49.65
C GLN L 72 -8.71 -4.15 -49.37
N MET L 73 -7.83 -5.16 -49.38
CA MET L 73 -8.24 -6.51 -49.04
C MET L 73 -8.75 -6.58 -47.61
N VAL L 74 -7.98 -6.06 -46.65
CA VAL L 74 -8.39 -6.10 -45.25
C VAL L 74 -9.55 -5.14 -45.00
N ARG L 75 -9.62 -4.04 -45.75
CA ARG L 75 -10.70 -3.07 -45.56
C ARG L 75 -12.06 -3.68 -45.87
N GLU L 76 -12.15 -4.41 -46.98
CA GLU L 76 -13.46 -4.91 -47.42
C GLU L 76 -13.97 -6.01 -46.50
N VAL L 77 -13.10 -6.94 -46.11
CA VAL L 77 -13.55 -8.07 -45.30
C VAL L 77 -13.85 -7.64 -43.88
N ALA L 78 -13.07 -6.68 -43.35
CA ALA L 78 -13.35 -6.19 -42.01
C ALA L 78 -14.62 -5.35 -41.97
N SER L 79 -14.94 -4.66 -43.07
CA SER L 79 -16.20 -3.93 -43.15
C SER L 79 -17.41 -4.84 -43.11
N LYS L 80 -17.25 -6.11 -43.49
CA LYS L 80 -18.34 -7.06 -43.41
C LYS L 80 -18.69 -7.41 -41.97
N THR L 81 -17.79 -7.15 -41.02
CA THR L 81 -18.08 -7.43 -39.62
C THR L 81 -19.06 -6.40 -39.06
N SER L 82 -18.86 -5.13 -39.40
CA SER L 82 -19.73 -4.07 -38.89
C SER L 82 -21.01 -3.89 -39.71
N ASP L 83 -21.08 -4.46 -40.91
CA ASP L 83 -22.31 -4.38 -41.70
C ASP L 83 -23.35 -5.37 -41.21
N VAL L 84 -22.95 -6.63 -41.02
CA VAL L 84 -23.89 -7.66 -40.61
C VAL L 84 -24.12 -7.62 -39.09
N ALA L 85 -23.05 -7.49 -38.32
CA ALA L 85 -23.14 -7.54 -36.86
C ALA L 85 -23.22 -6.17 -36.20
N GLY L 86 -23.12 -5.09 -36.97
CA GLY L 86 -23.26 -3.75 -36.44
C GLY L 86 -21.99 -3.10 -35.93
N ASP L 87 -20.96 -3.88 -35.63
CA ASP L 87 -19.72 -3.34 -35.08
C ASP L 87 -18.63 -4.39 -35.24
N GLY L 88 -17.42 -4.05 -34.80
CA GLY L 88 -16.30 -4.97 -34.83
C GLY L 88 -15.41 -4.90 -36.04
N THR L 89 -15.46 -3.80 -36.81
CA THR L 89 -14.64 -3.72 -38.01
C THR L 89 -13.18 -3.44 -37.70
N THR L 90 -12.90 -2.70 -36.61
CA THR L 90 -11.52 -2.44 -36.25
C THR L 90 -10.85 -3.66 -35.62
N THR L 91 -11.59 -4.39 -34.78
CA THR L 91 -11.04 -5.61 -34.18
C THR L 91 -10.66 -6.62 -35.25
N ALA L 92 -11.47 -6.74 -36.30
CA ALA L 92 -11.11 -7.62 -37.41
C ALA L 92 -9.84 -7.16 -38.09
N THR L 93 -9.62 -5.84 -38.17
CA THR L 93 -8.39 -5.32 -38.78
C THR L 93 -7.18 -5.63 -37.91
N VAL L 94 -7.30 -5.44 -36.59
CA VAL L 94 -6.19 -5.73 -35.69
C VAL L 94 -5.88 -7.22 -35.69
N LEU L 95 -6.91 -8.06 -35.76
CA LEU L 95 -6.68 -9.50 -35.80
C LEU L 95 -6.04 -9.92 -37.12
N ALA L 96 -6.43 -9.28 -38.23
CA ALA L 96 -5.87 -9.64 -39.53
C ALA L 96 -4.39 -9.30 -39.60
N GLN L 97 -4.00 -8.15 -39.05
CA GLN L 97 -2.58 -7.78 -39.03
C GLN L 97 -1.77 -8.77 -38.21
N ALA L 98 -2.33 -9.24 -37.10
CA ALA L 98 -1.61 -10.15 -36.22
C ALA L 98 -1.42 -11.51 -36.88
N ILE L 99 -2.50 -12.06 -37.46
CA ILE L 99 -2.43 -13.37 -38.09
C ILE L 99 -1.50 -13.33 -39.30
N TYR L 100 -1.58 -12.26 -40.09
CA TYR L 100 -0.75 -12.16 -41.30
C TYR L 100 0.72 -12.01 -40.95
N ARG L 101 1.03 -11.21 -39.93
CA ARG L 101 2.42 -11.03 -39.52
C ARG L 101 3.03 -12.35 -39.07
N GLU L 102 2.42 -12.99 -38.07
CA GLU L 102 2.95 -14.26 -37.56
C GLU L 102 2.91 -15.37 -38.60
N GLY L 103 2.01 -15.26 -39.59
CA GLY L 103 2.02 -16.25 -40.66
C GLY L 103 3.25 -16.10 -41.55
N LEU L 104 3.54 -14.88 -41.99
CA LEU L 104 4.68 -14.65 -42.87
C LEU L 104 6.00 -14.99 -42.19
N LYS L 105 6.10 -14.74 -40.88
CA LYS L 105 7.32 -15.09 -40.15
C LYS L 105 7.60 -16.59 -40.23
N ASN L 106 6.57 -17.41 -40.13
CA ASN L 106 6.75 -18.85 -40.21
C ASN L 106 6.89 -19.33 -41.65
N VAL L 107 6.24 -18.66 -42.61
CA VAL L 107 6.45 -18.99 -44.02
C VAL L 107 7.91 -18.76 -44.40
N THR L 108 8.50 -17.67 -43.93
CA THR L 108 9.93 -17.44 -44.15
C THR L 108 10.77 -18.52 -43.49
N ALA L 109 10.34 -19.02 -42.33
CA ALA L 109 11.06 -20.09 -41.64
C ALA L 109 10.91 -21.44 -42.32
N GLY L 110 10.08 -21.56 -43.35
CA GLY L 110 9.90 -22.80 -44.08
C GLY L 110 8.59 -23.51 -43.84
N ALA L 111 7.67 -22.94 -43.07
CA ALA L 111 6.37 -23.55 -42.86
C ALA L 111 5.54 -23.47 -44.13
N ARG L 112 4.83 -24.55 -44.44
CA ARG L 112 3.97 -24.58 -45.62
C ARG L 112 2.77 -23.65 -45.42
N PRO L 113 2.51 -22.72 -46.34
CA PRO L 113 1.37 -21.80 -46.14
C PRO L 113 0.03 -22.50 -46.12
N ILE L 114 -0.15 -23.57 -46.92
CA ILE L 114 -1.43 -24.26 -46.95
C ILE L 114 -1.68 -24.98 -45.64
N ASP L 115 -0.63 -25.53 -45.02
CA ASP L 115 -0.79 -26.17 -43.71
C ASP L 115 -1.02 -25.13 -42.62
N LEU L 116 -0.48 -23.93 -42.78
CA LEU L 116 -0.76 -22.86 -41.82
C LEU L 116 -2.22 -22.43 -41.93
N LYS L 117 -2.75 -22.33 -43.15
CA LYS L 117 -4.16 -21.97 -43.33
C LYS L 117 -5.07 -23.02 -42.72
N ARG L 118 -4.73 -24.31 -42.92
CA ARG L 118 -5.53 -25.37 -42.34
C ARG L 118 -5.53 -25.31 -40.81
N GLY L 119 -4.35 -25.10 -40.22
CA GLY L 119 -4.29 -24.97 -38.77
C GLY L 119 -5.03 -23.75 -38.25
N ILE L 120 -5.05 -22.67 -39.03
CA ILE L 120 -5.79 -21.48 -38.63
C ILE L 120 -7.29 -21.74 -38.72
N ASP L 121 -7.74 -22.35 -39.82
CA ASP L 121 -9.16 -22.61 -40.00
C ASP L 121 -9.69 -23.57 -38.93
N ARG L 122 -8.91 -24.60 -38.59
CA ARG L 122 -9.31 -25.51 -37.53
C ARG L 122 -9.31 -24.81 -36.17
N ALA L 123 -8.41 -23.85 -35.97
CA ALA L 123 -8.35 -23.15 -34.70
C ALA L 123 -9.50 -22.15 -34.56
N VAL L 124 -9.91 -21.52 -35.67
CA VAL L 124 -10.97 -20.53 -35.59
C VAL L 124 -12.31 -21.19 -35.28
N LYS L 125 -12.57 -22.34 -35.90
CA LYS L 125 -13.83 -23.05 -35.64
C LYS L 125 -13.93 -23.45 -34.17
N GLU L 126 -12.81 -23.88 -33.58
CA GLU L 126 -12.83 -24.29 -32.17
C GLU L 126 -12.97 -23.08 -31.25
N VAL L 127 -12.41 -21.93 -31.62
CA VAL L 127 -12.57 -20.73 -30.80
C VAL L 127 -14.01 -20.25 -30.86
N VAL L 128 -14.63 -20.28 -32.05
CA VAL L 128 -16.03 -19.88 -32.16
C VAL L 128 -16.92 -20.83 -31.38
N ALA L 129 -16.64 -22.13 -31.46
CA ALA L 129 -17.42 -23.10 -30.68
C ALA L 129 -17.32 -22.81 -29.18
N GLU L 130 -16.10 -22.58 -28.70
CA GLU L 130 -15.93 -22.20 -27.30
C GLU L 130 -16.50 -20.80 -27.03
N LEU L 131 -16.50 -19.93 -28.04
CA LEU L 131 -17.03 -18.59 -27.85
C LEU L 131 -18.54 -18.62 -27.63
N ARG L 132 -19.24 -19.60 -28.21
CA ARG L 132 -20.68 -19.70 -28.02
C ARG L 132 -21.05 -20.33 -26.68
N ASN L 133 -20.21 -21.24 -26.17
CA ASN L 133 -20.50 -21.84 -24.87
C ASN L 133 -20.43 -20.81 -23.76
N ILE L 134 -19.50 -19.85 -23.86
CA ILE L 134 -19.42 -18.77 -22.89
C ILE L 134 -20.46 -17.68 -23.13
N SER L 135 -21.10 -17.69 -24.29
CA SER L 135 -22.13 -16.70 -24.59
C SER L 135 -23.40 -16.99 -23.78
N ARG L 136 -24.14 -15.93 -23.48
CA ARG L 136 -25.39 -16.01 -22.76
C ARG L 136 -26.51 -15.43 -23.62
N SER L 137 -27.62 -16.16 -23.73
CA SER L 137 -28.70 -15.76 -24.62
C SER L 137 -29.44 -14.55 -24.07
N ILE L 138 -30.12 -13.85 -24.98
CA ILE L 138 -30.94 -12.70 -24.65
C ILE L 138 -32.38 -13.03 -25.05
N SER L 139 -33.26 -13.16 -24.06
CA SER L 139 -34.64 -13.54 -24.30
C SER L 139 -35.57 -12.69 -23.44
N GLY L 140 -36.72 -12.35 -23.99
CA GLY L 140 -37.73 -11.59 -23.27
C GLY L 140 -37.40 -10.11 -23.19
N LYS L 141 -38.43 -9.33 -22.87
CA LYS L 141 -38.27 -7.89 -22.77
C LYS L 141 -37.35 -7.49 -21.62
N LYS L 142 -37.15 -8.37 -20.64
CA LYS L 142 -36.29 -8.03 -19.50
C LYS L 142 -34.84 -7.87 -19.93
N GLU L 143 -34.29 -8.88 -20.62
CA GLU L 143 -32.90 -8.82 -21.04
C GLU L 143 -32.71 -7.96 -22.28
N ILE L 144 -33.70 -7.91 -23.17
CA ILE L 144 -33.59 -7.10 -24.38
C ILE L 144 -33.52 -5.62 -24.02
N ALA L 145 -34.28 -5.20 -23.01
CA ALA L 145 -34.25 -3.80 -22.59
C ALA L 145 -32.92 -3.44 -21.95
N GLN L 146 -32.33 -4.38 -21.20
CA GLN L 146 -31.04 -4.11 -20.56
C GLN L 146 -29.91 -4.06 -21.57
N VAL L 147 -29.96 -4.91 -22.60
CA VAL L 147 -28.97 -4.83 -23.67
C VAL L 147 -29.15 -3.56 -24.48
N GLY L 148 -30.39 -3.20 -24.78
CA GLY L 148 -30.66 -1.95 -25.48
C GLY L 148 -30.33 -0.72 -24.67
N THR L 149 -30.30 -0.84 -23.33
CA THR L 149 -29.93 0.29 -22.49
C THR L 149 -28.42 0.50 -22.47
N ILE L 150 -27.65 -0.59 -22.43
CA ILE L 150 -26.19 -0.47 -22.46
C ILE L 150 -25.72 0.10 -23.79
N SER L 151 -26.31 -0.37 -24.90
CA SER L 151 -25.96 0.15 -26.21
C SER L 151 -26.40 1.60 -26.40
N ALA L 152 -27.28 2.10 -25.54
CA ALA L 152 -27.77 3.46 -25.59
C ALA L 152 -26.96 4.41 -24.72
N ASN L 153 -25.84 3.94 -24.15
CA ASN L 153 -25.05 4.70 -23.18
C ASN L 153 -25.86 4.96 -21.91
N ASN L 154 -26.46 3.88 -21.38
CA ASN L 154 -27.24 3.91 -20.14
C ASN L 154 -28.45 4.85 -20.26
N ASP L 155 -29.19 4.69 -21.35
CA ASP L 155 -30.47 5.38 -21.52
C ASP L 155 -31.58 4.37 -21.32
N PRO L 156 -32.30 4.40 -20.20
CA PRO L 156 -33.31 3.36 -19.95
C PRO L 156 -34.50 3.41 -20.90
N GLU L 157 -34.92 4.61 -21.30
CA GLU L 157 -36.10 4.71 -22.16
C GLU L 157 -35.83 4.16 -23.55
N ILE L 158 -34.58 4.21 -24.03
CA ILE L 158 -34.25 3.63 -25.33
C ILE L 158 -34.33 2.11 -25.25
N GLY L 159 -33.85 1.52 -24.14
CA GLY L 159 -33.97 0.08 -23.97
C GLY L 159 -35.41 -0.38 -23.89
N GLU L 160 -36.28 0.43 -23.29
CA GLU L 160 -37.70 0.11 -23.27
C GLU L 160 -38.31 0.19 -24.66
N LEU L 161 -37.89 1.17 -25.46
CA LEU L 161 -38.45 1.34 -26.79
C LEU L 161 -38.05 0.21 -27.72
N ILE L 162 -36.79 -0.23 -27.66
CA ILE L 162 -36.34 -1.31 -28.51
C ILE L 162 -36.98 -2.63 -28.09
N ALA L 163 -37.08 -2.88 -26.78
CA ALA L 163 -37.72 -4.10 -26.30
C ALA L 163 -39.21 -4.09 -26.61
N GLU L 164 -39.84 -2.91 -26.61
CA GLU L 164 -41.25 -2.82 -26.97
C GLU L 164 -41.45 -3.02 -28.47
N ALA L 165 -40.51 -2.51 -29.28
CA ALA L 165 -40.62 -2.67 -30.72
C ALA L 165 -40.42 -4.13 -31.13
N MET L 166 -39.44 -4.81 -30.52
CA MET L 166 -39.21 -6.21 -30.83
C MET L 166 -40.30 -7.12 -30.25
N ASP L 167 -41.09 -6.62 -29.31
CA ASP L 167 -42.17 -7.41 -28.75
C ASP L 167 -43.39 -7.43 -29.67
N LYS L 168 -43.70 -6.29 -30.29
CA LYS L 168 -44.89 -6.20 -31.14
C LYS L 168 -44.69 -6.94 -32.45
N VAL L 169 -43.60 -6.66 -33.16
CA VAL L 169 -43.38 -7.23 -34.48
C VAL L 169 -42.51 -8.48 -34.45
N GLY L 170 -42.11 -8.94 -33.26
CA GLY L 170 -41.28 -10.11 -33.14
C GLY L 170 -39.80 -9.77 -33.26
N LYS L 171 -38.97 -10.74 -32.84
CA LYS L 171 -37.52 -10.54 -32.86
C LYS L 171 -36.97 -10.58 -34.28
N ASP L 172 -37.68 -11.18 -35.22
CA ASP L 172 -37.30 -11.15 -36.63
C ASP L 172 -38.02 -10.06 -37.41
N GLY L 173 -38.85 -9.25 -36.75
CA GLY L 173 -39.62 -8.25 -37.45
C GLY L 173 -38.77 -7.10 -37.97
N VAL L 174 -39.40 -6.27 -38.80
CA VAL L 174 -38.75 -5.14 -39.42
C VAL L 174 -38.98 -3.91 -38.55
N ILE L 175 -37.89 -3.28 -38.11
CA ILE L 175 -37.94 -2.08 -37.27
C ILE L 175 -37.14 -0.98 -37.95
N THR L 176 -37.76 0.18 -38.12
CA THR L 176 -37.11 1.32 -38.74
C THR L 176 -37.07 2.50 -37.77
N VAL L 177 -36.14 3.40 -38.01
CA VAL L 177 -35.92 4.57 -37.16
C VAL L 177 -36.15 5.82 -37.99
N GLU L 178 -37.15 6.60 -37.61
CA GLU L 178 -37.49 7.85 -38.26
C GLU L 178 -37.35 9.00 -37.27
N GLU L 179 -37.69 10.21 -37.73
CA GLU L 179 -37.62 11.41 -36.91
C GLU L 179 -39.03 11.82 -36.48
N ALA L 180 -39.19 12.07 -35.19
CA ALA L 180 -40.48 12.48 -34.66
C ALA L 180 -40.77 13.93 -35.01
N LYS L 181 -42.05 14.28 -34.99
CA LYS L 181 -42.50 15.63 -35.30
C LYS L 181 -42.45 16.57 -34.09
N GLY L 182 -41.98 16.09 -32.95
CA GLY L 182 -41.93 16.91 -31.76
C GLY L 182 -41.02 16.29 -30.71
N MET L 183 -41.12 16.84 -29.50
CA MET L 183 -40.28 16.37 -28.40
C MET L 183 -40.73 15.00 -27.89
N GLU L 184 -42.02 14.71 -27.97
CA GLU L 184 -42.55 13.46 -27.43
C GLU L 184 -42.07 12.27 -28.25
N THR L 185 -41.58 11.24 -27.56
CA THR L 185 -41.08 10.02 -28.20
C THR L 185 -42.15 8.94 -28.10
N GLU L 186 -42.63 8.49 -29.25
CA GLU L 186 -43.70 7.50 -29.33
C GLU L 186 -43.29 6.35 -30.24
N LEU L 187 -44.03 5.26 -30.15
CA LEU L 187 -43.85 4.09 -30.99
C LEU L 187 -45.18 3.71 -31.61
N LYS L 188 -45.25 3.77 -32.94
CA LYS L 188 -46.46 3.39 -33.68
C LYS L 188 -46.09 2.35 -34.73
N VAL L 189 -46.87 1.28 -34.79
CA VAL L 189 -46.62 0.17 -35.70
C VAL L 189 -47.61 0.27 -36.85
N VAL L 190 -47.10 0.53 -38.05
CA VAL L 190 -47.91 0.59 -39.26
C VAL L 190 -47.64 -0.67 -40.08
N GLU L 191 -48.67 -1.14 -40.76
CA GLU L 191 -48.55 -2.38 -41.54
C GLU L 191 -47.65 -2.15 -42.75
N GLY L 192 -46.93 -3.22 -43.12
CA GLY L 192 -46.02 -3.15 -44.24
C GLY L 192 -45.17 -4.40 -44.30
N MET L 193 -44.07 -4.31 -45.05
CA MET L 193 -43.16 -5.44 -45.20
C MET L 193 -41.84 -4.92 -45.78
N GLN L 194 -40.89 -5.84 -45.94
CA GLN L 194 -39.60 -5.52 -46.53
C GLN L 194 -39.09 -6.76 -47.26
N PHE L 195 -38.43 -6.54 -48.39
CA PHE L 195 -37.88 -7.62 -49.19
C PHE L 195 -36.41 -7.35 -49.47
N ASP L 196 -35.66 -8.41 -49.74
CA ASP L 196 -34.22 -8.32 -49.95
C ASP L 196 -33.95 -8.02 -51.43
N ARG L 197 -33.34 -6.87 -51.68
CA ARG L 197 -32.91 -6.43 -53.00
C ARG L 197 -32.24 -5.08 -52.84
N GLY L 198 -31.44 -4.71 -53.85
CA GLY L 198 -30.73 -3.46 -53.86
C GLY L 198 -31.31 -2.47 -54.87
N TYR L 199 -30.73 -1.29 -54.86
CA TYR L 199 -31.06 -0.26 -55.84
C TYR L 199 -30.14 -0.41 -57.05
N LEU L 200 -30.73 -0.39 -58.24
CA LEU L 200 -29.95 -0.57 -59.48
C LEU L 200 -29.06 0.63 -59.78
N SER L 201 -29.41 1.82 -59.30
CA SER L 201 -28.62 3.01 -59.57
C SER L 201 -28.01 3.54 -58.28
N PRO L 202 -26.69 3.41 -58.08
CA PRO L 202 -26.06 4.05 -56.91
C PRO L 202 -26.07 5.56 -56.97
N TYR L 203 -26.33 6.15 -58.14
CA TYR L 203 -26.26 7.59 -58.31
C TYR L 203 -27.40 8.34 -57.62
N PHE L 204 -28.38 7.63 -57.04
CA PHE L 204 -29.44 8.30 -56.30
C PHE L 204 -28.86 9.11 -55.14
N VAL L 205 -28.15 8.43 -54.23
CA VAL L 205 -27.35 9.07 -53.18
C VAL L 205 -28.19 10.05 -52.37
N THR L 206 -29.15 9.54 -51.61
CA THR L 206 -29.93 10.35 -50.67
C THR L 206 -29.27 10.21 -49.30
N ASN L 207 -28.67 11.30 -48.82
CA ASN L 207 -27.87 11.28 -47.59
C ASN L 207 -26.79 10.20 -47.68
N SER L 208 -25.80 10.48 -48.53
CA SER L 208 -24.77 9.49 -48.86
C SER L 208 -24.05 8.95 -47.63
N GLU L 209 -24.03 9.70 -46.53
CA GLU L 209 -23.46 9.18 -45.30
C GLU L 209 -24.25 7.98 -44.79
N THR L 210 -25.57 8.00 -45.00
CA THR L 210 -26.42 6.86 -44.61
C THR L 210 -26.34 5.71 -45.61
N MET L 211 -25.93 5.98 -46.85
CA MET L 211 -25.86 4.97 -47.90
C MET L 211 -27.23 4.32 -48.12
N GLU L 212 -28.26 5.16 -48.22
CA GLU L 212 -29.63 4.71 -48.43
C GLU L 212 -30.34 5.71 -49.33
N ALA L 213 -31.64 5.48 -49.54
CA ALA L 213 -32.49 6.39 -50.29
C ALA L 213 -33.80 6.56 -49.54
N GLU L 214 -34.10 7.80 -49.14
CA GLU L 214 -35.30 8.11 -48.37
C GLU L 214 -36.34 8.73 -49.30
N LEU L 215 -37.52 8.10 -49.38
CA LEU L 215 -38.62 8.59 -50.20
C LEU L 215 -39.85 8.73 -49.34
N ASP L 216 -40.37 9.95 -49.22
CA ASP L 216 -41.55 10.24 -48.41
C ASP L 216 -42.71 10.59 -49.33
N GLU L 217 -43.86 9.95 -49.09
CA GLU L 217 -45.08 10.18 -49.88
C GLU L 217 -44.82 9.93 -51.37
N ALA L 218 -44.58 8.67 -51.69
CA ALA L 218 -44.25 8.25 -53.04
C ALA L 218 -45.29 7.27 -53.57
N LEU L 219 -45.09 6.85 -54.81
CA LEU L 219 -45.94 5.87 -55.47
C LEU L 219 -45.10 4.69 -55.94
N ILE L 220 -45.70 3.51 -55.97
CA ILE L 220 -45.02 2.28 -56.30
C ILE L 220 -45.56 1.77 -57.63
N LEU L 221 -44.73 1.82 -58.68
CA LEU L 221 -45.07 1.22 -59.96
C LEU L 221 -44.48 -0.19 -59.99
N ILE L 222 -45.34 -1.18 -60.25
CA ILE L 222 -44.97 -2.58 -60.17
C ILE L 222 -45.20 -3.23 -61.54
N HIS L 223 -44.30 -4.13 -61.91
CA HIS L 223 -44.36 -4.77 -63.22
C HIS L 223 -43.77 -6.17 -63.12
N ASP L 224 -44.29 -7.08 -63.93
CA ASP L 224 -43.88 -8.48 -63.92
C ASP L 224 -42.84 -8.82 -64.97
N LYS L 225 -42.39 -7.85 -65.76
CA LYS L 225 -41.47 -8.09 -66.86
C LYS L 225 -40.34 -7.06 -66.84
N LYS L 226 -39.30 -7.34 -67.63
CA LYS L 226 -38.18 -6.43 -67.74
C LYS L 226 -38.61 -5.12 -68.40
N ILE L 227 -37.88 -4.05 -68.07
CA ILE L 227 -38.16 -2.74 -68.64
C ILE L 227 -36.89 -2.18 -69.28
N SER L 228 -35.86 -1.95 -68.48
CA SER L 228 -34.60 -1.41 -68.97
C SER L 228 -33.94 -2.34 -69.97
N PRO L 246 -41.74 11.81 -54.92
CA PRO L 246 -40.97 10.66 -55.37
C PRO L 246 -41.85 9.52 -55.89
N LEU L 247 -41.24 8.50 -56.49
CA LEU L 247 -41.97 7.35 -56.97
C LEU L 247 -41.08 6.12 -56.84
N LEU L 248 -41.63 4.96 -57.20
CA LEU L 248 -40.91 3.70 -57.16
C LEU L 248 -41.26 2.91 -58.41
N ILE L 249 -40.24 2.50 -59.17
CA ILE L 249 -40.43 1.74 -60.39
C ILE L 249 -39.56 0.50 -60.35
N ILE L 250 -40.06 -0.58 -60.94
CA ILE L 250 -39.34 -1.85 -61.02
C ILE L 250 -38.83 -2.00 -62.44
N ALA L 251 -37.50 -1.91 -62.60
CA ALA L 251 -36.85 -1.94 -63.90
C ALA L 251 -36.32 -3.33 -64.25
N GLU L 252 -35.38 -3.83 -63.46
CA GLU L 252 -34.74 -5.13 -63.68
C GLU L 252 -33.97 -5.16 -64.99
N ALA L 258 -30.98 0.47 -70.75
CA ALA L 258 -31.55 1.76 -71.13
C ALA L 258 -32.02 2.52 -69.90
N LEU L 259 -31.50 2.14 -68.73
CA LEU L 259 -31.85 2.79 -67.48
C LEU L 259 -31.23 4.18 -67.33
N ALA L 260 -30.37 4.59 -68.27
CA ALA L 260 -29.70 5.88 -68.17
C ALA L 260 -30.67 7.05 -68.18
N THR L 261 -31.90 6.86 -68.69
CA THR L 261 -32.89 7.93 -68.65
C THR L 261 -33.26 8.27 -67.21
N LEU L 262 -33.47 7.25 -66.38
CA LEU L 262 -33.75 7.49 -64.97
C LEU L 262 -32.48 7.79 -64.18
N VAL L 263 -31.33 7.29 -64.65
CA VAL L 263 -30.08 7.54 -63.95
C VAL L 263 -29.62 8.97 -64.15
N VAL L 264 -29.76 9.50 -65.36
CA VAL L 264 -29.37 10.89 -65.61
C VAL L 264 -30.31 11.85 -64.91
N ASN L 265 -31.60 11.50 -64.80
CA ASN L 265 -32.55 12.36 -64.11
C ASN L 265 -32.36 12.34 -62.59
N LYS L 266 -31.72 11.30 -62.06
CA LYS L 266 -31.50 11.23 -60.61
C LYS L 266 -30.48 12.27 -60.16
N LEU L 267 -29.33 12.30 -60.82
CA LEU L 267 -28.26 13.23 -60.43
C LEU L 267 -28.51 14.65 -60.93
N ARG L 268 -29.31 14.81 -61.99
CA ARG L 268 -29.56 16.15 -62.53
C ARG L 268 -30.43 16.99 -61.61
N GLY L 269 -31.19 16.37 -60.71
CA GLY L 269 -32.01 17.12 -59.79
C GLY L 269 -33.34 17.57 -60.35
N THR L 270 -33.93 16.81 -61.27
CA THR L 270 -35.26 17.11 -61.81
C THR L 270 -36.29 16.15 -61.24
N LEU L 271 -36.24 14.88 -61.61
CA LEU L 271 -37.11 13.85 -61.05
C LEU L 271 -36.24 12.77 -60.43
N LYS L 272 -36.44 12.53 -59.14
CA LYS L 272 -35.66 11.56 -58.38
C LYS L 272 -36.58 10.46 -57.89
N VAL L 273 -36.39 9.24 -58.40
CA VAL L 273 -37.16 8.07 -58.01
C VAL L 273 -36.20 6.93 -57.72
N ALA L 274 -36.78 5.76 -57.42
CA ALA L 274 -36.01 4.58 -57.08
C ALA L 274 -36.24 3.50 -58.13
N ALA L 275 -35.17 2.76 -58.45
CA ALA L 275 -35.23 1.64 -59.37
C ALA L 275 -34.70 0.39 -58.66
N VAL L 276 -35.58 -0.57 -58.42
CA VAL L 276 -35.23 -1.81 -57.73
C VAL L 276 -35.92 -2.98 -58.43
N LYS L 277 -35.36 -4.17 -58.23
CA LYS L 277 -35.93 -5.38 -58.81
C LYS L 277 -36.78 -6.10 -57.77
N ALA L 278 -37.36 -7.22 -58.17
CA ALA L 278 -38.20 -8.01 -57.28
C ALA L 278 -37.71 -9.45 -57.20
N GLY L 282 -39.93 -15.03 -62.66
CA GLY L 282 -41.15 -15.60 -63.19
C GLY L 282 -42.13 -16.03 -62.12
N ASP L 283 -42.01 -17.29 -61.68
CA ASP L 283 -42.86 -17.84 -60.64
C ASP L 283 -42.37 -17.54 -59.24
N ARG L 284 -41.26 -16.82 -59.11
CA ARG L 284 -40.71 -16.48 -57.79
C ARG L 284 -40.54 -14.97 -57.64
N ARG L 285 -39.66 -14.35 -58.43
CA ARG L 285 -39.43 -12.92 -58.30
C ARG L 285 -40.64 -12.12 -58.79
N LYS L 286 -41.15 -12.44 -59.98
CA LYS L 286 -42.28 -11.71 -60.54
C LYS L 286 -43.60 -12.12 -59.90
N ALA L 287 -43.69 -13.35 -59.38
CA ALA L 287 -44.94 -13.81 -58.80
C ALA L 287 -45.22 -13.19 -57.43
N MET L 288 -44.18 -12.75 -56.72
CA MET L 288 -44.36 -12.10 -55.43
C MET L 288 -44.95 -10.70 -55.57
N LEU L 289 -45.09 -10.19 -56.80
CA LEU L 289 -45.64 -8.86 -57.01
C LEU L 289 -47.09 -8.74 -56.53
N GLU L 290 -47.80 -9.86 -56.39
CA GLU L 290 -49.20 -9.81 -55.98
C GLU L 290 -49.34 -9.29 -54.56
N ASP L 291 -48.61 -9.88 -53.61
CA ASP L 291 -48.67 -9.44 -52.22
C ASP L 291 -48.04 -8.07 -52.01
N ILE L 292 -47.31 -7.55 -53.00
CA ILE L 292 -46.67 -6.24 -52.85
C ILE L 292 -47.67 -5.13 -53.14
N ALA L 293 -48.18 -5.07 -54.38
CA ALA L 293 -49.08 -3.99 -54.77
C ALA L 293 -50.39 -4.03 -54.01
N ILE L 294 -50.83 -5.22 -53.58
CA ILE L 294 -52.09 -5.31 -52.83
C ILE L 294 -51.94 -4.66 -51.46
N LEU L 295 -50.74 -4.70 -50.87
CA LEU L 295 -50.52 -4.06 -49.59
C LEU L 295 -50.35 -2.55 -49.73
N THR L 296 -49.82 -2.09 -50.86
CA THR L 296 -49.63 -0.66 -51.11
C THR L 296 -50.82 -0.02 -51.80
N GLY L 297 -51.91 -0.76 -52.01
CA GLY L 297 -53.06 -0.23 -52.71
C GLY L 297 -52.82 0.00 -54.18
N GLY L 298 -52.36 -1.03 -54.88
CA GLY L 298 -52.09 -0.93 -56.31
C GLY L 298 -52.36 -2.24 -57.01
N THR L 299 -52.30 -2.20 -58.33
CA THR L 299 -52.58 -3.35 -59.17
C THR L 299 -51.34 -3.68 -60.00
N VAL L 300 -51.04 -4.97 -60.12
CA VAL L 300 -49.88 -5.43 -60.85
C VAL L 300 -50.19 -5.47 -62.35
N ILE L 301 -49.18 -5.18 -63.15
CA ILE L 301 -49.30 -5.24 -64.62
C ILE L 301 -48.89 -6.65 -65.06
N SER L 302 -49.85 -7.39 -65.61
CA SER L 302 -49.63 -8.78 -66.01
C SER L 302 -50.16 -8.98 -67.44
N GLU L 303 -50.10 -10.22 -67.89
CA GLU L 303 -50.58 -10.57 -69.22
C GLU L 303 -52.06 -10.94 -69.20
N ALA L 315 -52.27 4.79 -64.23
CA ALA L 315 -52.13 6.04 -63.49
C ALA L 315 -52.28 5.80 -61.99
N TYR L 316 -53.17 4.88 -61.63
CA TYR L 316 -53.40 4.53 -60.24
C TYR L 316 -52.53 3.33 -59.87
N LEU L 317 -51.55 3.55 -58.99
CA LEU L 317 -50.63 2.52 -58.56
C LEU L 317 -50.57 2.51 -57.04
N GLY L 318 -49.68 1.67 -56.49
CA GLY L 318 -49.54 1.59 -55.06
C GLY L 318 -48.96 2.85 -54.45
N GLN L 319 -49.20 3.01 -53.14
CA GLN L 319 -48.74 4.18 -52.42
C GLN L 319 -48.30 3.76 -51.02
N ALA L 320 -47.44 4.57 -50.42
CA ALA L 320 -46.93 4.32 -49.07
C ALA L 320 -46.48 5.63 -48.47
N ALA L 321 -46.34 5.63 -47.14
CA ALA L 321 -45.94 6.84 -46.41
C ALA L 321 -44.45 7.12 -46.62
N ARG L 322 -43.60 6.25 -46.07
CA ARG L 322 -42.16 6.39 -46.19
C ARG L 322 -41.54 5.06 -46.58
N ILE L 323 -40.57 5.11 -47.50
CA ILE L 323 -39.89 3.92 -47.98
C ILE L 323 -38.40 4.22 -48.05
N THR L 324 -37.59 3.41 -47.36
CA THR L 324 -36.14 3.56 -47.35
C THR L 324 -35.51 2.28 -47.87
N ILE L 325 -34.62 2.40 -48.85
CA ILE L 325 -33.99 1.26 -49.48
C ILE L 325 -32.48 1.34 -49.24
N ASP L 326 -31.86 0.19 -49.06
CA ASP L 326 -30.41 0.07 -48.91
C ASP L 326 -29.87 -0.80 -50.05
N LYS L 327 -28.55 -0.98 -50.04
CA LYS L 327 -27.94 -1.91 -50.99
C LYS L 327 -28.22 -3.36 -50.61
N ASP L 328 -28.63 -3.62 -49.37
CA ASP L 328 -28.93 -4.98 -48.93
C ASP L 328 -30.39 -5.32 -49.19
N ASN L 329 -31.30 -4.65 -48.50
CA ASN L 329 -32.73 -4.92 -48.59
C ASN L 329 -33.49 -3.66 -49.02
N THR L 330 -34.80 -3.81 -49.12
CA THR L 330 -35.71 -2.72 -49.48
C THR L 330 -36.88 -2.73 -48.51
N THR L 331 -37.12 -1.59 -47.86
CA THR L 331 -38.13 -1.48 -46.81
C THR L 331 -39.09 -0.35 -47.13
N ILE L 332 -40.39 -0.63 -47.09
CA ILE L 332 -41.43 0.35 -47.30
C ILE L 332 -42.36 0.33 -46.09
N VAL L 333 -42.58 1.49 -45.48
CA VAL L 333 -43.38 1.61 -44.26
C VAL L 333 -44.73 2.22 -44.63
N GLU L 334 -45.80 1.62 -44.11
CA GLU L 334 -47.17 2.09 -44.34
C GLU L 334 -47.49 2.19 -45.83
N LYS L 336 -50.40 3.14 -48.64
CA LYS L 336 -51.73 3.73 -48.43
C LYS L 336 -52.83 2.78 -48.88
N GLY L 337 -52.59 1.48 -48.70
CA GLY L 337 -53.56 0.48 -49.09
C GLY L 337 -54.73 0.39 -48.11
N LYS L 338 -55.72 -0.41 -48.51
CA LYS L 338 -56.91 -0.62 -47.70
C LYS L 338 -56.74 -1.87 -46.84
N GLN L 339 -57.15 -1.76 -45.58
CA GLN L 339 -57.04 -2.90 -44.66
C GLN L 339 -57.93 -4.06 -45.08
N GLU L 340 -59.01 -3.80 -45.83
CA GLU L 340 -59.87 -4.88 -46.31
C GLU L 340 -59.20 -5.62 -47.46
N GLU L 341 -58.64 -4.88 -48.42
CA GLU L 341 -57.97 -5.53 -49.55
C GLU L 341 -56.68 -6.22 -49.13
N ILE L 342 -56.04 -5.74 -48.06
CA ILE L 342 -54.81 -6.37 -47.59
C ILE L 342 -55.12 -7.70 -46.92
N LYS L 343 -56.20 -7.75 -46.13
CA LYS L 343 -56.59 -8.99 -45.48
C LYS L 343 -57.11 -10.03 -46.46
N ALA L 344 -57.49 -9.61 -47.67
CA ALA L 344 -57.96 -10.56 -48.67
C ALA L 344 -56.82 -11.48 -49.12
N ARG L 345 -55.69 -10.90 -49.51
CA ARG L 345 -54.53 -11.71 -49.89
C ARG L 345 -53.89 -12.38 -48.69
N ILE L 346 -54.19 -11.92 -47.47
CA ILE L 346 -53.65 -12.55 -46.28
C ILE L 346 -54.21 -13.96 -46.12
N ASN L 347 -55.53 -14.10 -46.25
CA ASN L 347 -56.15 -15.42 -46.20
C ASN L 347 -55.99 -16.19 -47.50
N GLU L 348 -55.58 -15.54 -48.58
CA GLU L 348 -55.30 -16.26 -49.82
C GLU L 348 -54.10 -17.18 -49.66
N ILE L 349 -53.03 -16.68 -49.03
CA ILE L 349 -51.90 -17.55 -48.73
C ILE L 349 -52.20 -18.44 -47.54
N LYS L 350 -53.02 -17.96 -46.60
CA LYS L 350 -53.40 -18.79 -45.46
C LYS L 350 -54.28 -19.95 -45.88
N GLY L 351 -55.09 -19.78 -46.91
CA GLY L 351 -55.89 -20.87 -47.43
C GLY L 351 -55.07 -21.94 -48.15
N GLN L 352 -53.85 -21.60 -48.56
CA GLN L 352 -52.95 -22.55 -49.20
C GLN L 352 -52.06 -23.27 -48.20
N ILE L 353 -52.26 -23.03 -46.89
CA ILE L 353 -51.47 -23.72 -45.88
C ILE L 353 -51.70 -25.21 -45.90
N GLU L 354 -52.85 -25.67 -46.40
CA GLU L 354 -53.11 -27.10 -46.54
C GLU L 354 -52.30 -27.71 -47.68
N LYS L 355 -51.84 -26.90 -48.63
CA LYS L 355 -51.05 -27.41 -49.74
C LYS L 355 -49.58 -27.50 -49.37
N TYR L 360 -41.24 -28.40 -49.84
CA TYR L 360 -40.65 -27.35 -50.67
C TYR L 360 -41.48 -26.07 -50.58
N ASP L 361 -42.70 -26.11 -51.11
CA ASP L 361 -43.59 -24.96 -51.07
C ASP L 361 -44.20 -24.72 -49.70
N THR L 362 -43.98 -25.63 -48.74
CA THR L 362 -44.56 -25.46 -47.41
C THR L 362 -43.98 -24.25 -46.70
N GLU L 363 -42.64 -24.17 -46.61
CA GLU L 363 -42.00 -23.07 -45.92
C GLU L 363 -41.99 -21.79 -46.74
N LYS L 364 -41.92 -21.91 -48.06
CA LYS L 364 -41.87 -20.72 -48.92
C LYS L 364 -43.19 -19.95 -48.89
N LEU L 365 -44.31 -20.65 -48.75
CA LEU L 365 -45.60 -19.98 -48.70
C LEU L 365 -45.81 -19.26 -47.38
N GLN L 366 -45.50 -19.94 -46.27
CA GLN L 366 -45.67 -19.32 -44.96
C GLN L 366 -44.66 -18.20 -44.71
N GLU L 367 -43.58 -18.14 -45.49
CA GLU L 367 -42.59 -17.09 -45.31
C GLU L 367 -43.12 -15.76 -45.81
N ARG L 368 -43.85 -15.76 -46.93
CA ARG L 368 -44.41 -14.52 -47.46
C ARG L 368 -45.63 -14.05 -46.68
N LEU L 369 -46.36 -14.98 -46.06
CA LEU L 369 -47.53 -14.60 -45.28
C LEU L 369 -47.13 -13.89 -43.99
N ALA L 370 -46.03 -14.32 -43.37
CA ALA L 370 -45.57 -13.68 -42.15
C ALA L 370 -45.06 -12.27 -42.39
N LYS L 371 -44.61 -11.96 -43.62
CA LYS L 371 -44.13 -10.62 -43.91
C LYS L 371 -45.28 -9.61 -43.97
N LEU L 372 -46.43 -10.03 -44.48
CA LEU L 372 -47.57 -9.13 -44.55
C LEU L 372 -48.26 -8.98 -43.20
N SER L 373 -48.29 -10.04 -42.40
CA SER L 373 -48.94 -9.99 -41.09
C SER L 373 -48.07 -9.38 -40.00
N GLY L 374 -46.76 -9.24 -40.25
CA GLY L 374 -45.89 -8.70 -39.23
C GLY L 374 -45.88 -7.19 -39.16
N GLY L 375 -46.10 -6.51 -40.28
CA GLY L 375 -46.07 -5.07 -40.29
C GLY L 375 -44.64 -4.54 -40.20
N VAL L 376 -44.55 -3.24 -39.90
CA VAL L 376 -43.28 -2.54 -39.77
C VAL L 376 -43.32 -1.69 -38.51
N ALA L 377 -42.37 -1.90 -37.61
CA ALA L 377 -42.27 -1.10 -36.40
C ALA L 377 -41.50 0.18 -36.72
N VAL L 378 -42.12 1.32 -36.46
CA VAL L 378 -41.53 2.63 -36.74
C VAL L 378 -41.24 3.32 -35.42
N LEU L 379 -39.95 3.59 -35.16
CA LEU L 379 -39.53 4.27 -33.95
C LEU L 379 -39.50 5.77 -34.21
N LYS L 380 -40.27 6.54 -33.44
CA LYS L 380 -40.33 7.98 -33.55
C LYS L 380 -39.51 8.59 -32.42
N ILE L 381 -38.37 9.19 -32.76
CA ILE L 381 -37.46 9.78 -31.78
C ILE L 381 -37.37 11.27 -32.06
N GLY L 382 -37.44 12.06 -30.98
CA GLY L 382 -37.37 13.50 -31.11
C GLY L 382 -36.76 14.14 -29.88
N ALA L 383 -36.27 15.36 -30.06
CA ALA L 383 -35.63 16.13 -29.00
C ALA L 383 -35.97 17.60 -29.20
N SER L 384 -35.46 18.44 -28.29
CA SER L 384 -35.70 19.87 -28.32
C SER L 384 -34.61 20.65 -29.03
N THR L 385 -33.60 19.98 -29.57
CA THR L 385 -32.49 20.65 -30.23
C THR L 385 -32.15 19.92 -31.52
N GLU L 386 -31.81 20.69 -32.57
CA GLU L 386 -31.40 20.08 -33.82
C GLU L 386 -30.09 19.32 -33.66
N VAL L 387 -29.20 19.78 -32.78
CA VAL L 387 -27.97 19.05 -32.51
C VAL L 387 -28.27 17.79 -31.70
N GLU L 388 -29.13 17.90 -30.69
CA GLU L 388 -29.51 16.73 -29.91
C GLU L 388 -30.42 15.80 -30.70
N MET L 389 -30.99 16.26 -31.80
CA MET L 389 -31.83 15.40 -32.63
C MET L 389 -30.99 14.34 -33.34
N LYS L 390 -29.94 14.78 -34.05
CA LYS L 390 -29.08 13.82 -34.73
C LYS L 390 -28.25 13.01 -33.75
N GLU L 391 -27.97 13.55 -32.56
CA GLU L 391 -27.25 12.80 -31.54
C GLU L 391 -28.10 11.64 -31.01
N LYS L 392 -29.37 11.90 -30.73
CA LYS L 392 -30.25 10.86 -30.21
C LYS L 392 -30.75 9.92 -31.31
N LYS L 393 -30.92 10.43 -32.52
CA LYS L 393 -31.41 9.59 -33.61
C LYS L 393 -30.43 8.46 -33.91
N ALA L 394 -29.17 8.80 -34.18
CA ALA L 394 -28.18 7.77 -34.48
C ALA L 394 -27.89 6.89 -33.28
N ARG L 395 -28.05 7.43 -32.05
CA ARG L 395 -27.81 6.63 -30.87
C ARG L 395 -28.83 5.50 -30.75
N VAL L 396 -30.08 5.76 -31.13
CA VAL L 396 -31.10 4.72 -31.05
C VAL L 396 -30.90 3.68 -32.15
N GLU L 397 -30.63 4.14 -33.38
CA GLU L 397 -30.47 3.21 -34.49
C GLU L 397 -29.22 2.35 -34.33
N ASP L 398 -28.16 2.91 -33.73
CA ASP L 398 -26.97 2.11 -33.45
C ASP L 398 -27.23 1.14 -32.30
N ALA L 399 -27.94 1.60 -31.26
CA ALA L 399 -28.31 0.70 -30.17
C ALA L 399 -29.32 -0.35 -30.64
N LEU L 400 -30.18 0.00 -31.58
CA LEU L 400 -31.09 -0.98 -32.16
C LEU L 400 -30.32 -2.06 -32.90
N HIS L 401 -29.36 -1.66 -33.74
CA HIS L 401 -28.56 -2.62 -34.47
C HIS L 401 -27.76 -3.52 -33.53
N ALA L 402 -27.31 -2.99 -32.40
CA ALA L 402 -26.58 -3.80 -31.43
C ALA L 402 -27.49 -4.82 -30.76
N THR L 403 -28.72 -4.40 -30.44
CA THR L 403 -29.66 -5.30 -29.77
C THR L 403 -30.10 -6.42 -30.70
N ARG L 404 -30.25 -6.12 -32.00
CA ARG L 404 -30.65 -7.14 -32.96
C ARG L 404 -29.63 -8.27 -33.02
N ALA L 405 -28.34 -7.93 -33.04
CA ALA L 405 -27.31 -8.96 -33.08
C ALA L 405 -27.16 -9.67 -31.75
N ALA L 406 -27.46 -8.99 -30.63
CA ALA L 406 -27.37 -9.62 -29.33
C ALA L 406 -28.42 -10.71 -29.16
N VAL L 407 -29.62 -10.49 -29.70
CA VAL L 407 -30.69 -11.47 -29.57
C VAL L 407 -30.38 -12.72 -30.36
N GLN L 408 -29.65 -12.60 -31.46
CA GLN L 408 -29.42 -13.73 -32.36
C GLN L 408 -28.40 -14.71 -31.78
N GLU L 409 -27.14 -14.30 -31.72
CA GLU L 409 -26.06 -15.20 -31.29
C GLU L 409 -25.67 -15.05 -29.83
N GLY L 410 -26.27 -14.12 -29.10
CA GLY L 410 -25.99 -13.99 -27.68
C GLY L 410 -25.08 -12.82 -27.35
N ILE L 411 -24.62 -12.82 -26.10
CA ILE L 411 -23.81 -11.74 -25.54
C ILE L 411 -22.58 -12.34 -24.86
N VAL L 412 -21.41 -11.78 -25.15
CA VAL L 412 -20.16 -12.16 -24.50
C VAL L 412 -19.52 -10.94 -23.87
N VAL L 413 -18.57 -11.19 -22.98
CA VAL L 413 -17.86 -10.11 -22.30
C VAL L 413 -17.01 -9.34 -23.30
N GLY L 414 -16.98 -8.02 -23.15
CA GLY L 414 -16.26 -7.15 -24.07
C GLY L 414 -14.83 -6.87 -23.63
N GLY L 415 -14.28 -5.79 -24.17
CA GLY L 415 -12.92 -5.41 -23.85
C GLY L 415 -11.85 -6.34 -24.35
N GLY L 416 -12.18 -7.23 -25.29
CA GLY L 416 -11.23 -8.21 -25.78
C GLY L 416 -11.03 -9.39 -24.87
N VAL L 417 -11.84 -9.55 -23.82
CA VAL L 417 -11.67 -10.66 -22.90
C VAL L 417 -12.24 -11.95 -23.47
N ALA L 418 -13.35 -11.86 -24.22
CA ALA L 418 -13.97 -13.06 -24.76
C ALA L 418 -13.04 -13.81 -25.70
N LEU L 419 -12.27 -13.07 -26.51
CA LEU L 419 -11.33 -13.73 -27.42
C LEU L 419 -10.23 -14.46 -26.66
N ILE L 420 -9.85 -13.96 -25.48
CA ILE L 420 -8.86 -14.66 -24.66
C ILE L 420 -9.48 -15.86 -23.98
N ARG L 421 -10.67 -15.69 -23.40
CA ARG L 421 -11.34 -16.80 -22.72
C ARG L 421 -11.68 -17.92 -23.69
N ALA L 422 -12.07 -17.56 -24.92
CA ALA L 422 -12.42 -18.57 -25.93
C ALA L 422 -11.21 -19.37 -26.40
N ALA L 423 -10.00 -18.98 -26.03
CA ALA L 423 -8.82 -19.73 -26.41
C ALA L 423 -8.79 -21.13 -25.79
N LYS L 424 -9.62 -21.39 -24.78
CA LYS L 424 -9.69 -22.72 -24.20
C LYS L 424 -10.12 -23.76 -25.23
N GLY L 425 -10.92 -23.36 -26.21
CA GLY L 425 -11.34 -24.27 -27.26
C GLY L 425 -10.21 -24.77 -28.14
N LEU L 426 -9.04 -24.15 -28.09
CA LEU L 426 -7.91 -24.58 -28.90
C LEU L 426 -7.40 -25.95 -28.48
N ALA L 427 -7.69 -26.39 -27.26
CA ALA L 427 -7.28 -27.74 -26.84
C ALA L 427 -7.98 -28.81 -27.66
N LYS L 428 -9.17 -28.52 -28.18
CA LYS L 428 -9.90 -29.46 -29.02
C LYS L 428 -9.45 -29.43 -30.47
N ALA L 429 -8.59 -28.49 -30.84
CA ALA L 429 -8.09 -28.41 -32.21
C ALA L 429 -7.08 -29.51 -32.49
N VAL L 430 -7.19 -30.10 -33.66
CA VAL L 430 -6.33 -31.22 -34.06
C VAL L 430 -5.45 -30.78 -35.23
N ALA L 431 -4.15 -31.01 -35.10
CA ALA L 431 -3.18 -30.68 -36.14
C ALA L 431 -2.56 -31.96 -36.69
N ASP L 432 -2.49 -32.06 -38.02
CA ASP L 432 -1.91 -33.24 -38.64
C ASP L 432 -0.39 -33.23 -38.61
N ASN L 433 0.22 -32.04 -38.55
CA ASN L 433 1.66 -31.92 -38.51
C ASN L 433 2.03 -30.64 -37.76
N GLU L 434 3.34 -30.37 -37.69
CA GLU L 434 3.82 -29.22 -36.94
C GLU L 434 3.41 -27.90 -37.59
N ASP L 435 3.36 -27.85 -38.93
CA ASP L 435 2.95 -26.62 -39.60
C ASP L 435 1.50 -26.28 -39.29
N GLN L 436 0.63 -27.30 -39.24
CA GLN L 436 -0.75 -27.04 -38.81
C GLN L 436 -0.79 -26.64 -37.34
N LYS L 437 0.05 -27.27 -36.51
CA LYS L 437 0.13 -26.87 -35.11
C LYS L 437 0.65 -25.44 -34.99
N THR L 438 1.58 -25.04 -35.85
CA THR L 438 2.05 -23.67 -35.86
C THR L 438 0.93 -22.71 -36.21
N GLY L 439 0.03 -23.14 -37.11
CA GLY L 439 -1.11 -22.30 -37.45
C GLY L 439 -2.07 -22.10 -36.30
N ILE L 440 -2.19 -23.09 -35.42
CA ILE L 440 -3.06 -22.95 -34.26
C ILE L 440 -2.43 -21.99 -33.24
N GLU L 441 -1.11 -22.07 -33.08
CA GLU L 441 -0.42 -21.16 -32.17
C GLU L 441 -0.48 -19.72 -32.65
N ILE L 442 -0.55 -19.51 -33.96
CA ILE L 442 -0.73 -18.16 -34.49
C ILE L 442 -2.05 -17.58 -33.99
N ILE L 443 -3.09 -18.41 -33.92
CA ILE L 443 -4.38 -17.95 -33.42
C ILE L 443 -4.32 -17.70 -31.92
N ARG L 444 -3.62 -18.57 -31.19
CA ARG L 444 -3.56 -18.42 -29.73
C ARG L 444 -2.92 -17.09 -29.34
N ARG L 445 -1.90 -16.66 -30.07
CA ARG L 445 -1.26 -15.38 -29.79
C ARG L 445 -2.07 -14.20 -30.34
N ALA L 446 -2.79 -14.41 -31.45
CA ALA L 446 -3.52 -13.31 -32.06
C ALA L 446 -4.72 -12.89 -31.23
N LEU L 447 -5.31 -13.82 -30.46
CA LEU L 447 -6.47 -13.49 -29.64
C LEU L 447 -6.15 -12.49 -28.55
N GLU L 448 -4.88 -12.39 -28.14
CA GLU L 448 -4.47 -11.43 -27.13
C GLU L 448 -4.29 -10.02 -27.70
N GLU L 449 -4.20 -9.89 -29.02
CA GLU L 449 -3.90 -8.63 -29.67
C GLU L 449 -4.99 -7.57 -29.50
N PRO L 450 -6.29 -7.91 -29.65
CA PRO L 450 -7.31 -6.88 -29.41
C PRO L 450 -7.25 -6.27 -28.02
N LEU L 451 -7.04 -7.10 -26.99
CA LEU L 451 -6.87 -6.54 -25.65
C LEU L 451 -5.55 -5.79 -25.53
N ARG L 452 -4.50 -6.28 -26.17
CA ARG L 452 -3.19 -5.62 -26.08
C ARG L 452 -3.24 -4.23 -26.68
N GLN L 453 -3.99 -4.04 -27.76
CA GLN L 453 -4.12 -2.72 -28.36
C GLN L 453 -5.02 -1.81 -27.54
N ILE L 454 -6.05 -2.37 -26.89
CA ILE L 454 -6.93 -1.57 -26.05
C ILE L 454 -6.16 -0.98 -24.87
N VAL L 455 -5.35 -1.81 -24.22
CA VAL L 455 -4.56 -1.34 -23.09
C VAL L 455 -3.48 -0.37 -23.56
N ALA L 456 -2.93 -0.61 -24.76
CA ALA L 456 -1.87 0.26 -25.26
C ALA L 456 -2.37 1.66 -25.60
N ASN L 457 -3.66 1.79 -25.95
CA ASN L 457 -4.21 3.10 -26.24
C ASN L 457 -4.38 3.96 -24.99
N THR L 458 -4.35 3.34 -23.81
CA THR L 458 -4.41 4.11 -22.57
C THR L 458 -3.13 4.88 -22.29
N GLY L 459 -2.06 4.59 -23.03
CA GLY L 459 -0.80 5.28 -22.85
C GLY L 459 0.17 4.61 -21.90
N THR L 460 -0.18 3.45 -21.36
CA THR L 460 0.68 2.79 -20.37
C THR L 460 1.76 1.97 -21.05
N THR L 461 2.94 1.98 -20.44
CA THR L 461 4.02 1.08 -20.83
C THR L 461 3.99 -0.23 -20.05
N ASP L 462 3.15 -0.33 -19.03
CA ASP L 462 3.00 -1.51 -18.19
C ASP L 462 1.93 -2.47 -18.71
N GLY L 463 1.36 -2.20 -19.88
CA GLY L 463 0.30 -3.02 -20.41
C GLY L 463 0.63 -4.50 -20.56
N ALA L 464 1.92 -4.84 -20.58
CA ALA L 464 2.30 -6.25 -20.62
C ALA L 464 1.84 -6.99 -19.36
N VAL L 465 1.81 -6.30 -18.22
CA VAL L 465 1.32 -6.92 -16.99
C VAL L 465 -0.20 -6.98 -16.97
N VAL L 466 -0.86 -5.98 -17.57
CA VAL L 466 -2.33 -5.98 -17.62
C VAL L 466 -2.83 -7.17 -18.42
N LEU L 467 -2.10 -7.55 -19.47
CA LEU L 467 -2.52 -8.68 -20.29
C LEU L 467 -2.37 -10.00 -19.52
N GLU L 468 -1.29 -10.14 -18.75
CA GLU L 468 -1.04 -11.39 -18.05
C GLU L 468 -2.04 -11.62 -16.93
N LYS L 469 -2.43 -10.54 -16.23
CA LYS L 469 -3.37 -10.69 -15.13
C LYS L 469 -4.76 -11.06 -15.62
N VAL L 470 -5.15 -10.61 -16.82
CA VAL L 470 -6.44 -10.97 -17.36
C VAL L 470 -6.45 -12.45 -17.79
N LYS L 471 -5.36 -12.91 -18.38
CA LYS L 471 -5.29 -14.31 -18.80
C LYS L 471 -5.25 -15.24 -17.60
N ASN L 472 -4.49 -14.87 -16.55
CA ASN L 472 -4.41 -15.68 -15.35
C ASN L 472 -5.70 -15.66 -14.54
N ALA L 473 -6.65 -14.79 -14.87
CA ALA L 473 -7.94 -14.77 -14.21
C ALA L 473 -8.89 -15.73 -14.91
N GLU L 474 -10.15 -15.76 -14.45
CA GLU L 474 -11.15 -16.66 -14.98
C GLU L 474 -12.46 -15.91 -15.16
N GLY L 475 -13.31 -16.46 -16.03
CA GLY L 475 -14.65 -15.91 -16.19
C GLY L 475 -14.65 -14.56 -16.88
N ASP L 476 -15.50 -13.67 -16.39
CA ASP L 476 -15.72 -12.36 -16.98
C ASP L 476 -14.80 -11.29 -16.40
N TYR L 477 -13.86 -11.68 -15.54
CA TYR L 477 -12.90 -10.73 -14.99
C TYR L 477 -11.99 -10.19 -16.10
N GLY L 478 -11.84 -8.86 -16.12
CA GLY L 478 -11.03 -8.23 -17.14
C GLY L 478 -10.63 -6.84 -16.72
N PHE L 479 -10.03 -6.11 -17.66
CA PHE L 479 -9.57 -4.75 -17.44
C PHE L 479 -10.48 -3.77 -18.15
N ASN L 480 -10.98 -2.78 -17.40
CA ASN L 480 -11.83 -1.73 -17.96
C ASN L 480 -10.91 -0.58 -18.37
N ALA L 481 -10.85 -0.30 -19.67
CA ALA L 481 -9.99 0.76 -20.17
C ALA L 481 -10.54 2.15 -19.91
N ARG L 482 -11.85 2.27 -19.71
CA ARG L 482 -12.45 3.59 -19.49
C ARG L 482 -12.09 4.13 -18.12
N THR L 483 -12.28 3.33 -17.08
CA THR L 483 -11.97 3.74 -15.71
C THR L 483 -10.58 3.31 -15.27
N GLU L 484 -9.84 2.58 -16.12
CA GLU L 484 -8.49 2.11 -15.81
C GLU L 484 -8.49 1.30 -14.51
N GLN L 485 -9.40 0.34 -14.43
CA GLN L 485 -9.58 -0.47 -13.23
C GLN L 485 -9.96 -1.88 -13.63
N TYR L 486 -9.55 -2.84 -12.80
CA TYR L 486 -9.94 -4.23 -12.98
C TYR L 486 -11.28 -4.47 -12.29
N GLU L 487 -12.21 -5.10 -12.99
CA GLU L 487 -13.54 -5.35 -12.45
C GLU L 487 -14.22 -6.40 -13.31
N ASN L 488 -15.47 -6.71 -12.97
CA ASN L 488 -16.30 -7.61 -13.76
C ASN L 488 -16.97 -6.79 -14.85
N LEU L 489 -16.66 -7.13 -16.11
CA LEU L 489 -17.09 -6.28 -17.22
C LEU L 489 -18.57 -6.45 -17.56
N ILE L 490 -19.11 -7.66 -17.38
CA ILE L 490 -20.55 -7.85 -17.60
C ILE L 490 -21.35 -7.06 -16.57
N GLU L 491 -20.89 -7.05 -15.32
CA GLU L 491 -21.55 -6.22 -14.31
C GLU L 491 -21.32 -4.75 -14.58
N ALA L 492 -20.12 -4.38 -15.03
CA ALA L 492 -19.80 -2.99 -15.33
C ALA L 492 -20.44 -2.50 -16.62
N GLY L 493 -21.03 -3.39 -17.41
CA GLY L 493 -21.69 -3.00 -18.63
C GLY L 493 -20.83 -3.02 -19.87
N VAL L 494 -19.70 -3.71 -19.85
CA VAL L 494 -18.82 -3.83 -21.01
C VAL L 494 -19.05 -5.21 -21.60
N VAL L 495 -19.74 -5.26 -22.75
CA VAL L 495 -20.07 -6.51 -23.41
C VAL L 495 -20.09 -6.26 -24.91
N ASP L 496 -19.88 -7.34 -25.67
CA ASP L 496 -19.98 -7.31 -27.12
C ASP L 496 -20.92 -8.41 -27.57
N PRO L 497 -21.72 -8.17 -28.61
CA PRO L 497 -22.55 -9.25 -29.16
C PRO L 497 -21.68 -10.38 -29.68
N THR L 498 -22.11 -11.61 -29.39
CA THR L 498 -21.36 -12.78 -29.84
C THR L 498 -21.18 -12.78 -31.36
N LYS L 499 -22.17 -12.28 -32.09
CA LYS L 499 -22.04 -12.17 -33.54
C LYS L 499 -20.92 -11.21 -33.92
N VAL L 500 -20.70 -10.17 -33.12
CA VAL L 500 -19.64 -9.21 -33.42
C VAL L 500 -18.27 -9.84 -33.21
N THR L 501 -18.07 -10.51 -32.07
CA THR L 501 -16.76 -11.05 -31.73
C THR L 501 -16.36 -12.17 -32.67
N ARG L 502 -17.29 -13.06 -33.01
CA ARG L 502 -16.94 -14.20 -33.87
C ARG L 502 -16.75 -13.77 -35.32
N SER L 503 -17.46 -12.72 -35.76
CA SER L 503 -17.30 -12.26 -37.13
C SER L 503 -15.94 -11.64 -37.35
N ALA L 504 -15.45 -10.84 -36.39
CA ALA L 504 -14.15 -10.21 -36.53
C ALA L 504 -13.03 -11.23 -36.66
N LEU L 505 -13.12 -12.33 -35.91
CA LEU L 505 -12.09 -13.36 -35.99
C LEU L 505 -12.20 -14.17 -37.28
N GLU L 506 -13.43 -14.49 -37.68
CA GLU L 506 -13.61 -15.28 -38.91
C GLU L 506 -13.22 -14.48 -40.14
N ASN L 507 -13.57 -13.20 -40.19
CA ASN L 507 -13.20 -12.38 -41.33
C ASN L 507 -11.69 -12.15 -41.38
N ALA L 508 -11.06 -11.94 -40.23
CA ALA L 508 -9.62 -11.71 -40.19
C ALA L 508 -8.85 -12.93 -40.70
N ALA L 509 -9.21 -14.11 -40.23
CA ALA L 509 -8.54 -15.32 -40.67
C ALA L 509 -8.81 -15.61 -42.14
N SER L 510 -9.95 -15.13 -42.66
CA SER L 510 -10.26 -15.35 -44.07
C SER L 510 -9.31 -14.60 -44.98
N VAL L 511 -9.11 -13.30 -44.73
CA VAL L 511 -8.23 -12.52 -45.58
C VAL L 511 -6.77 -12.84 -45.31
N ALA L 512 -6.41 -13.12 -44.04
CA ALA L 512 -5.03 -13.46 -43.73
C ALA L 512 -4.61 -14.76 -44.40
N SER L 513 -5.54 -15.69 -44.59
CA SER L 513 -5.22 -16.93 -45.28
C SER L 513 -5.08 -16.70 -46.79
N ILE L 514 -5.91 -15.82 -47.35
CA ILE L 514 -5.81 -15.51 -48.77
C ILE L 514 -4.49 -14.82 -49.07
N LEU L 515 -4.08 -13.88 -48.22
CA LEU L 515 -2.80 -13.21 -48.42
C LEU L 515 -1.64 -14.18 -48.25
N LEU L 516 -1.76 -15.12 -47.30
CA LEU L 516 -0.69 -16.10 -47.11
C LEU L 516 -0.61 -17.07 -48.28
N THR L 517 -1.75 -17.40 -48.90
CA THR L 517 -1.77 -18.31 -50.03
C THR L 517 -1.63 -17.60 -51.37
N THR L 518 -1.45 -16.28 -51.37
CA THR L 518 -1.30 -15.53 -52.61
C THR L 518 0.14 -15.67 -53.11
N GLU L 519 0.30 -16.25 -54.29
CA GLU L 519 1.63 -16.42 -54.87
C GLU L 519 1.99 -15.36 -55.91
N ALA L 520 1.07 -14.48 -56.27
CA ALA L 520 1.35 -13.48 -57.30
C ALA L 520 0.47 -12.26 -57.09
N ALA L 521 1.01 -11.10 -57.46
CA ALA L 521 0.27 -9.83 -57.43
C ALA L 521 0.48 -9.12 -58.76
N ILE L 522 -0.62 -8.79 -59.43
CA ILE L 522 -0.59 -8.20 -60.76
C ILE L 522 -1.27 -6.84 -60.71
N THR L 523 -0.58 -5.82 -61.18
CA THR L 523 -1.12 -4.46 -61.20
C THR L 523 -0.63 -3.74 -62.45
N ASP L 524 -1.37 -2.70 -62.82
CA ASP L 524 -1.07 -1.93 -64.03
C ASP L 524 0.15 -1.04 -63.83
N VAL L 525 0.86 -0.78 -64.92
CA VAL L 525 2.00 0.12 -64.90
C VAL L 525 1.49 1.56 -64.93
N LYS L 526 2.28 2.45 -64.33
CA LYS L 526 1.90 3.88 -64.27
C LYS L 526 1.88 4.51 -65.65
N THR M 2 -8.53 9.83 -52.67
CA THR M 2 -7.19 9.81 -53.24
C THR M 2 -6.19 9.19 -52.26
N ALA M 3 -4.95 9.03 -52.71
CA ALA M 3 -3.92 8.45 -51.84
C ALA M 3 -3.59 9.41 -50.71
N LYS M 4 -3.06 8.85 -49.63
CA LYS M 4 -2.82 9.59 -48.40
C LYS M 4 -1.38 9.38 -47.91
N ASP M 5 -0.96 10.28 -47.03
CA ASP M 5 0.26 10.14 -46.24
C ASP M 5 -0.13 10.12 -44.77
N ILE M 6 0.51 9.23 -44.01
CA ILE M 6 0.17 9.01 -42.61
C ILE M 6 1.38 9.30 -41.74
N LEU M 7 1.21 10.15 -40.74
CA LEU M 7 2.20 10.39 -39.70
C LEU M 7 1.67 9.85 -38.38
N PHE M 8 2.59 9.42 -37.51
CA PHE M 8 2.21 8.79 -36.25
C PHE M 8 2.98 9.42 -35.09
N ASP M 9 2.38 9.31 -33.91
CA ASP M 9 2.97 9.61 -32.61
C ASP M 9 3.75 10.93 -32.60
N ALA M 10 4.99 10.89 -32.08
CA ALA M 10 5.76 12.11 -31.89
C ALA M 10 6.06 12.81 -33.20
N GLU M 11 6.26 12.05 -34.28
CA GLU M 11 6.54 12.68 -35.57
C GLU M 11 5.35 13.50 -36.06
N ALA M 12 4.13 13.03 -35.79
CA ALA M 12 2.95 13.77 -36.20
C ALA M 12 2.71 14.99 -35.32
N ARG M 13 2.94 14.86 -34.01
CA ARG M 13 2.73 15.98 -33.11
C ARG M 13 3.78 17.07 -33.31
N THR M 14 4.99 16.70 -33.72
CA THR M 14 6.04 17.70 -33.90
C THR M 14 5.73 18.60 -35.08
N LYS M 15 5.27 18.04 -36.20
CA LYS M 15 4.92 18.86 -37.35
C LYS M 15 3.69 19.70 -37.09
N LEU M 16 2.73 19.18 -36.32
CA LEU M 16 1.60 20.00 -35.90
C LEU M 16 2.08 21.20 -35.08
N LYS M 17 3.06 20.99 -34.20
CA LYS M 17 3.58 22.08 -33.40
C LYS M 17 4.21 23.16 -34.27
N VAL M 18 4.84 22.77 -35.38
CA VAL M 18 5.42 23.76 -36.29
C VAL M 18 4.34 24.68 -36.83
N GLY M 19 3.21 24.11 -37.25
CA GLY M 19 2.12 24.93 -37.76
C GLY M 19 1.47 25.77 -36.68
N VAL M 20 1.30 25.20 -35.48
CA VAL M 20 0.74 25.96 -34.37
C VAL M 20 1.64 27.15 -34.05
N ASP M 21 2.95 26.93 -34.01
CA ASP M 21 3.87 28.03 -33.71
C ASP M 21 3.86 29.08 -34.80
N LYS M 22 3.79 28.67 -36.07
CA LYS M 22 3.76 29.64 -37.16
C LYS M 22 2.54 30.53 -37.08
N LEU M 23 1.40 29.98 -36.67
CA LEU M 23 0.22 30.81 -36.46
C LEU M 23 0.38 31.68 -35.21
N ALA M 24 0.86 31.09 -34.12
CA ALA M 24 0.96 31.82 -32.86
C ALA M 24 2.00 32.93 -32.94
N ASN M 25 3.16 32.65 -33.53
CA ASN M 25 4.22 33.65 -33.61
C ASN M 25 3.84 34.84 -34.49
N ALA M 26 2.91 34.66 -35.41
CA ALA M 26 2.49 35.77 -36.27
C ALA M 26 1.47 36.66 -35.56
N VAL M 27 0.50 36.07 -34.87
CA VAL M 27 -0.58 36.85 -34.28
C VAL M 27 -0.17 37.48 -32.95
N LYS M 28 0.71 36.83 -32.17
CA LYS M 28 1.00 37.31 -30.84
C LYS M 28 1.78 38.62 -30.83
N VAL M 29 2.32 39.04 -31.98
CA VAL M 29 2.98 40.34 -32.07
C VAL M 29 1.99 41.46 -31.79
N THR M 30 0.74 41.28 -32.19
CA THR M 30 -0.29 42.31 -32.09
C THR M 30 -1.05 42.29 -30.77
N LEU M 31 -0.67 41.42 -29.84
CA LEU M 31 -1.42 41.26 -28.59
C LEU M 31 -1.17 42.45 -27.67
N GLY M 32 -2.26 43.05 -27.18
CA GLY M 32 -2.18 44.10 -26.20
C GLY M 32 -2.05 45.49 -26.81
N PRO M 33 -2.05 46.52 -25.96
CA PRO M 33 -1.86 47.88 -26.45
C PRO M 33 -0.47 48.14 -27.02
N ALA M 34 0.50 47.28 -26.71
CA ALA M 34 1.84 47.38 -27.24
C ALA M 34 2.01 46.64 -28.56
N GLY M 35 0.93 46.11 -29.12
CA GLY M 35 0.95 45.37 -30.37
C GLY M 35 1.65 46.12 -31.49
N ARG M 36 2.37 45.38 -32.34
CA ARG M 36 3.20 45.95 -33.38
C ARG M 36 2.67 45.54 -34.76
N ASN M 37 3.01 46.35 -35.76
CA ASN M 37 2.44 46.19 -37.09
C ASN M 37 2.85 44.86 -37.72
N VAL M 38 1.96 44.35 -38.57
CA VAL M 38 2.22 43.17 -39.39
C VAL M 38 1.82 43.50 -40.81
N LEU M 39 2.75 43.37 -41.74
CA LEU M 39 2.50 43.69 -43.14
C LEU M 39 1.94 42.46 -43.86
N ILE M 40 0.84 42.65 -44.58
CA ILE M 40 0.19 41.60 -45.34
C ILE M 40 0.21 42.00 -46.81
N ASP M 41 0.79 41.13 -47.64
CA ASP M 41 1.04 41.48 -49.03
C ASP M 41 -0.26 41.50 -49.84
N LYS M 42 -0.34 42.42 -50.78
CA LYS M 42 -1.43 42.50 -51.74
C LYS M 42 -0.92 42.16 -53.13
N LYS M 43 -1.82 41.63 -53.97
CA LYS M 43 -1.44 41.26 -55.33
C LYS M 43 -0.89 42.44 -56.11
N PHE M 44 -1.48 43.62 -55.91
CA PHE M 44 -1.01 44.83 -56.57
C PHE M 44 -1.23 46.01 -55.63
N GLY M 45 -0.26 46.93 -55.63
CA GLY M 45 -0.33 48.11 -54.78
C GLY M 45 0.42 47.95 -53.48
N ALA M 46 0.10 48.82 -52.53
CA ALA M 46 0.73 48.81 -51.22
C ALA M 46 0.14 47.72 -50.35
N PRO M 47 0.94 47.14 -49.43
CA PRO M 47 0.42 46.10 -48.55
C PRO M 47 -0.48 46.64 -47.46
N THR M 48 -0.88 45.77 -46.53
CA THR M 48 -1.78 46.13 -45.44
C THR M 48 -1.00 46.19 -44.13
N SER M 49 -1.15 47.29 -43.40
CA SER M 49 -0.58 47.44 -42.06
C SER M 49 -1.70 47.26 -41.06
N THR M 50 -1.64 46.17 -40.29
CA THR M 50 -2.70 45.84 -39.33
C THR M 50 -2.09 45.47 -37.99
N LYS M 51 -2.63 46.06 -36.92
CA LYS M 51 -2.35 45.65 -35.56
C LYS M 51 -3.41 44.71 -35.00
N ASP M 52 -4.38 44.32 -35.82
CA ASP M 52 -5.48 43.46 -35.37
C ASP M 52 -5.07 42.00 -35.44
N GLY M 53 -5.25 41.28 -34.33
CA GLY M 53 -4.91 39.87 -34.28
C GLY M 53 -5.83 38.98 -35.08
N VAL M 54 -7.06 39.44 -35.36
CA VAL M 54 -7.98 38.65 -36.16
C VAL M 54 -7.62 38.73 -37.63
N THR M 55 -7.19 39.91 -38.09
CA THR M 55 -6.83 40.08 -39.50
C THR M 55 -5.61 39.23 -39.85
N VAL M 56 -4.62 39.18 -38.97
CA VAL M 56 -3.43 38.39 -39.23
C VAL M 56 -3.77 36.90 -39.21
N ALA M 57 -4.66 36.49 -38.31
CA ALA M 57 -5.00 35.08 -38.19
C ALA M 57 -5.74 34.57 -39.43
N LYS M 58 -6.60 35.41 -40.02
CA LYS M 58 -7.35 34.99 -41.21
C LYS M 58 -6.43 34.74 -42.40
N GLU M 59 -5.23 35.30 -42.39
CA GLU M 59 -4.31 35.19 -43.53
C GLU M 59 -3.32 34.05 -43.40
N ILE M 60 -3.34 33.29 -42.30
CA ILE M 60 -2.33 32.27 -42.06
C ILE M 60 -2.74 30.98 -42.74
N GLU M 61 -1.92 30.53 -43.69
CA GLU M 61 -2.09 29.24 -44.35
C GLU M 61 -0.70 28.77 -44.76
N LEU M 62 -0.46 27.46 -44.65
CA LEU M 62 0.87 26.91 -44.82
C LEU M 62 0.91 25.90 -45.96
N VAL M 63 2.09 25.78 -46.58
CA VAL M 63 2.25 24.84 -47.69
C VAL M 63 2.22 23.41 -47.18
N ASP M 64 2.86 23.14 -46.04
CA ASP M 64 2.90 21.78 -45.52
C ASP M 64 1.51 21.38 -45.04
N PRO M 65 0.97 20.25 -45.49
CA PRO M 65 -0.40 19.87 -45.11
C PRO M 65 -0.56 19.62 -43.62
N VAL M 66 0.43 18.97 -42.97
CA VAL M 66 0.31 18.69 -41.55
C VAL M 66 0.51 19.97 -40.73
N GLU M 67 1.44 20.82 -41.15
CA GLU M 67 1.65 22.09 -40.45
C GLU M 67 0.41 22.97 -40.55
N ASN M 68 -0.14 23.12 -41.76
CA ASN M 68 -1.38 23.87 -41.91
C ASN M 68 -2.53 23.22 -41.15
N MET M 69 -2.46 21.90 -40.95
CA MET M 69 -3.52 21.19 -40.24
C MET M 69 -3.58 21.64 -38.78
N GLY M 70 -2.43 21.64 -38.09
CA GLY M 70 -2.39 22.12 -36.73
C GLY M 70 -2.59 23.62 -36.60
N ALA M 71 -2.31 24.37 -37.66
CA ALA M 71 -2.52 25.81 -37.62
C ALA M 71 -3.99 26.17 -37.77
N GLN M 72 -4.72 25.47 -38.64
CA GLN M 72 -6.13 25.77 -38.82
C GLN M 72 -6.97 25.30 -37.65
N MET M 73 -6.51 24.27 -36.93
CA MET M 73 -7.28 23.78 -35.79
C MET M 73 -7.22 24.77 -34.63
N VAL M 74 -6.04 25.28 -34.32
CA VAL M 74 -5.93 26.32 -33.29
C VAL M 74 -6.65 27.59 -33.74
N ARG M 75 -6.54 27.92 -35.02
CA ARG M 75 -7.21 29.10 -35.55
C ARG M 75 -8.73 28.99 -35.43
N GLU M 76 -9.27 27.78 -35.58
CA GLU M 76 -10.72 27.60 -35.47
C GLU M 76 -11.18 27.66 -34.02
N VAL M 77 -10.49 26.93 -33.14
CA VAL M 77 -10.91 26.88 -31.74
C VAL M 77 -10.73 28.24 -31.07
N ALA M 78 -9.64 28.94 -31.38
CA ALA M 78 -9.44 30.28 -30.84
C ALA M 78 -10.44 31.28 -31.40
N SER M 79 -11.01 31.01 -32.58
CA SER M 79 -12.03 31.89 -33.14
C SER M 79 -13.37 31.71 -32.45
N LYS M 80 -13.60 30.58 -31.78
CA LYS M 80 -14.83 30.42 -31.01
C LYS M 80 -14.88 31.38 -29.83
N THR M 81 -13.71 31.79 -29.33
CA THR M 81 -13.66 32.89 -28.37
C THR M 81 -14.04 34.21 -29.03
N SER M 82 -13.82 34.32 -30.34
CA SER M 82 -14.21 35.50 -31.09
C SER M 82 -15.66 35.47 -31.55
N ASP M 83 -16.33 34.32 -31.50
CA ASP M 83 -17.72 34.24 -31.91
C ASP M 83 -18.67 34.71 -30.83
N VAL M 84 -18.39 34.37 -29.57
CA VAL M 84 -19.30 34.66 -28.47
C VAL M 84 -18.81 35.87 -27.70
N ALA M 85 -17.74 35.71 -26.93
CA ALA M 85 -17.13 36.84 -26.24
C ALA M 85 -16.63 37.88 -27.24
N GLY M 86 -15.75 37.46 -28.15
CA GLY M 86 -15.44 38.18 -29.37
C GLY M 86 -14.16 38.98 -29.36
N ASP M 87 -13.69 39.43 -28.20
CA ASP M 87 -12.51 40.27 -28.14
C ASP M 87 -11.23 39.53 -27.73
N GLY M 88 -11.32 38.23 -27.44
CA GLY M 88 -10.18 37.51 -26.89
C GLY M 88 -9.50 36.49 -27.78
N THR M 89 -9.75 36.54 -29.09
CA THR M 89 -9.32 35.46 -29.97
C THR M 89 -7.81 35.30 -30.01
N THR M 90 -7.05 36.37 -29.76
CA THR M 90 -5.59 36.28 -29.82
C THR M 90 -5.03 35.62 -28.56
N THR M 91 -5.60 35.91 -27.40
CA THR M 91 -5.10 35.35 -26.15
C THR M 91 -5.22 33.83 -26.14
N ALA M 92 -6.30 33.29 -26.71
CA ALA M 92 -6.49 31.85 -26.76
C ALA M 92 -5.42 31.17 -27.60
N THR M 93 -4.96 31.82 -28.68
CA THR M 93 -3.89 31.26 -29.48
C THR M 93 -2.58 31.22 -28.71
N VAL M 94 -2.24 32.32 -28.03
CA VAL M 94 -1.01 32.35 -27.24
C VAL M 94 -1.05 31.29 -26.14
N LEU M 95 -2.20 31.14 -25.48
CA LEU M 95 -2.32 30.13 -24.44
C LEU M 95 -2.25 28.73 -25.01
N ALA M 96 -2.82 28.51 -26.20
CA ALA M 96 -2.79 27.19 -26.81
C ALA M 96 -1.37 26.79 -27.18
N GLN M 97 -0.56 27.75 -27.63
CA GLN M 97 0.83 27.46 -27.98
C GLN M 97 1.63 27.02 -26.76
N ALA M 98 1.40 27.68 -25.62
CA ALA M 98 2.15 27.36 -24.42
C ALA M 98 1.72 26.02 -23.83
N ILE M 99 0.41 25.73 -23.85
CA ILE M 99 -0.06 24.45 -23.31
C ILE M 99 0.40 23.30 -24.19
N TYR M 100 0.44 23.51 -25.51
CA TYR M 100 0.86 22.44 -26.41
C TYR M 100 2.36 22.22 -26.35
N ARG M 101 3.15 23.30 -26.25
CA ARG M 101 4.60 23.16 -26.19
C ARG M 101 5.04 22.43 -24.93
N GLU M 102 4.60 22.92 -23.77
CA GLU M 102 4.99 22.29 -22.51
C GLU M 102 4.43 20.87 -22.40
N GLY M 103 3.28 20.62 -23.02
CA GLY M 103 2.75 19.26 -23.04
C GLY M 103 3.63 18.31 -23.81
N LEU M 104 4.08 18.71 -25.00
CA LEU M 104 4.93 17.84 -25.81
C LEU M 104 6.27 17.57 -25.14
N LYS M 105 6.80 18.52 -24.39
CA LYS M 105 8.07 18.30 -23.71
C LYS M 105 7.96 17.17 -22.69
N ASN M 106 6.85 17.13 -21.95
CA ASN M 106 6.69 16.08 -20.95
C ASN M 106 6.29 14.75 -21.57
N VAL M 107 5.59 14.76 -22.70
CA VAL M 107 5.31 13.52 -23.42
C VAL M 107 6.62 12.86 -23.84
N THR M 108 7.54 13.65 -24.38
CA THR M 108 8.87 13.12 -24.70
C THR M 108 9.61 12.67 -23.44
N ALA M 109 9.36 13.34 -22.32
CA ALA M 109 9.95 12.95 -21.05
C ALA M 109 9.36 11.68 -20.48
N GLY M 110 8.32 11.13 -21.10
CA GLY M 110 7.71 9.90 -20.64
C GLY M 110 6.37 10.04 -19.94
N ALA M 111 5.76 11.21 -19.94
CA ALA M 111 4.45 11.38 -19.34
C ALA M 111 3.35 10.90 -20.29
N ARG M 112 2.33 10.26 -19.73
CA ARG M 112 1.21 9.80 -20.54
C ARG M 112 0.42 11.00 -21.06
N PRO M 113 0.09 11.04 -22.35
CA PRO M 113 -0.67 12.19 -22.87
C PRO M 113 -2.04 12.34 -22.25
N ILE M 114 -2.74 11.24 -21.98
CA ILE M 114 -4.10 11.33 -21.46
C ILE M 114 -4.09 11.82 -20.01
N ASP M 115 -3.05 11.48 -19.24
CA ASP M 115 -2.94 12.00 -17.89
C ASP M 115 -2.64 13.49 -17.88
N LEU M 116 -1.85 13.96 -18.85
CA LEU M 116 -1.63 15.40 -18.99
C LEU M 116 -2.94 16.12 -19.30
N LYS M 117 -3.76 15.52 -20.18
CA LYS M 117 -5.06 16.11 -20.50
C LYS M 117 -5.96 16.15 -19.27
N ARG M 118 -5.95 15.09 -18.47
CA ARG M 118 -6.77 15.06 -17.26
C ARG M 118 -6.35 16.13 -16.28
N GLY M 119 -5.04 16.26 -16.05
CA GLY M 119 -4.56 17.30 -15.14
C GLY M 119 -4.80 18.70 -15.67
N ILE M 120 -4.70 18.87 -16.99
CA ILE M 120 -4.99 20.16 -17.60
C ILE M 120 -6.45 20.53 -17.42
N ASP M 121 -7.35 19.58 -17.65
CA ASP M 121 -8.78 19.86 -17.54
C ASP M 121 -9.19 20.13 -16.11
N ARG M 122 -8.59 19.42 -15.15
CA ARG M 122 -8.89 19.68 -13.74
C ARG M 122 -8.40 21.07 -13.33
N ALA M 123 -7.27 21.51 -13.88
CA ALA M 123 -6.73 22.81 -13.53
C ALA M 123 -7.57 23.95 -14.12
N VAL M 124 -8.13 23.75 -15.31
CA VAL M 124 -8.92 24.81 -15.92
C VAL M 124 -10.21 25.05 -15.13
N LYS M 125 -10.84 23.97 -14.65
CA LYS M 125 -12.06 24.12 -13.86
C LYS M 125 -11.79 24.88 -12.58
N GLU M 126 -10.63 24.67 -11.96
CA GLU M 126 -10.29 25.39 -10.74
C GLU M 126 -9.85 26.82 -11.03
N VAL M 127 -9.22 27.07 -12.17
CA VAL M 127 -8.83 28.43 -12.52
C VAL M 127 -10.06 29.26 -12.87
N VAL M 128 -10.98 28.69 -13.64
CA VAL M 128 -12.22 29.40 -13.97
C VAL M 128 -13.04 29.65 -12.72
N ALA M 129 -13.05 28.69 -11.79
CA ALA M 129 -13.75 28.87 -10.53
C ALA M 129 -13.22 30.08 -9.78
N GLU M 130 -11.90 30.13 -9.55
CA GLU M 130 -11.30 31.29 -8.91
C GLU M 130 -11.39 32.53 -9.80
N LEU M 131 -11.55 32.35 -11.12
CA LEU M 131 -11.77 33.48 -12.00
C LEU M 131 -13.16 34.08 -11.80
N ARG M 132 -14.12 33.29 -11.31
CA ARG M 132 -15.43 33.81 -10.98
C ARG M 132 -15.43 34.54 -9.64
N ASN M 133 -14.69 34.01 -8.66
CA ASN M 133 -14.64 34.65 -7.34
C ASN M 133 -13.98 36.03 -7.42
N ILE M 134 -13.04 36.22 -8.35
CA ILE M 134 -12.40 37.52 -8.53
C ILE M 134 -13.19 38.43 -9.45
N SER M 135 -14.20 37.91 -10.15
CA SER M 135 -14.96 38.71 -11.09
C SER M 135 -15.85 39.71 -10.36
N ARG M 136 -16.12 40.82 -11.03
CA ARG M 136 -17.01 41.86 -10.52
C ARG M 136 -18.29 41.86 -11.34
N SER M 137 -19.41 41.61 -10.69
CA SER M 137 -20.70 41.64 -11.37
C SER M 137 -21.03 43.06 -11.83
N ILE M 138 -21.76 43.15 -12.94
CA ILE M 138 -22.17 44.43 -13.52
C ILE M 138 -23.68 44.49 -13.50
N SER M 139 -24.23 45.39 -12.68
CA SER M 139 -25.68 45.57 -12.57
C SER M 139 -25.96 47.03 -12.25
N GLY M 140 -27.05 47.54 -12.81
CA GLY M 140 -27.41 48.94 -12.58
C GLY M 140 -26.75 49.86 -13.60
N LYS M 141 -27.44 50.97 -13.86
CA LYS M 141 -26.99 51.92 -14.89
C LYS M 141 -25.72 52.65 -14.50
N LYS M 142 -25.33 52.60 -13.22
CA LYS M 142 -24.11 53.29 -12.78
C LYS M 142 -22.88 52.68 -13.41
N GLU M 143 -22.69 51.37 -13.24
CA GLU M 143 -21.52 50.67 -13.75
C GLU M 143 -21.69 50.14 -15.16
N ILE M 144 -22.91 50.15 -15.69
CA ILE M 144 -23.11 49.77 -17.08
C ILE M 144 -22.65 50.88 -18.01
N ALA M 145 -22.95 52.13 -17.66
CA ALA M 145 -22.47 53.26 -18.46
C ALA M 145 -20.95 53.40 -18.39
N GLN M 146 -20.34 52.92 -17.30
CA GLN M 146 -18.88 52.97 -17.20
C GLN M 146 -18.23 51.92 -18.11
N VAL M 147 -18.79 50.71 -18.14
CA VAL M 147 -18.25 49.67 -19.02
C VAL M 147 -18.43 50.08 -20.49
N GLY M 148 -19.61 50.59 -20.83
CA GLY M 148 -19.81 51.09 -22.19
C GLY M 148 -18.88 52.24 -22.53
N THR M 149 -18.48 53.03 -21.53
CA THR M 149 -17.52 54.10 -21.78
C THR M 149 -16.14 53.54 -22.04
N ILE M 150 -15.75 52.49 -21.31
CA ILE M 150 -14.44 51.87 -21.54
C ILE M 150 -14.41 51.19 -22.91
N SER M 151 -15.48 50.47 -23.27
CA SER M 151 -15.52 49.77 -24.54
C SER M 151 -15.63 50.72 -25.72
N ALA M 152 -16.05 51.96 -25.49
CA ALA M 152 -16.17 52.97 -26.54
C ALA M 152 -14.91 53.83 -26.66
N ASN M 153 -13.84 53.48 -25.95
CA ASN M 153 -12.59 54.25 -25.91
C ASN M 153 -12.83 55.66 -25.36
N ASN M 154 -13.18 55.66 -24.06
CA ASN M 154 -13.36 56.90 -23.29
C ASN M 154 -14.43 57.80 -23.91
N ASP M 155 -15.56 57.20 -24.27
CA ASP M 155 -16.70 57.97 -24.75
C ASP M 155 -17.85 57.84 -23.75
N PRO M 156 -18.14 58.88 -22.97
CA PRO M 156 -19.23 58.77 -21.99
C PRO M 156 -20.61 58.71 -22.64
N GLU M 157 -20.79 59.29 -23.82
CA GLU M 157 -22.10 59.32 -24.44
C GLU M 157 -22.54 57.92 -24.87
N ILE M 158 -21.61 57.12 -25.39
CA ILE M 158 -21.96 55.77 -25.83
C ILE M 158 -22.35 54.90 -24.65
N GLY M 159 -21.62 55.03 -23.54
CA GLY M 159 -21.97 54.26 -22.35
C GLY M 159 -23.33 54.65 -21.79
N GLU M 160 -23.68 55.92 -21.89
CA GLU M 160 -25.00 56.37 -21.43
C GLU M 160 -26.10 55.83 -22.34
N LEU M 161 -25.84 55.74 -23.65
CA LEU M 161 -26.83 55.20 -24.57
C LEU M 161 -27.08 53.72 -24.31
N ILE M 162 -26.01 52.95 -24.10
CA ILE M 162 -26.18 51.53 -23.81
C ILE M 162 -26.81 51.32 -22.43
N ALA M 163 -26.56 52.24 -21.51
CA ALA M 163 -27.18 52.13 -20.18
C ALA M 163 -28.68 52.38 -20.24
N GLU M 164 -29.10 53.36 -21.04
CA GLU M 164 -30.52 53.66 -21.17
C GLU M 164 -31.24 52.64 -22.04
N ALA M 165 -30.59 52.21 -23.13
CA ALA M 165 -31.22 51.20 -24.00
C ALA M 165 -31.38 49.87 -23.27
N MET M 166 -30.37 49.45 -22.51
CA MET M 166 -30.48 48.22 -21.73
C MET M 166 -31.41 48.37 -20.54
N ASP M 167 -31.80 49.59 -20.19
CA ASP M 167 -32.73 49.80 -19.09
C ASP M 167 -34.17 49.49 -19.49
N LYS M 168 -34.56 49.86 -20.71
CA LYS M 168 -35.95 49.68 -21.14
C LYS M 168 -36.26 48.21 -21.39
N VAL M 169 -35.43 47.54 -22.20
CA VAL M 169 -35.71 46.16 -22.59
C VAL M 169 -35.09 45.14 -21.64
N GLY M 170 -34.21 45.57 -20.75
CA GLY M 170 -33.57 44.67 -19.80
C GLY M 170 -32.15 44.31 -20.20
N LYS M 171 -31.49 43.57 -19.30
CA LYS M 171 -30.11 43.17 -19.54
C LYS M 171 -30.02 42.25 -20.75
N ASP M 172 -30.92 41.27 -20.85
CA ASP M 172 -30.95 40.34 -21.96
C ASP M 172 -31.84 40.83 -23.10
N GLY M 173 -32.37 42.03 -22.99
CA GLY M 173 -33.29 42.55 -24.00
C GLY M 173 -32.63 42.75 -25.35
N VAL M 174 -33.47 43.11 -26.32
CA VAL M 174 -33.04 43.27 -27.70
C VAL M 174 -32.61 44.71 -27.93
N ILE M 175 -31.38 44.90 -28.38
CA ILE M 175 -30.85 46.21 -28.73
C ILE M 175 -30.25 46.12 -30.13
N THR M 176 -30.69 47.01 -31.02
CA THR M 176 -30.25 47.01 -32.41
C THR M 176 -29.63 48.37 -32.73
N VAL M 177 -28.39 48.36 -33.20
CA VAL M 177 -27.69 49.57 -33.60
C VAL M 177 -28.01 49.85 -35.06
N GLU M 178 -28.37 51.09 -35.37
CA GLU M 178 -28.79 51.48 -36.70
C GLU M 178 -28.25 52.86 -37.05
N GLU M 179 -27.83 53.02 -38.29
CA GLU M 179 -27.34 54.31 -38.77
C GLU M 179 -28.52 55.23 -39.10
N ALA M 180 -28.38 56.50 -38.74
CA ALA M 180 -29.44 57.49 -38.96
C ALA M 180 -28.83 58.72 -39.63
N LYS M 181 -29.68 59.73 -39.84
CA LYS M 181 -29.27 60.99 -40.45
C LYS M 181 -29.43 62.12 -39.44
N GLY M 182 -28.63 63.16 -39.63
CA GLY M 182 -28.65 64.31 -38.75
C GLY M 182 -27.50 64.30 -37.76
N MET M 183 -27.33 65.43 -37.08
CA MET M 183 -26.25 65.58 -36.12
C MET M 183 -26.59 64.97 -34.76
N GLU M 184 -27.85 64.67 -34.49
CA GLU M 184 -28.29 64.20 -33.19
C GLU M 184 -28.28 62.67 -33.14
N THR M 185 -27.78 62.13 -32.04
CA THR M 185 -27.80 60.70 -31.76
C THR M 185 -28.97 60.41 -30.83
N GLU M 186 -29.94 59.65 -31.32
CA GLU M 186 -31.20 59.45 -30.62
C GLU M 186 -31.35 58.00 -30.17
N LEU M 187 -32.45 57.74 -29.47
CA LEU M 187 -32.81 56.41 -29.01
C LEU M 187 -34.31 56.25 -29.13
N LYS M 188 -34.75 55.13 -29.70
CA LYS M 188 -36.17 54.86 -29.91
C LYS M 188 -36.47 53.43 -29.47
N VAL M 189 -37.37 53.29 -28.50
CA VAL M 189 -37.81 51.99 -28.02
C VAL M 189 -39.11 51.65 -28.73
N VAL M 190 -39.08 50.63 -29.57
CA VAL M 190 -40.25 50.22 -30.35
C VAL M 190 -40.71 48.85 -29.88
N GLU M 191 -41.79 48.35 -30.47
CA GLU M 191 -42.37 47.06 -30.09
C GLU M 191 -42.07 46.06 -31.19
N GLY M 192 -41.34 45.00 -30.85
CA GLY M 192 -41.00 43.99 -31.81
C GLY M 192 -40.35 42.80 -31.15
N MET M 193 -39.73 41.96 -31.97
CA MET M 193 -39.05 40.78 -31.49
C MET M 193 -37.90 40.44 -32.42
N GLN M 194 -36.95 39.65 -31.91
CA GLN M 194 -35.79 39.20 -32.66
C GLN M 194 -35.83 37.68 -32.71
N PHE M 195 -36.02 37.13 -33.90
CA PHE M 195 -36.12 35.69 -34.09
C PHE M 195 -34.78 35.10 -34.56
N ALA M 213 -30.95 44.89 -47.60
CA ALA M 213 -31.60 43.92 -46.72
C ALA M 213 -32.68 44.58 -45.88
N GLU M 214 -32.80 45.90 -46.00
CA GLU M 214 -33.81 46.66 -45.27
C GLU M 214 -35.15 46.56 -46.00
N LEU M 215 -36.17 46.06 -45.30
CA LEU M 215 -37.51 45.87 -45.86
C LEU M 215 -38.47 46.81 -45.15
N ASP M 216 -38.98 47.81 -45.87
CA ASP M 216 -39.93 48.77 -45.33
C ASP M 216 -41.34 48.35 -45.68
N GLU M 217 -42.21 48.31 -44.67
CA GLU M 217 -43.60 47.88 -44.82
C GLU M 217 -43.66 46.48 -45.43
N ALA M 218 -42.81 45.59 -44.91
CA ALA M 218 -42.65 44.26 -45.47
C ALA M 218 -43.85 43.37 -45.13
N LEU M 219 -44.01 42.32 -45.94
CA LEU M 219 -45.00 41.28 -45.71
C LEU M 219 -44.31 40.02 -45.22
N ILE M 220 -45.01 39.27 -44.36
CA ILE M 220 -44.46 38.08 -43.73
C ILE M 220 -45.28 36.89 -44.19
N LEU M 221 -44.60 35.89 -44.78
CA LEU M 221 -45.21 34.64 -45.18
C LEU M 221 -44.75 33.55 -44.20
N ILE M 222 -45.70 32.77 -43.70
CA ILE M 222 -45.44 31.75 -42.70
C ILE M 222 -45.80 30.39 -43.28
N HIS M 223 -44.79 29.52 -43.40
CA HIS M 223 -44.99 28.17 -43.90
C HIS M 223 -44.08 27.21 -43.12
N ASP M 224 -44.62 26.03 -42.80
CA ASP M 224 -43.84 25.07 -42.03
C ASP M 224 -42.78 24.39 -42.88
N LYS M 225 -43.17 23.90 -44.05
CA LYS M 225 -42.23 23.20 -44.93
C LYS M 225 -41.43 24.19 -45.76
N LYS M 226 -40.17 23.83 -46.01
CA LYS M 226 -39.32 24.64 -46.87
C LYS M 226 -39.71 24.48 -48.33
N ILE M 227 -39.00 25.18 -49.21
CA ILE M 227 -39.30 25.15 -50.63
C ILE M 227 -38.02 25.42 -51.42
N SER M 228 -37.97 24.87 -52.62
CA SER M 228 -36.89 25.17 -53.57
C SER M 228 -37.50 25.62 -54.88
N ASN M 229 -38.23 24.72 -55.54
CA ASN M 229 -39.08 25.06 -56.69
C ASN M 229 -40.44 24.43 -56.45
N MET M 230 -41.47 25.25 -56.28
CA MET M 230 -42.79 24.78 -55.93
C MET M 230 -43.84 25.45 -56.82
N LYS M 231 -45.10 25.09 -56.58
CA LYS M 231 -46.22 25.60 -57.34
C LYS M 231 -47.16 26.44 -56.50
N GLU M 232 -47.79 25.86 -55.48
CA GLU M 232 -48.75 26.57 -54.65
C GLU M 232 -48.16 27.77 -53.91
N LEU M 233 -46.83 27.87 -53.84
CA LEU M 233 -46.19 29.03 -53.24
C LEU M 233 -46.11 30.21 -54.19
N LEU M 234 -46.28 29.98 -55.50
CA LEU M 234 -46.20 31.08 -56.46
C LEU M 234 -47.35 32.07 -56.33
N PRO M 235 -48.63 31.66 -56.22
CA PRO M 235 -49.69 32.67 -56.15
C PRO M 235 -49.57 33.60 -54.95
N ILE M 236 -49.23 33.07 -53.78
CA ILE M 236 -49.03 33.93 -52.62
C ILE M 236 -47.80 34.81 -52.83
N LEU M 237 -46.80 34.33 -53.58
CA LEU M 237 -45.63 35.12 -53.87
C LEU M 237 -45.90 36.15 -54.96
N GLU M 238 -46.63 35.77 -56.00
CA GLU M 238 -46.92 36.70 -57.08
C GLU M 238 -47.86 37.81 -56.63
N LYS M 239 -48.80 37.50 -55.73
CA LYS M 239 -49.71 38.52 -55.23
C LYS M 239 -48.95 39.54 -54.38
N ALA M 240 -47.96 39.08 -53.61
CA ALA M 240 -47.17 40.00 -52.80
C ALA M 240 -46.14 40.75 -53.62
N ALA M 241 -45.66 40.15 -54.71
CA ALA M 241 -44.65 40.80 -55.55
C ALA M 241 -45.23 42.02 -56.25
N GLN M 242 -46.40 41.87 -56.87
CA GLN M 242 -47.04 42.98 -57.55
C GLN M 242 -47.64 44.00 -56.60
N SER M 243 -47.68 43.70 -55.30
CA SER M 243 -48.19 44.63 -54.31
C SER M 243 -47.23 45.77 -54.02
N GLY M 244 -45.98 45.68 -54.49
CA GLY M 244 -44.99 46.72 -54.27
C GLY M 244 -44.27 46.65 -52.95
N ARG M 245 -44.81 45.91 -51.96
CA ARG M 245 -44.19 45.77 -50.65
C ARG M 245 -43.25 44.56 -50.65
N PRO M 246 -42.11 44.65 -49.95
CA PRO M 246 -41.21 43.51 -49.88
C PRO M 246 -41.81 42.35 -49.10
N LEU M 247 -41.33 41.15 -49.40
CA LEU M 247 -41.82 39.94 -48.78
C LEU M 247 -40.68 39.22 -48.06
N LEU M 248 -40.90 38.90 -46.80
CA LEU M 248 -39.95 38.12 -46.00
C LEU M 248 -40.64 36.79 -45.67
N ILE M 249 -40.15 35.71 -46.27
CA ILE M 249 -40.72 34.38 -46.05
C ILE M 249 -39.97 33.73 -44.91
N ILE M 250 -40.71 33.17 -43.95
CA ILE M 250 -40.12 32.49 -42.81
C ILE M 250 -40.81 31.16 -42.57
N ALA M 274 -36.40 37.06 -48.79
CA ALA M 274 -35.86 36.58 -47.53
C ALA M 274 -36.45 35.23 -47.16
N ALA M 275 -35.59 34.27 -46.80
CA ALA M 275 -36.01 32.93 -46.42
C ALA M 275 -35.32 32.55 -45.12
N VAL M 276 -36.11 32.35 -44.06
CA VAL M 276 -35.59 31.98 -42.75
C VAL M 276 -36.36 30.76 -42.26
N LYS M 277 -35.67 29.86 -41.57
CA LYS M 277 -36.30 28.68 -41.00
C LYS M 277 -37.02 29.07 -39.70
N ALA M 278 -37.68 28.09 -39.08
CA ALA M 278 -38.41 28.32 -37.84
C ALA M 278 -37.59 27.92 -36.63
N ARG M 284 -43.52 20.85 -31.04
CA ARG M 284 -42.09 21.05 -31.33
C ARG M 284 -41.74 22.53 -31.29
N ARG M 285 -40.73 22.91 -32.07
CA ARG M 285 -40.31 24.30 -32.13
C ARG M 285 -41.31 25.19 -32.87
N LYS M 286 -42.34 24.60 -33.47
CA LYS M 286 -43.35 25.37 -34.19
C LYS M 286 -44.28 26.13 -33.25
N ALA M 287 -44.18 25.93 -31.93
CA ALA M 287 -45.03 26.67 -31.00
C ALA M 287 -44.71 28.16 -31.04
N MET M 288 -43.44 28.51 -31.24
CA MET M 288 -43.05 29.91 -31.36
C MET M 288 -43.39 30.50 -32.72
N LEU M 289 -43.75 29.67 -33.70
CA LEU M 289 -44.09 30.17 -35.03
C LEU M 289 -45.42 30.91 -35.01
N GLU M 290 -46.33 30.53 -34.12
CA GLU M 290 -47.62 31.23 -34.03
C GLU M 290 -47.46 32.60 -33.36
N ASP M 291 -46.46 32.75 -32.50
CA ASP M 291 -46.23 34.03 -31.84
C ASP M 291 -45.82 35.12 -32.83
N ILE M 292 -45.10 34.73 -33.90
CA ILE M 292 -44.76 35.69 -34.94
C ILE M 292 -45.98 36.08 -35.76
N ALA M 293 -46.99 35.21 -35.82
CA ALA M 293 -48.20 35.51 -36.59
C ALA M 293 -49.09 36.51 -35.85
N ILE M 294 -49.30 36.30 -34.55
CA ILE M 294 -50.19 37.18 -33.79
C ILE M 294 -49.56 38.56 -33.63
N LEU M 295 -48.22 38.64 -33.60
CA LEU M 295 -47.57 39.94 -33.51
C LEU M 295 -47.68 40.70 -34.83
N THR M 296 -47.54 40.00 -35.95
CA THR M 296 -47.64 40.61 -37.27
C THR M 296 -49.06 40.59 -37.83
N GLY M 297 -49.98 39.90 -37.18
CA GLY M 297 -51.35 39.82 -37.68
C GLY M 297 -51.56 38.85 -38.83
N GLY M 298 -50.66 37.88 -39.00
CA GLY M 298 -50.76 36.93 -40.09
C GLY M 298 -51.44 35.65 -39.68
N THR M 299 -51.23 34.60 -40.48
CA THR M 299 -51.81 33.30 -40.24
C THR M 299 -50.78 32.22 -40.56
N VAL M 300 -50.65 31.25 -39.65
CA VAL M 300 -49.67 30.19 -39.85
C VAL M 300 -50.12 29.25 -40.97
N ILE M 301 -49.15 28.53 -41.53
CA ILE M 301 -49.38 27.57 -42.61
C ILE M 301 -50.06 28.24 -43.80
N GLU M 310 -50.87 25.67 -50.65
CA GLU M 310 -50.24 26.80 -50.00
C GLU M 310 -50.79 28.12 -50.55
N ASN M 311 -51.93 28.05 -51.21
CA ASN M 311 -52.59 29.24 -51.76
C ASN M 311 -53.54 29.80 -50.71
N ALA M 312 -53.26 31.01 -50.24
CA ALA M 312 -54.06 31.64 -49.20
C ALA M 312 -54.34 33.09 -49.59
N THR M 313 -55.28 33.69 -48.86
CA THR M 313 -55.67 35.07 -49.14
C THR M 313 -54.56 36.03 -48.72
N MET M 314 -54.63 37.25 -49.29
CA MET M 314 -53.65 38.27 -48.96
C MET M 314 -53.68 38.64 -47.48
N ALA M 315 -54.83 38.47 -46.84
CA ALA M 315 -54.97 38.79 -45.42
C ALA M 315 -54.26 37.79 -44.52
N TYR M 316 -53.85 36.64 -45.05
CA TYR M 316 -53.14 35.64 -44.26
C TYR M 316 -51.69 36.04 -43.98
N LEU M 317 -51.13 36.96 -44.76
CA LEU M 317 -49.76 37.40 -44.56
C LEU M 317 -49.67 38.36 -43.38
N GLY M 318 -48.50 38.36 -42.74
CA GLY M 318 -48.23 39.30 -41.68
C GLY M 318 -47.63 40.59 -42.20
N GLN M 319 -47.76 41.66 -41.41
CA GLN M 319 -47.29 42.98 -41.81
C GLN M 319 -46.46 43.59 -40.68
N ALA M 320 -45.33 44.18 -41.05
CA ALA M 320 -44.46 44.87 -40.11
C ALA M 320 -43.83 46.05 -40.81
N ALA M 321 -43.44 47.04 -40.02
CA ALA M 321 -42.89 48.28 -40.59
C ALA M 321 -41.50 48.04 -41.18
N ARG M 322 -40.61 47.40 -40.42
CA ARG M 322 -39.24 47.20 -40.87
C ARG M 322 -38.76 45.82 -40.45
N ILE M 323 -38.09 45.13 -41.38
CA ILE M 323 -37.48 43.84 -41.13
C ILE M 323 -36.01 43.93 -41.52
N THR M 324 -35.13 43.47 -40.63
CA THR M 324 -33.69 43.54 -40.86
C THR M 324 -33.07 42.17 -40.66
N ILE M 325 -32.32 41.72 -41.66
CA ILE M 325 -31.59 40.45 -41.60
C ILE M 325 -30.17 40.70 -42.12
N ASP M 326 -29.18 40.27 -41.34
CA ASP M 326 -27.78 40.44 -41.71
C ASP M 326 -27.12 39.08 -41.94
N LYS M 327 -26.87 38.32 -40.88
CA LYS M 327 -26.25 37.00 -41.01
C LYS M 327 -27.12 35.94 -40.36
N ASP M 328 -27.28 36.00 -39.04
CA ASP M 328 -28.06 35.01 -38.31
C ASP M 328 -29.41 35.59 -37.91
N ASN M 329 -30.25 34.72 -37.34
CA ASN M 329 -31.57 35.00 -36.77
C ASN M 329 -32.43 35.87 -37.67
N THR M 330 -33.23 36.75 -37.08
CA THR M 330 -34.11 37.68 -37.78
C THR M 330 -34.49 38.78 -36.81
N THR M 331 -34.95 39.91 -37.34
CA THR M 331 -35.48 40.99 -36.53
C THR M 331 -36.75 41.55 -37.16
N ILE M 332 -37.81 41.59 -36.36
CA ILE M 332 -39.11 42.12 -36.80
C ILE M 332 -39.44 43.33 -35.93
N VAL M 333 -39.79 44.43 -36.57
CA VAL M 333 -40.04 45.70 -35.88
C VAL M 333 -41.42 46.21 -36.24
N GLU M 334 -42.18 46.63 -35.23
CA GLU M 334 -43.49 47.26 -35.40
C GLU M 334 -44.45 46.35 -36.17
N GLY M 335 -44.84 45.27 -35.49
CA GLY M 335 -45.82 44.36 -36.05
C GLY M 335 -47.24 44.89 -35.91
N LYS M 336 -48.09 44.46 -36.83
CA LYS M 336 -49.49 44.90 -36.83
C LYS M 336 -50.43 43.74 -36.51
N LYS M 343 -53.88 44.34 -31.38
CA LYS M 343 -53.45 44.46 -29.99
C LYS M 343 -53.92 43.26 -29.17
N ALA M 344 -54.44 42.25 -29.86
CA ALA M 344 -54.88 41.03 -29.20
C ALA M 344 -53.74 40.18 -28.68
N ARG M 345 -52.50 40.51 -29.04
CA ARG M 345 -51.35 39.75 -28.56
C ARG M 345 -51.13 39.94 -27.06
N ILE M 346 -51.63 41.03 -26.48
CA ILE M 346 -51.53 41.21 -25.03
C ILE M 346 -52.31 40.14 -24.29
N ASN M 347 -53.30 39.53 -24.94
CA ASN M 347 -54.05 38.43 -24.37
C ASN M 347 -53.43 37.09 -24.74
N GLU M 348 -53.37 36.79 -26.04
CA GLU M 348 -52.88 35.50 -26.53
C GLU M 348 -51.45 35.19 -26.13
N ILE M 349 -50.70 36.16 -25.62
CA ILE M 349 -49.34 35.92 -25.15
C ILE M 349 -49.32 35.95 -23.63
N LYS M 350 -49.56 37.13 -23.05
CA LYS M 350 -49.48 37.28 -21.60
C LYS M 350 -50.55 36.46 -20.90
N GLY M 351 -51.81 36.61 -21.31
CA GLY M 351 -52.88 35.87 -20.67
C GLY M 351 -52.82 34.38 -20.93
N GLN M 352 -52.27 33.97 -22.07
CA GLN M 352 -52.14 32.57 -22.43
C GLN M 352 -50.79 31.98 -22.04
N ILE M 353 -49.92 32.75 -21.39
CA ILE M 353 -48.63 32.22 -20.97
C ILE M 353 -48.81 31.22 -19.84
N GLU M 354 -49.90 31.33 -19.06
CA GLU M 354 -50.14 30.39 -17.98
C GLU M 354 -50.48 29.01 -18.52
N LYS M 355 -51.04 28.93 -19.72
CA LYS M 355 -51.39 27.65 -20.33
C LYS M 355 -50.25 27.10 -21.17
N ASP M 359 -39.25 23.33 -14.40
CA ASP M 359 -37.86 23.71 -14.65
C ASP M 359 -37.60 23.89 -16.13
N TYR M 360 -38.03 22.92 -16.93
CA TYR M 360 -37.84 22.96 -18.38
C TYR M 360 -39.01 23.64 -19.07
N ASP M 361 -40.21 23.06 -18.98
CA ASP M 361 -41.38 23.64 -19.64
C ASP M 361 -41.77 24.98 -19.02
N THR M 362 -41.56 25.14 -17.71
CA THR M 362 -41.91 26.40 -17.06
C THR M 362 -41.04 27.55 -17.56
N GLU M 363 -39.76 27.29 -17.80
CA GLU M 363 -38.85 28.30 -18.33
C GLU M 363 -38.77 28.30 -19.85
N LYS M 364 -39.41 27.33 -20.51
CA LYS M 364 -39.38 27.31 -21.97
C LYS M 364 -40.26 28.41 -22.56
N LEU M 365 -41.51 28.49 -22.10
CA LEU M 365 -42.43 29.53 -22.55
C LEU M 365 -42.29 30.83 -21.78
N GLN M 366 -41.46 30.85 -20.72
CA GLN M 366 -41.23 32.09 -19.99
C GLN M 366 -40.42 33.07 -20.83
N GLU M 367 -39.29 32.62 -21.38
CA GLU M 367 -38.50 33.48 -22.26
C GLU M 367 -39.22 33.70 -23.59
N ARG M 368 -40.06 32.76 -24.00
CA ARG M 368 -40.90 32.98 -25.17
C ARG M 368 -41.93 34.09 -24.92
N LEU M 369 -42.35 34.27 -23.66
CA LEU M 369 -43.23 35.36 -23.31
C LEU M 369 -42.49 36.69 -23.23
N ALA M 370 -41.28 36.68 -22.66
CA ALA M 370 -40.54 37.93 -22.48
C ALA M 370 -40.15 38.55 -23.81
N LYS M 371 -39.99 37.74 -24.86
CA LYS M 371 -39.67 38.30 -26.17
C LYS M 371 -40.87 39.02 -26.77
N LEU M 372 -42.07 38.49 -26.54
CA LEU M 372 -43.28 39.19 -26.98
C LEU M 372 -43.66 40.32 -26.04
N SER M 373 -43.35 40.18 -24.75
CA SER M 373 -43.67 41.24 -23.80
C SER M 373 -42.77 42.45 -23.99
N GLY M 374 -41.46 42.23 -24.07
CA GLY M 374 -40.53 43.31 -24.27
C GLY M 374 -40.50 43.81 -25.70
N GLY M 375 -39.90 44.97 -25.87
CA GLY M 375 -39.78 45.62 -27.16
C GLY M 375 -38.40 45.45 -27.77
N VAL M 376 -38.03 46.40 -28.62
CA VAL M 376 -36.74 46.41 -29.30
C VAL M 376 -36.14 47.81 -29.16
N ALA M 377 -34.99 47.89 -28.51
CA ALA M 377 -34.28 49.16 -28.39
C ALA M 377 -33.48 49.44 -29.66
N VAL M 378 -33.72 50.59 -30.26
CA VAL M 378 -33.07 50.98 -31.51
C VAL M 378 -32.15 52.16 -31.22
N LEU M 379 -30.86 51.99 -31.52
CA LEU M 379 -29.86 53.04 -31.31
C LEU M 379 -29.58 53.69 -32.66
N LYS M 380 -30.02 54.94 -32.82
CA LYS M 380 -29.80 55.71 -34.04
C LYS M 380 -28.66 56.69 -33.79
N ILE M 381 -27.61 56.61 -34.61
CA ILE M 381 -26.36 57.32 -34.36
C ILE M 381 -26.13 58.30 -35.51
N GLY M 382 -26.16 59.60 -35.20
CA GLY M 382 -25.78 60.63 -36.13
C GLY M 382 -24.41 61.21 -35.81
N ALA M 383 -23.91 62.01 -36.75
CA ALA M 383 -22.63 62.70 -36.58
C ALA M 383 -22.57 63.85 -37.57
N SER M 384 -21.40 64.51 -37.64
CA SER M 384 -21.25 65.67 -38.52
C SER M 384 -21.23 65.24 -39.98
N THR M 385 -20.35 64.31 -40.34
CA THR M 385 -20.22 63.85 -41.72
C THR M 385 -20.34 62.34 -41.77
N GLU M 386 -20.70 61.84 -42.94
CA GLU M 386 -20.87 60.39 -43.13
C GLU M 386 -19.56 59.63 -42.96
N VAL M 387 -18.43 60.31 -43.10
CA VAL M 387 -17.14 59.65 -42.88
C VAL M 387 -16.99 59.28 -41.41
N GLU M 388 -17.21 60.25 -40.52
CA GLU M 388 -17.11 59.98 -39.08
C GLU M 388 -18.37 59.33 -38.53
N MET M 389 -19.49 59.38 -39.26
CA MET M 389 -20.73 58.79 -38.75
C MET M 389 -20.68 57.27 -38.82
N LYS M 390 -20.24 56.72 -39.95
CA LYS M 390 -20.15 55.28 -40.08
C LYS M 390 -19.05 54.68 -39.22
N GLU M 391 -18.05 55.48 -38.84
CA GLU M 391 -17.01 54.99 -37.95
C GLU M 391 -17.52 54.88 -36.52
N LYS M 392 -18.21 55.92 -36.04
CA LYS M 392 -18.77 55.88 -34.69
C LYS M 392 -19.87 54.85 -34.58
N LYS M 393 -20.64 54.64 -35.66
CA LYS M 393 -21.69 53.62 -35.63
C LYS M 393 -21.10 52.23 -35.43
N ALA M 394 -19.98 51.94 -36.08
CA ALA M 394 -19.32 50.65 -35.88
C ALA M 394 -18.67 50.58 -34.51
N ARG M 395 -18.29 51.72 -33.94
CA ARG M 395 -17.67 51.72 -32.62
C ARG M 395 -18.67 51.31 -31.54
N VAL M 396 -19.93 51.72 -31.70
CA VAL M 396 -20.95 51.40 -30.69
C VAL M 396 -21.30 49.92 -30.73
N GLU M 397 -21.29 49.32 -31.91
CA GLU M 397 -21.62 47.90 -32.02
C GLU M 397 -20.61 47.04 -31.26
N ASP M 398 -19.33 47.42 -31.31
CA ASP M 398 -18.33 46.72 -30.54
C ASP M 398 -18.45 47.05 -29.05
N ALA M 399 -18.79 48.30 -28.73
CA ALA M 399 -19.01 48.67 -27.34
C ALA M 399 -20.27 48.02 -26.79
N LEU M 400 -21.27 47.78 -27.64
CA LEU M 400 -22.47 47.08 -27.19
C LEU M 400 -22.19 45.60 -26.98
N HIS M 401 -21.43 44.98 -27.89
CA HIS M 401 -21.11 43.56 -27.74
C HIS M 401 -20.26 43.32 -26.50
N ALA M 402 -19.34 44.23 -26.20
CA ALA M 402 -18.51 44.09 -25.01
C ALA M 402 -19.34 44.21 -23.74
N THR M 403 -20.26 45.17 -23.70
CA THR M 403 -21.12 45.33 -22.53
C THR M 403 -22.01 44.11 -22.33
N ARG M 404 -22.41 43.45 -23.41
CA ARG M 404 -23.20 42.23 -23.31
C ARG M 404 -22.45 41.18 -22.48
N ALA M 405 -21.23 40.84 -22.89
CA ALA M 405 -20.46 39.85 -22.15
C ALA M 405 -20.03 40.37 -20.78
N ALA M 406 -19.85 41.69 -20.65
CA ALA M 406 -19.47 42.26 -19.36
C ALA M 406 -20.58 42.06 -18.33
N VAL M 407 -21.83 42.12 -18.76
CA VAL M 407 -22.94 41.94 -17.83
C VAL M 407 -23.13 40.46 -17.48
N GLN M 408 -23.02 39.58 -18.48
CA GLN M 408 -23.28 38.16 -18.28
C GLN M 408 -22.38 37.55 -17.22
N GLU M 409 -21.08 37.42 -17.51
CA GLU M 409 -20.16 36.73 -16.63
C GLU M 409 -19.36 37.65 -15.72
N GLY M 410 -19.51 38.96 -15.85
CA GLY M 410 -18.81 39.90 -14.99
C GLY M 410 -17.58 40.49 -15.64
N ILE M 411 -16.76 41.12 -14.79
CA ILE M 411 -15.57 41.86 -15.21
C ILE M 411 -14.39 41.43 -14.36
N VAL M 412 -13.26 41.16 -15.00
CA VAL M 412 -12.01 40.86 -14.32
C VAL M 412 -10.95 41.84 -14.79
N VAL M 413 -9.86 41.91 -14.03
CA VAL M 413 -8.77 42.84 -14.34
C VAL M 413 -8.11 42.41 -15.66
N GLY M 414 -7.76 43.40 -16.49
CA GLY M 414 -7.15 43.15 -17.78
C GLY M 414 -5.65 43.03 -17.70
N GLY M 415 -5.01 43.12 -18.86
CA GLY M 415 -3.56 43.02 -18.93
C GLY M 415 -3.00 41.66 -18.58
N GLY M 416 -3.79 40.60 -18.71
CA GLY M 416 -3.34 39.27 -18.37
C GLY M 416 -3.16 39.01 -16.89
N VAL M 417 -3.52 39.96 -16.03
CA VAL M 417 -3.34 39.77 -14.60
C VAL M 417 -4.42 38.85 -14.03
N ALA M 418 -5.60 38.80 -14.66
CA ALA M 418 -6.67 37.95 -14.15
C ALA M 418 -6.28 36.48 -14.18
N LEU M 419 -5.60 36.05 -15.24
CA LEU M 419 -5.16 34.66 -15.33
C LEU M 419 -4.10 34.35 -14.27
N ILE M 420 -3.24 35.31 -13.95
CA ILE M 420 -2.23 35.08 -12.92
C ILE M 420 -2.88 35.06 -11.54
N ARG M 421 -3.81 35.99 -11.28
CA ARG M 421 -4.51 35.99 -10.01
C ARG M 421 -5.36 34.73 -9.84
N ALA M 422 -5.92 34.22 -10.94
CA ALA M 422 -6.75 33.02 -10.88
C ALA M 422 -5.93 31.76 -10.61
N ALA M 423 -4.60 31.84 -10.65
CA ALA M 423 -3.77 30.69 -10.34
C ALA M 423 -3.87 30.25 -8.89
N LYS M 424 -4.48 31.07 -8.02
CA LYS M 424 -4.68 30.68 -6.63
C LYS M 424 -5.54 29.43 -6.52
N GLY M 425 -6.49 29.25 -7.44
CA GLY M 425 -7.35 28.09 -7.43
C GLY M 425 -6.65 26.79 -7.78
N LEU M 426 -5.41 26.86 -8.27
CA LEU M 426 -4.67 25.66 -8.63
C LEU M 426 -4.33 24.79 -7.42
N ALA M 427 -4.26 25.38 -6.23
CA ALA M 427 -4.06 24.60 -5.02
C ALA M 427 -5.25 23.70 -4.74
N LYS M 428 -6.43 24.03 -5.26
CA LYS M 428 -7.64 23.23 -5.06
C LYS M 428 -7.74 22.08 -6.06
N ALA M 429 -6.89 22.06 -7.08
CA ALA M 429 -6.93 20.99 -8.08
C ALA M 429 -6.31 19.72 -7.52
N VAL M 430 -6.97 18.59 -7.78
CA VAL M 430 -6.55 17.29 -7.29
C VAL M 430 -5.76 16.57 -8.37
N ALA M 431 -4.67 15.94 -7.98
CA ALA M 431 -3.80 15.19 -8.90
C ALA M 431 -3.68 13.76 -8.41
N ASP M 432 -4.11 12.81 -9.24
CA ASP M 432 -4.05 11.41 -8.85
C ASP M 432 -2.62 10.90 -8.85
N ASN M 433 -1.88 11.14 -9.92
CA ASN M 433 -0.49 10.71 -10.05
C ASN M 433 0.37 11.88 -10.49
N GLU M 434 1.66 11.60 -10.72
CA GLU M 434 2.60 12.65 -11.07
C GLU M 434 2.31 13.26 -12.44
N ASP M 435 1.89 12.42 -13.39
CA ASP M 435 1.61 12.94 -14.73
C ASP M 435 0.43 13.92 -14.72
N GLN M 436 -0.62 13.59 -13.96
CA GLN M 436 -1.72 14.54 -13.80
C GLN M 436 -1.27 15.77 -13.03
N LYS M 437 -0.36 15.62 -12.08
CA LYS M 437 0.19 16.77 -11.39
C LYS M 437 1.04 17.62 -12.32
N THR M 438 1.72 17.00 -13.28
CA THR M 438 2.48 17.76 -14.27
C THR M 438 1.55 18.61 -15.12
N GLY M 439 0.42 18.05 -15.54
CA GLY M 439 -0.54 18.81 -16.34
C GLY M 439 -1.07 20.03 -15.62
N ILE M 440 -1.24 19.96 -14.30
CA ILE M 440 -1.64 21.13 -13.53
C ILE M 440 -0.55 22.19 -13.59
N GLU M 441 0.72 21.75 -13.58
CA GLU M 441 1.83 22.71 -13.67
C GLU M 441 1.93 23.31 -15.07
N ILE M 442 1.46 22.59 -16.09
CA ILE M 442 1.44 23.15 -17.44
C ILE M 442 0.53 24.37 -17.50
N ILE M 443 -0.62 24.28 -16.83
CA ILE M 443 -1.57 25.39 -16.81
C ILE M 443 -0.99 26.57 -16.03
N ARG M 444 -0.33 26.29 -14.90
CA ARG M 444 0.19 27.35 -14.06
C ARG M 444 1.20 28.21 -14.81
N ARG M 445 2.17 27.56 -15.47
CA ARG M 445 3.17 28.31 -16.22
C ARG M 445 2.58 28.96 -17.48
N ALA M 446 1.47 28.43 -17.99
CA ALA M 446 0.87 29.01 -19.19
C ALA M 446 0.07 30.27 -18.88
N LEU M 447 -0.43 30.42 -17.65
CA LEU M 447 -1.20 31.60 -17.30
C LEU M 447 -0.37 32.87 -17.38
N GLU M 448 0.94 32.76 -17.19
CA GLU M 448 1.82 33.93 -17.25
C GLU M 448 2.09 34.39 -18.67
N GLU M 449 1.81 33.56 -19.66
CA GLU M 449 2.18 33.83 -21.04
C GLU M 449 1.49 35.06 -21.64
N PRO M 450 0.17 35.25 -21.45
CA PRO M 450 -0.45 36.46 -22.00
C PRO M 450 0.20 37.75 -21.52
N LEU M 451 0.45 37.86 -20.21
CA LEU M 451 1.14 39.06 -19.72
C LEU M 451 2.57 39.13 -20.23
N ARG M 452 3.25 37.98 -20.29
CA ARG M 452 4.63 37.97 -20.78
C ARG M 452 4.71 38.41 -22.23
N GLN M 453 3.70 38.04 -23.04
CA GLN M 453 3.69 38.47 -24.43
C GLN M 453 3.30 39.93 -24.57
N ILE M 454 2.42 40.43 -23.68
CA ILE M 454 2.05 41.84 -23.72
C ILE M 454 3.24 42.72 -23.37
N VAL M 455 4.04 42.30 -22.37
CA VAL M 455 5.21 43.09 -21.98
C VAL M 455 6.30 42.99 -23.04
N ALA M 456 6.43 41.82 -23.68
CA ALA M 456 7.45 41.66 -24.69
C ALA M 456 7.19 42.52 -25.92
N ASN M 457 5.92 42.81 -26.22
CA ASN M 457 5.59 43.66 -27.35
C ASN M 457 5.99 45.11 -27.13
N THR M 458 6.35 45.49 -25.91
CA THR M 458 6.89 46.82 -25.65
C THR M 458 8.33 46.96 -26.12
N GLY M 459 8.98 45.86 -26.47
CA GLY M 459 10.36 45.88 -26.90
C GLY M 459 11.39 45.89 -25.78
N THR M 460 10.96 45.81 -24.53
CA THR M 460 11.89 45.87 -23.41
C THR M 460 12.78 44.63 -23.38
N THR M 461 14.02 44.83 -22.92
CA THR M 461 14.98 43.74 -22.88
C THR M 461 14.62 42.70 -21.83
N ASP M 462 14.36 43.15 -20.60
CA ASP M 462 14.02 42.27 -19.49
C ASP M 462 12.55 42.43 -19.16
N GLY M 463 11.76 41.40 -19.46
CA GLY M 463 10.36 41.40 -19.11
C GLY M 463 10.07 40.49 -17.92
N ALA M 464 11.09 39.73 -17.51
CA ALA M 464 10.92 38.84 -16.36
C ALA M 464 10.76 39.62 -15.07
N VAL M 465 11.33 40.83 -15.00
CA VAL M 465 11.17 41.66 -13.82
C VAL M 465 9.75 42.18 -13.71
N VAL M 466 9.13 42.51 -14.85
CA VAL M 466 7.75 42.97 -14.85
C VAL M 466 6.81 41.86 -14.42
N LEU M 467 7.04 40.63 -14.93
CA LEU M 467 6.20 39.51 -14.54
C LEU M 467 6.35 39.19 -13.06
N GLU M 468 7.58 39.30 -12.53
CA GLU M 468 7.82 38.96 -11.14
C GLU M 468 7.10 39.93 -10.19
N LYS M 469 7.15 41.23 -10.48
CA LYS M 469 6.50 42.20 -9.61
C LYS M 469 4.99 42.07 -9.64
N VAL M 470 4.42 41.66 -10.77
CA VAL M 470 2.98 41.50 -10.86
C VAL M 470 2.53 40.26 -10.08
N LYS M 471 3.29 39.17 -10.16
CA LYS M 471 2.91 37.95 -9.45
C LYS M 471 3.01 38.13 -7.93
N ASN M 472 4.01 38.89 -7.47
CA ASN M 472 4.13 39.10 -6.02
C ASN M 472 3.10 40.08 -5.50
N ALA M 473 2.59 40.97 -6.37
CA ALA M 473 1.56 41.91 -5.98
C ALA M 473 0.22 41.20 -5.79
N GLU M 474 -0.67 41.85 -5.07
CA GLU M 474 -2.00 41.32 -4.79
C GLU M 474 -3.06 42.23 -5.40
N GLY M 475 -4.22 41.65 -5.65
CA GLY M 475 -5.36 42.43 -6.11
C GLY M 475 -5.22 42.85 -7.57
N ASP M 476 -5.61 44.09 -7.86
CA ASP M 476 -5.65 44.62 -9.21
C ASP M 476 -4.34 45.29 -9.62
N TYR M 477 -3.31 45.23 -8.78
CA TYR M 477 -2.02 45.81 -9.14
C TYR M 477 -1.42 45.07 -10.32
N GLY M 478 -1.05 45.81 -11.35
CA GLY M 478 -0.50 45.18 -12.54
C GLY M 478 0.24 46.21 -13.39
N PHE M 479 0.79 45.72 -14.50
CA PHE M 479 1.54 46.54 -15.43
C PHE M 479 0.64 47.02 -16.55
N ASN M 480 0.69 48.32 -16.84
CA ASN M 480 -0.08 48.92 -17.92
C ASN M 480 0.85 49.13 -19.11
N ALA M 481 0.63 48.34 -20.17
CA ALA M 481 1.54 48.37 -21.32
C ALA M 481 1.40 49.64 -22.14
N ARG M 482 0.28 50.34 -22.04
CA ARG M 482 0.11 51.57 -22.79
C ARG M 482 1.02 52.67 -22.26
N THR M 483 0.95 52.94 -20.96
CA THR M 483 1.76 53.98 -20.34
C THR M 483 3.08 53.46 -19.78
N GLU M 484 3.30 52.15 -19.81
CA GLU M 484 4.51 51.53 -19.27
C GLU M 484 4.73 51.91 -17.80
N GLN M 485 3.68 51.71 -17.00
CA GLN M 485 3.70 52.11 -15.61
C GLN M 485 2.90 51.11 -14.78
N TYR M 486 3.30 50.91 -13.53
CA TYR M 486 2.58 50.07 -12.59
C TYR M 486 1.50 50.90 -11.90
N GLU M 487 0.30 50.33 -11.80
CA GLU M 487 -0.83 51.01 -11.19
C GLU M 487 -1.94 49.99 -10.97
N ASN M 488 -3.05 50.46 -10.41
CA ASN M 488 -4.25 49.63 -10.31
C ASN M 488 -4.97 49.68 -11.64
N LEU M 489 -5.15 48.51 -12.26
CA LEU M 489 -5.65 48.46 -13.63
C LEU M 489 -7.15 48.71 -13.71
N ILE M 490 -7.91 48.20 -12.73
CA ILE M 490 -9.36 48.42 -12.75
C ILE M 490 -9.67 49.91 -12.58
N GLU M 491 -8.91 50.59 -11.72
CA GLU M 491 -9.08 52.04 -11.58
C GLU M 491 -8.55 52.78 -12.80
N ALA M 492 -7.58 52.21 -13.51
CA ALA M 492 -7.00 52.85 -14.68
C ALA M 492 -7.81 52.65 -15.96
N GLY M 493 -8.84 51.80 -15.91
CA GLY M 493 -9.66 51.56 -17.07
C GLY M 493 -9.26 50.38 -17.93
N VAL M 494 -8.34 49.54 -17.45
CA VAL M 494 -7.91 48.35 -18.17
C VAL M 494 -8.60 47.15 -17.54
N VAL M 495 -9.59 46.59 -18.24
CA VAL M 495 -10.38 45.47 -17.74
C VAL M 495 -10.82 44.63 -18.92
N ASP M 496 -11.10 43.36 -18.64
CA ASP M 496 -11.61 42.43 -19.63
C ASP M 496 -12.85 41.74 -19.07
N PRO M 497 -13.86 41.47 -19.91
CA PRO M 497 -14.99 40.68 -19.44
C PRO M 497 -14.56 39.30 -19.00
N THR M 498 -15.17 38.80 -17.93
CA THR M 498 -14.82 37.48 -17.43
C THR M 498 -15.08 36.41 -18.48
N LYS M 499 -16.15 36.59 -19.28
CA LYS M 499 -16.45 35.65 -20.34
C LYS M 499 -15.33 35.58 -21.38
N VAL M 500 -14.68 36.71 -21.64
CA VAL M 500 -13.57 36.74 -22.59
C VAL M 500 -12.38 35.94 -22.06
N THR M 501 -12.06 36.13 -20.79
CA THR M 501 -10.86 35.50 -20.23
C THR M 501 -11.03 33.99 -20.11
N ARG M 502 -12.18 33.53 -19.62
CA ARG M 502 -12.38 32.09 -19.44
C ARG M 502 -12.52 31.38 -20.78
N SER M 503 -13.16 32.02 -21.76
CA SER M 503 -13.28 31.41 -23.08
C SER M 503 -11.92 31.28 -23.75
N ALA M 504 -11.01 32.23 -23.51
CA ALA M 504 -9.66 32.12 -24.05
C ALA M 504 -8.93 30.92 -23.47
N LEU M 505 -9.08 30.68 -22.16
CA LEU M 505 -8.40 29.56 -21.53
C LEU M 505 -9.07 28.23 -21.84
N GLU M 506 -10.41 28.20 -21.81
CA GLU M 506 -11.13 26.96 -22.06
C GLU M 506 -10.90 26.46 -23.49
N ASN M 507 -10.95 27.37 -24.47
CA ASN M 507 -10.68 26.97 -25.85
C ASN M 507 -9.24 26.54 -26.04
N ALA M 508 -8.29 27.28 -25.46
CA ALA M 508 -6.88 26.95 -25.61
C ALA M 508 -6.58 25.58 -25.04
N ALA M 509 -7.08 25.28 -23.84
CA ALA M 509 -6.84 23.97 -23.24
C ALA M 509 -7.58 22.87 -23.99
N SER M 510 -8.67 23.23 -24.68
CA SER M 510 -9.42 22.23 -25.44
C SER M 510 -8.64 21.77 -26.67
N VAL M 511 -8.19 22.71 -27.50
CA VAL M 511 -7.51 22.33 -28.73
C VAL M 511 -6.16 21.68 -28.43
N ALA M 512 -5.46 22.18 -27.42
CA ALA M 512 -4.15 21.62 -27.09
C ALA M 512 -4.26 20.19 -26.57
N SER M 513 -5.35 19.87 -25.87
CA SER M 513 -5.54 18.51 -25.40
C SER M 513 -5.81 17.56 -26.57
N ILE M 514 -6.53 18.03 -27.60
CA ILE M 514 -6.77 17.21 -28.78
C ILE M 514 -5.46 16.90 -29.48
N LEU M 515 -4.59 17.91 -29.62
CA LEU M 515 -3.31 17.70 -30.29
C LEU M 515 -2.40 16.78 -29.49
N LEU M 516 -2.48 16.82 -28.16
CA LEU M 516 -1.66 15.93 -27.35
C LEU M 516 -2.14 14.49 -27.45
N THR M 517 -3.43 14.28 -27.66
CA THR M 517 -3.99 12.94 -27.77
C THR M 517 -4.07 12.43 -29.21
N THR M 518 -3.58 13.22 -30.17
CA THR M 518 -3.58 12.80 -31.57
C THR M 518 -2.42 11.86 -31.83
N GLU M 519 -2.72 10.62 -32.23
CA GLU M 519 -1.70 9.66 -32.58
C GLU M 519 -1.46 9.53 -34.08
N ALA M 520 -2.25 10.20 -34.91
CA ALA M 520 -2.13 10.03 -36.36
C ALA M 520 -2.56 11.30 -37.07
N ALA M 521 -1.86 11.61 -38.16
CA ALA M 521 -2.19 12.73 -39.03
C ALA M 521 -2.28 12.23 -40.45
N ILE M 522 -3.48 12.30 -41.04
CA ILE M 522 -3.74 11.79 -42.38
C ILE M 522 -3.97 12.97 -43.31
N THR M 523 -3.30 12.96 -44.46
CA THR M 523 -3.43 14.06 -45.41
C THR M 523 -3.21 13.54 -46.82
N ASP M 524 -3.73 14.28 -47.79
CA ASP M 524 -3.63 13.88 -49.19
C ASP M 524 -2.21 14.10 -49.73
N VAL M 525 -1.87 13.31 -50.74
CA VAL M 525 -0.59 13.45 -51.42
C VAL M 525 -0.65 14.63 -52.38
N LYS M 526 0.49 15.27 -52.61
CA LYS M 526 0.56 16.43 -53.48
C LYS M 526 0.24 16.06 -54.94
N THR N 2 -4.51 31.67 -50.07
CA THR N 2 -3.39 30.85 -50.50
C THR N 2 -2.34 30.74 -49.39
N ALA N 3 -1.35 29.88 -49.60
CA ALA N 3 -0.30 29.70 -48.60
C ALA N 3 0.55 30.96 -48.49
N LYS N 4 1.19 31.12 -47.33
CA LYS N 4 1.93 32.32 -47.01
C LYS N 4 3.34 31.99 -46.54
N ASP N 5 4.25 32.93 -46.75
CA ASP N 5 5.57 32.92 -46.13
C ASP N 5 5.67 34.09 -45.17
N ILE N 6 6.25 33.84 -44.00
CA ILE N 6 6.30 34.83 -42.93
C ILE N 6 7.76 35.08 -42.57
N LEU N 7 8.16 36.36 -42.58
CA LEU N 7 9.45 36.79 -42.08
C LEU N 7 9.24 37.54 -40.77
N PHE N 8 10.18 37.39 -39.84
CA PHE N 8 10.05 37.94 -38.50
C PHE N 8 11.24 38.80 -38.14
N ASP N 9 11.04 39.64 -37.11
CA ASP N 9 12.11 40.38 -36.44
C ASP N 9 12.97 41.19 -37.40
N ALA N 10 14.28 41.15 -37.20
CA ALA N 10 15.20 41.96 -38.01
C ALA N 10 15.32 41.44 -39.43
N GLU N 11 15.05 40.15 -39.66
CA GLU N 11 15.12 39.61 -41.01
C GLU N 11 14.05 40.22 -41.90
N ALA N 12 12.84 40.43 -41.36
CA ALA N 12 11.79 41.08 -42.13
C ALA N 12 12.12 42.55 -42.39
N ARG N 13 12.63 43.25 -41.38
CA ARG N 13 12.97 44.66 -41.56
C ARG N 13 14.13 44.85 -42.52
N THR N 14 15.09 43.92 -42.53
CA THR N 14 16.23 44.05 -43.43
C THR N 14 15.81 43.86 -44.88
N LYS N 15 14.91 42.90 -45.14
CA LYS N 15 14.43 42.68 -46.49
C LYS N 15 13.66 43.89 -47.01
N LEU N 16 12.81 44.48 -46.16
CA LEU N 16 12.08 45.68 -46.54
C LEU N 16 13.03 46.81 -46.88
N LYS N 17 14.11 46.97 -46.10
CA LYS N 17 15.07 48.04 -46.36
C LYS N 17 15.68 47.92 -47.75
N VAL N 18 15.86 46.68 -48.24
CA VAL N 18 16.37 46.50 -49.60
C VAL N 18 15.43 47.13 -50.61
N GLY N 19 14.13 46.93 -50.44
CA GLY N 19 13.17 47.55 -51.34
C GLY N 19 13.07 49.05 -51.16
N VAL N 20 13.15 49.51 -49.91
CA VAL N 20 13.12 50.95 -49.65
C VAL N 20 14.32 51.63 -50.28
N ASP N 21 15.51 51.04 -50.11
CA ASP N 21 16.71 51.59 -50.73
C ASP N 21 16.63 51.54 -52.24
N LYS N 22 16.14 50.43 -52.80
CA LYS N 22 16.08 50.28 -54.25
C LYS N 22 15.13 51.29 -54.87
N LEU N 23 14.06 51.66 -54.18
CA LEU N 23 13.17 52.70 -54.67
C LEU N 23 13.84 54.07 -54.58
N ALA N 24 14.40 54.40 -53.42
CA ALA N 24 14.96 55.72 -53.21
C ALA N 24 16.16 55.98 -54.11
N ASN N 25 17.06 55.00 -54.24
CA ASN N 25 18.26 55.21 -55.04
C ASN N 25 17.93 55.52 -56.50
N ALA N 26 16.81 54.98 -57.01
CA ALA N 26 16.42 55.28 -58.38
C ALA N 26 15.79 56.66 -58.49
N VAL N 27 15.02 57.06 -57.47
CA VAL N 27 14.31 58.34 -57.53
C VAL N 27 15.23 59.50 -57.16
N LYS N 28 16.13 59.29 -56.19
CA LYS N 28 16.86 60.40 -55.60
C LYS N 28 17.83 61.09 -56.57
N VAL N 29 18.26 60.40 -57.62
CA VAL N 29 19.19 61.03 -58.56
C VAL N 29 18.53 62.14 -59.36
N THR N 30 17.20 62.20 -59.36
CA THR N 30 16.45 63.23 -60.07
C THR N 30 16.10 64.42 -59.20
N LEU N 31 16.55 64.44 -57.96
CA LEU N 31 16.15 65.49 -57.02
C LEU N 31 16.91 66.78 -57.28
N GLY N 32 16.19 67.90 -57.23
CA GLY N 32 16.79 69.21 -57.38
C GLY N 32 16.89 69.65 -58.82
N PRO N 33 17.38 70.89 -59.02
CA PRO N 33 17.58 71.37 -60.40
C PRO N 33 18.69 70.66 -61.14
N ALA N 34 19.65 70.07 -60.43
CA ALA N 34 20.76 69.35 -61.04
C ALA N 34 20.44 67.87 -61.26
N GLY N 35 19.20 67.46 -61.00
CA GLY N 35 18.79 66.08 -61.17
C GLY N 35 19.15 65.51 -62.53
N ARG N 36 19.53 64.24 -62.55
CA ARG N 36 20.07 63.63 -63.76
C ARG N 36 19.02 62.74 -64.41
N ASN N 37 19.38 62.18 -65.56
CA ASN N 37 18.44 61.42 -66.39
C ASN N 37 18.30 59.99 -65.88
N VAL N 38 17.10 59.44 -66.09
CA VAL N 38 16.81 58.03 -65.84
C VAL N 38 16.13 57.48 -67.07
N LEU N 39 16.75 56.48 -67.70
CA LEU N 39 16.19 55.86 -68.89
C LEU N 39 15.19 54.78 -68.49
N ILE N 40 14.07 54.73 -69.20
CA ILE N 40 12.98 53.80 -68.90
C ILE N 40 12.58 53.11 -70.19
N ASP N 41 12.74 51.78 -70.23
CA ASP N 41 12.31 50.99 -71.38
C ASP N 41 10.79 50.96 -71.44
N LYS N 42 10.24 51.02 -72.66
CA LYS N 42 8.79 50.91 -72.77
C LYS N 42 8.37 49.53 -73.27
N LYS N 43 8.42 49.36 -74.59
CA LYS N 43 8.23 48.06 -75.22
C LYS N 43 9.25 47.88 -76.33
N PHE N 44 9.11 48.68 -77.38
CA PHE N 44 10.01 48.69 -78.52
C PHE N 44 10.21 50.15 -78.95
N GLY N 45 11.39 50.44 -79.46
CA GLY N 45 11.74 51.79 -79.85
C GLY N 45 12.54 52.53 -78.80
N ALA N 46 12.54 53.86 -78.93
CA ALA N 46 13.36 54.69 -78.06
C ALA N 46 12.82 54.65 -76.63
N PRO N 47 13.70 54.52 -75.64
CA PRO N 47 13.26 54.54 -74.24
C PRO N 47 12.92 55.94 -73.77
N THR N 48 12.20 55.99 -72.64
CA THR N 48 11.82 57.26 -72.05
C THR N 48 12.97 57.85 -71.24
N SER N 49 13.28 59.12 -71.49
CA SER N 49 14.25 59.86 -70.70
C SER N 49 13.48 60.85 -69.82
N THR N 50 13.69 60.77 -68.51
CA THR N 50 12.97 61.63 -67.59
C THR N 50 13.87 62.04 -66.44
N LYS N 51 13.82 63.33 -66.09
CA LYS N 51 14.40 63.85 -64.86
C LYS N 51 13.35 63.98 -63.75
N ASP N 52 12.12 63.54 -64.00
CA ASP N 52 11.03 63.69 -63.04
C ASP N 52 11.00 62.48 -62.11
N GLY N 53 11.18 62.73 -60.82
CA GLY N 53 11.18 61.66 -59.84
C GLY N 53 9.85 60.99 -59.64
N VAL N 54 8.75 61.68 -59.97
CA VAL N 54 7.44 61.06 -59.88
C VAL N 54 7.25 60.02 -60.97
N THR N 55 7.79 60.30 -62.17
CA THR N 55 7.71 59.33 -63.26
C THR N 55 8.56 58.10 -62.96
N VAL N 56 9.76 58.30 -62.42
CA VAL N 56 10.63 57.17 -62.09
C VAL N 56 9.98 56.31 -61.01
N ALA N 57 9.36 56.93 -60.02
CA ALA N 57 8.79 56.19 -58.90
C ALA N 57 7.64 55.29 -59.36
N LYS N 58 6.77 55.80 -60.23
CA LYS N 58 5.63 55.02 -60.69
C LYS N 58 6.04 53.78 -61.48
N GLU N 59 7.30 53.69 -61.90
CA GLU N 59 7.80 52.54 -62.64
C GLU N 59 8.49 51.51 -61.74
N ILE N 60 8.55 51.75 -60.44
CA ILE N 60 9.34 50.90 -59.54
C ILE N 60 8.47 49.76 -59.03
N GLU N 61 8.85 48.53 -59.38
CA GLU N 61 8.22 47.32 -58.88
C GLU N 61 9.29 46.24 -58.81
N LEU N 62 9.24 45.41 -57.79
CA LEU N 62 10.32 44.48 -57.49
C LEU N 62 9.86 43.04 -57.59
N VAL N 63 10.81 42.15 -57.88
CA VAL N 63 10.51 40.73 -57.99
C VAL N 63 10.24 40.14 -56.61
N ASP N 64 11.13 40.40 -55.65
CA ASP N 64 10.99 39.88 -54.30
C ASP N 64 9.76 40.48 -53.65
N PRO N 65 8.81 39.68 -53.15
CA PRO N 65 7.58 40.26 -52.59
C PRO N 65 7.82 41.12 -51.37
N VAL N 66 8.73 40.71 -50.49
CA VAL N 66 9.01 41.51 -49.29
C VAL N 66 9.74 42.79 -49.67
N GLU N 67 10.62 42.72 -50.67
CA GLU N 67 11.27 43.94 -51.15
C GLU N 67 10.26 44.87 -51.82
N ASN N 68 9.27 44.32 -52.51
CA ASN N 68 8.29 45.17 -53.18
C ASN N 68 7.40 45.88 -52.15
N MET N 69 7.07 45.20 -51.05
CA MET N 69 6.24 45.81 -50.02
C MET N 69 6.90 47.06 -49.46
N GLY N 70 8.18 46.96 -49.10
CA GLY N 70 8.90 48.12 -48.61
C GLY N 70 8.94 49.24 -49.63
N ALA N 71 9.11 48.90 -50.91
CA ALA N 71 9.12 49.91 -51.95
C ALA N 71 7.74 50.50 -52.18
N GLN N 72 6.70 49.67 -52.13
CA GLN N 72 5.36 50.17 -52.40
C GLN N 72 4.82 51.02 -51.26
N MET N 73 5.17 50.71 -50.01
CA MET N 73 4.73 51.53 -48.89
C MET N 73 5.34 52.92 -48.96
N VAL N 74 6.66 53.00 -49.10
CA VAL N 74 7.33 54.30 -49.19
C VAL N 74 6.83 55.07 -50.42
N ARG N 75 6.48 54.36 -51.49
CA ARG N 75 6.02 55.03 -52.69
C ARG N 75 4.62 55.61 -52.50
N GLU N 76 3.75 54.89 -51.78
CA GLU N 76 2.39 55.37 -51.59
C GLU N 76 2.36 56.55 -50.64
N VAL N 77 3.07 56.47 -49.53
CA VAL N 77 3.07 57.55 -48.54
C VAL N 77 3.72 58.81 -49.12
N ALA N 78 4.84 58.64 -49.81
CA ALA N 78 5.52 59.79 -50.39
C ALA N 78 4.72 60.39 -51.54
N SER N 79 3.87 59.59 -52.19
CA SER N 79 3.03 60.13 -53.25
C SER N 79 2.00 61.11 -52.71
N LYS N 80 1.56 60.91 -51.46
CA LYS N 80 0.59 61.80 -50.85
C LYS N 80 1.16 63.18 -50.56
N THR N 81 2.48 63.37 -50.69
CA THR N 81 3.05 64.70 -50.54
C THR N 81 2.72 65.58 -51.74
N SER N 82 2.92 65.05 -52.95
CA SER N 82 2.56 65.78 -54.16
C SER N 82 1.07 65.78 -54.44
N ASP N 83 0.29 64.94 -53.75
CA ASP N 83 -1.15 64.97 -53.92
C ASP N 83 -1.74 66.24 -53.31
N VAL N 84 -1.46 66.49 -52.04
CA VAL N 84 -2.02 67.66 -51.37
C VAL N 84 -1.20 68.91 -51.69
N ALA N 85 0.12 68.81 -51.66
CA ALA N 85 0.99 69.98 -51.80
C ALA N 85 1.53 70.19 -53.21
N GLY N 86 1.25 69.27 -54.13
CA GLY N 86 1.67 69.42 -55.52
C GLY N 86 3.10 69.07 -55.81
N ASP N 87 3.96 68.90 -54.79
CA ASP N 87 5.37 68.63 -55.01
C ASP N 87 5.94 67.96 -53.77
N GLY N 88 7.13 67.38 -53.92
CA GLY N 88 7.86 66.84 -52.80
C GLY N 88 7.79 65.34 -52.60
N THR N 89 7.35 64.59 -53.60
CA THR N 89 7.33 63.13 -53.47
C THR N 89 8.74 62.57 -53.36
N THR N 90 9.67 63.08 -54.17
CA THR N 90 11.05 62.61 -54.11
C THR N 90 11.71 62.98 -52.79
N THR N 91 11.47 64.21 -52.30
CA THR N 91 12.08 64.65 -51.06
C THR N 91 11.62 63.77 -49.89
N ALA N 92 10.35 63.36 -49.89
CA ALA N 92 9.88 62.47 -48.83
C ALA N 92 10.50 61.08 -48.95
N THR N 93 10.83 60.66 -50.17
CA THR N 93 11.41 59.33 -50.35
C THR N 93 12.82 59.26 -49.78
N VAL N 94 13.67 60.24 -50.14
CA VAL N 94 15.03 60.25 -49.60
C VAL N 94 15.01 60.46 -48.10
N LEU N 95 14.08 61.28 -47.61
CA LEU N 95 13.93 61.45 -46.17
C LEU N 95 13.56 60.13 -45.50
N ALA N 96 12.59 59.40 -46.08
CA ALA N 96 12.18 58.13 -45.50
C ALA N 96 13.30 57.11 -45.52
N GLN N 97 14.17 57.16 -46.55
CA GLN N 97 15.31 56.25 -46.60
C GLN N 97 16.29 56.54 -45.48
N ALA N 98 16.57 57.83 -45.23
CA ALA N 98 17.53 58.19 -44.19
C ALA N 98 16.99 57.87 -42.80
N ILE N 99 15.70 58.12 -42.57
CA ILE N 99 15.11 57.83 -41.26
C ILE N 99 15.14 56.33 -41.00
N TYR N 100 14.73 55.54 -41.99
CA TYR N 100 14.63 54.10 -41.79
C TYR N 100 15.99 53.43 -41.71
N ARG N 101 16.98 53.95 -42.43
CA ARG N 101 18.31 53.36 -42.38
C ARG N 101 18.95 53.57 -41.01
N GLU N 102 18.98 54.82 -40.54
CA GLU N 102 19.59 55.10 -39.24
C GLU N 102 18.78 54.50 -38.10
N GLY N 103 17.45 54.39 -38.27
CA GLY N 103 16.64 53.75 -37.25
C GLY N 103 16.93 52.27 -37.13
N LEU N 104 17.19 51.60 -38.26
CA LEU N 104 17.49 50.18 -38.22
C LEU N 104 18.85 49.91 -37.58
N LYS N 105 19.81 50.82 -37.74
CA LYS N 105 21.12 50.63 -37.13
C LYS N 105 21.03 50.58 -35.61
N ASN N 106 20.26 51.49 -35.02
CA ASN N 106 20.15 51.55 -33.57
C ASN N 106 19.31 50.40 -33.02
N VAL N 107 18.33 49.92 -33.80
CA VAL N 107 17.58 48.74 -33.38
C VAL N 107 18.50 47.53 -33.30
N THR N 108 19.41 47.40 -34.27
CA THR N 108 20.43 46.36 -34.18
C THR N 108 21.37 46.61 -33.00
N ALA N 109 21.60 47.89 -32.67
CA ALA N 109 22.46 48.24 -31.54
C ALA N 109 21.81 48.00 -30.19
N GLY N 110 20.53 47.63 -30.16
CA GLY N 110 19.82 47.39 -28.92
C GLY N 110 18.76 48.40 -28.55
N ALA N 111 18.64 49.49 -29.31
CA ALA N 111 17.62 50.49 -29.01
C ALA N 111 16.22 49.92 -29.25
N ARG N 112 15.26 50.41 -28.46
CA ARG N 112 13.87 49.95 -28.59
C ARG N 112 13.20 50.65 -29.77
N PRO N 113 12.51 49.92 -30.64
CA PRO N 113 11.87 50.57 -31.79
C PRO N 113 10.78 51.55 -31.41
N ILE N 114 10.00 51.26 -30.37
CA ILE N 114 8.90 52.15 -30.01
C ILE N 114 9.42 53.45 -29.41
N ASP N 115 10.56 53.40 -28.69
CA ASP N 115 11.15 54.61 -28.17
C ASP N 115 11.77 55.44 -29.28
N LEU N 116 12.37 54.78 -30.27
CA LEU N 116 12.85 55.50 -31.46
C LEU N 116 11.68 56.17 -32.18
N LYS N 117 10.54 55.50 -32.24
CA LYS N 117 9.37 56.08 -32.89
C LYS N 117 8.87 57.31 -32.12
N ARG N 118 8.91 57.26 -30.79
CA ARG N 118 8.48 58.40 -29.99
C ARG N 118 9.41 59.59 -30.18
N GLY N 119 10.72 59.36 -30.11
CA GLY N 119 11.66 60.44 -30.35
C GLY N 119 11.58 61.01 -31.74
N ILE N 120 11.25 60.17 -32.73
CA ILE N 120 11.11 60.65 -34.10
C ILE N 120 9.89 61.57 -34.22
N ASP N 121 8.75 61.13 -33.68
CA ASP N 121 7.54 61.94 -33.81
C ASP N 121 7.63 63.22 -32.98
N ARG N 122 8.27 63.16 -31.81
CA ARG N 122 8.46 64.38 -31.04
C ARG N 122 9.41 65.33 -31.74
N ALA N 123 10.39 64.81 -32.47
CA ALA N 123 11.34 65.65 -33.19
C ALA N 123 10.71 66.27 -34.44
N VAL N 124 9.78 65.57 -35.08
CA VAL N 124 9.18 66.08 -36.31
C VAL N 124 8.26 67.25 -36.00
N LYS N 125 7.47 67.15 -34.92
CA LYS N 125 6.56 68.23 -34.55
C LYS N 125 7.32 69.53 -34.29
N GLU N 126 8.52 69.44 -33.73
CA GLU N 126 9.30 70.63 -33.47
C GLU N 126 9.90 71.20 -34.75
N VAL N 127 10.31 70.34 -35.68
CA VAL N 127 10.80 70.81 -36.96
C VAL N 127 9.67 71.46 -37.75
N VAL N 128 8.48 70.87 -37.69
CA VAL N 128 7.31 71.49 -38.34
C VAL N 128 7.00 72.83 -37.69
N ALA N 129 7.20 72.93 -36.37
CA ALA N 129 6.96 74.19 -35.67
C ALA N 129 7.89 75.28 -36.18
N GLU N 130 9.19 75.00 -36.23
CA GLU N 130 10.15 75.99 -36.72
C GLU N 130 9.96 76.29 -38.19
N LEU N 131 9.35 75.39 -38.96
CA LEU N 131 9.05 75.69 -40.35
C LEU N 131 8.03 76.83 -40.45
N ARG N 132 7.08 76.88 -39.51
CA ARG N 132 6.08 77.95 -39.53
C ARG N 132 6.71 79.29 -39.18
N ASN N 133 7.70 79.29 -38.29
CA ASN N 133 8.38 80.54 -37.94
C ASN N 133 9.16 81.10 -39.11
N ILE N 134 9.84 80.22 -39.86
CA ILE N 134 10.55 80.66 -41.06
C ILE N 134 9.57 80.99 -42.17
N SER N 135 8.40 80.36 -42.17
CA SER N 135 7.43 80.54 -43.24
C SER N 135 6.98 81.99 -43.34
N ARG N 136 6.83 82.46 -44.57
CA ARG N 136 6.33 83.79 -44.88
C ARG N 136 4.95 83.67 -45.51
N SER N 137 3.97 84.38 -44.95
CA SER N 137 2.61 84.30 -45.47
C SER N 137 2.51 85.03 -46.80
N ILE N 138 1.66 84.51 -47.68
CA ILE N 138 1.40 85.10 -48.98
C ILE N 138 -0.08 85.49 -49.04
N SER N 139 -0.34 86.77 -49.29
CA SER N 139 -1.70 87.26 -49.41
C SER N 139 -1.70 88.49 -50.32
N GLY N 140 -2.79 88.68 -51.04
CA GLY N 140 -2.92 89.84 -51.91
C GLY N 140 -2.34 89.60 -53.28
N LYS N 141 -2.87 90.35 -54.26
CA LYS N 141 -2.46 90.18 -55.65
C LYS N 141 -0.97 90.43 -55.83
N LYS N 142 -0.36 91.25 -54.97
CA LYS N 142 1.05 91.60 -55.08
C LYS N 142 1.95 90.37 -55.07
N GLU N 143 1.99 89.67 -53.94
CA GLU N 143 2.89 88.53 -53.78
C GLU N 143 2.30 87.22 -54.27
N ILE N 144 1.00 87.17 -54.57
CA ILE N 144 0.43 85.97 -55.15
C ILE N 144 0.90 85.80 -56.59
N ALA N 145 0.87 86.88 -57.37
CA ALA N 145 1.39 86.84 -58.73
C ALA N 145 2.89 86.58 -58.75
N GLN N 146 3.61 87.04 -57.73
CA GLN N 146 5.04 86.81 -57.68
C GLN N 146 5.37 85.34 -57.45
N VAL N 147 4.61 84.67 -56.58
CA VAL N 147 4.80 83.24 -56.38
C VAL N 147 4.34 82.47 -57.61
N GLY N 148 3.22 82.87 -58.19
CA GLY N 148 2.74 82.24 -59.42
C GLY N 148 3.68 82.41 -60.59
N THR N 149 4.50 83.46 -60.58
CA THR N 149 5.48 83.65 -61.64
C THR N 149 6.69 82.74 -61.45
N ILE N 150 7.12 82.54 -60.21
CA ILE N 150 8.29 81.70 -59.94
C ILE N 150 7.99 80.25 -60.31
N SER N 151 6.86 79.72 -59.84
CA SER N 151 6.47 78.35 -60.19
C SER N 151 6.11 78.19 -61.66
N ALA N 152 6.01 79.30 -62.40
CA ALA N 152 5.79 79.28 -63.84
C ALA N 152 7.10 79.33 -64.63
N ASN N 153 8.25 79.23 -63.94
CA ASN N 153 9.57 79.40 -64.55
C ASN N 153 9.73 80.83 -65.07
N ASN N 154 9.41 81.79 -64.22
CA ASN N 154 9.51 83.22 -64.52
C ASN N 154 8.68 83.59 -65.75
N ASP N 155 7.37 83.38 -65.62
CA ASP N 155 6.41 83.84 -66.62
C ASP N 155 5.49 84.86 -65.97
N PRO N 156 5.62 86.15 -66.28
CA PRO N 156 4.72 87.14 -65.68
C PRO N 156 3.28 86.98 -66.14
N GLU N 157 3.05 86.51 -67.36
CA GLU N 157 1.68 86.34 -67.85
C GLU N 157 0.95 85.25 -67.08
N ILE N 158 1.65 84.18 -66.72
CA ILE N 158 1.02 83.10 -65.97
C ILE N 158 0.81 83.50 -64.52
N GLY N 159 1.79 84.19 -63.92
CA GLY N 159 1.63 84.61 -62.54
C GLY N 159 0.51 85.61 -62.36
N GLU N 160 0.35 86.55 -63.30
CA GLU N 160 -0.74 87.50 -63.22
C GLU N 160 -2.08 86.84 -63.51
N LEU N 161 -2.10 85.83 -64.40
CA LEU N 161 -3.35 85.14 -64.70
C LEU N 161 -3.85 84.32 -63.52
N ILE N 162 -2.93 83.78 -62.71
CA ILE N 162 -3.34 83.01 -61.54
C ILE N 162 -3.79 83.94 -60.43
N ALA N 163 -3.11 85.09 -60.27
CA ALA N 163 -3.49 86.04 -59.23
C ALA N 163 -4.81 86.71 -59.54
N GLU N 164 -5.03 87.10 -60.80
CA GLU N 164 -6.30 87.68 -61.19
C GLU N 164 -7.44 86.68 -61.11
N ALA N 165 -7.14 85.37 -61.14
CA ALA N 165 -8.16 84.37 -60.95
C ALA N 165 -8.48 84.14 -59.48
N MET N 166 -7.51 84.37 -58.58
CA MET N 166 -7.73 84.09 -57.17
C MET N 166 -8.60 85.15 -56.51
N ASP N 167 -8.28 86.43 -56.72
CA ASP N 167 -9.02 87.50 -56.04
C ASP N 167 -10.48 87.57 -56.47
N LYS N 168 -10.81 87.02 -57.65
CA LYS N 168 -12.21 86.97 -58.05
C LYS N 168 -13.00 85.97 -57.21
N VAL N 169 -12.50 84.73 -57.13
CA VAL N 169 -13.21 83.67 -56.42
C VAL N 169 -12.70 83.47 -55.00
N GLY N 170 -11.70 84.24 -54.57
CA GLY N 170 -11.12 84.08 -53.26
C GLY N 170 -10.01 83.05 -53.23
N LYS N 171 -9.35 82.96 -52.07
CA LYS N 171 -8.26 82.01 -51.91
C LYS N 171 -8.78 80.57 -51.89
N ASP N 172 -10.02 80.37 -51.43
CA ASP N 172 -10.62 79.05 -51.37
C ASP N 172 -11.46 78.73 -52.60
N GLY N 173 -11.50 79.61 -53.58
CA GLY N 173 -12.32 79.40 -54.76
C GLY N 173 -11.85 78.26 -55.63
N VAL N 174 -12.64 77.96 -56.64
CA VAL N 174 -12.38 76.87 -57.58
C VAL N 174 -11.76 77.46 -58.85
N ILE N 175 -10.59 76.94 -59.23
CA ILE N 175 -9.90 77.38 -60.43
C ILE N 175 -9.62 76.15 -61.30
N THR N 176 -10.06 76.20 -62.55
CA THR N 176 -9.82 75.13 -63.51
C THR N 176 -9.08 75.69 -64.71
N VAL N 177 -8.40 74.80 -65.43
CA VAL N 177 -7.59 75.16 -66.59
C VAL N 177 -8.11 74.40 -67.80
N GLU N 178 -8.31 75.10 -68.91
CA GLU N 178 -8.76 74.50 -70.15
C GLU N 178 -7.92 75.04 -71.32
N GLU N 179 -8.03 74.37 -72.46
CA GLU N 179 -7.31 74.79 -73.65
C GLU N 179 -8.12 75.86 -74.39
N ALA N 180 -7.46 76.97 -74.70
CA ALA N 180 -8.12 78.04 -75.43
C ALA N 180 -8.16 77.71 -76.92
N LYS N 181 -8.77 78.59 -77.70
CA LYS N 181 -8.92 78.41 -79.14
C LYS N 181 -7.84 79.13 -79.95
N GLY N 182 -6.94 79.84 -79.29
CA GLY N 182 -5.94 80.59 -80.03
C GLY N 182 -4.83 81.07 -79.11
N MET N 183 -4.04 82.00 -79.65
CA MET N 183 -2.92 82.56 -78.90
C MET N 183 -3.39 83.32 -77.66
N GLU N 184 -4.62 83.84 -77.68
CA GLU N 184 -5.11 84.63 -76.57
C GLU N 184 -5.36 83.76 -75.34
N THR N 185 -4.74 84.14 -74.22
CA THR N 185 -4.95 83.48 -72.94
C THR N 185 -5.86 84.38 -72.11
N GLU N 186 -7.09 83.92 -71.88
CA GLU N 186 -8.12 84.73 -71.24
C GLU N 186 -8.63 84.05 -69.98
N LEU N 187 -8.92 84.85 -68.97
CA LEU N 187 -9.58 84.40 -67.75
C LEU N 187 -11.05 84.83 -67.79
N LYS N 188 -11.95 83.91 -67.49
CA LYS N 188 -13.37 84.20 -67.54
C LYS N 188 -14.07 83.55 -66.35
N VAL N 189 -14.85 84.35 -65.62
CA VAL N 189 -15.63 83.83 -64.50
C VAL N 189 -16.80 83.03 -65.05
N VAL N 190 -17.01 81.83 -64.48
CA VAL N 190 -17.98 80.89 -65.00
C VAL N 190 -18.76 80.28 -63.83
N GLU N 191 -20.08 80.18 -63.99
CA GLU N 191 -20.91 79.58 -62.96
C GLU N 191 -20.60 78.10 -62.81
N GLY N 192 -20.53 77.64 -61.56
CA GLY N 192 -20.26 76.25 -61.29
C GLY N 192 -19.92 76.02 -59.84
N MET N 193 -19.92 74.75 -59.45
CA MET N 193 -19.65 74.35 -58.09
C MET N 193 -18.78 73.09 -58.08
N GLN N 194 -18.24 72.78 -56.92
CA GLN N 194 -17.44 71.58 -56.70
C GLN N 194 -17.78 70.97 -55.36
N PHE N 195 -17.96 69.65 -55.34
CA PHE N 195 -18.29 68.92 -54.12
C PHE N 195 -17.25 67.83 -53.87
N ASP N 196 -17.27 67.30 -52.65
CA ASP N 196 -16.20 66.46 -52.13
C ASP N 196 -16.31 65.00 -52.53
N ARG N 197 -17.29 64.63 -53.35
CA ARG N 197 -17.45 63.25 -53.80
C ARG N 197 -16.84 63.08 -55.19
N GLY N 198 -16.03 62.04 -55.35
CA GLY N 198 -15.37 61.75 -56.60
C GLY N 198 -15.94 60.53 -57.30
N TYR N 199 -15.19 60.06 -58.30
CA TYR N 199 -15.62 58.94 -59.13
C TYR N 199 -15.63 57.65 -58.32
N LEU N 200 -16.41 56.68 -58.81
CA LEU N 200 -16.53 55.38 -58.14
C LEU N 200 -15.45 54.42 -58.59
N SER N 201 -15.56 53.89 -59.82
CA SER N 201 -14.55 52.98 -60.34
C SER N 201 -13.48 53.77 -61.11
N PRO N 202 -12.22 53.35 -61.02
CA PRO N 202 -11.16 54.05 -61.77
C PRO N 202 -11.30 53.93 -63.27
N TYR N 203 -12.13 53.01 -63.77
CA TYR N 203 -12.24 52.80 -65.21
C TYR N 203 -13.03 53.90 -65.92
N PHE N 204 -13.66 54.81 -65.19
CA PHE N 204 -14.29 55.97 -65.80
C PHE N 204 -13.28 57.01 -66.26
N VAL N 205 -11.99 56.81 -65.96
CA VAL N 205 -10.98 57.82 -66.23
C VAL N 205 -10.78 57.96 -67.74
N THR N 206 -10.93 59.18 -68.25
CA THR N 206 -10.72 59.45 -69.66
C THR N 206 -9.26 59.73 -70.01
N ASN N 207 -8.44 60.13 -69.04
CA ASN N 207 -7.03 60.46 -69.27
C ASN N 207 -6.18 59.77 -68.22
N SER N 208 -5.33 58.84 -68.65
CA SER N 208 -4.64 57.97 -67.70
C SER N 208 -3.56 58.70 -66.94
N GLU N 209 -3.00 59.78 -67.50
CA GLU N 209 -1.90 60.48 -66.83
C GLU N 209 -2.39 61.28 -65.63
N THR N 210 -3.52 61.98 -65.78
CA THR N 210 -4.07 62.78 -64.70
C THR N 210 -5.05 62.03 -63.81
N MET N 211 -5.46 60.82 -64.23
CA MET N 211 -6.42 60.00 -63.46
C MET N 211 -7.70 60.77 -63.18
N GLU N 212 -8.15 61.54 -64.16
CA GLU N 212 -9.38 62.32 -64.05
C GLU N 212 -10.41 61.81 -65.04
N ALA N 213 -11.61 62.40 -64.98
CA ALA N 213 -12.69 62.08 -65.90
C ALA N 213 -13.29 63.38 -66.41
N GLU N 214 -13.19 63.61 -67.72
CA GLU N 214 -13.61 64.86 -68.33
C GLU N 214 -14.79 64.61 -69.26
N LEU N 215 -15.83 65.41 -69.10
CA LEU N 215 -17.03 65.34 -69.93
C LEU N 215 -17.29 66.71 -70.53
N ASP N 216 -17.21 66.82 -71.85
CA ASP N 216 -17.43 68.08 -72.55
C ASP N 216 -18.86 68.10 -73.07
N GLU N 217 -19.62 69.12 -72.66
CA GLU N 217 -21.01 69.29 -73.04
C GLU N 217 -21.82 68.04 -72.69
N ALA N 218 -22.00 67.85 -71.39
CA ALA N 218 -22.56 66.62 -70.84
C ALA N 218 -23.85 66.90 -70.08
N LEU N 219 -24.61 65.84 -69.88
CA LEU N 219 -25.88 65.90 -69.16
C LEU N 219 -25.67 65.49 -67.71
N ILE N 220 -26.38 66.14 -66.80
CA ILE N 220 -26.24 65.91 -65.37
C ILE N 220 -27.54 65.28 -64.86
N LEU N 221 -27.43 64.11 -64.27
CA LEU N 221 -28.57 63.40 -63.69
C LEU N 221 -28.40 63.29 -62.18
N ILE N 222 -29.45 63.61 -61.44
CA ILE N 222 -29.43 63.60 -59.98
C ILE N 222 -30.53 62.67 -59.49
N HIS N 223 -30.16 61.70 -58.65
CA HIS N 223 -31.10 60.73 -58.11
C HIS N 223 -31.10 60.81 -56.59
N ASP N 224 -32.23 60.40 -55.99
CA ASP N 224 -32.44 60.54 -54.55
C ASP N 224 -32.09 59.29 -53.75
N LYS N 225 -31.71 58.19 -54.39
CA LYS N 225 -31.40 56.97 -53.66
C LYS N 225 -30.45 56.13 -54.52
N LYS N 226 -30.22 54.88 -54.10
CA LYS N 226 -29.25 54.02 -54.76
C LYS N 226 -29.72 53.64 -56.16
N ILE N 227 -28.74 53.54 -57.08
CA ILE N 227 -29.01 53.20 -58.48
C ILE N 227 -28.82 51.71 -58.75
N SER N 228 -28.51 50.91 -57.74
CA SER N 228 -28.13 49.52 -57.94
C SER N 228 -29.27 48.66 -58.50
N ASN N 229 -30.50 49.18 -58.56
CA ASN N 229 -31.62 48.39 -59.05
C ASN N 229 -31.47 48.08 -60.55
N MET N 230 -30.95 49.04 -61.32
CA MET N 230 -30.69 48.88 -62.75
C MET N 230 -31.97 48.75 -63.56
N LYS N 231 -33.13 48.67 -62.90
CA LYS N 231 -34.39 48.55 -63.60
C LYS N 231 -34.85 49.90 -64.15
N GLU N 232 -34.72 50.96 -63.37
CA GLU N 232 -35.11 52.30 -63.80
C GLU N 232 -33.99 53.03 -64.54
N LEU N 233 -32.80 52.43 -64.65
CA LEU N 233 -31.71 53.07 -65.35
C LEU N 233 -31.84 52.95 -66.87
N LEU N 234 -32.29 51.79 -67.34
CA LEU N 234 -32.37 51.56 -68.79
C LEU N 234 -33.31 52.53 -69.50
N PRO N 235 -34.54 52.79 -69.02
CA PRO N 235 -35.40 53.73 -69.75
C PRO N 235 -34.87 55.16 -69.76
N ILE N 236 -34.18 55.59 -68.70
CA ILE N 236 -33.64 56.95 -68.68
C ILE N 236 -32.35 57.03 -69.48
N LEU N 237 -31.54 55.97 -69.50
CA LEU N 237 -30.27 55.99 -70.21
C LEU N 237 -30.45 55.83 -71.72
N GLU N 238 -31.48 55.09 -72.15
CA GLU N 238 -31.70 54.89 -73.58
C GLU N 238 -32.05 56.22 -74.26
N LYS N 239 -32.81 57.07 -73.57
CA LYS N 239 -33.15 58.39 -74.10
C LYS N 239 -32.06 59.43 -73.84
N ALA N 240 -30.97 59.05 -73.17
CA ALA N 240 -29.89 59.98 -72.86
C ALA N 240 -28.86 60.04 -73.99
N ALA N 241 -28.19 58.91 -74.26
CA ALA N 241 -27.15 58.88 -75.29
C ALA N 241 -27.75 59.20 -76.66
N GLN N 242 -27.17 60.17 -77.34
CA GLN N 242 -27.63 60.60 -78.65
C GLN N 242 -26.54 61.37 -79.39
N ARG N 245 -23.32 63.30 -76.71
CA ARG N 245 -23.21 64.00 -75.44
C ARG N 245 -23.18 63.03 -74.26
N PRO N 246 -22.11 63.09 -73.47
CA PRO N 246 -22.00 62.17 -72.32
C PRO N 246 -22.99 62.53 -71.20
N LEU N 247 -22.98 61.74 -70.13
CA LEU N 247 -23.93 61.90 -69.04
C LEU N 247 -23.25 61.66 -67.70
N LEU N 248 -23.56 62.51 -66.73
CA LEU N 248 -23.08 62.34 -65.36
C LEU N 248 -24.24 61.90 -64.48
N ILE N 249 -24.04 60.81 -63.74
CA ILE N 249 -25.07 60.22 -62.89
C ILE N 249 -24.70 60.46 -61.44
N ILE N 250 -25.61 61.05 -60.69
CA ILE N 250 -25.43 61.32 -59.26
C ILE N 250 -26.48 60.52 -58.51
N ALA N 251 -26.02 59.69 -57.57
CA ALA N 251 -26.92 58.84 -56.79
C ALA N 251 -26.18 58.39 -55.53
N GLU N 252 -26.80 57.49 -54.77
CA GLU N 252 -26.15 56.96 -53.58
C GLU N 252 -25.07 55.95 -53.92
N ASP N 253 -25.20 55.24 -55.04
CA ASP N 253 -24.21 54.26 -55.46
C ASP N 253 -24.21 54.09 -56.98
N GLU N 257 -27.71 43.68 -62.65
CA GLU N 257 -26.96 44.58 -61.78
C GLU N 257 -26.26 45.68 -62.60
N ALA N 258 -26.29 46.90 -62.08
CA ALA N 258 -25.68 48.04 -62.75
C ALA N 258 -24.26 48.31 -62.28
N LEU N 259 -23.70 47.43 -61.43
CA LEU N 259 -22.35 47.62 -60.90
C LEU N 259 -21.33 47.75 -62.01
N ALA N 260 -21.10 46.67 -62.76
CA ALA N 260 -20.16 46.68 -63.87
C ALA N 260 -20.82 46.96 -65.22
N THR N 261 -22.15 47.11 -65.25
CA THR N 261 -22.84 47.37 -66.51
C THR N 261 -22.42 48.72 -67.10
N LEU N 262 -22.29 49.74 -66.25
CA LEU N 262 -21.83 51.04 -66.72
C LEU N 262 -20.36 51.02 -67.10
N VAL N 263 -19.57 50.12 -66.51
CA VAL N 263 -18.14 50.05 -66.81
C VAL N 263 -17.90 49.35 -68.15
N VAL N 264 -18.67 48.29 -68.43
CA VAL N 264 -18.50 47.55 -69.68
C VAL N 264 -18.80 48.45 -70.87
N ASN N 265 -19.87 49.23 -70.79
CA ASN N 265 -20.20 50.15 -71.88
C ASN N 265 -19.20 51.30 -71.98
N LYS N 266 -18.48 51.60 -70.90
CA LYS N 266 -17.47 52.67 -70.93
C LYS N 266 -16.14 52.11 -71.41
N LEU N 267 -15.53 51.22 -70.63
CA LEU N 267 -14.26 50.62 -71.00
C LEU N 267 -14.48 49.39 -71.87
N GLY N 269 -18.33 47.59 -75.35
CA GLY N 269 -18.66 48.60 -76.33
C GLY N 269 -18.10 49.97 -75.98
N THR N 270 -18.67 51.02 -76.57
CA THR N 270 -18.26 52.39 -76.33
C THR N 270 -19.48 53.22 -75.94
N LEU N 271 -19.52 53.68 -74.70
CA LEU N 271 -20.56 54.59 -74.22
C LEU N 271 -19.93 55.55 -73.23
N LYS N 272 -20.27 56.83 -73.34
CA LYS N 272 -19.69 57.86 -72.50
C LYS N 272 -20.67 58.22 -71.39
N VAL N 273 -20.33 57.82 -70.16
CA VAL N 273 -21.11 58.12 -68.97
C VAL N 273 -20.15 58.37 -67.82
N ALA N 274 -20.71 58.72 -66.66
CA ALA N 274 -19.92 58.91 -65.45
C ALA N 274 -20.80 58.60 -64.25
N ALA N 275 -20.19 58.00 -63.22
CA ALA N 275 -20.89 57.64 -62.00
C ALA N 275 -20.21 58.34 -60.83
N VAL N 276 -20.95 59.25 -60.18
CA VAL N 276 -20.49 59.96 -59.01
C VAL N 276 -21.56 59.84 -57.93
N LYS N 277 -21.28 60.39 -56.74
CA LYS N 277 -22.21 60.31 -55.63
C LYS N 277 -22.54 61.70 -55.10
N ALA N 278 -23.70 61.78 -54.46
CA ALA N 278 -24.10 62.98 -53.75
C ALA N 278 -23.46 63.00 -52.37
N PRO N 279 -23.49 64.14 -51.67
CA PRO N 279 -23.03 64.17 -50.28
C PRO N 279 -23.68 63.06 -49.45
N GLY N 280 -22.91 62.49 -48.53
CA GLY N 280 -23.30 61.25 -47.90
C GLY N 280 -24.47 61.39 -46.93
N PHE N 281 -24.49 62.48 -46.16
CA PHE N 281 -25.52 62.65 -45.15
C PHE N 281 -26.91 62.65 -45.79
N GLY N 282 -27.81 61.86 -45.21
CA GLY N 282 -29.13 61.71 -45.81
C GLY N 282 -29.96 62.98 -45.71
N ASP N 283 -29.99 63.60 -44.53
CA ASP N 283 -30.79 64.80 -44.34
C ASP N 283 -30.11 66.04 -44.90
N ARG N 284 -28.77 66.09 -44.88
CA ARG N 284 -28.05 67.29 -45.30
C ARG N 284 -27.90 67.40 -46.81
N ARG N 285 -28.03 66.30 -47.55
CA ARG N 285 -27.83 66.34 -48.99
C ARG N 285 -29.05 66.84 -49.76
N LYS N 286 -30.18 67.03 -49.08
CA LYS N 286 -31.38 67.51 -49.78
C LYS N 286 -31.20 68.93 -50.28
N ALA N 287 -30.71 69.84 -49.42
CA ALA N 287 -30.46 71.21 -49.82
C ALA N 287 -29.23 71.35 -50.72
N MET N 288 -28.42 70.30 -50.85
CA MET N 288 -27.23 70.33 -51.69
C MET N 288 -27.53 69.83 -53.09
N LEU N 289 -27.94 68.56 -53.22
CA LEU N 289 -28.26 67.99 -54.52
C LEU N 289 -29.30 68.82 -55.27
N GLU N 290 -30.18 69.51 -54.54
CA GLU N 290 -31.14 70.39 -55.20
C GLU N 290 -30.48 71.68 -55.67
N ASP N 291 -29.53 72.21 -54.88
CA ASP N 291 -28.83 73.42 -55.29
C ASP N 291 -27.92 73.17 -56.49
N ILE N 292 -27.45 71.94 -56.67
CA ILE N 292 -26.62 71.62 -57.82
C ILE N 292 -27.46 71.55 -59.09
N ALA N 293 -28.73 71.17 -58.96
CA ALA N 293 -29.59 71.08 -60.14
C ALA N 293 -29.97 72.45 -60.68
N ILE N 294 -30.06 73.45 -59.81
CA ILE N 294 -30.41 74.79 -60.26
C ILE N 294 -29.28 75.41 -61.07
N LEU N 295 -28.04 75.25 -60.60
CA LEU N 295 -26.90 75.76 -61.34
C LEU N 295 -26.68 74.97 -62.63
N THR N 296 -27.09 73.70 -62.66
CA THR N 296 -26.97 72.87 -63.86
C THR N 296 -28.19 72.96 -64.76
N GLY N 297 -29.25 73.66 -64.34
CA GLY N 297 -30.44 73.78 -65.15
C GLY N 297 -31.31 72.53 -65.15
N GLY N 298 -31.60 71.99 -63.97
CA GLY N 298 -32.40 70.80 -63.87
C GLY N 298 -33.12 70.73 -62.53
N THR N 299 -33.85 69.61 -62.35
CA THR N 299 -34.58 69.35 -61.12
C THR N 299 -34.24 67.96 -60.63
N VAL N 300 -34.24 67.78 -59.30
CA VAL N 300 -33.86 66.51 -58.71
C VAL N 300 -34.95 65.48 -58.93
N ILE N 301 -34.71 64.25 -58.47
CA ILE N 301 -35.68 63.17 -58.63
C ILE N 301 -36.17 62.71 -57.26
N TYR N 307 -41.80 62.43 -57.35
CA TYR N 307 -40.79 62.18 -58.38
C TYR N 307 -40.26 60.76 -58.32
N LYS N 308 -40.20 60.11 -59.48
CA LYS N 308 -39.72 58.74 -59.59
C LYS N 308 -38.70 58.65 -60.72
N LEU N 309 -37.89 57.59 -60.67
CA LEU N 309 -36.87 57.34 -61.66
C LEU N 309 -37.39 56.59 -62.89
N GLU N 310 -38.70 56.30 -62.93
CA GLU N 310 -39.30 55.60 -64.05
C GLU N 310 -38.97 56.27 -65.38
N ASN N 311 -39.52 57.46 -65.60
CA ASN N 311 -39.22 58.20 -66.81
C ASN N 311 -39.20 59.69 -66.51
N ALA N 312 -38.18 60.37 -67.04
CA ALA N 312 -38.17 61.83 -67.12
C ALA N 312 -37.47 62.22 -68.41
N THR N 313 -38.07 63.15 -69.14
CA THR N 313 -37.43 63.70 -70.32
C THR N 313 -36.20 64.49 -69.89
N MET N 314 -35.31 64.80 -70.83
CA MET N 314 -34.13 65.51 -70.36
C MET N 314 -34.55 66.97 -70.32
N ALA N 315 -35.06 67.34 -69.14
CA ALA N 315 -35.38 68.66 -68.66
C ALA N 315 -34.95 68.66 -67.20
N TYR N 316 -35.54 67.72 -66.45
CA TYR N 316 -35.12 67.42 -65.08
C TYR N 316 -33.67 67.01 -64.98
N LEU N 317 -33.05 66.62 -66.09
CA LEU N 317 -31.60 66.47 -66.12
C LEU N 317 -30.99 67.86 -66.22
N GLY N 318 -29.68 67.96 -66.42
CA GLY N 318 -29.06 69.27 -66.52
C GLY N 318 -27.88 69.27 -67.45
N GLN N 319 -27.59 70.44 -67.99
CA GLN N 319 -26.61 70.60 -69.07
C GLN N 319 -25.48 71.48 -68.57
N ALA N 320 -24.29 70.89 -68.47
CA ALA N 320 -23.08 71.62 -68.13
C ALA N 320 -22.06 71.47 -69.26
N ALA N 321 -21.23 72.49 -69.44
CA ALA N 321 -20.28 72.50 -70.55
C ALA N 321 -19.08 71.59 -70.26
N ARG N 322 -18.58 71.61 -69.03
CA ARG N 322 -17.40 70.84 -68.67
C ARG N 322 -17.57 70.24 -67.29
N ILE N 323 -17.29 68.95 -67.17
CA ILE N 323 -17.34 68.24 -65.89
C ILE N 323 -16.04 67.45 -65.73
N THR N 324 -15.26 67.80 -64.73
CA THR N 324 -14.02 67.11 -64.41
C THR N 324 -14.18 66.38 -63.08
N ILE N 325 -13.87 65.08 -63.08
CA ILE N 325 -14.08 64.23 -61.91
C ILE N 325 -12.73 63.67 -61.49
N ASP N 326 -12.26 64.07 -60.32
CA ASP N 326 -11.08 63.48 -59.70
C ASP N 326 -11.50 62.27 -58.88
N LYS N 327 -10.57 61.70 -58.12
CA LYS N 327 -10.93 60.61 -57.23
C LYS N 327 -11.59 61.11 -55.96
N ASP N 328 -11.06 62.19 -55.37
CA ASP N 328 -11.59 62.76 -54.15
C ASP N 328 -12.50 63.95 -54.36
N ASN N 329 -12.69 64.40 -55.61
CA ASN N 329 -13.48 65.61 -55.85
C ASN N 329 -14.10 65.55 -57.24
N THR N 330 -15.16 66.33 -57.41
CA THR N 330 -15.84 66.50 -58.70
C THR N 330 -16.23 67.95 -58.87
N THR N 331 -15.87 68.54 -60.00
CA THR N 331 -16.17 69.93 -60.28
C THR N 331 -17.05 70.04 -61.53
N ILE N 332 -17.91 71.05 -61.54
CA ILE N 332 -18.84 71.31 -62.63
C ILE N 332 -18.56 72.71 -63.17
N VAL N 333 -18.47 72.83 -64.48
CA VAL N 333 -18.10 74.08 -65.14
C VAL N 333 -19.16 74.43 -66.16
N GLU N 334 -19.75 75.62 -66.03
CA GLU N 334 -20.65 76.22 -67.02
C GLU N 334 -21.86 75.32 -67.27
N GLY N 335 -22.73 75.26 -66.26
CA GLY N 335 -24.02 74.64 -66.41
C GLY N 335 -24.98 75.51 -67.20
N LYS N 336 -26.23 75.05 -67.29
CA LYS N 336 -27.28 75.87 -67.88
C LYS N 336 -27.39 77.16 -67.09
N GLY N 337 -27.85 77.07 -65.85
CA GLY N 337 -27.69 78.15 -64.88
C GLY N 337 -28.23 79.50 -65.28
N LYS N 338 -29.53 79.58 -65.56
CA LYS N 338 -30.14 80.87 -65.86
C LYS N 338 -29.90 81.83 -64.70
N GLN N 339 -29.35 83.01 -65.02
CA GLN N 339 -28.93 83.95 -63.98
C GLN N 339 -30.11 84.43 -63.15
N GLU N 340 -31.29 84.54 -63.75
CA GLU N 340 -32.48 84.92 -62.99
C GLU N 340 -32.88 83.82 -62.02
N GLU N 341 -32.68 82.55 -62.38
CA GLU N 341 -33.02 81.45 -61.50
C GLU N 341 -31.95 81.19 -60.44
N ILE N 342 -30.73 81.64 -60.66
CA ILE N 342 -29.67 81.44 -59.67
C ILE N 342 -29.80 82.43 -58.52
N LYS N 343 -30.10 83.70 -58.84
CA LYS N 343 -30.26 84.70 -57.79
C LYS N 343 -31.45 84.40 -56.90
N ALA N 344 -32.45 83.68 -57.42
CA ALA N 344 -33.59 83.29 -56.60
C ALA N 344 -33.19 82.22 -55.59
N ARG N 345 -32.30 81.30 -55.97
CA ARG N 345 -31.82 80.29 -55.04
C ARG N 345 -30.86 80.88 -54.02
N ILE N 346 -30.10 81.90 -54.41
CA ILE N 346 -29.15 82.53 -53.48
C ILE N 346 -29.91 83.20 -52.34
N ASN N 347 -30.97 83.95 -52.67
CA ASN N 347 -31.77 84.61 -51.64
C ASN N 347 -32.50 83.60 -50.77
N GLU N 348 -32.80 82.42 -51.30
CA GLU N 348 -33.46 81.39 -50.51
C GLU N 348 -32.53 80.84 -49.44
N ILE N 349 -31.25 80.66 -49.78
CA ILE N 349 -30.28 80.18 -48.81
C ILE N 349 -29.94 81.28 -47.81
N LYS N 350 -29.79 82.52 -48.29
CA LYS N 350 -29.49 83.62 -47.38
C LYS N 350 -30.67 83.92 -46.45
N GLY N 351 -31.89 83.56 -46.86
CA GLY N 351 -33.04 83.72 -45.99
C GLY N 351 -33.11 82.71 -44.87
N GLN N 352 -32.59 81.50 -45.11
CA GLN N 352 -32.56 80.47 -44.08
C GLN N 352 -31.50 80.73 -43.01
N ILE N 353 -30.64 81.72 -43.22
CA ILE N 353 -29.62 82.03 -42.22
C ILE N 353 -30.23 82.68 -40.98
N GLU N 354 -31.42 83.26 -41.10
CA GLU N 354 -32.06 83.88 -39.94
C GLU N 354 -32.45 82.83 -38.90
N LYS N 355 -33.19 81.81 -39.32
CA LYS N 355 -33.62 80.77 -38.39
C LYS N 355 -32.46 79.87 -38.01
N SER N 356 -32.36 79.55 -36.73
CA SER N 356 -31.29 78.70 -36.23
C SER N 356 -31.79 77.78 -35.11
N TYR N 360 -22.12 71.37 -36.24
CA TYR N 360 -22.78 71.92 -37.42
C TYR N 360 -24.20 72.38 -37.09
N ASP N 361 -24.31 73.46 -36.31
CA ASP N 361 -25.59 73.99 -35.88
C ASP N 361 -25.90 75.34 -36.52
N THR N 362 -25.10 76.36 -36.24
CA THR N 362 -25.38 77.72 -36.69
C THR N 362 -25.54 77.79 -38.20
N GLU N 363 -24.45 77.66 -38.95
CA GLU N 363 -24.52 77.68 -40.41
C GLU N 363 -23.63 76.57 -40.98
N LYS N 364 -24.25 75.57 -41.59
CA LYS N 364 -23.59 74.77 -42.62
C LYS N 364 -23.97 75.25 -44.01
N LEU N 365 -24.88 76.23 -44.10
CA LEU N 365 -25.36 76.73 -45.39
C LEU N 365 -24.41 77.73 -46.01
N GLN N 366 -23.50 78.31 -45.23
CA GLN N 366 -22.57 79.29 -45.77
C GLN N 366 -21.58 78.66 -46.75
N GLU N 367 -21.29 77.37 -46.60
CA GLU N 367 -20.48 76.69 -47.60
C GLU N 367 -21.28 76.44 -48.88
N ARG N 368 -22.60 76.33 -48.77
CA ARG N 368 -23.45 76.25 -49.95
C ARG N 368 -23.62 77.59 -50.64
N LEU N 369 -23.41 78.69 -49.92
CA LEU N 369 -23.49 80.02 -50.51
C LEU N 369 -22.23 80.35 -51.31
N ALA N 370 -21.07 79.88 -50.85
CA ALA N 370 -19.83 80.17 -51.54
C ALA N 370 -19.72 79.41 -52.85
N LYS N 371 -20.40 78.26 -52.96
CA LYS N 371 -20.34 77.48 -54.19
C LYS N 371 -21.11 78.16 -55.32
N LEU N 372 -22.33 78.61 -55.02
CA LEU N 372 -23.17 79.21 -56.07
C LEU N 372 -22.75 80.65 -56.35
N SER N 373 -22.39 81.42 -55.32
CA SER N 373 -22.00 82.80 -55.52
C SER N 373 -20.57 82.94 -56.01
N GLY N 374 -19.68 82.05 -55.58
CA GLY N 374 -18.29 82.15 -55.99
C GLY N 374 -18.07 81.75 -57.43
N GLY N 375 -18.61 80.61 -57.83
CA GLY N 375 -18.46 80.14 -59.19
C GLY N 375 -17.14 79.41 -59.41
N VAL N 376 -16.83 79.19 -60.68
CA VAL N 376 -15.62 78.49 -61.11
C VAL N 376 -14.85 79.39 -62.06
N ALA N 377 -13.65 79.79 -61.65
CA ALA N 377 -12.78 80.58 -62.51
C ALA N 377 -12.04 79.66 -63.46
N VAL N 378 -12.22 79.88 -64.77
CA VAL N 378 -11.64 79.03 -65.81
C VAL N 378 -10.47 79.77 -66.44
N LEU N 379 -9.31 79.10 -66.49
CA LEU N 379 -8.12 79.66 -67.12
C LEU N 379 -7.95 79.02 -68.49
N LYS N 380 -8.17 79.80 -69.54
CA LYS N 380 -8.00 79.35 -70.91
C LYS N 380 -6.59 79.68 -71.37
N ILE N 381 -5.78 78.65 -71.63
CA ILE N 381 -4.38 78.81 -72.00
C ILE N 381 -4.24 78.56 -73.49
N GLY N 382 -3.37 79.36 -74.13
CA GLY N 382 -3.11 79.19 -75.55
C GLY N 382 -1.69 79.60 -75.88
N ALA N 383 -1.26 79.19 -77.08
CA ALA N 383 0.09 79.48 -77.55
C ALA N 383 0.07 79.53 -79.07
N SER N 384 1.27 79.72 -79.65
CA SER N 384 1.37 79.79 -81.11
C SER N 384 1.17 78.43 -81.76
N THR N 385 1.61 77.36 -81.11
CA THR N 385 1.44 76.01 -81.63
C THR N 385 0.77 75.14 -80.58
N GLU N 386 0.20 74.02 -81.04
CA GLU N 386 -0.48 73.12 -80.11
C GLU N 386 0.50 72.44 -79.16
N VAL N 387 1.72 72.14 -79.63
CA VAL N 387 2.70 71.50 -78.76
C VAL N 387 3.09 72.41 -77.61
N GLU N 388 3.29 73.70 -77.89
CA GLU N 388 3.59 74.66 -76.83
C GLU N 388 2.36 75.00 -76.01
N MET N 389 1.16 74.82 -76.58
CA MET N 389 -0.07 75.11 -75.84
C MET N 389 -0.29 74.09 -74.73
N LYS N 390 -0.26 72.80 -75.08
CA LYS N 390 -0.43 71.76 -74.08
C LYS N 390 0.73 71.72 -73.10
N GLU N 391 1.91 72.19 -73.52
CA GLU N 391 3.03 72.31 -72.59
C GLU N 391 2.82 73.46 -71.63
N LYS N 392 2.35 74.61 -72.12
CA LYS N 392 2.09 75.75 -71.25
C LYS N 392 0.93 75.46 -70.31
N LYS N 393 -0.09 74.73 -70.80
CA LYS N 393 -1.20 74.36 -69.94
C LYS N 393 -0.75 73.50 -68.77
N ALA N 394 0.16 72.55 -69.03
CA ALA N 394 0.70 71.73 -67.96
C ALA N 394 1.57 72.56 -67.01
N ARG N 395 2.18 73.62 -67.51
CA ARG N 395 2.97 74.51 -66.66
C ARG N 395 2.10 75.37 -65.76
N VAL N 396 0.92 75.78 -66.25
CA VAL N 396 0.03 76.60 -65.44
C VAL N 396 -0.57 75.78 -64.30
N GLU N 397 -0.98 74.55 -64.60
CA GLU N 397 -1.61 73.71 -63.58
C GLU N 397 -0.63 73.38 -62.47
N ASP N 398 0.64 73.18 -62.81
CA ASP N 398 1.66 72.95 -61.78
C ASP N 398 1.90 74.22 -60.98
N ALA N 399 1.89 75.38 -61.65
CA ALA N 399 2.04 76.64 -60.93
C ALA N 399 0.80 76.98 -60.13
N LEU N 400 -0.37 76.54 -60.57
CA LEU N 400 -1.60 76.79 -59.83
C LEU N 400 -1.64 76.01 -58.53
N HIS N 401 -1.27 74.73 -58.58
CA HIS N 401 -1.30 73.91 -57.37
C HIS N 401 -0.24 74.35 -56.37
N ALA N 402 0.92 74.77 -56.87
CA ALA N 402 1.96 75.28 -55.97
C ALA N 402 1.53 76.59 -55.31
N THR N 403 0.81 77.43 -56.06
CA THR N 403 0.32 78.68 -55.49
C THR N 403 -0.75 78.43 -54.43
N ARG N 404 -1.56 77.39 -54.60
CA ARG N 404 -2.53 77.02 -53.57
C ARG N 404 -1.83 76.70 -52.25
N ALA N 405 -0.86 75.80 -52.28
CA ALA N 405 -0.10 75.46 -51.09
C ALA N 405 0.74 76.62 -50.59
N ALA N 406 1.11 77.55 -51.46
CA ALA N 406 1.87 78.71 -51.02
C ALA N 406 0.99 79.70 -50.25
N VAL N 407 -0.30 79.72 -50.54
CA VAL N 407 -1.20 80.62 -49.82
C VAL N 407 -1.59 80.04 -48.46
N GLN N 408 -1.88 78.73 -48.41
CA GLN N 408 -2.41 78.13 -47.19
C GLN N 408 -1.38 78.14 -46.07
N GLU N 409 -0.24 77.48 -46.28
CA GLU N 409 0.78 77.36 -45.24
C GLU N 409 1.95 78.31 -45.41
N GLY N 410 1.97 79.12 -46.48
CA GLY N 410 3.08 80.02 -46.70
C GLY N 410 4.16 79.41 -47.56
N ILE N 411 5.33 80.06 -47.53
CA ILE N 411 6.50 79.61 -48.29
C ILE N 411 7.70 79.59 -47.37
N VAL N 412 8.67 78.73 -47.69
CA VAL N 412 9.92 78.61 -46.96
C VAL N 412 11.07 78.64 -47.95
N VAL N 413 12.29 78.45 -47.43
CA VAL N 413 13.49 78.48 -48.26
C VAL N 413 13.59 77.20 -49.07
N GLY N 414 13.88 77.33 -50.36
CA GLY N 414 14.05 76.18 -51.22
C GLY N 414 15.42 75.54 -51.07
N GLY N 415 15.74 74.65 -52.00
CA GLY N 415 17.03 74.01 -52.03
C GLY N 415 17.34 73.14 -50.83
N GLY N 416 16.33 72.75 -50.06
CA GLY N 416 16.56 71.93 -48.89
C GLY N 416 17.17 72.65 -47.72
N VAL N 417 17.26 73.97 -47.76
CA VAL N 417 17.84 74.71 -46.64
C VAL N 417 16.83 74.90 -45.52
N ALA N 418 15.54 74.96 -45.84
CA ALA N 418 14.53 75.19 -44.81
C ALA N 418 14.50 74.06 -43.79
N LEU N 419 14.76 72.82 -44.24
CA LEU N 419 14.82 71.71 -43.29
C LEU N 419 16.04 71.81 -42.39
N ILE N 420 17.13 72.37 -42.89
CA ILE N 420 18.32 72.56 -42.06
C ILE N 420 18.10 73.72 -41.08
N ARG N 421 17.48 74.80 -41.56
CA ARG N 421 17.20 75.94 -40.69
C ARG N 421 16.18 75.61 -39.62
N ALA N 422 15.28 74.65 -39.90
CA ALA N 422 14.27 74.25 -38.94
C ALA N 422 14.79 73.25 -37.92
N ALA N 423 16.05 72.84 -38.03
CA ALA N 423 16.62 71.92 -37.05
C ALA N 423 16.78 72.56 -35.68
N LYS N 424 16.71 73.90 -35.60
CA LYS N 424 16.83 74.58 -34.33
C LYS N 424 15.69 74.24 -33.38
N GLY N 425 14.55 73.76 -33.91
CA GLY N 425 13.44 73.36 -33.06
C GLY N 425 13.70 72.10 -32.27
N LEU N 426 14.71 71.32 -32.65
CA LEU N 426 15.03 70.08 -31.93
C LEU N 426 15.46 70.35 -30.50
N ALA N 427 15.92 71.56 -30.20
CA ALA N 427 16.25 71.91 -28.82
C ALA N 427 15.03 71.87 -27.92
N LYS N 428 13.82 72.03 -28.48
CA LYS N 428 12.58 71.99 -27.72
C LYS N 428 12.03 70.58 -27.56
N ALA N 429 12.66 69.58 -28.18
CA ALA N 429 12.18 68.21 -28.07
C ALA N 429 12.60 67.60 -26.74
N VAL N 430 11.69 66.84 -26.13
CA VAL N 430 11.90 66.22 -24.83
C VAL N 430 12.07 64.72 -25.03
N ALA N 431 13.12 64.16 -24.45
CA ALA N 431 13.42 62.74 -24.53
C ALA N 431 13.31 62.12 -23.14
N ASP N 432 12.47 61.09 -23.02
CA ASP N 432 12.29 60.41 -21.74
C ASP N 432 13.45 59.48 -21.39
N ASN N 433 14.24 59.06 -22.38
CA ASN N 433 15.39 58.20 -22.14
C ASN N 433 16.36 58.37 -23.30
N GLU N 434 17.43 57.58 -23.30
CA GLU N 434 18.44 57.70 -24.35
C GLU N 434 17.93 57.19 -25.69
N ASP N 435 17.07 56.17 -25.69
CA ASP N 435 16.52 55.67 -26.94
C ASP N 435 15.68 56.73 -27.64
N GLN N 436 14.84 57.44 -26.88
CA GLN N 436 14.09 58.54 -27.48
C GLN N 436 15.01 59.67 -27.91
N LYS N 437 16.10 59.90 -27.17
CA LYS N 437 17.08 60.90 -27.58
C LYS N 437 17.76 60.48 -28.88
N THR N 438 17.94 59.18 -29.10
CA THR N 438 18.51 58.71 -30.36
C THR N 438 17.58 58.99 -31.52
N GLY N 439 16.27 58.76 -31.33
CA GLY N 439 15.31 59.06 -32.38
C GLY N 439 15.27 60.52 -32.75
N ILE N 440 15.55 61.41 -31.79
CA ILE N 440 15.62 62.83 -32.10
C ILE N 440 16.83 63.11 -32.99
N GLU N 441 17.95 62.44 -32.73
CA GLU N 441 19.15 62.64 -33.53
C GLU N 441 19.01 62.07 -34.93
N ILE N 442 18.11 61.10 -35.12
CA ILE N 442 17.89 60.55 -36.45
C ILE N 442 17.31 61.61 -37.39
N ILE N 443 16.39 62.43 -36.88
CA ILE N 443 15.87 63.54 -37.68
C ILE N 443 16.94 64.59 -37.89
N ARG N 444 17.77 64.83 -36.87
CA ARG N 444 18.84 65.81 -36.98
C ARG N 444 19.74 65.54 -38.18
N ARG N 445 20.14 64.28 -38.37
CA ARG N 445 20.99 63.93 -39.50
C ARG N 445 20.19 63.80 -40.78
N ALA N 446 18.91 63.42 -40.69
CA ALA N 446 18.12 63.24 -41.91
C ALA N 446 17.69 64.57 -42.53
N LEU N 447 17.60 65.63 -41.72
CA LEU N 447 17.22 66.92 -42.28
C LEU N 447 18.26 67.43 -43.27
N GLU N 448 19.50 67.00 -43.13
CA GLU N 448 20.57 67.36 -44.06
C GLU N 448 20.56 66.52 -45.32
N GLU N 449 19.80 65.41 -45.34
CA GLU N 449 19.87 64.49 -46.47
C GLU N 449 19.35 65.09 -47.77
N PRO N 450 18.19 65.78 -47.80
CA PRO N 450 17.75 66.36 -49.07
C PRO N 450 18.76 67.32 -49.69
N LEU N 451 19.37 68.20 -48.88
CA LEU N 451 20.36 69.11 -49.42
C LEU N 451 21.62 68.37 -49.83
N ARG N 452 22.00 67.33 -49.08
CA ARG N 452 23.19 66.56 -49.44
C ARG N 452 22.99 65.82 -50.76
N GLN N 453 21.76 65.40 -51.05
CA GLN N 453 21.49 64.72 -52.33
C GLN N 453 21.49 65.71 -53.48
N ILE N 454 20.90 66.89 -53.28
CA ILE N 454 20.85 67.90 -54.35
C ILE N 454 22.26 68.30 -54.76
N VAL N 455 23.16 68.48 -53.79
CA VAL N 455 24.54 68.81 -54.12
C VAL N 455 25.24 67.62 -54.76
N ALA N 456 24.90 66.40 -54.34
CA ALA N 456 25.53 65.23 -54.93
C ALA N 456 25.09 65.00 -56.37
N ASN N 457 23.89 65.48 -56.73
CA ASN N 457 23.43 65.36 -58.11
C ASN N 457 24.15 66.30 -59.06
N THR N 458 24.88 67.30 -58.52
CA THR N 458 25.70 68.15 -59.37
C THR N 458 26.95 67.45 -59.88
N GLY N 459 27.24 66.24 -59.38
CA GLY N 459 28.42 65.52 -59.77
C GLY N 459 29.71 65.97 -59.12
N THR N 460 29.65 66.96 -58.23
CA THR N 460 30.85 67.46 -57.59
C THR N 460 31.48 66.40 -56.68
N THR N 461 32.80 66.41 -56.61
CA THR N 461 33.52 65.46 -55.78
C THR N 461 33.47 65.83 -54.31
N ASP N 462 33.36 67.12 -54.00
CA ASP N 462 33.32 67.60 -52.62
C ASP N 462 31.89 67.99 -52.29
N GLY N 463 31.22 67.17 -51.48
CA GLY N 463 29.88 67.50 -51.02
C GLY N 463 29.85 67.96 -49.57
N ALA N 464 30.95 67.75 -48.85
CA ALA N 464 30.98 68.06 -47.42
C ALA N 464 31.16 69.55 -47.18
N VAL N 465 31.96 70.22 -48.03
CA VAL N 465 32.20 71.65 -47.85
C VAL N 465 30.91 72.43 -48.05
N VAL N 466 30.12 72.05 -49.05
CA VAL N 466 28.88 72.78 -49.34
C VAL N 466 27.90 72.65 -48.20
N LEU N 467 27.74 71.44 -47.66
CA LEU N 467 26.84 71.25 -46.52
C LEU N 467 27.33 71.98 -45.29
N GLU N 468 28.64 72.12 -45.13
CA GLU N 468 29.18 72.81 -43.95
C GLU N 468 28.91 74.31 -44.01
N LYS N 469 29.16 74.92 -45.18
CA LYS N 469 28.96 76.36 -45.29
C LYS N 469 27.49 76.75 -45.19
N VAL N 470 26.58 75.85 -45.57
CA VAL N 470 25.16 76.14 -45.46
C VAL N 470 24.67 75.96 -44.03
N LYS N 471 25.15 74.93 -43.33
CA LYS N 471 24.70 74.69 -41.97
C LYS N 471 25.18 75.78 -41.02
N ASN N 472 26.38 76.31 -41.24
CA ASN N 472 26.93 77.33 -40.35
C ASN N 472 26.33 78.71 -40.61
N ALA N 473 25.97 79.01 -41.85
CA ALA N 473 25.34 80.28 -42.16
C ALA N 473 23.93 80.34 -41.59
N GLU N 474 23.44 81.56 -41.40
CA GLU N 474 22.11 81.79 -40.86
C GLU N 474 21.16 82.25 -41.97
N GLY N 475 19.91 82.46 -41.60
CA GLY N 475 18.90 83.03 -42.48
C GLY N 475 18.62 82.15 -43.69
N ASP N 476 18.31 82.81 -44.80
CA ASP N 476 17.96 82.14 -46.05
C ASP N 476 19.18 81.85 -46.92
N TYR N 477 20.38 82.15 -46.43
CA TYR N 477 21.59 81.90 -47.20
C TYR N 477 21.75 80.41 -47.49
N GLY N 478 22.05 80.09 -48.74
CA GLY N 478 22.20 78.70 -49.14
C GLY N 478 22.95 78.58 -50.45
N PHE N 479 22.97 77.36 -50.96
CA PHE N 479 23.68 77.04 -52.20
C PHE N 479 22.67 76.78 -53.32
N ASN N 480 22.89 77.42 -54.46
CA ASN N 480 22.04 77.24 -55.64
C ASN N 480 22.70 76.21 -56.56
N ALA N 481 22.02 75.08 -56.76
CA ALA N 481 22.58 74.00 -57.56
C ALA N 481 22.50 74.26 -59.06
N ARG N 482 21.58 75.12 -59.50
CA ARG N 482 21.46 75.39 -60.94
C ARG N 482 22.67 76.17 -61.45
N THR N 483 23.00 77.27 -60.79
CA THR N 483 24.13 78.10 -61.18
C THR N 483 25.43 77.71 -60.49
N GLU N 484 25.37 76.79 -59.52
CA GLU N 484 26.52 76.39 -58.71
C GLU N 484 27.20 77.61 -58.09
N GLN N 485 26.44 78.30 -57.24
CA GLN N 485 26.92 79.51 -56.58
C GLN N 485 26.19 79.67 -55.27
N TYR N 486 26.89 80.26 -54.28
CA TYR N 486 26.30 80.57 -53.00
C TYR N 486 25.60 81.92 -53.07
N GLU N 487 24.31 81.93 -52.81
CA GLU N 487 23.52 83.16 -52.87
C GLU N 487 22.30 83.01 -52.00
N ASN N 488 21.67 84.15 -51.69
CA ASN N 488 20.43 84.15 -50.93
C ASN N 488 19.32 83.58 -51.80
N LEU N 489 18.64 82.54 -51.29
CA LEU N 489 17.69 81.81 -52.12
C LEU N 489 16.35 82.53 -52.25
N ILE N 490 15.98 83.36 -51.27
CA ILE N 490 14.72 84.10 -51.37
C ILE N 490 14.80 85.12 -52.48
N GLU N 491 15.91 85.86 -52.56
CA GLU N 491 16.05 86.87 -53.61
C GLU N 491 16.30 86.24 -54.97
N ALA N 492 17.03 85.13 -55.02
CA ALA N 492 17.35 84.49 -56.29
C ALA N 492 16.14 83.81 -56.93
N GLY N 493 15.09 83.54 -56.15
CA GLY N 493 13.90 82.89 -56.67
C GLY N 493 13.77 81.41 -56.35
N VAL N 494 14.62 80.87 -55.48
CA VAL N 494 14.52 79.47 -55.08
C VAL N 494 13.67 79.42 -53.82
N VAL N 495 12.47 78.85 -53.94
CA VAL N 495 11.50 78.87 -52.86
C VAL N 495 10.64 77.63 -52.96
N ASP N 496 10.25 77.08 -51.81
CA ASP N 496 9.34 75.95 -51.72
C ASP N 496 8.17 76.31 -50.83
N PRO N 497 6.96 75.85 -51.16
CA PRO N 497 5.82 76.07 -50.27
C PRO N 497 6.03 75.34 -48.95
N THR N 498 5.55 75.97 -47.87
CA THR N 498 5.70 75.38 -46.54
C THR N 498 4.98 74.04 -46.45
N LYS N 499 3.84 73.90 -47.14
CA LYS N 499 3.11 72.64 -47.11
C LYS N 499 3.90 71.53 -47.80
N VAL N 500 4.67 71.86 -48.84
CA VAL N 500 5.48 70.86 -49.51
C VAL N 500 6.56 70.34 -48.57
N THR N 501 7.24 71.24 -47.86
CA THR N 501 8.36 70.83 -47.02
C THR N 501 7.90 70.06 -45.79
N ARG N 502 6.82 70.52 -45.15
CA ARG N 502 6.37 69.86 -43.93
C ARG N 502 5.66 68.55 -44.21
N SER N 503 5.03 68.41 -45.37
CA SER N 503 4.37 67.15 -45.70
C SER N 503 5.40 66.07 -46.04
N ALA N 504 6.48 66.46 -46.70
CA ALA N 504 7.53 65.50 -47.03
C ALA N 504 8.16 64.91 -45.76
N LEU N 505 8.32 65.74 -44.73
CA LEU N 505 8.91 65.26 -43.49
C LEU N 505 7.93 64.41 -42.68
N GLU N 506 6.67 64.86 -42.57
CA GLU N 506 5.69 64.12 -41.79
C GLU N 506 5.39 62.76 -42.42
N ASN N 507 5.27 62.70 -43.75
CA ASN N 507 4.97 61.43 -44.40
C ASN N 507 6.16 60.48 -44.32
N ALA N 508 7.38 60.99 -44.52
CA ALA N 508 8.56 60.14 -44.47
C ALA N 508 8.75 59.54 -43.09
N ALA N 509 8.60 60.35 -42.05
CA ALA N 509 8.74 59.83 -40.69
C ALA N 509 7.63 58.85 -40.36
N SER N 510 6.45 59.02 -40.96
CA SER N 510 5.34 58.12 -40.67
C SER N 510 5.61 56.73 -41.22
N VAL N 511 5.98 56.64 -42.49
CA VAL N 511 6.22 55.34 -43.11
C VAL N 511 7.45 54.67 -42.51
N ALA N 512 8.49 55.46 -42.21
CA ALA N 512 9.68 54.87 -41.60
C ALA N 512 9.43 54.42 -40.17
N SER N 513 8.43 55.01 -39.50
CA SER N 513 8.06 54.56 -38.16
C SER N 513 7.30 53.25 -38.20
N ILE N 514 6.52 53.01 -39.24
CA ILE N 514 5.78 51.75 -39.35
C ILE N 514 6.73 50.60 -39.64
N LEU N 515 7.72 50.83 -40.50
CA LEU N 515 8.67 49.77 -40.84
C LEU N 515 9.56 49.42 -39.66
N LEU N 516 9.91 50.40 -38.84
CA LEU N 516 10.74 50.13 -37.66
C LEU N 516 9.97 49.33 -36.62
N THR N 517 8.65 49.49 -36.54
CA THR N 517 7.82 48.77 -35.59
C THR N 517 7.20 47.51 -36.18
N THR N 518 7.55 47.14 -37.41
CA THR N 518 7.00 45.97 -38.07
C THR N 518 7.79 44.73 -37.66
N GLU N 519 7.14 43.80 -36.98
CA GLU N 519 7.77 42.55 -36.56
C GLU N 519 7.47 41.37 -37.47
N ALA N 520 6.60 41.52 -38.46
CA ALA N 520 6.24 40.41 -39.32
C ALA N 520 5.85 40.90 -40.71
N ALA N 521 6.23 40.14 -41.73
CA ALA N 521 5.87 40.44 -43.12
C ALA N 521 5.27 39.18 -43.73
N ILE N 522 3.99 39.24 -44.08
CA ILE N 522 3.26 38.10 -44.62
C ILE N 522 3.10 38.29 -46.12
N THR N 523 3.48 37.27 -46.89
CA THR N 523 3.44 37.34 -48.35
C THR N 523 2.99 36.00 -48.91
N ASP N 524 2.38 36.04 -50.09
CA ASP N 524 1.91 34.83 -50.75
C ASP N 524 3.10 34.03 -51.29
N VAL N 525 2.85 32.73 -51.49
CA VAL N 525 3.85 31.82 -52.03
C VAL N 525 3.82 31.91 -53.54
N LYS N 526 4.99 32.00 -54.16
CA LYS N 526 5.09 32.09 -55.62
C LYS N 526 4.72 30.77 -56.28
N THR O 2 -46.30 -12.80 27.80
CA THR O 2 -45.81 -13.27 29.09
C THR O 2 -44.35 -13.68 29.01
N ALA O 3 -43.54 -13.19 29.96
CA ALA O 3 -42.14 -13.59 30.01
C ALA O 3 -42.04 -15.09 30.29
N LYS O 4 -41.03 -15.72 29.68
CA LYS O 4 -40.93 -17.17 29.70
C LYS O 4 -39.51 -17.61 30.02
N ASP O 5 -39.40 -18.80 30.60
CA ASP O 5 -38.13 -19.45 30.86
C ASP O 5 -37.89 -20.55 29.85
N ILE O 6 -36.63 -20.73 29.45
CA ILE O 6 -36.27 -21.65 28.37
C ILE O 6 -35.17 -22.58 28.86
N LEU O 7 -35.36 -23.88 28.63
CA LEU O 7 -34.33 -24.89 28.86
C LEU O 7 -33.90 -25.49 27.52
N PHE O 8 -32.63 -25.85 27.41
CA PHE O 8 -32.07 -26.32 26.16
C PHE O 8 -31.46 -27.72 26.32
N ASP O 9 -31.56 -28.50 25.24
CA ASP O 9 -30.89 -29.79 25.05
C ASP O 9 -30.94 -30.70 26.28
N ALA O 10 -29.77 -31.15 26.73
CA ALA O 10 -29.71 -32.16 27.79
C ALA O 10 -30.42 -31.70 29.06
N GLU O 11 -30.32 -30.42 29.38
CA GLU O 11 -31.02 -29.91 30.56
C GLU O 11 -32.54 -29.96 30.37
N ALA O 12 -33.00 -29.71 29.14
CA ALA O 12 -34.43 -29.77 28.86
C ALA O 12 -34.93 -31.21 28.81
N ARG O 13 -34.16 -32.11 28.18
CA ARG O 13 -34.60 -33.49 28.05
C ARG O 13 -34.62 -34.20 29.40
N THR O 14 -33.64 -33.91 30.26
CA THR O 14 -33.62 -34.53 31.58
C THR O 14 -34.80 -34.07 32.43
N LYS O 15 -35.15 -32.78 32.33
CA LYS O 15 -36.28 -32.27 33.09
C LYS O 15 -37.59 -32.87 32.60
N LEU O 16 -37.73 -33.05 31.29
CA LEU O 16 -38.93 -33.68 30.75
C LEU O 16 -39.03 -35.14 31.18
N LYS O 17 -37.89 -35.82 31.29
CA LYS O 17 -37.89 -37.22 31.71
C LYS O 17 -38.42 -37.37 33.13
N VAL O 18 -38.11 -36.42 34.00
CA VAL O 18 -38.58 -36.47 35.38
C VAL O 18 -40.10 -36.49 35.42
N GLY O 19 -40.74 -35.70 34.56
CA GLY O 19 -42.19 -35.72 34.50
C GLY O 19 -42.73 -37.00 33.89
N VAL O 20 -42.05 -37.53 32.87
CA VAL O 20 -42.48 -38.77 32.26
C VAL O 20 -42.37 -39.92 33.25
N ASP O 21 -41.30 -39.96 34.03
CA ASP O 21 -41.15 -41.01 35.03
C ASP O 21 -42.23 -40.90 36.11
N LYS O 22 -42.56 -39.68 36.53
CA LYS O 22 -43.62 -39.50 37.52
C LYS O 22 -44.95 -40.02 37.00
N LEU O 23 -45.24 -39.79 35.72
CA LEU O 23 -46.48 -40.29 35.13
C LEU O 23 -46.47 -41.80 35.02
N ALA O 24 -45.38 -42.37 34.50
CA ALA O 24 -45.34 -43.80 34.23
C ALA O 24 -45.27 -44.61 35.52
N ASN O 25 -44.51 -44.13 36.52
CA ASN O 25 -44.38 -44.88 37.76
C ASN O 25 -45.71 -44.98 38.51
N ALA O 26 -46.59 -43.99 38.34
CA ALA O 26 -47.88 -44.05 39.01
C ALA O 26 -48.85 -44.96 38.26
N VAL O 27 -48.84 -44.92 36.92
CA VAL O 27 -49.82 -45.68 36.15
C VAL O 27 -49.42 -47.15 36.04
N LYS O 28 -48.12 -47.45 35.96
CA LYS O 28 -47.70 -48.81 35.64
C LYS O 28 -48.00 -49.81 36.73
N VAL O 29 -48.23 -49.36 37.98
CA VAL O 29 -48.51 -50.28 39.06
C VAL O 29 -49.88 -50.93 38.93
N THR O 30 -50.74 -50.42 38.05
CA THR O 30 -52.07 -50.97 37.82
C THR O 30 -52.12 -51.92 36.63
N LEU O 31 -51.01 -52.15 35.94
CA LEU O 31 -51.01 -52.91 34.71
C LEU O 31 -51.15 -54.41 34.99
N GLY O 32 -51.96 -55.08 34.18
CA GLY O 32 -52.14 -56.51 34.28
C GLY O 32 -53.25 -56.89 35.25
N PRO O 33 -53.60 -58.18 35.27
CA PRO O 33 -54.61 -58.65 36.23
C PRO O 33 -54.13 -58.60 37.68
N ALA O 34 -52.82 -58.52 37.90
CA ALA O 34 -52.25 -58.40 39.24
C ALA O 34 -52.08 -56.96 39.67
N GLY O 35 -52.55 -56.00 38.87
CA GLY O 35 -52.35 -54.58 39.14
C GLY O 35 -52.77 -54.15 40.52
N ARG O 36 -51.86 -53.52 41.24
CA ARG O 36 -52.07 -53.12 42.62
C ARG O 36 -52.87 -51.81 42.69
N ASN O 37 -53.51 -51.62 43.84
CA ASN O 37 -54.47 -50.53 44.00
C ASN O 37 -53.77 -49.18 44.20
N VAL O 38 -54.48 -48.12 43.82
CA VAL O 38 -54.01 -46.75 43.96
C VAL O 38 -55.09 -45.92 44.65
N LEU O 39 -54.69 -45.11 45.62
CA LEU O 39 -55.61 -44.28 46.38
C LEU O 39 -55.55 -42.84 45.89
N ILE O 40 -56.68 -42.32 45.41
CA ILE O 40 -56.78 -40.95 44.93
C ILE O 40 -57.50 -40.13 46.00
N ASP O 41 -56.79 -39.15 46.55
CA ASP O 41 -57.35 -38.31 47.61
C ASP O 41 -58.42 -37.38 47.05
N LYS O 42 -59.49 -37.20 47.83
CA LYS O 42 -60.59 -36.31 47.47
C LYS O 42 -60.69 -35.18 48.50
N LYS O 43 -61.65 -34.28 48.27
CA LYS O 43 -61.80 -33.12 49.15
C LYS O 43 -62.32 -33.53 50.52
N PHE O 44 -63.43 -34.26 50.55
CA PHE O 44 -64.06 -34.67 51.80
C PHE O 44 -64.55 -36.10 51.68
N GLY O 45 -64.40 -36.86 52.75
CA GLY O 45 -64.86 -38.25 52.78
C GLY O 45 -63.74 -39.23 52.51
N ALA O 46 -64.16 -40.47 52.24
CA ALA O 46 -63.20 -41.52 51.95
C ALA O 46 -62.60 -41.35 50.56
N PRO O 47 -61.35 -41.77 50.36
CA PRO O 47 -60.70 -41.59 49.06
C PRO O 47 -61.20 -42.55 47.99
N THR O 48 -60.56 -42.53 46.83
CA THR O 48 -60.91 -43.38 45.70
C THR O 48 -59.88 -44.49 45.57
N SER O 49 -60.34 -45.74 45.62
CA SER O 49 -59.49 -46.90 45.39
C SER O 49 -59.70 -47.35 43.94
N THR O 50 -58.65 -47.28 43.13
CA THR O 50 -58.76 -47.59 41.71
C THR O 50 -57.59 -48.45 41.27
N LYS O 51 -57.89 -49.56 40.60
CA LYS O 51 -56.90 -50.34 39.87
C LYS O 51 -56.86 -50.00 38.39
N ASP O 52 -57.64 -49.03 37.95
CA ASP O 52 -57.71 -48.65 36.54
C ASP O 52 -56.66 -47.60 36.25
N GLY O 53 -55.73 -47.93 35.34
CA GLY O 53 -54.66 -47.00 35.00
C GLY O 53 -55.12 -45.74 34.29
N VAL O 54 -56.29 -45.79 33.64
CA VAL O 54 -56.81 -44.60 32.98
C VAL O 54 -57.27 -43.57 34.01
N THR O 55 -57.90 -44.05 35.09
CA THR O 55 -58.33 -43.14 36.15
C THR O 55 -57.13 -42.47 36.82
N VAL O 56 -56.05 -43.22 37.01
CA VAL O 56 -54.85 -42.64 37.61
C VAL O 56 -54.22 -41.61 36.67
N ALA O 57 -54.23 -41.89 35.37
CA ALA O 57 -53.56 -41.01 34.41
C ALA O 57 -54.24 -39.64 34.35
N LYS O 58 -55.56 -39.59 34.50
CA LYS O 58 -56.26 -38.32 34.45
C LYS O 58 -55.98 -37.44 35.65
N GLU O 59 -55.46 -38.01 36.73
CA GLU O 59 -55.20 -37.28 37.96
C GLU O 59 -53.75 -36.80 38.10
N ILE O 60 -52.91 -37.02 37.10
CA ILE O 60 -51.49 -36.72 37.21
C ILE O 60 -51.23 -35.31 36.70
N GLU O 61 -50.85 -34.42 37.60
CA GLU O 61 -50.46 -33.05 37.28
C GLU O 61 -49.31 -32.65 38.20
N LEU O 62 -48.31 -31.97 37.64
CA LEU O 62 -47.09 -31.67 38.36
C LEU O 62 -46.93 -30.16 38.54
N VAL O 63 -46.20 -29.78 39.60
CA VAL O 63 -45.98 -28.37 39.89
C VAL O 63 -44.94 -27.78 38.96
N ASP O 64 -43.86 -28.50 38.70
CA ASP O 64 -42.82 -28.00 37.81
C ASP O 64 -43.37 -27.93 36.39
N PRO O 65 -43.33 -26.77 35.73
CA PRO O 65 -43.93 -26.67 34.39
C PRO O 65 -43.28 -27.59 33.37
N VAL O 66 -41.96 -27.69 33.36
CA VAL O 66 -41.29 -28.53 32.38
C VAL O 66 -41.58 -30.01 32.63
N GLU O 67 -41.52 -30.43 33.91
CA GLU O 67 -41.89 -31.80 34.24
C GLU O 67 -43.35 -32.07 33.87
N ASN O 68 -44.22 -31.08 34.02
CA ASN O 68 -45.61 -31.27 33.65
C ASN O 68 -45.79 -31.39 32.15
N MET O 69 -44.97 -30.69 31.36
CA MET O 69 -45.07 -30.80 29.90
C MET O 69 -44.79 -32.23 29.44
N GLY O 70 -43.68 -32.80 29.91
CA GLY O 70 -43.37 -34.18 29.55
C GLY O 70 -44.44 -35.15 30.00
N ALA O 71 -45.06 -34.90 31.16
CA ALA O 71 -46.13 -35.76 31.62
C ALA O 71 -47.36 -35.64 30.73
N GLN O 72 -47.75 -34.40 30.40
CA GLN O 72 -48.93 -34.20 29.55
C GLN O 72 -48.67 -34.67 28.13
N MET O 73 -47.43 -34.61 27.66
CA MET O 73 -47.09 -35.12 26.34
C MET O 73 -47.39 -36.61 26.25
N VAL O 74 -46.79 -37.41 27.15
CA VAL O 74 -46.99 -38.85 27.12
C VAL O 74 -48.44 -39.20 27.43
N ARG O 75 -49.07 -38.43 28.33
CA ARG O 75 -50.44 -38.75 28.75
C ARG O 75 -51.42 -38.59 27.60
N GLU O 76 -51.29 -37.50 26.82
CA GLU O 76 -52.23 -37.27 25.73
C GLU O 76 -51.99 -38.26 24.59
N VAL O 77 -50.73 -38.45 24.21
CA VAL O 77 -50.41 -39.35 23.09
C VAL O 77 -50.85 -40.77 23.41
N ALA O 78 -50.59 -41.22 24.64
CA ALA O 78 -51.01 -42.57 25.03
C ALA O 78 -52.52 -42.69 25.10
N SER O 79 -53.22 -41.59 25.35
CA SER O 79 -54.68 -41.63 25.45
C SER O 79 -55.34 -41.94 24.11
N LYS O 80 -54.61 -41.81 23.00
CA LYS O 80 -55.19 -42.15 21.70
C LYS O 80 -55.32 -43.65 21.50
N THR O 81 -54.77 -44.46 22.39
CA THR O 81 -54.91 -45.91 22.30
C THR O 81 -56.26 -46.40 22.81
N SER O 82 -56.94 -45.60 23.64
CA SER O 82 -58.22 -46.01 24.19
C SER O 82 -59.31 -46.00 23.13
N ASP O 83 -59.32 -44.99 22.27
CA ASP O 83 -60.31 -44.89 21.21
C ASP O 83 -59.99 -45.86 20.07
N GLY O 86 -61.11 -50.59 23.98
CA GLY O 86 -60.50 -49.59 24.85
C GLY O 86 -59.65 -50.22 25.94
N ASP O 87 -58.34 -50.04 25.80
CA ASP O 87 -57.36 -50.64 26.70
C ASP O 87 -55.96 -50.18 26.28
N GLY O 88 -55.00 -50.38 27.17
CA GLY O 88 -53.61 -50.23 26.80
C GLY O 88 -53.06 -48.81 26.77
N THR O 89 -53.72 -47.85 27.42
CA THR O 89 -53.08 -46.56 27.62
C THR O 89 -51.95 -46.66 28.63
N THR O 90 -52.08 -47.57 29.61
CA THR O 90 -50.98 -47.86 30.51
C THR O 90 -49.83 -48.50 29.76
N THR O 91 -50.13 -49.40 28.83
CA THR O 91 -49.09 -50.07 28.06
C THR O 91 -48.28 -49.08 27.23
N ALA O 92 -48.95 -48.08 26.65
CA ALA O 92 -48.24 -47.06 25.88
C ALA O 92 -47.36 -46.19 26.76
N THR O 93 -47.80 -45.92 27.99
CA THR O 93 -46.98 -45.12 28.91
C THR O 93 -45.76 -45.90 29.37
N VAL O 94 -45.93 -47.20 29.62
CA VAL O 94 -44.79 -48.03 30.02
C VAL O 94 -43.78 -48.12 28.88
N LEU O 95 -44.25 -48.34 27.66
CA LEU O 95 -43.35 -48.41 26.51
C LEU O 95 -42.65 -47.07 26.28
N ALA O 96 -43.39 -45.97 26.41
CA ALA O 96 -42.80 -44.65 26.19
C ALA O 96 -41.73 -44.33 27.21
N GLN O 97 -41.91 -44.78 28.45
CA GLN O 97 -40.89 -44.57 29.48
C GLN O 97 -39.61 -45.33 29.16
N ALA O 98 -39.74 -46.55 28.64
CA ALA O 98 -38.56 -47.35 28.34
C ALA O 98 -37.83 -46.83 27.11
N ILE O 99 -38.57 -46.46 26.06
CA ILE O 99 -37.95 -45.97 24.84
C ILE O 99 -37.25 -44.64 25.11
N TYR O 100 -37.83 -43.81 25.97
CA TYR O 100 -37.24 -42.50 26.26
C TYR O 100 -36.06 -42.62 27.22
N ARG O 101 -36.14 -43.54 28.19
CA ARG O 101 -35.03 -43.73 29.12
C ARG O 101 -33.79 -44.25 28.38
N GLU O 102 -33.94 -45.36 27.65
CA GLU O 102 -32.81 -45.90 26.91
C GLU O 102 -32.36 -44.96 25.81
N GLY O 103 -33.27 -44.17 25.25
CA GLY O 103 -32.88 -43.20 24.24
C GLY O 103 -31.99 -42.11 24.78
N LEU O 104 -32.33 -41.59 25.97
CA LEU O 104 -31.54 -40.51 26.55
C LEU O 104 -30.14 -41.00 26.97
N LYS O 105 -30.06 -42.21 27.52
CA LYS O 105 -28.76 -42.73 27.94
C LYS O 105 -27.80 -42.87 26.76
N ASN O 106 -28.34 -43.15 25.57
CA ASN O 106 -27.48 -43.26 24.40
C ASN O 106 -27.12 -41.89 23.83
N VAL O 107 -28.03 -40.93 23.87
CA VAL O 107 -27.72 -39.58 23.45
C VAL O 107 -26.58 -39.02 24.29
N THR O 108 -26.61 -39.29 25.60
CA THR O 108 -25.51 -38.89 26.47
C THR O 108 -24.22 -39.60 26.09
N ALA O 109 -24.33 -40.81 25.55
CA ALA O 109 -23.15 -41.59 25.16
C ALA O 109 -22.61 -41.20 23.78
N GLY O 110 -23.22 -40.22 23.12
CA GLY O 110 -22.77 -39.77 21.81
C GLY O 110 -23.67 -40.16 20.66
N ALA O 111 -24.70 -40.97 20.90
CA ALA O 111 -25.60 -41.37 19.82
C ALA O 111 -26.34 -40.16 19.27
N ARG O 112 -26.42 -40.07 17.95
CA ARG O 112 -27.13 -38.98 17.31
C ARG O 112 -28.63 -39.16 17.52
N PRO O 113 -29.35 -38.12 17.97
CA PRO O 113 -30.77 -38.31 18.26
C PRO O 113 -31.61 -38.65 17.04
N ILE O 114 -31.32 -38.05 15.89
CA ILE O 114 -32.15 -38.30 14.71
C ILE O 114 -31.96 -39.73 14.20
N ASP O 115 -30.74 -40.27 14.31
CA ASP O 115 -30.52 -41.65 13.91
C ASP O 115 -31.22 -42.63 14.84
N LEU O 116 -31.29 -42.31 16.13
CA LEU O 116 -32.08 -43.13 17.05
C LEU O 116 -33.54 -43.14 16.65
N LYS O 117 -34.08 -41.98 16.26
CA LYS O 117 -35.46 -41.92 15.81
C LYS O 117 -35.66 -42.74 14.53
N ARG O 118 -34.70 -42.65 13.61
CA ARG O 118 -34.78 -43.45 12.38
C ARG O 118 -34.74 -44.95 12.70
N GLY O 119 -33.84 -45.35 13.59
CA GLY O 119 -33.80 -46.75 14.00
C GLY O 119 -35.05 -47.18 14.74
N ILE O 120 -35.66 -46.27 15.51
CA ILE O 120 -36.90 -46.59 16.23
C ILE O 120 -38.04 -46.77 15.24
N ASP O 121 -38.17 -45.84 14.29
CA ASP O 121 -39.28 -45.90 13.34
C ASP O 121 -39.18 -47.12 12.44
N ARG O 122 -37.96 -47.47 12.01
CA ARG O 122 -37.79 -48.69 11.22
C ARG O 122 -38.09 -49.93 12.03
N ALA O 123 -37.75 -49.92 13.32
CA ALA O 123 -37.99 -51.09 14.16
C ALA O 123 -39.48 -51.28 14.43
N VAL O 124 -40.21 -50.18 14.62
CA VAL O 124 -41.64 -50.29 14.94
C VAL O 124 -42.41 -50.78 13.73
N LYS O 125 -42.08 -50.29 12.53
CA LYS O 125 -42.77 -50.76 11.32
C LYS O 125 -42.60 -52.25 11.12
N GLU O 126 -41.42 -52.79 11.45
CA GLU O 126 -41.19 -54.22 11.30
C GLU O 126 -41.83 -55.02 12.42
N VAL O 127 -42.00 -54.43 13.60
CA VAL O 127 -42.69 -55.12 14.68
C VAL O 127 -44.20 -55.11 14.45
N VAL O 128 -44.75 -53.99 13.97
CA VAL O 128 -46.16 -53.94 13.66
C VAL O 128 -46.49 -54.88 12.51
N ALA O 129 -45.65 -54.91 11.48
CA ALA O 129 -45.86 -55.83 10.38
C ALA O 129 -45.83 -57.29 10.85
N GLU O 130 -44.87 -57.63 11.71
CA GLU O 130 -44.83 -58.97 12.27
C GLU O 130 -45.99 -59.20 13.24
N LEU O 131 -46.50 -58.13 13.85
CA LEU O 131 -47.65 -58.28 14.75
C LEU O 131 -48.91 -58.63 13.98
N ARG O 132 -48.97 -58.28 12.69
CA ARG O 132 -50.10 -58.68 11.86
C ARG O 132 -50.13 -60.18 11.64
N ASN O 133 -48.97 -60.79 11.45
CA ASN O 133 -48.91 -62.24 11.22
C ASN O 133 -49.31 -63.01 12.47
N ILE O 134 -48.93 -62.52 13.65
CA ILE O 134 -49.33 -63.16 14.90
C ILE O 134 -50.84 -63.02 15.10
N SER O 135 -51.43 -61.91 14.65
CA SER O 135 -52.84 -61.65 14.87
C SER O 135 -53.71 -62.69 14.16
N ARG O 136 -54.85 -62.99 14.77
CA ARG O 136 -55.85 -63.87 14.19
C ARG O 136 -57.13 -63.05 14.00
N SER O 137 -57.55 -62.89 12.75
CA SER O 137 -58.75 -62.11 12.47
C SER O 137 -59.98 -62.81 13.03
N ILE O 138 -61.02 -62.02 13.27
CA ILE O 138 -62.28 -62.51 13.82
C ILE O 138 -63.40 -62.10 12.88
N SER O 139 -64.06 -63.09 12.28
CA SER O 139 -65.16 -62.84 11.35
C SER O 139 -66.15 -64.00 11.46
N GLY O 140 -67.42 -63.69 11.33
CA GLY O 140 -68.44 -64.72 11.48
C GLY O 140 -69.01 -64.77 12.88
N LYS O 141 -70.29 -65.13 12.96
CA LYS O 141 -70.99 -65.05 14.24
C LYS O 141 -70.51 -66.08 15.25
N LYS O 142 -69.79 -67.11 14.81
CA LYS O 142 -69.31 -68.13 15.73
C LYS O 142 -68.23 -67.58 16.66
N GLU O 143 -67.16 -67.01 16.07
CA GLU O 143 -66.08 -66.48 16.88
C GLU O 143 -66.34 -65.08 17.40
N ILE O 144 -67.26 -64.34 16.79
CA ILE O 144 -67.61 -63.02 17.33
C ILE O 144 -68.33 -63.17 18.66
N ALA O 145 -69.24 -64.14 18.77
CA ALA O 145 -69.87 -64.42 20.05
C ALA O 145 -68.88 -64.96 21.08
N GLN O 146 -67.76 -65.54 20.62
CA GLN O 146 -66.77 -66.08 21.54
C GLN O 146 -65.90 -64.97 22.13
N VAL O 147 -65.51 -64.00 21.30
CA VAL O 147 -64.70 -62.88 21.80
C VAL O 147 -65.57 -61.92 22.61
N GLY O 148 -66.86 -61.83 22.29
CA GLY O 148 -67.76 -61.05 23.11
C GLY O 148 -68.02 -61.66 24.47
N THR O 149 -67.95 -63.00 24.56
CA THR O 149 -68.11 -63.67 25.84
C THR O 149 -66.95 -63.35 26.78
N ILE O 150 -65.73 -63.31 26.25
CA ILE O 150 -64.57 -62.97 27.08
C ILE O 150 -64.66 -61.52 27.55
N SER O 151 -65.06 -60.61 26.66
CA SER O 151 -65.20 -59.21 27.03
C SER O 151 -66.36 -58.98 27.99
N ALA O 152 -67.34 -59.88 28.01
CA ALA O 152 -68.49 -59.81 28.90
C ALA O 152 -68.25 -60.54 30.22
N ASN O 153 -67.03 -61.01 30.45
CA ASN O 153 -66.65 -61.78 31.65
C ASN O 153 -67.45 -63.09 31.73
N ASN O 154 -67.14 -63.98 30.78
CA ASN O 154 -67.55 -65.38 30.86
C ASN O 154 -69.07 -65.58 30.93
N ASP O 155 -69.77 -65.40 29.81
CA ASP O 155 -71.18 -65.76 29.70
C ASP O 155 -71.66 -65.60 28.27
N PRO O 156 -72.41 -66.55 27.72
CA PRO O 156 -72.87 -66.43 26.34
C PRO O 156 -73.98 -65.41 26.14
N GLU O 157 -74.68 -65.01 27.21
CA GLU O 157 -75.86 -64.16 27.05
C GLU O 157 -75.50 -62.84 26.39
N ILE O 158 -74.43 -62.19 26.85
CA ILE O 158 -74.00 -60.95 26.22
C ILE O 158 -73.25 -61.23 24.92
N GLY O 159 -72.52 -62.35 24.84
CA GLY O 159 -71.80 -62.67 23.63
C GLY O 159 -72.72 -62.92 22.45
N GLU O 160 -73.77 -63.72 22.66
CA GLU O 160 -74.73 -63.98 21.59
C GLU O 160 -75.54 -62.74 21.23
N LEU O 161 -75.71 -61.82 22.19
CA LEU O 161 -76.43 -60.59 21.90
C LEU O 161 -75.64 -59.68 20.97
N ILE O 162 -74.32 -59.65 21.12
CA ILE O 162 -73.50 -58.82 20.25
C ILE O 162 -73.36 -59.47 18.88
N ALA O 163 -73.19 -60.80 18.84
CA ALA O 163 -73.03 -61.49 17.57
C ALA O 163 -74.28 -61.37 16.71
N GLU O 164 -75.46 -61.49 17.33
CA GLU O 164 -76.70 -61.34 16.58
C GLU O 164 -76.91 -59.89 16.15
N ALA O 165 -76.41 -58.92 16.94
CA ALA O 165 -76.53 -57.53 16.56
C ALA O 165 -75.65 -57.20 15.37
N MET O 166 -74.41 -57.72 15.34
CA MET O 166 -73.54 -57.47 14.21
C MET O 166 -73.97 -58.24 12.97
N ASP O 167 -74.86 -59.21 13.11
CA ASP O 167 -75.40 -59.92 11.96
C ASP O 167 -76.47 -59.11 11.24
N LYS O 168 -77.06 -58.12 11.89
CA LYS O 168 -78.12 -57.31 11.30
C LYS O 168 -77.55 -56.13 10.52
N VAL O 169 -76.88 -55.19 11.21
CA VAL O 169 -76.35 -54.00 10.56
C VAL O 169 -74.96 -54.21 9.97
N GLY O 170 -74.35 -55.37 10.19
CA GLY O 170 -73.03 -55.66 9.65
C GLY O 170 -71.93 -55.41 10.66
N LYS O 171 -70.71 -55.81 10.27
CA LYS O 171 -69.56 -55.62 11.13
C LYS O 171 -69.23 -54.14 11.29
N ASP O 172 -69.34 -53.38 10.21
CA ASP O 172 -69.06 -51.95 10.22
C ASP O 172 -70.29 -51.09 10.52
N GLY O 173 -71.42 -51.72 10.80
CA GLY O 173 -72.65 -50.99 11.05
C GLY O 173 -72.64 -50.25 12.37
N VAL O 174 -73.79 -49.67 12.69
CA VAL O 174 -73.99 -48.88 13.90
C VAL O 174 -74.75 -49.73 14.91
N ILE O 175 -74.23 -49.82 16.13
CA ILE O 175 -74.87 -50.55 17.22
C ILE O 175 -74.84 -49.68 18.47
N THR O 176 -76.00 -49.51 19.10
CA THR O 176 -76.12 -48.72 20.31
C THR O 176 -76.83 -49.56 21.38
N VAL O 177 -76.56 -49.22 22.64
CA VAL O 177 -77.09 -49.95 23.79
C VAL O 177 -77.93 -49.00 24.61
N GLU O 178 -79.13 -49.45 24.99
CA GLU O 178 -80.04 -48.65 25.80
C GLU O 178 -80.64 -49.54 26.89
N GLU O 179 -81.19 -48.89 27.92
CA GLU O 179 -81.86 -49.59 28.99
C GLU O 179 -83.30 -49.91 28.59
N ALA O 180 -83.79 -51.05 29.05
CA ALA O 180 -85.16 -51.48 28.74
C ALA O 180 -86.06 -51.25 29.95
N LYS O 181 -87.35 -51.50 29.75
CA LYS O 181 -88.36 -51.34 30.79
C LYS O 181 -88.74 -52.65 31.47
N GLY O 182 -88.12 -53.76 31.09
CA GLY O 182 -88.51 -55.06 31.60
C GLY O 182 -87.35 -56.03 31.64
N MET O 183 -87.65 -57.26 32.04
CA MET O 183 -86.63 -58.27 32.23
C MET O 183 -86.11 -58.82 30.90
N GLU O 184 -86.98 -58.98 29.92
CA GLU O 184 -86.59 -59.60 28.66
C GLU O 184 -85.73 -58.66 27.83
N THR O 185 -84.59 -59.16 27.35
CA THR O 185 -83.71 -58.42 26.47
C THR O 185 -84.04 -58.73 25.02
N GLU O 186 -84.30 -57.68 24.24
CA GLU O 186 -84.71 -57.83 22.86
C GLU O 186 -83.82 -56.99 21.95
N LEU O 187 -83.89 -57.27 20.65
CA LEU O 187 -83.09 -56.59 19.65
C LEU O 187 -83.98 -56.21 18.47
N LYS O 188 -83.92 -54.95 18.08
CA LYS O 188 -84.62 -54.46 16.90
C LYS O 188 -83.80 -53.35 16.27
N VAL O 189 -83.95 -53.17 14.97
CA VAL O 189 -83.17 -52.20 14.21
C VAL O 189 -84.08 -51.02 13.86
N VAL O 190 -83.87 -49.90 14.54
CA VAL O 190 -84.56 -48.66 14.20
C VAL O 190 -83.85 -47.96 13.05
N GLU O 191 -84.60 -47.15 12.31
CA GLU O 191 -84.04 -46.37 11.23
C GLU O 191 -83.23 -45.19 11.79
N GLY O 192 -81.98 -45.07 11.37
CA GLY O 192 -81.13 -44.00 11.85
C GLY O 192 -79.82 -43.99 11.12
N MET O 193 -79.01 -42.97 11.41
CA MET O 193 -77.71 -42.78 10.79
C MET O 193 -76.73 -42.21 11.80
N GLN O 194 -75.44 -42.29 11.46
CA GLN O 194 -74.37 -41.74 12.28
C GLN O 194 -73.37 -41.03 11.39
N PHE O 195 -72.88 -39.88 11.85
CA PHE O 195 -71.88 -39.09 11.13
C PHE O 195 -70.76 -38.71 12.08
N ASP O 196 -69.67 -38.20 11.50
CA ASP O 196 -68.44 -37.94 12.24
C ASP O 196 -68.43 -36.59 12.94
N ARG O 197 -69.50 -35.81 12.86
CA ARG O 197 -69.54 -34.53 13.54
C ARG O 197 -69.72 -34.74 15.05
N GLY O 198 -68.88 -34.08 15.84
CA GLY O 198 -68.96 -34.15 17.29
C GLY O 198 -69.55 -32.88 17.89
N TYR O 199 -69.63 -32.90 19.22
CA TYR O 199 -70.17 -31.75 19.93
C TYR O 199 -69.15 -30.60 19.94
N LEU O 200 -69.66 -29.38 20.16
CA LEU O 200 -68.82 -28.20 20.15
C LEU O 200 -67.98 -28.10 21.41
N SER O 201 -68.63 -27.92 22.57
CA SER O 201 -67.88 -27.75 23.80
C SER O 201 -68.12 -28.94 24.74
N PRO O 202 -67.14 -29.25 25.60
CA PRO O 202 -67.29 -30.39 26.52
C PRO O 202 -68.44 -30.23 27.51
N TYR O 203 -68.99 -29.03 27.68
CA TYR O 203 -70.02 -28.79 28.69
C TYR O 203 -71.42 -29.16 28.21
N PHE O 204 -71.57 -29.69 27.00
CA PHE O 204 -72.86 -30.16 26.50
C PHE O 204 -73.13 -31.62 26.85
N VAL O 205 -72.23 -32.27 27.58
CA VAL O 205 -72.38 -33.69 27.89
C VAL O 205 -73.40 -33.86 29.02
N THR O 206 -74.13 -34.98 28.96
CA THR O 206 -75.09 -35.34 30.00
C THR O 206 -74.53 -36.30 31.03
N ASN O 207 -73.25 -36.68 30.91
CA ASN O 207 -72.63 -37.61 31.84
C ASN O 207 -71.27 -37.09 32.29
N SER O 208 -70.51 -37.90 33.05
CA SER O 208 -69.23 -37.45 33.59
C SER O 208 -68.08 -38.33 33.09
N GLU O 209 -67.95 -39.57 33.57
CA GLU O 209 -66.84 -40.41 33.16
C GLU O 209 -67.06 -40.98 31.76
N THR O 210 -68.30 -41.34 31.45
CA THR O 210 -68.70 -41.80 30.13
C THR O 210 -69.13 -40.66 29.22
N MET O 211 -68.86 -39.42 29.63
CA MET O 211 -69.63 -38.25 29.22
C MET O 211 -69.88 -38.19 27.72
N GLU O 212 -71.16 -38.01 27.38
CA GLU O 212 -71.62 -37.80 26.02
C GLU O 212 -72.97 -37.10 26.12
N ALA O 213 -73.40 -36.51 25.02
CA ALA O 213 -74.67 -35.77 25.01
C ALA O 213 -75.78 -36.73 24.61
N GLU O 214 -76.68 -37.02 25.56
CA GLU O 214 -77.79 -37.93 25.35
C GLU O 214 -79.08 -37.16 25.52
N LEU O 215 -79.89 -37.10 24.46
CA LEU O 215 -81.17 -36.40 24.47
C LEU O 215 -82.26 -37.42 24.17
N ASP O 216 -83.13 -37.67 25.14
CA ASP O 216 -84.21 -38.63 24.99
C ASP O 216 -85.44 -37.91 24.47
N GLU O 217 -85.90 -38.31 23.28
CA GLU O 217 -87.07 -37.73 22.63
C GLU O 217 -86.92 -36.21 22.48
N ALA O 218 -86.02 -35.85 21.57
CA ALA O 218 -85.65 -34.46 21.35
C ALA O 218 -85.96 -34.04 19.91
N LEU O 219 -86.02 -32.73 19.71
CA LEU O 219 -86.25 -32.15 18.40
C LEU O 219 -84.94 -31.70 17.79
N ILE O 220 -84.80 -31.88 16.47
CA ILE O 220 -83.58 -31.56 15.75
C ILE O 220 -83.91 -30.50 14.70
N LEU O 221 -83.17 -29.40 14.73
CA LEU O 221 -83.33 -28.31 13.78
C LEU O 221 -82.13 -28.26 12.84
N ILE O 222 -82.39 -27.96 11.57
CA ILE O 222 -81.36 -27.92 10.53
C ILE O 222 -81.22 -26.48 10.05
N HIS O 223 -79.99 -26.06 9.78
CA HIS O 223 -79.72 -24.71 9.31
C HIS O 223 -78.54 -24.72 8.35
N ASP O 224 -78.62 -23.88 7.32
CA ASP O 224 -77.55 -23.79 6.32
C ASP O 224 -76.39 -22.94 6.78
N LYS O 225 -76.65 -21.89 7.55
CA LYS O 225 -75.64 -20.89 7.87
C LYS O 225 -75.14 -21.06 9.30
N LYS O 226 -73.88 -20.71 9.50
CA LYS O 226 -73.27 -20.82 10.83
C LYS O 226 -73.97 -19.91 11.83
N ILE O 227 -74.02 -20.37 13.07
CA ILE O 227 -74.69 -19.62 14.14
C ILE O 227 -73.74 -19.42 15.31
N GLU O 232 -78.77 -14.08 17.20
CA GLU O 232 -79.78 -13.73 18.19
C GLU O 232 -81.19 -13.93 17.61
N LEU O 233 -81.38 -15.03 16.89
CA LEU O 233 -82.66 -15.38 16.31
C LEU O 233 -82.95 -16.84 16.62
N LEU O 234 -84.02 -17.09 17.37
CA LEU O 234 -84.40 -18.44 17.78
C LEU O 234 -85.90 -18.62 17.65
N PRO O 235 -86.39 -18.88 16.43
CA PRO O 235 -87.82 -19.19 16.27
C PRO O 235 -88.20 -20.54 16.84
N ILE O 236 -87.24 -21.41 17.10
CA ILE O 236 -87.51 -22.75 17.63
C ILE O 236 -87.23 -22.77 19.13
N LEU O 237 -85.97 -22.49 19.50
CA LEU O 237 -85.55 -22.58 20.90
C LEU O 237 -86.44 -21.74 21.82
N GLU O 238 -87.03 -20.66 21.30
CA GLU O 238 -87.94 -19.85 22.11
C GLU O 238 -89.31 -20.52 22.20
N LYS O 239 -89.99 -20.68 21.06
CA LYS O 239 -91.35 -21.21 21.06
C LYS O 239 -91.37 -22.71 21.29
N ALA O 240 -90.79 -23.48 20.37
CA ALA O 240 -90.88 -24.95 20.44
C ALA O 240 -90.23 -25.48 21.71
N ALA O 241 -88.97 -25.13 21.93
CA ALA O 241 -88.24 -25.63 23.10
C ALA O 241 -88.74 -24.96 24.38
N GLY O 244 -90.26 -28.06 27.38
CA GLY O 244 -89.49 -28.90 28.26
C GLY O 244 -88.74 -30.01 27.54
N ARG O 245 -88.97 -30.11 26.23
CA ARG O 245 -88.30 -31.12 25.42
C ARG O 245 -86.90 -30.66 25.03
N PRO O 246 -85.89 -31.53 25.13
CA PRO O 246 -84.54 -31.14 24.71
C PRO O 246 -84.48 -30.88 23.21
N LEU O 247 -83.45 -30.15 22.80
CA LEU O 247 -83.30 -29.75 21.41
C LEU O 247 -81.84 -29.88 20.99
N LEU O 248 -81.63 -30.25 19.74
CA LEU O 248 -80.31 -30.38 19.16
C LEU O 248 -80.24 -29.52 17.89
N ILE O 249 -79.35 -28.55 17.87
CA ILE O 249 -79.20 -27.63 16.74
C ILE O 249 -78.12 -28.16 15.82
N ILE O 250 -78.42 -28.20 14.52
CA ILE O 250 -77.48 -28.65 13.50
C ILE O 250 -77.25 -27.49 12.54
N ALA O 251 -76.04 -26.96 12.53
CA ALA O 251 -75.68 -25.86 11.65
C ALA O 251 -74.18 -25.92 11.39
N GLU O 252 -73.64 -24.91 10.72
CA GLU O 252 -72.21 -24.87 10.46
C GLU O 252 -71.41 -24.59 11.73
N ASP O 253 -71.99 -23.84 12.67
CA ASP O 253 -71.35 -23.57 13.95
C ASP O 253 -72.38 -23.08 14.96
N ALA O 258 -74.87 -16.07 20.18
CA ALA O 258 -73.44 -16.35 20.14
C ALA O 258 -73.16 -17.80 20.49
N LEU O 259 -71.87 -18.17 20.48
CA LEU O 259 -71.49 -19.53 20.81
C LEU O 259 -71.72 -19.86 22.28
N ALA O 260 -71.78 -18.85 23.14
CA ALA O 260 -72.02 -19.03 24.56
C ALA O 260 -73.50 -19.00 24.92
N THR O 261 -74.39 -18.89 23.93
CA THR O 261 -75.82 -18.79 24.19
C THR O 261 -76.38 -20.14 24.65
N LEU O 262 -76.37 -21.13 23.75
CA LEU O 262 -76.83 -22.47 24.10
C LEU O 262 -75.95 -23.15 25.13
N VAL O 263 -74.75 -22.64 25.38
CA VAL O 263 -73.86 -23.23 26.37
C VAL O 263 -74.29 -22.82 27.78
N VAL O 264 -74.23 -21.52 28.07
CA VAL O 264 -74.56 -21.03 29.41
C VAL O 264 -76.02 -21.27 29.75
N ASN O 265 -76.90 -21.29 28.73
CA ASN O 265 -78.31 -21.55 28.99
C ASN O 265 -78.55 -22.99 29.42
N LYS O 266 -77.74 -23.93 28.93
CA LYS O 266 -77.87 -25.32 29.35
C LYS O 266 -77.19 -25.60 30.68
N LEU O 267 -76.32 -24.70 31.15
CA LEU O 267 -75.64 -24.87 32.43
C LEU O 267 -76.46 -24.19 33.52
N ARG O 268 -76.96 -24.98 34.47
CA ARG O 268 -77.74 -24.50 35.61
C ARG O 268 -79.09 -23.92 35.20
N GLY O 269 -79.34 -23.80 33.90
CA GLY O 269 -80.59 -23.30 33.39
C GLY O 269 -81.43 -24.38 32.73
N THR O 270 -82.46 -23.92 32.03
CA THR O 270 -83.36 -24.81 31.28
C THR O 270 -83.19 -24.51 29.80
N LEU O 271 -82.62 -25.45 29.07
CA LEU O 271 -82.39 -25.29 27.64
C LEU O 271 -82.17 -26.64 26.96
N VAL O 276 -72.71 -30.01 17.07
CA VAL O 276 -72.71 -30.83 15.88
C VAL O 276 -72.74 -29.94 14.64
N LYS O 277 -71.86 -30.25 13.67
CA LYS O 277 -71.74 -29.44 12.47
C LYS O 277 -71.99 -30.25 11.21
N ALA O 278 -71.05 -31.11 10.81
CA ALA O 278 -71.19 -31.88 9.58
C ALA O 278 -72.29 -32.94 9.70
N ASP O 283 -69.75 -29.10 -3.15
CA ASP O 283 -70.47 -28.77 -1.93
C ASP O 283 -71.21 -29.98 -1.38
N ARG O 284 -70.46 -31.07 -1.15
CA ARG O 284 -71.06 -32.28 -0.60
C ARG O 284 -71.37 -32.17 0.88
N ARG O 285 -70.85 -31.14 1.56
CA ARG O 285 -71.16 -30.97 2.98
C ARG O 285 -72.64 -30.62 3.19
N LYS O 286 -73.23 -29.89 2.26
CA LYS O 286 -74.65 -29.57 2.32
C LYS O 286 -75.54 -30.61 1.66
N ALA O 287 -74.96 -31.56 0.92
CA ALA O 287 -75.76 -32.61 0.30
C ALA O 287 -76.26 -33.61 1.33
N MET O 288 -75.37 -34.10 2.19
CA MET O 288 -75.76 -35.05 3.23
C MET O 288 -76.57 -34.38 4.33
N LEU O 289 -76.47 -33.05 4.47
CA LEU O 289 -77.25 -32.35 5.48
C LEU O 289 -78.74 -32.43 5.20
N GLU O 290 -79.12 -32.55 3.91
CA GLU O 290 -80.53 -32.69 3.57
C GLU O 290 -81.06 -34.07 3.87
N ASP O 291 -80.23 -35.11 3.74
CA ASP O 291 -80.67 -36.46 4.04
C ASP O 291 -80.84 -36.70 5.53
N ILE O 292 -80.14 -35.93 6.37
CA ILE O 292 -80.32 -36.06 7.82
C ILE O 292 -81.68 -35.52 8.23
N ALA O 293 -82.19 -34.52 7.52
CA ALA O 293 -83.51 -33.97 7.82
C ALA O 293 -84.64 -34.87 7.34
N ILE O 294 -84.39 -35.75 6.37
CA ILE O 294 -85.42 -36.67 5.93
C ILE O 294 -85.66 -37.76 6.96
N LEU O 295 -84.59 -38.19 7.65
CA LEU O 295 -84.75 -39.22 8.67
C LEU O 295 -85.39 -38.67 9.94
N THR O 296 -85.12 -37.41 10.27
CA THR O 296 -85.69 -36.81 11.47
C THR O 296 -87.09 -36.27 11.28
N GLY O 297 -87.56 -36.15 10.03
CA GLY O 297 -88.89 -35.61 9.78
C GLY O 297 -88.98 -34.12 9.97
N GLY O 298 -88.04 -33.37 9.36
CA GLY O 298 -88.05 -31.93 9.45
C GLY O 298 -87.47 -31.32 8.19
N THR O 299 -87.61 -30.00 8.09
CA THR O 299 -87.12 -29.25 6.94
C THR O 299 -85.74 -28.67 7.25
N VAL O 300 -85.17 -27.98 6.27
CA VAL O 300 -83.84 -27.40 6.36
C VAL O 300 -83.95 -25.89 6.28
N ILE O 301 -83.38 -25.20 7.25
CA ILE O 301 -83.40 -23.74 7.28
C ILE O 301 -82.04 -23.19 6.86
N GLU O 304 -80.58 -21.48 1.36
CA GLU O 304 -81.51 -20.35 1.32
C GLU O 304 -82.95 -20.83 1.14
N LYS O 305 -83.36 -20.96 -0.11
CA LYS O 305 -84.72 -21.39 -0.48
C LYS O 305 -85.71 -20.43 0.18
N GLY O 306 -86.80 -20.93 0.75
CA GLY O 306 -87.80 -20.09 1.39
C GLY O 306 -87.78 -20.09 2.90
N TYR O 307 -86.90 -20.86 3.52
CA TYR O 307 -86.80 -20.91 4.97
C TYR O 307 -85.92 -19.78 5.48
N LYS O 308 -86.47 -18.97 6.39
CA LYS O 308 -85.75 -17.83 6.96
C LYS O 308 -85.74 -17.89 8.48
N LEU O 309 -86.90 -17.73 9.13
CA LEU O 309 -86.96 -17.82 10.58
C LEU O 309 -88.30 -18.37 11.08
N GLY O 318 -87.60 -31.53 12.80
CA GLY O 318 -87.13 -32.90 12.90
C GLY O 318 -87.11 -33.41 14.33
N GLN O 319 -87.55 -34.65 14.52
CA GLN O 319 -87.58 -35.28 15.83
C GLN O 319 -86.89 -36.64 15.77
N ALA O 320 -86.50 -37.14 16.94
CA ALA O 320 -85.87 -38.44 17.05
C ALA O 320 -86.15 -39.01 18.43
N ALA O 321 -86.10 -40.34 18.53
CA ALA O 321 -86.34 -41.00 19.81
C ALA O 321 -85.13 -40.87 20.73
N ARG O 322 -83.92 -41.00 20.19
CA ARG O 322 -82.70 -40.88 20.97
C ARG O 322 -81.64 -40.20 20.14
N ILE O 323 -80.92 -39.25 20.75
CA ILE O 323 -79.81 -38.56 20.12
C ILE O 323 -78.62 -38.66 21.05
N THR O 324 -77.58 -39.37 20.61
CA THR O 324 -76.37 -39.57 21.39
C THR O 324 -75.20 -38.95 20.64
N ILE O 325 -74.51 -38.02 21.30
CA ILE O 325 -73.40 -37.29 20.69
C ILE O 325 -72.13 -37.68 21.40
N ASP O 326 -71.26 -38.41 20.70
CA ASP O 326 -69.95 -38.75 21.22
C ASP O 326 -68.97 -37.61 20.96
N LYS O 327 -67.70 -37.81 21.30
CA LYS O 327 -66.71 -36.79 21.06
C LYS O 327 -66.43 -36.63 19.58
N ASP O 328 -66.09 -37.71 18.90
CA ASP O 328 -65.81 -37.70 17.47
C ASP O 328 -66.99 -38.14 16.61
N ASN O 329 -68.13 -38.46 17.22
CA ASN O 329 -69.26 -38.99 16.47
C ASN O 329 -70.58 -38.47 17.04
N THR O 330 -71.63 -38.59 16.24
CA THR O 330 -72.99 -38.27 16.65
C THR O 330 -73.94 -39.29 16.04
N THR O 331 -74.83 -39.84 16.85
CA THR O 331 -75.76 -40.88 16.42
C THR O 331 -77.19 -40.41 16.60
N ILE O 332 -78.02 -40.62 15.58
CA ILE O 332 -79.45 -40.35 15.64
C ILE O 332 -80.16 -41.70 15.64
N VAL O 333 -81.00 -41.93 16.63
CA VAL O 333 -81.64 -43.21 16.85
C VAL O 333 -83.14 -43.04 16.69
N GLU O 334 -83.72 -43.74 15.71
CA GLU O 334 -85.17 -43.80 15.49
C GLU O 334 -85.75 -42.40 15.27
N GLY O 335 -85.41 -41.84 14.11
CA GLY O 335 -85.93 -40.55 13.73
C GLY O 335 -87.43 -40.60 13.45
N LYS O 336 -88.03 -39.41 13.44
CA LYS O 336 -89.47 -39.27 13.22
C LYS O 336 -89.85 -39.22 11.74
N GLY O 337 -88.88 -39.33 10.84
CA GLY O 337 -89.20 -39.31 9.42
C GLY O 337 -90.04 -40.49 9.00
N LYS O 338 -90.85 -40.26 7.96
CA LYS O 338 -91.74 -41.30 7.47
C LYS O 338 -90.96 -42.46 6.85
N GLN O 339 -91.54 -43.65 6.92
CA GLN O 339 -90.88 -44.83 6.38
C GLN O 339 -90.82 -44.77 4.86
N GLU O 340 -91.90 -44.30 4.21
CA GLU O 340 -91.90 -44.20 2.75
C GLU O 340 -91.08 -43.01 2.29
N GLU O 341 -90.93 -41.98 3.13
CA GLU O 341 -90.10 -40.84 2.78
C GLU O 341 -88.64 -41.22 2.68
N ILE O 342 -88.22 -42.23 3.45
CA ILE O 342 -86.84 -42.71 3.36
C ILE O 342 -86.65 -43.58 2.12
N LYS O 343 -87.65 -44.40 1.79
CA LYS O 343 -87.55 -45.24 0.60
C LYS O 343 -87.54 -44.42 -0.68
N ALA O 344 -88.15 -43.23 -0.65
CA ALA O 344 -88.10 -42.35 -1.82
C ALA O 344 -86.71 -41.73 -1.99
N ARG O 345 -86.06 -41.38 -0.88
CA ARG O 345 -84.71 -40.83 -0.95
C ARG O 345 -83.67 -41.92 -1.18
N ILE O 346 -83.95 -43.15 -0.74
CA ILE O 346 -83.02 -44.25 -0.97
C ILE O 346 -83.01 -44.65 -2.44
N ASN O 347 -84.18 -44.61 -3.09
CA ASN O 347 -84.26 -44.91 -4.52
C ASN O 347 -83.66 -43.81 -5.37
N GLU O 348 -83.49 -42.60 -4.82
CA GLU O 348 -82.88 -41.51 -5.57
C GLU O 348 -81.38 -41.70 -5.68
N ILE O 349 -80.72 -42.06 -4.58
CA ILE O 349 -79.28 -42.26 -4.61
C ILE O 349 -78.93 -43.61 -5.22
N LYS O 350 -79.80 -44.62 -5.06
CA LYS O 350 -79.53 -45.93 -5.64
C LYS O 350 -79.53 -45.88 -7.17
N GLY O 351 -80.33 -44.99 -7.75
CA GLY O 351 -80.34 -44.84 -9.20
C GLY O 351 -79.12 -44.13 -9.75
N GLN O 352 -78.43 -43.36 -8.91
CA GLN O 352 -77.22 -42.65 -9.34
C GLN O 352 -75.98 -43.53 -9.32
N ILE O 353 -76.10 -44.79 -8.89
CA ILE O 353 -74.95 -45.69 -8.89
C ILE O 353 -74.60 -46.12 -10.31
N GLU O 354 -75.61 -46.46 -11.11
CA GLU O 354 -75.39 -46.83 -12.50
C GLU O 354 -75.18 -45.63 -13.42
N LYS O 355 -75.39 -44.42 -12.93
CA LYS O 355 -75.22 -43.21 -13.74
C LYS O 355 -73.79 -42.67 -13.61
N SER O 356 -73.46 -42.14 -12.45
CA SER O 356 -72.12 -41.59 -12.20
C SER O 356 -71.08 -42.69 -12.09
N TYR O 360 -66.00 -43.04 -10.04
CA TYR O 360 -65.39 -43.48 -8.80
C TYR O 360 -66.03 -42.79 -7.60
N ASP O 361 -66.90 -41.81 -7.87
CA ASP O 361 -67.58 -41.09 -6.81
C ASP O 361 -68.79 -41.83 -6.27
N THR O 362 -69.16 -42.96 -6.87
CA THR O 362 -70.27 -43.76 -6.35
C THR O 362 -69.95 -44.31 -4.96
N GLU O 363 -68.66 -44.57 -4.68
CA GLU O 363 -68.27 -45.07 -3.37
C GLU O 363 -68.62 -44.07 -2.27
N LYS O 364 -68.61 -42.77 -2.59
CA LYS O 364 -69.02 -41.77 -1.61
C LYS O 364 -70.51 -41.84 -1.33
N LEU O 365 -71.32 -41.89 -2.40
CA LEU O 365 -72.76 -42.03 -2.22
C LEU O 365 -73.14 -43.41 -1.67
N GLN O 366 -72.30 -44.42 -1.90
CA GLN O 366 -72.56 -45.74 -1.33
C GLN O 366 -72.42 -45.72 0.19
N GLU O 367 -71.54 -44.87 0.72
CA GLU O 367 -71.46 -44.71 2.16
C GLU O 367 -72.75 -44.15 2.72
N ARG O 368 -73.34 -43.17 2.04
CA ARG O 368 -74.63 -42.64 2.44
C ARG O 368 -75.73 -43.68 2.26
N LEU O 369 -75.55 -44.60 1.32
CA LEU O 369 -76.52 -45.68 1.14
C LEU O 369 -76.55 -46.61 2.35
N ALA O 370 -75.38 -46.89 2.93
CA ALA O 370 -75.32 -47.75 4.11
C ALA O 370 -75.84 -47.06 5.36
N LYS O 371 -75.85 -45.73 5.38
CA LYS O 371 -76.37 -44.98 6.52
C LYS O 371 -77.88 -44.82 6.48
N LEU O 372 -78.54 -45.32 5.45
CA LEU O 372 -79.99 -45.31 5.35
C LEU O 372 -80.56 -46.72 5.37
N SER O 373 -80.23 -47.55 4.38
CA SER O 373 -80.69 -48.93 4.36
C SER O 373 -80.15 -49.74 5.54
N GLY O 374 -79.03 -49.32 6.12
CA GLY O 374 -78.45 -50.07 7.23
C GLY O 374 -79.23 -49.88 8.52
N GLY O 375 -79.56 -48.64 8.86
CA GLY O 375 -80.29 -48.36 10.08
C GLY O 375 -79.38 -48.32 11.30
N VAL O 376 -80.00 -48.45 12.46
CA VAL O 376 -79.29 -48.44 13.74
C VAL O 376 -79.85 -49.57 14.60
N ALA O 377 -78.97 -50.46 15.06
CA ALA O 377 -79.37 -51.57 15.92
C ALA O 377 -79.33 -51.12 17.38
N VAL O 378 -80.44 -51.33 18.08
CA VAL O 378 -80.59 -50.93 19.48
C VAL O 378 -80.70 -52.18 20.33
N LEU O 379 -79.85 -52.29 21.35
CA LEU O 379 -79.87 -53.40 22.29
C LEU O 379 -80.49 -52.91 23.59
N LYS O 380 -81.68 -53.42 23.91
CA LYS O 380 -82.37 -53.07 25.14
C LYS O 380 -82.02 -54.10 26.21
N ILE O 381 -81.27 -53.67 27.22
CA ILE O 381 -80.80 -54.56 28.28
C ILE O 381 -81.81 -54.59 29.41
N GLY O 382 -82.06 -55.77 29.95
CA GLY O 382 -83.01 -55.92 31.04
C GLY O 382 -82.64 -57.07 31.94
N ALA O 383 -83.16 -57.02 33.17
CA ALA O 383 -82.90 -58.03 34.18
C ALA O 383 -84.06 -58.03 35.16
N SER O 384 -83.93 -58.81 36.24
CA SER O 384 -84.99 -58.91 37.24
C SER O 384 -85.24 -57.55 37.89
N THR O 385 -84.20 -56.98 38.48
CA THR O 385 -84.29 -55.67 39.13
C THR O 385 -83.64 -54.61 38.24
N GLU O 386 -83.71 -53.36 38.69
CA GLU O 386 -83.09 -52.26 37.98
C GLU O 386 -81.62 -52.07 38.35
N VAL O 387 -81.17 -52.66 39.45
CA VAL O 387 -79.75 -52.58 39.80
C VAL O 387 -78.94 -53.56 38.96
N GLU O 388 -79.49 -54.75 38.72
CA GLU O 388 -78.85 -55.71 37.82
C GLU O 388 -79.01 -55.32 36.36
N MET O 389 -80.03 -54.52 36.03
CA MET O 389 -80.23 -54.10 34.65
C MET O 389 -79.15 -53.12 34.21
N LYS O 390 -78.94 -52.07 34.99
CA LYS O 390 -77.93 -51.07 34.63
C LYS O 390 -76.51 -51.57 34.85
N GLU O 391 -76.32 -52.60 35.68
CA GLU O 391 -75.01 -53.20 35.82
C GLU O 391 -74.67 -54.09 34.64
N LYS O 392 -75.63 -54.92 34.20
CA LYS O 392 -75.41 -55.75 33.03
C LYS O 392 -75.34 -54.90 31.75
N LYS O 393 -76.11 -53.81 31.70
CA LYS O 393 -76.01 -52.89 30.57
C LYS O 393 -74.63 -52.25 30.49
N ALA O 394 -73.98 -52.05 31.64
CA ALA O 394 -72.64 -51.48 31.64
C ALA O 394 -71.61 -52.47 31.10
N ARG O 395 -71.82 -53.78 31.33
CA ARG O 395 -70.91 -54.77 30.80
C ARG O 395 -71.15 -55.06 29.32
N VAL O 396 -72.32 -54.70 28.79
CA VAL O 396 -72.56 -54.86 27.37
C VAL O 396 -71.84 -53.77 26.57
N GLU O 397 -71.88 -52.53 27.06
CA GLU O 397 -71.19 -51.45 26.37
C GLU O 397 -69.68 -51.65 26.37
N ASP O 398 -69.13 -52.24 27.44
CA ASP O 398 -67.71 -52.54 27.46
C ASP O 398 -67.39 -53.71 26.53
N ALA O 399 -68.25 -54.72 26.49
CA ALA O 399 -68.01 -55.87 25.62
C ALA O 399 -68.21 -55.51 24.15
N LEU O 400 -69.17 -54.62 23.86
CA LEU O 400 -69.39 -54.20 22.48
C LEU O 400 -68.21 -53.38 21.96
N HIS O 401 -67.65 -52.51 22.80
CA HIS O 401 -66.50 -51.72 22.38
C HIS O 401 -65.26 -52.58 22.21
N ALA O 402 -65.11 -53.63 23.04
CA ALA O 402 -63.95 -54.52 22.89
C ALA O 402 -64.09 -55.41 21.67
N THR O 403 -65.30 -55.92 21.43
CA THR O 403 -65.50 -56.81 20.28
C THR O 403 -65.28 -56.09 18.96
N ARG O 404 -65.74 -54.84 18.86
CA ARG O 404 -65.55 -54.07 17.63
C ARG O 404 -64.06 -53.88 17.34
N ALA O 405 -63.26 -53.68 18.38
CA ALA O 405 -61.82 -53.55 18.17
C ALA O 405 -61.21 -54.86 17.70
N ALA O 406 -61.75 -55.99 18.14
CA ALA O 406 -61.26 -57.28 17.69
C ALA O 406 -61.72 -57.62 16.28
N VAL O 407 -62.89 -57.13 15.88
CA VAL O 407 -63.37 -57.40 14.52
C VAL O 407 -62.56 -56.64 13.49
N GLN O 408 -62.02 -55.48 13.86
CA GLN O 408 -61.31 -54.64 12.89
C GLN O 408 -59.93 -55.18 12.57
N GLU O 409 -59.00 -55.09 13.53
CA GLU O 409 -57.61 -55.48 13.30
C GLU O 409 -57.26 -56.86 13.81
N GLY O 410 -58.19 -57.57 14.43
CA GLY O 410 -57.94 -58.93 14.87
C GLY O 410 -57.61 -59.03 16.34
N ILE O 411 -57.06 -60.18 16.72
CA ILE O 411 -56.76 -60.53 18.11
C ILE O 411 -55.34 -61.08 18.18
N VAL O 412 -54.55 -60.59 19.12
CA VAL O 412 -53.23 -61.14 19.39
C VAL O 412 -53.24 -61.76 20.79
N VAL O 413 -52.12 -62.33 21.20
CA VAL O 413 -52.03 -62.99 22.50
C VAL O 413 -51.81 -61.95 23.59
N GLY O 414 -52.46 -62.15 24.73
CA GLY O 414 -52.38 -61.21 25.83
C GLY O 414 -51.14 -61.41 26.68
N GLY O 415 -51.21 -60.86 27.90
CA GLY O 415 -50.10 -60.99 28.83
C GLY O 415 -48.83 -60.31 28.40
N GLY O 416 -48.89 -59.38 27.46
CA GLY O 416 -47.69 -58.75 26.94
C GLY O 416 -46.80 -59.65 26.12
N VAL O 417 -47.26 -60.85 25.78
CA VAL O 417 -46.44 -61.78 25.02
C VAL O 417 -46.42 -61.42 23.54
N ALA O 418 -47.48 -60.77 23.04
CA ALA O 418 -47.52 -60.39 21.64
C ALA O 418 -46.35 -59.49 21.27
N LEU O 419 -45.96 -58.59 22.16
CA LEU O 419 -44.81 -57.73 21.90
C LEU O 419 -43.51 -58.51 21.99
N ILE O 420 -43.48 -59.59 22.77
CA ILE O 420 -42.30 -60.44 22.81
C ILE O 420 -42.10 -61.17 21.50
N ARG O 421 -43.15 -61.81 20.99
CA ARG O 421 -43.05 -62.56 19.75
C ARG O 421 -42.81 -61.64 18.57
N ALA O 422 -43.47 -60.49 18.53
CA ALA O 422 -43.32 -59.56 17.41
C ALA O 422 -41.93 -58.98 17.29
N ALA O 423 -41.06 -59.19 18.29
CA ALA O 423 -39.66 -58.79 18.18
C ALA O 423 -38.93 -59.57 17.08
N LYS O 424 -39.53 -60.66 16.59
CA LYS O 424 -38.93 -61.40 15.49
C LYS O 424 -38.70 -60.51 14.27
N GLY O 425 -39.63 -59.59 14.00
CA GLY O 425 -39.53 -58.73 12.84
C GLY O 425 -38.35 -57.77 12.87
N LEU O 426 -37.66 -57.65 14.01
CA LEU O 426 -36.53 -56.74 14.09
C LEU O 426 -35.36 -57.17 13.21
N ALA O 427 -35.28 -58.47 12.87
CA ALA O 427 -34.21 -58.93 11.99
C ALA O 427 -34.33 -58.33 10.60
N LYS O 428 -35.55 -58.01 10.17
CA LYS O 428 -35.76 -57.39 8.87
C LYS O 428 -35.45 -55.90 8.87
N ALA O 429 -35.41 -55.27 10.05
CA ALA O 429 -35.11 -53.85 10.13
C ALA O 429 -33.67 -53.59 9.71
N VAL O 430 -33.48 -52.57 8.87
CA VAL O 430 -32.17 -52.25 8.30
C VAL O 430 -31.60 -51.04 9.01
N ALA O 431 -30.35 -51.13 9.43
CA ALA O 431 -29.65 -50.06 10.13
C ALA O 431 -28.52 -49.55 9.26
N ASP O 432 -28.51 -48.24 9.00
CA ASP O 432 -27.46 -47.66 8.17
C ASP O 432 -26.17 -47.47 8.95
N ASN O 433 -26.26 -47.11 10.23
CA ASN O 433 -25.09 -46.90 11.07
C ASN O 433 -25.37 -47.48 12.45
N GLU O 434 -24.39 -47.37 13.33
CA GLU O 434 -24.53 -47.93 14.67
C GLU O 434 -25.59 -47.18 15.48
N ASP O 435 -25.76 -45.88 15.23
CA ASP O 435 -26.76 -45.12 15.97
C ASP O 435 -28.17 -45.56 15.60
N GLN O 436 -28.43 -45.81 14.31
CA GLN O 436 -29.71 -46.37 13.92
C GLN O 436 -29.87 -47.80 14.42
N LYS O 437 -28.76 -48.56 14.48
CA LYS O 437 -28.82 -49.89 15.04
C LYS O 437 -29.16 -49.85 16.53
N THR O 438 -28.69 -48.83 17.24
CA THR O 438 -29.02 -48.69 18.65
C THR O 438 -30.52 -48.45 18.83
N GLY O 439 -31.11 -47.63 17.96
CA GLY O 439 -32.55 -47.40 18.03
C GLY O 439 -33.36 -48.67 17.85
N ILE O 440 -32.86 -49.60 17.03
CA ILE O 440 -33.53 -50.88 16.89
C ILE O 440 -33.39 -51.69 18.18
N GLU O 441 -32.24 -51.57 18.84
CA GLU O 441 -32.05 -52.25 20.12
C GLU O 441 -32.89 -51.63 21.23
N ILE O 442 -33.14 -50.32 21.16
CA ILE O 442 -33.99 -49.67 22.15
C ILE O 442 -35.39 -50.26 22.12
N ILE O 443 -35.94 -50.48 20.92
CA ILE O 443 -37.24 -51.10 20.82
C ILE O 443 -37.18 -52.56 21.22
N ARG O 444 -36.07 -53.24 20.93
CA ARG O 444 -35.93 -54.65 21.29
C ARG O 444 -36.09 -54.86 22.79
N ARG O 445 -35.44 -54.00 23.59
CA ARG O 445 -35.55 -54.12 25.03
C ARG O 445 -36.83 -53.50 25.59
N ALA O 446 -37.48 -52.62 24.83
CA ALA O 446 -38.71 -52.00 25.31
C ALA O 446 -39.90 -52.93 25.20
N LEU O 447 -39.91 -53.82 24.20
CA LEU O 447 -41.04 -54.74 24.02
C LEU O 447 -41.22 -55.68 25.20
N GLU O 448 -40.16 -55.93 25.97
CA GLU O 448 -40.27 -56.79 27.14
C GLU O 448 -40.81 -56.06 28.36
N GLU O 449 -40.83 -54.74 28.34
CA GLU O 449 -41.24 -53.98 29.53
C GLU O 449 -42.70 -54.19 29.92
N PRO O 450 -43.67 -54.24 29.00
CA PRO O 450 -45.05 -54.55 29.44
C PRO O 450 -45.16 -55.87 30.17
N LEU O 451 -44.53 -56.93 29.64
CA LEU O 451 -44.56 -58.21 30.35
C LEU O 451 -43.78 -58.14 31.66
N ARG O 452 -42.66 -57.42 31.66
CA ARG O 452 -41.86 -57.31 32.88
C ARG O 452 -42.61 -56.55 33.97
N GLN O 453 -43.38 -55.53 33.58
CA GLN O 453 -44.15 -54.79 34.57
C GLN O 453 -45.33 -55.59 35.08
N ILE O 454 -45.94 -56.43 34.22
CA ILE O 454 -47.05 -57.26 34.65
C ILE O 454 -46.60 -58.22 35.76
N VAL O 455 -45.45 -58.87 35.56
CA VAL O 455 -44.94 -59.77 36.57
C VAL O 455 -44.46 -59.01 37.80
N ALA O 456 -44.01 -57.77 37.61
CA ALA O 456 -43.56 -56.96 38.74
C ALA O 456 -44.72 -56.64 39.68
N ASN O 457 -45.91 -56.39 39.13
CA ASN O 457 -47.07 -56.06 39.95
C ASN O 457 -47.59 -57.24 40.75
N THR O 458 -47.05 -58.44 40.52
CA THR O 458 -47.38 -59.60 41.35
C THR O 458 -46.65 -59.58 42.68
N GLY O 459 -45.62 -58.73 42.83
CA GLY O 459 -44.87 -58.64 44.05
C GLY O 459 -43.66 -59.57 44.15
N THR O 460 -43.45 -60.42 43.15
CA THR O 460 -42.36 -61.39 43.20
C THR O 460 -41.05 -60.76 42.76
N THR O 461 -39.96 -61.23 43.37
CA THR O 461 -38.61 -60.87 42.96
C THR O 461 -38.06 -61.81 41.90
N ASP O 462 -38.83 -62.81 41.48
CA ASP O 462 -38.43 -63.79 40.50
C ASP O 462 -38.78 -63.39 39.06
N GLY O 463 -39.28 -62.16 38.87
CA GLY O 463 -39.76 -61.75 37.57
C GLY O 463 -38.76 -61.90 36.44
N ALA O 464 -37.47 -61.82 36.75
CA ALA O 464 -36.46 -62.02 35.72
C ALA O 464 -36.51 -63.44 35.16
N VAL O 465 -36.77 -64.42 36.03
CA VAL O 465 -36.88 -65.80 35.58
C VAL O 465 -38.13 -66.00 34.72
N VAL O 466 -39.22 -65.31 35.07
CA VAL O 466 -40.46 -65.45 34.31
C VAL O 466 -40.28 -64.93 32.89
N LEU O 467 -39.61 -63.78 32.75
CA LEU O 467 -39.40 -63.21 31.41
C LEU O 467 -38.55 -64.13 30.54
N GLU O 468 -37.61 -64.87 31.13
CA GLU O 468 -36.75 -65.74 30.35
C GLU O 468 -37.51 -66.92 29.76
N LYS O 469 -38.36 -67.56 30.56
CA LYS O 469 -39.11 -68.71 30.07
C LYS O 469 -40.09 -68.33 28.97
N VAL O 470 -40.63 -67.11 29.02
CA VAL O 470 -41.59 -66.68 28.00
C VAL O 470 -40.86 -66.41 26.68
N LYS O 471 -39.70 -65.75 26.74
CA LYS O 471 -38.96 -65.45 25.51
C LYS O 471 -38.43 -66.73 24.87
N ASN O 472 -37.99 -67.69 25.68
CA ASN O 472 -37.45 -68.93 25.14
C ASN O 472 -38.54 -69.82 24.55
N ALA O 473 -39.79 -69.68 25.00
CA ALA O 473 -40.89 -70.47 24.48
C ALA O 473 -41.35 -69.92 23.13
N GLU O 474 -42.39 -70.54 22.58
CA GLU O 474 -42.93 -70.15 21.28
C GLU O 474 -44.45 -70.08 21.34
N GLY O 475 -45.01 -69.28 20.44
CA GLY O 475 -46.46 -69.26 20.28
C GLY O 475 -47.15 -68.54 21.43
N ASP O 476 -48.28 -69.12 21.86
CA ASP O 476 -49.12 -68.53 22.89
C ASP O 476 -48.67 -68.88 24.30
N TYR O 477 -47.58 -69.63 24.45
CA TYR O 477 -47.07 -69.96 25.77
C TYR O 477 -46.57 -68.70 26.45
N GLY O 478 -47.05 -68.45 27.66
CA GLY O 478 -46.69 -67.27 28.41
C GLY O 478 -47.04 -67.44 29.87
N PHE O 479 -46.95 -66.33 30.59
CA PHE O 479 -47.26 -66.30 32.02
C PHE O 479 -48.62 -65.63 32.22
N ASN O 480 -49.49 -66.28 32.98
CA ASN O 480 -50.79 -65.73 33.33
C ASN O 480 -50.71 -65.20 34.75
N ALA O 481 -50.73 -63.88 34.90
CA ALA O 481 -50.53 -63.27 36.21
C ALA O 481 -51.71 -63.48 37.14
N ARG O 482 -52.87 -63.85 36.61
CA ARG O 482 -54.03 -64.07 37.47
C ARG O 482 -53.87 -65.34 38.30
N THR O 483 -53.61 -66.47 37.64
CA THR O 483 -53.42 -67.73 38.32
C THR O 483 -51.96 -68.04 38.62
N GLU O 484 -51.04 -67.19 38.15
CA GLU O 484 -49.60 -67.36 38.40
C GLU O 484 -49.12 -68.74 37.93
N GLN O 485 -49.47 -69.08 36.69
CA GLN O 485 -49.09 -70.35 36.09
C GLN O 485 -48.83 -70.15 34.61
N TYR O 486 -47.91 -70.94 34.07
CA TYR O 486 -47.62 -70.92 32.64
C TYR O 486 -48.62 -71.80 31.91
N GLU O 487 -49.15 -71.29 30.81
CA GLU O 487 -50.15 -72.01 30.02
C GLU O 487 -50.22 -71.39 28.64
N ASN O 488 -51.19 -71.83 27.84
CA ASN O 488 -51.45 -71.24 26.53
C ASN O 488 -52.47 -70.12 26.73
N LEU O 489 -52.05 -68.88 26.48
CA LEU O 489 -52.84 -67.73 26.89
C LEU O 489 -54.10 -67.57 26.05
N ILE O 490 -54.03 -67.92 24.75
CA ILE O 490 -55.22 -67.82 23.91
C ILE O 490 -56.27 -68.84 24.35
N GLU O 491 -55.84 -70.05 24.68
CA GLU O 491 -56.77 -71.06 25.16
C GLU O 491 -57.28 -70.78 26.57
N ALA O 492 -56.61 -69.90 27.31
CA ALA O 492 -57.02 -69.53 28.66
C ALA O 492 -57.87 -68.28 28.69
N GLY O 493 -58.13 -67.64 27.55
CA GLY O 493 -58.93 -66.43 27.50
C GLY O 493 -58.17 -65.15 27.62
N VAL O 494 -56.83 -65.19 27.65
CA VAL O 494 -56.02 -63.99 27.78
C VAL O 494 -55.66 -63.54 26.37
N VAL O 495 -56.25 -62.44 25.93
CA VAL O 495 -56.05 -61.93 24.57
C VAL O 495 -56.20 -60.42 24.60
N ASP O 496 -55.57 -59.76 23.63
CA ASP O 496 -55.70 -58.32 23.42
C ASP O 496 -56.07 -58.07 21.97
N PRO O 497 -56.89 -57.05 21.70
CA PRO O 497 -57.13 -56.65 20.31
C PRO O 497 -55.83 -56.18 19.66
N THR O 498 -55.62 -56.59 18.41
CA THR O 498 -54.41 -56.19 17.70
C THR O 498 -54.32 -54.67 17.55
N LYS O 499 -55.47 -54.01 17.40
CA LYS O 499 -55.48 -52.55 17.32
C LYS O 499 -54.95 -51.92 18.61
N VAL O 500 -55.22 -52.54 19.75
CA VAL O 500 -54.75 -52.02 21.02
C VAL O 500 -53.24 -52.13 21.12
N THR O 501 -52.71 -53.34 20.88
CA THR O 501 -51.28 -53.55 21.00
C THR O 501 -50.51 -52.76 19.95
N ARG O 502 -51.05 -52.66 18.74
CA ARG O 502 -50.38 -51.89 17.69
C ARG O 502 -50.33 -50.42 18.04
N SER O 503 -51.46 -49.84 18.45
CA SER O 503 -51.50 -48.41 18.76
C SER O 503 -50.63 -48.07 19.96
N ALA O 504 -50.52 -48.99 20.92
CA ALA O 504 -49.69 -48.74 22.09
C ALA O 504 -48.23 -48.53 21.70
N LEU O 505 -47.70 -49.40 20.84
CA LEU O 505 -46.31 -49.28 20.42
C LEU O 505 -46.11 -48.07 19.52
N GLU O 506 -47.04 -47.83 18.60
CA GLU O 506 -46.90 -46.71 17.68
C GLU O 506 -46.97 -45.37 18.39
N ASN O 507 -47.89 -45.24 19.36
CA ASN O 507 -48.00 -43.99 20.10
C ASN O 507 -46.79 -43.78 21.01
N ALA O 508 -46.36 -44.83 21.71
CA ALA O 508 -45.22 -44.71 22.62
C ALA O 508 -43.95 -44.31 21.87
N ALA O 509 -43.70 -44.96 20.73
CA ALA O 509 -42.51 -44.61 19.95
C ALA O 509 -42.62 -43.22 19.36
N SER O 510 -43.84 -42.76 19.08
CA SER O 510 -44.01 -41.43 18.50
C SER O 510 -43.71 -40.34 19.52
N VAL O 511 -44.27 -40.46 20.73
CA VAL O 511 -44.07 -39.42 21.74
C VAL O 511 -42.64 -39.45 22.27
N ALA O 512 -42.03 -40.63 22.38
CA ALA O 512 -40.66 -40.72 22.85
C ALA O 512 -39.67 -40.15 21.84
N SER O 513 -39.95 -40.33 20.55
CA SER O 513 -39.06 -39.77 19.53
C SER O 513 -39.13 -38.25 19.49
N ILE O 514 -40.34 -37.70 19.66
CA ILE O 514 -40.50 -36.25 19.68
C ILE O 514 -39.71 -35.64 20.83
N LEU O 515 -39.75 -36.30 22.00
CA LEU O 515 -39.00 -35.80 23.14
C LEU O 515 -37.50 -35.89 22.92
N LEU O 516 -37.03 -36.97 22.29
CA LEU O 516 -35.60 -37.13 22.04
C LEU O 516 -35.08 -36.07 21.06
N THR O 517 -35.92 -35.61 20.14
CA THR O 517 -35.54 -34.60 19.16
C THR O 517 -35.82 -33.18 19.65
N THR O 518 -36.24 -33.02 20.91
CA THR O 518 -36.58 -31.70 21.46
C THR O 518 -35.31 -31.03 21.98
N GLU O 519 -34.94 -29.91 21.38
CA GLU O 519 -33.78 -29.14 21.83
C GLU O 519 -34.13 -27.95 22.72
N ALA O 520 -35.42 -27.66 22.92
CA ALA O 520 -35.80 -26.51 23.73
C ALA O 520 -37.15 -26.75 24.38
N ALA O 521 -37.30 -26.28 25.61
CA ALA O 521 -38.57 -26.29 26.32
C ALA O 521 -38.84 -24.89 26.84
N ILE O 522 -39.90 -24.27 26.33
CA ILE O 522 -40.26 -22.89 26.68
C ILE O 522 -41.51 -22.94 27.56
N THR O 523 -41.44 -22.26 28.71
CA THR O 523 -42.57 -22.25 29.64
C THR O 523 -42.65 -20.90 30.32
N ASP O 524 -43.87 -20.53 30.72
CA ASP O 524 -44.11 -19.24 31.36
C ASP O 524 -43.46 -19.20 32.74
N VAL O 525 -43.23 -17.97 33.22
CA VAL O 525 -42.63 -17.75 34.53
C VAL O 525 -43.72 -17.75 35.59
N LYS O 526 -43.36 -17.41 36.82
CA LYS O 526 -44.32 -17.35 37.92
C LYS O 526 -44.43 -15.94 38.47
N THR P 2 -55.61 -29.86 39.28
CA THR P 2 -54.77 -29.54 40.44
C THR P 2 -53.53 -30.43 40.46
N ALA P 3 -52.37 -29.81 40.69
CA ALA P 3 -51.13 -30.58 40.79
C ALA P 3 -51.19 -31.51 41.99
N LYS P 4 -50.45 -32.61 41.90
CA LYS P 4 -50.52 -33.68 42.88
C LYS P 4 -49.14 -33.99 43.45
N ASP P 5 -49.16 -34.60 44.64
CA ASP P 5 -47.98 -35.18 45.26
C ASP P 5 -48.23 -36.68 45.42
N ILE P 6 -47.26 -37.49 45.02
CA ILE P 6 -47.42 -38.94 44.99
C ILE P 6 -46.41 -39.59 45.93
N LEU P 7 -46.88 -40.60 46.66
CA LEU P 7 -46.02 -41.45 47.48
C LEU P 7 -46.18 -42.89 47.03
N PHE P 8 -45.10 -43.66 47.12
CA PHE P 8 -45.07 -45.01 46.56
C PHE P 8 -44.70 -46.05 47.62
N ASP P 9 -45.23 -47.26 47.43
CA ASP P 9 -44.90 -48.47 48.18
C ASP P 9 -44.79 -48.25 49.69
N ALA P 10 -43.65 -48.63 50.27
CA ALA P 10 -43.51 -48.60 51.72
C ALA P 10 -43.63 -47.19 52.28
N GLU P 11 -43.24 -46.17 51.51
CA GLU P 11 -43.36 -44.80 51.99
C GLU P 11 -44.82 -44.39 52.11
N ALA P 12 -45.66 -44.84 51.17
CA ALA P 12 -47.08 -44.50 51.23
C ALA P 12 -47.82 -45.34 52.27
N ARG P 13 -47.51 -46.63 52.36
CA ARG P 13 -48.20 -47.49 53.32
C ARG P 13 -47.87 -47.11 54.76
N THR P 14 -46.65 -46.64 55.01
CA THR P 14 -46.29 -46.23 56.36
C THR P 14 -47.03 -44.96 56.77
N LYS P 15 -47.14 -44.00 55.84
CA LYS P 15 -47.88 -42.78 56.13
C LYS P 15 -49.36 -43.07 56.35
N LEU P 16 -49.95 -43.94 55.52
CA LEU P 16 -51.34 -44.33 55.72
C LEU P 16 -51.54 -45.01 57.07
N LYS P 17 -50.54 -45.75 57.55
CA LYS P 17 -50.64 -46.39 58.86
C LYS P 17 -50.73 -45.37 59.98
N VAL P 18 -50.07 -44.22 59.82
CA VAL P 18 -50.13 -43.18 60.85
C VAL P 18 -51.56 -42.72 61.08
N GLY P 19 -52.32 -42.55 60.00
CA GLY P 19 -53.72 -42.16 60.15
C GLY P 19 -54.59 -43.28 60.68
N VAL P 20 -54.31 -44.52 60.27
CA VAL P 20 -55.06 -45.65 60.79
C VAL P 20 -54.84 -45.79 62.29
N ASP P 21 -53.61 -45.57 62.74
CA ASP P 21 -53.32 -45.66 64.18
C ASP P 21 -53.98 -44.53 64.95
N LYS P 22 -53.96 -43.31 64.40
CA LYS P 22 -54.58 -42.19 65.08
C LYS P 22 -56.09 -42.40 65.23
N LEU P 23 -56.74 -42.91 64.19
CA LEU P 23 -58.16 -43.24 64.29
C LEU P 23 -58.39 -44.36 65.30
N ALA P 24 -57.61 -45.44 65.18
CA ALA P 24 -57.83 -46.62 66.03
C ALA P 24 -57.53 -46.30 67.49
N ASN P 25 -56.37 -45.69 67.76
CA ASN P 25 -56.00 -45.42 69.14
C ASN P 25 -56.98 -44.47 69.82
N ALA P 26 -57.68 -43.65 69.05
CA ALA P 26 -58.66 -42.73 69.63
C ALA P 26 -59.94 -43.46 70.02
N VAL P 27 -60.46 -44.30 69.12
CA VAL P 27 -61.74 -44.94 69.37
C VAL P 27 -61.62 -46.21 70.23
N LYS P 28 -60.44 -46.82 70.30
CA LYS P 28 -60.34 -48.13 70.94
C LYS P 28 -60.35 -48.04 72.46
N VAL P 29 -60.15 -46.85 73.03
CA VAL P 29 -60.25 -46.69 74.49
C VAL P 29 -61.69 -46.74 74.98
N THR P 30 -62.66 -46.66 74.06
CA THR P 30 -64.08 -46.74 74.41
C THR P 30 -64.65 -48.14 74.26
N LEU P 31 -63.85 -49.11 73.87
CA LEU P 31 -64.34 -50.46 73.58
C LEU P 31 -64.64 -51.22 74.87
N GLY P 32 -65.81 -51.84 74.93
CA GLY P 32 -66.19 -52.65 76.05
C GLY P 32 -66.89 -51.85 77.14
N PRO P 33 -67.40 -52.55 78.16
CA PRO P 33 -68.04 -51.86 79.29
C PRO P 33 -67.06 -51.03 80.11
N ALA P 34 -65.76 -51.32 80.04
CA ALA P 34 -64.74 -50.56 80.74
C ALA P 34 -64.22 -49.39 79.93
N GLY P 35 -64.82 -49.13 78.77
CA GLY P 35 -64.43 -48.03 77.91
C GLY P 35 -64.35 -46.71 78.64
N ARG P 36 -63.33 -45.91 78.34
CA ARG P 36 -63.05 -44.70 79.08
C ARG P 36 -63.48 -43.46 78.28
N ASN P 37 -63.31 -42.30 78.89
CA ASN P 37 -63.84 -41.05 78.35
C ASN P 37 -62.94 -40.50 77.25
N VAL P 38 -63.58 -39.82 76.29
CA VAL P 38 -62.89 -39.07 75.24
C VAL P 38 -63.54 -37.70 75.16
N LEU P 39 -62.74 -36.65 75.29
CA LEU P 39 -63.24 -35.28 75.26
C LEU P 39 -63.21 -34.75 73.83
N ILE P 40 -64.34 -34.24 73.36
CA ILE P 40 -64.47 -33.64 72.04
C ILE P 40 -64.67 -32.14 72.22
N ASP P 41 -63.73 -31.34 71.74
CA ASP P 41 -63.82 -29.89 71.87
C ASP P 41 -64.99 -29.35 71.07
N LYS P 42 -65.57 -28.26 71.57
CA LYS P 42 -66.68 -27.57 70.91
C LYS P 42 -66.24 -26.17 70.51
N LYS P 43 -66.95 -25.61 69.53
CA LYS P 43 -66.64 -24.27 69.06
C LYS P 43 -66.93 -23.22 70.13
N PHE P 44 -67.90 -23.49 71.00
CA PHE P 44 -68.23 -22.58 72.08
C PHE P 44 -68.76 -23.36 73.27
N GLY P 45 -68.50 -22.84 74.46
CA GLY P 45 -69.01 -23.45 75.67
C GLY P 45 -68.14 -24.61 76.15
N ALA P 46 -68.81 -25.61 76.74
CA ALA P 46 -68.14 -26.78 77.30
C ALA P 46 -67.98 -27.87 76.25
N PRO P 47 -66.94 -28.70 76.37
CA PRO P 47 -66.75 -29.79 75.42
C PRO P 47 -67.72 -30.94 75.63
N THR P 48 -67.50 -32.04 74.91
CA THR P 48 -68.38 -33.20 74.98
C THR P 48 -67.57 -34.41 75.45
N SER P 49 -68.04 -35.05 76.52
CA SER P 49 -67.49 -36.31 76.99
C SER P 49 -68.31 -37.45 76.40
N THR P 50 -67.62 -38.44 75.84
CA THR P 50 -68.31 -39.57 75.24
C THR P 50 -67.54 -40.85 75.48
N LYS P 51 -68.26 -41.90 75.87
CA LYS P 51 -67.73 -43.26 75.91
C LYS P 51 -68.10 -44.06 74.67
N ASP P 52 -68.76 -43.43 73.70
CA ASP P 52 -69.24 -44.12 72.50
C ASP P 52 -68.20 -43.98 71.38
N GLY P 53 -67.83 -45.13 70.80
CA GLY P 53 -66.78 -45.12 69.80
C GLY P 53 -67.22 -44.54 68.47
N VAL P 54 -68.51 -44.63 68.14
CA VAL P 54 -69.00 -44.07 66.89
C VAL P 54 -68.89 -42.55 66.90
N THR P 55 -69.27 -41.92 68.02
CA THR P 55 -69.16 -40.48 68.14
C THR P 55 -67.72 -40.01 67.96
N VAL P 56 -66.77 -40.72 68.56
CA VAL P 56 -65.36 -40.37 68.41
C VAL P 56 -64.92 -40.53 66.96
N ALA P 57 -65.38 -41.61 66.31
CA ALA P 57 -64.96 -41.87 64.94
C ALA P 57 -65.42 -40.76 63.99
N LYS P 58 -66.64 -40.26 64.18
CA LYS P 58 -67.16 -39.20 63.33
C LYS P 58 -66.33 -37.94 63.41
N GLU P 59 -65.59 -37.74 64.50
CA GLU P 59 -64.83 -36.53 64.73
C GLU P 59 -63.37 -36.63 64.29
N ILE P 60 -62.95 -37.76 63.73
CA ILE P 60 -61.54 -37.98 63.44
C ILE P 60 -61.24 -37.49 62.02
N GLU P 61 -60.47 -36.41 61.93
CA GLU P 61 -60.01 -35.87 60.66
C GLU P 61 -58.63 -35.29 60.87
N LEU P 62 -57.74 -35.51 59.92
CA LEU P 62 -56.33 -35.18 60.07
C LEU P 62 -55.90 -34.15 59.05
N VAL P 63 -54.83 -33.42 59.39
CA VAL P 63 -54.32 -32.38 58.49
C VAL P 63 -53.56 -33.00 57.32
N ASP P 64 -52.71 -33.99 57.60
CA ASP P 64 -51.93 -34.60 56.53
C ASP P 64 -52.84 -35.32 55.55
N PRO P 65 -52.72 -35.07 54.25
CA PRO P 65 -53.67 -35.68 53.30
C PRO P 65 -53.59 -37.20 53.26
N VAL P 66 -52.38 -37.76 53.33
CA VAL P 66 -52.24 -39.22 53.28
C VAL P 66 -52.67 -39.85 54.60
N GLU P 67 -52.27 -39.26 55.72
CA GLU P 67 -52.68 -39.77 57.02
C GLU P 67 -54.20 -39.75 57.15
N ASN P 68 -54.83 -38.62 56.83
CA ASN P 68 -56.29 -38.55 56.81
C ASN P 68 -56.88 -39.53 55.81
N MET P 69 -56.17 -39.79 54.71
CA MET P 69 -56.66 -40.71 53.69
C MET P 69 -56.83 -42.11 54.24
N GLY P 70 -55.83 -42.60 54.98
CA GLY P 70 -55.95 -43.92 55.58
C GLY P 70 -56.98 -43.98 56.69
N ALA P 71 -57.14 -42.88 57.44
CA ALA P 71 -58.10 -42.89 58.53
C ALA P 71 -59.53 -42.92 58.01
N GLN P 72 -59.79 -42.26 56.87
CA GLN P 72 -61.13 -42.28 56.31
C GLN P 72 -61.45 -43.63 55.68
N MET P 73 -60.42 -44.35 55.19
CA MET P 73 -60.63 -45.69 54.66
C MET P 73 -61.18 -46.62 55.73
N VAL P 74 -60.52 -46.67 56.89
CA VAL P 74 -61.00 -47.54 57.96
C VAL P 74 -62.34 -47.05 58.48
N ARG P 75 -62.53 -45.73 58.56
CA ARG P 75 -63.80 -45.19 59.05
C ARG P 75 -64.97 -45.67 58.19
N GLU P 76 -64.86 -45.50 56.87
CA GLU P 76 -65.96 -45.86 55.98
C GLU P 76 -66.25 -47.35 56.02
N VAL P 77 -65.20 -48.18 56.03
CA VAL P 77 -65.41 -49.62 56.00
C VAL P 77 -65.94 -50.13 57.33
N ALA P 78 -65.35 -49.66 58.44
CA ALA P 78 -65.82 -50.10 59.75
C ALA P 78 -67.24 -49.61 60.03
N SER P 79 -67.64 -48.49 59.42
CA SER P 79 -69.00 -47.99 59.63
C SER P 79 -70.05 -48.89 59.01
N LYS P 80 -69.67 -49.73 58.04
CA LYS P 80 -70.61 -50.69 57.47
C LYS P 80 -70.99 -51.80 58.44
N THR P 81 -70.32 -51.88 59.59
CA THR P 81 -70.66 -52.89 60.59
C THR P 81 -71.94 -52.53 61.34
N SER P 82 -71.92 -51.39 62.04
CA SER P 82 -73.10 -50.96 62.80
C SER P 82 -74.25 -50.52 61.90
N ASP P 83 -74.05 -50.46 60.58
CA ASP P 83 -75.15 -50.15 59.67
C ASP P 83 -76.10 -51.33 59.55
N VAL P 84 -75.63 -52.42 58.95
CA VAL P 84 -76.48 -53.60 58.76
C VAL P 84 -76.58 -54.40 60.05
N ALA P 85 -75.46 -54.59 60.74
CA ALA P 85 -75.48 -55.42 61.96
C ALA P 85 -75.99 -54.63 63.17
N GLY P 86 -75.56 -53.37 63.31
CA GLY P 86 -76.03 -52.51 64.38
C GLY P 86 -75.03 -52.29 65.51
N ASP P 87 -73.88 -52.96 65.48
CA ASP P 87 -72.91 -52.82 66.55
C ASP P 87 -71.54 -53.24 66.02
N GLY P 88 -70.49 -52.85 66.75
CA GLY P 88 -69.15 -53.32 66.46
C GLY P 88 -68.35 -52.51 65.47
N THR P 89 -68.63 -51.21 65.33
CA THR P 89 -67.79 -50.38 64.48
C THR P 89 -66.40 -50.22 65.08
N THR P 90 -66.31 -50.03 66.39
CA THR P 90 -65.02 -49.90 67.04
C THR P 90 -64.24 -51.20 66.99
N THR P 91 -64.93 -52.34 67.10
CA THR P 91 -64.26 -53.63 67.03
C THR P 91 -63.60 -53.83 65.67
N ALA P 92 -64.31 -53.51 64.59
CA ALA P 92 -63.72 -53.61 63.26
C ALA P 92 -62.51 -52.70 63.13
N THR P 93 -62.57 -51.51 63.75
CA THR P 93 -61.42 -50.60 63.71
C THR P 93 -60.22 -51.20 64.42
N VAL P 94 -60.44 -51.79 65.59
CA VAL P 94 -59.35 -52.44 66.33
C VAL P 94 -58.77 -53.59 65.51
N LEU P 95 -59.64 -54.41 64.92
CA LEU P 95 -59.15 -55.53 64.12
C LEU P 95 -58.40 -55.05 62.88
N ALA P 96 -58.90 -54.00 62.22
CA ALA P 96 -58.24 -53.49 61.02
C ALA P 96 -56.87 -52.91 61.35
N GLN P 97 -56.68 -52.44 62.58
CA GLN P 97 -55.36 -51.92 62.96
C GLN P 97 -54.37 -53.05 63.16
N ALA P 98 -54.78 -54.13 63.84
CA ALA P 98 -53.87 -55.24 64.10
C ALA P 98 -53.49 -55.96 62.83
N ILE P 99 -54.46 -56.19 61.94
CA ILE P 99 -54.17 -56.87 60.68
C ILE P 99 -53.21 -56.05 59.84
N TYR P 100 -53.43 -54.74 59.77
CA TYR P 100 -52.60 -53.88 58.94
C TYR P 100 -51.21 -53.69 59.55
N ARG P 101 -51.14 -53.60 60.88
CA ARG P 101 -49.84 -53.46 61.54
C ARG P 101 -48.97 -54.68 61.30
N GLU P 102 -49.47 -55.86 61.65
CA GLU P 102 -48.71 -57.09 61.47
C GLU P 102 -48.54 -57.41 59.99
N GLY P 103 -49.45 -56.95 59.14
CA GLY P 103 -49.27 -57.14 57.71
C GLY P 103 -48.07 -56.36 57.17
N LEU P 104 -47.97 -55.08 57.56
CA LEU P 104 -46.84 -54.27 57.11
C LEU P 104 -45.51 -54.79 57.64
N LYS P 105 -45.52 -55.35 58.86
CA LYS P 105 -44.28 -55.89 59.42
C LYS P 105 -43.71 -56.98 58.53
N ASN P 106 -44.57 -57.84 57.97
CA ASN P 106 -44.08 -58.91 57.12
C ASN P 106 -43.78 -58.42 55.70
N VAL P 107 -44.51 -57.41 55.22
CA VAL P 107 -44.17 -56.82 53.93
C VAL P 107 -42.76 -56.25 53.96
N THR P 108 -42.41 -55.57 55.06
CA THR P 108 -41.04 -55.10 55.23
C THR P 108 -40.06 -56.26 55.36
N ALA P 109 -40.50 -57.35 55.97
CA ALA P 109 -39.67 -58.55 56.11
C ALA P 109 -39.46 -59.29 54.80
N GLY P 110 -40.11 -58.87 53.71
CA GLY P 110 -39.96 -59.50 52.42
C GLY P 110 -41.16 -60.27 51.92
N ALA P 111 -42.21 -60.42 52.73
CA ALA P 111 -43.39 -61.16 52.31
C ALA P 111 -44.10 -60.44 51.17
N ARG P 112 -44.73 -61.23 50.30
CA ARG P 112 -45.49 -60.68 49.19
C ARG P 112 -46.83 -60.14 49.69
N PRO P 113 -47.18 -58.89 49.37
CA PRO P 113 -48.46 -58.35 49.85
C PRO P 113 -49.66 -59.10 49.31
N ILE P 114 -49.63 -59.52 48.04
CA ILE P 114 -50.79 -60.19 47.45
C ILE P 114 -50.96 -61.59 48.01
N ASP P 115 -49.86 -62.21 48.47
CA ASP P 115 -49.98 -63.51 49.12
C ASP P 115 -50.48 -63.36 50.55
N LEU P 116 -50.05 -62.32 51.25
CA LEU P 116 -50.59 -62.04 52.58
C LEU P 116 -52.10 -61.82 52.50
N LYS P 117 -52.56 -61.10 51.47
CA LYS P 117 -53.99 -60.91 51.29
C LYS P 117 -54.72 -62.23 51.10
N ARG P 118 -54.13 -63.14 50.31
CA ARG P 118 -54.74 -64.46 50.12
C ARG P 118 -54.82 -65.22 51.44
N GLY P 119 -53.78 -65.13 52.27
CA GLY P 119 -53.82 -65.76 53.57
C GLY P 119 -54.87 -65.16 54.49
N ILE P 120 -55.10 -63.84 54.37
CA ILE P 120 -56.13 -63.19 55.19
C ILE P 120 -57.51 -63.70 54.79
N ASP P 121 -57.79 -63.76 53.49
CA ASP P 121 -59.11 -64.13 53.01
C ASP P 121 -59.46 -65.56 53.39
N ARG P 122 -58.52 -66.50 53.20
CA ARG P 122 -58.79 -67.89 53.57
C ARG P 122 -58.98 -68.04 55.06
N ALA P 123 -58.23 -67.27 55.86
CA ALA P 123 -58.36 -67.35 57.31
C ALA P 123 -59.71 -66.81 57.78
N VAL P 124 -60.13 -65.66 57.24
CA VAL P 124 -61.40 -65.07 57.65
C VAL P 124 -62.57 -65.98 57.25
N LYS P 125 -62.48 -66.60 56.07
CA LYS P 125 -63.54 -67.52 55.65
C LYS P 125 -63.67 -68.68 56.62
N GLU P 126 -62.54 -69.17 57.15
CA GLU P 126 -62.58 -70.28 58.09
C GLU P 126 -62.97 -69.83 59.49
N VAL P 127 -62.59 -68.63 59.90
CA VAL P 127 -63.02 -68.11 61.19
C VAL P 127 -64.52 -67.83 61.18
N VAL P 128 -65.03 -67.25 60.10
CA VAL P 128 -66.46 -67.02 59.98
C VAL P 128 -67.20 -68.34 59.93
N ALA P 129 -66.65 -69.33 59.23
CA ALA P 129 -67.26 -70.66 59.19
C ALA P 129 -67.37 -71.25 60.59
N GLU P 130 -66.26 -71.26 61.33
CA GLU P 130 -66.29 -71.75 62.70
C GLU P 130 -67.15 -70.85 63.59
N LEU P 131 -67.26 -69.56 63.24
CA LEU P 131 -68.11 -68.66 64.00
C LEU P 131 -69.58 -69.03 63.86
N ARG P 132 -69.96 -69.62 62.72
CA ARG P 132 -71.34 -70.06 62.54
C ARG P 132 -71.65 -71.29 63.39
N ASN P 133 -70.66 -72.16 63.60
CA ASN P 133 -70.87 -73.34 64.44
C ASN P 133 -71.05 -72.95 65.91
N ILE P 134 -70.22 -72.01 66.40
CA ILE P 134 -70.31 -71.57 67.78
C ILE P 134 -71.63 -70.82 68.02
N SER P 135 -72.19 -70.22 66.97
CA SER P 135 -73.40 -69.43 67.12
C SER P 135 -74.59 -70.28 67.54
N ARG P 136 -75.46 -69.70 68.35
CA ARG P 136 -76.71 -70.32 68.78
C ARG P 136 -77.87 -69.60 68.12
N SER P 137 -78.72 -70.36 67.42
CA SER P 137 -79.84 -69.76 66.72
C SER P 137 -80.84 -69.16 67.71
N ILE P 138 -81.60 -68.18 67.21
CA ILE P 138 -82.62 -67.49 68.01
C ILE P 138 -83.96 -67.73 67.36
N SER P 139 -84.84 -68.45 68.05
CA SER P 139 -86.17 -68.76 67.55
C SER P 139 -87.12 -68.88 68.72
N GLY P 140 -88.38 -68.52 68.50
CA GLY P 140 -89.38 -68.62 69.55
C GLY P 140 -89.49 -67.35 70.37
N LYS P 141 -90.70 -67.13 70.90
CA LYS P 141 -90.97 -65.92 71.67
C LYS P 141 -90.18 -65.86 72.97
N LYS P 142 -89.76 -67.01 73.50
CA LYS P 142 -88.98 -67.02 74.73
C LYS P 142 -87.58 -66.46 74.50
N GLU P 143 -86.92 -66.92 73.44
CA GLU P 143 -85.55 -66.50 73.19
C GLU P 143 -85.50 -65.07 72.65
N ILE P 144 -86.47 -64.69 71.82
CA ILE P 144 -86.49 -63.35 71.26
C ILE P 144 -86.70 -62.31 72.36
N ALA P 145 -87.56 -62.62 73.33
CA ALA P 145 -87.77 -61.71 74.45
C ALA P 145 -86.51 -61.61 75.32
N GLN P 146 -85.83 -62.73 75.53
CA GLN P 146 -84.64 -62.72 76.38
C GLN P 146 -83.49 -61.95 75.73
N VAL P 147 -83.38 -61.99 74.41
CA VAL P 147 -82.33 -61.22 73.73
C VAL P 147 -82.68 -59.74 73.76
N GLY P 148 -83.94 -59.40 73.45
CA GLY P 148 -84.33 -58.00 73.50
C GLY P 148 -84.24 -57.41 74.89
N THR P 149 -84.37 -58.23 75.93
CA THR P 149 -84.21 -57.73 77.29
C THR P 149 -82.76 -57.33 77.55
N ILE P 150 -81.81 -58.12 77.07
CA ILE P 150 -80.40 -57.77 77.23
C ILE P 150 -80.07 -56.52 76.45
N SER P 151 -80.58 -56.42 75.21
CA SER P 151 -80.34 -55.24 74.39
C SER P 151 -81.03 -54.00 74.94
N ALA P 152 -82.04 -54.17 75.78
CA ALA P 152 -82.73 -53.07 76.45
C ALA P 152 -82.10 -52.72 77.79
N ASN P 153 -80.95 -53.32 78.12
CA ASN P 153 -80.27 -53.15 79.41
C ASN P 153 -81.16 -53.63 80.56
N ASN P 154 -81.38 -54.95 80.56
CA ASN P 154 -82.12 -55.64 81.62
C ASN P 154 -83.51 -55.06 81.81
N ASP P 155 -84.22 -54.88 80.70
CA ASP P 155 -85.61 -54.41 80.75
C ASP P 155 -86.53 -55.52 80.27
N PRO P 156 -87.28 -56.17 81.16
CA PRO P 156 -88.17 -57.25 80.71
C PRO P 156 -89.34 -56.75 79.86
N GLU P 157 -89.83 -55.54 80.14
CA GLU P 157 -91.00 -55.04 79.41
C GLU P 157 -90.67 -54.76 77.95
N ILE P 158 -89.47 -54.23 77.68
CA ILE P 158 -89.09 -53.96 76.30
C ILE P 158 -88.83 -55.26 75.55
N GLY P 159 -88.16 -56.21 76.20
CA GLY P 159 -87.91 -57.50 75.56
C GLY P 159 -89.19 -58.25 75.25
N GLU P 160 -90.16 -58.19 76.17
CA GLU P 160 -91.45 -58.82 75.91
C GLU P 160 -92.20 -58.10 74.80
N LEU P 161 -92.06 -56.78 74.74
CA LEU P 161 -92.72 -56.01 73.68
C LEU P 161 -92.11 -56.30 72.31
N ILE P 162 -90.81 -56.58 72.25
CA ILE P 162 -90.18 -56.91 70.97
C ILE P 162 -90.64 -58.29 70.50
N ALA P 163 -90.66 -59.27 71.40
CA ALA P 163 -91.05 -60.62 71.01
C ALA P 163 -92.51 -60.70 70.62
N GLU P 164 -93.38 -59.97 71.33
CA GLU P 164 -94.80 -59.95 70.96
C GLU P 164 -95.00 -59.27 69.61
N ALA P 165 -94.21 -58.25 69.31
CA ALA P 165 -94.30 -57.59 68.00
C ALA P 165 -93.83 -58.53 66.90
N MET P 166 -92.72 -59.24 67.13
CA MET P 166 -92.24 -60.20 66.14
C MET P 166 -93.12 -61.45 66.06
N ASP P 167 -93.96 -61.68 67.07
CA ASP P 167 -94.87 -62.82 67.03
C ASP P 167 -96.07 -62.53 66.13
N LYS P 168 -96.57 -61.30 66.13
CA LYS P 168 -97.72 -60.95 65.31
C LYS P 168 -97.33 -60.76 63.85
N VAL P 169 -96.27 -59.98 63.59
CA VAL P 169 -95.90 -59.65 62.22
C VAL P 169 -94.89 -60.62 61.62
N GLY P 170 -94.32 -61.51 62.42
CA GLY P 170 -93.31 -62.43 61.94
C GLY P 170 -91.89 -61.90 62.12
N LYS P 171 -90.92 -62.80 61.93
CA LYS P 171 -89.53 -62.42 62.12
C LYS P 171 -89.05 -61.48 61.03
N ASP P 172 -89.58 -61.61 59.81
CA ASP P 172 -89.22 -60.74 58.70
C ASP P 172 -90.19 -59.58 58.53
N GLY P 173 -91.17 -59.44 59.40
CA GLY P 173 -92.17 -58.40 59.26
C GLY P 173 -91.62 -57.01 59.53
N VAL P 174 -92.48 -56.02 59.28
CA VAL P 174 -92.12 -54.61 59.43
C VAL P 174 -92.51 -54.16 60.83
N ILE P 175 -91.53 -53.64 61.59
CA ILE P 175 -91.74 -53.14 62.93
C ILE P 175 -91.19 -51.72 63.00
N THR P 176 -92.04 -50.79 63.44
CA THR P 176 -91.65 -49.39 63.58
C THR P 176 -91.89 -48.94 65.02
N VAL P 177 -91.18 -47.89 65.42
CA VAL P 177 -91.24 -47.36 66.78
C VAL P 177 -91.73 -45.92 66.71
N GLU P 178 -92.77 -45.61 67.48
CA GLU P 178 -93.34 -44.27 67.53
C GLU P 178 -93.42 -43.82 68.99
N GLU P 179 -93.62 -42.51 69.16
CA GLU P 179 -93.77 -41.94 70.49
C GLU P 179 -95.21 -42.10 70.96
N ALA P 180 -95.40 -42.67 72.14
CA ALA P 180 -96.73 -42.88 72.68
C ALA P 180 -97.35 -41.56 73.15
N LYS P 181 -98.67 -41.55 73.22
CA LYS P 181 -99.40 -40.36 73.63
C LYS P 181 -99.42 -40.17 75.15
N GLY P 182 -98.94 -41.14 75.91
CA GLY P 182 -99.02 -41.04 77.36
C GLY P 182 -98.10 -42.04 78.03
N MET P 183 -98.33 -42.22 79.33
CA MET P 183 -97.48 -43.10 80.13
C MET P 183 -97.56 -44.55 79.64
N GLU P 184 -98.75 -44.99 79.25
CA GLU P 184 -98.94 -46.39 78.90
C GLU P 184 -98.21 -46.75 77.62
N THR P 185 -97.62 -47.95 77.60
CA THR P 185 -96.90 -48.48 76.44
C THR P 185 -97.72 -49.61 75.85
N GLU P 186 -98.06 -49.50 74.57
CA GLU P 186 -98.93 -50.47 73.92
C GLU P 186 -98.39 -50.80 72.54
N LEU P 187 -98.86 -51.94 72.01
CA LEU P 187 -98.52 -52.40 70.68
C LEU P 187 -99.75 -52.32 69.78
N LYS P 188 -99.55 -51.84 68.56
CA LYS P 188 -100.64 -51.68 67.59
C LYS P 188 -100.20 -52.24 66.25
N VAL P 189 -101.04 -53.10 65.67
CA VAL P 189 -100.78 -53.68 64.36
C VAL P 189 -101.77 -53.07 63.37
N VAL P 190 -101.24 -52.39 62.36
CA VAL P 190 -102.05 -51.66 61.40
C VAL P 190 -101.64 -52.08 59.99
N GLU P 191 -102.50 -51.74 59.02
CA GLU P 191 -102.23 -52.06 57.62
C GLU P 191 -101.04 -51.25 57.11
N GLY P 192 -100.17 -51.90 56.36
CA GLY P 192 -99.05 -51.20 55.76
C GLY P 192 -98.01 -52.11 55.12
N MET P 193 -97.16 -51.52 54.29
CA MET P 193 -96.09 -52.26 53.60
C MET P 193 -94.84 -51.39 53.56
N GLN P 194 -93.72 -52.02 53.20
CA GLN P 194 -92.45 -51.32 53.06
C GLN P 194 -91.72 -51.86 51.83
N PHE P 195 -91.22 -50.96 51.00
CA PHE P 195 -90.46 -51.32 49.82
C PHE P 195 -89.10 -50.65 49.85
N ASP P 196 -88.18 -51.16 49.02
CA ASP P 196 -86.78 -50.80 49.08
C ASP P 196 -86.44 -49.52 48.33
N ARG P 197 -87.42 -48.84 47.75
CA ARG P 197 -87.16 -47.57 47.08
C ARG P 197 -87.11 -46.43 48.08
N GLY P 198 -86.05 -45.63 48.04
CA GLY P 198 -85.88 -44.49 48.92
C GLY P 198 -86.13 -43.18 48.20
N TYR P 199 -85.78 -42.09 48.90
CA TYR P 199 -85.96 -40.76 48.33
C TYR P 199 -84.86 -40.44 47.33
N LEU P 200 -85.19 -39.56 46.38
CA LEU P 200 -84.21 -39.17 45.36
C LEU P 200 -83.24 -38.13 45.89
N SER P 201 -83.68 -37.23 46.77
CA SER P 201 -82.79 -36.22 47.30
C SER P 201 -82.75 -36.27 48.83
N PRO P 202 -81.58 -36.10 49.44
CA PRO P 202 -81.50 -36.12 50.90
C PRO P 202 -82.16 -34.92 51.56
N TYR P 203 -82.41 -33.84 50.83
CA TYR P 203 -82.97 -32.63 51.41
C TYR P 203 -84.43 -32.78 51.83
N PHE P 204 -85.08 -33.89 51.48
CA PHE P 204 -86.44 -34.14 51.91
C PHE P 204 -86.54 -34.58 53.37
N VAL P 205 -85.41 -34.81 54.04
CA VAL P 205 -85.44 -35.29 55.42
C VAL P 205 -86.08 -34.23 56.31
N THR P 206 -87.12 -34.63 57.04
CA THR P 206 -87.86 -33.71 57.87
C THR P 206 -87.34 -33.61 59.30
N ASN P 207 -86.52 -34.55 59.76
CA ASN P 207 -86.12 -34.60 61.16
C ASN P 207 -84.62 -34.83 61.31
N SER P 208 -83.92 -33.83 61.84
CA SER P 208 -82.59 -33.95 62.46
C SER P 208 -81.60 -34.78 61.67
N GLU P 209 -80.85 -35.63 62.39
CA GLU P 209 -79.81 -36.48 61.81
C GLU P 209 -80.29 -37.89 61.55
N THR P 210 -81.54 -38.23 61.87
CA THR P 210 -82.06 -39.56 61.59
C THR P 210 -82.12 -39.84 60.11
N MET P 211 -82.09 -38.81 59.27
CA MET P 211 -82.12 -38.93 57.82
C MET P 211 -83.33 -39.74 57.36
N GLU P 212 -84.51 -39.20 57.67
CA GLU P 212 -85.77 -39.78 57.24
C GLU P 212 -86.82 -38.68 57.17
N ALA P 213 -87.75 -38.83 56.23
CA ALA P 213 -88.84 -37.88 56.05
C ALA P 213 -90.09 -38.44 56.72
N GLU P 214 -90.54 -37.79 57.78
CA GLU P 214 -91.71 -38.20 58.52
C GLU P 214 -92.91 -37.37 58.09
N LEU P 215 -94.00 -38.04 57.71
CA LEU P 215 -95.19 -37.38 57.21
C LEU P 215 -96.40 -37.88 58.00
N ASP P 216 -97.06 -36.98 58.71
CA ASP P 216 -98.23 -37.31 59.52
C ASP P 216 -99.50 -37.02 58.73
N GLU P 217 -100.34 -38.04 58.57
CA GLU P 217 -101.54 -37.98 57.74
C GLU P 217 -101.20 -37.46 56.34
N ALA P 218 -100.35 -38.21 55.66
CA ALA P 218 -99.85 -37.81 54.36
C ALA P 218 -100.83 -38.16 53.24
N LEU P 219 -100.75 -37.42 52.15
CA LEU P 219 -101.42 -37.77 50.90
C LEU P 219 -100.41 -38.42 49.97
N ILE P 220 -100.84 -39.46 49.26
CA ILE P 220 -99.96 -40.25 48.42
C ILE P 220 -100.41 -40.15 46.97
N LEU P 221 -99.50 -39.78 46.10
CA LEU P 221 -99.75 -39.68 44.66
C LEU P 221 -99.12 -40.89 43.97
N ILE P 222 -99.94 -41.70 43.31
CA ILE P 222 -99.49 -42.91 42.63
C ILE P 222 -99.41 -42.60 41.14
N HIS P 223 -98.20 -42.62 40.59
CA HIS P 223 -97.98 -42.37 39.17
C HIS P 223 -97.11 -43.48 38.60
N ASP P 224 -97.48 -43.95 37.41
CA ASP P 224 -96.76 -45.05 36.76
C ASP P 224 -95.73 -44.58 35.75
N LYS P 225 -95.57 -43.27 35.58
CA LYS P 225 -94.67 -42.71 34.57
C LYS P 225 -93.63 -41.81 35.23
N LYS P 226 -92.76 -41.26 34.40
CA LYS P 226 -91.78 -40.28 34.85
C LYS P 226 -92.32 -38.88 34.62
N ILE P 227 -91.99 -37.97 35.54
CA ILE P 227 -92.47 -36.59 35.44
C ILE P 227 -91.37 -35.71 34.88
N SER P 228 -90.35 -35.42 35.71
CA SER P 228 -89.18 -34.64 35.32
C SER P 228 -89.53 -33.20 34.96
N ASN P 229 -90.82 -32.87 34.90
CA ASN P 229 -91.28 -31.54 34.56
C ASN P 229 -92.45 -31.18 35.47
N MET P 230 -92.45 -29.94 35.95
CA MET P 230 -93.49 -29.46 36.85
C MET P 230 -94.75 -29.03 36.13
N LYS P 231 -94.77 -29.11 34.80
CA LYS P 231 -95.94 -28.73 34.00
C LYS P 231 -97.18 -29.54 34.40
N GLU P 232 -97.15 -30.85 34.11
CA GLU P 232 -98.31 -31.70 34.40
C GLU P 232 -98.49 -31.95 35.89
N LEU P 233 -97.43 -31.85 36.69
CA LEU P 233 -97.51 -32.06 38.12
C LEU P 233 -97.97 -30.82 38.88
N LEU P 234 -98.14 -29.69 38.19
CA LEU P 234 -98.55 -28.46 38.89
C LEU P 234 -99.97 -28.56 39.44
N PRO P 235 -100.99 -28.91 38.66
CA PRO P 235 -102.36 -28.91 39.22
C PRO P 235 -102.56 -29.87 40.38
N ILE P 236 -101.73 -30.91 40.49
CA ILE P 236 -101.86 -31.85 41.60
C ILE P 236 -101.33 -31.25 42.89
N LEU P 237 -100.02 -30.95 42.92
CA LEU P 237 -99.40 -30.44 44.14
C LEU P 237 -100.02 -29.10 44.55
N GLU P 238 -100.37 -28.26 43.58
CA GLU P 238 -101.00 -26.98 43.92
C GLU P 238 -102.37 -27.18 44.55
N LYS P 239 -103.07 -28.25 44.18
CA LYS P 239 -104.36 -28.54 44.81
C LYS P 239 -104.15 -29.07 46.23
N ALA P 240 -103.25 -30.04 46.39
CA ALA P 240 -102.98 -30.61 47.71
C ALA P 240 -102.37 -29.60 48.66
N ALA P 241 -101.78 -28.52 48.15
CA ALA P 241 -101.23 -27.48 49.01
C ALA P 241 -102.31 -26.75 49.80
N GLN P 242 -103.56 -26.76 49.31
CA GLN P 242 -104.65 -26.15 50.06
C GLN P 242 -104.86 -26.86 51.39
N SER P 243 -104.76 -28.18 51.39
CA SER P 243 -104.84 -28.95 52.63
C SER P 243 -103.49 -28.93 53.34
N GLY P 244 -103.55 -28.93 54.67
CA GLY P 244 -102.35 -28.91 55.48
C GLY P 244 -101.61 -30.21 55.60
N ARG P 245 -101.99 -31.24 54.82
CA ARG P 245 -101.40 -32.57 54.86
C ARG P 245 -100.20 -32.65 53.92
N PRO P 246 -99.16 -33.39 54.31
CA PRO P 246 -98.00 -33.57 53.42
C PRO P 246 -98.35 -34.50 52.27
N LEU P 247 -97.50 -34.45 51.24
CA LEU P 247 -97.70 -35.21 50.02
C LEU P 247 -96.53 -36.14 49.78
N LEU P 248 -96.83 -37.38 49.42
CA LEU P 248 -95.83 -38.37 49.02
C LEU P 248 -96.08 -38.72 47.56
N ILE P 249 -95.10 -38.45 46.70
CA ILE P 249 -95.22 -38.69 45.27
C ILE P 249 -94.45 -39.95 44.93
N ILE P 250 -95.16 -40.97 44.45
CA ILE P 250 -94.56 -42.22 44.00
C ILE P 250 -94.72 -42.28 42.49
N ALA P 251 -93.61 -42.19 41.77
CA ALA P 251 -93.62 -42.27 40.31
C ALA P 251 -92.47 -43.16 39.87
N GLU P 252 -92.36 -43.38 38.56
CA GLU P 252 -91.24 -44.13 38.02
C GLU P 252 -89.92 -43.43 38.30
N ASP P 253 -89.79 -42.20 37.82
CA ASP P 253 -88.67 -41.34 38.19
C ASP P 253 -89.17 -39.91 38.29
N ILE P 254 -88.85 -39.24 39.40
CA ILE P 254 -89.23 -37.84 39.59
C ILE P 254 -88.13 -36.89 39.14
N GLU P 255 -86.96 -37.40 38.77
CA GLU P 255 -85.85 -36.56 38.31
C GLU P 255 -86.18 -35.87 36.99
N GLU P 257 -85.37 -32.05 36.39
CA GLU P 257 -85.72 -30.64 36.51
C GLU P 257 -86.73 -30.42 37.62
N ALA P 258 -87.87 -31.13 37.53
CA ALA P 258 -88.90 -31.00 38.56
C ALA P 258 -88.46 -31.57 39.90
N LEU P 259 -87.45 -32.43 39.91
CA LEU P 259 -86.92 -32.95 41.17
C LEU P 259 -86.32 -31.83 42.02
N ALA P 260 -85.66 -30.86 41.37
CA ALA P 260 -85.11 -29.74 42.12
C ALA P 260 -86.19 -28.75 42.51
N THR P 261 -87.29 -28.70 41.76
CA THR P 261 -88.40 -27.80 42.10
C THR P 261 -89.05 -28.21 43.43
N LEU P 262 -89.13 -29.51 43.69
CA LEU P 262 -89.68 -29.98 44.96
C LEU P 262 -88.73 -29.73 46.11
N VAL P 263 -87.43 -29.54 45.84
CA VAL P 263 -86.47 -29.31 46.91
C VAL P 263 -86.58 -27.89 47.45
N VAL P 264 -86.68 -26.90 46.55
CA VAL P 264 -86.80 -25.52 47.00
C VAL P 264 -88.14 -25.29 47.67
N ASN P 265 -89.17 -26.04 47.27
CA ASN P 265 -90.46 -25.95 47.95
C ASN P 265 -90.43 -26.67 49.30
N LYS P 266 -89.61 -27.72 49.42
CA LYS P 266 -89.45 -28.40 50.69
C LYS P 266 -88.56 -27.60 51.66
N LEU P 267 -87.55 -26.91 51.11
CA LEU P 267 -86.54 -26.29 51.96
C LEU P 267 -87.16 -25.22 52.87
N ARG P 268 -87.75 -24.19 52.29
CA ARG P 268 -88.35 -23.12 53.08
C ARG P 268 -89.86 -23.04 52.82
N GLY P 269 -90.64 -23.53 53.78
CA GLY P 269 -92.00 -23.09 54.03
C GLY P 269 -93.04 -23.22 52.94
N THR P 270 -92.68 -23.74 51.77
CA THR P 270 -93.68 -23.80 50.69
C THR P 270 -94.60 -25.00 50.84
N LEU P 271 -94.04 -26.19 51.04
CA LEU P 271 -94.83 -27.40 51.21
C LEU P 271 -93.96 -28.47 51.86
N LYS P 272 -94.61 -29.48 52.42
CA LYS P 272 -93.95 -30.68 52.92
C LYS P 272 -94.25 -31.81 51.96
N VAL P 273 -93.23 -32.24 51.20
CA VAL P 273 -93.39 -33.25 50.17
C VAL P 273 -92.22 -34.21 50.22
N ALA P 274 -92.37 -35.34 49.54
CA ALA P 274 -91.32 -36.33 49.40
C ALA P 274 -91.50 -37.05 48.07
N ALA P 275 -90.37 -37.44 47.48
CA ALA P 275 -90.37 -38.10 46.17
C ALA P 275 -89.65 -39.43 46.30
N VAL P 276 -90.34 -40.52 45.95
CA VAL P 276 -89.81 -41.87 46.03
C VAL P 276 -90.07 -42.58 44.70
N LYS P 277 -89.07 -43.30 44.22
CA LYS P 277 -89.22 -44.07 42.99
C LYS P 277 -90.21 -45.22 43.19
N ALA P 278 -90.79 -45.66 42.08
CA ALA P 278 -91.79 -46.73 42.14
C ALA P 278 -91.11 -48.06 42.45
N PRO P 279 -91.72 -48.89 43.31
CA PRO P 279 -91.13 -50.20 43.58
C PRO P 279 -91.29 -51.15 42.41
N GLY P 280 -90.37 -52.11 42.33
CA GLY P 280 -90.36 -53.05 41.22
C GLY P 280 -89.66 -52.49 39.99
N PHE P 281 -89.55 -53.33 38.98
CA PHE P 281 -88.88 -52.96 37.75
C PHE P 281 -89.75 -53.23 36.52
N GLY P 282 -90.05 -54.49 36.28
CA GLY P 282 -90.80 -54.91 35.10
C GLY P 282 -92.30 -54.81 35.28
N ASP P 283 -93.02 -55.70 34.60
CA ASP P 283 -94.47 -55.72 34.69
C ASP P 283 -94.97 -55.89 36.12
N ARG P 284 -94.13 -56.40 37.02
CA ARG P 284 -94.50 -56.47 38.44
C ARG P 284 -94.68 -55.09 39.05
N ARG P 285 -94.08 -54.04 38.47
CA ARG P 285 -94.24 -52.70 39.01
C ARG P 285 -95.68 -52.21 38.87
N LYS P 286 -96.34 -52.55 37.77
CA LYS P 286 -97.72 -52.13 37.57
C LYS P 286 -98.63 -52.74 38.63
N ALA P 287 -98.36 -53.98 39.05
CA ALA P 287 -99.18 -54.62 40.06
C ALA P 287 -98.85 -54.11 41.46
N MET P 288 -97.58 -53.82 41.73
CA MET P 288 -97.21 -53.31 43.04
C MET P 288 -97.76 -51.90 43.28
N LEU P 289 -97.92 -51.11 42.22
CA LEU P 289 -98.58 -49.82 42.37
C LEU P 289 -100.04 -49.98 42.74
N GLU P 290 -100.68 -51.06 42.29
CA GLU P 290 -102.06 -51.33 42.68
C GLU P 290 -102.13 -51.79 44.14
N ASP P 291 -101.12 -52.51 44.62
CA ASP P 291 -101.10 -52.92 46.02
C ASP P 291 -101.02 -51.72 46.94
N ILE P 292 -100.24 -50.70 46.55
CA ILE P 292 -100.11 -49.50 47.38
C ILE P 292 -101.39 -48.68 47.32
N ALA P 293 -102.00 -48.59 46.14
CA ALA P 293 -103.23 -47.79 46.00
C ALA P 293 -104.36 -48.38 46.82
N ILE P 294 -104.54 -49.70 46.75
CA ILE P 294 -105.60 -50.35 47.53
C ILE P 294 -105.31 -50.24 49.02
N LEU P 295 -104.02 -50.32 49.40
CA LEU P 295 -103.66 -50.21 50.80
C LEU P 295 -103.93 -48.82 51.34
N THR P 296 -103.63 -47.79 50.56
CA THR P 296 -103.81 -46.40 50.98
C THR P 296 -105.14 -45.80 50.57
N GLY P 297 -105.96 -46.53 49.82
CA GLY P 297 -107.25 -46.05 49.39
C GLY P 297 -107.27 -45.25 48.10
N GLY P 298 -106.11 -44.77 47.65
CA GLY P 298 -106.04 -44.02 46.42
C GLY P 298 -106.15 -44.90 45.19
N THR P 299 -106.02 -44.26 44.03
CA THR P 299 -106.07 -44.94 42.75
C THR P 299 -104.79 -44.66 41.96
N VAL P 300 -104.39 -45.64 41.16
CA VAL P 300 -103.19 -45.50 40.34
C VAL P 300 -103.51 -44.63 39.14
N ILE P 301 -102.68 -43.62 38.90
CA ILE P 301 -102.82 -42.76 37.73
C ILE P 301 -101.90 -43.33 36.65
N SER P 302 -102.49 -43.87 35.59
CA SER P 302 -101.75 -44.57 34.55
C SER P 302 -102.22 -44.10 33.18
N GLU P 303 -101.27 -43.83 32.29
CA GLU P 303 -101.61 -43.49 30.92
C GLU P 303 -101.98 -44.72 30.09
N GLU P 304 -101.81 -45.92 30.64
CA GLU P 304 -102.20 -47.13 29.92
C GLU P 304 -103.70 -47.17 29.64
N LYS P 305 -104.50 -46.45 30.43
CA LYS P 305 -105.94 -46.30 30.24
C LYS P 305 -106.45 -45.38 31.34
N GLY P 306 -107.63 -44.80 31.11
CA GLY P 306 -108.26 -43.98 32.12
C GLY P 306 -107.55 -42.68 32.44
N TYR P 307 -107.19 -42.52 33.72
CA TYR P 307 -106.75 -41.25 34.26
C TYR P 307 -105.46 -40.75 33.61
N LYS P 308 -105.26 -39.44 33.68
CA LYS P 308 -104.06 -38.78 33.22
C LYS P 308 -103.46 -37.97 34.37
N LEU P 309 -102.18 -37.59 34.19
CA LEU P 309 -101.48 -36.88 35.27
C LEU P 309 -102.15 -35.55 35.57
N GLU P 310 -102.50 -34.80 34.53
CA GLU P 310 -103.26 -33.58 34.73
C GLU P 310 -104.70 -33.91 35.08
N ASN P 311 -105.39 -32.93 35.68
CA ASN P 311 -106.79 -33.01 36.08
C ASN P 311 -107.04 -33.95 37.25
N ALA P 312 -106.00 -34.62 37.76
CA ALA P 312 -106.16 -35.56 38.86
C ALA P 312 -106.78 -34.88 40.07
N THR P 313 -107.80 -35.52 40.64
CA THR P 313 -108.56 -34.93 41.75
C THR P 313 -108.01 -35.44 43.08
N MET P 314 -108.70 -35.12 44.18
CA MET P 314 -108.27 -35.55 45.50
C MET P 314 -108.61 -37.01 45.77
N ALA P 315 -109.70 -37.51 45.21
CA ALA P 315 -110.10 -38.89 45.43
C ALA P 315 -109.08 -39.87 44.87
N TYR P 316 -108.21 -39.42 43.97
CA TYR P 316 -107.17 -40.29 43.42
C TYR P 316 -105.96 -40.42 44.34
N LEU P 317 -105.88 -39.61 45.40
CA LEU P 317 -104.74 -39.63 46.30
C LEU P 317 -104.97 -40.60 47.45
N GLY P 318 -103.93 -41.35 47.79
CA GLY P 318 -104.01 -42.24 48.93
C GLY P 318 -103.77 -41.53 50.25
N GLN P 319 -104.15 -42.20 51.34
CA GLN P 319 -104.01 -41.65 52.67
C GLN P 319 -103.35 -42.66 53.59
N ALA P 320 -102.45 -42.16 54.45
CA ALA P 320 -101.77 -43.00 55.42
C ALA P 320 -101.44 -42.15 56.64
N ALA P 321 -101.41 -42.79 57.81
CA ALA P 321 -101.20 -42.07 59.05
C ALA P 321 -99.77 -41.53 59.15
N ARG P 322 -98.79 -42.40 58.99
CA ARG P 322 -97.39 -42.00 59.08
C ARG P 322 -96.59 -42.66 57.97
N ILE P 323 -95.71 -41.89 57.34
CA ILE P 323 -94.82 -42.39 56.30
C ILE P 323 -93.40 -41.93 56.61
N THR P 324 -92.47 -42.87 56.65
CA THR P 324 -91.06 -42.58 56.93
C THR P 324 -90.22 -43.10 55.77
N ILE P 325 -89.44 -42.22 55.16
CA ILE P 325 -88.59 -42.57 54.02
C ILE P 325 -87.14 -42.31 54.43
N ASP P 326 -86.37 -43.37 54.61
CA ASP P 326 -84.95 -43.25 54.92
C ASP P 326 -84.15 -43.33 53.61
N LYS P 327 -82.83 -43.47 53.73
CA LYS P 327 -81.97 -43.56 52.55
C LYS P 327 -82.33 -44.77 51.67
N ASP P 328 -83.05 -45.74 52.21
CA ASP P 328 -83.31 -46.99 51.48
C ASP P 328 -84.80 -47.30 51.40
N ASN P 329 -85.44 -47.55 52.54
CA ASN P 329 -86.78 -48.09 52.58
C ASN P 329 -87.83 -47.00 52.86
N THR P 330 -88.99 -47.17 52.24
CA THR P 330 -90.15 -46.31 52.48
C THR P 330 -91.22 -47.14 53.19
N THR P 331 -91.64 -46.68 54.37
CA THR P 331 -92.60 -47.40 55.20
C THR P 331 -93.92 -46.65 55.23
N ILE P 332 -95.01 -47.36 54.96
CA ILE P 332 -96.36 -46.81 55.02
C ILE P 332 -97.05 -47.43 56.23
N VAL P 333 -97.47 -46.58 57.17
CA VAL P 333 -98.06 -47.01 58.43
C VAL P 333 -99.53 -46.62 58.43
N GLU P 334 -100.40 -47.59 58.70
CA GLU P 334 -101.85 -47.37 58.83
C GLU P 334 -102.43 -46.79 57.54
N GLY P 335 -102.43 -47.63 56.51
CA GLY P 335 -103.05 -47.24 55.25
C GLY P 335 -104.56 -47.15 55.39
N LYS P 336 -105.12 -46.10 54.78
CA LYS P 336 -106.54 -45.79 54.93
C LYS P 336 -107.43 -46.53 53.95
N GLY P 337 -106.87 -47.41 53.13
CA GLY P 337 -107.69 -48.20 52.23
C GLY P 337 -108.69 -49.07 52.97
N LYS P 338 -109.75 -49.44 52.26
CA LYS P 338 -110.82 -50.23 52.86
C LYS P 338 -110.32 -51.61 53.26
N GLN P 339 -110.79 -52.09 54.40
CA GLN P 339 -110.38 -53.41 54.89
C GLN P 339 -110.85 -54.51 53.96
N GLU P 340 -112.07 -54.40 53.44
CA GLU P 340 -112.57 -55.41 52.51
C GLU P 340 -111.85 -55.34 51.17
N GLU P 341 -111.38 -54.16 50.78
CA GLU P 341 -110.67 -54.02 49.51
C GLU P 341 -109.27 -54.64 49.60
N ILE P 342 -108.61 -54.49 50.75
CA ILE P 342 -107.30 -55.08 50.92
C ILE P 342 -107.39 -56.60 50.99
N LYS P 343 -108.36 -57.12 51.72
CA LYS P 343 -108.54 -58.57 51.81
C LYS P 343 -108.94 -59.16 50.47
N ALA P 344 -109.60 -58.38 49.61
CA ALA P 344 -109.99 -58.89 48.29
C ALA P 344 -108.78 -59.17 47.42
N ARG P 345 -107.77 -58.30 47.46
CA ARG P 345 -106.57 -58.52 46.67
C ARG P 345 -105.68 -59.59 47.29
N ILE P 346 -105.69 -59.72 48.61
CA ILE P 346 -104.95 -60.80 49.25
C ILE P 346 -105.47 -62.15 48.79
N ASN P 347 -106.80 -62.27 48.67
CA ASN P 347 -107.37 -63.49 48.09
C ASN P 347 -107.05 -63.60 46.60
N GLU P 348 -107.00 -62.45 45.90
CA GLU P 348 -106.69 -62.48 44.47
C GLU P 348 -105.27 -62.94 44.23
N ILE P 349 -104.33 -62.54 45.11
CA ILE P 349 -102.94 -62.94 44.94
C ILE P 349 -102.77 -64.44 45.24
N LYS P 350 -103.43 -64.93 46.29
CA LYS P 350 -103.32 -66.34 46.64
C LYS P 350 -103.89 -67.23 45.53
N GLY P 351 -104.93 -66.77 44.83
CA GLY P 351 -105.48 -67.54 43.73
C GLY P 351 -104.53 -67.66 42.56
N GLN P 352 -103.71 -66.63 42.34
CA GLN P 352 -102.73 -66.67 41.24
C GLN P 352 -101.51 -67.52 41.57
N ILE P 353 -101.24 -67.78 42.84
CA ILE P 353 -100.10 -68.62 43.20
C ILE P 353 -100.37 -70.07 42.82
N GLU P 354 -101.60 -70.55 43.08
CA GLU P 354 -101.94 -71.93 42.75
C GLU P 354 -102.07 -72.16 41.25
N LYS P 355 -102.29 -71.09 40.47
CA LYS P 355 -102.43 -71.22 39.02
C LYS P 355 -101.08 -71.10 38.31
N SER P 356 -100.42 -69.95 38.46
CA SER P 356 -99.16 -69.71 37.77
C SER P 356 -98.13 -70.78 38.13
N THR P 357 -97.41 -71.25 37.10
CA THR P 357 -96.42 -72.31 37.25
C THR P 357 -95.04 -71.73 36.95
N SER P 358 -94.20 -71.65 37.97
CA SER P 358 -92.83 -71.16 37.81
C SER P 358 -91.96 -71.57 38.98
N ASP P 361 -90.43 -66.10 40.03
CA ASP P 361 -91.71 -65.57 39.58
C ASP P 361 -92.83 -65.92 40.56
N THR P 362 -92.95 -67.21 40.88
CA THR P 362 -93.97 -67.63 41.84
C THR P 362 -93.61 -67.19 43.24
N GLU P 363 -92.35 -67.39 43.65
CA GLU P 363 -91.92 -66.89 44.95
C GLU P 363 -91.87 -65.37 44.98
N LYS P 364 -91.68 -64.74 43.83
CA LYS P 364 -91.73 -63.28 43.76
C LYS P 364 -93.17 -62.77 43.79
N LEU P 365 -94.13 -63.59 43.36
CA LEU P 365 -95.53 -63.20 43.41
C LEU P 365 -96.07 -63.25 44.83
N GLN P 366 -95.59 -64.19 45.65
CA GLN P 366 -95.98 -64.25 47.05
C GLN P 366 -95.14 -63.34 47.93
N GLU P 367 -94.16 -62.62 47.36
CA GLU P 367 -93.37 -61.68 48.15
C GLU P 367 -94.18 -60.45 48.51
N ARG P 368 -94.88 -59.87 47.52
CA ARG P 368 -95.77 -58.75 47.81
C ARG P 368 -97.04 -59.18 48.53
N LEU P 369 -97.32 -60.47 48.58
CA LEU P 369 -98.44 -60.96 49.40
C LEU P 369 -98.09 -60.86 50.88
N ALA P 370 -96.84 -61.17 51.24
CA ALA P 370 -96.44 -61.08 52.64
C ALA P 370 -96.38 -59.64 53.12
N LYS P 371 -96.05 -58.70 52.23
CA LYS P 371 -96.04 -57.29 52.62
C LYS P 371 -97.47 -56.77 52.78
N LEU P 372 -98.40 -57.25 51.96
CA LEU P 372 -99.77 -56.74 52.01
C LEU P 372 -100.52 -57.31 53.22
N SER P 373 -100.40 -58.61 53.44
CA SER P 373 -101.08 -59.27 54.56
C SER P 373 -100.30 -59.18 55.87
N GLY P 374 -99.01 -58.83 55.81
CA GLY P 374 -98.22 -58.76 57.03
C GLY P 374 -98.47 -57.52 57.85
N GLY P 375 -98.78 -56.41 57.21
CA GLY P 375 -99.01 -55.18 57.93
C GLY P 375 -97.74 -54.59 58.51
N VAL P 376 -97.94 -53.66 59.44
CA VAL P 376 -96.85 -52.96 60.11
C VAL P 376 -97.12 -52.95 61.61
N ALA P 377 -96.20 -53.50 62.38
CA ALA P 377 -96.30 -53.45 63.83
C ALA P 377 -95.77 -52.12 64.34
N VAL P 378 -96.57 -51.44 65.16
CA VAL P 378 -96.24 -50.11 65.67
C VAL P 378 -96.01 -50.22 67.17
N LEU P 379 -94.86 -49.74 67.62
CA LEU P 379 -94.49 -49.75 69.04
C LEU P 379 -94.57 -48.33 69.57
N LYS P 380 -95.53 -48.07 70.45
CA LYS P 380 -95.68 -46.78 71.10
C LYS P 380 -95.01 -46.85 72.47
N ILE P 381 -93.95 -46.08 72.66
CA ILE P 381 -93.13 -46.13 73.86
C ILE P 381 -93.49 -44.93 74.72
N GLY P 382 -94.13 -45.19 75.87
CA GLY P 382 -94.52 -44.13 76.78
C GLY P 382 -93.62 -44.06 78.01
N ALA P 383 -93.80 -42.98 78.76
CA ALA P 383 -93.06 -42.74 80.01
C ALA P 383 -93.77 -41.62 80.75
N SER P 384 -93.18 -41.18 81.87
CA SER P 384 -93.76 -40.12 82.67
C SER P 384 -93.42 -38.74 82.10
N THR P 385 -92.14 -38.37 82.15
CA THR P 385 -91.69 -37.09 81.64
C THR P 385 -91.21 -37.23 80.19
N GLU P 386 -90.81 -36.10 79.61
CA GLU P 386 -90.40 -36.10 78.21
C GLU P 386 -88.99 -36.67 78.02
N VAL P 387 -88.10 -36.41 78.98
CA VAL P 387 -86.75 -36.95 78.88
C VAL P 387 -86.76 -38.47 79.00
N GLU P 388 -87.67 -39.02 79.81
CA GLU P 388 -87.76 -40.46 79.95
C GLU P 388 -88.35 -41.12 78.70
N MET P 389 -89.28 -40.45 78.04
CA MET P 389 -89.93 -41.04 76.87
C MET P 389 -88.99 -41.08 75.68
N LYS P 390 -88.23 -40.01 75.45
CA LYS P 390 -87.34 -39.97 74.29
C LYS P 390 -86.09 -40.82 74.50
N GLU P 391 -85.57 -40.88 75.73
CA GLU P 391 -84.41 -41.71 75.99
C GLU P 391 -84.76 -43.19 75.98
N LYS P 392 -85.99 -43.55 76.36
CA LYS P 392 -86.40 -44.95 76.31
C LYS P 392 -86.74 -45.38 74.90
N LYS P 393 -87.33 -44.48 74.10
CA LYS P 393 -87.62 -44.80 72.71
C LYS P 393 -86.36 -45.13 71.95
N ALA P 394 -85.27 -44.40 72.21
CA ALA P 394 -83.99 -44.74 71.60
C ALA P 394 -83.48 -46.08 72.08
N ARG P 395 -83.78 -46.45 73.33
CA ARG P 395 -83.38 -47.75 73.83
C ARG P 395 -84.17 -48.88 73.19
N VAL P 396 -85.42 -48.62 72.81
CA VAL P 396 -86.24 -49.65 72.20
C VAL P 396 -85.79 -49.91 70.76
N GLU P 397 -85.61 -48.84 69.98
CA GLU P 397 -85.19 -49.01 68.59
C GLU P 397 -83.78 -49.57 68.49
N ASP P 398 -82.92 -49.29 69.47
CA ASP P 398 -81.62 -49.94 69.50
C ASP P 398 -81.75 -51.41 69.85
N ALA P 399 -82.58 -51.73 70.84
CA ALA P 399 -82.81 -53.13 71.19
C ALA P 399 -83.54 -53.87 70.07
N LEU P 400 -84.39 -53.18 69.32
CA LEU P 400 -85.06 -53.81 68.19
C LEU P 400 -84.07 -54.18 67.11
N HIS P 401 -83.11 -53.30 66.82
CA HIS P 401 -82.12 -53.59 65.79
C HIS P 401 -81.20 -54.73 66.20
N ALA P 402 -80.88 -54.81 67.50
CA ALA P 402 -80.03 -55.91 67.98
C ALA P 402 -80.77 -57.23 67.91
N THR P 403 -82.07 -57.23 68.23
CA THR P 403 -82.85 -58.46 68.14
C THR P 403 -83.03 -58.91 66.70
N ARG P 404 -83.13 -57.98 65.75
CA ARG P 404 -83.19 -58.34 64.34
C ARG P 404 -81.95 -59.13 63.93
N ALA P 405 -80.76 -58.60 64.23
CA ALA P 405 -79.53 -59.30 63.88
C ALA P 405 -79.37 -60.59 64.66
N ALA P 406 -79.94 -60.66 65.87
CA ALA P 406 -79.84 -61.87 66.67
C ALA P 406 -80.66 -63.01 66.05
N VAL P 407 -81.79 -62.69 65.43
CA VAL P 407 -82.61 -63.72 64.81
C VAL P 407 -81.97 -64.22 63.52
N GLN P 408 -81.47 -63.31 62.69
CA GLN P 408 -80.90 -63.66 61.40
C GLN P 408 -79.72 -64.63 61.52
N GLU P 409 -78.59 -64.15 62.04
CA GLU P 409 -77.36 -64.93 62.05
C GLU P 409 -77.08 -65.63 63.38
N GLY P 410 -77.91 -65.42 64.40
CA GLY P 410 -77.72 -66.09 65.67
C GLY P 410 -77.02 -65.22 66.70
N ILE P 411 -76.56 -65.90 67.76
CA ILE P 411 -75.96 -65.26 68.91
C ILE P 411 -74.66 -65.98 69.26
N VAL P 412 -73.58 -65.22 69.47
CA VAL P 412 -72.33 -65.77 69.96
C VAL P 412 -72.02 -65.15 71.32
N VAL P 413 -70.90 -65.55 71.91
CA VAL P 413 -70.51 -65.09 73.24
C VAL P 413 -69.79 -63.76 73.11
N GLY P 414 -70.10 -62.82 73.99
CA GLY P 414 -69.54 -61.48 73.93
C GLY P 414 -68.16 -61.38 74.56
N GLY P 415 -67.82 -60.15 74.93
CA GLY P 415 -66.53 -59.90 75.56
C GLY P 415 -65.33 -60.22 74.70
N GLY P 416 -65.50 -60.30 73.38
CA GLY P 416 -64.40 -60.67 72.50
C GLY P 416 -64.00 -62.13 72.57
N VAL P 417 -64.78 -62.97 73.22
CA VAL P 417 -64.42 -64.38 73.36
C VAL P 417 -64.74 -65.16 72.08
N ALA P 418 -65.85 -64.80 71.41
CA ALA P 418 -66.25 -65.53 70.21
C ALA P 418 -65.19 -65.45 69.12
N LEU P 419 -64.47 -64.33 69.03
CA LEU P 419 -63.40 -64.22 68.04
C LEU P 419 -62.21 -65.10 68.40
N ILE P 420 -61.98 -65.33 69.70
CA ILE P 420 -60.90 -66.22 70.11
C ILE P 420 -61.30 -67.68 69.93
N ARG P 421 -62.52 -68.03 70.34
CA ARG P 421 -62.99 -69.39 70.16
C ARG P 421 -63.03 -69.79 68.69
N ALA P 422 -63.41 -68.84 67.82
CA ALA P 422 -63.51 -69.13 66.39
C ALA P 422 -62.15 -69.32 65.74
N ALA P 423 -61.05 -69.08 66.45
CA ALA P 423 -59.73 -69.29 65.87
C ALA P 423 -59.43 -70.76 65.64
N LYS P 424 -60.21 -71.66 66.26
CA LYS P 424 -60.00 -73.09 66.06
C LYS P 424 -60.31 -73.52 64.62
N GLY P 425 -61.03 -72.69 63.86
CA GLY P 425 -61.27 -72.99 62.47
C GLY P 425 -60.12 -72.67 61.54
N LEU P 426 -59.06 -72.03 62.04
CA LEU P 426 -57.90 -71.71 61.22
C LEU P 426 -57.15 -72.95 60.77
N ALA P 427 -57.31 -74.08 61.46
CA ALA P 427 -56.66 -75.32 61.06
C ALA P 427 -57.14 -75.80 59.70
N LYS P 428 -58.33 -75.38 59.27
CA LYS P 428 -58.85 -75.76 57.96
C LYS P 428 -58.35 -74.84 56.85
N ALA P 429 -57.65 -73.76 57.18
CA ALA P 429 -57.14 -72.85 56.17
C ALA P 429 -55.92 -73.44 55.49
N VAL P 430 -55.94 -73.50 54.17
CA VAL P 430 -54.87 -74.10 53.39
C VAL P 430 -53.91 -73.00 52.96
N ALA P 431 -52.62 -73.20 53.23
CA ALA P 431 -51.57 -72.27 52.86
C ALA P 431 -50.80 -72.83 51.68
N ASP P 432 -50.75 -72.08 50.58
CA ASP P 432 -50.01 -72.53 49.40
C ASP P 432 -48.51 -72.33 49.57
N ASN P 433 -48.09 -71.40 50.41
CA ASN P 433 -46.68 -71.15 50.69
C ASN P 433 -46.58 -70.49 52.05
N GLU P 434 -45.37 -70.04 52.41
CA GLU P 434 -45.15 -69.47 53.73
C GLU P 434 -45.79 -68.08 53.86
N ASP P 435 -45.69 -67.26 52.81
CA ASP P 435 -46.28 -65.92 52.87
C ASP P 435 -47.79 -65.99 53.06
N GLN P 436 -48.44 -66.99 52.45
CA GLN P 436 -49.86 -67.19 52.70
C GLN P 436 -50.10 -67.77 54.08
N LYS P 437 -49.12 -68.49 54.63
CA LYS P 437 -49.27 -69.07 55.97
C LYS P 437 -49.14 -68.01 57.05
N THR P 438 -48.23 -67.06 56.88
CA THR P 438 -48.11 -65.98 57.85
C THR P 438 -49.36 -65.12 57.86
N GLY P 439 -49.98 -64.91 56.69
CA GLY P 439 -51.23 -64.19 56.63
C GLY P 439 -52.34 -64.87 57.43
N ILE P 440 -52.34 -66.19 57.45
CA ILE P 440 -53.26 -66.92 58.32
C ILE P 440 -52.94 -66.62 59.78
N GLU P 441 -51.65 -66.48 60.11
CA GLU P 441 -51.26 -66.17 61.47
C GLU P 441 -51.53 -64.71 61.82
N ILE P 442 -51.57 -63.81 60.83
CA ILE P 442 -51.97 -62.44 61.09
C ILE P 442 -53.36 -62.40 61.70
N ILE P 443 -54.29 -63.18 61.15
CA ILE P 443 -55.65 -63.23 61.68
C ILE P 443 -55.66 -63.90 63.05
N ARG P 444 -54.81 -64.92 63.25
CA ARG P 444 -54.79 -65.63 64.51
C ARG P 444 -54.46 -64.68 65.66
N ARG P 445 -53.50 -63.79 65.47
CA ARG P 445 -53.17 -62.82 66.50
C ARG P 445 -54.17 -61.68 66.55
N ALA P 446 -54.77 -61.32 65.41
CA ALA P 446 -55.71 -60.22 65.38
C ALA P 446 -57.00 -60.55 66.13
N LEU P 447 -57.40 -61.82 66.16
CA LEU P 447 -58.61 -62.20 66.87
C LEU P 447 -58.49 -62.00 68.37
N GLU P 448 -57.27 -61.96 68.91
CA GLU P 448 -57.07 -61.73 70.33
C GLU P 448 -57.16 -60.26 70.70
N GLU P 449 -57.05 -59.36 69.73
CA GLU P 449 -56.95 -57.94 69.98
C GLU P 449 -58.22 -57.34 70.60
N PRO P 450 -59.43 -57.68 70.12
CA PRO P 450 -60.63 -57.09 70.75
C PRO P 450 -60.75 -57.35 72.24
N LEU P 451 -60.50 -58.59 72.69
CA LEU P 451 -60.52 -58.87 74.12
C LEU P 451 -59.39 -58.12 74.84
N ARG P 452 -58.24 -58.00 74.20
CA ARG P 452 -57.10 -57.35 74.83
C ARG P 452 -57.41 -55.88 75.12
N GLN P 453 -58.11 -55.20 74.21
CA GLN P 453 -58.49 -53.82 74.45
C GLN P 453 -59.55 -53.72 75.54
N ILE P 454 -60.48 -54.67 75.58
CA ILE P 454 -61.50 -54.68 76.63
C ILE P 454 -60.85 -54.81 78.00
N VAL P 455 -59.83 -55.66 78.12
CA VAL P 455 -59.14 -55.82 79.39
C VAL P 455 -58.23 -54.62 79.65
N ALA P 456 -57.61 -54.07 78.60
CA ALA P 456 -56.72 -52.93 78.79
C ALA P 456 -57.47 -51.69 79.25
N ASN P 457 -58.73 -51.54 78.85
CA ASN P 457 -59.53 -50.39 79.27
C ASN P 457 -59.94 -50.44 80.73
N THR P 458 -59.66 -51.56 81.43
CA THR P 458 -59.91 -51.63 82.85
C THR P 458 -58.82 -50.95 83.67
N GLY P 459 -57.66 -50.69 83.07
CA GLY P 459 -56.55 -50.05 83.75
C GLY P 459 -55.55 -51.00 84.38
N THR P 460 -55.79 -52.31 84.31
CA THR P 460 -54.88 -53.27 84.91
C THR P 460 -53.65 -53.48 84.03
N THR P 461 -52.54 -53.83 84.67
CA THR P 461 -51.34 -54.25 83.99
C THR P 461 -51.23 -55.77 83.85
N ASP P 462 -52.21 -56.50 84.38
CA ASP P 462 -52.22 -57.95 84.37
C ASP P 462 -52.96 -58.52 83.15
N GLY P 463 -53.35 -57.67 82.20
CA GLY P 463 -54.17 -58.12 81.08
C GLY P 463 -53.59 -59.28 80.31
N ALA P 464 -52.26 -59.44 80.32
CA ALA P 464 -51.65 -60.58 79.64
C ALA P 464 -52.08 -61.89 80.29
N VAL P 465 -52.25 -61.89 81.61
CA VAL P 465 -52.68 -63.09 82.32
C VAL P 465 -54.15 -63.37 82.04
N VAL P 466 -54.96 -62.31 81.92
CA VAL P 466 -56.39 -62.48 81.67
C VAL P 466 -56.61 -63.08 80.28
N LEU P 467 -55.83 -62.64 79.29
CA LEU P 467 -55.96 -63.21 77.96
C LEU P 467 -55.57 -64.67 77.93
N GLU P 468 -54.53 -65.04 78.68
CA GLU P 468 -54.09 -66.43 78.70
C GLU P 468 -55.10 -67.34 79.40
N LYS P 469 -55.71 -66.84 80.48
CA LYS P 469 -56.68 -67.65 81.20
C LYS P 469 -57.95 -67.88 80.39
N VAL P 470 -58.28 -66.94 79.50
CA VAL P 470 -59.47 -67.09 78.67
C VAL P 470 -59.21 -68.04 77.50
N LYS P 471 -58.03 -67.92 76.88
CA LYS P 471 -57.73 -68.77 75.72
C LYS P 471 -57.54 -70.23 76.13
N ASN P 472 -56.89 -70.47 77.27
CA ASN P 472 -56.71 -71.83 77.73
C ASN P 472 -58.02 -72.49 78.13
N ALA P 473 -59.04 -71.70 78.46
CA ALA P 473 -60.36 -72.23 78.76
C ALA P 473 -61.07 -72.58 77.45
N GLU P 474 -62.35 -72.94 77.53
CA GLU P 474 -63.12 -73.30 76.35
C GLU P 474 -64.58 -72.99 76.61
N GLY P 475 -65.35 -72.94 75.52
CA GLY P 475 -66.76 -72.67 75.61
C GLY P 475 -67.09 -71.22 75.87
N ASP P 476 -68.10 -70.98 76.71
CA ASP P 476 -68.57 -69.63 77.01
C ASP P 476 -67.84 -69.00 78.18
N TYR P 477 -66.83 -69.67 78.73
CA TYR P 477 -66.07 -69.12 79.83
C TYR P 477 -65.21 -67.96 79.35
N GLY P 478 -65.35 -66.80 79.99
CA GLY P 478 -64.59 -65.63 79.60
C GLY P 478 -64.54 -64.63 80.73
N PHE P 479 -63.87 -63.52 80.47
CA PHE P 479 -63.70 -62.45 81.45
C PHE P 479 -64.75 -61.37 81.21
N ASN P 480 -65.45 -60.98 82.27
CA ASN P 480 -66.47 -59.94 82.20
C ASN P 480 -65.88 -58.66 82.78
N ALA P 481 -65.64 -57.67 81.91
CA ALA P 481 -64.97 -56.45 82.33
C ALA P 481 -65.86 -55.56 83.19
N ARG P 482 -67.18 -55.76 83.16
CA ARG P 482 -68.07 -54.94 83.96
C ARG P 482 -67.91 -55.25 85.45
N THR P 483 -67.99 -56.53 85.81
CA THR P 483 -67.81 -56.96 87.19
C THR P 483 -66.37 -57.37 87.50
N GLU P 484 -65.50 -57.38 86.49
CA GLU P 484 -64.09 -57.77 86.67
C GLU P 484 -63.98 -59.14 87.32
N GLN P 485 -64.68 -60.11 86.75
CA GLN P 485 -64.74 -61.45 87.30
C GLN P 485 -64.85 -62.45 86.16
N TYR P 486 -64.25 -63.62 86.36
CA TYR P 486 -64.39 -64.71 85.40
C TYR P 486 -65.70 -65.46 85.65
N GLU P 487 -66.42 -65.76 84.58
CA GLU P 487 -67.71 -66.41 84.68
C GLU P 487 -68.11 -66.89 83.29
N ASN P 488 -69.28 -67.53 83.20
CA ASN P 488 -69.86 -67.89 81.93
C ASN P 488 -70.60 -66.68 81.37
N LEU P 489 -70.17 -66.21 80.19
CA LEU P 489 -70.67 -64.93 79.69
C LEU P 489 -72.07 -65.05 79.09
N ILE P 490 -72.42 -66.22 78.55
CA ILE P 490 -73.78 -66.40 78.01
C ILE P 490 -74.80 -66.31 79.13
N GLU P 491 -74.53 -66.94 80.27
CA GLU P 491 -75.43 -66.88 81.40
C GLU P 491 -75.37 -65.53 82.11
N ALA P 492 -74.22 -64.87 82.08
CA ALA P 492 -74.09 -63.56 82.70
C ALA P 492 -74.77 -62.45 81.91
N GLY P 493 -75.23 -62.74 80.70
CA GLY P 493 -75.89 -61.75 79.88
C GLY P 493 -74.99 -61.05 78.88
N VAL P 494 -73.73 -61.45 78.77
CA VAL P 494 -72.80 -60.83 77.84
C VAL P 494 -72.85 -61.63 76.54
N VAL P 495 -73.43 -61.05 75.50
CA VAL P 495 -73.63 -61.71 74.21
C VAL P 495 -73.54 -60.67 73.12
N ASP P 496 -73.18 -61.13 71.91
CA ASP P 496 -73.23 -60.32 70.72
C ASP P 496 -73.90 -61.10 69.61
N PRO P 497 -74.73 -60.46 68.79
CA PRO P 497 -75.27 -61.15 67.62
C PRO P 497 -74.14 -61.56 66.68
N THR P 498 -74.29 -62.75 66.10
CA THR P 498 -73.25 -63.27 65.21
C THR P 498 -73.02 -62.35 64.02
N LYS P 499 -74.07 -61.67 63.56
CA LYS P 499 -73.92 -60.75 62.44
C LYS P 499 -72.94 -59.62 62.77
N VAL P 500 -72.96 -59.14 64.01
CA VAL P 500 -72.05 -58.09 64.42
C VAL P 500 -70.61 -58.58 64.40
N THR P 501 -70.35 -59.72 65.07
CA THR P 501 -68.98 -60.20 65.19
C THR P 501 -68.39 -60.60 63.85
N ARG P 502 -69.18 -61.26 62.99
CA ARG P 502 -68.64 -61.69 61.70
C ARG P 502 -68.45 -60.52 60.75
N SER P 503 -69.30 -59.48 60.84
CA SER P 503 -69.13 -58.32 59.98
C SER P 503 -67.92 -57.49 60.41
N ALA P 504 -67.65 -57.41 61.71
CA ALA P 504 -66.49 -56.67 62.17
C ALA P 504 -65.20 -57.28 61.63
N LEU P 505 -65.13 -58.60 61.53
CA LEU P 505 -63.92 -59.25 61.04
C LEU P 505 -63.83 -59.17 59.51
N GLU P 506 -64.94 -59.31 58.81
CA GLU P 506 -64.91 -59.26 57.35
C GLU P 506 -64.57 -57.85 56.86
N ASN P 507 -65.17 -56.83 57.48
CA ASN P 507 -64.88 -55.45 57.09
C ASN P 507 -63.45 -55.08 57.41
N ALA P 508 -62.98 -55.43 58.61
CA ALA P 508 -61.61 -55.10 59.00
C ALA P 508 -60.60 -55.76 58.06
N ALA P 509 -60.84 -57.01 57.69
CA ALA P 509 -59.92 -57.70 56.80
C ALA P 509 -59.96 -57.11 55.40
N SER P 510 -61.10 -56.55 54.99
CA SER P 510 -61.21 -55.98 53.65
C SER P 510 -60.38 -54.71 53.51
N VAL P 511 -60.57 -53.76 54.44
CA VAL P 511 -59.85 -52.49 54.34
C VAL P 511 -58.36 -52.69 54.61
N ALA P 512 -58.00 -53.62 55.50
CA ALA P 512 -56.59 -53.87 55.76
C ALA P 512 -55.89 -54.53 54.58
N SER P 513 -56.62 -55.32 53.80
CA SER P 513 -56.03 -55.93 52.61
C SER P 513 -55.87 -54.90 51.48
N ILE P 514 -56.82 -53.98 51.36
CA ILE P 514 -56.72 -52.94 50.34
C ILE P 514 -55.52 -52.04 50.62
N LEU P 515 -55.32 -51.67 51.88
CA LEU P 515 -54.19 -50.81 52.23
C LEU P 515 -52.86 -51.54 52.08
N LEU P 516 -52.85 -52.86 52.28
CA LEU P 516 -51.62 -53.63 52.08
C LEU P 516 -51.23 -53.69 50.61
N THR P 517 -52.21 -53.70 49.70
CA THR P 517 -51.95 -53.80 48.28
C THR P 517 -51.86 -52.44 47.60
N THR P 518 -51.93 -51.34 48.35
CA THR P 518 -51.85 -50.00 47.76
C THR P 518 -50.39 -49.64 47.50
N GLU P 519 -50.06 -49.40 46.23
CA GLU P 519 -48.71 -49.01 45.84
C GLU P 519 -48.55 -47.51 45.63
N ALA P 520 -49.61 -46.73 45.70
CA ALA P 520 -49.49 -45.30 45.41
C ALA P 520 -50.54 -44.51 46.19
N ALA P 521 -50.15 -43.32 46.63
CA ALA P 521 -51.06 -42.39 47.31
C ALA P 521 -50.94 -41.03 46.61
N ILE P 522 -52.02 -40.61 45.97
CA ILE P 522 -52.04 -39.36 45.19
C ILE P 522 -52.89 -38.35 45.94
N THR P 523 -52.27 -37.23 46.31
CA THR P 523 -52.93 -36.17 47.05
C THR P 523 -52.71 -34.83 46.37
N ASP P 524 -53.62 -33.90 46.61
CA ASP P 524 -53.48 -32.55 46.06
C ASP P 524 -52.32 -31.82 46.73
N VAL P 525 -51.83 -30.79 46.05
CA VAL P 525 -50.77 -29.96 46.58
C VAL P 525 -51.37 -28.96 47.57
N LYS P 526 -50.66 -28.75 48.68
CA LYS P 526 -51.11 -27.84 49.73
C LYS P 526 -51.32 -26.42 49.21
N THR Q 2 -63.80 -30.19 60.69
CA THR Q 2 -62.45 -29.81 60.31
C THR Q 2 -61.42 -30.79 60.88
N ALA Q 3 -60.15 -30.54 60.57
CA ALA Q 3 -59.08 -31.40 61.06
C ALA Q 3 -58.94 -31.25 62.57
N LYS Q 4 -58.32 -32.26 63.19
CA LYS Q 4 -58.25 -32.35 64.64
C LYS Q 4 -56.83 -32.66 65.09
N ASP Q 5 -56.48 -32.14 66.26
CA ASP Q 5 -55.30 -32.56 67.00
C ASP Q 5 -55.75 -33.46 68.15
N ILE Q 6 -55.08 -34.60 68.31
CA ILE Q 6 -55.48 -35.61 69.29
C ILE Q 6 -54.35 -35.78 70.30
N LEU Q 7 -54.69 -35.71 71.58
CA LEU Q 7 -53.77 -35.90 72.69
C LEU Q 7 -54.21 -37.11 73.48
N PHE Q 8 -53.26 -37.97 73.83
CA PHE Q 8 -53.55 -39.26 74.44
C PHE Q 8 -52.99 -39.35 75.86
N ASP Q 9 -53.66 -40.15 76.68
CA ASP Q 9 -53.14 -40.71 77.94
C ASP Q 9 -52.70 -39.56 78.85
N ALA Q 10 -51.53 -39.68 79.50
CA ALA Q 10 -51.11 -38.71 80.50
C ALA Q 10 -50.80 -37.35 79.88
N GLU Q 11 -50.37 -37.33 78.62
CA GLU Q 11 -50.11 -36.05 77.97
C GLU Q 11 -51.39 -35.23 77.84
N ALA Q 12 -52.51 -35.88 77.57
CA ALA Q 12 -53.79 -35.18 77.50
C ALA Q 12 -54.26 -34.76 78.88
N ARG Q 13 -54.15 -35.66 79.87
CA ARG Q 13 -54.61 -35.34 81.22
C ARG Q 13 -53.76 -34.27 81.89
N THR Q 14 -52.46 -34.22 81.57
CA THR Q 14 -51.60 -33.21 82.17
C THR Q 14 -51.90 -31.83 81.61
N LYS Q 15 -52.12 -31.73 80.30
CA LYS Q 15 -52.46 -30.44 79.70
C LYS Q 15 -53.84 -29.97 80.15
N LEU Q 16 -54.78 -30.90 80.36
CA LEU Q 16 -56.09 -30.52 80.90
C LEU Q 16 -55.95 -29.96 82.31
N LYS Q 17 -55.02 -30.51 83.10
CA LYS Q 17 -54.80 -30.01 84.46
C LYS Q 17 -54.32 -28.56 84.45
N VAL Q 18 -53.53 -28.19 83.44
CA VAL Q 18 -53.06 -26.80 83.34
C VAL Q 18 -54.24 -25.86 83.19
N GLY Q 19 -55.23 -26.23 82.38
CA GLY Q 19 -56.40 -25.40 82.23
C GLY Q 19 -57.28 -25.37 83.47
N VAL Q 20 -57.36 -26.50 84.19
CA VAL Q 20 -58.11 -26.54 85.43
C VAL Q 20 -57.46 -25.65 86.47
N ASP Q 21 -56.13 -25.69 86.56
CA ASP Q 21 -55.43 -24.86 87.54
C ASP Q 21 -55.58 -23.38 87.24
N LYS Q 22 -55.47 -22.99 85.97
CA LYS Q 22 -55.60 -21.58 85.61
C LYS Q 22 -56.97 -21.03 85.99
N LEU Q 23 -58.03 -21.81 85.75
CA LEU Q 23 -59.37 -21.38 86.15
C LEU Q 23 -59.48 -21.31 87.68
N ALA Q 24 -59.00 -22.35 88.36
CA ALA Q 24 -59.15 -22.39 89.81
C ALA Q 24 -58.32 -21.31 90.50
N ASN Q 25 -57.07 -21.13 90.07
CA ASN Q 25 -56.20 -20.15 90.71
C ASN Q 25 -56.75 -18.74 90.60
N ALA Q 26 -57.49 -18.45 89.52
CA ALA Q 26 -58.07 -17.12 89.36
C ALA Q 26 -59.31 -16.95 90.22
N VAL Q 27 -60.15 -17.98 90.31
CA VAL Q 27 -61.42 -17.86 91.02
C VAL Q 27 -61.23 -17.99 92.53
N LYS Q 28 -60.31 -18.86 92.97
CA LYS Q 28 -60.23 -19.20 94.39
C LYS Q 28 -59.78 -18.04 95.26
N VAL Q 29 -59.18 -16.99 94.67
CA VAL Q 29 -58.72 -15.85 95.46
C VAL Q 29 -59.88 -15.02 95.99
N THR Q 30 -61.09 -15.21 95.48
CA THR Q 30 -62.28 -14.50 95.94
C THR Q 30 -63.08 -15.28 96.96
N LEU Q 31 -62.63 -16.48 97.34
CA LEU Q 31 -63.44 -17.35 98.19
C LEU Q 31 -63.51 -16.82 99.61
N GLY Q 32 -64.71 -16.79 100.18
CA GLY Q 32 -64.90 -16.39 101.55
C GLY Q 32 -65.05 -14.90 101.74
N PRO Q 33 -65.32 -14.48 102.98
CA PRO Q 33 -65.46 -13.03 103.25
C PRO Q 33 -64.16 -12.26 103.11
N ALA Q 34 -63.02 -12.93 103.21
CA ALA Q 34 -61.72 -12.29 103.03
C ALA Q 34 -61.26 -12.30 101.58
N GLY Q 35 -62.12 -12.75 100.66
CA GLY Q 35 -61.79 -12.82 99.25
C GLY Q 35 -61.20 -11.54 98.69
N ARG Q 36 -60.14 -11.68 97.90
CA ARG Q 36 -59.41 -10.53 97.39
C ARG Q 36 -60.04 -10.04 96.09
N ASN Q 37 -59.45 -8.99 95.52
CA ASN Q 37 -60.02 -8.30 94.38
C ASN Q 37 -59.38 -8.79 93.08
N VAL Q 38 -60.19 -8.89 92.03
CA VAL Q 38 -59.73 -9.30 90.71
C VAL Q 38 -60.15 -8.24 89.69
N LEU Q 39 -59.21 -7.77 88.89
CA LEU Q 39 -59.45 -6.72 87.92
C LEU Q 39 -59.71 -7.33 86.54
N ILE Q 40 -60.85 -6.99 85.95
CA ILE Q 40 -61.24 -7.49 84.64
C ILE Q 40 -61.10 -6.34 83.65
N ASP Q 41 -60.21 -6.50 82.68
CA ASP Q 41 -59.99 -5.47 81.67
C ASP Q 41 -61.22 -5.32 80.78
N LYS Q 42 -61.48 -4.08 80.36
CA LYS Q 42 -62.59 -3.77 79.47
C LYS Q 42 -62.04 -3.10 78.20
N LYS Q 43 -62.96 -2.78 77.28
CA LYS Q 43 -62.56 -2.15 76.02
C LYS Q 43 -62.01 -0.75 76.25
N PHE Q 44 -62.79 0.11 76.91
CA PHE Q 44 -62.39 1.49 77.12
C PHE Q 44 -62.72 1.89 78.55
N GLY Q 45 -61.85 2.71 79.14
CA GLY Q 45 -62.08 3.22 80.47
C GLY Q 45 -61.44 2.37 81.56
N ALA Q 46 -61.94 2.55 82.77
CA ALA Q 46 -61.41 1.82 83.92
C ALA Q 46 -61.85 0.36 83.86
N PRO Q 47 -61.02 -0.55 84.33
CA PRO Q 47 -61.38 -1.97 84.31
C PRO Q 47 -62.43 -2.30 85.36
N THR Q 48 -63.05 -3.45 85.18
CA THR Q 48 -64.01 -3.96 86.15
C THR Q 48 -63.27 -4.50 87.37
N SER Q 49 -63.68 -4.06 88.55
CA SER Q 49 -63.13 -4.53 89.81
C SER Q 49 -64.19 -5.34 90.52
N THR Q 50 -63.92 -6.62 90.77
CA THR Q 50 -64.92 -7.52 91.32
C THR Q 50 -64.27 -8.51 92.29
N LYS Q 51 -64.97 -8.77 93.40
CA LYS Q 51 -64.65 -9.87 94.30
C LYS Q 51 -65.51 -11.09 94.05
N ASP Q 52 -66.39 -11.05 93.05
CA ASP Q 52 -67.31 -12.14 92.76
C ASP Q 52 -66.56 -13.26 92.05
N GLY Q 53 -66.60 -14.47 92.62
CA GLY Q 53 -65.97 -15.60 91.97
C GLY Q 53 -66.69 -16.05 90.72
N VAL Q 54 -68.01 -15.85 90.66
CA VAL Q 54 -68.77 -16.22 89.48
C VAL Q 54 -68.44 -15.29 88.31
N THR Q 55 -68.24 -14.00 88.62
CA THR Q 55 -67.87 -13.05 87.57
C THR Q 55 -66.50 -13.38 86.97
N VAL Q 56 -65.53 -13.73 87.83
CA VAL Q 56 -64.21 -14.07 87.33
C VAL Q 56 -64.26 -15.34 86.49
N ALA Q 57 -65.09 -16.30 86.89
CA ALA Q 57 -65.18 -17.57 86.17
C ALA Q 57 -65.66 -17.36 84.74
N LYS Q 58 -66.67 -16.50 84.55
CA LYS Q 58 -67.21 -16.25 83.22
C LYS Q 58 -66.19 -15.59 82.30
N GLU Q 59 -65.14 -14.99 82.83
CA GLU Q 59 -64.11 -14.36 82.03
C GLU Q 59 -62.97 -15.30 81.66
N ILE Q 60 -62.92 -16.50 82.22
CA ILE Q 60 -61.77 -17.37 82.04
C ILE Q 60 -61.87 -18.06 80.68
N GLU Q 61 -60.90 -17.78 79.82
CA GLU Q 61 -60.79 -18.43 78.51
C GLU Q 61 -59.32 -18.47 78.15
N LEU Q 62 -58.88 -19.56 77.53
CA LEU Q 62 -57.46 -19.82 77.32
C LEU Q 62 -57.17 -20.04 75.84
N VAL Q 63 -55.93 -19.75 75.45
CA VAL Q 63 -55.54 -19.89 74.04
C VAL Q 63 -55.37 -21.37 73.68
N ASP Q 64 -54.65 -22.11 74.51
CA ASP Q 64 -54.39 -23.51 74.24
C ASP Q 64 -55.71 -24.29 74.24
N PRO Q 65 -56.05 -24.98 73.15
CA PRO Q 65 -57.37 -25.62 73.07
C PRO Q 65 -57.60 -26.69 74.13
N VAL Q 66 -56.59 -27.49 74.45
CA VAL Q 66 -56.78 -28.54 75.45
C VAL Q 66 -56.86 -27.94 76.85
N GLU Q 67 -56.00 -26.96 77.15
CA GLU Q 67 -56.08 -26.28 78.43
C GLU Q 67 -57.45 -25.63 78.62
N ASN Q 68 -57.89 -24.85 77.62
CA ASN Q 68 -59.20 -24.23 77.69
C ASN Q 68 -60.30 -25.28 77.78
N MET Q 69 -60.08 -26.46 77.21
CA MET Q 69 -61.07 -27.52 77.28
C MET Q 69 -61.29 -27.98 78.72
N GLY Q 70 -60.20 -28.27 79.42
CA GLY Q 70 -60.31 -28.66 80.82
C GLY Q 70 -60.83 -27.53 81.69
N ALA Q 71 -60.54 -26.28 81.32
CA ALA Q 71 -61.07 -25.15 82.07
C ALA Q 71 -62.57 -25.02 81.89
N GLN Q 72 -63.07 -25.24 80.66
CA GLN Q 72 -64.51 -25.16 80.44
C GLN Q 72 -65.24 -26.36 81.04
N MET Q 73 -64.55 -27.49 81.20
CA MET Q 73 -65.16 -28.65 81.85
C MET Q 73 -65.53 -28.35 83.30
N VAL Q 74 -64.53 -27.94 84.10
CA VAL Q 74 -64.80 -27.64 85.50
C VAL Q 74 -65.74 -26.46 85.63
N ARG Q 75 -65.54 -25.43 84.80
CA ARG Q 75 -66.38 -24.24 84.88
C ARG Q 75 -67.83 -24.56 84.58
N GLU Q 76 -68.08 -25.48 83.65
CA GLU Q 76 -69.46 -25.81 83.27
C GLU Q 76 -70.18 -26.52 84.40
N VAL Q 77 -69.56 -27.57 84.96
CA VAL Q 77 -70.26 -28.36 85.97
C VAL Q 77 -70.29 -27.65 87.32
N ALA Q 78 -69.34 -26.77 87.59
CA ALA Q 78 -69.38 -26.00 88.83
C ALA Q 78 -70.50 -24.97 88.81
N SER Q 79 -70.90 -24.52 87.61
CA SER Q 79 -72.01 -23.59 87.50
C SER Q 79 -73.35 -24.26 87.75
N LYS Q 80 -73.41 -25.60 87.68
CA LYS Q 80 -74.63 -26.32 88.05
C LYS Q 80 -74.89 -26.26 89.54
N THR Q 81 -73.87 -25.96 90.34
CA THR Q 81 -74.03 -25.80 91.78
C THR Q 81 -74.74 -24.50 92.14
N SER Q 82 -74.90 -23.58 91.21
CA SER Q 82 -75.36 -22.24 91.54
C SER Q 82 -76.80 -22.25 92.00
N ASP Q 83 -77.03 -21.81 93.23
CA ASP Q 83 -78.36 -21.55 93.76
C ASP Q 83 -78.37 -20.18 94.42
N VAL Q 84 -77.61 -20.05 95.51
CA VAL Q 84 -77.45 -18.78 96.20
C VAL Q 84 -76.48 -17.90 95.42
N ASP Q 87 -70.61 -18.24 96.66
CA ASP Q 87 -69.35 -18.95 96.52
C ASP Q 87 -69.56 -20.45 96.28
N GLY Q 88 -70.75 -20.80 95.80
CA GLY Q 88 -71.04 -22.20 95.54
C GLY Q 88 -70.26 -22.76 94.36
N THR Q 89 -70.15 -21.98 93.29
CA THR Q 89 -69.36 -22.42 92.14
C THR Q 89 -67.87 -22.36 92.44
N THR Q 90 -67.43 -21.39 93.24
CA THR Q 90 -66.02 -21.32 93.60
C THR Q 90 -65.60 -22.51 94.45
N THR Q 91 -66.43 -22.89 95.43
CA THR Q 91 -66.11 -24.04 96.27
C THR Q 91 -65.99 -25.30 95.44
N ALA Q 92 -66.95 -25.52 94.52
CA ALA Q 92 -66.87 -26.68 93.63
C ALA Q 92 -65.63 -26.62 92.75
N THR Q 93 -65.22 -25.43 92.33
CA THR Q 93 -64.00 -25.29 91.54
C THR Q 93 -62.77 -25.61 92.39
N VAL Q 94 -62.75 -25.12 93.64
CA VAL Q 94 -61.62 -25.39 94.52
C VAL Q 94 -61.54 -26.88 94.83
N LEU Q 95 -62.68 -27.52 95.09
CA LEU Q 95 -62.68 -28.95 95.35
C LEU Q 95 -62.26 -29.74 94.11
N ALA Q 96 -62.72 -29.36 92.93
CA ALA Q 96 -62.38 -30.09 91.72
C ALA Q 96 -60.90 -30.01 91.41
N GLN Q 97 -60.26 -28.88 91.71
CA GLN Q 97 -58.83 -28.77 91.48
C GLN Q 97 -58.04 -29.69 92.42
N ALA Q 98 -58.46 -29.78 93.68
CA ALA Q 98 -57.75 -30.60 94.65
C ALA Q 98 -57.95 -32.09 94.37
N ILE Q 99 -59.18 -32.48 94.04
CA ILE Q 99 -59.46 -33.88 93.75
C ILE Q 99 -58.69 -34.34 92.51
N TYR Q 100 -58.63 -33.48 91.50
CA TYR Q 100 -57.97 -33.85 90.25
C TYR Q 100 -56.45 -33.83 90.39
N ARG Q 101 -55.91 -32.88 91.15
CA ARG Q 101 -54.47 -32.84 91.34
C ARG Q 101 -53.97 -34.07 92.07
N GLU Q 102 -54.54 -34.36 93.24
CA GLU Q 102 -54.10 -35.51 94.02
C GLU Q 102 -54.45 -36.83 93.34
N GLY Q 103 -55.60 -36.88 92.67
CA GLY Q 103 -55.96 -38.10 91.95
C GLY Q 103 -55.01 -38.37 90.79
N LEU Q 104 -54.73 -37.34 89.98
CA LEU Q 104 -53.78 -37.49 88.89
C LEU Q 104 -52.38 -37.78 89.39
N LYS Q 105 -52.05 -37.30 90.59
CA LYS Q 105 -50.74 -37.57 91.16
C LYS Q 105 -50.58 -39.05 91.47
N ASN Q 106 -51.64 -39.71 91.95
CA ASN Q 106 -51.58 -41.13 92.24
C ASN Q 106 -51.62 -41.97 90.98
N VAL Q 107 -52.27 -41.50 89.92
CA VAL Q 107 -52.25 -42.21 88.64
C VAL Q 107 -50.81 -42.35 88.15
N THR Q 108 -50.02 -41.29 88.30
CA THR Q 108 -48.60 -41.36 87.92
C THR Q 108 -47.86 -42.36 88.78
N ALA Q 109 -48.20 -42.45 90.07
CA ALA Q 109 -47.55 -43.41 90.96
C ALA Q 109 -47.96 -44.85 90.69
N GLY Q 110 -48.90 -45.08 89.77
CA GLY Q 110 -49.33 -46.42 89.43
C GLY Q 110 -50.72 -46.80 89.92
N ALA Q 111 -51.44 -45.89 90.57
CA ALA Q 111 -52.79 -46.20 91.01
C ALA Q 111 -53.73 -46.36 89.83
N ARG Q 112 -54.70 -47.26 89.99
CA ARG Q 112 -55.64 -47.55 88.91
C ARG Q 112 -56.71 -46.45 88.86
N PRO Q 113 -56.89 -45.80 87.72
CA PRO Q 113 -57.83 -44.66 87.67
C PRO Q 113 -59.26 -45.02 88.00
N ILE Q 114 -59.76 -46.16 87.50
CA ILE Q 114 -61.14 -46.54 87.76
C ILE Q 114 -61.34 -46.86 89.24
N ASP Q 115 -60.33 -47.44 89.89
CA ASP Q 115 -60.42 -47.68 91.33
C ASP Q 115 -60.29 -46.38 92.12
N LEU Q 116 -59.55 -45.40 91.60
CA LEU Q 116 -59.53 -44.08 92.22
C LEU Q 116 -60.91 -43.42 92.13
N LYS Q 117 -61.59 -43.59 90.99
CA LYS Q 117 -62.93 -43.03 90.85
C LYS Q 117 -63.92 -43.71 91.78
N ARG Q 118 -63.80 -45.04 91.96
CA ARG Q 118 -64.72 -45.74 92.84
C ARG Q 118 -64.54 -45.33 94.30
N GLY Q 119 -63.28 -45.20 94.75
CA GLY Q 119 -63.03 -44.71 96.09
C GLY Q 119 -63.55 -43.31 96.30
N ILE Q 120 -63.50 -42.47 95.26
CA ILE Q 120 -64.03 -41.12 95.35
C ILE Q 120 -65.56 -41.16 95.44
N ASP Q 121 -66.20 -41.95 94.57
CA ASP Q 121 -67.66 -42.00 94.54
C ASP Q 121 -68.21 -42.53 95.86
N ARG Q 122 -67.59 -43.56 96.41
CA ARG Q 122 -68.04 -44.09 97.70
C ARG Q 122 -67.79 -43.08 98.82
N ALA Q 123 -66.66 -42.37 98.77
CA ALA Q 123 -66.36 -41.40 99.82
C ALA Q 123 -67.33 -40.22 99.78
N VAL Q 124 -67.71 -39.78 98.58
CA VAL Q 124 -68.63 -38.64 98.47
C VAL Q 124 -70.00 -39.00 99.02
N LYS Q 125 -70.48 -40.22 98.72
CA LYS Q 125 -71.78 -40.64 99.25
C LYS Q 125 -71.79 -40.68 100.77
N GLU Q 126 -70.67 -41.09 101.38
CA GLU Q 126 -70.58 -41.13 102.83
C GLU Q 126 -70.43 -39.74 103.43
N VAL Q 127 -69.76 -38.82 102.72
CA VAL Q 127 -69.65 -37.46 103.21
C VAL Q 127 -70.98 -36.73 103.10
N VAL Q 128 -71.70 -36.92 101.97
CA VAL Q 128 -73.00 -36.29 101.80
C VAL Q 128 -73.98 -36.81 102.84
N ALA Q 129 -73.94 -38.12 103.11
CA ALA Q 129 -74.82 -38.70 104.14
C ALA Q 129 -74.56 -38.06 105.50
N GLU Q 130 -73.29 -38.00 105.91
CA GLU Q 130 -72.95 -37.32 107.15
C GLU Q 130 -73.24 -35.83 107.06
N LEU Q 131 -73.21 -35.27 105.85
CA LEU Q 131 -73.53 -33.86 105.68
C LEU Q 131 -75.01 -33.60 105.92
N ARG Q 132 -75.88 -34.51 105.48
CA ARG Q 132 -77.30 -34.37 105.78
C ARG Q 132 -77.59 -34.63 107.25
N ASN Q 133 -76.73 -35.41 107.92
CA ASN Q 133 -76.88 -35.64 109.34
C ASN Q 133 -76.63 -34.36 110.13
N ILE Q 134 -75.52 -33.68 109.85
CA ILE Q 134 -75.20 -32.43 110.53
C ILE Q 134 -76.19 -31.33 110.18
N SER Q 135 -76.89 -31.44 109.05
CA SER Q 135 -77.78 -30.38 108.60
C SER Q 135 -78.97 -30.22 109.55
N ARG Q 136 -79.47 -28.99 109.62
CA ARG Q 136 -80.66 -28.66 110.40
C ARG Q 136 -81.74 -28.14 109.47
N SER Q 137 -82.87 -28.83 109.45
CA SER Q 137 -83.95 -28.47 108.54
C SER Q 137 -84.54 -27.10 108.89
N ILE Q 138 -85.19 -26.50 107.91
CA ILE Q 138 -85.81 -25.18 108.07
C ILE Q 138 -87.28 -25.30 107.66
N SER Q 139 -88.19 -25.02 108.59
CA SER Q 139 -89.62 -25.05 108.31
C SER Q 139 -90.32 -24.10 109.27
N GLY Q 140 -91.47 -23.59 108.85
CA GLY Q 140 -92.21 -22.65 109.68
C GLY Q 140 -91.77 -21.22 109.46
N LYS Q 141 -92.71 -20.29 109.69
CA LYS Q 141 -92.44 -18.88 109.42
C LYS Q 141 -91.33 -18.33 110.31
N LYS Q 142 -91.14 -18.91 111.50
CA LYS Q 142 -90.10 -18.40 112.40
C LYS Q 142 -88.71 -18.71 111.87
N GLU Q 143 -88.47 -19.98 111.49
CA GLU Q 143 -87.16 -20.36 110.98
C GLU Q 143 -86.91 -19.82 109.58
N ILE Q 144 -87.96 -19.75 108.75
CA ILE Q 144 -87.81 -19.20 107.41
C ILE Q 144 -87.40 -17.73 107.48
N ALA Q 145 -87.98 -16.98 108.41
CA ALA Q 145 -87.64 -15.57 108.54
C ALA Q 145 -86.21 -15.38 109.04
N GLN Q 146 -85.69 -16.33 109.81
CA GLN Q 146 -84.33 -16.21 110.31
C GLN Q 146 -83.31 -16.47 109.20
N VAL Q 147 -83.55 -17.47 108.36
CA VAL Q 147 -82.65 -17.73 107.24
C VAL Q 147 -82.75 -16.63 106.20
N GLY Q 148 -83.96 -16.10 105.99
CA GLY Q 148 -84.11 -15.00 105.05
C GLY Q 148 -83.44 -13.72 105.50
N THR Q 149 -83.37 -13.50 106.82
CA THR Q 149 -82.73 -12.29 107.33
C THR Q 149 -81.21 -12.36 107.15
N ILE Q 150 -80.62 -13.53 107.37
CA ILE Q 150 -79.17 -13.68 107.20
C ILE Q 150 -78.79 -13.47 105.74
N SER Q 151 -79.55 -14.07 104.83
CA SER Q 151 -79.30 -13.88 103.40
C SER Q 151 -79.61 -12.46 102.93
N ALA Q 152 -80.30 -11.68 103.76
CA ALA Q 152 -80.63 -10.29 103.46
C ALA Q 152 -79.60 -9.31 104.01
N ASN Q 153 -78.48 -9.81 104.54
CA ASN Q 153 -77.49 -9.00 105.25
C ASN Q 153 -78.10 -8.34 106.49
N ASN Q 154 -78.73 -9.18 107.32
CA ASN Q 154 -79.28 -8.78 108.61
C ASN Q 154 -80.41 -7.76 108.46
N ASP Q 155 -81.31 -8.02 107.50
CA ASP Q 155 -82.49 -7.20 107.34
C ASP Q 155 -83.71 -7.99 107.80
N PRO Q 156 -84.30 -7.65 108.94
CA PRO Q 156 -85.48 -8.41 109.41
C PRO Q 156 -86.70 -8.21 108.53
N GLU Q 157 -86.81 -7.05 107.86
CA GLU Q 157 -87.98 -6.81 107.01
C GLU Q 157 -87.99 -7.76 105.81
N ILE Q 158 -86.82 -8.05 105.25
CA ILE Q 158 -86.76 -8.94 104.09
C ILE Q 158 -87.04 -10.37 104.52
N GLY Q 159 -86.50 -10.79 105.67
CA GLY Q 159 -86.72 -12.15 106.13
C GLY Q 159 -88.18 -12.44 106.46
N GLU Q 160 -88.85 -11.50 107.12
CA GLU Q 160 -90.27 -11.68 107.44
C GLU Q 160 -91.12 -11.66 106.17
N LEU Q 161 -90.75 -10.84 105.19
CA LEU Q 161 -91.50 -10.79 103.94
C LEU Q 161 -91.40 -12.11 103.19
N ILE Q 162 -90.22 -12.75 103.22
CA ILE Q 162 -90.09 -14.06 102.58
C ILE Q 162 -90.91 -15.10 103.32
N ALA Q 163 -90.97 -15.00 104.66
CA ALA Q 163 -91.77 -15.94 105.43
C ALA Q 163 -93.25 -15.81 105.10
N GLU Q 164 -93.72 -14.58 104.87
CA GLU Q 164 -95.12 -14.38 104.50
C GLU Q 164 -95.43 -14.97 103.14
N ALA Q 165 -94.52 -14.80 102.18
CA ALA Q 165 -94.76 -15.29 100.82
C ALA Q 165 -94.83 -16.81 100.80
N MET Q 166 -93.88 -17.48 101.44
CA MET Q 166 -93.90 -18.94 101.47
C MET Q 166 -95.04 -19.49 102.31
N ASP Q 167 -95.57 -18.71 103.25
CA ASP Q 167 -96.67 -19.19 104.08
C ASP Q 167 -97.97 -19.27 103.30
N LYS Q 168 -98.20 -18.32 102.39
CA LYS Q 168 -99.46 -18.28 101.65
C LYS Q 168 -99.50 -19.33 100.53
N VAL Q 169 -98.44 -19.41 99.73
CA VAL Q 169 -98.41 -20.30 98.58
C VAL Q 169 -97.72 -21.62 98.87
N GLY Q 170 -97.20 -21.82 100.08
CA GLY Q 170 -96.53 -23.06 100.41
C GLY Q 170 -95.07 -23.06 100.02
N LYS Q 171 -94.41 -24.18 100.33
CA LYS Q 171 -92.99 -24.31 100.03
C LYS Q 171 -92.75 -24.38 98.52
N ASP Q 172 -93.61 -25.09 97.80
CA ASP Q 172 -93.47 -25.25 96.35
C ASP Q 172 -94.21 -24.18 95.56
N GLY Q 173 -94.82 -23.20 96.24
CA GLY Q 173 -95.54 -22.17 95.53
C GLY Q 173 -94.61 -21.24 94.75
N VAL Q 174 -95.11 -20.76 93.62
CA VAL Q 174 -94.34 -19.85 92.78
C VAL Q 174 -94.25 -18.49 93.45
N ILE Q 175 -93.02 -17.98 93.58
CA ILE Q 175 -92.77 -16.68 94.19
C ILE Q 175 -91.82 -15.91 93.30
N THR Q 176 -92.27 -14.74 92.81
CA THR Q 176 -91.45 -13.88 91.96
C THR Q 176 -91.34 -12.51 92.60
N VAL Q 177 -90.29 -11.79 92.20
CA VAL Q 177 -89.98 -10.46 92.74
C VAL Q 177 -90.09 -9.44 91.62
N GLU Q 178 -90.78 -8.33 91.90
CA GLU Q 178 -90.96 -7.27 90.91
C GLU Q 178 -90.76 -5.92 91.60
N GLU Q 179 -90.46 -4.91 90.80
CA GLU Q 179 -90.31 -3.55 91.30
C GLU Q 179 -91.66 -2.89 91.49
N ALA Q 180 -91.70 -1.92 92.40
CA ALA Q 180 -92.92 -1.16 92.67
C ALA Q 180 -92.85 0.22 92.04
N GLY Q 182 -94.32 2.99 94.55
CA GLY Q 182 -94.65 2.63 95.91
C GLY Q 182 -93.47 2.71 96.86
N MET Q 183 -93.62 3.50 97.92
CA MET Q 183 -92.53 3.65 98.89
C MET Q 183 -92.45 2.47 99.85
N GLU Q 184 -93.58 1.87 100.19
CA GLU Q 184 -93.63 0.76 101.13
C GLU Q 184 -93.87 -0.55 100.38
N THR Q 185 -93.24 -1.62 100.86
CA THR Q 185 -93.31 -2.93 100.23
C THR Q 185 -94.49 -3.71 100.77
N GLU Q 186 -95.29 -4.28 99.87
CA GLU Q 186 -96.44 -5.09 100.24
C GLU Q 186 -96.45 -6.36 99.38
N LEU Q 187 -97.29 -7.31 99.78
CA LEU Q 187 -97.35 -8.62 99.15
C LEU Q 187 -98.78 -8.98 98.79
N LYS Q 188 -99.01 -9.34 97.54
CA LYS Q 188 -100.28 -9.85 97.06
C LYS Q 188 -100.04 -11.16 96.31
N VAL Q 189 -101.11 -11.78 95.84
CA VAL Q 189 -101.02 -13.02 95.07
C VAL Q 189 -101.78 -12.83 93.77
N VAL Q 190 -101.05 -12.78 92.65
CA VAL Q 190 -101.67 -12.76 91.33
C VAL Q 190 -102.12 -14.17 90.95
N GLU Q 191 -103.01 -14.24 89.97
CA GLU Q 191 -103.46 -15.51 89.43
C GLU Q 191 -102.58 -15.86 88.23
N GLY Q 192 -101.79 -16.92 88.36
CA GLY Q 192 -100.88 -17.31 87.31
C GLY Q 192 -100.32 -18.70 87.56
N MET Q 193 -99.34 -19.07 86.74
CA MET Q 193 -98.73 -20.38 86.84
C MET Q 193 -97.32 -20.35 86.26
N GLN Q 194 -96.54 -21.36 86.60
CA GLN Q 194 -95.18 -21.52 86.10
C GLN Q 194 -94.96 -22.98 85.71
N PHE Q 195 -94.29 -23.20 84.58
CA PHE Q 195 -93.98 -24.56 84.13
C PHE Q 195 -92.54 -24.66 83.64
N ARG Q 197 -90.03 -25.87 81.11
CA ARG Q 197 -89.56 -25.57 79.77
C ARG Q 197 -89.35 -24.07 79.59
N GLY Q 198 -88.13 -23.67 79.27
CA GLY Q 198 -87.76 -22.27 79.11
C GLY Q 198 -87.64 -21.88 77.65
N TYR Q 199 -86.80 -20.87 77.41
CA TYR Q 199 -86.61 -20.36 76.05
C TYR Q 199 -85.79 -21.34 75.21
N LEU Q 200 -85.99 -21.27 73.90
CA LEU Q 200 -85.22 -22.11 72.99
C LEU Q 200 -83.85 -21.53 72.72
N SER Q 201 -83.74 -20.20 72.60
CA SER Q 201 -82.47 -19.57 72.31
C SER Q 201 -82.14 -18.52 73.37
N PRO Q 202 -80.86 -18.40 73.75
CA PRO Q 202 -80.49 -17.39 74.77
C PRO Q 202 -80.62 -15.97 74.28
N TYR Q 203 -80.70 -15.74 72.98
CA TYR Q 203 -80.74 -14.37 72.44
C TYR Q 203 -82.06 -13.67 72.71
N PHE Q 204 -83.06 -14.36 73.27
CA PHE Q 204 -84.31 -13.73 73.66
C PHE Q 204 -84.24 -13.06 75.03
N VAL Q 205 -83.07 -13.06 75.67
CA VAL Q 205 -82.95 -12.55 77.03
C VAL Q 205 -83.01 -11.04 77.01
N THR Q 206 -83.99 -10.47 77.73
CA THR Q 206 -84.11 -9.03 77.83
C THR Q 206 -83.19 -8.44 78.89
N ASN Q 207 -83.10 -9.10 80.05
CA ASN Q 207 -82.29 -8.62 81.16
C ASN Q 207 -80.99 -9.43 81.18
N SER Q 208 -79.89 -8.77 80.83
CA SER Q 208 -78.61 -9.45 80.63
C SER Q 208 -77.84 -9.66 81.93
N GLU Q 209 -78.42 -9.29 83.09
CA GLU Q 209 -77.75 -9.50 84.37
C GLU Q 209 -77.41 -10.97 84.55
N THR Q 210 -78.41 -11.80 84.83
CA THR Q 210 -78.24 -13.26 84.76
C THR Q 210 -79.45 -13.86 84.06
N MET Q 211 -79.24 -14.37 82.84
CA MET Q 211 -80.08 -15.39 82.21
C MET Q 211 -81.59 -15.18 82.40
N GLU Q 212 -82.06 -13.94 82.32
CA GLU Q 212 -83.45 -13.63 82.63
C GLU Q 212 -84.06 -12.79 81.51
N ALA Q 213 -85.18 -13.26 80.96
CA ALA Q 213 -85.91 -12.55 79.92
C ALA Q 213 -87.29 -12.22 80.45
N GLU Q 214 -87.56 -10.92 80.64
CA GLU Q 214 -88.83 -10.46 81.16
C GLU Q 214 -89.57 -9.67 80.08
N LEU Q 215 -90.89 -9.86 80.02
CA LEU Q 215 -91.74 -9.19 79.04
C LEU Q 215 -92.89 -8.54 79.76
N ASP Q 216 -92.96 -7.20 79.70
CA ASP Q 216 -94.03 -6.45 80.35
C ASP Q 216 -95.22 -6.33 79.41
N GLU Q 217 -96.39 -6.72 79.91
CA GLU Q 217 -97.62 -6.78 79.12
C GLU Q 217 -97.39 -7.54 77.81
N ALA Q 218 -97.03 -8.81 77.96
CA ALA Q 218 -96.70 -9.67 76.83
C ALA Q 218 -97.95 -10.23 76.16
N LEU Q 219 -97.82 -10.55 74.89
CA LEU Q 219 -98.81 -11.32 74.15
C LEU Q 219 -98.39 -12.77 74.13
N ILE Q 220 -99.37 -13.67 74.21
CA ILE Q 220 -99.11 -15.11 74.28
C ILE Q 220 -99.75 -15.78 73.08
N LEU Q 221 -98.92 -16.35 72.21
CA LEU Q 221 -99.38 -17.12 71.05
C LEU Q 221 -99.22 -18.60 71.37
N ILE Q 222 -100.33 -19.34 71.35
CA ILE Q 222 -100.34 -20.76 71.68
C ILE Q 222 -100.58 -21.54 70.41
N HIS Q 223 -99.60 -22.35 70.00
CA HIS Q 223 -99.67 -23.14 68.79
C HIS Q 223 -99.51 -24.61 69.15
N ASP Q 224 -100.38 -25.45 68.59
CA ASP Q 224 -100.34 -26.89 68.86
C ASP Q 224 -99.25 -27.61 68.07
N LYS Q 225 -98.83 -27.07 66.94
CA LYS Q 225 -97.87 -27.72 66.06
C LYS Q 225 -96.56 -26.93 66.04
N LYS Q 226 -95.63 -27.38 65.20
CA LYS Q 226 -94.32 -26.76 65.10
C LYS Q 226 -94.41 -25.49 64.25
N ILE Q 227 -93.28 -24.81 64.10
CA ILE Q 227 -93.19 -23.57 63.35
C ILE Q 227 -91.92 -23.60 62.49
N SER Q 228 -92.07 -23.35 61.20
CA SER Q 228 -90.94 -23.31 60.28
C SER Q 228 -91.22 -22.40 59.10
N LYS Q 231 -91.55 -18.51 59.02
CA LYS Q 231 -91.80 -17.87 57.73
C LYS Q 231 -93.29 -17.84 57.42
N GLU Q 232 -93.97 -18.97 57.67
CA GLU Q 232 -95.40 -19.04 57.40
C GLU Q 232 -96.21 -18.32 58.46
N LEU Q 233 -95.63 -18.04 59.62
CA LEU Q 233 -96.32 -17.35 60.71
C LEU Q 233 -96.18 -15.84 60.64
N LEU Q 234 -95.55 -15.31 59.59
CA LEU Q 234 -95.37 -13.88 59.47
C LEU Q 234 -96.69 -13.10 59.49
N PRO Q 235 -97.80 -13.63 58.95
CA PRO Q 235 -99.05 -12.86 58.99
C PRO Q 235 -99.51 -12.52 60.40
N ILE Q 236 -99.35 -13.45 61.34
CA ILE Q 236 -99.72 -13.19 62.73
C ILE Q 236 -98.58 -12.61 63.55
N LEU Q 237 -97.37 -12.55 63.00
CA LEU Q 237 -96.21 -12.04 63.72
C LEU Q 237 -96.08 -10.52 63.58
N GLU Q 238 -95.86 -10.04 62.34
CA GLU Q 238 -95.71 -8.61 62.11
C GLU Q 238 -96.98 -7.85 62.49
N LYS Q 239 -98.15 -8.49 62.38
CA LYS Q 239 -99.40 -7.84 62.75
C LYS Q 239 -99.60 -7.76 64.26
N ALA Q 240 -98.82 -8.52 65.04
CA ALA Q 240 -98.93 -8.51 66.48
C ALA Q 240 -98.03 -7.46 67.14
N ALA Q 241 -97.26 -6.70 66.35
CA ALA Q 241 -96.38 -5.67 66.88
C ALA Q 241 -97.12 -4.34 66.86
N GLN Q 242 -97.43 -3.82 68.03
CA GLN Q 242 -98.15 -2.55 68.14
C GLN Q 242 -98.00 -1.95 69.53
N ARG Q 245 -95.41 -3.83 72.65
CA ARG Q 245 -96.04 -4.98 73.29
C ARG Q 245 -95.42 -6.28 72.78
N PRO Q 246 -94.65 -6.95 73.65
CA PRO Q 246 -93.96 -8.17 73.22
C PRO Q 246 -94.91 -9.34 73.05
N LEU Q 247 -94.43 -10.37 72.35
CA LEU Q 247 -95.20 -11.56 72.05
C LEU Q 247 -94.44 -12.80 72.48
N LEU Q 248 -95.15 -13.73 73.11
CA LEU Q 248 -94.62 -15.03 73.50
C LEU Q 248 -95.24 -16.12 72.62
N ILE Q 249 -94.42 -17.07 72.20
CA ILE Q 249 -94.84 -18.14 71.30
C ILE Q 249 -94.68 -19.48 72.01
N ILE Q 250 -95.78 -20.22 72.12
CA ILE Q 250 -95.79 -21.54 72.70
C ILE Q 250 -96.13 -22.53 71.59
N ALA Q 251 -95.17 -23.35 71.20
CA ALA Q 251 -95.36 -24.33 70.13
C ALA Q 251 -94.63 -25.62 70.50
N GLU Q 252 -94.94 -26.68 69.76
CA GLU Q 252 -94.24 -27.95 69.94
C GLU Q 252 -92.75 -27.77 69.66
N ASP Q 253 -92.41 -27.26 68.48
CA ASP Q 253 -91.05 -26.82 68.17
C ASP Q 253 -91.17 -25.39 67.66
N ILE Q 254 -90.63 -24.44 68.41
CA ILE Q 254 -90.82 -23.02 68.11
C ILE Q 254 -89.71 -22.56 67.17
N GLU Q 255 -90.10 -22.10 65.98
CA GLU Q 255 -89.20 -21.47 65.02
C GLU Q 255 -88.05 -22.42 64.64
N GLY Q 256 -88.42 -23.47 63.91
CA GLY Q 256 -87.42 -24.38 63.38
C GLY Q 256 -86.53 -23.70 62.36
N GLU Q 257 -87.13 -23.17 61.30
CA GLU Q 257 -86.42 -22.35 60.34
C GLU Q 257 -86.51 -20.87 60.64
N ALA Q 258 -87.37 -20.46 61.58
CA ALA Q 258 -87.55 -19.07 61.94
C ALA Q 258 -86.73 -18.66 63.15
N LEU Q 259 -85.88 -19.54 63.68
CA LEU Q 259 -85.07 -19.22 64.85
C LEU Q 259 -84.17 -18.03 64.57
N ALA Q 260 -83.33 -18.12 63.53
CA ALA Q 260 -82.48 -16.99 63.16
C ALA Q 260 -83.29 -15.79 62.69
N THR Q 261 -84.53 -16.00 62.24
CA THR Q 261 -85.35 -14.88 61.81
C THR Q 261 -85.87 -14.07 63.00
N LEU Q 262 -86.35 -14.76 64.04
CA LEU Q 262 -86.84 -14.06 65.22
C LEU Q 262 -85.72 -13.51 66.08
N VAL Q 263 -84.55 -14.16 66.07
CA VAL Q 263 -83.41 -13.65 66.83
C VAL Q 263 -82.92 -12.33 66.24
N VAL Q 264 -82.75 -12.29 64.91
CA VAL Q 264 -82.32 -11.05 64.27
C VAL Q 264 -83.40 -9.99 64.31
N ASN Q 265 -84.66 -10.38 64.46
CA ASN Q 265 -85.74 -9.40 64.54
C ASN Q 265 -85.81 -8.77 65.94
N LYS Q 266 -85.63 -9.57 66.98
CA LYS Q 266 -85.66 -9.05 68.35
C LYS Q 266 -84.35 -8.38 68.74
N LEU Q 267 -83.27 -8.65 68.02
CA LEU Q 267 -81.98 -8.04 68.35
C LEU Q 267 -81.91 -6.60 67.88
N ARG Q 268 -82.62 -6.25 66.80
CA ARG Q 268 -82.58 -4.89 66.26
C ARG Q 268 -83.99 -4.44 65.92
N GLY Q 269 -84.43 -3.37 66.57
CA GLY Q 269 -85.63 -2.68 66.11
C GLY Q 269 -86.91 -3.39 66.49
N THR Q 270 -87.87 -3.35 65.57
CA THR Q 270 -89.23 -3.79 65.82
C THR Q 270 -89.31 -5.30 66.00
N LEU Q 271 -90.44 -5.74 66.56
CA LEU Q 271 -90.77 -7.15 66.78
C LEU Q 271 -89.75 -7.81 67.71
N LYS Q 272 -89.84 -7.40 68.98
CA LYS Q 272 -89.09 -8.03 70.06
C LYS Q 272 -89.97 -9.10 70.70
N VAL Q 273 -89.60 -10.36 70.52
CA VAL Q 273 -90.40 -11.50 70.94
C VAL Q 273 -89.51 -12.53 71.61
N ALA Q 274 -90.15 -13.50 72.26
CA ALA Q 274 -89.45 -14.62 72.89
C ALA Q 274 -90.25 -15.90 72.63
N ALA Q 275 -89.54 -17.01 72.45
CA ALA Q 275 -90.14 -18.29 72.13
C ALA Q 275 -89.89 -19.29 73.24
N VAL Q 276 -90.90 -20.09 73.56
CA VAL Q 276 -90.82 -21.10 74.62
C VAL Q 276 -91.49 -22.38 74.11
N LYS Q 277 -90.83 -23.51 74.33
CA LYS Q 277 -91.37 -24.80 73.92
C LYS Q 277 -92.54 -25.20 74.82
N ALA Q 278 -93.47 -25.97 74.26
CA ALA Q 278 -94.65 -26.38 74.99
C ALA Q 278 -94.31 -27.46 76.01
N PRO Q 279 -94.93 -27.44 77.19
CA PRO Q 279 -94.64 -28.46 78.20
C PRO Q 279 -95.34 -29.78 77.90
N GLY Q 280 -94.73 -30.86 78.37
CA GLY Q 280 -95.29 -32.19 78.15
C GLY Q 280 -95.19 -32.62 76.70
N PHE Q 281 -95.70 -33.81 76.43
CA PHE Q 281 -95.65 -34.31 75.05
C PHE Q 281 -97.01 -34.71 74.48
N GLY Q 282 -97.50 -35.89 74.85
CA GLY Q 282 -98.59 -36.52 74.14
C GLY Q 282 -100.02 -36.06 74.42
N ASP Q 283 -100.39 -36.00 75.70
CA ASP Q 283 -101.79 -35.83 76.08
C ASP Q 283 -101.99 -34.61 76.97
N ARG Q 284 -101.39 -34.59 78.16
CA ARG Q 284 -101.53 -33.45 79.05
C ARG Q 284 -101.15 -32.14 78.36
N ARG Q 285 -100.18 -32.20 77.44
CA ARG Q 285 -99.80 -31.00 76.69
C ARG Q 285 -101.00 -30.39 75.97
N LYS Q 286 -101.84 -31.24 75.38
CA LYS Q 286 -103.06 -30.74 74.75
C LYS Q 286 -103.96 -30.08 75.79
N ALA Q 287 -104.08 -30.68 76.98
CA ALA Q 287 -104.88 -30.10 78.04
C ALA Q 287 -104.15 -29.02 78.83
N MET Q 288 -102.81 -29.01 78.80
CA MET Q 288 -102.07 -27.96 79.49
C MET Q 288 -102.06 -26.66 78.69
N LEU Q 289 -101.94 -26.76 77.36
CA LEU Q 289 -102.05 -25.57 76.52
C LEU Q 289 -103.42 -24.93 76.63
N GLU Q 290 -104.44 -25.72 76.99
CA GLU Q 290 -105.75 -25.15 77.30
C GLU Q 290 -105.72 -24.45 78.65
N ASP Q 291 -104.96 -24.99 79.62
CA ASP Q 291 -104.81 -24.31 80.90
C ASP Q 291 -104.07 -22.99 80.73
N ILE Q 292 -103.09 -22.95 79.83
CA ILE Q 292 -102.44 -21.68 79.51
C ILE Q 292 -103.40 -20.77 78.76
N ALA Q 293 -104.32 -21.36 77.99
CA ALA Q 293 -105.28 -20.56 77.23
C ALA Q 293 -106.38 -20.00 78.13
N ILE Q 294 -106.93 -20.82 79.03
CA ILE Q 294 -108.02 -20.36 79.88
C ILE Q 294 -107.52 -19.31 80.88
N LEU Q 295 -106.32 -19.51 81.42
CA LEU Q 295 -105.79 -18.57 82.41
C LEU Q 295 -105.45 -17.23 81.77
N THR Q 296 -104.85 -17.24 80.59
CA THR Q 296 -104.43 -16.02 79.91
C THR Q 296 -105.41 -15.53 78.87
N GLY Q 297 -106.51 -16.24 78.65
CA GLY Q 297 -107.46 -15.86 77.61
C GLY Q 297 -106.91 -15.97 76.21
N GLY Q 298 -106.10 -16.99 75.94
CA GLY Q 298 -105.44 -17.11 74.65
C GLY Q 298 -106.24 -17.83 73.58
N THR Q 299 -107.12 -18.73 73.99
CA THR Q 299 -107.96 -19.51 73.08
C THR Q 299 -107.09 -20.25 72.06
N VAL Q 300 -106.37 -21.26 72.56
CA VAL Q 300 -105.46 -22.06 71.75
C VAL Q 300 -106.21 -22.75 70.61
N LYS Q 305 -107.82 -28.24 65.62
CA LYS Q 305 -109.27 -28.16 65.79
C LYS Q 305 -109.87 -27.20 64.77
N GLY Q 306 -109.34 -27.25 63.55
CA GLY Q 306 -109.85 -26.39 62.49
C GLY Q 306 -109.28 -24.99 62.48
N TYR Q 307 -108.06 -24.81 62.98
CA TYR Q 307 -107.40 -23.51 63.01
C TYR Q 307 -106.12 -23.57 62.20
N LYS Q 308 -105.85 -22.50 61.45
CA LYS Q 308 -104.64 -22.40 60.62
C LYS Q 308 -103.75 -21.26 61.09
N LEU Q 309 -104.15 -20.01 60.88
CA LEU Q 309 -103.36 -18.88 61.33
C LEU Q 309 -104.23 -17.62 61.45
N GLY Q 318 -103.29 -14.59 73.95
CA GLY Q 318 -103.12 -14.52 75.40
C GLY Q 318 -102.41 -13.27 75.86
N GLN Q 319 -102.81 -12.75 77.01
CA GLN Q 319 -102.23 -11.54 77.58
C GLN Q 319 -101.91 -11.77 79.04
N ALA Q 320 -100.78 -11.20 79.48
CA ALA Q 320 -100.35 -11.29 80.86
C ALA Q 320 -99.55 -10.05 81.21
N ALA Q 321 -99.49 -9.75 82.51
CA ALA Q 321 -98.79 -8.55 82.97
C ALA Q 321 -97.28 -8.68 82.76
N ARG Q 322 -96.69 -9.76 83.28
CA ARG Q 322 -95.26 -9.98 83.17
C ARG Q 322 -95.02 -11.46 82.93
N ILE Q 323 -94.08 -11.76 82.04
CA ILE Q 323 -93.66 -13.14 81.75
C ILE Q 323 -92.16 -13.20 81.91
N THR Q 324 -91.70 -13.96 82.90
CA THR Q 324 -90.27 -14.16 83.16
C THR Q 324 -89.93 -15.60 82.81
N ILE Q 325 -88.97 -15.78 81.90
CA ILE Q 325 -88.60 -17.11 81.41
C ILE Q 325 -87.12 -17.33 81.71
N ASP Q 326 -86.83 -18.43 82.41
CA ASP Q 326 -85.47 -18.88 82.62
C ASP Q 326 -85.10 -19.85 81.50
N LYS Q 327 -83.94 -20.49 81.62
CA LYS Q 327 -83.58 -21.51 80.63
C LYS Q 327 -84.42 -22.76 80.79
N ASP Q 328 -84.66 -23.19 82.04
CA ASP Q 328 -85.48 -24.35 82.32
C ASP Q 328 -86.91 -24.01 82.72
N ASN Q 329 -87.26 -22.73 82.84
CA ASN Q 329 -88.53 -22.35 83.44
C ASN Q 329 -89.20 -21.24 82.62
N THR Q 330 -90.53 -21.18 82.75
CA THR Q 330 -91.34 -20.11 82.17
C THR Q 330 -92.44 -19.76 83.17
N THR Q 331 -92.61 -18.47 83.46
CA THR Q 331 -93.56 -18.01 84.45
C THR Q 331 -94.53 -17.03 83.81
N ILE Q 332 -95.83 -17.22 84.10
CA ILE Q 332 -96.89 -16.34 83.63
C ILE Q 332 -97.49 -15.66 84.84
N VAL Q 333 -97.37 -14.34 84.90
CA VAL Q 333 -97.79 -13.54 86.05
C VAL Q 333 -99.00 -12.70 85.66
N GLU Q 334 -100.09 -12.84 86.43
CA GLU Q 334 -101.30 -12.03 86.26
C GLU Q 334 -101.89 -12.19 84.86
N GLY Q 335 -102.42 -13.38 84.62
CA GLY Q 335 -103.08 -13.64 83.36
C GLY Q 335 -104.33 -12.78 83.17
N LYS Q 336 -104.60 -12.45 81.92
CA LYS Q 336 -105.73 -11.58 81.57
C LYS Q 336 -107.04 -12.32 81.42
N GLY Q 337 -107.06 -13.64 81.61
CA GLY Q 337 -108.29 -14.40 81.49
C GLY Q 337 -109.31 -14.02 82.54
N LYS Q 338 -110.54 -14.48 82.32
CA LYS Q 338 -111.63 -14.17 83.23
C LYS Q 338 -111.41 -14.84 84.59
N GLN Q 339 -111.94 -14.21 85.63
CA GLN Q 339 -111.72 -14.69 86.99
C GLN Q 339 -112.37 -16.06 87.22
N GLU Q 340 -113.66 -16.17 86.93
CA GLU Q 340 -114.39 -17.41 87.16
C GLU Q 340 -114.31 -18.38 85.99
N GLU Q 341 -113.70 -17.98 84.86
CA GLU Q 341 -113.46 -18.93 83.79
C GLU Q 341 -112.37 -19.92 84.17
N ILE Q 342 -111.32 -19.44 84.82
CA ILE Q 342 -110.28 -20.35 85.29
C ILE Q 342 -110.72 -21.07 86.56
N LYS Q 343 -111.64 -20.47 87.32
CA LYS Q 343 -112.16 -21.12 88.51
C LYS Q 343 -113.08 -22.28 88.18
N ALA Q 344 -113.73 -22.25 87.00
CA ALA Q 344 -114.52 -23.38 86.55
C ALA Q 344 -113.67 -24.54 86.09
N ARG Q 345 -112.47 -24.25 85.57
CA ARG Q 345 -111.55 -25.32 85.19
C ARG Q 345 -110.98 -26.03 86.41
N ILE Q 346 -110.89 -25.34 87.54
CA ILE Q 346 -110.41 -25.96 88.77
C ILE Q 346 -111.36 -27.06 89.20
N ASN Q 347 -112.67 -26.77 89.23
CA ASN Q 347 -113.65 -27.78 89.58
C ASN Q 347 -113.84 -28.80 88.46
N GLU Q 348 -113.43 -28.47 87.23
CA GLU Q 348 -113.54 -29.44 86.14
C GLU Q 348 -112.51 -30.56 86.28
N ILE Q 349 -111.26 -30.20 86.59
CA ILE Q 349 -110.24 -31.21 86.78
C ILE Q 349 -110.36 -31.85 88.17
N LYS Q 350 -110.91 -31.13 89.15
CA LYS Q 350 -111.16 -31.72 90.45
C LYS Q 350 -112.26 -32.76 90.38
N GLY Q 351 -113.26 -32.55 89.51
CA GLY Q 351 -114.29 -33.56 89.31
C GLY Q 351 -113.76 -34.79 88.59
N GLN Q 352 -112.71 -34.63 87.81
CA GLN Q 352 -112.05 -35.75 87.15
C GLN Q 352 -110.99 -36.40 88.02
N ILE Q 353 -110.77 -35.91 89.24
CA ILE Q 353 -109.77 -36.44 90.15
C ILE Q 353 -110.42 -37.14 91.34
N GLU Q 354 -111.16 -36.38 92.17
CA GLU Q 354 -111.78 -36.97 93.35
C GLU Q 354 -113.04 -37.76 92.98
N LYS Q 355 -113.80 -37.27 92.01
CA LYS Q 355 -115.06 -37.91 91.60
C LYS Q 355 -114.89 -38.85 90.42
N SER Q 356 -113.67 -39.03 89.91
CA SER Q 356 -113.44 -39.92 88.78
C SER Q 356 -112.08 -40.58 88.95
N THR Q 357 -111.70 -41.40 87.96
CA THR Q 357 -110.44 -42.14 87.95
C THR Q 357 -110.24 -42.93 89.23
N ASP Q 361 -100.74 -41.65 86.44
CA ASP Q 361 -101.57 -40.80 85.59
C ASP Q 361 -102.76 -40.24 86.35
N THR Q 362 -103.15 -40.94 87.42
CA THR Q 362 -104.25 -40.47 88.26
C THR Q 362 -103.81 -39.34 89.18
N GLU Q 363 -102.63 -39.46 89.77
CA GLU Q 363 -102.16 -38.46 90.72
C GLU Q 363 -101.59 -37.23 90.03
N LYS Q 364 -101.09 -37.37 88.80
CA LYS Q 364 -100.47 -36.24 88.11
C LYS Q 364 -101.49 -35.17 87.72
N LEU Q 365 -102.79 -35.45 87.81
CA LEU Q 365 -103.78 -34.41 87.59
C LEU Q 365 -103.75 -33.35 88.67
N GLN Q 366 -103.23 -33.66 89.85
CA GLN Q 366 -103.09 -32.66 90.91
C GLN Q 366 -101.97 -31.68 90.61
N GLU Q 367 -101.06 -32.02 89.70
CA GLU Q 367 -100.02 -31.07 89.31
C GLU Q 367 -100.62 -29.83 88.68
N ARG Q 368 -101.61 -30.01 87.80
CA ARG Q 368 -102.32 -28.88 87.22
C ARG Q 368 -103.29 -28.24 88.19
N LEU Q 369 -103.72 -28.97 89.22
CA LEU Q 369 -104.63 -28.39 90.22
C LEU Q 369 -103.90 -27.37 91.08
N ALA Q 370 -102.64 -27.64 91.43
CA ALA Q 370 -101.86 -26.69 92.23
C ALA Q 370 -101.34 -25.51 91.41
N LYS Q 371 -101.22 -25.67 90.09
CA LYS Q 371 -100.74 -24.58 89.27
C LYS Q 371 -101.85 -23.58 88.96
N LEU Q 372 -103.06 -24.06 88.69
CA LEU Q 372 -104.17 -23.17 88.38
C LEU Q 372 -104.72 -22.50 89.64
N SER Q 373 -104.97 -23.30 90.68
CA SER Q 373 -105.55 -22.77 91.92
C SER Q 373 -104.51 -22.11 92.81
N GLY Q 374 -103.23 -22.48 92.69
CA GLY Q 374 -102.22 -21.92 93.57
C GLY Q 374 -101.87 -20.48 93.25
N GLY Q 375 -101.73 -20.17 91.96
CA GLY Q 375 -101.38 -18.82 91.56
C GLY Q 375 -99.89 -18.57 91.64
N VAL Q 376 -99.54 -17.28 91.68
CA VAL Q 376 -98.14 -16.85 91.74
C VAL Q 376 -98.03 -15.75 92.80
N ALA Q 377 -97.16 -15.95 93.78
CA ALA Q 377 -96.90 -14.93 94.79
C ALA Q 377 -95.93 -13.89 94.22
N VAL Q 378 -96.30 -12.62 94.33
CA VAL Q 378 -95.52 -11.52 93.78
C VAL Q 378 -95.09 -10.61 94.92
N LEU Q 379 -93.78 -10.49 95.11
CA LEU Q 379 -93.21 -9.56 96.07
C LEU Q 379 -92.83 -8.29 95.34
N LYS Q 380 -93.55 -7.20 95.63
CA LYS Q 380 -93.28 -5.90 95.00
C LYS Q 380 -92.50 -5.04 95.99
N ILE Q 381 -91.23 -4.82 95.70
CA ILE Q 381 -90.32 -4.14 96.61
C ILE Q 381 -90.29 -2.66 96.29
N GLY Q 382 -90.26 -1.83 97.33
CA GLY Q 382 -90.23 -0.40 97.15
C GLY Q 382 -89.51 0.29 98.29
N ALA Q 383 -89.06 1.51 98.01
CA ALA Q 383 -88.32 2.32 98.98
C ALA Q 383 -88.49 3.78 98.59
N SER Q 384 -87.73 4.67 99.23
CA SER Q 384 -87.77 6.09 98.89
C SER Q 384 -87.01 6.35 97.59
N THR Q 385 -85.69 6.18 97.63
CA THR Q 385 -84.86 6.42 96.45
C THR Q 385 -84.95 5.24 95.50
N GLU Q 386 -85.04 5.54 94.20
CA GLU Q 386 -85.06 4.48 93.19
C GLU Q 386 -83.75 3.69 93.18
N VAL Q 387 -82.64 4.34 93.53
CA VAL Q 387 -81.37 3.64 93.65
C VAL Q 387 -81.42 2.67 94.83
N GLU Q 388 -81.98 3.11 95.96
CA GLU Q 388 -82.14 2.22 97.10
C GLU Q 388 -83.22 1.17 96.84
N MET Q 389 -84.18 1.49 95.96
CA MET Q 389 -85.22 0.51 95.62
C MET Q 389 -84.62 -0.67 94.87
N LYS Q 390 -83.87 -0.40 93.80
CA LYS Q 390 -83.24 -1.48 93.04
C LYS Q 390 -82.16 -2.18 93.85
N GLU Q 391 -81.55 -1.48 94.81
CA GLU Q 391 -80.50 -2.10 95.62
C GLU Q 391 -81.08 -3.20 96.50
N LYS Q 392 -82.18 -2.91 97.20
CA LYS Q 392 -82.82 -3.93 98.03
C LYS Q 392 -83.70 -4.87 97.21
N LYS Q 393 -84.05 -4.50 95.97
CA LYS Q 393 -84.84 -5.39 95.14
C LYS Q 393 -84.03 -6.62 94.76
N ALA Q 394 -82.78 -6.43 94.34
CA ALA Q 394 -81.89 -7.56 94.10
C ALA Q 394 -81.48 -8.25 95.40
N ARG Q 395 -81.55 -7.54 96.53
CA ARG Q 395 -81.27 -8.17 97.82
C ARG Q 395 -82.34 -9.18 98.20
N VAL Q 396 -83.59 -8.93 97.83
CA VAL Q 396 -84.67 -9.87 98.12
C VAL Q 396 -84.52 -11.12 97.26
N GLU Q 397 -84.18 -10.95 95.98
CA GLU Q 397 -84.05 -12.10 95.09
C GLU Q 397 -82.93 -13.02 95.55
N ASP Q 398 -81.82 -12.45 96.05
CA ASP Q 398 -80.74 -13.28 96.56
C ASP Q 398 -81.15 -13.97 97.85
N ALA Q 399 -81.89 -13.27 98.72
CA ALA Q 399 -82.35 -13.89 99.96
C ALA Q 399 -83.46 -14.89 99.70
N LEU Q 400 -84.33 -14.63 98.72
CA LEU Q 400 -85.39 -15.58 98.40
C LEU Q 400 -84.82 -16.86 97.84
N HIS Q 401 -83.87 -16.76 96.92
CA HIS Q 401 -83.25 -17.95 96.34
C HIS Q 401 -82.48 -18.74 97.39
N ALA Q 402 -81.83 -18.05 98.33
CA ALA Q 402 -81.12 -18.74 99.41
C ALA Q 402 -82.08 -19.47 100.33
N THR Q 403 -83.17 -18.80 100.72
CA THR Q 403 -84.16 -19.44 101.57
C THR Q 403 -84.85 -20.60 100.86
N ARG Q 404 -84.95 -20.53 99.53
CA ARG Q 404 -85.52 -21.64 98.78
C ARG Q 404 -84.70 -22.92 98.97
N ALA Q 405 -83.37 -22.80 98.95
CA ALA Q 405 -82.51 -23.95 99.13
C ALA Q 405 -82.47 -24.42 100.58
N ALA Q 406 -82.62 -23.50 101.54
CA ALA Q 406 -82.61 -23.89 102.94
C ALA Q 406 -83.86 -24.65 103.32
N VAL Q 407 -85.01 -24.31 102.72
CA VAL Q 407 -86.24 -25.04 103.01
C VAL Q 407 -86.16 -26.46 102.49
N GLN Q 408 -85.42 -26.69 101.40
CA GLN Q 408 -85.35 -28.02 100.80
C GLN Q 408 -84.43 -28.94 101.59
N GLU Q 409 -83.12 -28.70 101.53
CA GLU Q 409 -82.14 -29.61 102.11
C GLU Q 409 -81.61 -29.16 103.47
N GLY Q 410 -82.03 -28.01 103.97
CA GLY Q 410 -81.61 -27.57 105.29
C GLY Q 410 -80.46 -26.59 105.29
N ILE Q 411 -79.82 -26.48 106.46
CA ILE Q 411 -78.75 -25.52 106.72
C ILE Q 411 -77.57 -26.25 107.34
N VAL Q 412 -76.36 -25.86 106.92
CA VAL Q 412 -75.11 -26.37 107.50
C VAL Q 412 -74.20 -25.20 107.81
N VAL Q 413 -73.13 -25.50 108.56
CA VAL Q 413 -72.19 -24.48 108.98
C VAL Q 413 -71.39 -23.98 107.78
N GLY Q 414 -71.18 -22.66 107.73
CA GLY Q 414 -70.38 -22.05 106.69
C GLY Q 414 -68.90 -22.07 107.00
N GLY Q 415 -68.16 -21.20 106.32
CA GLY Q 415 -66.73 -21.11 106.53
C GLY Q 415 -65.95 -22.36 106.17
N GLY Q 416 -66.53 -23.24 105.38
CA GLY Q 416 -65.88 -24.50 105.05
C GLY Q 416 -65.79 -25.49 106.19
N VAL Q 417 -66.53 -25.27 107.28
CA VAL Q 417 -66.46 -26.18 108.42
C VAL Q 417 -67.31 -27.42 108.19
N ALA Q 418 -68.45 -27.26 107.52
CA ALA Q 418 -69.34 -28.41 107.29
C ALA Q 418 -68.65 -29.49 106.48
N LEU Q 419 -67.86 -29.10 105.47
CA LEU Q 419 -67.12 -30.09 104.70
C LEU Q 419 -66.07 -30.79 105.55
N ILE Q 420 -65.47 -30.07 106.50
CA ILE Q 420 -64.50 -30.70 107.40
C ILE Q 420 -65.21 -31.61 108.41
N ARG Q 421 -66.34 -31.15 108.94
CA ARG Q 421 -67.08 -31.97 109.90
C ARG Q 421 -67.64 -33.22 109.23
N ALA Q 422 -68.12 -33.10 107.99
CA ALA Q 422 -68.68 -34.24 107.28
C ALA Q 422 -67.64 -35.29 106.92
N ALA Q 423 -66.35 -34.98 107.08
CA ALA Q 423 -65.32 -35.99 106.86
C ALA Q 423 -65.40 -37.13 107.86
N LYS Q 424 -66.10 -36.92 108.98
CA LYS Q 424 -66.25 -37.98 109.98
C LYS Q 424 -66.96 -39.20 109.40
N GLY Q 425 -67.85 -38.99 108.44
CA GLY Q 425 -68.56 -40.09 107.82
C GLY Q 425 -67.74 -40.94 106.87
N LEU Q 426 -66.45 -40.66 106.71
CA LEU Q 426 -65.61 -41.45 105.83
C LEU Q 426 -65.28 -42.82 106.41
N ALA Q 427 -65.43 -43.00 107.73
CA ALA Q 427 -65.17 -44.30 108.34
C ALA Q 427 -66.12 -45.38 107.84
N LYS Q 428 -67.30 -45.00 107.35
CA LYS Q 428 -68.27 -45.95 106.83
C LYS Q 428 -68.02 -46.29 105.36
N ALA Q 429 -67.01 -45.69 104.73
CA ALA Q 429 -66.70 -45.98 103.34
C ALA Q 429 -65.83 -47.22 103.24
N VAL Q 430 -66.27 -48.18 102.43
CA VAL Q 430 -65.58 -49.46 102.28
C VAL Q 430 -64.75 -49.43 101.00
N ALA Q 431 -63.46 -49.75 101.12
CA ALA Q 431 -62.55 -49.82 100.00
C ALA Q 431 -62.22 -51.27 99.71
N ASP Q 432 -62.44 -51.69 98.46
CA ASP Q 432 -62.18 -53.08 98.07
C ASP Q 432 -60.70 -53.36 97.88
N ASN Q 433 -59.87 -52.34 97.65
CA ASN Q 433 -58.45 -52.53 97.46
C ASN Q 433 -57.72 -51.24 97.84
N GLU Q 434 -56.40 -51.24 97.66
CA GLU Q 434 -55.60 -50.09 98.09
C GLU Q 434 -55.83 -48.88 97.19
N ASP Q 435 -56.02 -49.10 95.89
CA ASP Q 435 -56.28 -47.97 94.99
C ASP Q 435 -57.61 -47.31 95.31
N GLN Q 436 -58.59 -48.07 95.82
CA GLN Q 436 -59.83 -47.45 96.24
C GLN Q 436 -59.70 -46.74 97.58
N LYS Q 437 -58.83 -47.23 98.47
CA LYS Q 437 -58.64 -46.57 99.76
C LYS Q 437 -57.93 -45.23 99.58
N THR Q 438 -56.99 -45.15 98.63
CA THR Q 438 -56.35 -43.87 98.35
C THR Q 438 -57.37 -42.87 97.79
N GLY Q 439 -58.28 -43.33 96.93
CA GLY Q 439 -59.32 -42.45 96.44
C GLY Q 439 -60.21 -41.90 97.54
N ILE Q 440 -60.43 -42.69 98.60
CA ILE Q 440 -61.14 -42.17 99.76
C ILE Q 440 -60.32 -41.10 100.46
N GLU Q 441 -59.00 -41.29 100.52
CA GLU Q 441 -58.13 -40.30 101.13
C GLU Q 441 -58.02 -39.04 100.29
N ILE Q 442 -58.25 -39.13 98.98
CA ILE Q 442 -58.29 -37.93 98.14
C ILE Q 442 -59.40 -37.00 98.61
N ILE Q 443 -60.57 -37.56 98.90
CA ILE Q 443 -61.69 -36.75 99.39
C ILE Q 443 -61.40 -36.22 100.79
N ARG Q 444 -60.72 -37.03 101.62
CA ARG Q 444 -60.42 -36.60 102.98
C ARG Q 444 -59.56 -35.35 102.98
N ARG Q 445 -58.58 -35.28 102.08
CA ARG Q 445 -57.72 -34.10 102.01
C ARG Q 445 -58.39 -32.93 101.29
N ALA Q 446 -59.27 -33.23 100.32
CA ALA Q 446 -59.92 -32.16 99.57
C ALA Q 446 -60.93 -31.40 100.41
N LEU Q 447 -61.53 -32.06 101.40
CA LEU Q 447 -62.56 -31.40 102.22
C LEU Q 447 -61.99 -30.25 103.05
N GLU Q 448 -60.68 -30.21 103.25
CA GLU Q 448 -60.04 -29.14 103.99
C GLU Q 448 -59.65 -27.95 103.12
N GLU Q 449 -59.72 -28.09 101.80
CA GLU Q 449 -59.24 -27.07 100.88
C GLU Q 449 -60.06 -25.78 100.90
N PRO Q 450 -61.41 -25.84 100.91
CA PRO Q 450 -62.17 -24.58 100.97
C PRO Q 450 -61.85 -23.73 102.18
N LEU Q 451 -61.80 -24.33 103.37
CA LEU Q 451 -61.45 -23.55 104.57
C LEU Q 451 -60.01 -23.08 104.51
N ARG Q 452 -59.12 -23.89 103.94
CA ARG Q 452 -57.72 -23.48 103.81
C ARG Q 452 -57.58 -22.30 102.87
N GLN Q 453 -58.41 -22.23 101.84
CA GLN Q 453 -58.38 -21.08 100.93
C GLN Q 453 -59.05 -19.86 101.55
N ILE Q 454 -60.10 -20.07 102.37
CA ILE Q 454 -60.73 -18.95 103.07
C ILE Q 454 -59.75 -18.29 104.02
N VAL Q 455 -58.98 -19.10 104.76
CA VAL Q 455 -57.97 -18.53 105.65
C VAL Q 455 -56.82 -17.94 104.84
N ALA Q 456 -56.52 -18.51 103.67
CA ALA Q 456 -55.44 -18.00 102.85
C ALA Q 456 -55.78 -16.63 102.28
N ASN Q 457 -57.04 -16.41 101.90
CA ASN Q 457 -57.47 -15.11 101.39
C ASN Q 457 -57.38 -14.01 102.44
N THR Q 458 -57.18 -14.36 103.72
CA THR Q 458 -56.91 -13.37 104.75
C THR Q 458 -55.49 -12.82 104.65
N GLY Q 459 -54.61 -13.47 103.90
CA GLY Q 459 -53.25 -13.01 103.72
C GLY Q 459 -52.24 -13.54 104.71
N THR Q 460 -52.69 -14.34 105.68
CA THR Q 460 -51.79 -14.84 106.71
C THR Q 460 -50.96 -16.02 106.20
N THR Q 461 -49.79 -16.18 106.79
CA THR Q 461 -48.95 -17.35 106.57
C THR Q 461 -49.15 -18.41 107.64
N ASP Q 462 -50.00 -18.15 108.64
CA ASP Q 462 -50.25 -19.05 109.75
C ASP Q 462 -51.46 -19.96 109.51
N GLY Q 463 -52.03 -19.93 108.32
CA GLY Q 463 -53.26 -20.67 108.01
C GLY Q 463 -53.23 -22.14 108.32
N ALA Q 464 -52.04 -22.74 108.38
CA ALA Q 464 -51.93 -24.15 108.75
C ALA Q 464 -52.36 -24.36 110.21
N VAL Q 465 -51.96 -23.46 111.10
CA VAL Q 465 -52.35 -23.56 112.50
C VAL Q 465 -53.84 -23.34 112.66
N VAL Q 466 -54.43 -22.45 111.86
CA VAL Q 466 -55.87 -22.20 111.95
C VAL Q 466 -56.64 -23.45 111.56
N LEU Q 467 -56.20 -24.14 110.51
CA LEU Q 467 -56.87 -25.38 110.10
C LEU Q 467 -56.80 -26.44 111.19
N GLU Q 468 -55.71 -26.46 111.96
CA GLU Q 468 -55.59 -27.44 113.04
C GLU Q 468 -56.55 -27.15 114.18
N LYS Q 469 -56.85 -25.87 114.44
CA LYS Q 469 -57.81 -25.54 115.48
C LYS Q 469 -59.22 -25.96 115.09
N VAL Q 470 -59.63 -25.68 113.84
CA VAL Q 470 -61.00 -25.99 113.42
C VAL Q 470 -61.22 -27.50 113.34
N LYS Q 471 -60.22 -28.24 112.84
CA LYS Q 471 -60.37 -29.68 112.70
C LYS Q 471 -60.43 -30.37 114.06
N ASN Q 472 -59.57 -29.95 115.00
CA ASN Q 472 -59.57 -30.56 116.33
C ASN Q 472 -60.80 -30.17 117.14
N ALA Q 473 -61.45 -29.05 116.82
CA ALA Q 473 -62.67 -28.67 117.49
C ALA Q 473 -63.84 -29.52 116.98
N GLU Q 474 -65.04 -29.23 117.47
CA GLU Q 474 -66.20 -30.02 117.09
C GLU Q 474 -67.41 -29.10 117.02
N GLY Q 475 -68.45 -29.59 116.34
CA GLY Q 475 -69.68 -28.83 116.19
C GLY Q 475 -69.55 -27.67 115.20
N ASP Q 476 -70.17 -26.55 115.53
CA ASP Q 476 -70.17 -25.37 114.68
C ASP Q 476 -69.01 -24.44 114.99
N TYR Q 477 -68.11 -24.82 115.88
CA TYR Q 477 -66.93 -24.00 116.18
C TYR Q 477 -66.02 -23.95 114.95
N GLY Q 478 -65.63 -22.73 114.57
CA GLY Q 478 -64.80 -22.55 113.41
C GLY Q 478 -64.18 -21.18 113.38
N PHE Q 479 -63.54 -20.86 112.27
CA PHE Q 479 -62.86 -19.59 112.07
C PHE Q 479 -63.69 -18.70 111.17
N ASN Q 480 -63.94 -17.46 111.61
CA ASN Q 480 -64.67 -16.47 110.83
C ASN Q 480 -63.66 -15.51 110.23
N ALA Q 481 -63.50 -15.57 108.90
CA ALA Q 481 -62.48 -14.77 108.23
C ALA Q 481 -62.83 -13.28 108.22
N ARG Q 482 -64.09 -12.92 108.41
CA ARG Q 482 -64.46 -11.51 108.42
C ARG Q 482 -63.93 -10.81 109.66
N THR Q 483 -64.19 -11.36 110.84
CA THR Q 483 -63.70 -10.78 112.08
C THR Q 483 -62.38 -11.39 112.54
N GLU Q 484 -61.89 -12.41 111.85
CA GLU Q 484 -60.62 -13.07 112.20
C GLU Q 484 -60.63 -13.55 113.65
N GLN Q 485 -61.68 -14.29 113.99
CA GLN Q 485 -61.88 -14.75 115.36
C GLN Q 485 -62.56 -16.12 115.34
N TYR Q 486 -62.20 -16.98 116.28
CA TYR Q 486 -62.84 -18.28 116.42
C TYR Q 486 -64.13 -18.13 117.23
N GLU Q 487 -65.18 -18.79 116.75
CA GLU Q 487 -66.49 -18.72 117.39
C GLU Q 487 -67.38 -19.80 116.77
N ASN Q 488 -68.64 -19.83 117.21
CA ASN Q 488 -69.65 -20.69 116.60
C ASN Q 488 -70.24 -19.96 115.41
N LEU Q 489 -70.07 -20.52 114.22
CA LEU Q 489 -70.40 -19.79 112.99
C LEU Q 489 -71.91 -19.66 112.80
N ILE Q 490 -72.69 -20.67 113.20
CA ILE Q 490 -74.14 -20.57 113.06
C ILE Q 490 -74.67 -19.46 113.97
N GLU Q 491 -74.15 -19.36 115.19
CA GLU Q 491 -74.56 -18.29 116.09
C GLU Q 491 -74.04 -16.94 115.59
N ALA Q 492 -72.93 -16.93 114.87
CA ALA Q 492 -72.36 -15.71 114.32
C ALA Q 492 -72.95 -15.31 112.97
N GLY Q 493 -73.86 -16.12 112.43
CA GLY Q 493 -74.49 -15.82 111.16
C GLY Q 493 -73.77 -16.32 109.93
N VAL Q 494 -72.81 -17.22 110.08
CA VAL Q 494 -72.09 -17.80 108.95
C VAL Q 494 -72.69 -19.18 108.69
N VAL Q 495 -73.46 -19.30 107.62
CA VAL Q 495 -74.19 -20.53 107.31
C VAL Q 495 -74.30 -20.66 105.81
N ASP Q 496 -74.38 -21.90 105.34
CA ASP Q 496 -74.62 -22.22 103.95
C ASP Q 496 -75.76 -23.21 103.85
N PRO Q 497 -76.58 -23.12 102.80
CA PRO Q 497 -77.58 -24.17 102.56
C PRO Q 497 -76.90 -25.51 102.35
N THR Q 498 -77.49 -26.55 102.94
CA THR Q 498 -76.94 -27.89 102.76
C THR Q 498 -76.93 -28.29 101.28
N LYS Q 499 -77.85 -27.73 100.50
CA LYS Q 499 -77.91 -28.05 99.07
C LYS Q 499 -76.66 -27.58 98.33
N VAL Q 500 -76.25 -26.33 98.55
CA VAL Q 500 -75.10 -25.80 97.83
C VAL Q 500 -73.79 -26.42 98.31
N THR Q 501 -73.76 -26.93 99.53
CA THR Q 501 -72.53 -27.57 100.02
C THR Q 501 -72.37 -28.97 99.45
N ARG Q 502 -73.43 -29.78 99.48
CA ARG Q 502 -73.31 -31.14 98.94
C ARG Q 502 -73.23 -31.13 97.42
N SER Q 503 -73.87 -30.16 96.76
CA SER Q 503 -73.75 -30.07 95.31
C SER Q 503 -72.34 -29.64 94.91
N ALA Q 504 -71.72 -28.77 95.70
CA ALA Q 504 -70.35 -28.36 95.41
C ALA Q 504 -69.40 -29.55 95.47
N LEU Q 505 -69.65 -30.50 96.37
CA LEU Q 505 -68.81 -31.68 96.46
C LEU Q 505 -69.11 -32.70 95.37
N GLU Q 506 -70.41 -32.91 95.09
CA GLU Q 506 -70.79 -33.89 94.08
C GLU Q 506 -70.36 -33.46 92.68
N ASN Q 507 -70.54 -32.18 92.35
CA ASN Q 507 -70.15 -31.70 91.03
C ASN Q 507 -68.63 -31.73 90.86
N ALA Q 508 -67.88 -31.38 91.90
CA ALA Q 508 -66.43 -31.39 91.81
C ALA Q 508 -65.90 -32.81 91.62
N ALA Q 509 -66.40 -33.76 92.41
CA ALA Q 509 -65.99 -35.14 92.27
C ALA Q 509 -66.43 -35.76 90.94
N SER Q 510 -67.49 -35.22 90.34
CA SER Q 510 -67.95 -35.74 89.05
C SER Q 510 -66.98 -35.36 87.94
N VAL Q 511 -66.64 -34.08 87.82
CA VAL Q 511 -65.79 -33.63 86.72
C VAL Q 511 -64.38 -34.16 86.88
N ALA Q 512 -63.86 -34.17 88.12
CA ALA Q 512 -62.52 -34.69 88.35
C ALA Q 512 -62.43 -36.18 88.03
N SER Q 513 -63.50 -36.93 88.30
CA SER Q 513 -63.49 -38.35 87.94
C SER Q 513 -63.53 -38.54 86.43
N ILE Q 514 -64.26 -37.67 85.72
CA ILE Q 514 -64.30 -37.75 84.27
C ILE Q 514 -62.92 -37.45 83.68
N LEU Q 515 -62.22 -36.46 84.22
CA LEU Q 515 -60.90 -36.12 83.71
C LEU Q 515 -59.88 -37.19 84.03
N LEU Q 516 -60.00 -37.85 85.18
CA LEU Q 516 -59.09 -38.95 85.52
C LEU Q 516 -59.28 -40.14 84.59
N THR Q 517 -60.51 -40.37 84.14
CA THR Q 517 -60.83 -41.48 83.26
C THR Q 517 -60.78 -41.11 81.78
N THR Q 518 -60.32 -39.91 81.45
CA THR Q 518 -60.23 -39.46 80.06
C THR Q 518 -58.91 -39.92 79.46
N GLU Q 519 -58.98 -40.75 78.41
CA GLU Q 519 -57.78 -41.23 77.73
C GLU Q 519 -57.44 -40.46 76.46
N ALA Q 520 -58.29 -39.54 76.01
CA ALA Q 520 -57.99 -38.79 74.80
C ALA Q 520 -58.67 -37.43 74.85
N ALA Q 521 -57.97 -36.42 74.34
CA ALA Q 521 -58.51 -35.06 74.20
C ALA Q 521 -58.44 -34.67 72.73
N ILE Q 522 -59.60 -34.56 72.09
CA ILE Q 522 -59.69 -34.25 70.67
C ILE Q 522 -60.14 -32.79 70.54
N THR Q 523 -59.33 -31.99 69.83
CA THR Q 523 -59.65 -30.59 69.64
C THR Q 523 -59.36 -30.19 68.20
N ASP Q 524 -59.88 -29.04 67.81
CA ASP Q 524 -59.70 -28.57 66.45
C ASP Q 524 -58.25 -28.10 66.24
N VAL Q 525 -57.95 -27.69 65.02
CA VAL Q 525 -56.62 -27.27 64.62
C VAL Q 525 -56.65 -25.78 64.33
N LYS Q 526 -55.52 -25.12 64.56
CA LYS Q 526 -55.41 -23.67 64.35
C LYS Q 526 -55.64 -23.31 62.89
N THR R 2 -63.32 -14.32 74.49
CA THR R 2 -61.96 -13.94 74.14
C THR R 2 -60.97 -14.52 75.15
N ALA R 3 -59.91 -15.17 74.64
CA ALA R 3 -58.88 -15.72 75.50
C ALA R 3 -58.21 -14.60 76.30
N LYS R 4 -57.75 -14.95 77.50
CA LYS R 4 -57.25 -13.97 78.45
C LYS R 4 -55.84 -14.32 78.90
N ASP R 5 -55.10 -13.28 79.27
CA ASP R 5 -53.85 -13.42 80.01
C ASP R 5 -54.08 -12.97 81.45
N ILE R 6 -53.55 -13.73 82.40
CA ILE R 6 -53.78 -13.50 83.82
C ILE R 6 -52.45 -13.32 84.53
N LEU R 7 -52.36 -12.28 85.36
CA LEU R 7 -51.23 -12.05 86.25
C LEU R 7 -51.70 -12.17 87.70
N PHE R 8 -50.80 -12.63 88.56
CA PHE R 8 -51.15 -12.92 89.94
C PHE R 8 -50.22 -12.21 90.91
N ASP R 9 -50.73 -11.94 92.10
CA ASP R 9 -50.00 -11.44 93.27
C ASP R 9 -49.01 -10.33 92.93
N ALA R 10 -47.75 -10.49 93.36
CA ALA R 10 -46.77 -9.42 93.22
C ALA R 10 -46.48 -9.11 91.75
N GLU R 11 -46.57 -10.11 90.87
CA GLU R 11 -46.33 -9.84 89.46
C GLU R 11 -47.42 -8.94 88.87
N ALA R 12 -48.66 -9.12 89.31
CA ALA R 12 -49.75 -8.25 88.85
C ALA R 12 -49.66 -6.88 89.50
N ARG R 13 -49.44 -6.84 90.82
CA ARG R 13 -49.40 -5.56 91.52
C ARG R 13 -48.22 -4.71 91.08
N THR R 14 -47.12 -5.34 90.66
CA THR R 14 -45.99 -4.56 90.15
C THR R 14 -46.28 -3.98 88.77
N LYS R 15 -46.90 -4.78 87.89
CA LYS R 15 -47.22 -4.30 86.55
C LYS R 15 -48.24 -3.17 86.62
N LEU R 16 -49.21 -3.26 87.52
CA LEU R 16 -50.18 -2.19 87.70
C LEU R 16 -49.49 -0.90 88.16
N LYS R 17 -48.49 -1.03 89.04
CA LYS R 17 -47.78 0.14 89.53
C LYS R 17 -47.11 0.92 88.41
N VAL R 18 -46.65 0.23 87.36
CA VAL R 18 -46.01 0.90 86.23
C VAL R 18 -46.99 1.87 85.58
N GLY R 19 -48.25 1.47 85.46
CA GLY R 19 -49.25 2.36 84.89
C GLY R 19 -49.61 3.50 85.83
N VAL R 20 -49.66 3.22 87.13
CA VAL R 20 -49.93 4.27 88.11
C VAL R 20 -48.82 5.30 88.10
N ASP R 21 -47.57 4.85 87.97
CA ASP R 21 -46.44 5.77 87.91
C ASP R 21 -46.45 6.59 86.63
N LYS R 22 -46.75 5.96 85.50
CA LYS R 22 -46.78 6.68 84.24
C LYS R 22 -47.89 7.73 84.22
N LEU R 23 -49.03 7.43 84.83
CA LEU R 23 -50.10 8.41 84.92
C LEU R 23 -49.73 9.54 85.87
N ALA R 24 -49.18 9.20 87.04
CA ALA R 24 -48.86 10.22 88.04
C ALA R 24 -47.72 11.11 87.57
N ASN R 25 -46.65 10.51 87.03
CA ASN R 25 -45.49 11.29 86.61
C ASN R 25 -45.84 12.29 85.52
N ALA R 26 -46.87 12.00 84.72
CA ALA R 26 -47.28 12.94 83.68
C ALA R 26 -48.05 14.11 84.25
N VAL R 27 -49.02 13.83 85.13
CA VAL R 27 -49.90 14.89 85.62
C VAL R 27 -49.26 15.69 86.75
N LYS R 28 -48.36 15.09 87.52
CA LYS R 28 -47.90 15.75 88.74
C LYS R 28 -46.96 16.92 88.45
N VAL R 29 -46.37 16.98 87.26
CA VAL R 29 -45.51 18.10 86.91
C VAL R 29 -46.27 19.40 86.76
N THR R 30 -47.60 19.34 86.66
CA THR R 30 -48.45 20.52 86.54
C THR R 30 -49.03 20.98 87.87
N LEU R 31 -48.69 20.31 88.97
CA LEU R 31 -49.32 20.61 90.25
C LEU R 31 -48.83 21.95 90.81
N GLY R 32 -49.77 22.73 91.33
CA GLY R 32 -49.45 23.96 92.02
C GLY R 32 -49.29 25.16 91.10
N PRO R 33 -48.93 26.30 91.68
CA PRO R 33 -48.71 27.51 90.87
C PRO R 33 -47.47 27.43 90.00
N ALA R 34 -46.46 26.66 90.41
CA ALA R 34 -45.21 26.53 89.68
C ALA R 34 -45.23 25.40 88.66
N GLY R 35 -46.39 24.75 88.46
CA GLY R 35 -46.51 23.65 87.54
C GLY R 35 -45.96 23.95 86.16
N ARG R 36 -45.19 23.03 85.61
CA ARG R 36 -44.55 23.23 84.32
C ARG R 36 -45.52 22.93 83.19
N ASN R 37 -45.03 22.95 81.96
CA ASN R 37 -45.86 22.84 80.77
C ASN R 37 -45.75 21.45 80.17
N VAL R 38 -46.87 20.96 79.63
CA VAL R 38 -46.94 19.64 79.00
C VAL R 38 -47.44 19.83 77.57
N LEU R 39 -46.73 19.26 76.61
CA LEU R 39 -47.09 19.33 75.21
C LEU R 39 -47.85 18.07 74.80
N ILE R 40 -48.98 18.26 74.13
CA ILE R 40 -49.81 17.15 73.66
C ILE R 40 -49.90 17.26 72.14
N ASP R 41 -49.52 16.20 71.45
CA ASP R 41 -49.44 16.22 70.00
C ASP R 41 -50.84 16.26 69.37
N LYS R 42 -50.89 16.70 68.12
CA LYS R 42 -52.11 16.74 67.33
C LYS R 42 -51.86 16.06 66.00
N LYS R 43 -52.96 15.76 65.29
CA LYS R 43 -52.86 15.18 63.95
C LYS R 43 -52.06 16.10 63.03
N PHE R 44 -52.43 17.38 62.99
CA PHE R 44 -51.73 18.37 62.17
C PHE R 44 -51.73 19.70 62.91
N GLY R 45 -50.68 20.47 62.69
CA GLY R 45 -50.55 21.77 63.30
C GLY R 45 -49.71 21.76 64.56
N ALA R 46 -49.88 22.81 65.36
CA ALA R 46 -49.11 22.99 66.57
C ALA R 46 -49.69 22.15 67.71
N PRO R 47 -48.85 21.66 68.61
CA PRO R 47 -49.35 20.88 69.74
C PRO R 47 -50.05 21.74 70.77
N THR R 48 -50.81 21.08 71.64
CA THR R 48 -51.46 21.75 72.74
C THR R 48 -50.47 21.95 73.88
N SER R 49 -50.47 23.15 74.45
CA SER R 49 -49.60 23.52 75.57
C SER R 49 -50.48 23.80 76.78
N THR R 50 -50.36 22.96 77.81
CA THR R 50 -51.26 23.05 78.96
C THR R 50 -50.49 22.85 80.26
N LYS R 51 -50.82 23.68 81.25
CA LYS R 51 -50.40 23.49 82.63
C LYS R 51 -51.48 22.83 83.49
N ASP R 52 -52.59 22.41 82.86
CA ASP R 52 -53.73 21.85 83.57
C ASP R 52 -53.56 20.34 83.73
N GLY R 53 -53.64 19.87 84.97
CA GLY R 53 -53.44 18.45 85.23
C GLY R 53 -54.58 17.58 84.77
N VAL R 54 -55.79 18.14 84.67
CA VAL R 54 -56.93 17.35 84.23
C VAL R 54 -56.85 17.09 82.73
N THR R 55 -56.44 18.10 81.96
CA THR R 55 -56.31 17.92 80.51
C THR R 55 -55.25 16.87 80.18
N VAL R 56 -54.15 16.85 80.92
CA VAL R 56 -53.11 15.87 80.67
C VAL R 56 -53.59 14.46 81.00
N ALA R 57 -54.35 14.32 82.09
CA ALA R 57 -54.81 13.00 82.50
C ALA R 57 -55.74 12.38 81.47
N LYS R 58 -56.59 13.20 80.85
CA LYS R 58 -57.53 12.68 79.84
C LYS R 58 -56.81 12.14 78.62
N GLU R 59 -55.55 12.49 78.41
CA GLU R 59 -54.76 12.01 77.28
C GLU R 59 -53.91 10.80 77.61
N ILE R 60 -53.97 10.28 78.84
CA ILE R 60 -53.06 9.21 79.26
C ILE R 60 -53.71 7.87 78.95
N GLU R 61 -53.12 7.14 78.01
CA GLU R 61 -53.52 5.79 77.68
C GLU R 61 -52.27 5.00 77.32
N LEU R 62 -52.17 3.78 77.83
CA LEU R 62 -50.95 2.99 77.73
C LEU R 62 -51.17 1.76 76.87
N VAL R 63 -50.08 1.29 76.25
CA VAL R 63 -50.19 0.20 75.29
C VAL R 63 -50.31 -1.15 75.99
N ASP R 64 -49.61 -1.33 77.12
CA ASP R 64 -49.70 -2.57 77.85
C ASP R 64 -51.05 -2.65 78.58
N PRO R 65 -51.80 -3.73 78.42
CA PRO R 65 -53.16 -3.77 79.02
C PRO R 65 -53.15 -3.71 80.54
N VAL R 66 -52.20 -4.38 81.20
CA VAL R 66 -52.17 -4.36 82.65
C VAL R 66 -51.71 -3.00 83.17
N GLU R 67 -50.71 -2.41 82.51
CA GLU R 67 -50.29 -1.06 82.87
C GLU R 67 -51.41 -0.06 82.64
N ASN R 68 -52.11 -0.19 81.51
CA ASN R 68 -53.24 0.70 81.23
C ASN R 68 -54.33 0.54 82.27
N MET R 69 -54.53 -0.68 82.78
CA MET R 69 -55.56 -0.91 83.81
C MET R 69 -55.25 -0.09 85.06
N GLY R 70 -54.02 -0.21 85.56
CA GLY R 70 -53.64 0.58 86.72
C GLY R 70 -53.73 2.07 86.48
N ALA R 71 -53.49 2.50 85.24
CA ALA R 71 -53.58 3.93 84.92
C ALA R 71 -55.03 4.38 84.91
N GLN R 72 -55.91 3.63 84.23
CA GLN R 72 -57.32 4.01 84.19
C GLN R 72 -57.98 3.88 85.56
N MET R 73 -57.49 2.97 86.41
CA MET R 73 -58.01 2.83 87.76
C MET R 73 -57.84 4.13 88.55
N VAL R 74 -56.59 4.60 88.66
CA VAL R 74 -56.32 5.83 89.39
C VAL R 74 -56.96 7.03 88.70
N ARG R 75 -56.98 7.02 87.37
CA ARG R 75 -57.48 8.16 86.62
C ARG R 75 -58.97 8.35 86.84
N GLU R 76 -59.74 7.26 86.90
CA GLU R 76 -61.18 7.39 87.08
C GLU R 76 -61.55 7.77 88.51
N VAL R 77 -60.90 7.15 89.50
CA VAL R 77 -61.20 7.45 90.90
C VAL R 77 -60.81 8.88 91.24
N ALA R 78 -59.64 9.32 90.76
CA ALA R 78 -59.21 10.69 91.04
C ALA R 78 -60.03 11.72 90.27
N SER R 79 -60.69 11.33 89.17
CA SER R 79 -61.50 12.28 88.43
C SER R 79 -62.76 12.64 89.20
N LYS R 80 -63.22 11.76 90.09
CA LYS R 80 -64.38 12.06 90.92
C LYS R 80 -64.12 13.18 91.91
N THR R 81 -62.88 13.62 92.05
CA THR R 81 -62.57 14.73 92.93
C THR R 81 -63.00 16.06 92.32
N SER R 82 -62.41 16.42 91.18
CA SER R 82 -62.78 17.67 90.51
C SER R 82 -64.22 17.68 90.02
N ASP R 83 -64.85 16.51 89.89
CA ASP R 83 -66.25 16.46 89.47
C ASP R 83 -67.15 17.14 90.50
N VAL R 84 -67.15 16.62 91.74
CA VAL R 84 -68.01 17.18 92.77
C VAL R 84 -67.40 18.42 93.40
N ALA R 85 -66.09 18.40 93.66
CA ALA R 85 -65.44 19.47 94.41
C ALA R 85 -64.85 20.57 93.52
N GLY R 86 -64.80 20.37 92.22
CA GLY R 86 -64.28 21.37 91.30
C GLY R 86 -62.78 21.34 91.09
N ASP R 87 -62.03 20.65 91.94
CA ASP R 87 -60.58 20.61 91.84
C ASP R 87 -60.08 19.40 92.62
N GLY R 88 -58.77 19.19 92.60
CA GLY R 88 -58.14 18.15 93.38
C GLY R 88 -57.81 16.86 92.66
N THR R 89 -57.99 16.81 91.34
CA THR R 89 -57.74 15.57 90.61
C THR R 89 -56.25 15.22 90.60
N THR R 90 -55.39 16.21 90.35
CA THR R 90 -53.95 15.95 90.32
C THR R 90 -53.42 15.62 91.71
N THR R 91 -53.95 16.29 92.75
CA THR R 91 -53.52 16.00 94.11
C THR R 91 -53.86 14.56 94.50
N ALA R 92 -55.07 14.12 94.18
CA ALA R 92 -55.45 12.74 94.47
C ALA R 92 -54.55 11.75 93.76
N THR R 93 -54.19 12.04 92.51
CA THR R 93 -53.29 11.16 91.77
C THR R 93 -51.91 11.09 92.42
N VAL R 94 -51.40 12.23 92.88
CA VAL R 94 -50.11 12.25 93.57
C VAL R 94 -50.19 11.44 94.86
N LEU R 95 -51.26 11.62 95.63
CA LEU R 95 -51.42 10.87 96.87
C LEU R 95 -51.54 9.37 96.60
N ALA R 96 -52.28 8.99 95.55
CA ALA R 96 -52.45 7.57 95.24
C ALA R 96 -51.13 6.92 94.89
N GLN R 97 -50.27 7.62 94.16
CA GLN R 97 -48.95 7.08 93.82
C GLN R 97 -48.12 6.83 95.06
N ALA R 98 -48.14 7.77 96.01
CA ALA R 98 -47.33 7.64 97.22
C ALA R 98 -47.86 6.50 98.10
N ILE R 99 -49.18 6.41 98.25
CA ILE R 99 -49.75 5.36 99.10
C ILE R 99 -49.48 3.98 98.49
N TYR R 100 -49.61 3.87 97.16
CA TYR R 100 -49.46 2.57 96.52
C TYR R 100 -47.99 2.15 96.44
N ARG R 101 -47.09 3.10 96.21
CA ARG R 101 -45.67 2.78 96.20
C ARG R 101 -45.22 2.25 97.57
N GLU R 102 -45.45 3.05 98.62
CA GLU R 102 -45.08 2.62 99.96
C GLU R 102 -45.91 1.44 100.44
N GLY R 103 -47.10 1.24 99.88
CA GLY R 103 -47.87 0.06 100.21
C GLY R 103 -47.21 -1.22 99.73
N LEU R 104 -46.84 -1.27 98.45
CA LEU R 104 -46.20 -2.45 97.89
C LEU R 104 -44.86 -2.73 98.56
N LYS R 105 -44.14 -1.68 98.96
CA LYS R 105 -42.85 -1.88 99.63
C LYS R 105 -43.02 -2.71 100.89
N ASN R 106 -44.08 -2.45 101.66
CA ASN R 106 -44.31 -3.22 102.87
C ASN R 106 -44.94 -4.58 102.59
N VAL R 107 -45.73 -4.69 101.52
CA VAL R 107 -46.25 -6.00 101.13
C VAL R 107 -45.11 -6.93 100.78
N THR R 108 -44.11 -6.42 100.06
CA THR R 108 -42.93 -7.22 99.77
C THR R 108 -42.16 -7.55 101.05
N ALA R 109 -42.20 -6.65 102.04
CA ALA R 109 -41.55 -6.89 103.32
C ALA R 109 -42.30 -7.89 104.19
N GLY R 110 -43.48 -8.33 103.76
CA GLY R 110 -44.25 -9.32 104.50
C GLY R 110 -45.48 -8.82 105.22
N ALA R 111 -45.82 -7.55 105.08
CA ALA R 111 -47.03 -7.03 105.71
C ALA R 111 -48.28 -7.50 104.97
N ARG R 112 -49.31 -7.85 105.72
CA ARG R 112 -50.56 -8.28 105.12
C ARG R 112 -51.22 -7.11 104.39
N PRO R 113 -51.57 -7.26 103.11
CA PRO R 113 -52.23 -6.16 102.40
C PRO R 113 -53.55 -5.74 103.03
N ILE R 114 -54.29 -6.67 103.65
CA ILE R 114 -55.57 -6.30 104.25
C ILE R 114 -55.34 -5.47 105.51
N ASP R 115 -54.28 -5.78 106.27
CA ASP R 115 -53.98 -4.99 107.47
C ASP R 115 -53.43 -3.62 107.11
N LEU R 116 -52.67 -3.53 106.02
CA LEU R 116 -52.24 -2.21 105.54
C LEU R 116 -53.44 -1.37 105.12
N LYS R 117 -54.45 -2.01 104.52
CA LYS R 117 -55.65 -1.28 104.14
C LYS R 117 -56.41 -0.79 105.36
N ARG R 118 -56.49 -1.62 106.41
CA ARG R 118 -57.20 -1.21 107.63
C ARG R 118 -56.53 -0.02 108.28
N GLY R 119 -55.20 -0.06 108.41
CA GLY R 119 -54.49 1.07 108.97
C GLY R 119 -54.62 2.32 108.13
N ILE R 120 -54.68 2.16 106.81
CA ILE R 120 -54.89 3.31 105.93
C ILE R 120 -56.28 3.89 106.13
N ASP R 121 -57.30 3.03 106.22
CA ASP R 121 -58.67 3.51 106.38
C ASP R 121 -58.85 4.20 107.73
N ARG R 122 -58.26 3.65 108.79
CA ARG R 122 -58.36 4.29 110.10
C ARG R 122 -57.66 5.64 110.11
N ALA R 123 -56.53 5.73 109.41
CA ALA R 123 -55.78 6.99 109.40
C ALA R 123 -56.51 8.06 108.59
N VAL R 124 -57.12 7.68 107.47
CA VAL R 124 -57.79 8.66 106.63
C VAL R 124 -58.99 9.26 107.34
N LYS R 125 -59.77 8.44 108.04
CA LYS R 125 -60.90 8.97 108.79
C LYS R 125 -60.45 9.95 109.86
N GLU R 126 -59.32 9.69 110.49
CA GLU R 126 -58.79 10.61 111.50
C GLU R 126 -58.18 11.85 110.88
N VAL R 127 -57.55 11.73 109.70
CA VAL R 127 -57.02 12.91 109.03
C VAL R 127 -58.16 13.80 108.56
N VAL R 128 -59.21 13.20 108.01
CA VAL R 128 -60.37 13.99 107.58
C VAL R 128 -61.04 14.64 108.78
N ALA R 129 -61.10 13.93 109.90
CA ALA R 129 -61.69 14.50 111.12
C ALA R 129 -60.90 15.71 111.58
N GLU R 130 -59.57 15.59 111.65
CA GLU R 130 -58.75 16.75 111.99
C GLU R 130 -58.83 17.82 110.91
N LEU R 131 -59.01 17.40 109.65
CA LEU R 131 -59.18 18.35 108.56
C LEU R 131 -60.45 19.17 108.71
N ARG R 132 -61.46 18.65 109.41
CA ARG R 132 -62.68 19.39 109.65
C ARG R 132 -62.52 20.46 110.71
N ASN R 133 -61.62 20.23 111.68
CA ASN R 133 -61.38 21.23 112.72
C ASN R 133 -60.61 22.42 112.16
N ILE R 134 -59.60 22.16 111.32
CA ILE R 134 -58.87 23.24 110.67
C ILE R 134 -59.77 24.02 109.72
N SER R 135 -60.85 23.40 109.25
CA SER R 135 -61.73 24.04 108.28
C SER R 135 -62.41 25.27 108.87
N ARG R 136 -62.68 26.24 108.01
CA ARG R 136 -63.40 27.47 108.36
C ARG R 136 -64.63 27.59 107.49
N SER R 137 -65.79 27.82 108.12
CA SER R 137 -67.03 27.90 107.38
C SER R 137 -67.06 29.15 106.49
N ILE R 138 -67.92 29.10 105.49
CA ILE R 138 -68.11 30.21 104.55
C ILE R 138 -69.60 30.53 104.49
N SER R 139 -69.98 31.72 104.94
CA SER R 139 -71.36 32.16 104.91
C SER R 139 -71.40 33.67 104.90
N GLY R 140 -72.51 34.22 104.44
CA GLY R 140 -72.68 35.65 104.34
C GLY R 140 -71.95 36.24 103.13
N LYS R 141 -72.41 37.42 102.72
CA LYS R 141 -71.86 38.04 101.51
C LYS R 141 -70.38 38.40 101.69
N LYS R 142 -69.95 38.68 102.91
CA LYS R 142 -68.56 39.03 103.14
C LYS R 142 -67.63 37.86 102.86
N GLU R 143 -67.93 36.70 103.45
CA GLU R 143 -67.04 35.54 103.28
C GLU R 143 -67.19 34.91 101.91
N ILE R 144 -68.40 34.96 101.32
CA ILE R 144 -68.62 34.33 100.03
C ILE R 144 -67.92 35.12 98.92
N ALA R 145 -67.98 36.45 98.98
CA ALA R 145 -67.32 37.26 97.96
C ALA R 145 -65.81 37.09 97.99
N GLN R 146 -65.24 36.79 99.16
CA GLN R 146 -63.80 36.58 99.25
C GLN R 146 -63.38 35.31 98.51
N VAL R 147 -64.10 34.22 98.74
CA VAL R 147 -63.78 32.97 98.07
C VAL R 147 -64.00 33.09 96.57
N GLY R 148 -65.10 33.74 96.18
CA GLY R 148 -65.35 33.93 94.76
C GLY R 148 -64.31 34.79 94.09
N THR R 149 -63.79 35.79 94.81
CA THR R 149 -62.76 36.65 94.24
C THR R 149 -61.43 35.91 94.09
N ILE R 150 -61.07 35.10 95.10
CA ILE R 150 -59.84 34.33 95.03
C ILE R 150 -59.90 33.34 93.87
N SER R 151 -61.01 32.62 93.76
CA SER R 151 -61.18 31.63 92.69
C SER R 151 -61.32 32.26 91.31
N ALA R 152 -61.53 33.58 91.24
CA ALA R 152 -61.64 34.31 90.00
C ALA R 152 -60.32 34.90 89.53
N ASN R 153 -59.22 34.55 90.19
CA ASN R 153 -57.91 35.18 89.97
C ASN R 153 -57.94 36.64 90.37
N ASN R 154 -58.43 36.90 91.58
CA ASN R 154 -58.45 38.24 92.18
C ASN R 154 -59.30 39.22 91.37
N ASP R 155 -60.51 38.79 91.03
CA ASP R 155 -61.47 39.67 90.38
C ASP R 155 -62.60 39.97 91.37
N PRO R 156 -62.66 41.18 91.93
CA PRO R 156 -63.71 41.46 92.93
C PRO R 156 -65.11 41.50 92.33
N GLU R 157 -65.24 41.87 91.05
CA GLU R 157 -66.57 41.90 90.45
C GLU R 157 -67.17 40.51 90.36
N ILE R 158 -66.35 39.50 90.03
CA ILE R 158 -66.85 38.13 89.96
C ILE R 158 -67.22 37.63 91.34
N GLY R 159 -66.40 37.92 92.34
CA GLY R 159 -66.71 37.49 93.70
C GLY R 159 -67.96 38.16 94.24
N GLU R 160 -68.13 39.45 93.98
CA GLU R 160 -69.33 40.15 94.42
C GLU R 160 -70.57 39.66 93.67
N LEU R 161 -70.42 39.32 92.38
CA LEU R 161 -71.55 38.81 91.62
C LEU R 161 -72.01 37.46 92.16
N ILE R 162 -71.07 36.58 92.51
CA ILE R 162 -71.45 35.30 93.10
C ILE R 162 -72.06 35.50 94.48
N ALA R 163 -71.51 36.42 95.26
CA ALA R 163 -72.06 36.68 96.59
C ALA R 163 -73.45 37.28 96.50
N GLU R 164 -73.69 38.15 95.51
CA GLU R 164 -75.02 38.71 95.33
C GLU R 164 -76.00 37.67 94.82
N ALA R 165 -75.54 36.75 93.97
CA ALA R 165 -76.42 35.71 93.46
C ALA R 165 -76.85 34.76 94.57
N MET R 166 -75.89 34.30 95.38
CA MET R 166 -76.23 33.41 96.50
C MET R 166 -77.01 34.12 97.59
N ASP R 167 -77.01 35.46 97.59
CA ASP R 167 -77.79 36.20 98.58
C ASP R 167 -79.27 36.17 98.24
N LYS R 168 -79.60 36.27 96.94
CA LYS R 168 -80.99 36.30 96.52
C LYS R 168 -81.63 34.92 96.52
N VAL R 169 -80.95 33.94 95.93
CA VAL R 169 -81.52 32.59 95.79
C VAL R 169 -81.08 31.64 96.89
N GLY R 170 -80.29 32.10 97.85
CA GLY R 170 -79.84 31.27 98.94
C GLY R 170 -78.59 30.47 98.56
N LYS R 171 -78.07 29.76 99.57
CA LYS R 171 -76.88 28.95 99.36
C LYS R 171 -77.19 27.69 98.56
N ASP R 172 -78.37 27.12 98.75
CA ASP R 172 -78.78 25.92 98.03
C ASP R 172 -79.49 26.23 96.72
N GLY R 173 -79.59 27.51 96.34
CA GLY R 173 -80.29 27.88 95.13
C GLY R 173 -79.57 27.42 93.87
N VAL R 174 -80.24 27.61 92.75
CA VAL R 174 -79.72 27.23 91.43
C VAL R 174 -79.10 28.47 90.80
N ILE R 175 -77.86 28.35 90.34
CA ILE R 175 -77.13 29.43 89.71
C ILE R 175 -76.56 28.94 88.40
N THR R 176 -76.88 29.62 87.31
CA THR R 176 -76.39 29.29 85.98
C THR R 176 -75.63 30.47 85.40
N VAL R 177 -74.68 30.17 84.52
CA VAL R 177 -73.82 31.18 83.91
C VAL R 177 -74.06 31.20 82.41
N GLU R 178 -74.39 32.37 81.88
CA GLU R 178 -74.64 32.56 80.46
C GLU R 178 -73.83 33.75 79.95
N GLU R 179 -73.71 33.82 78.63
CA GLU R 179 -73.03 34.94 77.98
C GLU R 179 -73.97 36.13 77.90
N ALA R 180 -73.49 37.30 78.28
CA ALA R 180 -74.30 38.50 78.24
C ALA R 180 -74.38 39.04 76.82
N LYS R 181 -75.15 40.12 76.64
CA LYS R 181 -75.34 40.73 75.35
C LYS R 181 -74.41 41.92 75.11
N GLY R 182 -73.52 42.22 76.05
CA GLY R 182 -72.68 43.38 75.90
C GLY R 182 -71.65 43.47 77.00
N MET R 183 -71.09 44.68 77.16
CA MET R 183 -70.03 44.90 78.14
C MET R 183 -70.52 44.68 79.56
N GLU R 184 -71.76 45.07 79.84
CA GLU R 184 -72.27 45.01 81.20
C GLU R 184 -72.46 43.56 81.66
N THR R 185 -72.09 43.30 82.91
CA THR R 185 -72.31 42.01 83.56
C THR R 185 -73.56 42.12 84.43
N GLU R 186 -74.55 41.27 84.15
CA GLU R 186 -75.87 41.40 84.75
C GLU R 186 -76.20 40.19 85.62
N LEU R 187 -77.11 40.40 86.55
CA LEU R 187 -77.68 39.34 87.38
C LEU R 187 -79.19 39.36 87.20
N LYS R 188 -79.73 38.29 86.62
CA LYS R 188 -81.17 38.15 86.38
C LYS R 188 -81.68 36.95 87.16
N VAL R 189 -82.68 37.18 88.00
CA VAL R 189 -83.33 36.12 88.76
C VAL R 189 -84.59 35.72 87.98
N VAL R 190 -84.56 34.53 87.40
CA VAL R 190 -85.70 34.00 86.66
C VAL R 190 -86.39 32.94 87.50
N GLU R 191 -87.41 32.30 86.94
CA GLU R 191 -88.13 31.24 87.61
C GLU R 191 -87.86 29.91 86.91
N GLY R 192 -87.43 28.92 87.68
CA GLY R 192 -87.14 27.60 87.14
C GLY R 192 -86.83 26.64 88.26
N MET R 193 -86.35 25.46 87.88
CA MET R 193 -86.02 24.43 88.85
C MET R 193 -84.92 23.53 88.30
N GLN R 194 -84.51 22.57 89.12
CA GLN R 194 -83.51 21.59 88.72
C GLN R 194 -83.81 20.29 89.47
N PHE R 195 -83.61 19.16 88.80
CA PHE R 195 -83.84 17.85 89.39
C PHE R 195 -82.63 16.94 89.11
N ASP R 196 -82.62 15.80 89.80
CA ASP R 196 -81.46 14.93 89.86
C ASP R 196 -81.34 13.97 88.68
N ARG R 197 -82.23 14.07 87.68
CA ARG R 197 -82.17 13.20 86.52
C ARG R 197 -81.38 13.88 85.40
N GLY R 198 -80.43 13.16 84.83
CA GLY R 198 -79.62 13.65 83.74
C GLY R 198 -79.98 13.02 82.41
N TYR R 199 -79.06 13.12 81.45
CA TYR R 199 -79.28 12.55 80.14
C TYR R 199 -79.04 11.04 80.16
N LEU R 200 -79.75 10.33 79.28
CA LEU R 200 -79.65 8.89 79.19
C LEU R 200 -78.54 8.40 78.27
N SER R 201 -77.98 9.27 77.42
CA SER R 201 -76.93 8.86 76.50
C SER R 201 -75.86 9.94 76.41
N PRO R 202 -74.58 9.54 76.32
CA PRO R 202 -73.53 10.53 76.15
C PRO R 202 -73.54 11.21 74.79
N TYR R 203 -74.24 10.65 73.81
CA TYR R 203 -74.29 11.22 72.47
C TYR R 203 -75.29 12.35 72.33
N PHE R 204 -76.02 12.69 73.39
CA PHE R 204 -76.99 13.78 73.37
C PHE R 204 -76.38 15.13 73.74
N VAL R 205 -75.07 15.18 73.97
CA VAL R 205 -74.43 16.41 74.41
C VAL R 205 -74.24 17.34 73.21
N THR R 206 -74.57 18.62 73.41
CA THR R 206 -74.32 19.60 72.36
C THR R 206 -72.87 20.06 72.34
N ASN R 207 -72.29 20.27 73.53
CA ASN R 207 -70.90 20.67 73.66
C ASN R 207 -70.07 19.45 74.04
N SER R 208 -68.94 19.26 73.35
CA SER R 208 -68.16 18.04 73.51
C SER R 208 -67.34 18.06 74.80
N GLU R 209 -66.66 19.18 75.08
CA GLU R 209 -65.71 19.21 76.19
C GLU R 209 -66.41 19.30 77.53
N THR R 210 -67.40 20.20 77.66
CA THR R 210 -68.09 20.37 78.94
C THR R 210 -69.06 19.23 79.23
N MET R 211 -69.33 18.36 78.26
CA MET R 211 -70.18 17.18 78.45
C MET R 211 -71.59 17.55 78.89
N GLU R 212 -72.04 18.76 78.56
CA GLU R 212 -73.41 19.17 78.83
C GLU R 212 -74.24 19.14 77.55
N ALA R 213 -75.54 19.41 77.70
CA ALA R 213 -76.46 19.53 76.59
C ALA R 213 -77.25 20.81 76.77
N GLU R 214 -77.05 21.77 75.88
CA GLU R 214 -77.71 23.07 75.95
C GLU R 214 -78.72 23.18 74.82
N LEU R 215 -79.99 23.38 75.17
CA LEU R 215 -81.08 23.47 74.22
C LEU R 215 -81.75 24.83 74.39
N ASP R 216 -81.66 25.66 73.35
CA ASP R 216 -82.21 27.01 73.37
C ASP R 216 -83.59 27.01 72.73
N GLU R 217 -84.59 27.55 73.45
CA GLU R 217 -85.97 27.60 73.00
C GLU R 217 -86.49 26.21 72.63
N ALA R 218 -86.15 25.23 73.45
CA ALA R 218 -86.49 23.84 73.18
C ALA R 218 -87.94 23.54 73.57
N LEU R 219 -88.49 22.52 72.93
CA LEU R 219 -89.78 21.96 73.31
C LEU R 219 -89.56 20.75 74.20
N ILE R 220 -90.35 20.65 75.27
CA ILE R 220 -90.21 19.56 76.23
C ILE R 220 -91.50 18.75 76.26
N LEU R 221 -91.37 17.51 76.68
CA LEU R 221 -92.51 16.57 76.76
C LEU R 221 -92.44 15.83 78.09
N ILE R 222 -93.56 15.79 78.80
CA ILE R 222 -93.66 15.14 80.09
C ILE R 222 -94.52 13.89 79.92
N HIS R 223 -93.92 12.71 80.09
CA HIS R 223 -94.59 11.45 79.89
C HIS R 223 -94.52 10.61 81.16
N ASP R 224 -95.67 10.06 81.58
CA ASP R 224 -95.73 9.26 82.78
C ASP R 224 -95.28 7.81 82.56
N LYS R 225 -95.30 7.33 81.32
CA LYS R 225 -94.96 5.95 81.03
C LYS R 225 -93.64 5.89 80.27
N LYS R 226 -92.92 4.78 80.47
CA LYS R 226 -91.60 4.62 79.87
C LYS R 226 -91.69 4.45 78.36
N ILE R 227 -90.90 5.22 77.63
CA ILE R 227 -90.80 5.12 76.18
C ILE R 227 -89.36 4.79 75.84
N SER R 228 -89.10 3.58 75.37
CA SER R 228 -87.77 3.15 74.99
C SER R 228 -87.84 2.43 73.65
N ASN R 229 -87.19 3.00 72.63
CA ASN R 229 -87.16 2.42 71.29
C ASN R 229 -88.56 2.07 70.78
N MET R 230 -89.52 2.94 71.10
CA MET R 230 -90.91 2.68 70.80
C MET R 230 -91.26 3.14 69.38
N LYS R 231 -92.54 3.06 69.03
CA LYS R 231 -93.04 3.41 67.71
C LYS R 231 -93.87 4.69 67.74
N GLU R 232 -94.98 4.68 68.47
CA GLU R 232 -95.94 5.78 68.46
C GLU R 232 -95.36 7.12 68.88
N LEU R 233 -94.14 7.14 69.43
CA LEU R 233 -93.52 8.41 69.80
C LEU R 233 -93.31 9.30 68.58
N LEU R 234 -93.15 8.70 67.40
CA LEU R 234 -92.92 9.43 66.16
C LEU R 234 -94.13 10.27 65.77
N PRO R 235 -95.35 9.77 66.00
CA PRO R 235 -96.54 10.44 65.41
C PRO R 235 -96.73 11.89 65.84
N ILE R 236 -96.58 12.19 67.14
CA ILE R 236 -96.84 13.52 67.67
C ILE R 236 -95.55 14.23 68.06
N LEU R 237 -94.82 13.67 69.02
CA LEU R 237 -93.63 14.34 69.55
C LEU R 237 -92.59 14.56 68.45
N GLU R 238 -92.19 13.48 67.76
CA GLU R 238 -91.07 13.56 66.83
C GLU R 238 -91.46 14.25 65.52
N LYS R 239 -92.57 13.83 64.90
CA LYS R 239 -92.89 14.32 63.57
C LYS R 239 -93.48 15.72 63.58
N ALA R 240 -94.31 16.04 64.58
CA ALA R 240 -94.99 17.34 64.61
C ALA R 240 -94.14 18.44 65.22
N ALA R 241 -92.90 18.14 65.61
CA ALA R 241 -91.98 19.17 66.11
C ALA R 241 -91.16 19.70 64.95
N GLN R 242 -91.38 20.97 64.61
CA GLN R 242 -90.67 21.60 63.50
C GLN R 242 -90.67 23.12 63.68
N GLY R 244 -87.46 22.74 63.78
CA GLY R 244 -86.19 23.41 63.98
C GLY R 244 -85.82 23.58 65.45
N ARG R 245 -86.78 23.26 66.33
CA ARG R 245 -86.59 23.37 67.77
C ARG R 245 -86.05 22.06 68.34
N PRO R 246 -85.11 22.11 69.27
CA PRO R 246 -84.66 20.89 69.95
C PRO R 246 -85.74 20.34 70.87
N LEU R 247 -85.61 19.07 71.20
CA LEU R 247 -86.61 18.35 71.96
C LEU R 247 -86.02 17.81 73.26
N LEU R 248 -86.82 17.85 74.32
CA LEU R 248 -86.47 17.27 75.61
C LEU R 248 -87.58 16.33 76.04
N ILE R 249 -87.27 15.05 76.15
CA ILE R 249 -88.26 14.03 76.49
C ILE R 249 -88.08 13.65 77.95
N ILE R 250 -89.12 13.86 78.75
CA ILE R 250 -89.14 13.48 80.16
C ILE R 250 -90.11 12.31 80.29
N ALA R 251 -89.59 11.14 80.65
CA ALA R 251 -90.40 9.94 80.75
C ALA R 251 -89.85 9.08 81.89
N GLU R 252 -90.37 7.86 82.00
CA GLU R 252 -89.90 6.94 83.03
C GLU R 252 -88.61 6.23 82.63
N ASP R 253 -88.26 6.21 81.35
CA ASP R 253 -87.03 5.58 80.89
C ASP R 253 -86.57 6.16 79.56
N VAL R 264 -79.45 8.17 67.01
CA VAL R 264 -79.07 8.17 65.61
C VAL R 264 -79.58 9.43 64.93
N ASN R 265 -80.77 9.89 65.34
CA ASN R 265 -81.35 11.10 64.79
C ASN R 265 -80.60 12.35 65.22
N LYS R 266 -79.68 12.24 66.18
CA LYS R 266 -78.90 13.39 66.62
C LYS R 266 -77.72 13.67 65.69
N LEU R 267 -76.79 12.72 65.59
CA LEU R 267 -75.62 12.90 64.74
C LEU R 267 -76.00 13.07 63.28
N ARG R 268 -77.13 12.49 62.86
CA ARG R 268 -77.58 12.66 61.48
C ARG R 268 -78.13 14.05 61.23
N GLY R 269 -78.48 14.79 62.28
CA GLY R 269 -79.00 16.13 62.13
C GLY R 269 -80.49 16.24 61.92
N THR R 270 -81.22 15.12 61.98
CA THR R 270 -82.66 15.13 61.80
C THR R 270 -83.34 16.04 62.81
N LEU R 271 -83.31 15.65 64.09
CA LEU R 271 -83.91 16.44 65.15
C LEU R 271 -83.04 16.34 66.39
N LYS R 272 -82.84 17.48 67.05
CA LYS R 272 -82.07 17.52 68.29
C LYS R 272 -82.95 17.05 69.45
N VAL R 273 -82.54 15.99 70.13
CA VAL R 273 -83.33 15.39 71.19
C VAL R 273 -82.43 15.13 72.39
N ALA R 274 -83.03 15.20 73.59
CA ALA R 274 -82.34 14.91 74.83
C ALA R 274 -83.27 14.08 75.71
N ALA R 275 -82.82 12.90 76.12
CA ALA R 275 -83.62 11.98 76.90
C ALA R 275 -83.24 12.10 78.37
N VAL R 276 -84.18 12.56 79.19
CA VAL R 276 -84.00 12.73 80.63
C VAL R 276 -85.16 12.05 81.34
N LYS R 277 -84.86 11.32 82.41
CA LYS R 277 -85.88 10.63 83.18
C LYS R 277 -86.66 11.64 84.02
N ALA R 278 -87.53 11.15 84.88
CA ALA R 278 -88.34 12.01 85.73
C ALA R 278 -87.94 11.82 87.19
N PRO R 279 -88.06 12.85 88.03
CA PRO R 279 -87.60 12.73 89.42
C PRO R 279 -88.54 11.89 90.28
N GLY R 280 -88.14 11.66 91.52
CA GLY R 280 -88.97 10.92 92.46
C GLY R 280 -89.16 9.46 92.07
N PHE R 281 -89.92 8.76 92.90
CA PHE R 281 -90.25 7.36 92.66
C PHE R 281 -91.75 7.12 92.79
N GLY R 282 -92.28 7.33 93.99
CA GLY R 282 -93.67 7.04 94.30
C GLY R 282 -94.59 8.19 93.98
N ASP R 283 -95.67 8.29 94.78
CA ASP R 283 -96.68 9.32 94.56
C ASP R 283 -96.11 10.74 94.61
N ARG R 284 -94.92 10.91 95.19
CA ARG R 284 -94.28 12.22 95.16
C ARG R 284 -93.91 12.65 93.75
N ARG R 285 -93.69 11.68 92.86
CA ARG R 285 -93.39 12.02 91.46
C ARG R 285 -94.59 12.65 90.77
N LYS R 286 -95.80 12.18 91.10
CA LYS R 286 -97.00 12.76 90.50
C LYS R 286 -97.21 14.21 90.96
N ALA R 287 -96.89 14.49 92.22
CA ALA R 287 -97.02 15.85 92.75
C ALA R 287 -95.83 16.73 92.41
N MET R 288 -94.81 16.19 91.75
CA MET R 288 -93.64 16.94 91.30
C MET R 288 -93.73 17.28 89.82
N LEU R 289 -93.83 16.26 88.96
CA LEU R 289 -93.96 16.49 87.52
C LEU R 289 -95.09 17.46 87.18
N GLU R 290 -96.08 17.61 88.07
CA GLU R 290 -97.07 18.67 87.90
C GLU R 290 -96.43 20.04 87.99
N ASP R 291 -95.48 20.22 88.93
CA ASP R 291 -94.82 21.51 89.06
C ASP R 291 -93.93 21.82 87.86
N ILE R 292 -93.39 20.79 87.20
CA ILE R 292 -92.55 21.01 86.03
C ILE R 292 -93.38 21.59 84.89
N ALA R 293 -94.51 20.94 84.58
CA ALA R 293 -95.37 21.43 83.52
C ALA R 293 -96.00 22.77 83.87
N ILE R 294 -96.22 23.04 85.17
CA ILE R 294 -96.74 24.33 85.58
C ILE R 294 -95.70 25.42 85.34
N LEU R 295 -94.46 25.18 85.77
CA LEU R 295 -93.41 26.19 85.62
C LEU R 295 -92.95 26.34 84.17
N THR R 296 -93.10 25.32 83.34
CA THR R 296 -92.69 25.38 81.94
C THR R 296 -93.83 25.72 81.00
N GLY R 297 -95.05 25.88 81.48
CA GLY R 297 -96.17 26.24 80.63
C GLY R 297 -96.54 25.16 79.64
N GLY R 298 -96.85 23.97 80.13
CA GLY R 298 -97.22 22.87 79.27
C GLY R 298 -98.15 21.91 79.98
N THR R 299 -98.51 20.83 79.29
CA THR R 299 -99.43 19.83 79.80
C THR R 299 -98.70 18.50 79.96
N VAL R 300 -99.11 17.73 80.97
CA VAL R 300 -98.56 16.42 81.26
C VAL R 300 -99.57 15.36 80.82
N ILE R 301 -99.07 14.31 80.16
CA ILE R 301 -99.93 13.25 79.65
C ILE R 301 -100.58 12.49 80.80
N MET R 314 -101.19 17.27 73.13
CA MET R 314 -100.92 17.19 71.70
C MET R 314 -100.30 18.49 71.18
N ALA R 315 -98.96 18.52 71.13
CA ALA R 315 -98.15 19.64 70.64
C ALA R 315 -98.24 20.88 71.54
N TYR R 316 -99.07 20.85 72.58
CA TYR R 316 -99.24 21.97 73.50
C TYR R 316 -98.29 21.90 74.69
N LEU R 317 -97.33 20.97 74.68
CA LEU R 317 -96.50 20.73 75.86
C LEU R 317 -95.55 21.91 76.09
N GLY R 318 -94.75 21.78 77.15
CA GLY R 318 -94.00 22.91 77.66
C GLY R 318 -92.82 23.32 76.79
N GLN R 319 -92.34 24.53 77.06
CA GLN R 319 -91.18 25.10 76.39
C GLN R 319 -90.48 26.05 77.34
N ALA R 320 -89.16 26.18 77.17
CA ALA R 320 -88.36 27.02 78.05
C ALA R 320 -87.35 27.78 77.22
N ALA R 321 -86.81 28.86 77.82
CA ALA R 321 -85.81 29.66 77.13
C ALA R 321 -84.48 28.93 77.04
N ARG R 322 -83.99 28.42 78.17
CA ARG R 322 -82.71 27.72 78.22
C ARG R 322 -82.84 26.52 79.15
N ILE R 323 -82.38 25.37 78.68
CA ILE R 323 -82.36 24.14 79.47
C ILE R 323 -81.00 23.48 79.29
N THR R 324 -80.25 23.34 80.37
CA THR R 324 -78.93 22.72 80.36
C THR R 324 -79.01 21.36 81.05
N ILE R 325 -78.38 20.36 80.45
CA ILE R 325 -78.43 18.99 80.94
C ILE R 325 -77.00 18.49 81.09
N ASP R 326 -76.58 18.27 82.33
CA ASP R 326 -75.30 17.65 82.61
C ASP R 326 -75.51 16.16 82.86
N LYS R 327 -74.46 15.48 83.31
CA LYS R 327 -74.53 14.03 83.48
C LYS R 327 -75.59 13.65 84.52
N ASP R 328 -75.45 14.14 85.75
CA ASP R 328 -76.34 13.76 86.84
C ASP R 328 -77.44 14.76 87.12
N ASN R 329 -77.54 15.86 86.37
CA ASN R 329 -78.54 16.89 86.68
C ASN R 329 -79.07 17.52 85.40
N THR R 330 -80.26 18.11 85.52
CA THR R 330 -80.92 18.85 84.46
C THR R 330 -81.58 20.08 85.05
N THR R 331 -81.28 21.25 84.49
CA THR R 331 -81.79 22.51 84.98
C THR R 331 -82.66 23.19 83.92
N ILE R 332 -83.74 23.82 84.36
CA ILE R 332 -84.66 24.54 83.49
C ILE R 332 -84.62 26.01 83.88
N VAL R 333 -84.33 26.88 82.91
CA VAL R 333 -84.13 28.30 83.15
C VAL R 333 -85.16 29.07 82.35
N GLU R 334 -86.06 29.76 83.07
CA GLU R 334 -87.01 30.72 82.50
C GLU R 334 -87.90 30.06 81.45
N GLY R 335 -88.80 29.21 81.94
CA GLY R 335 -89.86 28.68 81.11
C GLY R 335 -91.04 29.63 81.01
N LYS R 336 -91.93 29.35 80.05
CA LYS R 336 -93.14 30.15 79.88
C LYS R 336 -93.93 30.20 81.18
N GLY R 337 -94.54 29.08 81.54
CA GLY R 337 -95.05 28.88 82.88
C GLY R 337 -96.47 29.35 83.13
N LYS R 338 -96.97 30.30 82.36
CA LYS R 338 -98.29 30.88 82.61
C LYS R 338 -98.40 31.33 84.07
N GLN R 339 -97.70 32.43 84.36
CA GLN R 339 -97.41 32.83 85.74
C GLN R 339 -98.64 32.90 86.62
N GLU R 340 -99.84 33.05 86.04
CA GLU R 340 -101.06 32.97 86.83
C GLU R 340 -101.20 31.60 87.50
N GLU R 341 -100.69 30.55 86.86
CA GLU R 341 -100.69 29.21 87.43
C GLU R 341 -99.51 28.98 88.37
N ILE R 342 -98.50 29.84 88.35
CA ILE R 342 -97.36 29.67 89.24
C ILE R 342 -97.75 30.06 90.67
N LYS R 343 -98.49 31.15 90.84
CA LYS R 343 -98.95 31.58 92.15
C LYS R 343 -99.92 30.58 92.78
N ALA R 344 -100.45 29.63 92.00
CA ALA R 344 -101.35 28.62 92.53
C ALA R 344 -100.58 27.56 93.31
N ARG R 345 -99.71 26.82 92.64
CA ARG R 345 -98.95 25.76 93.30
C ARG R 345 -98.05 26.31 94.40
N ILE R 346 -97.59 27.55 94.27
CA ILE R 346 -96.77 28.15 95.32
C ILE R 346 -97.59 28.36 96.59
N ASN R 347 -98.74 29.02 96.47
CA ASN R 347 -99.59 29.27 97.63
C ASN R 347 -100.27 27.99 98.12
N GLU R 348 -100.31 26.94 97.29
CA GLU R 348 -100.95 25.69 97.68
C GLU R 348 -100.08 24.89 98.66
N ILE R 349 -98.89 24.48 98.20
CA ILE R 349 -98.01 23.64 99.00
C ILE R 349 -97.62 24.30 100.31
N LYS R 350 -97.73 25.62 100.42
CA LYS R 350 -97.46 26.29 101.68
C LYS R 350 -98.47 25.87 102.75
N GLY R 351 -99.75 25.79 102.38
CA GLY R 351 -100.77 25.34 103.32
C GLY R 351 -100.75 23.85 103.57
N GLN R 352 -100.15 23.07 102.67
CA GLN R 352 -100.07 21.62 102.85
C GLN R 352 -99.04 21.21 103.90
N ILE R 353 -98.20 22.14 104.35
CA ILE R 353 -97.18 21.80 105.35
C ILE R 353 -97.82 21.55 106.71
N GLU R 354 -98.71 22.45 107.13
CA GLU R 354 -99.36 22.28 108.44
C GLU R 354 -100.41 21.20 108.41
N LYS R 355 -100.98 20.90 107.23
CA LYS R 355 -102.00 19.87 107.12
C LYS R 355 -101.41 18.46 107.12
N SER R 356 -100.11 18.33 106.91
CA SER R 356 -99.45 17.02 106.89
C SER R 356 -99.27 16.52 108.32
N THR R 357 -99.81 15.33 108.60
CA THR R 357 -99.71 14.76 109.94
C THR R 357 -98.37 14.05 110.17
N SER R 358 -97.65 13.71 109.11
CA SER R 358 -96.39 12.98 109.21
C SER R 358 -95.21 13.91 108.95
N ASP R 359 -94.12 13.65 109.65
CA ASP R 359 -92.91 14.45 109.46
C ASP R 359 -92.15 14.05 108.21
N TYR R 360 -92.21 12.78 107.82
CA TYR R 360 -91.54 12.34 106.61
C TYR R 360 -92.30 12.74 105.34
N ASP R 361 -93.63 12.86 105.44
CA ASP R 361 -94.41 13.29 104.28
C ASP R 361 -94.15 14.75 103.96
N THR R 362 -94.02 15.60 104.98
CA THR R 362 -93.70 17.00 104.77
C THR R 362 -92.20 17.24 104.58
N GLU R 363 -91.37 16.21 104.75
CA GLU R 363 -89.94 16.37 104.53
C GLU R 363 -89.65 16.63 103.05
N LYS R 364 -90.28 15.88 102.16
CA LYS R 364 -90.14 16.09 100.73
C LYS R 364 -91.12 17.12 100.17
N LEU R 365 -92.11 17.54 100.98
CA LEU R 365 -93.02 18.58 100.54
C LEU R 365 -92.33 19.94 100.53
N GLN R 366 -91.46 20.18 101.50
CA GLN R 366 -90.68 21.42 101.52
C GLN R 366 -89.66 21.46 100.40
N GLU R 367 -89.32 20.31 99.81
CA GLU R 367 -88.36 20.28 98.71
C GLU R 367 -88.91 20.97 97.48
N ARG R 368 -90.18 20.70 97.15
CA ARG R 368 -90.80 21.34 95.99
C ARG R 368 -91.11 22.81 96.24
N LEU R 369 -91.16 23.24 97.50
CA LEU R 369 -91.43 24.64 97.79
C LEU R 369 -90.26 25.53 97.41
N ALA R 370 -89.03 25.10 97.70
CA ALA R 370 -87.87 25.91 97.38
C ALA R 370 -87.50 25.86 95.91
N LYS R 371 -87.84 24.77 95.22
CA LYS R 371 -87.52 24.66 93.80
C LYS R 371 -88.41 25.55 92.92
N LEU R 372 -89.42 26.19 93.49
CA LEU R 372 -90.30 27.08 92.75
C LEU R 372 -90.16 28.52 93.22
N SER R 373 -90.49 28.80 94.48
CA SER R 373 -90.38 30.16 95.01
C SER R 373 -88.93 30.66 94.99
N GLY R 374 -87.96 29.74 95.03
CA GLY R 374 -86.57 30.17 95.04
C GLY R 374 -86.12 30.75 93.71
N GLY R 375 -86.38 30.03 92.62
CA GLY R 375 -86.01 30.50 91.31
C GLY R 375 -84.64 30.00 90.88
N VAL R 376 -84.16 30.60 89.79
CA VAL R 376 -82.86 30.26 89.20
C VAL R 376 -82.11 31.55 88.95
N ALA R 377 -80.95 31.70 89.59
CA ALA R 377 -80.11 32.88 89.38
C ALA R 377 -79.30 32.71 88.10
N VAL R 378 -79.37 33.71 87.23
CA VAL R 378 -78.64 33.71 85.97
C VAL R 378 -77.55 34.77 86.03
N LEU R 379 -76.32 34.35 85.74
CA LEU R 379 -75.18 35.26 85.69
C LEU R 379 -74.80 35.48 84.23
N LYS R 380 -75.06 36.68 83.73
CA LYS R 380 -74.76 37.04 82.34
C LYS R 380 -73.41 37.77 82.34
N ILE R 381 -72.40 37.15 81.75
CA ILE R 381 -71.03 37.65 81.78
C ILE R 381 -70.71 38.30 80.44
N GLY R 382 -70.04 39.45 80.50
CA GLY R 382 -69.70 40.18 79.29
C GLY R 382 -68.38 40.91 79.45
N ALA R 383 -67.83 41.32 78.31
CA ALA R 383 -66.56 42.03 78.26
C ALA R 383 -66.52 42.88 77.00
N SER R 384 -65.35 43.44 76.70
CA SER R 384 -65.20 44.26 75.51
C SER R 384 -65.16 43.42 74.24
N THR R 385 -64.42 42.31 74.27
CA THR R 385 -64.29 41.43 73.11
C THR R 385 -64.74 40.02 73.48
N GLU R 386 -65.06 39.23 72.46
CA GLU R 386 -65.55 37.89 72.68
C GLU R 386 -64.48 36.95 73.21
N VAL R 387 -63.23 37.16 72.83
CA VAL R 387 -62.15 36.26 73.25
C VAL R 387 -61.98 36.32 74.77
N GLU R 388 -62.10 37.51 75.35
CA GLU R 388 -62.03 37.65 76.80
C GLU R 388 -63.40 37.55 77.47
N MET R 389 -64.49 37.56 76.70
CA MET R 389 -65.80 37.34 77.28
C MET R 389 -65.99 35.89 77.67
N LYS R 390 -65.69 34.97 76.75
CA LYS R 390 -65.72 33.55 77.08
C LYS R 390 -64.63 33.18 78.06
N GLU R 391 -63.52 33.91 78.05
CA GLU R 391 -62.42 33.64 78.98
C GLU R 391 -62.86 33.86 80.42
N LYS R 392 -63.38 35.04 80.72
CA LYS R 392 -63.84 35.33 82.07
C LYS R 392 -65.11 34.56 82.42
N LYS R 393 -65.91 34.18 81.42
CA LYS R 393 -67.07 33.34 81.70
C LYS R 393 -66.65 32.00 82.27
N ALA R 394 -65.57 31.41 81.72
CA ALA R 394 -65.04 30.18 82.27
C ALA R 394 -64.50 30.38 83.69
N ARG R 395 -63.97 31.57 83.98
CA ARG R 395 -63.52 31.86 85.34
C ARG R 395 -64.69 31.97 86.30
N VAL R 396 -65.84 32.47 85.83
CA VAL R 396 -67.03 32.51 86.68
C VAL R 396 -67.51 31.09 86.97
N GLU R 397 -67.52 30.23 85.95
CA GLU R 397 -67.92 28.84 86.16
C GLU R 397 -66.98 28.13 87.12
N ASP R 398 -65.68 28.41 87.03
CA ASP R 398 -64.73 27.84 87.97
C ASP R 398 -64.93 28.42 89.37
N ALA R 399 -65.04 29.75 89.47
CA ALA R 399 -65.24 30.38 90.76
C ALA R 399 -66.58 29.99 91.38
N LEU R 400 -67.59 29.73 90.55
CA LEU R 400 -68.87 29.25 91.07
C LEU R 400 -68.75 27.85 91.64
N HIS R 401 -68.04 26.96 90.94
CA HIS R 401 -67.82 25.61 91.47
C HIS R 401 -67.02 25.64 92.77
N ALA R 402 -65.97 26.47 92.82
CA ALA R 402 -65.16 26.55 94.02
C ALA R 402 -65.94 27.13 95.18
N THR R 403 -66.75 28.16 94.92
CA THR R 403 -67.57 28.74 95.97
C THR R 403 -68.64 27.77 96.46
N ARG R 404 -69.19 26.95 95.57
CA ARG R 404 -70.16 25.94 95.98
C ARG R 404 -69.56 25.00 97.01
N ALA R 405 -68.36 24.47 96.73
CA ALA R 405 -67.70 23.58 97.68
C ALA R 405 -67.31 24.30 98.96
N ALA R 406 -66.99 25.59 98.86
CA ALA R 406 -66.62 26.35 100.06
C ALA R 406 -67.81 26.55 100.98
N VAL R 407 -69.02 26.68 100.44
CA VAL R 407 -70.19 26.86 101.27
C VAL R 407 -70.56 25.57 101.98
N GLN R 408 -70.29 24.42 101.37
CA GLN R 408 -70.69 23.14 101.95
C GLN R 408 -69.75 22.75 103.09
N GLU R 409 -68.52 22.36 102.77
CA GLU R 409 -67.57 21.85 103.74
C GLU R 409 -66.56 22.87 104.23
N GLY R 410 -66.57 24.09 103.71
CA GLY R 410 -65.64 25.11 104.14
C GLY R 410 -64.38 25.18 103.30
N ILE R 411 -63.39 25.90 103.83
CA ILE R 411 -62.10 26.06 103.20
C ILE R 411 -61.00 25.75 104.20
N VAL R 412 -59.81 25.44 103.68
CA VAL R 412 -58.63 25.16 104.46
C VAL R 412 -57.42 25.82 103.80
N VAL R 413 -56.26 25.65 104.41
CA VAL R 413 -55.03 26.24 103.89
C VAL R 413 -54.61 25.54 102.61
N GLY R 414 -54.23 26.32 101.61
CA GLY R 414 -53.75 25.78 100.35
C GLY R 414 -52.28 25.41 100.41
N GLY R 415 -51.70 25.22 99.23
CA GLY R 415 -50.29 24.89 99.14
C GLY R 415 -49.91 23.57 99.78
N GLY R 416 -50.85 22.64 99.86
CA GLY R 416 -50.58 21.35 100.49
C GLY R 416 -50.34 21.41 101.99
N VAL R 417 -50.61 22.55 102.63
CA VAL R 417 -50.34 22.68 104.06
C VAL R 417 -51.42 22.02 104.90
N ALA R 418 -52.66 22.00 104.42
CA ALA R 418 -53.75 21.42 105.19
C ALA R 418 -53.51 19.94 105.48
N LEU R 419 -53.04 19.19 104.47
CA LEU R 419 -52.74 17.77 104.69
C LEU R 419 -51.59 17.61 105.68
N ILE R 420 -50.62 18.51 105.65
CA ILE R 420 -49.53 18.48 106.64
C ILE R 420 -50.09 18.68 108.04
N ARG R 421 -50.88 19.75 108.22
CA ARG R 421 -51.43 20.05 109.54
C ARG R 421 -52.40 18.96 110.00
N ALA R 422 -53.16 18.39 109.08
CA ALA R 422 -54.16 17.37 109.44
C ALA R 422 -53.53 16.09 109.94
N ALA R 423 -52.20 15.92 109.81
CA ALA R 423 -51.54 14.74 110.35
C ALA R 423 -51.59 14.68 111.87
N LYS R 424 -51.98 15.77 112.53
CA LYS R 424 -52.14 15.76 113.98
C LYS R 424 -53.16 14.73 114.43
N GLY R 425 -54.21 14.52 113.64
CA GLY R 425 -55.24 13.55 113.98
C GLY R 425 -54.78 12.11 113.98
N LEU R 426 -53.58 11.83 113.43
CA LEU R 426 -53.08 10.47 113.41
C LEU R 426 -52.81 9.92 114.80
N ALA R 427 -52.65 10.79 115.79
CA ALA R 427 -52.48 10.33 117.16
C ALA R 427 -53.73 9.62 117.67
N LYS R 428 -54.91 9.98 117.16
CA LYS R 428 -56.14 9.32 117.54
C LYS R 428 -56.37 8.02 116.77
N ALA R 429 -55.52 7.69 115.81
CA ALA R 429 -55.66 6.46 115.04
C ALA R 429 -55.12 5.29 115.85
N VAL R 430 -55.90 4.21 115.92
CA VAL R 430 -55.56 3.03 116.71
C VAL R 430 -55.08 1.94 115.76
N ALA R 431 -54.05 1.21 116.18
CA ALA R 431 -53.50 0.09 115.41
C ALA R 431 -53.64 -1.19 116.21
N ASP R 432 -54.32 -2.18 115.64
CA ASP R 432 -54.46 -3.46 116.33
C ASP R 432 -53.14 -4.23 116.33
N ASN R 433 -52.40 -4.20 115.23
CA ASN R 433 -51.12 -4.89 115.13
C ASN R 433 -50.12 -3.98 114.43
N GLU R 434 -48.91 -4.50 114.22
CA GLU R 434 -47.84 -3.69 113.63
C GLU R 434 -48.10 -3.38 112.16
N ASP R 435 -48.76 -4.29 111.43
CA ASP R 435 -49.03 -4.03 110.02
C ASP R 435 -50.03 -2.88 109.86
N GLN R 436 -51.04 -2.82 110.73
CA GLN R 436 -51.97 -1.69 110.68
C GLN R 436 -51.25 -0.39 111.03
N LYS R 437 -50.32 -0.44 111.99
CA LYS R 437 -49.55 0.75 112.33
C LYS R 437 -48.72 1.23 111.14
N THR R 438 -48.20 0.29 110.35
CA THR R 438 -47.50 0.67 109.14
C THR R 438 -48.43 1.38 108.17
N GLY R 439 -49.66 0.88 108.04
CA GLY R 439 -50.63 1.56 107.17
C GLY R 439 -50.90 2.98 107.60
N ILE R 440 -50.93 3.23 108.91
CA ILE R 440 -51.05 4.60 109.40
C ILE R 440 -49.84 5.41 108.98
N GLU R 441 -48.64 4.82 109.07
CA GLU R 441 -47.43 5.53 108.69
C GLU R 441 -47.37 5.75 107.18
N ILE R 442 -48.02 4.89 106.39
CA ILE R 442 -48.11 5.14 104.96
C ILE R 442 -48.83 6.46 104.69
N ILE R 443 -49.93 6.70 105.41
CA ILE R 443 -50.67 7.95 105.23
C ILE R 443 -49.86 9.13 105.75
N ARG R 444 -49.13 8.95 106.85
CA ARG R 444 -48.38 10.06 107.43
C ARG R 444 -47.38 10.63 106.45
N ARG R 445 -46.62 9.76 105.76
CA ARG R 445 -45.66 10.22 104.78
C ARG R 445 -46.32 10.64 103.47
N ALA R 446 -47.52 10.15 103.19
CA ALA R 446 -48.21 10.53 101.96
C ALA R 446 -48.73 11.95 102.01
N LEU R 447 -49.03 12.45 103.22
CA LEU R 447 -49.55 13.81 103.35
C LEU R 447 -48.54 14.88 102.96
N GLU R 448 -47.25 14.55 102.98
CA GLU R 448 -46.21 15.48 102.55
C GLU R 448 -46.00 15.48 101.05
N GLU R 449 -46.61 14.53 100.32
CA GLU R 449 -46.31 14.39 98.90
C GLU R 449 -46.81 15.57 98.06
N PRO R 450 -48.05 16.06 98.22
CA PRO R 450 -48.46 17.22 97.42
C PRO R 450 -47.59 18.44 97.63
N LEU R 451 -47.24 18.75 98.88
CA LEU R 451 -46.37 19.90 99.14
C LEU R 451 -44.98 19.67 98.55
N ARG R 452 -44.48 18.43 98.63
CA ARG R 452 -43.16 18.14 98.08
C ARG R 452 -43.14 18.35 96.57
N GLN R 453 -44.24 18.00 95.89
CA GLN R 453 -44.29 18.19 94.45
C GLN R 453 -44.49 19.64 94.05
N ILE R 454 -45.20 20.42 94.87
CA ILE R 454 -45.36 21.84 94.59
C ILE R 454 -44.01 22.55 94.62
N VAL R 455 -43.19 22.23 95.62
CA VAL R 455 -41.85 22.81 95.69
C VAL R 455 -40.96 22.26 94.59
N ALA R 456 -41.13 20.97 94.26
CA ALA R 456 -40.31 20.36 93.22
C ALA R 456 -40.54 20.98 91.86
N ASN R 457 -41.77 21.42 91.59
CA ASN R 457 -42.08 22.07 90.31
C ASN R 457 -41.47 23.46 90.20
N THR R 458 -40.88 23.99 91.26
CA THR R 458 -40.17 25.26 91.20
C THR R 458 -38.74 25.11 90.67
N GLY R 459 -38.28 23.88 90.47
CA GLY R 459 -36.94 23.65 89.94
C GLY R 459 -35.84 23.60 90.98
N THR R 460 -36.12 23.98 92.22
CA THR R 460 -35.07 23.99 93.25
C THR R 460 -34.73 22.58 93.67
N THR R 461 -33.47 22.39 94.07
CA THR R 461 -33.00 21.17 94.67
C THR R 461 -33.01 21.22 96.19
N ASP R 462 -33.43 22.34 96.78
CA ASP R 462 -33.45 22.55 98.21
C ASP R 462 -34.79 22.22 98.85
N GLY R 463 -35.72 21.66 98.08
CA GLY R 463 -37.08 21.42 98.55
C GLY R 463 -37.22 20.64 99.84
N ALA R 464 -36.19 19.85 100.20
CA ALA R 464 -36.24 19.13 101.46
C ALA R 464 -36.26 20.08 102.65
N VAL R 465 -35.52 21.18 102.56
CA VAL R 465 -35.49 22.16 103.64
C VAL R 465 -36.81 22.92 103.70
N VAL R 466 -37.44 23.18 102.56
CA VAL R 466 -38.70 23.92 102.54
C VAL R 466 -39.78 23.11 103.26
N LEU R 467 -39.83 21.80 103.03
CA LEU R 467 -40.83 20.97 103.69
C LEU R 467 -40.61 20.93 105.19
N GLU R 468 -39.35 20.90 105.63
CA GLU R 468 -39.06 20.84 107.06
C GLU R 468 -39.49 22.12 107.76
N LYS R 469 -39.34 23.26 107.09
CA LYS R 469 -39.72 24.54 107.70
C LYS R 469 -41.24 24.67 107.80
N VAL R 470 -41.97 24.06 106.86
CA VAL R 470 -43.43 24.14 106.91
C VAL R 470 -44.00 23.21 107.97
N LYS R 471 -43.42 22.02 108.12
CA LYS R 471 -43.94 21.07 109.11
C LYS R 471 -43.67 21.56 110.53
N ASN R 472 -42.50 22.15 110.78
CA ASN R 472 -42.19 22.66 112.10
C ASN R 472 -43.04 23.88 112.46
N ALA R 473 -43.61 24.55 111.48
CA ALA R 473 -44.45 25.73 111.71
C ALA R 473 -45.83 25.29 112.20
N GLU R 474 -46.70 26.28 112.40
CA GLU R 474 -48.05 26.05 112.88
C GLU R 474 -49.02 26.89 112.08
N GLY R 475 -50.28 26.46 112.07
CA GLY R 475 -51.33 27.24 111.42
C GLY R 475 -51.19 27.25 109.91
N ASP R 476 -51.45 28.41 109.32
CA ASP R 476 -51.45 28.58 107.87
C ASP R 476 -50.08 28.98 107.31
N TYR R 477 -49.05 29.00 108.16
CA TYR R 477 -47.70 29.30 107.68
C TYR R 477 -47.25 28.23 106.68
N GLY R 478 -46.82 28.68 105.51
CA GLY R 478 -46.40 27.75 104.49
C GLY R 478 -45.63 28.45 103.39
N PHE R 479 -45.37 27.69 102.33
CA PHE R 479 -44.59 28.17 101.20
C PHE R 479 -45.52 28.49 100.03
N ASN R 480 -45.35 29.68 99.45
CA ASN R 480 -46.14 30.10 98.29
C ASN R 480 -45.26 29.96 97.05
N ALA R 481 -45.59 28.98 96.21
CA ALA R 481 -44.76 28.71 95.04
C ALA R 481 -44.79 29.84 94.01
N ARG R 482 -45.81 30.68 94.04
CA ARG R 482 -45.89 31.78 93.08
C ARG R 482 -44.83 32.84 93.38
N THR R 483 -44.80 33.33 94.62
CA THR R 483 -43.84 34.35 95.02
C THR R 483 -42.56 33.77 95.60
N GLU R 484 -42.49 32.45 95.82
CA GLU R 484 -41.32 31.79 96.40
C GLU R 484 -40.94 32.42 97.75
N GLN R 485 -41.95 32.61 98.60
CA GLN R 485 -41.76 33.23 99.91
C GLN R 485 -42.54 32.45 100.96
N TYR R 486 -42.05 32.52 102.19
CA TYR R 486 -42.77 31.97 103.33
C TYR R 486 -43.73 33.03 103.85
N GLU R 487 -45.01 32.68 103.94
CA GLU R 487 -46.03 33.63 104.36
C GLU R 487 -47.23 32.86 104.89
N ASN R 488 -48.09 33.56 105.62
CA ASN R 488 -49.36 33.00 106.03
C ASN R 488 -50.30 32.97 104.83
N LEU R 489 -50.75 31.77 104.46
CA LEU R 489 -51.33 31.56 103.13
C LEU R 489 -52.77 32.03 103.03
N ILE R 490 -53.53 32.04 104.12
CA ILE R 490 -54.94 32.41 104.03
C ILE R 490 -55.08 33.87 103.64
N GLU R 491 -54.30 34.77 104.25
CA GLU R 491 -54.32 36.16 103.85
C GLU R 491 -53.66 36.38 102.49
N ALA R 492 -52.74 35.49 102.09
CA ALA R 492 -52.09 35.60 100.80
C ALA R 492 -52.97 35.15 99.64
N GLY R 493 -54.16 34.61 99.93
CA GLY R 493 -55.06 34.15 98.89
C GLY R 493 -54.86 32.71 98.48
N VAL R 494 -54.07 31.94 99.21
CA VAL R 494 -53.82 30.54 98.89
C VAL R 494 -54.68 29.70 99.82
N VAL R 495 -55.75 29.13 99.29
CA VAL R 495 -56.73 28.38 100.07
C VAL R 495 -57.34 27.32 99.17
N ASP R 496 -57.74 26.20 99.79
CA ASP R 496 -58.47 25.16 99.10
C ASP R 496 -59.79 24.90 99.81
N PRO R 497 -60.86 24.62 99.07
CA PRO R 497 -62.09 24.16 99.72
C PRO R 497 -61.83 22.87 100.48
N THR R 498 -62.36 22.79 101.69
CA THR R 498 -62.20 21.58 102.49
C THR R 498 -62.71 20.36 101.76
N LYS R 499 -63.77 20.51 100.96
CA LYS R 499 -64.28 19.39 100.18
C LYS R 499 -63.25 18.91 99.17
N VAL R 500 -62.47 19.83 98.60
CA VAL R 500 -61.47 19.46 97.60
C VAL R 500 -60.37 18.62 98.25
N THR R 501 -59.86 19.07 99.40
CA THR R 501 -58.71 18.41 100.00
C THR R 501 -59.07 17.03 100.55
N ARG R 502 -60.20 16.93 101.27
CA ARG R 502 -60.56 15.64 101.87
C ARG R 502 -61.00 14.63 100.82
N SER R 503 -61.65 15.09 99.74
CA SER R 503 -62.06 14.16 98.69
C SER R 503 -60.85 13.60 97.95
N ALA R 504 -59.82 14.43 97.75
CA ALA R 504 -58.61 13.95 97.09
C ALA R 504 -57.92 12.88 97.91
N LEU R 505 -57.92 13.02 99.24
CA LEU R 505 -57.28 12.02 100.09
C LEU R 505 -58.10 10.74 100.16
N GLU R 506 -59.42 10.86 100.35
CA GLU R 506 -60.26 9.68 100.45
C GLU R 506 -60.27 8.89 99.16
N ASN R 507 -60.35 9.57 98.01
CA ASN R 507 -60.33 8.87 96.72
C ASN R 507 -58.98 8.21 96.49
N ALA R 508 -57.90 8.89 96.85
CA ALA R 508 -56.56 8.33 96.62
C ALA R 508 -56.34 7.07 97.44
N ALA R 509 -56.76 7.09 98.71
CA ALA R 509 -56.60 5.92 99.56
C ALA R 509 -57.51 4.78 99.13
N SER R 510 -58.67 5.09 98.55
CA SER R 510 -59.59 4.04 98.10
C SER R 510 -58.99 3.25 96.94
N VAL R 511 -58.54 3.96 95.89
CA VAL R 511 -58.01 3.27 94.72
C VAL R 511 -56.71 2.56 95.06
N ALA R 512 -55.89 3.16 95.92
CA ALA R 512 -54.64 2.52 96.31
C ALA R 512 -54.88 1.27 97.14
N SER R 513 -55.94 1.26 97.94
CA SER R 513 -56.25 0.08 98.75
C SER R 513 -56.74 -1.07 97.88
N ILE R 514 -57.55 -0.76 96.87
CA ILE R 514 -58.04 -1.80 95.96
C ILE R 514 -56.87 -2.46 95.23
N LEU R 515 -55.90 -1.66 94.80
CA LEU R 515 -54.74 -2.21 94.12
C LEU R 515 -53.87 -3.04 95.06
N LEU R 516 -53.78 -2.64 96.32
CA LEU R 516 -53.02 -3.43 97.29
C LEU R 516 -53.67 -4.80 97.51
N THR R 517 -55.00 -4.85 97.48
CA THR R 517 -55.74 -6.08 97.71
C THR R 517 -56.09 -6.81 96.42
N THR R 518 -55.62 -6.33 95.27
CA THR R 518 -55.89 -7.01 94.00
C THR R 518 -54.94 -8.19 93.85
N GLU R 519 -55.51 -9.39 93.78
CA GLU R 519 -54.71 -10.60 93.66
C GLU R 519 -54.55 -11.08 92.22
N ALA R 520 -55.30 -10.52 91.27
CA ALA R 520 -55.25 -10.99 89.90
C ALA R 520 -55.63 -9.87 88.95
N ALA R 521 -55.05 -9.90 87.76
CA ALA R 521 -55.36 -8.95 86.70
C ALA R 521 -55.62 -9.72 85.41
N ILE R 522 -56.84 -9.61 84.89
CA ILE R 522 -57.26 -10.37 83.71
C ILE R 522 -57.37 -9.42 82.54
N THR R 523 -56.60 -9.69 81.49
CA THR R 523 -56.61 -8.89 80.27
C THR R 523 -56.79 -9.80 79.05
N ASP R 524 -57.39 -9.25 78.01
CA ASP R 524 -57.57 -10.00 76.77
C ASP R 524 -56.22 -10.23 76.09
N VAL R 525 -56.18 -11.24 75.22
CA VAL R 525 -54.98 -11.55 74.46
C VAL R 525 -54.85 -10.58 73.29
N LYS R 526 -53.77 -10.70 72.53
CA LYS R 526 -53.54 -9.82 71.39
C LYS R 526 -54.42 -10.20 70.21
N THR S 2 -56.03 7.02 71.87
CA THR S 2 -55.13 5.90 71.57
C THR S 2 -53.93 5.91 72.52
N ALA S 3 -53.14 4.83 72.50
CA ALA S 3 -51.98 4.73 73.37
C ALA S 3 -50.98 5.83 73.05
N LYS S 4 -50.23 6.25 74.07
CA LYS S 4 -49.32 7.37 73.97
C LYS S 4 -47.90 6.97 74.32
N ASP S 5 -46.96 7.75 73.81
CA ASP S 5 -45.57 7.74 74.26
C ASP S 5 -45.28 9.07 74.94
N ILE S 6 -44.54 9.02 76.04
CA ILE S 6 -44.28 10.21 76.85
C ILE S 6 -42.79 10.33 77.10
N LEU S 7 -42.24 11.51 76.82
CA LEU S 7 -40.87 11.86 77.15
C LEU S 7 -40.88 12.92 78.25
N PHE S 8 -39.88 12.87 79.12
CA PHE S 8 -39.78 13.75 80.27
C PHE S 8 -38.48 14.52 80.26
N ASP S 9 -38.53 15.74 80.84
CA ASP S 9 -37.37 16.59 81.14
C ASP S 9 -36.37 16.67 80.00
N ALA S 10 -35.09 16.38 80.31
CA ALA S 10 -34.02 16.64 79.36
C ALA S 10 -34.19 15.84 78.07
N GLU S 11 -34.69 14.61 78.17
CA GLU S 11 -34.89 13.81 76.96
C GLU S 11 -35.98 14.43 76.08
N ALA S 12 -37.04 14.94 76.70
CA ALA S 12 -38.09 15.61 75.93
C ALA S 12 -37.59 16.91 75.32
N ARG S 13 -36.83 17.69 76.08
CA ARG S 13 -36.35 18.98 75.58
C ARG S 13 -35.30 18.81 74.49
N THR S 14 -34.41 17.83 74.65
CA THR S 14 -33.41 17.58 73.61
C THR S 14 -34.06 17.10 72.33
N LYS S 15 -35.06 16.23 72.44
CA LYS S 15 -35.80 15.78 71.26
C LYS S 15 -36.51 16.95 70.59
N LEU S 16 -37.14 17.82 71.38
CA LEU S 16 -37.78 19.00 70.82
C LEU S 16 -36.78 19.91 70.14
N LYS S 17 -35.57 20.02 70.70
CA LYS S 17 -34.55 20.88 70.11
C LYS S 17 -34.14 20.39 68.73
N VAL S 18 -34.17 19.08 68.50
CA VAL S 18 -33.83 18.54 67.18
C VAL S 18 -34.80 19.07 66.13
N GLY S 19 -36.09 19.08 66.45
CA GLY S 19 -37.08 19.59 65.51
C GLY S 19 -36.98 21.09 65.33
N VAL S 20 -36.69 21.81 66.42
CA VAL S 20 -36.52 23.27 66.33
C VAL S 20 -35.32 23.59 65.43
N ASP S 21 -34.23 22.84 65.57
CA ASP S 21 -33.04 23.09 64.77
C ASP S 21 -33.30 22.86 63.29
N LYS S 22 -34.01 21.77 62.96
CA LYS S 22 -34.28 21.46 61.55
C LYS S 22 -35.11 22.57 60.90
N LEU S 23 -36.03 23.17 61.65
CA LEU S 23 -36.82 24.26 61.10
C LEU S 23 -35.96 25.50 60.89
N ALA S 24 -35.15 25.85 61.88
CA ALA S 24 -34.31 27.04 61.78
C ALA S 24 -33.24 26.86 60.71
N ASN S 25 -32.55 25.73 60.71
CA ASN S 25 -31.44 25.52 59.78
C ASN S 25 -31.91 25.59 58.33
N ALA S 26 -33.15 25.21 58.05
CA ALA S 26 -33.67 25.30 56.69
C ALA S 26 -34.10 26.72 56.35
N VAL S 27 -34.73 27.42 57.29
CA VAL S 27 -35.27 28.75 57.00
C VAL S 27 -34.22 29.85 57.12
N LYS S 28 -33.12 29.62 57.84
CA LYS S 28 -32.18 30.71 58.10
C LYS S 28 -31.21 30.94 56.94
N VAL S 29 -31.08 29.98 56.02
CA VAL S 29 -30.19 30.18 54.89
C VAL S 29 -30.77 31.19 53.89
N THR S 30 -32.06 31.49 53.98
CA THR S 30 -32.70 32.46 53.12
C THR S 30 -32.79 33.86 53.74
N LEU S 31 -32.25 34.04 54.94
CA LEU S 31 -32.39 35.32 55.63
C LEU S 31 -31.51 36.39 54.99
N GLY S 32 -32.07 37.59 54.84
CA GLY S 32 -31.33 38.72 54.33
C GLY S 32 -31.31 38.77 52.82
N PRO S 33 -30.74 39.86 52.28
CA PRO S 33 -30.62 39.97 50.81
C PRO S 33 -29.62 39.01 50.22
N ALA S 34 -28.66 38.52 50.99
CA ALA S 34 -27.70 37.52 50.52
C ALA S 34 -28.20 36.09 50.74
N GLY S 35 -29.44 35.93 51.22
CA GLY S 35 -30.01 34.62 51.45
C GLY S 35 -29.95 33.72 50.23
N ARG S 36 -29.45 32.51 50.41
CA ARG S 36 -29.21 31.60 49.31
C ARG S 36 -30.51 30.86 48.97
N ASN S 37 -30.41 29.88 48.07
CA ASN S 37 -31.57 29.27 47.43
C ASN S 37 -31.94 27.95 48.11
N VAL S 38 -33.24 27.69 48.19
CA VAL S 38 -33.77 26.44 48.73
C VAL S 38 -34.70 25.82 47.69
N LEU S 39 -34.48 24.55 47.39
CA LEU S 39 -35.27 23.83 46.40
C LEU S 39 -36.33 22.98 47.09
N ILE S 40 -37.58 23.13 46.65
CA ILE S 40 -38.71 22.40 47.21
C ILE S 40 -39.23 21.43 46.17
N ASP S 41 -39.37 20.17 46.54
CA ASP S 41 -39.79 19.14 45.60
C ASP S 41 -41.27 19.32 45.24
N LYS S 42 -41.62 18.88 44.03
CA LYS S 42 -42.98 18.91 43.54
C LYS S 42 -43.45 17.50 43.19
N LYS S 43 -44.76 17.33 43.08
CA LYS S 43 -45.32 16.04 42.70
C LYS S 43 -44.83 15.62 41.31
N PHE S 44 -44.72 16.57 40.39
CA PHE S 44 -44.24 16.28 39.05
C PHE S 44 -43.61 17.55 38.46
N GLY S 45 -42.68 17.35 37.53
CA GLY S 45 -42.05 18.47 36.87
C GLY S 45 -40.84 18.98 37.63
N ALA S 46 -40.48 20.23 37.31
CA ALA S 46 -39.35 20.88 37.94
C ALA S 46 -39.70 21.32 39.36
N PRO S 47 -38.73 21.34 40.27
CA PRO S 47 -39.01 21.74 41.65
C PRO S 47 -39.26 23.23 41.81
N THR S 48 -39.43 23.68 43.05
CA THR S 48 -39.66 25.07 43.37
C THR S 48 -38.39 25.67 43.96
N SER S 49 -37.94 26.77 43.40
CA SER S 49 -36.75 27.48 43.86
C SER S 49 -37.19 28.79 44.49
N THR S 50 -36.91 28.96 45.78
CA THR S 50 -37.36 30.14 46.51
C THR S 50 -36.31 30.59 47.52
N LYS S 51 -36.08 31.90 47.56
CA LYS S 51 -35.28 32.54 48.60
C LYS S 51 -36.14 33.10 49.73
N ASP S 52 -37.43 32.83 49.71
CA ASP S 52 -38.35 33.33 50.73
C ASP S 52 -38.44 32.34 51.88
N GLY S 53 -38.15 32.81 53.09
CA GLY S 53 -38.21 31.95 54.26
C GLY S 53 -39.62 31.56 54.67
N VAL S 54 -40.64 32.31 54.22
CA VAL S 54 -42.01 31.96 54.55
C VAL S 54 -42.43 30.70 53.80
N THR S 55 -42.03 30.59 52.53
CA THR S 55 -42.39 29.42 51.74
C THR S 55 -41.71 28.17 52.26
N VAL S 56 -40.44 28.28 52.66
CA VAL S 56 -39.72 27.12 53.18
C VAL S 56 -40.33 26.66 54.50
N ALA S 57 -40.77 27.61 55.34
CA ALA S 57 -41.30 27.25 56.64
C ALA S 57 -42.60 26.48 56.51
N LYS S 58 -43.43 26.80 55.51
CA LYS S 58 -44.70 26.12 55.33
C LYS S 58 -44.53 24.69 54.84
N GLU S 59 -43.34 24.30 54.37
CA GLU S 59 -43.08 22.95 53.90
C GLU S 59 -42.45 22.06 54.96
N ILE S 60 -42.28 22.56 56.19
CA ILE S 60 -41.48 21.85 57.19
C ILE S 60 -42.41 20.94 57.98
N GLU S 61 -42.20 19.63 57.83
CA GLU S 61 -42.88 18.62 58.64
C GLU S 61 -41.93 17.45 58.81
N LEU S 62 -41.92 16.87 60.01
CA LEU S 62 -40.93 15.86 60.37
C LEU S 62 -41.61 14.54 60.69
N VAL S 63 -40.88 13.44 60.50
CA VAL S 63 -41.43 12.11 60.74
C VAL S 63 -41.56 11.85 62.24
N ASP S 64 -40.56 12.24 63.01
CA ASP S 64 -40.60 12.00 64.45
C ASP S 64 -41.66 12.88 65.10
N PRO S 65 -42.53 12.33 65.95
CA PRO S 65 -43.61 13.15 66.51
C PRO S 65 -43.11 14.27 67.41
N VAL S 66 -42.12 14.01 68.25
CA VAL S 66 -41.66 15.02 69.21
C VAL S 66 -40.83 16.09 68.49
N GLU S 67 -40.02 15.68 67.51
CA GLU S 67 -39.28 16.66 66.73
C GLU S 67 -40.21 17.57 65.94
N ASN S 68 -41.16 16.97 65.22
CA ASN S 68 -42.17 17.76 64.52
C ASN S 68 -42.99 18.59 65.49
N MET S 69 -43.13 18.11 66.73
CA MET S 69 -43.88 18.85 67.74
C MET S 69 -43.20 20.18 68.05
N GLY S 70 -41.89 20.16 68.27
CA GLY S 70 -41.17 21.40 68.53
C GLY S 70 -41.04 22.27 67.30
N ALA S 71 -41.00 21.67 66.11
CA ALA S 71 -40.91 22.47 64.88
C ALA S 71 -42.16 23.30 64.68
N GLN S 72 -43.34 22.70 64.84
CA GLN S 72 -44.58 23.45 64.70
C GLN S 72 -44.77 24.47 65.82
N MET S 73 -44.12 24.26 66.96
CA MET S 73 -44.17 25.26 68.04
C MET S 73 -43.54 26.57 67.58
N VAL S 74 -42.28 26.52 67.13
CA VAL S 74 -41.60 27.72 66.69
C VAL S 74 -42.23 28.27 65.43
N ARG S 75 -42.67 27.37 64.53
CA ARG S 75 -43.22 27.82 63.25
C ARG S 75 -44.51 28.60 63.44
N GLU S 76 -45.39 28.15 64.34
CA GLU S 76 -46.65 28.85 64.54
C GLU S 76 -46.45 30.17 65.25
N VAL S 77 -45.60 30.21 66.27
CA VAL S 77 -45.38 31.46 67.00
C VAL S 77 -44.66 32.48 66.14
N ALA S 78 -43.65 32.05 65.37
CA ALA S 78 -42.95 32.96 64.49
C ALA S 78 -43.83 33.43 63.33
N SER S 79 -44.88 32.67 62.99
CA SER S 79 -45.78 33.09 61.93
C SER S 79 -46.65 34.26 62.36
N LYS S 80 -46.85 34.47 63.67
CA LYS S 80 -47.58 35.63 64.14
C LYS S 80 -46.83 36.93 63.89
N THR S 81 -45.51 36.85 63.70
CA THR S 81 -44.74 38.06 63.39
C THR S 81 -45.11 38.61 62.02
N SER S 82 -45.30 37.74 61.03
CA SER S 82 -45.67 38.16 59.70
C SER S 82 -47.16 38.44 59.54
N ASP S 83 -47.98 38.03 60.50
CA ASP S 83 -49.41 38.32 60.41
C ASP S 83 -49.73 39.74 60.84
N VAL S 84 -49.12 40.22 61.93
CA VAL S 84 -49.34 41.59 62.41
C VAL S 84 -48.39 42.58 61.78
N ALA S 85 -47.37 42.13 61.06
CA ALA S 85 -46.37 43.01 60.47
C ALA S 85 -46.22 42.71 58.98
N GLY S 86 -45.83 41.49 58.64
CA GLY S 86 -45.53 41.10 57.28
C GLY S 86 -44.06 40.95 56.95
N ASP S 87 -43.20 40.91 57.95
CA ASP S 87 -41.77 40.71 57.73
C ASP S 87 -41.16 40.11 58.99
N GLY S 88 -40.01 39.48 58.83
CA GLY S 88 -39.24 39.01 59.97
C GLY S 88 -39.73 37.74 60.63
N THR S 89 -40.50 36.92 59.92
CA THR S 89 -40.89 35.63 60.49
C THR S 89 -39.69 34.68 60.55
N THR S 90 -38.72 34.85 59.66
CA THR S 90 -37.49 34.06 59.76
C THR S 90 -36.59 34.58 60.87
N THR S 91 -36.59 35.89 61.12
CA THR S 91 -35.81 36.44 62.21
C THR S 91 -36.22 35.86 63.56
N ALA S 92 -37.53 35.77 63.80
CA ALA S 92 -38.01 35.17 65.04
C ALA S 92 -37.59 33.72 65.14
N THR S 93 -37.61 32.98 64.03
CA THR S 93 -37.19 31.59 64.04
C THR S 93 -35.72 31.46 64.38
N VAL S 94 -34.88 32.35 63.82
CA VAL S 94 -33.46 32.33 64.14
C VAL S 94 -33.24 32.68 65.61
N LEU S 95 -33.95 33.69 66.11
CA LEU S 95 -33.80 34.09 67.50
C LEU S 95 -34.26 32.98 68.45
N ALA S 96 -35.34 32.28 68.09
CA ALA S 96 -35.86 31.23 68.95
C ALA S 96 -34.85 30.09 69.09
N GLN S 97 -34.15 29.76 68.00
CA GLN S 97 -33.14 28.72 68.08
C GLN S 97 -31.98 29.15 68.98
N ALA S 98 -31.61 30.42 68.93
CA ALA S 98 -30.50 30.90 69.75
C ALA S 98 -30.87 30.91 71.23
N ILE S 99 -32.07 31.38 71.56
CA ILE S 99 -32.48 31.43 72.96
C ILE S 99 -32.66 30.03 73.52
N TYR S 100 -33.25 29.12 72.73
CA TYR S 100 -33.53 27.79 73.23
C TYR S 100 -32.27 26.94 73.36
N ARG S 101 -31.34 27.07 72.40
CA ARG S 101 -30.09 26.32 72.48
C ARG S 101 -29.29 26.73 73.71
N GLU S 102 -29.02 28.03 73.85
CA GLU S 102 -28.27 28.51 75.02
C GLU S 102 -29.05 28.29 76.31
N GLY S 103 -30.39 28.31 76.24
CA GLY S 103 -31.17 28.02 77.42
C GLY S 103 -30.99 26.59 77.90
N LEU S 104 -30.99 25.64 76.96
CA LEU S 104 -30.84 24.23 77.34
C LEU S 104 -29.46 23.94 77.92
N LYS S 105 -28.42 24.62 77.42
CA LYS S 105 -27.09 24.39 77.95
C LYS S 105 -26.99 24.77 79.42
N ASN S 106 -27.71 25.80 79.83
CA ASN S 106 -27.71 26.21 81.23
C ASN S 106 -28.63 25.34 82.08
N VAL S 107 -29.74 24.86 81.51
CA VAL S 107 -30.63 23.97 82.26
C VAL S 107 -29.92 22.68 82.62
N THR S 108 -29.23 22.08 81.64
CA THR S 108 -28.45 20.88 81.93
C THR S 108 -27.26 21.17 82.83
N ALA S 109 -26.86 22.44 82.94
CA ALA S 109 -25.79 22.84 83.84
C ALA S 109 -26.28 23.18 85.25
N GLY S 110 -27.57 23.05 85.51
CA GLY S 110 -28.12 23.26 86.84
C GLY S 110 -28.90 24.54 87.04
N ALA S 111 -29.09 25.35 86.00
CA ALA S 111 -29.87 26.58 86.14
C ALA S 111 -31.35 26.26 86.13
N ARG S 112 -32.09 26.85 87.06
CA ARG S 112 -33.53 26.62 87.13
C ARG S 112 -34.20 27.16 85.88
N PRO S 113 -35.03 26.37 85.20
CA PRO S 113 -35.64 26.85 83.94
C PRO S 113 -36.56 28.05 84.13
N ILE S 114 -37.26 28.14 85.27
CA ILE S 114 -38.18 29.25 85.47
C ILE S 114 -37.43 30.56 85.71
N ASP S 115 -36.27 30.49 86.37
CA ASP S 115 -35.47 31.70 86.55
C ASP S 115 -34.83 32.15 85.26
N LEU S 116 -34.48 31.21 84.38
CA LEU S 116 -34.04 31.59 83.04
C LEU S 116 -35.14 32.32 82.30
N LYS S 117 -36.38 31.84 82.42
CA LYS S 117 -37.50 32.50 81.76
C LYS S 117 -37.70 33.91 82.30
N ARG S 118 -37.56 34.09 83.61
CA ARG S 118 -37.68 35.42 84.19
C ARG S 118 -36.59 36.35 83.68
N GLY S 119 -35.37 35.83 83.56
CA GLY S 119 -34.29 36.63 82.99
C GLY S 119 -34.52 36.96 81.52
N ILE S 120 -35.07 36.01 80.77
CA ILE S 120 -35.38 36.26 79.36
C ILE S 120 -36.42 37.37 79.25
N ASP S 121 -37.51 37.26 80.02
CA ASP S 121 -38.61 38.21 79.87
C ASP S 121 -38.21 39.61 80.31
N ARG S 122 -37.50 39.73 81.43
CA ARG S 122 -37.04 41.05 81.88
C ARG S 122 -36.10 41.67 80.86
N ALA S 123 -35.23 40.85 80.26
CA ALA S 123 -34.30 41.36 79.26
C ALA S 123 -35.03 41.82 78.00
N VAL S 124 -36.05 41.08 77.58
CA VAL S 124 -36.77 41.44 76.36
C VAL S 124 -37.57 42.73 76.56
N LYS S 125 -38.12 42.92 77.76
CA LYS S 125 -38.85 44.15 78.05
C LYS S 125 -37.96 45.38 77.90
N GLU S 126 -36.72 45.29 78.40
CA GLU S 126 -35.81 46.44 78.33
C GLU S 126 -35.26 46.65 76.93
N VAL S 127 -35.12 45.58 76.14
CA VAL S 127 -34.64 45.72 74.78
C VAL S 127 -35.69 46.38 73.91
N VAL S 128 -36.96 45.97 74.06
CA VAL S 128 -38.04 46.60 73.29
C VAL S 128 -38.17 48.07 73.67
N ALA S 129 -38.03 48.38 74.96
CA ALA S 129 -38.09 49.77 75.39
C ALA S 129 -36.96 50.59 74.77
N GLU S 130 -35.73 50.07 74.82
CA GLU S 130 -34.62 50.74 74.16
C GLU S 130 -34.79 50.75 72.65
N LEU S 131 -35.47 49.74 72.10
CA LEU S 131 -35.75 49.72 70.67
C LEU S 131 -36.72 50.83 70.25
N ARG S 132 -37.53 51.32 71.19
CA ARG S 132 -38.42 52.44 70.89
C ARG S 132 -37.68 53.76 70.81
N ASN S 133 -36.61 53.93 71.60
CA ASN S 133 -35.81 55.15 71.51
C ASN S 133 -35.11 55.25 70.16
N ILE S 134 -34.66 54.12 69.61
CA ILE S 134 -34.05 54.12 68.28
C ILE S 134 -35.10 54.29 67.20
N SER S 135 -36.36 54.02 67.50
CA SER S 135 -37.41 54.08 66.49
C SER S 135 -37.66 55.52 66.06
N ARG S 136 -37.76 55.73 64.75
CA ARG S 136 -38.04 57.03 64.16
C ARG S 136 -39.45 57.02 63.60
N SER S 137 -40.35 57.79 64.21
CA SER S 137 -41.76 57.76 63.83
C SER S 137 -41.95 58.25 62.40
N ILE S 138 -42.93 57.65 61.73
CA ILE S 138 -43.28 58.01 60.37
C ILE S 138 -44.69 58.60 60.39
N SER S 139 -44.79 59.90 60.12
CA SER S 139 -46.07 60.59 60.12
C SER S 139 -46.08 61.64 59.02
N GLY S 140 -47.26 61.89 58.48
CA GLY S 140 -47.42 62.84 57.38
C GLY S 140 -47.21 62.20 56.02
N LYS S 141 -47.89 62.76 55.02
CA LYS S 141 -47.83 62.22 53.66
C LYS S 141 -46.42 62.29 53.08
N LYS S 142 -45.58 63.22 53.56
CA LYS S 142 -44.23 63.32 53.03
C LYS S 142 -43.39 62.11 53.45
N GLU S 143 -43.39 61.79 54.75
CA GLU S 143 -42.58 60.67 55.23
C GLU S 143 -43.16 59.34 54.80
N ILE S 144 -44.49 59.22 54.75
CA ILE S 144 -45.12 57.98 54.33
C ILE S 144 -44.76 57.67 52.88
N ALA S 145 -44.67 58.69 52.04
CA ALA S 145 -44.27 58.49 50.66
C ALA S 145 -42.84 58.01 50.54
N GLN S 146 -41.97 58.42 51.48
CA GLN S 146 -40.58 57.95 51.46
C GLN S 146 -40.49 56.49 51.88
N VAL S 147 -41.27 56.09 52.89
CA VAL S 147 -41.24 54.70 53.35
C VAL S 147 -41.83 53.78 52.29
N GLY S 148 -42.93 54.19 51.66
CA GLY S 148 -43.52 53.38 50.62
C GLY S 148 -42.61 53.18 49.42
N THR S 149 -41.75 54.16 49.14
CA THR S 149 -40.83 54.04 48.02
C THR S 149 -39.68 53.09 48.36
N ILE S 150 -39.19 53.13 49.59
CA ILE S 150 -38.12 52.22 50.00
C ILE S 150 -38.62 50.78 49.98
N SER S 151 -39.83 50.54 50.49
CA SER S 151 -40.40 49.20 50.47
C SER S 151 -40.77 48.75 49.05
N ALA S 152 -40.82 49.68 48.10
CA ALA S 152 -41.15 49.39 46.71
C ALA S 152 -39.90 49.14 45.86
N ASN S 153 -38.72 49.06 46.49
CA ASN S 153 -37.45 48.96 45.77
C ASN S 153 -37.20 50.19 44.91
N ASN S 154 -37.30 51.37 45.54
CA ASN S 154 -37.03 52.65 44.90
C ASN S 154 -37.96 52.91 43.71
N ASP S 155 -39.26 52.74 43.95
CA ASP S 155 -40.27 53.10 42.96
C ASP S 155 -41.01 54.33 43.44
N PRO S 156 -40.80 55.50 42.81
CA PRO S 156 -41.47 56.72 43.30
C PRO S 156 -42.97 56.70 43.15
N GLU S 157 -43.50 56.02 42.13
CA GLU S 157 -44.94 56.01 41.91
C GLU S 157 -45.67 55.21 42.98
N ILE S 158 -45.10 54.07 43.37
CA ILE S 158 -45.75 53.22 44.37
C ILE S 158 -45.81 53.94 45.72
N GLY S 159 -44.71 54.56 46.12
CA GLY S 159 -44.70 55.30 47.37
C GLY S 159 -45.65 56.47 47.39
N GLU S 160 -45.93 57.05 46.22
CA GLU S 160 -46.87 58.16 46.15
C GLU S 160 -48.30 57.69 46.30
N LEU S 161 -48.65 56.56 45.70
CA LEU S 161 -50.01 56.06 45.77
C LEU S 161 -50.36 55.57 47.17
N ILE S 162 -49.42 54.92 47.85
CA ILE S 162 -49.67 54.47 49.22
C ILE S 162 -49.86 55.67 50.13
N ALA S 163 -49.07 56.73 49.94
CA ALA S 163 -49.25 57.94 50.72
C ALA S 163 -50.57 58.63 50.41
N GLU S 164 -51.01 58.55 49.15
CA GLU S 164 -52.30 59.14 48.79
C GLU S 164 -53.45 58.29 49.29
N ALA S 165 -53.30 56.96 49.26
CA ALA S 165 -54.36 56.08 49.73
C ALA S 165 -54.58 56.23 51.23
N MET S 166 -53.51 56.30 52.01
CA MET S 166 -53.63 56.48 53.45
C MET S 166 -54.06 57.89 53.83
N ASP S 167 -54.00 58.84 52.90
CA ASP S 167 -54.47 60.19 53.19
C ASP S 167 -55.99 60.27 53.13
N LYS S 168 -56.60 59.54 52.19
CA LYS S 168 -58.05 59.60 52.01
C LYS S 168 -58.78 58.85 53.11
N VAL S 169 -58.65 57.51 53.12
CA VAL S 169 -59.36 56.70 54.10
C VAL S 169 -58.75 56.78 55.49
N GLY S 170 -57.61 57.43 55.64
CA GLY S 170 -56.96 57.54 56.94
C GLY S 170 -55.93 56.45 57.16
N LYS S 171 -55.25 56.54 58.29
CA LYS S 171 -54.22 55.57 58.62
C LYS S 171 -54.82 54.20 58.95
N ASP S 172 -56.02 54.17 59.50
CA ASP S 172 -56.70 52.93 59.85
C ASP S 172 -57.67 52.46 58.77
N GLY S 173 -57.77 53.17 57.66
CA GLY S 173 -58.74 52.81 56.64
C GLY S 173 -58.33 51.56 55.87
N VAL S 174 -59.35 50.82 55.42
CA VAL S 174 -59.10 49.59 54.67
C VAL S 174 -58.61 49.93 53.28
N ILE S 175 -57.48 49.34 52.88
CA ILE S 175 -56.88 49.57 51.57
C ILE S 175 -56.56 48.21 50.96
N THR S 176 -57.21 47.89 49.84
CA THR S 176 -56.94 46.67 49.11
C THR S 176 -56.14 46.98 47.85
N VAL S 177 -55.78 45.91 47.12
CA VAL S 177 -55.01 46.02 45.89
C VAL S 177 -55.58 45.01 44.89
N GLU S 178 -55.90 45.49 43.69
CA GLU S 178 -56.46 44.66 42.63
C GLU S 178 -55.64 44.88 41.35
N GLU S 179 -56.10 44.25 40.28
CA GLU S 179 -55.45 44.39 38.97
C GLU S 179 -56.07 45.56 38.22
N ALA S 180 -55.55 45.82 37.01
CA ALA S 180 -56.03 46.91 36.18
C ALA S 180 -56.33 46.40 34.78
N LYS S 181 -57.09 47.20 34.04
CA LYS S 181 -57.50 46.87 32.68
C LYS S 181 -56.56 47.45 31.62
N GLY S 182 -55.48 48.12 32.01
CA GLY S 182 -54.61 48.71 31.02
C GLY S 182 -53.50 49.51 31.66
N MET S 183 -52.94 50.44 30.87
CA MET S 183 -51.81 51.24 31.32
C MET S 183 -52.18 52.12 32.52
N GLU S 184 -53.42 52.61 32.56
CA GLU S 184 -53.80 53.61 33.54
C GLU S 184 -53.87 53.02 34.93
N THR S 185 -53.24 53.68 35.90
CA THR S 185 -53.25 53.28 37.30
C THR S 185 -54.03 54.34 38.08
N GLU S 186 -55.11 53.92 38.73
CA GLU S 186 -55.99 54.82 39.45
C GLU S 186 -56.18 54.36 40.88
N LEU S 187 -56.92 55.14 41.65
CA LEU S 187 -57.25 54.84 43.04
C LEU S 187 -58.74 55.11 43.23
N LYS S 188 -59.50 54.07 43.58
CA LYS S 188 -60.94 54.18 43.73
C LYS S 188 -61.34 53.88 45.17
N VAL S 189 -62.31 54.63 45.67
CA VAL S 189 -62.87 54.42 47.00
C VAL S 189 -64.31 53.99 46.83
N VAL S 190 -64.60 52.73 47.15
CA VAL S 190 -65.93 52.17 46.96
C VAL S 190 -66.53 51.79 48.31
N GLU S 191 -67.75 51.27 48.30
CA GLU S 191 -68.42 50.86 49.52
C GLU S 191 -67.88 49.51 49.99
N GLY S 192 -67.68 49.38 51.29
CA GLY S 192 -67.19 48.14 51.85
C GLY S 192 -66.83 48.31 53.31
N MET S 193 -66.54 47.17 53.93
CA MET S 193 -66.13 47.13 55.34
C MET S 193 -65.21 45.93 55.55
N GLN S 194 -64.74 45.78 56.78
CA GLN S 194 -63.87 44.67 57.16
C GLN S 194 -64.08 44.36 58.63
N PHE S 195 -64.03 43.07 58.97
CA PHE S 195 -64.16 42.63 60.36
C PHE S 195 -63.09 41.59 60.65
N ASP S 196 -62.93 41.28 61.95
CA ASP S 196 -61.81 40.49 62.44
C ASP S 196 -62.04 38.99 62.35
N ARG S 197 -63.15 38.54 61.77
CA ARG S 197 -63.40 37.11 61.60
C ARG S 197 -62.83 36.65 60.27
N GLY S 198 -62.12 35.53 60.29
CA GLY S 198 -61.55 34.93 59.10
C GLY S 198 -62.32 33.72 58.63
N TYR S 199 -61.67 32.92 57.78
CA TYR S 199 -62.31 31.73 57.27
C TYR S 199 -62.34 30.63 58.34
N LEU S 200 -63.30 29.73 58.19
CA LEU S 200 -63.53 28.65 59.15
C LEU S 200 -62.76 27.38 58.81
N SER S 201 -61.89 27.43 57.79
CA SER S 201 -61.11 26.28 57.36
C SER S 201 -60.13 26.69 56.28
N PRO S 202 -58.89 26.18 56.31
CA PRO S 202 -57.92 26.57 55.28
C PRO S 202 -58.24 26.02 53.90
N TYR S 203 -59.12 25.03 53.79
CA TYR S 203 -59.44 24.45 52.50
C TYR S 203 -60.35 25.36 51.67
N PHE S 204 -60.98 26.36 52.29
CA PHE S 204 -61.75 27.34 51.54
C PHE S 204 -60.87 28.33 50.78
N VAL S 205 -59.56 28.30 51.01
CA VAL S 205 -58.64 29.24 50.39
C VAL S 205 -58.43 28.86 48.93
N THR S 206 -58.63 29.82 48.03
CA THR S 206 -58.47 29.60 46.60
C THR S 206 -57.10 30.02 46.08
N ASN S 207 -56.24 30.56 46.93
CA ASN S 207 -54.90 31.02 46.53
C ASN S 207 -53.88 30.36 47.43
N SER S 208 -53.03 29.50 46.86
CA SER S 208 -52.13 28.70 47.67
C SER S 208 -50.99 29.53 48.25
N GLU S 209 -50.46 30.48 47.47
CA GLU S 209 -49.30 31.24 47.93
C GLU S 209 -49.68 32.27 48.98
N THR S 210 -50.72 33.06 48.72
CA THR S 210 -51.11 34.14 49.62
C THR S 210 -52.02 33.68 50.76
N MET S 211 -52.50 32.44 50.73
CA MET S 211 -53.39 31.90 51.76
C MET S 211 -54.63 32.77 51.92
N GLU S 212 -55.15 33.27 50.81
CA GLU S 212 -56.34 34.12 50.80
C GLU S 212 -57.43 33.47 49.96
N ALA S 213 -58.67 33.55 50.46
CA ALA S 213 -59.84 33.08 49.72
C ALA S 213 -60.49 34.28 49.05
N GLU S 214 -60.44 34.32 47.73
CA GLU S 214 -60.97 35.43 46.95
C GLU S 214 -62.13 34.96 46.11
N LEU S 215 -63.22 35.74 46.13
CA LEU S 215 -64.44 35.40 45.41
C LEU S 215 -64.87 36.59 44.57
N ASP S 216 -64.97 36.39 43.26
CA ASP S 216 -65.37 37.44 42.32
C ASP S 216 -66.86 37.32 42.03
N GLU S 217 -67.58 38.41 42.25
CA GLU S 217 -69.04 38.47 42.08
C GLU S 217 -69.70 37.35 42.89
N ALA S 218 -69.64 37.52 44.21
CA ALA S 218 -70.08 36.50 45.15
C ALA S 218 -71.34 36.93 45.87
N LEU S 219 -72.13 35.94 46.27
CA LEU S 219 -73.35 36.17 47.03
C LEU S 219 -73.06 36.04 48.51
N ILE S 220 -73.71 36.89 49.32
CA ILE S 220 -73.51 36.93 50.76
C ILE S 220 -74.74 36.35 51.44
N LEU S 221 -74.54 35.32 52.26
CA LEU S 221 -75.60 34.69 53.03
C LEU S 221 -75.41 35.08 54.50
N ILE S 222 -76.35 35.87 55.03
CA ILE S 222 -76.27 36.36 56.40
C ILE S 222 -77.27 35.58 57.24
N HIS S 223 -76.75 34.86 58.25
CA HIS S 223 -77.58 34.07 59.14
C HIS S 223 -77.07 34.27 60.57
N ASP S 224 -77.97 34.70 61.46
CA ASP S 224 -77.57 34.97 62.84
C ASP S 224 -77.57 33.72 63.71
N LYS S 225 -78.23 32.64 63.29
CA LYS S 225 -78.33 31.43 64.07
C LYS S 225 -77.21 30.46 63.70
N LYS S 226 -77.29 29.24 64.21
CA LYS S 226 -76.28 28.22 63.96
C LYS S 226 -76.46 27.64 62.56
N ILE S 227 -75.69 26.60 62.23
CA ILE S 227 -75.78 25.96 60.92
C ILE S 227 -76.15 24.49 61.10
N SER S 228 -75.29 23.72 61.75
CA SER S 228 -75.49 22.29 61.97
C SER S 228 -75.72 21.53 60.68
N PRO S 235 -80.60 23.24 50.54
CA PRO S 235 -81.51 24.38 50.57
C PRO S 235 -81.16 25.44 49.55
N ILE S 236 -80.76 26.63 50.01
CA ILE S 236 -80.37 27.71 49.10
C ILE S 236 -78.98 27.49 48.53
N LEU S 237 -78.16 26.65 49.16
CA LEU S 237 -76.82 26.38 48.62
C LEU S 237 -76.89 25.66 47.28
N GLU S 238 -77.93 24.85 47.06
CA GLU S 238 -78.14 24.19 45.78
C GLU S 238 -78.94 25.04 44.80
N LYS S 239 -79.51 26.15 45.25
CA LYS S 239 -80.27 27.04 44.39
C LYS S 239 -79.42 28.14 43.75
N ALA S 240 -78.11 28.13 44.00
CA ALA S 240 -77.23 29.14 43.42
C ALA S 240 -76.26 28.51 42.43
N SER S 243 -78.07 29.80 39.32
CA SER S 243 -77.16 30.91 39.07
C SER S 243 -75.79 30.64 39.67
N GLY S 244 -74.92 29.99 38.90
CA GLY S 244 -73.59 29.65 39.36
C GLY S 244 -72.75 30.87 39.67
N ARG S 245 -72.23 30.94 40.90
CA ARG S 245 -71.50 32.07 41.45
C ARG S 245 -71.01 31.72 42.85
N PRO S 246 -69.86 32.26 43.28
CA PRO S 246 -69.37 31.95 44.62
C PRO S 246 -70.31 32.48 45.70
N LEU S 247 -70.26 31.86 46.86
CA LEU S 247 -71.15 32.17 47.97
C LEU S 247 -70.35 32.40 49.24
N LEU S 248 -70.75 33.40 50.01
CA LEU S 248 -70.17 33.67 51.32
C LEU S 248 -71.25 33.44 52.38
N ILE S 249 -71.02 32.46 53.25
CA ILE S 249 -71.97 32.11 54.30
C ILE S 249 -71.46 32.71 55.60
N ILE S 250 -72.19 33.70 56.11
CA ILE S 250 -71.87 34.34 57.39
C ILE S 250 -72.87 33.81 58.41
N ALA S 251 -72.39 33.01 59.35
CA ALA S 251 -73.23 32.43 60.39
C ALA S 251 -72.65 32.76 61.76
N GLU S 252 -73.33 32.31 62.81
CA GLU S 252 -72.84 32.53 64.16
C GLU S 252 -71.56 31.76 64.41
N ASP S 253 -71.57 30.45 64.13
CA ASP S 253 -70.38 29.62 64.27
C ASP S 253 -70.49 28.45 63.32
N ILE S 254 -69.34 27.85 63.01
CA ILE S 254 -69.26 26.70 62.12
C ILE S 254 -69.90 26.99 60.77
N GLY S 256 -69.49 22.18 62.46
CA GLY S 256 -70.77 21.49 62.35
C GLY S 256 -70.76 20.38 61.32
N GLU S 257 -71.86 19.64 61.23
CA GLU S 257 -71.95 18.55 60.25
C GLU S 257 -71.97 19.10 58.83
N ALA S 258 -72.74 20.17 58.59
CA ALA S 258 -72.79 20.78 57.27
C ALA S 258 -71.52 21.55 56.93
N LEU S 259 -70.64 21.79 57.91
CA LEU S 259 -69.41 22.51 57.64
C LEU S 259 -68.46 21.67 56.79
N ALA S 260 -68.21 20.43 57.19
CA ALA S 260 -67.28 19.58 56.45
C ALA S 260 -67.85 19.16 55.10
N THR S 261 -69.18 19.14 54.97
CA THR S 261 -69.78 18.78 53.68
C THR S 261 -69.50 19.85 52.63
N LEU S 262 -69.49 21.12 53.03
CA LEU S 262 -69.14 22.19 52.10
C LEU S 262 -67.64 22.24 51.82
N VAL S 263 -66.81 21.66 52.71
CA VAL S 263 -65.38 21.66 52.49
C VAL S 263 -65.01 20.65 51.40
N VAL S 264 -65.55 19.44 51.49
CA VAL S 264 -65.21 18.41 50.51
C VAL S 264 -65.83 18.73 49.16
N ASN S 265 -67.04 19.29 49.16
CA ASN S 265 -67.66 19.70 47.90
C ASN S 265 -66.90 20.84 47.24
N LYS S 266 -66.26 21.70 48.04
CA LYS S 266 -65.45 22.78 47.46
C LYS S 266 -64.13 22.25 46.91
N LEU S 267 -63.59 21.20 47.52
CA LEU S 267 -62.36 20.59 47.01
C LEU S 267 -62.62 19.82 45.73
N ARG S 268 -63.76 19.11 45.66
CA ARG S 268 -64.12 18.38 44.45
C ARG S 268 -64.67 19.28 43.36
N GLY S 269 -65.16 20.47 43.70
CA GLY S 269 -65.70 21.39 42.73
C GLY S 269 -67.20 21.39 42.57
N THR S 270 -67.94 20.82 43.53
CA THR S 270 -69.39 20.82 43.44
C THR S 270 -69.94 22.24 43.43
N LEU S 271 -69.47 23.08 44.35
CA LEU S 271 -69.84 24.49 44.38
C LEU S 271 -68.76 25.27 45.11
N LYS S 272 -68.72 26.58 44.85
CA LYS S 272 -67.75 27.47 45.45
C LYS S 272 -68.43 28.24 46.58
N VAL S 273 -68.01 27.99 47.82
CA VAL S 273 -68.59 28.63 48.99
C VAL S 273 -67.45 28.99 49.95
N ALA S 274 -67.83 29.63 51.05
CA ALA S 274 -66.89 30.02 52.11
C ALA S 274 -67.69 30.23 53.39
N ALA S 275 -66.99 30.17 54.52
CA ALA S 275 -67.61 30.26 55.83
C ALA S 275 -66.83 31.25 56.70
N VAL S 276 -67.52 32.28 57.18
CA VAL S 276 -66.95 33.27 58.08
C VAL S 276 -67.90 33.45 59.26
N LYS S 277 -67.34 33.81 60.42
CA LYS S 277 -68.11 33.93 61.65
C LYS S 277 -68.96 35.19 61.62
N ALA S 278 -69.63 35.49 62.73
CA ALA S 278 -70.67 36.51 62.78
C ALA S 278 -70.17 37.89 63.15
N PRO S 279 -68.86 38.09 63.30
CA PRO S 279 -68.26 39.40 63.57
C PRO S 279 -68.82 40.00 64.87
N GLY S 280 -68.35 39.43 65.97
CA GLY S 280 -68.78 39.83 67.31
C GLY S 280 -69.62 38.75 67.97
N PHE S 281 -70.11 39.10 69.16
CA PHE S 281 -70.83 38.13 69.99
C PHE S 281 -72.21 38.63 70.39
N GLY S 282 -72.29 39.75 71.10
CA GLY S 282 -73.53 40.26 71.63
C GLY S 282 -74.30 41.11 70.65
N ASP S 283 -75.03 42.09 71.18
CA ASP S 283 -75.80 43.01 70.34
C ASP S 283 -74.92 43.74 69.33
N ARG S 284 -73.60 43.78 69.56
CA ARG S 284 -72.70 44.35 68.56
C ARG S 284 -72.78 43.61 67.24
N ARG S 285 -72.83 42.27 67.30
CA ARG S 285 -72.95 41.48 66.07
C ARG S 285 -74.39 41.41 65.57
N LYS S 286 -75.38 41.68 66.42
CA LYS S 286 -76.75 41.73 65.95
C LYS S 286 -76.96 42.91 65.01
N ALA S 287 -76.42 44.07 65.35
CA ALA S 287 -76.46 45.23 64.46
C ALA S 287 -75.43 45.15 63.36
N MET S 288 -74.32 44.42 63.57
CA MET S 288 -73.30 44.30 62.54
C MET S 288 -73.82 43.54 61.33
N LEU S 289 -74.63 42.49 61.56
CA LEU S 289 -75.22 41.77 60.44
C LEU S 289 -76.20 42.63 59.65
N GLU S 290 -76.84 43.59 60.32
CA GLU S 290 -77.69 44.54 59.60
C GLU S 290 -76.84 45.52 58.78
N ASP S 291 -75.67 45.90 59.29
CA ASP S 291 -74.78 46.76 58.53
C ASP S 291 -74.24 46.05 57.29
N ILE S 292 -73.99 44.75 57.38
CA ILE S 292 -73.52 44.00 56.23
C ILE S 292 -74.64 43.80 55.21
N ALA S 293 -75.88 43.64 55.69
CA ALA S 293 -77.00 43.47 54.76
C ALA S 293 -77.29 44.75 54.00
N ILE S 294 -77.26 45.89 54.69
CA ILE S 294 -77.50 47.16 54.01
C ILE S 294 -76.35 47.49 53.06
N LEU S 295 -75.13 47.11 53.42
CA LEU S 295 -73.98 47.44 52.58
C LEU S 295 -73.95 46.58 51.32
N THR S 296 -74.22 45.27 51.45
CA THR S 296 -74.16 44.36 50.32
C THR S 296 -75.46 44.27 49.54
N GLY S 297 -76.54 44.84 50.06
CA GLY S 297 -77.82 44.81 49.36
C GLY S 297 -78.69 43.60 49.64
N GLY S 298 -78.36 42.81 50.65
CA GLY S 298 -79.16 41.66 51.04
C GLY S 298 -79.99 41.92 52.28
N THR S 299 -80.60 40.85 52.78
CA THR S 299 -81.40 40.90 53.99
C THR S 299 -80.91 39.85 54.97
N VAL S 300 -80.84 40.21 56.25
CA VAL S 300 -80.40 39.27 57.27
C VAL S 300 -81.51 38.28 57.56
N ILE S 301 -81.14 37.01 57.72
CA ILE S 301 -82.08 35.94 58.00
C ILE S 301 -82.02 35.65 59.50
N SER S 302 -83.08 36.00 60.21
CA SER S 302 -83.13 35.88 61.66
C SER S 302 -84.43 35.22 62.09
N GLU S 303 -84.37 34.49 63.20
CA GLU S 303 -85.55 33.88 63.78
C GLU S 303 -86.35 34.85 64.63
N GLU S 304 -85.83 36.05 64.89
CA GLU S 304 -86.58 37.03 65.68
C GLU S 304 -87.84 37.48 64.94
N LYS S 305 -87.69 37.98 63.72
CA LYS S 305 -88.83 38.24 62.86
C LYS S 305 -89.07 37.02 61.99
N GLY S 306 -90.14 37.05 61.19
CA GLY S 306 -90.46 35.92 60.35
C GLY S 306 -89.42 35.76 59.26
N TYR S 307 -88.72 34.63 59.27
CA TYR S 307 -87.77 34.27 58.22
C TYR S 307 -87.49 32.78 58.35
N LYS S 308 -86.94 32.20 57.28
CA LYS S 308 -86.58 30.79 57.30
C LYS S 308 -85.36 30.56 56.42
N LEU S 309 -84.50 29.64 56.84
CA LEU S 309 -83.33 29.29 56.03
C LEU S 309 -83.74 28.47 54.82
N GLU S 310 -84.73 27.59 54.96
CA GLU S 310 -85.21 26.81 53.83
C GLU S 310 -86.09 27.63 52.91
N ASN S 311 -86.75 28.67 53.43
CA ASN S 311 -87.58 29.54 52.63
C ASN S 311 -86.83 30.75 52.09
N ALA S 312 -85.52 30.83 52.32
CA ALA S 312 -84.73 31.93 51.79
C ALA S 312 -84.63 31.83 50.28
N THR S 313 -84.64 32.99 49.62
CA THR S 313 -84.57 33.08 48.16
C THR S 313 -83.30 33.78 47.74
N MET S 314 -83.13 33.93 46.42
CA MET S 314 -81.97 34.62 45.89
C MET S 314 -82.03 36.13 46.10
N ALA S 315 -83.24 36.68 46.31
CA ALA S 315 -83.37 38.10 46.56
C ALA S 315 -82.93 38.50 47.96
N TYR S 316 -82.89 37.54 48.89
CA TYR S 316 -82.43 37.82 50.25
C TYR S 316 -80.91 37.92 50.35
N LEU S 317 -80.18 37.30 49.43
CA LEU S 317 -78.72 37.27 49.51
C LEU S 317 -78.14 38.63 49.14
N GLY S 318 -77.04 38.99 49.82
CA GLY S 318 -76.30 40.18 49.46
C GLY S 318 -75.26 39.89 48.38
N GLN S 319 -74.88 40.94 47.65
CA GLN S 319 -73.96 40.81 46.54
C GLN S 319 -72.79 41.77 46.71
N ALA S 320 -71.63 41.34 46.26
CA ALA S 320 -70.42 42.16 46.27
C ALA S 320 -69.55 41.77 45.10
N ALA S 321 -68.79 42.74 44.60
CA ALA S 321 -67.95 42.48 43.42
C ALA S 321 -66.81 41.54 43.76
N ARG S 322 -66.16 41.74 44.90
CA ARG S 322 -65.04 40.91 45.30
C ARG S 322 -65.02 40.79 46.82
N ILE S 323 -64.66 39.60 47.31
CA ILE S 323 -64.57 39.35 48.75
C ILE S 323 -63.27 38.59 49.01
N THR S 324 -62.40 39.19 49.82
CA THR S 324 -61.14 38.56 50.21
C THR S 324 -61.21 38.17 51.68
N ILE S 325 -60.79 36.95 51.99
CA ILE S 325 -60.88 36.40 53.34
C ILE S 325 -59.49 35.95 53.76
N ASP S 326 -58.93 36.62 54.77
CA ASP S 326 -57.69 36.20 55.37
C ASP S 326 -57.98 35.22 56.51
N LYS S 327 -56.92 34.74 57.17
CA LYS S 327 -57.12 33.91 58.34
C LYS S 327 -57.67 34.71 59.51
N ASP S 328 -57.14 35.92 59.72
CA ASP S 328 -57.58 36.80 60.79
C ASP S 328 -58.56 37.88 60.34
N ASN S 329 -58.88 37.95 59.04
CA ASN S 329 -59.68 39.05 58.54
C ASN S 329 -60.56 38.59 57.39
N THR S 330 -61.63 39.35 57.14
CA THR S 330 -62.49 39.18 55.98
C THR S 330 -62.87 40.56 55.46
N THR S 331 -62.64 40.79 54.17
CA THR S 331 -62.86 42.09 53.56
C THR S 331 -63.90 41.98 52.46
N ILE S 332 -64.91 42.85 52.52
CA ILE S 332 -65.94 42.96 51.47
C ILE S 332 -65.72 44.30 50.77
N VAL S 333 -65.42 44.24 49.48
CA VAL S 333 -65.13 45.44 48.69
C VAL S 333 -66.15 45.55 47.57
N GLU S 334 -66.50 46.81 47.25
CA GLU S 334 -67.45 47.12 46.18
C GLU S 334 -68.81 46.46 46.44
N GLY S 335 -69.49 46.96 47.46
CA GLY S 335 -70.79 46.44 47.82
C GLY S 335 -71.87 46.87 46.85
N LYS S 336 -72.85 46.00 46.65
CA LYS S 336 -73.94 46.24 45.72
C LYS S 336 -75.15 46.90 46.38
N GLY S 337 -75.06 47.25 47.66
CA GLY S 337 -76.17 47.90 48.32
C GLY S 337 -76.49 49.26 47.73
N LYS S 338 -77.72 49.70 47.97
CA LYS S 338 -78.18 50.98 47.44
C LYS S 338 -77.49 52.13 48.16
N GLN S 339 -77.18 53.19 47.41
CA GLN S 339 -76.53 54.36 47.99
C GLN S 339 -77.43 55.05 48.99
N GLU S 340 -78.73 55.15 48.68
CA GLU S 340 -79.66 55.81 49.59
C GLU S 340 -79.86 55.02 50.87
N GLU S 341 -79.82 53.68 50.78
CA GLU S 341 -80.00 52.86 51.97
C GLU S 341 -78.77 52.90 52.86
N ILE S 342 -77.58 52.95 52.26
CA ILE S 342 -76.35 53.03 53.05
C ILE S 342 -76.27 54.37 53.77
N LYS S 343 -76.65 55.46 53.09
CA LYS S 343 -76.65 56.77 53.73
C LYS S 343 -77.68 56.85 54.84
N ALA S 344 -78.75 56.05 54.75
CA ALA S 344 -79.76 56.05 55.80
C ALA S 344 -79.26 55.35 57.06
N ARG S 345 -78.53 54.25 56.90
CA ARG S 345 -77.99 53.54 58.06
C ARG S 345 -76.90 54.35 58.76
N ILE S 346 -76.23 55.24 58.03
CA ILE S 346 -75.22 56.09 58.65
C ILE S 346 -75.87 57.10 59.59
N ASN S 347 -77.03 57.63 59.20
CA ASN S 347 -77.73 58.60 60.04
C ASN S 347 -78.29 57.96 61.31
N GLU S 348 -78.49 56.63 61.31
CA GLU S 348 -78.96 55.96 62.52
C GLU S 348 -77.87 55.94 63.59
N ILE S 349 -76.66 55.53 63.21
CA ILE S 349 -75.56 55.49 64.17
C ILE S 349 -75.09 56.90 64.51
N LYS S 350 -75.16 57.82 63.54
CA LYS S 350 -74.74 59.19 63.80
C LYS S 350 -75.68 59.87 64.80
N GLY S 351 -76.98 59.57 64.73
CA GLY S 351 -77.92 60.13 65.68
C GLY S 351 -77.82 59.48 67.04
N GLN S 352 -77.60 58.16 67.07
CA GLN S 352 -77.44 57.46 68.34
C GLN S 352 -76.16 57.84 69.07
N ILE S 353 -75.14 58.31 68.34
CA ILE S 353 -73.92 58.75 69.00
C ILE S 353 -74.13 60.08 69.70
N GLU S 354 -75.09 60.88 69.23
CA GLU S 354 -75.41 62.17 69.84
C GLU S 354 -76.50 62.06 70.90
N LYS S 355 -77.00 60.85 71.18
CA LYS S 355 -78.03 60.67 72.18
C LYS S 355 -77.46 60.12 73.47
N SER S 356 -77.05 58.85 73.47
CA SER S 356 -76.50 58.22 74.66
C SER S 356 -75.14 58.79 75.01
N ASP S 361 -69.53 52.59 75.00
CA ASP S 361 -70.83 52.81 74.37
C ASP S 361 -70.68 53.64 73.09
N THR S 362 -70.33 54.92 73.26
CA THR S 362 -70.18 55.80 72.11
C THR S 362 -68.99 55.39 71.25
N GLU S 363 -67.89 54.97 71.89
CA GLU S 363 -66.72 54.53 71.13
C GLU S 363 -67.00 53.26 70.33
N LYS S 364 -67.89 52.40 70.84
CA LYS S 364 -68.23 51.18 70.12
C LYS S 364 -69.09 51.48 68.89
N LEU S 365 -69.99 52.46 69.01
CA LEU S 365 -70.81 52.84 67.86
C LEU S 365 -69.99 53.59 66.81
N GLN S 366 -69.00 54.38 67.25
CA GLN S 366 -68.13 55.06 66.30
C GLN S 366 -67.28 54.08 65.50
N GLU S 367 -67.02 52.90 66.07
CA GLU S 367 -66.29 51.87 65.33
C GLU S 367 -67.12 51.35 64.16
N ARG S 368 -68.44 51.27 64.32
CA ARG S 368 -69.31 50.88 63.20
C ARG S 368 -69.46 52.02 62.20
N LEU S 369 -69.47 53.26 62.68
CA LEU S 369 -69.65 54.41 61.78
C LEU S 369 -68.46 54.55 60.82
N ALA S 370 -67.25 54.27 61.31
CA ALA S 370 -66.07 54.38 60.46
C ALA S 370 -66.01 53.31 59.38
N LYS S 371 -66.70 52.18 59.59
CA LYS S 371 -66.69 51.12 58.58
C LYS S 371 -67.58 51.46 57.39
N LEU S 372 -68.80 51.94 57.66
CA LEU S 372 -69.72 52.26 56.57
C LEU S 372 -69.28 53.50 55.81
N SER S 373 -68.98 54.58 56.52
CA SER S 373 -68.59 55.83 55.87
C SER S 373 -67.16 55.80 55.33
N GLY S 374 -66.30 54.95 55.90
CA GLY S 374 -64.92 54.94 55.45
C GLY S 374 -64.73 54.28 54.10
N GLY S 375 -65.48 53.21 53.84
CA GLY S 375 -65.31 52.52 52.57
C GLY S 375 -64.01 51.75 52.51
N VAL S 376 -63.66 51.34 51.29
CA VAL S 376 -62.43 50.58 51.04
C VAL S 376 -61.71 51.22 49.85
N ALA S 377 -60.49 51.66 50.08
CA ALA S 377 -59.67 52.22 49.02
C ALA S 377 -59.06 51.10 48.18
N VAL S 378 -59.30 51.14 46.87
CA VAL S 378 -58.85 50.11 45.94
C VAL S 378 -57.72 50.67 45.10
N LEU S 379 -56.60 49.93 45.04
CA LEU S 379 -55.46 50.31 44.23
C LEU S 379 -55.44 49.42 42.99
N LYS S 380 -55.73 50.02 41.83
CA LYS S 380 -55.65 49.32 40.55
C LYS S 380 -54.33 49.67 39.90
N ILE S 381 -53.44 48.68 39.79
CA ILE S 381 -52.07 48.89 39.32
C ILE S 381 -51.99 48.50 37.85
N GLY S 382 -51.70 49.48 36.99
CA GLY S 382 -51.51 49.22 35.58
C GLY S 382 -50.03 49.15 35.23
N ALA S 383 -49.76 48.61 34.04
CA ALA S 383 -48.40 48.43 33.56
C ALA S 383 -48.43 48.31 32.04
N SER S 384 -47.25 48.04 31.47
CA SER S 384 -47.15 47.90 30.02
C SER S 384 -47.78 46.60 29.54
N THR S 385 -47.41 45.48 30.16
CA THR S 385 -47.89 44.16 29.78
C THR S 385 -48.54 43.48 30.96
N GLU S 386 -48.97 42.24 30.75
CA GLU S 386 -49.62 41.48 31.82
C GLU S 386 -48.61 40.88 32.78
N VAL S 387 -47.50 40.34 32.25
CA VAL S 387 -46.50 39.71 33.12
C VAL S 387 -45.75 40.77 33.92
N GLU S 388 -45.41 41.90 33.29
CA GLU S 388 -44.76 42.98 34.00
C GLU S 388 -45.67 43.57 35.07
N MET S 389 -46.99 43.51 34.86
CA MET S 389 -47.92 44.00 35.87
C MET S 389 -47.91 43.11 37.11
N LYS S 390 -47.79 41.79 36.91
CA LYS S 390 -47.80 40.87 38.04
C LYS S 390 -46.66 41.14 39.01
N GLU S 391 -45.48 41.51 38.47
CA GLU S 391 -44.34 41.79 39.34
C GLU S 391 -44.57 43.06 40.16
N LYS S 392 -45.14 44.10 39.56
CA LYS S 392 -45.38 45.34 40.28
C LYS S 392 -46.71 45.38 41.01
N LYS S 393 -47.60 44.40 40.75
CA LYS S 393 -48.80 44.29 41.58
C LYS S 393 -48.45 43.72 42.95
N ALA S 394 -47.69 42.63 42.98
CA ALA S 394 -47.21 42.09 44.25
C ALA S 394 -46.17 42.97 44.90
N ARG S 395 -45.58 43.91 44.15
CA ARG S 395 -44.64 44.86 44.72
C ARG S 395 -45.35 45.93 45.54
N VAL S 396 -46.57 46.31 45.15
CA VAL S 396 -47.31 47.29 45.94
C VAL S 396 -47.85 46.64 47.21
N GLU S 397 -48.31 45.39 47.11
CA GLU S 397 -48.85 44.71 48.29
C GLU S 397 -47.79 44.55 49.37
N ASP S 398 -46.55 44.29 48.97
CA ASP S 398 -45.46 44.21 49.94
C ASP S 398 -45.13 45.59 50.51
N ALA S 399 -45.13 46.61 49.65
CA ALA S 399 -44.83 47.96 50.12
C ALA S 399 -45.96 48.52 50.98
N LEU S 400 -47.21 48.20 50.62
CA LEU S 400 -48.34 48.70 51.40
C LEU S 400 -48.37 48.08 52.79
N HIS S 401 -48.02 46.79 52.90
CA HIS S 401 -48.02 46.14 54.20
C HIS S 401 -46.87 46.65 55.06
N ALA S 402 -45.69 46.86 54.47
CA ALA S 402 -44.55 47.36 55.23
C ALA S 402 -44.79 48.79 55.69
N THR S 403 -45.32 49.64 54.81
CA THR S 403 -45.59 51.02 55.18
C THR S 403 -46.72 51.12 56.20
N ARG S 404 -47.67 50.17 56.15
CA ARG S 404 -48.75 50.15 57.13
C ARG S 404 -48.20 49.91 58.54
N ALA S 405 -47.19 49.04 58.66
CA ALA S 405 -46.58 48.78 59.95
C ALA S 405 -45.60 49.86 60.35
N ALA S 406 -45.03 50.58 59.37
CA ALA S 406 -44.05 51.62 59.68
C ALA S 406 -44.69 52.83 60.33
N VAL S 407 -45.95 53.13 60.00
CA VAL S 407 -46.62 54.29 60.58
C VAL S 407 -47.00 54.02 62.03
N GLN S 408 -47.21 52.76 62.40
CA GLN S 408 -47.71 52.44 63.73
C GLN S 408 -46.63 52.59 64.80
N GLU S 409 -45.65 51.69 64.80
CA GLU S 409 -44.63 51.66 65.84
C GLU S 409 -43.33 52.35 65.44
N GLY S 410 -43.22 52.86 64.22
CA GLY S 410 -42.02 53.56 63.78
C GLY S 410 -41.11 52.70 62.92
N ILE S 411 -39.89 53.20 62.74
CA ILE S 411 -38.89 52.57 61.89
C ILE S 411 -37.55 52.55 62.61
N VAL S 412 -36.86 51.40 62.53
CA VAL S 412 -35.52 51.26 63.09
C VAL S 412 -34.55 50.87 61.97
N VAL S 413 -33.28 50.69 62.32
CA VAL S 413 -32.27 50.31 61.34
C VAL S 413 -32.46 48.86 60.94
N GLY S 414 -32.08 48.54 59.71
CA GLY S 414 -32.15 47.19 59.19
C GLY S 414 -30.85 46.44 59.33
N GLY S 415 -30.76 45.32 58.59
CA GLY S 415 -29.56 44.51 58.60
C GLY S 415 -29.20 43.88 59.93
N GLY S 416 -30.19 43.66 60.79
CA GLY S 416 -29.92 43.09 62.10
C GLY S 416 -29.17 43.99 63.05
N VAL S 417 -28.99 45.26 62.70
CA VAL S 417 -28.26 46.18 63.56
C VAL S 417 -29.14 46.69 64.70
N ALA S 418 -30.46 46.78 64.48
CA ALA S 418 -31.35 47.34 65.50
C ALA S 418 -31.32 46.50 66.77
N LEU S 419 -31.25 45.17 66.63
CA LEU S 419 -31.14 44.32 67.81
C LEU S 419 -29.77 44.45 68.48
N ILE S 420 -28.72 44.64 67.67
CA ILE S 420 -27.40 44.88 68.24
C ILE S 420 -27.38 46.17 69.04
N ARG S 421 -27.93 47.23 68.46
CA ARG S 421 -27.89 48.54 69.12
C ARG S 421 -28.84 48.62 70.30
N ALA S 422 -29.93 47.85 70.27
CA ALA S 422 -30.88 47.85 71.37
C ALA S 422 -30.36 47.10 72.59
N ALA S 423 -29.21 46.44 72.49
CA ALA S 423 -28.65 45.73 73.63
C ALA S 423 -28.27 46.69 74.76
N LYS S 424 -28.10 47.98 74.46
CA LYS S 424 -27.76 48.94 75.49
C LYS S 424 -28.81 49.03 76.59
N GLY S 425 -30.05 48.64 76.29
CA GLY S 425 -31.09 48.63 77.31
C GLY S 425 -30.96 47.52 78.33
N LEU S 426 -30.09 46.54 78.08
CA LEU S 426 -29.92 45.43 79.01
C LEU S 426 -29.32 45.86 80.35
N ALA S 427 -28.66 47.02 80.39
CA ALA S 427 -28.11 47.51 81.65
C ALA S 427 -29.21 47.87 82.64
N LYS S 428 -30.41 48.19 82.14
CA LYS S 428 -31.53 48.50 83.01
C LYS S 428 -32.26 47.25 83.51
N ALA S 429 -31.92 46.08 82.99
CA ALA S 429 -32.54 44.85 83.47
C ALA S 429 -32.03 44.52 84.87
N VAL S 430 -32.91 43.94 85.67
CA VAL S 430 -32.61 43.59 87.06
C VAL S 430 -32.68 42.08 87.21
N ALA S 431 -31.66 41.50 87.82
CA ALA S 431 -31.58 40.06 88.04
C ALA S 431 -31.60 39.79 89.53
N ASP S 432 -32.57 39.00 89.98
CA ASP S 432 -32.67 38.67 91.41
C ASP S 432 -31.62 37.67 91.84
N ASN S 433 -31.24 36.74 90.97
CA ASN S 433 -30.24 35.73 91.28
C ASN S 433 -29.40 35.47 90.03
N GLU S 434 -28.43 34.56 90.17
CA GLU S 434 -27.51 34.30 89.06
C GLU S 434 -28.19 33.60 87.89
N ASP S 435 -29.19 32.74 88.17
CA ASP S 435 -29.92 32.12 87.08
C ASP S 435 -30.69 33.15 86.26
N GLN S 436 -31.23 34.18 86.93
CA GLN S 436 -31.89 35.25 86.20
C GLN S 436 -30.87 36.08 85.42
N LYS S 437 -29.68 36.29 85.99
CA LYS S 437 -28.66 37.06 85.29
C LYS S 437 -28.19 36.34 84.04
N THR S 438 -27.99 35.02 84.12
CA THR S 438 -27.64 34.25 82.93
C THR S 438 -28.77 34.30 81.90
N GLY S 439 -30.02 34.34 82.36
CA GLY S 439 -31.13 34.49 81.44
C GLY S 439 -31.08 35.79 80.67
N ILE S 440 -30.64 36.86 81.33
CA ILE S 440 -30.45 38.14 80.64
C ILE S 440 -29.36 38.01 79.59
N GLU S 441 -28.29 37.26 79.91
CA GLU S 441 -27.18 37.10 78.98
C GLU S 441 -27.54 36.22 77.79
N ILE S 442 -28.53 35.34 77.93
CA ILE S 442 -29.00 34.56 76.79
C ILE S 442 -29.53 35.50 75.70
N ILE S 443 -30.24 36.55 76.11
CA ILE S 443 -30.75 37.52 75.15
C ILE S 443 -29.62 38.31 74.52
N ARG S 444 -28.60 38.67 75.31
CA ARG S 444 -27.50 39.46 74.80
C ARG S 444 -26.80 38.76 73.65
N ARG S 445 -26.47 37.47 73.83
CA ARG S 445 -25.83 36.72 72.74
C ARG S 445 -26.82 36.44 71.61
N ALA S 446 -28.12 36.41 71.91
CA ALA S 446 -29.10 36.11 70.87
C ALA S 446 -29.33 37.28 69.93
N LEU S 447 -29.19 38.51 70.41
CA LEU S 447 -29.43 39.67 69.57
C LEU S 447 -28.45 39.74 68.40
N GLU S 448 -27.28 39.13 68.55
CA GLU S 448 -26.27 39.14 67.49
C GLU S 448 -26.57 38.11 66.42
N GLU S 449 -27.45 37.15 66.69
CA GLU S 449 -27.65 36.00 65.82
C GLU S 449 -28.23 36.37 64.46
N PRO S 450 -29.24 37.25 64.37
CA PRO S 450 -29.73 37.62 63.03
C PRO S 450 -28.65 38.26 62.15
N LEU S 451 -27.87 39.19 62.69
CA LEU S 451 -26.80 39.80 61.93
C LEU S 451 -25.73 38.78 61.56
N ARG S 452 -25.44 37.85 62.47
CA ARG S 452 -24.42 36.83 62.20
C ARG S 452 -24.85 35.92 61.06
N GLN S 453 -26.15 35.62 60.97
CA GLN S 453 -26.64 34.76 59.89
C GLN S 453 -26.71 35.49 58.56
N ILE S 454 -27.05 36.78 58.57
CA ILE S 454 -27.08 37.55 57.33
C ILE S 454 -25.69 37.59 56.69
N VAL S 455 -24.65 37.81 57.50
CA VAL S 455 -23.29 37.80 56.99
C VAL S 455 -22.87 36.39 56.59
N ALA S 456 -23.35 35.37 57.31
CA ALA S 456 -22.97 34.00 56.99
C ALA S 456 -23.54 33.56 55.65
N ASN S 457 -24.70 34.11 55.26
CA ASN S 457 -25.29 33.76 53.97
C ASN S 457 -24.54 34.36 52.79
N THR S 458 -23.58 35.24 53.03
CA THR S 458 -22.77 35.79 51.95
C THR S 458 -21.70 34.83 51.47
N GLY S 459 -21.28 33.88 52.32
CA GLY S 459 -20.25 32.94 51.99
C GLY S 459 -18.89 33.25 52.56
N THR S 460 -18.76 34.32 53.35
CA THR S 460 -17.46 34.67 53.93
C THR S 460 -17.04 33.65 54.97
N THR S 461 -15.77 33.25 54.91
CA THR S 461 -15.26 32.26 55.85
C THR S 461 -15.20 32.81 57.26
N ASP S 462 -14.82 34.09 57.40
CA ASP S 462 -14.76 34.75 58.71
C ASP S 462 -15.83 35.83 58.74
N GLY S 463 -16.89 35.59 59.52
CA GLY S 463 -17.93 36.58 59.69
C GLY S 463 -17.91 37.22 61.05
N ALA S 464 -17.00 36.78 61.91
CA ALA S 464 -16.90 37.36 63.25
C ALA S 464 -16.28 38.74 63.23
N VAL S 465 -15.42 39.02 62.24
CA VAL S 465 -14.83 40.34 62.11
C VAL S 465 -15.91 41.37 61.74
N VAL S 466 -16.87 40.98 60.91
CA VAL S 466 -17.94 41.89 60.52
C VAL S 466 -18.79 42.27 61.72
N LEU S 467 -19.18 41.27 62.52
CA LEU S 467 -20.00 41.55 63.69
C LEU S 467 -19.24 42.41 64.70
N GLU S 468 -17.91 42.28 64.77
CA GLU S 468 -17.14 43.08 65.70
C GLU S 468 -17.16 44.56 65.30
N LYS S 469 -17.09 44.84 64.00
CA LYS S 469 -17.10 46.23 63.55
C LYS S 469 -18.46 46.89 63.78
N VAL S 470 -19.54 46.11 63.70
CA VAL S 470 -20.87 46.69 63.88
C VAL S 470 -21.15 46.96 65.35
N LYS S 471 -20.73 46.06 66.24
CA LYS S 471 -20.97 46.26 67.66
C LYS S 471 -20.11 47.39 68.22
N ASN S 472 -18.91 47.58 67.70
CA ASN S 472 -18.04 48.64 68.15
C ASN S 472 -18.35 49.98 67.51
N ALA S 473 -19.30 50.02 66.58
CA ALA S 473 -19.77 51.26 65.99
C ALA S 473 -20.98 51.77 66.75
N GLU S 474 -21.57 52.87 66.26
CA GLU S 474 -22.74 53.45 66.90
C GLU S 474 -23.70 53.94 65.83
N GLY S 475 -24.95 54.17 66.25
CA GLY S 475 -25.94 54.72 65.33
C GLY S 475 -26.38 53.69 64.31
N ASP S 476 -26.59 54.16 63.08
CA ASP S 476 -27.09 53.34 61.98
C ASP S 476 -25.96 52.68 61.20
N TYR S 477 -24.71 52.84 61.63
CA TYR S 477 -23.60 52.19 60.95
C TYR S 477 -23.74 50.68 61.03
N GLY S 478 -23.50 50.02 59.90
CA GLY S 478 -23.66 48.58 59.86
C GLY S 478 -23.11 48.00 58.58
N PHE S 479 -23.48 46.75 58.33
CA PHE S 479 -23.01 46.00 57.17
C PHE S 479 -24.18 45.76 56.21
N ASN S 480 -23.99 46.12 54.95
CA ASN S 480 -24.97 45.89 53.90
C ASN S 480 -24.60 44.60 53.19
N ALA S 481 -25.45 43.58 53.31
CA ALA S 481 -25.15 42.29 52.71
C ALA S 481 -25.21 42.33 51.19
N ARG S 482 -26.06 43.18 50.63
CA ARG S 482 -26.14 43.30 49.18
C ARG S 482 -24.91 44.00 48.62
N THR S 483 -24.47 45.07 49.27
CA THR S 483 -23.27 45.78 48.84
C THR S 483 -21.99 45.07 49.28
N GLU S 484 -22.05 44.32 50.37
CA GLU S 484 -20.88 43.71 50.99
C GLU S 484 -19.86 44.78 51.41
N GLN S 485 -20.38 45.90 51.90
CA GLN S 485 -19.54 46.98 52.41
C GLN S 485 -20.25 47.64 53.58
N TYR S 486 -19.46 48.28 54.45
CA TYR S 486 -19.99 48.99 55.59
C TYR S 486 -20.43 50.39 55.18
N GLU S 487 -21.58 50.81 55.70
CA GLU S 487 -22.16 52.11 55.36
C GLU S 487 -23.21 52.47 56.41
N ASN S 488 -23.87 53.59 56.19
CA ASN S 488 -24.99 54.01 57.02
C ASN S 488 -26.26 53.44 56.42
N LEU S 489 -26.91 52.51 57.13
CA LEU S 489 -27.97 51.71 56.53
C LEU S 489 -29.22 52.55 56.26
N ILE S 490 -29.60 53.41 57.20
CA ILE S 490 -30.77 54.26 56.99
C ILE S 490 -30.55 55.18 55.81
N GLU S 491 -29.35 55.77 55.71
CA GLU S 491 -29.03 56.58 54.54
C GLU S 491 -28.99 55.75 53.27
N ALA S 492 -28.60 54.47 53.38
CA ALA S 492 -28.55 53.58 52.23
C ALA S 492 -29.88 52.92 51.93
N GLY S 493 -30.92 53.21 52.71
CA GLY S 493 -32.24 52.66 52.44
C GLY S 493 -32.51 51.30 53.00
N VAL S 494 -31.68 50.82 53.93
CA VAL S 494 -31.88 49.54 54.58
C VAL S 494 -32.47 49.80 55.96
N VAL S 495 -33.76 49.50 56.10
CA VAL S 495 -34.49 49.77 57.34
C VAL S 495 -35.53 48.66 57.54
N ASP S 496 -36.00 48.54 58.78
CA ASP S 496 -37.06 47.61 59.13
C ASP S 496 -38.09 48.33 59.99
N PRO S 497 -39.37 48.01 59.81
CA PRO S 497 -40.38 48.56 60.71
C PRO S 497 -40.14 48.12 62.14
N THR S 498 -40.27 49.07 63.08
CA THR S 498 -40.07 48.76 64.48
C THR S 498 -41.02 47.65 64.94
N LYS S 499 -42.24 47.61 64.40
CA LYS S 499 -43.17 46.55 64.74
C LYS S 499 -42.64 45.19 64.33
N VAL S 500 -41.89 45.13 63.23
CA VAL S 500 -41.31 43.85 62.79
C VAL S 500 -40.24 43.38 63.77
N THR S 501 -39.32 44.28 64.13
CA THR S 501 -38.17 43.90 64.96
C THR S 501 -38.61 43.52 66.38
N ARG S 502 -39.51 44.30 66.98
CA ARG S 502 -39.94 44.00 68.34
C ARG S 502 -40.80 42.74 68.40
N SER S 503 -41.52 42.43 67.33
CA SER S 503 -42.35 41.23 67.33
C SER S 503 -41.51 39.97 67.17
N ALA S 504 -40.47 40.04 66.35
CA ALA S 504 -39.62 38.88 66.15
C ALA S 504 -38.93 38.46 67.44
N LEU S 505 -38.55 39.44 68.27
CA LEU S 505 -37.89 39.12 69.53
C LEU S 505 -38.88 38.64 70.59
N GLU S 506 -40.04 39.29 70.66
CA GLU S 506 -41.03 38.90 71.67
C GLU S 506 -41.60 37.52 71.38
N ASN S 507 -41.84 37.21 70.10
CA ASN S 507 -42.37 35.90 69.75
C ASN S 507 -41.34 34.80 69.95
N ALA S 508 -40.08 35.08 69.62
CA ALA S 508 -39.03 34.08 69.82
C ALA S 508 -38.84 33.78 71.31
N ALA S 509 -38.79 34.83 72.13
CA ALA S 509 -38.63 34.63 73.56
C ALA S 509 -39.83 33.92 74.18
N SER S 510 -41.01 34.07 73.57
CA SER S 510 -42.20 33.40 74.10
C SER S 510 -42.13 31.89 73.87
N VAL S 511 -41.90 31.47 72.63
CA VAL S 511 -41.89 30.04 72.32
C VAL S 511 -40.66 29.37 72.93
N ALA S 512 -39.53 30.07 72.99
CA ALA S 512 -38.34 29.50 73.60
C ALA S 512 -38.51 29.33 75.11
N SER S 513 -39.30 30.20 75.74
CA SER S 513 -39.54 30.06 77.17
C SER S 513 -40.44 28.87 77.47
N ILE S 514 -41.45 28.63 76.62
CA ILE S 514 -42.35 27.51 76.83
C ILE S 514 -41.60 26.19 76.70
N LEU S 515 -40.71 26.10 75.71
CA LEU S 515 -39.94 24.88 75.52
C LEU S 515 -38.98 24.62 76.67
N LEU S 516 -38.43 25.69 77.28
CA LEU S 516 -37.56 25.50 78.43
C LEU S 516 -38.35 25.06 79.66
N THR S 517 -39.62 25.44 79.74
CA THR S 517 -40.47 25.08 80.86
C THR S 517 -41.30 23.83 80.61
N THR S 518 -41.08 23.15 79.47
CA THR S 518 -41.83 21.95 79.14
C THR S 518 -41.18 20.74 79.78
N GLU S 519 -41.90 20.09 80.69
CA GLU S 519 -41.39 18.90 81.38
C GLU S 519 -41.90 17.58 80.80
N ALA S 520 -42.81 17.62 79.82
CA ALA S 520 -43.35 16.38 79.28
C ALA S 520 -43.78 16.59 77.84
N ALA S 521 -43.58 15.55 77.02
CA ALA S 521 -44.00 15.55 75.63
C ALA S 521 -44.82 14.29 75.38
N ILE S 522 -46.11 14.47 75.07
CA ILE S 522 -47.06 13.37 74.91
C ILE S 522 -47.48 13.31 73.45
N THR S 523 -47.29 12.14 72.83
CA THR S 523 -47.68 11.93 71.45
C THR S 523 -48.23 10.53 71.28
N ASP S 524 -48.96 10.33 70.19
CA ASP S 524 -49.55 9.02 69.89
C ASP S 524 -48.46 8.02 69.54
N VAL S 525 -48.80 6.73 69.68
CA VAL S 525 -47.87 5.66 69.36
C VAL S 525 -47.97 5.33 67.88
N LYS S 526 -47.15 4.39 67.41
CA LYS S 526 -47.14 4.00 66.02
C LYS S 526 -48.18 2.92 65.74
N THR T 2 -46.98 16.81 53.95
CA THR T 2 -46.46 15.57 54.53
C THR T 2 -45.05 15.78 55.08
N ALA T 3 -44.51 14.75 55.75
CA ALA T 3 -43.18 14.84 56.31
C ALA T 3 -42.14 15.01 55.20
N LYS T 4 -41.00 15.59 55.56
CA LYS T 4 -39.99 15.98 54.58
C LYS T 4 -38.60 15.54 55.01
N ASP T 5 -37.78 15.19 54.03
CA ASP T 5 -36.35 15.02 54.20
C ASP T 5 -35.64 16.25 53.63
N ILE T 6 -34.63 16.73 54.35
CA ILE T 6 -33.93 17.95 53.98
C ILE T 6 -32.43 17.66 53.92
N LEU T 7 -31.84 17.88 52.76
CA LEU T 7 -30.39 17.82 52.58
C LEU T 7 -29.84 19.25 52.55
N PHE T 8 -28.65 19.43 53.11
CA PHE T 8 -28.05 20.75 53.27
C PHE T 8 -26.72 20.83 52.55
N ASP T 9 -26.46 22.01 51.94
CA ASP T 9 -25.18 22.41 51.35
C ASP T 9 -24.53 21.30 50.51
N ALA T 10 -23.28 20.96 50.85
CA ALA T 10 -22.50 20.04 50.02
C ALA T 10 -23.19 18.68 49.89
N GLU T 11 -23.89 18.23 50.92
CA GLU T 11 -24.61 16.97 50.82
C GLU T 11 -25.76 17.08 49.83
N ALA T 12 -26.44 18.23 49.79
CA ALA T 12 -27.52 18.41 48.83
C ALA T 12 -26.98 18.64 47.42
N ARG T 13 -25.95 19.48 47.29
CA ARG T 13 -25.42 19.79 45.96
C ARG T 13 -24.77 18.57 45.31
N THR T 14 -24.16 17.69 46.09
CA THR T 14 -23.60 16.47 45.53
C THR T 14 -24.71 15.52 45.09
N LYS T 15 -25.79 15.44 45.88
CA LYS T 15 -26.93 14.60 45.49
C LYS T 15 -27.57 15.11 44.21
N LEU T 16 -27.75 16.43 44.10
CA LEU T 16 -28.31 17.02 42.90
C LEU T 16 -27.41 16.77 41.69
N LYS T 17 -26.09 16.82 41.90
CA LYS T 17 -25.14 16.60 40.80
C LYS T 17 -25.30 15.21 40.21
N VAL T 18 -25.59 14.21 41.04
CA VAL T 18 -25.77 12.84 40.53
C VAL T 18 -26.92 12.80 39.54
N GLY T 19 -28.00 13.54 39.82
CA GLY T 19 -29.11 13.58 38.89
C GLY T 19 -28.80 14.37 37.64
N VAL T 20 -28.04 15.46 37.78
CA VAL T 20 -27.65 16.25 36.61
C VAL T 20 -26.80 15.42 35.66
N ASP T 21 -25.84 14.67 36.21
CA ASP T 21 -24.97 13.84 35.37
C ASP T 21 -25.76 12.74 34.67
N LYS T 22 -26.75 12.15 35.36
CA LYS T 22 -27.54 11.10 34.73
C LYS T 22 -28.36 11.64 33.57
N LEU T 23 -28.84 12.88 33.66
CA LEU T 23 -29.54 13.49 32.53
C LEU T 23 -28.57 13.83 31.41
N ALA T 24 -27.41 14.40 31.75
CA ALA T 24 -26.48 14.85 30.73
C ALA T 24 -25.83 13.66 30.02
N ASN T 25 -25.35 12.67 30.77
CA ASN T 25 -24.65 11.54 30.16
C ASN T 25 -25.56 10.72 29.26
N ALA T 26 -26.88 10.80 29.44
CA ALA T 26 -27.79 10.09 28.54
C ALA T 26 -28.01 10.85 27.25
N VAL T 27 -28.20 12.18 27.33
CA VAL T 27 -28.51 12.96 26.14
C VAL T 27 -27.27 13.36 25.35
N LYS T 28 -26.09 13.37 25.96
CA LYS T 28 -24.91 13.90 25.29
C LYS T 28 -24.32 12.92 24.27
N VAL T 29 -24.67 11.64 24.36
CA VAL T 29 -24.19 10.67 23.37
C VAL T 29 -24.84 10.86 22.01
N THR T 30 -25.92 11.64 21.93
CA THR T 30 -26.61 11.92 20.69
C THR T 30 -26.17 13.24 20.05
N LEU T 31 -25.22 13.95 20.64
CA LEU T 31 -24.86 15.28 20.18
C LEU T 31 -24.08 15.22 18.87
N GLY T 32 -24.51 16.02 17.89
CA GLY T 32 -23.81 16.13 16.63
C GLY T 32 -24.20 15.05 15.64
N PRO T 33 -23.63 15.12 14.44
CA PRO T 33 -23.91 14.08 13.44
C PRO T 33 -23.32 12.73 13.81
N ALA T 34 -22.39 12.68 14.76
CA ALA T 34 -21.80 11.44 15.24
C ALA T 34 -22.59 10.83 16.39
N GLY T 35 -23.75 11.40 16.72
CA GLY T 35 -24.53 10.92 17.85
C GLY T 35 -24.87 9.45 17.74
N ARG T 36 -25.11 8.85 18.90
CA ARG T 36 -25.31 7.42 19.03
C ARG T 36 -26.77 7.12 19.38
N ASN T 37 -27.22 5.93 18.98
CA ASN T 37 -28.59 5.53 19.27
C ASN T 37 -28.80 5.30 20.75
N VAL T 38 -30.01 5.58 21.21
CA VAL T 38 -30.43 5.33 22.59
C VAL T 38 -31.71 4.51 22.54
N LEU T 39 -31.71 3.37 23.23
CA LEU T 39 -32.87 2.48 23.27
C LEU T 39 -33.80 2.90 24.39
N ILE T 40 -35.07 3.15 24.06
CA ILE T 40 -36.08 3.56 25.02
C ILE T 40 -37.14 2.47 25.07
N ASP T 41 -37.27 1.82 26.22
CA ASP T 41 -38.21 0.73 26.36
C ASP T 41 -39.64 1.22 26.28
N LYS T 42 -40.53 0.35 25.80
CA LYS T 42 -41.96 0.62 25.74
C LYS T 42 -42.72 -0.47 26.49
N LYS T 43 -43.99 -0.18 26.80
CA LYS T 43 -44.79 -1.11 27.59
C LYS T 43 -44.96 -2.46 26.90
N PHE T 44 -45.02 -2.46 25.56
CA PHE T 44 -45.14 -3.71 24.82
C PHE T 44 -44.52 -3.52 23.44
N GLY T 45 -44.09 -4.62 22.85
CA GLY T 45 -43.51 -4.59 21.52
C GLY T 45 -42.04 -4.25 21.52
N ALA T 46 -41.56 -3.82 20.36
CA ALA T 46 -40.16 -3.48 20.17
C ALA T 46 -39.89 -2.06 20.70
N PRO T 47 -38.68 -1.81 21.19
CA PRO T 47 -38.36 -0.49 21.75
C PRO T 47 -38.20 0.58 20.68
N THR T 48 -37.76 1.76 21.09
CA THR T 48 -37.56 2.90 20.20
C THR T 48 -36.07 3.24 20.15
N SER T 49 -35.53 3.33 18.94
CA SER T 49 -34.16 3.79 18.73
C SER T 49 -34.20 5.25 18.28
N THR T 50 -33.47 6.11 18.98
CA THR T 50 -33.48 7.53 18.67
C THR T 50 -32.09 8.12 18.84
N LYS T 51 -31.65 8.88 17.84
CA LYS T 51 -30.46 9.72 17.93
C LYS T 51 -30.79 11.15 18.33
N ASP T 52 -32.06 11.45 18.60
CA ASP T 52 -32.48 12.79 18.96
C ASP T 52 -32.36 12.99 20.47
N GLY T 53 -31.74 14.10 20.87
CA GLY T 53 -31.58 14.40 22.28
C GLY T 53 -32.83 14.88 22.97
N VAL T 54 -33.78 15.46 22.23
CA VAL T 54 -35.03 15.92 22.84
C VAL T 54 -35.87 14.74 23.30
N THR T 55 -35.85 13.64 22.52
CA THR T 55 -36.64 12.47 22.91
C THR T 55 -36.05 11.77 24.12
N VAL T 56 -34.72 11.66 24.18
CA VAL T 56 -34.08 11.03 25.33
C VAL T 56 -34.27 11.87 26.58
N ALA T 57 -34.27 13.19 26.45
CA ALA T 57 -34.43 14.05 27.61
C ALA T 57 -35.83 13.95 28.21
N LYS T 58 -36.85 13.74 27.37
CA LYS T 58 -38.21 13.64 27.88
C LYS T 58 -38.46 12.37 28.68
N GLU T 59 -37.59 11.37 28.54
CA GLU T 59 -37.77 10.09 29.21
C GLU T 59 -37.01 9.98 30.52
N ILE T 60 -36.35 11.04 30.98
CA ILE T 60 -35.45 10.96 32.12
C ILE T 60 -36.23 11.27 33.39
N GLU T 61 -36.40 10.26 34.24
CA GLU T 61 -36.96 10.40 35.58
C GLU T 61 -36.20 9.45 36.49
N LEU T 62 -35.94 9.89 37.72
CA LEU T 62 -35.11 9.13 38.65
C LEU T 62 -35.92 8.79 39.90
N VAL T 63 -35.55 7.67 40.55
CA VAL T 63 -36.26 7.25 41.75
C VAL T 63 -35.89 8.14 42.93
N ASP T 64 -34.63 8.54 43.02
CA ASP T 64 -34.19 9.36 44.15
C ASP T 64 -34.82 10.75 44.03
N PRO T 65 -35.51 11.22 45.06
CA PRO T 65 -36.21 12.52 44.94
C PRO T 65 -35.26 13.69 44.69
N VAL T 66 -34.12 13.74 45.39
CA VAL T 66 -33.20 14.85 45.22
C VAL T 66 -32.51 14.77 43.85
N GLU T 67 -32.08 13.57 43.45
CA GLU T 67 -31.46 13.41 42.14
C GLU T 67 -32.41 13.79 41.03
N ASN T 68 -33.70 13.49 41.20
CA ASN T 68 -34.68 13.86 40.18
C ASN T 68 -34.87 15.37 40.10
N MET T 69 -34.71 16.08 41.22
CA MET T 69 -34.79 17.54 41.19
C MET T 69 -33.70 18.13 40.31
N GLY T 70 -32.46 17.68 40.52
CA GLY T 70 -31.37 18.17 39.68
C GLY T 70 -31.56 17.84 38.21
N ALA T 71 -32.16 16.68 37.92
CA ALA T 71 -32.41 16.31 36.53
C ALA T 71 -33.50 17.20 35.92
N GLN T 72 -34.58 17.45 36.67
CA GLN T 72 -35.67 18.27 36.13
C GLN T 72 -35.29 19.74 36.05
N MET T 73 -34.37 20.20 36.91
CA MET T 73 -33.93 21.59 36.83
C MET T 73 -33.23 21.86 35.51
N VAL T 74 -32.22 21.05 35.17
CA VAL T 74 -31.48 21.24 33.93
C VAL T 74 -32.37 20.94 32.72
N ARG T 75 -33.25 19.95 32.84
CA ARG T 75 -34.08 19.55 31.71
C ARG T 75 -35.06 20.65 31.32
N GLU T 76 -35.61 21.35 32.31
CA GLU T 76 -36.62 22.38 32.02
C GLU T 76 -35.99 23.61 31.38
N VAL T 77 -34.88 24.10 31.94
CA VAL T 77 -34.25 25.30 31.41
C VAL T 77 -33.63 25.04 30.05
N ALA T 78 -33.16 23.82 29.81
CA ALA T 78 -32.61 23.48 28.49
C ALA T 78 -33.71 23.38 27.45
N SER T 79 -34.93 23.01 27.85
CA SER T 79 -36.05 22.97 26.92
C SER T 79 -36.44 24.36 26.44
N LYS T 80 -36.08 25.40 27.19
CA LYS T 80 -36.32 26.78 26.76
C LYS T 80 -35.41 27.20 25.62
N THR T 81 -34.48 26.35 25.20
CA THR T 81 -33.62 26.61 24.06
C THR T 81 -34.25 26.11 22.76
N SER T 82 -34.47 24.80 22.66
CA SER T 82 -34.91 24.18 21.42
C SER T 82 -36.35 24.51 21.04
N ASP T 83 -37.08 25.21 21.88
CA ASP T 83 -38.45 25.61 21.52
C ASP T 83 -38.43 26.93 20.74
N VAL T 84 -37.95 28.01 21.37
CA VAL T 84 -37.96 29.31 20.70
C VAL T 84 -36.87 29.38 19.64
N ALA T 85 -35.71 28.75 19.88
CA ALA T 85 -34.63 28.74 18.91
C ALA T 85 -34.65 27.55 17.97
N GLY T 86 -35.51 26.55 18.23
CA GLY T 86 -35.65 25.41 17.36
C GLY T 86 -34.64 24.30 17.55
N ASP T 87 -33.51 24.58 18.20
CA ASP T 87 -32.46 23.58 18.38
C ASP T 87 -31.59 24.00 19.55
N GLY T 88 -30.79 23.05 20.04
CA GLY T 88 -29.77 23.34 21.02
C GLY T 88 -30.09 22.99 22.45
N THR T 89 -31.14 22.20 22.71
CA THR T 89 -31.44 21.81 24.08
C THR T 89 -30.41 20.83 24.62
N THR T 90 -29.81 20.01 23.76
CA THR T 90 -28.77 19.08 24.20
C THR T 90 -27.47 19.81 24.50
N THR T 91 -27.16 20.84 23.71
CA THR T 91 -25.94 21.62 23.95
C THR T 91 -26.01 22.32 25.31
N ALA T 92 -27.18 22.88 25.66
CA ALA T 92 -27.32 23.53 26.94
C ALA T 92 -27.14 22.56 28.10
N THR T 93 -27.60 21.32 27.92
CA THR T 93 -27.43 20.32 28.98
C THR T 93 -25.96 19.97 29.19
N VAL T 94 -25.21 19.80 28.10
CA VAL T 94 -23.78 19.50 28.22
C VAL T 94 -23.06 20.66 28.90
N LEU T 95 -23.39 21.89 28.52
CA LEU T 95 -22.77 23.05 29.16
C LEU T 95 -23.17 23.15 30.62
N ALA T 96 -24.44 22.86 30.94
CA ALA T 96 -24.90 22.93 32.32
C ALA T 96 -24.21 21.90 33.21
N GLN T 97 -23.84 20.75 32.64
CA GLN T 97 -23.11 19.76 33.41
C GLN T 97 -21.69 20.23 33.71
N ALA T 98 -20.99 20.75 32.70
CA ALA T 98 -19.60 21.15 32.87
C ALA T 98 -19.47 22.31 33.86
N ILE T 99 -20.35 23.32 33.74
CA ILE T 99 -20.29 24.46 34.65
C ILE T 99 -20.59 24.02 36.08
N TYR T 100 -21.57 23.13 36.25
CA TYR T 100 -21.89 22.64 37.59
C TYR T 100 -20.80 21.72 38.12
N ARG T 101 -20.18 20.93 37.24
CA ARG T 101 -19.13 20.01 37.66
C ARG T 101 -17.93 20.78 38.22
N GLU T 102 -17.36 21.68 37.41
CA GLU T 102 -16.21 22.45 37.87
C GLU T 102 -16.56 23.48 38.92
N GLY T 103 -17.84 23.85 39.02
CA GLY T 103 -18.24 24.77 40.07
C GLY T 103 -18.19 24.16 41.45
N LEU T 104 -18.68 22.91 41.58
CA LEU T 104 -18.66 22.24 42.87
C LEU T 104 -17.24 21.92 43.33
N LYS T 105 -16.33 21.66 42.39
CA LYS T 105 -14.94 21.41 42.76
C LYS T 105 -14.34 22.60 43.49
N ASN T 106 -14.63 23.82 43.02
CA ASN T 106 -14.09 25.01 43.65
C ASN T 106 -14.84 25.38 44.93
N VAL T 107 -16.14 25.09 44.99
CA VAL T 107 -16.87 25.31 46.24
C VAL T 107 -16.31 24.43 47.35
N THR T 108 -16.00 23.17 47.02
CA THR T 108 -15.32 22.30 47.98
C THR T 108 -13.94 22.83 48.32
N ALA T 109 -13.27 23.47 47.36
CA ALA T 109 -11.94 24.02 47.58
C ALA T 109 -11.97 25.28 48.44
N GLY T 110 -13.14 25.80 48.78
CA GLY T 110 -13.26 26.98 49.61
C GLY T 110 -13.67 28.25 48.90
N ALA T 111 -13.95 28.19 47.61
CA ALA T 111 -14.40 29.38 46.89
C ALA T 111 -15.84 29.71 47.28
N ARG T 112 -16.12 31.01 47.40
CA ARG T 112 -17.46 31.46 47.74
C ARG T 112 -18.42 31.14 46.60
N PRO T 113 -19.56 30.53 46.87
CA PRO T 113 -20.49 30.18 45.77
C PRO T 113 -21.06 31.40 45.06
N ILE T 114 -21.30 32.49 45.78
CA ILE T 114 -21.90 33.66 45.14
C ILE T 114 -20.89 34.35 44.22
N ASP T 115 -19.61 34.33 44.57
CA ASP T 115 -18.60 34.93 43.70
C ASP T 115 -18.40 34.11 42.42
N LEU T 116 -18.51 32.79 42.51
CA LEU T 116 -18.48 31.98 41.30
C LEU T 116 -19.62 32.33 40.37
N LYS T 117 -20.80 32.61 40.93
CA LYS T 117 -21.94 33.02 40.11
C LYS T 117 -21.68 34.37 39.44
N ARG T 118 -21.07 35.30 40.19
CA ARG T 118 -20.77 36.61 39.62
C ARG T 118 -19.74 36.49 38.49
N GLY T 119 -18.70 35.69 38.69
CA GLY T 119 -17.72 35.49 37.65
C GLY T 119 -18.30 34.81 36.42
N ILE T 120 -19.19 33.84 36.63
CA ILE T 120 -19.82 33.15 35.51
C ILE T 120 -20.74 34.09 34.74
N ASP T 121 -21.51 34.91 35.45
CA ASP T 121 -22.41 35.83 34.78
C ASP T 121 -21.65 36.87 33.96
N ARG T 122 -20.55 37.39 34.51
CA ARG T 122 -19.74 38.35 33.77
C ARG T 122 -19.07 37.71 32.57
N ALA T 123 -18.62 36.46 32.71
CA ALA T 123 -17.94 35.78 31.62
C ALA T 123 -18.90 35.46 30.48
N VAL T 124 -20.14 35.11 30.81
CA VAL T 124 -21.11 34.76 29.76
C VAL T 124 -21.52 36.00 28.98
N LYS T 125 -21.71 37.13 29.67
CA LYS T 125 -22.09 38.36 28.97
C LYS T 125 -21.02 38.78 27.97
N GLU T 126 -19.74 38.50 28.26
CA GLU T 126 -18.68 38.80 27.32
C GLU T 126 -18.61 37.78 26.19
N VAL T 127 -18.99 36.53 26.46
CA VAL T 127 -19.02 35.53 25.40
C VAL T 127 -20.18 35.82 24.44
N VAL T 128 -21.33 36.23 24.98
CA VAL T 128 -22.44 36.62 24.12
C VAL T 128 -22.08 37.83 23.28
N ALA T 129 -21.34 38.78 23.86
CA ALA T 129 -20.92 39.97 23.12
C ALA T 129 -20.03 39.57 21.95
N GLU T 130 -19.02 38.74 22.19
CA GLU T 130 -18.17 38.27 21.11
C GLU T 130 -18.90 37.34 20.15
N LEU T 131 -19.98 36.71 20.61
CA LEU T 131 -20.80 35.88 19.73
C LEU T 131 -21.61 36.72 18.74
N ARG T 132 -21.84 38.00 19.06
CA ARG T 132 -22.48 38.90 18.11
C ARG T 132 -21.49 39.37 17.05
N ASN T 133 -20.25 39.63 17.45
CA ASN T 133 -19.27 40.20 16.53
C ASN T 133 -18.93 39.22 15.42
N ILE T 134 -18.73 37.94 15.75
CA ILE T 134 -18.39 36.95 14.73
C ILE T 134 -19.61 36.42 13.99
N SER T 135 -20.81 36.81 14.41
CA SER T 135 -22.02 36.38 13.71
C SER T 135 -22.13 37.06 12.35
N ARG T 136 -22.91 36.44 11.47
CA ARG T 136 -23.14 36.95 10.12
C ARG T 136 -24.64 37.18 9.94
N SER T 137 -25.00 38.39 9.52
CA SER T 137 -26.39 38.74 9.34
C SER T 137 -26.94 38.11 8.06
N ILE T 138 -28.17 37.62 8.13
CA ILE T 138 -28.87 37.02 7.00
C ILE T 138 -30.01 37.95 6.62
N SER T 139 -29.99 38.43 5.37
CA SER T 139 -31.05 39.28 4.85
C SER T 139 -31.13 39.10 3.34
N GLY T 140 -32.34 39.24 2.82
CA GLY T 140 -32.55 39.12 1.38
C GLY T 140 -32.84 37.70 0.95
N LYS T 141 -33.50 37.59 -0.21
CA LYS T 141 -33.91 36.29 -0.71
C LYS T 141 -32.71 35.40 -1.05
N LYS T 142 -31.56 36.01 -1.35
CA LYS T 142 -30.36 35.29 -1.73
C LYS T 142 -29.92 34.29 -0.67
N GLU T 143 -29.49 34.80 0.48
CA GLU T 143 -28.90 33.95 1.53
C GLU T 143 -29.93 33.33 2.46
N ILE T 144 -31.19 33.77 2.41
CA ILE T 144 -32.23 33.08 3.18
C ILE T 144 -32.47 31.68 2.63
N ALA T 145 -32.47 31.54 1.30
CA ALA T 145 -32.63 30.22 0.69
C ALA T 145 -31.45 29.32 1.00
N GLN T 146 -30.26 29.89 1.21
CA GLN T 146 -29.11 29.09 1.60
C GLN T 146 -29.24 28.55 3.01
N VAL T 147 -29.85 29.33 3.91
CA VAL T 147 -30.05 28.85 5.28
C VAL T 147 -31.12 27.78 5.32
N GLY T 148 -32.22 27.98 4.59
CA GLY T 148 -33.27 26.98 4.55
C GLY T 148 -32.84 25.68 3.90
N THR T 149 -31.86 25.76 2.99
CA THR T 149 -31.39 24.56 2.31
C THR T 149 -30.58 23.68 3.26
N ILE T 150 -29.77 24.29 4.12
CA ILE T 150 -28.96 23.53 5.07
C ILE T 150 -29.85 22.90 6.13
N SER T 151 -30.80 23.67 6.68
CA SER T 151 -31.71 23.13 7.69
C SER T 151 -32.65 22.09 7.12
N ALA T 152 -32.82 22.03 5.80
CA ALA T 152 -33.61 21.01 5.14
C ALA T 152 -32.78 19.82 4.69
N ASN T 153 -31.50 19.78 5.05
CA ASN T 153 -30.57 18.72 4.67
C ASN T 153 -30.41 18.64 3.15
N ASN T 154 -29.79 19.69 2.61
CA ASN T 154 -29.41 19.76 1.20
C ASN T 154 -30.63 19.65 0.28
N ASP T 155 -31.67 20.41 0.60
CA ASP T 155 -32.85 20.49 -0.26
C ASP T 155 -32.97 21.91 -0.81
N PRO T 156 -32.67 22.15 -2.08
CA PRO T 156 -32.82 23.51 -2.62
C PRO T 156 -34.26 23.95 -2.74
N GLU T 157 -35.19 23.01 -2.95
CA GLU T 157 -36.60 23.38 -3.11
C GLU T 157 -37.16 23.97 -1.82
N ILE T 158 -36.85 23.37 -0.69
CA ILE T 158 -37.34 23.88 0.59
C ILE T 158 -36.70 25.22 0.90
N GLY T 159 -35.43 25.40 0.55
CA GLY T 159 -34.79 26.68 0.76
C GLY T 159 -35.39 27.78 -0.08
N GLU T 160 -35.67 27.49 -1.36
CA GLU T 160 -36.28 28.48 -2.23
C GLU T 160 -37.73 28.77 -1.83
N LEU T 161 -38.43 27.76 -1.32
CA LEU T 161 -39.82 27.97 -0.90
C LEU T 161 -39.90 28.89 0.30
N ILE T 162 -38.99 28.72 1.27
CA ILE T 162 -39.00 29.58 2.45
C ILE T 162 -38.54 30.98 2.09
N ALA T 163 -37.60 31.11 1.14
CA ALA T 163 -37.11 32.43 0.76
C ALA T 163 -38.21 33.26 0.10
N GLU T 164 -38.97 32.66 -0.81
CA GLU T 164 -40.08 33.38 -1.44
C GLU T 164 -41.28 33.51 -0.52
N ALA T 165 -41.40 32.64 0.50
CA ALA T 165 -42.44 32.81 1.50
C ALA T 165 -42.22 34.09 2.30
N MET T 166 -40.97 34.34 2.74
CA MET T 166 -40.64 35.58 3.41
C MET T 166 -40.58 36.76 2.45
N ASP T 167 -40.64 36.52 1.14
CA ASP T 167 -40.64 37.61 0.18
C ASP T 167 -42.01 38.26 0.05
N LYS T 168 -43.07 37.45 0.01
CA LYS T 168 -44.41 37.98 -0.15
C LYS T 168 -44.88 38.70 1.11
N VAL T 169 -44.83 38.01 2.26
CA VAL T 169 -45.38 38.55 3.50
C VAL T 169 -44.34 39.27 4.36
N GLY T 170 -43.10 39.36 3.90
CA GLY T 170 -42.07 40.03 4.66
C GLY T 170 -41.30 39.09 5.57
N LYS T 171 -40.28 39.66 6.21
CA LYS T 171 -39.43 38.86 7.10
C LYS T 171 -40.12 38.59 8.43
N ASP T 172 -40.95 39.52 8.91
CA ASP T 172 -41.73 39.31 10.13
C ASP T 172 -43.13 38.78 9.85
N GLY T 173 -43.45 38.47 8.60
CA GLY T 173 -44.77 38.02 8.24
C GLY T 173 -45.10 36.64 8.81
N VAL T 174 -46.33 36.21 8.52
CA VAL T 174 -46.86 34.96 9.04
C VAL T 174 -46.64 33.86 8.01
N ILE T 175 -46.01 32.77 8.44
CA ILE T 175 -45.75 31.62 7.59
C ILE T 175 -46.29 30.37 8.29
N THR T 176 -47.02 29.54 7.55
CA THR T 176 -47.62 28.33 8.10
C THR T 176 -47.42 27.19 7.11
N VAL T 177 -47.01 26.03 7.62
CA VAL T 177 -46.76 24.85 6.80
C VAL T 177 -47.93 23.88 6.96
N GLU T 178 -48.44 23.38 5.85
CA GLU T 178 -49.55 22.42 5.85
C GLU T 178 -49.34 21.41 4.73
N GLU T 179 -50.28 20.48 4.62
CA GLU T 179 -50.22 19.42 3.64
C GLU T 179 -50.98 19.80 2.38
N ALA T 180 -50.40 19.47 1.22
CA ALA T 180 -51.03 19.79 -0.05
C ALA T 180 -51.90 18.63 -0.51
N LYS T 181 -52.59 18.84 -1.64
CA LYS T 181 -53.47 17.84 -2.21
C LYS T 181 -52.81 17.03 -3.33
N GLY T 182 -51.57 17.33 -3.68
CA GLY T 182 -50.93 16.68 -4.80
C GLY T 182 -49.43 16.66 -4.66
N MET T 183 -48.77 16.11 -5.69
CA MET T 183 -47.32 15.96 -5.68
C MET T 183 -46.63 17.32 -5.63
N GLU T 184 -47.20 18.32 -6.31
CA GLU T 184 -46.54 19.62 -6.42
C GLU T 184 -46.58 20.38 -5.09
N THR T 185 -45.46 20.99 -4.75
CA THR T 185 -45.34 21.82 -3.56
C THR T 185 -45.36 23.28 -3.99
N GLU T 186 -46.36 24.02 -3.52
CA GLU T 186 -46.57 25.40 -3.92
C GLU T 186 -46.81 26.28 -2.70
N LEU T 187 -46.71 27.59 -2.91
CA LEU T 187 -47.00 28.60 -1.89
C LEU T 187 -48.30 29.30 -2.24
N LYS T 188 -49.16 29.47 -1.23
CA LYS T 188 -50.44 30.15 -1.40
C LYS T 188 -50.62 31.15 -0.26
N VAL T 189 -50.77 32.42 -0.60
CA VAL T 189 -50.99 33.47 0.37
C VAL T 189 -52.48 33.68 0.52
N VAL T 190 -52.99 33.58 1.76
CA VAL T 190 -54.40 33.72 2.04
C VAL T 190 -54.58 34.82 3.08
N GLU T 191 -55.81 35.32 3.16
CA GLU T 191 -56.13 36.39 4.11
C GLU T 191 -56.29 35.82 5.52
N GLY T 192 -55.73 36.54 6.49
CA GLY T 192 -55.81 36.11 7.87
C GLY T 192 -54.92 36.97 8.74
N MET T 193 -54.76 36.53 9.98
CA MET T 193 -53.92 37.24 10.95
C MET T 193 -53.36 36.25 11.95
N GLN T 194 -52.32 36.69 12.66
CA GLN T 194 -51.68 35.88 13.68
C GLN T 194 -51.31 36.77 14.86
N PHE T 195 -51.67 36.32 16.06
CA PHE T 195 -51.31 37.01 17.28
C PHE T 195 -50.67 36.01 18.25
N ASP T 196 -49.95 36.55 19.24
CA ASP T 196 -49.23 35.72 20.20
C ASP T 196 -50.13 35.49 21.40
N ARG T 197 -50.61 34.24 21.55
CA ARG T 197 -51.43 33.87 22.68
C ARG T 197 -51.24 32.38 22.94
N GLY T 198 -51.33 31.99 24.21
CA GLY T 198 -51.09 30.62 24.58
C GLY T 198 -52.35 29.77 24.63
N TYR T 199 -52.16 28.48 24.46
CA TYR T 199 -53.22 27.49 24.66
C TYR T 199 -53.23 27.05 26.11
N LEU T 200 -54.39 27.16 26.75
CA LEU T 200 -54.48 26.89 28.18
C LEU T 200 -54.17 25.43 28.50
N SER T 201 -54.91 24.51 27.88
CA SER T 201 -54.68 23.09 28.08
C SER T 201 -54.92 22.33 26.78
N PRO T 202 -54.13 21.27 26.52
CA PRO T 202 -54.33 20.45 25.31
C PRO T 202 -55.54 19.54 25.42
N ASP T 216 -60.34 24.27 11.85
CA ASP T 216 -61.15 23.24 11.22
C ASP T 216 -62.61 23.69 11.14
N GLU T 217 -62.86 24.73 10.33
CA GLU T 217 -64.21 25.30 10.16
C GLU T 217 -64.81 25.72 11.51
N ALA T 218 -63.95 26.18 12.42
CA ALA T 218 -64.39 26.45 13.78
C ALA T 218 -65.04 27.84 13.89
N LEU T 219 -66.04 27.92 14.77
CA LEU T 219 -66.65 29.18 15.11
C LEU T 219 -65.76 29.97 16.06
N ILE T 220 -65.97 31.28 16.08
CA ILE T 220 -65.14 32.20 16.88
C ILE T 220 -66.03 32.87 17.91
N LEU T 221 -65.65 32.73 19.19
CA LEU T 221 -66.32 33.40 20.30
C LEU T 221 -65.35 34.38 20.92
N ILE T 222 -65.64 35.67 20.78
CA ILE T 222 -64.77 36.73 21.29
C ILE T 222 -65.42 37.35 22.52
N HIS T 223 -64.70 37.34 23.63
CA HIS T 223 -65.18 37.89 24.89
C HIS T 223 -64.04 38.68 25.53
N ASP T 224 -64.30 39.95 25.84
CA ASP T 224 -63.27 40.80 26.43
C ASP T 224 -63.14 40.63 27.93
N LYS T 225 -64.09 39.96 28.58
CA LYS T 225 -64.06 39.74 30.00
C LYS T 225 -63.55 38.32 30.30
N LYS T 226 -63.45 37.99 31.59
CA LYS T 226 -62.96 36.70 32.01
C LYS T 226 -64.12 35.73 32.21
N ILE T 227 -63.94 34.50 31.75
CA ILE T 227 -64.95 33.46 31.86
C ILE T 227 -64.54 32.55 33.02
N SER T 228 -65.29 32.59 34.11
CA SER T 228 -65.00 31.80 35.30
C SER T 228 -66.06 30.73 35.52
N ASN T 229 -67.30 31.12 35.82
CA ASN T 229 -68.36 30.16 36.04
C ASN T 229 -68.80 29.53 34.72
N MET T 230 -68.83 28.19 34.69
CA MET T 230 -69.23 27.50 33.47
C MET T 230 -70.72 27.65 33.16
N LYS T 231 -71.52 28.10 34.13
CA LYS T 231 -72.94 28.31 33.89
C LYS T 231 -73.23 29.55 33.06
N GLU T 232 -72.22 30.38 32.82
CA GLU T 232 -72.41 31.60 32.02
C GLU T 232 -72.44 31.27 30.53
N LEU T 233 -71.34 30.74 30.00
CA LEU T 233 -71.21 30.47 28.58
C LEU T 233 -71.87 29.17 28.13
N LEU T 234 -72.51 28.44 29.06
CA LEU T 234 -73.16 27.18 28.69
C LEU T 234 -74.17 27.34 27.56
N PRO T 235 -75.06 28.35 27.53
CA PRO T 235 -75.93 28.47 26.35
C PRO T 235 -75.17 28.77 25.07
N GLU T 238 -75.92 24.52 24.74
CA GLU T 238 -74.82 25.03 23.92
C GLU T 238 -75.24 25.11 22.45
N LYS T 239 -75.47 26.34 21.98
CA LYS T 239 -75.92 26.53 20.60
C LYS T 239 -74.84 26.14 19.60
N ALA T 240 -73.57 26.25 19.98
CA ALA T 240 -72.49 25.78 19.12
C ALA T 240 -72.37 24.27 19.13
N ALA T 241 -73.01 23.59 20.09
CA ALA T 241 -72.90 22.14 20.19
C ALA T 241 -73.77 21.42 19.16
N GLN T 242 -74.95 21.96 18.83
CA GLN T 242 -75.71 21.40 17.72
C GLN T 242 -75.39 22.30 16.53
N SER T 243 -74.34 21.90 15.82
CA SER T 243 -73.84 22.56 14.62
C SER T 243 -73.31 21.47 13.69
N GLY T 244 -72.40 20.66 14.24
CA GLY T 244 -71.28 20.01 13.58
C GLY T 244 -70.21 21.01 13.17
N ARG T 245 -70.17 22.14 13.86
CA ARG T 245 -69.18 23.21 13.67
C ARG T 245 -68.40 23.40 14.96
N PRO T 246 -67.09 23.21 14.97
CA PRO T 246 -66.32 23.46 16.20
C PRO T 246 -66.35 24.93 16.60
N LEU T 247 -65.94 25.19 17.84
CA LEU T 247 -65.96 26.54 18.41
C LEU T 247 -64.63 26.85 19.07
N LEU T 248 -64.16 28.09 18.89
CA LEU T 248 -62.96 28.59 19.54
C LEU T 248 -63.33 29.73 20.47
N ILE T 249 -62.71 29.74 21.66
CA ILE T 249 -63.01 30.72 22.70
C ILE T 249 -61.80 31.63 22.87
N ILE T 250 -62.04 32.95 22.80
CA ILE T 250 -61.02 33.95 23.04
C ILE T 250 -61.51 34.86 24.15
N ALA T 251 -60.82 34.83 25.29
CA ALA T 251 -61.18 35.65 26.44
C ALA T 251 -59.97 35.71 27.37
N GLU T 252 -60.16 36.31 28.56
CA GLU T 252 -59.10 36.31 29.55
C GLU T 252 -58.91 34.92 30.16
N ASP T 253 -59.97 34.11 30.19
CA ASP T 253 -59.87 32.73 30.65
C ASP T 253 -61.06 31.91 30.12
N ALA T 258 -63.87 26.64 35.61
CA ALA T 258 -64.26 25.93 34.39
C ALA T 258 -63.04 25.50 33.59
N LEU T 259 -61.93 25.26 34.29
CA LEU T 259 -60.69 24.83 33.66
C LEU T 259 -60.88 23.56 32.85
N ALA T 260 -61.15 22.45 33.54
CA ALA T 260 -61.36 21.17 32.89
C ALA T 260 -62.79 20.95 32.42
N THR T 261 -63.67 21.95 32.62
CA THR T 261 -65.05 21.80 32.19
C THR T 261 -65.14 21.72 30.67
N LEU T 262 -64.41 22.58 29.96
CA LEU T 262 -64.40 22.56 28.50
C LEU T 262 -63.37 21.59 27.93
N VAL T 263 -62.50 21.02 28.76
CA VAL T 263 -61.48 20.11 28.28
C VAL T 263 -62.07 18.74 27.96
N VAL T 264 -62.58 18.05 28.98
CA VAL T 264 -63.12 16.70 28.80
C VAL T 264 -64.34 16.69 27.88
N ASN T 265 -65.01 17.83 27.71
CA ASN T 265 -66.17 17.90 26.84
C ASN T 265 -65.77 17.79 25.37
N LYS T 272 -65.06 19.37 21.07
CA LYS T 272 -64.42 19.99 19.91
C LYS T 272 -64.31 21.50 20.10
N VAL T 273 -63.67 21.90 21.20
CA VAL T 273 -63.49 23.31 21.53
C VAL T 273 -62.04 23.55 21.92
N ALA T 274 -61.67 24.82 21.96
CA ALA T 274 -60.32 25.23 22.33
C ALA T 274 -60.39 26.57 23.05
N ALA T 275 -59.49 26.74 24.02
CA ALA T 275 -59.44 27.94 24.85
C ALA T 275 -58.13 28.67 24.60
N VAL T 276 -58.22 29.87 24.04
CA VAL T 276 -57.07 30.70 23.74
C VAL T 276 -57.25 32.05 24.43
N LYS T 277 -56.20 32.52 25.09
CA LYS T 277 -56.27 33.78 25.81
C LYS T 277 -56.38 34.95 24.83
N ALA T 278 -56.88 36.08 25.33
CA ALA T 278 -57.07 37.27 24.51
C ALA T 278 -55.75 37.86 24.07
N PRO T 279 -55.79 38.63 22.98
CA PRO T 279 -54.60 39.23 22.40
C PRO T 279 -54.38 40.61 23.01
N GLY T 280 -53.20 40.82 23.57
CA GLY T 280 -52.83 42.11 24.13
C GLY T 280 -53.48 42.37 25.47
N PHE T 281 -52.91 43.34 26.19
CA PHE T 281 -53.44 43.78 27.48
C PHE T 281 -53.43 45.29 27.52
N GLY T 282 -54.61 45.89 27.62
CA GLY T 282 -54.72 47.33 27.77
C GLY T 282 -55.97 47.83 27.09
N ASP T 283 -56.04 49.16 26.93
CA ASP T 283 -57.09 49.75 26.12
C ASP T 283 -56.97 49.33 24.66
N ARG T 284 -55.79 48.89 24.24
CA ARG T 284 -55.60 48.39 22.88
C ARG T 284 -56.03 46.94 22.72
N ARG T 285 -56.46 46.28 23.81
CA ARG T 285 -56.99 44.92 23.70
C ARG T 285 -58.43 44.93 23.18
N LYS T 286 -59.23 45.89 23.65
CA LYS T 286 -60.59 46.01 23.14
C LYS T 286 -60.60 46.40 21.67
N ALA T 287 -59.64 47.22 21.24
CA ALA T 287 -59.56 47.58 19.84
C ALA T 287 -58.98 46.44 18.99
N MET T 288 -58.19 45.56 19.62
CA MET T 288 -57.64 44.41 18.91
C MET T 288 -58.66 43.30 18.74
N LEU T 289 -59.58 43.13 19.69
CA LEU T 289 -60.63 42.13 19.55
C LEU T 289 -61.61 42.49 18.44
N GLU T 290 -61.77 43.80 18.16
CA GLU T 290 -62.60 44.21 17.04
C GLU T 290 -62.02 43.74 15.72
N ASP T 291 -60.69 43.80 15.58
CA ASP T 291 -60.05 43.35 14.35
C ASP T 291 -60.23 41.85 14.15
N ILE T 292 -60.22 41.08 15.25
CA ILE T 292 -60.48 39.65 15.14
C ILE T 292 -61.95 39.36 14.87
N ALA T 293 -62.84 40.29 15.21
CA ALA T 293 -64.26 40.10 14.93
C ALA T 293 -64.59 40.40 13.47
N ILE T 294 -63.99 41.44 12.90
CA ILE T 294 -64.26 41.80 11.51
C ILE T 294 -63.67 40.75 10.57
N LEU T 295 -62.50 40.21 10.90
CA LEU T 295 -61.89 39.19 10.06
C LEU T 295 -62.69 37.89 10.11
N THR T 296 -63.24 37.56 11.28
CA THR T 296 -64.01 36.33 11.42
C THR T 296 -65.50 36.51 11.18
N GLY T 297 -65.98 37.74 11.05
CA GLY T 297 -67.37 38.00 10.78
C GLY T 297 -68.26 38.11 12.00
N GLY T 298 -67.76 37.78 13.18
CA GLY T 298 -68.54 37.84 14.40
C GLY T 298 -68.47 39.21 15.05
N THR T 299 -69.06 39.29 16.25
CA THR T 299 -69.06 40.51 17.04
C THR T 299 -68.52 40.20 18.43
N VAL T 300 -67.89 41.22 19.03
CA VAL T 300 -67.28 41.07 20.34
C VAL T 300 -68.34 41.25 21.42
N ILE T 301 -68.29 40.38 22.43
CA ILE T 301 -69.14 40.52 23.61
C ILE T 301 -68.34 41.31 24.64
N SER T 302 -68.78 42.55 24.91
CA SER T 302 -67.99 43.49 25.68
C SER T 302 -68.76 44.00 26.88
N GLU T 303 -68.02 44.53 27.85
CA GLU T 303 -68.63 45.20 29.00
C GLU T 303 -69.01 46.64 28.68
N GLU T 304 -68.14 47.36 27.97
CA GLU T 304 -68.38 48.76 27.66
C GLU T 304 -69.64 48.93 26.81
N LYS T 305 -69.65 48.30 25.63
CA LYS T 305 -70.89 48.17 24.87
C LYS T 305 -71.74 47.09 25.53
N GLY T 306 -73.01 47.40 25.80
CA GLY T 306 -73.81 46.49 26.59
C GLY T 306 -73.96 45.13 25.96
N TYR T 307 -73.48 44.10 26.66
CA TYR T 307 -73.49 42.74 26.17
C TYR T 307 -73.37 41.78 27.35
N LYS T 308 -73.77 40.53 27.11
CA LYS T 308 -73.65 39.47 28.09
C LYS T 308 -73.68 38.15 27.35
N LEU T 309 -73.26 37.10 28.05
CA LEU T 309 -73.32 35.76 27.47
C LEU T 309 -74.73 35.20 27.68
N GLU T 310 -75.44 34.98 26.57
CA GLU T 310 -76.84 34.59 26.61
C GLU T 310 -77.34 34.30 25.20
N MET T 314 -75.43 33.19 19.21
CA MET T 314 -75.09 32.29 18.11
C MET T 314 -74.74 33.07 16.85
N ALA T 315 -75.55 34.09 16.55
CA ALA T 315 -75.26 34.94 15.39
C ALA T 315 -74.08 35.86 15.63
N TYR T 316 -73.70 36.08 16.90
CA TYR T 316 -72.55 36.92 17.23
C TYR T 316 -71.22 36.20 17.01
N LEU T 317 -71.24 34.90 16.74
CA LEU T 317 -70.01 34.14 16.59
C LEU T 317 -69.39 34.36 15.21
N GLY T 318 -68.07 34.32 15.17
CA GLY T 318 -67.33 34.39 13.92
C GLY T 318 -67.11 33.03 13.32
N GLN T 319 -66.27 33.00 12.28
CA GLN T 319 -65.95 31.74 11.60
C GLN T 319 -64.60 31.88 10.92
N ALA T 320 -64.00 30.73 10.63
CA ALA T 320 -62.73 30.67 9.93
C ALA T 320 -62.60 29.30 9.28
N ALA T 321 -61.72 29.21 8.28
CA ALA T 321 -61.52 27.95 7.58
C ALA T 321 -60.65 27.00 8.40
N ARG T 322 -59.52 27.48 8.91
CA ARG T 322 -58.60 26.65 9.67
C ARG T 322 -58.00 27.47 10.81
N ILE T 323 -57.92 26.84 11.99
CA ILE T 323 -57.35 27.48 13.18
C ILE T 323 -56.34 26.52 13.78
N THR T 324 -55.09 26.96 13.88
CA THR T 324 -54.02 26.18 14.48
C THR T 324 -53.47 26.93 15.68
N ILE T 325 -53.45 26.27 16.83
CA ILE T 325 -53.00 26.88 18.09
C ILE T 325 -51.80 26.10 18.60
N ASP T 326 -50.74 26.81 18.96
CA ASP T 326 -49.55 26.24 19.58
C ASP T 326 -49.38 26.84 20.97
N LYS T 327 -48.28 26.47 21.62
CA LYS T 327 -48.05 26.90 22.99
C LYS T 327 -47.82 28.42 23.07
N ASP T 328 -46.96 28.95 22.21
CA ASP T 328 -46.57 30.35 22.26
C ASP T 328 -47.35 31.24 21.29
N ASN T 329 -48.24 30.68 20.48
CA ASN T 329 -48.85 31.46 19.42
C ASN T 329 -50.17 30.83 19.00
N THR T 330 -51.00 31.63 18.33
CA THR T 330 -52.28 31.20 17.79
C THR T 330 -52.50 31.84 16.43
N THR T 331 -52.98 31.05 15.48
CA THR T 331 -53.17 31.50 14.11
C THR T 331 -54.62 31.30 13.65
N ILE T 332 -55.06 32.15 12.74
CA ILE T 332 -56.40 32.10 12.17
C ILE T 332 -56.28 32.27 10.65
N VAL T 333 -57.05 31.49 9.90
CA VAL T 333 -56.96 31.46 8.44
C VAL T 333 -58.35 31.73 7.85
N GLU T 334 -58.38 32.55 6.79
CA GLU T 334 -59.58 32.84 6.00
C GLU T 334 -60.62 33.49 6.91
N GLY T 335 -61.88 33.07 6.88
CA GLY T 335 -62.91 33.64 7.72
C GLY T 335 -63.92 34.44 6.91
N LYS T 336 -65.11 34.57 7.49
CA LYS T 336 -66.22 35.31 6.88
C LYS T 336 -66.06 36.79 7.18
N GLY T 337 -67.13 37.57 6.98
CA GLY T 337 -67.14 38.96 7.36
C GLY T 337 -67.09 39.99 6.25
N LYS T 338 -67.26 39.57 4.98
CA LYS T 338 -67.41 40.54 3.89
C LYS T 338 -66.20 41.47 3.79
N GLN T 339 -65.10 40.96 3.24
CA GLN T 339 -63.81 41.66 3.25
C GLN T 339 -63.93 43.10 2.74
N GLU T 340 -64.96 43.42 1.95
CA GLU T 340 -65.23 44.81 1.64
C GLU T 340 -65.42 45.65 2.90
N GLU T 341 -66.01 45.06 3.95
CA GLU T 341 -66.13 45.75 5.23
C GLU T 341 -64.81 45.76 5.99
N ILE T 342 -63.97 44.75 5.78
CA ILE T 342 -62.65 44.71 6.43
C ILE T 342 -61.78 45.86 5.94
N LYS T 343 -61.91 46.21 4.66
CA LYS T 343 -61.16 47.33 4.11
C LYS T 343 -61.55 48.66 4.75
N ALA T 344 -62.76 48.76 5.30
CA ALA T 344 -63.15 49.97 6.00
C ALA T 344 -62.39 50.10 7.32
N ARG T 345 -62.16 48.98 8.01
CA ARG T 345 -61.35 49.02 9.23
C ARG T 345 -59.89 49.30 8.91
N ILE T 346 -59.41 48.86 7.74
CA ILE T 346 -58.04 49.18 7.33
C ILE T 346 -57.89 50.67 7.11
N ASN T 347 -58.86 51.30 6.43
CA ASN T 347 -58.82 52.74 6.25
C ASN T 347 -59.07 53.48 7.56
N GLU T 348 -59.77 52.85 8.50
CA GLU T 348 -59.99 53.47 9.80
C GLU T 348 -58.70 53.49 10.61
N ILE T 349 -57.97 52.37 10.64
CA ILE T 349 -56.71 52.33 11.36
C ILE T 349 -55.67 53.20 10.67
N LYS T 350 -55.62 53.17 9.34
CA LYS T 350 -54.70 54.03 8.60
C LYS T 350 -55.04 55.50 8.81
N GLY T 351 -56.32 55.82 9.01
CA GLY T 351 -56.69 57.20 9.30
C GLY T 351 -56.26 57.64 10.68
N GLN T 352 -56.20 56.70 11.64
CA GLN T 352 -55.73 57.04 12.98
C GLN T 352 -54.22 57.26 12.99
N ILE T 353 -53.50 56.64 12.06
CA ILE T 353 -52.05 56.81 12.01
C ILE T 353 -51.69 58.18 11.47
N GLU T 354 -52.43 58.67 10.48
CA GLU T 354 -52.14 59.97 9.90
C GLU T 354 -52.34 61.09 10.91
N LYS T 355 -53.35 60.98 11.76
CA LYS T 355 -53.62 61.96 12.80
C LYS T 355 -52.97 61.60 14.13
N SER T 356 -52.20 60.53 14.19
CA SER T 356 -51.59 60.10 15.43
C SER T 356 -50.53 61.08 15.91
N THR T 357 -50.27 61.05 17.20
CA THR T 357 -49.26 61.90 17.83
C THR T 357 -48.07 61.08 18.33
N SER T 358 -48.30 60.18 19.28
CA SER T 358 -47.23 59.35 19.81
C SER T 358 -46.72 58.38 18.75
N ASP T 359 -45.40 58.31 18.61
CA ASP T 359 -44.80 57.33 17.72
C ASP T 359 -44.82 55.93 18.30
N TYR T 360 -44.85 55.81 19.63
CA TYR T 360 -44.99 54.50 20.25
C TYR T 360 -46.36 53.89 19.95
N ASP T 361 -47.41 54.71 19.98
CA ASP T 361 -48.73 54.24 19.58
C ASP T 361 -48.80 53.97 18.08
N THR T 362 -48.08 54.76 17.29
CA THR T 362 -48.04 54.53 15.84
C THR T 362 -47.38 53.18 15.52
N GLU T 363 -46.40 52.78 16.32
CA GLU T 363 -45.78 51.47 16.11
C GLU T 363 -46.77 50.35 16.31
N LYS T 364 -47.64 50.47 17.32
CA LYS T 364 -48.65 49.43 17.55
C LYS T 364 -49.80 49.53 16.57
N LEU T 365 -50.16 50.75 16.16
CA LEU T 365 -51.19 50.91 15.13
C LEU T 365 -50.76 50.24 13.82
N GLN T 366 -49.48 50.36 13.47
CA GLN T 366 -48.99 49.69 12.26
C GLN T 366 -48.91 48.19 12.45
N GLU T 367 -48.71 47.72 13.69
CA GLU T 367 -48.69 46.28 13.94
C GLU T 367 -50.05 45.65 13.66
N ARG T 368 -51.13 46.34 14.02
CA ARG T 368 -52.47 45.86 13.66
C ARG T 368 -52.72 45.99 12.16
N LEU T 369 -52.22 47.06 11.56
CA LEU T 369 -52.39 47.25 10.11
C LEU T 369 -51.68 46.16 9.32
N ALA T 370 -50.52 45.72 9.81
CA ALA T 370 -49.79 44.64 9.15
C ALA T 370 -50.47 43.30 9.33
N LYS T 371 -51.26 43.13 10.39
CA LYS T 371 -51.97 41.86 10.59
C LYS T 371 -53.21 41.75 9.72
N LEU T 372 -53.84 42.87 9.39
CA LEU T 372 -55.04 42.87 8.57
C LEU T 372 -54.74 43.01 7.07
N SER T 373 -53.47 43.13 6.70
CA SER T 373 -53.10 43.36 5.30
C SER T 373 -52.26 42.22 4.73
N GLY T 374 -51.07 41.98 5.28
CA GLY T 374 -50.18 40.97 4.72
C GLY T 374 -50.78 39.58 4.71
N GLY T 375 -51.67 39.28 5.65
CA GLY T 375 -52.29 37.97 5.65
C GLY T 375 -51.34 36.88 6.14
N VAL T 376 -51.61 35.66 5.69
CA VAL T 376 -50.84 34.48 6.09
C VAL T 376 -50.34 33.79 4.84
N ALA T 377 -49.04 33.46 4.83
CA ALA T 377 -48.44 32.69 3.75
C ALA T 377 -48.44 31.22 4.13
N VAL T 378 -49.22 30.42 3.42
CA VAL T 378 -49.38 29.00 3.72
C VAL T 378 -48.55 28.20 2.74
N LEU T 379 -47.65 27.38 3.27
CA LEU T 379 -46.81 26.51 2.46
C LEU T 379 -47.49 25.16 2.29
N LYS T 380 -47.83 24.81 1.06
CA LYS T 380 -48.48 23.53 0.75
C LYS T 380 -47.39 22.52 0.37
N ILE T 381 -47.20 21.51 1.21
CA ILE T 381 -46.15 20.51 1.03
C ILE T 381 -46.77 19.22 0.51
N GLY T 382 -46.13 18.60 -0.47
CA GLY T 382 -46.59 17.33 -1.00
C GLY T 382 -45.45 16.53 -1.57
N ALA T 383 -45.65 15.22 -1.63
CA ALA T 383 -44.63 14.29 -2.09
C ALA T 383 -45.31 13.15 -2.82
N SER T 384 -44.53 12.11 -3.15
CA SER T 384 -45.08 10.97 -3.89
C SER T 384 -46.09 10.20 -3.05
N THR T 385 -45.68 9.74 -1.87
CA THR T 385 -46.54 9.01 -0.96
C THR T 385 -46.92 9.89 0.22
N GLU T 386 -47.72 9.33 1.14
CA GLU T 386 -48.09 10.07 2.33
C GLU T 386 -46.98 10.07 3.36
N VAL T 387 -46.24 8.96 3.48
CA VAL T 387 -45.14 8.91 4.44
C VAL T 387 -44.02 9.87 4.03
N GLU T 388 -43.78 10.02 2.73
CA GLU T 388 -42.81 11.00 2.27
C GLU T 388 -43.36 12.41 2.42
N MET T 389 -44.68 12.58 2.34
CA MET T 389 -45.27 13.91 2.48
C MET T 389 -45.23 14.37 3.93
N LYS T 390 -45.47 13.46 4.88
CA LYS T 390 -45.41 13.83 6.29
C LYS T 390 -43.97 14.01 6.75
N GLU T 391 -43.06 13.18 6.24
CA GLU T 391 -41.65 13.30 6.61
C GLU T 391 -41.06 14.60 6.08
N LYS T 392 -41.43 14.99 4.86
CA LYS T 392 -40.92 16.24 4.30
C LYS T 392 -41.58 17.46 4.93
N LYS T 393 -42.85 17.35 5.35
CA LYS T 393 -43.52 18.48 5.99
C LYS T 393 -42.83 18.87 7.28
N ALA T 394 -42.58 17.88 8.16
CA ALA T 394 -41.85 18.16 9.40
C ALA T 394 -40.43 18.66 9.10
N ARG T 395 -39.84 18.19 7.99
CA ARG T 395 -38.55 18.71 7.57
C ARG T 395 -38.65 20.18 7.19
N VAL T 396 -39.78 20.60 6.64
CA VAL T 396 -39.98 22.00 6.30
C VAL T 396 -40.25 22.82 7.55
N GLU T 397 -41.11 22.32 8.44
CA GLU T 397 -41.42 23.05 9.67
C GLU T 397 -40.18 23.26 10.53
N ASP T 398 -39.28 22.26 10.53
CA ASP T 398 -38.03 22.42 11.26
C ASP T 398 -37.09 23.38 10.55
N ALA T 399 -37.03 23.29 9.22
CA ALA T 399 -36.17 24.20 8.46
C ALA T 399 -36.71 25.62 8.50
N LEU T 400 -38.04 25.79 8.46
CA LEU T 400 -38.62 27.12 8.55
C LEU T 400 -38.34 27.75 9.91
N HIS T 401 -38.48 26.98 10.99
CA HIS T 401 -38.23 27.51 12.31
C HIS T 401 -36.77 27.91 12.48
N ALA T 402 -35.85 27.12 11.92
CA ALA T 402 -34.44 27.44 12.00
C ALA T 402 -34.09 28.66 11.15
N THR T 403 -34.79 28.85 10.03
CA THR T 403 -34.52 30.03 9.20
C THR T 403 -35.04 31.30 9.87
N ARG T 404 -36.15 31.21 10.58
CA ARG T 404 -36.66 32.36 11.31
C ARG T 404 -35.66 32.84 12.36
N ALA T 405 -34.95 31.91 12.99
CA ALA T 405 -33.95 32.28 13.99
C ALA T 405 -32.70 32.88 13.33
N ALA T 406 -32.42 32.50 12.08
CA ALA T 406 -31.27 33.06 11.38
C ALA T 406 -31.53 34.48 10.91
N VAL T 407 -32.78 34.84 10.62
CA VAL T 407 -33.08 36.20 10.20
C VAL T 407 -32.92 37.17 11.36
N GLN T 408 -33.20 36.73 12.59
CA GLN T 408 -33.16 37.63 13.74
C GLN T 408 -31.72 37.91 14.16
N GLU T 409 -31.06 36.92 14.75
CA GLU T 409 -29.74 37.10 15.33
C GLU T 409 -28.60 36.63 14.43
N GLY T 410 -28.91 36.09 13.26
CA GLY T 410 -27.87 35.63 12.36
C GLY T 410 -27.42 34.21 12.63
N ILE T 411 -26.35 33.82 11.95
CA ILE T 411 -25.77 32.49 12.09
C ILE T 411 -24.30 32.63 12.49
N VAL T 412 -23.76 31.53 13.01
CA VAL T 412 -22.35 31.41 13.37
C VAL T 412 -21.85 30.06 12.88
N VAL T 413 -20.56 29.81 13.11
CA VAL T 413 -19.96 28.55 12.66
C VAL T 413 -20.45 27.41 13.57
N GLY T 414 -20.86 26.31 12.95
CA GLY T 414 -21.40 25.18 13.68
C GLY T 414 -20.33 24.30 14.28
N GLY T 415 -20.73 23.09 14.62
CA GLY T 415 -19.80 22.12 15.21
C GLY T 415 -19.24 22.54 16.56
N GLY T 416 -19.90 23.44 17.27
CA GLY T 416 -19.37 23.93 18.52
C GLY T 416 -18.13 24.78 18.42
N VAL T 417 -17.78 25.23 17.21
CA VAL T 417 -16.59 26.04 17.04
C VAL T 417 -16.85 27.49 17.44
N ALA T 418 -18.09 27.97 17.26
CA ALA T 418 -18.41 29.35 17.62
C ALA T 418 -18.21 29.61 19.11
N LEU T 419 -18.45 28.60 19.96
CA LEU T 419 -18.16 28.75 21.38
C LEU T 419 -16.66 28.80 21.64
N ILE T 420 -15.86 28.17 20.79
CA ILE T 420 -14.41 28.25 20.93
C ILE T 420 -13.92 29.65 20.56
N ARG T 421 -14.39 30.17 19.43
CA ARG T 421 -13.95 31.49 18.99
C ARG T 421 -14.45 32.59 19.92
N ALA T 422 -15.64 32.42 20.50
CA ALA T 422 -16.18 33.41 21.40
C ALA T 422 -15.42 33.51 22.72
N ALA T 423 -14.50 32.57 22.99
CA ALA T 423 -13.68 32.65 24.19
C ALA T 423 -12.74 33.84 24.16
N LYS T 424 -12.51 34.43 22.98
CA LYS T 424 -11.68 35.63 22.90
C LYS T 424 -12.30 36.79 23.65
N GLY T 425 -13.62 36.80 23.78
CA GLY T 425 -14.30 37.84 24.54
C GLY T 425 -14.10 37.76 26.03
N LEU T 426 -13.52 36.66 26.54
CA LEU T 426 -13.29 36.54 27.97
C LEU T 426 -12.21 37.48 28.47
N ALA T 427 -11.37 38.00 27.58
CA ALA T 427 -10.31 38.92 27.99
C ALA T 427 -10.88 40.25 28.48
N LYS T 428 -12.13 40.57 28.15
CA LYS T 428 -12.78 41.78 28.61
C LYS T 428 -13.60 41.59 29.88
N ALA T 429 -13.61 40.38 30.45
CA ALA T 429 -14.36 40.10 31.66
C ALA T 429 -13.55 40.52 32.87
N VAL T 430 -14.14 41.38 33.71
CA VAL T 430 -13.47 41.92 34.88
C VAL T 430 -13.82 41.05 36.08
N ALA T 431 -12.80 40.70 36.87
CA ALA T 431 -12.97 39.89 38.06
C ALA T 431 -12.47 40.66 39.27
N ASP T 432 -13.34 40.81 40.28
CA ASP T 432 -12.98 41.58 41.47
C ASP T 432 -12.02 40.80 42.37
N ASN T 433 -12.30 39.53 42.62
CA ASN T 433 -11.47 38.67 43.46
C ASN T 433 -11.12 37.41 42.68
N GLU T 434 -10.33 36.54 43.31
CA GLU T 434 -9.91 35.32 42.64
C GLU T 434 -11.04 34.31 42.51
N ASP T 435 -12.03 34.36 43.40
CA ASP T 435 -13.20 33.48 43.26
C ASP T 435 -13.99 33.83 42.01
N GLN T 436 -14.26 35.12 41.80
CA GLN T 436 -14.89 35.55 40.55
C GLN T 436 -14.00 35.24 39.36
N LYS T 437 -12.68 35.32 39.54
CA LYS T 437 -11.75 34.94 38.48
C LYS T 437 -11.89 33.46 38.14
N THR T 438 -12.12 32.63 39.15
CA THR T 438 -12.29 31.20 38.91
C THR T 438 -13.56 30.92 38.13
N GLY T 439 -14.65 31.65 38.43
CA GLY T 439 -15.88 31.47 37.69
C GLY T 439 -15.73 31.77 36.21
N ILE T 440 -14.86 32.72 35.87
CA ILE T 440 -14.60 33.01 34.45
C ILE T 440 -13.89 31.84 33.80
N GLU T 441 -12.91 31.25 34.49
CA GLU T 441 -12.17 30.12 33.92
C GLU T 441 -13.04 28.88 33.80
N ILE T 442 -14.08 28.77 34.64
CA ILE T 442 -15.04 27.68 34.48
C ILE T 442 -15.75 27.79 33.13
N ILE T 443 -16.15 29.02 32.76
CA ILE T 443 -16.77 29.23 31.45
C ILE T 443 -15.77 28.97 30.34
N ARG T 444 -14.51 29.33 30.54
CA ARG T 444 -13.49 29.10 29.51
C ARG T 444 -13.35 27.62 29.20
N ARG T 445 -13.27 26.77 30.23
CA ARG T 445 -13.17 25.35 30.02
C ARG T 445 -14.48 24.73 29.55
N ALA T 446 -15.61 25.39 29.85
CA ALA T 446 -16.91 24.84 29.47
C ALA T 446 -17.22 25.03 28.00
N LEU T 447 -16.71 26.10 27.38
CA LEU T 447 -16.97 26.33 25.97
C LEU T 447 -16.41 25.22 25.09
N GLU T 448 -15.37 24.53 25.55
CA GLU T 448 -14.79 23.42 24.81
C GLU T 448 -15.59 22.13 24.97
N GLU T 449 -16.56 22.09 25.89
CA GLU T 449 -17.25 20.84 26.17
C GLU T 449 -18.12 20.37 25.00
N PRO T 450 -18.97 21.21 24.39
CA PRO T 450 -19.78 20.71 23.27
C PRO T 450 -18.96 20.17 22.11
N LEU T 451 -17.91 20.87 21.71
CA LEU T 451 -17.06 20.39 20.61
C LEU T 451 -16.40 19.07 20.97
N ARG T 452 -15.87 18.96 22.19
CA ARG T 452 -15.20 17.73 22.60
C ARG T 452 -16.18 16.56 22.70
N GLN T 453 -17.45 16.84 23.00
CA GLN T 453 -18.43 15.77 23.07
C GLN T 453 -18.79 15.25 21.69
N ILE T 454 -18.91 16.14 20.70
CA ILE T 454 -19.19 15.72 19.34
C ILE T 454 -18.06 14.83 18.81
N VAL T 455 -16.82 15.22 19.08
CA VAL T 455 -15.67 14.42 18.66
C VAL T 455 -15.64 13.10 19.42
N ALA T 456 -16.04 13.12 20.70
CA ALA T 456 -16.07 11.89 21.49
C ALA T 456 -17.14 10.93 20.97
N ASN T 457 -18.21 11.46 20.38
CA ASN T 457 -19.27 10.61 19.83
C ASN T 457 -18.80 9.78 18.64
N THR T 458 -17.65 10.10 18.05
CA THR T 458 -17.09 9.28 16.99
C THR T 458 -16.42 8.02 17.52
N GLY T 459 -16.00 8.02 18.79
CA GLY T 459 -15.34 6.88 19.37
C GLY T 459 -13.83 6.88 19.27
N THR T 460 -13.22 7.99 18.91
CA THR T 460 -11.77 8.07 18.77
C THR T 460 -11.12 8.43 20.09
N THR T 461 -9.96 7.83 20.35
CA THR T 461 -9.16 8.19 21.52
C THR T 461 -8.33 9.46 21.30
N ASP T 462 -8.34 9.99 20.08
CA ASP T 462 -7.58 11.18 19.71
C ASP T 462 -8.38 12.48 19.92
N GLY T 463 -9.56 12.39 20.51
CA GLY T 463 -10.42 13.57 20.63
C GLY T 463 -9.76 14.76 21.28
N ALA T 464 -8.76 14.52 22.15
CA ALA T 464 -8.04 15.64 22.75
C ALA T 464 -7.22 16.40 21.71
N VAL T 465 -6.78 15.72 20.65
CA VAL T 465 -5.99 16.37 19.61
C VAL T 465 -6.88 17.22 18.70
N VAL T 466 -8.10 16.75 18.42
CA VAL T 466 -9.01 17.49 17.55
C VAL T 466 -9.37 18.83 18.19
N LEU T 467 -9.58 18.84 19.50
CA LEU T 467 -9.84 20.10 20.20
C LEU T 467 -8.64 21.03 20.13
N GLU T 468 -7.42 20.47 20.15
CA GLU T 468 -6.22 21.30 20.14
C GLU T 468 -6.06 22.04 18.83
N LYS T 469 -6.32 21.37 17.70
CA LYS T 469 -6.13 22.01 16.40
C LYS T 469 -7.14 23.12 16.15
N VAL T 470 -8.35 23.00 16.71
CA VAL T 470 -9.37 24.01 16.48
C VAL T 470 -9.07 25.28 17.29
N LYS T 471 -8.55 25.11 18.51
CA LYS T 471 -8.23 26.27 19.34
C LYS T 471 -7.10 27.10 18.74
N ASN T 472 -6.05 26.43 18.25
CA ASN T 472 -4.96 27.15 17.62
C ASN T 472 -5.39 27.79 16.30
N ALA T 473 -6.35 27.18 15.61
CA ALA T 473 -6.87 27.73 14.37
C ALA T 473 -7.67 28.99 14.65
N GLU T 474 -7.87 29.78 13.60
CA GLU T 474 -8.61 31.03 13.67
C GLU T 474 -9.79 30.99 12.71
N GLY T 475 -10.78 31.84 12.97
CA GLY T 475 -11.89 31.98 12.06
C GLY T 475 -12.82 30.78 12.09
N ASP T 476 -13.29 30.38 10.92
CA ASP T 476 -14.27 29.32 10.76
C ASP T 476 -13.64 27.95 10.57
N TYR T 477 -12.33 27.85 10.67
CA TYR T 477 -11.66 26.54 10.59
C TYR T 477 -12.09 25.68 11.76
N GLY T 478 -12.46 24.43 11.46
CA GLY T 478 -12.95 23.56 12.50
C GLY T 478 -12.97 22.11 12.03
N PHE T 479 -13.66 21.28 12.82
CA PHE T 479 -13.77 19.85 12.57
C PHE T 479 -15.20 19.51 12.20
N ASN T 480 -15.37 18.79 11.10
CA ASN T 480 -16.68 18.31 10.66
C ASN T 480 -16.80 16.83 11.04
N ALA T 481 -17.69 16.54 11.99
CA ALA T 481 -17.81 15.17 12.50
C ALA T 481 -18.42 14.22 11.47
N ARG T 482 -19.11 14.74 10.46
CA ARG T 482 -19.71 13.87 9.46
C ARG T 482 -18.66 13.23 8.57
N THR T 483 -17.78 14.03 7.98
CA THR T 483 -16.72 13.52 7.12
C THR T 483 -15.42 13.25 7.88
N GLU T 484 -15.32 13.64 9.14
CA GLU T 484 -14.11 13.47 9.95
C GLU T 484 -12.91 14.14 9.29
N GLN T 485 -13.12 15.36 8.78
CA GLN T 485 -12.07 16.11 8.11
C GLN T 485 -12.11 17.56 8.60
N TYR T 486 -10.93 18.18 8.61
CA TYR T 486 -10.84 19.59 8.95
C TYR T 486 -11.09 20.43 7.69
N GLU T 487 -11.93 21.45 7.82
CA GLU T 487 -12.27 22.32 6.71
C GLU T 487 -12.98 23.56 7.27
N ASN T 488 -13.36 24.46 6.37
CA ASN T 488 -14.14 25.63 6.75
C ASN T 488 -15.61 25.21 6.84
N LEU T 489 -16.20 25.41 8.02
CA LEU T 489 -17.56 24.92 8.25
C LEU T 489 -18.61 25.80 7.58
N ILE T 490 -18.34 27.10 7.42
CA ILE T 490 -19.26 27.96 6.68
C ILE T 490 -19.33 27.53 5.23
N GLU T 491 -18.18 27.22 4.63
CA GLU T 491 -18.17 26.75 3.24
C GLU T 491 -18.74 25.35 3.13
N ALA T 492 -18.44 24.47 4.09
CA ALA T 492 -18.95 23.11 4.08
C ALA T 492 -20.42 23.03 4.46
N GLY T 493 -21.02 24.11 4.94
CA GLY T 493 -22.42 24.12 5.29
C GLY T 493 -22.75 23.67 6.69
N VAL T 494 -21.79 23.73 7.62
CA VAL T 494 -22.02 23.37 9.01
C VAL T 494 -22.17 24.68 9.79
N VAL T 495 -23.40 25.00 10.18
CA VAL T 495 -23.72 26.28 10.79
C VAL T 495 -24.81 26.07 11.83
N ASP T 496 -24.80 26.93 12.85
CA ASP T 496 -25.85 26.98 13.85
C ASP T 496 -26.34 28.42 13.95
N PRO T 497 -27.64 28.64 14.15
CA PRO T 497 -28.14 29.99 14.35
C PRO T 497 -27.56 30.61 15.61
N THR T 498 -27.22 31.90 15.54
CA THR T 498 -26.71 32.61 16.70
C THR T 498 -27.74 32.63 17.82
N LYS T 499 -29.03 32.61 17.48
CA LYS T 499 -30.07 32.48 18.49
C LYS T 499 -29.93 31.16 19.26
N VAL T 500 -29.50 30.11 18.58
CA VAL T 500 -29.38 28.80 19.22
C VAL T 500 -28.19 28.77 20.16
N THR T 501 -27.04 29.25 19.70
CA THR T 501 -25.81 29.10 20.47
C THR T 501 -25.81 29.98 21.71
N ARG T 502 -26.31 31.22 21.60
CA ARG T 502 -26.34 32.09 22.77
C ARG T 502 -27.39 31.63 23.78
N SER T 503 -28.45 30.96 23.31
CA SER T 503 -29.46 30.49 24.25
C SER T 503 -28.99 29.27 25.02
N ALA T 504 -28.20 28.41 24.38
CA ALA T 504 -27.68 27.23 25.07
C ALA T 504 -26.75 27.62 26.21
N LEU T 505 -25.95 28.68 26.01
CA LEU T 505 -25.02 29.10 27.03
C LEU T 505 -25.71 29.86 28.16
N GLU T 506 -26.64 30.75 27.80
CA GLU T 506 -27.33 31.54 28.83
C GLU T 506 -28.19 30.65 29.73
N ASN T 507 -28.90 29.69 29.14
CA ASN T 507 -29.74 28.81 29.93
C ASN T 507 -28.90 27.87 30.80
N ALA T 508 -27.77 27.40 30.27
CA ALA T 508 -26.93 26.49 31.03
C ALA T 508 -26.28 27.19 32.22
N ALA T 509 -25.75 28.38 32.01
CA ALA T 509 -25.13 29.13 33.11
C ALA T 509 -26.17 29.56 34.14
N SER T 510 -27.43 29.73 33.72
CA SER T 510 -28.46 30.12 34.66
C SER T 510 -28.73 29.02 35.67
N VAL T 511 -29.03 27.81 35.20
CA VAL T 511 -29.37 26.72 36.10
C VAL T 511 -28.15 26.30 36.94
N ALA T 512 -26.96 26.32 36.33
CA ALA T 512 -25.76 25.95 37.06
C ALA T 512 -25.47 26.93 38.18
N SER T 513 -25.82 28.22 37.99
CA SER T 513 -25.66 29.19 39.06
C SER T 513 -26.67 28.96 40.17
N ILE T 514 -27.88 28.49 39.83
CA ILE T 514 -28.88 28.22 40.85
C ILE T 514 -28.46 27.02 41.70
N LEU T 515 -27.93 25.98 41.05
CA LEU T 515 -27.54 24.78 41.79
C LEU T 515 -26.33 25.03 42.68
N LEU T 516 -25.45 25.95 42.29
CA LEU T 516 -24.31 26.29 43.14
C LEU T 516 -24.73 27.14 44.34
N THR T 517 -25.83 27.88 44.24
CA THR T 517 -26.32 28.71 45.33
C THR T 517 -27.38 28.03 46.18
N THR T 518 -27.71 26.78 45.91
CA THR T 518 -28.74 26.06 46.65
C THR T 518 -28.14 25.42 47.90
N GLU T 519 -28.59 25.87 49.07
CA GLU T 519 -28.11 25.34 50.34
C GLU T 519 -29.03 24.29 50.96
N ALA T 520 -30.19 24.04 50.36
CA ALA T 520 -31.13 23.09 50.95
C ALA T 520 -31.97 22.43 49.86
N ALA T 521 -32.28 21.16 50.06
CA ALA T 521 -33.16 20.40 49.17
C ALA T 521 -34.19 19.67 50.03
N ILE T 522 -35.46 20.03 49.86
CA ILE T 522 -36.54 19.48 50.66
C ILE T 522 -37.39 18.58 49.78
N THR T 523 -37.51 17.31 50.18
CA THR T 523 -38.29 16.33 49.45
C THR T 523 -39.23 15.61 50.40
N ASP T 524 -40.32 15.09 49.85
CA ASP T 524 -41.23 14.29 50.64
C ASP T 524 -40.61 12.95 51.00
N VAL T 525 -41.12 12.34 52.07
CA VAL T 525 -40.62 11.05 52.53
C VAL T 525 -41.25 9.94 51.71
N LYS T 526 -40.48 8.88 51.47
CA LYS T 526 -40.97 7.72 50.73
C LYS T 526 -41.96 6.91 51.57
N THR U 2 -42.95 7.76 34.55
CA THR U 2 -42.40 6.85 35.54
C THR U 2 -40.88 6.89 35.55
N ALA U 3 -40.29 6.51 36.67
CA ALA U 3 -38.83 6.53 36.80
C ALA U 3 -38.20 5.50 35.87
N LYS U 4 -36.91 5.70 35.58
CA LYS U 4 -36.20 4.87 34.62
C LYS U 4 -34.87 4.42 35.18
N ASP U 5 -34.38 3.30 34.66
CA ASP U 5 -33.03 2.82 34.91
C ASP U 5 -32.24 2.90 33.60
N ILE U 6 -30.98 3.31 33.69
CA ILE U 6 -30.16 3.59 32.52
C ILE U 6 -28.90 2.74 32.57
N LEU U 7 -28.59 2.09 31.45
CA LEU U 7 -27.32 1.39 31.26
C LEU U 7 -26.55 2.05 30.13
N PHE U 8 -25.24 2.15 30.29
CA PHE U 8 -24.39 2.86 29.34
C PHE U 8 -23.37 1.93 28.71
N ASP U 9 -23.04 2.23 27.45
CA ASP U 9 -21.94 1.62 26.69
C ASP U 9 -21.86 0.09 26.83
N ALA U 10 -20.67 -0.40 27.19
CA ALA U 10 -20.44 -1.85 27.18
C ALA U 10 -21.39 -2.59 28.11
N GLU U 11 -21.71 -2.00 29.25
CA GLU U 11 -22.65 -2.64 30.18
C GLU U 11 -24.02 -2.80 29.55
N ALA U 12 -24.44 -1.83 28.74
CA ALA U 12 -25.73 -1.92 28.07
C ALA U 12 -25.68 -2.88 26.88
N ARG U 13 -24.59 -2.85 26.11
CA ARG U 13 -24.48 -3.71 24.94
C ARG U 13 -24.32 -5.18 25.32
N THR U 14 -23.63 -5.46 26.43
CA THR U 14 -23.50 -6.84 26.89
C THR U 14 -24.83 -7.38 27.37
N LYS U 15 -25.63 -6.53 28.04
CA LYS U 15 -26.94 -6.97 28.52
C LYS U 15 -27.88 -7.24 27.36
N LEU U 16 -27.78 -6.45 26.29
CA LEU U 16 -28.60 -6.68 25.11
C LEU U 16 -28.25 -7.99 24.44
N LYS U 17 -26.97 -8.35 24.41
CA LYS U 17 -26.56 -9.61 23.77
C LYS U 17 -27.18 -10.80 24.47
N VAL U 18 -27.34 -10.74 25.80
CA VAL U 18 -27.96 -11.83 26.53
C VAL U 18 -29.38 -12.07 26.02
N GLY U 19 -30.10 -11.01 25.71
CA GLY U 19 -31.43 -11.17 25.15
C GLY U 19 -31.40 -11.62 23.71
N VAL U 20 -30.47 -11.08 22.92
CA VAL U 20 -30.34 -11.50 21.52
C VAL U 20 -29.98 -12.97 21.44
N ASP U 21 -29.09 -13.44 22.32
CA ASP U 21 -28.71 -14.85 22.31
C ASP U 21 -29.89 -15.74 22.67
N LYS U 22 -30.69 -15.34 23.66
CA LYS U 22 -31.83 -16.16 24.07
C LYS U 22 -32.84 -16.33 22.94
N LEU U 23 -33.10 -15.25 22.21
CA LEU U 23 -34.00 -15.35 21.06
C LEU U 23 -33.38 -16.19 19.95
N ALA U 24 -32.09 -15.99 19.67
CA ALA U 24 -31.45 -16.69 18.57
C ALA U 24 -31.24 -18.17 18.89
N ASN U 25 -30.81 -18.48 20.11
CA ASN U 25 -30.55 -19.88 20.46
C ASN U 25 -31.84 -20.70 20.45
N ALA U 26 -32.98 -20.06 20.66
CA ALA U 26 -34.24 -20.80 20.64
C ALA U 26 -34.71 -21.08 19.22
N VAL U 27 -34.60 -20.09 18.33
CA VAL U 27 -35.10 -20.27 16.96
C VAL U 27 -34.09 -20.99 16.05
N LYS U 28 -32.80 -20.99 16.39
CA LYS U 28 -31.81 -21.55 15.49
C LYS U 28 -31.91 -23.07 15.39
N VAL U 29 -32.47 -23.74 16.38
CA VAL U 29 -32.61 -25.19 16.34
C VAL U 29 -33.69 -25.64 15.37
N THR U 30 -34.52 -24.72 14.88
CA THR U 30 -35.57 -25.02 13.93
C THR U 30 -35.15 -24.76 12.49
N LEU U 31 -33.91 -24.32 12.25
CA LEU U 31 -33.48 -23.92 10.92
C LEU U 31 -33.10 -25.13 10.08
N GLY U 32 -33.45 -25.08 8.79
CA GLY U 32 -33.10 -26.12 7.86
C GLY U 32 -34.09 -27.28 7.88
N PRO U 33 -33.93 -28.20 6.93
CA PRO U 33 -34.82 -29.37 6.91
C PRO U 33 -34.64 -30.28 8.11
N ALA U 34 -33.46 -30.28 8.74
CA ALA U 34 -33.18 -31.10 9.91
C ALA U 34 -33.51 -30.39 11.21
N GLY U 35 -34.12 -29.21 11.15
CA GLY U 35 -34.48 -28.45 12.33
C GLY U 35 -35.24 -29.25 13.36
N ARG U 36 -34.83 -29.15 14.63
CA ARG U 36 -35.37 -29.98 15.69
C ARG U 36 -36.65 -29.36 16.26
N ASN U 37 -37.22 -30.05 17.24
CA ASN U 37 -38.54 -29.71 17.78
C ASN U 37 -38.40 -28.84 19.03
N VAL U 38 -39.30 -27.88 19.17
CA VAL U 38 -39.34 -26.98 20.33
C VAL U 38 -40.71 -27.12 20.98
N LEU U 39 -40.73 -27.23 22.30
CA LEU U 39 -41.95 -27.41 23.06
C LEU U 39 -42.38 -26.08 23.69
N ILE U 40 -43.64 -25.71 23.47
CA ILE U 40 -44.20 -24.47 24.00
C ILE U 40 -45.31 -24.84 24.98
N ASP U 41 -45.16 -24.41 26.22
CA ASP U 41 -46.14 -24.73 27.26
C ASP U 41 -47.46 -24.02 27.00
N LYS U 42 -48.54 -24.65 27.43
CA LYS U 42 -49.89 -24.09 27.34
C LYS U 42 -50.43 -23.80 28.73
N LYS U 43 -51.65 -23.26 28.77
CA LYS U 43 -52.30 -22.98 30.04
C LYS U 43 -52.81 -24.25 30.68
N PHE U 44 -53.43 -25.13 29.90
CA PHE U 44 -53.91 -26.42 30.40
C PHE U 44 -53.82 -27.43 29.26
N GLY U 45 -53.48 -28.66 29.60
CA GLY U 45 -53.35 -29.73 28.62
C GLY U 45 -51.93 -29.94 28.15
N ALA U 46 -51.81 -30.61 27.01
CA ALA U 46 -50.52 -30.94 26.44
C ALA U 46 -49.92 -29.72 25.73
N PRO U 47 -48.60 -29.60 25.73
CA PRO U 47 -47.94 -28.46 25.10
C PRO U 47 -47.92 -28.59 23.58
N THR U 48 -47.27 -27.62 22.94
CA THR U 48 -47.22 -27.51 21.49
C THR U 48 -45.84 -27.91 20.99
N SER U 49 -45.80 -28.81 20.01
CA SER U 49 -44.56 -29.19 19.35
C SER U 49 -44.49 -28.47 18.01
N THR U 50 -43.46 -27.64 17.84
CA THR U 50 -43.32 -26.84 16.63
C THR U 50 -41.87 -26.85 16.17
N LYS U 51 -41.67 -27.17 14.88
CA LYS U 51 -40.38 -27.02 14.23
C LYS U 51 -40.26 -25.70 13.46
N ASP U 52 -41.26 -24.83 13.57
CA ASP U 52 -41.27 -23.56 12.85
C ASP U 52 -40.62 -22.47 13.69
N GLY U 53 -39.65 -21.77 13.08
CA GLY U 53 -38.99 -20.68 13.78
C GLY U 53 -39.85 -19.45 13.98
N VAL U 54 -40.89 -19.28 13.16
CA VAL U 54 -41.78 -18.15 13.34
C VAL U 54 -42.61 -18.32 14.60
N THR U 55 -43.11 -19.53 14.85
CA THR U 55 -43.93 -19.78 16.02
C THR U 55 -43.13 -19.64 17.30
N VAL U 56 -41.87 -20.11 17.30
CA VAL U 56 -41.05 -20.02 18.50
C VAL U 56 -40.68 -18.57 18.79
N ALA U 57 -40.38 -17.79 17.74
CA ALA U 57 -39.97 -16.41 17.94
C ALA U 57 -41.10 -15.55 18.51
N LYS U 58 -42.35 -15.92 18.25
CA LYS U 58 -43.47 -15.15 18.78
C LYS U 58 -43.69 -15.37 20.27
N GLU U 59 -43.13 -16.43 20.83
CA GLU U 59 -43.28 -16.72 22.25
C GLU U 59 -42.18 -16.13 23.11
N ILE U 60 -41.13 -15.56 22.52
CA ILE U 60 -39.94 -15.18 23.28
C ILE U 60 -40.20 -13.86 23.99
N GLU U 61 -40.15 -13.89 25.32
CA GLU U 61 -40.24 -12.72 26.17
C GLU U 61 -39.37 -12.96 27.39
N LEU U 62 -38.69 -11.92 27.86
CA LEU U 62 -37.74 -12.05 28.95
C LEU U 62 -38.14 -11.18 30.13
N VAL U 63 -37.79 -11.63 31.33
CA VAL U 63 -38.13 -10.88 32.54
C VAL U 63 -37.28 -9.61 32.65
N ASP U 64 -36.00 -9.72 32.30
CA ASP U 64 -35.11 -8.56 32.41
C ASP U 64 -35.47 -7.53 31.36
N PRO U 65 -35.65 -6.26 31.74
CA PRO U 65 -36.09 -5.26 30.76
C PRO U 65 -35.11 -5.05 29.61
N VAL U 66 -33.81 -4.98 29.90
CA VAL U 66 -32.83 -4.73 28.85
C VAL U 66 -32.66 -5.96 27.98
N GLU U 67 -32.59 -7.14 28.59
CA GLU U 67 -32.47 -8.37 27.82
C GLU U 67 -33.66 -8.57 26.89
N ASN U 68 -34.87 -8.39 27.42
CA ASN U 68 -36.05 -8.44 26.56
C ASN U 68 -36.03 -7.33 25.51
N MET U 69 -35.44 -6.18 25.86
CA MET U 69 -35.39 -5.09 24.91
C MET U 69 -34.54 -5.45 23.69
N GLY U 70 -33.43 -6.14 23.91
CA GLY U 70 -32.63 -6.58 22.77
C GLY U 70 -33.26 -7.71 22.00
N ALA U 71 -34.05 -8.55 22.67
CA ALA U 71 -34.72 -9.66 21.99
C ALA U 71 -35.78 -9.16 21.03
N GLN U 72 -36.59 -8.18 21.46
CA GLN U 72 -37.63 -7.65 20.60
C GLN U 72 -37.07 -6.85 19.44
N MET U 73 -35.85 -6.31 19.57
CA MET U 73 -35.22 -5.61 18.46
C MET U 73 -34.98 -6.55 17.29
N VAL U 74 -34.24 -7.64 17.53
CA VAL U 74 -33.97 -8.61 16.47
C VAL U 74 -35.25 -9.29 16.01
N ARG U 75 -36.22 -9.44 16.92
CA ARG U 75 -37.47 -10.11 16.56
C ARG U 75 -38.27 -9.30 15.55
N GLU U 76 -38.35 -7.97 15.74
CA GLU U 76 -39.14 -7.14 14.84
C GLU U 76 -38.44 -6.97 13.49
N VAL U 77 -37.11 -6.75 13.51
CA VAL U 77 -36.39 -6.53 12.27
C VAL U 77 -36.38 -7.79 11.42
N ALA U 78 -36.10 -8.94 12.03
CA ALA U 78 -36.11 -10.19 11.29
C ALA U 78 -37.49 -10.58 10.84
N SER U 79 -38.54 -10.10 11.51
CA SER U 79 -39.91 -10.40 11.09
C SER U 79 -40.25 -9.74 9.77
N LYS U 80 -39.58 -8.64 9.42
CA LYS U 80 -39.84 -7.95 8.16
C LYS U 80 -39.34 -8.73 6.95
N THR U 81 -38.59 -9.82 7.17
CA THR U 81 -38.18 -10.66 6.06
C THR U 81 -39.32 -11.56 5.58
N SER U 82 -40.12 -12.07 6.52
CA SER U 82 -41.28 -12.89 6.18
C SER U 82 -42.54 -12.07 5.92
N ASP U 83 -42.54 -10.79 6.30
CA ASP U 83 -43.68 -9.92 6.02
C ASP U 83 -43.72 -9.48 4.56
N VAL U 84 -42.57 -9.42 3.90
CA VAL U 84 -42.48 -9.10 2.48
C VAL U 84 -42.24 -10.37 1.66
N ALA U 85 -41.10 -11.02 1.86
CA ALA U 85 -40.82 -12.29 1.21
C ALA U 85 -41.57 -13.42 1.93
N GLY U 86 -41.40 -14.64 1.43
CA GLY U 86 -42.14 -15.77 1.97
C GLY U 86 -41.61 -16.31 3.28
N ASP U 87 -40.29 -16.28 3.47
CA ASP U 87 -39.67 -16.87 4.64
C ASP U 87 -38.34 -16.16 4.89
N GLY U 88 -37.53 -16.73 5.78
CA GLY U 88 -36.21 -16.19 6.06
C GLY U 88 -36.07 -15.43 7.36
N THR U 89 -37.09 -15.45 8.23
CA THR U 89 -36.99 -14.71 9.49
C THR U 89 -36.03 -15.40 10.46
N THR U 90 -35.93 -16.73 10.40
CA THR U 90 -35.00 -17.43 11.28
C THR U 90 -33.56 -17.22 10.84
N THR U 91 -33.31 -17.21 9.52
CA THR U 91 -31.96 -16.96 9.03
C THR U 91 -31.48 -15.57 9.42
N ALA U 92 -32.36 -14.57 9.33
CA ALA U 92 -31.98 -13.21 9.72
C ALA U 92 -31.65 -13.13 11.20
N THR U 93 -32.26 -13.98 12.03
CA THR U 93 -31.94 -13.99 13.44
C THR U 93 -30.56 -14.61 13.69
N VAL U 94 -30.29 -15.74 13.04
CA VAL U 94 -28.97 -16.38 13.18
C VAL U 94 -27.87 -15.45 12.70
N LEU U 95 -28.11 -14.75 11.59
CA LEU U 95 -27.12 -13.81 11.07
C LEU U 95 -26.91 -12.65 12.03
N ALA U 96 -28.01 -12.08 12.55
CA ALA U 96 -27.89 -10.93 13.46
C ALA U 96 -27.14 -11.30 14.72
N GLN U 97 -27.35 -12.51 15.23
CA GLN U 97 -26.62 -12.95 16.43
C GLN U 97 -25.12 -13.01 16.16
N ALA U 98 -24.73 -13.53 14.99
CA ALA U 98 -23.32 -13.65 14.66
C ALA U 98 -22.68 -12.29 14.43
N ILE U 99 -23.36 -11.41 13.70
CA ILE U 99 -22.82 -10.09 13.41
C ILE U 99 -22.66 -9.29 14.69
N TYR U 100 -23.63 -9.41 15.60
CA TYR U 100 -23.57 -8.63 16.84
C TYR U 100 -22.57 -9.21 17.84
N ARG U 101 -22.41 -10.54 17.86
CA ARG U 101 -21.43 -11.14 18.76
C ARG U 101 -20.01 -10.75 18.37
N GLU U 102 -19.67 -10.94 17.10
CA GLU U 102 -18.33 -10.58 16.63
C GLU U 102 -18.10 -9.08 16.65
N GLY U 103 -19.17 -8.30 16.51
CA GLY U 103 -19.04 -6.86 16.61
C GLY U 103 -18.64 -6.41 18.00
N LEU U 104 -19.34 -6.90 19.02
CA LEU U 104 -18.99 -6.55 20.40
C LEU U 104 -17.58 -7.01 20.74
N LYS U 105 -17.16 -8.16 20.21
CA LYS U 105 -15.84 -8.68 20.53
C LYS U 105 -14.74 -7.74 20.06
N ASN U 106 -14.92 -7.12 18.89
CA ASN U 106 -13.95 -6.14 18.42
C ASN U 106 -14.12 -4.79 19.11
N VAL U 107 -15.36 -4.43 19.49
CA VAL U 107 -15.57 -3.21 20.27
C VAL U 107 -14.84 -3.31 21.60
N THR U 108 -14.93 -4.47 22.26
CA THR U 108 -14.16 -4.69 23.48
C THR U 108 -12.67 -4.64 23.19
N ALA U 109 -12.25 -5.08 22.00
CA ALA U 109 -10.84 -5.05 21.62
C ALA U 109 -10.34 -3.64 21.34
N GLY U 110 -11.21 -2.63 21.33
CA GLY U 110 -10.82 -1.25 21.08
C GLY U 110 -11.20 -0.72 19.72
N ALA U 111 -11.90 -1.49 18.90
CA ALA U 111 -12.32 -1.00 17.59
C ALA U 111 -13.46 0.01 17.73
N ARG U 112 -13.44 1.02 16.87
CA ARG U 112 -14.50 2.03 16.88
C ARG U 112 -15.78 1.42 16.33
N PRO U 113 -16.90 1.54 17.05
CA PRO U 113 -18.14 0.93 16.55
C PRO U 113 -18.66 1.54 15.26
N ILE U 114 -18.40 2.84 15.03
CA ILE U 114 -18.92 3.49 13.84
C ILE U 114 -18.23 2.96 12.58
N ASP U 115 -16.92 2.68 12.67
CA ASP U 115 -16.21 2.14 11.52
C ASP U 115 -16.59 0.68 11.28
N LEU U 116 -16.92 -0.07 12.34
CA LEU U 116 -17.43 -1.42 12.15
C LEU U 116 -18.75 -1.41 11.40
N LYS U 117 -19.64 -0.47 11.74
CA LYS U 117 -20.90 -0.35 11.01
C LYS U 117 -20.66 0.01 9.55
N ARG U 118 -19.73 0.92 9.29
CA ARG U 118 -19.41 1.29 7.91
C ARG U 118 -18.85 0.09 7.15
N GLY U 119 -17.90 -0.63 7.75
CA GLY U 119 -17.36 -1.81 7.10
C GLY U 119 -18.40 -2.89 6.88
N ILE U 120 -19.33 -3.04 7.82
CA ILE U 120 -20.41 -4.01 7.66
C ILE U 120 -21.33 -3.59 6.52
N ASP U 121 -21.80 -2.35 6.53
CA ASP U 121 -22.72 -1.88 5.51
C ASP U 121 -22.07 -1.85 4.13
N ARG U 122 -20.78 -1.53 4.06
CA ARG U 122 -20.08 -1.57 2.77
C ARG U 122 -20.00 -2.99 2.23
N ALA U 123 -19.82 -3.97 3.12
CA ALA U 123 -19.73 -5.35 2.70
C ALA U 123 -21.08 -5.95 2.36
N VAL U 124 -22.15 -5.45 2.98
CA VAL U 124 -23.49 -5.98 2.71
C VAL U 124 -23.91 -5.67 1.29
N LYS U 125 -23.68 -4.43 0.83
CA LYS U 125 -24.02 -4.07 -0.54
C LYS U 125 -23.27 -4.92 -1.55
N GLU U 126 -22.03 -5.29 -1.24
CA GLU U 126 -21.25 -6.11 -2.17
C GLU U 126 -21.75 -7.56 -2.18
N VAL U 127 -22.13 -8.09 -1.02
CA VAL U 127 -22.65 -9.45 -0.96
C VAL U 127 -24.01 -9.53 -1.64
N VAL U 128 -24.84 -8.50 -1.46
CA VAL U 128 -26.13 -8.48 -2.14
C VAL U 128 -25.96 -8.30 -3.64
N ALA U 129 -25.04 -7.40 -4.04
CA ALA U 129 -24.77 -7.22 -5.46
C ALA U 129 -24.21 -8.49 -6.08
N GLU U 130 -23.29 -9.16 -5.38
CA GLU U 130 -22.81 -10.46 -5.86
C GLU U 130 -23.92 -11.50 -5.86
N LEU U 131 -24.87 -11.38 -4.93
CA LEU U 131 -26.02 -12.27 -4.93
C LEU U 131 -26.92 -12.05 -6.12
N ARG U 132 -26.90 -10.85 -6.72
CA ARG U 132 -27.68 -10.60 -7.93
C ARG U 132 -27.10 -11.34 -9.13
N ASN U 133 -25.78 -11.36 -9.25
CA ASN U 133 -25.14 -12.02 -10.39
C ASN U 133 -25.38 -13.53 -10.35
N ILE U 134 -25.37 -14.12 -9.15
CA ILE U 134 -25.64 -15.55 -9.02
C ILE U 134 -27.12 -15.86 -9.19
N SER U 135 -27.99 -14.87 -9.00
CA SER U 135 -29.42 -15.09 -9.11
C SER U 135 -29.83 -15.39 -10.54
N ARG U 136 -30.71 -16.39 -10.70
CA ARG U 136 -31.25 -16.78 -11.99
C ARG U 136 -32.65 -16.20 -12.14
N SER U 137 -32.86 -15.39 -13.17
CA SER U 137 -34.15 -14.75 -13.38
C SER U 137 -35.23 -15.78 -13.68
N ILE U 138 -36.43 -15.53 -13.18
CA ILE U 138 -37.57 -16.43 -13.35
C ILE U 138 -38.65 -15.66 -14.08
N SER U 139 -38.96 -16.09 -15.31
CA SER U 139 -40.03 -15.47 -16.09
C SER U 139 -40.70 -16.53 -16.94
N GLY U 140 -41.92 -16.24 -17.35
CA GLY U 140 -42.68 -17.18 -18.15
C GLY U 140 -43.44 -18.18 -17.30
N LYS U 141 -44.56 -18.66 -17.85
CA LYS U 141 -45.39 -19.61 -17.12
C LYS U 141 -44.82 -21.02 -17.15
N LYS U 142 -43.79 -21.28 -17.94
CA LYS U 142 -43.12 -22.58 -17.87
C LYS U 142 -42.19 -22.66 -16.66
N GLU U 143 -41.49 -21.57 -16.36
CA GLU U 143 -40.64 -21.54 -15.18
C GLU U 143 -41.44 -21.30 -13.90
N ILE U 144 -42.46 -20.45 -13.98
CA ILE U 144 -43.27 -20.15 -12.80
C ILE U 144 -44.02 -21.39 -12.33
N ALA U 145 -44.33 -22.31 -13.24
CA ALA U 145 -45.02 -23.53 -12.84
C ALA U 145 -44.08 -24.49 -12.12
N GLN U 146 -42.80 -24.52 -12.53
CA GLN U 146 -41.83 -25.38 -11.87
C GLN U 146 -41.53 -24.87 -10.47
N VAL U 147 -41.47 -23.55 -10.28
CA VAL U 147 -41.22 -22.99 -8.95
C VAL U 147 -42.37 -23.29 -8.01
N GLY U 148 -43.61 -23.11 -8.48
CA GLY U 148 -44.75 -23.45 -7.65
C GLY U 148 -44.85 -24.93 -7.34
N THR U 149 -44.34 -25.78 -8.24
CA THR U 149 -44.34 -27.22 -7.98
C THR U 149 -43.30 -27.59 -6.94
N ILE U 150 -42.22 -26.82 -6.83
CA ILE U 150 -41.20 -27.10 -5.82
C ILE U 150 -41.68 -26.66 -4.43
N SER U 151 -42.26 -25.46 -4.34
CA SER U 151 -42.76 -24.97 -3.06
C SER U 151 -43.95 -25.79 -2.56
N ALA U 152 -44.64 -26.50 -3.44
CA ALA U 152 -45.75 -27.36 -3.08
C ALA U 152 -45.31 -28.79 -2.78
N ASN U 153 -43.99 -29.04 -2.76
CA ASN U 153 -43.40 -30.37 -2.55
C ASN U 153 -43.84 -31.34 -3.64
N ASN U 154 -43.34 -31.06 -4.85
CA ASN U 154 -43.55 -31.91 -6.02
C ASN U 154 -45.03 -32.12 -6.31
N ASP U 155 -45.77 -31.03 -6.40
CA ASP U 155 -47.18 -31.08 -6.79
C ASP U 155 -47.37 -30.39 -8.13
N PRO U 156 -47.60 -31.14 -9.21
CA PRO U 156 -47.78 -30.49 -10.52
C PRO U 156 -49.07 -29.67 -10.61
N GLU U 157 -50.14 -30.10 -9.94
CA GLU U 157 -51.40 -29.38 -10.04
C GLU U 157 -51.30 -27.99 -9.42
N ILE U 158 -50.66 -27.87 -8.26
CA ILE U 158 -50.50 -26.56 -7.64
C ILE U 158 -49.53 -25.70 -8.44
N GLY U 159 -48.56 -26.33 -9.10
CA GLY U 159 -47.61 -25.55 -9.90
C GLY U 159 -48.27 -24.87 -11.09
N GLU U 160 -49.09 -25.62 -11.82
CA GLU U 160 -49.81 -25.03 -12.95
C GLU U 160 -50.89 -24.05 -12.49
N LEU U 161 -51.38 -24.19 -11.26
CA LEU U 161 -52.41 -23.28 -10.78
C LEU U 161 -51.82 -21.90 -10.49
N ILE U 162 -50.64 -21.84 -9.88
CA ILE U 162 -50.03 -20.56 -9.54
C ILE U 162 -49.57 -19.84 -10.80
N ALA U 163 -48.95 -20.57 -11.73
CA ALA U 163 -48.42 -19.95 -12.93
C ALA U 163 -49.52 -19.42 -13.84
N GLU U 164 -50.59 -20.21 -14.02
CA GLU U 164 -51.69 -19.78 -14.88
C GLU U 164 -52.46 -18.62 -14.26
N ALA U 165 -52.52 -18.57 -12.93
CA ALA U 165 -53.19 -17.44 -12.28
C ALA U 165 -52.38 -16.16 -12.42
N MET U 166 -51.06 -16.26 -12.30
CA MET U 166 -50.20 -15.08 -12.49
C MET U 166 -50.17 -14.63 -13.94
N ASP U 167 -50.53 -15.50 -14.88
CA ASP U 167 -50.52 -15.11 -16.28
C ASP U 167 -51.66 -14.14 -16.59
N LYS U 168 -52.82 -14.34 -15.96
CA LYS U 168 -53.98 -13.52 -16.27
C LYS U 168 -53.88 -12.14 -15.65
N VAL U 169 -53.49 -12.05 -14.37
CA VAL U 169 -53.44 -10.78 -13.67
C VAL U 169 -52.06 -10.15 -13.68
N GLY U 170 -51.06 -10.82 -14.27
CA GLY U 170 -49.72 -10.28 -14.31
C GLY U 170 -48.93 -10.58 -13.06
N LYS U 171 -47.68 -10.08 -13.05
CA LYS U 171 -46.82 -10.29 -11.89
C LYS U 171 -47.23 -9.42 -10.71
N ASP U 172 -47.74 -8.22 -10.97
CA ASP U 172 -48.18 -7.32 -9.91
C ASP U 172 -49.66 -7.49 -9.56
N GLY U 173 -50.34 -8.46 -10.18
CA GLY U 173 -51.75 -8.65 -9.91
C GLY U 173 -52.02 -9.16 -8.52
N VAL U 174 -53.28 -9.02 -8.10
CA VAL U 174 -53.71 -9.45 -6.77
C VAL U 174 -54.26 -10.87 -6.87
N ILE U 175 -53.66 -11.78 -6.12
CA ILE U 175 -54.08 -13.18 -6.09
C ILE U 175 -54.36 -13.56 -4.64
N THR U 176 -55.53 -14.14 -4.38
CA THR U 176 -55.93 -14.56 -3.04
C THR U 176 -56.34 -16.02 -3.08
N VAL U 177 -56.16 -16.69 -1.94
CA VAL U 177 -56.50 -18.11 -1.78
C VAL U 177 -57.75 -18.19 -0.92
N GLU U 178 -58.85 -18.68 -1.52
CA GLU U 178 -60.13 -18.80 -0.84
C GLU U 178 -60.48 -20.27 -0.66
N GLU U 179 -61.07 -20.60 0.49
CA GLU U 179 -61.45 -21.96 0.77
C GLU U 179 -62.62 -22.38 -0.13
N ALA U 180 -62.44 -23.50 -0.83
CA ALA U 180 -63.41 -23.97 -1.81
C ALA U 180 -64.25 -25.11 -1.24
N LYS U 181 -65.51 -25.14 -1.64
CA LYS U 181 -66.44 -26.20 -1.27
C LYS U 181 -66.74 -27.02 -2.53
N GLY U 182 -66.24 -28.24 -2.57
CA GLY U 182 -66.43 -29.09 -3.73
C GLY U 182 -65.35 -30.16 -3.80
N MET U 183 -65.51 -31.03 -4.79
CA MET U 183 -64.58 -32.15 -4.96
C MET U 183 -63.29 -31.73 -5.64
N GLU U 184 -63.34 -30.76 -6.55
CA GLU U 184 -62.19 -30.36 -7.34
C GLU U 184 -61.93 -28.86 -7.18
N THR U 185 -60.72 -28.45 -7.56
CA THR U 185 -60.31 -27.07 -7.49
C THR U 185 -60.86 -26.29 -8.68
N GLU U 186 -60.49 -25.01 -8.76
CA GLU U 186 -60.95 -24.11 -9.82
C GLU U 186 -60.25 -22.77 -9.64
N LEU U 187 -60.28 -21.97 -10.70
CA LEU U 187 -59.71 -20.62 -10.70
C LEU U 187 -60.73 -19.66 -11.27
N LYS U 188 -60.96 -18.54 -10.56
CA LYS U 188 -61.94 -17.55 -10.99
C LYS U 188 -61.37 -16.16 -10.76
N VAL U 189 -61.47 -15.32 -11.79
CA VAL U 189 -61.06 -13.91 -11.71
C VAL U 189 -62.29 -13.06 -11.51
N VAL U 190 -62.26 -12.18 -10.51
CA VAL U 190 -63.42 -11.40 -10.11
C VAL U 190 -63.00 -9.94 -9.96
N GLU U 191 -64.01 -9.07 -9.87
CA GLU U 191 -63.76 -7.65 -9.69
C GLU U 191 -63.27 -7.36 -8.27
N GLY U 192 -62.46 -6.33 -8.15
CA GLY U 192 -61.93 -5.95 -6.85
C GLY U 192 -60.61 -5.21 -6.99
N MET U 193 -60.09 -4.79 -5.85
CA MET U 193 -58.84 -4.04 -5.80
C MET U 193 -58.19 -4.23 -4.44
N GLN U 194 -56.91 -3.91 -4.37
CA GLN U 194 -56.14 -3.95 -3.13
C GLN U 194 -55.44 -2.62 -2.94
N PHE U 195 -55.83 -1.89 -1.90
CA PHE U 195 -55.18 -0.65 -1.51
C PHE U 195 -54.35 -0.90 -0.25
N ASP U 196 -53.25 -0.17 -0.13
CA ASP U 196 -52.29 -0.42 0.94
C ASP U 196 -52.65 0.43 2.15
N ARG U 197 -53.16 -0.22 3.18
CA ARG U 197 -53.50 0.40 4.45
C ARG U 197 -53.55 -0.69 5.52
N GLY U 198 -53.42 -0.27 6.78
CA GLY U 198 -53.45 -1.18 7.88
C GLY U 198 -54.77 -1.16 8.64
N TYR U 199 -54.94 -2.14 9.51
CA TYR U 199 -56.07 -2.14 10.43
C TYR U 199 -55.76 -1.23 11.60
N LEU U 200 -56.75 -0.44 12.01
CA LEU U 200 -56.53 0.55 13.06
C LEU U 200 -56.32 -0.08 14.43
N SER U 201 -56.78 -1.32 14.64
CA SER U 201 -56.55 -2.03 15.88
C SER U 201 -56.17 -3.47 15.59
N PRO U 202 -55.22 -4.03 16.33
CA PRO U 202 -54.86 -5.44 16.12
C PRO U 202 -55.94 -6.41 16.55
N TYR U 203 -56.88 -5.99 17.40
CA TYR U 203 -57.93 -6.87 17.90
C TYR U 203 -59.00 -7.19 16.86
N PHE U 204 -58.98 -6.51 15.72
CA PHE U 204 -59.89 -6.87 14.62
C PHE U 204 -59.49 -8.17 13.94
N VAL U 205 -58.33 -8.72 14.26
CA VAL U 205 -57.83 -9.92 13.61
C VAL U 205 -58.70 -11.11 14.00
N THR U 206 -59.25 -11.80 13.00
CA THR U 206 -60.08 -12.97 13.23
C THR U 206 -59.34 -14.28 13.10
N ASN U 207 -58.07 -14.27 12.70
CA ASN U 207 -57.27 -15.48 12.57
C ASN U 207 -55.89 -15.21 13.13
N SER U 208 -55.52 -15.94 14.20
CA SER U 208 -54.32 -15.58 14.96
C SER U 208 -53.04 -15.92 14.21
N GLU U 209 -53.04 -17.01 13.45
CA GLU U 209 -51.80 -17.44 12.80
C GLU U 209 -51.42 -16.52 11.65
N THR U 210 -52.37 -16.14 10.81
CA THR U 210 -52.10 -15.28 9.68
C THR U 210 -52.24 -13.79 9.99
N MET U 211 -52.77 -13.46 11.18
CA MET U 211 -52.94 -12.07 11.61
C MET U 211 -53.77 -11.27 10.59
N GLU U 212 -54.79 -11.91 10.03
CA GLU U 212 -55.71 -11.27 9.10
C GLU U 212 -57.12 -11.33 9.67
N ALA U 213 -58.06 -10.73 8.94
CA ALA U 213 -59.47 -10.76 9.30
C ALA U 213 -60.30 -11.03 8.06
N GLU U 214 -61.05 -12.12 8.06
CA GLU U 214 -61.90 -12.48 6.94
C GLU U 214 -63.33 -12.03 7.20
N LEU U 215 -63.97 -11.48 6.16
CA LEU U 215 -65.34 -11.00 6.25
C LEU U 215 -66.10 -11.52 5.04
N ASP U 216 -67.13 -12.33 5.30
CA ASP U 216 -67.93 -12.95 4.25
C ASP U 216 -69.24 -12.16 4.09
N GLU U 217 -69.52 -11.76 2.85
CA GLU U 217 -70.69 -10.94 2.53
C GLU U 217 -70.71 -9.66 3.35
N ALA U 218 -69.56 -8.99 3.41
CA ALA U 218 -69.40 -7.82 4.27
C ALA U 218 -69.99 -6.58 3.63
N LEU U 219 -70.50 -5.70 4.48
CA LEU U 219 -70.97 -4.37 4.08
C LEU U 219 -69.86 -3.36 4.31
N ILE U 220 -69.75 -2.38 3.41
CA ILE U 220 -68.66 -1.41 3.42
C ILE U 220 -69.25 -0.02 3.55
N LEU U 221 -68.72 0.76 4.49
CA LEU U 221 -69.09 2.16 4.69
C LEU U 221 -67.98 3.06 4.16
N ILE U 222 -68.36 4.10 3.42
CA ILE U 222 -67.41 5.02 2.81
C ILE U 222 -67.62 6.40 3.44
N HIS U 223 -66.55 6.94 4.02
CA HIS U 223 -66.58 8.26 4.64
C HIS U 223 -65.29 9.00 4.30
N ASP U 224 -65.40 10.30 4.05
CA ASP U 224 -64.28 11.10 3.58
C ASP U 224 -63.57 11.87 4.69
N LYS U 225 -64.04 11.78 5.93
CA LYS U 225 -63.40 12.51 7.03
C LYS U 225 -63.27 11.57 8.23
N LYS U 226 -62.65 12.09 9.29
CA LYS U 226 -62.39 11.31 10.49
C LYS U 226 -63.64 11.21 11.35
N ILE U 227 -63.69 10.15 12.16
CA ILE U 227 -64.82 9.91 13.04
C ILE U 227 -64.34 9.54 14.43
N MET U 230 -68.90 8.92 18.80
CA MET U 230 -69.51 8.23 17.66
C MET U 230 -71.03 8.36 17.66
N LYS U 231 -71.52 9.55 18.02
CA LYS U 231 -72.96 9.78 17.99
C LYS U 231 -73.51 9.71 16.58
N GLU U 232 -72.73 10.15 15.59
CA GLU U 232 -73.16 10.06 14.19
C GLU U 232 -72.97 8.65 13.64
N LEU U 233 -72.04 7.89 14.20
CA LEU U 233 -71.80 6.52 13.74
C LEU U 233 -72.80 5.53 14.31
N LEU U 234 -73.47 5.88 15.41
CA LEU U 234 -74.43 4.96 16.03
C LEU U 234 -75.60 4.59 15.12
N PRO U 235 -76.27 5.53 14.43
CA PRO U 235 -77.38 5.10 13.57
C PRO U 235 -76.96 4.23 12.41
N ILE U 236 -75.77 4.46 11.84
CA ILE U 236 -75.32 3.62 10.73
C ILE U 236 -74.82 2.28 11.23
N LEU U 237 -74.10 2.27 12.36
CA LEU U 237 -73.61 1.01 12.93
C LEU U 237 -74.78 0.11 13.32
N GLU U 238 -75.86 0.69 13.82
CA GLU U 238 -77.05 -0.07 14.16
C GLU U 238 -78.03 -0.20 12.99
N LYS U 239 -77.77 0.50 11.88
CA LYS U 239 -78.60 0.31 10.69
C LYS U 239 -78.53 -1.13 10.21
N ALA U 240 -77.33 -1.72 10.21
CA ALA U 240 -77.14 -3.15 10.02
C ALA U 240 -76.62 -3.72 11.33
N ALA U 241 -77.47 -4.44 12.06
CA ALA U 241 -77.10 -5.02 13.34
C ALA U 241 -77.52 -6.49 13.36
N GLN U 242 -78.82 -6.73 13.31
CA GLN U 242 -79.37 -8.08 13.23
C GLN U 242 -79.37 -8.64 11.82
N SER U 243 -78.90 -7.86 10.84
CA SER U 243 -78.80 -8.36 9.47
C SER U 243 -77.79 -9.49 9.35
N GLY U 244 -76.83 -9.58 10.27
CA GLY U 244 -75.88 -10.67 10.29
C GLY U 244 -74.65 -10.48 9.44
N ARG U 245 -74.64 -9.49 8.55
CA ARG U 245 -73.45 -9.34 7.71
C ARG U 245 -72.42 -8.44 8.38
N PRO U 246 -71.14 -8.79 8.27
CA PRO U 246 -70.10 -7.95 8.87
C PRO U 246 -69.98 -6.61 8.18
N LEU U 247 -69.34 -5.67 8.87
CA LEU U 247 -69.20 -4.30 8.40
C LEU U 247 -67.73 -3.93 8.29
N LEU U 248 -67.39 -3.22 7.21
CA LEU U 248 -66.06 -2.67 7.00
C LEU U 248 -66.18 -1.15 6.89
N ILE U 249 -65.64 -0.43 7.87
CA ILE U 249 -65.73 1.02 7.90
C ILE U 249 -64.48 1.60 7.27
N ILE U 250 -64.66 2.38 6.20
CA ILE U 250 -63.56 3.03 5.50
C ILE U 250 -63.74 4.54 5.67
N ALA U 251 -62.83 5.16 6.42
CA ALA U 251 -62.87 6.59 6.67
C ALA U 251 -61.44 7.12 6.68
N GLU U 252 -61.30 8.42 6.92
CA GLU U 252 -59.97 9.02 7.00
C GLU U 252 -59.21 8.47 8.21
N ASP U 253 -59.88 8.40 9.36
CA ASP U 253 -59.30 7.81 10.56
C ASP U 253 -60.45 7.49 11.53
N ILE U 254 -60.10 6.90 12.66
CA ILE U 254 -61.09 6.56 13.69
C ILE U 254 -60.42 6.35 15.04
N GLU U 257 -60.37 7.87 19.29
CA GLU U 257 -61.61 8.43 19.83
C GLU U 257 -62.64 7.32 20.07
N ALA U 258 -63.41 7.00 19.03
CA ALA U 258 -64.40 5.93 19.09
C ALA U 258 -63.84 4.60 18.65
N LEU U 259 -62.54 4.52 18.37
CA LEU U 259 -61.93 3.27 17.93
C LEU U 259 -62.07 2.18 19.00
N ALA U 260 -61.90 2.54 20.26
CA ALA U 260 -61.95 1.56 21.34
C ALA U 260 -63.35 0.97 21.50
N THR U 261 -64.38 1.71 21.12
CA THR U 261 -65.74 1.19 21.23
C THR U 261 -66.02 0.11 20.20
N LEU U 262 -65.52 0.30 18.97
CA LEU U 262 -65.68 -0.72 17.94
C LEU U 262 -64.86 -1.97 18.26
N VAL U 263 -63.76 -1.82 18.99
CA VAL U 263 -62.95 -2.98 19.35
C VAL U 263 -63.70 -3.87 20.33
N VAL U 264 -64.38 -3.27 21.32
CA VAL U 264 -65.12 -4.05 22.30
C VAL U 264 -66.29 -4.76 21.64
N ASN U 265 -66.96 -4.09 20.69
CA ASN U 265 -68.08 -4.71 20.01
C ASN U 265 -67.66 -5.94 19.21
N LYS U 266 -66.45 -5.90 18.64
CA LYS U 266 -65.95 -7.06 17.89
C LYS U 266 -65.41 -8.13 18.82
N LEU U 267 -64.71 -7.72 19.90
CA LEU U 267 -64.12 -8.70 20.81
C LEU U 267 -65.19 -9.42 21.62
N ARG U 268 -66.26 -8.71 22.01
CA ARG U 268 -67.32 -9.32 22.79
C ARG U 268 -68.17 -10.23 21.90
N GLY U 269 -68.87 -9.64 20.95
CA GLY U 269 -69.67 -10.41 20.01
C GLY U 269 -70.87 -9.60 19.55
N THR U 270 -71.81 -10.32 18.94
CA THR U 270 -73.07 -9.77 18.43
C THR U 270 -72.84 -8.70 17.37
N LEU U 271 -71.69 -8.73 16.71
CA LEU U 271 -71.33 -7.78 15.66
C LEU U 271 -69.96 -8.16 15.12
N LYS U 272 -69.67 -7.71 13.91
CA LYS U 272 -68.35 -7.85 13.30
C LYS U 272 -68.00 -6.54 12.61
N VAL U 273 -66.93 -5.89 13.05
CA VAL U 273 -66.53 -4.59 12.51
C VAL U 273 -65.03 -4.58 12.29
N ALA U 274 -64.60 -3.84 11.27
CA ALA U 274 -63.20 -3.62 10.98
C ALA U 274 -63.00 -2.17 10.59
N ALA U 275 -62.07 -1.49 11.26
CA ALA U 275 -61.76 -0.10 10.99
C ALA U 275 -60.47 -0.03 10.18
N VAL U 276 -60.59 0.35 8.91
CA VAL U 276 -59.45 0.49 8.01
C VAL U 276 -59.51 1.88 7.40
N LYS U 277 -58.45 2.66 7.59
CA LYS U 277 -58.39 3.99 7.02
C LYS U 277 -58.28 3.92 5.50
N ALA U 278 -58.84 4.92 4.83
CA ALA U 278 -58.82 4.98 3.38
C ALA U 278 -57.42 5.35 2.89
N PRO U 279 -57.16 5.20 1.60
CA PRO U 279 -55.94 5.80 1.03
C PRO U 279 -55.85 7.28 1.41
N GLY U 280 -54.63 7.72 1.69
CA GLY U 280 -54.39 9.01 2.28
C GLY U 280 -53.93 10.06 1.28
N PHE U 281 -53.10 10.98 1.76
CA PHE U 281 -52.52 12.09 1.00
C PHE U 281 -53.66 13.01 0.56
N GLY U 282 -53.68 13.46 -0.69
CA GLY U 282 -54.54 14.53 -1.16
C GLY U 282 -55.76 14.04 -1.90
N ASP U 283 -56.15 14.82 -2.92
CA ASP U 283 -57.33 14.50 -3.73
C ASP U 283 -57.27 13.12 -4.36
N ARG U 284 -56.07 12.54 -4.47
CA ARG U 284 -55.96 11.15 -4.90
C ARG U 284 -56.71 10.21 -3.97
N ARG U 285 -56.97 10.64 -2.73
CA ARG U 285 -57.77 9.83 -1.81
C ARG U 285 -59.25 9.88 -2.18
N LYS U 286 -59.75 11.06 -2.53
CA LYS U 286 -61.16 11.19 -2.89
C LYS U 286 -61.47 10.43 -4.18
N ALA U 287 -60.52 10.36 -5.11
CA ALA U 287 -60.73 9.62 -6.34
C ALA U 287 -60.77 8.12 -6.11
N MET U 288 -59.99 7.62 -5.16
CA MET U 288 -60.02 6.20 -4.84
C MET U 288 -61.22 5.83 -3.99
N LEU U 289 -61.76 6.77 -3.21
CA LEU U 289 -62.99 6.52 -2.47
C LEU U 289 -64.15 6.25 -3.43
N GLU U 290 -64.19 6.96 -4.55
CA GLU U 290 -65.20 6.68 -5.57
C GLU U 290 -64.96 5.32 -6.20
N ASP U 291 -63.69 4.92 -6.35
CA ASP U 291 -63.38 3.61 -6.90
C ASP U 291 -63.90 2.50 -5.99
N ILE U 292 -63.73 2.67 -4.67
CA ILE U 292 -64.23 1.67 -3.73
C ILE U 292 -65.75 1.65 -3.73
N ALA U 293 -66.39 2.81 -3.92
CA ALA U 293 -67.85 2.85 -3.92
C ALA U 293 -68.42 2.25 -5.19
N ILE U 294 -67.79 2.53 -6.35
CA ILE U 294 -68.31 2.02 -7.61
C ILE U 294 -68.11 0.52 -7.70
N LEU U 295 -67.02 -0.01 -7.13
CA LEU U 295 -66.81 -1.45 -7.13
C LEU U 295 -67.81 -2.17 -6.25
N THR U 296 -68.11 -1.61 -5.08
CA THR U 296 -68.97 -2.25 -4.10
C THR U 296 -70.43 -1.81 -4.20
N GLY U 297 -70.75 -0.88 -5.09
CA GLY U 297 -72.12 -0.45 -5.25
C GLY U 297 -72.62 0.55 -4.23
N GLY U 298 -71.71 1.19 -3.49
CA GLY U 298 -72.08 2.19 -2.51
C GLY U 298 -71.88 3.61 -3.01
N THR U 299 -72.01 4.55 -2.07
CA THR U 299 -71.82 5.95 -2.36
C THR U 299 -70.88 6.57 -1.33
N VAL U 300 -70.09 7.54 -1.78
CA VAL U 300 -69.13 8.21 -0.91
C VAL U 300 -69.85 9.31 -0.13
N ILE U 301 -69.71 9.29 1.19
CA ILE U 301 -70.30 10.31 2.05
C ILE U 301 -69.30 11.45 2.17
N SER U 302 -69.71 12.65 1.76
CA SER U 302 -68.84 13.81 1.81
C SER U 302 -69.56 15.02 2.39
N GLY U 306 -71.43 16.64 -1.16
CA GLY U 306 -71.77 17.07 0.18
C GLY U 306 -72.91 16.30 0.79
N TYR U 307 -72.59 15.34 1.65
CA TYR U 307 -73.56 14.52 2.36
C TYR U 307 -73.18 14.42 3.82
N LYS U 308 -74.13 13.98 4.64
CA LYS U 308 -73.94 13.86 6.07
C LYS U 308 -73.94 12.39 6.49
N LEU U 309 -73.11 12.07 7.47
CA LEU U 309 -73.07 10.72 8.03
C LEU U 309 -74.19 10.46 9.02
N GLU U 310 -74.97 11.48 9.36
CA GLU U 310 -76.09 11.29 10.27
C GLU U 310 -77.25 10.57 9.57
N ASN U 311 -77.84 11.22 8.57
CA ASN U 311 -78.95 10.64 7.82
C ASN U 311 -78.42 9.93 6.58
N ALA U 312 -78.44 8.60 6.61
CA ALA U 312 -78.16 7.69 5.50
C ALA U 312 -78.26 6.29 6.06
N THR U 313 -78.51 5.33 5.16
CA THR U 313 -78.56 3.93 5.57
C THR U 313 -78.41 3.03 4.35
N MET U 314 -78.04 1.78 4.62
CA MET U 314 -78.20 0.69 3.66
C MET U 314 -77.61 0.97 2.29
N ALA U 315 -78.47 1.10 1.28
CA ALA U 315 -78.04 1.12 -0.12
C ALA U 315 -76.89 2.08 -0.38
N TYR U 316 -76.74 3.12 0.44
CA TYR U 316 -75.56 3.98 0.34
C TYR U 316 -74.29 3.24 0.72
N LEU U 317 -74.38 2.12 1.42
CA LEU U 317 -73.21 1.33 1.79
C LEU U 317 -72.88 0.33 0.69
N GLY U 318 -71.59 0.11 0.47
CA GLY U 318 -71.15 -0.91 -0.46
C GLY U 318 -71.11 -2.29 0.16
N GLN U 319 -70.96 -3.30 -0.69
CA GLN U 319 -70.93 -4.68 -0.23
C GLN U 319 -70.06 -5.51 -1.16
N ALA U 320 -69.40 -6.51 -0.59
CA ALA U 320 -68.56 -7.43 -1.34
C ALA U 320 -68.68 -8.82 -0.73
N ALA U 321 -68.31 -9.83 -1.51
CA ALA U 321 -68.45 -11.21 -1.06
C ALA U 321 -67.37 -11.58 -0.06
N ARG U 322 -66.12 -11.23 -0.34
CA ARG U 322 -64.99 -11.57 0.52
C ARG U 322 -64.16 -10.33 0.78
N ILE U 323 -63.87 -10.07 2.06
CA ILE U 323 -63.04 -8.95 2.48
C ILE U 323 -61.99 -9.47 3.45
N THR U 324 -60.73 -9.34 3.07
CA THR U 324 -59.61 -9.74 3.92
C THR U 324 -58.71 -8.53 4.14
N ILE U 325 -58.48 -8.18 5.40
CA ILE U 325 -57.67 -7.03 5.76
C ILE U 325 -56.39 -7.52 6.42
N ASP U 326 -55.32 -6.74 6.25
CA ASP U 326 -54.02 -7.05 6.81
C ASP U 326 -53.41 -5.75 7.34
N LYS U 327 -52.20 -5.86 7.90
CA LYS U 327 -51.54 -4.67 8.42
C LYS U 327 -50.87 -3.86 7.31
N ASP U 328 -50.41 -4.50 6.24
CA ASP U 328 -49.76 -3.79 5.16
C ASP U 328 -50.67 -3.48 3.96
N ASN U 329 -51.90 -3.98 3.95
CA ASN U 329 -52.80 -3.76 2.82
C ASN U 329 -54.21 -4.20 3.19
N THR U 330 -55.14 -3.99 2.28
CA THR U 330 -56.52 -4.45 2.39
C THR U 330 -57.01 -4.82 1.01
N THR U 331 -57.67 -5.97 0.89
CA THR U 331 -58.14 -6.48 -0.40
C THR U 331 -59.65 -6.58 -0.42
N ILE U 332 -60.23 -6.31 -1.58
CA ILE U 332 -61.68 -6.41 -1.81
C ILE U 332 -61.90 -7.44 -2.90
N VAL U 333 -62.73 -8.44 -2.61
CA VAL U 333 -62.99 -9.54 -3.52
C VAL U 333 -64.47 -9.56 -3.87
N GLU U 334 -64.76 -9.66 -5.17
CA GLU U 334 -66.14 -9.77 -5.69
C GLU U 334 -67.00 -8.59 -5.24
N GLY U 335 -66.68 -7.42 -5.81
CA GLY U 335 -67.50 -6.25 -5.60
C GLY U 335 -68.86 -6.44 -6.25
N LYS U 336 -69.92 -6.07 -5.52
CA LYS U 336 -71.28 -6.30 -5.98
C LYS U 336 -71.80 -5.20 -6.89
N GLY U 337 -70.98 -4.19 -7.20
CA GLY U 337 -71.40 -3.16 -8.12
C GLY U 337 -71.54 -3.67 -9.54
N LYS U 338 -72.34 -2.96 -10.34
CA LYS U 338 -72.59 -3.37 -11.70
C LYS U 338 -71.34 -3.23 -12.56
N GLN U 339 -71.16 -4.17 -13.49
CA GLN U 339 -69.96 -4.18 -14.31
C GLN U 339 -69.90 -3.00 -15.26
N GLU U 340 -71.05 -2.53 -15.74
CA GLU U 340 -71.06 -1.40 -16.67
C GLU U 340 -70.62 -0.11 -15.98
N GLU U 341 -71.06 0.10 -14.74
CA GLU U 341 -70.62 1.28 -14.00
C GLU U 341 -69.15 1.20 -13.64
N ILE U 342 -68.66 0.00 -13.34
CA ILE U 342 -67.23 -0.19 -13.09
C ILE U 342 -66.43 0.09 -14.36
N LYS U 343 -66.87 -0.47 -15.48
CA LYS U 343 -66.21 -0.23 -16.77
C LYS U 343 -66.37 1.22 -17.23
N ALA U 344 -67.38 1.92 -16.73
CA ALA U 344 -67.60 3.32 -17.13
C ALA U 344 -66.45 4.21 -16.65
N ARG U 345 -66.09 4.09 -15.37
CA ARG U 345 -65.03 4.93 -14.84
C ARG U 345 -63.66 4.52 -15.38
N ILE U 346 -63.51 3.27 -15.81
CA ILE U 346 -62.26 2.83 -16.43
C ILE U 346 -61.99 3.65 -17.68
N ASN U 347 -63.02 3.86 -18.51
CA ASN U 347 -62.85 4.72 -19.68
C ASN U 347 -62.66 6.18 -19.29
N GLU U 348 -63.22 6.60 -18.15
CA GLU U 348 -63.00 7.96 -17.69
C GLU U 348 -61.54 8.16 -17.28
N ILE U 349 -60.91 7.15 -16.68
CA ILE U 349 -59.51 7.24 -16.33
C ILE U 349 -58.65 7.25 -17.59
N LYS U 350 -59.02 6.43 -18.58
CA LYS U 350 -58.29 6.44 -19.85
C LYS U 350 -58.39 7.79 -20.54
N GLY U 351 -59.52 8.48 -20.39
CA GLY U 351 -59.64 9.81 -20.95
C GLY U 351 -58.81 10.83 -20.20
N GLN U 352 -58.69 10.68 -18.88
CA GLN U 352 -57.91 11.61 -18.08
C GLN U 352 -56.41 11.48 -18.36
N ILE U 353 -55.96 10.35 -18.89
CA ILE U 353 -54.55 10.18 -19.22
C ILE U 353 -54.20 11.01 -20.46
N GLU U 354 -55.05 10.95 -21.49
CA GLU U 354 -54.80 11.69 -22.72
C GLU U 354 -55.21 13.15 -22.63
N LYS U 355 -56.03 13.52 -21.64
CA LYS U 355 -56.47 14.89 -21.48
C LYS U 355 -55.59 15.69 -20.51
N SER U 356 -54.57 15.08 -19.93
CA SER U 356 -53.68 15.75 -19.01
C SER U 356 -52.24 15.33 -19.31
N THR U 357 -51.36 16.31 -19.49
CA THR U 357 -49.96 16.07 -19.81
C THR U 357 -49.11 16.52 -18.62
N SER U 358 -48.54 15.55 -17.91
CA SER U 358 -47.64 15.84 -16.80
C SER U 358 -46.76 14.62 -16.57
N ASP U 359 -45.62 14.85 -15.93
CA ASP U 359 -44.68 13.75 -15.67
C ASP U 359 -45.22 12.81 -14.60
N TYR U 360 -45.57 13.34 -13.43
CA TYR U 360 -45.98 12.53 -12.30
C TYR U 360 -47.46 12.25 -12.25
N ASP U 361 -48.28 12.94 -13.06
CA ASP U 361 -49.72 12.75 -13.01
C ASP U 361 -50.18 11.54 -13.83
N THR U 362 -49.38 11.08 -14.79
CA THR U 362 -49.82 9.99 -15.66
C THR U 362 -49.80 8.66 -14.94
N GLU U 363 -48.68 8.32 -14.29
CA GLU U 363 -48.56 7.01 -13.66
C GLU U 363 -49.47 6.87 -12.44
N LYS U 364 -49.92 7.97 -11.85
CA LYS U 364 -50.89 7.89 -10.78
C LYS U 364 -52.25 7.41 -11.30
N LEU U 365 -52.59 7.76 -12.54
CA LEU U 365 -53.81 7.25 -13.15
C LEU U 365 -53.66 5.83 -13.65
N GLN U 366 -52.46 5.46 -14.11
CA GLN U 366 -52.23 4.09 -14.55
C GLN U 366 -52.29 3.10 -13.38
N GLU U 367 -51.79 3.51 -12.22
CA GLU U 367 -51.91 2.69 -11.03
C GLU U 367 -53.37 2.50 -10.64
N ARG U 368 -54.13 3.60 -10.65
CA ARG U 368 -55.56 3.52 -10.36
C ARG U 368 -56.31 2.71 -11.42
N LEU U 369 -55.84 2.77 -12.67
CA LEU U 369 -56.49 2.01 -13.73
C LEU U 369 -56.22 0.52 -13.60
N ALA U 370 -54.99 0.16 -13.19
CA ALA U 370 -54.64 -1.25 -13.07
C ALA U 370 -55.42 -1.94 -11.96
N LYS U 371 -55.86 -1.19 -10.95
CA LYS U 371 -56.63 -1.79 -9.87
C LYS U 371 -58.06 -2.09 -10.28
N LEU U 372 -58.72 -1.15 -10.96
CA LEU U 372 -60.11 -1.36 -11.36
C LEU U 372 -60.22 -2.43 -12.45
N SER U 373 -59.47 -2.27 -13.53
CA SER U 373 -59.56 -3.19 -14.66
C SER U 373 -58.86 -4.52 -14.40
N GLY U 374 -57.86 -4.54 -13.50
CA GLY U 374 -57.13 -5.78 -13.26
C GLY U 374 -57.95 -6.81 -12.52
N GLY U 375 -58.76 -6.37 -11.56
CA GLY U 375 -59.58 -7.29 -10.79
C GLY U 375 -58.77 -8.07 -9.77
N VAL U 376 -59.35 -9.17 -9.31
CA VAL U 376 -58.75 -10.03 -8.31
C VAL U 376 -58.87 -11.48 -8.78
N ALA U 377 -57.74 -12.19 -8.80
CA ALA U 377 -57.73 -13.61 -9.13
C ALA U 377 -57.87 -14.42 -7.86
N VAL U 378 -58.87 -15.30 -7.82
CA VAL U 378 -59.21 -16.09 -6.64
C VAL U 378 -58.84 -17.54 -6.89
N LEU U 379 -58.06 -18.11 -5.98
CA LEU U 379 -57.65 -19.51 -6.06
C LEU U 379 -58.54 -20.33 -5.13
N LYS U 380 -59.35 -21.20 -5.71
CA LYS U 380 -60.24 -22.10 -4.96
C LYS U 380 -59.66 -23.51 -5.01
N ILE U 381 -59.39 -24.08 -3.84
CA ILE U 381 -58.76 -25.39 -3.73
C ILE U 381 -59.70 -26.33 -3.00
N GLY U 382 -60.19 -27.34 -3.71
CA GLY U 382 -60.98 -28.40 -3.10
C GLY U 382 -60.18 -29.69 -2.95
N ALA U 383 -60.77 -30.64 -2.25
CA ALA U 383 -60.15 -31.93 -2.01
C ALA U 383 -61.24 -32.94 -1.69
N SER U 384 -60.81 -34.18 -1.37
CA SER U 384 -61.76 -35.24 -1.06
C SER U 384 -62.50 -34.95 0.24
N THR U 385 -61.76 -34.73 1.32
CA THR U 385 -62.32 -34.45 2.63
C THR U 385 -61.86 -33.09 3.13
N GLU U 386 -62.68 -32.47 3.98
CA GLU U 386 -62.37 -31.14 4.49
C GLU U 386 -61.19 -31.13 5.44
N VAL U 387 -60.83 -32.27 6.03
CA VAL U 387 -59.70 -32.31 6.94
C VAL U 387 -58.39 -32.15 6.20
N GLU U 388 -58.24 -32.84 5.05
CA GLU U 388 -57.05 -32.69 4.23
C GLU U 388 -57.16 -31.57 3.21
N MET U 389 -58.34 -30.95 3.08
CA MET U 389 -58.49 -29.82 2.17
C MET U 389 -57.91 -28.55 2.77
N LYS U 390 -58.12 -28.32 4.07
CA LYS U 390 -57.57 -27.14 4.72
C LYS U 390 -56.05 -27.18 4.75
N GLU U 391 -55.47 -28.38 4.92
CA GLU U 391 -54.02 -28.52 4.88
C GLU U 391 -53.49 -28.30 3.47
N LYS U 392 -54.25 -28.69 2.45
CA LYS U 392 -53.84 -28.44 1.07
C LYS U 392 -54.04 -26.97 0.71
N LYS U 393 -55.11 -26.35 1.22
CA LYS U 393 -55.34 -24.93 0.97
C LYS U 393 -54.25 -24.08 1.60
N ALA U 394 -53.79 -24.45 2.79
CA ALA U 394 -52.67 -23.75 3.41
C ALA U 394 -51.36 -24.02 2.69
N ARG U 395 -51.26 -25.15 1.97
CA ARG U 395 -50.05 -25.45 1.22
C ARG U 395 -49.95 -24.59 -0.04
N VAL U 396 -51.09 -24.18 -0.61
CA VAL U 396 -51.07 -23.37 -1.82
C VAL U 396 -50.68 -21.94 -1.51
N GLU U 397 -51.25 -21.35 -0.46
CA GLU U 397 -50.94 -19.96 -0.13
C GLU U 397 -49.49 -19.81 0.32
N ASP U 398 -48.88 -20.88 0.84
CA ASP U 398 -47.44 -20.83 1.12
C ASP U 398 -46.63 -20.87 -0.16
N ALA U 399 -47.02 -21.73 -1.10
CA ALA U 399 -46.33 -21.80 -2.38
C ALA U 399 -46.62 -20.56 -3.24
N LEU U 400 -47.77 -19.93 -3.04
CA LEU U 400 -48.11 -18.74 -3.81
C LEU U 400 -47.19 -17.58 -3.45
N HIS U 401 -47.05 -17.29 -2.15
CA HIS U 401 -46.20 -16.19 -1.73
C HIS U 401 -44.74 -16.46 -2.05
N ALA U 402 -44.32 -17.72 -2.02
CA ALA U 402 -42.94 -18.05 -2.37
C ALA U 402 -42.70 -17.85 -3.86
N THR U 403 -43.69 -18.15 -4.69
CA THR U 403 -43.54 -17.95 -6.13
C THR U 403 -43.54 -16.47 -6.49
N ARG U 404 -44.33 -15.66 -5.77
CA ARG U 404 -44.35 -14.23 -6.04
C ARG U 404 -42.99 -13.59 -5.78
N ALA U 405 -42.33 -14.00 -4.69
CA ALA U 405 -41.00 -13.48 -4.40
C ALA U 405 -39.95 -14.03 -5.36
N ALA U 406 -40.21 -15.19 -5.97
CA ALA U 406 -39.24 -15.75 -6.92
C ALA U 406 -39.23 -14.98 -8.24
N VAL U 407 -40.36 -14.39 -8.61
CA VAL U 407 -40.44 -13.67 -9.88
C VAL U 407 -39.76 -12.30 -9.77
N GLN U 408 -39.97 -11.60 -8.66
CA GLN U 408 -39.43 -10.25 -8.47
C GLN U 408 -37.91 -10.21 -8.57
N GLU U 409 -37.23 -10.75 -7.57
CA GLU U 409 -35.79 -10.65 -7.46
C GLU U 409 -35.03 -11.88 -7.96
N GLY U 410 -35.73 -12.91 -8.39
CA GLY U 410 -35.09 -14.10 -8.91
C GLY U 410 -34.96 -15.22 -7.90
N ILE U 411 -34.04 -16.15 -8.20
CA ILE U 411 -33.85 -17.37 -7.43
C ILE U 411 -32.36 -17.62 -7.25
N VAL U 412 -31.97 -17.98 -6.02
CA VAL U 412 -30.60 -18.36 -5.70
C VAL U 412 -30.63 -19.76 -5.08
N VAL U 413 -29.45 -20.38 -5.05
CA VAL U 413 -29.33 -21.73 -4.50
C VAL U 413 -29.65 -21.70 -3.00
N GLY U 414 -30.38 -22.71 -2.54
CA GLY U 414 -30.76 -22.80 -1.15
C GLY U 414 -29.70 -23.44 -0.28
N GLY U 415 -30.13 -23.92 0.89
CA GLY U 415 -29.22 -24.57 1.81
C GLY U 415 -28.13 -23.71 2.37
N GLY U 416 -28.33 -22.39 2.40
CA GLY U 416 -27.31 -21.49 2.90
C GLY U 416 -26.06 -21.38 2.04
N VAL U 417 -26.05 -22.02 0.88
CA VAL U 417 -24.86 -22.00 0.03
C VAL U 417 -24.75 -20.69 -0.74
N ALA U 418 -25.88 -20.04 -1.04
CA ALA U 418 -25.84 -18.77 -1.75
C ALA U 418 -25.10 -17.72 -0.94
N LEU U 419 -25.25 -17.73 0.39
CA LEU U 419 -24.50 -16.82 1.23
C LEU U 419 -23.01 -17.15 1.21
N ILE U 420 -22.65 -18.41 0.98
CA ILE U 420 -21.24 -18.76 0.82
C ILE U 420 -20.73 -18.24 -0.52
N ARG U 421 -21.49 -18.47 -1.59
CA ARG U 421 -21.04 -18.06 -2.92
C ARG U 421 -21.04 -16.55 -3.08
N ALA U 422 -21.94 -15.84 -2.40
CA ALA U 422 -22.00 -14.40 -2.50
C ALA U 422 -20.83 -13.71 -1.81
N ALA U 423 -19.98 -14.46 -1.09
CA ALA U 423 -18.82 -13.88 -0.45
C ALA U 423 -17.76 -13.41 -1.44
N LYS U 424 -17.90 -13.75 -2.72
CA LYS U 424 -16.94 -13.28 -3.72
C LYS U 424 -16.95 -11.76 -3.83
N GLY U 425 -18.14 -11.15 -3.65
CA GLY U 425 -18.24 -9.71 -3.73
C GLY U 425 -17.48 -8.97 -2.66
N LEU U 426 -17.05 -9.66 -1.60
CA LEU U 426 -16.29 -9.02 -0.53
C LEU U 426 -14.95 -8.51 -1.02
N ALA U 427 -14.41 -9.06 -2.11
CA ALA U 427 -13.16 -8.56 -2.66
C ALA U 427 -13.28 -7.15 -3.19
N LYS U 428 -14.49 -6.72 -3.55
CA LYS U 428 -14.74 -5.37 -4.06
C LYS U 428 -15.06 -4.37 -2.97
N ALA U 429 -15.07 -4.79 -1.71
CA ALA U 429 -15.37 -3.88 -0.61
C ALA U 429 -14.15 -3.04 -0.27
N VAL U 430 -14.39 -1.76 0.01
CA VAL U 430 -13.33 -0.80 0.30
C VAL U 430 -13.31 -0.53 1.79
N ALA U 431 -12.11 -0.55 2.38
CA ALA U 431 -11.93 -0.30 3.80
C ALA U 431 -10.96 0.86 3.97
N ASP U 432 -11.42 1.94 4.62
CA ASP U 432 -10.58 3.11 4.82
C ASP U 432 -9.58 2.94 5.95
N ASN U 433 -9.80 1.99 6.86
CA ASN U 433 -8.90 1.74 7.98
C ASN U 433 -9.07 0.30 8.43
N GLU U 434 -8.33 -0.07 9.47
CA GLU U 434 -8.37 -1.45 9.96
C GLU U 434 -9.71 -1.79 10.61
N ASP U 435 -10.34 -0.81 11.28
CA ASP U 435 -11.64 -1.08 11.89
C ASP U 435 -12.69 -1.38 10.84
N GLN U 436 -12.65 -0.66 9.71
CA GLN U 436 -13.59 -0.96 8.62
C GLN U 436 -13.26 -2.28 7.96
N LYS U 437 -11.99 -2.69 7.97
CA LYS U 437 -11.63 -3.99 7.39
C LYS U 437 -12.15 -5.13 8.24
N THR U 438 -12.00 -5.02 9.58
CA THR U 438 -12.49 -6.07 10.45
C THR U 438 -14.00 -6.21 10.38
N GLY U 439 -14.72 -5.09 10.16
CA GLY U 439 -16.15 -5.17 9.97
C GLY U 439 -16.54 -5.96 8.73
N ILE U 440 -15.73 -5.89 7.68
CA ILE U 440 -15.98 -6.71 6.50
C ILE U 440 -15.74 -8.18 6.81
N GLU U 441 -14.71 -8.48 7.60
CA GLU U 441 -14.44 -9.87 7.97
C GLU U 441 -15.52 -10.41 8.89
N ILE U 442 -16.20 -9.55 9.65
CA ILE U 442 -17.34 -9.99 10.45
C ILE U 442 -18.44 -10.52 9.56
N ILE U 443 -18.72 -9.82 8.45
CA ILE U 443 -19.72 -10.29 7.51
C ILE U 443 -19.25 -11.58 6.84
N ARG U 444 -17.96 -11.66 6.50
CA ARG U 444 -17.44 -12.86 5.85
C ARG U 444 -17.65 -14.10 6.72
N ARG U 445 -17.32 -14.00 8.00
CA ARG U 445 -17.51 -15.13 8.90
C ARG U 445 -18.97 -15.34 9.28
N ALA U 446 -19.81 -14.31 9.14
CA ALA U 446 -21.23 -14.47 9.46
C ALA U 446 -21.99 -15.14 8.32
N LEU U 447 -21.50 -15.04 7.08
CA LEU U 447 -22.22 -15.60 5.94
C LEU U 447 -22.29 -17.12 5.98
N GLU U 448 -21.39 -17.77 6.71
CA GLU U 448 -21.40 -19.23 6.82
C GLU U 448 -22.17 -19.73 8.04
N GLU U 449 -22.75 -18.84 8.84
CA GLU U 449 -23.49 -19.27 10.02
C GLU U 449 -24.76 -20.04 9.66
N PRO U 450 -25.61 -19.58 8.74
CA PRO U 450 -26.82 -20.37 8.43
C PRO U 450 -26.52 -21.78 7.95
N LEU U 451 -25.51 -21.95 7.10
CA LEU U 451 -25.14 -23.29 6.67
C LEU U 451 -24.58 -24.10 7.84
N ARG U 452 -23.73 -23.48 8.66
CA ARG U 452 -23.16 -24.17 9.81
C ARG U 452 -24.24 -24.58 10.80
N GLN U 453 -25.32 -23.80 10.90
CA GLN U 453 -26.39 -24.13 11.83
C GLN U 453 -27.27 -25.25 11.29
N ILE U 454 -27.51 -25.28 9.98
CA ILE U 454 -28.31 -26.35 9.38
C ILE U 454 -27.61 -27.70 9.58
N VAL U 455 -26.29 -27.73 9.32
CA VAL U 455 -25.54 -28.96 9.55
C VAL U 455 -25.53 -29.31 11.03
N ALA U 456 -25.49 -28.30 11.91
CA ALA U 456 -25.49 -28.56 13.34
C ALA U 456 -26.80 -29.21 13.79
N ASN U 457 -27.93 -28.79 13.19
CA ASN U 457 -29.21 -29.36 13.55
C ASN U 457 -29.34 -30.82 13.14
N THR U 458 -28.50 -31.29 12.21
CA THR U 458 -28.50 -32.70 11.86
C THR U 458 -27.96 -33.59 12.97
N GLY U 459 -27.34 -33.00 14.00
CA GLY U 459 -26.82 -33.75 15.12
C GLY U 459 -25.39 -34.22 15.00
N THR U 460 -24.79 -34.11 13.81
CA THR U 460 -23.44 -34.61 13.61
C THR U 460 -22.41 -33.66 14.23
N THR U 461 -21.31 -34.25 14.67
CA THR U 461 -20.16 -33.49 15.18
C THR U 461 -19.12 -33.23 14.11
N ASP U 462 -19.34 -33.72 12.89
CA ASP U 462 -18.43 -33.55 11.77
C ASP U 462 -18.73 -32.30 10.94
N GLY U 463 -19.67 -31.47 11.38
CA GLY U 463 -20.10 -30.32 10.59
C GLY U 463 -19.00 -29.35 10.24
N ALA U 464 -17.84 -29.44 10.92
CA ALA U 464 -16.72 -28.58 10.57
C ALA U 464 -16.20 -28.89 9.16
N VAL U 465 -16.09 -30.18 8.82
CA VAL U 465 -15.62 -30.55 7.50
C VAL U 465 -16.71 -30.45 6.44
N VAL U 466 -17.98 -30.41 6.85
CA VAL U 466 -19.06 -30.26 5.88
C VAL U 466 -19.07 -28.84 5.32
N LEU U 467 -18.81 -27.85 6.17
CA LEU U 467 -18.72 -26.47 5.68
C LEU U 467 -17.50 -26.27 4.80
N GLU U 468 -16.36 -26.83 5.20
CA GLU U 468 -15.13 -26.66 4.42
C GLU U 468 -15.25 -27.32 3.05
N LYS U 469 -15.94 -28.45 2.96
CA LYS U 469 -16.10 -29.13 1.67
C LYS U 469 -17.02 -28.35 0.74
N VAL U 470 -18.00 -27.64 1.29
CA VAL U 470 -18.89 -26.83 0.46
C VAL U 470 -18.21 -25.54 0.04
N LYS U 471 -17.42 -24.93 0.94
CA LYS U 471 -16.74 -23.69 0.62
C LYS U 471 -15.71 -23.89 -0.49
N ASN U 472 -15.03 -25.03 -0.49
CA ASN U 472 -14.04 -25.33 -1.51
C ASN U 472 -14.67 -25.73 -2.84
N ALA U 473 -15.97 -26.03 -2.86
CA ALA U 473 -16.66 -26.36 -4.10
C ALA U 473 -16.97 -25.07 -4.86
N GLU U 474 -17.60 -25.23 -6.03
CA GLU U 474 -17.90 -24.11 -6.91
C GLU U 474 -19.37 -24.13 -7.29
N GLY U 475 -19.90 -22.94 -7.55
CA GLY U 475 -21.24 -22.83 -8.12
C GLY U 475 -22.31 -23.28 -7.14
N ASP U 476 -23.18 -24.17 -7.61
CA ASP U 476 -24.36 -24.60 -6.87
C ASP U 476 -24.12 -25.88 -6.07
N TYR U 477 -22.89 -26.39 -6.04
CA TYR U 477 -22.59 -27.59 -5.27
C TYR U 477 -22.71 -27.29 -3.78
N GLY U 478 -23.53 -28.07 -3.08
CA GLY U 478 -23.74 -27.84 -1.67
C GLY U 478 -24.24 -29.09 -0.97
N PHE U 479 -24.40 -28.97 0.35
CA PHE U 479 -24.83 -30.07 1.19
C PHE U 479 -26.32 -29.95 1.47
N ASN U 480 -27.04 -31.05 1.26
CA ASN U 480 -28.48 -31.11 1.49
C ASN U 480 -28.73 -31.89 2.78
N ALA U 481 -29.19 -31.19 3.82
CA ALA U 481 -29.41 -31.81 5.12
C ALA U 481 -30.60 -32.77 5.12
N ARG U 482 -31.44 -32.73 4.10
CA ARG U 482 -32.58 -33.65 4.05
C ARG U 482 -32.10 -35.08 3.82
N THR U 483 -31.28 -35.29 2.80
CA THR U 483 -30.71 -36.60 2.48
C THR U 483 -29.33 -36.82 3.08
N GLU U 484 -28.76 -35.80 3.72
CA GLU U 484 -27.42 -35.87 4.32
C GLU U 484 -26.38 -36.32 3.30
N GLN U 485 -26.46 -35.76 2.10
CA GLN U 485 -25.53 -36.09 1.02
C GLN U 485 -25.25 -34.85 0.19
N TYR U 486 -24.08 -34.84 -0.46
CA TYR U 486 -23.70 -33.76 -1.35
C TYR U 486 -24.32 -33.97 -2.73
N GLU U 487 -24.79 -32.89 -3.32
CA GLU U 487 -25.42 -32.93 -4.63
C GLU U 487 -25.52 -31.50 -5.16
N ASN U 488 -26.17 -31.36 -6.31
CA ASN U 488 -26.46 -30.05 -6.89
C ASN U 488 -27.84 -29.63 -6.42
N LEU U 489 -27.89 -28.57 -5.60
CA LEU U 489 -29.15 -28.17 -4.98
C LEU U 489 -30.14 -27.61 -6.01
N ILE U 490 -29.63 -27.05 -7.12
CA ILE U 490 -30.53 -26.59 -8.17
C ILE U 490 -31.28 -27.76 -8.80
N GLU U 491 -30.58 -28.87 -9.03
CA GLU U 491 -31.22 -30.05 -9.60
C GLU U 491 -32.05 -30.81 -8.55
N ALA U 492 -31.58 -30.82 -7.29
CA ALA U 492 -32.30 -31.53 -6.24
C ALA U 492 -33.57 -30.81 -5.80
N GLY U 493 -33.75 -29.55 -6.20
CA GLY U 493 -34.94 -28.81 -5.82
C GLY U 493 -34.82 -27.99 -4.56
N VAL U 494 -33.59 -27.72 -4.10
CA VAL U 494 -33.37 -26.91 -2.90
C VAL U 494 -32.95 -25.52 -3.38
N VAL U 495 -33.85 -24.55 -3.23
CA VAL U 495 -33.63 -23.19 -3.69
C VAL U 495 -34.36 -22.23 -2.77
N ASP U 496 -33.81 -21.02 -2.65
CA ASP U 496 -34.45 -19.95 -1.90
C ASP U 496 -34.60 -18.74 -2.80
N PRO U 497 -35.70 -18.00 -2.69
CA PRO U 497 -35.84 -16.76 -3.46
C PRO U 497 -34.74 -15.77 -3.10
N THR U 498 -34.21 -15.10 -4.14
CA THR U 498 -33.16 -14.10 -3.90
C THR U 498 -33.65 -13.01 -2.96
N LYS U 499 -34.95 -12.67 -3.02
CA LYS U 499 -35.50 -11.68 -2.11
C LYS U 499 -35.48 -12.17 -0.67
N VAL U 500 -35.59 -13.47 -0.45
CA VAL U 500 -35.54 -14.01 0.91
C VAL U 500 -34.15 -13.87 1.49
N THR U 501 -33.13 -14.30 0.73
CA THR U 501 -31.76 -14.30 1.24
C THR U 501 -31.23 -12.89 1.45
N ARG U 502 -31.46 -11.99 0.48
CA ARG U 502 -30.91 -10.64 0.59
C ARG U 502 -31.60 -9.85 1.69
N SER U 503 -32.88 -10.11 1.95
CA SER U 503 -33.57 -9.41 3.03
C SER U 503 -33.11 -9.90 4.39
N ALA U 504 -32.80 -11.20 4.51
CA ALA U 504 -32.31 -11.73 5.78
C ALA U 504 -30.96 -11.12 6.14
N LEU U 505 -30.12 -10.87 5.14
CA LEU U 505 -28.81 -10.28 5.41
C LEU U 505 -28.91 -8.78 5.70
N GLU U 506 -29.73 -8.06 4.94
CA GLU U 506 -29.86 -6.62 5.14
C GLU U 506 -30.53 -6.30 6.47
N ASN U 507 -31.51 -7.12 6.87
CA ASN U 507 -32.17 -6.90 8.16
C ASN U 507 -31.25 -7.24 9.31
N ALA U 508 -30.53 -8.35 9.22
CA ALA U 508 -29.63 -8.75 10.30
C ALA U 508 -28.50 -7.74 10.46
N ALA U 509 -27.97 -7.22 9.36
CA ALA U 509 -26.91 -6.23 9.44
C ALA U 509 -27.42 -4.89 9.96
N SER U 510 -28.71 -4.60 9.74
CA SER U 510 -29.27 -3.34 10.23
C SER U 510 -29.49 -3.39 11.74
N VAL U 511 -30.12 -4.46 12.23
CA VAL U 511 -30.40 -4.54 13.66
C VAL U 511 -29.12 -4.72 14.46
N ALA U 512 -28.11 -5.37 13.88
CA ALA U 512 -26.84 -5.51 14.57
C ALA U 512 -26.04 -4.22 14.57
N SER U 513 -26.16 -3.41 13.51
CA SER U 513 -25.46 -2.13 13.48
C SER U 513 -26.04 -1.15 14.48
N ILE U 514 -27.36 -1.18 14.69
CA ILE U 514 -27.98 -0.29 15.67
C ILE U 514 -27.50 -0.63 17.08
N LEU U 515 -27.46 -1.92 17.42
CA LEU U 515 -27.05 -2.32 18.76
C LEU U 515 -25.56 -2.05 18.98
N LEU U 516 -24.73 -2.20 17.94
CA LEU U 516 -23.32 -1.90 18.08
C LEU U 516 -23.08 -0.41 18.31
N THR U 517 -23.93 0.44 17.75
CA THR U 517 -23.82 1.88 17.91
C THR U 517 -24.68 2.42 19.06
N THR U 518 -25.32 1.55 19.83
CA THR U 518 -26.16 1.99 20.95
C THR U 518 -25.30 2.25 22.18
N GLU U 519 -25.30 3.50 22.65
CA GLU U 519 -24.55 3.88 23.84
C GLU U 519 -25.38 3.95 25.11
N ALA U 520 -26.69 3.76 25.03
CA ALA U 520 -27.53 3.93 26.21
C ALA U 520 -28.77 3.06 26.10
N ALA U 521 -29.26 2.60 27.25
CA ALA U 521 -30.47 1.78 27.33
C ALA U 521 -31.36 2.35 28.42
N ILE U 522 -32.55 2.81 28.03
CA ILE U 522 -33.53 3.41 28.94
C ILE U 522 -34.68 2.44 29.11
N THR U 523 -35.08 2.19 30.36
CA THR U 523 -36.20 1.30 30.63
C THR U 523 -36.83 1.68 31.96
N ASP U 524 -38.10 1.31 32.13
CA ASP U 524 -38.84 1.63 33.34
C ASP U 524 -38.29 0.85 34.53
N VAL U 525 -38.60 1.37 35.72
CA VAL U 525 -38.23 0.74 36.98
C VAL U 525 -39.37 -0.19 37.40
N LYS U 526 -39.02 -1.36 37.93
CA LYS U 526 -40.02 -2.32 38.40
C LYS U 526 -40.76 -1.80 39.62
N THR V 2 4.03 0.84 70.94
CA THR V 2 2.77 0.24 70.55
C THR V 2 1.82 1.30 69.98
N ALA V 3 0.86 0.86 69.17
CA ALA V 3 -0.12 1.77 68.61
C ALA V 3 -1.00 2.36 69.72
N LYS V 4 -1.55 3.54 69.45
CA LYS V 4 -2.26 4.31 70.46
C LYS V 4 -3.69 4.62 70.02
N ASP V 5 -4.54 4.88 71.01
CA ASP V 5 -5.88 5.40 70.79
C ASP V 5 -5.97 6.74 71.52
N ILE V 6 -6.36 7.78 70.78
CA ILE V 6 -6.39 9.14 71.30
C ILE V 6 -7.84 9.62 71.35
N LEU V 7 -8.28 10.08 72.51
CA LEU V 7 -9.57 10.72 72.68
C LEU V 7 -9.37 12.20 72.94
N PHE V 8 -10.25 13.03 72.38
CA PHE V 8 -10.09 14.47 72.43
C PHE V 8 -11.26 15.14 73.14
N ASP V 9 -11.01 16.35 73.63
CA ASP V 9 -11.99 17.28 74.19
C ASP V 9 -13.00 16.61 75.12
N ALA V 10 -14.29 16.92 74.91
CA ALA V 10 -15.33 16.44 75.82
C ALA V 10 -15.42 14.92 75.84
N GLU V 11 -15.15 14.27 74.71
CA GLU V 11 -15.21 12.81 74.68
C GLU V 11 -14.17 12.20 75.60
N ALA V 12 -13.01 12.83 75.71
CA ALA V 12 -11.97 12.34 76.62
C ALA V 12 -12.29 12.70 78.07
N ARG V 13 -12.81 13.90 78.31
CA ARG V 13 -13.11 14.31 79.68
C ARG V 13 -14.30 13.54 80.25
N THR V 14 -15.27 13.18 79.41
CA THR V 14 -16.39 12.38 79.90
C THR V 14 -15.92 10.99 80.29
N LYS V 15 -15.00 10.41 79.52
CA LYS V 15 -14.47 9.09 79.86
C LYS V 15 -13.65 9.14 81.14
N LEU V 16 -12.84 10.19 81.31
CA LEU V 16 -12.06 10.34 82.53
C LEU V 16 -12.97 10.49 83.75
N LYS V 17 -14.11 11.15 83.59
CA LYS V 17 -15.02 11.36 84.72
C LYS V 17 -15.59 10.02 85.20
N VAL V 18 -15.85 9.10 84.27
CA VAL V 18 -16.38 7.79 84.66
C VAL V 18 -15.40 7.08 85.57
N GLY V 19 -14.10 7.19 85.30
CA GLY V 19 -13.11 6.61 86.18
C GLY V 19 -13.01 7.34 87.51
N VAL V 20 -13.11 8.67 87.48
CA VAL V 20 -13.07 9.45 88.71
C VAL V 20 -14.27 9.13 89.58
N ASP V 21 -15.45 8.95 88.96
CA ASP V 21 -16.64 8.63 89.72
C ASP V 21 -16.56 7.25 90.34
N LYS V 22 -16.03 6.26 89.60
CA LYS V 22 -15.92 4.91 90.13
C LYS V 22 -14.99 4.87 91.35
N LEU V 23 -13.91 5.63 91.31
CA LEU V 23 -13.02 5.70 92.46
C LEU V 23 -13.67 6.42 93.63
N ALA V 24 -14.29 7.58 93.37
CA ALA V 24 -14.85 8.40 94.43
C ALA V 24 -16.05 7.69 95.08
N ASN V 25 -16.97 7.16 94.26
CA ASN V 25 -18.16 6.53 94.81
C ASN V 25 -17.82 5.31 95.66
N ALA V 26 -16.70 4.65 95.37
CA ALA V 26 -16.31 3.48 96.15
C ALA V 26 -15.74 3.87 97.50
N VAL V 27 -14.85 4.87 97.53
CA VAL V 27 -14.17 5.22 98.77
C VAL V 27 -15.02 6.11 99.67
N LYS V 28 -15.94 6.90 99.10
CA LYS V 28 -16.64 7.90 99.89
C LYS V 28 -17.61 7.29 100.90
N VAL V 29 -17.97 6.01 100.74
CA VAL V 29 -18.85 5.35 101.71
C VAL V 29 -18.15 5.09 103.03
N THR V 30 -16.83 5.25 103.09
CA THR V 30 -16.07 5.08 104.32
C THR V 30 -15.82 6.40 105.05
N LEU V 31 -16.25 7.52 104.48
CA LEU V 31 -15.95 8.81 105.08
C LEU V 31 -16.73 9.02 106.36
N GLY V 32 -16.07 9.59 107.36
CA GLY V 32 -16.72 9.91 108.62
C GLY V 32 -16.78 8.72 109.55
N PRO V 33 -17.19 8.97 110.81
CA PRO V 33 -17.31 7.86 111.76
C PRO V 33 -18.43 6.89 111.42
N ALA V 34 -19.40 7.31 110.62
CA ALA V 34 -20.49 6.45 110.18
C ALA V 34 -20.18 5.70 108.90
N GLY V 35 -18.94 5.81 108.40
CA GLY V 35 -18.53 5.16 107.18
C GLY V 35 -18.86 3.68 107.14
N ARG V 36 -19.49 3.25 106.04
CA ARG V 36 -19.99 1.89 105.93
C ARG V 36 -18.90 0.96 105.41
N ASN V 37 -19.26 -0.31 105.27
CA ASN V 37 -18.29 -1.37 105.02
C ASN V 37 -18.17 -1.69 103.53
N VAL V 38 -16.95 -2.05 103.13
CA VAL V 38 -16.65 -2.43 101.75
C VAL V 38 -15.99 -3.81 101.77
N LEU V 39 -16.48 -4.72 100.94
CA LEU V 39 -15.93 -6.06 100.82
C LEU V 39 -14.97 -6.12 99.64
N ILE V 40 -13.83 -6.77 99.84
CA ILE V 40 -12.79 -6.89 98.83
C ILE V 40 -12.47 -8.37 98.66
N ASP V 41 -12.58 -8.86 97.41
CA ASP V 41 -12.34 -10.27 97.14
C ASP V 41 -10.89 -10.63 97.39
N LYS V 42 -10.66 -11.64 98.21
CA LYS V 42 -9.32 -12.07 98.59
C LYS V 42 -8.78 -13.20 97.71
N LYS V 43 -9.54 -13.59 96.67
CA LYS V 43 -9.16 -14.61 95.70
C LYS V 43 -9.20 -16.02 96.30
N PHE V 44 -9.23 -16.11 97.63
CA PHE V 44 -9.46 -17.38 98.30
C PHE V 44 -9.94 -17.11 99.72
N GLY V 45 -10.61 -18.10 100.30
CA GLY V 45 -11.07 -17.98 101.67
C GLY V 45 -12.11 -16.88 101.82
N ALA V 46 -12.05 -16.18 102.95
CA ALA V 46 -12.99 -15.11 103.25
C ALA V 46 -12.48 -13.78 102.70
N PRO V 47 -13.40 -12.92 102.23
CA PRO V 47 -12.97 -11.62 101.70
C PRO V 47 -12.55 -10.66 102.81
N THR V 48 -11.84 -9.61 102.40
CA THR V 48 -11.43 -8.57 103.33
C THR V 48 -12.57 -7.57 103.51
N SER V 49 -12.96 -7.35 104.77
CA SER V 49 -13.98 -6.36 105.11
C SER V 49 -13.27 -5.17 105.75
N THR V 50 -13.40 -4.00 105.13
CA THR V 50 -12.68 -2.82 105.57
C THR V 50 -13.56 -1.58 105.50
N LYS V 51 -13.49 -0.76 106.54
CA LYS V 51 -14.06 0.58 106.54
C LYS V 51 -13.02 1.66 106.24
N ASP V 52 -11.77 1.27 105.99
CA ASP V 52 -10.70 2.23 105.76
C ASP V 52 -10.73 2.71 104.31
N GLY V 53 -10.80 4.03 104.12
CA GLY V 53 -10.83 4.58 102.77
C GLY V 53 -9.54 4.39 102.02
N VAL V 54 -8.41 4.32 102.72
CA VAL V 54 -7.13 4.12 102.06
C VAL V 54 -7.06 2.71 101.48
N THR V 55 -7.50 1.71 102.24
CA THR V 55 -7.46 0.33 101.76
C THR V 55 -8.31 0.16 100.50
N VAL V 56 -9.48 0.81 100.46
CA VAL V 56 -10.32 0.73 99.27
C VAL V 56 -9.65 1.44 98.09
N ALA V 57 -9.06 2.61 98.33
CA ALA V 57 -8.48 3.38 97.24
C ALA V 57 -7.36 2.62 96.54
N LYS V 58 -6.55 1.88 97.30
CA LYS V 58 -5.47 1.11 96.68
C LYS V 58 -6.01 -0.04 95.85
N GLU V 59 -7.27 -0.42 96.04
CA GLU V 59 -7.84 -1.57 95.34
C GLU V 59 -8.51 -1.22 94.03
N ILE V 60 -8.75 0.05 93.74
CA ILE V 60 -9.54 0.43 92.56
C ILE V 60 -8.65 0.39 91.32
N GLU V 61 -9.08 -0.41 90.34
CA GLU V 61 -8.42 -0.49 89.05
C GLU V 61 -9.47 -0.86 88.02
N LEU V 62 -9.37 -0.28 86.82
CA LEU V 62 -10.42 -0.38 85.82
C LEU V 62 -9.89 -1.01 84.53
N VAL V 63 -10.79 -1.64 83.79
CA VAL V 63 -10.41 -2.25 82.51
C VAL V 63 -10.26 -1.20 81.42
N ASP V 64 -11.15 -0.23 81.38
CA ASP V 64 -11.09 0.80 80.35
C ASP V 64 -9.85 1.66 80.59
N PRO V 65 -8.97 1.81 79.60
CA PRO V 65 -7.71 2.54 79.86
C PRO V 65 -7.92 4.00 80.21
N VAL V 66 -8.82 4.69 79.51
CA VAL V 66 -9.04 6.11 79.81
C VAL V 66 -9.75 6.27 81.15
N GLU V 67 -10.68 5.37 81.47
CA GLU V 67 -11.35 5.43 82.76
C GLU V 67 -10.37 5.20 83.90
N ASN V 68 -9.59 4.11 83.82
CA ASN V 68 -8.55 3.88 84.82
C ASN V 68 -7.54 5.01 84.86
N MET V 69 -7.33 5.67 83.72
CA MET V 69 -6.39 6.78 83.65
C MET V 69 -6.80 7.90 84.59
N GLY V 70 -8.06 8.34 84.50
CA GLY V 70 -8.57 9.35 85.42
C GLY V 70 -8.71 8.85 86.84
N ALA V 71 -8.88 7.55 87.03
CA ALA V 71 -8.98 7.02 88.39
C ALA V 71 -7.63 7.11 89.10
N GLN V 72 -6.55 6.73 88.42
CA GLN V 72 -5.23 6.81 89.04
C GLN V 72 -4.78 8.26 89.22
N MET V 73 -5.28 9.18 88.40
CA MET V 73 -5.01 10.60 88.59
C MET V 73 -5.44 11.05 89.98
N VAL V 74 -6.75 11.01 90.25
CA VAL V 74 -7.27 11.45 91.54
C VAL V 74 -6.65 10.65 92.68
N ARG V 75 -6.47 9.34 92.46
CA ARG V 75 -5.96 8.48 93.52
C ARG V 75 -4.53 8.82 93.88
N GLU V 76 -3.69 9.11 92.88
CA GLU V 76 -2.29 9.41 93.16
C GLU V 76 -2.14 10.79 93.80
N VAL V 77 -2.96 11.75 93.39
CA VAL V 77 -2.87 13.10 93.94
C VAL V 77 -3.47 13.15 95.34
N ALA V 78 -4.61 12.49 95.56
CA ALA V 78 -5.22 12.46 96.88
C ALA V 78 -4.37 11.70 97.89
N SER V 79 -3.53 10.77 97.43
CA SER V 79 -2.66 10.04 98.35
C SER V 79 -1.62 10.96 98.98
N LYS V 80 -1.28 12.06 98.29
CA LYS V 80 -0.33 13.02 98.84
C LYS V 80 -0.89 13.74 100.06
N THR V 81 -2.20 13.71 100.26
CA THR V 81 -2.78 14.31 101.46
C THR V 81 -2.41 13.53 102.70
N SER V 82 -2.51 12.20 102.65
CA SER V 82 -2.25 11.36 103.81
C SER V 82 -0.78 11.03 103.99
N ASP V 83 0.08 11.31 103.00
CA ASP V 83 1.51 11.07 103.17
C ASP V 83 2.12 12.09 104.14
N VAL V 84 1.94 13.38 103.85
CA VAL V 84 2.52 14.42 104.71
C VAL V 84 1.65 14.67 105.94
N ALA V 85 0.33 14.73 105.76
CA ALA V 85 -0.57 15.10 106.85
C ALA V 85 -1.10 13.90 107.63
N GLY V 86 -0.88 12.68 107.15
CA GLY V 86 -1.28 11.49 107.90
C GLY V 86 -2.75 11.19 107.90
N ASP V 87 -3.56 11.88 107.09
CA ASP V 87 -5.00 11.71 107.08
C ASP V 87 -5.57 12.61 105.99
N GLY V 88 -6.83 12.35 105.62
CA GLY V 88 -7.56 13.23 104.72
C GLY V 88 -7.50 12.85 103.25
N THR V 89 -7.09 11.63 102.92
CA THR V 89 -7.00 11.25 101.51
C THR V 89 -8.37 10.98 100.90
N THR V 90 -9.34 10.52 101.70
CA THR V 90 -10.69 10.31 101.18
C THR V 90 -11.41 11.63 100.98
N THR V 91 -11.17 12.61 101.85
CA THR V 91 -11.78 13.92 101.69
C THR V 91 -11.35 14.58 100.39
N ALA V 92 -10.06 14.48 100.06
CA ALA V 92 -9.56 15.07 98.82
C ALA V 92 -10.22 14.44 97.60
N THR V 93 -10.49 13.13 97.67
CA THR V 93 -11.15 12.46 96.55
C THR V 93 -12.58 12.95 96.38
N VAL V 94 -13.32 13.08 97.48
CA VAL V 94 -14.69 13.60 97.40
C VAL V 94 -14.70 15.00 96.84
N LEU V 95 -13.78 15.86 97.31
CA LEU V 95 -13.68 17.21 96.77
C LEU V 95 -13.30 17.19 95.29
N ALA V 96 -12.36 16.33 94.91
CA ALA V 96 -11.92 16.27 93.52
C ALA V 96 -13.05 15.84 92.59
N GLN V 97 -13.94 14.97 93.06
CA GLN V 97 -15.07 14.55 92.23
C GLN V 97 -16.04 15.70 92.02
N ALA V 98 -16.39 16.40 93.11
CA ALA V 98 -17.36 17.49 93.01
C ALA V 98 -16.85 18.62 92.13
N ILE V 99 -15.59 19.02 92.34
CA ILE V 99 -15.03 20.11 91.54
C ILE V 99 -15.01 19.73 90.07
N TYR V 100 -14.57 18.50 89.76
CA TYR V 100 -14.48 18.09 88.37
C TYR V 100 -15.87 17.87 87.75
N ARG V 101 -16.84 17.44 88.56
CA ARG V 101 -18.20 17.27 88.03
C ARG V 101 -18.79 18.61 87.64
N GLU V 102 -18.80 19.58 88.56
CA GLU V 102 -19.33 20.90 88.26
C GLU V 102 -18.48 21.65 87.24
N GLY V 103 -17.21 21.27 87.08
CA GLY V 103 -16.39 21.90 86.06
C GLY V 103 -16.80 21.49 84.66
N LEU V 104 -17.07 20.21 84.45
CA LEU V 104 -17.47 19.73 83.12
C LEU V 104 -18.83 20.28 82.72
N LYS V 105 -19.75 20.43 83.67
CA LYS V 105 -21.06 20.98 83.35
C LYS V 105 -20.95 22.39 82.79
N ASN V 106 -20.04 23.20 83.35
CA ASN V 106 -19.85 24.55 82.86
C ASN V 106 -18.99 24.59 81.60
N VAL V 107 -18.00 23.70 81.48
CA VAL V 107 -17.24 23.61 80.25
C VAL V 107 -18.15 23.25 79.08
N THR V 108 -19.03 22.26 79.29
CA THR V 108 -20.00 21.90 78.26
C THR V 108 -20.96 23.06 78.00
N ALA V 109 -21.24 23.88 79.02
CA ALA V 109 -22.07 25.06 78.83
C ALA V 109 -21.36 26.17 78.07
N GLY V 110 -20.08 26.02 77.76
CA GLY V 110 -19.34 26.99 76.98
C GLY V 110 -18.35 27.82 77.75
N ALA V 111 -18.17 27.57 79.05
CA ALA V 111 -17.19 28.33 79.82
C ALA V 111 -15.77 27.93 79.42
N ARG V 112 -14.87 28.90 79.42
CA ARG V 112 -13.48 28.64 79.07
C ARG V 112 -12.80 27.86 80.21
N PRO V 113 -12.21 26.70 79.92
CA PRO V 113 -11.64 25.89 81.01
C PRO V 113 -10.53 26.58 81.78
N ILE V 114 -9.71 27.38 81.10
CA ILE V 114 -8.59 28.03 81.80
C ILE V 114 -9.10 29.09 82.76
N ASP V 115 -10.23 29.72 82.45
CA ASP V 115 -10.81 30.68 83.39
C ASP V 115 -11.40 29.99 84.61
N LEU V 116 -11.98 28.80 84.42
CA LEU V 116 -12.44 28.02 85.57
C LEU V 116 -11.28 27.66 86.48
N LYS V 117 -10.15 27.27 85.91
CA LYS V 117 -8.98 26.96 86.72
C LYS V 117 -8.47 28.20 87.45
N ARG V 118 -8.52 29.36 86.80
CA ARG V 118 -8.11 30.60 87.45
C ARG V 118 -9.03 30.93 88.62
N GLY V 119 -10.35 30.82 88.41
CA GLY V 119 -11.27 31.06 89.50
C GLY V 119 -11.15 30.04 90.61
N ILE V 120 -10.87 28.79 90.26
CA ILE V 120 -10.71 27.74 91.27
C ILE V 120 -9.47 28.01 92.12
N ASP V 121 -8.35 28.32 91.47
CA ASP V 121 -7.11 28.56 92.20
C ASP V 121 -7.22 29.79 93.11
N ARG V 122 -7.88 30.85 92.62
CA ARG V 122 -8.09 32.02 93.45
C ARG V 122 -8.98 31.71 94.64
N ALA V 123 -10.04 30.94 94.41
CA ALA V 123 -10.97 30.61 95.50
C ALA V 123 -10.31 29.72 96.54
N VAL V 124 -9.37 28.86 96.14
CA VAL V 124 -8.73 27.96 97.10
C VAL V 124 -7.82 28.72 98.04
N LYS V 125 -7.05 29.68 97.51
CA LYS V 125 -6.13 30.43 98.36
C LYS V 125 -6.86 31.17 99.47
N GLU V 126 -8.00 31.78 99.14
CA GLU V 126 -8.76 32.51 100.16
C GLU V 126 -9.39 31.57 101.18
N VAL V 127 -9.77 30.36 100.74
CA VAL V 127 -10.31 29.38 101.69
C VAL V 127 -9.21 28.85 102.60
N VAL V 128 -8.02 28.60 102.04
CA VAL V 128 -6.90 28.18 102.87
C VAL V 128 -6.51 29.29 103.83
N ALA V 129 -6.57 30.54 103.37
CA ALA V 129 -6.23 31.67 104.24
C ALA V 129 -7.22 31.79 105.39
N GLU V 130 -8.51 31.59 105.13
CA GLU V 130 -9.50 31.67 106.20
C GLU V 130 -9.37 30.50 107.17
N LEU V 131 -8.95 29.33 106.68
CA LEU V 131 -8.70 28.21 107.59
C LEU V 131 -7.61 28.55 108.59
N ARG V 132 -6.64 29.37 108.20
CA ARG V 132 -5.59 29.78 109.13
C ARG V 132 -6.14 30.67 110.24
N ASN V 133 -7.22 31.42 109.96
CA ASN V 133 -7.82 32.27 110.98
C ASN V 133 -8.63 31.46 111.98
N ILE V 134 -9.47 30.54 111.49
CA ILE V 134 -10.30 29.72 112.36
C ILE V 134 -9.49 28.64 113.09
N SER V 135 -8.22 28.48 112.73
CA SER V 135 -7.41 27.41 113.32
C SER V 135 -7.05 27.78 114.76
N ARG V 136 -6.36 26.85 115.43
CA ARG V 136 -5.90 27.04 116.79
C ARG V 136 -4.51 26.46 116.92
N SER V 137 -3.56 27.26 117.43
CA SER V 137 -2.20 26.81 117.59
C SER V 137 -2.09 25.84 118.77
N ILE V 138 -1.21 24.86 118.62
CA ILE V 138 -0.93 23.88 119.66
C ILE V 138 0.54 24.00 120.04
N SER V 139 0.80 24.37 121.29
CA SER V 139 2.15 24.54 121.80
C SER V 139 2.17 24.23 123.28
N GLY V 140 3.25 23.62 123.75
CA GLY V 140 3.40 23.28 125.14
C GLY V 140 2.82 21.92 125.49
N LYS V 141 3.33 21.35 126.58
CA LYS V 141 2.90 20.02 127.01
C LYS V 141 1.43 19.96 127.37
N LYS V 142 0.80 21.10 127.69
CA LYS V 142 -0.58 21.09 128.15
C LYS V 142 -1.53 20.65 127.04
N GLU V 143 -1.50 21.33 125.90
CA GLU V 143 -2.43 21.04 124.81
C GLU V 143 -1.84 20.09 123.77
N ILE V 144 -0.58 19.68 123.91
CA ILE V 144 -0.07 18.62 123.05
C ILE V 144 -0.56 17.26 123.53
N ALA V 145 -0.60 17.05 124.85
CA ALA V 145 -1.13 15.82 125.39
C ALA V 145 -2.62 15.68 125.10
N GLN V 146 -3.34 16.80 125.03
CA GLN V 146 -4.77 16.75 124.70
C GLN V 146 -4.97 16.28 123.25
N VAL V 147 -4.22 16.85 122.32
CA VAL V 147 -4.32 16.44 120.93
C VAL V 147 -3.86 14.99 120.77
N GLY V 148 -2.78 14.62 121.46
CA GLY V 148 -2.31 13.25 121.39
C GLY V 148 -3.31 12.26 121.97
N THR V 149 -4.00 12.65 123.04
CA THR V 149 -5.02 11.79 123.63
C THR V 149 -6.17 11.58 122.66
N ILE V 150 -6.63 12.65 122.01
CA ILE V 150 -7.72 12.53 121.05
C ILE V 150 -7.32 11.63 119.89
N SER V 151 -6.10 11.80 119.37
CA SER V 151 -5.61 10.95 118.29
C SER V 151 -5.34 9.52 118.74
N ALA V 152 -5.29 9.28 120.05
CA ALA V 152 -5.06 7.96 120.61
C ALA V 152 -6.34 7.18 120.87
N ASN V 153 -7.49 7.70 120.40
CA ASN V 153 -8.81 7.19 120.76
C ASN V 153 -9.07 7.36 122.26
N ASN V 154 -8.80 8.58 122.74
CA ASN V 154 -9.02 8.98 124.13
C ASN V 154 -8.23 8.10 125.09
N ASP V 155 -6.91 8.15 124.95
CA ASP V 155 -6.00 7.48 125.87
C ASP V 155 -5.11 8.54 126.53
N PRO V 156 -5.27 8.81 127.83
CA PRO V 156 -4.42 9.84 128.46
C PRO V 156 -2.95 9.45 128.54
N GLU V 157 -2.64 8.15 128.59
CA GLU V 157 -1.26 7.73 128.70
C GLU V 157 -0.49 7.94 127.41
N ILE V 158 -1.14 7.76 126.27
CA ILE V 158 -0.45 7.92 124.99
C ILE V 158 -0.16 9.40 124.72
N GLY V 159 -1.11 10.28 125.03
CA GLY V 159 -0.88 11.70 124.85
C GLY V 159 0.20 12.24 125.78
N GLU V 160 0.40 11.60 126.93
CA GLU V 160 1.45 12.03 127.85
C GLU V 160 2.83 11.73 127.29
N LEU V 161 2.99 10.58 126.63
CA LEU V 161 4.28 10.23 126.05
C LEU V 161 4.61 11.14 124.87
N ILE V 162 3.62 11.47 124.06
CA ILE V 162 3.86 12.38 122.93
C ILE V 162 4.24 13.76 123.43
N ALA V 163 3.63 14.20 124.52
CA ALA V 163 3.97 15.51 125.08
C ALA V 163 5.40 15.53 125.63
N GLU V 164 5.79 14.47 126.33
CA GLU V 164 7.15 14.40 126.86
C GLU V 164 8.18 14.21 125.76
N ALA V 165 7.83 13.46 124.71
CA ALA V 165 8.78 13.23 123.62
C ALA V 165 9.06 14.52 122.85
N MET V 166 8.02 15.26 122.50
CA MET V 166 8.21 16.51 121.76
C MET V 166 8.76 17.62 122.63
N ASP V 167 8.71 17.46 123.96
CA ASP V 167 9.29 18.47 124.85
C ASP V 167 10.80 18.33 124.95
N LYS V 168 11.32 17.10 124.91
CA LYS V 168 12.75 16.88 125.10
C LYS V 168 13.55 17.23 123.85
N VAL V 169 13.12 16.75 122.68
CA VAL V 169 13.83 16.99 121.44
C VAL V 169 13.28 18.17 120.66
N GLY V 170 12.27 18.85 121.18
CA GLY V 170 11.63 19.94 120.47
C GLY V 170 10.58 19.46 119.49
N LYS V 171 9.73 20.39 119.07
CA LYS V 171 8.64 20.03 118.17
C LYS V 171 9.15 19.61 116.79
N ASP V 172 10.34 20.08 116.41
CA ASP V 172 10.96 19.72 115.14
C ASP V 172 11.92 18.54 115.26
N GLY V 173 12.03 17.94 116.43
CA GLY V 173 12.99 16.88 116.65
C GLY V 173 12.58 15.57 115.99
N VAL V 174 13.28 14.52 116.39
CA VAL V 174 13.09 13.18 115.83
C VAL V 174 12.47 12.29 116.90
N ILE V 175 11.38 11.60 116.54
CA ILE V 175 10.70 10.68 117.43
C ILE V 175 10.59 9.33 116.72
N THR V 176 10.93 8.26 117.43
CA THR V 176 10.79 6.90 116.93
C THR V 176 10.04 6.06 117.94
N VAL V 177 9.24 5.12 117.45
CA VAL V 177 8.44 4.23 118.29
C VAL V 177 8.84 2.79 117.97
N GLU V 178 9.21 2.05 119.01
CA GLU V 178 9.65 0.67 118.88
C GLU V 178 8.93 -0.19 119.91
N GLU V 179 9.00 -1.50 119.70
CA GLU V 179 8.45 -2.45 120.66
C GLU V 179 9.34 -2.53 121.90
N ALA V 180 8.76 -3.02 122.99
CA ALA V 180 9.44 -3.09 124.27
C ALA V 180 9.69 -4.54 124.67
N LYS V 181 10.32 -4.72 125.83
CA LYS V 181 10.68 -6.04 126.34
C LYS V 181 9.63 -6.60 127.30
N GLY V 182 8.51 -5.91 127.49
CA GLY V 182 7.50 -6.39 128.41
C GLY V 182 6.51 -5.28 128.73
N MET V 183 5.86 -5.41 129.88
CA MET V 183 4.92 -4.40 130.32
C MET V 183 5.60 -3.07 130.63
N GLU V 184 6.92 -3.03 130.67
CA GLU V 184 7.64 -1.78 130.90
C GLU V 184 7.49 -0.84 129.71
N THR V 185 7.07 0.39 129.98
CA THR V 185 6.94 1.42 128.96
C THR V 185 7.71 2.64 129.44
N GLU V 186 8.77 3.00 128.71
CA GLU V 186 9.62 4.12 129.09
C GLU V 186 10.02 4.90 127.85
N LEU V 187 10.39 6.16 128.08
CA LEU V 187 10.88 7.06 127.04
C LEU V 187 12.35 7.36 127.34
N LYS V 188 13.24 6.83 126.50
CA LYS V 188 14.67 7.05 126.67
C LYS V 188 15.16 8.10 125.68
N VAL V 189 16.02 8.99 126.17
CA VAL V 189 16.58 10.06 125.35
C VAL V 189 18.00 9.66 124.99
N VAL V 190 18.22 9.35 123.71
CA VAL V 190 19.53 8.97 123.22
C VAL V 190 19.91 9.91 122.09
N GLU V 191 21.21 9.97 121.81
CA GLU V 191 21.70 10.84 120.75
C GLU V 191 21.37 10.23 119.39
N GLY V 192 21.72 10.97 118.35
CA GLY V 192 21.50 10.51 116.99
C GLY V 192 21.17 11.69 116.09
N MET V 193 20.78 11.37 114.86
CA MET V 193 20.34 12.38 113.91
C MET V 193 19.56 11.67 112.80
N GLN V 194 19.06 12.47 111.86
CA GLN V 194 18.28 11.95 110.75
C GLN V 194 18.53 12.81 109.51
N PHE V 195 18.61 12.16 108.36
CA PHE V 195 18.76 12.83 107.08
C PHE V 195 17.76 12.22 106.10
N ASP V 196 17.57 12.89 104.96
CA ASP V 196 16.58 12.47 103.97
C ASP V 196 17.30 11.74 102.85
N ARG V 197 17.18 10.41 102.84
CA ARG V 197 17.59 9.57 101.72
C ARG V 197 16.75 8.30 101.77
N GLY V 198 16.37 7.80 100.60
CA GLY V 198 15.49 6.66 100.50
C GLY V 198 16.20 5.38 100.04
N TYR V 199 15.41 4.31 100.02
CA TYR V 199 15.85 3.05 99.46
C TYR V 199 15.74 3.10 97.93
N LEU V 200 16.54 2.27 97.28
CA LEU V 200 16.61 2.24 95.83
C LEU V 200 15.59 1.31 95.19
N SER V 201 14.69 0.72 95.99
CA SER V 201 13.67 -0.21 95.50
C SER V 201 12.75 -0.61 96.65
N PRO V 202 11.44 -0.72 96.40
CA PRO V 202 10.52 -1.08 97.50
C PRO V 202 10.77 -2.45 98.09
N TYR V 203 11.46 -3.35 97.37
CA TYR V 203 11.73 -4.69 97.88
C TYR V 203 12.79 -4.70 98.97
N PHE V 204 13.52 -3.60 99.17
CA PHE V 204 14.54 -3.55 100.20
C PHE V 204 13.95 -3.44 101.61
N VAL V 205 12.66 -3.19 101.73
CA VAL V 205 12.04 -2.96 103.02
C VAL V 205 11.78 -4.29 103.71
N THR V 206 12.00 -4.33 105.03
CA THR V 206 11.75 -5.54 105.80
C THR V 206 10.27 -5.74 106.08
N ASN V 207 9.56 -4.67 106.43
CA ASN V 207 8.13 -4.73 106.69
C ASN V 207 7.37 -4.45 105.39
N SER V 208 6.61 -5.44 104.93
CA SER V 208 5.97 -5.34 103.62
C SER V 208 4.97 -4.19 103.57
N GLU V 209 3.95 -4.24 104.43
CA GLU V 209 2.89 -3.23 104.39
C GLU V 209 3.21 -1.99 105.21
N THR V 210 4.17 -2.07 106.13
CA THR V 210 4.52 -0.90 106.95
C THR V 210 5.51 0.02 106.25
N MET V 211 6.20 -0.46 105.22
CA MET V 211 7.19 0.32 104.49
C MET V 211 8.30 0.84 105.40
N GLU V 212 8.61 0.08 106.46
CA GLU V 212 9.67 0.43 107.41
C GLU V 212 10.69 -0.70 107.41
N ALA V 213 11.90 -0.40 106.92
CA ALA V 213 12.99 -1.36 106.93
C ALA V 213 13.76 -1.22 108.24
N GLU V 214 13.75 -2.28 109.05
CA GLU V 214 14.28 -2.23 110.41
C GLU V 214 15.62 -2.96 110.48
N LEU V 215 16.65 -2.26 110.96
CA LEU V 215 17.95 -2.85 111.23
C LEU V 215 18.36 -2.48 112.64
N ASP V 216 18.52 -3.49 113.50
CA ASP V 216 18.78 -3.28 114.92
C ASP V 216 20.22 -3.65 115.23
N GLU V 217 20.93 -2.73 115.91
CA GLU V 217 22.33 -2.91 116.30
C GLU V 217 23.19 -3.22 115.09
N ALA V 218 23.35 -2.20 114.24
CA ALA V 218 24.00 -2.33 112.95
C ALA V 218 25.32 -1.57 112.94
N LEU V 219 26.01 -1.65 111.80
CA LEU V 219 27.28 -0.99 111.58
C LEU V 219 27.18 -0.10 110.36
N ILE V 220 27.58 1.17 110.51
CA ILE V 220 27.48 2.17 109.45
C ILE V 220 28.82 2.26 108.73
N LEU V 221 28.77 2.44 107.42
CA LEU V 221 29.98 2.58 106.62
C LEU V 221 30.12 3.99 106.06
N ASP V 224 31.98 6.79 99.78
CA ASP V 224 32.17 8.17 99.35
C ASP V 224 32.04 8.29 97.83
N LYS V 225 32.12 7.15 97.15
CA LYS V 225 32.02 7.10 95.70
C LYS V 225 30.86 6.20 95.29
N LYS V 226 30.42 6.38 94.05
CA LYS V 226 29.29 5.63 93.52
C LYS V 226 29.77 4.29 92.99
N ILE V 227 29.24 3.20 93.54
CA ILE V 227 29.61 1.86 93.11
C ILE V 227 28.51 0.87 93.48
N MET V 230 31.30 -1.43 90.66
CA MET V 230 32.26 -2.50 90.90
C MET V 230 31.94 -3.24 92.20
N LYS V 231 31.68 -4.53 92.09
CA LYS V 231 31.36 -5.37 93.24
C LYS V 231 32.60 -5.99 93.88
N GLU V 232 33.80 -5.66 93.39
CA GLU V 232 35.02 -6.20 93.96
C GLU V 232 35.32 -5.65 95.35
N LEU V 233 34.54 -4.71 95.83
CA LEU V 233 34.71 -4.10 97.15
C LEU V 233 33.97 -4.87 98.24
N LEU V 234 33.37 -6.02 97.91
CA LEU V 234 32.69 -6.83 98.91
C LEU V 234 33.57 -7.21 100.09
N PRO V 235 34.89 -7.42 99.93
CA PRO V 235 35.71 -8.01 101.01
C PRO V 235 35.59 -7.32 102.37
N ILE V 236 35.21 -6.04 102.38
CA ILE V 236 35.01 -5.38 103.67
C ILE V 236 33.68 -5.80 104.29
N LEU V 237 32.67 -6.11 103.48
CA LEU V 237 31.38 -6.52 104.01
C LEU V 237 31.49 -7.85 104.75
N GLU V 238 32.34 -8.76 104.25
CA GLU V 238 32.53 -10.03 104.93
C GLU V 238 33.29 -9.86 106.24
N LYS V 239 34.21 -8.91 106.28
CA LYS V 239 34.99 -8.65 107.50
C LYS V 239 34.19 -7.79 108.48
N ARG V 245 25.69 -8.73 112.72
CA ARG V 245 25.00 -7.45 112.81
C ARG V 245 24.74 -6.87 111.42
N PRO V 246 23.63 -6.12 111.28
CA PRO V 246 23.34 -5.49 109.98
C PRO V 246 24.41 -4.47 109.60
N LEU V 247 24.45 -4.15 108.30
CA LEU V 247 25.44 -3.23 107.75
C LEU V 247 24.73 -2.15 106.95
N LEU V 248 24.97 -0.90 107.32
CA LEU V 248 24.42 0.25 106.60
C LEU V 248 25.55 0.88 105.80
N ILE V 249 25.45 0.79 104.48
CA ILE V 249 26.48 1.29 103.58
C ILE V 249 25.99 2.62 103.00
N ILE V 250 26.69 3.70 103.33
CA ILE V 250 26.37 5.04 102.85
C ILE V 250 27.46 5.49 101.91
N ALA V 251 27.08 5.91 100.70
CA ALA V 251 28.02 6.36 99.70
C ALA V 251 27.31 7.35 98.78
N GLU V 252 27.97 7.72 97.68
CA GLU V 252 27.36 8.64 96.72
C GLU V 252 26.16 8.01 96.03
N ASP V 253 26.23 6.71 95.73
CA ASP V 253 25.18 5.97 95.06
C ASP V 253 25.62 4.52 94.96
N ILE V 254 24.67 3.64 94.69
CA ILE V 254 24.95 2.21 94.56
C ILE V 254 24.31 1.65 93.30
N LEU V 259 24.89 -3.37 89.76
CA LEU V 259 23.73 -2.59 90.16
C LEU V 259 22.89 -3.33 91.20
N ALA V 260 22.01 -4.21 90.72
CA ALA V 260 21.08 -4.97 91.56
C ALA V 260 21.77 -5.99 92.46
N THR V 261 23.09 -6.17 92.33
CA THR V 261 23.79 -7.23 93.07
C THR V 261 23.59 -7.13 94.58
N LEU V 262 23.22 -5.96 95.09
CA LEU V 262 22.94 -5.82 96.52
C LEU V 262 21.53 -6.27 96.88
N VAL V 263 20.63 -6.41 95.90
CA VAL V 263 19.28 -6.87 96.18
C VAL V 263 19.19 -8.39 96.30
N VAL V 264 20.20 -9.12 95.84
CA VAL V 264 20.16 -10.57 95.89
C VAL V 264 20.62 -11.07 97.26
N ASN V 265 21.87 -10.76 97.64
CA ASN V 265 22.45 -11.27 98.87
C ASN V 265 21.61 -10.92 100.10
N LYS V 266 20.87 -9.81 100.05
CA LYS V 266 20.01 -9.45 101.17
C LYS V 266 18.72 -10.27 101.17
N LEU V 267 18.12 -10.49 99.99
CA LEU V 267 16.88 -11.25 99.92
C LEU V 267 17.09 -12.73 100.16
N ARG V 268 18.25 -13.27 99.76
CA ARG V 268 18.53 -14.69 99.95
C ARG V 268 18.95 -14.96 101.40
N GLY V 269 20.12 -14.44 101.79
CA GLY V 269 20.61 -14.64 103.14
C GLY V 269 21.24 -13.39 103.73
N LYS V 272 21.77 -9.11 105.81
CA LYS V 272 21.19 -7.91 106.38
C LYS V 272 22.06 -6.69 106.08
N VAL V 273 21.89 -6.12 104.89
CA VAL V 273 22.64 -4.95 104.46
C VAL V 273 21.68 -3.93 103.85
N ALA V 274 22.03 -2.65 104.01
CA ALA V 274 21.26 -1.56 103.43
C ALA V 274 22.21 -0.57 102.78
N ALA V 275 21.78 -0.01 101.65
CA ALA V 275 22.59 0.92 100.88
C ALA V 275 21.74 2.12 100.50
N VAL V 276 22.13 3.31 100.95
CA VAL V 276 21.44 4.55 100.66
C VAL V 276 22.45 5.58 100.18
N LYS V 277 21.95 6.57 99.44
CA LYS V 277 22.79 7.65 98.95
C LYS V 277 23.22 8.57 100.09
N ALA V 278 24.28 9.33 99.84
CA ALA V 278 24.75 10.29 100.81
C ALA V 278 23.73 11.41 100.98
N PRO V 279 23.59 11.94 102.21
CA PRO V 279 22.56 12.96 102.44
C PRO V 279 22.79 14.26 101.68
N GLY V 280 24.03 14.73 101.61
CA GLY V 280 24.33 15.99 100.97
C GLY V 280 24.75 15.83 99.51
N PHE V 281 25.11 16.97 98.92
CA PHE V 281 25.60 17.01 97.55
C PHE V 281 26.80 17.94 97.47
N GLY V 282 27.82 17.52 96.72
CA GLY V 282 28.99 18.36 96.55
C GLY V 282 29.76 18.49 97.85
N ASP V 283 30.11 19.73 98.20
CA ASP V 283 30.82 19.98 99.44
C ASP V 283 29.98 19.71 100.67
N ARG V 284 28.65 19.77 100.55
CA ARG V 284 27.78 19.42 101.66
C ARG V 284 27.80 17.92 101.93
N ARG V 285 28.04 17.11 100.89
CA ARG V 285 28.13 15.67 101.07
C ARG V 285 29.35 15.30 101.90
N LYS V 286 30.51 15.85 101.55
CA LYS V 286 31.73 15.55 102.30
C LYS V 286 31.66 16.08 103.73
N ALA V 287 30.91 17.15 103.96
CA ALA V 287 30.80 17.72 105.30
C ALA V 287 29.87 16.90 106.19
N MET V 288 28.79 16.35 105.61
CA MET V 288 27.86 15.57 106.40
C MET V 288 28.35 14.14 106.65
N LEU V 289 29.15 13.59 105.73
CA LEU V 289 29.67 12.24 105.94
C LEU V 289 30.59 12.17 107.16
N GLU V 290 31.28 13.26 107.48
CA GLU V 290 32.10 13.27 108.68
C GLU V 290 31.25 13.35 109.94
N ASP V 291 30.02 13.87 109.84
CA ASP V 291 29.14 13.99 110.98
C ASP V 291 28.38 12.71 111.31
N ILE V 292 28.26 11.79 110.35
CA ILE V 292 27.42 10.60 110.55
C ILE V 292 28.27 9.40 110.89
N ALA V 293 29.14 8.99 109.97
CA ALA V 293 29.87 7.72 110.10
C ALA V 293 30.82 7.71 111.31
N ILE V 294 31.03 8.84 111.97
CA ILE V 294 31.84 8.86 113.18
C ILE V 294 31.21 8.01 114.27
N LEU V 295 29.88 7.96 114.31
CA LEU V 295 29.17 7.19 115.31
C LEU V 295 28.32 6.10 114.66
N SER V 302 35.39 6.19 109.14
CA SER V 302 34.93 6.97 108.00
C SER V 302 35.69 6.58 106.72
N GLU V 303 35.91 7.56 105.86
CA GLU V 303 36.60 7.40 104.58
C GLU V 303 36.68 8.76 103.92
N GLU V 304 37.61 8.90 102.97
CA GLU V 304 37.86 10.15 102.25
C GLU V 304 39.01 9.93 101.29
N LYS V 305 39.22 10.92 100.43
CA LYS V 305 40.36 11.00 99.48
C LYS V 305 40.34 9.74 98.61
N GLY V 306 41.51 9.16 98.33
CA GLY V 306 41.62 7.96 97.53
C GLY V 306 41.86 6.73 98.36
N TYR V 307 41.45 6.79 99.62
CA TYR V 307 41.69 5.69 100.57
C TYR V 307 41.19 4.37 100.00
N LYS V 308 41.99 3.32 100.18
CA LYS V 308 41.73 2.03 99.58
C LYS V 308 40.46 1.41 100.17
N LEU V 309 39.91 0.44 99.43
CA LEU V 309 38.66 -0.23 99.84
C LEU V 309 38.97 -1.40 100.76
N GLU V 310 39.63 -2.43 100.23
CA GLU V 310 39.74 -3.72 100.92
C GLU V 310 40.45 -3.61 102.27
N ASN V 311 41.17 -2.54 102.53
CA ASN V 311 41.88 -2.38 103.80
C ASN V 311 41.02 -1.77 104.89
N ALA V 312 39.74 -1.51 104.61
CA ALA V 312 38.85 -0.98 105.63
C ALA V 312 38.51 -2.05 106.67
N THR V 313 38.58 -1.69 107.94
CA THR V 313 38.38 -2.61 109.04
C THR V 313 37.19 -2.17 109.88
N MET V 314 36.96 -2.89 110.98
CA MET V 314 35.86 -2.57 111.88
C MET V 314 36.03 -1.22 112.56
N ALA V 315 37.25 -0.72 112.66
CA ALA V 315 37.49 0.56 113.32
C ALA V 315 36.90 1.74 112.55
N TYR V 316 36.69 1.59 111.24
CA TYR V 316 36.14 2.65 110.41
C TYR V 316 34.62 2.57 110.30
N LEU V 317 33.98 1.62 110.98
CA LEU V 317 32.54 1.43 110.92
C LEU V 317 31.90 1.96 112.20
N GLY V 318 31.00 2.92 112.06
CA GLY V 318 30.26 3.40 113.21
C GLY V 318 29.20 2.41 113.65
N GLN V 319 28.89 2.44 114.95
CA GLN V 319 27.98 1.47 115.55
C GLN V 319 26.76 2.18 116.09
N ALA V 320 25.59 1.88 115.53
CA ALA V 320 24.33 2.45 115.97
C ALA V 320 23.42 1.37 116.52
N ALA V 321 22.52 1.76 117.42
CA ALA V 321 21.64 0.79 118.07
C ALA V 321 20.51 0.36 117.16
N ARG V 322 19.91 1.29 116.42
CA ARG V 322 18.86 0.93 115.48
C ARG V 322 18.88 1.90 114.31
N ILE V 323 18.60 1.39 113.12
CA ILE V 323 18.54 2.19 111.91
C ILE V 323 17.30 1.78 111.12
N THR V 324 16.40 2.72 110.88
CA THR V 324 15.18 2.49 110.11
C THR V 324 15.29 3.20 108.78
N ILE V 325 14.97 2.49 107.70
CA ILE V 325 15.09 3.00 106.34
C ILE V 325 13.69 3.24 105.80
N ASP V 326 13.36 4.51 105.59
CA ASP V 326 12.09 4.91 104.98
C ASP V 326 12.35 5.34 103.54
N LYS V 327 11.27 5.70 102.83
CA LYS V 327 11.41 6.17 101.46
C LYS V 327 11.92 7.61 101.42
N ASP V 328 11.43 8.46 102.32
CA ASP V 328 11.87 9.85 102.40
C ASP V 328 12.90 10.10 103.49
N ASN V 329 13.26 9.09 104.29
CA ASN V 329 14.06 9.35 105.49
C ASN V 329 14.96 8.17 105.80
N THR V 330 16.03 8.46 106.53
CA THR V 330 16.91 7.45 107.11
C THR V 330 17.26 7.89 108.52
N THR V 331 17.01 7.04 109.50
CA THR V 331 17.17 7.37 110.91
C THR V 331 18.30 6.57 111.53
N ILE V 332 19.11 7.23 112.36
CA ILE V 332 20.20 6.60 113.09
C ILE V 332 20.02 6.89 114.57
N VAL V 333 19.98 5.84 115.38
CA VAL V 333 19.66 5.93 116.81
C VAL V 333 20.90 5.63 117.62
N GLU V 334 21.33 6.61 118.43
CA GLU V 334 22.45 6.54 119.36
C GLU V 334 23.66 5.79 118.78
N GLY V 335 24.31 6.40 117.79
CA GLY V 335 25.53 5.82 117.28
C GLY V 335 26.63 5.82 118.32
N LYS V 336 27.27 4.67 118.51
CA LYS V 336 28.32 4.54 119.51
C LYS V 336 29.55 5.33 119.07
N GLY V 337 30.00 6.23 119.93
CA GLY V 337 31.15 7.06 119.60
C GLY V 337 31.47 7.97 120.77
N LYS V 338 32.64 8.60 120.67
CA LYS V 338 33.10 9.50 121.73
C LYS V 338 32.23 10.75 121.78
N GLN V 339 31.72 11.07 122.97
CA GLN V 339 30.94 12.29 123.14
C GLN V 339 31.80 13.54 123.05
N GLU V 340 33.11 13.43 123.27
CA GLU V 340 33.98 14.59 123.15
C GLU V 340 34.17 14.98 121.69
N GLU V 341 34.23 13.99 120.79
CA GLU V 341 34.39 14.27 119.37
C GLU V 341 33.17 14.98 118.78
N ILE V 342 32.00 14.83 119.40
CA ILE V 342 30.81 15.51 118.92
C ILE V 342 30.92 17.01 119.12
N LYS V 343 31.48 17.43 120.27
CA LYS V 343 31.68 18.86 120.53
C LYS V 343 32.73 19.45 119.61
N ALA V 344 33.68 18.64 119.13
CA ALA V 344 34.67 19.11 118.17
C ALA V 344 34.08 19.34 116.79
N ARG V 345 32.82 18.96 116.57
CA ARG V 345 32.14 19.18 115.30
C ARG V 345 31.21 20.38 115.36
N ILE V 346 30.19 20.32 116.24
CA ILE V 346 29.21 21.40 116.32
C ILE V 346 29.88 22.72 116.69
N ASN V 347 30.62 22.73 117.80
CA ASN V 347 31.25 23.96 118.27
C ASN V 347 32.35 24.46 117.36
N GLU V 348 32.78 23.66 116.38
CA GLU V 348 33.86 24.08 115.48
C GLU V 348 33.35 25.07 114.43
N ILE V 349 32.43 24.60 113.56
CA ILE V 349 31.96 25.43 112.45
C ILE V 349 30.81 26.34 112.85
N LYS V 350 30.40 26.33 114.11
CA LYS V 350 29.30 27.19 114.56
C LYS V 350 29.69 28.66 114.61
N GLY V 351 30.96 28.99 114.41
CA GLY V 351 31.38 30.37 114.43
C GLY V 351 30.85 31.16 113.25
N GLN V 352 31.12 32.46 113.28
CA GLN V 352 30.66 33.35 112.22
C GLN V 352 31.36 33.03 110.91
N ILE V 353 30.61 33.13 109.80
CA ILE V 353 31.14 32.84 108.48
C ILE V 353 30.84 34.02 107.55
N GLU V 354 29.56 34.20 107.23
CA GLU V 354 29.15 35.28 106.34
C GLU V 354 27.68 35.63 106.57
N ASP V 359 22.47 36.60 104.61
CA ASP V 359 22.75 35.66 105.69
C ASP V 359 21.90 34.40 105.54
N TYR V 360 22.24 33.56 104.57
CA TYR V 360 21.52 32.32 104.31
C TYR V 360 22.35 31.09 104.65
N ASP V 361 23.48 30.89 103.97
CA ASP V 361 24.31 29.72 104.23
C ASP V 361 24.82 29.70 105.67
N THR V 362 24.96 30.87 106.30
CA THR V 362 25.34 30.92 107.70
C THR V 362 24.19 30.51 108.62
N GLU V 363 22.95 30.78 108.22
CA GLU V 363 21.80 30.34 109.02
C GLU V 363 21.49 28.87 108.76
N LYS V 364 21.81 28.36 107.58
CA LYS V 364 21.66 26.94 107.27
C LYS V 364 22.88 26.12 107.66
N LEU V 365 23.95 26.76 108.11
CA LEU V 365 25.12 26.04 108.59
C LEU V 365 24.85 25.34 109.91
N GLN V 366 23.86 25.81 110.67
CA GLN V 366 23.48 25.18 111.94
C GLN V 366 22.53 24.01 111.73
N GLU V 367 22.17 23.69 110.49
CA GLU V 367 21.32 22.52 110.23
C GLU V 367 21.99 21.25 110.74
N ARG V 368 23.30 21.13 110.58
CA ARG V 368 24.02 19.98 111.11
C ARG V 368 24.08 20.02 112.64
N LEU V 369 24.07 21.23 113.22
CA LEU V 369 24.13 21.35 114.68
C LEU V 369 22.85 20.86 115.32
N ALA V 370 21.69 21.23 114.76
CA ALA V 370 20.41 20.75 115.27
C ALA V 370 20.27 19.24 115.14
N LYS V 371 20.97 18.62 114.19
CA LYS V 371 20.92 17.17 114.07
C LYS V 371 21.81 16.50 115.10
N LEU V 372 23.00 17.05 115.33
CA LEU V 372 23.92 16.46 116.31
C LEU V 372 23.47 16.72 117.73
N SER V 373 23.05 17.95 118.03
CA SER V 373 22.60 18.31 119.37
C SER V 373 21.15 17.95 119.63
N GLY V 374 20.39 17.59 118.60
CA GLY V 374 18.99 17.25 118.77
C GLY V 374 18.76 15.86 119.33
N GLY V 375 19.51 14.88 118.86
CA GLY V 375 19.34 13.51 119.31
C GLY V 375 18.09 12.86 118.73
N VAL V 376 17.79 11.68 119.26
CA VAL V 376 16.63 10.91 118.81
C VAL V 376 15.91 10.38 120.05
N ALA V 377 14.64 10.76 120.21
CA ALA V 377 13.82 10.23 121.30
C ALA V 377 13.13 8.95 120.84
N VAL V 378 13.32 7.87 121.60
CA VAL V 378 12.81 6.55 121.25
C VAL V 378 11.66 6.22 122.19
N LEU V 379 10.52 5.83 121.61
CA LEU V 379 9.34 5.44 122.37
C LEU V 379 9.25 3.91 122.39
N LYS V 380 9.47 3.32 123.56
CA LYS V 380 9.36 1.88 123.74
C LYS V 380 8.02 1.59 124.39
N ILE V 381 7.11 0.98 123.64
CA ILE V 381 5.72 0.82 124.03
C ILE V 381 5.50 -0.63 124.44
N GLY V 382 5.27 -0.85 125.74
CA GLY V 382 4.90 -2.14 126.26
C GLY V 382 3.42 -2.21 126.63
N ALA V 383 2.98 -3.43 126.91
CA ALA V 383 1.60 -3.67 127.34
C ALA V 383 1.54 -5.00 128.07
N SER V 384 0.35 -5.33 128.57
CA SER V 384 0.11 -6.59 129.27
C SER V 384 0.39 -7.79 128.36
N THR V 385 -0.44 -7.98 127.35
CA THR V 385 -0.31 -9.08 126.41
C THR V 385 0.32 -8.60 125.12
N GLU V 386 1.12 -9.48 124.51
CA GLU V 386 1.87 -9.11 123.31
C GLU V 386 0.99 -8.84 122.11
N VAL V 387 -0.27 -9.29 122.14
CA VAL V 387 -1.19 -8.94 121.07
C VAL V 387 -1.65 -7.49 121.21
N GLU V 388 -1.76 -6.99 122.44
CA GLU V 388 -2.19 -5.62 122.65
C GLU V 388 -1.06 -4.62 122.42
N MET V 389 0.19 -5.01 122.68
CA MET V 389 1.29 -4.07 122.53
C MET V 389 1.53 -3.72 121.06
N LYS V 390 1.26 -4.65 120.13
CA LYS V 390 1.35 -4.32 118.72
C LYS V 390 0.20 -3.43 118.28
N GLU V 391 -0.96 -3.57 118.92
CA GLU V 391 -2.08 -2.68 118.63
C GLU V 391 -1.90 -1.34 119.35
N LYS V 392 -1.33 -1.36 120.56
CA LYS V 392 -1.08 -0.11 121.26
C LYS V 392 0.02 0.70 120.58
N LYS V 393 1.10 0.03 120.15
CA LYS V 393 2.15 0.72 119.42
C LYS V 393 1.63 1.29 118.11
N ALA V 394 0.68 0.59 117.46
CA ALA V 394 0.09 1.10 116.24
C ALA V 394 -0.66 2.40 116.50
N ARG V 395 -1.34 2.50 117.64
CA ARG V 395 -2.03 3.74 117.98
C ARG V 395 -1.04 4.85 118.30
N VAL V 396 0.08 4.51 118.95
CA VAL V 396 1.08 5.51 119.29
C VAL V 396 1.67 6.13 118.02
N GLU V 397 2.00 5.29 117.04
CA GLU V 397 2.56 5.81 115.79
C GLU V 397 1.53 6.64 115.03
N ASP V 398 0.26 6.21 115.02
CA ASP V 398 -0.77 6.97 114.34
C ASP V 398 -1.09 8.26 115.08
N ALA V 399 -1.04 8.23 116.42
CA ALA V 399 -1.29 9.45 117.18
C ALA V 399 -0.09 10.39 117.13
N LEU V 400 1.13 9.84 117.11
CA LEU V 400 2.32 10.67 116.99
C LEU V 400 2.33 11.42 115.68
N HIS V 401 2.02 10.73 114.57
CA HIS V 401 1.98 11.38 113.27
C HIS V 401 0.85 12.41 113.19
N ALA V 402 -0.24 12.18 113.92
CA ALA V 402 -1.34 13.14 113.94
C ALA V 402 -0.94 14.40 114.71
N THR V 403 -0.26 14.22 115.84
CA THR V 403 0.17 15.38 116.63
C THR V 403 1.26 16.18 115.91
N ARG V 404 2.04 15.52 115.06
CA ARG V 404 3.03 16.22 114.26
C ARG V 404 2.38 17.32 113.42
N ALA V 405 1.38 16.96 112.61
CA ALA V 405 0.72 17.95 111.76
C ALA V 405 -0.09 18.93 112.59
N ALA V 406 -0.61 18.50 113.76
CA ALA V 406 -1.40 19.38 114.59
C ALA V 406 -0.58 20.53 115.15
N VAL V 407 0.72 20.30 115.41
CA VAL V 407 1.56 21.36 115.94
C VAL V 407 1.97 22.32 114.84
N GLN V 408 2.27 21.81 113.64
CA GLN V 408 2.71 22.64 112.54
C GLN V 408 1.70 23.71 112.16
N GLU V 409 0.57 23.31 111.55
CA GLU V 409 -0.41 24.25 111.02
C GLU V 409 -1.61 24.48 111.93
N GLY V 410 -1.69 23.81 113.07
CA GLY V 410 -2.79 24.03 113.99
C GLY V 410 -3.89 22.99 113.88
N ILE V 411 -5.03 23.33 114.48
CA ILE V 411 -6.17 22.42 114.61
C ILE V 411 -7.44 23.17 114.26
N VAL V 412 -8.30 22.54 113.45
CA VAL V 412 -9.61 23.10 113.12
C VAL V 412 -10.69 22.12 113.54
N VAL V 413 -11.96 22.49 113.33
CA VAL V 413 -13.08 21.63 113.72
C VAL V 413 -13.20 20.48 112.72
N GLY V 414 -13.71 19.35 113.21
CA GLY V 414 -13.91 18.17 112.40
C GLY V 414 -15.29 18.12 111.77
N GLY V 415 -15.67 16.92 111.34
CA GLY V 415 -16.99 16.72 110.78
C GLY V 415 -17.25 17.47 109.49
N GLY V 416 -16.20 18.00 108.85
CA GLY V 416 -16.37 18.76 107.63
C GLY V 416 -16.85 20.18 107.81
N VAL V 417 -16.96 20.64 109.05
CA VAL V 417 -17.46 21.99 109.29
C VAL V 417 -16.40 23.05 108.99
N ALA V 418 -15.13 22.71 109.17
CA ALA V 418 -14.06 23.68 108.93
C ALA V 418 -14.05 24.16 107.48
N LEU V 419 -14.36 23.26 106.54
CA LEU V 419 -14.44 23.68 105.15
C LEU V 419 -15.65 24.58 104.90
N ILE V 420 -16.78 24.26 105.52
CA ILE V 420 -17.97 25.09 105.36
C ILE V 420 -17.75 26.46 105.96
N ARG V 421 -17.20 26.52 107.18
CA ARG V 421 -16.88 27.79 107.80
C ARG V 421 -15.84 28.57 106.98
N ALA V 422 -14.97 27.86 106.27
CA ALA V 422 -13.97 28.52 105.44
C ALA V 422 -14.55 29.11 104.17
N ALA V 423 -15.84 28.86 103.88
CA ALA V 423 -16.47 29.50 102.72
C ALA V 423 -16.45 31.01 102.85
N LYS V 424 -16.50 31.52 104.09
CA LYS V 424 -16.21 32.94 104.31
C LYS V 424 -14.78 33.22 103.88
N GLY V 425 -14.59 34.34 103.18
CA GLY V 425 -13.33 34.65 102.54
C GLY V 425 -13.36 34.48 101.04
N LEU V 426 -14.35 33.74 100.51
CA LEU V 426 -14.61 33.78 99.08
C LEU V 426 -15.07 35.15 98.63
N ALA V 427 -15.62 35.96 99.54
CA ALA V 427 -15.88 37.36 99.24
C ALA V 427 -14.60 38.12 98.97
N LYS V 428 -13.47 37.66 99.51
CA LYS V 428 -12.18 38.27 99.27
C LYS V 428 -11.55 37.80 97.97
N ALA V 429 -12.20 36.90 97.24
CA ALA V 429 -11.69 36.43 95.95
C ALA V 429 -12.21 37.32 94.83
N VAL V 430 -11.33 37.64 93.89
CA VAL V 430 -11.62 38.54 92.79
C VAL V 430 -11.70 37.73 91.51
N ALA V 431 -12.75 37.97 90.71
CA ALA V 431 -12.94 37.29 89.44
C ALA V 431 -12.87 38.33 88.32
N ASP V 432 -12.02 38.07 87.33
CA ASP V 432 -11.87 38.98 86.20
C ASP V 432 -13.02 38.87 85.20
N ASN V 433 -13.74 37.75 85.20
CA ASN V 433 -14.87 37.57 84.29
C ASN V 433 -15.83 36.57 84.91
N GLU V 434 -16.89 36.25 84.15
CA GLU V 434 -17.94 35.38 84.69
C GLU V 434 -17.43 33.96 84.90
N ASP V 435 -16.62 33.45 83.98
CA ASP V 435 -16.12 32.08 84.12
C ASP V 435 -15.23 31.94 85.34
N GLN V 436 -14.46 32.97 85.67
CA GLN V 436 -13.67 32.93 86.90
C GLN V 436 -14.57 32.97 88.13
N LYS V 437 -15.67 33.72 88.07
CA LYS V 437 -16.64 33.69 89.15
C LYS V 437 -17.34 32.34 89.23
N THR V 438 -17.56 31.68 88.09
CA THR V 438 -18.10 30.33 88.11
C THR V 438 -17.14 29.38 88.81
N GLY V 439 -15.84 29.48 88.53
CA GLY V 439 -14.87 28.67 89.23
C GLY V 439 -14.86 28.93 90.73
N ILE V 440 -15.21 30.15 91.14
CA ILE V 440 -15.34 30.43 92.57
C ILE V 440 -16.58 29.75 93.14
N GLU V 441 -17.68 29.79 92.39
CA GLU V 441 -18.90 29.13 92.85
C GLU V 441 -18.75 27.61 92.90
N ILE V 442 -17.88 27.05 92.03
CA ILE V 442 -17.63 25.62 92.07
C ILE V 442 -17.01 25.21 93.40
N ILE V 443 -16.06 26.00 93.89
CA ILE V 443 -15.40 25.68 95.16
C ILE V 443 -16.37 25.89 96.32
N ARG V 444 -17.21 26.91 96.25
CA ARG V 444 -18.14 27.18 97.34
C ARG V 444 -19.10 26.02 97.56
N ARG V 445 -19.61 25.43 96.47
CA ARG V 445 -20.49 24.28 96.58
C ARG V 445 -19.73 23.00 96.88
N ALA V 446 -18.43 22.94 96.55
CA ALA V 446 -17.66 21.73 96.82
C ALA V 446 -17.28 21.61 98.30
N LEU V 447 -17.20 22.73 99.02
CA LEU V 447 -16.84 22.68 100.43
C LEU V 447 -17.90 21.98 101.26
N GLU V 448 -19.14 21.93 100.80
CA GLU V 448 -20.21 21.26 101.53
C GLU V 448 -20.21 19.75 101.34
N GLU V 449 -19.51 19.25 100.31
CA GLU V 449 -19.60 17.83 99.98
C GLU V 449 -19.03 16.91 101.07
N PRO V 450 -17.89 17.20 101.70
CA PRO V 450 -17.42 16.29 102.76
C PRO V 450 -18.42 16.09 103.88
N LEU V 451 -19.02 17.17 104.38
CA LEU V 451 -20.04 17.02 105.42
C LEU V 451 -21.27 16.33 104.88
N ARG V 452 -21.63 16.59 103.61
CA ARG V 452 -22.79 15.95 103.01
C ARG V 452 -22.60 14.43 102.92
N GLN V 453 -21.37 14.00 102.60
CA GLN V 453 -21.12 12.56 102.53
C GLN V 453 -21.05 11.94 103.91
N ILE V 454 -20.55 12.66 104.91
CA ILE V 454 -20.50 12.15 106.28
C ILE V 454 -21.92 11.92 106.80
N VAL V 455 -22.84 12.85 106.53
CA VAL V 455 -24.21 12.68 106.95
C VAL V 455 -24.88 11.57 106.15
N ALA V 456 -24.54 11.45 104.86
CA ALA V 456 -25.14 10.42 104.02
C ALA V 456 -24.74 9.02 104.48
N ASN V 457 -23.52 8.88 105.01
CA ASN V 457 -23.07 7.57 105.49
C ASN V 457 -23.83 7.11 106.71
N THR V 458 -24.51 8.02 107.42
CA THR V 458 -25.35 7.63 108.54
C THR V 458 -26.60 6.88 108.10
N GLY V 459 -26.95 6.93 106.81
CA GLY V 459 -28.09 6.22 106.29
C GLY V 459 -29.37 7.03 106.21
N THR V 460 -29.38 8.24 106.76
CA THR V 460 -30.59 9.05 106.76
C THR V 460 -30.82 9.71 105.41
N THR V 461 -32.09 9.96 105.10
CA THR V 461 -32.48 10.72 103.91
C THR V 461 -32.73 12.19 104.24
N ASP V 462 -32.55 12.59 105.49
CA ASP V 462 -32.80 13.95 105.95
C ASP V 462 -31.56 14.83 105.91
N GLY V 463 -30.46 14.33 105.34
CA GLY V 463 -29.19 15.05 105.35
C GLY V 463 -29.22 16.46 104.80
N ALA V 464 -30.18 16.76 103.93
CA ALA V 464 -30.29 18.13 103.42
C ALA V 464 -30.61 19.10 104.54
N VAL V 465 -31.41 18.68 105.52
CA VAL V 465 -31.70 19.53 106.67
C VAL V 465 -30.48 19.66 107.57
N VAL V 466 -29.68 18.61 107.68
CA VAL V 466 -28.49 18.65 108.54
C VAL V 466 -27.49 19.66 108.00
N LEU V 467 -27.23 19.62 106.69
CA LEU V 467 -26.32 20.59 106.10
C LEU V 467 -26.83 22.02 106.24
N GLU V 468 -28.16 22.20 106.20
CA GLU V 468 -28.72 23.53 106.32
C GLU V 468 -28.51 24.11 107.71
N LYS V 469 -28.68 23.29 108.76
CA LYS V 469 -28.54 23.78 110.12
C LYS V 469 -27.09 24.03 110.49
N VAL V 470 -26.14 23.37 109.83
CA VAL V 470 -24.73 23.63 110.11
C VAL V 470 -24.27 24.90 109.43
N LYS V 471 -24.69 25.12 108.18
CA LYS V 471 -24.30 26.33 107.46
C LYS V 471 -24.84 27.59 108.11
N ASN V 472 -26.05 27.52 108.67
CA ASN V 472 -26.65 28.69 109.30
C ASN V 472 -26.14 28.93 110.72
N ALA V 473 -25.31 28.03 111.25
CA ALA V 473 -24.79 28.16 112.60
C ALA V 473 -23.47 28.94 112.57
N GLU V 474 -22.81 29.02 113.71
CA GLU V 474 -21.57 29.77 113.86
C GLU V 474 -20.53 28.95 114.59
N GLY V 475 -19.26 29.17 114.24
CA GLY V 475 -18.17 28.62 115.03
C GLY V 475 -18.06 27.11 114.92
N ASP V 476 -17.92 26.46 116.07
CA ASP V 476 -17.69 25.03 116.15
C ASP V 476 -18.97 24.21 116.23
N TYR V 477 -20.13 24.84 116.11
CA TYR V 477 -21.39 24.10 116.10
C TYR V 477 -21.46 23.23 114.85
N GLY V 478 -21.87 21.98 115.03
CA GLY V 478 -21.93 21.07 113.91
C GLY V 478 -22.65 19.80 114.28
N PHE V 479 -22.67 18.87 113.34
CA PHE V 479 -23.35 17.59 113.50
C PHE V 479 -22.30 16.50 113.73
N ASN V 480 -22.44 15.78 114.83
CA ASN V 480 -21.55 14.67 115.15
C ASN V 480 -22.19 13.39 114.62
N ALA V 481 -21.56 12.80 113.60
CA ALA V 481 -22.13 11.60 112.98
C ALA V 481 -22.03 10.38 113.89
N ARG V 482 -21.12 10.39 114.86
CA ARG V 482 -21.01 9.27 115.79
C ARG V 482 -22.22 9.19 116.70
N THR V 483 -22.53 10.30 117.37
CA THR V 483 -23.68 10.35 118.28
C THR V 483 -24.97 10.77 117.60
N GLU V 484 -24.90 11.20 116.34
CA GLU V 484 -26.07 11.68 115.59
C GLU V 484 -26.79 12.79 116.34
N GLN V 485 -26.01 13.75 116.83
CA GLN V 485 -26.53 14.85 117.61
C GLN V 485 -25.73 16.11 117.30
N TYR V 486 -26.41 17.25 117.30
CA TYR V 486 -25.75 18.53 117.12
C TYR V 486 -25.07 18.95 118.42
N GLU V 487 -23.86 19.46 118.31
CA GLU V 487 -23.09 19.89 119.48
C GLU V 487 -21.92 20.73 119.01
N ASN V 488 -21.11 21.17 119.97
CA ASN V 488 -19.86 21.87 119.68
C ASN V 488 -18.77 20.84 119.46
N LEU V 489 -18.19 20.84 118.26
CA LEU V 489 -17.32 19.74 117.87
C LEU V 489 -15.98 19.79 118.58
N ILE V 490 -15.44 21.00 118.80
CA ILE V 490 -14.17 21.11 119.52
C ILE V 490 -14.33 20.66 120.97
N GLU V 491 -15.42 21.09 121.61
CA GLU V 491 -15.67 20.64 122.98
C GLU V 491 -15.96 19.14 123.04
N ALA V 492 -16.48 18.57 121.94
CA ALA V 492 -16.78 17.15 121.87
C ALA V 492 -15.58 16.32 121.43
N GLY V 493 -14.44 16.96 121.16
CA GLY V 493 -13.25 16.23 120.75
C GLY V 493 -13.16 15.91 119.28
N VAL V 494 -14.09 16.38 118.46
CA VAL V 494 -14.07 16.12 117.03
C VAL V 494 -13.32 17.26 116.37
N VAL V 495 -12.11 16.98 115.90
CA VAL V 495 -11.23 17.99 115.31
C VAL V 495 -10.38 17.33 114.24
N ASP V 496 -9.86 18.15 113.34
CA ASP V 496 -8.95 17.70 112.31
C ASP V 496 -7.74 18.63 112.27
N PRO V 497 -6.55 18.10 112.01
CA PRO V 497 -5.39 18.98 111.82
C PRO V 497 -5.59 19.91 110.64
N THR V 498 -5.21 21.19 110.84
CA THR V 498 -5.36 22.17 109.78
C THR V 498 -4.57 21.75 108.53
N LYS V 499 -3.42 21.11 108.71
CA LYS V 499 -2.65 20.62 107.57
C LYS V 499 -3.44 19.60 106.78
N VAL V 500 -4.24 18.77 107.46
CA VAL V 500 -5.02 17.75 106.76
C VAL V 500 -6.09 18.38 105.90
N THR V 501 -6.83 19.35 106.46
CA THR V 501 -7.94 19.94 105.74
C THR V 501 -7.47 20.77 104.54
N ARG V 502 -6.49 21.65 104.75
CA ARG V 502 -6.05 22.50 103.66
C ARG V 502 -5.34 21.72 102.56
N SER V 503 -4.70 20.61 102.92
CA SER V 503 -4.04 19.79 101.90
C SER V 503 -5.04 19.05 101.05
N ALA V 504 -6.16 18.62 101.64
CA ALA V 504 -7.19 17.91 100.87
C ALA V 504 -7.79 18.82 99.81
N LEU V 505 -8.01 20.08 100.13
CA LEU V 505 -8.61 21.00 99.17
C LEU V 505 -7.61 21.40 98.09
N GLU V 506 -6.35 21.62 98.47
CA GLU V 506 -5.35 22.00 97.48
C GLU V 506 -5.06 20.86 96.51
N ASN V 507 -4.89 19.64 97.03
CA ASN V 507 -4.66 18.50 96.16
C ASN V 507 -5.85 18.24 95.25
N ALA V 508 -7.07 18.33 95.79
CA ALA V 508 -8.26 18.09 94.98
C ALA V 508 -8.38 19.10 93.85
N ALA V 509 -8.29 20.39 94.18
CA ALA V 509 -8.35 21.42 93.15
C ALA V 509 -7.22 21.26 92.15
N SER V 510 -6.06 20.77 92.59
CA SER V 510 -4.95 20.53 91.68
C SER V 510 -5.32 19.50 90.62
N VAL V 511 -5.72 18.30 91.05
CA VAL V 511 -5.98 17.24 90.09
C VAL V 511 -7.25 17.52 89.29
N ALA V 512 -8.24 18.17 89.91
CA ALA V 512 -9.46 18.52 89.18
C ALA V 512 -9.16 19.55 88.10
N SER V 513 -8.28 20.50 88.37
CA SER V 513 -7.94 21.51 87.36
C SER V 513 -7.17 20.90 86.21
N ILE V 514 -6.31 19.92 86.49
CA ILE V 514 -5.57 19.24 85.42
C ILE V 514 -6.52 18.52 84.49
N LEU V 515 -7.54 17.85 85.04
CA LEU V 515 -8.48 17.11 84.22
C LEU V 515 -9.39 18.05 83.43
N LEU V 516 -9.73 19.21 84.00
CA LEU V 516 -10.56 20.16 83.28
C LEU V 516 -9.83 20.74 82.06
N THR V 517 -8.52 20.90 82.16
CA THR V 517 -7.73 21.46 81.08
C THR V 517 -7.19 20.42 80.11
N THR V 518 -7.53 19.14 80.29
CA THR V 518 -7.01 18.08 79.44
C THR V 518 -7.79 18.04 78.13
N GLU V 519 -7.09 18.26 77.01
CA GLU V 519 -7.72 18.21 75.70
C GLU V 519 -7.49 16.89 74.96
N ALA V 520 -6.69 15.99 75.50
CA ALA V 520 -6.42 14.72 74.81
C ALA V 520 -6.07 13.65 75.82
N ALA V 521 -6.47 12.41 75.50
CA ALA V 521 -6.14 11.25 76.31
C ALA V 521 -5.54 10.19 75.41
N ILE V 522 -4.28 9.84 75.66
CA ILE V 522 -3.54 8.87 74.85
C ILE V 522 -3.36 7.60 75.66
N THR V 523 -3.63 6.46 75.05
CA THR V 523 -3.46 5.18 75.71
C THR V 523 -3.11 4.11 74.69
N ASP V 524 -2.54 3.01 75.17
CA ASP V 524 -2.16 1.91 74.31
C ASP V 524 -3.39 1.20 73.74
N VAL V 525 -3.26 0.70 72.52
CA VAL V 525 -4.34 0.00 71.86
C VAL V 525 -4.43 -1.42 72.42
N LYS V 526 -5.62 -2.01 72.34
CA LYS V 526 -5.84 -3.37 72.82
C LYS V 526 -5.05 -4.39 72.01
N THR W 2 -4.74 -5.71 89.69
CA THR W 2 -5.70 -6.33 88.79
C THR W 2 -6.97 -5.49 88.72
N ALA W 3 -7.55 -5.40 87.52
CA ALA W 3 -8.78 -4.63 87.34
C ALA W 3 -9.91 -5.24 88.19
N LYS W 4 -10.84 -4.39 88.59
CA LYS W 4 -11.90 -4.78 89.51
C LYS W 4 -13.27 -4.48 88.90
N ASP W 5 -14.25 -5.27 89.32
CA ASP W 5 -15.66 -5.00 89.08
C ASP W 5 -16.32 -4.66 90.41
N ILE W 6 -17.00 -3.52 90.46
CA ILE W 6 -17.52 -2.98 91.71
C ILE W 6 -19.03 -2.93 91.64
N LEU W 7 -19.69 -3.51 92.65
CA LEU W 7 -21.13 -3.40 92.84
C LEU W 7 -21.42 -2.53 94.04
N PHE W 8 -22.53 -1.80 93.99
CA PHE W 8 -22.88 -0.83 95.02
C PHE W 8 -24.24 -1.13 95.62
N ASP W 9 -24.40 -0.74 96.89
CA ASP W 9 -25.66 -0.70 97.64
C ASP W 9 -26.53 -1.94 97.43
N ALA W 10 -27.80 -1.72 97.05
CA ALA W 10 -28.77 -2.80 97.00
C ALA W 10 -28.33 -3.89 96.02
N GLU W 11 -27.77 -3.50 94.87
CA GLU W 11 -27.33 -4.49 93.90
C GLU W 11 -26.19 -5.36 94.45
N ALA W 12 -25.32 -4.79 95.26
CA ALA W 12 -24.27 -5.59 95.88
C ALA W 12 -24.82 -6.47 96.99
N ARG W 13 -25.72 -5.92 97.81
CA ARG W 13 -26.29 -6.71 98.91
C ARG W 13 -27.21 -7.81 98.38
N THR W 14 -27.89 -7.58 97.27
CA THR W 14 -28.72 -8.63 96.68
C THR W 14 -27.86 -9.75 96.11
N LYS W 15 -26.75 -9.40 95.45
CA LYS W 15 -25.87 -10.41 94.89
C LYS W 15 -25.21 -11.25 95.99
N LEU W 16 -24.85 -10.61 97.10
CA LEU W 16 -24.29 -11.35 98.23
C LEU W 16 -25.30 -12.30 98.84
N LYS W 17 -26.58 -11.89 98.89
CA LYS W 17 -27.62 -12.75 99.44
C LYS W 17 -27.77 -14.03 98.63
N VAL W 18 -27.57 -13.96 97.31
CA VAL W 18 -27.65 -15.16 96.47
C VAL W 18 -26.63 -16.19 96.93
N GLY W 19 -25.41 -15.76 97.24
CA GLY W 19 -24.40 -16.68 97.70
C GLY W 19 -24.67 -17.19 99.11
N VAL W 20 -25.21 -16.33 99.97
CA VAL W 20 -25.54 -16.75 101.34
C VAL W 20 -26.60 -17.83 101.31
N ASP W 21 -27.63 -17.66 100.48
CA ASP W 21 -28.69 -18.67 100.38
C ASP W 21 -28.16 -19.98 99.83
N LYS W 22 -27.28 -19.92 98.82
CA LYS W 22 -26.73 -21.14 98.26
C LYS W 22 -25.91 -21.90 99.28
N LEU W 23 -25.22 -21.20 100.19
CA LEU W 23 -24.51 -21.88 101.26
C LEU W 23 -25.49 -22.47 102.28
N ALA W 24 -26.50 -21.69 102.66
CA ALA W 24 -27.44 -22.15 103.68
C ALA W 24 -28.32 -23.28 103.16
N ASN W 25 -28.87 -23.12 101.96
CA ASN W 25 -29.79 -24.13 101.43
C ASN W 25 -29.12 -25.47 101.25
N ALA W 26 -27.79 -25.49 101.04
CA ALA W 26 -27.09 -26.75 100.92
C ALA W 26 -26.82 -27.38 102.29
N VAL W 27 -26.43 -26.56 103.26
CA VAL W 27 -26.04 -27.08 104.57
C VAL W 27 -27.25 -27.36 105.45
N LYS W 28 -28.31 -26.55 105.35
CA LYS W 28 -29.39 -26.63 106.32
C LYS W 28 -30.20 -27.92 106.22
N VAL W 29 -30.12 -28.64 105.09
CA VAL W 29 -30.83 -29.90 104.97
C VAL W 29 -30.24 -30.99 105.86
N THR W 30 -29.06 -30.76 106.42
CA THR W 30 -28.39 -31.72 107.31
C THR W 30 -28.62 -31.42 108.78
N LEU W 31 -29.40 -30.38 109.11
CA LEU W 31 -29.54 -29.95 110.49
C LEU W 31 -30.51 -30.84 111.25
N GLY W 32 -30.21 -31.09 112.52
CA GLY W 32 -31.07 -31.85 113.39
C GLY W 32 -30.82 -33.33 113.31
N PRO W 33 -31.46 -34.10 114.20
CA PRO W 33 -31.31 -35.56 114.14
C PRO W 33 -31.96 -36.19 112.91
N ALA W 34 -32.89 -35.50 112.27
CA ALA W 34 -33.53 -35.97 111.06
C ALA W 34 -32.80 -35.49 109.80
N GLY W 35 -31.65 -34.84 109.95
CA GLY W 35 -30.90 -34.29 108.83
C GLY W 35 -30.68 -35.28 107.70
N ARG W 36 -30.94 -34.85 106.47
CA ARG W 36 -30.90 -35.73 105.32
C ARG W 36 -29.51 -35.74 104.70
N ASN W 37 -29.35 -36.56 103.66
CA ASN W 37 -28.04 -36.90 103.11
C ASN W 37 -27.70 -36.00 101.93
N VAL W 38 -26.43 -35.65 101.82
CA VAL W 38 -25.91 -34.83 100.73
C VAL W 38 -24.79 -35.59 100.04
N LEU W 39 -24.87 -35.72 98.73
CA LEU W 39 -23.87 -36.42 97.94
C LEU W 39 -22.82 -35.43 97.43
N ILE W 40 -21.55 -35.73 97.69
CA ILE W 40 -20.44 -34.90 97.26
C ILE W 40 -19.62 -35.71 96.26
N ASP W 41 -19.44 -35.16 95.06
CA ASP W 41 -18.80 -35.88 93.97
C ASP W 41 -17.30 -36.04 94.22
N LYS W 42 -16.72 -37.04 93.55
CA LYS W 42 -15.29 -37.29 93.59
C LYS W 42 -14.75 -37.37 92.16
N LYS W 43 -13.42 -37.28 92.06
CA LYS W 43 -12.79 -37.39 90.74
C LYS W 43 -12.95 -38.77 90.14
N PHE W 44 -12.96 -39.81 90.99
CA PHE W 44 -13.11 -41.18 90.51
C PHE W 44 -13.79 -42.01 91.59
N GLY W 45 -14.57 -42.99 91.15
CA GLY W 45 -15.23 -43.90 92.05
C GLY W 45 -16.55 -43.36 92.58
N ALA W 46 -16.99 -43.95 93.69
CA ALA W 46 -18.25 -43.57 94.29
C ALA W 46 -18.12 -42.21 95.00
N PRO W 47 -19.22 -41.47 95.10
CA PRO W 47 -19.16 -40.17 95.82
C PRO W 47 -19.15 -40.33 97.32
N THR W 48 -19.26 -39.21 98.03
CA THR W 48 -19.28 -39.18 99.49
C THR W 48 -20.69 -38.86 99.97
N SER W 49 -21.22 -39.72 100.82
CA SER W 49 -22.51 -39.49 101.47
C SER W 49 -22.27 -38.96 102.87
N THR W 50 -22.82 -37.80 103.19
CA THR W 50 -22.60 -37.18 104.48
C THR W 50 -23.87 -36.50 104.97
N LYS W 51 -24.18 -36.70 106.25
CA LYS W 51 -25.17 -35.92 106.96
C LYS W 51 -24.56 -34.79 107.76
N ASP W 52 -23.24 -34.62 107.68
CA ASP W 52 -22.53 -33.64 108.49
C ASP W 52 -22.58 -32.27 107.82
N GLY W 53 -22.95 -31.25 108.61
CA GLY W 53 -23.08 -29.91 108.07
C GLY W 53 -21.75 -29.23 107.81
N VAL W 54 -20.71 -29.59 108.58
CA VAL W 54 -19.40 -29.00 108.37
C VAL W 54 -18.80 -29.51 107.07
N THR W 55 -19.00 -30.79 106.75
CA THR W 55 -18.45 -31.36 105.53
C THR W 55 -19.04 -30.72 104.30
N VAL W 56 -20.36 -30.50 104.29
CA VAL W 56 -21.01 -29.85 103.16
C VAL W 56 -20.56 -28.40 103.05
N ALA W 57 -20.34 -27.74 104.19
CA ALA W 57 -19.93 -26.34 104.17
C ALA W 57 -18.55 -26.17 103.57
N LYS W 58 -17.62 -27.09 103.88
CA LYS W 58 -16.27 -26.97 103.35
C LYS W 58 -16.22 -27.11 101.84
N GLU W 59 -17.25 -27.69 101.23
CA GLU W 59 -17.26 -27.94 99.79
C GLU W 59 -17.96 -26.84 99.00
N ILE W 60 -18.42 -25.77 99.64
CA ILE W 60 -19.23 -24.76 98.96
C ILE W 60 -18.32 -23.69 98.39
N GLU W 61 -18.27 -23.63 97.06
CA GLU W 61 -17.57 -22.58 96.33
C GLU W 61 -18.36 -22.25 95.08
N LEU W 62 -18.55 -20.98 94.79
CA LEU W 62 -19.43 -20.53 93.72
C LEU W 62 -18.63 -19.88 92.59
N VAL W 63 -19.16 -20.02 91.37
CA VAL W 63 -18.47 -19.45 90.21
C VAL W 63 -18.51 -17.93 90.24
N ASP W 64 -19.67 -17.36 90.58
CA ASP W 64 -19.81 -15.91 90.60
C ASP W 64 -18.98 -15.33 91.74
N PRO W 65 -18.08 -14.38 91.47
CA PRO W 65 -17.20 -13.89 92.53
C PRO W 65 -17.94 -13.22 93.69
N VAL W 66 -18.96 -12.41 93.39
CA VAL W 66 -19.68 -11.72 94.45
C VAL W 66 -20.53 -12.71 95.24
N GLU W 67 -21.16 -13.67 94.56
CA GLU W 67 -21.93 -14.69 95.26
C GLU W 67 -21.03 -15.51 96.18
N ASN W 68 -19.91 -16.00 95.64
CA ASN W 68 -18.96 -16.74 96.47
C ASN W 68 -18.41 -15.86 97.59
N MET W 69 -18.29 -14.55 97.35
CA MET W 69 -17.78 -13.65 98.36
C MET W 69 -18.69 -13.63 99.59
N GLY W 70 -20.00 -13.54 99.37
CA GLY W 70 -20.93 -13.59 100.48
C GLY W 70 -21.03 -14.97 101.10
N ALA W 71 -20.89 -16.02 100.29
CA ALA W 71 -20.95 -17.38 100.83
C ALA W 71 -19.77 -17.66 101.76
N GLN W 72 -18.59 -17.13 101.42
CA GLN W 72 -17.43 -17.36 102.28
C GLN W 72 -17.50 -16.53 103.55
N MET W 73 -18.20 -15.39 103.51
CA MET W 73 -18.40 -14.58 104.72
C MET W 73 -19.13 -15.37 105.79
N VAL W 74 -20.32 -15.87 105.45
CA VAL W 74 -21.10 -16.64 106.41
C VAL W 74 -20.42 -17.95 106.75
N ARG W 75 -19.73 -18.57 105.78
CA ARG W 75 -19.03 -19.82 106.05
C ARG W 75 -17.87 -19.60 107.03
N GLU W 76 -17.19 -18.47 106.92
CA GLU W 76 -16.05 -18.21 107.80
C GLU W 76 -16.51 -17.92 109.22
N VAL W 77 -17.51 -17.05 109.38
CA VAL W 77 -17.95 -16.65 110.71
C VAL W 77 -18.62 -17.81 111.44
N ALA W 78 -19.49 -18.55 110.73
CA ALA W 78 -20.15 -19.70 111.34
C ALA W 78 -19.16 -20.81 111.70
N SER W 79 -18.02 -20.88 111.02
CA SER W 79 -17.03 -21.90 111.35
C SER W 79 -16.42 -21.67 112.72
N LYS W 80 -16.41 -20.42 113.19
CA LYS W 80 -15.88 -20.11 114.51
C LYS W 80 -16.83 -20.52 115.63
N THR W 81 -18.08 -20.85 115.33
CA THR W 81 -19.00 -21.35 116.35
C THR W 81 -18.59 -22.74 116.80
N SER W 82 -18.44 -23.66 115.85
CA SER W 82 -18.06 -25.03 116.16
C SER W 82 -16.56 -25.19 116.36
N ASP W 83 -15.77 -24.16 116.08
CA ASP W 83 -14.33 -24.26 116.32
C ASP W 83 -14.01 -24.23 117.81
N VAL W 84 -14.50 -23.21 118.52
CA VAL W 84 -14.26 -23.12 119.95
C VAL W 84 -15.26 -23.97 120.73
N ALA W 85 -16.53 -23.97 120.34
CA ALA W 85 -17.58 -24.62 121.12
C ALA W 85 -17.84 -26.06 120.68
N GLY W 86 -17.28 -26.51 119.56
CA GLY W 86 -17.40 -27.89 119.13
C GLY W 86 -18.63 -28.21 118.30
N ASP W 87 -19.61 -27.32 118.23
CA ASP W 87 -20.84 -27.59 117.47
C ASP W 87 -21.52 -26.26 117.18
N GLY W 88 -22.63 -26.34 116.46
CA GLY W 88 -23.45 -25.17 116.17
C GLY W 88 -23.06 -24.37 114.96
N THR W 89 -22.26 -24.93 114.05
CA THR W 89 -21.85 -24.18 112.87
C THR W 89 -22.96 -24.11 111.84
N THR W 90 -23.75 -25.19 111.69
CA THR W 90 -24.89 -25.15 110.78
C THR W 90 -26.01 -24.26 111.31
N THR W 91 -26.19 -24.24 112.63
CA THR W 91 -27.22 -23.37 113.21
C THR W 91 -26.93 -21.90 112.93
N ALA W 92 -25.67 -21.49 113.07
CA ALA W 92 -25.31 -20.10 112.80
C ALA W 92 -25.57 -19.74 111.35
N THR W 93 -25.31 -20.66 110.43
CA THR W 93 -25.57 -20.39 109.02
C THR W 93 -27.06 -20.20 108.75
N VAL W 94 -27.89 -21.06 109.34
CA VAL W 94 -29.33 -20.93 109.19
C VAL W 94 -29.81 -19.61 109.79
N LEU W 95 -29.31 -19.27 110.98
CA LEU W 95 -29.68 -18.00 111.60
C LEU W 95 -29.20 -16.82 110.76
N ALA W 96 -27.98 -16.88 110.24
CA ALA W 96 -27.46 -15.78 109.44
C ALA W 96 -28.28 -15.59 108.17
N GLN W 97 -28.76 -16.69 107.57
CA GLN W 97 -29.61 -16.58 106.40
C GLN W 97 -30.91 -15.86 106.73
N ALA W 98 -31.47 -16.13 107.91
CA ALA W 98 -32.73 -15.51 108.30
C ALA W 98 -32.55 -14.04 108.64
N ILE W 99 -31.52 -13.73 109.44
CA ILE W 99 -31.29 -12.34 109.83
C ILE W 99 -31.01 -11.47 108.61
N TYR W 100 -30.23 -11.99 107.66
CA TYR W 100 -29.89 -11.20 106.49
C TYR W 100 -31.06 -11.10 105.51
N ARG W 101 -31.90 -12.13 105.41
CA ARG W 101 -33.05 -12.06 104.52
C ARG W 101 -34.04 -10.99 104.98
N GLU W 102 -34.47 -11.05 106.24
CA GLU W 102 -35.42 -10.07 106.74
C GLU W 102 -34.79 -8.68 106.84
N GLY W 103 -33.47 -8.61 107.01
CA GLY W 103 -32.80 -7.31 107.01
C GLY W 103 -32.91 -6.60 105.67
N LEU W 104 -32.61 -7.32 104.58
CA LEU W 104 -32.72 -6.73 103.26
C LEU W 104 -34.16 -6.38 102.90
N LYS W 105 -35.13 -7.15 103.39
CA LYS W 105 -36.53 -6.82 103.15
C LYS W 105 -36.85 -5.43 103.69
N ASN W 106 -36.38 -5.12 104.89
CA ASN W 106 -36.68 -3.83 105.51
C ASN W 106 -35.79 -2.71 104.97
N VAL W 107 -34.56 -3.04 104.54
CA VAL W 107 -33.73 -2.03 103.89
C VAL W 107 -34.39 -1.57 102.59
N THR W 108 -34.91 -2.53 101.81
CA THR W 108 -35.67 -2.17 100.62
C THR W 108 -36.95 -1.44 100.97
N ALA W 109 -37.48 -1.67 102.17
CA ALA W 109 -38.69 -0.98 102.63
C ALA W 109 -38.41 0.39 103.22
N GLY W 110 -37.15 0.83 103.25
CA GLY W 110 -36.80 2.16 103.70
C GLY W 110 -36.14 2.23 105.07
N ALA W 111 -35.86 1.11 105.72
CA ALA W 111 -35.22 1.12 107.03
C ALA W 111 -33.74 1.45 106.90
N ARG W 112 -33.23 2.23 107.85
CA ARG W 112 -31.80 2.54 107.88
C ARG W 112 -31.02 1.32 108.31
N PRO W 113 -30.05 0.85 107.50
CA PRO W 113 -29.30 -0.36 107.88
C PRO W 113 -28.58 -0.26 109.21
N ILE W 114 -28.15 0.94 109.60
CA ILE W 114 -27.44 1.08 110.86
C ILE W 114 -28.40 0.96 112.04
N ASP W 115 -29.64 1.43 111.87
CA ASP W 115 -30.63 1.26 112.93
C ASP W 115 -31.12 -0.18 113.01
N LEU W 116 -31.15 -0.88 111.88
CA LEU W 116 -31.45 -2.30 111.91
C LEU W 116 -30.34 -3.07 112.62
N LYS W 117 -29.10 -2.66 112.44
CA LYS W 117 -27.99 -3.33 113.12
C LYS W 117 -28.02 -3.06 114.62
N ARG W 118 -28.36 -1.84 115.03
CA ARG W 118 -28.45 -1.51 116.44
C ARG W 118 -29.54 -2.35 117.11
N GLY W 119 -30.72 -2.43 116.51
CA GLY W 119 -31.78 -3.23 117.07
C GLY W 119 -31.45 -4.71 117.13
N ILE W 120 -30.65 -5.19 116.17
CA ILE W 120 -30.22 -6.58 116.19
C ILE W 120 -29.23 -6.82 117.33
N ASP W 121 -28.27 -5.92 117.50
CA ASP W 121 -27.26 -6.10 118.54
C ASP W 121 -27.86 -6.05 119.93
N ARG W 122 -28.78 -5.11 120.18
CA ARG W 122 -29.42 -5.03 121.48
C ARG W 122 -30.27 -6.28 121.75
N ALA W 123 -30.93 -6.79 120.72
CA ALA W 123 -31.74 -8.00 120.89
C ALA W 123 -30.89 -9.21 121.20
N VAL W 124 -29.70 -9.31 120.58
CA VAL W 124 -28.84 -10.46 120.81
C VAL W 124 -28.33 -10.48 122.24
N LYS W 125 -27.97 -9.32 122.79
CA LYS W 125 -27.51 -9.25 124.17
C LYS W 125 -28.57 -9.77 125.13
N GLU W 126 -29.83 -9.41 124.89
CA GLU W 126 -30.91 -9.83 125.78
C GLU W 126 -31.25 -11.31 125.61
N VAL W 127 -31.14 -11.84 124.39
CA VAL W 127 -31.38 -13.27 124.18
C VAL W 127 -30.27 -14.10 124.80
N VAL W 128 -29.01 -13.65 124.66
CA VAL W 128 -27.90 -14.33 125.30
C VAL W 128 -28.02 -14.22 126.82
N ALA W 129 -28.47 -13.06 127.32
CA ALA W 129 -28.67 -12.90 128.75
C ALA W 129 -29.76 -13.85 129.26
N GLU W 130 -30.84 -13.99 128.51
CA GLU W 130 -31.89 -14.94 128.91
C GLU W 130 -31.40 -16.37 128.80
N LEU W 131 -30.45 -16.65 127.90
CA LEU W 131 -29.87 -17.98 127.82
C LEU W 131 -29.06 -18.30 129.08
N ARG W 132 -28.49 -17.28 129.73
CA ARG W 132 -27.73 -17.51 130.95
C ARG W 132 -28.63 -18.00 132.07
N ASN W 133 -29.88 -17.52 132.13
CA ASN W 133 -30.80 -17.97 133.17
C ASN W 133 -31.32 -19.38 132.88
N ILE W 134 -31.66 -19.66 131.62
CA ILE W 134 -32.14 -20.98 131.25
C ILE W 134 -31.04 -22.02 131.39
N SER W 135 -29.78 -21.60 131.24
CA SER W 135 -28.65 -22.54 131.28
C SER W 135 -28.56 -23.21 132.65
N ARG W 136 -28.11 -24.47 132.64
CA ARG W 136 -27.88 -25.24 133.86
C ARG W 136 -26.38 -25.49 134.00
N SER W 137 -25.84 -25.20 135.17
CA SER W 137 -24.41 -25.36 135.41
C SER W 137 -24.06 -26.83 135.57
N ILE W 138 -22.89 -27.20 135.05
CA ILE W 138 -22.37 -28.56 135.16
C ILE W 138 -21.11 -28.49 136.02
N SER W 139 -21.14 -29.17 137.17
CA SER W 139 -20.00 -29.25 138.06
C SER W 139 -20.09 -30.56 138.83
N GLY W 140 -18.92 -31.09 139.18
CA GLY W 140 -18.84 -32.34 139.89
C GLY W 140 -18.70 -33.54 138.96
N LYS W 141 -18.23 -34.65 139.54
CA LYS W 141 -17.95 -35.83 138.74
C LYS W 141 -19.21 -36.48 138.22
N LYS W 142 -20.33 -36.30 138.93
CA LYS W 142 -21.59 -36.90 138.47
C LYS W 142 -22.13 -36.18 137.25
N GLU W 143 -22.25 -34.85 137.33
CA GLU W 143 -22.84 -34.09 136.24
C GLU W 143 -21.94 -34.06 135.01
N ILE W 144 -20.61 -34.09 135.21
CA ILE W 144 -19.70 -34.12 134.07
C ILE W 144 -19.81 -35.45 133.33
N ALA W 145 -19.93 -36.55 134.07
CA ALA W 145 -20.07 -37.86 133.43
C ALA W 145 -21.37 -37.96 132.65
N GLN W 146 -22.41 -37.24 133.06
CA GLN W 146 -23.67 -37.27 132.34
C GLN W 146 -23.52 -36.64 130.95
N VAL W 147 -22.85 -35.49 130.87
CA VAL W 147 -22.67 -34.81 129.60
C VAL W 147 -21.76 -35.61 128.68
N GLY W 148 -20.74 -36.26 129.25
CA GLY W 148 -19.86 -37.08 128.44
C GLY W 148 -20.57 -38.31 127.87
N THR W 149 -21.49 -38.88 128.64
CA THR W 149 -22.23 -40.05 128.16
C THR W 149 -23.16 -39.67 127.01
N ILE W 150 -23.83 -38.52 127.11
CA ILE W 150 -24.70 -38.06 126.03
C ILE W 150 -23.87 -37.73 124.79
N SER W 151 -22.74 -37.06 124.98
CA SER W 151 -21.87 -36.70 123.86
C SER W 151 -21.23 -37.91 123.21
N ALA W 152 -21.12 -39.02 123.94
CA ALA W 152 -20.57 -40.27 123.42
C ALA W 152 -21.64 -41.18 122.84
N ASN W 153 -22.88 -40.69 122.72
CA ASN W 153 -24.03 -41.47 122.26
C ASN W 153 -24.31 -42.64 123.21
N ASN W 154 -24.69 -42.26 124.44
CA ASN W 154 -25.05 -43.19 125.50
C ASN W 154 -23.94 -44.23 125.71
N ASP W 155 -22.81 -43.73 126.20
CA ASP W 155 -21.64 -44.55 126.50
C ASP W 155 -21.15 -44.17 127.89
N PRO W 156 -21.65 -44.82 128.94
CA PRO W 156 -21.25 -44.44 130.31
C PRO W 156 -19.77 -44.65 130.58
N GLU W 157 -19.12 -45.56 129.86
CA GLU W 157 -17.68 -45.77 130.07
C GLU W 157 -16.88 -44.54 129.68
N ILE W 158 -17.18 -43.98 128.51
CA ILE W 158 -16.47 -42.78 128.05
C ILE W 158 -16.86 -41.59 128.91
N GLY W 159 -18.14 -41.49 129.28
CA GLY W 159 -18.57 -40.40 130.14
C GLY W 159 -17.87 -40.40 131.49
N GLU W 160 -17.71 -41.59 132.08
CA GLU W 160 -16.99 -41.69 133.35
C GLU W 160 -15.50 -41.43 133.16
N LEU W 161 -14.96 -41.74 131.98
CA LEU W 161 -13.54 -41.48 131.71
C LEU W 161 -13.26 -39.98 131.65
N ILE W 162 -14.13 -39.21 131.00
CA ILE W 162 -13.94 -37.77 130.92
C ILE W 162 -14.13 -37.13 132.29
N ALA W 163 -15.08 -37.65 133.08
CA ALA W 163 -15.27 -37.13 134.43
C ALA W 163 -14.06 -37.42 135.31
N GLU W 164 -13.44 -38.57 135.13
CA GLU W 164 -12.23 -38.89 135.90
C GLU W 164 -11.04 -38.09 135.42
N ALA W 165 -11.00 -37.76 134.12
CA ALA W 165 -9.90 -36.96 133.61
C ALA W 165 -9.95 -35.53 134.13
N MET W 166 -11.13 -34.92 134.12
CA MET W 166 -11.29 -33.59 134.71
C MET W 166 -11.21 -33.62 136.23
N ASP W 167 -11.24 -34.79 136.85
CA ASP W 167 -11.07 -34.88 138.29
C ASP W 167 -9.62 -34.66 138.70
N LYS W 168 -8.67 -35.01 137.83
CA LYS W 168 -7.25 -34.86 138.14
C LYS W 168 -6.75 -33.47 137.73
N VAL W 169 -6.71 -33.20 136.43
CA VAL W 169 -6.16 -31.93 135.94
C VAL W 169 -7.09 -30.76 136.20
N GLY W 170 -8.34 -31.01 136.56
CA GLY W 170 -9.27 -29.93 136.83
C GLY W 170 -10.13 -29.60 135.62
N LYS W 171 -10.90 -28.51 135.76
CA LYS W 171 -11.77 -28.07 134.68
C LYS W 171 -10.99 -27.35 133.59
N ASP W 172 -9.97 -26.58 133.97
CA ASP W 172 -9.15 -25.85 133.02
C ASP W 172 -7.89 -26.62 132.62
N GLY W 173 -7.74 -27.86 133.08
CA GLY W 173 -6.55 -28.63 132.78
C GLY W 173 -6.46 -29.05 131.33
N VAL W 174 -5.38 -29.75 131.02
CA VAL W 174 -5.09 -30.22 129.67
C VAL W 174 -5.42 -31.69 129.58
N ILE W 175 -6.29 -32.05 128.64
CA ILE W 175 -6.70 -33.43 128.42
C ILE W 175 -6.55 -33.74 126.94
N THR W 176 -5.80 -34.79 126.61
CA THR W 176 -5.58 -35.20 125.24
C THR W 176 -6.11 -36.62 125.03
N VAL W 177 -6.39 -36.94 123.78
CA VAL W 177 -6.93 -38.24 123.40
C VAL W 177 -5.95 -38.88 122.43
N GLU W 178 -5.35 -40.00 122.85
CA GLU W 178 -4.44 -40.76 122.02
C GLU W 178 -4.97 -42.17 121.84
N GLU W 179 -4.54 -42.82 120.78
CA GLU W 179 -4.88 -44.22 120.56
C GLU W 179 -3.91 -45.11 121.33
N ALA W 180 -4.45 -46.17 121.92
CA ALA W 180 -3.66 -47.09 122.73
C ALA W 180 -3.63 -48.46 122.08
N LYS W 181 -2.57 -49.21 122.35
CA LYS W 181 -2.40 -50.56 121.84
C LYS W 181 -2.92 -51.54 122.87
N GLY W 182 -4.05 -52.16 122.59
CA GLY W 182 -4.60 -53.17 123.47
C GLY W 182 -6.11 -53.19 123.37
N MET W 183 -6.71 -54.14 124.10
CA MET W 183 -8.16 -54.20 124.21
C MET W 183 -8.69 -53.22 125.24
N GLU W 184 -7.94 -53.02 126.33
CA GLU W 184 -8.41 -52.22 127.45
C GLU W 184 -8.11 -50.74 127.23
N THR W 185 -9.08 -49.90 127.59
CA THR W 185 -8.91 -48.46 127.59
C THR W 185 -8.44 -48.00 128.98
N GLU W 186 -7.50 -47.06 128.99
CA GLU W 186 -6.81 -46.65 130.21
C GLU W 186 -6.81 -45.12 130.32
N LEU W 187 -6.43 -44.65 131.50
CA LEU W 187 -6.26 -43.23 131.77
C LEU W 187 -4.90 -43.02 132.43
N LYS W 188 -4.03 -42.28 131.77
CA LYS W 188 -2.67 -42.03 132.26
C LYS W 188 -2.46 -40.53 132.41
N VAL W 189 -2.15 -40.10 133.62
CA VAL W 189 -1.83 -38.70 133.92
C VAL W 189 -0.31 -38.58 133.90
N VAL W 190 0.21 -37.87 132.90
CA VAL W 190 1.66 -37.71 132.74
C VAL W 190 2.07 -36.32 133.20
N GLU W 191 3.35 -36.00 133.04
CA GLU W 191 3.89 -34.70 133.41
C GLU W 191 4.13 -33.89 132.13
N GLY W 192 3.34 -32.84 131.95
CA GLY W 192 3.46 -32.01 130.76
C GLY W 192 2.73 -30.70 130.96
N MET W 193 2.72 -29.89 129.90
CA MET W 193 2.08 -28.59 129.95
C MET W 193 1.68 -28.17 128.53
N GLN W 194 0.78 -27.20 128.46
CA GLN W 194 0.34 -26.62 127.21
C GLN W 194 0.42 -25.10 127.29
N PHE W 195 1.03 -24.48 126.29
CA PHE W 195 1.19 -23.04 126.24
C PHE W 195 0.61 -22.49 124.95
N ASP W 196 0.37 -21.18 124.94
CA ASP W 196 -0.21 -20.50 123.79
C ASP W 196 0.92 -20.04 122.87
N ARG W 197 0.99 -20.65 121.69
CA ARG W 197 2.05 -20.37 120.73
C ARG W 197 1.56 -20.78 119.35
N GLY W 198 2.48 -20.84 118.39
CA GLY W 198 2.14 -21.31 117.06
C GLY W 198 3.38 -21.64 116.28
N TYR W 199 3.18 -22.39 115.20
CA TYR W 199 4.28 -22.71 114.29
C TYR W 199 4.44 -21.58 113.28
N LEU W 200 5.27 -21.79 112.26
CA LEU W 200 5.51 -20.78 111.24
C LEU W 200 4.56 -20.98 110.06
N SER W 201 4.71 -22.10 109.35
CA SER W 201 3.96 -22.37 108.14
C SER W 201 3.07 -23.60 108.32
N PRO W 202 1.90 -23.62 107.67
CA PRO W 202 1.04 -24.81 107.75
C PRO W 202 1.68 -26.08 107.21
N TYR W 203 2.79 -25.98 106.48
CA TYR W 203 3.43 -27.16 105.91
C TYR W 203 3.89 -28.16 106.95
N PHE W 204 3.96 -27.76 108.23
CA PHE W 204 4.31 -28.68 109.31
C PHE W 204 3.18 -29.64 109.66
N VAL W 205 1.98 -29.45 109.11
CA VAL W 205 0.83 -30.27 109.50
C VAL W 205 1.05 -31.70 109.05
N THR W 206 0.93 -32.64 109.99
CA THR W 206 1.07 -34.06 109.71
C THR W 206 -0.27 -34.75 109.50
N ASN W 207 -1.39 -34.03 109.62
CA ASN W 207 -2.70 -34.61 109.44
C ASN W 207 -3.54 -33.66 108.58
N SER W 208 -4.56 -34.23 107.95
CA SER W 208 -5.38 -33.48 106.99
C SER W 208 -6.55 -32.79 107.70
N GLU W 209 -7.48 -33.56 108.25
CA GLU W 209 -8.70 -33.00 108.80
C GLU W 209 -8.44 -32.25 110.09
N THR W 210 -7.67 -32.83 111.01
CA THR W 210 -7.40 -32.18 112.29
C THR W 210 -6.53 -30.94 112.14
N MET W 211 -5.74 -30.86 111.06
CA MET W 211 -4.88 -29.71 110.79
C MET W 211 -3.93 -29.44 111.96
N GLU W 212 -3.21 -30.47 112.37
CA GLU W 212 -2.27 -30.38 113.47
C GLU W 212 -0.99 -31.11 113.10
N ALA W 213 -0.02 -31.06 114.00
CA ALA W 213 1.26 -31.74 113.82
C ALA W 213 1.57 -32.55 115.07
N GLU W 214 1.61 -33.87 114.93
CA GLU W 214 1.85 -34.78 116.04
C GLU W 214 3.17 -35.49 115.85
N LEU W 215 4.03 -35.45 116.87
CA LEU W 215 5.34 -36.07 116.84
C LEU W 215 5.47 -37.00 118.03
N ASP W 216 5.91 -38.24 117.77
CA ASP W 216 6.10 -39.24 118.82
C ASP W 216 7.58 -39.38 119.13
N GLU W 217 7.90 -39.37 120.43
CA GLU W 217 9.28 -39.46 120.91
C GLU W 217 10.16 -38.39 120.26
N ALA W 218 9.88 -37.15 120.64
CA ALA W 218 10.50 -35.98 120.02
C ALA W 218 11.46 -35.29 120.98
N LEU W 219 12.47 -34.65 120.41
CA LEU W 219 13.48 -33.92 121.17
C LEU W 219 13.12 -32.43 121.23
N ILE W 220 13.42 -31.81 122.36
CA ILE W 220 13.14 -30.39 122.59
C ILE W 220 14.44 -29.62 122.45
N LEU W 221 14.42 -28.54 121.68
CA LEU W 221 15.56 -27.65 121.52
C LEU W 221 15.18 -26.26 122.00
N ILE W 222 15.80 -25.81 123.09
CA ILE W 222 15.53 -24.52 123.69
C ILE W 222 16.69 -23.58 123.34
N HIS W 223 16.36 -22.42 122.79
CA HIS W 223 17.35 -21.39 122.47
C HIS W 223 16.76 -20.03 122.80
N ASP W 224 17.52 -19.22 123.52
CA ASP W 224 17.07 -17.89 123.93
C ASP W 224 17.46 -16.80 122.94
N LYS W 225 18.04 -17.16 121.80
CA LYS W 225 18.37 -16.21 120.75
C LYS W 225 17.59 -16.55 119.48
N LYS W 226 17.34 -15.52 118.66
CA LYS W 226 16.62 -15.74 117.42
C LYS W 226 17.50 -16.44 116.39
N ILE W 227 16.93 -17.43 115.72
CA ILE W 227 17.66 -18.21 114.72
C ILE W 227 17.59 -17.50 113.38
N SER W 228 18.76 -17.15 112.85
CA SER W 228 18.84 -16.37 111.61
C SER W 228 19.74 -17.05 110.59
N ASN W 229 21.02 -17.20 110.94
CA ASN W 229 22.01 -17.71 109.99
C ASN W 229 21.63 -19.09 109.48
N MET W 230 22.05 -19.37 108.24
CA MET W 230 21.69 -20.62 107.59
C MET W 230 22.21 -21.83 108.37
N LYS W 231 23.51 -21.88 108.62
CA LYS W 231 24.12 -22.95 109.41
C LYS W 231 24.66 -22.35 110.71
N GLU W 232 23.95 -22.61 111.81
CA GLU W 232 24.42 -22.28 113.15
C GLU W 232 24.21 -23.49 114.05
N LEU W 233 22.94 -23.86 114.24
CA LEU W 233 22.57 -25.07 114.97
C LEU W 233 22.52 -26.30 114.08
N LEU W 234 22.91 -26.17 112.82
CA LEU W 234 22.99 -27.32 111.92
C LEU W 234 23.73 -28.52 112.51
N PRO W 235 24.85 -28.35 113.25
CA PRO W 235 25.47 -29.54 113.86
C PRO W 235 24.59 -30.24 114.87
N ILE W 236 23.85 -29.50 115.70
CA ILE W 236 23.06 -30.15 116.75
C ILE W 236 21.76 -30.74 116.21
N LEU W 237 21.24 -30.23 115.09
CA LEU W 237 20.09 -30.87 114.46
C LEU W 237 20.50 -32.04 113.57
N GLU W 238 21.79 -32.11 113.19
CA GLU W 238 22.29 -33.30 112.51
C GLU W 238 22.47 -34.45 113.49
N LYS W 239 22.89 -34.14 114.72
CA LYS W 239 22.96 -35.17 115.75
C LYS W 239 21.56 -35.64 116.15
N ALA W 240 20.56 -34.77 116.06
CA ALA W 240 19.19 -35.19 116.34
C ALA W 240 18.62 -36.01 115.19
N ALA W 241 19.06 -35.74 113.96
CA ALA W 241 18.60 -36.53 112.83
C ALA W 241 19.23 -37.93 112.82
N GLN W 242 20.40 -38.07 113.43
CA GLN W 242 21.03 -39.38 113.54
C GLN W 242 20.35 -40.27 114.57
N SER W 243 19.56 -39.68 115.48
CA SER W 243 18.84 -40.45 116.48
C SER W 243 17.48 -40.93 115.99
N GLY W 244 17.05 -40.52 114.80
CA GLY W 244 15.78 -40.94 114.24
C GLY W 244 14.56 -40.29 114.83
N ARG W 245 14.71 -39.53 115.92
CA ARG W 245 13.60 -38.86 116.61
C ARG W 245 13.35 -37.48 116.01
N PRO W 246 12.10 -37.05 115.94
CA PRO W 246 11.80 -35.69 115.48
C PRO W 246 12.28 -34.65 116.51
N LEU W 247 12.47 -33.42 116.01
CA LEU W 247 12.99 -32.34 116.83
C LEU W 247 11.99 -31.18 116.85
N LEU W 248 11.81 -30.61 118.03
CA LEU W 248 10.97 -29.43 118.22
C LEU W 248 11.87 -28.27 118.64
N ILE W 249 12.01 -27.28 117.76
CA ILE W 249 12.88 -26.14 118.00
C ILE W 249 12.02 -24.95 118.43
N ILE W 250 12.21 -24.50 119.66
CA ILE W 250 11.48 -23.36 120.22
C ILE W 250 12.48 -22.26 120.55
N ALA W 251 12.22 -21.06 120.06
CA ALA W 251 13.09 -19.91 120.27
C ALA W 251 12.26 -18.64 120.11
N GLU W 252 12.94 -17.49 120.05
CA GLU W 252 12.24 -16.23 119.80
C GLU W 252 11.46 -16.29 118.49
N ASP W 253 12.14 -16.62 117.40
CA ASP W 253 11.51 -16.78 116.09
C ASP W 253 12.50 -17.50 115.19
N ILE W 254 12.05 -17.80 113.98
CA ILE W 254 12.89 -18.41 112.95
C ILE W 254 12.71 -17.62 111.67
N GLU W 255 13.79 -17.00 111.19
CA GLU W 255 13.70 -16.07 110.08
C GLU W 255 14.37 -16.64 108.82
N LEU W 259 15.71 -19.32 109.52
CA LEU W 259 15.93 -20.57 108.81
C LEU W 259 14.70 -20.98 108.01
N ALA W 260 14.53 -20.37 106.82
CA ALA W 260 13.43 -20.73 105.94
C ALA W 260 13.65 -22.06 105.24
N THR W 261 14.84 -22.64 105.35
CA THR W 261 15.14 -23.94 104.76
C THR W 261 14.76 -25.10 105.64
N LEU W 262 14.22 -24.85 106.84
CA LEU W 262 13.82 -25.94 107.73
C LEU W 262 12.52 -26.57 107.26
N VAL W 263 11.52 -25.76 106.92
CA VAL W 263 10.26 -26.30 106.44
C VAL W 263 10.41 -26.89 105.05
N VAL W 264 11.29 -26.32 104.23
CA VAL W 264 11.54 -26.87 102.90
C VAL W 264 12.34 -28.16 102.97
N ASN W 265 13.07 -28.39 104.07
CA ASN W 265 13.85 -29.61 104.21
C ASN W 265 12.97 -30.79 104.59
N LYS W 266 11.94 -30.57 105.42
CA LYS W 266 11.03 -31.64 105.81
C LYS W 266 10.40 -32.27 104.58
N LEU W 267 9.45 -31.57 103.95
CA LEU W 267 8.92 -31.91 102.64
C LEU W 267 8.65 -33.40 102.49
N ARG W 268 9.23 -34.00 101.45
CA ARG W 268 9.37 -35.44 101.33
C ARG W 268 10.71 -35.94 101.84
N GLY W 269 11.53 -35.05 102.41
CA GLY W 269 12.87 -35.38 102.84
C GLY W 269 12.90 -36.00 104.23
N THR W 270 14.02 -35.80 104.92
CA THR W 270 14.30 -36.47 106.18
C THR W 270 14.36 -35.47 107.33
N LEU W 271 14.69 -36.00 108.51
CA LEU W 271 14.92 -35.28 109.76
C LEU W 271 13.63 -34.81 110.43
N LYS W 272 12.53 -34.74 109.68
CA LYS W 272 11.18 -34.53 110.21
C LYS W 272 11.13 -33.54 111.37
N VAL W 273 11.42 -32.27 111.12
CA VAL W 273 11.56 -31.30 112.20
C VAL W 273 10.26 -30.52 112.37
N ALA W 274 10.21 -29.67 113.40
CA ALA W 274 9.08 -28.79 113.64
C ALA W 274 9.57 -27.56 114.38
N ALA W 275 8.92 -26.42 114.11
CA ALA W 275 9.31 -25.14 114.71
C ALA W 275 8.09 -24.49 115.33
N VAL W 276 8.19 -24.15 116.61
CA VAL W 276 7.12 -23.49 117.36
C VAL W 276 7.73 -22.33 118.13
N LYS W 277 7.01 -21.21 118.18
CA LYS W 277 7.50 -20.03 118.90
C LYS W 277 7.43 -20.28 120.40
N ALA W 278 8.29 -19.56 121.14
CA ALA W 278 8.27 -19.60 122.59
C ALA W 278 7.07 -18.81 123.11
N PRO W 279 6.91 -18.78 124.44
CA PRO W 279 5.82 -18.06 125.07
C PRO W 279 6.38 -16.88 125.85
N GLY W 280 6.20 -15.69 125.31
CA GLY W 280 6.51 -14.46 126.02
C GLY W 280 7.02 -13.43 125.04
N PHE W 281 7.32 -12.25 125.59
CA PHE W 281 8.20 -11.30 124.91
C PHE W 281 9.11 -10.66 125.95
N GLY W 282 10.42 -10.89 125.83
CA GLY W 282 11.41 -10.17 126.60
C GLY W 282 11.42 -10.43 128.09
N ASP W 283 10.43 -11.14 128.63
CA ASP W 283 10.34 -11.38 130.06
C ASP W 283 10.13 -12.85 130.34
N ARG W 284 8.97 -13.38 129.94
CA ARG W 284 8.69 -14.81 130.07
C ARG W 284 9.45 -15.63 129.03
N ARG W 285 10.10 -14.98 128.06
CA ARG W 285 10.91 -15.72 127.08
C ARG W 285 12.04 -16.47 127.77
N LYS W 286 12.87 -15.75 128.53
CA LYS W 286 13.96 -16.40 129.25
C LYS W 286 13.49 -17.09 130.52
N ALA W 287 12.46 -16.55 131.19
CA ALA W 287 12.03 -17.10 132.46
C ALA W 287 11.28 -18.41 132.28
N MET W 288 10.28 -18.44 131.38
CA MET W 288 9.43 -19.61 131.26
C MET W 288 10.02 -20.72 130.41
N LEU W 289 11.07 -20.42 129.63
CA LEU W 289 11.72 -21.48 128.85
C LEU W 289 12.44 -22.48 129.74
N GLU W 290 12.81 -22.08 130.96
CA GLU W 290 13.39 -23.05 131.90
C GLU W 290 12.36 -24.06 132.36
N ASP W 291 11.07 -23.70 132.33
CA ASP W 291 10.02 -24.65 132.67
C ASP W 291 9.88 -25.72 131.59
N ILE W 292 9.98 -25.31 130.32
CA ILE W 292 10.01 -26.28 129.22
C ILE W 292 11.30 -27.08 129.20
N ALA W 293 12.30 -26.66 129.95
CA ALA W 293 13.57 -27.37 130.07
C ALA W 293 13.53 -28.40 131.19
N ILE W 294 13.32 -27.94 132.43
CA ILE W 294 13.36 -28.82 133.60
C ILE W 294 12.37 -29.97 133.44
N LEU W 295 11.16 -29.68 132.97
CA LEU W 295 10.14 -30.72 132.85
C LEU W 295 10.50 -31.72 131.76
N THR W 296 11.11 -31.25 130.67
CA THR W 296 11.50 -32.14 129.58
C THR W 296 12.90 -32.72 129.75
N GLY W 297 13.66 -32.26 130.74
CA GLY W 297 14.99 -32.77 130.97
C GLY W 297 16.09 -32.08 130.21
N GLY W 298 15.81 -30.93 129.60
CA GLY W 298 16.81 -30.19 128.85
C GLY W 298 17.32 -28.97 129.60
N THR W 299 18.18 -28.22 128.92
CA THR W 299 18.76 -26.99 129.46
C THR W 299 18.59 -25.86 128.45
N VAL W 300 18.41 -24.65 128.96
CA VAL W 300 18.23 -23.48 128.11
C VAL W 300 19.60 -22.99 127.65
N ILE W 301 19.69 -22.62 126.38
CA ILE W 301 20.94 -22.17 125.76
C ILE W 301 20.77 -20.71 125.38
N SER W 302 21.47 -19.82 126.10
CA SER W 302 21.44 -18.41 125.74
C SER W 302 22.84 -17.86 125.49
N GLU W 303 23.56 -17.55 126.56
CA GLU W 303 24.95 -17.11 126.47
C GLU W 303 25.81 -17.84 127.49
N GLU W 304 25.58 -17.56 128.77
CA GLU W 304 26.35 -18.15 129.85
C GLU W 304 25.92 -19.59 130.10
N GLY W 306 24.07 -25.16 130.09
CA GLY W 306 24.08 -24.13 129.07
C GLY W 306 25.17 -24.34 128.03
N TYR W 307 25.00 -23.70 126.87
CA TYR W 307 25.95 -23.79 125.77
C TYR W 307 25.97 -22.45 125.05
N LYS W 308 26.65 -22.41 123.91
CA LYS W 308 26.72 -21.17 123.15
C LYS W 308 25.83 -21.22 121.91
N LEU W 309 26.29 -21.89 120.85
CA LEU W 309 25.47 -22.01 119.65
C LEU W 309 25.44 -23.45 119.11
N GLU W 310 26.55 -23.90 118.55
CA GLU W 310 26.64 -25.19 117.88
C GLU W 310 27.21 -26.29 118.77
N ASN W 311 27.61 -25.97 119.99
CA ASN W 311 28.22 -26.94 120.89
C ASN W 311 27.21 -27.71 121.72
N ALA W 312 25.92 -27.49 121.50
CA ALA W 312 24.89 -28.20 122.25
C ALA W 312 24.99 -29.70 122.00
N THR W 313 24.76 -30.48 123.05
CA THR W 313 24.81 -31.93 123.00
C THR W 313 23.41 -32.51 122.95
N MET W 314 23.33 -33.84 122.91
CA MET W 314 22.04 -34.52 122.94
C MET W 314 21.43 -34.50 124.33
N ALA W 315 22.25 -34.41 125.38
CA ALA W 315 21.72 -34.35 126.74
C ALA W 315 21.12 -33.00 127.04
N TYR W 316 21.60 -31.93 126.38
CA TYR W 316 21.01 -30.61 126.57
C TYR W 316 19.60 -30.52 126.02
N LEU W 317 19.21 -31.44 125.13
CA LEU W 317 17.90 -31.41 124.52
C LEU W 317 16.88 -32.10 125.41
N GLY W 318 15.72 -31.46 125.60
CA GLY W 318 14.62 -32.10 126.28
C GLY W 318 13.95 -33.13 125.41
N GLN W 319 13.07 -33.92 126.04
CA GLN W 319 12.37 -35.00 125.36
C GLN W 319 10.89 -34.94 125.71
N ALA W 320 10.11 -35.71 124.96
CA ALA W 320 8.68 -35.86 125.23
C ALA W 320 8.20 -37.15 124.61
N ALA W 321 7.08 -37.66 125.12
CA ALA W 321 6.47 -38.85 124.54
C ALA W 321 5.66 -38.51 123.30
N ARG W 322 4.89 -37.42 123.34
CA ARG W 322 4.13 -36.96 122.19
C ARG W 322 4.03 -35.44 122.25
N ILE W 323 4.09 -34.81 121.08
CA ILE W 323 3.95 -33.36 120.95
C ILE W 323 2.96 -33.08 119.84
N THR W 324 1.83 -32.47 120.19
CA THR W 324 0.78 -32.13 119.24
C THR W 324 0.66 -30.61 119.15
N ILE W 325 0.80 -30.09 117.94
CA ILE W 325 0.71 -28.65 117.68
C ILE W 325 -0.47 -28.43 116.75
N ASP W 326 -1.51 -27.80 117.26
CA ASP W 326 -2.66 -27.42 116.45
C ASP W 326 -2.41 -26.05 115.83
N LYS W 327 -3.45 -25.46 115.24
CA LYS W 327 -3.33 -24.10 114.73
C LYS W 327 -2.91 -23.12 115.82
N ASP W 328 -3.30 -23.39 117.07
CA ASP W 328 -2.95 -22.54 118.19
C ASP W 328 -2.33 -23.34 119.34
N ASN W 329 -3.12 -24.24 119.92
CA ASN W 329 -2.68 -24.97 121.11
C ASN W 329 -1.47 -25.86 120.80
N THR W 330 -0.44 -25.74 121.63
CA THR W 330 0.76 -26.56 121.54
C THR W 330 0.96 -27.29 122.86
N THR W 331 0.94 -28.62 122.82
CA THR W 331 0.94 -29.44 124.02
C THR W 331 2.19 -30.31 124.07
N ILE W 332 2.83 -30.36 125.23
CA ILE W 332 3.94 -31.27 125.50
C ILE W 332 3.45 -32.34 126.45
N VAL W 333 3.67 -33.60 126.10
CA VAL W 333 3.14 -34.74 126.85
C VAL W 333 4.30 -35.60 127.31
N GLU W 334 4.37 -35.82 128.63
CA GLU W 334 5.35 -36.74 129.24
C GLU W 334 6.78 -36.32 128.88
N GLY W 335 7.20 -35.22 129.50
CA GLY W 335 8.49 -34.63 129.20
C GLY W 335 9.69 -35.51 129.50
N LYS W 336 9.51 -36.58 130.28
CA LYS W 336 10.58 -37.51 130.62
C LYS W 336 11.75 -36.79 131.29
N GLY W 337 11.51 -36.37 132.53
CA GLY W 337 12.49 -35.61 133.26
C GLY W 337 12.45 -35.93 134.74
N LYS W 338 13.44 -35.39 135.46
CA LYS W 338 13.59 -35.70 136.87
C LYS W 338 12.41 -35.18 137.67
N GLN W 339 11.81 -36.05 138.48
CA GLN W 339 10.66 -35.66 139.28
C GLN W 339 11.06 -34.79 140.46
N GLU W 340 12.27 -35.00 141.00
CA GLU W 340 12.72 -34.17 142.12
C GLU W 340 13.06 -32.76 141.66
N GLU W 341 13.46 -32.58 140.40
CA GLU W 341 13.71 -31.25 139.87
C GLU W 341 12.42 -30.53 139.54
N ILE W 342 11.36 -31.27 139.21
CA ILE W 342 10.06 -30.66 138.97
C ILE W 342 9.42 -30.23 140.29
N LYS W 343 9.53 -31.07 141.33
CA LYS W 343 9.02 -30.68 142.64
C LYS W 343 9.80 -29.51 143.21
N ALA W 344 11.07 -29.34 142.80
CA ALA W 344 11.85 -28.20 143.24
C ALA W 344 11.46 -26.94 142.48
N ARG W 345 11.30 -27.03 141.16
CA ARG W 345 10.90 -25.87 140.37
C ARG W 345 9.50 -25.40 140.73
N ILE W 346 8.61 -26.31 141.13
CA ILE W 346 7.26 -25.92 141.51
C ILE W 346 7.28 -25.20 142.85
N ASN W 347 8.01 -25.74 143.83
CA ASN W 347 8.08 -25.10 145.13
C ASN W 347 8.87 -23.79 145.07
N GLU W 348 9.88 -23.71 144.20
CA GLU W 348 10.61 -22.47 144.01
C GLU W 348 9.77 -21.40 143.31
N ILE W 349 8.76 -21.82 142.53
CA ILE W 349 7.88 -20.84 141.92
C ILE W 349 6.98 -20.20 142.97
N LYS W 350 6.69 -20.91 144.06
CA LYS W 350 5.91 -20.34 145.15
C LYS W 350 6.70 -19.30 145.94
N GLY W 351 8.03 -19.38 145.92
CA GLY W 351 8.84 -18.40 146.63
C GLY W 351 8.82 -17.04 145.98
N GLN W 352 8.58 -16.98 144.67
CA GLN W 352 8.48 -15.70 143.97
C GLN W 352 7.15 -15.01 144.21
N ILE W 353 6.18 -15.70 144.83
CA ILE W 353 4.87 -15.11 145.10
C ILE W 353 4.93 -14.35 146.42
N GLU W 354 5.12 -15.06 147.52
CA GLU W 354 5.19 -14.45 148.84
C GLU W 354 6.59 -13.88 149.09
N ASP W 359 -1.88 -6.08 141.19
CA ASP W 359 -0.67 -6.85 141.43
C ASP W 359 -0.51 -7.96 140.39
N TYR W 360 0.03 -7.60 139.23
CA TYR W 360 0.25 -8.56 138.15
C TYR W 360 1.45 -9.47 138.41
N ASP W 361 2.30 -9.13 139.39
CA ASP W 361 3.45 -9.98 139.67
C ASP W 361 3.02 -11.31 140.29
N THR W 362 1.99 -11.28 141.15
CA THR W 362 1.46 -12.49 141.76
C THR W 362 0.35 -13.13 140.95
N GLU W 363 0.00 -12.55 139.81
CA GLU W 363 -1.04 -13.10 138.95
C GLU W 363 -0.47 -14.08 137.92
N LYS W 364 0.38 -13.58 137.02
CA LYS W 364 0.98 -14.44 136.00
C LYS W 364 1.95 -15.45 136.59
N LEU W 365 2.40 -15.24 137.83
CA LEU W 365 3.29 -16.21 138.47
C LEU W 365 2.56 -17.50 138.80
N GLN W 366 1.28 -17.39 139.19
CA GLN W 366 0.51 -18.60 139.51
C GLN W 366 0.10 -19.37 138.26
N GLU W 367 0.13 -18.72 137.09
CA GLU W 367 -0.21 -19.41 135.84
C GLU W 367 0.81 -20.50 135.53
N ARG W 368 2.10 -20.24 135.81
CA ARG W 368 3.13 -21.23 135.54
C ARG W 368 3.01 -22.41 136.49
N LEU W 369 2.43 -22.22 137.67
CA LEU W 369 2.30 -23.31 138.63
C LEU W 369 1.30 -24.35 138.14
N ALA W 370 0.16 -23.91 137.61
CA ALA W 370 -0.83 -24.85 137.09
C ALA W 370 -0.35 -25.59 135.85
N LYS W 371 0.61 -25.03 135.12
CA LYS W 371 1.15 -25.72 133.95
C LYS W 371 2.08 -26.85 134.37
N LEU W 372 3.03 -26.56 135.26
CA LEU W 372 4.02 -27.56 135.66
C LEU W 372 3.42 -28.59 136.61
N SER W 373 2.74 -28.12 137.66
CA SER W 373 2.20 -29.02 138.67
C SER W 373 0.85 -29.63 138.28
N GLY W 374 0.20 -29.10 137.25
CA GLY W 374 -1.07 -29.63 136.80
C GLY W 374 -0.93 -30.89 135.98
N GLY W 375 0.04 -30.91 135.08
CA GLY W 375 0.25 -32.06 134.22
C GLY W 375 -0.72 -32.09 133.05
N VAL W 376 -0.66 -33.21 132.33
CA VAL W 376 -1.51 -33.44 131.16
C VAL W 376 -2.11 -34.83 131.28
N ALA W 377 -3.44 -34.90 131.26
CA ALA W 377 -4.13 -36.19 131.28
C ALA W 377 -4.21 -36.76 129.88
N VAL W 378 -3.87 -38.03 129.74
CA VAL W 378 -3.85 -38.71 128.45
C VAL W 378 -4.90 -39.82 128.48
N LEU W 379 -5.82 -39.77 127.51
CA LEU W 379 -6.89 -40.74 127.41
C LEU W 379 -6.46 -41.86 126.46
N LYS W 380 -6.28 -43.06 127.00
CA LYS W 380 -5.94 -44.23 126.20
C LYS W 380 -7.23 -44.90 125.74
N ILE W 381 -7.38 -45.07 124.43
CA ILE W 381 -8.61 -45.61 123.84
C ILE W 381 -8.30 -47.00 123.30
N GLY W 382 -8.85 -48.02 123.94
CA GLY W 382 -8.76 -49.38 123.47
C GLY W 382 -10.02 -49.82 122.75
N ALA W 383 -9.91 -50.92 122.01
CA ALA W 383 -11.04 -51.45 121.25
C ALA W 383 -10.72 -52.89 120.87
N SER W 384 -11.65 -53.51 120.14
CA SER W 384 -11.48 -54.89 119.67
C SER W 384 -10.75 -54.90 118.33
N THR W 385 -11.42 -54.43 117.28
CA THR W 385 -10.82 -54.39 115.94
C THR W 385 -10.02 -53.11 115.78
N GLU W 386 -9.41 -52.96 114.60
CA GLU W 386 -8.62 -51.76 114.32
C GLU W 386 -9.52 -50.58 113.96
N VAL W 387 -10.56 -50.83 113.16
CA VAL W 387 -11.45 -49.74 112.75
C VAL W 387 -12.36 -49.32 113.91
N GLU W 388 -12.65 -50.24 114.84
CA GLU W 388 -13.49 -49.91 115.98
C GLU W 388 -12.83 -48.89 116.90
N MET W 389 -11.50 -48.80 116.90
CA MET W 389 -10.81 -47.82 117.74
C MET W 389 -10.89 -46.42 117.15
N LYS W 390 -10.64 -46.30 115.84
CA LYS W 390 -10.62 -45.00 115.19
C LYS W 390 -11.96 -44.28 115.33
N GLU W 391 -13.06 -45.02 115.22
CA GLU W 391 -14.38 -44.41 115.39
C GLU W 391 -14.67 -44.14 116.86
N LYS W 392 -14.20 -45.02 117.75
CA LYS W 392 -14.38 -44.79 119.18
C LYS W 392 -13.48 -43.66 119.67
N LYS W 393 -12.24 -43.60 119.20
CA LYS W 393 -11.32 -42.54 119.60
C LYS W 393 -11.85 -41.18 119.16
N ALA W 394 -12.28 -41.07 117.90
CA ALA W 394 -12.83 -39.81 117.41
C ALA W 394 -14.12 -39.45 118.15
N ARG W 395 -14.87 -40.45 118.62
CA ARG W 395 -16.06 -40.17 119.40
C ARG W 395 -15.71 -39.59 120.77
N VAL W 396 -14.58 -39.99 121.34
CA VAL W 396 -14.14 -39.44 122.62
C VAL W 396 -13.70 -38.00 122.44
N GLU W 397 -12.96 -37.70 121.36
CA GLU W 397 -12.51 -36.35 121.11
C GLU W 397 -13.69 -35.39 120.94
N ASP W 398 -14.73 -35.84 120.24
CA ASP W 398 -15.93 -35.03 120.12
C ASP W 398 -16.67 -34.94 121.45
N ALA W 399 -16.68 -36.03 122.23
CA ALA W 399 -17.32 -36.00 123.54
C ALA W 399 -16.51 -35.17 124.52
N LEU W 400 -15.18 -35.24 124.44
CA LEU W 400 -14.34 -34.44 125.32
C LEU W 400 -14.54 -32.95 125.06
N HIS W 401 -14.51 -32.54 123.78
CA HIS W 401 -14.69 -31.13 123.46
C HIS W 401 -16.09 -30.65 123.83
N ALA W 402 -17.09 -31.51 123.67
CA ALA W 402 -18.45 -31.14 124.04
C ALA W 402 -18.58 -30.95 125.54
N THR W 403 -17.87 -31.78 126.32
CA THR W 403 -17.96 -31.67 127.78
C THR W 403 -17.25 -30.42 128.28
N ARG W 404 -16.11 -30.08 127.68
CA ARG W 404 -15.39 -28.88 128.10
C ARG W 404 -16.23 -27.63 127.90
N ALA W 405 -17.02 -27.58 126.82
CA ALA W 405 -17.88 -26.44 126.58
C ALA W 405 -19.04 -26.39 127.56
N ALA W 406 -19.57 -27.56 127.92
CA ALA W 406 -20.67 -27.61 128.89
C ALA W 406 -20.23 -27.20 130.28
N VAL W 407 -18.98 -27.50 130.64
CA VAL W 407 -18.48 -27.14 131.96
C VAL W 407 -18.35 -25.62 132.10
N GLN W 408 -18.04 -24.93 131.00
CA GLN W 408 -17.79 -23.48 131.07
C GLN W 408 -19.09 -22.70 131.22
N GLU W 409 -19.89 -22.65 130.16
CA GLU W 409 -21.07 -21.79 130.11
C GLU W 409 -22.37 -22.53 130.43
N GLY W 410 -22.32 -23.81 130.73
CA GLY W 410 -23.50 -24.56 131.10
C GLY W 410 -24.12 -25.32 129.95
N ILE W 411 -25.39 -25.68 130.15
CA ILE W 411 -26.14 -26.48 129.18
C ILE W 411 -27.57 -25.95 129.10
N VAL W 412 -28.07 -25.82 127.87
CA VAL W 412 -29.46 -25.42 127.63
C VAL W 412 -30.19 -26.55 126.93
N VAL W 413 -31.47 -26.34 126.64
CA VAL W 413 -32.28 -27.36 125.98
C VAL W 413 -31.92 -27.43 124.51
N GLY W 414 -31.89 -28.64 123.96
CA GLY W 414 -31.57 -28.85 122.57
C GLY W 414 -32.77 -28.75 121.66
N GLY W 415 -32.60 -29.23 120.43
CA GLY W 415 -33.68 -29.21 119.46
C GLY W 415 -34.13 -27.83 119.03
N GLY W 416 -33.30 -26.81 119.26
CA GLY W 416 -33.68 -25.45 118.92
C GLY W 416 -34.69 -24.80 119.84
N VAL W 417 -35.04 -25.46 120.94
CA VAL W 417 -36.03 -24.88 121.85
C VAL W 417 -35.41 -23.80 122.72
N ALA W 418 -34.11 -23.86 122.97
CA ALA W 418 -33.46 -22.86 123.81
C ALA W 418 -33.59 -21.46 123.21
N LEU W 419 -33.42 -21.34 121.90
CA LEU W 419 -33.61 -20.04 121.25
C LEU W 419 -35.06 -19.59 121.30
N ILE W 420 -36.01 -20.53 121.33
CA ILE W 420 -37.42 -20.18 121.47
C ILE W 420 -37.67 -19.64 122.87
N ARG W 421 -37.16 -20.34 123.89
CA ARG W 421 -37.38 -19.91 125.27
C ARG W 421 -36.62 -18.62 125.58
N ALA W 422 -35.47 -18.41 124.95
CA ALA W 422 -34.69 -17.19 125.18
C ALA W 422 -35.30 -15.97 124.51
N ALA W 423 -36.33 -16.15 123.68
CA ALA W 423 -37.02 -15.01 123.09
C ALA W 423 -37.74 -14.17 124.13
N LYS W 424 -37.98 -14.73 125.33
CA LYS W 424 -38.61 -13.97 126.40
C LYS W 424 -37.74 -12.80 126.85
N GLY W 425 -36.43 -12.91 126.68
CA GLY W 425 -35.54 -11.81 127.04
C GLY W 425 -35.66 -10.60 126.16
N LEU W 426 -36.38 -10.70 125.04
CA LEU W 426 -36.54 -9.56 124.14
C LEU W 426 -37.39 -8.44 124.75
N ALA W 427 -38.13 -8.73 125.82
CA ALA W 427 -38.94 -7.69 126.45
C ALA W 427 -38.09 -6.58 127.05
N LYS W 428 -36.87 -6.91 127.47
CA LYS W 428 -35.97 -5.92 128.05
C LYS W 428 -35.22 -5.11 127.00
N ALA W 429 -35.34 -5.47 125.72
CA ALA W 429 -34.66 -4.72 124.67
C ALA W 429 -35.31 -3.36 124.49
N VAL W 430 -34.48 -2.34 124.26
CA VAL W 430 -34.93 -0.96 124.15
C VAL W 430 -34.67 -0.49 122.72
N ALA W 431 -35.69 0.08 122.09
CA ALA W 431 -35.59 0.58 120.73
C ALA W 431 -35.76 2.09 120.74
N ASP W 432 -34.74 2.81 120.23
CA ASP W 432 -34.81 4.27 120.19
C ASP W 432 -35.73 4.77 119.09
N ASN W 433 -36.04 3.94 118.09
CA ASN W 433 -36.93 4.33 117.01
C ASN W 433 -37.56 3.06 116.43
N GLU W 434 -38.37 3.24 115.38
CA GLU W 434 -39.08 2.11 114.80
C GLU W 434 -38.15 1.16 114.05
N ASP W 435 -37.10 1.69 113.40
CA ASP W 435 -36.17 0.82 112.70
C ASP W 435 -35.42 -0.08 113.67
N GLN W 436 -35.02 0.46 114.82
CA GLN W 436 -34.40 -0.38 115.83
C GLN W 436 -35.37 -1.44 116.35
N LYS W 437 -36.65 -1.07 116.50
CA LYS W 437 -37.65 -2.06 116.90
C LYS W 437 -37.81 -3.13 115.83
N THR W 438 -37.74 -2.75 114.56
CA THR W 438 -37.78 -3.73 113.48
C THR W 438 -36.61 -4.69 113.57
N GLY W 439 -35.42 -4.18 113.92
CA GLY W 439 -34.28 -5.04 114.11
C GLY W 439 -34.46 -6.03 115.24
N ILE W 440 -35.16 -5.63 116.29
CA ILE W 440 -35.45 -6.55 117.39
C ILE W 440 -36.38 -7.65 116.92
N GLU W 441 -37.38 -7.31 116.11
CA GLU W 441 -38.33 -8.31 115.65
C GLU W 441 -37.69 -9.27 114.64
N ILE W 442 -36.65 -8.84 113.94
CA ILE W 442 -35.93 -9.74 113.05
C ILE W 442 -35.30 -10.87 113.85
N ILE W 443 -34.68 -10.53 114.98
CA ILE W 443 -34.12 -11.56 115.86
C ILE W 443 -35.24 -12.45 116.41
N ARG W 444 -36.39 -11.86 116.71
CA ARG W 444 -37.50 -12.64 117.26
C ARG W 444 -37.97 -13.71 116.28
N ARG W 445 -38.11 -13.35 115.00
CA ARG W 445 -38.52 -14.33 114.01
C ARG W 445 -37.40 -15.26 113.59
N ALA W 446 -36.14 -14.88 113.84
CA ALA W 446 -35.01 -15.72 113.46
C ALA W 446 -34.80 -16.88 114.43
N LEU W 447 -35.13 -16.68 115.71
CA LEU W 447 -34.93 -17.74 116.70
C LEU W 447 -35.76 -18.97 116.42
N GLU W 448 -36.84 -18.84 115.64
CA GLU W 448 -37.68 -19.98 115.29
C GLU W 448 -37.12 -20.78 114.13
N GLU W 449 -36.18 -20.23 113.38
CA GLU W 449 -35.68 -20.86 112.15
C GLU W 449 -34.91 -22.16 112.42
N PRO W 450 -34.03 -22.25 113.42
CA PRO W 450 -33.38 -23.54 113.68
C PRO W 450 -34.36 -24.66 113.97
N LEU W 451 -35.35 -24.41 114.84
CA LEU W 451 -36.36 -25.43 115.11
C LEU W 451 -37.19 -25.73 113.87
N ARG W 452 -37.57 -24.68 113.12
CA ARG W 452 -38.35 -24.89 111.91
C ARG W 452 -37.62 -25.78 110.91
N GLN W 453 -36.31 -25.60 110.79
CA GLN W 453 -35.53 -26.42 109.87
C GLN W 453 -35.37 -27.85 110.38
N ILE W 454 -35.29 -28.02 111.71
CA ILE W 454 -35.21 -29.37 112.27
C ILE W 454 -36.45 -30.17 111.92
N VAL W 455 -37.63 -29.55 112.09
CA VAL W 455 -38.88 -30.24 111.77
C VAL W 455 -39.03 -30.43 110.27
N ALA W 456 -38.52 -29.49 109.48
CA ALA W 456 -38.65 -29.59 108.03
C ALA W 456 -37.84 -30.75 107.47
N ASN W 457 -36.69 -31.06 108.08
CA ASN W 457 -35.87 -32.16 107.60
C ASN W 457 -36.51 -33.52 107.86
N THR W 458 -37.53 -33.59 108.73
CA THR W 458 -38.27 -34.82 108.91
C THR W 458 -39.09 -35.17 107.67
N GLY W 459 -39.35 -34.20 106.80
CA GLY W 459 -40.13 -34.43 105.60
C GLY W 459 -41.60 -34.07 105.71
N THR W 460 -42.06 -33.65 106.88
CA THR W 460 -43.47 -33.36 107.07
C THR W 460 -43.85 -32.00 106.47
N THR W 461 -45.12 -31.87 106.10
CA THR W 461 -45.70 -30.59 105.70
C THR W 461 -46.43 -29.92 106.85
N ASP W 462 -46.49 -30.54 108.02
CA ASP W 462 -47.20 -30.04 109.18
C ASP W 462 -46.30 -29.24 110.13
N GLY W 463 -45.06 -28.97 109.74
CA GLY W 463 -44.11 -28.36 110.66
C GLY W 463 -44.58 -27.06 111.29
N ALA W 464 -45.46 -26.32 110.60
CA ALA W 464 -45.96 -25.07 111.16
C ALA W 464 -46.74 -25.31 112.45
N VAL W 465 -47.45 -26.44 112.55
CA VAL W 465 -48.18 -26.76 113.76
C VAL W 465 -47.23 -27.22 114.87
N VAL W 466 -46.14 -27.90 114.51
CA VAL W 466 -45.19 -28.36 115.52
C VAL W 466 -44.53 -27.16 116.20
N LEU W 467 -44.16 -26.14 115.43
CA LEU W 467 -43.56 -24.95 116.02
C LEU W 467 -44.55 -24.21 116.90
N GLU W 468 -45.85 -24.27 116.57
CA GLU W 468 -46.85 -23.58 117.38
C GLU W 468 -46.98 -24.22 118.76
N LYS W 469 -46.97 -25.55 118.82
CA LYS W 469 -47.08 -26.23 120.11
C LYS W 469 -45.85 -25.98 120.98
N VAL W 470 -44.66 -26.08 120.39
CA VAL W 470 -43.43 -25.89 121.16
C VAL W 470 -43.33 -24.45 121.66
N LYS W 471 -43.77 -23.49 120.83
CA LYS W 471 -43.69 -22.10 121.25
C LYS W 471 -44.68 -21.79 122.36
N ASN W 472 -45.87 -22.38 122.31
CA ASN W 472 -46.87 -22.18 123.35
C ASN W 472 -46.60 -23.01 124.60
N ALA W 473 -45.64 -23.94 124.55
CA ALA W 473 -45.27 -24.72 125.71
C ALA W 473 -44.30 -23.94 126.58
N GLU W 474 -43.87 -24.54 127.69
CA GLU W 474 -42.99 -23.89 128.65
C GLU W 474 -41.85 -24.82 129.03
N GLY W 475 -40.78 -24.21 129.54
CA GLY W 475 -39.68 -24.98 130.08
C GLY W 475 -38.94 -25.77 129.02
N ASP W 476 -38.62 -27.02 129.36
CA ASP W 476 -37.85 -27.90 128.50
C ASP W 476 -38.72 -28.71 127.55
N TYR W 477 -40.02 -28.47 127.52
CA TYR W 477 -40.90 -29.19 126.63
C TYR W 477 -40.63 -28.80 125.18
N GLY W 478 -40.36 -29.80 124.35
CA GLY W 478 -40.05 -29.54 122.95
C GLY W 478 -40.33 -30.76 122.12
N PHE W 479 -40.00 -30.63 120.83
CA PHE W 479 -40.21 -31.71 119.87
C PHE W 479 -38.89 -32.45 119.66
N ASN W 480 -38.96 -33.78 119.72
CA ASN W 480 -37.80 -34.64 119.48
C ASN W 480 -37.93 -35.20 118.07
N ALA W 481 -37.09 -34.71 117.15
CA ALA W 481 -37.19 -35.13 115.76
C ALA W 481 -36.67 -36.53 115.52
N ARG W 482 -35.95 -37.11 116.47
CA ARG W 482 -35.47 -38.48 116.33
C ARG W 482 -36.60 -39.48 116.55
N THR W 483 -37.40 -39.27 117.61
CA THR W 483 -38.57 -40.10 117.88
C THR W 483 -39.87 -39.50 117.34
N GLU W 484 -39.81 -38.30 116.76
CA GLU W 484 -40.99 -37.62 116.22
C GLU W 484 -42.11 -37.52 117.25
N GLN W 485 -41.74 -37.21 118.49
CA GLN W 485 -42.69 -37.09 119.58
C GLN W 485 -42.30 -35.92 120.47
N TYR W 486 -43.29 -35.42 121.22
CA TYR W 486 -43.05 -34.36 122.19
C TYR W 486 -42.72 -34.96 123.55
N GLU W 487 -41.77 -34.34 124.24
CA GLU W 487 -41.35 -34.81 125.56
C GLU W 487 -40.49 -33.73 126.20
N ASN W 488 -40.02 -34.01 127.41
CA ASN W 488 -39.04 -33.15 128.07
C ASN W 488 -37.67 -33.47 127.49
N LEU W 489 -37.03 -32.48 126.86
CA LEU W 489 -35.80 -32.75 126.13
C LEU W 489 -34.61 -32.93 127.07
N ILE W 490 -34.63 -32.27 128.23
CA ILE W 490 -33.58 -32.50 129.23
C ILE W 490 -33.60 -33.94 129.70
N GLU W 491 -34.81 -34.48 129.95
CA GLU W 491 -34.92 -35.86 130.39
C GLU W 491 -34.66 -36.83 129.25
N ALA W 492 -34.89 -36.41 128.00
CA ALA W 492 -34.73 -37.27 126.85
C ALA W 492 -33.31 -37.30 126.31
N GLY W 493 -32.38 -36.58 126.96
CA GLY W 493 -31.01 -36.57 126.51
C GLY W 493 -30.72 -35.66 125.34
N VAL W 494 -31.63 -34.74 125.01
CA VAL W 494 -31.43 -33.78 123.92
C VAL W 494 -31.03 -32.47 124.58
N VAL W 495 -29.75 -32.11 124.47
CA VAL W 495 -29.21 -30.94 125.13
C VAL W 495 -28.11 -30.35 124.26
N ASP W 496 -27.94 -29.04 124.35
CA ASP W 496 -26.82 -28.35 123.74
C ASP W 496 -26.13 -27.51 124.79
N PRO W 497 -24.80 -27.45 124.77
CA PRO W 497 -24.09 -26.54 125.69
C PRO W 497 -24.38 -25.09 125.33
N THR W 498 -24.56 -24.27 126.37
CA THR W 498 -24.89 -22.86 126.16
C THR W 498 -23.85 -22.18 125.30
N LYS W 499 -22.59 -22.59 125.40
CA LYS W 499 -21.53 -22.00 124.59
C LYS W 499 -21.79 -22.20 123.10
N VAL W 500 -22.43 -23.30 122.73
CA VAL W 500 -22.75 -23.55 121.32
C VAL W 500 -23.88 -22.64 120.86
N THR W 501 -24.95 -22.57 121.65
CA THR W 501 -26.13 -21.81 121.22
C THR W 501 -25.86 -20.32 121.17
N ARG W 502 -25.23 -19.77 122.21
CA ARG W 502 -24.98 -18.33 122.22
C ARG W 502 -23.94 -17.93 121.19
N SER W 503 -23.02 -18.84 120.84
CA SER W 503 -22.05 -18.51 119.81
C SER W 503 -22.70 -18.46 118.43
N ALA W 504 -23.62 -19.40 118.16
CA ALA W 504 -24.28 -19.42 116.86
C ALA W 504 -25.09 -18.14 116.63
N LEU W 505 -25.75 -17.63 117.67
CA LEU W 505 -26.53 -16.41 117.52
C LEU W 505 -25.62 -15.20 117.41
N GLU W 506 -24.56 -15.14 118.21
CA GLU W 506 -23.65 -13.99 118.15
C GLU W 506 -22.90 -13.95 116.82
N ASN W 507 -22.49 -15.12 116.31
CA ASN W 507 -21.79 -15.15 115.03
C ASN W 507 -22.72 -14.84 113.88
N ALA W 508 -23.93 -15.41 113.89
CA ALA W 508 -24.87 -15.16 112.80
C ALA W 508 -25.24 -13.69 112.72
N ALA W 509 -25.56 -13.08 113.87
CA ALA W 509 -25.92 -11.66 113.88
C ALA W 509 -24.74 -10.80 113.46
N SER W 510 -23.52 -11.21 113.80
CA SER W 510 -22.34 -10.43 113.43
C SER W 510 -22.17 -10.40 111.92
N VAL W 511 -22.12 -11.57 111.28
CA VAL W 511 -21.89 -11.63 109.84
C VAL W 511 -23.07 -11.03 109.08
N ALA W 512 -24.29 -11.16 109.62
CA ALA W 512 -25.44 -10.56 108.96
C ALA W 512 -25.45 -9.04 109.10
N SER W 513 -24.88 -8.52 110.19
CA SER W 513 -24.81 -7.08 110.36
C SER W 513 -23.81 -6.45 109.40
N ILE W 514 -22.68 -7.12 109.16
CA ILE W 514 -21.67 -6.59 108.25
C ILE W 514 -22.23 -6.50 106.84
N LEU W 515 -22.99 -7.51 106.41
CA LEU W 515 -23.53 -7.51 105.06
C LEU W 515 -24.60 -6.43 104.89
N LEU W 516 -25.42 -6.20 105.92
CA LEU W 516 -26.44 -5.16 105.84
C LEU W 516 -25.82 -3.77 105.74
N THR W 517 -24.64 -3.58 106.32
CA THR W 517 -23.95 -2.30 106.30
C THR W 517 -22.93 -2.19 105.18
N THR W 518 -22.85 -3.19 104.30
CA THR W 518 -21.89 -3.19 103.21
C THR W 518 -22.48 -2.42 102.02
N GLU W 519 -21.83 -1.30 101.67
CA GLU W 519 -22.30 -0.46 100.57
C GLU W 519 -21.56 -0.69 99.26
N ALA W 520 -20.53 -1.54 99.24
CA ALA W 520 -19.79 -1.77 98.01
C ALA W 520 -19.15 -3.15 98.04
N ALA W 521 -19.07 -3.77 96.87
CA ALA W 521 -18.44 -5.08 96.70
C ALA W 521 -17.43 -4.99 95.58
N ILE W 522 -16.16 -5.18 95.91
CA ILE W 522 -15.06 -5.09 94.96
C ILE W 522 -14.51 -6.49 94.72
N THR W 523 -14.37 -6.86 93.45
CA THR W 523 -13.89 -8.19 93.10
C THR W 523 -13.17 -8.13 91.77
N ASP W 524 -12.26 -9.08 91.56
CA ASP W 524 -11.44 -9.12 90.36
C ASP W 524 -12.29 -9.41 89.13
N VAL W 525 -11.76 -9.03 87.96
CA VAL W 525 -12.40 -9.26 86.68
C VAL W 525 -11.99 -10.63 86.16
N LYS W 526 -12.92 -11.32 85.50
CA LYS W 526 -12.65 -12.64 84.93
C LYS W 526 -11.59 -12.55 83.83
N THR X 2 -12.48 -26.28 94.09
CA THR X 2 -13.11 -25.89 92.83
C THR X 2 -14.55 -25.46 93.04
N ALA X 3 -15.05 -24.60 92.15
CA ALA X 3 -16.44 -24.18 92.22
C ALA X 3 -17.37 -25.36 91.98
N LYS X 4 -18.56 -25.29 92.54
CA LYS X 4 -19.49 -26.41 92.55
C LYS X 4 -20.82 -26.03 91.92
N ASP X 5 -21.46 -27.02 91.31
CA ASP X 5 -22.87 -26.97 90.93
C ASP X 5 -23.64 -27.87 91.88
N ILE X 6 -24.83 -27.41 92.30
CA ILE X 6 -25.63 -28.12 93.29
C ILE X 6 -27.03 -28.31 92.74
N LEU X 7 -27.56 -29.52 92.89
CA LEU X 7 -28.96 -29.84 92.61
C LEU X 7 -29.65 -30.21 93.92
N PHE X 8 -30.97 -30.02 93.95
CA PHE X 8 -31.74 -30.22 95.16
C PHE X 8 -32.98 -31.06 94.91
N ASP X 9 -33.33 -31.86 95.93
CA ASP X 9 -34.58 -32.63 96.03
C ASP X 9 -34.95 -33.35 94.74
N ALA X 10 -36.16 -33.10 94.23
CA ALA X 10 -36.68 -33.85 93.10
C ALA X 10 -35.78 -33.69 91.88
N GLU X 11 -35.30 -32.47 91.63
CA GLU X 11 -34.40 -32.26 90.49
C GLU X 11 -33.10 -33.03 90.65
N ALA X 12 -32.65 -33.21 91.89
CA ALA X 12 -31.43 -33.96 92.15
C ALA X 12 -31.67 -35.47 92.08
N ARG X 13 -32.78 -35.94 92.66
CA ARG X 13 -33.04 -37.38 92.67
C ARG X 13 -33.41 -37.89 91.28
N THR X 14 -34.06 -37.07 90.46
CA THR X 14 -34.40 -37.50 89.11
C THR X 14 -33.15 -37.63 88.25
N LYS X 15 -32.21 -36.70 88.40
CA LYS X 15 -30.95 -36.80 87.66
C LYS X 15 -30.16 -38.02 88.10
N LEU X 16 -30.18 -38.33 89.40
CA LEU X 16 -29.50 -39.53 89.89
C LEU X 16 -30.17 -40.79 89.34
N LYS X 17 -31.50 -40.78 89.21
CA LYS X 17 -32.21 -41.93 88.69
C LYS X 17 -31.79 -42.24 87.26
N VAL X 18 -31.51 -41.21 86.46
CA VAL X 18 -31.10 -41.43 85.07
C VAL X 18 -29.82 -42.25 85.03
N GLY X 19 -28.89 -41.97 85.93
CA GLY X 19 -27.66 -42.75 85.98
C GLY X 19 -27.88 -44.16 86.48
N VAL X 20 -28.77 -44.32 87.47
CA VAL X 20 -29.08 -45.65 87.98
C VAL X 20 -29.69 -46.51 86.88
N ASP X 21 -30.54 -45.92 86.04
CA ASP X 21 -31.16 -46.66 84.96
C ASP X 21 -30.13 -47.10 83.93
N LYS X 22 -29.20 -46.21 83.58
CA LYS X 22 -28.19 -46.55 82.56
C LYS X 22 -27.29 -47.69 83.04
N LEU X 23 -26.95 -47.70 84.33
CA LEU X 23 -26.19 -48.81 84.87
C LEU X 23 -27.01 -50.10 84.86
N ALA X 24 -28.24 -50.04 85.38
CA ALA X 24 -29.04 -51.24 85.51
C ALA X 24 -29.43 -51.81 84.14
N ASN X 25 -29.90 -50.96 83.23
CA ASN X 25 -30.38 -51.45 81.94
C ASN X 25 -29.26 -52.10 81.14
N ALA X 26 -28.02 -51.69 81.36
CA ALA X 26 -26.89 -52.30 80.65
C ALA X 26 -26.51 -53.65 81.25
N VAL X 27 -26.50 -53.75 82.57
CA VAL X 27 -26.07 -54.98 83.22
C VAL X 27 -27.18 -56.03 83.25
N LYS X 28 -28.44 -55.61 83.33
CA LYS X 28 -29.53 -56.56 83.58
C LYS X 28 -29.82 -57.46 82.38
N VAL X 29 -29.39 -57.08 81.18
CA VAL X 29 -29.58 -57.94 80.02
C VAL X 29 -28.71 -59.20 80.08
N THR X 30 -27.71 -59.21 80.97
CA THR X 30 -26.84 -60.36 81.16
C THR X 30 -27.31 -61.28 82.28
N LEU X 31 -28.46 -61.01 82.89
CA LEU X 31 -28.85 -61.70 84.11
C LEU X 31 -29.68 -62.92 83.74
N GLY X 32 -29.09 -64.10 83.87
CA GLY X 32 -29.81 -65.34 83.72
C GLY X 32 -28.93 -66.40 83.09
N PRO X 33 -29.47 -67.62 82.95
CA PRO X 33 -28.89 -68.53 81.94
C PRO X 33 -29.16 -68.06 80.52
N ALA X 34 -30.23 -67.28 80.33
CA ALA X 34 -30.55 -66.66 79.06
C ALA X 34 -29.98 -65.25 78.94
N GLY X 35 -29.20 -64.81 79.93
CA GLY X 35 -28.54 -63.51 79.89
C GLY X 35 -27.79 -63.32 78.58
N ARG X 36 -27.97 -62.17 77.96
CA ARG X 36 -27.55 -61.97 76.58
C ARG X 36 -26.20 -61.25 76.49
N ASN X 37 -25.75 -61.06 75.26
CA ASN X 37 -24.39 -60.62 74.99
C ASN X 37 -24.31 -59.09 74.94
N VAL X 38 -23.20 -58.55 75.45
CA VAL X 38 -22.94 -57.12 75.45
C VAL X 38 -21.58 -56.87 74.81
N LEU X 39 -21.53 -55.95 73.86
CA LEU X 39 -20.29 -55.61 73.17
C LEU X 39 -19.61 -54.43 73.84
N ILE X 40 -18.34 -54.60 74.20
CA ILE X 40 -17.53 -53.55 74.81
C ILE X 40 -16.40 -53.21 73.86
N ASP X 41 -16.30 -51.93 73.51
CA ASP X 41 -15.35 -51.49 72.49
C ASP X 41 -13.92 -51.60 73.00
N LYS X 42 -12.99 -51.69 72.04
CA LYS X 42 -11.57 -51.68 72.30
C LYS X 42 -10.90 -50.56 71.51
N LYS X 43 -9.68 -50.23 71.91
CA LYS X 43 -8.92 -49.20 71.18
C LYS X 43 -8.65 -49.64 69.76
N PHE X 44 -8.19 -50.88 69.58
CA PHE X 44 -7.91 -51.44 68.26
C PHE X 44 -8.30 -52.90 68.25
N GLY X 45 -8.96 -53.31 67.16
CA GLY X 45 -9.37 -54.69 67.00
C GLY X 45 -10.85 -54.90 67.26
N ALA X 46 -11.21 -56.17 67.34
CA ALA X 46 -12.61 -56.54 67.57
C ALA X 46 -13.00 -56.21 69.00
N PRO X 47 -14.29 -55.91 69.24
CA PRO X 47 -14.74 -55.62 70.61
C PRO X 47 -14.79 -56.85 71.48
N THR X 48 -15.21 -56.67 72.73
CA THR X 48 -15.34 -57.76 73.69
C THR X 48 -16.79 -58.19 73.79
N SER X 49 -17.07 -59.46 73.50
CA SER X 49 -18.39 -60.04 73.65
C SER X 49 -18.45 -60.72 75.01
N THR X 50 -19.29 -60.20 75.90
CA THR X 50 -19.37 -60.72 77.27
C THR X 50 -20.82 -60.84 77.69
N LYS X 51 -21.16 -61.98 78.28
CA LYS X 51 -22.42 -62.19 78.97
C LYS X 51 -22.29 -61.96 80.47
N ASP X 52 -21.12 -61.55 80.94
CA ASP X 52 -20.89 -61.36 82.38
C ASP X 52 -21.39 -59.99 82.81
N GLY X 53 -22.20 -59.97 83.87
CA GLY X 53 -22.72 -58.71 84.36
C GLY X 53 -21.70 -57.87 85.10
N VAL X 54 -20.76 -58.52 85.78
CA VAL X 54 -19.71 -57.77 86.48
C VAL X 54 -18.76 -57.13 85.48
N THR X 55 -18.51 -57.81 84.36
CA THR X 55 -17.66 -57.22 83.32
C THR X 55 -18.30 -55.97 82.73
N VAL X 56 -19.61 -55.99 82.52
CA VAL X 56 -20.31 -54.81 82.01
C VAL X 56 -20.33 -53.71 83.05
N ALA X 57 -20.47 -54.08 84.33
CA ALA X 57 -20.60 -53.09 85.39
C ALA X 57 -19.33 -52.26 85.53
N LYS X 58 -18.16 -52.90 85.45
CA LYS X 58 -16.90 -52.18 85.61
C LYS X 58 -16.67 -51.15 84.51
N GLU X 59 -17.37 -51.27 83.39
CA GLU X 59 -17.15 -50.39 82.24
C GLU X 59 -18.07 -49.18 82.23
N ILE X 60 -19.01 -49.07 83.16
CA ILE X 60 -20.03 -48.04 83.09
C ILE X 60 -19.50 -46.75 83.70
N GLU X 61 -19.39 -45.71 82.89
CA GLU X 61 -19.04 -44.37 83.30
C GLU X 61 -19.81 -43.38 82.44
N LEU X 62 -20.38 -42.36 83.07
CA LEU X 62 -21.25 -41.42 82.38
C LEU X 62 -20.61 -40.04 82.31
N VAL X 63 -20.96 -39.29 81.25
CA VAL X 63 -20.40 -37.95 81.08
C VAL X 63 -20.99 -36.99 82.10
N ASP X 64 -22.28 -37.09 82.37
CA ASP X 64 -22.91 -36.17 83.30
C ASP X 64 -22.44 -36.47 84.72
N PRO X 65 -21.98 -35.47 85.47
CA PRO X 65 -21.47 -35.73 86.82
C PRO X 65 -22.53 -36.27 87.77
N VAL X 66 -23.75 -35.72 87.74
CA VAL X 66 -24.79 -36.17 88.65
C VAL X 66 -25.32 -37.53 88.23
N GLU X 67 -25.45 -37.77 86.93
CA GLU X 67 -25.86 -39.09 86.45
C GLU X 67 -24.83 -40.13 86.82
N ASN X 68 -23.55 -39.87 86.54
CA ASN X 68 -22.51 -40.81 86.89
C ASN X 68 -22.38 -40.98 88.40
N MET X 69 -22.75 -39.95 89.16
CA MET X 69 -22.68 -40.05 90.61
C MET X 69 -23.62 -41.14 91.14
N GLY X 70 -24.85 -41.17 90.63
CA GLY X 70 -25.76 -42.23 91.02
C GLY X 70 -25.41 -43.58 90.43
N ALA X 71 -24.73 -43.59 89.29
CA ALA X 71 -24.31 -44.85 88.68
C ALA X 71 -23.21 -45.53 89.50
N GLN X 72 -22.29 -44.74 90.06
CA GLN X 72 -21.23 -45.29 90.89
C GLN X 72 -21.71 -45.65 92.29
N MET X 73 -22.76 -44.99 92.77
CA MET X 73 -23.34 -45.36 94.07
C MET X 73 -23.85 -46.80 94.05
N VAL X 74 -24.74 -47.11 93.10
CA VAL X 74 -25.27 -48.46 92.99
C VAL X 74 -24.17 -49.44 92.61
N ARG X 75 -23.15 -48.98 91.88
CA ARG X 75 -22.06 -49.87 91.49
C ARG X 75 -21.28 -50.37 92.70
N GLU X 76 -20.81 -49.45 93.55
CA GLU X 76 -19.96 -49.84 94.66
C GLU X 76 -20.74 -50.63 95.71
N VAL X 77 -21.98 -50.24 95.99
CA VAL X 77 -22.78 -50.94 96.99
C VAL X 77 -23.10 -52.35 96.52
N ALA X 78 -23.50 -52.50 95.25
CA ALA X 78 -23.75 -53.84 94.72
C ALA X 78 -22.47 -54.62 94.51
N SER X 79 -21.32 -53.95 94.44
CA SER X 79 -20.05 -54.66 94.31
C SER X 79 -19.70 -55.41 95.60
N LYS X 80 -20.22 -54.96 96.74
CA LYS X 80 -19.95 -55.62 98.01
C LYS X 80 -20.69 -56.95 98.13
N THR X 81 -21.55 -57.29 97.17
CA THR X 81 -22.25 -58.57 97.19
C THR X 81 -21.33 -59.69 96.74
N SER X 82 -20.88 -59.64 95.48
CA SER X 82 -19.99 -60.67 94.98
C SER X 82 -18.59 -60.59 95.59
N ASP X 83 -18.21 -59.43 96.13
CA ASP X 83 -16.92 -59.34 96.82
C ASP X 83 -16.92 -60.13 98.12
N VAL X 84 -18.09 -60.33 98.72
CA VAL X 84 -18.24 -61.10 99.95
C VAL X 84 -18.97 -62.41 99.70
N ALA X 85 -20.23 -62.34 99.27
CA ALA X 85 -21.00 -63.56 99.03
C ALA X 85 -20.47 -64.34 97.83
N GLY X 86 -19.95 -63.65 96.82
CA GLY X 86 -19.39 -64.29 95.64
C GLY X 86 -20.21 -64.16 94.38
N ASP X 87 -21.45 -63.69 94.47
CA ASP X 87 -22.30 -63.54 93.29
C ASP X 87 -23.42 -62.57 93.63
N GLY X 88 -24.27 -62.29 92.65
CA GLY X 88 -25.44 -61.46 92.86
C GLY X 88 -25.25 -59.97 92.69
N THR X 89 -24.16 -59.54 92.05
CA THR X 89 -23.97 -58.11 91.81
C THR X 89 -25.04 -57.56 90.86
N THR X 90 -25.34 -58.30 89.79
CA THR X 90 -26.38 -57.87 88.87
C THR X 90 -27.76 -57.90 89.53
N THR X 91 -28.00 -58.90 90.37
CA THR X 91 -29.29 -58.99 91.06
C THR X 91 -29.48 -57.79 92.00
N ALA X 92 -28.43 -57.38 92.70
CA ALA X 92 -28.53 -56.22 93.57
C ALA X 92 -28.77 -54.94 92.76
N THR X 93 -28.22 -54.85 91.56
CA THR X 93 -28.47 -53.68 90.72
C THR X 93 -29.90 -53.65 90.23
N VAL X 94 -30.45 -54.80 89.83
CA VAL X 94 -31.84 -54.85 89.37
C VAL X 94 -32.79 -54.53 90.52
N LEU X 95 -32.53 -55.08 91.71
CA LEU X 95 -33.35 -54.77 92.87
C LEU X 95 -33.25 -53.29 93.24
N ALA X 96 -32.04 -52.72 93.15
CA ALA X 96 -31.85 -51.32 93.53
C ALA X 96 -32.57 -50.38 92.56
N GLN X 97 -32.58 -50.73 91.27
CA GLN X 97 -33.31 -49.92 90.30
C GLN X 97 -34.81 -49.91 90.60
N ALA X 98 -35.36 -51.08 90.93
CA ALA X 98 -36.80 -51.17 91.17
C ALA X 98 -37.20 -50.48 92.47
N ILE X 99 -36.40 -50.64 93.53
CA ILE X 99 -36.72 -50.01 94.81
C ILE X 99 -36.64 -48.49 94.67
N TYR X 100 -35.65 -47.99 93.93
CA TYR X 100 -35.50 -46.55 93.79
C TYR X 100 -36.54 -45.97 92.83
N ARG X 101 -36.87 -46.70 91.77
CA ARG X 101 -37.89 -46.23 90.84
C ARG X 101 -39.24 -46.09 91.53
N GLU X 102 -39.72 -47.17 92.13
CA GLU X 102 -41.01 -47.12 92.82
C GLU X 102 -40.96 -46.23 94.05
N GLY X 103 -39.77 -46.08 94.64
CA GLY X 103 -39.64 -45.15 95.75
C GLY X 103 -39.89 -43.71 95.33
N LEU X 104 -39.24 -43.27 94.24
CA LEU X 104 -39.43 -41.90 93.77
C LEU X 104 -40.85 -41.65 93.29
N LYS X 105 -41.51 -42.68 92.75
CA LYS X 105 -42.90 -42.51 92.34
C LYS X 105 -43.78 -42.04 93.48
N ASN X 106 -43.60 -42.63 94.67
CA ASN X 106 -44.40 -42.25 95.83
C ASN X 106 -43.92 -40.97 96.49
N VAL X 107 -42.61 -40.66 96.38
CA VAL X 107 -42.12 -39.40 96.91
C VAL X 107 -42.77 -38.23 96.17
N THR X 108 -42.77 -38.30 94.83
CA THR X 108 -43.48 -37.29 94.05
C THR X 108 -44.98 -37.32 94.29
N ALA X 109 -45.50 -38.42 94.83
CA ALA X 109 -46.92 -38.52 95.18
C ALA X 109 -47.22 -37.97 96.56
N GLY X 110 -46.20 -37.50 97.29
CA GLY X 110 -46.39 -36.92 98.60
C GLY X 110 -45.93 -37.75 99.78
N ALA X 111 -45.35 -38.93 99.55
CA ALA X 111 -44.90 -39.77 100.65
C ALA X 111 -43.63 -39.21 101.27
N ARG X 112 -43.57 -39.22 102.60
CA ARG X 112 -42.38 -38.77 103.30
C ARG X 112 -41.24 -39.77 103.08
N PRO X 113 -40.09 -39.32 102.58
CA PRO X 113 -39.02 -40.29 102.24
C PRO X 113 -38.50 -41.06 103.43
N ILE X 114 -38.52 -40.48 104.64
CA ILE X 114 -37.98 -41.17 105.80
C ILE X 114 -38.88 -42.34 106.19
N ASP X 115 -40.21 -42.21 106.00
CA ASP X 115 -41.10 -43.32 106.30
C ASP X 115 -41.00 -44.41 105.25
N LEU X 116 -40.72 -44.04 103.99
CA LEU X 116 -40.47 -45.06 102.98
C LEU X 116 -39.22 -45.87 103.32
N LYS X 117 -38.17 -45.19 103.81
CA LYS X 117 -36.96 -45.89 104.20
C LYS X 117 -37.21 -46.82 105.39
N ARG X 118 -38.01 -46.37 106.36
CA ARG X 118 -38.34 -47.20 107.51
C ARG X 118 -39.11 -48.44 107.08
N GLY X 119 -40.12 -48.27 106.23
CA GLY X 119 -40.87 -49.42 105.74
C GLY X 119 -40.01 -50.35 104.90
N ILE X 120 -39.10 -49.78 104.10
CA ILE X 120 -38.20 -50.61 103.30
C ILE X 120 -37.28 -51.43 104.20
N ASP X 121 -36.72 -50.81 105.23
CA ASP X 121 -35.83 -51.53 106.12
C ASP X 121 -36.58 -52.56 106.95
N ARG X 122 -37.81 -52.25 107.36
CA ARG X 122 -38.62 -53.24 108.08
C ARG X 122 -38.98 -54.41 107.17
N ALA X 123 -39.29 -54.13 105.91
CA ALA X 123 -39.63 -55.20 104.98
C ALA X 123 -38.45 -56.11 104.70
N VAL X 124 -37.24 -55.55 104.67
CA VAL X 124 -36.05 -56.35 104.37
C VAL X 124 -35.76 -57.32 105.51
N LYS X 125 -35.91 -56.87 106.76
CA LYS X 125 -35.66 -57.74 107.90
C LYS X 125 -36.60 -58.95 107.90
N GLU X 126 -37.84 -58.76 107.46
CA GLU X 126 -38.78 -59.86 107.40
C GLU X 126 -38.54 -60.77 106.21
N VAL X 127 -38.12 -60.22 105.07
CA VAL X 127 -37.81 -61.06 103.91
C VAL X 127 -36.56 -61.89 104.18
N VAL X 128 -35.54 -61.28 104.78
CA VAL X 128 -34.33 -62.02 105.12
C VAL X 128 -34.65 -63.10 106.16
N ALA X 129 -35.54 -62.79 107.10
CA ALA X 129 -35.93 -63.76 108.12
C ALA X 129 -36.52 -65.01 107.49
N GLU X 130 -37.53 -64.84 106.63
CA GLU X 130 -38.11 -65.99 105.93
C GLU X 130 -37.10 -66.61 104.97
N LEU X 131 -36.14 -65.81 104.48
CA LEU X 131 -35.07 -66.35 103.65
C LEU X 131 -34.20 -67.31 104.43
N ARG X 132 -34.12 -67.15 105.76
CA ARG X 132 -33.41 -68.10 106.59
C ARG X 132 -34.21 -69.39 106.76
N ASN X 133 -35.53 -69.27 106.90
CA ASN X 133 -36.36 -70.45 107.13
C ASN X 133 -36.38 -71.37 105.92
N ILE X 134 -36.36 -70.80 104.72
CA ILE X 134 -36.36 -71.61 103.50
C ILE X 134 -34.96 -72.09 103.13
N SER X 135 -33.95 -71.70 103.89
CA SER X 135 -32.58 -72.09 103.59
C SER X 135 -32.30 -73.52 104.09
N ARG X 136 -31.47 -74.23 103.34
CA ARG X 136 -31.04 -75.58 103.70
C ARG X 136 -29.57 -75.55 104.11
N SER X 137 -29.26 -76.17 105.24
CA SER X 137 -27.91 -76.17 105.77
C SER X 137 -27.03 -77.15 105.00
N ILE X 138 -25.74 -76.81 104.90
CA ILE X 138 -24.74 -77.65 104.26
C ILE X 138 -23.69 -78.01 105.29
N SER X 139 -23.53 -79.30 105.56
CA SER X 139 -22.52 -79.78 106.50
C SER X 139 -22.10 -81.19 106.08
N GLY X 140 -20.85 -81.51 106.36
CA GLY X 140 -20.30 -82.80 106.00
C GLY X 140 -19.85 -82.86 104.55
N LYS X 141 -18.94 -83.80 104.27
CA LYS X 141 -18.34 -83.87 102.95
C LYS X 141 -19.33 -84.30 101.88
N LYS X 142 -20.45 -84.93 102.25
CA LYS X 142 -21.44 -85.30 101.24
C LYS X 142 -22.19 -84.08 100.74
N GLU X 143 -22.60 -83.20 101.64
CA GLU X 143 -23.34 -82.00 101.23
C GLU X 143 -22.41 -80.98 100.58
N ILE X 144 -21.17 -80.89 101.06
CA ILE X 144 -20.23 -79.91 100.51
C ILE X 144 -19.84 -80.30 99.09
N ALA X 145 -19.58 -81.58 98.86
CA ALA X 145 -19.16 -82.02 97.52
C ALA X 145 -20.31 -81.92 96.52
N GLN X 146 -21.55 -82.09 96.98
CA GLN X 146 -22.68 -82.01 96.06
C GLN X 146 -22.93 -80.57 95.61
N VAL X 147 -22.80 -79.62 96.54
CA VAL X 147 -22.96 -78.21 96.17
C VAL X 147 -21.77 -77.74 95.32
N GLY X 148 -20.56 -78.17 95.69
CA GLY X 148 -19.38 -77.83 94.91
C GLY X 148 -19.41 -78.38 93.50
N THR X 149 -20.12 -79.49 93.28
CA THR X 149 -20.27 -80.03 91.94
C THR X 149 -21.23 -79.20 91.09
N ILE X 150 -22.26 -78.62 91.71
CA ILE X 150 -23.21 -77.79 90.95
C ILE X 150 -22.52 -76.53 90.45
N SER X 151 -21.82 -75.82 91.34
CA SER X 151 -21.12 -74.61 90.97
C SER X 151 -19.94 -74.87 90.03
N ALA X 152 -19.56 -76.12 89.83
CA ALA X 152 -18.50 -76.51 88.92
C ALA X 152 -19.02 -76.86 87.52
N ASN X 153 -20.31 -76.65 87.26
CA ASN X 153 -20.96 -77.04 86.00
C ASN X 153 -20.90 -78.55 85.82
N ASN X 154 -21.33 -79.27 86.86
CA ASN X 154 -21.40 -80.73 86.86
C ASN X 154 -20.03 -81.35 86.61
N ASP X 155 -19.12 -81.10 87.55
CA ASP X 155 -17.82 -81.77 87.58
C ASP X 155 -17.75 -82.60 88.86
N PRO X 156 -17.82 -83.93 88.79
CA PRO X 156 -17.82 -84.73 90.02
C PRO X 156 -16.50 -84.67 90.78
N GLU X 157 -15.38 -84.53 90.07
CA GLU X 157 -14.08 -84.54 90.74
C GLU X 157 -13.82 -83.24 91.50
N ILE X 158 -14.27 -82.11 90.95
CA ILE X 158 -14.02 -80.83 91.60
C ILE X 158 -14.80 -80.75 92.92
N GLY X 159 -16.00 -81.32 92.95
CA GLY X 159 -16.77 -81.31 94.18
C GLY X 159 -16.07 -82.01 95.32
N GLU X 160 -15.39 -83.12 95.02
CA GLU X 160 -14.64 -83.83 96.06
C GLU X 160 -13.38 -83.07 96.46
N LEU X 161 -12.74 -82.39 95.51
CA LEU X 161 -11.56 -81.60 95.85
C LEU X 161 -11.89 -80.45 96.78
N ILE X 162 -13.10 -79.89 96.67
CA ILE X 162 -13.51 -78.84 97.59
C ILE X 162 -13.84 -79.41 98.95
N ALA X 163 -14.56 -80.53 98.99
CA ALA X 163 -14.95 -81.12 100.27
C ALA X 163 -13.77 -81.74 101.00
N GLU X 164 -12.82 -82.31 100.25
CA GLU X 164 -11.65 -82.91 100.90
C GLU X 164 -10.76 -81.84 101.52
N ALA X 165 -10.63 -80.69 100.85
CA ALA X 165 -9.83 -79.61 101.42
C ALA X 165 -10.50 -79.02 102.66
N MET X 166 -11.83 -78.94 102.66
CA MET X 166 -12.55 -78.46 103.83
C MET X 166 -12.70 -79.53 104.90
N ASP X 167 -12.47 -80.80 104.56
CA ASP X 167 -12.54 -81.86 105.56
C ASP X 167 -11.35 -81.81 106.51
N LYS X 168 -10.21 -81.34 106.02
CA LYS X 168 -9.00 -81.24 106.84
C LYS X 168 -8.81 -79.84 107.43
N VAL X 169 -8.64 -78.83 106.57
CA VAL X 169 -8.40 -77.48 107.06
C VAL X 169 -9.62 -76.93 107.79
N GLY X 170 -10.80 -77.41 107.45
CA GLY X 170 -12.02 -76.97 108.12
C GLY X 170 -12.83 -76.03 107.26
N LYS X 171 -13.98 -75.62 107.82
CA LYS X 171 -14.86 -74.71 107.11
C LYS X 171 -14.31 -73.29 107.09
N ASP X 172 -13.75 -72.83 108.21
CA ASP X 172 -13.20 -71.50 108.32
C ASP X 172 -11.73 -71.42 107.95
N GLY X 173 -11.14 -72.52 107.50
CA GLY X 173 -9.73 -72.56 107.18
C GLY X 173 -9.40 -71.77 105.92
N VAL X 174 -8.13 -71.87 105.52
CA VAL X 174 -7.60 -71.15 104.37
C VAL X 174 -7.37 -72.15 103.24
N ILE X 175 -7.94 -71.86 102.07
CA ILE X 175 -7.80 -72.70 100.89
C ILE X 175 -7.49 -71.80 99.70
N THR X 176 -6.45 -72.15 98.95
CA THR X 176 -6.06 -71.42 97.76
C THR X 176 -5.99 -72.37 96.57
N VAL X 177 -6.14 -71.81 95.38
CA VAL X 177 -6.14 -72.57 94.14
C VAL X 177 -4.99 -72.07 93.27
N GLU X 178 -4.12 -72.98 92.86
CA GLU X 178 -2.97 -72.65 92.03
C GLU X 178 -2.88 -73.64 90.87
N GLU X 179 -2.27 -73.18 89.78
CA GLU X 179 -2.05 -74.05 88.63
C GLU X 179 -0.96 -75.07 88.95
N ALA X 180 -1.13 -76.29 88.46
CA ALA X 180 -0.19 -77.37 88.75
C ALA X 180 0.81 -77.51 87.60
N LYS X 181 1.78 -78.40 87.80
CA LYS X 181 2.82 -78.65 86.81
C LYS X 181 2.56 -79.89 85.96
N GLY X 182 1.45 -80.58 86.17
CA GLY X 182 1.24 -81.84 85.50
C GLY X 182 -0.22 -82.22 85.41
N MET X 183 -0.44 -83.46 84.94
CA MET X 183 -1.80 -83.94 84.71
C MET X 183 -2.55 -84.13 86.02
N GLU X 184 -1.87 -84.62 87.06
CA GLU X 184 -2.54 -84.96 88.31
C GLU X 184 -3.09 -83.70 88.99
N THR X 185 -4.37 -83.71 89.29
CA THR X 185 -5.05 -82.61 89.96
C THR X 185 -5.13 -82.79 91.47
N GLU X 186 -4.50 -83.83 92.01
CA GLU X 186 -4.59 -84.13 93.43
C GLU X 186 -4.15 -82.93 94.28
N LEU X 187 -4.84 -82.73 95.39
CA LEU X 187 -4.60 -81.59 96.27
C LEU X 187 -3.53 -81.91 97.31
N LYS X 188 -2.72 -80.92 97.63
CA LYS X 188 -1.71 -81.02 98.66
C LYS X 188 -1.88 -79.89 99.67
N VAL X 189 -1.41 -80.11 100.89
CA VAL X 189 -1.53 -79.16 101.97
C VAL X 189 -0.13 -78.79 102.45
N VAL X 190 0.14 -77.48 102.50
CA VAL X 190 1.42 -76.98 102.99
C VAL X 190 1.18 -76.13 104.23
N GLU X 191 2.24 -75.54 104.78
CA GLU X 191 2.14 -74.68 105.94
C GLU X 191 2.19 -73.21 105.51
N GLY X 192 1.40 -72.40 106.20
CA GLY X 192 1.35 -70.98 105.89
C GLY X 192 0.29 -70.30 106.73
N MET X 193 0.26 -68.98 106.65
CA MET X 193 -0.68 -68.16 107.40
C MET X 193 -1.38 -67.18 106.45
N GLN X 194 -2.59 -66.79 106.82
CA GLN X 194 -3.38 -65.85 106.04
C GLN X 194 -3.97 -64.81 106.97
N PHE X 195 -3.66 -63.55 106.72
CA PHE X 195 -4.18 -62.43 107.47
C PHE X 195 -4.94 -61.50 106.52
N ASP X 196 -5.79 -60.64 107.09
CA ASP X 196 -6.65 -59.78 106.30
C ASP X 196 -6.02 -58.39 106.23
N ARG X 197 -5.45 -58.07 105.08
CA ARG X 197 -4.90 -56.75 104.82
C ARG X 197 -4.89 -56.51 103.32
N GLY X 198 -5.07 -55.26 102.93
CA GLY X 198 -5.08 -54.89 101.53
C GLY X 198 -3.78 -54.24 101.08
N TYR X 199 -3.65 -54.12 99.76
CA TYR X 199 -2.52 -53.42 99.17
C TYR X 199 -2.72 -51.90 99.29
N LEU X 200 -1.61 -51.18 99.25
CA LEU X 200 -1.63 -49.73 99.44
C LEU X 200 -1.93 -48.97 98.15
N SER X 201 -2.17 -49.65 97.04
CA SER X 201 -2.49 -49.03 95.76
C SER X 201 -2.81 -50.08 94.71
N PRO X 202 -3.85 -49.85 93.89
CA PRO X 202 -4.18 -50.82 92.85
C PRO X 202 -3.17 -50.89 91.71
N TYR X 203 -2.27 -49.90 91.59
CA TYR X 203 -1.44 -49.79 90.41
C TYR X 203 -0.45 -50.94 90.28
N PHE X 204 0.06 -51.45 91.39
CA PHE X 204 1.11 -52.47 91.34
C PHE X 204 0.57 -53.90 91.38
N VAL X 205 -0.74 -54.08 91.35
CA VAL X 205 -1.29 -55.44 91.31
C VAL X 205 -0.93 -56.09 89.98
N THR X 206 -0.71 -57.40 90.00
CA THR X 206 -0.26 -58.13 88.82
C THR X 206 -1.39 -58.69 87.97
N ASN X 207 -2.63 -58.66 88.46
CA ASN X 207 -3.78 -59.18 87.71
C ASN X 207 -4.91 -58.17 87.79
N SER X 208 -5.28 -57.60 86.64
CA SER X 208 -6.40 -56.68 86.58
C SER X 208 -7.75 -57.37 86.43
N GLU X 209 -7.76 -58.64 86.03
CA GLU X 209 -9.03 -59.34 85.85
C GLU X 209 -9.69 -59.65 87.18
N THR X 210 -8.96 -60.31 88.08
CA THR X 210 -9.48 -60.69 89.39
C THR X 210 -9.13 -59.69 90.48
N MET X 211 -8.42 -58.61 90.15
CA MET X 211 -7.99 -57.60 91.11
C MET X 211 -7.18 -58.24 92.23
N GLU X 212 -6.03 -58.79 91.85
CA GLU X 212 -5.20 -59.56 92.76
C GLU X 212 -3.74 -59.40 92.37
N ALA X 213 -2.87 -59.33 93.38
CA ALA X 213 -1.43 -59.24 93.17
C ALA X 213 -0.78 -60.51 93.70
N GLU X 214 -0.26 -61.34 92.80
CA GLU X 214 0.42 -62.56 93.15
C GLU X 214 1.92 -62.42 92.88
N LEU X 215 2.73 -62.88 93.83
CA LEU X 215 4.18 -62.80 93.74
C LEU X 215 4.76 -64.20 93.87
N ASP X 216 5.39 -64.67 92.79
CA ASP X 216 5.95 -66.02 92.76
C ASP X 216 7.38 -65.99 93.27
N GLU X 217 7.64 -66.71 94.36
CA GLU X 217 8.95 -66.78 95.00
C GLU X 217 9.48 -65.37 95.31
N ALA X 218 8.81 -64.75 96.28
CA ALA X 218 9.12 -63.39 96.70
C ALA X 218 9.64 -63.38 98.14
N LEU X 219 10.45 -62.37 98.45
CA LEU X 219 10.98 -62.19 99.78
C LEU X 219 10.03 -61.37 100.62
N ILE X 220 9.92 -61.72 101.91
CA ILE X 220 9.02 -61.05 102.83
C ILE X 220 9.84 -60.07 103.65
N LEU X 221 9.58 -58.77 103.48
CA LEU X 221 10.24 -57.73 104.24
C LEU X 221 9.31 -57.25 105.35
N ILE X 222 9.75 -57.39 106.60
CA ILE X 222 8.95 -57.06 107.77
C ILE X 222 9.59 -55.87 108.45
N HIS X 223 8.87 -54.74 108.46
CA HIS X 223 9.32 -53.50 109.10
C HIS X 223 8.39 -53.18 110.26
N ASP X 224 8.70 -52.08 110.95
CA ASP X 224 7.91 -51.65 112.11
C ASP X 224 7.25 -50.30 111.87
N LYS X 225 8.02 -49.23 111.71
CA LYS X 225 7.46 -47.92 111.46
C LYS X 225 7.04 -47.79 110.00
N LYS X 226 6.59 -46.60 109.61
CA LYS X 226 6.07 -46.40 108.27
C LYS X 226 7.22 -46.30 107.26
N ILE X 227 6.85 -46.20 105.97
CA ILE X 227 7.82 -46.10 104.89
C ILE X 227 8.06 -44.66 104.45
N SER X 228 7.40 -43.69 105.07
CA SER X 228 7.53 -42.30 104.67
C SER X 228 8.92 -41.75 105.00
N LEU X 233 14.11 -45.57 101.16
CA LEU X 233 15.55 -45.81 101.14
C LEU X 233 15.93 -46.82 100.06
N LEU X 234 16.96 -46.48 99.27
CA LEU X 234 17.37 -47.34 98.16
C LEU X 234 17.98 -48.65 98.63
N PRO X 235 19.00 -48.69 99.53
CA PRO X 235 19.76 -49.93 99.73
C PRO X 235 18.99 -51.03 100.44
N ILE X 236 17.82 -51.38 99.92
CA ILE X 236 17.05 -52.52 100.43
C ILE X 236 16.63 -53.39 99.25
N LEU X 237 15.79 -52.83 98.37
CA LEU X 237 15.29 -53.58 97.22
C LEU X 237 16.38 -53.90 96.21
N GLU X 238 17.52 -53.21 96.27
CA GLU X 238 18.61 -53.50 95.34
C GLU X 238 19.24 -54.86 95.62
N LYS X 239 19.19 -55.31 96.88
CA LYS X 239 19.71 -56.64 97.20
C LYS X 239 18.77 -57.73 96.73
N ALA X 240 17.45 -57.49 96.78
CA ALA X 240 16.49 -58.47 96.30
C ALA X 240 16.38 -58.49 94.78
N ALA X 241 16.67 -57.36 94.13
CA ALA X 241 16.57 -57.28 92.67
C ALA X 241 17.66 -58.09 91.97
N GLN X 242 18.71 -58.51 92.69
CA GLN X 242 19.78 -59.30 92.09
C GLN X 242 19.46 -60.78 92.13
N ARG X 245 14.13 -61.53 92.31
CA ARG X 245 12.84 -61.98 92.82
C ARG X 245 12.07 -60.83 93.47
N PRO X 246 10.74 -60.88 93.40
CA PRO X 246 9.93 -59.80 93.97
C PRO X 246 10.09 -59.71 95.48
N LEU X 247 9.67 -58.57 96.02
CA LEU X 247 9.77 -58.29 97.45
C LEU X 247 8.40 -57.88 97.98
N LEU X 248 8.08 -58.34 99.19
CA LEU X 248 6.85 -57.97 99.88
C LEU X 248 7.22 -57.09 101.07
N ILE X 249 6.86 -55.80 100.99
CA ILE X 249 7.18 -54.84 102.03
C ILE X 249 6.00 -54.75 103.00
N ILE X 250 6.29 -54.92 104.28
CA ILE X 250 5.27 -54.87 105.33
C ILE X 250 5.67 -53.77 106.31
N ALA X 251 4.83 -52.74 106.39
CA ALA X 251 5.06 -51.61 107.29
C ALA X 251 3.72 -50.89 107.48
N GLU X 252 3.77 -49.74 108.17
CA GLU X 252 2.56 -48.95 108.35
C GLU X 252 2.18 -48.21 107.07
N ASP X 253 3.16 -47.81 106.27
CA ASP X 253 2.89 -47.13 105.00
C ASP X 253 3.92 -47.53 103.94
N GLY X 256 3.65 -44.11 102.25
CA GLY X 256 3.42 -42.68 102.13
C GLY X 256 4.32 -42.00 101.12
N GLU X 257 5.44 -41.47 101.61
CA GLU X 257 6.40 -40.81 100.71
C GLU X 257 7.04 -41.79 99.75
N ALA X 258 7.44 -42.97 100.26
CA ALA X 258 8.02 -44.00 99.41
C ALA X 258 6.97 -44.81 98.67
N LEU X 259 5.69 -44.67 99.02
CA LEU X 259 4.65 -45.41 98.32
C LEU X 259 4.48 -44.95 96.89
N ALA X 260 4.76 -43.67 96.61
CA ALA X 260 4.65 -43.17 95.24
C ALA X 260 5.82 -43.66 94.39
N THR X 261 7.01 -43.77 94.97
CA THR X 261 8.17 -44.25 94.22
C THR X 261 8.17 -45.76 94.05
N LEU X 262 7.65 -46.50 95.03
CA LEU X 262 7.64 -47.96 94.92
C LEU X 262 6.59 -48.43 93.93
N VAL X 263 5.45 -47.74 93.86
CA VAL X 263 4.40 -48.12 92.94
C VAL X 263 4.71 -47.69 91.50
N VAL X 264 5.46 -46.61 91.33
CA VAL X 264 5.82 -46.15 90.00
C VAL X 264 6.89 -47.03 89.36
N ASN X 265 7.85 -47.51 90.16
CA ASN X 265 8.89 -48.37 89.63
C ASN X 265 8.36 -49.78 89.33
N LYS X 266 7.35 -50.22 90.08
CA LYS X 266 6.80 -51.55 89.85
C LYS X 266 5.88 -51.58 88.63
N LEU X 267 5.14 -50.50 88.40
CA LEU X 267 4.21 -50.43 87.28
C LEU X 267 4.86 -49.96 85.99
N ARG X 268 6.16 -49.70 85.99
CA ARG X 268 6.86 -49.26 84.78
C ARG X 268 8.09 -50.10 84.52
N GLY X 269 9.09 -50.00 85.37
CA GLY X 269 10.35 -50.69 85.22
C GLY X 269 10.43 -51.96 86.02
N THR X 270 11.64 -52.32 86.44
CA THR X 270 11.88 -53.53 87.19
C THR X 270 11.58 -53.29 88.67
N LEU X 271 11.94 -54.27 89.51
CA LEU X 271 11.74 -54.21 90.95
C LEU X 271 10.25 -54.05 91.28
N LYS X 272 9.50 -55.12 91.00
CA LYS X 272 8.07 -55.17 91.28
C LYS X 272 7.87 -55.64 92.71
N VAL X 273 7.24 -54.80 93.54
CA VAL X 273 7.04 -55.07 94.95
C VAL X 273 5.56 -54.84 95.27
N ALA X 274 5.23 -54.97 96.57
CA ALA X 274 3.88 -54.76 97.05
C ALA X 274 3.94 -54.20 98.45
N ALA X 275 2.99 -53.33 98.78
CA ALA X 275 2.91 -52.67 100.08
C ALA X 275 1.69 -53.17 100.83
N VAL X 276 1.93 -53.82 101.97
CA VAL X 276 0.87 -54.38 102.80
C VAL X 276 1.12 -53.97 104.24
N LYS X 277 0.05 -53.61 104.95
CA LYS X 277 0.15 -53.26 106.36
C LYS X 277 0.22 -54.54 107.19
N ALA X 278 0.20 -54.40 108.51
CA ALA X 278 0.28 -55.55 109.40
C ALA X 278 -0.91 -55.60 110.36
N GLY X 282 -2.60 -52.63 117.03
CA GLY X 282 -2.02 -52.29 118.31
C GLY X 282 -0.81 -53.13 118.67
N ASP X 283 -0.81 -53.68 119.89
CA ASP X 283 0.29 -54.55 120.30
C ASP X 283 0.21 -55.90 119.62
N ARG X 284 -1.00 -56.34 119.24
CA ARG X 284 -1.14 -57.56 118.47
C ARG X 284 -0.59 -57.41 117.05
N ARG X 285 -0.45 -56.18 116.57
CA ARG X 285 0.15 -55.96 115.26
C ARG X 285 1.66 -56.20 115.30
N LYS X 286 2.32 -55.64 116.31
CA LYS X 286 3.76 -55.86 116.46
C LYS X 286 4.06 -57.33 116.78
N ALA X 287 3.21 -57.97 117.58
CA ALA X 287 3.40 -59.38 117.91
C ALA X 287 3.10 -60.29 116.73
N MET X 288 2.28 -59.84 115.77
CA MET X 288 2.01 -60.65 114.59
C MET X 288 3.19 -60.69 113.64
N LEU X 289 4.12 -59.73 113.74
CA LEU X 289 5.31 -59.77 112.89
C LEU X 289 6.22 -60.94 113.23
N GLU X 290 6.26 -61.34 114.50
CA GLU X 290 7.06 -62.51 114.88
C GLU X 290 6.46 -63.79 114.30
N ASP X 291 5.13 -63.87 114.25
CA ASP X 291 4.49 -65.03 113.63
C ASP X 291 4.67 -65.02 112.12
N ILE X 292 4.77 -63.84 111.52
CA ILE X 292 4.99 -63.76 110.08
C ILE X 292 6.43 -64.03 109.73
N ALA X 293 7.37 -63.50 110.52
CA ALA X 293 8.79 -63.70 110.26
C ALA X 293 9.29 -65.09 110.65
N ILE X 294 8.47 -65.88 111.36
CA ILE X 294 8.88 -67.23 111.72
C ILE X 294 9.00 -68.10 110.48
N LEU X 295 8.00 -68.05 109.60
CA LEU X 295 8.03 -68.78 108.35
C LEU X 295 8.66 -67.99 107.21
N THR X 296 8.89 -66.69 107.39
CA THR X 296 9.48 -65.88 106.34
C THR X 296 10.99 -66.04 106.22
N GLY X 297 11.63 -66.67 107.20
CA GLY X 297 13.08 -66.83 107.16
C GLY X 297 13.84 -65.54 107.36
N GLY X 298 13.33 -64.63 108.18
CA GLY X 298 13.99 -63.36 108.43
C GLY X 298 13.63 -62.82 109.80
N THR X 299 14.17 -61.65 110.10
CA THR X 299 13.96 -61.00 111.38
C THR X 299 12.97 -59.85 111.24
N VAL X 300 12.70 -59.17 112.35
CA VAL X 300 11.80 -58.03 112.39
C VAL X 300 12.62 -56.82 112.82
N ILE X 301 12.76 -55.85 111.93
CA ILE X 301 13.52 -54.64 112.21
C ILE X 301 12.60 -53.64 112.91
N SER X 302 13.08 -53.08 114.02
CA SER X 302 12.30 -52.13 114.80
C SER X 302 13.25 -51.21 115.56
N GLU X 303 12.73 -50.05 115.96
CA GLU X 303 13.55 -49.08 116.68
C GLU X 303 13.92 -49.60 118.07
N GLU X 304 12.93 -50.03 118.84
CA GLU X 304 13.18 -50.56 120.18
C GLU X 304 13.57 -52.03 120.13
N TYR X 307 18.27 -53.60 115.61
CA TYR X 307 18.05 -53.97 114.21
C TYR X 307 17.35 -52.86 113.45
N LYS X 308 18.02 -52.33 112.44
CA LYS X 308 17.46 -51.25 111.62
C LYS X 308 17.63 -51.58 110.15
N LEU X 309 17.30 -50.64 109.27
CA LEU X 309 17.41 -50.88 107.83
C LEU X 309 18.88 -50.91 107.41
N GLU X 310 19.10 -51.14 106.12
CA GLU X 310 20.41 -51.30 105.50
C GLU X 310 21.45 -51.97 106.40
N GLN X 319 10.56 -64.96 103.00
CA GLN X 319 10.73 -65.71 101.76
C GLN X 319 9.72 -66.84 101.65
N ALA X 320 8.87 -66.76 100.64
CA ALA X 320 7.83 -67.76 100.41
C ALA X 320 7.79 -68.11 98.93
N ALA X 321 7.11 -69.20 98.60
CA ALA X 321 7.01 -69.64 97.21
C ALA X 321 6.01 -68.80 96.43
N ARG X 322 4.86 -68.49 97.03
CA ARG X 322 3.88 -67.63 96.39
C ARG X 322 3.16 -66.82 97.46
N ILE X 323 2.91 -65.54 97.15
CA ILE X 323 2.20 -64.63 98.04
C ILE X 323 1.15 -63.89 97.22
N THR X 324 -0.12 -64.05 97.60
CA THR X 324 -1.22 -63.42 96.90
C THR X 324 -1.79 -62.31 97.77
N ILE X 325 -2.01 -61.14 97.16
CA ILE X 325 -2.53 -59.97 97.86
C ILE X 325 -3.74 -59.46 97.09
N ASP X 326 -4.91 -59.57 97.70
CA ASP X 326 -6.13 -58.98 97.17
C ASP X 326 -6.51 -57.75 98.00
N LYS X 327 -7.64 -57.14 97.64
CA LYS X 327 -8.07 -55.93 98.34
C LYS X 327 -8.43 -56.22 99.79
N ASP X 328 -9.16 -57.31 100.04
CA ASP X 328 -9.57 -57.62 101.39
C ASP X 328 -8.46 -58.30 102.19
N ASN X 329 -7.81 -59.30 101.62
CA ASN X 329 -6.93 -60.19 102.38
C ASN X 329 -5.57 -60.30 101.70
N THR X 330 -4.61 -60.85 102.46
CA THR X 330 -3.27 -61.13 101.96
C THR X 330 -2.87 -62.51 102.44
N THR X 331 -2.52 -63.40 101.52
CA THR X 331 -2.22 -64.79 101.83
C THR X 331 -0.75 -65.09 101.51
N ILE X 332 -0.06 -65.69 102.47
CA ILE X 332 1.33 -66.11 102.30
C ILE X 332 1.37 -67.64 102.34
N VAL X 333 1.82 -68.24 101.24
CA VAL X 333 1.77 -69.69 101.07
C VAL X 333 3.20 -70.22 100.91
N GLU X 334 3.46 -71.37 101.52
CA GLU X 334 4.74 -72.08 101.38
C GLU X 334 5.91 -71.20 101.84
N GLY X 335 5.76 -70.62 103.02
CA GLY X 335 6.80 -69.78 103.58
C GLY X 335 7.98 -70.56 104.13
N LYS X 336 7.70 -71.59 104.91
CA LYS X 336 8.71 -72.40 105.59
C LYS X 336 9.60 -71.55 106.49
N LYS X 338 11.79 -72.60 109.80
CA LYS X 338 11.83 -74.00 109.39
C LYS X 338 10.83 -74.82 110.21
N GLN X 339 10.63 -76.08 109.80
CA GLN X 339 9.69 -76.96 110.50
C GLN X 339 10.08 -77.15 111.96
N GLU X 340 11.38 -77.18 112.25
CA GLU X 340 11.82 -77.44 113.62
C GLU X 340 11.47 -76.28 114.55
N GLU X 341 11.84 -75.05 114.16
CA GLU X 341 11.63 -73.90 115.03
C GLU X 341 10.20 -73.38 114.97
N ILE X 342 9.42 -73.76 113.96
CA ILE X 342 8.03 -73.33 113.90
C ILE X 342 7.22 -73.93 115.03
N LYS X 343 7.62 -75.11 115.51
CA LYS X 343 6.95 -75.73 116.65
C LYS X 343 7.19 -74.95 117.94
N ALA X 344 8.30 -74.21 118.03
CA ALA X 344 8.56 -73.41 119.22
C ALA X 344 7.60 -72.25 119.35
N ARG X 345 7.15 -71.69 118.23
CA ARG X 345 6.18 -70.59 118.27
C ARG X 345 4.81 -71.10 118.67
N ILE X 346 4.46 -72.32 118.30
CA ILE X 346 3.16 -72.88 118.67
C ILE X 346 3.08 -73.15 120.16
N ASN X 347 4.20 -73.59 120.76
CA ASN X 347 4.20 -73.90 122.19
C ASN X 347 4.16 -72.64 123.04
N GLU X 348 4.75 -71.54 122.56
CA GLU X 348 4.71 -70.29 123.31
C GLU X 348 3.28 -69.76 123.41
N ILE X 349 2.52 -69.85 122.31
CA ILE X 349 1.12 -69.44 122.35
C ILE X 349 0.32 -70.38 123.24
N LYS X 350 0.66 -71.68 123.23
CA LYS X 350 0.01 -72.62 124.14
C LYS X 350 0.32 -72.30 125.59
N GLY X 351 1.52 -71.81 125.88
CA GLY X 351 1.89 -71.36 127.19
C GLY X 351 1.33 -70.00 127.59
N GLN X 352 0.45 -69.46 126.77
CA GLN X 352 -0.21 -68.18 127.03
C GLN X 352 -1.70 -68.36 127.29
N ILE X 353 -2.44 -68.89 126.31
CA ILE X 353 -3.86 -69.17 126.49
C ILE X 353 -4.12 -70.03 127.72
N GLU X 354 -3.14 -70.87 128.09
CA GLU X 354 -3.22 -71.67 129.30
C GLU X 354 -2.65 -70.95 130.52
N LYS X 355 -2.21 -69.71 130.36
CA LYS X 355 -1.63 -68.93 131.45
C LYS X 355 -2.45 -67.68 131.75
N SER X 356 -2.54 -66.75 130.79
CA SER X 356 -3.28 -65.51 131.01
C SER X 356 -4.74 -65.79 131.30
N THR X 357 -5.24 -65.22 132.40
CA THR X 357 -6.63 -65.43 132.81
C THR X 357 -7.60 -64.47 132.13
N SER X 358 -7.11 -63.50 131.38
CA SER X 358 -7.99 -62.55 130.72
C SER X 358 -8.68 -63.21 129.53
N ASP X 359 -10.01 -63.12 129.50
CA ASP X 359 -10.77 -63.69 128.39
C ASP X 359 -10.58 -62.91 127.09
N TYR X 360 -10.13 -61.65 127.18
CA TYR X 360 -9.87 -60.88 125.97
C TYR X 360 -8.71 -61.49 125.17
N ASP X 361 -7.62 -61.83 125.85
CA ASP X 361 -6.48 -62.46 125.20
C ASP X 361 -6.73 -63.94 124.90
N THR X 362 -7.69 -64.56 125.57
CA THR X 362 -7.92 -65.99 125.36
C THR X 362 -8.41 -66.28 123.94
N GLU X 363 -9.45 -65.58 123.51
CA GLU X 363 -10.02 -65.83 122.19
C GLU X 363 -9.14 -65.29 121.07
N LYS X 364 -8.46 -64.17 121.31
CA LYS X 364 -7.66 -63.55 120.26
C LYS X 364 -6.34 -64.28 120.04
N LEU X 365 -5.73 -64.79 121.12
CA LEU X 365 -4.49 -65.55 120.96
C LEU X 365 -4.77 -66.92 120.34
N GLN X 366 -5.98 -67.46 120.56
CA GLN X 366 -6.35 -68.70 119.89
C GLN X 366 -6.49 -68.48 118.38
N GLU X 367 -6.83 -67.26 117.96
CA GLU X 367 -6.86 -66.95 116.54
C GLU X 367 -5.48 -67.05 115.92
N ARG X 368 -4.44 -66.59 116.63
CA ARG X 368 -3.08 -66.80 116.16
C ARG X 368 -2.70 -68.27 116.21
N LEU X 369 -3.30 -69.03 117.15
CA LEU X 369 -3.10 -70.47 117.16
C LEU X 369 -3.87 -71.15 116.02
N ALA X 370 -4.88 -70.49 115.46
CA ALA X 370 -5.55 -71.02 114.28
C ALA X 370 -4.77 -70.72 113.00
N LYS X 371 -4.10 -69.57 112.93
CA LYS X 371 -3.30 -69.23 111.76
C LYS X 371 -2.11 -70.17 111.62
N LEU X 372 -1.34 -70.34 112.70
CA LEU X 372 -0.21 -71.25 112.70
C LEU X 372 -0.68 -72.65 113.06
N SER X 373 -0.05 -73.64 112.42
CA SER X 373 -0.36 -75.05 112.59
C SER X 373 -1.74 -75.40 112.04
N GLY X 374 -2.49 -74.41 111.58
CA GLY X 374 -3.76 -74.67 110.93
C GLY X 374 -3.61 -75.12 109.49
N GLY X 375 -2.53 -74.72 108.84
CA GLY X 375 -2.25 -75.13 107.48
C GLY X 375 -3.01 -74.31 106.45
N VAL X 376 -2.52 -74.38 105.22
CA VAL X 376 -3.15 -73.71 104.08
C VAL X 376 -3.27 -74.73 102.96
N ALA X 377 -4.50 -75.05 102.57
CA ALA X 377 -4.74 -76.01 101.51
C ALA X 377 -4.48 -75.37 100.16
N VAL X 378 -3.64 -76.02 99.35
CA VAL X 378 -3.30 -75.55 98.01
C VAL X 378 -3.89 -76.54 97.02
N LEU X 379 -4.92 -76.10 96.29
CA LEU X 379 -5.54 -76.91 95.25
C LEU X 379 -4.75 -76.72 93.96
N LYS X 380 -4.15 -77.79 93.47
CA LYS X 380 -3.37 -77.77 92.23
C LYS X 380 -4.14 -78.55 91.17
N ILE X 381 -4.68 -77.85 90.19
CA ILE X 381 -5.49 -78.45 89.14
C ILE X 381 -4.67 -78.56 87.87
N GLY X 382 -4.93 -79.62 87.10
CA GLY X 382 -4.25 -79.81 85.83
C GLY X 382 -5.12 -80.57 84.87
N ALA X 383 -4.81 -80.42 83.59
CA ALA X 383 -5.56 -81.05 82.52
C ALA X 383 -4.60 -81.62 81.50
N SER X 384 -5.15 -82.16 80.41
CA SER X 384 -4.31 -82.74 79.36
C SER X 384 -3.56 -81.66 78.59
N THR X 385 -4.27 -80.63 78.14
CA THR X 385 -3.67 -79.56 77.37
C THR X 385 -3.35 -78.37 78.29
N GLU X 386 -2.75 -77.33 77.69
CA GLU X 386 -2.40 -76.15 78.45
C GLU X 386 -3.60 -75.23 78.65
N VAL X 387 -4.43 -75.06 77.62
CA VAL X 387 -5.58 -74.16 77.73
C VAL X 387 -6.62 -74.73 78.66
N GLU X 388 -6.79 -76.05 78.68
CA GLU X 388 -7.76 -76.66 79.58
C GLU X 388 -7.30 -76.66 81.03
N MET X 389 -5.99 -76.50 81.27
CA MET X 389 -5.50 -76.46 82.65
C MET X 389 -5.90 -75.17 83.33
N LYS X 390 -5.76 -74.03 82.64
CA LYS X 390 -6.16 -72.74 83.21
C LYS X 390 -7.67 -72.54 83.17
N GLU X 391 -8.35 -73.13 82.18
CA GLU X 391 -9.80 -72.99 82.09
C GLU X 391 -10.50 -73.71 83.22
N LYS X 392 -10.01 -74.91 83.58
CA LYS X 392 -10.61 -75.65 84.68
C LYS X 392 -10.36 -74.95 86.02
N LYS X 393 -9.21 -74.32 86.18
CA LYS X 393 -8.93 -73.57 87.41
C LYS X 393 -9.93 -72.43 87.59
N ALA X 394 -10.39 -71.84 86.49
CA ALA X 394 -11.36 -70.75 86.60
C ALA X 394 -12.66 -71.22 87.23
N ARG X 395 -13.13 -72.43 86.86
CA ARG X 395 -14.36 -72.95 87.45
C ARG X 395 -14.15 -73.38 88.90
N VAL X 396 -12.96 -73.87 89.24
CA VAL X 396 -12.70 -74.31 90.60
C VAL X 396 -12.74 -73.13 91.57
N GLU X 397 -12.07 -72.04 91.22
CA GLU X 397 -12.07 -70.87 92.08
C GLU X 397 -13.47 -70.28 92.24
N ASP X 398 -14.30 -70.42 91.20
CA ASP X 398 -15.69 -69.99 91.31
C ASP X 398 -16.52 -70.99 92.11
N ALA X 399 -16.24 -72.29 91.95
CA ALA X 399 -16.97 -73.30 92.72
C ALA X 399 -16.54 -73.30 94.17
N LEU X 400 -15.25 -73.08 94.44
CA LEU X 400 -14.77 -73.01 95.82
C LEU X 400 -15.37 -71.81 96.54
N HIS X 401 -15.34 -70.64 95.90
CA HIS X 401 -15.89 -69.44 96.52
C HIS X 401 -17.40 -69.55 96.73
N ALA X 402 -18.10 -70.23 95.82
CA ALA X 402 -19.53 -70.43 95.98
C ALA X 402 -19.84 -71.44 97.08
N THR X 403 -18.98 -72.45 97.24
CA THR X 403 -19.23 -73.48 98.25
C THR X 403 -19.03 -72.92 99.66
N ARG X 404 -18.06 -72.02 99.84
CA ARG X 404 -17.87 -71.40 101.14
C ARG X 404 -19.10 -70.62 101.58
N ALA X 405 -19.69 -69.86 100.66
CA ALA X 405 -20.90 -69.12 100.99
C ALA X 405 -22.08 -70.05 101.26
N ALA X 406 -22.13 -71.20 100.59
CA ALA X 406 -23.19 -72.16 100.82
C ALA X 406 -23.04 -72.88 102.14
N VAL X 407 -21.82 -72.96 102.69
CA VAL X 407 -21.63 -73.59 103.99
C VAL X 407 -22.05 -72.65 105.11
N GLN X 408 -21.62 -71.38 105.03
CA GLN X 408 -21.90 -70.40 106.08
C GLN X 408 -23.39 -70.19 106.28
N GLU X 409 -24.06 -69.57 105.31
CA GLU X 409 -25.45 -69.18 105.46
C GLU X 409 -26.44 -70.14 104.82
N GLY X 410 -25.96 -71.20 104.19
CA GLY X 410 -26.84 -72.21 103.62
C GLY X 410 -27.06 -72.01 102.13
N ILE X 411 -28.09 -72.71 101.63
CA ILE X 411 -28.45 -72.68 100.22
C ILE X 411 -29.95 -72.40 100.12
N VAL X 412 -30.34 -71.79 99.00
CA VAL X 412 -31.75 -71.52 98.69
C VAL X 412 -31.98 -71.80 97.21
N VAL X 413 -33.26 -71.85 96.84
CA VAL X 413 -33.63 -72.11 95.45
C VAL X 413 -33.25 -70.92 94.59
N GLY X 414 -32.68 -71.19 93.42
CA GLY X 414 -32.25 -70.16 92.50
C GLY X 414 -33.35 -69.68 91.59
N GLY X 415 -32.95 -69.05 90.49
CA GLY X 415 -33.90 -68.54 89.52
C GLY X 415 -34.76 -67.40 90.00
N GLY X 416 -34.34 -66.69 91.04
CA GLY X 416 -35.14 -65.61 91.58
C GLY X 416 -36.40 -66.04 92.30
N VAL X 417 -36.60 -67.34 92.49
CA VAL X 417 -37.81 -67.81 93.15
C VAL X 417 -37.71 -67.65 94.67
N ALA X 418 -36.49 -67.70 95.22
CA ALA X 418 -36.32 -67.54 96.65
C ALA X 418 -36.84 -66.19 97.13
N LEU X 419 -36.57 -65.13 96.35
CA LEU X 419 -37.09 -63.82 96.71
C LEU X 419 -38.60 -63.77 96.61
N ILE X 420 -39.19 -64.54 95.70
CA ILE X 420 -40.65 -64.56 95.60
C ILE X 420 -41.27 -65.36 96.75
N ARG X 421 -40.64 -66.49 97.11
CA ARG X 421 -41.13 -67.24 98.27
C ARG X 421 -40.93 -66.46 99.56
N ALA X 422 -39.79 -65.77 99.68
CA ALA X 422 -39.52 -64.97 100.87
C ALA X 422 -40.46 -63.77 101.02
N ALA X 423 -41.26 -63.47 99.99
CA ALA X 423 -42.28 -62.44 100.14
C ALA X 423 -43.24 -62.77 101.27
N LYS X 424 -43.51 -64.06 101.47
CA LYS X 424 -44.21 -64.50 102.69
C LYS X 424 -43.38 -64.10 103.90
N GLY X 425 -44.04 -63.52 104.89
CA GLY X 425 -43.36 -62.92 106.02
C GLY X 425 -43.38 -61.42 106.01
N LEU X 426 -43.72 -60.80 104.88
CA LEU X 426 -43.99 -59.36 104.88
C LEU X 426 -45.22 -59.02 105.72
N ALA X 427 -46.10 -60.00 105.94
CA ALA X 427 -47.21 -59.81 106.88
C ALA X 427 -46.73 -59.64 108.31
N LYS X 428 -45.53 -60.14 108.63
CA LYS X 428 -44.96 -59.92 109.95
C LYS X 428 -44.51 -58.47 110.14
N ALA X 429 -44.25 -57.76 109.05
CA ALA X 429 -43.78 -56.38 109.15
C ALA X 429 -44.89 -55.46 109.61
N VAL X 430 -44.56 -54.53 110.50
CA VAL X 430 -45.51 -53.61 111.10
C VAL X 430 -45.29 -52.22 110.52
N ALA X 431 -46.37 -51.57 110.11
CA ALA X 431 -46.32 -50.23 109.56
C ALA X 431 -47.00 -49.26 110.50
N ASP X 432 -46.30 -48.19 110.87
CA ASP X 432 -46.85 -47.19 111.78
C ASP X 432 -47.75 -46.19 111.07
N ASN X 433 -47.69 -46.12 109.76
CA ASN X 433 -48.53 -45.20 108.99
C ASN X 433 -48.59 -45.70 107.55
N GLU X 434 -49.28 -44.94 106.70
CA GLU X 434 -49.48 -45.38 105.32
C GLU X 434 -48.19 -45.32 104.51
N ASP X 435 -47.32 -44.33 104.80
CA ASP X 435 -46.08 -44.23 104.05
C ASP X 435 -45.15 -45.39 104.34
N GLN X 436 -45.09 -45.82 105.61
CA GLN X 436 -44.30 -47.00 105.94
C GLN X 436 -44.87 -48.25 105.29
N LYS X 437 -46.20 -48.36 105.22
CA LYS X 437 -46.81 -49.48 104.52
C LYS X 437 -46.49 -49.46 103.04
N THR X 438 -46.36 -48.26 102.46
CA THR X 438 -45.96 -48.17 101.05
C THR X 438 -44.55 -48.70 100.85
N GLY X 439 -43.65 -48.46 101.81
CA GLY X 439 -42.33 -49.03 101.74
C GLY X 439 -42.34 -50.54 101.75
N ILE X 440 -43.29 -51.15 102.48
CA ILE X 440 -43.45 -52.60 102.45
C ILE X 440 -43.83 -53.06 101.05
N GLU X 441 -44.79 -52.36 100.44
CA GLU X 441 -45.27 -52.74 99.11
C GLU X 441 -44.22 -52.50 98.04
N ILE X 442 -43.32 -51.52 98.24
CA ILE X 442 -42.24 -51.30 97.31
C ILE X 442 -41.30 -52.51 97.28
N ILE X 443 -40.96 -53.03 98.46
CA ILE X 443 -40.13 -54.22 98.53
C ILE X 443 -40.87 -55.43 97.97
N ARG X 444 -42.19 -55.49 98.19
CA ARG X 444 -42.96 -56.64 97.72
C ARG X 444 -42.88 -56.78 96.20
N ARG X 445 -43.08 -55.69 95.48
CA ARG X 445 -43.02 -55.75 94.02
C ARG X 445 -41.60 -55.92 93.52
N ALA X 446 -40.61 -55.45 94.30
CA ALA X 446 -39.23 -55.55 93.87
C ALA X 446 -38.72 -56.99 93.89
N LEU X 447 -39.25 -57.82 94.80
CA LEU X 447 -38.84 -59.22 94.87
C LEU X 447 -39.16 -59.98 93.60
N GLU X 448 -40.15 -59.53 92.84
CA GLU X 448 -40.51 -60.17 91.58
C GLU X 448 -39.65 -59.69 90.42
N GLU X 449 -38.87 -58.62 90.59
CA GLU X 449 -38.13 -58.05 89.47
C GLU X 449 -37.01 -58.96 88.97
N PRO X 450 -36.15 -59.54 89.83
CA PRO X 450 -35.10 -60.41 89.28
C PRO X 450 -35.62 -61.55 88.42
N LEU X 451 -36.68 -62.24 88.87
CA LEU X 451 -37.26 -63.29 88.03
C LEU X 451 -37.88 -62.71 86.76
N ARG X 452 -38.43 -61.50 86.84
CA ARG X 452 -39.02 -60.88 85.66
C ARG X 452 -37.96 -60.63 84.58
N GLN X 453 -36.76 -60.21 84.99
CA GLN X 453 -35.71 -59.94 84.02
C GLN X 453 -35.12 -61.24 83.46
N ILE X 454 -35.05 -62.29 84.27
CA ILE X 454 -34.55 -63.57 83.78
C ILE X 454 -35.44 -64.10 82.66
N VAL X 455 -36.75 -64.06 82.88
CA VAL X 455 -37.68 -64.49 81.84
C VAL X 455 -37.65 -63.53 80.65
N ALA X 456 -37.45 -62.24 80.91
CA ALA X 456 -37.40 -61.26 79.83
C ALA X 456 -36.19 -61.48 78.91
N ASN X 457 -35.09 -61.99 79.46
CA ASN X 457 -33.90 -62.24 78.65
C ASN X 457 -34.08 -63.43 77.70
N THR X 458 -35.14 -64.21 77.85
CA THR X 458 -35.44 -65.27 76.91
C THR X 458 -36.06 -64.76 75.61
N GLY X 459 -36.43 -63.48 75.56
CA GLY X 459 -37.00 -62.88 74.37
C GLY X 459 -38.49 -63.07 74.19
N THR X 460 -39.17 -63.73 75.14
CA THR X 460 -40.59 -63.98 75.01
C THR X 460 -41.40 -62.82 75.57
N THR X 461 -42.46 -62.45 74.86
CA THR X 461 -43.39 -61.44 75.33
C THR X 461 -44.43 -61.99 76.30
N ASP X 462 -44.37 -63.29 76.58
CA ASP X 462 -45.31 -63.97 77.47
C ASP X 462 -44.84 -63.98 78.93
N GLY X 463 -43.75 -63.28 79.24
CA GLY X 463 -43.17 -63.32 80.57
C GLY X 463 -44.11 -62.95 81.70
N ALA X 464 -45.21 -62.25 81.40
CA ALA X 464 -46.19 -61.95 82.44
C ALA X 464 -46.91 -63.21 82.91
N VAL X 465 -47.07 -64.19 82.03
CA VAL X 465 -47.71 -65.45 82.42
C VAL X 465 -46.75 -66.33 83.20
N VAL X 466 -45.46 -66.28 82.86
CA VAL X 466 -44.48 -67.12 83.56
C VAL X 466 -44.36 -66.70 85.02
N LEU X 467 -44.36 -65.39 85.28
CA LEU X 467 -44.25 -64.90 86.65
C LEU X 467 -45.48 -65.28 87.48
N GLU X 468 -46.66 -65.32 86.85
CA GLU X 468 -47.88 -65.63 87.59
C GLU X 468 -47.92 -67.10 87.98
N LYS X 469 -47.41 -67.99 87.13
CA LYS X 469 -47.41 -69.42 87.47
C LYS X 469 -46.41 -69.72 88.58
N VAL X 470 -45.24 -69.08 88.54
CA VAL X 470 -44.25 -69.31 89.59
C VAL X 470 -44.72 -68.72 90.91
N LYS X 471 -45.41 -67.57 90.85
CA LYS X 471 -45.89 -66.95 92.08
C LYS X 471 -47.01 -67.75 92.71
N ASN X 472 -47.88 -68.34 91.89
CA ASN X 472 -48.98 -69.15 92.40
C ASN X 472 -48.53 -70.54 92.84
N ALA X 473 -47.34 -70.97 92.43
CA ALA X 473 -46.80 -72.26 92.84
C ALA X 473 -46.28 -72.17 94.27
N GLU X 474 -45.61 -73.22 94.72
CA GLU X 474 -45.05 -73.23 96.07
C GLU X 474 -43.76 -74.04 96.08
N GLY X 475 -42.98 -73.84 97.14
CA GLY X 475 -41.75 -74.61 97.29
C GLY X 475 -40.69 -74.19 96.29
N ASP X 476 -40.03 -75.18 95.70
CA ASP X 476 -38.96 -74.96 94.75
C ASP X 476 -39.44 -74.89 93.30
N TYR X 477 -40.76 -74.94 93.08
CA TYR X 477 -41.28 -74.92 91.72
C TYR X 477 -41.03 -73.55 91.10
N GLY X 478 -40.37 -73.54 89.94
CA GLY X 478 -40.04 -72.31 89.28
C GLY X 478 -39.79 -72.52 87.81
N PHE X 479 -39.33 -71.46 87.14
CA PHE X 479 -39.05 -71.49 85.72
C PHE X 479 -37.55 -71.55 85.49
N ASN X 480 -37.13 -72.48 84.64
CA ASN X 480 -35.73 -72.65 84.28
C ASN X 480 -35.53 -72.02 82.89
N ALA X 481 -34.83 -70.89 82.85
CA ALA X 481 -34.69 -70.14 81.61
C ALA X 481 -33.79 -70.85 80.61
N ARG X 482 -32.95 -71.78 81.06
CA ARG X 482 -32.10 -72.51 80.13
C ARG X 482 -32.90 -73.53 79.33
N THR X 483 -33.71 -74.33 80.03
CA THR X 483 -34.56 -75.32 79.37
C THR X 483 -35.92 -74.78 78.98
N GLU X 484 -36.29 -73.60 79.47
CA GLU X 484 -37.57 -72.95 79.15
C GLU X 484 -38.75 -73.83 79.54
N GLN X 485 -38.68 -74.44 80.71
CA GLN X 485 -39.75 -75.30 81.22
C GLN X 485 -39.81 -75.17 82.74
N TYR X 486 -41.03 -75.27 83.27
CA TYR X 486 -41.22 -75.25 84.72
C TYR X 486 -40.86 -76.61 85.31
N GLU X 487 -40.18 -76.58 86.45
CA GLU X 487 -39.72 -77.79 87.13
C GLU X 487 -39.30 -77.42 88.54
N ASN X 488 -38.84 -78.43 89.28
CA ASN X 488 -38.25 -78.21 90.59
C ASN X 488 -36.81 -77.77 90.40
N LEU X 489 -36.46 -76.59 90.90
CA LEU X 489 -35.15 -76.02 90.60
C LEU X 489 -34.04 -76.67 91.41
N ILE X 490 -34.29 -76.98 92.69
CA ILE X 490 -33.28 -77.62 93.51
C ILE X 490 -32.97 -79.02 92.97
N GLU X 491 -34.00 -79.72 92.50
CA GLU X 491 -33.78 -81.04 91.88
C GLU X 491 -33.01 -80.91 90.57
N ALA X 492 -33.29 -79.86 89.79
CA ALA X 492 -32.61 -79.64 88.52
C ALA X 492 -31.21 -79.07 88.70
N GLY X 493 -30.82 -78.71 89.92
CA GLY X 493 -29.50 -78.16 90.16
C GLY X 493 -29.40 -76.66 90.05
N VAL X 494 -30.52 -75.94 90.10
CA VAL X 494 -30.52 -74.49 90.05
C VAL X 494 -30.71 -73.98 91.47
N VAL X 495 -29.64 -73.45 92.07
CA VAL X 495 -29.65 -73.00 93.44
C VAL X 495 -28.67 -71.84 93.56
N ASP X 496 -28.88 -71.00 94.57
CA ASP X 496 -28.01 -69.90 94.90
C ASP X 496 -27.69 -69.92 96.38
N PRO X 497 -26.48 -69.51 96.77
CA PRO X 497 -26.17 -69.42 98.19
C PRO X 497 -27.09 -68.43 98.89
N THR X 498 -27.57 -68.81 100.07
CA THR X 498 -28.44 -67.92 100.84
C THR X 498 -27.73 -66.60 101.16
N LYS X 499 -26.41 -66.65 101.34
CA LYS X 499 -25.64 -65.43 101.55
C LYS X 499 -25.73 -64.50 100.34
N VAL X 500 -25.79 -65.07 99.13
CA VAL X 500 -25.87 -64.25 97.93
C VAL X 500 -27.23 -63.55 97.85
N THR X 501 -28.31 -64.30 98.04
CA THR X 501 -29.64 -63.72 97.90
C THR X 501 -29.93 -62.71 99.00
N ARG X 502 -29.49 -62.98 100.23
CA ARG X 502 -29.76 -62.05 101.32
C ARG X 502 -28.90 -60.80 101.21
N SER X 503 -27.71 -60.90 100.61
CA SER X 503 -26.85 -59.73 100.48
C SER X 503 -27.31 -58.82 99.35
N ALA X 504 -27.78 -59.41 98.25
CA ALA X 504 -28.25 -58.61 97.12
C ALA X 504 -29.41 -57.72 97.53
N LEU X 505 -30.33 -58.24 98.35
CA LEU X 505 -31.47 -57.44 98.77
C LEU X 505 -31.07 -56.36 99.76
N GLU X 506 -30.24 -56.73 100.76
CA GLU X 506 -29.82 -55.75 101.76
C GLU X 506 -29.03 -54.61 101.12
N ASN X 507 -28.11 -54.94 100.20
CA ASN X 507 -27.32 -53.92 99.54
C ASN X 507 -28.18 -53.03 98.66
N ALA X 508 -29.07 -53.63 97.88
CA ALA X 508 -29.94 -52.86 97.00
C ALA X 508 -30.84 -51.92 97.80
N ALA X 509 -31.43 -52.42 98.88
CA ALA X 509 -32.27 -51.58 99.73
C ALA X 509 -31.47 -50.53 100.46
N SER X 510 -30.18 -50.76 100.70
CA SER X 510 -29.35 -49.76 101.37
C SER X 510 -29.08 -48.57 100.48
N VAL X 511 -28.56 -48.82 99.26
CA VAL X 511 -28.21 -47.72 98.36
C VAL X 511 -29.45 -47.00 97.88
N ALA X 512 -30.56 -47.72 97.68
CA ALA X 512 -31.78 -47.08 97.23
C ALA X 512 -32.37 -46.19 98.31
N SER X 513 -32.25 -46.59 99.57
CA SER X 513 -32.75 -45.77 100.67
C SER X 513 -31.91 -44.52 100.86
N ILE X 514 -30.61 -44.60 100.62
CA ILE X 514 -29.75 -43.42 100.74
C ILE X 514 -30.11 -42.40 99.67
N LEU X 515 -30.38 -42.87 98.44
CA LEU X 515 -30.72 -41.95 97.35
C LEU X 515 -32.08 -41.31 97.59
N LEU X 516 -33.04 -42.05 98.17
CA LEU X 516 -34.34 -41.47 98.48
C LEU X 516 -34.22 -40.38 99.53
N THR X 517 -33.26 -40.49 100.43
CA THR X 517 -33.05 -39.51 101.49
C THR X 517 -32.03 -38.44 101.12
N THR X 518 -31.52 -38.45 99.89
CA THR X 518 -30.54 -37.46 99.45
C THR X 518 -31.25 -36.17 99.07
N GLU X 519 -30.95 -35.08 99.78
CA GLU X 519 -31.52 -33.79 99.46
C GLU X 519 -30.75 -33.06 98.35
N ALA X 520 -29.42 -33.09 98.41
CA ALA X 520 -28.60 -32.26 97.55
C ALA X 520 -27.51 -33.09 96.90
N ALA X 521 -27.10 -32.65 95.70
CA ALA X 521 -26.05 -33.28 94.93
C ALA X 521 -25.04 -32.22 94.54
N ILE X 522 -23.82 -32.31 95.07
CA ILE X 522 -22.76 -31.33 94.83
C ILE X 522 -21.73 -31.96 93.91
N THR X 523 -21.29 -31.19 92.90
CA THR X 523 -20.32 -31.68 91.94
C THR X 523 -19.52 -30.52 91.37
N ASP X 524 -18.31 -30.82 90.93
CA ASP X 524 -17.42 -29.79 90.39
C ASP X 524 -17.99 -29.21 89.09
N VAL X 525 -17.62 -27.97 88.81
CA VAL X 525 -18.00 -27.31 87.56
C VAL X 525 -17.10 -27.79 86.44
N LYS X 526 -17.61 -27.71 85.21
CA LYS X 526 -16.85 -28.18 84.06
C LYS X 526 -15.57 -27.35 83.87
N GLU X 527 -15.72 -26.05 83.72
CA GLU X 527 -14.57 -25.17 83.53
C GLU X 527 -14.93 -23.72 83.87
N THR Y 2 -12.70 -44.30 80.97
CA THR Y 2 -13.33 -43.14 80.36
C THR Y 2 -14.85 -43.28 80.35
N ALA Y 3 -15.54 -42.19 80.03
CA ALA Y 3 -16.99 -42.24 79.92
C ALA Y 3 -17.42 -43.06 78.72
N LYS Y 4 -18.67 -43.53 78.75
CA LYS Y 4 -19.17 -44.47 77.77
C LYS Y 4 -20.49 -44.01 77.17
N ASP Y 5 -20.74 -44.44 75.94
CA ASP Y 5 -22.03 -44.32 75.28
C ASP Y 5 -22.57 -45.73 75.04
N ILE Y 6 -23.84 -45.94 75.37
CA ILE Y 6 -24.44 -47.28 75.32
C ILE Y 6 -25.65 -47.23 74.40
N LEU Y 7 -25.68 -48.14 73.43
CA LEU Y 7 -26.84 -48.35 72.57
C LEU Y 7 -27.48 -49.69 72.89
N PHE Y 8 -28.81 -49.73 72.86
CA PHE Y 8 -29.56 -50.90 73.30
C PHE Y 8 -30.35 -51.51 72.15
N ASP Y 9 -30.43 -52.85 72.14
CA ASP Y 9 -31.28 -53.65 71.27
C ASP Y 9 -31.29 -53.19 69.81
N ALA Y 10 -32.47 -52.88 69.29
CA ALA Y 10 -32.63 -52.61 67.86
C ALA Y 10 -31.72 -51.49 67.38
N GLU Y 11 -31.60 -50.42 68.18
CA GLU Y 11 -30.73 -49.32 67.77
C GLU Y 11 -29.27 -49.76 67.70
N ALA Y 12 -28.84 -50.59 68.66
CA ALA Y 12 -27.47 -51.09 68.62
C ALA Y 12 -27.28 -52.09 67.50
N ARG Y 13 -28.25 -53.00 67.31
CA ARG Y 13 -28.14 -54.00 66.25
C ARG Y 13 -28.23 -53.36 64.86
N THR Y 14 -28.96 -52.25 64.73
CA THR Y 14 -29.06 -51.60 63.43
C THR Y 14 -27.76 -50.89 63.07
N LYS Y 15 -27.12 -50.25 64.04
CA LYS Y 15 -25.88 -49.54 63.75
C LYS Y 15 -24.73 -50.52 63.50
N LEU Y 16 -24.73 -51.66 64.18
CA LEU Y 16 -23.74 -52.69 63.88
C LEU Y 16 -23.87 -53.18 62.44
N LYS Y 17 -25.11 -53.35 61.98
CA LYS Y 17 -25.34 -53.81 60.61
C LYS Y 17 -24.75 -52.84 59.59
N VAL Y 18 -24.79 -51.54 59.88
CA VAL Y 18 -24.20 -50.56 58.97
C VAL Y 18 -22.72 -50.83 58.78
N GLY Y 19 -22.04 -51.29 59.82
CA GLY Y 19 -20.65 -51.66 59.72
C GLY Y 19 -20.43 -52.98 59.02
N VAL Y 20 -21.31 -53.95 59.29
CA VAL Y 20 -21.21 -55.25 58.64
C VAL Y 20 -21.40 -55.09 57.14
N ASP Y 21 -22.36 -54.26 56.73
CA ASP Y 21 -22.61 -54.04 55.30
C ASP Y 21 -21.43 -53.33 54.65
N LYS Y 22 -20.86 -52.32 55.31
CA LYS Y 22 -19.73 -51.60 54.73
C LYS Y 22 -18.52 -52.50 54.56
N LEU Y 23 -18.32 -53.45 55.46
CA LEU Y 23 -17.24 -54.42 55.28
C LEU Y 23 -17.54 -55.36 54.12
N ALA Y 24 -18.77 -55.89 54.09
CA ALA Y 24 -19.12 -56.89 53.07
C ALA Y 24 -19.19 -56.27 51.69
N ASN Y 25 -19.84 -55.11 51.56
CA ASN Y 25 -20.01 -54.50 50.24
C ASN Y 25 -18.68 -54.18 49.59
N ALA Y 26 -17.67 -53.82 50.39
CA ALA Y 26 -16.36 -53.51 49.81
C ALA Y 26 -15.59 -54.78 49.48
N VAL Y 27 -15.72 -55.82 50.30
CA VAL Y 27 -14.94 -57.04 50.10
C VAL Y 27 -15.59 -58.02 49.13
N LYS Y 28 -16.88 -57.87 48.84
CA LYS Y 28 -17.58 -58.86 48.02
C LYS Y 28 -17.48 -58.59 46.53
N VAL Y 29 -17.06 -57.38 46.12
CA VAL Y 29 -16.88 -57.11 44.71
C VAL Y 29 -15.70 -57.85 44.11
N THR Y 30 -14.82 -58.40 44.95
CA THR Y 30 -13.67 -59.17 44.51
C THR Y 30 -13.91 -60.67 44.52
N LEU Y 31 -15.11 -61.12 44.87
CA LEU Y 31 -15.39 -62.54 45.04
C LEU Y 31 -15.49 -63.24 43.69
N GLY Y 32 -14.80 -64.37 43.55
CA GLY Y 32 -14.90 -65.20 42.37
C GLY Y 32 -13.88 -64.85 41.31
N PRO Y 33 -13.90 -65.60 40.20
CA PRO Y 33 -12.97 -65.29 39.10
C PRO Y 33 -13.25 -63.96 38.44
N ALA Y 34 -14.50 -63.49 38.47
CA ALA Y 34 -14.89 -62.23 37.85
C ALA Y 34 -14.75 -61.04 38.81
N GLY Y 35 -14.19 -61.27 39.99
CA GLY Y 35 -14.07 -60.23 41.00
C GLY Y 35 -13.46 -58.94 40.49
N ARG Y 36 -14.04 -57.82 40.89
CA ARG Y 36 -13.65 -56.51 40.37
C ARG Y 36 -12.38 -56.04 41.08
N ASN Y 37 -11.99 -54.80 40.80
CA ASN Y 37 -10.76 -54.23 41.32
C ASN Y 37 -11.07 -53.18 42.38
N VAL Y 38 -10.26 -53.14 43.44
CA VAL Y 38 -10.43 -52.20 44.53
C VAL Y 38 -9.14 -51.40 44.69
N LEU Y 39 -9.27 -50.08 44.66
CA LEU Y 39 -8.13 -49.18 44.85
C LEU Y 39 -8.03 -48.79 46.32
N ILE Y 40 -6.81 -48.80 46.84
CA ILE Y 40 -6.54 -48.47 48.24
C ILE Y 40 -5.52 -47.35 48.28
N ASP Y 41 -5.88 -46.23 48.90
CA ASP Y 41 -5.02 -45.05 48.92
C ASP Y 41 -3.80 -45.29 49.79
N LYS Y 42 -2.67 -44.72 49.38
CA LYS Y 42 -1.45 -44.73 50.15
C LYS Y 42 -1.05 -43.30 50.51
N LYS Y 43 0.05 -43.17 51.25
CA LYS Y 43 0.48 -41.84 51.68
C LYS Y 43 1.12 -41.06 50.54
N PHE Y 44 1.97 -41.72 49.74
CA PHE Y 44 2.61 -41.08 48.62
C PHE Y 44 2.73 -42.09 47.47
N GLY Y 45 2.52 -41.61 46.26
CA GLY Y 45 2.61 -42.43 45.07
C GLY Y 45 1.26 -42.92 44.59
N ALA Y 46 1.31 -43.85 43.64
CA ALA Y 46 0.10 -44.43 43.11
C ALA Y 46 -0.53 -45.37 44.12
N PRO Y 47 -1.86 -45.52 44.09
CA PRO Y 47 -2.52 -46.41 45.06
C PRO Y 47 -2.26 -47.88 44.80
N THR Y 48 -2.85 -48.74 45.63
CA THR Y 48 -2.71 -50.18 45.48
C THR Y 48 -3.95 -50.73 44.79
N SER Y 49 -3.73 -51.52 43.74
CA SER Y 49 -4.80 -52.16 42.99
C SER Y 49 -4.77 -53.65 43.32
N THR Y 50 -5.87 -54.16 43.88
CA THR Y 50 -5.95 -55.55 44.29
C THR Y 50 -7.33 -56.12 44.03
N LYS Y 51 -7.36 -57.34 43.51
CA LYS Y 51 -8.57 -58.13 43.42
C LYS Y 51 -8.73 -59.10 44.59
N ASP Y 52 -7.85 -59.02 45.58
CA ASP Y 52 -7.85 -59.94 46.70
C ASP Y 52 -8.79 -59.43 47.79
N GLY Y 53 -9.64 -60.31 48.30
CA GLY Y 53 -10.56 -59.92 49.36
C GLY Y 53 -9.90 -59.79 50.71
N VAL Y 54 -8.84 -60.58 50.97
CA VAL Y 54 -8.14 -60.48 52.24
C VAL Y 54 -7.39 -59.15 52.34
N THR Y 55 -6.82 -58.69 51.23
CA THR Y 55 -6.15 -57.39 51.23
C THR Y 55 -7.15 -56.26 51.47
N VAL Y 56 -8.33 -56.36 50.87
CA VAL Y 56 -9.35 -55.33 51.07
C VAL Y 56 -9.89 -55.36 52.49
N ALA Y 57 -10.16 -56.56 53.01
CA ALA Y 57 -10.75 -56.67 54.34
C ALA Y 57 -9.82 -56.13 55.42
N LYS Y 58 -8.51 -56.28 55.25
CA LYS Y 58 -7.56 -55.80 56.25
C LYS Y 58 -7.51 -54.28 56.33
N GLU Y 59 -8.01 -53.58 55.30
CA GLU Y 59 -7.98 -52.13 55.26
C GLU Y 59 -9.25 -51.48 55.75
N ILE Y 60 -10.27 -52.25 56.11
CA ILE Y 60 -11.55 -51.67 56.50
C ILE Y 60 -11.48 -51.23 57.96
N GLU Y 61 -11.66 -49.94 58.19
CA GLU Y 61 -11.81 -49.35 59.52
C GLU Y 61 -12.79 -48.20 59.41
N LEU Y 62 -13.71 -48.11 60.35
CA LEU Y 62 -14.78 -47.15 60.30
C LEU Y 62 -14.63 -46.09 61.39
N VAL Y 63 -15.12 -44.89 61.10
CA VAL Y 63 -14.98 -43.79 62.05
C VAL Y 63 -15.98 -43.91 63.19
N ASP Y 64 -17.17 -44.45 62.92
CA ASP Y 64 -18.17 -44.60 63.98
C ASP Y 64 -17.80 -45.77 64.88
N PRO Y 65 -17.84 -45.60 66.20
CA PRO Y 65 -17.38 -46.68 67.09
C PRO Y 65 -18.25 -47.93 67.01
N VAL Y 66 -19.57 -47.77 66.92
CA VAL Y 66 -20.45 -48.95 66.86
C VAL Y 66 -20.38 -49.59 65.47
N GLU Y 67 -20.33 -48.77 64.42
CA GLU Y 67 -20.19 -49.30 63.07
C GLU Y 67 -18.89 -50.08 62.92
N ASN Y 68 -17.80 -49.56 63.49
CA ASN Y 68 -16.52 -50.26 63.43
C ASN Y 68 -16.57 -51.58 64.18
N MET Y 69 -17.33 -51.65 65.28
CA MET Y 69 -17.43 -52.88 66.04
C MET Y 69 -18.04 -54.00 65.21
N GLY Y 70 -19.15 -53.71 64.52
CA GLY Y 70 -19.74 -54.70 63.65
C GLY Y 70 -18.84 -55.10 62.50
N ALA Y 71 -18.00 -54.18 62.03
CA ALA Y 71 -17.07 -54.48 60.94
C ALA Y 71 -15.91 -55.34 61.44
N GLN Y 72 -15.41 -55.07 62.65
CA GLN Y 72 -14.31 -55.85 63.18
C GLN Y 72 -14.75 -57.22 63.67
N MET Y 73 -15.98 -57.33 64.18
CA MET Y 73 -16.50 -58.62 64.61
C MET Y 73 -16.50 -59.63 63.46
N VAL Y 74 -17.09 -59.24 62.32
CA VAL Y 74 -17.14 -60.14 61.17
C VAL Y 74 -15.75 -60.35 60.59
N ARG Y 75 -14.86 -59.36 60.73
CA ARG Y 75 -13.51 -59.49 60.19
C ARG Y 75 -12.73 -60.59 60.89
N GLU Y 76 -12.70 -60.56 62.24
CA GLU Y 76 -11.89 -61.52 62.97
C GLU Y 76 -12.47 -62.93 62.87
N VAL Y 77 -13.79 -63.06 62.76
CA VAL Y 77 -14.39 -64.37 62.64
C VAL Y 77 -14.19 -64.94 61.23
N ALA Y 78 -14.41 -64.11 60.20
CA ALA Y 78 -14.22 -64.57 58.84
C ALA Y 78 -12.75 -64.80 58.51
N SER Y 79 -11.83 -64.14 59.22
CA SER Y 79 -10.41 -64.38 58.99
C SER Y 79 -9.99 -65.77 59.46
N LYS Y 80 -10.72 -66.35 60.41
CA LYS Y 80 -10.44 -67.70 60.87
C LYS Y 80 -10.74 -68.75 59.82
N THR Y 81 -11.39 -68.37 58.71
CA THR Y 81 -11.65 -69.32 57.64
C THR Y 81 -10.39 -69.59 56.84
N SER Y 82 -9.83 -68.56 56.21
CA SER Y 82 -8.59 -68.70 55.45
C SER Y 82 -7.37 -68.92 56.34
N ASP Y 83 -7.52 -68.81 57.65
CA ASP Y 83 -6.40 -69.15 58.54
C ASP Y 83 -6.16 -70.65 58.56
N VAL Y 84 -7.20 -71.43 58.87
CA VAL Y 84 -7.06 -72.88 58.89
C VAL Y 84 -7.17 -73.48 57.50
N ALA Y 85 -8.11 -72.97 56.68
CA ALA Y 85 -8.41 -73.55 55.38
C ALA Y 85 -7.69 -72.86 54.22
N GLY Y 86 -6.96 -71.77 54.48
CA GLY Y 86 -6.21 -71.10 53.44
C GLY Y 86 -7.02 -70.26 52.48
N ASP Y 87 -8.35 -70.36 52.50
CA ASP Y 87 -9.20 -69.62 51.57
C ASP Y 87 -10.58 -69.49 52.17
N GLY Y 88 -11.37 -68.58 51.60
CA GLY Y 88 -12.76 -68.43 51.97
C GLY Y 88 -13.08 -67.29 52.91
N THR Y 89 -12.19 -66.32 53.08
CA THR Y 89 -12.49 -65.18 53.94
C THR Y 89 -13.63 -64.35 53.38
N THR Y 90 -13.59 -64.07 52.06
CA THR Y 90 -14.65 -63.27 51.46
C THR Y 90 -15.98 -64.00 51.47
N THR Y 91 -15.98 -65.32 51.25
CA THR Y 91 -17.22 -66.08 51.24
C THR Y 91 -17.89 -66.05 52.61
N ALA Y 92 -17.09 -66.16 53.67
CA ALA Y 92 -17.66 -66.11 55.02
C ALA Y 92 -18.24 -64.72 55.33
N THR Y 93 -17.68 -63.67 54.73
CA THR Y 93 -18.21 -62.33 54.96
C THR Y 93 -19.55 -62.15 54.23
N VAL Y 94 -19.63 -62.60 52.98
CA VAL Y 94 -20.87 -62.48 52.21
C VAL Y 94 -21.98 -63.26 52.90
N LEU Y 95 -21.67 -64.47 53.38
CA LEU Y 95 -22.67 -65.25 54.10
C LEU Y 95 -23.11 -64.57 55.38
N ALA Y 96 -22.15 -64.05 56.16
CA ALA Y 96 -22.49 -63.37 57.40
C ALA Y 96 -23.35 -62.14 57.17
N GLN Y 97 -23.13 -61.44 56.05
CA GLN Y 97 -23.97 -60.28 55.72
C GLN Y 97 -25.41 -60.71 55.49
N ALA Y 98 -25.62 -61.80 54.75
CA ALA Y 98 -26.97 -62.23 54.42
C ALA Y 98 -27.67 -62.80 55.65
N ILE Y 99 -26.96 -63.61 56.44
CA ILE Y 99 -27.58 -64.21 57.62
C ILE Y 99 -28.00 -63.13 58.61
N TYR Y 100 -27.15 -62.12 58.81
CA TYR Y 100 -27.47 -61.06 59.76
C TYR Y 100 -28.52 -60.10 59.20
N ARG Y 101 -28.52 -59.86 57.89
CA ARG Y 101 -29.54 -58.99 57.31
C ARG Y 101 -30.93 -59.61 57.44
N GLU Y 102 -31.10 -60.83 56.95
CA GLU Y 102 -32.39 -61.50 57.04
C GLU Y 102 -32.78 -61.79 58.48
N GLY Y 103 -31.79 -61.96 59.36
CA GLY Y 103 -32.10 -62.17 60.77
C GLY Y 103 -32.74 -60.96 61.41
N LEU Y 104 -32.19 -59.77 61.14
CA LEU Y 104 -32.75 -58.55 61.73
C LEU Y 104 -34.15 -58.26 61.21
N LYS Y 105 -34.44 -58.60 59.94
CA LYS Y 105 -35.77 -58.37 59.41
C LYS Y 105 -36.82 -59.14 60.19
N ASN Y 106 -36.51 -60.38 60.58
CA ASN Y 106 -37.46 -61.18 61.34
C ASN Y 106 -37.49 -60.78 62.82
N VAL Y 107 -36.37 -60.32 63.37
CA VAL Y 107 -36.39 -59.79 64.73
C VAL Y 107 -37.29 -58.57 64.81
N THR Y 108 -37.19 -57.68 63.83
CA THR Y 108 -38.12 -56.56 63.75
C THR Y 108 -39.55 -57.05 63.54
N ALA Y 109 -39.73 -58.14 62.81
CA ALA Y 109 -41.05 -58.71 62.55
C ALA Y 109 -41.65 -59.40 63.79
N GLY Y 110 -40.90 -59.50 64.88
CA GLY Y 110 -41.40 -60.08 66.11
C GLY Y 110 -40.81 -61.42 66.48
N ALA Y 111 -39.99 -62.03 65.63
CA ALA Y 111 -39.38 -63.31 65.95
C ALA Y 111 -38.43 -63.19 67.14
N ARG Y 112 -38.29 -64.29 67.87
CA ARG Y 112 -37.35 -64.34 68.99
C ARG Y 112 -35.93 -64.49 68.46
N PRO Y 113 -35.01 -63.60 68.84
CA PRO Y 113 -33.63 -63.73 68.34
C PRO Y 113 -32.95 -65.03 68.77
N ILE Y 114 -33.32 -65.57 69.94
CA ILE Y 114 -32.69 -66.81 70.37
C ILE Y 114 -33.21 -68.00 69.57
N ASP Y 115 -34.49 -67.99 69.18
CA ASP Y 115 -35.01 -69.06 68.35
C ASP Y 115 -34.45 -69.00 66.94
N LEU Y 116 -34.19 -67.80 66.43
CA LEU Y 116 -33.52 -67.68 65.14
C LEU Y 116 -32.13 -68.27 65.20
N LYS Y 117 -31.41 -68.05 66.31
CA LYS Y 117 -30.09 -68.63 66.45
C LYS Y 117 -30.15 -70.16 66.51
N ARG Y 118 -31.10 -70.70 67.26
CA ARG Y 118 -31.23 -72.15 67.36
C ARG Y 118 -31.55 -72.76 66.00
N GLY Y 119 -32.49 -72.17 65.27
CA GLY Y 119 -32.80 -72.67 63.93
C GLY Y 119 -31.61 -72.58 62.99
N ILE Y 120 -30.84 -71.50 63.08
CA ILE Y 120 -29.65 -71.36 62.24
C ILE Y 120 -28.62 -72.42 62.61
N ASP Y 121 -28.42 -72.66 63.91
CA ASP Y 121 -27.42 -73.65 64.33
C ASP Y 121 -27.82 -75.06 63.89
N ARG Y 122 -29.12 -75.38 63.97
CA ARG Y 122 -29.56 -76.70 63.53
C ARG Y 122 -29.52 -76.83 62.02
N ALA Y 123 -29.68 -75.72 61.30
CA ALA Y 123 -29.63 -75.77 59.84
C ALA Y 123 -28.21 -75.95 59.32
N VAL Y 124 -27.24 -75.31 59.98
CA VAL Y 124 -25.86 -75.40 59.52
C VAL Y 124 -25.31 -76.81 59.70
N LYS Y 125 -25.68 -77.47 60.80
CA LYS Y 125 -25.22 -78.85 61.02
C LYS Y 125 -25.69 -79.77 59.92
N GLU Y 126 -26.93 -79.60 59.46
CA GLU Y 126 -27.45 -80.44 58.39
C GLU Y 126 -26.87 -80.06 57.03
N VAL Y 127 -26.47 -78.80 56.86
CA VAL Y 127 -25.83 -78.39 55.61
C VAL Y 127 -24.38 -78.86 55.56
N VAL Y 128 -23.68 -78.78 56.69
CA VAL Y 128 -22.30 -79.26 56.74
C VAL Y 128 -22.27 -80.78 56.59
N ALA Y 129 -23.21 -81.48 57.23
CA ALA Y 129 -23.27 -82.93 57.10
C ALA Y 129 -23.52 -83.33 55.64
N GLU Y 130 -24.49 -82.69 55.00
CA GLU Y 130 -24.73 -82.94 53.57
C GLU Y 130 -23.52 -82.52 52.73
N LEU Y 131 -22.78 -81.50 53.18
CA LEU Y 131 -21.59 -81.08 52.48
C LEU Y 131 -20.49 -82.13 52.54
N ARG Y 132 -20.51 -83.00 53.56
CA ARG Y 132 -19.55 -84.11 53.60
C ARG Y 132 -19.94 -85.24 52.66
N ASN Y 133 -21.25 -85.45 52.46
CA ASN Y 133 -21.71 -86.56 51.63
C ASN Y 133 -21.37 -86.32 50.16
N ILE Y 134 -21.52 -85.09 49.68
CA ILE Y 134 -21.17 -84.77 48.30
C ILE Y 134 -19.67 -84.53 48.13
N SER Y 135 -18.90 -84.56 49.21
CA SER Y 135 -17.47 -84.37 49.13
C SER Y 135 -16.79 -85.63 48.63
N ARG Y 136 -15.70 -85.44 47.90
CA ARG Y 136 -14.90 -86.54 47.34
C ARG Y 136 -13.55 -86.56 48.04
N SER Y 137 -13.23 -87.68 48.67
CA SER Y 137 -11.97 -87.81 49.39
C SER Y 137 -10.80 -87.79 48.41
N ILE Y 138 -9.71 -87.15 48.83
CA ILE Y 138 -8.47 -87.09 48.05
C ILE Y 138 -7.48 -88.07 48.68
N SER Y 139 -7.00 -89.01 47.87
CA SER Y 139 -6.05 -90.01 48.33
C SER Y 139 -5.20 -90.46 47.14
N GLY Y 140 -4.00 -90.92 47.44
CA GLY Y 140 -3.07 -91.37 46.41
C GLY Y 140 -2.30 -90.22 45.79
N LYS Y 141 -1.23 -90.59 45.08
CA LYS Y 141 -0.36 -89.58 44.48
C LYS Y 141 -1.02 -88.90 43.29
N LYS Y 142 -1.87 -89.60 42.55
CA LYS Y 142 -2.49 -89.02 41.36
C LYS Y 142 -3.49 -87.93 41.74
N GLU Y 143 -4.35 -88.22 42.72
CA GLU Y 143 -5.36 -87.24 43.12
C GLU Y 143 -4.72 -86.03 43.79
N ILE Y 144 -3.70 -86.25 44.62
CA ILE Y 144 -3.00 -85.14 45.26
C ILE Y 144 -2.31 -84.27 44.22
N ALA Y 145 -1.74 -84.90 43.19
CA ALA Y 145 -1.12 -84.13 42.11
C ALA Y 145 -2.16 -83.36 41.30
N GLN Y 146 -3.36 -83.91 41.17
CA GLN Y 146 -4.41 -83.20 40.43
C GLN Y 146 -4.88 -81.96 41.17
N VAL Y 147 -5.12 -82.10 42.48
CA VAL Y 147 -5.53 -80.96 43.28
C VAL Y 147 -4.40 -79.94 43.39
N GLY Y 148 -3.16 -80.43 43.54
CA GLY Y 148 -2.02 -79.52 43.60
C GLY Y 148 -1.80 -78.75 42.31
N THR Y 149 -2.13 -79.36 41.17
CA THR Y 149 -1.95 -78.68 39.88
C THR Y 149 -2.98 -77.57 39.71
N ILE Y 150 -4.23 -77.81 40.13
CA ILE Y 150 -5.26 -76.79 40.01
C ILE Y 150 -4.95 -75.62 40.93
N SER Y 151 -4.57 -75.92 42.18
CA SER Y 151 -4.22 -74.87 43.12
C SER Y 151 -2.95 -74.13 42.72
N ALA Y 152 -2.17 -74.70 41.81
CA ALA Y 152 -0.96 -74.08 41.28
C ALA Y 152 -1.22 -73.23 40.05
N ASN Y 153 -2.49 -73.01 39.71
CA ASN Y 153 -2.89 -72.33 38.48
C ASN Y 153 -2.43 -73.12 37.24
N ASN Y 154 -2.77 -74.41 37.24
CA ASN Y 154 -2.49 -75.32 36.13
C ASN Y 154 -0.99 -75.44 35.86
N ASP Y 155 -0.25 -75.74 36.92
CA ASP Y 155 1.17 -76.04 36.80
C ASP Y 155 1.40 -77.51 37.14
N PRO Y 156 1.69 -78.37 36.17
CA PRO Y 156 1.86 -79.80 36.50
C PRO Y 156 3.07 -80.09 37.36
N GLU Y 157 4.14 -79.29 37.24
CA GLU Y 157 5.35 -79.55 38.03
C GLU Y 157 5.11 -79.27 39.50
N ILE Y 158 4.32 -78.24 39.81
CA ILE Y 158 4.06 -77.92 41.21
C ILE Y 158 3.16 -78.97 41.84
N GLY Y 159 2.14 -79.43 41.11
CA GLY Y 159 1.28 -80.48 41.64
C GLY Y 159 2.02 -81.78 41.84
N GLU Y 160 2.96 -82.10 40.95
CA GLU Y 160 3.78 -83.29 41.12
C GLU Y 160 4.73 -83.14 42.30
N LEU Y 161 5.26 -81.94 42.51
CA LEU Y 161 6.15 -81.72 43.64
C LEU Y 161 5.41 -81.85 44.97
N ILE Y 162 4.21 -81.29 45.06
CA ILE Y 162 3.41 -81.42 46.27
C ILE Y 162 3.03 -82.88 46.49
N ALA Y 163 2.73 -83.60 45.42
CA ALA Y 163 2.35 -85.00 45.54
C ALA Y 163 3.52 -85.85 46.05
N GLU Y 164 4.70 -85.66 45.46
CA GLU Y 164 5.87 -86.42 45.90
C GLU Y 164 6.30 -86.01 47.30
N ALA Y 165 6.11 -84.75 47.68
CA ALA Y 165 6.45 -84.32 49.03
C ALA Y 165 5.53 -84.96 50.06
N MET Y 166 4.22 -84.96 49.81
CA MET Y 166 3.30 -85.60 50.73
C MET Y 166 3.44 -87.13 50.72
N ASP Y 167 3.87 -87.69 49.59
CA ASP Y 167 4.09 -89.13 49.54
C ASP Y 167 5.28 -89.54 50.40
N LYS Y 168 6.33 -88.73 50.41
CA LYS Y 168 7.53 -89.07 51.16
C LYS Y 168 7.37 -88.80 52.65
N VAL Y 169 6.87 -87.61 53.01
CA VAL Y 169 6.77 -87.22 54.41
C VAL Y 169 5.46 -87.66 55.07
N GLY Y 170 4.48 -88.07 54.28
CA GLY Y 170 3.19 -88.47 54.82
C GLY Y 170 2.13 -87.41 54.59
N LYS Y 171 0.88 -87.80 54.88
CA LYS Y 171 -0.25 -86.90 54.70
C LYS Y 171 -0.16 -85.69 55.63
N ASP Y 172 0.01 -85.96 56.94
CA ASP Y 172 0.12 -84.90 57.94
C ASP Y 172 1.54 -84.46 58.19
N GLY Y 173 2.51 -84.99 57.43
CA GLY Y 173 3.90 -84.63 57.67
C GLY Y 173 4.16 -83.16 57.42
N VAL Y 174 5.21 -82.65 58.08
CA VAL Y 174 5.56 -81.24 57.98
C VAL Y 174 6.18 -80.96 56.61
N ILE Y 175 5.65 -79.95 55.93
CA ILE Y 175 6.15 -79.53 54.63
C ILE Y 175 6.31 -78.02 54.64
N THR Y 176 7.52 -77.55 54.36
CA THR Y 176 7.83 -76.13 54.31
C THR Y 176 8.36 -75.76 52.93
N VAL Y 177 8.17 -74.50 52.56
CA VAL Y 177 8.58 -73.97 51.26
C VAL Y 177 9.80 -73.08 51.46
N GLU Y 178 10.87 -73.37 50.75
CA GLU Y 178 12.11 -72.63 50.81
C GLU Y 178 12.42 -72.05 49.43
N GLU Y 179 13.53 -71.33 49.34
CA GLU Y 179 14.01 -70.84 48.05
C GLU Y 179 15.02 -71.82 47.46
N ALA Y 180 15.50 -71.51 46.26
CA ALA Y 180 16.44 -72.37 45.56
C ALA Y 180 17.48 -71.52 44.86
N LYS Y 181 18.55 -72.18 44.42
CA LYS Y 181 19.64 -71.52 43.71
C LYS Y 181 19.91 -72.28 42.41
N GLY Y 182 19.90 -71.56 41.30
CA GLY Y 182 20.20 -72.16 40.01
C GLY Y 182 19.01 -72.70 39.24
N MET Y 183 17.80 -72.18 39.50
CA MET Y 183 16.59 -72.50 38.74
C MET Y 183 16.12 -73.94 38.96
N GLU Y 184 16.95 -74.76 39.58
CA GLU Y 184 16.62 -76.17 39.77
C GLU Y 184 15.62 -76.32 40.90
N THR Y 185 14.49 -76.96 40.60
CA THR Y 185 13.46 -77.24 41.60
C THR Y 185 13.74 -78.61 42.21
N GLU Y 186 14.00 -78.65 43.52
CA GLU Y 186 14.44 -79.85 44.20
C GLU Y 186 13.50 -80.18 45.36
N LEU Y 187 13.57 -81.44 45.79
CA LEU Y 187 12.84 -81.92 46.96
C LEU Y 187 13.80 -82.75 47.81
N LYS Y 188 13.98 -82.34 49.06
CA LYS Y 188 14.92 -82.99 49.96
C LYS Y 188 14.23 -83.33 51.27
N VAL Y 189 14.53 -84.52 51.80
CA VAL Y 189 14.03 -84.94 53.10
C VAL Y 189 15.12 -84.69 54.13
N VAL Y 190 14.81 -83.89 55.14
CA VAL Y 190 15.75 -83.55 56.19
C VAL Y 190 15.11 -83.83 57.55
N GLU Y 191 15.97 -84.04 58.54
CA GLU Y 191 15.50 -84.28 59.89
C GLU Y 191 14.94 -82.99 60.49
N GLY Y 192 13.93 -83.14 61.33
CA GLY Y 192 13.31 -82.00 61.96
C GLY Y 192 11.91 -82.34 62.43
N MET Y 193 11.30 -81.35 63.10
CA MET Y 193 9.97 -81.52 63.65
C MET Y 193 9.30 -80.15 63.76
N GLN Y 194 8.06 -80.15 64.22
CA GLN Y 194 7.29 -78.94 64.39
C GLN Y 194 6.41 -79.08 65.62
N PHE Y 195 6.30 -78.00 66.40
CA PHE Y 195 5.45 -77.98 67.58
C PHE Y 195 4.53 -76.75 67.52
N ASP Y 196 3.51 -76.77 68.36
CA ASP Y 196 2.43 -75.78 68.31
C ASP Y 196 2.76 -74.49 69.06
N ARG Y 197 3.95 -74.36 69.63
CA ARG Y 197 4.33 -73.13 70.29
C ARG Y 197 4.82 -72.11 69.26
N GLY Y 198 4.24 -70.91 69.31
CA GLY Y 198 4.61 -69.83 68.42
C GLY Y 198 5.43 -68.76 69.12
N TYR Y 199 5.58 -67.64 68.44
CA TYR Y 199 6.35 -66.53 69.00
C TYR Y 199 5.56 -65.83 70.10
N LEU Y 200 6.27 -65.36 71.13
CA LEU Y 200 5.61 -64.69 72.23
C LEU Y 200 5.37 -63.21 71.98
N SER Y 201 6.02 -62.63 70.97
CA SER Y 201 5.83 -61.23 70.63
C SER Y 201 5.76 -61.07 69.13
N PRO Y 202 4.89 -60.20 68.62
CA PRO Y 202 4.80 -60.00 67.17
C PRO Y 202 6.03 -59.33 66.57
N TYR Y 203 6.88 -58.71 67.38
CA TYR Y 203 8.02 -57.94 66.87
C TYR Y 203 9.22 -58.80 66.50
N PHE Y 204 9.15 -60.11 66.72
CA PHE Y 204 10.22 -61.01 66.30
C PHE Y 204 10.11 -61.45 64.85
N VAL Y 205 9.06 -61.04 64.15
CA VAL Y 205 8.78 -61.54 62.81
C VAL Y 205 9.75 -60.93 61.80
N THR Y 206 9.64 -61.35 60.54
CA THR Y 206 10.49 -60.85 59.47
C THR Y 206 9.65 -60.37 58.30
N ASN Y 207 8.93 -61.29 57.67
CA ASN Y 207 8.03 -60.98 56.56
C ASN Y 207 8.77 -60.31 55.41
N THR Y 210 3.62 -62.02 55.16
CA THR Y 210 3.86 -63.40 55.55
C THR Y 210 3.63 -63.59 57.05
N MET Y 211 4.07 -62.60 57.84
CA MET Y 211 3.94 -62.63 59.30
C MET Y 211 4.63 -63.86 59.89
N GLU Y 212 5.78 -64.22 59.34
CA GLU Y 212 6.54 -65.38 59.77
C GLU Y 212 7.96 -64.96 60.12
N ALA Y 213 8.39 -65.30 61.34
CA ALA Y 213 9.75 -65.05 61.77
C ALA Y 213 10.66 -66.13 61.20
N GLU Y 214 11.65 -65.74 60.41
CA GLU Y 214 12.52 -66.68 59.71
C GLU Y 214 13.97 -66.39 60.09
N LEU Y 215 14.69 -67.46 60.48
CA LEU Y 215 16.08 -67.34 60.90
C LEU Y 215 16.88 -68.45 60.23
N ASP Y 216 17.89 -68.06 59.44
CA ASP Y 216 18.86 -69.01 58.94
C ASP Y 216 20.02 -69.10 59.92
N GLU Y 217 20.97 -70.00 59.64
CA GLU Y 217 22.15 -70.21 60.50
C GLU Y 217 21.72 -70.39 61.95
N ALA Y 218 20.78 -71.31 62.17
CA ALA Y 218 20.04 -71.37 63.42
C ALA Y 218 20.86 -71.95 64.56
N LEU Y 219 20.80 -71.29 65.71
CA LEU Y 219 21.28 -71.82 66.98
C LEU Y 219 20.10 -71.85 67.95
N ILE Y 220 19.98 -72.94 68.70
CA ILE Y 220 18.80 -73.19 69.53
C ILE Y 220 19.23 -73.27 70.99
N LEU Y 221 18.59 -72.46 71.83
CA LEU Y 221 18.78 -72.51 73.28
C LEU Y 221 17.57 -73.23 73.89
N ILE Y 222 17.85 -74.30 74.63
CA ILE Y 222 16.80 -75.14 75.22
C ILE Y 222 16.92 -75.01 76.73
N HIS Y 223 15.91 -74.40 77.36
CA HIS Y 223 15.88 -74.20 78.80
C HIS Y 223 14.56 -74.73 79.35
N ASP Y 224 14.61 -75.33 80.53
CA ASP Y 224 13.46 -75.99 81.13
C ASP Y 224 12.69 -75.12 82.13
N LYS Y 225 13.12 -73.88 82.35
CA LYS Y 225 12.48 -73.01 83.33
C LYS Y 225 12.22 -71.64 82.72
N LYS Y 226 11.40 -70.86 83.42
CA LYS Y 226 11.05 -69.52 82.96
C LYS Y 226 12.26 -68.60 83.00
N ILE Y 227 12.25 -67.61 82.12
CA ILE Y 227 13.33 -66.63 82.04
C ILE Y 227 12.79 -65.22 82.16
N MET Y 230 15.37 -58.84 84.09
CA MET Y 230 16.82 -58.83 84.12
C MET Y 230 17.37 -60.23 84.41
N LYS Y 231 18.01 -60.37 85.56
CA LYS Y 231 18.57 -61.65 86.03
C LYS Y 231 19.54 -62.16 84.97
N GLU Y 232 19.29 -63.30 84.33
CA GLU Y 232 20.22 -63.92 83.39
C GLU Y 232 20.07 -63.39 81.97
N LEU Y 233 19.27 -62.32 81.77
CA LEU Y 233 19.03 -61.79 80.44
C LEU Y 233 20.33 -61.50 79.67
N LEU Y 234 21.42 -61.24 80.39
CA LEU Y 234 22.74 -61.04 79.79
C LEU Y 234 23.67 -62.14 80.29
N PRO Y 235 23.52 -63.37 79.77
CA PRO Y 235 24.27 -64.50 80.32
C PRO Y 235 25.60 -64.70 79.63
N ILE Y 236 26.29 -65.80 79.98
CA ILE Y 236 27.51 -66.19 79.28
C ILE Y 236 27.21 -66.55 77.84
N LEU Y 237 25.94 -66.82 77.51
CA LEU Y 237 25.55 -67.16 76.15
C LEU Y 237 25.60 -65.96 75.21
N GLU Y 238 25.84 -64.75 75.73
CA GLU Y 238 25.98 -63.58 74.87
C GLU Y 238 27.14 -63.73 73.89
N LYS Y 239 28.13 -64.56 74.20
CA LYS Y 239 29.22 -64.81 73.26
C LYS Y 239 28.76 -65.60 72.05
N ALA Y 240 27.64 -66.32 72.15
CA ALA Y 240 27.09 -67.01 70.99
C ALA Y 240 26.49 -66.04 69.99
N ALA Y 241 26.13 -64.83 70.42
CA ALA Y 241 25.66 -63.79 69.52
C ALA Y 241 26.79 -63.09 68.78
N GLN Y 242 28.04 -63.36 69.16
CA GLN Y 242 29.20 -62.78 68.49
C GLN Y 242 29.60 -63.56 67.24
N SER Y 243 28.94 -64.68 66.96
CA SER Y 243 29.21 -65.46 65.76
C SER Y 243 28.35 -65.02 64.57
N GLY Y 244 27.46 -64.05 64.77
CA GLY Y 244 26.57 -63.61 63.71
C GLY Y 244 25.38 -64.51 63.45
N ARG Y 245 25.35 -65.71 64.04
CA ARG Y 245 24.27 -66.67 63.82
C ARG Y 245 23.13 -66.40 64.79
N PRO Y 246 21.88 -66.35 64.31
CA PRO Y 246 20.75 -66.09 65.21
C PRO Y 246 20.59 -67.20 66.22
N LEU Y 247 19.98 -66.85 67.36
CA LEU Y 247 19.75 -67.77 68.45
C LEU Y 247 18.25 -67.88 68.72
N LEU Y 248 17.82 -69.08 69.10
CA LEU Y 248 16.43 -69.34 69.44
C LEU Y 248 16.36 -69.87 70.86
N ILE Y 249 15.68 -69.13 71.73
CA ILE Y 249 15.53 -69.51 73.14
C ILE Y 249 14.20 -70.22 73.32
N ILE Y 250 14.27 -71.48 73.76
CA ILE Y 250 13.10 -72.30 74.00
C ILE Y 250 13.01 -72.57 75.49
N ALA Y 251 11.99 -72.00 76.13
CA ALA Y 251 11.77 -72.18 77.56
C ALA Y 251 10.27 -72.33 77.80
N GLU Y 252 9.90 -72.74 79.01
CA GLU Y 252 8.49 -72.86 79.36
C GLU Y 252 7.79 -71.51 79.25
N ASP Y 253 8.42 -70.46 79.76
CA ASP Y 253 7.98 -69.09 79.50
C ASP Y 253 9.21 -68.23 79.28
N ILE Y 254 9.28 -67.57 78.12
CA ILE Y 254 10.39 -66.68 77.81
C ILE Y 254 10.07 -65.22 78.10
N GLU Y 255 8.88 -64.93 78.63
CA GLU Y 255 8.48 -63.56 78.93
C GLU Y 255 9.19 -63.09 80.20
N GLY Y 256 9.92 -61.99 80.10
CA GLY Y 256 10.63 -61.47 81.25
C GLY Y 256 11.32 -60.17 80.88
N GLU Y 257 11.70 -59.43 81.92
CA GLU Y 257 12.36 -58.13 81.79
C GLU Y 257 11.55 -57.17 80.93
N THR Y 261 14.75 -56.71 77.80
CA THR Y 261 13.71 -57.23 76.91
C THR Y 261 14.32 -57.66 75.57
N LEU Y 262 13.94 -58.86 75.12
CA LEU Y 262 14.44 -59.35 73.84
C LEU Y 262 13.81 -58.58 72.67
N VAL Y 263 12.60 -58.04 72.86
CA VAL Y 263 11.96 -57.26 71.83
C VAL Y 263 12.51 -55.84 71.74
N VAL Y 264 13.08 -55.32 72.83
CA VAL Y 264 13.64 -53.98 72.79
C VAL Y 264 14.88 -53.92 71.91
N ASN Y 265 15.78 -54.90 72.05
CA ASN Y 265 16.96 -54.99 71.18
C ASN Y 265 16.62 -55.50 69.79
N LYS Y 266 15.41 -56.03 69.59
CA LYS Y 266 15.01 -56.52 68.28
C LYS Y 266 14.60 -55.38 67.35
N LEU Y 267 14.11 -54.28 67.90
CA LEU Y 267 13.68 -53.15 67.08
C LEU Y 267 14.79 -52.15 66.80
N ARG Y 268 15.95 -52.27 67.45
CA ARG Y 268 17.01 -51.30 67.22
C ARG Y 268 18.35 -51.95 66.93
N GLY Y 269 18.98 -52.56 67.93
CA GLY Y 269 20.37 -52.96 67.83
C GLY Y 269 20.71 -54.20 67.04
N THR Y 270 20.03 -55.32 67.31
CA THR Y 270 20.48 -56.60 66.77
C THR Y 270 19.37 -57.38 66.08
N LEU Y 271 18.35 -57.79 66.85
CA LEU Y 271 17.25 -58.62 66.36
C LEU Y 271 17.73 -60.00 65.91
N LYS Y 272 18.82 -60.49 66.50
CA LYS Y 272 19.29 -61.83 66.18
C LYS Y 272 18.49 -62.91 66.91
N VAL Y 273 18.19 -62.68 68.19
CA VAL Y 273 17.58 -63.69 69.03
C VAL Y 273 16.07 -63.71 68.81
N ALA Y 274 15.48 -64.91 68.93
CA ALA Y 274 14.04 -65.09 68.92
C ALA Y 274 13.65 -66.04 70.04
N ALA Y 275 12.41 -65.92 70.50
CA ALA Y 275 11.92 -66.67 71.66
C ALA Y 275 10.65 -67.42 71.32
N VAL Y 276 10.63 -68.72 71.62
CA VAL Y 276 9.46 -69.57 71.42
C VAL Y 276 9.15 -70.24 72.75
N LYS Y 277 7.86 -70.47 73.00
CA LYS Y 277 7.40 -71.04 74.26
C LYS Y 277 7.67 -72.55 74.28
N ALA Y 278 7.18 -73.22 75.31
CA ALA Y 278 7.46 -74.63 75.49
C ALA Y 278 6.69 -75.48 74.47
N PRO Y 279 7.28 -76.62 74.01
CA PRO Y 279 6.59 -77.52 73.08
C PRO Y 279 5.88 -78.66 73.81
N GLY Y 280 4.93 -78.33 74.65
CA GLY Y 280 4.15 -79.31 75.37
C GLY Y 280 3.71 -78.77 76.71
N PHE Y 281 3.25 -79.69 77.56
CA PHE Y 281 2.79 -79.35 78.90
C PHE Y 281 2.98 -80.54 79.82
N GLY Y 282 3.10 -80.26 81.11
CA GLY Y 282 3.24 -81.32 82.09
C GLY Y 282 4.60 -82.00 82.02
N ASP Y 283 4.61 -83.29 82.35
CA ASP Y 283 5.84 -84.07 82.29
C ASP Y 283 6.27 -84.38 80.87
N ARG Y 284 5.41 -84.11 79.87
CA ARG Y 284 5.81 -84.32 78.48
C ARG Y 284 6.84 -83.30 78.01
N ARG Y 285 6.95 -82.16 78.69
CA ARG Y 285 7.94 -81.17 78.30
C ARG Y 285 9.36 -81.68 78.48
N LYS Y 286 9.57 -82.64 79.39
CA LYS Y 286 10.91 -83.18 79.61
C LYS Y 286 11.40 -83.92 78.38
N ALA Y 287 10.58 -84.84 77.85
CA ALA Y 287 10.99 -85.61 76.67
C ALA Y 287 10.85 -84.81 75.39
N MET Y 288 9.89 -83.89 75.33
CA MET Y 288 9.75 -83.05 74.14
C MET Y 288 10.96 -82.14 73.95
N LEU Y 289 11.40 -81.49 75.03
CA LEU Y 289 12.63 -80.70 74.96
C LEU Y 289 13.84 -81.59 74.71
N GLU Y 290 13.83 -82.81 75.22
CA GLU Y 290 14.92 -83.74 74.96
C GLU Y 290 14.93 -84.20 73.50
N ASP Y 291 13.76 -84.35 72.89
CA ASP Y 291 13.71 -84.73 71.48
C ASP Y 291 14.24 -83.62 70.58
N ILE Y 292 14.12 -82.36 71.00
CA ILE Y 292 14.64 -81.25 70.20
C ILE Y 292 16.16 -81.20 70.30
N ALA Y 293 16.70 -81.46 71.49
CA ALA Y 293 18.16 -81.43 71.67
C ALA Y 293 18.84 -82.54 70.89
N ILE Y 294 18.20 -83.72 70.81
CA ILE Y 294 18.81 -84.83 70.09
C ILE Y 294 18.79 -84.58 68.58
N LEU Y 295 17.71 -83.99 68.07
CA LEU Y 295 17.64 -83.70 66.64
C LEU Y 295 18.60 -82.58 66.26
N THR Y 296 18.76 -81.58 67.12
CA THR Y 296 19.57 -80.41 66.82
C THR Y 296 21.01 -80.53 67.33
N GLY Y 297 21.38 -81.66 67.93
CA GLY Y 297 22.72 -81.86 68.42
C GLY Y 297 23.06 -81.15 69.71
N GLY Y 298 22.13 -80.36 70.26
CA GLY Y 298 22.36 -79.68 71.51
C GLY Y 298 21.99 -80.55 72.71
N THR Y 299 22.04 -79.94 73.88
CA THR Y 299 21.67 -80.61 75.12
C THR Y 299 20.72 -79.72 75.91
N VAL Y 300 19.72 -80.34 76.54
CA VAL Y 300 18.76 -79.58 77.35
C VAL Y 300 19.47 -79.03 78.57
N ILE Y 301 19.26 -77.74 78.83
CA ILE Y 301 19.85 -77.07 79.99
C ILE Y 301 18.84 -77.15 81.12
N SER Y 302 19.16 -77.90 82.16
CA SER Y 302 18.25 -78.15 83.26
C SER Y 302 19.00 -78.09 84.58
N GLU Y 303 18.38 -77.49 85.59
CA GLU Y 303 18.97 -77.44 86.92
C GLU Y 303 18.97 -78.81 87.60
N GLU Y 304 18.18 -79.76 87.09
CA GLU Y 304 18.18 -81.11 87.66
C GLU Y 304 19.53 -81.78 87.47
N LYS Y 305 20.09 -81.70 86.25
CA LYS Y 305 21.42 -82.20 85.98
C LYS Y 305 22.51 -81.20 86.33
N GLY Y 306 22.15 -79.98 86.69
CA GLY Y 306 23.12 -78.98 87.11
C GLY Y 306 23.91 -78.34 86.00
N TYR Y 307 23.26 -78.05 84.85
CA TYR Y 307 23.96 -77.39 83.76
C TYR Y 307 24.09 -75.89 84.00
N LYS Y 308 23.01 -75.24 84.46
CA LYS Y 308 23.00 -73.82 84.82
C LYS Y 308 23.44 -73.02 83.60
N LEU Y 309 24.42 -72.11 83.72
CA LEU Y 309 24.91 -71.35 82.59
C LEU Y 309 26.44 -71.46 82.50
N GLU Y 310 27.13 -70.95 83.51
CA GLU Y 310 28.58 -71.02 83.58
C GLU Y 310 29.05 -72.47 83.72
N MET Y 314 30.45 -73.00 73.55
CA MET Y 314 29.18 -73.45 74.10
C MET Y 314 28.52 -74.48 73.16
N ALA Y 315 28.76 -75.75 73.44
CA ALA Y 315 28.20 -76.84 72.65
C ALA Y 315 26.81 -77.24 73.09
N TYR Y 316 26.24 -76.59 74.10
CA TYR Y 316 24.90 -76.92 74.56
C TYR Y 316 23.82 -76.50 73.57
N LEU Y 317 24.11 -75.52 72.72
CA LEU Y 317 23.11 -75.01 71.79
C LEU Y 317 22.88 -76.00 70.65
N GLY Y 318 21.61 -76.16 70.27
CA GLY Y 318 21.28 -76.93 69.09
C GLY Y 318 21.48 -76.14 67.82
N GLN Y 319 21.51 -76.87 66.70
CA GLN Y 319 21.74 -76.27 65.39
C GLN Y 319 20.69 -76.75 64.40
N ALA Y 320 20.38 -75.88 63.45
CA ALA Y 320 19.42 -76.20 62.39
C ALA Y 320 19.72 -75.32 61.18
N ALA Y 321 19.22 -75.76 60.03
CA ALA Y 321 19.44 -75.00 58.80
C ALA Y 321 18.52 -73.78 58.74
N ARG Y 322 17.24 -73.95 59.04
CA ARG Y 322 16.27 -72.88 58.96
C ARG Y 322 15.21 -73.08 60.03
N ILE Y 323 14.73 -71.97 60.60
CA ILE Y 323 13.65 -71.99 61.59
C ILE Y 323 12.67 -70.89 61.23
N THR Y 324 11.43 -71.28 60.94
CA THR Y 324 10.36 -70.34 60.66
C THR Y 324 9.35 -70.39 61.80
N ILE Y 325 8.96 -69.22 62.30
CA ILE Y 325 8.12 -69.11 63.47
C ILE Y 325 6.83 -68.40 63.07
N ASP Y 326 5.71 -69.13 63.11
CA ASP Y 326 4.40 -68.55 62.89
C ASP Y 326 3.77 -68.21 64.24
N LYS Y 327 2.54 -67.69 64.19
CA LYS Y 327 1.85 -67.36 65.43
C LYS Y 327 1.52 -68.60 66.24
N ASP Y 328 0.89 -69.58 65.61
CA ASP Y 328 0.50 -70.82 66.26
C ASP Y 328 1.47 -71.98 66.01
N ASN Y 329 2.55 -71.76 65.27
CA ASN Y 329 3.42 -72.86 64.89
C ASN Y 329 4.87 -72.43 64.84
N THR Y 330 5.77 -73.37 65.12
CA THR Y 330 7.21 -73.22 64.92
C THR Y 330 7.78 -74.55 64.48
N THR Y 331 8.63 -74.52 63.46
CA THR Y 331 9.20 -75.74 62.91
C THR Y 331 10.73 -75.63 62.86
N ILE Y 332 11.37 -76.80 62.77
CA ILE Y 332 12.82 -76.91 62.71
C ILE Y 332 13.17 -77.61 61.41
N VAL Y 333 13.94 -76.94 60.56
CA VAL Y 333 14.30 -77.45 59.24
C VAL Y 333 15.76 -77.88 59.26
N GLU Y 334 15.98 -79.17 59.00
CA GLU Y 334 17.31 -79.77 58.93
C GLU Y 334 18.13 -79.46 60.19
N GLY Y 335 17.65 -80.04 61.30
CA GLY Y 335 18.40 -79.97 62.54
C GLY Y 335 19.68 -80.76 62.41
N LYS Y 336 20.82 -80.12 62.64
CA LYS Y 336 22.12 -80.76 62.47
C LYS Y 336 22.56 -81.32 63.81
N GLY Y 337 22.66 -82.64 63.89
CA GLY Y 337 23.01 -83.30 65.13
C GLY Y 337 23.45 -84.72 64.89
N LYS Y 338 23.57 -85.47 65.98
CA LYS Y 338 24.03 -86.85 65.89
C LYS Y 338 22.97 -87.71 65.20
N GLN Y 339 23.38 -88.37 64.12
CA GLN Y 339 22.46 -89.26 63.40
C GLN Y 339 22.27 -90.58 64.12
N GLU Y 340 23.31 -91.06 64.82
CA GLU Y 340 23.21 -92.31 65.57
C GLU Y 340 22.25 -92.17 66.75
N GLU Y 341 22.18 -90.98 67.35
CA GLU Y 341 21.29 -90.78 68.50
C GLU Y 341 19.83 -90.61 68.09
N ILE Y 342 19.56 -90.34 66.81
CA ILE Y 342 18.18 -90.24 66.35
C ILE Y 342 17.51 -91.61 66.38
N LYS Y 343 18.15 -92.60 65.74
CA LYS Y 343 17.60 -93.96 65.75
C LYS Y 343 17.54 -94.53 67.15
N ALA Y 344 18.51 -94.18 68.00
CA ALA Y 344 18.47 -94.64 69.39
C ALA Y 344 17.28 -94.05 70.14
N ARG Y 345 17.00 -92.76 69.93
CA ARG Y 345 15.85 -92.14 70.58
C ARG Y 345 14.54 -92.68 70.01
N ILE Y 346 14.52 -93.06 68.73
CA ILE Y 346 13.32 -93.64 68.14
C ILE Y 346 12.98 -94.97 68.82
N ASN Y 347 14.00 -95.78 69.09
CA ASN Y 347 13.79 -97.06 69.76
C ASN Y 347 13.34 -96.90 71.21
N GLU Y 348 13.66 -95.76 71.83
CA GLU Y 348 13.19 -95.50 73.19
C GLU Y 348 11.69 -95.27 73.21
N ILE Y 349 11.17 -94.51 72.24
CA ILE Y 349 9.74 -94.26 72.17
C ILE Y 349 8.99 -95.54 71.79
N LYS Y 350 9.56 -96.33 70.87
CA LYS Y 350 8.92 -97.58 70.50
C LYS Y 350 8.89 -98.56 71.67
N GLY Y 351 9.92 -98.56 72.51
CA GLY Y 351 9.96 -99.46 73.64
C GLY Y 351 9.05 -99.08 74.77
N GLN Y 352 8.79 -97.77 74.94
CA GLN Y 352 7.91 -97.30 76.01
C GLN Y 352 6.44 -97.57 75.72
N ILE Y 353 6.10 -98.07 74.51
CA ILE Y 353 4.72 -98.37 74.20
C ILE Y 353 4.21 -99.52 75.06
N GLU Y 354 5.04 -100.54 75.27
CA GLU Y 354 4.66 -101.68 76.09
C GLU Y 354 5.81 -102.08 77.02
N SER Y 358 -0.43 -98.46 78.24
CA SER Y 358 -1.53 -97.85 78.98
C SER Y 358 -2.71 -97.55 78.06
N ASP Y 359 -3.50 -96.54 78.42
CA ASP Y 359 -4.67 -96.15 77.64
C ASP Y 359 -4.43 -94.80 76.96
N TYR Y 360 -4.34 -93.72 77.73
CA TYR Y 360 -4.06 -92.41 77.16
C TYR Y 360 -2.58 -92.20 76.87
N ASP Y 361 -1.71 -92.94 77.53
CA ASP Y 361 -0.27 -92.74 77.37
C ASP Y 361 0.28 -93.35 76.09
N THR Y 362 -0.43 -94.33 75.50
CA THR Y 362 0.06 -94.94 74.28
C THR Y 362 -0.23 -94.08 73.05
N GLU Y 363 -1.28 -93.26 73.09
CA GLU Y 363 -1.58 -92.38 71.97
C GLU Y 363 -0.69 -91.14 71.99
N LYS Y 364 -0.49 -90.54 73.17
CA LYS Y 364 0.35 -89.35 73.29
C LYS Y 364 1.84 -89.68 73.15
N LEU Y 365 2.21 -90.95 73.23
CA LEU Y 365 3.61 -91.32 73.05
C LEU Y 365 3.99 -91.40 71.56
N GLN Y 366 3.10 -91.99 70.74
CA GLN Y 366 3.43 -92.23 69.35
C GLN Y 366 3.34 -90.99 68.47
N GLU Y 367 2.72 -89.90 68.96
CA GLU Y 367 2.71 -88.67 68.17
C GLU Y 367 4.09 -88.02 68.14
N ARG Y 368 4.91 -88.24 69.17
CA ARG Y 368 6.28 -87.77 69.15
C ARG Y 368 7.18 -88.64 68.28
N LEU Y 369 6.74 -89.85 67.97
CA LEU Y 369 7.52 -90.73 67.10
C LEU Y 369 7.51 -90.23 65.65
N ALA Y 370 6.34 -89.79 65.18
CA ALA Y 370 6.24 -89.28 63.81
C ALA Y 370 7.01 -87.97 63.62
N LYS Y 371 7.34 -87.28 64.71
CA LYS Y 371 8.12 -86.04 64.58
C LYS Y 371 9.54 -86.33 64.13
N LEU Y 372 10.23 -87.25 64.81
CA LEU Y 372 11.61 -87.56 64.46
C LEU Y 372 11.70 -88.49 63.26
N SER Y 373 10.75 -89.43 63.13
CA SER Y 373 10.83 -90.42 62.08
C SER Y 373 10.49 -89.81 60.71
N GLY Y 374 9.39 -89.06 60.65
CA GLY Y 374 8.97 -88.52 59.37
C GLY Y 374 9.87 -87.42 58.85
N GLY Y 375 10.34 -86.55 59.74
CA GLY Y 375 11.18 -85.44 59.33
C GLY Y 375 10.37 -84.31 58.72
N VAL Y 376 11.08 -83.44 58.01
CA VAL Y 376 10.50 -82.27 57.38
C VAL Y 376 10.89 -82.29 55.90
N ALA Y 377 9.90 -82.26 55.02
CA ALA Y 377 10.12 -82.20 53.59
C ALA Y 377 10.18 -80.74 53.15
N VAL Y 378 11.30 -80.34 52.56
CA VAL Y 378 11.53 -78.97 52.13
C VAL Y 378 11.32 -78.88 50.63
N LEU Y 379 10.77 -77.75 50.18
CA LEU Y 379 10.48 -77.51 48.77
C LEU Y 379 11.35 -76.34 48.30
N LYS Y 380 12.29 -76.63 47.40
CA LYS Y 380 13.15 -75.61 46.80
C LYS Y 380 12.60 -75.27 45.42
N ILE Y 381 12.29 -74.00 45.19
CA ILE Y 381 11.65 -73.55 43.96
C ILE Y 381 12.60 -72.57 43.26
N GLY Y 382 13.12 -72.96 42.11
CA GLY Y 382 13.95 -72.10 41.30
C GLY Y 382 13.22 -71.55 40.08
N ALA Y 383 13.86 -70.59 39.42
CA ALA Y 383 13.33 -69.98 38.22
C ALA Y 383 14.47 -69.26 37.51
N SER Y 384 14.14 -68.61 36.38
CA SER Y 384 15.15 -67.91 35.61
C SER Y 384 15.59 -66.63 36.31
N THR Y 385 14.63 -65.82 36.75
CA THR Y 385 14.92 -64.56 37.43
C THR Y 385 14.30 -64.57 38.82
N GLU Y 386 14.81 -63.68 39.68
CA GLU Y 386 14.32 -63.64 41.05
C GLU Y 386 12.87 -63.18 41.13
N VAL Y 387 12.48 -62.24 40.26
CA VAL Y 387 11.10 -61.78 40.26
C VAL Y 387 10.15 -62.91 39.87
N GLU Y 388 10.58 -63.77 38.96
CA GLU Y 388 9.79 -64.94 38.61
C GLU Y 388 9.98 -66.10 39.59
N MET Y 389 11.04 -66.06 40.40
CA MET Y 389 11.24 -67.10 41.40
C MET Y 389 10.37 -66.87 42.64
N LYS Y 390 10.27 -65.61 43.08
CA LYS Y 390 9.42 -65.30 44.23
C LYS Y 390 7.94 -65.35 43.86
N GLU Y 391 7.61 -65.03 42.61
CA GLU Y 391 6.21 -65.06 42.18
C GLU Y 391 5.66 -66.47 42.22
N LYS Y 392 6.39 -67.43 41.65
CA LYS Y 392 5.94 -68.82 41.67
C LYS Y 392 6.16 -69.48 43.02
N LYS Y 393 7.06 -68.95 43.84
CA LYS Y 393 7.24 -69.48 45.19
C LYS Y 393 5.99 -69.28 46.03
N ALA Y 394 5.37 -68.10 45.90
CA ALA Y 394 4.10 -67.87 46.60
C ALA Y 394 2.99 -68.74 46.03
N ARG Y 395 3.05 -69.06 44.74
CA ARG Y 395 2.06 -69.97 44.16
C ARG Y 395 2.21 -71.38 44.69
N VAL Y 396 3.43 -71.78 45.08
CA VAL Y 396 3.63 -73.08 45.69
C VAL Y 396 3.09 -73.08 47.11
N GLU Y 397 3.35 -72.00 47.86
CA GLU Y 397 2.85 -71.92 49.23
C GLU Y 397 1.33 -71.90 49.26
N ASP Y 398 0.70 -71.22 48.30
CA ASP Y 398 -0.75 -71.20 48.24
C ASP Y 398 -1.29 -72.55 47.80
N ALA Y 399 -0.66 -73.18 46.81
CA ALA Y 399 -1.08 -74.51 46.39
C ALA Y 399 -0.84 -75.55 47.48
N LEU Y 400 0.17 -75.32 48.34
CA LEU Y 400 0.40 -76.23 49.45
C LEU Y 400 -0.73 -76.15 50.47
N HIS Y 401 -1.12 -74.93 50.85
CA HIS Y 401 -2.20 -74.76 51.81
C HIS Y 401 -3.50 -75.36 51.31
N ALA Y 402 -3.78 -75.20 50.01
CA ALA Y 402 -5.02 -75.74 49.46
C ALA Y 402 -4.98 -77.26 49.40
N THR Y 403 -3.83 -77.83 49.05
CA THR Y 403 -3.73 -79.29 48.95
C THR Y 403 -3.80 -79.94 50.33
N ARG Y 404 -3.17 -79.33 51.33
CA ARG Y 404 -3.26 -79.88 52.69
C ARG Y 404 -4.70 -79.85 53.19
N ALA Y 405 -5.44 -78.80 52.86
CA ALA Y 405 -6.84 -78.73 53.27
C ALA Y 405 -7.72 -79.68 52.46
N ALA Y 406 -7.34 -79.95 51.22
CA ALA Y 406 -8.12 -80.85 50.37
C ALA Y 406 -7.94 -82.30 50.77
N VAL Y 407 -6.80 -82.66 51.36
CA VAL Y 407 -6.56 -84.04 51.75
C VAL Y 407 -7.35 -84.40 52.99
N GLN Y 408 -7.36 -83.51 53.99
CA GLN Y 408 -7.96 -83.84 55.28
C GLN Y 408 -9.47 -83.98 55.18
N GLU Y 409 -10.16 -82.94 54.74
CA GLU Y 409 -11.61 -82.92 54.74
C GLU Y 409 -12.22 -83.22 53.38
N GLY Y 410 -11.42 -83.41 52.34
CA GLY Y 410 -11.93 -83.71 51.02
C GLY Y 410 -12.04 -82.48 50.13
N ILE Y 411 -12.85 -82.62 49.09
CA ILE Y 411 -13.07 -81.55 48.12
C ILE Y 411 -14.52 -81.58 47.66
N VAL Y 412 -15.02 -80.40 47.28
CA VAL Y 412 -16.39 -80.25 46.78
C VAL Y 412 -16.36 -79.35 45.55
N VAL Y 413 -17.48 -79.33 44.83
CA VAL Y 413 -17.58 -78.52 43.62
C VAL Y 413 -17.50 -77.05 43.98
N GLY Y 414 -16.66 -76.31 43.25
CA GLY Y 414 -16.46 -74.90 43.52
C GLY Y 414 -17.53 -74.03 42.91
N GLY Y 415 -17.23 -72.73 42.85
CA GLY Y 415 -18.16 -71.78 42.27
C GLY Y 415 -19.41 -71.52 43.09
N GLY Y 416 -19.40 -71.85 44.37
CA GLY Y 416 -20.56 -71.67 45.21
C GLY Y 416 -21.66 -72.68 45.03
N VAL Y 417 -21.50 -73.65 44.12
CA VAL Y 417 -22.53 -74.63 43.88
C VAL Y 417 -22.66 -75.60 45.05
N ALA Y 418 -21.54 -75.87 45.73
CA ALA Y 418 -21.57 -76.82 46.84
C ALA Y 418 -22.51 -76.37 47.94
N LEU Y 419 -22.50 -75.07 48.26
CA LEU Y 419 -23.42 -74.55 49.28
C LEU Y 419 -24.87 -74.69 48.83
N ILE Y 420 -25.13 -74.53 47.53
CA ILE Y 420 -26.49 -74.69 47.03
C ILE Y 420 -26.89 -76.16 47.00
N ARG Y 421 -25.98 -77.02 46.55
CA ARG Y 421 -26.27 -78.46 46.54
C ARG Y 421 -26.46 -78.99 47.95
N ALA Y 422 -25.73 -78.44 48.92
CA ALA Y 422 -25.85 -78.90 50.30
C ALA Y 422 -27.17 -78.51 50.95
N ALA Y 423 -27.99 -77.69 50.29
CA ALA Y 423 -29.29 -77.33 50.82
C ALA Y 423 -30.26 -78.51 50.89
N LYS Y 424 -29.93 -79.63 50.23
CA LYS Y 424 -30.78 -80.81 50.33
C LYS Y 424 -30.82 -81.36 51.74
N GLY Y 425 -29.75 -81.17 52.51
CA GLY Y 425 -29.73 -81.62 53.89
C GLY Y 425 -30.65 -80.86 54.82
N LEU Y 426 -31.18 -79.71 54.38
CA LEU Y 426 -32.07 -78.92 55.23
C LEU Y 426 -33.36 -79.65 55.55
N ALA Y 427 -33.74 -80.65 54.76
CA ALA Y 427 -34.96 -81.41 55.04
C ALA Y 427 -34.85 -82.16 56.36
N LYS Y 428 -33.63 -82.53 56.75
CA LYS Y 428 -33.42 -83.24 58.02
C LYS Y 428 -33.42 -82.30 59.22
N ALA Y 429 -33.34 -80.98 59.00
CA ALA Y 429 -33.30 -80.03 60.11
C ALA Y 429 -34.66 -79.96 60.79
N VAL Y 430 -34.66 -80.09 62.11
CA VAL Y 430 -35.88 -80.10 62.91
C VAL Y 430 -36.06 -78.72 63.53
N ALA Y 431 -37.28 -78.19 63.43
CA ALA Y 431 -37.63 -76.90 64.02
C ALA Y 431 -38.69 -77.12 65.10
N ASP Y 432 -38.44 -76.55 66.28
CA ASP Y 432 -39.38 -76.71 67.40
C ASP Y 432 -40.62 -75.82 67.22
N ASN Y 433 -40.43 -74.56 66.88
CA ASN Y 433 -41.51 -73.61 66.69
C ASN Y 433 -41.33 -72.89 65.37
N GLU Y 434 -42.27 -71.99 65.06
CA GLU Y 434 -42.23 -71.28 63.79
C GLU Y 434 -41.06 -70.30 63.70
N ASP Y 435 -40.53 -69.85 64.84
CA ASP Y 435 -39.38 -68.96 64.81
C ASP Y 435 -38.10 -69.71 64.45
N GLN Y 436 -37.99 -70.97 64.85
CA GLN Y 436 -36.85 -71.79 64.46
C GLN Y 436 -36.92 -72.21 63.00
N LYS Y 437 -38.11 -72.28 62.41
CA LYS Y 437 -38.22 -72.63 61.00
C LYS Y 437 -37.74 -71.49 60.11
N THR Y 438 -38.06 -70.25 60.48
CA THR Y 438 -37.56 -69.11 59.72
C THR Y 438 -36.04 -68.99 59.82
N GLY Y 439 -35.47 -69.34 60.99
CA GLY Y 439 -34.03 -69.36 61.10
C GLY Y 439 -33.39 -70.39 60.18
N ILE Y 440 -34.04 -71.54 60.02
CA ILE Y 440 -33.58 -72.53 59.04
C ILE Y 440 -33.70 -71.96 57.63
N GLU Y 441 -34.80 -71.27 57.34
CA GLU Y 441 -35.01 -70.72 56.01
C GLU Y 441 -34.07 -69.56 55.71
N ILE Y 442 -33.54 -68.90 56.74
CA ILE Y 442 -32.53 -67.86 56.51
C ILE Y 442 -31.27 -68.48 55.92
N ILE Y 443 -30.88 -69.65 56.41
CA ILE Y 443 -29.71 -70.34 55.85
C ILE Y 443 -29.98 -70.75 54.41
N ARG Y 444 -31.21 -71.19 54.12
CA ARG Y 444 -31.54 -71.65 52.77
C ARG Y 444 -31.31 -70.54 51.74
N ARG Y 445 -31.79 -69.33 52.05
CA ARG Y 445 -31.57 -68.21 51.15
C ARG Y 445 -30.14 -67.69 51.18
N ALA Y 446 -29.41 -67.93 52.27
CA ALA Y 446 -28.04 -67.45 52.36
C ALA Y 446 -27.08 -68.28 51.52
N LEU Y 447 -27.39 -69.57 51.33
CA LEU Y 447 -26.51 -70.44 50.56
C LEU Y 447 -26.39 -70.01 49.10
N GLU Y 448 -27.37 -69.28 48.58
CA GLU Y 448 -27.32 -68.79 47.21
C GLU Y 448 -26.52 -67.50 47.06
N GLU Y 449 -26.19 -66.83 48.18
CA GLU Y 449 -25.52 -65.53 48.06
C GLU Y 449 -24.12 -65.62 47.46
N PRO Y 450 -23.25 -66.57 47.85
CA PRO Y 450 -21.92 -66.61 47.21
C PRO Y 450 -21.98 -66.76 45.71
N LEU Y 451 -22.80 -67.68 45.19
CA LEU Y 451 -22.93 -67.82 43.74
C LEU Y 451 -23.54 -66.57 43.11
N ARG Y 452 -24.55 -66.00 43.77
CA ARG Y 452 -25.18 -64.78 43.24
C ARG Y 452 -24.17 -63.64 43.14
N GLN Y 453 -23.30 -63.50 44.14
CA GLN Y 453 -22.30 -62.43 44.10
C GLN Y 453 -21.25 -62.69 43.03
N ILE Y 454 -20.88 -63.95 42.82
CA ILE Y 454 -19.93 -64.29 41.77
C ILE Y 454 -20.48 -63.92 40.41
N VAL Y 455 -21.74 -64.30 40.15
CA VAL Y 455 -22.38 -63.93 38.89
C VAL Y 455 -22.57 -62.42 38.81
N ALA Y 456 -22.86 -61.78 39.94
CA ALA Y 456 -23.03 -60.33 39.95
C ALA Y 456 -21.74 -59.62 39.59
N ASN Y 457 -20.59 -60.18 39.97
CA ASN Y 457 -19.31 -59.56 39.66
C ASN Y 457 -18.96 -59.65 38.18
N THR Y 458 -19.66 -60.49 37.41
CA THR Y 458 -19.46 -60.52 35.97
C THR Y 458 -20.04 -59.30 35.26
N GLY Y 459 -20.83 -58.49 35.95
CA GLY Y 459 -21.45 -57.34 35.35
C GLY Y 459 -22.73 -57.62 34.58
N THR Y 460 -23.25 -58.84 34.67
CA THR Y 460 -24.44 -59.20 33.92
C THR Y 460 -25.67 -58.46 34.45
N THR Y 461 -26.61 -58.19 33.54
CA THR Y 461 -27.82 -57.46 33.93
C THR Y 461 -28.82 -58.35 34.66
N ASP Y 462 -28.88 -59.63 34.32
CA ASP Y 462 -29.76 -60.58 34.99
C ASP Y 462 -28.93 -61.78 35.43
N GLY Y 463 -28.75 -61.94 36.74
CA GLY Y 463 -28.06 -63.09 37.28
C GLY Y 463 -28.99 -64.08 37.95
N ALA Y 464 -30.28 -63.72 38.02
CA ALA Y 464 -31.27 -64.62 38.58
C ALA Y 464 -31.57 -65.79 37.64
N VAL Y 465 -31.37 -65.60 36.34
CA VAL Y 465 -31.50 -66.71 35.41
C VAL Y 465 -30.38 -67.71 35.61
N VAL Y 466 -29.15 -67.21 35.83
CA VAL Y 466 -28.02 -68.10 36.09
C VAL Y 466 -28.23 -68.87 37.39
N LEU Y 467 -28.67 -68.17 38.45
CA LEU Y 467 -28.90 -68.83 39.71
C LEU Y 467 -30.01 -69.87 39.60
N GLU Y 468 -31.02 -69.62 38.77
CA GLU Y 468 -32.13 -70.56 38.65
C GLU Y 468 -31.71 -71.83 37.91
N LYS Y 469 -30.88 -71.69 36.87
CA LYS Y 469 -30.43 -72.87 36.14
C LYS Y 469 -29.55 -73.77 37.00
N VAL Y 470 -28.76 -73.19 37.90
CA VAL Y 470 -27.87 -73.98 38.74
C VAL Y 470 -28.67 -74.73 39.79
N LYS Y 471 -29.65 -74.07 40.41
CA LYS Y 471 -30.43 -74.72 41.44
C LYS Y 471 -31.29 -75.84 40.87
N ASN Y 472 -31.87 -75.62 39.69
CA ASN Y 472 -32.67 -76.67 39.04
C ASN Y 472 -31.81 -77.80 38.51
N ALA Y 473 -30.50 -77.56 38.33
CA ALA Y 473 -29.60 -78.60 37.88
C ALA Y 473 -29.32 -79.58 39.03
N GLU Y 474 -28.50 -80.59 38.74
CA GLU Y 474 -28.17 -81.62 39.71
C GLU Y 474 -26.69 -81.91 39.66
N GLY Y 475 -26.18 -82.50 40.75
CA GLY Y 475 -24.79 -82.90 40.78
C GLY Y 475 -23.85 -81.71 40.78
N ASP Y 476 -22.73 -81.87 40.08
CA ASP Y 476 -21.68 -80.86 40.02
C ASP Y 476 -21.87 -79.88 38.88
N TYR Y 477 -22.99 -79.96 38.17
CA TYR Y 477 -23.29 -79.01 37.10
C TYR Y 477 -23.43 -77.60 37.69
N GLY Y 478 -22.78 -76.64 37.04
CA GLY Y 478 -22.79 -75.29 37.55
C GLY Y 478 -22.37 -74.30 36.48
N PHE Y 479 -22.14 -73.06 36.93
CA PHE Y 479 -21.78 -71.95 36.05
C PHE Y 479 -20.36 -71.52 36.36
N ASN Y 480 -19.49 -71.54 35.34
CA ASN Y 480 -18.10 -71.13 35.48
C ASN Y 480 -17.99 -69.65 35.09
N ALA Y 481 -17.69 -68.80 36.06
CA ALA Y 481 -17.63 -67.36 35.79
C ALA Y 481 -16.45 -66.99 34.92
N ARG Y 482 -15.40 -67.81 34.87
CA ARG Y 482 -14.24 -67.49 34.04
C ARG Y 482 -14.59 -67.52 32.56
N THR Y 483 -15.17 -68.64 32.11
CA THR Y 483 -15.58 -68.77 30.71
C THR Y 483 -17.01 -68.33 30.47
N GLU Y 484 -17.77 -68.03 31.52
CA GLU Y 484 -19.16 -67.59 31.41
C GLU Y 484 -20.01 -68.61 30.66
N GLN Y 485 -19.79 -69.89 30.96
CA GLN Y 485 -20.52 -70.97 30.32
C GLN Y 485 -20.87 -72.02 31.36
N TYR Y 486 -22.01 -72.67 31.17
CA TYR Y 486 -22.41 -73.77 32.05
C TYR Y 486 -21.69 -75.04 31.64
N GLU Y 487 -21.18 -75.77 32.64
CA GLU Y 487 -20.45 -77.01 32.40
C GLU Y 487 -20.32 -77.75 33.73
N ASN Y 488 -19.68 -78.92 33.68
CA ASN Y 488 -19.38 -79.67 34.89
C ASN Y 488 -18.14 -79.07 35.53
N LEU Y 489 -18.27 -78.58 36.76
CA LEU Y 489 -17.18 -77.84 37.39
C LEU Y 489 -16.08 -78.74 37.92
N ILE Y 490 -16.37 -80.01 38.20
CA ILE Y 490 -15.32 -80.92 38.64
C ILE Y 490 -14.31 -81.16 37.52
N GLU Y 491 -14.80 -81.58 36.35
CA GLU Y 491 -13.91 -81.81 35.22
C GLU Y 491 -13.40 -80.53 34.59
N ALA Y 492 -13.99 -79.37 34.92
CA ALA Y 492 -13.51 -78.09 34.42
C ALA Y 492 -12.40 -77.50 35.27
N GLY Y 493 -12.15 -78.06 36.45
CA GLY Y 493 -11.11 -77.57 37.33
C GLY Y 493 -11.55 -76.57 38.37
N VAL Y 494 -12.85 -76.41 38.59
CA VAL Y 494 -13.38 -75.50 39.61
C VAL Y 494 -13.77 -76.34 40.81
N VAL Y 495 -12.97 -76.25 41.88
CA VAL Y 495 -13.17 -77.07 43.08
C VAL Y 495 -12.79 -76.24 44.30
N ASP Y 496 -13.63 -76.31 45.32
CA ASP Y 496 -13.35 -75.73 46.62
C ASP Y 496 -13.05 -76.84 47.62
N PRO Y 497 -11.94 -76.78 48.35
CA PRO Y 497 -11.72 -77.75 49.42
C PRO Y 497 -12.88 -77.77 50.39
N THR Y 498 -13.27 -78.98 50.81
CA THR Y 498 -14.41 -79.12 51.72
C THR Y 498 -14.18 -78.35 53.01
N LYS Y 499 -12.95 -78.33 53.51
CA LYS Y 499 -12.65 -77.57 54.72
C LYS Y 499 -12.87 -76.07 54.52
N VAL Y 500 -12.66 -75.58 53.30
CA VAL Y 500 -12.86 -74.15 53.03
C VAL Y 500 -14.34 -73.80 53.10
N THR Y 501 -15.18 -74.53 52.36
CA THR Y 501 -16.58 -74.18 52.26
C THR Y 501 -17.32 -74.37 53.58
N ARG Y 502 -17.02 -75.46 54.30
CA ARG Y 502 -17.70 -75.70 55.56
C ARG Y 502 -17.27 -74.72 56.64
N SER Y 503 -16.05 -74.19 56.56
CA SER Y 503 -15.58 -73.23 57.55
C SER Y 503 -16.22 -71.86 57.34
N ALA Y 504 -16.38 -71.45 56.08
CA ALA Y 504 -16.99 -70.15 55.80
C ALA Y 504 -18.42 -70.08 56.28
N LEU Y 505 -19.14 -71.20 56.25
CA LEU Y 505 -20.54 -71.21 56.69
C LEU Y 505 -20.65 -71.24 58.21
N GLU Y 506 -19.83 -72.06 58.87
CA GLU Y 506 -19.88 -72.14 60.33
C GLU Y 506 -19.46 -70.83 60.97
N ASN Y 507 -18.41 -70.20 60.46
CA ASN Y 507 -17.95 -68.94 61.03
C ASN Y 507 -18.96 -67.82 60.78
N ALA Y 508 -19.51 -67.74 59.58
CA ALA Y 508 -20.47 -66.70 59.26
C ALA Y 508 -21.71 -66.79 60.14
N ALA Y 509 -22.28 -68.00 60.26
CA ALA Y 509 -23.44 -68.19 61.12
C ALA Y 509 -23.09 -67.94 62.59
N SER Y 510 -21.83 -68.14 62.97
CA SER Y 510 -21.44 -67.92 64.36
C SER Y 510 -21.45 -66.44 64.71
N VAL Y 511 -20.77 -65.62 63.91
CA VAL Y 511 -20.69 -64.19 64.21
C VAL Y 511 -22.05 -63.52 64.02
N ALA Y 512 -22.81 -63.96 63.02
CA ALA Y 512 -24.13 -63.38 62.79
C ALA Y 512 -25.08 -63.70 63.93
N SER Y 513 -24.92 -64.86 64.56
CA SER Y 513 -25.80 -65.21 65.69
C SER Y 513 -25.49 -64.35 66.91
N ILE Y 514 -24.20 -64.08 67.17
CA ILE Y 514 -23.83 -63.25 68.31
C ILE Y 514 -24.36 -61.84 68.13
N LEU Y 515 -24.33 -61.32 66.90
CA LEU Y 515 -24.85 -59.99 66.66
C LEU Y 515 -26.37 -59.94 66.80
N LEU Y 516 -27.06 -61.03 66.45
CA LEU Y 516 -28.51 -61.08 66.65
C LEU Y 516 -28.86 -61.10 68.13
N THR Y 517 -28.00 -61.69 68.96
CA THR Y 517 -28.24 -61.79 70.40
C THR Y 517 -27.61 -60.68 71.21
N THR Y 518 -26.98 -59.70 70.55
CA THR Y 518 -26.36 -58.58 71.26
C THR Y 518 -27.42 -57.56 71.63
N GLU Y 519 -27.60 -57.34 72.94
CA GLU Y 519 -28.57 -56.37 73.42
C GLU Y 519 -27.97 -55.02 73.81
N ALA Y 520 -26.65 -54.88 73.77
CA ALA Y 520 -26.03 -53.62 74.17
C ALA Y 520 -24.69 -53.46 73.47
N ALA Y 521 -24.34 -52.21 73.17
CA ALA Y 521 -23.05 -51.86 72.59
C ALA Y 521 -22.48 -50.68 73.37
N ILE Y 522 -21.36 -50.90 74.04
CA ILE Y 522 -20.72 -49.91 74.89
C ILE Y 522 -19.44 -49.44 74.22
N THR Y 523 -19.22 -48.13 74.16
CA THR Y 523 -18.02 -47.58 73.55
C THR Y 523 -17.69 -46.26 74.22
N ASP Y 524 -16.44 -45.82 74.04
CA ASP Y 524 -15.98 -44.58 74.65
C ASP Y 524 -16.65 -43.38 74.00
N VAL Y 525 -16.75 -42.29 74.78
CA VAL Y 525 -17.31 -41.05 74.26
C VAL Y 525 -16.29 -40.35 73.37
N LYS Y 526 -16.79 -39.51 72.47
CA LYS Y 526 -15.93 -38.77 71.55
C LYS Y 526 -15.09 -37.73 72.30
N THR Z 2 -5.95 -46.24 60.27
CA THR Z 2 -6.82 -45.08 60.28
C THR Z 2 -8.19 -45.43 59.69
N ALA Z 3 -9.19 -44.63 60.03
CA ALA Z 3 -10.52 -44.82 59.46
C ALA Z 3 -10.49 -44.53 57.96
N LYS Z 4 -11.46 -45.13 57.25
CA LYS Z 4 -11.46 -45.09 55.80
C LYS Z 4 -12.78 -44.53 55.28
N ASP Z 5 -12.73 -44.01 54.05
CA ASP Z 5 -13.91 -43.65 53.29
C ASP Z 5 -13.93 -44.47 52.02
N ILE Z 6 -15.05 -45.12 51.74
CA ILE Z 6 -15.17 -46.03 50.61
C ILE Z 6 -16.24 -45.51 49.66
N LEU Z 7 -15.89 -45.40 48.38
CA LEU Z 7 -16.83 -45.05 47.32
C LEU Z 7 -17.09 -46.26 46.44
N PHE Z 8 -18.32 -46.37 45.92
CA PHE Z 8 -18.74 -47.54 45.18
C PHE Z 8 -19.32 -47.14 43.83
N ASP Z 9 -19.38 -48.13 42.94
CA ASP Z 9 -20.11 -48.09 41.65
C ASP Z 9 -19.60 -46.89 40.84
N ALA Z 10 -20.48 -46.15 40.17
CA ALA Z 10 -20.10 -45.02 39.34
C ALA Z 10 -19.71 -43.80 40.16
N GLU Z 11 -20.05 -43.75 41.44
CA GLU Z 11 -19.63 -42.63 42.28
C GLU Z 11 -18.12 -42.62 42.45
N ALA Z 12 -17.52 -43.81 42.63
CA ALA Z 12 -16.07 -43.90 42.73
C ALA Z 12 -15.40 -43.61 41.38
N ARG Z 13 -15.94 -44.20 40.31
CA ARG Z 13 -15.33 -44.03 38.99
C ARG Z 13 -15.43 -42.59 38.50
N THR Z 14 -16.53 -41.92 38.80
CA THR Z 14 -16.69 -40.52 38.37
C THR Z 14 -15.70 -39.62 39.10
N LYS Z 15 -15.44 -39.90 40.38
CA LYS Z 15 -14.46 -39.11 41.11
C LYS Z 15 -13.05 -39.35 40.59
N LEU Z 16 -12.76 -40.58 40.16
CA LEU Z 16 -11.45 -40.87 39.59
C LEU Z 16 -11.25 -40.16 38.27
N LYS Z 17 -12.33 -40.02 37.47
CA LYS Z 17 -12.20 -39.35 36.18
C LYS Z 17 -11.83 -37.88 36.35
N VAL Z 18 -12.34 -37.24 37.41
CA VAL Z 18 -11.98 -35.85 37.68
C VAL Z 18 -10.47 -35.74 37.91
N GLY Z 19 -9.90 -36.71 38.62
CA GLY Z 19 -8.46 -36.69 38.82
C GLY Z 19 -7.68 -37.00 37.55
N VAL Z 20 -8.21 -37.92 36.73
CA VAL Z 20 -7.56 -38.24 35.47
C VAL Z 20 -7.57 -37.03 34.54
N ASP Z 21 -8.69 -36.32 34.49
CA ASP Z 21 -8.81 -35.16 33.59
C ASP Z 21 -7.87 -34.03 34.01
N LYS Z 22 -7.81 -33.74 35.31
CA LYS Z 22 -6.93 -32.67 35.79
C LYS Z 22 -5.48 -32.95 35.44
N LEU Z 23 -5.07 -34.22 35.47
CA LEU Z 23 -3.72 -34.57 35.04
C LEU Z 23 -3.59 -34.43 33.53
N ALA Z 24 -4.54 -34.99 32.78
CA ALA Z 24 -4.46 -34.98 31.32
C ALA Z 24 -4.55 -33.57 30.76
N ASN Z 25 -5.49 -32.77 31.27
CA ASN Z 25 -5.68 -31.42 30.74
C ASN Z 25 -4.45 -30.55 30.97
N ALA Z 26 -3.65 -30.85 32.00
CA ALA Z 26 -2.45 -30.06 32.25
C ALA Z 26 -1.31 -30.48 31.33
N VAL Z 27 -1.11 -31.77 31.13
CA VAL Z 27 0.04 -32.23 30.34
C VAL Z 27 -0.23 -32.16 28.84
N LYS Z 28 -1.50 -32.25 28.41
CA LYS Z 28 -1.78 -32.37 26.99
C LYS Z 28 -1.57 -31.06 26.25
N VAL Z 29 -1.55 -29.93 26.94
CA VAL Z 29 -1.31 -28.66 26.26
C VAL Z 29 0.13 -28.54 25.79
N THR Z 30 1.03 -29.38 26.31
CA THR Z 30 2.43 -29.39 25.92
C THR Z 30 2.76 -30.43 24.86
N LEU Z 31 1.76 -31.16 24.38
CA LEU Z 31 2.01 -32.24 23.42
C LEU Z 31 2.35 -31.68 22.05
N GLY Z 32 3.30 -32.34 21.38
CA GLY Z 32 3.68 -31.98 20.04
C GLY Z 32 4.64 -30.82 19.99
N PRO Z 33 5.16 -30.51 18.79
CA PRO Z 33 6.07 -29.35 18.66
C PRO Z 33 5.38 -28.02 18.87
N ALA Z 34 4.06 -27.98 18.78
CA ALA Z 34 3.29 -26.77 19.03
C ALA Z 34 2.86 -26.63 20.49
N GLY Z 35 3.31 -27.54 21.35
CA GLY Z 35 2.95 -27.53 22.76
C GLY Z 35 3.18 -26.20 23.44
N ARG Z 36 2.20 -25.77 24.23
CA ARG Z 36 2.22 -24.44 24.80
C ARG Z 36 2.83 -24.45 26.20
N ASN Z 37 2.94 -23.27 26.79
CA ASN Z 37 3.73 -23.07 28.00
C ASN Z 37 2.88 -23.29 29.25
N VAL Z 38 3.49 -23.87 30.28
CA VAL Z 38 2.85 -24.12 31.57
C VAL Z 38 3.71 -23.49 32.65
N LEU Z 39 3.12 -22.58 33.44
CA LEU Z 39 3.83 -21.94 34.53
C LEU Z 39 3.65 -22.73 35.81
N ILE Z 40 4.76 -23.02 36.48
CA ILE Z 40 4.75 -23.79 37.73
C ILE Z 40 5.36 -22.93 38.82
N ASP Z 41 4.55 -22.54 39.80
CA ASP Z 41 5.00 -21.69 40.89
C ASP Z 41 5.88 -22.49 41.85
N LYS Z 42 7.05 -21.95 42.17
CA LYS Z 42 7.96 -22.56 43.14
C LYS Z 42 8.37 -21.51 44.16
N LYS Z 43 7.92 -21.69 45.40
CA LYS Z 43 8.41 -20.95 46.57
C LYS Z 43 8.56 -19.46 46.33
N PHE Z 44 9.77 -18.95 46.53
CA PHE Z 44 10.09 -17.54 46.32
C PHE Z 44 10.83 -17.38 44.98
N GLY Z 45 10.57 -16.28 44.31
CA GLY Z 45 11.21 -15.99 43.04
C GLY Z 45 10.30 -16.22 41.86
N ALA Z 46 10.92 -16.19 40.68
CA ALA Z 46 10.18 -16.35 39.44
C ALA Z 46 9.77 -17.81 39.25
N PRO Z 47 8.60 -18.05 38.66
CA PRO Z 47 8.14 -19.43 38.46
C PRO Z 47 8.90 -20.11 37.34
N THR Z 48 8.77 -21.44 37.33
CA THR Z 48 9.36 -22.25 36.27
C THR Z 48 8.43 -22.29 35.07
N SER Z 49 8.92 -21.86 33.92
CA SER Z 49 8.17 -21.87 32.66
C SER Z 49 8.70 -23.00 31.79
N THR Z 50 7.86 -23.99 31.52
CA THR Z 50 8.31 -25.18 30.80
C THR Z 50 7.25 -25.63 29.80
N LYS Z 51 7.71 -26.05 28.62
CA LYS Z 51 6.88 -26.73 27.64
C LYS Z 51 7.00 -28.25 27.73
N ASP Z 52 7.74 -28.76 28.70
CA ASP Z 52 7.94 -30.20 28.84
C ASP Z 52 6.78 -30.82 29.61
N GLY Z 53 6.12 -31.80 29.01
CA GLY Z 53 5.00 -32.46 29.66
C GLY Z 53 5.39 -33.42 30.77
N VAL Z 54 6.65 -33.86 30.79
CA VAL Z 54 7.09 -34.75 31.85
C VAL Z 54 7.25 -33.98 33.16
N THR Z 55 7.72 -32.74 33.08
CA THR Z 55 7.88 -31.91 34.27
C THR Z 55 6.52 -31.55 34.86
N VAL Z 56 5.55 -31.22 34.01
CA VAL Z 56 4.22 -30.85 34.50
C VAL Z 56 3.55 -32.04 35.16
N ALA Z 57 3.70 -33.24 34.58
CA ALA Z 57 3.09 -34.43 35.17
C ALA Z 57 3.67 -34.76 36.53
N LYS Z 58 4.93 -34.36 36.77
CA LYS Z 58 5.53 -34.59 38.08
C LYS Z 58 4.93 -33.70 39.15
N GLU Z 59 4.49 -32.51 38.77
CA GLU Z 59 3.95 -31.54 39.73
C GLU Z 59 2.47 -31.71 40.00
N ILE Z 60 1.80 -32.64 39.33
CA ILE Z 60 0.36 -32.79 39.47
C ILE Z 60 0.06 -33.54 40.76
N GLU Z 61 -0.63 -32.88 41.67
CA GLU Z 61 -1.09 -33.48 42.92
C GLU Z 61 -2.39 -32.81 43.31
N LEU Z 62 -3.34 -33.60 43.81
CA LEU Z 62 -4.69 -33.10 44.05
C LEU Z 62 -5.06 -33.22 45.52
N VAL Z 63 -5.95 -32.33 45.95
CA VAL Z 63 -6.35 -32.28 47.36
C VAL Z 63 -7.27 -33.45 47.70
N ASP Z 64 -8.25 -33.71 46.85
CA ASP Z 64 -9.19 -34.79 47.10
C ASP Z 64 -8.47 -36.13 46.99
N PRO Z 65 -8.55 -36.99 48.02
CA PRO Z 65 -7.81 -38.26 47.96
C PRO Z 65 -8.24 -39.16 46.81
N VAL Z 66 -9.53 -39.21 46.49
CA VAL Z 66 -10.00 -40.07 45.41
C VAL Z 66 -9.61 -39.49 44.07
N GLU Z 67 -9.62 -38.16 43.94
CA GLU Z 67 -9.18 -37.53 42.70
C GLU Z 67 -7.69 -37.72 42.49
N ASN Z 68 -6.89 -37.46 43.54
CA ASN Z 68 -5.45 -37.67 43.45
C ASN Z 68 -5.13 -39.13 43.22
N MET Z 69 -5.96 -40.05 43.74
CA MET Z 69 -5.75 -41.47 43.53
C MET Z 69 -5.80 -41.83 42.05
N GLY Z 70 -6.80 -41.30 41.33
CA GLY Z 70 -6.90 -41.55 39.91
C GLY Z 70 -5.82 -40.86 39.10
N ALA Z 71 -5.41 -39.67 39.54
CA ALA Z 71 -4.37 -38.94 38.82
C ALA Z 71 -3.02 -39.63 38.95
N GLN Z 72 -2.75 -40.27 40.08
CA GLN Z 72 -1.49 -40.99 40.25
C GLN Z 72 -1.49 -42.34 39.54
N MET Z 73 -2.67 -42.91 39.28
CA MET Z 73 -2.72 -44.16 38.51
C MET Z 73 -2.24 -43.94 37.09
N VAL Z 74 -2.81 -42.97 36.40
CA VAL Z 74 -2.39 -42.68 35.03
C VAL Z 74 -0.96 -42.17 34.99
N ARG Z 75 -0.56 -41.37 35.99
CA ARG Z 75 0.78 -40.81 36.02
C ARG Z 75 1.85 -41.90 36.15
N GLU Z 76 1.55 -42.97 36.88
CA GLU Z 76 2.53 -44.04 37.06
C GLU Z 76 2.61 -44.94 35.83
N VAL Z 77 1.46 -45.28 35.25
CA VAL Z 77 1.47 -46.17 34.09
C VAL Z 77 1.98 -45.44 32.85
N ALA Z 78 1.69 -44.15 32.73
CA ALA Z 78 2.23 -43.38 31.60
C ALA Z 78 3.74 -43.20 31.74
N SER Z 79 4.26 -43.14 32.97
CA SER Z 79 5.69 -43.05 33.16
C SER Z 79 6.40 -44.35 32.80
N LYS Z 80 5.67 -45.47 32.76
CA LYS Z 80 6.26 -46.73 32.30
C LYS Z 80 6.59 -46.71 30.82
N THR Z 81 6.02 -45.76 30.07
CA THR Z 81 6.35 -45.62 28.65
C THR Z 81 7.71 -44.98 28.47
N SER Z 82 7.86 -43.73 28.92
CA SER Z 82 9.12 -43.01 28.79
C SER Z 82 10.26 -43.67 29.58
N ASP Z 83 9.96 -44.62 30.46
CA ASP Z 83 11.02 -45.33 31.17
C ASP Z 83 11.77 -46.28 30.22
N VAL Z 84 11.04 -47.17 29.55
CA VAL Z 84 11.67 -48.09 28.61
C VAL Z 84 11.88 -47.43 27.25
N ALA Z 85 10.90 -46.67 26.77
CA ALA Z 85 10.98 -46.09 25.43
C ALA Z 85 11.81 -44.81 25.40
N GLY Z 86 11.65 -43.95 26.41
CA GLY Z 86 12.37 -42.69 26.47
C GLY Z 86 11.54 -41.47 26.14
N ASP Z 87 10.29 -41.65 25.71
CA ASP Z 87 9.42 -40.53 25.36
C ASP Z 87 7.99 -41.06 25.27
N GLY Z 88 7.05 -40.16 24.99
CA GLY Z 88 5.67 -40.53 24.80
C GLY Z 88 4.85 -40.69 26.07
N THR Z 89 5.35 -40.21 27.21
CA THR Z 89 4.58 -40.29 28.45
C THR Z 89 3.39 -39.34 28.42
N THR Z 90 3.50 -38.23 27.69
CA THR Z 90 2.37 -37.33 27.53
C THR Z 90 1.34 -37.92 26.58
N THR Z 91 1.81 -38.58 25.52
CA THR Z 91 0.88 -39.22 24.58
C THR Z 91 0.08 -40.33 25.26
N ALA Z 92 0.72 -41.08 26.17
CA ALA Z 92 0.01 -42.12 26.89
C ALA Z 92 -1.07 -41.54 27.80
N THR Z 93 -0.84 -40.34 28.35
CA THR Z 93 -1.84 -39.72 29.20
C THR Z 93 -3.03 -39.23 28.39
N VAL Z 94 -2.78 -38.71 27.18
CA VAL Z 94 -3.87 -38.27 26.32
C VAL Z 94 -4.73 -39.47 25.89
N LEU Z 95 -4.09 -40.60 25.58
CA LEU Z 95 -4.85 -41.79 25.20
C LEU Z 95 -5.62 -42.34 26.39
N ALA Z 96 -5.03 -42.29 27.59
CA ALA Z 96 -5.70 -42.83 28.76
C ALA Z 96 -6.98 -42.07 29.08
N GLN Z 97 -6.98 -40.75 28.89
CA GLN Z 97 -8.18 -39.96 29.13
C GLN Z 97 -9.27 -40.31 28.13
N ALA Z 98 -8.90 -40.49 26.86
CA ALA Z 98 -9.90 -40.77 25.83
C ALA Z 98 -10.53 -42.15 26.02
N ILE Z 99 -9.71 -43.15 26.39
CA ILE Z 99 -10.25 -44.50 26.60
C ILE Z 99 -11.15 -44.53 27.82
N TYR Z 100 -10.75 -43.88 28.91
CA TYR Z 100 -11.53 -43.95 30.13
C TYR Z 100 -12.80 -43.11 30.06
N ARG Z 101 -12.75 -41.97 29.37
CA ARG Z 101 -13.94 -41.14 29.24
C ARG Z 101 -15.02 -41.82 28.41
N GLU Z 102 -14.65 -42.28 27.22
CA GLU Z 102 -15.62 -42.96 26.36
C GLU Z 102 -16.05 -44.29 26.96
N GLY Z 103 -15.19 -44.92 27.76
CA GLY Z 103 -15.60 -46.13 28.46
C GLY Z 103 -16.68 -45.88 29.49
N LEU Z 104 -16.56 -44.80 30.26
CA LEU Z 104 -17.56 -44.47 31.26
C LEU Z 104 -18.89 -44.11 30.63
N LYS Z 105 -18.86 -43.48 29.44
CA LYS Z 105 -20.11 -43.12 28.77
C LYS Z 105 -20.94 -44.35 28.45
N ASN Z 106 -20.30 -45.43 28.01
CA ASN Z 106 -21.01 -46.65 27.71
C ASN Z 106 -21.32 -47.48 28.96
N VAL Z 107 -20.46 -47.38 29.99
CA VAL Z 107 -20.78 -48.03 31.26
C VAL Z 107 -22.03 -47.42 31.87
N THR Z 108 -22.15 -46.09 31.80
CA THR Z 108 -23.39 -45.44 32.19
C THR Z 108 -24.54 -45.85 31.29
N ALA Z 109 -24.25 -46.09 30.01
CA ALA Z 109 -25.26 -46.52 29.04
C ALA Z 109 -25.66 -47.98 29.23
N GLY Z 110 -25.00 -48.71 30.12
CA GLY Z 110 -25.38 -50.09 30.41
C GLY Z 110 -24.48 -51.15 29.83
N ALA Z 111 -23.33 -50.79 29.26
CA ALA Z 111 -22.39 -51.78 28.75
C ALA Z 111 -21.58 -52.38 29.90
N ARG Z 112 -21.34 -53.68 29.83
CA ARG Z 112 -20.55 -54.36 30.86
C ARG Z 112 -19.12 -53.85 30.82
N PRO Z 113 -18.54 -53.47 31.96
CA PRO Z 113 -17.15 -52.99 31.94
C PRO Z 113 -16.15 -54.07 31.59
N ILE Z 114 -16.48 -55.34 31.84
CA ILE Z 114 -15.53 -56.42 31.55
C ILE Z 114 -15.48 -56.69 30.05
N ASP Z 115 -16.62 -56.68 29.38
CA ASP Z 115 -16.62 -56.86 27.93
C ASP Z 115 -16.03 -55.64 27.22
N LEU Z 116 -16.18 -54.46 27.81
CA LEU Z 116 -15.50 -53.29 27.27
C LEU Z 116 -13.98 -53.47 27.35
N LYS Z 117 -13.48 -53.98 28.47
CA LYS Z 117 -12.05 -54.23 28.60
C LYS Z 117 -11.58 -55.28 27.60
N ARG Z 118 -12.39 -56.32 27.39
CA ARG Z 118 -12.03 -57.34 26.41
C ARG Z 118 -11.99 -56.76 25.00
N GLY Z 119 -12.94 -55.88 24.68
CA GLY Z 119 -12.88 -55.17 23.40
C GLY Z 119 -11.68 -54.26 23.29
N ILE Z 120 -11.24 -53.68 24.41
CA ILE Z 120 -10.04 -52.85 24.40
C ILE Z 120 -8.81 -53.70 24.12
N ASP Z 121 -8.69 -54.85 24.81
CA ASP Z 121 -7.50 -55.67 24.69
C ASP Z 121 -7.36 -56.27 23.29
N ARG Z 122 -8.46 -56.77 22.73
CA ARG Z 122 -8.41 -57.33 21.38
C ARG Z 122 -8.13 -56.26 20.34
N ALA Z 123 -8.61 -55.04 20.56
CA ALA Z 123 -8.34 -53.96 19.62
C ALA Z 123 -6.90 -53.49 19.70
N VAL Z 124 -6.35 -53.40 20.91
CA VAL Z 124 -4.98 -52.93 21.07
C VAL Z 124 -3.99 -53.91 20.44
N LYS Z 125 -4.21 -55.21 20.61
CA LYS Z 125 -3.32 -56.20 20.02
C LYS Z 125 -3.31 -56.10 18.49
N GLU Z 126 -4.45 -55.79 17.89
CA GLU Z 126 -4.51 -55.65 16.44
C GLU Z 126 -3.92 -54.34 15.96
N VAL Z 127 -3.94 -53.30 16.79
CA VAL Z 127 -3.32 -52.03 16.42
C VAL Z 127 -1.81 -52.12 16.56
N VAL Z 128 -1.33 -52.77 17.63
CA VAL Z 128 0.11 -52.97 17.79
C VAL Z 128 0.64 -53.87 16.69
N ALA Z 129 -0.14 -54.86 16.28
CA ALA Z 129 0.27 -55.73 15.18
C ALA Z 129 0.44 -54.96 13.89
N GLU Z 130 -0.60 -54.20 13.50
CA GLU Z 130 -0.50 -53.36 12.31
C GLU Z 130 0.53 -52.26 12.46
N LEU Z 131 0.83 -51.85 13.70
CA LEU Z 131 1.85 -50.83 13.91
C LEU Z 131 3.24 -51.33 13.53
N ARG Z 132 3.47 -52.64 13.68
CA ARG Z 132 4.77 -53.20 13.32
C ARG Z 132 4.92 -53.39 11.81
N ASN Z 133 3.81 -53.56 11.10
CA ASN Z 133 3.87 -53.66 9.64
C ASN Z 133 4.32 -52.34 9.03
N ILE Z 134 3.75 -51.23 9.48
CA ILE Z 134 4.15 -49.92 9.00
C ILE Z 134 5.53 -49.54 9.50
N SER Z 135 6.02 -50.23 10.54
CA SER Z 135 7.34 -49.92 11.09
C SER Z 135 8.44 -50.25 10.09
N ARG Z 136 9.56 -49.55 10.23
CA ARG Z 136 10.73 -49.75 9.39
C ARG Z 136 11.91 -50.10 10.28
N SER Z 137 12.55 -51.23 10.01
CA SER Z 137 13.66 -51.68 10.83
C SER Z 137 14.90 -50.83 10.57
N ILE Z 138 15.68 -50.59 11.63
CA ILE Z 138 16.92 -49.84 11.55
C ILE Z 138 18.07 -50.76 11.95
N SER Z 139 19.07 -50.85 11.08
CA SER Z 139 20.24 -51.69 11.34
C SER Z 139 21.43 -51.11 10.61
N GLY Z 140 22.62 -51.30 11.18
CA GLY Z 140 23.85 -50.85 10.58
C GLY Z 140 24.09 -49.36 10.78
N LYS Z 141 25.35 -48.96 10.56
CA LYS Z 141 25.74 -47.57 10.74
C LYS Z 141 24.96 -46.62 9.83
N LYS Z 142 24.44 -47.11 8.71
CA LYS Z 142 23.70 -46.24 7.79
C LYS Z 142 22.41 -45.77 8.44
N GLU Z 143 21.58 -46.70 8.91
CA GLU Z 143 20.28 -46.35 9.47
C GLU Z 143 20.38 -45.85 10.90
N ILE Z 144 21.36 -46.33 11.68
CA ILE Z 144 21.47 -45.92 13.07
C ILE Z 144 21.93 -44.47 13.16
N ALA Z 145 22.97 -44.10 12.40
CA ALA Z 145 23.46 -42.73 12.44
C ALA Z 145 22.45 -41.75 11.85
N GLN Z 146 21.62 -42.22 10.91
CA GLN Z 146 20.61 -41.34 10.33
C GLN Z 146 19.50 -41.03 11.33
N VAL Z 147 19.10 -42.03 12.14
CA VAL Z 147 18.10 -41.80 13.16
C VAL Z 147 18.68 -40.95 14.29
N GLY Z 148 19.91 -41.25 14.70
CA GLY Z 148 20.55 -40.45 15.74
C GLY Z 148 20.74 -39.00 15.34
N THR Z 149 20.84 -38.73 14.03
CA THR Z 149 20.94 -37.35 13.57
C THR Z 149 19.62 -36.62 13.75
N ILE Z 150 18.50 -37.33 13.58
CA ILE Z 150 17.19 -36.71 13.76
C ILE Z 150 16.93 -36.44 15.24
N SER Z 151 17.23 -37.42 16.10
CA SER Z 151 16.99 -37.25 17.53
C SER Z 151 17.92 -36.22 18.16
N ALA Z 152 19.02 -35.87 17.50
CA ALA Z 152 19.94 -34.86 17.98
C ALA Z 152 19.59 -33.47 17.48
N ASN Z 153 18.45 -33.32 16.78
CA ASN Z 153 18.00 -32.06 16.21
C ASN Z 153 19.01 -31.53 15.19
N ASN Z 154 19.12 -32.29 14.10
CA ASN Z 154 19.98 -31.94 12.96
C ASN Z 154 21.43 -31.74 13.38
N ASP Z 155 21.98 -32.75 14.05
CA ASP Z 155 23.37 -32.74 14.50
C ASP Z 155 24.03 -34.02 14.01
N PRO Z 156 24.64 -34.00 12.82
CA PRO Z 156 25.24 -35.24 12.27
C PRO Z 156 26.39 -35.77 13.10
N GLU Z 157 27.11 -34.91 13.83
CA GLU Z 157 28.20 -35.38 14.66
C GLU Z 157 27.71 -36.26 15.80
N ILE Z 158 26.53 -35.98 16.34
CA ILE Z 158 25.98 -36.79 17.41
C ILE Z 158 25.43 -38.10 16.86
N GLY Z 159 24.76 -38.04 15.71
CA GLY Z 159 24.20 -39.26 15.13
C GLY Z 159 25.27 -40.26 14.72
N GLU Z 160 26.34 -39.77 14.09
CA GLU Z 160 27.43 -40.66 13.71
C GLU Z 160 28.13 -41.25 14.94
N LEU Z 161 28.20 -40.49 16.03
CA LEU Z 161 28.83 -41.00 17.24
C LEU Z 161 28.02 -42.12 17.88
N ILE Z 162 26.69 -42.11 17.68
CA ILE Z 162 25.86 -43.18 18.22
C ILE Z 162 26.09 -44.47 17.43
N ALA Z 163 26.22 -44.36 16.11
CA ALA Z 163 26.42 -45.55 15.29
C ALA Z 163 27.76 -46.21 15.57
N GLU Z 164 28.82 -45.41 15.72
CA GLU Z 164 30.13 -45.97 16.01
C GLU Z 164 30.17 -46.57 17.41
N ALA Z 165 29.46 -45.96 18.36
CA ALA Z 165 29.41 -46.52 19.71
C ALA Z 165 28.67 -47.86 19.72
N MET Z 166 27.53 -47.94 19.04
CA MET Z 166 26.79 -49.19 18.97
C MET Z 166 27.51 -50.24 18.14
N ASP Z 167 28.41 -49.83 17.24
CA ASP Z 167 29.16 -50.80 16.46
C ASP Z 167 30.26 -51.46 17.28
N LYS Z 168 30.77 -50.77 18.30
CA LYS Z 168 31.81 -51.34 19.16
C LYS Z 168 31.22 -52.38 20.12
N VAL Z 169 30.36 -51.94 21.03
CA VAL Z 169 29.83 -52.82 22.07
C VAL Z 169 28.63 -53.63 21.61
N GLY Z 170 28.13 -53.39 20.41
CA GLY Z 170 26.98 -54.12 19.92
C GLY Z 170 25.66 -53.42 20.17
N LYS Z 171 24.59 -54.09 19.76
CA LYS Z 171 23.25 -53.53 19.94
C LYS Z 171 22.92 -53.36 21.43
N ASP Z 172 23.04 -54.44 22.20
CA ASP Z 172 22.69 -54.43 23.62
C ASP Z 172 23.86 -54.06 24.52
N GLY Z 173 25.01 -53.71 23.96
CA GLY Z 173 26.14 -53.33 24.77
C GLY Z 173 25.86 -52.11 25.63
N VAL Z 174 26.66 -51.96 26.68
CA VAL Z 174 26.47 -50.88 27.64
C VAL Z 174 27.05 -49.60 27.05
N ILE Z 175 26.22 -48.56 26.98
CA ILE Z 175 26.63 -47.26 26.46
C ILE Z 175 26.21 -46.20 27.47
N THR Z 176 27.16 -45.37 27.89
CA THR Z 176 26.92 -44.32 28.88
C THR Z 176 27.50 -43.00 28.38
N VAL Z 177 27.10 -41.92 29.05
CA VAL Z 177 27.54 -40.58 28.72
C VAL Z 177 28.28 -39.99 29.91
N GLU Z 178 29.24 -39.12 29.62
CA GLU Z 178 30.04 -38.47 30.65
C GLU Z 178 30.47 -37.10 30.14
N GLU Z 179 30.60 -36.15 31.07
CA GLU Z 179 31.09 -34.83 30.70
C GLU Z 179 32.52 -34.92 30.22
N ALA Z 180 32.77 -34.42 29.01
CA ALA Z 180 34.09 -34.52 28.40
C ALA Z 180 35.07 -33.55 29.06
N LYS Z 181 36.35 -33.83 28.85
CA LYS Z 181 37.41 -32.94 29.33
C LYS Z 181 37.37 -31.58 28.65
N GLY Z 182 36.53 -31.39 27.64
CA GLY Z 182 36.41 -30.13 26.94
C GLY Z 182 36.98 -30.20 25.54
N MET Z 183 36.65 -29.16 24.76
CA MET Z 183 37.08 -29.01 23.38
C MET Z 183 36.60 -30.22 22.58
N GLU Z 184 37.50 -31.03 22.02
CA GLU Z 184 37.10 -32.11 21.11
C GLU Z 184 36.21 -33.13 21.80
N THR Z 185 35.32 -33.74 21.02
CA THR Z 185 34.44 -34.81 21.46
C THR Z 185 35.05 -36.15 21.05
N GLU Z 186 35.13 -37.08 22.00
CA GLU Z 186 35.81 -38.35 21.78
C GLU Z 186 34.84 -39.52 22.03
N LEU Z 187 35.34 -40.72 21.80
CA LEU Z 187 34.62 -41.96 22.11
C LEU Z 187 35.62 -42.93 22.72
N LYS Z 188 35.32 -43.42 23.91
CA LYS Z 188 36.22 -44.29 24.66
C LYS Z 188 35.52 -45.59 25.03
N VAL Z 189 36.27 -46.68 25.03
CA VAL Z 189 35.76 -48.00 25.39
C VAL Z 189 36.57 -48.48 26.59
N VAL Z 190 35.89 -48.67 27.72
CA VAL Z 190 36.53 -49.09 28.96
C VAL Z 190 35.79 -50.30 29.51
N GLU Z 191 36.43 -50.99 30.45
CA GLU Z 191 35.85 -52.16 31.07
C GLU Z 191 34.81 -51.76 32.11
N GLY Z 192 33.77 -52.57 32.22
CA GLY Z 192 32.70 -52.30 33.15
C GLY Z 192 31.54 -53.26 32.93
N MET Z 193 30.49 -53.05 33.70
CA MET Z 193 29.32 -53.91 33.63
C MET Z 193 28.10 -53.15 34.13
N GLN Z 194 26.92 -53.70 33.80
CA GLN Z 194 25.64 -53.17 34.24
C GLN Z 194 24.75 -54.32 34.66
N PHE Z 195 24.02 -54.13 35.76
CA PHE Z 195 23.14 -55.15 36.29
C PHE Z 195 21.77 -54.56 36.59
N ASP Z 196 20.81 -55.43 36.86
CA ASP Z 196 19.40 -55.08 36.93
C ASP Z 196 18.95 -54.58 38.29
N ARG Z 197 19.86 -54.41 39.25
CA ARG Z 197 19.52 -53.92 40.58
C ARG Z 197 19.88 -52.44 40.68
N GLY Z 198 18.94 -51.65 41.22
CA GLY Z 198 19.12 -50.23 41.39
C GLY Z 198 19.36 -49.84 42.83
N TYR Z 199 19.13 -48.56 43.12
CA TYR Z 199 19.36 -48.04 44.46
C TYR Z 199 18.28 -48.52 45.43
N LEU Z 200 18.65 -48.64 46.70
CA LEU Z 200 17.72 -49.09 47.72
C LEU Z 200 16.78 -47.98 48.18
N SER Z 201 17.20 -46.72 48.07
CA SER Z 201 16.37 -45.60 48.50
C SER Z 201 16.44 -44.48 47.48
N PRO Z 202 15.32 -43.80 47.22
CA PRO Z 202 15.34 -42.67 46.28
C PRO Z 202 16.13 -41.47 46.78
N TYR Z 203 16.42 -41.41 48.08
CA TYR Z 203 17.16 -40.27 48.63
C TYR Z 203 18.62 -40.25 48.18
N PHE Z 204 19.15 -41.38 47.70
CA PHE Z 204 20.52 -41.42 47.20
C PHE Z 204 20.69 -40.71 45.87
N VAL Z 205 19.59 -40.32 45.22
CA VAL Z 205 19.67 -39.69 43.91
C VAL Z 205 20.25 -38.30 44.05
N THR Z 206 21.31 -38.02 43.30
CA THR Z 206 21.98 -36.72 43.35
C THR Z 206 21.46 -35.72 42.33
N ASN Z 207 20.62 -36.15 41.39
CA ASN Z 207 20.07 -35.28 40.35
C ASN Z 207 18.57 -35.49 40.28
N SER Z 208 17.79 -34.46 40.61
CA SER Z 208 16.34 -34.61 40.66
C SER Z 208 15.72 -34.66 39.27
N GLU Z 209 16.36 -34.01 38.29
CA GLU Z 209 15.78 -33.97 36.94
C GLU Z 209 15.98 -35.28 36.19
N THR Z 210 17.20 -35.84 36.25
CA THR Z 210 17.51 -37.06 35.51
C THR Z 210 17.30 -38.33 36.32
N MET Z 211 17.06 -38.21 37.63
CA MET Z 211 16.83 -39.32 38.55
C MET Z 211 18.06 -40.21 38.74
N GLU Z 212 19.15 -39.96 38.03
CA GLU Z 212 20.35 -40.77 38.15
C GLU Z 212 21.19 -40.32 39.34
N ALA Z 213 21.76 -41.28 40.06
CA ALA Z 213 22.67 -41.02 41.16
C ALA Z 213 24.09 -41.30 40.66
N GLU Z 214 24.89 -40.25 40.53
CA GLU Z 214 26.22 -40.34 39.95
C GLU Z 214 27.27 -40.09 41.02
N LEU Z 215 28.32 -40.92 41.03
CA LEU Z 215 29.44 -40.79 41.95
C LEU Z 215 30.73 -40.91 41.15
N ASP Z 216 31.52 -39.84 41.14
CA ASP Z 216 32.76 -39.79 40.39
C ASP Z 216 33.93 -40.14 41.29
N GLU Z 217 34.80 -41.03 40.81
CA GLU Z 217 35.98 -41.49 41.54
C GLU Z 217 35.59 -42.00 42.93
N ALA Z 218 34.89 -43.13 42.92
CA ALA Z 218 34.30 -43.70 44.13
C ALA Z 218 34.97 -45.02 44.48
N LEU Z 219 34.53 -45.59 45.60
CA LEU Z 219 34.93 -46.92 46.03
C LEU Z 219 33.67 -47.77 46.23
N ILE Z 220 33.84 -49.08 46.16
CA ILE Z 220 32.73 -50.02 46.26
C ILE Z 220 32.96 -50.96 47.43
N LEU Z 221 31.88 -51.29 48.12
CA LEU Z 221 31.91 -52.24 49.22
C LEU Z 221 31.09 -53.46 48.83
N ILE Z 222 31.71 -54.64 48.87
CA ILE Z 222 31.10 -55.88 48.42
C ILE Z 222 30.88 -56.78 49.63
N HIS Z 223 29.63 -57.17 49.85
CA HIS Z 223 29.27 -58.03 50.97
C HIS Z 223 28.23 -59.04 50.50
N ASP Z 224 28.46 -60.32 50.81
CA ASP Z 224 27.55 -61.37 50.36
C ASP Z 224 26.30 -61.44 51.22
N LYS Z 225 26.44 -61.24 52.53
CA LYS Z 225 25.31 -61.30 53.44
C LYS Z 225 24.55 -59.96 53.42
N LYS Z 226 23.55 -59.84 54.28
CA LYS Z 226 22.76 -58.63 54.38
C LYS Z 226 23.39 -57.68 55.38
N ILE Z 227 23.34 -56.38 55.07
CA ILE Z 227 23.87 -55.33 55.93
C ILE Z 227 22.73 -54.66 56.65
N SER Z 228 22.64 -54.87 57.97
CA SER Z 228 21.57 -54.29 58.77
C SER Z 228 22.13 -53.54 59.97
N ASN Z 229 22.72 -54.27 60.92
CA ASN Z 229 23.32 -53.64 62.08
C ASN Z 229 24.59 -52.90 61.69
N MET Z 230 24.66 -51.62 62.05
CA MET Z 230 25.79 -50.78 61.68
C MET Z 230 26.97 -50.89 62.62
N LYS Z 231 26.87 -51.71 63.67
CA LYS Z 231 28.01 -51.94 64.54
C LYS Z 231 29.20 -52.49 63.75
N GLU Z 232 28.92 -53.34 62.76
CA GLU Z 232 29.97 -53.82 61.85
C GLU Z 232 30.27 -52.80 60.76
N LEU Z 233 29.28 -52.01 60.35
CA LEU Z 233 29.45 -51.06 59.25
C LEU Z 233 30.10 -49.76 59.67
N LEU Z 234 30.07 -49.42 60.96
CA LEU Z 234 30.67 -48.15 61.39
C LEU Z 234 32.18 -48.14 61.24
N PRO Z 235 32.94 -49.18 61.63
CA PRO Z 235 34.40 -49.10 61.46
C PRO Z 235 34.84 -48.94 60.01
N ILE Z 236 34.19 -49.66 59.08
CA ILE Z 236 34.58 -49.54 57.67
C ILE Z 236 34.12 -48.20 57.10
N LEU Z 237 32.94 -47.72 57.54
CA LEU Z 237 32.47 -46.42 57.09
C LEU Z 237 33.24 -45.27 57.72
N GLU Z 238 33.88 -45.51 58.87
CA GLU Z 238 34.75 -44.48 59.45
C GLU Z 238 35.97 -44.25 58.57
N LYS Z 239 36.54 -45.32 58.02
CA LYS Z 239 37.65 -45.20 57.08
C LYS Z 239 37.21 -44.65 55.73
N ALA Z 240 35.90 -44.57 55.47
CA ALA Z 240 35.42 -44.08 54.19
C ALA Z 240 35.70 -42.60 53.98
N ALA Z 241 36.02 -41.87 55.04
CA ALA Z 241 36.46 -40.49 54.90
C ALA Z 241 37.69 -40.42 54.01
N GLN Z 242 38.82 -40.91 54.51
CA GLN Z 242 40.04 -41.11 53.72
C GLN Z 242 40.41 -39.86 52.93
N SER Z 243 40.42 -39.99 51.60
CA SER Z 243 40.72 -38.88 50.70
C SER Z 243 39.47 -38.10 50.29
N GLY Z 244 38.31 -38.41 50.88
CA GLY Z 244 37.09 -37.73 50.52
C GLY Z 244 36.48 -38.19 49.22
N ARG Z 245 36.33 -39.50 49.06
CA ARG Z 245 35.75 -40.07 47.86
C ARG Z 245 34.42 -40.75 48.16
N PRO Z 246 33.48 -40.73 47.22
CA PRO Z 246 32.19 -41.39 47.45
C PRO Z 246 32.33 -42.90 47.56
N LEU Z 247 31.27 -43.52 48.09
CA LEU Z 247 31.27 -44.95 48.38
C LEU Z 247 29.98 -45.58 47.88
N LEU Z 248 30.11 -46.78 47.29
CA LEU Z 248 28.98 -47.59 46.87
C LEU Z 248 28.96 -48.87 47.68
N ILE Z 249 27.77 -49.31 48.08
CA ILE Z 249 27.59 -50.50 48.91
C ILE Z 249 26.80 -51.52 48.12
N ILE Z 250 27.40 -52.68 47.89
CA ILE Z 250 26.76 -53.81 47.23
C ILE Z 250 26.63 -54.93 48.26
N ALA Z 251 25.40 -55.21 48.67
CA ALA Z 251 25.13 -56.24 49.67
C ALA Z 251 23.86 -56.98 49.28
N GLU Z 252 23.49 -57.97 50.10
CA GLU Z 252 22.25 -58.70 49.85
C GLU Z 252 21.03 -57.82 50.10
N ASP Z 253 21.07 -57.02 51.16
CA ASP Z 253 19.98 -56.08 51.45
C ASP Z 253 20.43 -55.05 52.48
N GLU Z 255 19.70 -53.20 56.25
CA GLU Z 255 18.28 -53.34 55.96
C GLU Z 255 17.46 -52.18 56.52
N GLY Z 256 16.88 -52.39 57.71
CA GLY Z 256 16.05 -51.35 58.29
C GLY Z 256 16.85 -50.21 58.90
N GLU Z 257 17.87 -50.55 59.71
CA GLU Z 257 18.62 -49.53 60.43
C GLU Z 257 19.66 -48.85 59.56
N ALA Z 258 20.36 -49.62 58.73
CA ALA Z 258 21.47 -49.04 57.96
C ALA Z 258 20.98 -48.16 56.83
N LEU Z 259 19.83 -48.47 56.22
CA LEU Z 259 19.36 -47.69 55.09
C LEU Z 259 18.90 -46.30 55.53
N ALA Z 260 18.23 -46.21 56.67
CA ALA Z 260 17.74 -44.92 57.13
C ALA Z 260 18.87 -44.02 57.59
N THR Z 261 19.97 -44.59 58.08
CA THR Z 261 21.09 -43.78 58.54
C THR Z 261 21.86 -43.17 57.39
N LEU Z 262 22.08 -43.94 56.31
CA LEU Z 262 22.78 -43.42 55.15
C LEU Z 262 22.00 -42.31 54.45
N VAL Z 263 20.70 -42.20 54.70
CA VAL Z 263 19.93 -41.08 54.17
C VAL Z 263 20.23 -39.80 54.95
N VAL Z 264 20.42 -39.92 56.26
CA VAL Z 264 20.78 -38.76 57.08
C VAL Z 264 22.12 -38.19 56.65
N ASN Z 265 23.02 -39.05 56.17
CA ASN Z 265 24.30 -38.60 55.62
C ASN Z 265 24.19 -38.20 54.15
N LYS Z 266 22.97 -38.23 53.60
CA LYS Z 266 22.72 -37.88 52.21
C LYS Z 266 21.94 -36.58 52.07
N LEU Z 267 20.73 -36.52 52.64
CA LEU Z 267 19.84 -35.38 52.48
C LEU Z 267 20.55 -34.05 52.74
N ARG Z 268 21.31 -33.97 53.83
CA ARG Z 268 22.14 -32.79 54.05
C ARG Z 268 23.57 -33.14 53.67
N GLY Z 269 24.27 -33.86 54.54
CA GLY Z 269 25.40 -34.65 54.11
C GLY Z 269 26.30 -35.02 55.27
N THR Z 270 27.11 -36.05 55.01
CA THR Z 270 28.32 -36.34 55.78
C THR Z 270 29.42 -36.67 54.77
N LEU Z 271 29.23 -37.79 54.08
CA LEU Z 271 30.03 -38.16 52.92
C LEU Z 271 29.09 -38.75 51.87
N LYS Z 272 29.55 -38.75 50.63
CA LYS Z 272 28.73 -39.26 49.53
C LYS Z 272 28.68 -40.78 49.59
N VAL Z 273 27.45 -41.33 49.65
CA VAL Z 273 27.28 -42.77 49.79
C VAL Z 273 25.98 -43.17 49.08
N ALA Z 274 25.98 -44.38 48.52
CA ALA Z 274 24.81 -44.96 47.89
C ALA Z 274 24.89 -46.47 48.02
N ALA Z 275 23.73 -47.12 48.05
CA ALA Z 275 23.64 -48.56 48.24
C ALA Z 275 22.77 -49.18 47.17
N VAL Z 276 23.22 -50.32 46.63
CA VAL Z 276 22.47 -51.08 45.64
C VAL Z 276 22.49 -52.55 46.04
N LYS Z 277 21.44 -53.26 45.65
CA LYS Z 277 21.30 -54.68 45.98
C LYS Z 277 22.16 -55.52 45.05
N ALA Z 278 22.54 -56.70 45.54
CA ALA Z 278 23.34 -57.61 44.74
C ALA Z 278 22.56 -58.05 43.50
N PRO Z 279 23.22 -58.20 42.35
CA PRO Z 279 22.48 -58.43 41.09
C PRO Z 279 21.66 -59.71 41.07
N GLY Z 280 22.23 -60.82 41.49
CA GLY Z 280 21.60 -62.12 41.34
C GLY Z 280 20.73 -62.51 42.51
N PHE Z 281 20.40 -63.80 42.57
CA PHE Z 281 19.61 -64.35 43.65
C PHE Z 281 20.28 -65.58 44.25
N GLY Z 282 20.47 -66.63 43.46
CA GLY Z 282 21.02 -67.88 43.92
C GLY Z 282 22.54 -67.93 43.89
N ASP Z 283 23.07 -69.12 43.66
CA ASP Z 283 24.52 -69.30 43.58
C ASP Z 283 25.16 -68.47 42.48
N ARG Z 284 24.40 -68.11 41.45
CA ARG Z 284 24.94 -67.24 40.41
C ARG Z 284 25.10 -65.80 40.90
N ARG Z 285 24.44 -65.44 42.00
CA ARG Z 285 24.71 -64.14 42.63
C ARG Z 285 26.11 -64.10 43.23
N LYS Z 286 26.51 -65.18 43.93
CA LYS Z 286 27.86 -65.23 44.47
C LYS Z 286 28.91 -65.31 43.37
N ALA Z 287 28.52 -65.81 42.19
CA ALA Z 287 29.43 -65.82 41.06
C ALA Z 287 29.58 -64.44 40.43
N MET Z 288 28.46 -63.73 40.26
CA MET Z 288 28.54 -62.36 39.77
C MET Z 288 29.13 -61.42 40.81
N LEU Z 289 28.99 -61.75 42.10
CA LEU Z 289 29.55 -60.91 43.15
C LEU Z 289 31.07 -60.91 43.09
N GLU Z 290 31.68 -62.05 42.74
CA GLU Z 290 33.12 -62.10 42.58
C GLU Z 290 33.57 -61.42 41.29
N ASP Z 291 32.70 -61.36 40.28
CA ASP Z 291 33.04 -60.65 39.05
C ASP Z 291 33.18 -59.16 39.31
N ILE Z 292 32.42 -58.61 40.26
CA ILE Z 292 32.54 -57.20 40.58
C ILE Z 292 33.88 -56.91 41.26
N ALA Z 293 34.34 -57.83 42.12
CA ALA Z 293 35.61 -57.63 42.80
C ALA Z 293 36.77 -57.73 41.81
N ILE Z 294 36.70 -58.66 40.86
CA ILE Z 294 37.76 -58.77 39.87
C ILE Z 294 37.77 -57.56 38.94
N LEU Z 295 36.59 -57.07 38.57
CA LEU Z 295 36.52 -55.93 37.67
C LEU Z 295 36.94 -54.64 38.36
N THR Z 296 36.53 -54.46 39.63
CA THR Z 296 36.85 -53.24 40.36
C THR Z 296 38.21 -53.30 41.05
N GLY Z 297 38.89 -54.44 41.03
CA GLY Z 297 40.19 -54.58 41.61
C GLY Z 297 40.22 -54.95 43.08
N GLY Z 298 39.11 -54.75 43.79
CA GLY Z 298 39.03 -55.09 45.19
C GLY Z 298 38.67 -56.54 45.41
N THR Z 299 38.18 -56.83 46.62
CA THR Z 299 37.75 -58.17 47.01
C THR Z 299 36.34 -58.08 47.57
N VAL Z 300 35.84 -59.23 48.03
CA VAL Z 300 34.48 -59.35 48.55
C VAL Z 300 34.55 -59.97 49.95
N ILE Z 301 33.73 -59.46 50.86
CA ILE Z 301 33.65 -60.00 52.21
C ILE Z 301 32.88 -61.31 52.15
N SER Z 302 33.50 -62.39 52.62
CA SER Z 302 32.87 -63.71 52.58
C SER Z 302 33.46 -64.58 53.67
N GLU Z 303 32.78 -65.68 53.97
CA GLU Z 303 33.23 -66.62 54.97
C GLU Z 303 33.43 -68.01 54.37
N GLY Z 306 38.87 -65.00 51.99
CA GLY Z 306 38.42 -66.21 52.66
C GLY Z 306 37.79 -65.95 54.01
N TYR Z 307 38.59 -65.50 54.96
CA TYR Z 307 38.14 -65.20 56.31
C TYR Z 307 37.76 -63.73 56.50
N LYS Z 308 37.77 -62.94 55.42
CA LYS Z 308 37.50 -61.51 55.51
C LYS Z 308 36.17 -61.24 56.21
N LEU Z 309 36.15 -60.20 57.03
CA LEU Z 309 35.02 -59.88 57.89
C LEU Z 309 34.90 -58.37 58.00
N GLU Z 310 34.08 -57.91 58.95
CA GLU Z 310 33.81 -56.49 59.12
C GLU Z 310 35.09 -55.73 59.49
N ASN Z 311 35.07 -54.43 59.21
CA ASN Z 311 36.23 -53.55 59.40
C ASN Z 311 37.41 -54.04 58.58
N ALA Z 312 37.24 -54.04 57.26
CA ALA Z 312 38.28 -54.44 56.33
C ALA Z 312 39.07 -53.22 55.90
N THR Z 313 40.38 -53.42 55.71
CA THR Z 313 41.23 -52.34 55.22
C THR Z 313 40.79 -51.92 53.82
N MET Z 314 41.05 -50.66 53.49
CA MET Z 314 40.64 -50.13 52.20
C MET Z 314 41.37 -50.78 51.03
N ALA Z 315 42.41 -51.58 51.29
CA ALA Z 315 43.04 -52.34 50.21
C ALA Z 315 42.11 -53.42 49.68
N TYR Z 316 41.05 -53.76 50.41
CA TYR Z 316 40.08 -54.75 49.97
C TYR Z 316 38.89 -54.11 49.24
N LEU Z 317 38.90 -52.79 49.05
CA LEU Z 317 37.82 -52.08 48.40
C LEU Z 317 38.24 -51.65 47.00
N GLY Z 318 37.43 -52.01 46.00
CA GLY Z 318 37.70 -51.60 44.64
C GLY Z 318 37.35 -50.15 44.38
N GLN Z 319 37.71 -49.70 43.19
CA GLN Z 319 37.49 -48.31 42.79
C GLN Z 319 36.91 -48.27 41.39
N ALA Z 320 36.22 -47.16 41.09
CA ALA Z 320 35.60 -46.96 39.79
C ALA Z 320 35.64 -45.47 39.45
N ALA Z 321 35.73 -45.18 38.14
CA ALA Z 321 35.79 -43.79 37.70
C ALA Z 321 34.47 -43.08 37.93
N ARG Z 322 33.37 -43.66 37.43
CA ARG Z 322 32.05 -43.09 37.63
C ARG Z 322 31.05 -44.23 37.78
N ILE Z 323 30.10 -44.04 38.70
CA ILE Z 323 29.02 -45.00 38.95
C ILE Z 323 27.70 -44.25 38.78
N THR Z 324 26.94 -44.62 37.75
CA THR Z 324 25.64 -44.02 37.48
C THR Z 324 24.56 -45.05 37.83
N ILE Z 325 23.73 -44.71 38.81
CA ILE Z 325 22.70 -45.62 39.31
C ILE Z 325 21.35 -45.10 38.82
N ASP Z 326 20.73 -45.84 37.90
CA ASP Z 326 19.39 -45.51 37.45
C ASP Z 326 18.36 -46.05 38.43
N LYS Z 327 17.08 -45.90 38.09
CA LYS Z 327 16.02 -46.46 38.92
C LYS Z 327 16.12 -47.98 38.98
N ASP Z 328 16.06 -48.63 37.81
CA ASP Z 328 16.12 -50.08 37.76
C ASP Z 328 17.55 -50.62 37.82
N ASN Z 329 18.47 -50.00 37.10
CA ASN Z 329 19.79 -50.58 36.87
C ASN Z 329 20.89 -49.75 37.53
N THR Z 330 22.11 -50.25 37.44
CA THR Z 330 23.30 -49.60 37.98
C THR Z 330 24.47 -49.90 37.06
N THR Z 331 25.28 -48.88 36.77
CA THR Z 331 26.38 -49.00 35.83
C THR Z 331 27.70 -48.69 36.51
N ILE Z 332 28.72 -49.51 36.21
CA ILE Z 332 30.08 -49.30 36.69
C ILE Z 332 30.95 -48.97 35.48
N VAL Z 333 31.50 -47.77 35.45
CA VAL Z 333 32.23 -47.26 34.30
C VAL Z 333 33.70 -47.11 34.66
N GLU Z 334 34.55 -47.84 33.95
CA GLU Z 334 36.01 -47.75 34.07
C GLU Z 334 36.47 -47.90 35.52
N GLY Z 335 36.36 -49.13 36.00
CA GLY Z 335 36.83 -49.47 37.32
C GLY Z 335 38.34 -49.60 37.36
N LYS Z 336 38.83 -50.02 38.53
CA LYS Z 336 40.25 -50.31 38.72
C LYS Z 336 40.56 -51.70 38.19
N GLY Z 337 41.72 -52.24 38.54
CA GLY Z 337 42.06 -53.59 38.19
C GLY Z 337 43.17 -53.67 37.16
N LYS Z 338 43.68 -54.89 37.00
CA LYS Z 338 44.88 -55.15 36.21
C LYS Z 338 44.58 -55.21 34.72
N GLN Z 339 43.70 -56.13 34.33
CA GLN Z 339 43.46 -56.71 33.00
C GLN Z 339 44.35 -57.92 32.77
N GLU Z 340 45.33 -58.18 33.64
CA GLU Z 340 45.92 -59.51 33.73
C GLU Z 340 45.05 -60.41 34.59
N GLU Z 341 44.39 -59.86 35.61
CA GLU Z 341 43.53 -60.64 36.49
C GLU Z 341 42.16 -60.89 35.88
N ILE Z 342 41.58 -59.87 35.22
CA ILE Z 342 40.22 -60.00 34.72
C ILE Z 342 40.18 -60.96 33.53
N LYS Z 343 41.29 -61.10 32.80
CA LYS Z 343 41.35 -62.07 31.72
C LYS Z 343 41.52 -63.48 32.25
N ALA Z 344 42.17 -63.63 33.40
CA ALA Z 344 42.28 -64.95 34.03
C ALA Z 344 40.93 -65.48 34.45
N ARG Z 345 40.02 -64.60 34.86
CA ARG Z 345 38.66 -65.03 35.17
C ARG Z 345 37.83 -65.21 33.90
N ILE Z 346 38.11 -64.43 32.86
CA ILE Z 346 37.44 -64.64 31.58
C ILE Z 346 37.82 -66.00 31.00
N ASN Z 347 39.10 -66.36 31.08
CA ASN Z 347 39.52 -67.70 30.66
C ASN Z 347 38.92 -68.77 31.56
N GLU Z 348 38.66 -68.43 32.83
CA GLU Z 348 38.01 -69.38 33.73
C GLU Z 348 36.53 -69.55 33.35
N ILE Z 349 35.83 -68.44 33.13
CA ILE Z 349 34.42 -68.51 32.80
C ILE Z 349 34.22 -69.18 31.44
N LYS Z 350 34.96 -68.73 30.42
CA LYS Z 350 34.85 -69.35 29.11
C LYS Z 350 35.30 -70.81 29.13
N GLY Z 351 36.25 -71.14 30.01
CA GLY Z 351 36.67 -72.53 30.16
C GLY Z 351 35.79 -73.34 31.08
N GLN Z 352 34.96 -72.69 31.91
CA GLN Z 352 34.06 -73.39 32.81
C GLN Z 352 32.84 -73.96 32.10
N ILE Z 353 32.66 -73.66 30.82
CA ILE Z 353 31.50 -74.13 30.07
C ILE Z 353 31.87 -75.47 29.44
N GLU Z 354 31.21 -76.53 29.91
CA GLU Z 354 31.44 -77.87 29.39
C GLU Z 354 30.11 -78.54 29.06
N LYS Z 355 29.32 -78.81 30.10
CA LYS Z 355 28.00 -79.45 29.95
C LYS Z 355 28.10 -80.79 29.23
N TYR Z 360 20.02 -70.57 30.82
CA TYR Z 360 19.56 -71.36 31.95
C TYR Z 360 20.51 -72.51 32.25
N ASP Z 361 21.11 -73.07 31.20
CA ASP Z 361 22.06 -74.16 31.36
C ASP Z 361 23.47 -73.67 31.04
N THR Z 362 23.78 -73.53 29.75
CA THR Z 362 25.04 -72.96 29.32
C THR Z 362 24.94 -71.47 28.99
N GLU Z 363 23.74 -70.90 29.04
CA GLU Z 363 23.53 -69.48 28.76
C GLU Z 363 23.70 -68.60 29.99
N LYS Z 364 23.73 -69.17 31.18
CA LYS Z 364 23.97 -68.39 32.39
C LYS Z 364 25.43 -67.98 32.51
N LEU Z 365 26.35 -68.83 32.05
CA LEU Z 365 27.77 -68.46 32.06
C LEU Z 365 28.09 -67.47 30.95
N GLN Z 366 27.36 -67.54 29.83
CA GLN Z 366 27.55 -66.57 28.75
C GLN Z 366 27.07 -65.18 29.15
N GLU Z 367 26.16 -65.09 30.12
CA GLU Z 367 25.72 -63.79 30.60
C GLU Z 367 26.86 -63.05 31.30
N ARG Z 368 27.58 -63.74 32.18
CA ARG Z 368 28.71 -63.12 32.87
C ARG Z 368 29.85 -62.83 31.91
N LEU Z 369 30.09 -63.73 30.95
CA LEU Z 369 31.21 -63.54 30.03
C LEU Z 369 30.97 -62.34 29.11
N ALA Z 370 29.76 -62.24 28.54
CA ALA Z 370 29.46 -61.11 27.67
C ALA Z 370 29.33 -59.80 28.44
N LYS Z 371 29.03 -59.86 29.74
CA LYS Z 371 28.91 -58.64 30.53
C LYS Z 371 30.27 -58.12 30.95
N LEU Z 372 31.18 -59.02 31.36
CA LEU Z 372 32.50 -58.58 31.80
C LEU Z 372 33.37 -58.18 30.61
N SER Z 373 33.42 -59.01 29.57
CA SER Z 373 34.24 -58.72 28.40
C SER Z 373 33.57 -57.73 27.45
N GLY Z 374 32.29 -57.40 27.66
CA GLY Z 374 31.62 -56.48 26.77
C GLY Z 374 32.07 -55.04 26.95
N GLY Z 375 32.49 -54.68 28.15
CA GLY Z 375 32.93 -53.33 28.41
C GLY Z 375 31.79 -52.34 28.45
N VAL Z 376 32.15 -51.05 28.50
CA VAL Z 376 31.20 -49.96 28.56
C VAL Z 376 31.65 -48.88 27.57
N ALA Z 377 30.77 -48.52 26.65
CA ALA Z 377 31.05 -47.45 25.71
C ALA Z 377 30.71 -46.10 26.36
N VAL Z 378 31.69 -45.19 26.37
CA VAL Z 378 31.55 -43.90 27.04
C VAL Z 378 31.52 -42.81 25.98
N LEU Z 379 30.45 -42.01 25.99
CA LEU Z 379 30.31 -40.88 25.09
C LEU Z 379 30.62 -39.60 25.88
N LYS Z 380 31.73 -38.96 25.56
CA LYS Z 380 32.15 -37.72 26.21
C LYS Z 380 32.08 -36.61 25.18
N ILE Z 381 31.10 -35.71 25.32
CA ILE Z 381 30.85 -34.65 24.36
C ILE Z 381 31.11 -33.31 25.05
N GLY Z 382 32.21 -32.65 24.71
CA GLY Z 382 32.41 -31.26 25.03
C GLY Z 382 32.04 -30.37 23.87
N ALA Z 383 31.61 -29.15 24.18
CA ALA Z 383 31.40 -28.14 23.16
C ALA Z 383 31.45 -26.76 23.78
N SER Z 384 31.88 -25.78 22.98
CA SER Z 384 31.76 -24.36 23.29
C SER Z 384 32.15 -24.01 24.72
N THR Z 385 31.23 -23.38 25.45
CA THR Z 385 31.40 -23.05 26.84
C THR Z 385 30.71 -24.10 27.71
N GLU Z 386 30.68 -23.87 29.03
CA GLU Z 386 30.06 -24.83 29.94
C GLU Z 386 28.55 -24.86 29.80
N VAL Z 387 27.93 -23.70 29.52
CA VAL Z 387 26.47 -23.64 29.45
C VAL Z 387 25.97 -24.44 28.26
N GLU Z 388 26.64 -24.35 27.11
CA GLU Z 388 26.19 -25.08 25.93
C GLU Z 388 26.53 -26.56 26.03
N MET Z 389 27.56 -26.91 26.81
CA MET Z 389 27.94 -28.32 26.95
C MET Z 389 26.85 -29.12 27.64
N LYS Z 390 26.37 -28.65 28.79
CA LYS Z 390 25.31 -29.35 29.50
C LYS Z 390 24.01 -29.36 28.69
N GLU Z 391 23.79 -28.33 27.89
CA GLU Z 391 22.63 -28.33 27.00
C GLU Z 391 22.76 -29.38 25.91
N LYS Z 392 23.97 -29.57 25.38
CA LYS Z 392 24.21 -30.58 24.36
C LYS Z 392 24.30 -31.98 24.96
N LYS Z 393 24.84 -32.10 26.18
CA LYS Z 393 24.96 -33.42 26.81
C LYS Z 393 23.60 -34.04 27.04
N ALA Z 394 22.67 -33.27 27.61
CA ALA Z 394 21.31 -33.78 27.81
C ALA Z 394 20.62 -34.06 26.48
N ARG Z 395 21.03 -33.36 25.42
CA ARG Z 395 20.49 -33.65 24.10
C ARG Z 395 20.98 -35.00 23.58
N VAL Z 396 22.24 -35.33 23.85
CA VAL Z 396 22.77 -36.62 23.43
C VAL Z 396 22.10 -37.76 24.18
N GLU Z 397 21.80 -37.55 25.47
CA GLU Z 397 21.18 -38.59 26.27
C GLU Z 397 19.82 -38.98 25.70
N ASP Z 398 19.00 -37.99 25.31
CA ASP Z 398 17.71 -38.29 24.70
C ASP Z 398 17.87 -38.80 23.28
N ALA Z 399 18.92 -38.36 22.57
CA ALA Z 399 19.16 -38.89 21.23
C ALA Z 399 19.65 -40.33 21.29
N LEU Z 400 20.52 -40.65 22.24
CA LEU Z 400 20.96 -42.03 22.42
C LEU Z 400 19.81 -42.93 22.87
N HIS Z 401 18.93 -42.41 23.73
CA HIS Z 401 17.81 -43.19 24.21
C HIS Z 401 16.78 -43.42 23.11
N ALA Z 402 16.58 -42.42 22.25
CA ALA Z 402 15.64 -42.59 21.15
C ALA Z 402 16.19 -43.49 20.05
N THR Z 403 17.51 -43.45 19.82
CA THR Z 403 18.11 -44.31 18.81
C THR Z 403 18.09 -45.77 19.28
N ARG Z 404 18.30 -46.00 20.58
CA ARG Z 404 18.24 -47.36 21.10
C ARG Z 404 16.87 -47.98 20.88
N ALA Z 405 15.81 -47.24 21.18
CA ALA Z 405 14.46 -47.74 20.93
C ALA Z 405 14.17 -47.84 19.43
N ALA Z 406 14.85 -47.03 18.62
CA ALA Z 406 14.65 -47.10 17.17
C ALA Z 406 15.25 -48.37 16.59
N VAL Z 407 16.36 -48.85 17.15
CA VAL Z 407 16.97 -50.07 16.65
C VAL Z 407 16.14 -51.29 17.01
N GLN Z 408 15.66 -51.34 18.25
CA GLN Z 408 14.91 -52.49 18.75
C GLN Z 408 13.66 -52.79 17.94
N GLU Z 409 12.64 -51.93 18.06
CA GLU Z 409 11.34 -52.19 17.45
C GLU Z 409 11.11 -51.47 16.13
N GLY Z 410 12.06 -50.66 15.68
CA GLY Z 410 11.92 -49.97 14.41
C GLY Z 410 11.45 -48.54 14.55
N ILE Z 411 11.03 -47.99 13.42
CA ILE Z 411 10.63 -46.59 13.31
C ILE Z 411 9.29 -46.51 12.58
N VAL Z 412 8.38 -45.69 13.12
CA VAL Z 412 7.10 -45.42 12.48
C VAL Z 412 6.96 -43.92 12.28
N VAL Z 413 6.01 -43.55 11.42
CA VAL Z 413 5.77 -42.14 11.14
C VAL Z 413 5.22 -41.46 12.39
N GLY Z 414 5.69 -40.23 12.65
CA GLY Z 414 5.32 -39.50 13.83
C GLY Z 414 4.08 -38.65 13.65
N GLY Z 415 3.97 -37.61 14.48
CA GLY Z 415 2.85 -36.70 14.40
C GLY Z 415 1.51 -37.31 14.74
N GLY Z 416 1.49 -38.45 15.43
CA GLY Z 416 0.25 -39.12 15.72
C GLY Z 416 -0.39 -39.82 14.54
N VAL Z 417 0.29 -39.89 13.40
CA VAL Z 417 -0.28 -40.51 12.22
C VAL Z 417 -0.17 -42.04 12.30
N ALA Z 418 0.84 -42.56 12.99
CA ALA Z 418 1.01 -44.00 13.10
C ALA Z 418 -0.19 -44.66 13.77
N LEU Z 419 -0.77 -43.99 14.77
CA LEU Z 419 -1.95 -44.54 15.43
C LEU Z 419 -3.17 -44.52 14.52
N ILE Z 420 -3.23 -43.57 13.59
CA ILE Z 420 -4.33 -43.53 12.64
C ILE Z 420 -4.14 -44.57 11.54
N ARG Z 421 -2.90 -44.73 11.06
CA ARG Z 421 -2.64 -45.73 10.03
C ARG Z 421 -2.81 -47.14 10.58
N ALA Z 422 -2.41 -47.38 11.83
CA ALA Z 422 -2.56 -48.69 12.43
C ALA Z 422 -4.01 -49.01 12.79
N ALA Z 423 -4.93 -48.04 12.64
CA ALA Z 423 -6.34 -48.31 12.90
C ALA Z 423 -6.94 -49.25 11.87
N LYS Z 424 -6.30 -49.43 10.72
CA LYS Z 424 -6.79 -50.40 9.74
C LYS Z 424 -6.74 -51.81 10.27
N GLY Z 425 -5.83 -52.09 11.21
CA GLY Z 425 -5.76 -53.40 11.83
C GLY Z 425 -6.96 -53.77 12.68
N LEU Z 426 -7.83 -52.81 12.98
CA LEU Z 426 -9.02 -53.09 13.78
C LEU Z 426 -10.00 -54.00 13.05
N ALA Z 427 -9.86 -54.17 11.74
CA ALA Z 427 -10.76 -55.04 10.99
C ALA Z 427 -10.59 -56.49 11.39
N LYS Z 428 -9.41 -56.87 11.86
CA LYS Z 428 -9.15 -58.24 12.30
C LYS Z 428 -9.56 -58.49 13.74
N ALA Z 429 -10.09 -57.49 14.44
CA ALA Z 429 -10.55 -57.68 15.81
C ALA Z 429 -11.92 -58.31 15.83
N VAL Z 430 -12.07 -59.37 16.61
CA VAL Z 430 -13.31 -60.14 16.70
C VAL Z 430 -14.01 -59.80 18.02
N ALA Z 431 -15.29 -59.49 17.94
CA ALA Z 431 -16.09 -59.15 19.11
C ALA Z 431 -17.16 -60.20 19.30
N ASP Z 432 -17.23 -60.77 20.51
CA ASP Z 432 -18.22 -61.81 20.79
C ASP Z 432 -19.62 -61.24 20.97
N ASN Z 433 -19.74 -60.00 21.42
CA ASN Z 433 -21.03 -59.37 21.61
C ASN Z 433 -20.89 -57.88 21.33
N GLU Z 434 -22.02 -57.16 21.46
CA GLU Z 434 -22.02 -55.73 21.13
C GLU Z 434 -21.18 -54.92 22.09
N ASP Z 435 -21.12 -55.32 23.36
CA ASP Z 435 -20.31 -54.59 24.33
C ASP Z 435 -18.83 -54.63 23.97
N GLN Z 436 -18.34 -55.79 23.53
CA GLN Z 436 -16.96 -55.88 23.06
C GLN Z 436 -16.77 -55.08 21.78
N LYS Z 437 -17.78 -55.07 20.91
CA LYS Z 437 -17.72 -54.23 19.71
C LYS Z 437 -17.62 -52.75 20.07
N THR Z 438 -18.25 -52.35 21.18
CA THR Z 438 -18.10 -50.97 21.64
C THR Z 438 -16.68 -50.69 22.10
N GLY Z 439 -16.07 -51.63 22.82
CA GLY Z 439 -14.69 -51.46 23.25
C GLY Z 439 -13.73 -51.30 22.09
N ILE Z 440 -14.01 -51.95 20.95
CA ILE Z 440 -13.18 -51.78 19.77
C ILE Z 440 -13.33 -50.37 19.22
N GLU Z 441 -14.55 -49.83 19.23
CA GLU Z 441 -14.78 -48.48 18.72
C GLU Z 441 -14.19 -47.44 19.67
N ILE Z 442 -14.10 -47.75 20.97
CA ILE Z 442 -13.44 -46.84 21.90
C ILE Z 442 -11.98 -46.65 21.51
N ILE Z 443 -11.30 -47.73 21.14
CA ILE Z 443 -9.93 -47.62 20.68
C ILE Z 443 -9.87 -46.91 19.33
N ARG Z 444 -10.85 -47.18 18.45
CA ARG Z 444 -10.86 -46.56 17.13
C ARG Z 444 -10.91 -45.04 17.23
N ARG Z 445 -11.75 -44.52 18.13
CA ARG Z 445 -11.84 -43.08 18.31
C ARG Z 445 -10.68 -42.52 19.12
N ALA Z 446 -10.05 -43.33 19.96
CA ALA Z 446 -8.97 -42.84 20.81
C ALA Z 446 -7.67 -42.66 20.04
N LEU Z 447 -7.48 -43.41 18.95
CA LEU Z 447 -6.23 -43.31 18.19
C LEU Z 447 -6.09 -41.95 17.52
N GLU Z 448 -7.21 -41.28 17.23
CA GLU Z 448 -7.17 -39.96 16.61
C GLU Z 448 -6.91 -38.85 17.62
N GLU Z 449 -6.97 -39.14 18.92
CA GLU Z 449 -6.86 -38.13 19.96
C GLU Z 449 -5.49 -37.47 20.02
N PRO Z 450 -4.36 -38.21 19.93
CA PRO Z 450 -3.06 -37.52 19.97
C PRO Z 450 -2.90 -36.48 18.86
N LEU Z 451 -3.28 -36.82 17.62
CA LEU Z 451 -3.22 -35.83 16.56
C LEU Z 451 -4.23 -34.71 16.78
N ARG Z 452 -5.39 -35.03 17.35
CA ARG Z 452 -6.37 -33.99 17.67
C ARG Z 452 -5.80 -32.99 18.67
N GLN Z 453 -4.99 -33.45 19.61
CA GLN Z 453 -4.37 -32.56 20.58
C GLN Z 453 -3.18 -31.82 20.00
N ILE Z 454 -2.41 -32.47 19.11
CA ILE Z 454 -1.27 -31.80 18.49
C ILE Z 454 -1.74 -30.65 17.62
N VAL Z 455 -2.81 -30.85 16.86
CA VAL Z 455 -3.34 -29.78 16.03
C VAL Z 455 -4.00 -28.70 16.87
N ALA Z 456 -4.64 -29.08 17.98
CA ALA Z 456 -5.31 -28.11 18.83
C ALA Z 456 -4.32 -27.20 19.54
N ASN Z 457 -3.11 -27.68 19.80
CA ASN Z 457 -2.11 -26.85 20.47
C ASN Z 457 -1.61 -25.70 19.62
N THR Z 458 -1.97 -25.66 18.34
CA THR Z 458 -1.65 -24.51 17.50
C THR Z 458 -2.66 -23.38 17.66
N GLY Z 459 -3.81 -23.65 18.26
CA GLY Z 459 -4.82 -22.62 18.46
C GLY Z 459 -5.74 -22.38 17.29
N THR Z 460 -5.97 -23.39 16.46
CA THR Z 460 -6.83 -23.27 15.29
C THR Z 460 -8.17 -23.92 15.57
N THR Z 461 -9.25 -23.21 15.24
CA THR Z 461 -10.60 -23.77 15.32
C THR Z 461 -10.92 -24.70 14.16
N ASP Z 462 -10.06 -24.76 13.15
CA ASP Z 462 -10.25 -25.58 11.96
C ASP Z 462 -9.65 -26.97 12.10
N GLY Z 463 -9.13 -27.31 13.29
CA GLY Z 463 -8.40 -28.55 13.45
C GLY Z 463 -9.20 -29.79 13.11
N ALA Z 464 -10.53 -29.71 13.15
CA ALA Z 464 -11.35 -30.85 12.77
C ALA Z 464 -11.20 -31.18 11.29
N VAL Z 465 -10.92 -30.17 10.46
CA VAL Z 465 -10.71 -30.42 9.04
C VAL Z 465 -9.32 -31.00 8.80
N VAL Z 466 -8.33 -30.64 9.62
CA VAL Z 466 -6.99 -31.20 9.48
C VAL Z 466 -7.00 -32.69 9.73
N LEU Z 467 -7.73 -33.13 10.76
CA LEU Z 467 -7.80 -34.55 11.07
C LEU Z 467 -8.50 -35.32 9.95
N GLU Z 468 -9.38 -34.66 9.20
CA GLU Z 468 -10.09 -35.33 8.12
C GLU Z 468 -9.15 -35.64 6.96
N LYS Z 469 -8.27 -34.70 6.61
CA LYS Z 469 -7.38 -34.91 5.48
C LYS Z 469 -6.33 -35.99 5.78
N VAL Z 470 -5.91 -36.10 7.03
CA VAL Z 470 -4.89 -37.09 7.39
C VAL Z 470 -5.49 -38.49 7.38
N LYS Z 471 -6.75 -38.62 7.84
CA LYS Z 471 -7.38 -39.94 7.85
C LYS Z 471 -7.71 -40.43 6.45
N ASN Z 472 -8.08 -39.51 5.54
CA ASN Z 472 -8.40 -39.92 4.17
C ASN Z 472 -7.15 -40.34 3.41
N ALA Z 473 -6.11 -39.52 3.45
CA ALA Z 473 -4.86 -39.87 2.81
C ALA Z 473 -4.17 -41.03 3.53
N GLU Z 474 -3.29 -41.71 2.82
CA GLU Z 474 -2.60 -42.88 3.35
C GLU Z 474 -1.09 -42.64 3.29
N GLY Z 475 -0.34 -43.65 3.74
CA GLY Z 475 1.11 -43.58 3.71
C GLY Z 475 1.68 -42.71 4.82
N ASP Z 476 2.79 -42.05 4.52
CA ASP Z 476 3.46 -41.17 5.46
C ASP Z 476 2.98 -39.73 5.38
N TYR Z 477 1.96 -39.46 4.55
CA TYR Z 477 1.44 -38.11 4.42
C TYR Z 477 0.67 -37.73 5.68
N GLY Z 478 1.06 -36.62 6.30
CA GLY Z 478 0.42 -36.17 7.51
C GLY Z 478 0.61 -34.68 7.70
N PHE Z 479 0.11 -34.18 8.82
CA PHE Z 479 0.19 -32.76 9.14
C PHE Z 479 1.43 -32.50 9.98
N ASN Z 480 2.25 -31.53 9.55
CA ASN Z 480 3.44 -31.13 10.27
C ASN Z 480 3.13 -29.88 11.09
N ALA Z 481 3.21 -30.02 12.41
CA ALA Z 481 2.72 -28.96 13.30
C ALA Z 481 3.68 -27.78 13.41
N ARG Z 482 4.98 -27.99 13.18
CA ARG Z 482 5.93 -26.89 13.33
C ARG Z 482 5.87 -25.94 12.13
N THR Z 483 5.73 -26.48 10.92
CA THR Z 483 5.57 -25.65 9.72
C THR Z 483 4.11 -25.39 9.38
N GLU Z 484 3.17 -26.06 10.05
CA GLU Z 484 1.74 -25.87 9.83
C GLU Z 484 1.36 -26.12 8.36
N GLN Z 485 2.02 -27.09 7.74
CA GLN Z 485 1.78 -27.44 6.36
C GLN Z 485 1.80 -28.95 6.19
N TYR Z 486 1.02 -29.44 5.23
CA TYR Z 486 0.93 -30.87 4.96
C TYR Z 486 2.19 -31.31 4.20
N GLU Z 487 2.89 -32.30 4.73
CA GLU Z 487 4.13 -32.80 4.15
C GLU Z 487 4.14 -34.32 4.26
N ASN Z 488 5.27 -34.93 3.88
CA ASN Z 488 5.53 -36.33 4.15
C ASN Z 488 6.41 -36.39 5.39
N LEU Z 489 5.87 -36.92 6.49
CA LEU Z 489 6.51 -36.75 7.79
C LEU Z 489 7.83 -37.50 7.86
N ILE Z 490 7.86 -38.75 7.40
CA ILE Z 490 9.11 -39.51 7.41
C ILE Z 490 10.14 -38.84 6.50
N GLU Z 491 9.68 -38.30 5.37
CA GLU Z 491 10.58 -37.56 4.49
C GLU Z 491 10.99 -36.23 5.10
N ALA Z 492 10.15 -35.64 5.94
CA ALA Z 492 10.44 -34.38 6.59
C ALA Z 492 11.16 -34.55 7.92
N GLY Z 493 11.46 -35.78 8.33
CA GLY Z 493 12.18 -36.02 9.56
C GLY Z 493 11.34 -36.21 10.80
N VAL Z 494 10.02 -36.26 10.67
CA VAL Z 494 9.14 -36.47 11.81
C VAL Z 494 8.86 -37.97 11.92
N VAL Z 495 9.42 -38.59 12.96
CA VAL Z 495 9.27 -40.03 13.16
C VAL Z 495 9.30 -40.30 14.67
N ASP Z 496 8.68 -41.40 15.07
CA ASP Z 496 8.72 -41.88 16.43
C ASP Z 496 9.15 -43.33 16.44
N PRO Z 497 9.97 -43.74 17.41
CA PRO Z 497 10.30 -45.17 17.53
C PRO Z 497 9.04 -45.99 17.77
N THR Z 498 9.02 -47.18 17.17
CA THR Z 498 7.85 -48.05 17.31
C THR Z 498 7.60 -48.42 18.77
N LYS Z 499 8.68 -48.60 19.55
CA LYS Z 499 8.52 -48.92 20.97
C LYS Z 499 7.84 -47.79 21.72
N VAL Z 500 8.02 -46.55 21.28
CA VAL Z 500 7.37 -45.42 21.95
C VAL Z 500 5.87 -45.43 21.70
N THR Z 501 5.48 -45.62 20.44
CA THR Z 501 4.07 -45.55 20.08
C THR Z 501 3.28 -46.74 20.64
N ARG Z 502 3.83 -47.94 20.52
CA ARG Z 502 3.11 -49.12 20.99
C ARG Z 502 3.00 -49.14 22.51
N SER Z 503 4.00 -48.59 23.22
CA SER Z 503 3.93 -48.56 24.67
C SER Z 503 2.90 -47.55 25.16
N ALA Z 504 2.82 -46.40 24.48
CA ALA Z 504 1.83 -45.39 24.86
C ALA Z 504 0.41 -45.93 24.74
N LEU Z 505 0.15 -46.78 23.75
CA LEU Z 505 -1.18 -47.35 23.58
C LEU Z 505 -1.45 -48.45 24.60
N GLU Z 506 -0.46 -49.31 24.84
CA GLU Z 506 -0.67 -50.43 25.77
C GLU Z 506 -0.79 -49.93 27.21
N ASN Z 507 0.05 -48.98 27.61
CA ASN Z 507 -0.01 -48.46 28.97
C ASN Z 507 -1.33 -47.72 29.22
N ALA Z 508 -1.73 -46.87 28.28
CA ALA Z 508 -2.97 -46.12 28.45
C ALA Z 508 -4.17 -47.06 28.51
N ALA Z 509 -4.18 -48.10 27.68
CA ALA Z 509 -5.26 -49.08 27.72
C ALA Z 509 -5.21 -49.90 28.99
N SER Z 510 -4.02 -50.07 29.57
CA SER Z 510 -3.90 -50.84 30.80
C SER Z 510 -4.50 -50.09 31.99
N VAL Z 511 -4.11 -48.83 32.17
CA VAL Z 511 -4.60 -48.05 33.31
C VAL Z 511 -6.09 -47.74 33.15
N ALA Z 512 -6.56 -47.51 31.92
CA ALA Z 512 -7.98 -47.23 31.72
C ALA Z 512 -8.83 -48.47 31.97
N SER Z 513 -8.30 -49.66 31.66
CA SER Z 513 -9.05 -50.89 31.94
C SER Z 513 -9.14 -51.18 33.43
N ILE Z 514 -8.10 -50.84 34.19
CA ILE Z 514 -8.15 -51.03 35.64
C ILE Z 514 -9.21 -50.13 36.26
N LEU Z 515 -9.28 -48.87 35.80
CA LEU Z 515 -10.25 -47.94 36.37
C LEU Z 515 -11.68 -48.30 35.97
N LEU Z 516 -11.86 -48.80 34.74
CA LEU Z 516 -13.20 -49.19 34.30
C LEU Z 516 -13.73 -50.38 35.07
N THR Z 517 -12.85 -51.27 35.54
CA THR Z 517 -13.25 -52.43 36.31
C THR Z 517 -13.20 -52.19 37.82
N THR Z 518 -12.91 -50.98 38.24
CA THR Z 518 -12.80 -50.65 39.67
C THR Z 518 -14.19 -50.35 40.22
N GLU Z 519 -14.66 -51.17 41.15
CA GLU Z 519 -15.94 -50.95 41.80
C GLU Z 519 -15.83 -50.33 43.19
N ALA Z 520 -14.62 -50.12 43.70
CA ALA Z 520 -14.46 -49.59 45.05
C ALA Z 520 -13.16 -48.79 45.16
N ALA Z 521 -13.22 -47.69 45.91
CA ALA Z 521 -12.06 -46.84 46.18
C ALA Z 521 -12.02 -46.57 47.67
N ILE Z 522 -10.91 -46.93 48.30
CA ILE Z 522 -10.74 -46.81 49.75
C ILE Z 522 -9.66 -45.78 50.02
N THR Z 523 -10.04 -44.69 50.70
CA THR Z 523 -9.12 -43.63 51.05
C THR Z 523 -9.18 -43.37 52.55
N ASP Z 524 -8.11 -42.77 53.07
CA ASP Z 524 -8.05 -42.44 54.49
C ASP Z 524 -8.90 -41.21 54.79
N VAL Z 525 -9.32 -41.11 56.05
CA VAL Z 525 -10.10 -39.97 56.50
C VAL Z 525 -9.20 -38.77 56.71
N LYS Z 526 -9.75 -37.58 56.52
CA LYS Z 526 -8.99 -36.34 56.69
C LYS Z 526 -8.86 -35.98 58.17
N THR AA 2 3.37 -31.34 47.72
CA THR AA 2 2.23 -30.54 48.13
C THR AA 2 1.16 -30.52 47.03
N ALA AA 3 -0.10 -30.39 47.43
CA ALA AA 3 -1.19 -30.34 46.48
C ALA AA 3 -1.14 -29.06 45.66
N LYS AA 4 -1.77 -29.10 44.49
CA LYS AA 4 -1.67 -28.01 43.53
C LYS AA 4 -3.06 -27.55 43.10
N ASP AA 5 -3.19 -26.26 42.87
CA ASP AA 5 -4.35 -25.66 42.22
C ASP AA 5 -3.94 -25.22 40.81
N ILE AA 6 -4.81 -25.50 39.84
CA ILE AA 6 -4.49 -25.27 38.44
C ILE AA 6 -5.57 -24.39 37.83
N LEU AA 7 -5.14 -23.33 37.15
CA LEU AA 7 -6.01 -22.51 36.32
C LEU AA 7 -5.66 -22.71 34.86
N PHE AA 8 -6.68 -22.74 34.00
CA PHE AA 8 -6.49 -23.03 32.58
C PHE AA 8 -6.88 -21.83 31.74
N ASP AA 9 -6.29 -21.78 30.54
CA ASP AA 9 -6.64 -20.85 29.45
C ASP AA 9 -6.87 -19.42 29.93
N ALA AA 10 -8.00 -18.83 29.54
CA ALA AA 10 -8.24 -17.41 29.81
C ALA AA 10 -8.32 -17.12 31.30
N GLU AA 11 -8.85 -18.04 32.10
CA GLU AA 11 -8.94 -17.81 33.54
C GLU AA 11 -7.55 -17.71 34.17
N ALA AA 12 -6.57 -18.41 33.59
CA ALA AA 12 -5.21 -18.33 34.10
C ALA AA 12 -4.51 -17.05 33.65
N ARG AA 13 -4.69 -16.68 32.38
CA ARG AA 13 -3.99 -15.50 31.86
C ARG AA 13 -4.56 -14.21 32.44
N THR AA 14 -5.88 -14.15 32.64
CA THR AA 14 -6.48 -12.95 33.23
C THR AA 14 -6.00 -12.75 34.66
N LYS AA 15 -5.90 -13.82 35.43
CA LYS AA 15 -5.37 -13.71 36.79
C LYS AA 15 -3.91 -13.27 36.77
N LEU AA 16 -3.14 -13.76 35.79
CA LEU AA 16 -1.76 -13.32 35.65
C LEU AA 16 -1.67 -11.84 35.31
N LYS AA 17 -2.62 -11.34 34.52
CA LYS AA 17 -2.62 -9.92 34.17
C LYS AA 17 -2.78 -9.04 35.40
N VAL AA 18 -3.56 -9.49 36.38
CA VAL AA 18 -3.74 -8.73 37.62
C VAL AA 18 -2.41 -8.55 38.32
N GLY AA 19 -1.59 -9.61 38.37
CA GLY AA 19 -0.28 -9.49 38.99
C GLY AA 19 0.67 -8.62 38.20
N VAL AA 20 0.58 -8.68 36.87
CA VAL AA 20 1.43 -7.83 36.04
C VAL AA 20 1.02 -6.36 36.19
N ASP AA 21 -0.29 -6.10 36.28
CA ASP AA 21 -0.76 -4.73 36.41
C ASP AA 21 -0.33 -4.11 37.73
N LYS AA 22 -0.45 -4.86 38.83
CA LYS AA 22 -0.05 -4.32 40.13
C LYS AA 22 1.44 -3.98 40.15
N LEU AA 23 2.26 -4.79 39.49
CA LEU AA 23 3.68 -4.49 39.39
C LEU AA 23 3.92 -3.26 38.54
N ALA AA 24 3.27 -3.20 37.36
CA ALA AA 24 3.52 -2.10 36.43
C ALA AA 24 2.97 -0.79 36.97
N ASN AA 25 1.72 -0.79 37.43
CA ASN AA 25 1.09 0.45 37.88
C ASN AA 25 1.84 1.08 39.05
N ALA AA 26 2.50 0.26 39.87
CA ALA AA 26 3.25 0.80 41.00
C ALA AA 26 4.60 1.35 40.57
N VAL AA 27 5.30 0.65 39.67
CA VAL AA 27 6.64 1.07 39.29
C VAL AA 27 6.62 2.19 38.25
N LYS AA 28 5.55 2.27 37.44
CA LYS AA 28 5.54 3.21 36.32
C LYS AA 28 5.30 4.66 36.73
N VAL AA 29 4.93 4.91 37.99
CA VAL AA 29 4.80 6.29 38.45
C VAL AA 29 6.14 6.95 38.71
N THR AA 30 7.23 6.18 38.71
CA THR AA 30 8.57 6.69 38.90
C THR AA 30 9.31 6.93 37.58
N LEU AA 31 8.66 6.73 36.45
CA LEU AA 31 9.35 6.77 35.17
C LEU AA 31 9.66 8.20 34.76
N GLY AA 32 10.89 8.41 34.28
CA GLY AA 32 11.31 9.69 33.75
C GLY AA 32 11.66 10.71 34.82
N PRO AA 33 12.03 11.91 34.38
CA PRO AA 33 12.30 12.99 35.35
C PRO AA 33 11.07 13.48 36.08
N ALA AA 34 9.88 13.21 35.56
CA ALA AA 34 8.63 13.59 36.20
C ALA AA 34 8.11 12.54 37.15
N GLY AA 35 8.87 11.46 37.38
CA GLY AA 35 8.39 10.39 38.24
C GLY AA 35 8.09 10.89 39.64
N ARG AA 36 7.08 10.26 40.25
CA ARG AA 36 6.57 10.67 41.54
C ARG AA 36 7.19 9.85 42.66
N ASN AA 37 6.83 10.19 43.90
CA ASN AA 37 7.32 9.48 45.07
C ASN AA 37 6.50 8.23 45.34
N VAL AA 38 7.17 7.20 45.85
CA VAL AA 38 6.53 5.98 46.30
C VAL AA 38 7.00 5.71 47.73
N LEU AA 39 6.06 5.75 48.67
CA LEU AA 39 6.38 5.50 50.07
C LEU AA 39 6.35 4.00 50.34
N ILE AA 40 7.41 3.48 50.95
CA ILE AA 40 7.52 2.06 51.27
C ILE AA 40 7.62 1.92 52.79
N ASP AA 41 6.67 1.19 53.37
CA ASP AA 41 6.59 1.05 54.82
C ASP AA 41 7.80 0.28 55.35
N LYS AA 42 8.19 0.62 56.58
CA LYS AA 42 9.28 -0.03 57.29
C LYS AA 42 8.77 -0.63 58.59
N LYS AA 43 9.67 -1.28 59.32
CA LYS AA 43 9.29 -1.89 60.60
C LYS AA 43 9.01 -0.83 61.65
N PHE AA 44 9.90 0.13 61.80
CA PHE AA 44 9.74 1.19 62.79
C PHE AA 44 10.32 2.48 62.23
N GLY AA 45 9.74 3.60 62.66
CA GLY AA 45 10.21 4.91 62.23
C GLY AA 45 9.53 5.42 60.98
N ALA AA 46 10.21 6.29 60.24
CA ALA AA 46 9.63 6.88 59.04
C ALA AA 46 9.78 5.92 57.86
N PRO AA 47 8.80 5.91 56.95
CA PRO AA 47 8.89 5.05 55.77
C PRO AA 47 9.92 5.55 54.77
N THR AA 48 10.30 4.66 53.86
CA THR AA 48 11.26 4.98 52.81
C THR AA 48 10.54 5.67 51.66
N SER AA 49 10.99 6.88 51.31
CA SER AA 49 10.47 7.61 50.17
C SER AA 49 11.48 7.51 49.03
N THR AA 50 11.04 6.95 47.91
CA THR AA 50 11.95 6.69 46.79
C THR AA 50 11.26 6.94 45.47
N LYS AA 51 11.98 7.59 44.55
CA LYS AA 51 11.58 7.69 43.16
C LYS AA 51 12.26 6.65 42.28
N ASP AA 52 13.06 5.76 42.86
CA ASP AA 52 13.77 4.76 42.08
C ASP AA 52 12.82 3.66 41.63
N GLY AA 53 13.02 3.18 40.40
CA GLY AA 53 12.19 2.14 39.84
C GLY AA 53 12.50 0.76 40.37
N VAL AA 54 13.78 0.43 40.52
CA VAL AA 54 14.14 -0.90 41.01
C VAL AA 54 13.75 -1.05 42.48
N THR AA 55 13.77 0.04 43.24
CA THR AA 55 13.42 -0.05 44.66
C THR AA 55 11.95 -0.43 44.83
N VAL AA 56 11.06 0.14 44.01
CA VAL AA 56 9.65 -0.21 44.09
C VAL AA 56 9.42 -1.63 43.61
N ALA AA 57 10.13 -2.04 42.55
CA ALA AA 57 9.94 -3.37 42.01
C ALA AA 57 10.43 -4.46 42.95
N LYS AA 58 11.51 -4.20 43.69
CA LYS AA 58 12.04 -5.20 44.61
C LYS AA 58 11.07 -5.48 45.75
N GLU AA 59 10.30 -4.49 46.16
CA GLU AA 59 9.41 -4.62 47.31
C GLU AA 59 8.05 -5.22 46.95
N ILE AA 60 7.75 -5.43 45.68
CA ILE AA 60 6.42 -5.83 45.25
C ILE AA 60 6.29 -7.35 45.35
N GLU AA 61 5.37 -7.81 46.19
CA GLU AA 61 5.01 -9.21 46.31
C GLU AA 61 3.52 -9.26 46.63
N LEU AA 62 2.82 -10.23 46.05
CA LEU AA 62 1.37 -10.28 46.11
C LEU AA 62 0.90 -11.50 46.89
N VAL AA 63 -0.31 -11.40 47.45
CA VAL AA 63 -0.84 -12.46 48.29
C VAL AA 63 -1.28 -13.65 47.44
N ASP AA 64 -2.02 -13.39 46.38
CA ASP AA 64 -2.52 -14.46 45.53
C ASP AA 64 -1.36 -15.15 44.82
N PRO AA 65 -1.27 -16.49 44.87
CA PRO AA 65 -0.13 -17.17 44.22
C PRO AA 65 -0.09 -16.97 42.72
N VAL AA 66 -1.23 -17.03 42.04
CA VAL AA 66 -1.24 -16.87 40.59
C VAL AA 66 -0.93 -15.42 40.21
N GLU AA 67 -1.45 -14.47 40.99
CA GLU AA 67 -1.16 -13.06 40.72
C GLU AA 67 0.32 -12.75 40.93
N ASN AA 68 0.86 -13.11 42.09
CA ASN AA 68 2.28 -12.89 42.35
C ASN AA 68 3.14 -13.64 41.35
N MET AA 69 2.64 -14.76 40.81
CA MET AA 69 3.40 -15.53 39.84
C MET AA 69 3.63 -14.73 38.56
N GLY AA 70 2.57 -14.09 38.05
CA GLY AA 70 2.72 -13.21 36.89
C GLY AA 70 3.49 -11.95 37.20
N ALA AA 71 3.51 -11.51 38.46
CA ALA AA 71 4.28 -10.32 38.81
C ALA AA 71 5.77 -10.62 38.84
N GLN AA 72 6.15 -11.80 39.34
CA GLN AA 72 7.55 -12.19 39.36
C GLN AA 72 8.09 -12.51 37.97
N MET AA 73 7.21 -12.89 37.03
CA MET AA 73 7.63 -13.14 35.66
C MET AA 73 8.17 -11.87 35.03
N VAL AA 74 7.38 -10.80 35.02
CA VAL AA 74 7.82 -9.55 34.44
C VAL AA 74 8.96 -8.94 35.25
N ARG AA 75 8.94 -9.13 36.57
CA ARG AA 75 9.95 -8.52 37.44
C ARG AA 75 11.34 -9.08 37.14
N GLU AA 76 11.45 -10.40 36.95
CA GLU AA 76 12.76 -10.99 36.69
C GLU AA 76 13.26 -10.65 35.30
N VAL AA 77 12.37 -10.73 34.29
CA VAL AA 77 12.80 -10.46 32.91
C VAL AA 77 13.17 -9.00 32.75
N ALA AA 78 12.37 -8.08 33.32
CA ALA AA 78 12.69 -6.67 33.21
C ALA AA 78 13.91 -6.27 34.03
N SER AA 79 14.30 -7.09 35.01
CA SER AA 79 15.49 -6.81 35.80
C SER AA 79 16.77 -7.14 35.05
N LYS AA 80 16.68 -7.92 33.97
CA LYS AA 80 17.85 -8.22 33.15
C LYS AA 80 18.18 -7.12 32.15
N THR AA 81 17.36 -6.06 32.10
CA THR AA 81 17.67 -4.90 31.26
C THR AA 81 18.71 -4.03 31.94
N SER AA 82 18.35 -3.47 33.11
CA SER AA 82 19.30 -2.67 33.89
C SER AA 82 20.44 -3.49 34.46
N ASP AA 83 20.38 -4.83 34.37
CA ASP AA 83 21.49 -5.65 34.83
C ASP AA 83 22.68 -5.52 33.87
N VAL AA 84 22.44 -5.78 32.59
CA VAL AA 84 23.52 -5.66 31.60
C VAL AA 84 23.69 -4.21 31.16
N ALA AA 85 22.59 -3.50 30.91
CA ALA AA 85 22.62 -2.19 30.32
C ALA AA 85 22.58 -1.04 31.32
N GLY AA 86 22.44 -1.33 32.61
CA GLY AA 86 22.48 -0.32 33.65
C GLY AA 86 21.20 0.45 33.86
N ASP AA 87 20.25 0.38 32.93
CA ASP AA 87 19.00 1.11 33.04
C ASP AA 87 17.97 0.46 32.13
N GLY AA 88 16.78 1.04 32.08
CA GLY AA 88 15.71 0.54 31.24
C GLY AA 88 14.84 -0.52 31.88
N THR AA 89 14.94 -0.73 33.19
CA THR AA 89 14.18 -1.78 33.84
C THR AA 89 12.72 -1.39 34.04
N THR AA 90 12.47 -0.13 34.41
CA THR AA 90 11.09 0.33 34.55
C THR AA 90 10.42 0.45 33.18
N THR AA 91 11.18 0.85 32.17
CA THR AA 91 10.64 0.94 30.82
C THR AA 91 10.21 -0.43 30.31
N ALA AA 92 11.00 -1.47 30.61
CA ALA AA 92 10.63 -2.82 30.21
C ALA AA 92 9.35 -3.27 30.87
N THR AA 93 9.08 -2.80 32.08
CA THR AA 93 7.84 -3.17 32.76
C THR AA 93 6.63 -2.49 32.12
N VAL AA 94 6.76 -1.21 31.77
CA VAL AA 94 5.68 -0.50 31.10
C VAL AA 94 5.39 -1.12 29.74
N LEU AA 95 6.45 -1.42 28.98
CA LEU AA 95 6.27 -2.04 27.67
C LEU AA 95 5.62 -3.42 27.80
N ALA AA 96 6.02 -4.19 28.81
CA ALA AA 96 5.44 -5.52 28.99
C ALA AA 96 3.96 -5.45 29.33
N GLN AA 97 3.54 -4.40 30.04
CA GLN AA 97 2.11 -4.27 30.37
C GLN AA 97 1.30 -3.93 29.13
N ALA AA 98 1.79 -3.03 28.28
CA ALA AA 98 1.04 -2.63 27.09
C ALA AA 98 0.94 -3.77 26.09
N ILE AA 99 2.03 -4.55 25.94
CA ILE AA 99 2.01 -5.65 24.98
C ILE AA 99 1.08 -6.76 25.46
N TYR AA 100 1.16 -7.12 26.74
CA TYR AA 100 0.35 -8.22 27.24
C TYR AA 100 -1.12 -7.86 27.36
N ARG AA 101 -1.44 -6.59 27.62
CA ARG AA 101 -2.83 -6.18 27.69
C ARG AA 101 -3.51 -6.29 26.33
N GLU AA 102 -2.90 -5.70 25.30
CA GLU AA 102 -3.48 -5.77 23.96
C GLU AA 102 -3.44 -7.19 23.42
N GLY AA 103 -2.46 -8.00 23.84
CA GLY AA 103 -2.41 -9.39 23.44
C GLY AA 103 -3.61 -10.16 23.93
N LEU AA 104 -3.85 -10.14 25.25
CA LEU AA 104 -5.03 -10.79 25.80
C LEU AA 104 -6.31 -10.21 25.22
N LYS AA 105 -6.32 -8.91 24.96
CA LYS AA 105 -7.51 -8.27 24.42
C LYS AA 105 -7.87 -8.85 23.05
N ASN AA 106 -6.86 -9.11 22.22
CA ASN AA 106 -7.11 -9.70 20.91
C ASN AA 106 -7.33 -11.20 20.97
N VAL AA 107 -6.72 -11.89 21.95
CA VAL AA 107 -6.98 -13.32 22.12
C VAL AA 107 -8.44 -13.57 22.42
N THR AA 108 -9.04 -12.76 23.29
CA THR AA 108 -10.46 -12.86 23.57
C THR AA 108 -11.29 -12.62 22.30
N ALA AA 109 -10.81 -11.73 21.42
CA ALA AA 109 -11.51 -11.46 20.17
C ALA AA 109 -11.41 -12.60 19.17
N GLY AA 110 -10.65 -13.65 19.47
CA GLY AA 110 -10.52 -14.80 18.59
C GLY AA 110 -9.21 -14.91 17.85
N ALA AA 111 -8.25 -14.02 18.10
CA ALA AA 111 -6.95 -14.13 17.45
C ALA AA 111 -6.14 -15.27 18.04
N ARG AA 112 -5.36 -15.92 17.18
CA ARG AA 112 -4.54 -17.04 17.61
C ARG AA 112 -3.38 -16.54 18.48
N PRO AA 113 -3.14 -17.14 19.65
CA PRO AA 113 -2.05 -16.65 20.50
C PRO AA 113 -0.67 -16.83 19.88
N ILE AA 114 -0.42 -17.96 19.22
CA ILE AA 114 0.92 -18.21 18.69
C ILE AA 114 1.19 -17.31 17.48
N ASP AA 115 0.16 -16.97 16.71
CA ASP AA 115 0.36 -16.02 15.62
C ASP AA 115 0.57 -14.62 16.13
N LEU AA 116 0.01 -14.28 17.30
CA LEU AA 116 0.32 -13.00 17.92
C LEU AA 116 1.78 -12.94 18.35
N LYS AA 117 2.30 -14.05 18.90
CA LYS AA 117 3.70 -14.08 19.29
C LYS AA 117 4.62 -13.85 18.09
N ARG AA 118 4.28 -14.44 16.93
CA ARG AA 118 5.08 -14.25 15.73
C ARG AA 118 5.06 -12.80 15.28
N GLY AA 119 3.89 -12.16 15.31
CA GLY AA 119 3.82 -10.76 14.95
C GLY AA 119 4.60 -9.88 15.90
N ILE AA 120 4.58 -10.19 17.19
CA ILE AA 120 5.34 -9.44 18.17
C ILE AA 120 6.84 -9.57 17.88
N ASP AA 121 7.30 -10.80 17.67
CA ASP AA 121 8.73 -11.04 17.48
C ASP AA 121 9.23 -10.43 16.16
N ARG AA 122 8.45 -10.57 15.08
CA ARG AA 122 8.87 -9.99 13.81
C ARG AA 122 8.92 -8.47 13.90
N ALA AA 123 8.03 -7.86 14.66
CA ALA AA 123 8.03 -6.41 14.79
C ALA AA 123 9.20 -5.93 15.64
N VAL AA 124 9.58 -6.70 16.67
CA VAL AA 124 10.67 -6.29 17.53
C VAL AA 124 11.99 -6.31 16.77
N LYS AA 125 12.22 -7.35 15.97
CA LYS AA 125 13.44 -7.43 15.18
C LYS AA 125 13.59 -6.22 14.26
N GLU AA 126 12.49 -5.78 13.66
CA GLU AA 126 12.55 -4.63 12.76
C GLU AA 126 12.68 -3.33 13.54
N VAL AA 127 12.13 -3.26 14.75
CA VAL AA 127 12.29 -2.06 15.56
C VAL AA 127 13.73 -1.95 16.06
N VAL AA 128 14.29 -3.05 16.54
CA VAL AA 128 15.68 -3.05 16.99
C VAL AA 128 16.60 -2.70 15.83
N ALA AA 129 16.29 -3.17 14.63
CA ALA AA 129 17.08 -2.83 13.46
C ALA AA 129 17.04 -1.33 13.19
N GLU AA 130 15.84 -0.77 13.08
CA GLU AA 130 15.71 0.68 12.89
C GLU AA 130 16.19 1.47 14.10
N LEU AA 131 16.24 0.84 15.28
CA LEU AA 131 16.74 1.52 16.46
C LEU AA 131 18.25 1.76 16.36
N ARG AA 132 18.98 0.82 15.74
CA ARG AA 132 20.42 1.00 15.57
C ARG AA 132 20.77 2.00 14.48
N ASN AA 133 19.87 2.24 13.53
CA ASN AA 133 20.12 3.23 12.49
C ASN AA 133 20.18 4.64 13.08
N ILE AA 134 19.20 4.98 13.92
CA ILE AA 134 19.18 6.28 14.57
C ILE AA 134 20.28 6.43 15.62
N SER AA 135 20.92 5.33 15.99
CA SER AA 135 21.93 5.38 17.04
C SER AA 135 23.20 6.05 16.53
N ARG AA 136 23.82 6.86 17.39
CA ARG AA 136 25.09 7.52 17.11
C ARG AA 136 26.18 6.79 17.87
N SER AA 137 27.13 6.20 17.13
CA SER AA 137 28.23 5.48 17.77
C SER AA 137 29.09 6.44 18.58
N ILE AA 138 29.66 5.92 19.66
CA ILE AA 138 30.53 6.69 20.55
C ILE AA 138 31.89 6.02 20.56
N SER AA 139 32.89 6.71 20.02
CA SER AA 139 34.25 6.19 19.97
C SER AA 139 35.23 7.34 20.06
N GLY AA 140 36.36 7.08 20.69
CA GLY AA 140 37.35 8.14 20.87
C GLY AA 140 37.16 8.89 22.18
N LYS AA 141 38.26 9.42 22.70
CA LYS AA 141 38.24 10.06 24.01
C LYS AA 141 37.43 11.36 24.01
N LYS AA 142 37.20 11.95 22.85
CA LYS AA 142 36.48 13.22 22.78
C LYS AA 142 35.03 13.05 23.22
N GLU AA 143 34.29 12.16 22.54
CA GLU AA 143 32.87 11.97 22.81
C GLU AA 143 32.59 10.93 23.89
N ILE AA 144 33.59 10.15 24.31
CA ILE AA 144 33.39 9.24 25.43
C ILE AA 144 33.31 10.03 26.73
N ALA AA 145 34.20 11.00 26.91
CA ALA AA 145 34.13 11.86 28.09
C ALA AA 145 32.88 12.75 28.05
N GLN AA 146 32.36 13.03 26.86
CA GLN AA 146 31.15 13.84 26.76
C GLN AA 146 29.92 13.04 27.16
N VAL AA 147 29.87 11.76 26.80
CA VAL AA 147 28.77 10.91 27.24
C VAL AA 147 28.84 10.69 28.75
N GLY AA 148 30.03 10.46 29.29
CA GLY AA 148 30.20 10.32 30.71
C GLY AA 148 29.94 11.60 31.49
N THR AA 149 29.95 12.75 30.82
CA THR AA 149 29.68 14.02 31.48
C THR AA 149 28.18 14.22 31.73
N ILE AA 150 27.36 13.87 30.74
CA ILE AA 150 25.91 14.04 30.89
C ILE AA 150 25.38 13.09 31.95
N SER AA 151 25.82 11.83 31.94
CA SER AA 151 25.42 10.87 32.96
C SER AA 151 25.96 11.22 34.34
N ALA AA 152 26.93 12.12 34.42
CA ALA AA 152 27.45 12.62 35.70
C ALA AA 152 26.75 13.89 36.15
N ASN AA 153 25.71 14.32 35.43
CA ASN AA 153 24.96 15.55 35.70
C ASN AA 153 25.88 16.78 35.61
N ASN AA 154 26.31 17.04 34.37
CA ASN AA 154 27.08 18.23 34.01
C ASN AA 154 28.39 18.32 34.79
N ASP AA 155 29.09 17.19 34.91
CA ASP AA 155 30.38 17.18 35.58
C ASP AA 155 31.47 16.87 34.55
N PRO AA 156 32.27 17.85 34.13
CA PRO AA 156 33.31 17.55 33.13
C PRO AA 156 34.44 16.71 33.68
N GLU AA 157 34.72 16.77 34.99
CA GLU AA 157 35.85 16.03 35.54
C GLU AA 157 35.55 14.54 35.64
N ILE AA 158 34.30 14.20 35.97
CA ILE AA 158 33.94 12.78 36.10
C ILE AA 158 33.98 12.10 34.74
N GLY AA 159 33.41 12.75 33.71
CA GLY AA 159 33.43 12.16 32.38
C GLY AA 159 34.84 12.05 31.81
N GLU AA 160 35.69 13.03 32.12
CA GLU AA 160 37.07 12.99 31.61
C GLU AA 160 37.83 11.81 32.20
N LEU AA 161 37.56 11.47 33.46
CA LEU AA 161 38.22 10.32 34.07
C LEU AA 161 37.76 9.02 33.44
N ILE AA 162 36.51 8.96 32.97
CA ILE AA 162 36.02 7.75 32.32
C ILE AA 162 36.74 7.49 31.01
N ALA AA 163 36.95 8.54 30.21
CA ALA AA 163 37.65 8.38 28.94
C ALA AA 163 39.10 7.97 29.15
N GLU AA 164 39.74 8.45 30.22
CA GLU AA 164 41.10 8.03 30.50
C GLU AA 164 41.15 6.61 31.07
N ALA AA 165 40.12 6.21 31.80
CA ALA AA 165 40.08 4.86 32.36
C ALA AA 165 39.87 3.82 31.27
N MET AA 166 38.90 4.06 30.37
CA MET AA 166 38.67 3.15 29.26
C MET AA 166 39.76 3.20 28.21
N ASP AA 167 40.69 4.16 28.31
CA ASP AA 167 41.79 4.23 27.35
C ASP AA 167 42.89 3.23 27.69
N LYS AA 168 43.21 3.08 28.97
CA LYS AA 168 44.33 2.22 29.37
C LYS AA 168 43.98 0.75 29.17
N VAL AA 169 42.86 0.30 29.76
CA VAL AA 169 42.49 -1.11 29.70
C VAL AA 169 41.66 -1.45 28.48
N GLY AA 170 41.15 -0.45 27.76
CA GLY AA 170 40.32 -0.69 26.61
C GLY AA 170 38.83 -0.60 26.93
N LYS AA 171 38.04 -0.42 25.88
CA LYS AA 171 36.60 -0.29 26.05
C LYS AA 171 35.95 -1.60 26.50
N ASP AA 172 36.60 -2.73 26.23
CA ASP AA 172 36.15 -4.02 26.73
C ASP AA 172 36.83 -4.45 28.02
N GLY AA 173 37.68 -3.59 28.58
CA GLY AA 173 38.44 -3.95 29.77
C GLY AA 173 37.58 -3.94 31.02
N VAL AA 174 38.27 -3.98 32.16
CA VAL AA 174 37.65 -4.04 33.47
C VAL AA 174 37.89 -2.72 34.19
N ILE AA 175 36.81 -2.06 34.58
CA ILE AA 175 36.87 -0.80 35.31
C ILE AA 175 36.12 -0.96 36.62
N THR AA 176 36.65 -0.34 37.69
CA THR AA 176 36.01 -0.39 38.99
C THR AA 176 36.13 0.96 39.66
N VAL AA 177 35.15 1.27 40.52
CA VAL AA 177 35.08 2.54 41.23
C VAL AA 177 35.19 2.26 42.73
N GLU AA 178 36.12 2.93 43.39
CA GLU AA 178 36.32 2.80 44.82
C GLU AA 178 36.51 4.20 45.41
N GLU AA 179 36.45 4.28 46.74
CA GLU AA 179 36.62 5.55 47.42
C GLU AA 179 38.07 5.73 47.85
N ALA AA 180 38.35 6.88 48.46
CA ALA AA 180 39.70 7.20 48.92
C ALA AA 180 39.59 8.21 50.06
N LYS AA 181 40.73 8.67 50.55
CA LYS AA 181 40.80 9.63 51.65
C LYS AA 181 41.22 10.98 51.12
N GLY AA 182 40.41 12.00 51.40
CA GLY AA 182 40.73 13.35 50.98
C GLY AA 182 40.20 13.69 49.61
N MET AA 183 40.56 14.90 49.16
CA MET AA 183 40.15 15.40 47.85
C MET AA 183 40.85 14.69 46.70
N GLU AA 184 41.81 13.82 46.98
CA GLU AA 184 42.59 13.19 45.93
C GLU AA 184 41.73 12.29 45.07
N THR AA 185 41.74 12.52 43.75
CA THR AA 185 41.06 11.67 42.78
C THR AA 185 42.02 11.41 41.62
N GLU AA 186 42.40 10.16 41.43
CA GLU AA 186 43.37 9.79 40.39
C GLU AA 186 42.90 8.49 39.74
N LEU AA 187 43.75 7.95 38.87
CA LEU AA 187 43.50 6.70 38.18
C LEU AA 187 44.73 5.81 38.31
N LYS AA 188 44.52 4.57 38.73
CA LYS AA 188 45.61 3.61 38.94
C LYS AA 188 45.28 2.32 38.22
N VAL AA 189 46.13 1.94 37.27
CA VAL AA 189 45.96 0.69 36.53
C VAL AA 189 46.80 -0.38 37.20
N VAL AA 190 46.16 -1.50 37.56
CA VAL AA 190 46.83 -2.59 38.24
C VAL AA 190 46.66 -3.87 37.42
N GLU AA 191 47.18 -4.98 37.94
CA GLU AA 191 47.11 -6.28 37.27
C GLU AA 191 46.03 -7.13 37.94
N GLY AA 192 44.98 -7.44 37.20
CA GLY AA 192 43.90 -8.25 37.73
C GLY AA 192 43.05 -8.80 36.60
N MET AA 193 41.99 -9.49 36.98
CA MET AA 193 41.06 -10.06 36.01
C MET AA 193 39.69 -10.23 36.66
N GLN AA 194 38.68 -10.39 35.81
CA GLN AA 194 37.31 -10.60 36.24
C GLN AA 194 36.73 -11.79 35.50
N PHE AA 195 36.11 -12.70 36.25
CA PHE AA 195 35.50 -13.90 35.67
C PHE AA 195 34.03 -13.97 36.04
N ASP AA 196 33.30 -14.81 35.30
CA ASP AA 196 31.85 -14.82 35.32
C ASP AA 196 31.25 -15.66 36.44
N ARG AA 197 32.09 -16.24 37.32
CA ARG AA 197 31.59 -17.01 38.45
C ARG AA 197 31.37 -16.08 39.63
N GLY AA 198 30.15 -16.08 40.17
CA GLY AA 198 29.80 -15.28 41.33
C GLY AA 198 29.73 -16.11 42.59
N TYR AA 199 29.07 -15.55 43.61
CA TYR AA 199 28.95 -16.24 44.88
C TYR AA 199 27.94 -17.39 44.76
N LEU AA 200 28.20 -18.45 45.52
CA LEU AA 200 27.30 -19.60 45.53
C LEU AA 200 26.06 -19.36 46.39
N SER AA 201 26.14 -18.44 47.36
CA SER AA 201 25.01 -18.15 48.22
C SER AA 201 24.81 -16.65 48.32
N PRO AA 202 23.57 -16.18 48.36
CA PRO AA 202 23.32 -14.73 48.47
C PRO AA 202 23.75 -14.15 49.81
N TYR AA 203 24.00 -14.97 50.82
CA TYR AA 203 24.34 -14.47 52.15
C TYR AA 203 25.78 -14.04 52.28
N PHE AA 204 26.61 -14.26 51.25
CA PHE AA 204 27.98 -13.75 51.27
C PHE AA 204 28.06 -12.26 50.99
N VAL AA 205 26.95 -11.63 50.61
CA VAL AA 205 26.95 -10.21 50.25
C VAL AA 205 27.29 -9.37 51.47
N THR AA 206 28.17 -8.37 51.26
CA THR AA 206 28.57 -7.50 52.36
C THR AA 206 27.44 -6.58 52.79
N ASN AA 207 26.83 -5.87 51.84
CA ASN AA 207 25.74 -4.95 52.14
C ASN AA 207 24.62 -5.16 51.13
N SER AA 208 23.38 -5.22 51.64
CA SER AA 208 22.23 -5.48 50.79
C SER AA 208 21.93 -4.35 49.81
N GLU AA 209 22.57 -3.19 49.96
CA GLU AA 209 22.36 -2.06 49.08
C GLU AA 209 22.66 -2.40 47.62
N THR AA 210 23.93 -2.67 47.32
CA THR AA 210 24.37 -2.95 45.95
C THR AA 210 24.41 -4.44 45.63
N MET AA 211 24.05 -5.29 46.59
CA MET AA 211 24.07 -6.75 46.40
C MET AA 211 25.45 -7.25 45.96
N GLU AA 212 26.49 -6.63 46.53
CA GLU AA 212 27.87 -7.00 46.23
C GLU AA 212 28.57 -7.42 47.52
N ALA AA 213 29.50 -8.37 47.38
CA ALA AA 213 30.34 -8.80 48.49
C ALA AA 213 31.70 -8.14 48.33
N GLU AA 214 32.00 -7.18 49.21
CA GLU AA 214 33.23 -6.41 49.13
C GLU AA 214 34.18 -6.86 50.23
N LEU AA 215 35.42 -7.15 49.84
CA LEU AA 215 36.44 -7.60 50.77
C LEU AA 215 37.67 -6.71 50.62
N ASP AA 216 38.26 -6.34 51.75
CA ASP AA 216 39.49 -5.57 51.76
C ASP AA 216 40.66 -6.48 51.40
N GLU AA 217 41.89 -6.00 51.57
CA GLU AA 217 43.06 -6.82 51.28
C GLU AA 217 42.99 -8.12 52.07
N ALA AA 218 43.05 -9.24 51.36
CA ALA AA 218 42.69 -10.53 51.93
C ALA AA 218 43.46 -11.63 51.20
N LEU AA 219 43.16 -12.87 51.57
CA LEU AA 219 43.82 -14.04 51.02
C LEU AA 219 42.84 -14.83 50.15
N ILE AA 220 43.38 -15.49 49.14
CA ILE AA 220 42.59 -16.27 48.18
C ILE AA 220 43.02 -17.73 48.29
N LEU AA 221 42.04 -18.62 48.43
CA LEU AA 221 42.28 -20.06 48.49
C LEU AA 221 41.92 -20.66 47.14
N ILE AA 222 42.94 -21.12 46.42
CA ILE AA 222 42.76 -21.70 45.09
C ILE AA 222 42.74 -23.22 45.24
N HIS AA 223 41.66 -23.84 44.78
CA HIS AA 223 41.49 -25.29 44.88
C HIS AA 223 40.86 -25.79 43.60
N ASP AA 224 41.39 -26.89 43.05
CA ASP AA 224 40.86 -27.45 41.82
C ASP AA 224 39.79 -28.52 42.05
N LYS AA 225 39.59 -28.94 43.30
CA LYS AA 225 38.64 -29.99 43.62
C LYS AA 225 37.38 -29.39 44.22
N LYS AA 226 36.40 -30.25 44.50
CA LYS AA 226 35.14 -29.85 45.10
C LYS AA 226 35.17 -30.15 46.59
N ILE AA 227 34.59 -29.26 47.39
CA ILE AA 227 34.56 -29.43 48.84
C ILE AA 227 33.11 -29.64 49.25
N SER AA 228 32.77 -30.87 49.57
CA SER AA 228 31.51 -31.22 50.23
C SER AA 228 31.67 -31.45 51.73
N ASN AA 229 32.89 -31.36 52.24
CA ASN AA 229 33.21 -31.77 53.61
C ASN AA 229 33.07 -30.63 54.61
N MET AA 230 33.88 -29.59 54.44
CA MET AA 230 34.04 -28.51 55.42
C MET AA 230 34.65 -29.04 56.73
N LYS AA 231 35.45 -30.09 56.62
CA LYS AA 231 36.18 -30.67 57.75
C LYS AA 231 37.67 -30.42 57.63
N GLU AA 232 38.32 -30.96 56.59
CA GLU AA 232 39.74 -30.73 56.37
C GLU AA 232 40.04 -29.29 55.94
N LEU AA 233 39.02 -28.50 55.62
CA LEU AA 233 39.23 -27.10 55.27
C LEU AA 233 39.36 -26.21 56.49
N LEU AA 234 38.91 -26.68 57.67
CA LEU AA 234 38.99 -25.85 58.87
C LEU AA 234 40.43 -25.59 59.31
N PRO AA 235 41.33 -26.58 59.39
CA PRO AA 235 42.69 -26.26 59.87
C PRO AA 235 43.43 -25.23 59.04
N ILE AA 236 43.19 -25.18 57.73
CA ILE AA 236 43.77 -24.13 56.90
C ILE AA 236 42.97 -22.84 56.94
N LEU AA 237 41.72 -22.89 57.42
CA LEU AA 237 40.89 -21.70 57.49
C LEU AA 237 41.20 -20.82 58.69
N GLU AA 238 41.85 -21.38 59.72
CA GLU AA 238 42.18 -20.60 60.91
C GLU AA 238 43.38 -19.68 60.70
N LYS AA 239 44.08 -19.81 59.57
CA LYS AA 239 45.20 -18.91 59.30
C LYS AA 239 44.73 -17.50 58.98
N ALA AA 240 43.53 -17.36 58.39
CA ALA AA 240 42.98 -16.05 58.09
C ALA AA 240 42.38 -15.38 59.33
N ALA AA 241 41.95 -16.16 60.33
CA ALA AA 241 41.40 -15.56 61.54
C ALA AA 241 42.50 -14.93 62.39
N GLN AA 242 43.73 -15.42 62.28
CA GLN AA 242 44.83 -14.84 63.06
C GLN AA 242 45.34 -13.55 62.43
N SER AA 243 45.44 -13.51 61.10
CA SER AA 243 45.92 -12.32 60.43
C SER AA 243 44.90 -11.18 60.46
N GLY AA 244 43.62 -11.50 60.64
CA GLY AA 244 42.57 -10.51 60.72
C GLY AA 244 41.93 -10.14 59.40
N ARG AA 245 42.61 -10.40 58.28
CA ARG AA 245 41.99 -10.06 57.01
C ARG AA 245 41.13 -11.20 56.49
N PRO AA 246 40.10 -10.90 55.69
CA PRO AA 246 39.17 -11.96 55.24
C PRO AA 246 39.80 -12.98 54.31
N LEU AA 247 38.98 -13.88 53.79
CA LEU AA 247 39.43 -14.97 52.92
C LEU AA 247 38.41 -15.24 51.84
N LEU AA 248 38.88 -15.42 50.61
CA LEU AA 248 38.04 -15.82 49.49
C LEU AA 248 38.38 -17.26 49.12
N ILE AA 249 37.37 -18.12 49.09
CA ILE AA 249 37.54 -19.53 48.80
C ILE AA 249 37.12 -19.77 47.35
N ILE AA 250 38.07 -20.09 46.49
CA ILE AA 250 37.81 -20.40 45.09
C ILE AA 250 38.12 -21.87 44.88
N ALA AA 251 37.08 -22.67 44.66
CA ALA AA 251 37.22 -24.10 44.44
C ALA AA 251 36.42 -24.49 43.21
N GLU AA 252 36.49 -25.79 42.85
CA GLU AA 252 35.70 -26.29 41.73
C GLU AA 252 34.22 -26.11 41.99
N ASP AA 253 33.75 -26.58 43.15
CA ASP AA 253 32.39 -26.33 43.60
C ASP AA 253 32.38 -26.48 45.12
N ILE AA 254 31.34 -25.93 45.74
CA ILE AA 254 31.12 -26.03 47.17
C ILE AA 254 29.73 -26.61 47.37
N GLU AA 255 29.66 -27.82 47.91
CA GLU AA 255 28.41 -28.57 47.98
C GLU AA 255 27.71 -28.30 49.32
N GLY AA 256 26.67 -29.10 49.61
CA GLY AA 256 25.92 -28.91 50.82
C GLY AA 256 26.75 -29.16 52.07
N GLU AA 257 26.39 -28.45 53.14
CA GLU AA 257 27.02 -28.51 54.45
C GLU AA 257 28.43 -27.92 54.42
N ALA AA 258 28.99 -27.75 53.23
CA ALA AA 258 30.19 -26.92 53.08
C ALA AA 258 29.83 -25.46 52.99
N LEU AA 259 28.78 -25.13 52.23
CA LEU AA 259 28.26 -23.76 52.22
C LEU AA 259 27.64 -23.39 53.54
N ALA AA 260 26.86 -24.31 54.12
CA ALA AA 260 26.21 -24.04 55.41
C ALA AA 260 27.23 -23.69 56.48
N THR AA 261 28.34 -24.44 56.53
CA THR AA 261 29.41 -24.10 57.46
C THR AA 261 30.00 -22.73 57.16
N LEU AA 262 30.00 -22.33 55.88
CA LEU AA 262 30.47 -21.00 55.53
C LEU AA 262 29.40 -19.93 55.75
N VAL AA 263 28.15 -20.25 55.41
CA VAL AA 263 27.08 -19.25 55.43
C VAL AA 263 26.65 -18.94 56.87
N VAL AA 264 26.06 -19.93 57.55
CA VAL AA 264 25.48 -19.70 58.87
C VAL AA 264 26.51 -19.32 59.93
N ASN AA 265 27.80 -19.54 59.65
CA ASN AA 265 28.85 -19.20 60.59
C ASN AA 265 29.39 -17.79 60.33
N LYS AA 266 29.94 -17.55 59.14
CA LYS AA 266 30.50 -16.25 58.82
C LYS AA 266 29.46 -15.12 58.85
N LEU AA 267 28.18 -15.45 58.73
CA LEU AA 267 27.12 -14.45 58.77
C LEU AA 267 27.14 -13.65 60.06
N ARG AA 268 26.81 -14.30 61.18
CA ARG AA 268 26.72 -13.65 62.48
C ARG AA 268 27.99 -13.77 63.31
N GLY AA 269 29.05 -14.36 62.76
CA GLY AA 269 30.24 -14.57 63.54
C GLY AA 269 31.42 -14.93 62.67
N THR AA 270 32.47 -15.42 63.33
CA THR AA 270 33.72 -15.86 62.67
C THR AA 270 34.30 -14.65 61.94
N LEU AA 271 34.71 -14.78 60.68
CA LEU AA 271 35.26 -13.67 59.91
C LEU AA 271 34.55 -13.62 58.56
N LYS AA 272 35.01 -12.70 57.70
CA LYS AA 272 34.42 -12.55 56.38
C LYS AA 272 34.97 -13.62 55.44
N VAL AA 273 34.08 -14.46 54.91
CA VAL AA 273 34.46 -15.55 54.02
C VAL AA 273 33.45 -15.61 52.89
N ALA AA 274 33.93 -15.70 51.65
CA ALA AA 274 33.09 -15.83 50.47
C ALA AA 274 33.56 -17.01 49.64
N ALA AA 275 32.61 -17.70 49.02
CA ALA AA 275 32.89 -18.88 48.20
C ALA AA 275 32.48 -18.59 46.76
N VAL AA 276 33.39 -18.85 45.83
CA VAL AA 276 33.17 -18.63 44.41
C VAL AA 276 33.58 -19.89 43.65
N LYS AA 277 32.75 -20.31 42.69
CA LYS AA 277 33.08 -21.46 41.87
C LYS AA 277 34.28 -21.16 40.98
N ALA AA 278 34.94 -22.24 40.54
CA ALA AA 278 36.10 -22.08 39.68
C ALA AA 278 35.66 -21.65 38.28
N PRO AA 279 36.33 -20.69 37.68
CA PRO AA 279 35.91 -20.13 36.38
C PRO AA 279 36.48 -20.83 35.15
N GLY AA 280 35.84 -21.94 34.77
CA GLY AA 280 36.24 -22.61 33.55
C GLY AA 280 35.56 -23.96 33.42
N PHE AA 281 36.04 -24.72 32.44
CA PHE AA 281 35.57 -26.07 32.14
C PHE AA 281 36.70 -27.06 32.43
N GLY AA 282 36.46 -28.33 32.13
CA GLY AA 282 37.40 -29.38 32.48
C GLY AA 282 38.83 -29.06 32.07
N ASP AA 283 39.02 -28.68 30.81
CA ASP AA 283 40.34 -28.26 30.36
C ASP AA 283 40.63 -26.81 30.73
N ARG AA 284 39.61 -25.95 30.73
CA ARG AA 284 39.84 -24.52 30.94
C ARG AA 284 40.03 -24.19 32.43
N ARG AA 285 39.21 -24.78 33.30
CA ARG AA 285 39.30 -24.45 34.72
C ARG AA 285 40.65 -24.83 35.31
N LYS AA 286 41.18 -26.00 34.92
CA LYS AA 286 42.51 -26.37 35.37
C LYS AA 286 43.56 -25.39 34.88
N ALA AA 287 43.38 -24.86 33.67
CA ALA AA 287 44.31 -23.88 33.13
C ALA AA 287 44.09 -22.50 33.74
N MET AA 288 42.83 -22.07 33.86
CA MET AA 288 42.55 -20.73 34.36
C MET AA 288 42.79 -20.62 35.86
N LEU AA 289 42.75 -21.72 36.61
CA LEU AA 289 43.12 -21.67 38.01
C LEU AA 289 44.60 -21.36 38.18
N GLU AA 290 45.43 -21.76 37.21
CA GLU AA 290 46.83 -21.37 37.23
C GLU AA 290 46.99 -19.90 36.83
N ASP AA 291 46.12 -19.40 35.96
CA ASP AA 291 46.13 -17.98 35.64
C ASP AA 291 45.87 -17.13 36.87
N ILE AA 292 44.92 -17.55 37.71
CA ILE AA 292 44.65 -16.84 38.96
C ILE AA 292 45.81 -17.01 39.93
N ALA AA 293 46.50 -18.15 39.86
CA ALA AA 293 47.60 -18.41 40.78
C ALA AA 293 48.78 -17.47 40.51
N ILE AA 294 49.16 -17.32 39.24
CA ILE AA 294 50.30 -16.46 38.92
C ILE AA 294 49.93 -14.99 38.99
N LEU AA 295 48.64 -14.66 38.77
CA LEU AA 295 48.23 -13.26 38.80
C LEU AA 295 48.17 -12.74 40.24
N THR AA 296 47.52 -13.50 41.12
CA THR AA 296 47.43 -13.08 42.52
C THR AA 296 48.71 -13.37 43.30
N GLY AA 297 49.44 -14.41 42.90
CA GLY AA 297 50.63 -14.83 43.61
C GLY AA 297 50.47 -16.10 44.42
N GLY AA 298 49.30 -16.74 44.38
CA GLY AA 298 49.07 -17.96 45.11
C GLY AA 298 49.47 -19.20 44.34
N THR AA 299 49.19 -20.35 44.95
CA THR AA 299 49.46 -21.64 44.34
C THR AA 299 48.21 -22.50 44.39
N VAL AA 300 47.97 -23.23 43.30
CA VAL AA 300 46.78 -24.08 43.21
C VAL AA 300 46.96 -25.30 44.09
N ILE AA 301 45.98 -25.57 44.94
CA ILE AA 301 46.00 -26.72 45.84
C ILE AA 301 45.26 -27.86 45.13
N SER AA 302 46.00 -28.91 44.78
CA SER AA 302 45.46 -30.02 44.02
C SER AA 302 46.08 -31.31 44.51
N GLU AA 303 45.38 -32.43 44.24
CA GLU AA 303 45.99 -33.73 44.46
C GLU AA 303 47.24 -33.91 43.61
N GLU AA 304 47.20 -33.42 42.38
CA GLU AA 304 48.39 -33.28 41.57
C GLU AA 304 49.29 -32.20 42.16
N LYS AA 305 50.56 -32.22 41.74
CA LYS AA 305 51.62 -31.31 42.17
C LYS AA 305 52.09 -31.60 43.59
N GLY AA 306 51.50 -32.57 44.28
CA GLY AA 306 51.93 -32.90 45.63
C GLY AA 306 51.40 -31.97 46.69
N TYR AA 307 50.13 -31.59 46.63
CA TYR AA 307 49.50 -30.73 47.62
C TYR AA 307 48.27 -31.42 48.18
N LYS AA 308 47.85 -30.97 49.35
CA LYS AA 308 46.66 -31.51 50.00
C LYS AA 308 46.04 -30.45 50.89
N LEU AA 309 44.71 -30.50 51.02
CA LEU AA 309 44.03 -29.63 51.96
C LEU AA 309 44.41 -30.00 53.39
N GLU AA 310 44.26 -29.01 54.28
CA GLU AA 310 44.62 -29.10 55.71
C GLU AA 310 46.13 -29.01 55.88
N ASN AA 311 46.89 -29.20 54.80
CA ASN AA 311 48.32 -28.96 54.78
C ASN AA 311 48.68 -27.61 54.19
N ALA AA 312 47.68 -26.79 53.87
CA ALA AA 312 47.90 -25.56 53.11
C ALA AA 312 48.79 -24.59 53.88
N THR AA 313 49.58 -23.83 53.12
CA THR AA 313 50.45 -22.79 53.66
C THR AA 313 49.78 -21.44 53.49
N MET AA 314 49.81 -20.62 54.55
CA MET AA 314 49.18 -19.30 54.47
C MET AA 314 49.94 -18.38 53.53
N ALA AA 315 51.27 -18.53 53.44
CA ALA AA 315 52.06 -17.72 52.53
C ALA AA 315 51.87 -18.11 51.07
N TYR AA 316 51.19 -19.22 50.80
CA TYR AA 316 50.92 -19.68 49.45
C TYR AA 316 49.56 -19.21 48.93
N LEU AA 317 48.86 -18.38 49.68
CA LEU AA 317 47.52 -17.94 49.30
C LEU AA 317 47.59 -16.78 48.31
N GLY AA 318 46.42 -16.26 47.94
CA GLY AA 318 46.36 -15.29 46.86
C GLY AA 318 46.85 -13.91 47.24
N GLN AA 319 46.53 -13.47 48.47
CA GLN AA 319 46.92 -12.19 49.04
C GLN AA 319 46.84 -11.04 48.03
N ALA AA 320 45.62 -10.64 47.65
CA ALA AA 320 45.42 -9.58 46.68
C ALA AA 320 45.03 -8.27 47.39
N ALA AA 321 44.91 -7.20 46.60
CA ALA AA 321 44.63 -5.88 47.16
C ALA AA 321 43.16 -5.70 47.51
N ARG AA 322 42.25 -6.02 46.57
CA ARG AA 322 40.83 -5.92 46.85
C ARG AA 322 40.08 -6.86 45.92
N ILE AA 323 38.92 -7.32 46.39
CA ILE AA 323 38.07 -8.24 45.64
C ILE AA 323 36.62 -7.87 45.88
N THR AA 324 35.83 -7.80 44.81
CA THR AA 324 34.39 -7.53 44.88
C THR AA 324 33.65 -8.67 44.18
N ILE AA 325 32.75 -9.32 44.90
CA ILE AA 325 32.00 -10.46 44.38
C ILE AA 325 30.54 -10.05 44.20
N ASP AA 326 29.99 -10.30 43.02
CA ASP AA 326 28.58 -10.06 42.76
C ASP AA 326 27.93 -11.33 42.25
N LYS AA 327 26.66 -11.23 41.84
CA LYS AA 327 25.91 -12.42 41.45
C LYS AA 327 26.53 -13.11 40.24
N ASP AA 328 26.71 -12.37 39.15
CA ASP AA 328 27.19 -12.95 37.90
C ASP AA 328 28.69 -12.75 37.65
N ASN AA 329 29.42 -12.11 38.57
CA ASN AA 329 30.81 -11.80 38.32
C ASN AA 329 31.59 -11.76 39.62
N THR AA 330 32.91 -11.90 39.50
CA THR AA 330 33.85 -11.72 40.60
C THR AA 330 35.10 -11.05 40.06
N THR AA 331 35.56 -10.01 40.74
CA THR AA 331 36.71 -9.22 40.30
C THR AA 331 37.85 -9.35 41.30
N ILE AA 332 39.08 -9.37 40.78
CA ILE AA 332 40.30 -9.41 41.58
C ILE AA 332 41.15 -8.22 41.18
N VAL AA 333 41.44 -7.35 42.15
CA VAL AA 333 42.13 -6.08 41.89
C VAL AA 333 43.55 -6.17 42.43
N GLU AA 334 44.52 -5.91 41.57
CA GLU AA 334 45.93 -5.77 41.93
C GLU AA 334 46.45 -7.03 42.63
N GLY AA 335 46.60 -8.08 41.82
CA GLY AA 335 47.24 -9.28 42.31
C GLY AA 335 48.71 -9.06 42.60
N LYS AA 336 49.20 -9.76 43.62
CA LYS AA 336 50.58 -9.60 44.07
C LYS AA 336 51.54 -10.56 43.37
N GLY AA 337 51.07 -11.31 42.39
CA GLY AA 337 51.96 -12.18 41.64
C GLY AA 337 53.07 -11.41 40.97
N LYS AA 338 54.22 -12.07 40.80
CA LYS AA 338 55.39 -11.43 40.23
C LYS AA 338 55.12 -11.02 38.79
N GLN AA 339 55.61 -9.83 38.42
CA GLN AA 339 55.44 -9.35 37.05
C GLN AA 339 56.14 -10.25 36.05
N GLU AA 340 57.20 -10.93 36.46
CA GLU AA 340 57.89 -11.87 35.58
C GLU AA 340 57.04 -13.09 35.30
N GLU AA 341 56.53 -13.73 36.37
CA GLU AA 341 55.73 -14.94 36.20
C GLU AA 341 54.39 -14.65 35.54
N ILE AA 342 53.90 -13.42 35.62
CA ILE AA 342 52.63 -13.08 34.97
C ILE AA 342 52.80 -13.07 33.45
N LYS AA 343 53.79 -12.33 32.96
CA LYS AA 343 54.02 -12.25 31.52
C LYS AA 343 54.69 -13.51 30.97
N ALA AA 344 55.26 -14.35 31.83
CA ALA AA 344 55.87 -15.58 31.35
C ALA AA 344 54.81 -16.54 30.81
N ARG AA 345 53.63 -16.56 31.43
CA ARG AA 345 52.54 -17.39 30.93
C ARG AA 345 51.83 -16.77 29.73
N ILE AA 346 51.91 -15.46 29.58
CA ILE AA 346 51.33 -14.81 28.40
C ILE AA 346 52.10 -15.20 27.15
N ASN AA 347 53.44 -15.24 27.25
CA ASN AA 347 54.25 -15.69 26.13
C ASN AA 347 54.07 -17.17 25.85
N GLU AA 348 53.63 -17.95 26.84
CA GLU AA 348 53.35 -19.37 26.62
C GLU AA 348 52.07 -19.55 25.82
N ILE AA 349 51.05 -18.74 26.11
CA ILE AA 349 49.79 -18.82 25.36
C ILE AA 349 50.00 -18.35 23.93
N LYS AA 350 50.79 -17.30 23.74
CA LYS AA 350 51.11 -16.85 22.39
C LYS AA 350 51.92 -17.88 21.62
N GLY AA 351 52.65 -18.74 22.32
CA GLY AA 351 53.34 -19.83 21.64
C GLY AA 351 52.44 -21.00 21.33
N GLN AA 352 51.37 -21.19 22.10
CA GLN AA 352 50.39 -22.23 21.83
C GLN AA 352 49.31 -21.81 20.86
N ILE AA 353 49.20 -20.51 20.56
CA ILE AA 353 48.25 -20.05 19.55
C ILE AA 353 48.75 -20.39 18.16
N GLU AA 354 50.03 -20.13 17.89
CA GLU AA 354 50.63 -20.52 16.62
C GLU AA 354 50.83 -22.02 16.48
N LYS AA 355 50.66 -22.78 17.57
CA LYS AA 355 50.81 -24.23 17.53
C LYS AA 355 49.48 -24.92 17.18
N SER AA 356 48.48 -24.77 18.04
CA SER AA 356 47.16 -25.36 17.79
C SER AA 356 46.51 -24.75 16.55
N TYR AA 360 39.47 -23.19 16.15
CA TYR AA 360 39.18 -24.26 17.09
C TYR AA 360 39.18 -23.75 18.52
N ASP AA 361 40.07 -24.29 19.34
CA ASP AA 361 40.21 -23.86 20.74
C ASP AA 361 41.09 -22.64 20.88
N THR AA 362 41.64 -22.12 19.77
CA THR AA 362 42.44 -20.90 19.83
C THR AA 362 41.60 -19.68 20.19
N GLU AA 363 40.30 -19.72 19.93
CA GLU AA 363 39.43 -18.61 20.30
C GLU AA 363 39.37 -18.44 21.82
N LYS AA 364 39.41 -19.56 22.56
CA LYS AA 364 39.41 -19.50 24.01
C LYS AA 364 40.79 -19.23 24.58
N LEU AA 365 41.85 -19.42 23.79
CA LEU AA 365 43.19 -19.10 24.25
C LEU AA 365 43.42 -17.59 24.31
N GLN AA 366 42.75 -16.84 23.43
CA GLN AA 366 42.84 -15.39 23.46
C GLN AA 366 41.96 -14.77 24.53
N GLU AA 367 40.93 -15.50 25.00
CA GLU AA 367 40.10 -14.99 26.09
C GLU AA 367 40.86 -14.99 27.42
N ARG AA 368 41.61 -16.07 27.69
CA ARG AA 368 42.48 -16.09 28.85
C ARG AA 368 43.64 -15.12 28.69
N LEU AA 369 44.11 -14.93 27.45
CA LEU AA 369 45.21 -14.01 27.20
C LEU AA 369 44.80 -12.57 27.42
N ALA AA 370 43.54 -12.23 27.16
CA ALA AA 370 43.10 -10.84 27.28
C ALA AA 370 43.05 -10.40 28.74
N LYS AA 371 42.44 -11.21 29.60
CA LYS AA 371 42.30 -10.81 31.00
C LYS AA 371 43.64 -10.85 31.73
N LEU AA 372 44.58 -11.67 31.27
CA LEU AA 372 45.91 -11.70 31.89
C LEU AA 372 46.66 -10.41 31.62
N SER AA 373 46.66 -9.95 30.37
CA SER AA 373 47.35 -8.74 29.98
C SER AA 373 46.47 -7.49 30.02
N GLY AA 374 45.17 -7.65 30.29
CA GLY AA 374 44.29 -6.49 30.27
C GLY AA 374 44.50 -5.57 31.46
N GLY AA 375 44.49 -6.13 32.67
CA GLY AA 375 44.60 -5.34 33.87
C GLY AA 375 43.26 -4.82 34.35
N VAL AA 376 43.32 -4.05 35.44
CA VAL AA 376 42.13 -3.47 36.07
C VAL AA 376 42.41 -2.00 36.38
N ALA AA 377 41.52 -1.12 35.92
CA ALA AA 377 41.61 0.30 36.21
C ALA AA 377 40.70 0.62 37.39
N VAL AA 378 41.25 1.30 38.39
CA VAL AA 378 40.54 1.65 39.61
C VAL AA 378 40.35 3.16 39.65
N LEU AA 379 39.12 3.59 39.88
CA LEU AA 379 38.77 5.00 39.98
C LEU AA 379 38.53 5.31 41.45
N LYS AA 380 39.43 6.10 42.06
CA LYS AA 380 39.31 6.50 43.45
C LYS AA 380 38.76 7.91 43.52
N ILE AA 381 37.60 8.06 44.15
CA ILE AA 381 36.89 9.32 44.23
C ILE AA 381 37.03 9.89 45.63
N GLY AA 382 37.10 11.21 45.73
CA GLY AA 382 37.23 11.88 47.01
C GLY AA 382 36.67 13.29 46.98
N ALA AA 383 36.42 13.81 48.17
CA ALA AA 383 35.91 15.17 48.35
C ALA AA 383 36.60 15.78 49.55
N SER AA 384 36.17 16.99 49.93
CA SER AA 384 36.76 17.66 51.09
C SER AA 384 36.27 17.02 52.38
N THR AA 385 34.99 17.21 52.71
CA THR AA 385 34.33 16.51 53.79
C THR AA 385 33.46 15.42 53.17
N GLU AA 386 33.56 14.21 53.70
CA GLU AA 386 32.87 13.07 53.09
C GLU AA 386 31.50 12.91 53.75
N VAL AA 387 30.46 13.29 53.00
CA VAL AA 387 29.08 12.97 53.31
C VAL AA 387 28.46 12.51 51.99
N GLU AA 388 28.36 13.45 51.05
CA GLU AA 388 27.99 13.13 49.68
C GLU AA 388 29.14 12.51 48.89
N MET AA 389 30.32 12.41 49.48
CA MET AA 389 31.42 11.69 48.83
C MET AA 389 31.02 10.25 48.54
N LYS AA 390 30.27 9.63 49.46
CA LYS AA 390 29.70 8.32 49.17
C LYS AA 390 28.56 8.42 48.16
N GLU AA 391 27.87 9.56 48.12
CA GLU AA 391 26.82 9.77 47.13
C GLU AA 391 27.40 10.15 45.78
N LYS AA 392 28.43 11.01 45.77
CA LYS AA 392 29.09 11.36 44.52
C LYS AA 392 29.85 10.16 43.94
N LYS AA 393 30.27 9.22 44.79
CA LYS AA 393 30.87 8.00 44.30
C LYS AA 393 29.87 7.16 43.53
N ALA AA 394 28.64 7.04 44.04
CA ALA AA 394 27.59 6.34 43.31
C ALA AA 394 27.24 7.05 42.01
N ARG AA 395 27.42 8.37 41.96
CA ARG AA 395 27.23 9.10 40.72
C ARG AA 395 28.25 8.66 39.67
N VAL AA 396 29.48 8.38 40.10
CA VAL AA 396 30.50 7.88 39.19
C VAL AA 396 30.16 6.47 38.74
N GLU AA 397 29.68 5.63 39.67
CA GLU AA 397 29.31 4.26 39.31
C GLU AA 397 28.15 4.25 38.32
N ASP AA 398 27.20 5.17 38.49
CA ASP AA 398 26.10 5.27 37.53
C ASP AA 398 26.59 5.82 36.19
N ALA AA 399 27.44 6.85 36.22
CA ALA AA 399 27.95 7.42 34.98
C ALA AA 399 28.88 6.43 34.27
N LEU AA 400 29.66 5.67 35.02
CA LEU AA 400 30.53 4.67 34.40
C LEU AA 400 29.70 3.55 33.77
N HIS AA 401 28.74 3.02 34.50
CA HIS AA 401 27.92 1.93 33.97
C HIS AA 401 27.12 2.38 32.76
N ALA AA 402 26.67 3.64 32.74
CA ALA AA 402 25.94 4.14 31.58
C ALA AA 402 26.86 4.32 30.38
N THR AA 403 28.10 4.76 30.63
CA THR AA 403 29.04 4.98 29.53
C THR AA 403 29.52 3.66 28.94
N ARG AA 404 29.85 2.69 29.79
CA ARG AA 404 30.27 1.38 29.29
C ARG AA 404 29.19 0.75 28.42
N ALA AA 405 27.91 0.99 28.74
CA ALA AA 405 26.82 0.53 27.89
C ALA AA 405 26.64 1.42 26.67
N ALA AA 406 26.90 2.71 26.81
CA ALA AA 406 26.73 3.64 25.69
C ALA AA 406 27.78 3.46 24.62
N VAL AA 407 28.95 2.89 24.95
CA VAL AA 407 30.00 2.72 23.97
C VAL AA 407 29.74 1.51 23.08
N GLN AA 408 29.27 0.40 23.66
CA GLN AA 408 29.16 -0.84 22.91
C GLN AA 408 28.18 -0.72 21.76
N GLU AA 409 26.91 -0.44 22.06
CA GLU AA 409 25.87 -0.38 21.04
C GLU AA 409 25.52 1.04 20.61
N GLY AA 410 26.12 2.06 21.22
CA GLY AA 410 25.83 3.44 20.86
C GLY AA 410 24.83 4.09 21.79
N ILE AA 411 24.33 5.24 21.35
CA ILE AA 411 23.35 6.02 22.09
C ILE AA 411 22.18 6.37 21.18
N VAL AA 412 21.00 6.51 21.78
CA VAL AA 412 19.80 6.93 21.06
C VAL AA 412 19.14 8.06 21.85
N VAL AA 413 18.22 8.75 21.19
CA VAL AA 413 17.55 9.90 21.80
C VAL AA 413 16.71 9.43 22.98
N GLY AA 414 16.84 10.11 24.11
CA GLY AA 414 16.14 9.74 25.32
C GLY AA 414 14.69 10.19 25.33
N GLY AA 415 14.10 10.18 26.52
CA GLY AA 415 12.72 10.59 26.68
C GLY AA 415 11.71 9.68 26.02
N GLY AA 416 12.09 8.46 25.69
CA GLY AA 416 11.18 7.53 25.05
C GLY AA 416 10.88 7.84 23.59
N VAL AA 417 11.56 8.82 23.00
CA VAL AA 417 11.28 9.17 21.61
C VAL AA 417 11.93 8.18 20.65
N ALA AA 418 13.03 7.55 21.06
CA ALA AA 418 13.70 6.59 20.19
C ALA AA 418 12.79 5.42 19.84
N LEU AA 419 11.96 5.00 20.79
CA LEU AA 419 11.00 3.92 20.52
C LEU AA 419 9.94 4.37 19.52
N ILE AA 420 9.53 5.64 19.59
CA ILE AA 420 8.56 6.16 18.64
C ILE AA 420 9.20 6.33 17.26
N ARG AA 421 10.43 6.81 17.22
CA ARG AA 421 11.13 6.97 15.95
C ARG AA 421 11.42 5.62 15.30
N ALA AA 422 11.72 4.60 16.11
CA ALA AA 422 11.99 3.27 15.58
C ALA AA 422 10.76 2.57 15.04
N ALA AA 423 9.57 3.16 15.23
CA ALA AA 423 8.36 2.57 14.68
C ALA AA 423 8.31 2.63 13.16
N LYS AA 424 9.15 3.48 12.54
CA LYS AA 424 9.19 3.55 11.09
C LYS AA 424 9.67 2.24 10.49
N GLY AA 425 10.48 1.48 11.21
CA GLY AA 425 10.96 0.19 10.74
C GLY AA 425 9.92 -0.90 10.70
N LEU AA 426 8.70 -0.62 11.15
CA LEU AA 426 7.64 -1.62 11.12
C LEU AA 426 7.14 -1.90 9.71
N ALA AA 427 7.44 -1.02 8.75
CA ALA AA 427 7.02 -1.24 7.38
C ALA AA 427 7.71 -2.45 6.77
N LYS AA 428 8.91 -2.80 7.27
CA LYS AA 428 9.64 -3.96 6.76
C LYS AA 428 9.20 -5.26 7.40
N ALA AA 429 8.26 -5.22 8.35
CA ALA AA 429 7.75 -6.42 8.98
C ALA AA 429 6.59 -6.98 8.15
N VAL AA 430 6.63 -8.29 7.91
CA VAL AA 430 5.63 -8.97 7.10
C VAL AA 430 4.81 -9.89 7.99
N ALA AA 431 3.55 -10.11 7.60
CA ALA AA 431 2.63 -10.93 8.36
C ALA AA 431 2.04 -11.99 7.43
N ASP AA 432 2.10 -13.25 7.85
CA ASP AA 432 1.58 -14.33 7.02
C ASP AA 432 0.05 -14.35 7.02
N ASN AA 433 -0.58 -13.83 8.07
CA ASN AA 433 -2.03 -13.84 8.19
C ASN AA 433 -2.46 -12.59 8.94
N GLU AA 434 -3.75 -12.53 9.28
CA GLU AA 434 -4.28 -11.34 9.94
C GLU AA 434 -3.86 -11.26 11.41
N ASP AA 435 -3.72 -12.40 12.08
CA ASP AA 435 -3.35 -12.39 13.49
C ASP AA 435 -1.90 -11.93 13.66
N GLN AA 436 -1.02 -12.30 12.73
CA GLN AA 436 0.35 -11.79 12.81
C GLN AA 436 0.42 -10.30 12.50
N LYS AA 437 -0.51 -9.80 11.69
CA LYS AA 437 -0.55 -8.37 11.43
C LYS AA 437 -1.01 -7.59 12.66
N THR AA 438 -1.98 -8.14 13.41
CA THR AA 438 -2.39 -7.51 14.65
C THR AA 438 -1.27 -7.54 15.68
N GLY AA 439 -0.39 -8.53 15.62
CA GLY AA 439 0.80 -8.52 16.46
C GLY AA 439 1.72 -7.36 16.15
N ILE AA 440 1.81 -6.97 14.87
CA ILE AA 440 2.55 -5.77 14.52
C ILE AA 440 1.85 -4.54 15.07
N GLU AA 441 0.52 -4.55 15.06
CA GLU AA 441 -0.24 -3.41 15.59
C GLU AA 441 -0.02 -3.25 17.09
N ILE AA 442 0.17 -4.36 17.81
CA ILE AA 442 0.39 -4.29 19.25
C ILE AA 442 1.71 -3.57 19.55
N ILE AA 443 2.76 -3.94 18.82
CA ILE AA 443 4.07 -3.31 19.03
C ILE AA 443 4.02 -1.84 18.65
N ARG AA 444 3.32 -1.50 17.57
CA ARG AA 444 3.25 -0.12 17.12
C ARG AA 444 2.64 0.78 18.19
N ARG AA 445 1.58 0.31 18.86
CA ARG AA 445 0.97 1.08 19.93
C ARG AA 445 1.76 1.01 21.23
N ALA AA 446 2.58 -0.03 21.42
CA ALA AA 446 3.36 -0.16 22.64
C ALA AA 446 4.61 0.70 22.62
N LEU AA 447 5.14 1.02 21.43
CA LEU AA 447 6.36 1.81 21.35
C LEU AA 447 6.14 3.22 21.89
N GLU AA 448 4.96 3.79 21.67
CA GLU AA 448 4.62 5.11 22.16
C GLU AA 448 4.14 5.11 23.61
N GLU AA 449 4.03 3.95 24.23
CA GLU AA 449 3.54 3.84 25.60
C GLU AA 449 4.51 4.45 26.63
N PRO AA 450 5.83 4.21 26.54
CA PRO AA 450 6.73 4.83 27.53
C PRO AA 450 6.68 6.35 27.54
N LEU AA 451 6.63 6.98 26.36
CA LEU AA 451 6.55 8.44 26.31
C LEU AA 451 5.24 8.94 26.90
N ARG AA 452 4.15 8.20 26.69
CA ARG AA 452 2.87 8.59 27.26
C ARG AA 452 2.93 8.61 28.79
N GLN AA 453 3.62 7.64 29.39
CA GLN AA 453 3.72 7.59 30.85
C GLN AA 453 4.62 8.68 31.39
N ILE AA 454 5.69 9.03 30.66
CA ILE AA 454 6.57 10.11 31.10
C ILE AA 454 5.82 11.43 31.14
N VAL AA 455 4.98 11.68 30.14
CA VAL AA 455 4.17 12.89 30.15
C VAL AA 455 3.05 12.79 31.18
N ALA AA 456 2.52 11.58 31.41
CA ALA AA 456 1.43 11.41 32.37
C ALA AA 456 1.92 11.64 33.80
N ASN AA 457 3.20 11.42 34.06
CA ASN AA 457 3.75 11.66 35.39
C ASN AA 457 3.84 13.13 35.74
N THR AA 458 3.64 14.03 34.77
CA THR AA 458 3.59 15.46 35.05
C THR AA 458 2.24 15.89 35.60
N GLY AA 459 1.23 15.03 35.53
CA GLY AA 459 -0.08 15.38 36.05
C GLY AA 459 -0.95 16.18 35.11
N THR AA 460 -0.73 16.05 33.80
CA THR AA 460 -1.48 16.80 32.80
C THR AA 460 -2.38 15.86 32.01
N THR AA 461 -3.62 16.31 31.76
CA THR AA 461 -4.53 15.59 30.89
C THR AA 461 -4.32 15.91 29.42
N ASP AA 462 -3.37 16.79 29.11
CA ASP AA 462 -3.06 17.18 27.73
C ASP AA 462 -2.00 16.29 27.10
N GLY AA 463 -1.57 15.23 27.79
CA GLY AA 463 -0.52 14.36 27.28
C GLY AA 463 -0.82 13.73 25.94
N ALA AA 464 -2.09 13.68 25.53
CA ALA AA 464 -2.42 13.19 24.20
C ALA AA 464 -1.90 14.13 23.13
N VAL AA 465 -1.96 15.45 23.40
CA VAL AA 465 -1.42 16.41 22.45
C VAL AA 465 0.09 16.33 22.38
N VAL AA 466 0.74 16.12 23.52
CA VAL AA 466 2.20 16.01 23.55
C VAL AA 466 2.66 14.81 22.73
N LEU AA 467 1.94 13.70 22.83
CA LEU AA 467 2.32 12.51 22.08
C LEU AA 467 2.14 12.71 20.58
N GLU AA 468 1.10 13.44 20.18
CA GLU AA 468 0.84 13.64 18.76
C GLU AA 468 1.91 14.50 18.11
N LYS AA 469 2.30 15.60 18.76
CA LYS AA 469 3.31 16.49 18.20
C LYS AA 469 4.68 15.85 18.15
N VAL AA 470 4.93 14.83 18.98
CA VAL AA 470 6.22 14.14 18.92
C VAL AA 470 6.24 13.15 17.75
N LYS AA 471 5.14 12.42 17.54
CA LYS AA 471 5.09 11.48 16.43
C LYS AA 471 5.08 12.20 15.09
N ASN AA 472 4.40 13.34 15.01
CA ASN AA 472 4.35 14.11 13.77
C ASN AA 472 5.65 14.83 13.47
N ALA AA 473 6.62 14.81 14.39
CA ALA AA 473 7.91 15.42 14.16
C ALA AA 473 8.87 14.41 13.55
N GLU AA 474 10.11 14.84 13.31
CA GLU AA 474 11.12 13.98 12.70
C GLU AA 474 12.44 14.16 13.45
N GLY AA 475 13.37 13.24 13.19
CA GLY AA 475 14.67 13.30 13.82
C GLY AA 475 14.60 12.97 15.30
N ASP AA 476 15.53 13.55 16.06
CA ASP AA 476 15.59 13.38 17.51
C ASP AA 476 14.79 14.44 18.26
N TYR AA 477 14.08 15.31 17.54
CA TYR AA 477 13.24 16.30 18.19
C TYR AA 477 12.12 15.62 18.98
N GLY AA 478 11.98 16.03 20.24
CA GLY AA 478 10.99 15.42 21.10
C GLY AA 478 10.64 16.32 22.26
N PHE AA 479 9.84 15.77 23.18
CA PHE AA 479 9.40 16.51 24.35
C PHE AA 479 10.31 16.24 25.54
N ASN AA 480 10.67 17.31 26.25
CA ASN AA 480 11.53 17.24 27.42
C ASN AA 480 10.67 17.46 28.66
N ALA AA 481 10.48 16.41 29.45
CA ALA AA 481 9.66 16.49 30.66
C ALA AA 481 10.38 17.21 31.80
N ARG AA 482 11.70 17.38 31.71
CA ARG AA 482 12.44 18.08 32.75
C ARG AA 482 12.01 19.54 32.84
N THR AA 483 12.15 20.27 31.73
CA THR AA 483 11.76 21.68 31.67
C THR AA 483 10.37 21.88 31.08
N GLU AA 484 9.67 20.81 30.71
CA GLU AA 484 8.33 20.88 30.14
C GLU AA 484 8.30 21.77 28.90
N GLN AA 485 9.26 21.55 28.00
CA GLN AA 485 9.39 22.35 26.80
C GLN AA 485 9.86 21.47 25.65
N TYR AA 486 9.29 21.69 24.47
CA TYR AA 486 9.75 21.00 23.27
C TYR AA 486 11.10 21.56 22.84
N GLU AA 487 12.03 20.67 22.51
CA GLU AA 487 13.39 21.07 22.13
C GLU AA 487 14.06 19.87 21.47
N ASN AA 488 15.35 20.03 21.16
CA ASN AA 488 16.16 18.94 20.63
C ASN AA 488 16.78 18.18 21.79
N LEU AA 489 16.44 16.91 21.92
CA LEU AA 489 16.79 16.17 23.13
C LEU AA 489 18.28 15.83 23.17
N ILE AA 490 18.87 15.52 22.02
CA ILE AA 490 20.31 15.21 22.00
C ILE AA 490 21.12 16.46 22.37
N GLU AA 491 20.68 17.63 21.90
CA GLU AA 491 21.37 18.86 22.25
C GLU AA 491 21.14 19.22 23.72
N ALA AA 492 19.94 18.97 24.24
CA ALA AA 492 19.60 19.33 25.60
C ALA AA 492 20.17 18.38 26.64
N GLY AA 493 20.77 17.27 26.23
CA GLY AA 493 21.35 16.32 27.15
C GLY AA 493 20.47 15.16 27.54
N VAL AA 494 19.40 14.89 26.81
CA VAL AA 494 18.50 13.77 27.07
C VAL AA 494 18.86 12.67 26.08
N VAL AA 495 19.48 11.60 26.59
CA VAL AA 495 20.01 10.55 25.73
C VAL AA 495 20.00 9.25 26.52
N ASP AA 496 19.79 8.13 25.81
CA ASP AA 496 19.81 6.80 26.40
C ASP AA 496 20.74 5.91 25.59
N PRO AA 497 21.46 5.00 26.25
CA PRO AA 497 22.26 4.03 25.50
C PRO AA 497 21.37 3.15 24.64
N THR AA 498 21.92 2.72 23.49
CA THR AA 498 21.13 1.96 22.53
C THR AA 498 20.69 0.62 23.12
N LYS AA 499 21.60 -0.09 23.79
CA LYS AA 499 21.24 -1.39 24.34
C LYS AA 499 20.38 -1.27 25.60
N VAL AA 500 20.20 -0.05 26.13
CA VAL AA 500 19.20 0.14 27.17
C VAL AA 500 17.80 0.09 26.58
N THR AA 501 17.60 0.74 25.44
CA THR AA 501 16.29 0.80 24.81
C THR AA 501 15.91 -0.52 24.14
N ARG AA 502 16.85 -1.17 23.46
CA ARG AA 502 16.52 -2.41 22.76
C ARG AA 502 16.36 -3.56 23.74
N SER AA 503 17.07 -3.54 24.88
CA SER AA 503 16.88 -4.60 25.87
C SER AA 503 15.56 -4.44 26.61
N ALA AA 504 15.07 -3.20 26.75
CA ALA AA 504 13.77 -2.98 27.37
C ALA AA 504 12.65 -3.56 26.52
N LEU AA 505 12.74 -3.41 25.20
CA LEU AA 505 11.70 -3.92 24.32
C LEU AA 505 11.81 -5.43 24.14
N GLU AA 506 13.02 -5.93 23.90
CA GLU AA 506 13.18 -7.36 23.65
C GLU AA 506 12.80 -8.19 24.87
N ASN AA 507 13.13 -7.70 26.07
CA ASN AA 507 12.74 -8.42 27.28
C ASN AA 507 11.24 -8.33 27.51
N ALA AA 508 10.65 -7.14 27.33
CA ALA AA 508 9.22 -6.98 27.53
C ALA AA 508 8.42 -7.83 26.56
N ALA AA 509 8.81 -7.82 25.28
CA ALA AA 509 8.13 -8.66 24.30
C ALA AA 509 8.35 -10.13 24.57
N SER AA 510 9.48 -10.48 25.19
CA SER AA 510 9.74 -11.88 25.52
C SER AA 510 8.80 -12.39 26.60
N VAL AA 511 8.73 -11.66 27.73
CA VAL AA 511 7.89 -12.12 28.83
C VAL AA 511 6.42 -12.03 28.48
N ALA AA 512 6.03 -11.01 27.70
CA ALA AA 512 4.65 -10.91 27.25
C ALA AA 512 4.27 -12.04 26.30
N SER AA 513 5.23 -12.52 25.51
CA SER AA 513 4.96 -13.64 24.62
C SER AA 513 4.80 -14.94 25.39
N ILE AA 514 5.51 -15.09 26.51
CA ILE AA 514 5.40 -16.30 27.31
C ILE AA 514 4.03 -16.40 27.95
N LEU AA 515 3.53 -15.29 28.51
CA LEU AA 515 2.25 -15.31 29.18
C LEU AA 515 1.09 -15.49 28.20
N LEU AA 516 1.22 -14.93 26.99
CA LEU AA 516 0.16 -15.11 25.99
C LEU AA 516 0.07 -16.55 25.52
N THR AA 517 1.19 -17.26 25.49
CA THR AA 517 1.21 -18.66 25.09
C THR AA 517 1.04 -19.63 26.26
N THR AA 518 0.81 -19.11 27.46
CA THR AA 518 0.67 -19.95 28.65
C THR AA 518 -0.79 -20.39 28.78
N GLU AA 519 -1.02 -21.70 28.70
CA GLU AA 519 -2.36 -22.25 28.83
C GLU AA 519 -2.68 -22.79 30.22
N ALA AA 520 -1.72 -22.82 31.14
CA ALA AA 520 -1.96 -23.39 32.45
C ALA AA 520 -1.08 -22.70 33.49
N ALA AA 521 -1.62 -22.54 34.70
CA ALA AA 521 -0.89 -21.94 35.81
C ALA AA 521 -1.08 -22.83 37.03
N ILE AA 522 0.02 -23.39 37.53
CA ILE AA 522 0.00 -24.34 38.64
C ILE AA 522 0.62 -23.67 39.86
N THR AA 523 -0.11 -23.69 40.97
CA THR AA 523 0.32 -23.07 42.22
C THR AA 523 0.05 -24.02 43.38
N ASP AA 524 0.78 -23.80 44.47
CA ASP AA 524 0.58 -24.60 45.68
C ASP AA 524 -0.72 -24.22 46.38
N VAL AA 525 -1.30 -25.19 47.08
CA VAL AA 525 -2.50 -24.93 47.87
C VAL AA 525 -2.13 -24.22 49.16
N LYS AA 526 -3.10 -23.50 49.72
CA LYS AA 526 -2.89 -22.74 50.95
C LYS AA 526 -2.56 -23.65 52.13
N THR BA 2 7.91 -10.20 51.74
CA THR BA 2 6.59 -10.18 52.35
C THR BA 2 5.57 -9.56 51.40
N ALA BA 3 4.36 -10.12 51.38
CA ALA BA 3 3.30 -9.61 50.52
C ALA BA 3 2.93 -8.19 50.92
N LYS BA 4 2.46 -7.41 49.96
CA LYS BA 4 2.24 -5.99 50.14
C LYS BA 4 0.82 -5.60 49.75
N ASP BA 5 0.35 -4.51 50.35
CA ASP BA 5 -0.89 -3.83 49.96
C ASP BA 5 -0.52 -2.45 49.46
N ILE BA 6 -0.93 -2.12 48.24
CA ILE BA 6 -0.54 -0.90 47.57
C ILE BA 6 -1.76 0.00 47.39
N LEU BA 7 -1.62 1.27 47.77
CA LEU BA 7 -2.62 2.29 47.52
C LEU BA 7 -2.08 3.31 46.54
N PHE BA 8 -2.97 3.92 45.76
CA PHE BA 8 -2.57 4.80 44.67
C PHE BA 8 -3.27 6.15 44.77
N ASP BA 9 -2.51 7.21 44.44
CA ASP BA 9 -2.99 8.58 44.26
C ASP BA 9 -3.99 9.04 45.32
N ALA BA 10 -5.18 9.45 44.89
CA ALA BA 10 -6.14 10.08 45.80
C ALA BA 10 -6.47 9.19 46.98
N GLU BA 11 -6.68 7.89 46.73
CA GLU BA 11 -6.99 6.99 47.83
C GLU BA 11 -5.79 6.82 48.76
N ALA BA 12 -4.58 6.84 48.22
CA ALA BA 12 -3.38 6.74 49.06
C ALA BA 12 -3.15 8.04 49.83
N ARG BA 13 -3.28 9.18 49.16
CA ARG BA 13 -3.01 10.46 49.81
C ARG BA 13 -4.06 10.82 50.84
N THR BA 14 -5.32 10.42 50.61
CA THR BA 14 -6.36 10.67 51.60
C THR BA 14 -6.10 9.86 52.86
N LYS BA 15 -5.64 8.62 52.72
CA LYS BA 15 -5.32 7.81 53.89
C LYS BA 15 -4.13 8.40 54.66
N LEU BA 16 -3.13 8.88 53.94
CA LEU BA 16 -1.99 9.53 54.60
C LEU BA 16 -2.40 10.76 55.37
N LYS BA 17 -3.44 11.47 54.90
CA LYS BA 17 -3.88 12.68 55.58
C LYS BA 17 -4.45 12.36 56.95
N VAL BA 18 -5.16 11.24 57.08
CA VAL BA 18 -5.72 10.85 58.38
C VAL BA 18 -4.61 10.67 59.40
N GLY BA 19 -3.52 10.02 58.99
CA GLY BA 19 -2.40 9.84 59.90
C GLY BA 19 -1.71 11.14 60.26
N VAL BA 20 -1.64 12.07 59.32
CA VAL BA 20 -1.05 13.37 59.61
C VAL BA 20 -1.95 14.16 60.56
N ASP BA 21 -3.27 14.11 60.32
CA ASP BA 21 -4.19 14.85 61.17
C ASP BA 21 -4.20 14.32 62.60
N LYS BA 22 -4.11 12.99 62.77
CA LYS BA 22 -4.12 12.43 64.11
C LYS BA 22 -2.89 12.87 64.91
N LEU BA 23 -1.72 12.89 64.28
CA LEU BA 23 -0.53 13.40 64.95
C LEU BA 23 -0.65 14.89 65.21
N ALA BA 24 -1.14 15.66 64.23
CA ALA BA 24 -1.21 17.10 64.38
C ALA BA 24 -2.23 17.49 65.45
N ASN BA 25 -3.42 16.89 65.42
CA ASN BA 25 -4.47 17.27 66.36
C ASN BA 25 -4.08 16.98 67.80
N ALA BA 26 -3.23 15.96 68.01
CA ALA BA 26 -2.81 15.63 69.37
C ALA BA 26 -1.75 16.60 69.87
N VAL BA 27 -0.79 16.96 69.01
CA VAL BA 27 0.31 17.81 69.45
C VAL BA 27 -0.10 19.29 69.47
N LYS BA 28 -1.00 19.72 68.58
CA LYS BA 28 -1.26 21.15 68.41
C LYS BA 28 -2.03 21.75 69.58
N VAL BA 29 -2.65 20.92 70.43
CA VAL BA 29 -3.35 21.45 71.59
C VAL BA 29 -2.39 21.93 72.67
N THR BA 30 -1.12 21.59 72.57
CA THR BA 30 -0.09 22.03 73.51
C THR BA 30 0.67 23.26 73.03
N LEU BA 31 0.31 23.81 71.87
CA LEU BA 31 1.06 24.91 71.29
C LEU BA 31 0.75 26.22 72.02
N GLY BA 32 1.77 27.06 72.15
CA GLY BA 32 1.61 28.37 72.77
C GLY BA 32 1.63 28.29 74.29
N PRO BA 33 1.67 29.47 74.93
CA PRO BA 33 1.63 29.48 76.41
C PRO BA 33 0.30 29.03 76.97
N ALA BA 34 -0.76 29.03 76.17
CA ALA BA 34 -2.08 28.59 76.60
C ALA BA 34 -2.30 27.10 76.37
N GLY BA 35 -1.27 26.37 75.95
CA GLY BA 35 -1.42 24.97 75.66
C GLY BA 35 -1.95 24.18 76.85
N ARG BA 36 -2.49 23.01 76.54
CA ARG BA 36 -3.26 22.23 77.50
C ARG BA 36 -2.66 20.85 77.69
N ASN BA 37 -3.06 20.21 78.79
CA ASN BA 37 -2.51 18.91 79.16
C ASN BA 37 -2.96 17.82 78.19
N VAL BA 38 -2.05 16.87 77.95
CA VAL BA 38 -2.35 15.66 77.21
C VAL BA 38 -1.95 14.48 78.08
N LEU BA 39 -2.93 13.67 78.48
CA LEU BA 39 -2.69 12.55 79.36
C LEU BA 39 -2.21 11.34 78.56
N ILE BA 40 -1.07 10.79 78.95
CA ILE BA 40 -0.47 9.64 78.28
C ILE BA 40 -0.44 8.48 79.27
N ASP BA 41 -1.11 7.39 78.91
CA ASP BA 41 -1.23 6.25 79.80
C ASP BA 41 0.12 5.54 79.95
N LYS BA 42 0.28 4.86 81.09
CA LYS BA 42 1.45 4.05 81.37
C LYS BA 42 1.01 2.66 81.81
N LYS BA 43 1.95 1.72 81.82
CA LYS BA 43 1.63 0.33 82.08
C LYS BA 43 0.98 0.15 83.45
N PHE BA 44 1.55 0.78 84.49
CA PHE BA 44 1.02 0.68 85.84
C PHE BA 44 1.23 2.00 86.55
N GLY BA 45 0.31 2.33 87.46
CA GLY BA 45 0.40 3.56 88.21
C GLY BA 45 -0.40 4.69 87.58
N ALA BA 46 0.02 5.91 87.93
CA ALA BA 46 -0.65 7.12 87.45
C ALA BA 46 -0.14 7.52 86.07
N PRO BA 47 -1.00 8.10 85.24
CA PRO BA 47 -0.58 8.50 83.90
C PRO BA 47 0.30 9.73 83.92
N THR BA 48 0.99 9.95 82.80
CA THR BA 48 1.83 11.13 82.62
C THR BA 48 0.99 12.28 82.08
N SER BA 49 1.12 13.44 82.71
CA SER BA 49 0.45 14.67 82.27
C SER BA 49 1.52 15.62 81.75
N THR BA 50 1.39 16.02 80.49
CA THR BA 50 2.40 16.88 79.87
C THR BA 50 1.75 17.90 78.94
N LYS BA 51 2.23 19.13 79.02
CA LYS BA 51 1.94 20.17 78.03
C LYS BA 51 3.02 20.27 76.96
N ASP BA 52 4.02 19.38 77.00
CA ASP BA 52 5.13 19.42 76.07
C ASP BA 52 4.74 18.72 74.77
N GLY BA 53 4.75 19.46 73.67
CA GLY BA 53 4.40 18.86 72.39
C GLY BA 53 5.43 17.87 71.89
N VAL BA 54 6.69 18.02 72.31
CA VAL BA 54 7.73 17.08 71.89
C VAL BA 54 7.48 15.72 72.53
N THR BA 55 7.08 15.71 73.80
CA THR BA 55 6.81 14.45 74.48
C THR BA 55 5.61 13.73 73.86
N VAL BA 56 4.57 14.49 73.49
CA VAL BA 56 3.38 13.88 72.91
C VAL BA 56 3.70 13.23 71.57
N ALA BA 57 4.48 13.92 70.72
CA ALA BA 57 4.77 13.38 69.40
C ALA BA 57 5.54 12.07 69.46
N LYS BA 58 6.32 11.86 70.54
CA LYS BA 58 7.06 10.61 70.68
C LYS BA 58 6.12 9.43 70.88
N GLU BA 59 4.94 9.67 71.44
CA GLU BA 59 4.01 8.60 71.78
C GLU BA 59 3.08 8.21 70.64
N ILE BA 60 2.98 9.01 69.58
CA ILE BA 60 1.99 8.76 68.54
C ILE BA 60 2.45 7.59 67.68
N GLU BA 61 1.61 6.57 67.61
CA GLU BA 61 1.77 5.46 66.67
C GLU BA 61 0.38 4.96 66.33
N LEU BA 62 0.16 4.58 65.08
CA LEU BA 62 -1.17 4.27 64.59
C LEU BA 62 -1.28 2.82 64.15
N VAL BA 63 -2.52 2.31 64.17
CA VAL BA 63 -2.78 0.93 63.79
C VAL BA 63 -2.68 0.75 62.28
N ASP BA 64 -3.33 1.61 61.52
CA ASP BA 64 -3.33 1.49 60.06
C ASP BA 64 -1.92 1.75 59.54
N PRO BA 65 -1.37 0.85 58.71
CA PRO BA 65 0.00 1.07 58.22
C PRO BA 65 0.16 2.34 57.41
N VAL BA 66 -0.78 2.63 56.50
CA VAL BA 66 -0.66 3.83 55.68
C VAL BA 66 -0.83 5.08 56.54
N GLU BA 67 -1.78 5.06 57.47
CA GLU BA 67 -1.95 6.20 58.37
C GLU BA 67 -0.72 6.42 59.23
N ASN BA 68 -0.11 5.33 59.70
CA ASN BA 68 1.10 5.46 60.51
C ASN BA 68 2.25 6.07 59.72
N MET BA 69 2.32 5.78 58.42
CA MET BA 69 3.39 6.34 57.59
C MET BA 69 3.31 7.86 57.56
N GLY BA 70 2.13 8.40 57.23
CA GLY BA 70 1.98 9.85 57.22
C GLY BA 70 2.28 10.48 58.56
N ALA BA 71 1.91 9.81 59.65
CA ALA BA 71 2.23 10.32 60.97
C ALA BA 71 3.73 10.25 61.25
N GLN BA 72 4.38 9.15 60.85
CA GLN BA 72 5.81 9.04 61.08
C GLN BA 72 6.61 9.91 60.12
N MET BA 73 6.07 10.21 58.94
CA MET BA 73 6.72 11.13 58.02
C MET BA 73 6.83 12.52 58.62
N VAL BA 74 5.69 13.09 59.04
CA VAL BA 74 5.69 14.42 59.61
C VAL BA 74 6.45 14.45 60.93
N ARG BA 75 6.35 13.36 61.71
CA ARG BA 75 6.98 13.33 63.02
C ARG BA 75 8.50 13.40 62.92
N GLU BA 76 9.09 12.67 61.97
CA GLU BA 76 10.54 12.67 61.84
C GLU BA 76 11.04 13.97 61.25
N VAL BA 77 10.34 14.51 60.25
CA VAL BA 77 10.79 15.75 59.61
C VAL BA 77 10.63 16.93 60.56
N ALA BA 78 9.53 16.97 61.32
CA ALA BA 78 9.34 18.05 62.28
C ALA BA 78 10.34 17.96 63.43
N SER BA 79 10.79 16.74 63.77
CA SER BA 79 11.78 16.58 64.83
C SER BA 79 13.13 17.18 64.45
N LYS BA 80 13.36 17.43 63.16
CA LYS BA 80 14.58 18.08 62.69
C LYS BA 80 14.63 19.56 63.04
N THR BA 81 13.57 20.10 63.63
CA THR BA 81 13.57 21.48 64.12
C THR BA 81 14.12 21.58 65.54
N SER BA 82 13.48 20.91 66.49
CA SER BA 82 13.85 21.02 67.90
C SER BA 82 15.16 20.31 68.24
N ASP BA 83 15.76 19.56 67.31
CA ASP BA 83 17.05 18.95 67.59
C ASP BA 83 18.19 19.94 67.41
N VAL BA 84 18.13 20.76 66.35
CA VAL BA 84 19.14 21.78 66.11
C VAL BA 84 18.75 23.13 66.68
N ALA BA 85 17.55 23.25 67.23
CA ALA BA 85 17.05 24.50 67.80
C ALA BA 85 16.44 24.20 69.17
N GLY BA 86 16.15 25.27 69.91
CA GLY BA 86 15.60 25.09 71.26
C GLY BA 86 14.27 24.36 71.24
N ASP BA 87 13.37 24.77 70.35
CA ASP BA 87 12.03 24.21 70.26
C ASP BA 87 11.51 24.44 68.84
N GLY BA 88 10.21 24.23 68.66
CA GLY BA 88 9.55 24.50 67.39
C GLY BA 88 9.13 23.29 66.60
N THR BA 89 9.32 22.06 67.11
CA THR BA 89 8.86 20.89 66.38
C THR BA 89 7.33 20.82 66.34
N THR BA 90 6.66 21.40 67.33
CA THR BA 90 5.20 21.44 67.32
C THR BA 90 4.68 22.37 66.23
N THR BA 91 5.35 23.51 66.04
CA THR BA 91 4.94 24.45 64.99
C THR BA 91 5.09 23.81 63.61
N ALA BA 92 6.18 23.08 63.39
CA ALA BA 92 6.38 22.43 62.10
C ALA BA 92 5.25 21.45 61.79
N THR BA 93 4.78 20.74 62.82
CA THR BA 93 3.67 19.81 62.61
C THR BA 93 2.40 20.55 62.25
N VAL BA 94 2.07 21.63 62.98
CA VAL BA 94 0.88 22.41 62.69
C VAL BA 94 0.95 22.99 61.28
N LEU BA 95 2.10 23.52 60.90
CA LEU BA 95 2.27 24.06 59.56
C LEU BA 95 2.14 22.96 58.51
N ALA BA 96 2.71 21.79 58.77
CA ALA BA 96 2.64 20.71 57.80
C ALA BA 96 1.22 20.24 57.56
N GLN BA 97 0.37 20.26 58.60
CA GLN BA 97 -1.02 19.86 58.44
C GLN BA 97 -1.77 20.84 57.55
N ALA BA 98 -1.56 22.14 57.76
CA ALA BA 98 -2.26 23.15 56.96
C ALA BA 98 -1.82 23.13 55.51
N ILE BA 99 -0.52 22.95 55.26
CA ILE BA 99 -0.02 22.92 53.90
C ILE BA 99 -0.57 21.71 53.16
N TYR BA 100 -0.51 20.54 53.79
CA TYR BA 100 -0.96 19.31 53.13
C TYR BA 100 -2.48 19.29 52.97
N ARG BA 101 -3.23 19.88 53.90
CA ARG BA 101 -4.67 19.92 53.78
C ARG BA 101 -5.11 20.76 52.59
N GLU BA 102 -4.65 22.02 52.53
CA GLU BA 102 -5.03 22.89 51.43
C GLU BA 102 -4.45 22.43 50.10
N GLY BA 103 -3.30 21.76 50.13
CA GLY BA 103 -2.73 21.23 48.91
C GLY BA 103 -3.56 20.08 48.35
N LEU BA 104 -3.89 19.11 49.21
CA LEU BA 104 -4.71 17.98 48.77
C LEU BA 104 -6.10 18.42 48.34
N LYS BA 105 -6.60 19.52 48.91
CA LYS BA 105 -7.90 20.03 48.52
C LYS BA 105 -7.89 20.55 47.09
N ASN BA 106 -6.80 21.21 46.69
CA ASN BA 106 -6.69 21.74 45.33
C ASN BA 106 -6.38 20.65 44.32
N VAL BA 107 -5.67 19.59 44.72
CA VAL BA 107 -5.45 18.47 43.82
C VAL BA 107 -6.78 17.85 43.43
N THR BA 108 -7.71 17.76 44.38
CA THR BA 108 -9.06 17.29 44.07
C THR BA 108 -9.76 18.23 43.09
N ALA BA 109 -9.50 19.53 43.20
CA ALA BA 109 -10.07 20.50 42.28
C ALA BA 109 -9.47 20.44 40.88
N GLY BA 110 -8.44 19.63 40.68
CA GLY BA 110 -7.81 19.47 39.38
C GLY BA 110 -6.46 20.14 39.23
N ALA BA 111 -5.94 20.76 40.28
CA ALA BA 111 -4.62 21.40 40.20
C ALA BA 111 -3.53 20.34 40.12
N ARG BA 112 -2.48 20.64 39.37
CA ARG BA 112 -1.38 19.71 39.22
C ARG BA 112 -0.55 19.67 40.51
N PRO BA 113 -0.25 18.49 41.05
CA PRO BA 113 0.54 18.43 42.28
C PRO BA 113 1.97 18.92 42.10
N ILE BA 114 2.54 18.78 40.90
CA ILE BA 114 3.93 19.19 40.70
C ILE BA 114 4.04 20.71 40.67
N ASP BA 115 3.03 21.40 40.13
CA ASP BA 115 3.05 22.86 40.13
C ASP BA 115 2.69 23.43 41.50
N LEU BA 116 1.88 22.72 42.28
CA LEU BA 116 1.66 23.12 43.67
C LEU BA 116 2.95 23.02 44.47
N LYS BA 117 3.79 22.03 44.17
CA LYS BA 117 5.08 21.92 44.84
C LYS BA 117 5.99 23.09 44.46
N ARG BA 118 6.03 23.44 43.17
CA ARG BA 118 6.86 24.56 42.74
C ARG BA 118 6.40 25.87 43.34
N GLY BA 119 5.08 26.07 43.47
CA GLY BA 119 4.58 27.28 44.09
C GLY BA 119 4.91 27.36 45.57
N ILE BA 120 4.84 26.23 46.27
CA ILE BA 120 5.14 26.23 47.70
C ILE BA 120 6.64 26.44 47.93
N ASP BA 121 7.48 25.83 47.09
CA ASP BA 121 8.92 25.97 47.25
C ASP BA 121 9.37 27.42 47.04
N ARG BA 122 8.79 28.09 46.04
CA ARG BA 122 9.12 29.49 45.82
C ARG BA 122 8.56 30.38 46.91
N ALA BA 123 7.38 30.05 47.43
CA ALA BA 123 6.79 30.85 48.49
C ALA BA 123 7.60 30.78 49.78
N VAL BA 124 8.21 29.64 50.05
CA VAL BA 124 8.97 29.49 51.30
C VAL BA 124 10.27 30.28 51.24
N LYS BA 125 10.97 30.22 50.09
CA LYS BA 125 12.24 30.93 49.96
C LYS BA 125 12.06 32.43 50.18
N GLU BA 126 10.94 32.99 49.73
CA GLU BA 126 10.68 34.41 49.92
C GLU BA 126 10.24 34.73 51.34
N VAL BA 127 9.51 33.81 51.99
CA VAL BA 127 9.12 34.04 53.39
C VAL BA 127 10.32 33.87 54.30
N VAL BA 128 11.18 32.88 54.02
CA VAL BA 128 12.41 32.72 54.80
C VAL BA 128 13.30 33.94 54.64
N ALA BA 129 13.40 34.46 53.41
CA ALA BA 129 14.19 35.67 53.19
C ALA BA 129 13.59 36.86 53.93
N GLU BA 130 12.28 37.06 53.80
CA GLU BA 130 11.62 38.14 54.53
C GLU BA 130 11.71 37.92 56.04
N LEU BA 131 11.79 36.67 56.48
CA LEU BA 131 11.94 36.39 57.90
C LEU BA 131 13.29 36.86 58.41
N ARG BA 132 14.32 36.87 57.57
CA ARG BA 132 15.62 37.37 57.95
C ARG BA 132 15.70 38.89 57.94
N ASN BA 133 14.84 39.57 57.17
CA ASN BA 133 14.80 41.02 57.19
C ASN BA 133 14.22 41.53 58.51
N ILE BA 134 13.14 40.91 58.98
CA ILE BA 134 12.57 41.28 60.27
C ILE BA 134 13.42 40.80 61.44
N SER BA 135 14.38 39.91 61.18
CA SER BA 135 15.21 39.37 62.25
C SER BA 135 16.01 40.47 62.94
N ARG BA 136 16.12 40.36 64.26
CA ARG BA 136 16.86 41.30 65.09
C ARG BA 136 18.09 40.58 65.63
N SER BA 137 19.27 41.00 65.17
CA SER BA 137 20.50 40.32 65.54
C SER BA 137 20.77 40.44 67.04
N ILE BA 138 21.48 39.45 67.57
CA ILE BA 138 21.91 39.43 68.96
C ILE BA 138 23.43 39.39 68.95
N SER BA 139 24.05 40.47 69.42
CA SER BA 139 25.50 40.62 69.30
C SER BA 139 26.16 40.98 70.63
N GLY BA 140 25.84 42.17 71.15
CA GLY BA 140 26.51 42.64 72.34
C GLY BA 140 26.19 41.80 73.57
N LYS BA 141 27.08 41.87 74.55
CA LYS BA 141 26.89 41.14 75.78
C LYS BA 141 25.67 41.63 76.54
N LYS BA 142 25.29 42.89 76.34
CA LYS BA 142 24.07 43.42 76.98
C LYS BA 142 22.83 42.73 76.42
N GLU BA 143 22.84 42.41 75.13
CA GLU BA 143 21.69 41.72 74.52
C GLU BA 143 21.68 40.24 74.85
N ILE BA 144 22.85 39.59 74.85
CA ILE BA 144 22.91 38.16 75.12
C ILE BA 144 22.47 37.87 76.55
N ALA BA 145 22.80 38.75 77.49
CA ALA BA 145 22.34 38.58 78.86
C ALA BA 145 20.83 38.65 78.96
N GLN BA 146 20.19 39.44 78.10
CA GLN BA 146 18.74 39.53 78.10
C GLN BA 146 18.11 38.32 77.40
N VAL BA 147 18.72 37.82 76.33
CA VAL BA 147 18.21 36.64 75.66
C VAL BA 147 18.32 35.42 76.55
N GLY BA 148 19.43 35.28 77.26
CA GLY BA 148 19.59 34.17 78.19
C GLY BA 148 18.67 34.28 79.39
N THR BA 149 18.30 35.49 79.78
CA THR BA 149 17.39 35.67 80.89
C THR BA 149 15.97 35.24 80.53
N ILE BA 150 15.53 35.53 79.31
CA ILE BA 150 14.20 35.11 78.88
C ILE BA 150 14.13 33.59 78.80
N SER BA 151 15.16 32.95 78.25
CA SER BA 151 15.19 31.50 78.15
C SER BA 151 15.36 30.84 79.52
N ALA BA 152 15.78 31.60 80.53
CA ALA BA 152 15.93 31.11 81.89
C ALA BA 152 14.67 31.30 82.72
N ASN BA 153 13.57 31.73 82.10
CA ASN BA 153 12.33 32.09 82.80
C ASN BA 153 12.56 33.30 83.71
N ASN BA 154 13.14 34.35 83.12
CA ASN BA 154 13.38 35.61 83.80
C ASN BA 154 14.29 35.43 85.02
N ASP BA 155 15.42 34.77 84.79
CA ASP BA 155 16.45 34.61 85.82
C ASP BA 155 17.64 35.48 85.47
N PRO BA 156 17.86 36.60 86.18
CA PRO BA 156 18.97 37.49 85.78
C PRO BA 156 20.35 36.88 85.98
N GLU BA 157 20.52 36.04 87.00
CA GLU BA 157 21.83 35.44 87.23
C GLU BA 157 22.20 34.45 86.13
N ILE BA 158 21.22 33.69 85.64
CA ILE BA 158 21.49 32.73 84.57
C ILE BA 158 21.76 33.45 83.25
N GLY BA 159 21.05 34.56 83.01
CA GLY BA 159 21.24 35.29 81.77
C GLY BA 159 22.63 35.86 81.63
N GLU BA 160 23.15 36.48 82.71
CA GLU BA 160 24.49 37.03 82.65
C GLU BA 160 25.54 35.93 82.64
N LEU BA 161 25.25 34.78 83.24
CA LEU BA 161 26.19 33.66 83.23
C LEU BA 161 26.40 33.15 81.81
N ILE BA 162 25.33 33.13 81.01
CA ILE BA 162 25.45 32.72 79.62
C ILE BA 162 26.22 33.76 78.82
N ALA BA 163 25.96 35.04 79.11
CA ALA BA 163 26.65 36.11 78.37
C ALA BA 163 28.13 36.16 78.72
N GLU BA 164 28.47 36.02 80.00
CA GLU BA 164 29.87 36.03 80.39
C GLU BA 164 30.61 34.80 79.88
N ALA BA 165 29.89 33.68 79.71
CA ALA BA 165 30.51 32.50 79.13
C ALA BA 165 30.83 32.72 77.65
N MET BA 166 29.91 33.37 76.92
CA MET BA 166 30.17 33.70 75.52
C MET BA 166 31.13 34.87 75.36
N ASP BA 167 31.42 35.60 76.43
CA ASP BA 167 32.36 36.72 76.35
C ASP BA 167 33.81 36.23 76.38
N LYS BA 168 34.11 35.24 77.23
CA LYS BA 168 35.48 34.76 77.35
C LYS BA 168 35.86 33.84 76.20
N VAL BA 169 35.00 32.86 75.88
CA VAL BA 169 35.32 31.87 74.84
C VAL BA 169 34.84 32.28 73.47
N GLY BA 170 34.06 33.34 73.35
CA GLY BA 170 33.51 33.75 72.08
C GLY BA 170 32.14 33.14 71.80
N LYS BA 171 31.42 33.76 70.87
CA LYS BA 171 30.10 33.26 70.52
C LYS BA 171 30.17 31.93 69.80
N ASP BA 172 31.29 31.63 69.14
CA ASP BA 172 31.49 30.37 68.46
C ASP BA 172 32.24 29.35 69.31
N GLY BA 173 32.60 29.71 70.54
CA GLY BA 173 33.33 28.80 71.41
C GLY BA 173 32.44 27.71 72.00
N VAL BA 174 33.09 26.70 72.55
CA VAL BA 174 32.42 25.57 73.16
C VAL BA 174 32.11 25.90 74.62
N ILE BA 175 30.85 25.76 75.01
CA ILE BA 175 30.40 26.02 76.37
C ILE BA 175 29.65 24.80 76.86
N THR BA 176 30.10 24.21 77.96
CA THR BA 176 29.48 23.04 78.55
C THR BA 176 28.95 23.37 79.94
N VAL BA 177 27.92 22.64 80.36
CA VAL BA 177 27.28 22.82 81.65
C VAL BA 177 27.42 21.54 82.45
N GLU BA 178 27.76 21.68 83.73
CA GLU BA 178 27.88 20.54 84.63
C GLU BA 178 27.42 20.96 86.01
N GLU BA 179 27.43 20.00 86.94
CA GLU BA 179 27.00 20.24 88.30
C GLU BA 179 28.20 20.61 89.17
N ALA BA 180 28.00 21.57 90.07
CA ALA BA 180 29.05 22.12 90.90
C ALA BA 180 28.80 21.80 92.37
N LYS BA 181 29.89 21.77 93.14
CA LYS BA 181 29.83 21.51 94.56
C LYS BA 181 29.57 22.83 95.30
N GLY BA 182 28.45 22.89 96.02
CA GLY BA 182 28.08 24.08 96.75
C GLY BA 182 27.03 24.91 96.03
N MET BA 183 26.52 25.91 96.74
CA MET BA 183 25.51 26.80 96.19
C MET BA 183 26.10 27.85 95.26
N GLU BA 184 27.37 28.20 95.46
CA GLU BA 184 27.99 29.27 94.67
C GLU BA 184 28.00 28.93 93.20
N THR BA 185 27.57 29.90 92.38
CA THR BA 185 27.57 29.77 90.93
C THR BA 185 28.76 30.55 90.37
N GLU BA 186 29.67 29.85 89.70
CA GLU BA 186 30.89 30.44 89.18
C GLU BA 186 31.10 30.03 87.74
N LEU BA 187 32.02 30.72 87.07
CA LEU BA 187 32.39 30.44 85.69
C LEU BA 187 33.88 30.09 85.66
N LYS BA 188 34.19 28.85 85.30
CA LYS BA 188 35.56 28.37 85.24
C LYS BA 188 35.95 28.17 83.77
N VAL BA 189 37.02 28.83 83.35
CA VAL BA 189 37.50 28.77 81.98
C VAL BA 189 38.69 27.81 81.95
N VAL BA 190 38.52 26.67 81.28
CA VAL BA 190 39.59 25.70 81.11
C VAL BA 190 39.95 25.64 79.63
N GLU BA 191 40.89 24.76 79.28
CA GLU BA 191 41.37 24.64 77.92
C GLU BA 191 41.02 23.26 77.36
N GLY BA 192 40.73 23.24 76.05
CA GLY BA 192 40.36 22.00 75.40
C GLY BA 192 39.79 22.29 74.02
N MET BA 193 39.05 21.31 73.50
CA MET BA 193 38.42 21.44 72.20
C MET BA 193 37.25 20.46 72.13
N GLN BA 194 36.56 20.47 71.00
CA GLN BA 194 35.43 19.58 70.76
C GLN BA 194 35.42 19.17 69.29
N PHE BA 195 34.98 17.94 69.03
CA PHE BA 195 34.94 17.39 67.68
C PHE BA 195 33.50 17.08 67.29
N ASP BA 196 33.26 17.07 65.98
CA ASP BA 196 31.93 16.77 65.46
C ASP BA 196 31.73 15.27 65.30
N THR BA 206 23.93 7.56 78.33
CA THR BA 206 23.80 7.40 79.78
C THR BA 206 22.42 7.82 80.25
N ASN BA 207 22.10 9.11 80.11
CA ASN BA 207 20.83 9.67 80.53
C ASN BA 207 20.05 10.06 79.28
N SER BA 208 18.95 9.35 79.02
CA SER BA 208 18.12 9.62 77.86
C SER BA 208 16.81 10.30 78.26
N MET BA 211 19.05 11.89 75.07
CA MET BA 211 19.92 10.78 74.76
C MET BA 211 21.39 11.18 74.85
N GLU BA 212 21.78 11.75 75.99
CA GLU BA 212 23.14 12.19 76.22
C GLU BA 212 23.92 11.13 77.00
N ALA BA 213 25.19 10.98 76.67
CA ALA BA 213 26.08 10.03 77.34
C ALA BA 213 27.10 10.80 78.17
N GLU BA 214 27.06 10.60 79.48
CA GLU BA 214 27.94 11.30 80.41
C GLU BA 214 28.94 10.32 81.00
N LEU BA 215 30.22 10.54 80.72
CA LEU BA 215 31.30 9.72 81.24
C LEU BA 215 32.29 10.59 82.00
N ASP BA 216 32.73 10.11 83.16
CA ASP BA 216 33.63 10.85 84.02
C ASP BA 216 34.98 10.14 84.10
N GLU BA 217 36.04 10.95 84.23
CA GLU BA 217 37.42 10.46 84.34
C GLU BA 217 37.78 9.59 83.15
N ALA BA 218 37.88 10.24 82.00
CA ALA BA 218 38.20 9.56 80.76
C ALA BA 218 39.69 9.18 80.72
N LEU BA 219 39.99 8.18 79.90
CA LEU BA 219 41.35 7.69 79.73
C LEU BA 219 41.76 7.80 78.26
N ILE BA 220 43.07 7.84 78.03
CA ILE BA 220 43.62 7.96 76.69
C ILE BA 220 43.29 6.72 75.86
N LEU BA 234 40.96 -7.05 70.90
CA LEU BA 234 41.40 -5.97 71.78
C LEU BA 234 42.90 -6.03 72.04
N PRO BA 235 43.57 -4.89 71.96
CA PRO BA 235 45.02 -4.86 72.20
C PRO BA 235 45.36 -4.96 73.68
N ILE BA 236 46.64 -4.80 74.00
CA ILE BA 236 47.08 -4.83 75.39
C ILE BA 236 46.58 -3.57 76.10
N LEU BA 237 45.86 -3.77 77.20
CA LEU BA 237 45.30 -2.66 77.96
C LEU BA 237 45.65 -2.78 79.45
N LEU BA 247 37.21 5.24 79.95
CA LEU BA 247 38.10 5.00 78.82
C LEU BA 247 37.39 5.24 77.49
N LEU BA 248 38.02 6.02 76.63
CA LEU BA 248 37.46 6.36 75.32
C LEU BA 248 38.41 5.89 74.22
N ILE BA 249 37.84 5.40 73.12
CA ILE BA 249 38.61 4.93 71.97
C ILE BA 249 38.46 5.97 70.87
N ILE BA 250 39.59 6.54 70.46
CA ILE BA 250 39.61 7.57 69.42
C ILE BA 250 40.14 6.93 68.15
N ALA BA 251 39.27 6.78 67.15
CA ALA BA 251 39.63 6.23 65.85
C ALA BA 251 38.51 6.55 64.88
N GLU BA 252 38.70 6.15 63.62
CA GLU BA 252 37.67 6.36 62.62
C GLU BA 252 36.57 5.31 62.69
N ASP BA 253 36.91 4.08 63.06
CA ASP BA 253 35.94 3.00 63.13
C ASP BA 253 36.47 1.84 63.97
N VAL BA 276 33.91 6.24 69.30
CA VAL BA 276 33.54 7.51 68.71
C VAL BA 276 34.40 7.78 67.46
N LYS BA 277 33.74 8.22 66.39
CA LYS BA 277 34.44 8.50 65.15
C LYS BA 277 35.30 9.76 65.31
N ALA BA 278 36.53 9.69 64.84
CA ALA BA 278 37.46 10.82 64.95
C ALA BA 278 37.11 11.91 63.94
N ALA BA 287 41.15 14.83 59.02
CA ALA BA 287 42.46 15.34 58.66
C ALA BA 287 43.56 14.61 59.44
N MET BA 288 43.81 15.05 60.67
CA MET BA 288 44.83 14.47 61.53
C MET BA 288 44.23 14.25 62.91
N LEU BA 289 44.27 13.01 63.38
CA LEU BA 289 43.79 12.66 64.71
C LEU BA 289 44.83 12.84 65.80
N GLU BA 290 46.06 13.21 65.43
CA GLU BA 290 47.12 13.43 66.41
C GLU BA 290 47.06 14.81 67.04
N ASP BA 291 46.19 15.69 66.55
CA ASP BA 291 46.09 17.03 67.14
C ASP BA 291 45.45 16.98 68.52
N ILE BA 292 44.55 16.02 68.76
CA ILE BA 292 43.92 15.87 70.07
C ILE BA 292 44.82 15.16 71.07
N ALA BA 293 45.92 14.56 70.62
CA ALA BA 293 46.81 13.85 71.52
C ALA BA 293 47.63 14.80 72.39
N ILE BA 294 47.70 16.08 72.03
CA ILE BA 294 48.46 17.05 72.80
C ILE BA 294 47.71 17.40 74.09
N TYR BA 307 51.29 -1.54 69.74
CA TYR BA 307 50.13 -2.29 70.19
C TYR BA 307 49.17 -2.55 69.02
N LYS BA 308 49.29 -3.74 68.42
CA LYS BA 308 48.45 -4.11 67.29
C LYS BA 308 47.13 -4.72 67.80
N LEU BA 309 46.31 -5.16 66.86
CA LEU BA 309 45.01 -5.75 67.20
C LEU BA 309 45.18 -7.07 67.93
N ALA BA 321 40.08 15.76 82.02
CA ALA BA 321 39.24 15.37 83.15
C ALA BA 321 37.98 14.66 82.67
N ARG BA 322 36.84 15.33 82.79
CA ARG BA 322 35.56 14.76 82.39
C ARG BA 322 35.35 14.98 80.90
N ILE BA 323 35.10 13.89 80.18
CA ILE BA 323 34.84 13.93 78.74
C ILE BA 323 33.42 13.42 78.53
N THR BA 324 32.52 14.31 78.09
CA THR BA 324 31.13 13.97 77.87
C THR BA 324 30.87 13.75 76.38
N ILE BA 325 30.06 12.73 76.08
CA ILE BA 325 29.71 12.43 74.69
C ILE BA 325 28.30 12.93 74.42
N ASP BA 326 27.85 12.76 73.18
CA ASP BA 326 26.52 13.20 72.76
C ASP BA 326 26.19 12.48 71.46
N LYS BA 327 25.08 12.88 70.83
CA LYS BA 327 24.69 12.29 69.56
C LYS BA 327 25.59 12.79 68.44
N ASP BA 328 25.49 14.07 68.11
CA ASP BA 328 26.30 14.68 67.07
C ASP BA 328 27.54 15.39 67.60
N ASN BA 329 27.79 15.37 68.90
CA ASN BA 329 28.87 16.13 69.50
C ASN BA 329 29.68 15.27 70.44
N THR BA 330 30.93 15.67 70.64
CA THR BA 330 31.81 15.09 71.65
C THR BA 330 32.81 16.17 72.09
N THR BA 331 33.22 16.10 73.35
CA THR BA 331 34.06 17.14 73.92
C THR BA 331 35.08 16.53 74.88
N ILE BA 332 36.15 17.29 75.11
CA ILE BA 332 37.21 16.91 76.03
C ILE BA 332 37.52 18.12 76.91
N VAL BA 333 37.50 17.92 78.23
CA VAL BA 333 37.70 18.99 79.19
C VAL BA 333 38.92 18.65 80.05
N GLU BA 334 39.85 19.60 80.15
CA GLU BA 334 41.05 19.49 80.99
C GLU BA 334 41.87 18.25 80.61
N GLY BA 335 42.46 18.34 79.42
CA GLY BA 335 43.28 17.26 78.90
C GLY BA 335 44.59 17.10 79.65
N GLU BA 341 53.73 20.89 77.73
CA GLU BA 341 53.86 20.17 76.46
C GLU BA 341 53.01 20.80 75.37
N ILE BA 342 51.94 21.50 75.79
CA ILE BA 342 51.05 22.14 74.83
C ILE BA 342 51.68 23.36 74.21
N LYS BA 343 52.65 23.99 74.88
CA LYS BA 343 53.31 25.16 74.31
C LYS BA 343 54.15 24.78 73.09
N ALA BA 344 54.69 23.56 73.05
CA ALA BA 344 55.46 23.14 71.89
C ALA BA 344 54.55 22.93 70.68
N ARG BA 345 53.36 22.38 70.90
CA ARG BA 345 52.40 22.16 69.81
C ARG BA 345 51.58 23.40 69.50
N ILE BA 346 51.67 24.44 70.32
CA ILE BA 346 50.91 25.66 70.07
C ILE BA 346 51.42 26.36 68.82
N ASN BA 347 52.73 26.60 68.75
CA ASN BA 347 53.35 27.23 67.60
C ASN BA 347 53.89 26.23 66.58
N GLU BA 348 53.72 24.93 66.82
CA GLU BA 348 54.19 23.90 65.91
C GLU BA 348 53.58 24.07 64.52
N ILE BA 349 52.26 23.88 64.41
CA ILE BA 349 51.58 24.05 63.14
C ILE BA 349 51.21 25.49 62.84
N LYS BA 350 51.55 26.42 63.73
CA LYS BA 350 51.29 27.83 63.46
C LYS BA 350 52.10 28.33 62.26
N GLY BA 351 53.32 27.83 62.09
CA GLY BA 351 54.14 28.21 60.95
C GLY BA 351 53.60 27.76 59.61
N GLN BA 352 52.65 26.83 59.59
CA GLN BA 352 52.06 26.34 58.36
C GLN BA 352 50.83 27.13 57.94
N ILE BA 353 50.47 28.18 58.68
CA ILE BA 353 49.30 28.99 58.37
C ILE BA 353 49.51 29.74 57.06
N LEU BA 365 43.36 23.42 59.15
CA LEU BA 365 44.37 24.47 59.21
C LEU BA 365 43.83 25.69 59.96
N GLN BA 366 43.12 26.57 59.22
CA GLN BA 366 42.55 27.75 59.83
C GLN BA 366 41.43 27.43 60.80
N GLU BA 367 40.79 26.26 60.67
CA GLU BA 367 39.73 25.86 61.59
C GLU BA 367 40.28 25.40 62.91
N ARG BA 368 41.06 24.30 62.90
CA ARG BA 368 41.61 23.73 64.13
C ARG BA 368 42.60 24.64 64.84
N LEU BA 369 42.99 25.75 64.22
CA LEU BA 369 43.92 26.67 64.87
C LEU BA 369 43.32 27.25 66.15
N ALA BA 370 42.11 27.81 66.05
CA ALA BA 370 41.44 28.40 67.20
C ALA BA 370 40.75 27.36 68.08
N LYS BA 371 40.69 26.10 67.65
CA LYS BA 371 40.03 25.06 68.45
C LYS BA 371 40.82 24.79 69.73
N LEU BA 372 42.12 24.58 69.60
CA LEU BA 372 42.98 24.35 70.75
C LEU BA 372 43.57 25.64 71.32
N SER BA 373 43.19 26.79 70.80
CA SER BA 373 43.79 28.06 71.23
C SER BA 373 43.12 28.60 72.49
N GLY BA 374 41.89 29.09 72.36
CA GLY BA 374 41.24 29.79 73.45
C GLY BA 374 40.91 28.94 74.67
N GLY BA 375 40.12 27.90 74.49
CA GLY BA 375 39.79 27.01 75.58
C GLY BA 375 38.37 26.49 75.45
N VAL BA 376 37.87 25.95 76.56
CA VAL BA 376 36.49 25.48 76.68
C VAL BA 376 35.91 26.05 77.96
N ALA BA 377 34.77 26.73 77.83
CA ALA BA 377 34.12 27.32 79.00
C ALA BA 377 33.29 26.28 79.74
N VAL BA 378 33.38 26.29 81.06
CA VAL BA 378 32.65 25.36 81.92
C VAL BA 378 31.77 26.17 82.86
N LEU BA 379 30.48 25.88 82.85
CA LEU BA 379 29.50 26.57 83.68
C LEU BA 379 29.25 25.78 84.95
N LYS BA 380 29.58 26.36 86.09
CA LYS BA 380 29.33 25.76 87.39
C LYS BA 380 27.98 26.24 87.90
N ILE BA 381 27.03 25.31 88.04
CA ILE BA 381 25.67 25.61 88.49
C ILE BA 381 25.47 24.99 89.87
N GLY BA 382 24.93 25.77 90.80
CA GLY BA 382 24.67 25.28 92.13
C GLY BA 382 23.45 25.97 92.72
N ALA BA 383 22.92 25.37 93.77
CA ALA BA 383 21.73 25.88 94.44
C ALA BA 383 21.75 25.47 95.90
N SER BA 384 20.70 25.86 96.63
CA SER BA 384 20.63 25.58 98.06
C SER BA 384 20.47 24.09 98.32
N THR BA 385 19.45 23.46 97.73
CA THR BA 385 19.15 22.06 97.96
C THR BA 385 19.71 21.21 96.82
N GLU BA 386 19.52 19.89 96.93
CA GLU BA 386 20.04 18.97 95.94
C GLU BA 386 19.19 18.96 94.67
N VAL BA 387 17.86 18.92 94.82
CA VAL BA 387 16.99 18.88 93.66
C VAL BA 387 16.92 20.23 92.97
N GLU BA 388 17.13 21.32 93.72
CA GLU BA 388 17.12 22.64 93.11
C GLU BA 388 18.36 22.87 92.25
N MET BA 389 19.45 22.17 92.55
CA MET BA 389 20.68 22.31 91.76
C MET BA 389 20.54 21.60 90.42
N LYS BA 390 19.86 20.45 90.40
CA LYS BA 390 19.73 19.71 89.15
C LYS BA 390 18.67 20.30 88.24
N GLU BA 391 17.63 20.94 88.80
CA GLU BA 391 16.64 21.60 87.96
C GLU BA 391 17.19 22.89 87.36
N LYS BA 392 18.07 23.58 88.08
CA LYS BA 392 18.73 24.74 87.51
C LYS BA 392 19.77 24.34 86.46
N LYS BA 393 20.43 23.20 86.66
CA LYS BA 393 21.38 22.70 85.67
C LYS BA 393 20.70 22.45 84.32
N ALA BA 394 19.52 21.83 84.35
CA ALA BA 394 18.80 21.59 83.11
C ALA BA 394 18.24 22.87 82.51
N ARG BA 395 17.88 23.84 83.37
CA ARG BA 395 17.36 25.11 82.86
C ARG BA 395 18.45 25.91 82.15
N VAL BA 396 19.71 25.77 82.56
CA VAL BA 396 20.80 26.45 81.89
C VAL BA 396 21.11 25.79 80.56
N GLU BA 397 21.09 24.45 80.51
CA GLU BA 397 21.38 23.75 79.27
C GLU BA 397 20.37 24.09 78.19
N ASP BA 398 19.10 24.28 78.57
CA ASP BA 398 18.10 24.70 77.59
C ASP BA 398 18.26 26.17 77.25
N ALA BA 399 18.65 27.00 78.23
CA ALA BA 399 18.88 28.41 77.94
C ALA BA 399 20.14 28.61 77.11
N LEU BA 400 21.20 27.87 77.42
CA LEU BA 400 22.41 27.95 76.60
C LEU BA 400 22.17 27.47 75.18
N HIS BA 401 21.33 26.44 75.03
CA HIS BA 401 21.01 25.93 73.69
C HIS BA 401 20.12 26.90 72.93
N ALA BA 402 19.28 27.66 73.63
CA ALA BA 402 18.39 28.61 72.97
C ALA BA 402 19.14 29.90 72.60
N THR BA 403 19.99 30.39 73.50
CA THR BA 403 20.76 31.60 73.21
C THR BA 403 21.78 31.35 72.10
N ARG BA 404 22.34 30.14 72.03
CA ARG BA 404 23.28 29.81 70.96
C ARG BA 404 22.61 29.93 69.59
N ALA BA 405 21.33 29.57 69.50
CA ALA BA 405 20.60 29.71 68.24
C ALA BA 405 20.15 31.15 68.00
N ALA BA 406 19.98 31.92 69.06
CA ALA BA 406 19.56 33.31 68.90
C ALA BA 406 20.68 34.16 68.31
N VAL BA 407 21.90 34.01 68.82
CA VAL BA 407 23.04 34.76 68.32
C VAL BA 407 23.51 34.27 66.95
N GLN BA 408 22.94 33.17 66.46
CA GLN BA 408 23.37 32.59 65.19
C GLN BA 408 22.60 33.19 64.02
N GLU BA 409 21.31 32.85 63.90
CA GLU BA 409 20.48 33.33 62.81
C GLU BA 409 19.60 34.52 63.20
N GLY BA 410 19.67 34.98 64.44
CA GLY BA 410 18.89 36.12 64.88
C GLY BA 410 17.69 35.71 65.71
N ILE BA 411 16.82 36.70 65.96
CA ILE BA 411 15.63 36.52 66.77
C ILE BA 411 14.46 37.23 66.10
N VAL BA 412 13.25 36.74 66.38
CA VAL BA 412 12.01 37.33 65.87
C VAL BA 412 10.96 37.29 66.98
N VAL BA 413 9.77 37.79 66.68
CA VAL BA 413 8.67 37.75 67.64
C VAL BA 413 8.20 36.31 67.80
N GLY BA 414 7.80 35.95 69.02
CA GLY BA 414 7.48 34.58 69.35
C GLY BA 414 6.03 34.22 69.53
N GLY BA 415 5.10 35.11 69.21
CA GLY BA 415 3.70 34.81 69.38
C GLY BA 415 3.05 34.25 68.14
N GLY BA 416 3.87 33.69 67.23
CA GLY BA 416 3.38 33.29 65.93
C GLY BA 416 3.17 34.43 64.96
N VAL BA 417 3.55 35.65 65.34
CA VAL BA 417 3.37 36.80 64.47
C VAL BA 417 4.47 36.89 63.42
N ALA BA 418 5.65 36.33 63.67
CA ALA BA 418 6.74 36.41 62.71
C ALA BA 418 6.36 35.80 61.36
N LEU BA 419 5.57 34.72 61.38
CA LEU BA 419 5.07 34.15 60.13
C LEU BA 419 3.96 35.00 59.53
N ILE BA 420 3.22 35.74 60.35
CA ILE BA 420 2.23 36.68 59.82
C ILE BA 420 2.93 37.83 59.11
N ARG BA 421 3.94 38.41 59.76
CA ARG BA 421 4.64 39.55 59.16
C ARG BA 421 5.43 39.13 57.93
N ALA BA 422 6.09 37.97 57.99
CA ALA BA 422 6.87 37.48 56.86
C ALA BA 422 6.02 37.13 55.65
N ALA BA 423 4.69 37.11 55.79
CA ALA BA 423 3.83 36.87 54.65
C ALA BA 423 3.92 37.98 53.61
N LYS BA 424 4.42 39.16 54.00
CA LYS BA 424 4.58 40.25 53.05
C LYS BA 424 5.58 39.91 51.96
N GLY BA 425 6.54 39.02 52.25
CA GLY BA 425 7.51 38.60 51.27
C GLY BA 425 6.97 37.75 50.14
N LEU BA 426 5.68 37.39 50.18
CA LEU BA 426 5.10 36.59 49.11
C LEU BA 426 4.88 37.39 47.83
N ALA BA 427 4.92 38.73 47.91
CA ALA BA 427 4.77 39.54 46.70
C ALA BA 427 5.92 39.31 45.73
N LYS BA 428 7.10 38.96 46.23
CA LYS BA 428 8.24 38.67 45.38
C LYS BA 428 8.18 37.28 44.75
N ALA BA 429 7.21 36.45 45.14
CA ALA BA 429 7.12 35.11 44.59
C ALA BA 429 6.60 35.15 43.17
N VAL BA 430 7.28 34.45 42.26
CA VAL BA 430 6.96 34.45 40.84
C VAL BA 430 6.19 33.16 40.52
N ALA BA 431 4.98 33.32 40.00
CA ALA BA 431 4.13 32.20 39.65
C ALA BA 431 4.05 32.08 38.13
N ASP BA 432 4.45 30.93 37.60
CA ASP BA 432 4.43 30.74 36.15
C ASP BA 432 3.00 30.57 35.64
N ASN BA 433 2.24 29.68 36.26
CA ASN BA 433 0.86 29.42 35.88
C ASN BA 433 -0.04 29.54 37.12
N GLU BA 434 -1.33 29.25 36.94
CA GLU BA 434 -2.28 29.42 38.02
C GLU BA 434 -2.07 28.42 39.16
N ASP BA 435 -1.64 27.20 38.83
CA ASP BA 435 -1.45 26.20 39.87
C ASP BA 435 -0.28 26.58 40.80
N GLN BA 436 0.80 27.12 40.22
CA GLN BA 436 1.89 27.62 41.06
C GLN BA 436 1.46 28.83 41.87
N LYS BA 437 0.49 29.60 41.36
CA LYS BA 437 -0.01 30.74 42.12
C LYS BA 437 -0.86 30.28 43.30
N THR BA 438 -1.63 29.21 43.13
CA THR BA 438 -2.39 28.67 44.24
C THR BA 438 -1.48 28.09 45.31
N GLY BA 439 -0.33 27.56 44.92
CA GLY BA 439 0.65 27.12 45.91
C GLY BA 439 1.16 28.26 46.77
N ILE BA 440 1.23 29.47 46.20
CA ILE BA 440 1.59 30.65 46.99
C ILE BA 440 0.52 30.93 48.03
N GLU BA 441 -0.75 30.86 47.62
CA GLU BA 441 -1.84 31.17 48.55
C GLU BA 441 -1.96 30.11 49.64
N ILE BA 442 -1.55 28.87 49.35
CA ILE BA 442 -1.54 27.83 50.38
C ILE BA 442 -0.60 28.24 51.52
N ILE BA 443 0.60 28.68 51.17
CA ILE BA 443 1.54 29.15 52.18
C ILE BA 443 1.02 30.41 52.85
N ARG BA 444 0.35 31.27 52.09
CA ARG BA 444 -0.20 32.51 52.65
C ARG BA 444 -1.14 32.20 53.83
N ARG BA 445 -2.07 31.28 53.63
CA ARG BA 445 -2.99 30.91 54.71
C ARG BA 445 -2.34 29.98 55.73
N ALA BA 446 -1.28 29.26 55.36
CA ALA BA 446 -0.63 28.36 56.29
C ALA BA 446 0.16 29.12 57.36
N LEU BA 447 0.72 30.28 57.00
CA LEU BA 447 1.47 31.07 57.97
C LEU BA 447 0.60 31.58 59.10
N GLU BA 448 -0.72 31.66 58.89
CA GLU BA 448 -1.64 32.10 59.92
C GLU BA 448 -2.06 30.99 60.88
N GLU BA 449 -1.75 29.75 60.55
CA GLU BA 449 -2.20 28.60 61.32
C GLU BA 449 -1.58 28.52 62.72
N PRO BA 450 -0.27 28.74 62.90
CA PRO BA 450 0.29 28.70 64.26
C PRO BA 450 -0.34 29.70 65.20
N LEU BA 451 -0.51 30.95 64.76
CA LEU BA 451 -1.13 31.95 65.63
C LEU BA 451 -2.59 31.59 65.94
N ARG BA 452 -3.33 31.13 64.93
CA ARG BA 452 -4.73 30.79 65.15
C ARG BA 452 -4.88 29.63 66.12
N GLN BA 453 -3.93 28.70 66.13
CA GLN BA 453 -3.99 27.58 67.06
C GLN BA 453 -3.67 28.03 68.49
N ILE BA 454 -2.72 28.95 68.64
CA ILE BA 454 -2.38 29.46 69.96
C ILE BA 454 -3.55 30.21 70.57
N VAL BA 455 -4.26 30.99 69.75
CA VAL BA 455 -5.45 31.68 70.23
C VAL BA 455 -6.56 30.70 70.55
N ALA BA 456 -6.67 29.62 69.75
CA ALA BA 456 -7.71 28.64 69.99
C ALA BA 456 -7.47 27.87 71.29
N ASN BA 457 -6.21 27.64 71.66
CA ASN BA 457 -5.91 26.92 72.89
C ASN BA 457 -6.33 27.71 74.13
N THR BA 458 -6.59 29.00 74.01
CA THR BA 458 -7.10 29.77 75.14
C THR BA 458 -8.54 29.41 75.46
N GLY BA 459 -9.27 28.84 74.50
CA GLY BA 459 -10.66 28.50 74.70
C GLY BA 459 -11.65 29.57 74.28
N THR BA 460 -11.21 30.60 73.57
CA THR BA 460 -12.10 31.68 73.16
C THR BA 460 -13.05 31.21 72.07
N THR BA 461 -14.24 31.80 72.05
CA THR BA 461 -15.23 31.43 71.05
C THR BA 461 -14.87 32.01 69.68
N ASP BA 462 -14.41 33.26 69.65
CA ASP BA 462 -14.04 33.93 68.41
C ASP BA 462 -12.55 34.28 68.48
N GLY BA 463 -11.74 33.61 67.67
CA GLY BA 463 -10.34 33.94 67.58
C GLY BA 463 -10.01 34.64 66.27
N ALA BA 464 -11.03 34.79 65.42
CA ALA BA 464 -10.83 35.47 64.14
C ALA BA 464 -10.58 36.96 64.33
N VAL BA 465 -11.19 37.55 65.36
CA VAL BA 465 -10.93 38.95 65.66
C VAL BA 465 -9.49 39.15 66.10
N VAL BA 466 -8.97 38.23 66.91
CA VAL BA 466 -7.58 38.31 67.34
C VAL BA 466 -6.65 38.19 66.14
N LEU BA 467 -6.95 37.28 65.22
CA LEU BA 467 -6.13 37.15 64.02
C LEU BA 467 -6.26 38.35 63.11
N GLU BA 468 -7.40 39.05 63.18
CA GLU BA 468 -7.59 40.24 62.33
C GLU BA 468 -6.78 41.43 62.85
N LYS BA 469 -6.77 41.63 64.16
CA LYS BA 469 -6.03 42.75 64.74
C LYS BA 469 -4.53 42.59 64.52
N VAL BA 470 -4.01 41.38 64.78
CA VAL BA 470 -2.58 41.13 64.61
C VAL BA 470 -2.19 41.24 63.14
N LYS BA 471 -3.03 40.71 62.24
CA LYS BA 471 -2.72 40.78 60.83
C LYS BA 471 -2.81 42.21 60.29
N ASN BA 472 -3.72 43.02 60.82
CA ASN BA 472 -3.82 44.41 60.41
C ASN BA 472 -2.76 45.29 61.03
N ALA BA 473 -2.20 44.90 62.17
CA ALA BA 473 -1.13 45.66 62.79
C ALA BA 473 0.16 45.48 62.00
N GLU BA 474 1.24 46.10 62.49
CA GLU BA 474 2.52 46.06 61.82
C GLU BA 474 3.64 45.98 62.84
N GLY BA 475 4.80 45.52 62.38
CA GLY BA 475 5.96 45.46 63.26
C GLY BA 475 5.84 44.34 64.27
N ASP BA 476 6.20 44.66 65.51
CA ASP BA 476 6.22 43.69 66.60
C ASP BA 476 4.93 43.68 67.42
N TYR BA 477 3.92 44.44 67.01
CA TYR BA 477 2.64 44.43 67.71
C TYR BA 477 1.93 43.11 67.45
N GLY BA 478 1.55 42.41 68.53
CA GLY BA 478 0.89 41.13 68.39
C GLY BA 478 0.09 40.81 69.64
N PHE BA 479 -0.50 39.61 69.63
CA PHE BA 479 -1.32 39.14 70.74
C PHE BA 479 -0.48 38.23 71.63
N ASN BA 480 -0.54 38.48 72.94
CA ASN BA 480 0.14 37.66 73.93
C ASN BA 480 -0.88 36.75 74.57
N ALA BA 481 -0.79 35.45 74.27
CA ALA BA 481 -1.79 34.50 74.77
C ALA BA 481 -1.69 34.29 76.27
N ARG BA 482 -0.50 34.52 76.84
CA ARG BA 482 -0.32 34.33 78.28
C ARG BA 482 -1.03 35.42 79.07
N THR BA 483 -0.88 36.68 78.66
CA THR BA 483 -1.56 37.78 79.31
C THR BA 483 -2.91 38.11 78.69
N GLU BA 484 -3.24 37.50 77.54
CA GLU BA 484 -4.51 37.74 76.84
C GLU BA 484 -4.69 39.23 76.52
N GLN BA 485 -3.60 39.90 76.15
CA GLN BA 485 -3.62 41.31 75.82
C GLN BA 485 -2.69 41.57 74.65
N TYR BA 486 -3.04 42.57 73.84
CA TYR BA 486 -2.20 42.96 72.71
C TYR BA 486 -1.08 43.88 73.19
N GLU BA 487 0.16 43.49 72.93
CA GLU BA 487 1.34 44.23 73.39
C GLU BA 487 2.39 44.23 72.28
N ASN BA 488 3.55 44.79 72.60
CA ASN BA 488 4.73 44.69 71.75
C ASN BA 488 5.54 43.49 72.22
N LEU BA 489 5.60 42.45 71.40
CA LEU BA 489 6.14 41.16 71.85
C LEU BA 489 7.63 41.24 72.17
N ILE BA 490 8.36 42.14 71.51
CA ILE BA 490 9.79 42.28 71.78
C ILE BA 490 10.00 42.86 73.18
N GLU BA 491 9.28 43.94 73.50
CA GLU BA 491 9.42 44.54 74.82
C GLU BA 491 8.75 43.69 75.90
N ALA BA 492 7.76 42.89 75.53
CA ALA BA 492 7.08 42.02 76.49
C ALA BA 492 7.86 40.74 76.77
N GLY BA 493 8.93 40.47 76.02
CA GLY BA 493 9.73 39.29 76.25
C GLY BA 493 9.28 38.05 75.53
N VAL BA 494 8.29 38.14 74.64
CA VAL BA 494 7.82 37.00 73.87
C VAL BA 494 8.58 37.00 72.55
N VAL BA 495 9.49 36.04 72.39
CA VAL BA 495 10.39 36.01 71.24
C VAL BA 495 10.71 34.56 70.93
N ASP BA 496 10.99 34.29 69.65
CA ASP BA 496 11.49 33.00 69.19
C ASP BA 496 12.74 33.22 68.37
N PRO BA 497 13.72 32.32 68.45
CA PRO BA 497 14.89 32.43 67.58
C PRO BA 497 14.49 32.33 66.11
N THR BA 498 15.20 33.08 65.26
CA THR BA 498 14.92 33.03 63.83
C THR BA 498 15.18 31.64 63.26
N LYS BA 499 16.19 30.94 63.80
CA LYS BA 499 16.47 29.58 63.36
C LYS BA 499 15.30 28.64 63.67
N VAL BA 500 14.55 28.91 64.74
CA VAL BA 500 13.40 28.08 65.07
C VAL BA 500 12.29 28.25 64.05
N THR BA 501 11.92 29.51 63.75
CA THR BA 501 10.77 29.76 62.90
C THR BA 501 11.03 29.33 61.45
N ARG BA 502 12.20 29.65 60.91
CA ARG BA 502 12.48 29.33 59.51
C ARG BA 502 12.64 27.83 59.31
N SER BA 503 13.22 27.13 60.29
CA SER BA 503 13.38 25.68 60.16
C SER BA 503 12.04 24.97 60.24
N ALA BA 504 11.16 25.43 61.14
CA ALA BA 504 9.83 24.84 61.25
C ALA BA 504 9.06 24.98 59.94
N LEU BA 505 9.17 26.13 59.28
CA LEU BA 505 8.45 26.35 58.03
C LEU BA 505 9.08 25.56 56.89
N GLU BA 506 10.40 25.44 56.88
CA GLU BA 506 11.08 24.71 55.81
C GLU BA 506 10.83 23.21 55.92
N ASN BA 507 10.87 22.68 57.15
CA ASN BA 507 10.60 21.25 57.33
C ASN BA 507 9.15 20.92 57.02
N ALA BA 508 8.22 21.78 57.46
CA ALA BA 508 6.80 21.52 57.22
C ALA BA 508 6.50 21.51 55.73
N ALA BA 509 6.94 22.55 55.01
CA ALA BA 509 6.73 22.59 53.57
C ALA BA 509 7.49 21.50 52.83
N SER BA 510 8.48 20.89 53.47
CA SER BA 510 9.21 19.80 52.84
C SER BA 510 8.38 18.52 52.83
N VAL BA 511 8.07 17.99 54.01
CA VAL BA 511 7.34 16.73 54.11
C VAL BA 511 5.98 16.85 53.44
N ALA BA 512 5.31 17.99 53.59
CA ALA BA 512 4.02 18.19 52.94
C ALA BA 512 4.16 18.21 51.42
N SER BA 513 5.31 18.64 50.91
CA SER BA 513 5.54 18.61 49.47
C SER BA 513 5.74 17.18 48.98
N ILE BA 514 6.38 16.34 49.78
CA ILE BA 514 6.57 14.94 49.39
C ILE BA 514 5.25 14.21 49.34
N LEU BA 515 4.36 14.47 50.31
CA LEU BA 515 3.10 13.75 50.36
C LEU BA 515 2.19 14.15 49.21
N LEU BA 516 2.21 15.42 48.81
CA LEU BA 516 1.39 15.86 47.68
C LEU BA 516 1.83 15.19 46.38
N THR BA 517 3.11 14.88 46.25
CA THR BA 517 3.65 14.24 45.06
C THR BA 517 3.71 12.73 45.17
N THR BA 518 3.21 12.15 46.26
CA THR BA 518 3.25 10.70 46.46
C THR BA 518 2.12 10.03 45.69
N GLU BA 519 2.48 9.17 44.73
CA GLU BA 519 1.49 8.44 43.95
C GLU BA 519 1.26 7.02 44.45
N ALA BA 520 2.02 6.53 45.42
CA ALA BA 520 1.86 5.16 45.88
C ALA BA 520 2.32 5.03 47.32
N ALA BA 521 1.64 4.15 48.06
CA ALA BA 521 2.02 3.81 49.43
C ALA BA 521 1.98 2.30 49.58
N ILE BA 522 3.15 1.70 49.84
CA ILE BA 522 3.30 0.24 49.91
C ILE BA 522 3.50 -0.15 51.37
N THR BA 523 2.70 -1.10 51.84
CA THR BA 523 2.74 -1.56 53.22
C THR BA 523 2.70 -3.07 53.26
N ASP BA 524 3.23 -3.64 54.34
CA ASP BA 524 3.15 -5.08 54.54
C ASP BA 524 1.71 -5.50 54.82
N VAL BA 525 1.42 -6.78 54.57
CA VAL BA 525 0.10 -7.33 54.83
C VAL BA 525 0.03 -7.80 56.28
N LYS BA 526 -1.13 -8.29 56.70
CA LYS BA 526 -1.33 -8.74 58.08
C LYS BA 526 -0.59 -10.05 58.34
S SO4 CA . 36.26 -34.82 -45.46
O1 SO4 CA . 35.42 -34.53 -44.30
O2 SO4 CA . 36.24 -36.26 -45.72
O3 SO4 CA . 35.73 -34.11 -46.64
O4 SO4 CA . 37.62 -34.39 -45.20
CA CA DA . 49.68 -13.04 -59.60
S SO4 EA . 53.26 -27.54 -81.92
O1 SO4 EA . 51.99 -27.99 -81.34
O2 SO4 EA . 54.11 -28.69 -82.18
O3 SO4 EA . 53.00 -26.84 -83.18
O4 SO4 EA . 53.93 -26.63 -81.00
CA CA FA . 59.66 0.62 -74.53
S SO4 GA . 68.82 9.77 -98.41
O1 SO4 GA . 67.96 8.63 -98.72
O2 SO4 GA . 70.06 9.67 -99.17
O3 SO4 GA . 68.14 11.02 -98.78
O4 SO4 GA . 69.12 9.79 -96.98
S SO4 HA . 69.71 46.66 -80.43
O1 SO4 HA . 69.37 47.56 -79.34
O2 SO4 HA . 68.52 46.38 -81.23
O3 SO4 HA . 70.73 47.27 -81.28
O4 SO4 HA . 70.22 45.41 -79.88
S SO4 IA . 56.47 56.73 -40.95
O1 SO4 IA . 56.19 57.40 -39.69
O2 SO4 IA . 55.84 55.42 -40.96
O3 SO4 IA . 55.95 57.53 -42.06
O4 SO4 IA . 57.91 56.58 -41.12
S SO4 JA . 37.51 34.52 -11.45
O1 SO4 JA . 37.39 35.59 -10.46
O2 SO4 JA . 36.58 33.44 -11.12
O3 SO4 JA . 37.22 35.03 -12.78
O4 SO4 JA . 38.87 34.00 -11.43
CA CA KA . 41.61 10.19 -29.07
S SO4 LA . 28.85 -7.45 -12.87
O1 SO4 LA . 28.78 -7.97 -11.50
O2 SO4 LA . 28.17 -8.37 -13.77
O3 SO4 LA . 28.21 -6.13 -12.91
O4 SO4 LA . 30.25 -7.32 -13.26
CA CA MA . 41.47 -8.79 -39.69
MG MG NA . 27.57 54.08 -98.42
CA CA OA . 11.80 9.47 -92.75
S SO4 PA . 12.30 -14.93 -103.81
O1 SO4 PA . 11.25 -13.92 -103.75
O2 SO4 PA . 12.23 -15.77 -102.62
O3 SO4 PA . 12.13 -15.74 -105.00
O4 SO4 PA . 13.61 -14.27 -103.86
CA CA QA . 2.49 -3.09 -78.66
S SO4 RA . -5.66 -26.06 -66.85
O1 SO4 RA . -5.29 -25.41 -65.60
O2 SO4 RA . -6.08 -27.44 -66.57
O3 SO4 RA . -6.75 -25.34 -67.47
O4 SO4 RA . -4.51 -26.09 -67.76
CA CA SA . -5.89 2.31 -58.06
S SO4 TA . -14.65 -2.02 -33.32
O1 SO4 TA . -13.97 -1.15 -32.36
O2 SO4 TA . -15.87 -2.55 -32.72
O3 SO4 TA . -15.00 -1.26 -34.51
O4 SO4 TA . -13.77 -3.13 -33.69
MG MG UA . -3.46 44.33 -31.48
S SO4 VA . -7.06 41.00 -28.04
O1 SO4 VA . -7.22 41.48 -26.68
O2 SO4 VA . -7.18 39.54 -28.07
O3 SO4 VA . -8.09 41.58 -28.90
O4 SO4 VA . -5.74 41.38 -28.54
CA CA WA . 2.54 41.49 -56.33
S SO4 XA . 10.78 67.47 -55.18
O1 SO4 XA . 10.65 68.75 -54.50
O2 SO4 XA . 11.08 66.43 -54.20
O3 SO4 XA . 9.54 67.15 -55.87
O4 SO4 XA . 11.87 67.54 -56.16
CA CA YA . -59.20 -32.55 52.31
S SO4 ZA . -68.78 -51.81 70.15
O1 SO4 ZA . -68.12 -51.50 71.43
O2 SO4 ZA . -67.78 -52.01 69.10
O3 SO4 ZA . -69.57 -53.03 70.30
O4 SO4 ZA . -69.66 -50.71 69.78
CA CA AB . -62.07 -23.33 71.52
MG MG BB . -64.90 -13.69 95.87
CA CA CB . -57.35 -1.61 75.80
MG MG DB . -50.71 23.81 87.47
S SO4 EB . -55.46 19.68 91.66
O1 SO4 EB . -56.02 20.52 92.71
O2 SO4 EB . -54.40 20.40 90.96
O3 SO4 EB . -54.92 18.47 92.27
O4 SO4 EB . -56.51 19.31 90.71
CA CA FB . -48.80 14.61 62.87
MG MG GB . -33.95 36.02 51.53
MG MG HB . -28.56 14.98 16.05
S SO4 IB . -28.49 20.16 19.80
O1 SO4 IB . -28.31 21.29 18.88
O2 SO4 IB . -28.19 18.92 19.11
O3 SO4 IB . -27.60 20.33 20.95
O4 SO4 IB . -29.87 20.14 20.27
CA CA JB . -41.97 -4.76 29.29
S SO4 KB . -37.08 -19.65 7.75
O1 SO4 KB . -35.88 -18.85 7.91
O2 SO4 KB . -37.33 -19.88 6.33
O3 SO4 KB . -36.89 -20.94 8.42
O4 SO4 KB . -38.22 -18.96 8.35
CA CA LB . -49.58 -24.97 34.07
MG MG MB . -13.95 4.78 105.93
S SO4 NB . -10.46 11.29 105.64
O1 SO4 NB . -10.15 12.41 106.51
O2 SO4 NB . -9.25 10.54 105.35
O3 SO4 NB . -11.44 10.41 106.29
O4 SO4 NB . -11.02 11.79 104.39
CA CA OB . -12.18 -16.13 93.49
S SO4 PB . -12.76 -66.44 48.85
O1 SO4 PB . -11.63 -65.83 49.56
O2 SO4 PB . -12.97 -65.73 47.59
O3 SO4 PB . -12.46 -67.84 48.58
O4 SO4 PB . -13.95 -66.35 49.69
CA CA QB . -2.77 -38.73 49.98
S SO4 RB . 5.84 -36.24 24.16
O1 SO4 RB . 5.16 -34.98 23.87
O2 SO4 RB . 6.81 -36.52 23.11
O3 SO4 RB . 6.53 -36.12 25.45
O4 SO4 RB . 4.87 -37.32 24.24
CA CA SB . 5.56 -18.01 47.39
S SO4 TB . 14.27 3.22 33.28
O1 SO4 TB . 14.06 4.37 34.15
O2 SO4 TB . 15.14 3.61 32.17
O3 SO4 TB . 14.89 2.14 34.04
O4 SO4 TB . 12.99 2.77 32.74
CA CA UB . 4.19 -0.87 61.54
S SO4 VB . 6.89 25.16 70.17
O1 SO4 VB . 8.19 25.66 70.62
O2 SO4 VB . 7.08 24.03 69.29
O3 SO4 VB . 6.11 24.76 71.34
O4 SO4 VB . 6.20 26.23 69.46
#